data_2KI6
#
_entry.id   2KI6
#
loop_
_entity.id
_entity.type
_entity.pdbx_description
1 polymer Synaptotagmin-1
2 polymer 'Heparin-binding growth factor 1'
3 polymer 'Protein S100-A13'
4 polymer 'Protein S100-A13'
#
loop_
_entity_poly.entity_id
_entity_poly.type
_entity_poly.pdbx_seq_one_letter_code
_entity_poly.pdbx_strand_id
1 'polypeptide(L)'
;EKLGKLQYSLDYDFQNNQLLVGIIQAAELPALDMGGTSDPYVKVFLLPDKKKKFETKVHRKTLNPVFNEQFTFKVPYSEL
GGKTLVMAVYDFDRFSKHDIIGEFKVPMNTVDFGHVTEEWRDLQSAEK
;
A,F
2 'polypeptide(L)'
;YKKPKLLYCSNGGHFLRILPDGTVDGTRDRSDQHIQLQLSAESVGEVYIKSTETGQYLAMDTDGLLYGSQTPNEECLFLE
RLEENHYNTYISKKHAEKNWFVGLKKNGSCKRGPRTHYGQKAILFLPLPVSSD
;
B,E
3 'polypeptide(L)'
;MAAEPLTELEESIETVVTTFFTFARQEGRKDSLSVNEFKELVTQQLPHLLKDVGSLDEKMKSLDVNQDSELKFNEYWRLI
GELAKEIRKKKDLKIR(DLY)(DLY)
;
C
4 'polypeptide(L)'
;MAAEPLTELEESIETVVTTFFTFARQEGRKDSLSVNEFKELVTQQLPHLLKDVGSLDEKMKSLDVNQDSELKFNEYWRLI
GELAKEIRKKKDL(DLY)IRKK
;
D
#
# COMPACT_ATOMS: atom_id res chain seq x y z
N GLU A 1 15.49 -4.08 6.23
CA GLU A 1 15.83 -3.94 7.66
C GLU A 1 14.87 -2.99 8.36
N LYS A 2 14.31 -3.43 9.48
CA LYS A 2 13.37 -2.62 10.24
C LYS A 2 13.62 -2.73 11.74
N LEU A 3 13.56 -1.58 12.41
CA LEU A 3 13.76 -1.52 13.86
C LEU A 3 12.60 -0.77 14.54
N GLY A 4 11.60 -0.39 13.75
CA GLY A 4 10.46 0.32 14.29
C GLY A 4 10.56 1.82 14.04
N LYS A 5 10.26 2.62 15.07
CA LYS A 5 10.35 4.07 14.95
C LYS A 5 10.81 4.71 16.25
N LEU A 6 11.44 5.86 16.14
CA LEU A 6 11.94 6.58 17.30
C LEU A 6 11.61 8.08 17.17
N GLN A 7 10.92 8.61 18.15
CA GLN A 7 10.55 10.03 18.13
C GLN A 7 11.63 10.83 18.83
N TYR A 8 12.03 11.97 18.26
CA TYR A 8 13.07 12.79 18.87
C TYR A 8 12.95 14.27 18.52
N SER A 9 13.53 15.10 19.39
CA SER A 9 13.54 16.55 19.23
C SER A 9 14.95 17.04 19.53
N LEU A 10 15.71 17.36 18.48
CA LEU A 10 17.09 17.80 18.65
C LEU A 10 17.22 19.31 18.53
N ASP A 11 17.86 19.92 19.52
CA ASP A 11 18.08 21.37 19.52
C ASP A 11 19.59 21.65 19.59
N TYR A 12 20.00 22.88 19.30
CA TYR A 12 21.41 23.23 19.30
C TYR A 12 21.78 24.28 20.34
N ASP A 13 22.98 24.15 20.89
CA ASP A 13 23.50 25.09 21.88
C ASP A 13 24.71 25.82 21.30
N PHE A 14 24.66 27.15 21.27
CA PHE A 14 25.75 27.95 20.72
C PHE A 14 26.62 28.59 21.81
N GLN A 15 26.42 28.17 23.05
CA GLN A 15 27.18 28.69 24.19
C GLN A 15 28.32 27.72 24.53
N ASN A 16 27.97 26.45 24.63
CA ASN A 16 28.95 25.40 24.94
C ASN A 16 29.37 24.67 23.66
N ASN A 17 28.58 24.83 22.60
CA ASN A 17 28.86 24.22 21.30
C ASN A 17 28.55 22.72 21.31
N GLN A 18 27.27 22.40 21.51
CA GLN A 18 26.82 21.02 21.54
C GLN A 18 25.37 20.93 21.07
N LEU A 19 25.05 19.86 20.36
CA LEU A 19 23.69 19.65 19.90
C LEU A 19 22.96 18.76 20.90
N LEU A 20 21.75 19.15 21.27
CA LEU A 20 20.96 18.42 22.24
C LEU A 20 20.07 17.39 21.54
N VAL A 21 20.50 16.14 21.55
CA VAL A 21 19.73 15.08 20.95
C VAL A 21 18.70 14.57 21.94
N GLY A 22 17.56 15.25 21.99
CA GLY A 22 16.50 14.88 22.91
C GLY A 22 15.48 13.97 22.27
N ILE A 23 15.69 12.66 22.38
CA ILE A 23 14.77 11.70 21.82
C ILE A 23 13.63 11.44 22.79
N ILE A 24 12.45 11.11 22.26
CA ILE A 24 11.28 10.88 23.10
C ILE A 24 11.21 9.41 23.51
N GLN A 25 11.19 8.51 22.53
CA GLN A 25 11.11 7.09 22.79
C GLN A 25 11.21 6.29 21.48
N ALA A 26 11.29 4.97 21.62
CA ALA A 26 11.36 4.08 20.48
C ALA A 26 10.16 3.13 20.49
N ALA A 27 9.60 2.87 19.32
CA ALA A 27 8.44 2.00 19.22
C ALA A 27 8.67 0.85 18.24
N GLU A 28 8.11 -0.32 18.56
CA GLU A 28 8.20 -1.52 17.73
C GLU A 28 9.65 -1.97 17.54
N LEU A 29 10.23 -2.58 18.57
CA LEU A 29 11.61 -3.05 18.50
C LEU A 29 11.66 -4.57 18.43
N PRO A 30 12.65 -5.14 17.70
CA PRO A 30 12.83 -6.59 17.57
C PRO A 30 13.15 -7.24 18.92
N ALA A 31 12.79 -8.53 19.06
CA ALA A 31 13.04 -9.26 20.30
C ALA A 31 14.39 -9.97 20.30
N LEU A 32 14.95 -10.13 21.49
CA LEU A 32 16.24 -10.80 21.66
C LEU A 32 16.13 -11.86 22.77
N ASP A 33 15.65 -11.42 23.94
CA ASP A 33 15.46 -12.34 25.07
C ASP A 33 14.30 -13.30 24.78
N MET A 34 14.25 -14.42 25.48
CA MET A 34 13.18 -15.40 25.26
C MET A 34 11.90 -14.96 25.96
N GLY A 35 10.94 -14.48 25.17
CA GLY A 35 9.68 -14.03 25.72
C GLY A 35 8.98 -13.00 24.83
N GLY A 36 9.61 -12.71 23.69
CA GLY A 36 9.03 -11.74 22.76
C GLY A 36 9.35 -10.31 23.14
N THR A 37 10.44 -10.14 23.88
CA THR A 37 10.89 -8.82 24.33
C THR A 37 12.41 -8.75 24.37
N SER A 38 12.96 -7.57 24.71
CA SER A 38 14.40 -7.37 24.82
C SER A 38 14.70 -6.23 25.79
N ASP A 39 15.99 -6.00 26.03
CA ASP A 39 16.44 -4.92 26.91
C ASP A 39 17.19 -3.89 26.06
N PRO A 40 16.47 -3.24 25.13
CA PRO A 40 17.08 -2.28 24.20
C PRO A 40 17.45 -0.94 24.83
N TYR A 41 18.71 -0.57 24.66
CA TYR A 41 19.22 0.71 25.13
C TYR A 41 19.98 1.36 23.98
N VAL A 42 19.71 2.62 23.72
CA VAL A 42 20.35 3.33 22.62
C VAL A 42 21.76 3.78 22.98
N LYS A 43 22.73 3.33 22.21
CA LYS A 43 24.12 3.70 22.42
C LYS A 43 24.53 4.72 21.36
N VAL A 44 24.55 5.99 21.75
CA VAL A 44 24.90 7.06 20.84
C VAL A 44 26.38 6.99 20.44
N PHE A 45 26.61 6.80 19.15
CA PHE A 45 27.97 6.72 18.62
C PHE A 45 28.17 7.76 17.51
N LEU A 46 29.42 7.94 17.10
CA LEU A 46 29.76 8.91 16.07
C LEU A 46 30.76 8.32 15.08
N LEU A 47 30.80 8.90 13.89
CA LEU A 47 31.74 8.49 12.86
C LEU A 47 33.18 8.71 13.35
N PRO A 48 34.21 8.52 12.49
CA PRO A 48 35.62 8.71 12.84
C PRO A 48 35.83 9.68 14.00
N ASP A 49 35.12 10.82 13.96
CA ASP A 49 35.20 11.82 15.02
C ASP A 49 35.30 11.14 16.40
N LYS A 50 34.39 10.19 16.64
CA LYS A 50 34.35 9.40 17.87
C LYS A 50 34.55 10.24 19.14
N LYS A 51 34.17 11.52 19.12
CA LYS A 51 34.32 12.38 20.30
C LYS A 51 33.02 12.44 21.09
N LYS A 52 32.53 11.27 21.49
CA LYS A 52 31.29 11.16 22.26
C LYS A 52 30.87 9.70 22.37
N LYS A 53 30.44 9.31 23.56
CA LYS A 53 29.99 7.95 23.81
C LYS A 53 29.12 7.91 25.06
N PHE A 54 27.81 7.70 24.87
CA PHE A 54 26.89 7.67 26.00
C PHE A 54 26.04 6.40 25.96
N GLU A 55 25.82 5.82 27.13
CA GLU A 55 25.03 4.61 27.27
C GLU A 55 23.73 4.92 28.01
N THR A 56 22.60 4.64 27.38
CA THR A 56 21.31 4.90 27.99
C THR A 56 21.00 3.88 29.07
N LYS A 57 19.92 4.12 29.82
CA LYS A 57 19.54 3.22 30.90
C LYS A 57 18.88 1.97 30.32
N VAL A 58 19.42 0.81 30.65
CA VAL A 58 18.87 -0.44 30.17
C VAL A 58 17.36 -0.48 30.43
N HIS A 59 16.61 -0.89 29.42
CA HIS A 59 15.16 -0.98 29.52
C HIS A 59 14.75 -2.45 29.50
N ARG A 60 14.71 -3.05 30.68
CA ARG A 60 14.39 -4.46 30.83
C ARG A 60 13.08 -4.87 30.17
N LYS A 61 13.18 -5.88 29.31
CA LYS A 61 12.04 -6.47 28.60
C LYS A 61 11.01 -5.41 28.16
N THR A 62 11.33 -4.68 27.11
CA THR A 62 10.42 -3.65 26.60
C THR A 62 10.75 -3.31 25.14
N LEU A 63 9.73 -3.36 24.29
CA LEU A 63 9.90 -3.07 22.86
C LEU A 63 9.31 -1.70 22.51
N ASN A 64 8.81 -1.00 23.51
CA ASN A 64 8.21 0.32 23.31
C ASN A 64 8.41 1.15 24.58
N PRO A 65 9.65 1.30 25.03
CA PRO A 65 9.98 2.05 26.25
C PRO A 65 10.13 3.54 26.03
N VAL A 66 9.81 4.31 27.06
CA VAL A 66 9.92 5.76 27.03
C VAL A 66 10.91 6.20 28.10
N PHE A 67 11.65 7.28 27.83
CA PHE A 67 12.62 7.78 28.80
C PHE A 67 13.07 9.18 28.44
N ASN A 68 13.44 9.38 27.18
CA ASN A 68 13.89 10.68 26.70
C ASN A 68 15.24 11.03 27.32
N GLU A 69 16.28 10.35 26.87
CA GLU A 69 17.63 10.59 27.36
C GLU A 69 18.22 11.82 26.68
N GLN A 70 19.11 12.52 27.38
CA GLN A 70 19.73 13.72 26.85
C GLN A 70 21.14 13.42 26.32
N PHE A 71 21.28 13.39 24.99
CA PHE A 71 22.56 13.14 24.37
C PHE A 71 23.21 14.45 23.93
N THR A 72 24.40 14.72 24.46
CA THR A 72 25.13 15.92 24.13
C THR A 72 26.10 15.68 22.98
N PHE A 73 25.75 16.20 21.81
CA PHE A 73 26.59 16.05 20.63
C PHE A 73 27.82 16.96 20.75
N LYS A 74 28.83 16.48 21.46
CA LYS A 74 30.06 17.22 21.67
C LYS A 74 30.79 17.50 20.36
N VAL A 75 30.50 18.66 19.76
CA VAL A 75 31.12 19.08 18.52
C VAL A 75 30.57 20.45 18.11
N PRO A 76 31.45 21.40 17.80
CA PRO A 76 31.04 22.74 17.40
C PRO A 76 30.08 22.72 16.21
N TYR A 77 29.02 23.52 16.29
CA TYR A 77 28.04 23.59 15.20
C TYR A 77 28.73 23.72 13.84
N SER A 78 29.77 24.55 13.82
CA SER A 78 30.56 24.79 12.61
C SER A 78 31.25 23.51 12.11
N GLU A 79 31.47 22.56 13.02
CA GLU A 79 32.12 21.30 12.70
C GLU A 79 31.09 20.23 12.33
N LEU A 80 29.89 20.34 12.90
CA LEU A 80 28.81 19.38 12.65
C LEU A 80 28.70 19.00 11.17
N GLY A 81 28.96 19.96 10.29
CA GLY A 81 28.88 19.71 8.86
C GLY A 81 29.62 18.46 8.43
N GLY A 82 30.73 18.15 9.09
CA GLY A 82 31.50 16.97 8.74
C GLY A 82 31.37 15.85 9.75
N LYS A 83 30.23 15.77 10.45
CA LYS A 83 30.02 14.73 11.44
C LYS A 83 28.64 14.09 11.32
N THR A 84 28.63 12.82 10.94
CA THR A 84 27.39 12.06 10.81
C THR A 84 27.12 11.28 12.09
N LEU A 85 26.10 11.69 12.84
CA LEU A 85 25.76 11.02 14.09
C LEU A 85 25.04 9.71 13.81
N VAL A 86 25.29 8.72 14.65
CA VAL A 86 24.66 7.41 14.48
C VAL A 86 24.08 6.92 15.80
N MET A 87 22.78 6.62 15.80
CA MET A 87 22.10 6.14 16.99
C MET A 87 21.78 4.66 16.84
N ALA A 88 22.49 3.83 17.59
CA ALA A 88 22.27 2.39 17.54
C ALA A 88 21.63 1.90 18.82
N VAL A 89 20.57 1.12 18.69
CA VAL A 89 19.89 0.58 19.86
C VAL A 89 20.45 -0.80 20.18
N TYR A 90 21.09 -0.90 21.35
CA TYR A 90 21.70 -2.14 21.78
C TYR A 90 20.83 -2.85 22.81
N ASP A 91 20.80 -4.17 22.73
CA ASP A 91 20.01 -4.97 23.66
C ASP A 91 20.84 -5.32 24.90
N PHE A 92 20.16 -5.71 25.96
CA PHE A 92 20.83 -6.06 27.20
C PHE A 92 20.18 -7.29 27.84
N ASP A 93 19.88 -8.30 27.00
CA ASP A 93 19.26 -9.55 27.48
C ASP A 93 19.91 -10.03 28.78
N ARG A 94 21.23 -9.86 28.87
CA ARG A 94 22.02 -10.22 30.06
C ARG A 94 22.37 -11.72 30.08
N PHE A 95 22.31 -12.38 28.93
CA PHE A 95 22.62 -13.80 28.87
C PHE A 95 23.49 -14.13 27.64
N SER A 96 22.96 -13.83 26.47
CA SER A 96 23.65 -14.09 25.21
C SER A 96 24.45 -12.87 24.77
N LYS A 97 25.04 -12.95 23.58
CA LYS A 97 25.82 -11.83 23.05
C LYS A 97 24.87 -10.71 22.65
N HIS A 98 24.78 -9.68 23.48
CA HIS A 98 23.90 -8.54 23.20
C HIS A 98 24.03 -8.14 21.74
N ASP A 99 22.92 -8.19 21.01
CA ASP A 99 22.90 -7.85 19.60
C ASP A 99 22.37 -6.44 19.35
N ILE A 100 22.70 -5.88 18.20
CA ILE A 100 22.25 -4.56 17.82
C ILE A 100 20.93 -4.69 17.06
N ILE A 101 19.82 -4.62 17.80
CA ILE A 101 18.49 -4.75 17.22
C ILE A 101 18.28 -3.77 16.06
N GLY A 102 18.98 -2.64 16.09
CA GLY A 102 18.85 -1.67 15.02
C GLY A 102 19.55 -0.35 15.30
N GLU A 103 19.47 0.56 14.35
CA GLU A 103 20.12 1.88 14.49
C GLU A 103 19.57 2.86 13.46
N PHE A 104 20.01 4.11 13.57
CA PHE A 104 19.61 5.16 12.64
C PHE A 104 20.67 6.27 12.64
N LYS A 105 20.75 7.01 11.53
CA LYS A 105 21.72 8.10 11.40
C LYS A 105 21.25 9.13 10.38
N VAL A 106 21.85 10.31 10.43
CA VAL A 106 21.47 11.38 9.51
C VAL A 106 22.65 12.33 9.29
N PRO A 107 22.90 12.74 8.04
CA PRO A 107 23.99 13.67 7.70
C PRO A 107 23.75 15.04 8.31
N MET A 108 24.44 15.31 9.43
CA MET A 108 24.30 16.58 10.13
C MET A 108 24.42 17.78 9.20
N ASN A 109 25.34 17.71 8.24
CA ASN A 109 25.51 18.82 7.29
C ASN A 109 24.18 19.21 6.63
N THR A 110 23.33 18.21 6.40
CA THR A 110 22.03 18.45 5.79
C THR A 110 20.99 18.86 6.85
N VAL A 111 21.39 18.79 8.12
CA VAL A 111 20.50 19.14 9.22
C VAL A 111 20.69 20.61 9.59
N ASP A 112 19.98 21.48 8.89
CA ASP A 112 20.06 22.91 9.14
C ASP A 112 19.57 23.23 10.54
N PHE A 113 20.50 23.38 11.47
CA PHE A 113 20.18 23.69 12.87
C PHE A 113 19.64 25.12 13.00
N GLY A 114 18.46 25.35 12.42
CA GLY A 114 17.83 26.65 12.49
C GLY A 114 17.27 26.93 13.88
N HIS A 115 16.64 25.93 14.47
CA HIS A 115 16.07 26.05 15.81
C HIS A 115 16.10 24.69 16.51
N VAL A 116 15.15 23.83 16.17
CA VAL A 116 15.04 22.51 16.75
C VAL A 116 14.61 21.49 15.70
N THR A 117 15.33 20.39 15.62
CA THR A 117 15.04 19.35 14.67
C THR A 117 14.20 18.24 15.31
N GLU A 118 12.89 18.37 15.19
CA GLU A 118 11.97 17.39 15.74
C GLU A 118 11.32 16.61 14.62
N GLU A 119 11.28 15.29 14.75
CA GLU A 119 10.69 14.43 13.72
C GLU A 119 10.53 12.99 14.20
N TRP A 120 9.71 12.22 13.50
CA TRP A 120 9.48 10.82 13.84
C TRP A 120 10.44 9.94 13.04
N ARG A 121 11.65 9.81 13.57
CA ARG A 121 12.69 9.03 12.91
C ARG A 121 12.33 7.55 12.80
N ASP A 122 12.59 7.00 11.62
CA ASP A 122 12.34 5.59 11.36
C ASP A 122 13.55 4.78 11.80
N LEU A 123 13.30 3.62 12.41
CA LEU A 123 14.38 2.76 12.90
C LEU A 123 14.60 1.56 11.98
N GLN A 124 15.86 1.24 11.73
CA GLN A 124 16.21 0.10 10.87
C GLN A 124 17.16 -0.85 11.60
N SER A 125 16.98 -2.15 11.36
CA SER A 125 17.81 -3.17 11.98
C SER A 125 19.14 -3.32 11.25
N ALA A 126 19.91 -2.23 11.19
CA ALA A 126 21.21 -2.28 10.52
C ALA A 126 22.23 -2.96 11.42
N GLU A 127 22.58 -4.20 11.08
CA GLU A 127 23.53 -4.98 11.87
C GLU A 127 24.96 -4.48 11.67
N LYS A 128 25.23 -3.32 12.27
CA LYS A 128 26.54 -2.69 12.16
C LYS A 128 27.20 -2.62 13.54
N TYR B 1 34.23 14.76 -20.92
CA TYR B 1 35.06 15.27 -19.80
C TYR B 1 35.13 14.22 -18.68
N LYS B 2 35.76 13.08 -18.97
CA LYS B 2 35.88 12.00 -17.99
C LYS B 2 36.43 12.54 -16.66
N LYS B 3 35.56 12.60 -15.67
CA LYS B 3 35.92 13.10 -14.35
C LYS B 3 34.95 12.56 -13.30
N PRO B 4 35.05 13.02 -12.03
CA PRO B 4 34.20 12.61 -10.93
C PRO B 4 32.89 11.95 -11.35
N LYS B 5 32.82 10.63 -11.22
CA LYS B 5 31.63 9.89 -11.59
C LYS B 5 30.77 9.65 -10.35
N LEU B 6 29.67 10.37 -10.23
CA LEU B 6 28.76 10.23 -9.09
C LEU B 6 27.82 9.06 -9.31
N LEU B 7 27.64 8.24 -8.28
CA LEU B 7 26.76 7.08 -8.35
C LEU B 7 26.04 6.86 -7.03
N TYR B 8 24.74 6.56 -7.12
CA TYR B 8 23.93 6.30 -5.92
C TYR B 8 22.69 5.50 -6.32
N CYS B 9 21.92 5.05 -5.33
CA CYS B 9 20.71 4.27 -5.61
C CYS B 9 19.63 4.53 -4.57
N SER B 10 18.41 4.10 -4.88
CA SER B 10 17.25 4.27 -4.01
C SER B 10 16.78 5.71 -4.06
N ASN B 11 15.53 5.90 -4.47
CA ASN B 11 14.94 7.23 -4.57
C ASN B 11 15.18 8.01 -3.28
N GLY B 12 15.75 9.20 -3.40
CA GLY B 12 16.02 10.02 -2.24
C GLY B 12 17.42 10.60 -2.28
N GLY B 13 17.53 11.87 -1.91
CA GLY B 13 18.82 12.53 -1.90
C GLY B 13 19.84 11.79 -1.05
N HIS B 14 20.77 11.10 -1.72
CA HIS B 14 21.83 10.36 -1.06
C HIS B 14 22.91 9.99 -2.06
N PHE B 15 24.14 10.43 -1.81
CA PHE B 15 25.26 10.15 -2.71
C PHE B 15 26.33 9.31 -2.00
N LEU B 16 27.04 8.50 -2.77
CA LEU B 16 28.09 7.66 -2.21
C LEU B 16 29.33 8.49 -1.87
N ARG B 17 29.48 8.83 -0.60
CA ARG B 17 30.62 9.62 -0.16
C ARG B 17 31.74 8.71 0.34
N ILE B 18 32.80 8.61 -0.44
CA ILE B 18 33.93 7.77 -0.11
C ILE B 18 34.96 8.52 0.73
N LEU B 19 35.55 7.81 1.68
CA LEU B 19 36.57 8.38 2.55
C LEU B 19 37.79 7.46 2.59
N PRO B 20 39.01 8.03 2.58
CA PRO B 20 40.26 7.25 2.61
C PRO B 20 40.22 6.14 3.66
N ASP B 21 39.47 6.38 4.74
CA ASP B 21 39.33 5.40 5.82
C ASP B 21 38.73 4.10 5.29
N GLY B 22 37.72 4.22 4.44
CA GLY B 22 37.06 3.05 3.89
C GLY B 22 35.56 3.06 4.13
N THR B 23 35.15 3.63 5.27
CA THR B 23 33.74 3.69 5.62
C THR B 23 32.99 4.70 4.73
N VAL B 24 32.57 4.22 3.57
CA VAL B 24 31.81 5.05 2.62
C VAL B 24 30.32 5.00 2.96
N ASP B 25 29.69 6.17 3.01
CA ASP B 25 28.26 6.25 3.32
C ASP B 25 27.51 7.04 2.26
N GLY B 26 26.18 6.93 2.28
CA GLY B 26 25.35 7.62 1.31
C GLY B 26 25.05 9.05 1.72
N THR B 27 26.07 9.87 1.78
CA THR B 27 25.92 11.27 2.16
C THR B 27 25.15 12.05 1.10
N ARG B 28 24.12 12.77 1.53
CA ARG B 28 23.33 13.55 0.58
C ARG B 28 23.84 14.98 0.52
N ASP B 29 25.05 15.13 -0.02
CA ASP B 29 25.68 16.45 -0.16
C ASP B 29 26.57 16.49 -1.38
N ARG B 30 26.74 17.68 -1.95
CA ARG B 30 27.59 17.87 -3.11
C ARG B 30 28.48 19.11 -2.93
N SER B 31 28.71 19.47 -1.67
CA SER B 31 29.53 20.62 -1.33
C SER B 31 30.98 20.19 -1.15
N ASP B 32 31.17 19.07 -0.47
CA ASP B 32 32.50 18.55 -0.21
C ASP B 32 32.86 17.49 -1.25
N GLN B 33 34.01 17.66 -1.91
CA GLN B 33 34.45 16.73 -2.94
C GLN B 33 34.82 15.37 -2.35
N HIS B 34 33.82 14.58 -2.00
CA HIS B 34 34.05 13.25 -1.45
C HIS B 34 32.98 12.25 -1.91
N ILE B 35 32.24 12.61 -2.95
CA ILE B 35 31.19 11.75 -3.48
C ILE B 35 31.39 11.52 -4.98
N GLN B 36 32.63 11.26 -5.36
CA GLN B 36 32.98 11.04 -6.76
C GLN B 36 34.00 9.92 -6.90
N LEU B 37 33.74 9.01 -7.82
CA LEU B 37 34.63 7.89 -8.09
C LEU B 37 34.95 7.83 -9.57
N GLN B 38 36.10 7.25 -9.92
CA GLN B 38 36.49 7.15 -11.31
C GLN B 38 35.97 5.84 -11.92
N LEU B 39 34.67 5.80 -12.15
CA LEU B 39 34.03 4.63 -12.74
C LEU B 39 34.35 4.57 -14.24
N SER B 40 34.83 3.41 -14.68
CA SER B 40 35.17 3.21 -16.09
C SER B 40 35.22 1.72 -16.42
N ALA B 41 35.03 1.40 -17.70
CA ALA B 41 35.08 0.03 -18.16
C ALA B 41 36.52 -0.36 -18.45
N GLU B 42 37.12 -1.12 -17.53
CA GLU B 42 38.51 -1.54 -17.68
C GLU B 42 38.62 -2.59 -18.78
N SER B 43 37.85 -3.65 -18.66
CA SER B 43 37.85 -4.73 -19.64
C SER B 43 36.47 -4.82 -20.30
N VAL B 44 36.35 -5.70 -21.29
CA VAL B 44 35.09 -5.88 -22.00
C VAL B 44 33.95 -6.17 -21.02
N GLY B 45 33.24 -5.11 -20.63
CA GLY B 45 32.14 -5.26 -19.71
C GLY B 45 32.54 -5.14 -18.24
N GLU B 46 33.85 -5.24 -17.97
CA GLU B 46 34.35 -5.16 -16.60
C GLU B 46 34.62 -3.71 -16.22
N VAL B 47 33.78 -3.18 -15.34
CA VAL B 47 33.94 -1.79 -14.87
C VAL B 47 34.51 -1.78 -13.46
N TYR B 48 35.38 -0.80 -13.20
CA TYR B 48 36.01 -0.68 -11.89
C TYR B 48 35.58 0.60 -11.19
N ILE B 49 35.50 0.55 -9.87
CA ILE B 49 35.11 1.69 -9.07
C ILE B 49 36.30 2.14 -8.22
N LYS B 50 36.95 3.22 -8.64
CA LYS B 50 38.10 3.75 -7.94
C LYS B 50 37.97 5.25 -7.71
N SER B 51 37.84 5.64 -6.46
CA SER B 51 37.72 7.06 -6.11
C SER B 51 39.11 7.69 -6.04
N THR B 52 39.80 7.65 -7.17
CA THR B 52 41.15 8.18 -7.26
C THR B 52 41.26 9.63 -6.80
N GLU B 53 40.69 10.54 -7.58
CA GLU B 53 40.76 11.97 -7.27
C GLU B 53 39.69 12.38 -6.25
N THR B 54 39.68 11.72 -5.09
CA THR B 54 38.72 12.05 -4.04
C THR B 54 38.80 11.11 -2.84
N GLY B 55 38.98 9.82 -3.08
CA GLY B 55 39.04 8.89 -1.96
C GLY B 55 40.05 7.78 -2.15
N GLN B 56 39.54 6.56 -2.33
CA GLN B 56 40.38 5.38 -2.46
C GLN B 56 39.79 4.37 -3.45
N TYR B 57 40.46 3.24 -3.57
CA TYR B 57 40.02 2.17 -4.47
C TYR B 57 39.12 1.21 -3.70
N LEU B 58 38.12 0.66 -4.36
CA LEU B 58 37.20 -0.27 -3.71
C LEU B 58 37.78 -1.68 -3.66
N ALA B 59 37.31 -2.45 -2.67
CA ALA B 59 37.74 -3.82 -2.47
C ALA B 59 36.70 -4.55 -1.62
N MET B 60 35.66 -5.05 -2.28
CA MET B 60 34.57 -5.76 -1.62
C MET B 60 35.08 -6.87 -0.70
N ASP B 61 34.41 -7.04 0.43
CA ASP B 61 34.76 -8.07 1.39
C ASP B 61 33.92 -9.30 1.09
N THR B 62 34.37 -10.09 0.12
CA THR B 62 33.66 -11.30 -0.27
C THR B 62 32.26 -10.94 -0.77
N ASP B 63 32.15 -9.78 -1.41
CA ASP B 63 30.85 -9.27 -1.92
C ASP B 63 29.94 -8.89 -0.76
N GLY B 64 29.75 -9.82 0.17
CA GLY B 64 28.91 -9.59 1.34
C GLY B 64 28.96 -8.14 1.83
N LEU B 65 30.16 -7.67 2.12
CA LEU B 65 30.33 -6.30 2.59
C LEU B 65 31.18 -5.52 1.58
N LEU B 66 30.71 -4.32 1.23
CA LEU B 66 31.42 -3.50 0.26
C LEU B 66 32.29 -2.47 0.99
N TYR B 67 33.56 -2.41 0.60
CA TYR B 67 34.50 -1.47 1.20
C TYR B 67 35.63 -1.17 0.22
N GLY B 68 36.53 -0.27 0.61
CA GLY B 68 37.64 0.10 -0.23
C GLY B 68 38.57 1.07 0.45
N SER B 69 39.87 0.95 0.20
CA SER B 69 40.86 1.84 0.79
C SER B 69 42.28 1.34 0.51
N GLN B 70 42.60 0.16 1.03
CA GLN B 70 43.95 -0.40 0.87
C GLN B 70 44.33 -0.66 -0.59
N THR B 71 43.71 -1.66 -1.21
CA THR B 71 44.03 -2.00 -2.60
C THR B 71 42.80 -2.42 -3.40
N PRO B 72 42.78 -2.11 -4.71
CA PRO B 72 41.67 -2.46 -5.59
C PRO B 72 41.73 -3.94 -5.98
N ASN B 73 41.44 -4.81 -5.02
CA ASN B 73 41.46 -6.25 -5.26
C ASN B 73 40.43 -6.66 -6.30
N GLU B 74 40.65 -7.81 -6.94
CA GLU B 74 39.72 -8.32 -7.97
C GLU B 74 38.26 -8.16 -7.52
N GLU B 75 38.02 -8.27 -6.22
CA GLU B 75 36.67 -8.08 -5.67
C GLU B 75 36.02 -6.82 -6.23
N CYS B 76 36.84 -5.85 -6.63
CA CYS B 76 36.34 -4.58 -7.16
C CYS B 76 36.00 -4.64 -8.66
N LEU B 77 36.13 -5.81 -9.29
CA LEU B 77 35.80 -5.92 -10.72
C LEU B 77 34.33 -6.30 -10.88
N PHE B 78 33.57 -5.44 -11.56
CA PHE B 78 32.14 -5.67 -11.76
C PHE B 78 31.75 -5.58 -13.23
N LEU B 79 30.78 -6.38 -13.64
CA LEU B 79 30.29 -6.39 -15.01
C LEU B 79 29.27 -5.27 -15.19
N GLU B 80 29.49 -4.41 -16.16
CA GLU B 80 28.60 -3.29 -16.43
C GLU B 80 27.31 -3.76 -17.11
N ARG B 81 26.18 -3.60 -16.41
CA ARG B 81 24.88 -3.99 -16.94
C ARG B 81 23.90 -2.81 -16.80
N LEU B 82 22.93 -2.74 -17.71
CA LEU B 82 21.95 -1.67 -17.67
C LEU B 82 20.54 -2.23 -17.58
N GLU B 83 19.68 -1.59 -16.79
CA GLU B 83 18.29 -2.03 -16.63
C GLU B 83 17.36 -0.99 -17.23
N GLU B 84 16.29 -1.45 -17.88
CA GLU B 84 15.31 -0.57 -18.49
C GLU B 84 14.46 0.11 -17.42
N ASN B 85 15.12 0.74 -16.46
CA ASN B 85 14.45 1.43 -15.37
C ASN B 85 15.23 2.69 -14.99
N HIS B 86 16.05 3.19 -15.93
CA HIS B 86 16.86 4.38 -15.70
C HIS B 86 17.84 4.15 -14.56
N TYR B 87 18.48 2.98 -14.55
CA TYR B 87 19.44 2.64 -13.52
C TYR B 87 20.55 1.73 -14.07
N ASN B 88 21.71 1.80 -13.44
CA ASN B 88 22.86 1.00 -13.84
C ASN B 88 23.02 -0.21 -12.92
N THR B 89 23.50 -1.31 -13.49
CA THR B 89 23.71 -2.53 -12.73
C THR B 89 25.15 -3.00 -12.88
N TYR B 90 25.77 -3.42 -11.79
CA TYR B 90 27.15 -3.89 -11.81
C TYR B 90 27.24 -5.24 -11.13
N ILE B 91 27.62 -6.26 -11.89
CA ILE B 91 27.73 -7.61 -11.35
C ILE B 91 29.15 -7.92 -10.90
N SER B 92 29.31 -8.17 -9.60
CA SER B 92 30.61 -8.50 -9.05
C SER B 92 31.04 -9.88 -9.53
N LYS B 93 31.55 -9.94 -10.76
CA LYS B 93 31.99 -11.21 -11.36
C LYS B 93 32.77 -12.05 -10.35
N LYS B 94 33.53 -11.39 -9.49
CA LYS B 94 34.31 -12.08 -8.46
C LYS B 94 33.42 -13.02 -7.64
N HIS B 95 32.14 -12.67 -7.53
CA HIS B 95 31.19 -13.49 -6.78
C HIS B 95 29.93 -13.81 -7.59
N ALA B 96 29.98 -13.50 -8.90
CA ALA B 96 28.85 -13.78 -9.78
C ALA B 96 28.41 -15.23 -9.65
N GLU B 97 29.37 -16.11 -9.35
CA GLU B 97 29.10 -17.53 -9.17
C GLU B 97 27.93 -17.75 -8.20
N LYS B 98 27.81 -16.86 -7.21
CA LYS B 98 26.74 -16.96 -6.22
C LYS B 98 25.56 -16.04 -6.60
N ASN B 99 25.58 -15.54 -7.84
CA ASN B 99 24.54 -14.64 -8.31
C ASN B 99 24.48 -13.38 -7.45
N TRP B 100 25.66 -12.95 -7.00
CA TRP B 100 25.80 -11.78 -6.15
C TRP B 100 26.35 -10.60 -6.95
N PHE B 101 25.61 -9.50 -6.94
CA PHE B 101 26.04 -8.29 -7.65
C PHE B 101 25.87 -7.06 -6.76
N VAL B 102 27.02 -6.38 -6.53
CA VAL B 102 27.14 -5.17 -5.69
C VAL B 102 25.81 -4.48 -5.37
N GLY B 103 25.53 -4.36 -4.07
CA GLY B 103 24.33 -3.70 -3.59
C GLY B 103 24.61 -2.87 -2.36
N LEU B 104 24.15 -1.62 -2.35
CA LEU B 104 24.38 -0.73 -1.21
C LEU B 104 23.09 -0.27 -0.56
N LYS B 105 23.19 0.20 0.67
CA LYS B 105 22.05 0.69 1.42
C LYS B 105 22.07 2.21 1.45
N LYS B 106 21.19 2.83 0.66
CA LYS B 106 21.09 4.28 0.56
C LYS B 106 21.21 4.96 1.93
N ASN B 107 20.52 4.40 2.92
CA ASN B 107 20.53 4.94 4.28
C ASN B 107 21.30 4.03 5.23
N GLY B 108 22.38 3.43 4.73
CA GLY B 108 23.17 2.53 5.56
C GLY B 108 24.63 2.49 5.15
N SER B 109 24.87 2.22 3.86
CA SER B 109 26.21 2.13 3.28
C SER B 109 26.24 0.95 2.30
N CYS B 110 27.35 0.77 1.61
CA CYS B 110 27.49 -0.32 0.66
C CYS B 110 27.94 -1.61 1.35
N LYS B 111 26.99 -2.51 1.59
CA LYS B 111 27.28 -3.79 2.23
C LYS B 111 26.02 -4.63 2.37
N ARG B 112 25.65 -5.27 1.26
CA ARG B 112 24.46 -6.10 1.19
C ARG B 112 24.70 -7.32 0.32
N GLY B 113 25.95 -7.83 0.31
CA GLY B 113 26.28 -9.01 -0.50
C GLY B 113 25.31 -10.16 -0.26
N PRO B 114 25.01 -10.56 1.00
CA PRO B 114 24.07 -11.68 1.25
C PRO B 114 22.66 -11.37 0.72
N ARG B 115 22.46 -10.12 0.29
CA ARG B 115 21.19 -9.66 -0.26
C ARG B 115 21.39 -8.93 -1.60
N THR B 116 22.40 -9.36 -2.38
CA THR B 116 22.68 -8.72 -3.68
C THR B 116 22.05 -9.47 -4.84
N HIS B 117 21.00 -10.23 -4.57
CA HIS B 117 20.30 -10.97 -5.60
C HIS B 117 18.99 -10.26 -5.92
N TYR B 118 18.12 -10.89 -6.72
CA TYR B 118 16.85 -10.26 -7.09
C TYR B 118 15.90 -10.21 -5.90
N GLY B 119 15.91 -9.08 -5.21
CA GLY B 119 15.08 -8.87 -4.04
C GLY B 119 15.18 -7.44 -3.58
N GLN B 120 16.42 -6.95 -3.54
CA GLN B 120 16.70 -5.57 -3.17
C GLN B 120 16.87 -4.75 -4.43
N LYS B 121 16.13 -3.66 -4.53
CA LYS B 121 16.18 -2.81 -5.72
C LYS B 121 17.40 -1.87 -5.68
N ALA B 122 17.96 -1.70 -4.48
CA ALA B 122 19.14 -0.85 -4.30
C ALA B 122 20.28 -1.19 -5.28
N ILE B 123 20.20 -2.37 -5.89
CA ILE B 123 21.21 -2.80 -6.85
C ILE B 123 21.13 -1.96 -8.14
N LEU B 124 19.99 -1.32 -8.37
CA LEU B 124 19.81 -0.47 -9.54
C LEU B 124 20.29 0.93 -9.22
N PHE B 125 21.57 1.17 -9.47
CA PHE B 125 22.20 2.45 -9.18
C PHE B 125 21.89 3.49 -10.25
N LEU B 126 21.80 4.75 -9.83
CA LEU B 126 21.55 5.85 -10.73
C LEU B 126 22.81 6.70 -10.85
N PRO B 127 23.50 6.62 -12.00
CA PRO B 127 24.74 7.36 -12.23
C PRO B 127 24.52 8.77 -12.77
N LEU B 128 25.35 9.70 -12.31
CA LEU B 128 25.30 11.09 -12.74
C LEU B 128 26.71 11.58 -13.11
N PRO B 129 27.46 10.78 -13.91
CA PRO B 129 28.82 11.11 -14.32
C PRO B 129 28.88 12.11 -15.48
N VAL B 130 29.97 12.86 -15.53
CA VAL B 130 30.17 13.83 -16.61
C VAL B 130 30.68 13.13 -17.86
N SER B 131 29.75 12.65 -18.67
CA SER B 131 30.07 11.96 -19.91
C SER B 131 30.69 12.90 -20.94
N SER B 132 31.07 12.36 -22.08
CA SER B 132 31.66 13.14 -23.16
C SER B 132 30.70 13.23 -24.33
N ASP B 133 29.57 13.90 -24.08
CA ASP B 133 28.54 14.06 -25.10
C ASP B 133 28.72 15.39 -25.84
N MET C 1 -2.53 7.76 -13.69
CA MET C 1 -2.05 7.27 -15.00
C MET C 1 -1.48 5.86 -14.87
N ALA C 2 -0.19 5.75 -14.60
CA ALA C 2 0.46 4.46 -14.42
C ALA C 2 0.51 4.14 -12.93
N ALA C 3 0.93 2.92 -12.58
CA ALA C 3 1.01 2.51 -11.18
C ALA C 3 -0.42 2.45 -10.64
N GLU C 4 -1.25 1.68 -11.32
CA GLU C 4 -2.65 1.53 -10.96
C GLU C 4 -2.83 0.60 -9.76
N PRO C 5 -3.66 1.02 -8.79
CA PRO C 5 -3.93 0.24 -7.59
C PRO C 5 -4.88 -0.92 -7.86
N LEU C 6 -4.49 -2.11 -7.39
CA LEU C 6 -5.31 -3.30 -7.57
C LEU C 6 -6.22 -3.51 -6.36
N THR C 7 -6.84 -4.67 -6.27
CA THR C 7 -7.72 -4.95 -5.13
C THR C 7 -6.88 -5.16 -3.87
N GLU C 8 -7.50 -5.00 -2.72
CA GLU C 8 -6.83 -5.14 -1.43
C GLU C 8 -6.18 -6.51 -1.26
N LEU C 9 -6.78 -7.52 -1.90
CA LEU C 9 -6.29 -8.90 -1.85
C LEU C 9 -5.04 -9.09 -2.71
N GLU C 10 -4.92 -8.30 -3.79
CA GLU C 10 -3.74 -8.36 -4.65
C GLU C 10 -2.58 -7.61 -4.00
N GLU C 11 -2.93 -6.51 -3.35
CA GLU C 11 -2.01 -5.67 -2.58
C GLU C 11 -1.32 -6.52 -1.50
N SER C 12 -2.14 -7.21 -0.69
CA SER C 12 -1.63 -7.94 0.46
C SER C 12 -0.85 -9.19 0.09
N ILE C 13 -1.24 -9.96 -0.95
CA ILE C 13 -0.38 -11.05 -1.38
C ILE C 13 0.93 -10.49 -1.92
N GLU C 14 0.90 -9.41 -2.69
CA GLU C 14 2.15 -8.84 -3.19
C GLU C 14 3.07 -8.49 -2.03
N THR C 15 2.61 -7.65 -1.07
CA THR C 15 3.51 -7.16 -0.02
C THR C 15 4.23 -8.30 0.73
N VAL C 16 3.53 -9.42 0.98
CA VAL C 16 4.18 -10.58 1.60
C VAL C 16 5.05 -11.33 0.59
N VAL C 17 4.61 -11.46 -0.67
CA VAL C 17 5.39 -12.11 -1.71
C VAL C 17 6.73 -11.39 -1.93
N THR C 18 6.75 -10.07 -2.06
CA THR C 18 8.00 -9.33 -2.20
C THR C 18 8.92 -9.57 -0.99
N THR C 19 8.36 -9.50 0.24
CA THR C 19 9.12 -9.76 1.45
C THR C 19 9.72 -11.16 1.41
N PHE C 20 8.89 -12.18 1.16
CA PHE C 20 9.32 -13.54 0.88
C PHE C 20 10.49 -13.53 -0.09
N PHE C 21 10.30 -12.90 -1.25
CA PHE C 21 11.31 -12.85 -2.31
C PHE C 21 12.62 -12.20 -1.87
N THR C 22 12.57 -11.26 -0.92
CA THR C 22 13.78 -10.58 -0.45
C THR C 22 14.54 -11.46 0.57
N PHE C 23 14.08 -12.69 0.73
CA PHE C 23 14.71 -13.65 1.63
C PHE C 23 15.02 -14.96 0.89
N ALA C 24 14.17 -15.27 -0.09
CA ALA C 24 14.29 -16.47 -0.92
C ALA C 24 15.55 -16.42 -1.77
N ARG C 25 15.92 -15.22 -2.21
CA ARG C 25 17.10 -15.04 -3.07
C ARG C 25 18.41 -14.90 -2.29
N GLN C 26 18.36 -15.03 -0.96
CA GLN C 26 19.56 -14.91 -0.14
C GLN C 26 20.65 -15.89 -0.57
N GLU C 27 20.29 -17.17 -0.65
CA GLU C 27 21.23 -18.21 -1.05
C GLU C 27 20.77 -18.88 -2.34
N GLY C 28 21.29 -20.10 -2.61
CA GLY C 28 20.94 -20.85 -3.81
C GLY C 28 19.43 -20.94 -4.10
N ARG C 29 19.07 -20.50 -5.31
CA ARG C 29 17.68 -20.48 -5.81
C ARG C 29 16.85 -19.38 -5.16
N LYS C 30 16.31 -18.46 -5.98
CA LYS C 30 15.50 -17.35 -5.46
C LYS C 30 14.01 -17.68 -5.41
N ASP C 31 13.72 -18.85 -4.84
CA ASP C 31 12.35 -19.33 -4.65
C ASP C 31 12.31 -20.04 -3.30
N SER C 32 13.25 -20.95 -3.10
CA SER C 32 13.35 -21.72 -1.88
C SER C 32 14.10 -20.95 -0.79
N LEU C 33 13.56 -20.97 0.43
CA LEU C 33 14.30 -20.61 1.62
C LEU C 33 15.00 -21.86 2.11
N SER C 34 16.33 -21.87 2.20
CA SER C 34 17.02 -22.92 2.95
C SER C 34 17.01 -22.59 4.44
N VAL C 35 17.60 -23.45 5.26
CA VAL C 35 17.45 -23.42 6.73
C VAL C 35 17.75 -22.01 7.30
N ASN C 36 18.97 -21.49 7.03
CA ASN C 36 19.37 -20.14 7.52
C ASN C 36 18.38 -19.10 7.01
N GLU C 37 18.26 -19.03 5.68
CA GLU C 37 17.30 -18.21 4.96
C GLU C 37 15.94 -18.15 5.66
N PHE C 38 15.41 -19.32 6.00
CA PHE C 38 14.14 -19.45 6.67
C PHE C 38 14.21 -18.81 8.05
N LYS C 39 15.21 -19.22 8.86
CA LYS C 39 15.39 -18.69 10.19
C LYS C 39 15.49 -17.16 10.17
N GLU C 40 16.09 -16.59 9.12
CA GLU C 40 16.25 -15.14 8.99
C GLU C 40 14.91 -14.39 8.94
N LEU C 41 13.85 -15.04 8.44
CA LEU C 41 12.54 -14.39 8.36
C LEU C 41 12.04 -14.14 9.77
N VAL C 42 11.99 -15.23 10.55
CA VAL C 42 11.39 -15.22 11.87
C VAL C 42 12.21 -14.32 12.78
N THR C 43 13.52 -14.56 12.83
CA THR C 43 14.42 -13.81 13.70
C THR C 43 14.43 -12.29 13.44
N GLN C 44 14.08 -11.86 12.22
CA GLN C 44 14.09 -10.44 11.91
C GLN C 44 12.72 -9.77 11.97
N GLN C 45 11.80 -10.21 11.11
CA GLN C 45 10.48 -9.59 11.03
C GLN C 45 9.38 -10.36 11.77
N LEU C 46 9.73 -11.21 12.73
CA LEU C 46 8.69 -11.94 13.47
C LEU C 46 9.12 -12.22 14.91
N PRO C 47 9.09 -11.18 15.77
CA PRO C 47 9.47 -11.28 17.18
C PRO C 47 8.30 -11.45 18.15
N HIS C 48 7.07 -11.26 17.66
CA HIS C 48 5.89 -11.37 18.53
C HIS C 48 5.05 -12.62 18.21
N LEU C 49 4.56 -12.70 16.96
CA LEU C 49 3.73 -13.80 16.51
C LEU C 49 4.28 -15.15 16.94
N LEU C 50 5.43 -15.52 16.40
CA LEU C 50 6.17 -16.75 16.72
C LEU C 50 7.44 -16.32 17.44
N LYS C 51 7.29 -16.00 18.72
CA LYS C 51 8.40 -15.54 19.56
C LYS C 51 9.44 -16.65 19.81
N ASP C 52 9.22 -17.81 19.20
CA ASP C 52 10.15 -18.93 19.35
C ASP C 52 11.27 -18.83 18.32
N VAL C 53 12.30 -18.07 18.65
CA VAL C 53 13.45 -17.89 17.77
C VAL C 53 14.56 -18.89 18.10
N GLY C 54 14.19 -19.99 18.74
CA GLY C 54 15.15 -21.01 19.09
C GLY C 54 14.78 -22.38 18.53
N SER C 55 13.47 -22.68 18.52
CA SER C 55 12.98 -23.96 18.03
C SER C 55 12.49 -23.86 16.58
N LEU C 56 13.29 -23.19 15.73
CA LEU C 56 12.97 -23.03 14.34
C LEU C 56 13.01 -24.40 13.66
N ASP C 57 13.85 -25.32 14.16
CA ASP C 57 13.90 -26.70 13.72
C ASP C 57 12.50 -27.34 13.75
N GLU C 58 11.77 -27.18 14.85
CA GLU C 58 10.41 -27.70 15.00
C GLU C 58 9.53 -27.16 13.87
N LYS C 59 9.51 -25.84 13.67
CA LYS C 59 8.74 -25.24 12.60
C LYS C 59 9.17 -25.89 11.27
N MET C 60 10.48 -25.91 11.01
CA MET C 60 11.05 -26.45 9.78
C MET C 60 10.49 -27.85 9.52
N LYS C 61 10.63 -28.78 10.49
CA LYS C 61 10.10 -30.12 10.36
C LYS C 61 8.58 -30.11 10.13
N SER C 62 7.86 -29.27 10.86
CA SER C 62 6.40 -29.14 10.72
C SER C 62 6.01 -28.63 9.33
N LEU C 63 6.87 -27.81 8.70
CA LEU C 63 6.65 -27.20 7.40
C LEU C 63 7.09 -28.12 6.27
N ASP C 64 8.39 -28.42 6.20
CA ASP C 64 9.02 -29.17 5.14
C ASP C 64 8.68 -30.65 5.27
N VAL C 65 7.44 -31.03 4.92
CA VAL C 65 6.93 -32.39 5.06
C VAL C 65 7.88 -33.46 4.47
N ASN C 66 8.51 -33.13 3.34
CA ASN C 66 9.44 -34.02 2.63
C ASN C 66 10.85 -33.95 3.19
N GLN C 67 11.15 -33.00 4.07
CA GLN C 67 12.45 -32.82 4.73
C GLN C 67 13.59 -32.85 3.69
N ASP C 68 13.46 -32.02 2.65
CA ASP C 68 14.50 -31.81 1.64
C ASP C 68 15.43 -30.68 2.07
N SER C 69 15.08 -29.93 3.13
CA SER C 69 15.83 -28.76 3.59
C SER C 69 15.74 -27.61 2.57
N GLU C 70 14.66 -27.59 1.79
CA GLU C 70 14.21 -26.48 0.98
C GLU C 70 12.73 -26.31 1.27
N LEU C 71 12.32 -25.17 1.81
CA LEU C 71 10.92 -24.77 1.79
C LEU C 71 10.69 -24.11 0.43
N LYS C 72 10.25 -24.87 -0.58
CA LYS C 72 9.77 -24.33 -1.85
C LYS C 72 8.69 -23.26 -1.58
N PHE C 73 8.39 -22.39 -2.54
CA PHE C 73 7.39 -21.34 -2.43
C PHE C 73 6.15 -21.81 -1.65
N ASN C 74 5.50 -22.88 -2.12
CA ASN C 74 4.28 -23.40 -1.52
C ASN C 74 4.51 -24.01 -0.13
N GLU C 75 5.69 -24.60 0.11
CA GLU C 75 6.02 -25.16 1.41
C GLU C 75 6.20 -24.03 2.41
N TYR C 76 7.08 -23.08 2.09
CA TYR C 76 7.30 -21.87 2.86
C TYR C 76 5.96 -21.22 3.19
N TRP C 77 5.14 -21.02 2.15
CA TRP C 77 3.83 -20.42 2.25
C TRP C 77 3.05 -20.96 3.46
N ARG C 78 3.16 -22.26 3.80
CA ARG C 78 2.55 -22.83 5.02
C ARG C 78 2.67 -21.89 6.22
N LEU C 79 3.87 -21.38 6.50
CA LEU C 79 4.13 -20.47 7.60
C LEU C 79 3.08 -19.37 7.64
N ILE C 80 2.75 -18.77 6.49
CA ILE C 80 1.85 -17.62 6.42
C ILE C 80 0.48 -18.02 6.98
N GLY C 81 0.13 -19.30 6.94
CA GLY C 81 -1.11 -19.83 7.44
C GLY C 81 -1.06 -19.86 8.94
N GLU C 82 0.07 -20.30 9.45
CA GLU C 82 0.29 -20.46 10.86
C GLU C 82 0.34 -19.05 11.45
N LEU C 83 0.88 -18.07 10.71
CA LEU C 83 0.85 -16.66 11.05
C LEU C 83 -0.60 -16.14 11.10
N ALA C 84 -1.30 -16.23 9.96
CA ALA C 84 -2.67 -15.75 9.77
C ALA C 84 -3.64 -16.43 10.75
N LYS C 85 -3.29 -17.64 11.17
CA LYS C 85 -3.98 -18.35 12.22
C LYS C 85 -3.59 -17.72 13.56
N GLU C 86 -2.31 -17.74 13.95
CA GLU C 86 -1.80 -17.21 15.21
C GLU C 86 -2.38 -15.83 15.56
N ILE C 87 -2.38 -14.88 14.63
CA ILE C 87 -2.90 -13.55 14.91
C ILE C 87 -4.33 -13.56 15.52
N ARG C 88 -5.16 -14.53 15.12
CA ARG C 88 -6.47 -14.76 15.71
C ARG C 88 -6.34 -15.72 16.88
N LYS C 89 -5.71 -16.86 16.63
CA LYS C 89 -5.68 -18.06 17.46
C LYS C 89 -4.98 -17.82 18.78
N LYS C 90 -4.06 -16.85 18.89
CA LYS C 90 -2.67 -17.17 19.21
C LYS C 90 -2.54 -18.38 20.15
N LYS C 91 -2.97 -18.29 21.41
CA LYS C 91 -2.91 -19.41 22.36
C LYS C 91 -4.28 -19.54 23.07
N ASP C 92 -5.36 -19.50 22.27
CA ASP C 92 -6.78 -19.65 22.59
C ASP C 92 -7.02 -21.01 23.26
N LEU C 93 -6.59 -21.11 24.51
CA LEU C 93 -6.47 -22.31 25.30
C LEU C 93 -6.01 -21.85 26.68
N LYS C 94 -4.92 -21.05 26.74
CA LYS C 94 -4.45 -20.42 27.97
C LYS C 94 -4.47 -18.88 27.85
N ILE C 95 -4.04 -18.33 26.72
CA ILE C 95 -3.78 -16.89 26.56
C ILE C 95 -4.28 -16.43 25.18
N ARG C 96 -5.34 -15.62 25.04
CA ARG C 96 -6.36 -15.12 25.97
C ARG C 96 -7.38 -14.23 25.25
N DLY C 97 -7.02 -13.25 24.39
CA DLY C 97 -5.74 -12.82 23.83
C DLY C 97 -6.06 -12.14 22.47
O DLY C 97 -6.80 -12.77 21.72
CB DLY C 97 -4.86 -12.12 24.89
CG DLY C 97 -5.47 -10.93 25.68
CD DLY C 97 -4.34 -10.16 26.42
CE DLY C 97 -4.25 -8.66 26.11
NZ DLY C 97 -5.28 -7.83 26.74
H DLY C 97 -7.79 -12.72 24.07
HA DLY C 97 -6.42 -11.87 24.00
HB2 DLY C 97 -4.55 -12.86 25.61
HB3 DLY C 97 -3.97 -11.75 24.39
HG2 DLY C 97 -5.97 -10.27 25.01
HG3 DLY C 97 -6.17 -11.32 26.42
HD2 DLY C 97 -4.50 -10.27 27.48
HD3 DLY C 97 -3.40 -10.63 26.16
HE2 DLY C 97 -3.28 -8.31 26.43
HE3 DLY C 97 -4.31 -8.53 25.03
HZ1 DLY C 97 -5.15 -6.83 26.49
HZ2 DLY C 97 -5.22 -7.92 27.78
HZ3 DLY C 97 -6.23 -8.13 26.43
N DLY C 98 -5.64 -10.95 22.05
CA DLY C 98 -4.66 -10.03 22.54
C DLY C 98 -3.30 -10.40 21.93
O DLY C 98 -3.17 -10.31 20.69
CB DLY C 98 -5.13 -8.62 22.24
CG DLY C 98 -6.61 -8.34 22.55
CD DLY C 98 -6.88 -6.84 22.77
CE DLY C 98 -6.44 -5.97 21.58
NZ DLY C 98 -6.17 -4.58 21.99
H DLY C 98 -6.11 -10.64 21.24
HA DLY C 98 -4.66 -10.13 21.38
HB2 DLY C 98 -4.54 -7.92 22.83
HB3 DLY C 98 -4.96 -8.40 21.20
HG2 DLY C 98 -7.21 -8.68 21.73
HG3 DLY C 98 -6.89 -8.88 23.45
HD2 DLY C 98 -7.92 -6.69 22.94
HD3 DLY C 98 -6.32 -6.52 23.64
HE2 DLY C 98 -5.55 -6.39 21.14
HE3 DLY C 98 -7.23 -5.97 20.84
HZ1 DLY C 98 -5.89 -4.01 21.17
HZ2 DLY C 98 -5.40 -4.56 22.69
HZ3 DLY C 98 -7.02 -4.16 22.42
N MET D 1 -11.44 -7.44 21.89
CA MET D 1 -12.48 -6.83 21.06
C MET D 1 -11.87 -6.38 19.73
N ALA D 2 -10.85 -5.50 19.76
CA ALA D 2 -10.15 -5.07 18.56
C ALA D 2 -8.91 -4.22 18.88
N ALA D 3 -7.72 -4.68 18.46
CA ALA D 3 -6.60 -3.90 17.94
C ALA D 3 -6.39 -2.43 18.41
N GLU D 4 -5.48 -2.20 19.37
CA GLU D 4 -4.60 -1.02 19.40
C GLU D 4 -3.38 -1.31 18.48
N PRO D 5 -2.35 -0.39 18.38
CA PRO D 5 -1.13 -0.51 17.58
C PRO D 5 -0.71 -1.91 17.12
N LEU D 6 -0.26 -1.98 15.88
CA LEU D 6 0.20 -3.21 15.25
C LEU D 6 1.56 -2.96 14.59
N THR D 7 1.84 -3.66 13.49
CA THR D 7 3.11 -3.48 12.77
C THR D 7 2.85 -3.21 11.28
N GLU D 8 3.93 -3.12 10.49
CA GLU D 8 3.82 -2.84 9.06
C GLU D 8 3.05 -3.92 8.30
N LEU D 9 3.40 -5.19 8.50
CA LEU D 9 2.74 -6.30 7.82
C LEU D 9 1.40 -6.64 8.46
N GLU D 10 1.18 -6.18 9.69
CA GLU D 10 -0.08 -6.42 10.39
C GLU D 10 -1.18 -5.53 9.81
N GLU D 11 -0.80 -4.34 9.31
CA GLU D 11 -1.74 -3.46 8.63
C GLU D 11 -2.38 -4.18 7.45
N SER D 12 -1.55 -4.76 6.58
CA SER D 12 -2.00 -5.33 5.32
C SER D 12 -2.80 -6.63 5.50
N ILE D 13 -2.64 -7.36 6.61
CA ILE D 13 -3.60 -8.40 6.98
C ILE D 13 -4.87 -7.77 7.56
N GLU D 14 -4.79 -6.64 8.28
CA GLU D 14 -5.99 -5.96 8.74
C GLU D 14 -6.86 -5.53 7.56
N THR D 15 -6.30 -4.80 6.59
CA THR D 15 -7.08 -4.15 5.55
C THR D 15 -8.07 -5.13 4.87
N VAL D 16 -7.63 -6.37 4.64
CA VAL D 16 -8.49 -7.40 4.07
C VAL D 16 -9.52 -7.91 5.08
N VAL D 17 -9.15 -8.02 6.36
CA VAL D 17 -10.08 -8.38 7.43
C VAL D 17 -11.18 -7.32 7.54
N THR D 18 -10.81 -6.03 7.44
CA THR D 18 -11.79 -4.95 7.48
C THR D 18 -12.84 -5.11 6.36
N THR D 19 -12.45 -5.73 5.24
CA THR D 19 -13.38 -6.00 4.13
C THR D 19 -14.35 -7.10 4.59
N PHE D 20 -13.75 -8.16 5.10
CA PHE D 20 -14.44 -9.30 5.71
C PHE D 20 -15.49 -8.80 6.72
N PHE D 21 -15.01 -7.98 7.67
CA PHE D 21 -15.84 -7.44 8.76
C PHE D 21 -17.02 -6.60 8.28
N THR D 22 -16.88 -5.88 7.17
CA THR D 22 -17.99 -5.05 6.69
C THR D 22 -18.87 -5.76 5.68
N PHE D 23 -18.80 -7.07 5.67
CA PHE D 23 -19.60 -7.89 4.77
C PHE D 23 -20.28 -9.01 5.54
N ALA D 24 -19.63 -9.44 6.62
CA ALA D 24 -20.14 -10.51 7.45
C ALA D 24 -21.06 -10.02 8.56
N ARG D 25 -21.07 -8.72 8.83
CA ARG D 25 -21.99 -8.17 9.84
C ARG D 25 -23.35 -7.86 9.18
N GLN D 26 -23.71 -8.66 8.18
CA GLN D 26 -24.92 -8.42 7.41
C GLN D 26 -26.23 -9.04 7.96
N GLU D 27 -26.33 -10.37 8.04
CA GLU D 27 -27.61 -10.94 8.43
C GLU D 27 -27.73 -11.17 9.94
N GLY D 28 -27.07 -12.21 10.44
CA GLY D 28 -26.52 -12.37 11.77
C GLY D 28 -25.06 -11.94 11.78
N ARG D 29 -24.53 -11.64 12.97
CA ARG D 29 -23.21 -12.07 13.41
C ARG D 29 -22.07 -11.75 12.43
N LYS D 30 -21.27 -10.74 12.83
CA LYS D 30 -20.12 -10.25 12.06
C LYS D 30 -18.90 -11.17 12.14
N ASP D 31 -18.85 -12.00 13.16
CA ASP D 31 -17.76 -12.94 13.38
C ASP D 31 -17.80 -14.16 12.45
N SER D 32 -18.92 -14.41 11.73
CA SER D 32 -19.05 -15.51 10.78
C SER D 32 -19.59 -15.04 9.44
N LEU D 33 -19.03 -15.54 8.34
CA LEU D 33 -19.62 -15.34 7.02
C LEU D 33 -20.89 -16.19 6.92
N SER D 34 -21.94 -15.56 6.39
CA SER D 34 -23.26 -16.11 6.17
C SER D 34 -23.53 -16.06 4.65
N VAL D 35 -24.50 -16.82 4.11
CA VAL D 35 -24.60 -16.99 2.65
C VAL D 35 -25.64 -16.08 2.02
N ASN D 36 -25.54 -14.80 2.38
CA ASN D 36 -25.78 -13.64 1.57
C ASN D 36 -24.95 -12.53 2.23
N GLU D 37 -23.68 -12.92 2.31
CA GLU D 37 -22.54 -12.16 2.81
C GLU D 37 -21.34 -12.71 2.02
N PHE D 38 -21.29 -14.05 1.95
CA PHE D 38 -20.30 -14.79 1.19
C PHE D 38 -20.52 -14.59 -0.30
N LYS D 39 -21.70 -14.94 -0.81
CA LYS D 39 -21.93 -14.84 -2.25
C LYS D 39 -21.78 -13.38 -2.71
N GLU D 40 -22.23 -12.43 -1.87
CA GLU D 40 -22.09 -11.01 -2.20
C GLU D 40 -20.61 -10.62 -2.26
N LEU D 41 -19.79 -11.28 -1.43
CA LEU D 41 -18.35 -11.01 -1.38
C LEU D 41 -17.65 -11.52 -2.64
N VAL D 42 -17.95 -12.76 -3.04
CA VAL D 42 -17.36 -13.34 -4.24
C VAL D 42 -17.84 -12.58 -5.48
N THR D 43 -19.12 -12.26 -5.55
CA THR D 43 -19.67 -11.56 -6.71
C THR D 43 -19.18 -10.11 -6.85
N GLN D 44 -18.79 -9.48 -5.74
CA GLN D 44 -18.34 -8.09 -5.79
C GLN D 44 -16.82 -7.93 -5.70
N GLN D 45 -16.23 -8.46 -4.65
CA GLN D 45 -14.78 -8.33 -4.43
C GLN D 45 -13.95 -9.37 -5.18
N LEU D 46 -14.54 -10.53 -5.49
CA LEU D 46 -13.80 -11.58 -6.20
C LEU D 46 -14.49 -12.02 -7.52
N PRO D 47 -14.83 -11.08 -8.42
CA PRO D 47 -15.51 -11.44 -9.67
C PRO D 47 -14.50 -11.76 -10.79
N HIS D 48 -13.30 -11.21 -10.66
CA HIS D 48 -12.24 -11.41 -11.64
C HIS D 48 -11.24 -12.45 -11.13
N LEU D 49 -10.84 -12.32 -9.87
CA LEU D 49 -9.88 -13.24 -9.26
C LEU D 49 -10.49 -14.63 -9.20
N LEU D 50 -11.67 -14.72 -8.59
CA LEU D 50 -12.38 -16.00 -8.51
C LEU D 50 -13.39 -16.06 -9.64
N LYS D 51 -13.01 -16.74 -10.71
CA LYS D 51 -13.87 -16.88 -11.88
C LYS D 51 -14.84 -18.05 -11.72
N ASP D 52 -15.50 -18.10 -10.56
CA ASP D 52 -16.46 -19.14 -10.25
C ASP D 52 -17.48 -18.64 -9.24
N VAL D 53 -18.15 -17.53 -9.59
CA VAL D 53 -19.15 -16.92 -8.71
C VAL D 53 -20.48 -17.66 -8.78
N GLY D 54 -20.63 -18.52 -9.78
CA GLY D 54 -21.87 -19.26 -9.95
C GLY D 54 -21.80 -20.61 -9.26
N SER D 55 -20.58 -21.05 -8.93
CA SER D 55 -20.37 -22.32 -8.27
C SER D 55 -19.79 -22.12 -6.86
N LEU D 56 -20.18 -21.02 -6.21
CA LEU D 56 -19.76 -20.71 -4.86
C LEU D 56 -20.09 -21.88 -3.94
N ASP D 57 -21.33 -22.37 -4.02
CA ASP D 57 -21.90 -23.43 -3.23
C ASP D 57 -20.94 -24.61 -3.03
N GLU D 58 -20.22 -25.01 -4.08
CA GLU D 58 -19.19 -26.05 -4.00
C GLU D 58 -18.05 -25.60 -3.07
N LYS D 59 -17.56 -24.38 -3.28
CA LYS D 59 -16.50 -23.81 -2.46
C LYS D 59 -16.96 -23.76 -1.01
N MET D 60 -18.18 -23.26 -0.82
CA MET D 60 -18.82 -23.19 0.50
C MET D 60 -18.78 -24.57 1.17
N LYS D 61 -19.29 -25.60 0.49
CA LYS D 61 -19.28 -26.95 1.04
C LYS D 61 -17.84 -27.39 1.38
N SER D 62 -16.89 -27.11 0.49
CA SER D 62 -15.49 -27.45 0.69
C SER D 62 -14.90 -26.68 1.89
N LEU D 63 -15.29 -25.43 2.07
CA LEU D 63 -14.82 -24.55 3.13
C LEU D 63 -15.36 -25.00 4.48
N ASP D 64 -16.69 -25.08 4.58
CA ASP D 64 -17.46 -25.11 5.82
C ASP D 64 -17.14 -26.23 6.80
N VAL D 65 -16.40 -27.26 6.37
CA VAL D 65 -16.63 -28.71 6.47
C VAL D 65 -17.31 -29.28 7.72
N ASN D 66 -17.31 -28.59 8.87
CA ASN D 66 -18.23 -28.95 9.93
C ASN D 66 -19.68 -28.86 9.43
N GLN D 67 -19.92 -28.03 8.40
CA GLN D 67 -21.18 -27.91 7.69
C GLN D 67 -22.28 -27.30 8.57
N ASP D 68 -21.88 -26.62 9.65
CA ASP D 68 -22.79 -25.76 10.43
C ASP D 68 -23.33 -24.63 9.55
N SER D 69 -22.68 -24.34 8.42
CA SER D 69 -23.05 -23.29 7.48
C SER D 69 -22.83 -21.89 8.06
N GLU D 70 -22.16 -21.78 9.21
CA GLU D 70 -21.42 -20.58 9.55
C GLU D 70 -20.03 -20.79 8.97
N LEU D 71 -19.66 -20.01 7.96
CA LEU D 71 -18.31 -20.03 7.44
C LEU D 71 -17.47 -19.33 8.50
N LYS D 72 -16.76 -20.12 9.29
CA LYS D 72 -16.27 -19.74 10.61
C LYS D 72 -14.99 -18.91 10.48
N PHE D 73 -14.52 -18.35 11.59
CA PHE D 73 -13.37 -17.45 11.66
C PHE D 73 -12.11 -18.31 11.63
N ASN D 74 -11.86 -18.83 10.42
CA ASN D 74 -10.91 -19.80 9.92
C ASN D 74 -11.62 -21.16 9.80
N GLU D 75 -12.79 -21.19 9.17
CA GLU D 75 -13.00 -21.87 7.89
C GLU D 75 -12.74 -20.87 6.77
N TYR D 76 -13.53 -19.79 6.77
CA TYR D 76 -13.63 -18.77 5.72
C TYR D 76 -12.27 -18.44 5.13
N TRP D 77 -11.33 -18.11 6.03
CA TRP D 77 -10.03 -17.60 5.71
C TRP D 77 -9.37 -18.35 4.54
N ARG D 78 -9.55 -19.68 4.51
CA ARG D 78 -9.08 -20.54 3.42
C ARG D 78 -9.28 -19.87 2.05
N LEU D 79 -10.44 -19.25 1.81
CA LEU D 79 -10.77 -18.60 0.56
C LEU D 79 -9.66 -17.66 0.10
N ILE D 80 -9.20 -16.78 1.00
CA ILE D 80 -8.15 -15.81 0.71
C ILE D 80 -6.89 -16.57 0.27
N GLY D 81 -6.72 -17.80 0.77
CA GLY D 81 -5.66 -18.73 0.47
C GLY D 81 -5.74 -19.25 -0.94
N GLU D 82 -6.97 -19.59 -1.32
CA GLU D 82 -7.23 -20.14 -2.61
C GLU D 82 -7.01 -19.02 -3.62
N LEU D 83 -7.54 -17.82 -3.43
CA LEU D 83 -7.13 -16.71 -4.28
C LEU D 83 -5.61 -16.49 -4.26
N ALA D 84 -4.99 -16.50 -3.08
CA ALA D 84 -3.56 -16.29 -2.95
C ALA D 84 -2.77 -17.26 -3.84
N LYS D 85 -3.06 -18.56 -3.77
CA LYS D 85 -2.39 -19.50 -4.66
C LYS D 85 -2.88 -19.31 -6.10
N GLU D 86 -4.18 -19.09 -6.36
CA GLU D 86 -4.79 -19.01 -7.69
C GLU D 86 -3.95 -18.16 -8.64
N ILE D 87 -3.48 -16.99 -8.18
CA ILE D 87 -2.66 -16.11 -9.00
C ILE D 87 -1.47 -16.87 -9.63
N ARG D 88 -0.85 -17.77 -8.84
CA ARG D 88 0.17 -18.72 -9.27
C ARG D 88 -0.44 -19.96 -9.92
N LYS D 89 -1.58 -20.46 -9.40
CA LYS D 89 -2.08 -21.80 -9.60
C LYS D 89 -3.43 -21.78 -10.33
N LYS D 90 -3.38 -21.59 -11.65
CA LYS D 90 -4.49 -21.53 -12.59
C LYS D 90 -5.64 -22.52 -12.24
N LYS D 91 -5.35 -23.82 -12.09
CA LYS D 91 -6.39 -24.81 -11.75
C LYS D 91 -5.83 -26.05 -11.03
N ASP D 92 -4.52 -26.14 -10.86
CA ASP D 92 -3.80 -27.40 -10.91
C ASP D 92 -3.65 -28.00 -9.50
N LEU D 93 -4.77 -28.07 -8.76
CA LEU D 93 -4.79 -28.57 -7.39
C LEU D 93 -5.12 -30.07 -7.34
N DLY D 94 -6.24 -30.46 -7.95
CA DLY D 94 -6.87 -31.75 -7.75
C DLY D 94 -6.99 -32.11 -6.25
O DLY D 94 -7.89 -31.61 -5.58
CB DLY D 94 -8.27 -31.73 -8.38
CG DLY D 94 -9.02 -30.43 -8.05
CD DLY D 94 -10.54 -30.57 -7.87
CE DLY D 94 -11.00 -30.98 -6.45
NZ DLY D 94 -10.45 -32.28 -5.97
H DLY D 94 -6.66 -29.84 -8.58
HA DLY D 94 -7.25 -30.90 -7.08
HB2 DLY D 94 -8.18 -31.81 -9.46
HB3 DLY D 94 -8.84 -32.57 -8.01
HG2 DLY D 94 -8.64 -30.01 -7.13
HG3 DLY D 94 -8.85 -29.72 -8.84
HD2 DLY D 94 -11.00 -29.64 -8.12
HD3 DLY D 94 -10.89 -31.33 -8.56
HE2 DLY D 94 -10.69 -30.21 -5.76
HE3 DLY D 94 -12.08 -31.04 -6.45
HZ1 DLY D 94 -10.79 -32.47 -5.01
HZ2 DLY D 94 -9.41 -32.25 -5.96
HZ3 DLY D 94 -10.75 -33.05 -6.61
N ILE D 95 -6.13 -33.02 -5.77
CA ILE D 95 -6.24 -33.70 -4.48
C ILE D 95 -7.57 -34.43 -4.25
N ARG D 96 -7.50 -35.50 -3.45
CA ARG D 96 -8.59 -36.34 -3.00
C ARG D 96 -8.01 -37.20 -1.87
N LYS D 97 -8.63 -37.23 -0.69
CA LYS D 97 -8.00 -37.69 0.54
C LYS D 97 -9.09 -37.66 1.62
N LYS D 98 -9.30 -38.81 2.30
CA LYS D 98 -10.08 -38.89 3.53
C LYS D 98 -9.06 -39.01 4.67
N TYR E 1 -26.03 32.63 8.43
CA TYR E 1 -26.80 32.73 7.16
C TYR E 1 -27.23 31.34 6.70
N LYS E 2 -28.10 30.70 7.48
CA LYS E 2 -28.58 29.36 7.15
C LYS E 2 -29.08 29.30 5.70
N LYS E 3 -28.31 28.64 4.85
CA LYS E 3 -28.64 28.52 3.43
C LYS E 3 -27.93 27.29 2.84
N PRO E 4 -28.01 27.08 1.51
CA PRO E 4 -27.39 25.97 0.79
C PRO E 4 -26.26 25.29 1.57
N LYS E 5 -26.56 24.11 2.11
CA LYS E 5 -25.58 23.34 2.85
C LYS E 5 -24.93 22.31 1.94
N LEU E 6 -23.68 22.56 1.55
CA LEU E 6 -22.95 21.64 0.68
C LEU E 6 -22.33 20.53 1.51
N LEU E 7 -22.45 19.29 1.01
CA LEU E 7 -21.91 18.13 1.71
C LEU E 7 -21.38 17.11 0.71
N TYR E 8 -20.21 16.55 1.00
CA TYR E 8 -19.59 15.54 0.14
C TYR E 8 -18.58 14.72 0.95
N CYS E 9 -18.03 13.68 0.35
CA CYS E 9 -17.06 12.84 1.05
C CYS E 9 -16.04 12.26 0.08
N SER E 10 -14.94 11.72 0.63
CA SER E 10 -13.87 11.12 -0.14
C SER E 10 -13.03 12.22 -0.78
N ASN E 11 -11.74 12.24 -0.44
CA ASN E 11 -10.82 13.24 -0.97
C ASN E 11 -10.96 13.32 -2.48
N GLY E 12 -11.18 14.52 -2.99
CA GLY E 12 -11.32 14.71 -4.42
C GLY E 12 -12.51 15.59 -4.76
N GLY E 13 -12.32 16.50 -5.71
CA GLY E 13 -13.38 17.39 -6.11
C GLY E 13 -14.62 16.64 -6.54
N HIS E 14 -15.64 16.64 -5.68
CA HIS E 14 -16.91 15.97 -5.96
C HIS E 14 -17.97 16.46 -4.97
N PHE E 15 -19.06 17.03 -5.48
CA PHE E 15 -20.13 17.53 -4.62
C PHE E 15 -21.43 16.79 -4.89
N LEU E 16 -22.27 16.67 -3.87
CA LEU E 16 -23.54 15.99 -3.99
C LEU E 16 -24.54 16.84 -4.77
N ARG E 17 -24.71 16.55 -6.06
CA ARG E 17 -25.63 17.30 -6.89
C ARG E 17 -26.98 16.60 -6.95
N ILE E 18 -27.96 17.19 -6.29
CA ILE E 18 -29.30 16.62 -6.23
C ILE E 18 -30.17 17.11 -7.38
N LEU E 19 -31.00 16.22 -7.90
CA LEU E 19 -31.90 16.55 -8.99
C LEU E 19 -33.32 16.09 -8.64
N PRO E 20 -34.34 16.90 -8.98
CA PRO E 20 -35.75 16.56 -8.70
C PRO E 20 -36.09 15.13 -9.07
N ASP E 21 -35.40 14.60 -10.08
CA ASP E 21 -35.61 13.22 -10.54
C ASP E 21 -35.33 12.23 -9.41
N GLY E 22 -34.25 12.47 -8.67
CA GLY E 22 -33.88 11.60 -7.58
C GLY E 22 -32.46 11.08 -7.71
N THR E 23 -32.01 10.90 -8.95
CA THR E 23 -30.66 10.40 -9.19
C THR E 23 -29.61 11.46 -8.88
N VAL E 24 -29.23 11.52 -7.61
CA VAL E 24 -28.21 12.46 -7.14
C VAL E 24 -26.82 11.85 -7.33
N ASP E 25 -25.90 12.63 -7.91
CA ASP E 25 -24.53 12.16 -8.13
C ASP E 25 -23.52 13.14 -7.55
N GLY E 26 -22.27 12.68 -7.43
CA GLY E 26 -21.21 13.51 -6.88
C GLY E 26 -20.57 14.40 -7.92
N THR E 27 -21.36 15.35 -8.44
CA THR E 27 -20.88 16.28 -9.44
C THR E 27 -19.84 17.23 -8.86
N ARG E 28 -18.70 17.35 -9.51
CA ARG E 28 -17.65 18.23 -9.04
C ARG E 28 -17.77 19.61 -9.71
N ASP E 29 -18.84 20.31 -9.39
CA ASP E 29 -19.08 21.64 -9.95
C ASP E 29 -19.84 22.52 -8.96
N ARG E 30 -19.64 23.82 -9.06
CA ARG E 30 -20.30 24.78 -8.19
C ARG E 30 -20.85 25.95 -9.01
N SER E 31 -21.08 25.71 -10.30
CA SER E 31 -21.60 26.72 -11.20
C SER E 31 -23.12 26.66 -11.23
N ASP E 32 -23.65 25.45 -11.29
CA ASP E 32 -25.11 25.25 -11.33
C ASP E 32 -25.64 24.97 -9.93
N GLN E 33 -26.64 25.75 -9.51
CA GLN E 33 -27.22 25.59 -8.18
C GLN E 33 -27.99 24.27 -8.05
N HIS E 34 -27.25 23.17 -7.91
CA HIS E 34 -27.87 21.86 -7.75
C HIS E 34 -27.07 20.97 -6.79
N ILE E 35 -26.17 21.58 -6.03
CA ILE E 35 -25.34 20.83 -5.08
C ILE E 35 -25.48 21.43 -3.67
N GLN E 36 -26.71 21.74 -3.29
CA GLN E 36 -26.98 22.32 -1.99
C GLN E 36 -28.25 21.74 -1.38
N LEU E 37 -28.15 21.35 -0.11
CA LEU E 37 -29.28 20.78 0.62
C LEU E 37 -29.49 21.55 1.92
N GLN E 38 -30.71 21.55 2.44
CA GLN E 38 -31.01 22.24 3.68
C GLN E 38 -30.80 21.31 4.87
N LEU E 39 -29.53 21.03 5.17
CA LEU E 39 -29.17 20.18 6.30
C LEU E 39 -29.37 20.94 7.61
N SER E 40 -30.10 20.33 8.53
CA SER E 40 -30.36 20.93 9.83
C SER E 40 -30.79 19.87 10.85
N ALA E 41 -30.58 20.18 12.13
CA ALA E 41 -30.94 19.28 13.21
C ALA E 41 -32.41 19.48 13.55
N GLU E 42 -33.26 18.56 13.10
CA GLU E 42 -34.70 18.65 13.35
C GLU E 42 -35.00 18.36 14.82
N SER E 43 -34.53 17.19 15.27
CA SER E 43 -34.73 16.77 16.65
C SER E 43 -33.38 16.66 17.36
N VAL E 44 -33.41 16.38 18.66
CA VAL E 44 -32.18 16.23 19.44
C VAL E 44 -31.24 15.21 18.79
N GLY E 45 -30.32 15.70 17.98
CA GLY E 45 -29.37 14.83 17.31
C GLY E 45 -29.85 14.33 15.95
N GLU E 46 -31.16 14.47 15.69
CA GLU E 46 -31.73 14.00 14.43
C GLU E 46 -31.65 15.09 13.36
N VAL E 47 -30.77 14.89 12.39
CA VAL E 47 -30.60 15.85 11.30
C VAL E 47 -31.27 15.33 10.04
N TYR E 48 -31.86 16.25 9.27
CA TYR E 48 -32.54 15.89 8.04
C TYR E 48 -31.84 16.50 6.83
N ILE E 49 -31.90 15.79 5.71
CA ILE E 49 -31.30 16.25 4.47
C ILE E 49 -32.38 16.52 3.45
N LYS E 50 -32.69 17.80 3.25
CA LYS E 50 -33.72 18.21 2.32
C LYS E 50 -33.22 19.30 1.39
N SER E 51 -33.10 18.99 0.11
CA SER E 51 -32.64 19.96 -0.88
C SER E 51 -33.81 20.83 -1.33
N THR E 52 -34.40 21.53 -0.36
CA THR E 52 -35.55 22.39 -0.62
C THR E 52 -35.31 23.39 -1.75
N GLU E 53 -34.46 24.38 -1.47
CA GLU E 53 -34.17 25.43 -2.45
C GLU E 53 -33.13 24.99 -3.48
N THR E 54 -33.39 23.88 -4.17
CA THR E 54 -32.46 23.38 -5.19
C THR E 54 -32.89 22.03 -5.78
N GLY E 55 -33.37 21.13 -4.94
CA GLY E 55 -33.76 19.83 -5.45
C GLY E 55 -35.02 19.26 -4.81
N GLN E 56 -34.83 18.20 -4.03
CA GLN E 56 -35.94 17.51 -3.39
C GLN E 56 -35.55 17.00 -1.99
N TYR E 57 -36.49 16.29 -1.36
CA TYR E 57 -36.26 15.72 -0.04
C TYR E 57 -35.73 14.31 -0.19
N LEU E 58 -34.84 13.90 0.72
CA LEU E 58 -34.26 12.56 0.65
C LEU E 58 -35.19 11.52 1.26
N ALA E 59 -35.03 10.29 0.81
CA ALA E 59 -35.80 9.16 1.28
C ALA E 59 -35.07 7.85 0.96
N MET E 60 -34.15 7.49 1.84
CA MET E 60 -33.35 6.29 1.68
C MET E 60 -34.20 5.05 1.39
N ASP E 61 -33.69 4.18 0.53
CA ASP E 61 -34.39 2.95 0.19
C ASP E 61 -33.88 1.85 1.10
N THR E 62 -34.43 1.78 2.30
CA THR E 62 -34.04 0.77 3.27
C THR E 62 -32.56 0.93 3.61
N ASP E 63 -32.08 2.19 3.61
CA ASP E 63 -30.67 2.52 3.88
C ASP E 63 -29.79 2.02 2.73
N GLY E 64 -29.93 0.73 2.39
CA GLY E 64 -29.16 0.14 1.31
C GLY E 64 -28.85 1.11 0.18
N LEU E 65 -29.91 1.69 -0.38
CA LEU E 65 -29.76 2.65 -1.47
C LEU E 65 -30.28 4.01 -1.03
N LEU E 66 -29.50 5.05 -1.28
CA LEU E 66 -29.88 6.40 -0.88
C LEU E 66 -30.50 7.14 -2.06
N TYR E 67 -31.68 7.71 -1.83
CA TYR E 67 -32.39 8.46 -2.87
C TYR E 67 -33.32 9.50 -2.24
N GLY E 68 -33.97 10.29 -3.07
CA GLY E 68 -34.88 11.30 -2.57
C GLY E 68 -35.57 12.03 -3.70
N SER E 69 -36.84 12.39 -3.49
CA SER E 69 -37.61 13.12 -4.51
C SER E 69 -39.08 13.22 -4.11
N GLN E 70 -39.73 12.08 -3.99
CA GLN E 70 -41.16 12.04 -3.67
C GLN E 70 -41.46 12.64 -2.29
N THR E 71 -41.10 11.94 -1.22
CA THR E 71 -41.37 12.43 0.14
C THR E 71 -40.23 12.14 1.11
N PRO E 72 -40.03 13.03 2.10
CA PRO E 72 -38.98 12.86 3.11
C PRO E 72 -39.39 11.84 4.16
N ASN E 73 -39.42 10.58 3.77
CA ASN E 73 -39.80 9.50 4.68
C ASN E 73 -38.82 9.38 5.84
N GLU E 74 -39.28 8.79 6.96
CA GLU E 74 -38.44 8.63 8.15
C GLU E 74 -37.04 8.15 7.78
N GLU E 75 -36.94 7.35 6.71
CA GLU E 75 -35.64 6.88 6.21
C GLU E 75 -34.63 8.03 6.12
N CYS E 76 -35.13 9.25 5.96
CA CYS E 76 -34.29 10.44 5.82
C CYS E 76 -33.85 11.02 7.18
N LEU E 77 -34.22 10.39 8.29
CA LEU E 77 -33.81 10.90 9.60
C LEU E 77 -32.48 10.27 10.01
N PHE E 78 -31.47 11.11 10.23
CA PHE E 78 -30.14 10.63 10.60
C PHE E 78 -29.63 11.33 11.86
N LEU E 79 -28.87 10.59 12.66
CA LEU E 79 -28.29 11.12 13.88
C LEU E 79 -27.00 11.86 13.55
N GLU E 80 -26.90 13.11 13.97
CA GLU E 80 -25.72 13.93 13.69
C GLU E 80 -24.55 13.52 14.59
N ARG E 81 -23.48 13.02 13.98
CA ARG E 81 -22.29 12.60 14.70
C ARG E 81 -21.05 13.24 14.07
N LEU E 82 -20.02 13.48 14.87
CA LEU E 82 -18.80 14.10 14.37
C LEU E 82 -17.60 13.20 14.66
N GLU E 83 -16.68 13.12 13.70
CA GLU E 83 -15.48 12.31 13.86
C GLU E 83 -14.25 13.21 13.93
N GLU E 84 -13.29 12.85 14.78
CA GLU E 84 -12.07 13.63 14.94
C GLU E 84 -11.16 13.44 13.73
N ASN E 85 -11.70 13.68 12.55
CA ASN E 85 -10.98 13.53 11.29
C ASN E 85 -11.43 14.60 10.30
N HIS E 86 -11.99 15.70 10.83
CA HIS E 86 -12.48 16.80 10.01
C HIS E 86 -13.59 16.32 9.07
N TYR E 87 -14.50 15.51 9.60
CA TYR E 87 -15.61 14.98 8.80
C TYR E 87 -16.86 14.80 9.67
N ASN E 88 -18.02 14.85 9.02
CA ASN E 88 -19.30 14.69 9.68
C ASN E 88 -19.85 13.29 9.47
N THR E 89 -20.54 12.77 10.47
CA THR E 89 -21.14 11.44 10.40
C THR E 89 -22.64 11.53 10.68
N TYR E 90 -23.42 10.80 9.90
CA TYR E 90 -24.87 10.79 10.06
C TYR E 90 -25.38 9.37 10.13
N ILE E 91 -25.94 8.99 11.26
CA ILE E 91 -26.44 7.63 11.46
C ILE E 91 -27.93 7.54 11.13
N SER E 92 -28.26 6.76 10.11
CA SER E 92 -29.64 6.55 9.71
C SER E 92 -30.38 5.75 10.79
N LYS E 93 -30.79 6.43 11.85
CA LYS E 93 -31.48 5.79 12.97
C LYS E 93 -32.54 4.82 12.46
N LYS E 94 -33.17 5.15 11.34
CA LYS E 94 -34.19 4.28 10.74
C LYS E 94 -33.65 2.87 10.54
N HIS E 95 -32.33 2.75 10.35
CA HIS E 95 -31.69 1.45 10.15
C HIS E 95 -30.51 1.25 11.09
N ALA E 96 -30.36 2.14 12.07
CA ALA E 96 -29.27 2.05 13.05
C ALA E 96 -29.23 0.66 13.67
N GLU E 97 -30.41 0.04 13.78
CA GLU E 97 -30.54 -1.30 14.33
C GLU E 97 -29.56 -2.27 13.66
N LYS E 98 -29.29 -2.08 12.37
CA LYS E 98 -28.37 -2.96 11.64
C LYS E 98 -26.97 -2.37 11.57
N ASN E 99 -26.74 -1.30 12.32
CA ASN E 99 -25.46 -0.60 12.36
C ASN E 99 -25.14 0.01 10.99
N TRP E 100 -26.17 0.56 10.37
CA TRP E 100 -26.04 1.18 9.05
C TRP E 100 -26.17 2.70 9.13
N PHE E 101 -25.17 3.39 8.59
CA PHE E 101 -25.17 4.85 8.57
C PHE E 101 -24.75 5.38 7.21
N VAL E 102 -25.69 6.16 6.60
CA VAL E 102 -25.58 6.77 5.26
C VAL E 102 -24.14 6.83 4.71
N GLY E 103 -23.95 6.21 3.56
CA GLY E 103 -22.66 6.20 2.89
C GLY E 103 -22.83 6.35 1.39
N LEU E 104 -22.06 7.25 0.77
CA LEU E 104 -22.16 7.48 -0.67
C LEU E 104 -20.84 7.20 -1.38
N LYS E 105 -20.93 6.99 -2.70
CA LYS E 105 -19.76 6.73 -3.52
C LYS E 105 -19.39 7.97 -4.31
N LYS E 106 -18.33 8.64 -3.87
CA LYS E 106 -17.84 9.87 -4.53
C LYS E 106 -17.90 9.78 -6.05
N ASN E 107 -17.46 8.63 -6.58
CA ASN E 107 -17.45 8.42 -8.02
C ASN E 107 -18.50 7.39 -8.43
N GLY E 108 -19.65 7.42 -7.76
CA GLY E 108 -20.71 6.48 -8.08
C GLY E 108 -22.09 7.03 -7.78
N SER E 109 -22.28 7.51 -6.56
CA SER E 109 -23.55 8.08 -6.08
C SER E 109 -23.80 7.60 -4.65
N CYS E 110 -24.86 8.10 -4.03
CA CYS E 110 -25.20 7.71 -2.67
C CYS E 110 -26.01 6.42 -2.65
N LYS E 111 -25.35 5.30 -2.34
CA LYS E 111 -26.02 3.99 -2.27
C LYS E 111 -25.03 2.91 -1.90
N ARG E 112 -24.72 2.82 -0.59
CA ARG E 112 -23.78 1.84 -0.08
C ARG E 112 -24.21 1.36 1.30
N GLY E 113 -25.53 1.35 1.54
CA GLY E 113 -26.09 0.93 2.81
C GLY E 113 -25.63 -0.43 3.32
N PRO E 114 -25.55 -1.49 2.46
CA PRO E 114 -25.08 -2.80 2.92
C PRO E 114 -23.59 -2.82 3.24
N ARG E 115 -22.93 -1.69 3.00
CA ARG E 115 -21.50 -1.54 3.26
C ARG E 115 -21.23 -0.31 4.13
N THR E 116 -22.23 0.13 4.90
CA THR E 116 -22.07 1.31 5.76
C THR E 116 -21.63 0.92 7.17
N HIS E 117 -20.37 0.50 7.29
CA HIS E 117 -19.81 0.12 8.58
C HIS E 117 -18.40 0.68 8.70
N TYR E 118 -17.57 0.08 9.54
CA TYR E 118 -16.20 0.54 9.71
C TYR E 118 -15.28 -0.05 8.64
N GLY E 119 -15.54 0.33 7.40
CA GLY E 119 -14.75 -0.12 6.26
C GLY E 119 -14.71 0.95 5.19
N GLN E 120 -15.91 1.36 4.76
CA GLN E 120 -16.02 2.41 3.76
C GLN E 120 -15.90 3.76 4.46
N LYS E 121 -14.84 4.49 4.15
CA LYS E 121 -14.54 5.77 4.78
C LYS E 121 -15.47 6.87 4.25
N ALA E 122 -16.07 6.62 3.09
CA ALA E 122 -17.00 7.56 2.46
C ALA E 122 -18.09 8.04 3.43
N ILE E 123 -18.28 7.32 4.52
CA ILE E 123 -19.26 7.69 5.54
C ILE E 123 -18.88 9.01 6.22
N LEU E 124 -17.58 9.33 6.21
CA LEU E 124 -17.09 10.55 6.82
C LEU E 124 -17.22 11.70 5.84
N PHE E 125 -18.36 12.36 5.85
CA PHE E 125 -18.65 13.45 4.93
C PHE E 125 -18.00 14.76 5.38
N LEU E 126 -17.61 15.58 4.42
CA LEU E 126 -16.99 16.87 4.67
C LEU E 126 -17.98 17.97 4.28
N PRO E 127 -18.58 18.64 5.28
CA PRO E 127 -19.55 19.70 5.04
C PRO E 127 -18.93 21.09 4.84
N LEU E 128 -19.52 21.85 3.93
CA LEU E 128 -19.06 23.21 3.64
C LEU E 128 -20.26 24.17 3.64
N PRO E 129 -21.13 24.10 4.67
CA PRO E 129 -22.32 24.94 4.78
C PRO E 129 -22.03 26.34 5.31
N VAL E 130 -22.87 27.29 4.92
CA VAL E 130 -22.73 28.67 5.37
C VAL E 130 -23.29 28.83 6.78
N SER E 131 -22.46 28.58 7.77
CA SER E 131 -22.86 28.69 9.16
C SER E 131 -23.12 30.14 9.56
N SER E 132 -23.54 30.35 10.80
CA SER E 132 -23.81 31.67 11.32
C SER E 132 -22.77 32.05 12.35
N ASP E 133 -21.53 32.19 11.89
CA ASP E 133 -20.41 32.54 12.75
C ASP E 133 -20.17 34.05 12.74
N GLU F 1 -14.93 -1.82 -5.16
CA GLU F 1 -15.49 -1.97 -6.53
C GLU F 1 -14.42 -1.78 -7.59
N LYS F 2 -14.15 -2.85 -8.33
CA LYS F 2 -13.13 -2.82 -9.38
C LYS F 2 -13.59 -3.56 -10.63
N LEU F 3 -13.28 -2.98 -11.80
CA LEU F 3 -13.65 -3.59 -13.07
C LEU F 3 -12.45 -3.57 -14.03
N GLY F 4 -11.36 -2.95 -13.58
CA GLY F 4 -10.16 -2.87 -14.40
C GLY F 4 -9.92 -1.45 -14.88
N LYS F 5 -9.50 -1.31 -16.14
CA LYS F 5 -9.22 0.02 -16.71
C LYS F 5 -9.62 0.06 -18.19
N LEU F 6 -9.99 1.25 -18.66
CA LEU F 6 -10.38 1.44 -20.05
C LEU F 6 -9.70 2.69 -20.61
N GLN F 7 -8.97 2.50 -21.70
CA GLN F 7 -8.27 3.62 -22.33
C GLN F 7 -9.18 4.25 -23.38
N TYR F 8 -9.23 5.58 -23.44
CA TYR F 8 -10.08 6.25 -24.41
C TYR F 8 -9.57 7.64 -24.79
N SER F 9 -9.99 8.08 -25.96
CA SER F 9 -9.64 9.38 -26.51
C SER F 9 -10.91 10.03 -27.07
N LEU F 10 -11.47 10.97 -26.34
CA LEU F 10 -12.71 11.62 -26.76
C LEU F 10 -12.46 13.00 -27.37
N ASP F 11 -13.00 13.21 -28.56
CA ASP F 11 -12.87 14.50 -29.26
C ASP F 11 -14.25 15.09 -29.52
N TYR F 12 -14.32 16.37 -29.87
CA TYR F 12 -15.61 17.02 -30.08
C TYR F 12 -15.78 17.52 -31.51
N ASP F 13 -17.03 17.46 -31.99
CA ASP F 13 -17.37 17.93 -33.34
C ASP F 13 -18.31 19.13 -33.22
N PHE F 14 -17.93 20.25 -33.82
CA PHE F 14 -18.74 21.46 -33.76
C PHE F 14 -19.51 21.72 -35.07
N GLN F 15 -19.54 20.72 -35.95
CA GLN F 15 -20.24 20.84 -37.22
C GLN F 15 -21.60 20.15 -37.12
N ASN F 16 -21.59 18.94 -36.59
CA ASN F 16 -22.81 18.15 -36.41
C ASN F 16 -23.30 18.24 -34.96
N ASN F 17 -22.41 18.68 -34.07
CA ASN F 17 -22.72 18.83 -32.65
C ASN F 17 -22.79 17.47 -31.94
N GLN F 18 -21.65 16.78 -31.90
CA GLN F 18 -21.56 15.49 -31.26
C GLN F 18 -20.14 15.26 -30.74
N LEU F 19 -20.03 14.60 -29.60
CA LEU F 19 -18.73 14.29 -29.03
C LEU F 19 -18.33 12.89 -29.45
N LEU F 20 -17.10 12.75 -29.91
CA LEU F 20 -16.60 11.46 -30.37
C LEU F 20 -15.93 10.69 -29.25
N VAL F 21 -16.66 9.73 -28.69
CA VAL F 21 -16.12 8.92 -27.61
C VAL F 21 -15.33 7.76 -28.20
N GLY F 22 -14.07 8.02 -28.52
CA GLY F 22 -13.21 7.01 -29.10
C GLY F 22 -12.40 6.28 -28.06
N ILE F 23 -12.94 5.18 -27.55
CA ILE F 23 -12.24 4.38 -26.55
C ILE F 23 -11.27 3.43 -27.25
N ILE F 24 -10.19 3.09 -26.58
CA ILE F 24 -9.18 2.20 -27.14
C ILE F 24 -9.50 0.75 -26.81
N GLN F 25 -9.62 0.45 -25.52
CA GLN F 25 -9.92 -0.90 -25.07
C GLN F 25 -10.10 -0.95 -23.56
N ALA F 26 -10.51 -2.11 -23.05
CA ALA F 26 -10.72 -2.31 -21.63
C ALA F 26 -9.79 -3.42 -21.14
N ALA F 27 -9.21 -3.24 -19.96
CA ALA F 27 -8.30 -4.22 -19.41
C ALA F 27 -8.73 -4.69 -18.02
N GLU F 28 -8.51 -5.99 -17.75
CA GLU F 28 -8.81 -6.60 -16.45
C GLU F 28 -10.30 -6.63 -16.13
N LEU F 29 -11.10 -7.13 -17.07
CA LEU F 29 -12.55 -7.22 -16.86
C LEU F 29 -12.90 -8.50 -16.11
N PRO F 30 -13.80 -8.42 -15.11
CA PRO F 30 -14.22 -9.58 -14.30
C PRO F 30 -14.94 -10.65 -15.13
N ALA F 31 -15.00 -11.86 -14.58
CA ALA F 31 -15.65 -12.98 -15.26
C ALA F 31 -17.12 -13.09 -14.88
N LEU F 32 -17.87 -13.81 -15.72
CA LEU F 32 -19.30 -14.01 -15.51
C LEU F 32 -19.69 -15.44 -15.90
N ASP F 33 -19.18 -15.88 -17.05
CA ASP F 33 -19.46 -17.22 -17.56
C ASP F 33 -18.56 -18.25 -16.88
N MET F 34 -19.06 -19.49 -16.73
CA MET F 34 -18.31 -20.57 -16.10
C MET F 34 -17.00 -20.81 -16.83
N GLY F 35 -15.90 -20.72 -16.10
CA GLY F 35 -14.58 -20.92 -16.70
C GLY F 35 -13.60 -19.83 -16.31
N GLY F 36 -13.79 -18.63 -16.87
CA GLY F 36 -12.91 -17.54 -16.55
C GLY F 36 -13.00 -16.38 -17.54
N THR F 37 -14.09 -16.31 -18.30
CA THR F 37 -14.26 -15.24 -19.29
C THR F 37 -15.73 -14.83 -19.42
N SER F 38 -15.96 -13.63 -19.94
CA SER F 38 -17.30 -13.12 -20.16
C SER F 38 -17.45 -12.55 -21.56
N ASP F 39 -18.67 -12.12 -21.89
CA ASP F 39 -18.96 -11.51 -23.19
C ASP F 39 -19.32 -10.05 -22.95
N PRO F 40 -18.36 -9.25 -22.46
CA PRO F 40 -18.60 -7.84 -22.13
C PRO F 40 -18.71 -6.91 -23.33
N TYR F 41 -19.82 -6.18 -23.37
CA TYR F 41 -20.08 -5.20 -24.41
C TYR F 41 -20.49 -3.90 -23.73
N VAL F 42 -19.89 -2.79 -24.12
CA VAL F 42 -20.20 -1.50 -23.51
C VAL F 42 -21.51 -0.93 -24.06
N LYS F 43 -22.45 -0.66 -23.16
CA LYS F 43 -23.72 -0.07 -23.54
C LYS F 43 -23.73 1.38 -23.11
N VAL F 44 -23.51 2.27 -24.08
CA VAL F 44 -23.47 3.70 -23.81
C VAL F 44 -24.85 4.22 -23.43
N PHE F 45 -24.95 4.76 -22.22
CA PHE F 45 -26.21 5.30 -21.72
C PHE F 45 -26.02 6.75 -21.27
N LEU F 46 -27.12 7.43 -21.01
CA LEU F 46 -27.08 8.83 -20.59
C LEU F 46 -28.07 9.06 -19.45
N LEU F 47 -27.80 10.13 -18.69
CA LEU F 47 -28.68 10.53 -17.59
C LEU F 47 -30.08 10.87 -18.14
N PRO F 48 -31.00 11.39 -17.29
CA PRO F 48 -32.35 11.78 -17.70
C PRO F 48 -32.47 12.10 -19.19
N ASP F 49 -31.51 12.87 -19.71
CA ASP F 49 -31.49 13.22 -21.13
C ASP F 49 -31.94 12.04 -21.98
N LYS F 50 -31.32 10.89 -21.73
CA LYS F 50 -31.62 9.63 -22.42
C LYS F 50 -31.77 9.79 -23.95
N LYS F 51 -31.10 10.76 -24.54
CA LYS F 51 -31.20 10.96 -25.99
C LYS F 51 -30.03 10.28 -26.71
N LYS F 52 -29.90 8.98 -26.48
CA LYS F 52 -28.83 8.19 -27.10
C LYS F 52 -28.78 6.80 -26.48
N LYS F 53 -28.61 5.80 -27.32
CA LYS F 53 -28.54 4.41 -26.86
C LYS F 53 -27.86 3.55 -27.93
N PHE F 54 -26.64 3.11 -27.66
CA PHE F 54 -25.90 2.30 -28.62
C PHE F 54 -25.38 1.02 -27.95
N GLU F 55 -25.47 -0.07 -28.69
CA GLU F 55 -25.01 -1.37 -28.21
C GLU F 55 -23.78 -1.81 -29.01
N THR F 56 -22.68 -2.05 -28.31
CA THR F 56 -21.45 -2.47 -28.97
C THR F 56 -21.53 -3.92 -29.41
N LYS F 57 -20.54 -4.37 -30.18
CA LYS F 57 -20.52 -5.74 -30.67
C LYS F 57 -20.11 -6.68 -29.55
N VAL F 58 -20.95 -7.67 -29.27
CA VAL F 58 -20.65 -8.64 -28.24
C VAL F 58 -19.24 -9.20 -28.43
N HIS F 59 -18.49 -9.27 -27.35
CA HIS F 59 -17.13 -9.80 -27.39
C HIS F 59 -17.08 -11.13 -26.64
N ARG F 60 -17.33 -12.20 -27.37
CA ARG F 60 -17.39 -13.54 -26.82
C ARG F 60 -16.13 -13.93 -26.03
N LYS F 61 -16.36 -14.34 -24.78
CA LYS F 61 -15.32 -14.79 -23.87
C LYS F 61 -14.02 -13.99 -24.01
N THR F 62 -14.01 -12.78 -23.45
CA THR F 62 -12.83 -11.93 -23.51
C THR F 62 -12.87 -10.87 -22.40
N LEU F 63 -11.79 -10.79 -21.65
CA LEU F 63 -11.67 -9.84 -20.54
C LEU F 63 -10.73 -8.70 -20.88
N ASN F 64 -10.24 -8.68 -22.11
CA ASN F 64 -9.32 -7.65 -22.58
C ASN F 64 -9.47 -7.50 -24.10
N PRO F 65 -10.70 -7.24 -24.57
CA PRO F 65 -10.98 -7.10 -25.99
C PRO F 65 -10.74 -5.70 -26.54
N VAL F 66 -10.39 -5.63 -27.81
CA VAL F 66 -10.14 -4.37 -28.49
C VAL F 66 -11.12 -4.23 -29.66
N PHE F 67 -11.54 -3.01 -29.95
CA PHE F 67 -12.49 -2.79 -31.03
C PHE F 67 -12.53 -1.31 -31.42
N ASN F 68 -12.67 -0.45 -30.42
CA ASN F 68 -12.74 1.00 -30.63
C ASN F 68 -14.03 1.36 -31.34
N GLU F 69 -15.14 1.28 -30.63
CA GLU F 69 -16.44 1.62 -31.18
C GLU F 69 -16.63 3.14 -31.18
N GLN F 70 -17.41 3.64 -32.14
CA GLN F 70 -17.65 5.07 -32.28
C GLN F 70 -19.00 5.45 -31.67
N PHE F 71 -18.96 6.09 -30.50
CA PHE F 71 -20.18 6.52 -29.83
C PHE F 71 -20.43 8.01 -30.09
N THR F 72 -21.57 8.31 -30.69
CA THR F 72 -21.95 9.68 -31.00
C THR F 72 -22.79 10.29 -29.88
N PHE F 73 -22.18 11.17 -29.11
CA PHE F 73 -22.87 11.84 -28.01
C PHE F 73 -23.83 12.87 -28.57
N LYS F 74 -25.02 12.41 -28.95
CA LYS F 74 -26.06 13.28 -29.51
C LYS F 74 -26.52 14.33 -28.51
N VAL F 75 -25.88 15.49 -28.55
CA VAL F 75 -26.22 16.61 -27.67
C VAL F 75 -25.31 17.79 -27.98
N PRO F 76 -25.88 18.99 -28.18
CA PRO F 76 -25.11 20.18 -28.50
C PRO F 76 -24.04 20.46 -27.44
N TYR F 77 -22.84 20.81 -27.90
CA TYR F 77 -21.73 21.11 -26.99
C TYR F 77 -22.20 22.06 -25.86
N SER F 78 -22.99 23.04 -26.25
CA SER F 78 -23.52 24.02 -25.32
C SER F 78 -24.43 23.38 -24.25
N GLU F 79 -24.99 22.22 -24.60
CA GLU F 79 -25.89 21.49 -23.69
C GLU F 79 -25.11 20.48 -22.84
N LEU F 80 -24.00 19.98 -23.39
CA LEU F 80 -23.16 18.99 -22.70
C LEU F 80 -22.96 19.35 -21.22
N GLY F 81 -22.85 20.64 -20.92
CA GLY F 81 -22.65 21.09 -19.55
C GLY F 81 -23.60 20.44 -18.57
N GLY F 82 -24.83 20.16 -19.01
CA GLY F 82 -25.81 19.56 -18.12
C GLY F 82 -26.09 18.10 -18.45
N LYS F 83 -25.10 17.40 -19.01
CA LYS F 83 -25.28 15.99 -19.37
C LYS F 83 -24.09 15.14 -18.94
N THR F 84 -24.33 14.25 -17.99
CA THR F 84 -23.31 13.34 -17.50
C THR F 84 -23.40 12.01 -18.24
N LEU F 85 -22.41 11.72 -19.09
CA LEU F 85 -22.42 10.48 -19.85
C LEU F 85 -22.00 9.31 -18.96
N VAL F 86 -22.59 8.14 -19.20
CA VAL F 86 -22.28 6.96 -18.42
C VAL F 86 -22.01 5.76 -19.33
N MET F 87 -20.83 5.17 -19.17
CA MET F 87 -20.45 4.01 -19.97
C MET F 87 -20.48 2.76 -19.12
N ALA F 88 -21.47 1.90 -19.36
CA ALA F 88 -21.59 0.66 -18.61
C ALA F 88 -21.26 -0.53 -19.49
N VAL F 89 -20.42 -1.42 -18.99
CA VAL F 89 -20.03 -2.61 -19.74
C VAL F 89 -20.95 -3.76 -19.35
N TYR F 90 -21.74 -4.21 -20.32
CA TYR F 90 -22.69 -5.29 -20.09
C TYR F 90 -22.15 -6.62 -20.63
N ASP F 91 -22.43 -7.69 -19.92
CA ASP F 91 -21.99 -9.02 -20.34
C ASP F 91 -23.03 -9.66 -21.25
N PHE F 92 -22.61 -10.69 -21.99
CA PHE F 92 -23.50 -11.38 -22.91
C PHE F 92 -23.25 -12.89 -22.84
N ASP F 93 -23.10 -13.42 -21.63
CA ASP F 93 -22.86 -14.86 -21.43
C ASP F 93 -23.78 -15.70 -22.34
N ARG F 94 -25.01 -15.24 -22.49
CA ARG F 94 -26.02 -15.89 -23.35
C ARG F 94 -26.71 -17.06 -22.64
N PHE F 95 -26.67 -17.09 -21.32
CA PHE F 95 -27.31 -18.16 -20.57
C PHE F 95 -28.05 -17.61 -19.34
N SER F 96 -27.32 -16.96 -18.46
CA SER F 96 -27.88 -16.40 -17.24
C SER F 96 -28.30 -14.95 -17.45
N LYS F 97 -28.73 -14.28 -16.39
CA LYS F 97 -29.14 -12.89 -16.47
C LYS F 97 -27.91 -12.03 -16.67
N HIS F 98 -27.68 -11.57 -17.90
CA HIS F 98 -26.53 -10.73 -18.21
C HIS F 98 -26.37 -9.66 -17.13
N ASP F 99 -25.21 -9.67 -16.47
CA ASP F 99 -24.93 -8.73 -15.39
C ASP F 99 -24.03 -7.58 -15.86
N ILE F 100 -24.08 -6.47 -15.14
CA ILE F 100 -23.26 -5.30 -15.46
C ILE F 100 -21.94 -5.42 -14.73
N ILE F 101 -20.94 -6.01 -15.39
CA ILE F 101 -19.63 -6.20 -14.77
C ILE F 101 -19.05 -4.90 -14.23
N GLY F 102 -19.44 -3.77 -14.83
CA GLY F 102 -18.94 -2.50 -14.33
C GLY F 102 -19.29 -1.33 -15.23
N GLU F 103 -18.89 -0.14 -14.82
CA GLU F 103 -19.16 1.08 -15.58
C GLU F 103 -18.28 2.24 -15.09
N PHE F 104 -18.36 3.36 -15.80
CA PHE F 104 -17.62 4.57 -15.45
C PHE F 104 -18.33 5.79 -16.01
N LYS F 105 -18.12 6.95 -15.38
CA LYS F 105 -18.74 8.19 -15.82
C LYS F 105 -17.92 9.40 -15.37
N VAL F 106 -18.17 10.55 -16.00
CA VAL F 106 -17.45 11.77 -15.66
C VAL F 106 -18.30 13.00 -15.99
N PRO F 107 -18.32 13.99 -15.07
CA PRO F 107 -19.08 15.23 -15.26
C PRO F 107 -18.54 16.03 -16.44
N MET F 108 -19.22 15.95 -17.58
CA MET F 108 -18.80 16.65 -18.79
C MET F 108 -18.51 18.13 -18.53
N ASN F 109 -19.32 18.77 -17.69
CA ASN F 109 -19.11 20.18 -17.38
C ASN F 109 -17.68 20.43 -16.91
N THR F 110 -17.11 19.47 -16.19
CA THR F 110 -15.74 19.60 -15.70
C THR F 110 -14.73 19.15 -16.77
N VAL F 111 -15.23 18.62 -17.88
CA VAL F 111 -14.38 18.16 -18.97
C VAL F 111 -14.21 19.28 -19.99
N ASP F 112 -13.23 20.14 -19.74
CA ASP F 112 -12.93 21.25 -20.62
C ASP F 112 -12.49 20.74 -21.99
N PHE F 113 -13.43 20.70 -22.93
CA PHE F 113 -13.14 20.23 -24.29
C PHE F 113 -12.25 21.22 -25.04
N GLY F 114 -11.01 21.35 -24.57
CA GLY F 114 -10.06 22.24 -25.21
C GLY F 114 -9.57 21.68 -26.53
N HIS F 115 -9.29 20.38 -26.55
CA HIS F 115 -8.82 19.72 -27.76
C HIS F 115 -9.28 18.26 -27.76
N VAL F 116 -8.57 17.43 -27.00
CA VAL F 116 -8.88 16.01 -26.90
C VAL F 116 -8.65 15.52 -25.47
N THR F 117 -9.63 14.83 -24.93
CA THR F 117 -9.56 14.31 -23.59
C THR F 117 -9.11 12.85 -23.59
N GLU F 118 -7.81 12.64 -23.49
CA GLU F 118 -7.23 11.30 -23.47
C GLU F 118 -6.72 10.98 -22.07
N GLU F 119 -7.06 9.80 -21.57
CA GLU F 119 -6.64 9.38 -20.24
C GLU F 119 -6.92 7.90 -19.99
N TRP F 120 -6.28 7.36 -18.96
CA TRP F 120 -6.46 5.96 -18.60
C TRP F 120 -7.56 5.87 -17.53
N ARG F 121 -8.80 5.78 -17.98
CA ARG F 121 -9.95 5.72 -17.08
C ARG F 121 -9.95 4.44 -16.25
N ASP F 122 -10.24 4.61 -14.96
CA ASP F 122 -10.33 3.50 -14.03
C ASP F 122 -11.74 2.91 -14.09
N LEU F 123 -11.83 1.59 -14.04
CA LEU F 123 -13.12 0.91 -14.11
C LEU F 123 -13.56 0.41 -12.73
N GLN F 124 -14.84 0.57 -12.42
CA GLN F 124 -15.38 0.13 -11.14
C GLN F 124 -16.61 -0.77 -11.36
N SER F 125 -16.74 -1.81 -10.54
CA SER F 125 -17.85 -2.73 -10.66
C SER F 125 -19.11 -2.16 -10.00
N ALA F 126 -19.86 -1.40 -10.77
CA ALA F 126 -21.10 -0.81 -10.28
C ALA F 126 -22.20 -1.86 -10.23
N GLU F 127 -22.52 -2.30 -9.00
CA GLU F 127 -23.56 -3.30 -8.77
C GLU F 127 -24.94 -2.72 -9.05
N LYS F 128 -25.11 -2.17 -10.24
CA LYS F 128 -26.37 -1.56 -10.62
C LYS F 128 -26.94 -2.25 -11.86
N GLU A 1 15.42 -4.02 6.26
CA GLU A 1 15.74 -3.87 7.70
C GLU A 1 14.76 -2.91 8.38
N LYS A 2 14.21 -3.34 9.51
CA LYS A 2 13.25 -2.52 10.24
C LYS A 2 13.49 -2.59 11.75
N LEU A 3 13.44 -1.43 12.39
CA LEU A 3 13.63 -1.35 13.85
C LEU A 3 12.46 -0.58 14.50
N GLY A 4 11.47 -0.22 13.70
CA GLY A 4 10.32 0.52 14.21
C GLY A 4 10.43 2.00 13.94
N LYS A 5 10.14 2.83 14.96
CA LYS A 5 10.24 4.28 14.82
C LYS A 5 10.68 4.93 16.12
N LEU A 6 11.32 6.07 16.00
CA LEU A 6 11.81 6.81 17.17
C LEU A 6 11.50 8.30 17.00
N GLN A 7 10.80 8.85 17.97
CA GLN A 7 10.44 10.26 17.93
C GLN A 7 11.52 11.08 18.64
N TYR A 8 11.93 12.20 18.06
CA TYR A 8 12.97 13.03 18.67
C TYR A 8 12.86 14.50 18.30
N SER A 9 13.43 15.33 19.16
CA SER A 9 13.47 16.77 18.98
C SER A 9 14.88 17.27 19.30
N LEU A 10 15.64 17.57 18.27
CA LEU A 10 17.02 18.00 18.44
C LEU A 10 17.17 19.51 18.31
N ASP A 11 17.79 20.13 19.30
CA ASP A 11 18.03 21.57 19.29
C ASP A 11 19.55 21.85 19.37
N TYR A 12 19.97 23.08 19.08
CA TYR A 12 21.39 23.40 19.09
C TYR A 12 21.74 24.47 20.12
N ASP A 13 22.93 24.34 20.69
CA ASP A 13 23.44 25.29 21.67
C ASP A 13 24.68 26.00 21.11
N PHE A 14 24.62 27.33 21.06
CA PHE A 14 25.73 28.12 20.51
C PHE A 14 26.59 28.76 21.61
N GLN A 15 26.38 28.35 22.86
CA GLN A 15 27.13 28.88 23.98
C GLN A 15 28.25 27.92 24.36
N ASN A 16 27.90 26.64 24.47
CA ASN A 16 28.85 25.59 24.81
C ASN A 16 29.29 24.83 23.55
N ASN A 17 28.52 24.99 22.47
CA ASN A 17 28.80 24.37 21.18
C ASN A 17 28.48 22.87 21.21
N GLN A 18 27.20 22.56 21.39
CA GLN A 18 26.74 21.19 21.43
C GLN A 18 25.30 21.10 20.95
N LEU A 19 24.98 20.02 20.24
CA LEU A 19 23.62 19.81 19.76
C LEU A 19 22.87 18.94 20.76
N LEU A 20 21.67 19.35 21.11
CA LEU A 20 20.85 18.63 22.08
C LEU A 20 19.97 17.61 21.38
N VAL A 21 20.39 16.35 21.42
CA VAL A 21 19.61 15.29 20.81
C VAL A 21 18.56 14.79 21.80
N GLY A 22 17.43 15.49 21.83
CA GLY A 22 16.36 15.13 22.73
C GLY A 22 15.34 14.22 22.08
N ILE A 23 15.55 12.92 22.22
CA ILE A 23 14.62 11.95 21.65
C ILE A 23 13.45 11.72 22.61
N ILE A 24 12.29 11.40 22.07
CA ILE A 24 11.11 11.17 22.89
C ILE A 24 11.02 9.72 23.33
N GLN A 25 11.00 8.81 22.35
CA GLN A 25 10.91 7.39 22.63
C GLN A 25 11.03 6.57 21.34
N ALA A 26 11.09 5.25 21.49
CA ALA A 26 11.17 4.34 20.37
C ALA A 26 9.96 3.41 20.37
N ALA A 27 9.42 3.13 19.19
CA ALA A 27 8.25 2.27 19.09
C ALA A 27 8.49 1.11 18.12
N GLU A 28 7.92 -0.06 18.46
CA GLU A 28 8.03 -1.28 17.65
C GLU A 28 9.48 -1.73 17.48
N LEU A 29 10.07 -2.25 18.56
CA LEU A 29 11.45 -2.73 18.53
C LEU A 29 11.49 -4.26 18.48
N PRO A 30 12.48 -4.84 17.76
CA PRO A 30 12.64 -6.30 17.65
C PRO A 30 12.93 -6.93 19.02
N ALA A 31 12.60 -8.22 19.17
CA ALA A 31 12.82 -8.92 20.44
C ALA A 31 14.12 -9.71 20.46
N LEU A 32 14.57 -10.05 21.67
CA LEU A 32 15.81 -10.81 21.88
C LEU A 32 15.62 -11.85 22.98
N ASP A 33 15.07 -11.40 24.12
CA ASP A 33 14.83 -12.28 25.26
C ASP A 33 13.71 -13.27 24.93
N MET A 34 13.65 -14.38 25.67
CA MET A 34 12.63 -15.39 25.42
C MET A 34 11.30 -14.98 26.05
N GLY A 35 10.46 -14.35 25.24
CA GLY A 35 9.16 -13.90 25.72
C GLY A 35 8.53 -12.89 24.77
N GLY A 36 9.33 -12.42 23.82
CA GLY A 36 8.83 -11.45 22.86
C GLY A 36 9.18 -10.02 23.23
N THR A 37 10.18 -9.86 24.10
CA THR A 37 10.61 -8.55 24.54
C THR A 37 12.13 -8.48 24.66
N SER A 38 12.67 -7.27 24.77
CA SER A 38 14.10 -7.07 24.89
C SER A 38 14.40 -5.92 25.85
N ASP A 39 15.69 -5.69 26.10
CA ASP A 39 16.13 -4.61 26.97
C ASP A 39 16.90 -3.60 26.12
N PRO A 40 16.20 -2.95 25.17
CA PRO A 40 16.82 -2.01 24.24
C PRO A 40 17.20 -0.66 24.86
N TYR A 41 18.46 -0.30 24.69
CA TYR A 41 18.98 0.98 25.14
C TYR A 41 19.76 1.60 23.99
N VAL A 42 19.49 2.88 23.71
CA VAL A 42 20.15 3.56 22.61
C VAL A 42 21.56 4.00 22.99
N LYS A 43 22.53 3.54 22.23
CA LYS A 43 23.92 3.91 22.46
C LYS A 43 24.34 4.91 21.39
N VAL A 44 24.39 6.17 21.76
CA VAL A 44 24.75 7.24 20.83
C VAL A 44 26.23 7.15 20.45
N PHE A 45 26.47 6.95 19.17
CA PHE A 45 27.83 6.85 18.65
C PHE A 45 28.05 7.88 17.54
N LEU A 46 29.31 8.03 17.14
CA LEU A 46 29.66 8.98 16.09
C LEU A 46 30.68 8.39 15.13
N LEU A 47 30.73 8.95 13.92
CA LEU A 47 31.68 8.52 12.91
C LEU A 47 33.11 8.73 13.43
N PRO A 48 34.16 8.53 12.57
CA PRO A 48 35.56 8.71 12.93
C PRO A 48 35.76 9.69 14.08
N ASP A 49 35.07 10.83 14.03
CA ASP A 49 35.13 11.84 15.07
C ASP A 49 35.23 11.18 16.45
N LYS A 50 34.31 10.25 16.70
CA LYS A 50 34.25 9.47 17.94
C LYS A 50 34.43 10.33 19.20
N LYS A 51 34.06 11.61 19.16
CA LYS A 51 34.21 12.48 20.33
C LYS A 51 32.89 12.56 21.10
N LYS A 52 32.40 11.40 21.52
CA LYS A 52 31.15 11.30 22.28
C LYS A 52 30.71 9.86 22.40
N LYS A 53 30.27 9.48 23.59
CA LYS A 53 29.81 8.13 23.86
C LYS A 53 28.92 8.11 25.10
N PHE A 54 27.62 7.91 24.90
CA PHE A 54 26.68 7.89 26.01
C PHE A 54 25.83 6.63 25.98
N GLU A 55 25.59 6.06 27.16
CA GLU A 55 24.79 4.86 27.30
C GLU A 55 23.49 5.20 28.02
N THR A 56 22.36 4.91 27.38
CA THR A 56 21.06 5.19 27.97
C THR A 56 20.73 4.18 29.07
N LYS A 57 19.65 4.44 29.81
CA LYS A 57 19.24 3.56 30.89
C LYS A 57 18.59 2.31 30.32
N VAL A 58 19.11 1.15 30.67
CA VAL A 58 18.55 -0.10 30.20
C VAL A 58 17.05 -0.13 30.44
N HIS A 59 16.30 -0.55 29.43
CA HIS A 59 14.86 -0.63 29.52
C HIS A 59 14.45 -2.09 29.50
N ARG A 60 14.38 -2.68 30.69
CA ARG A 60 14.05 -4.09 30.87
C ARG A 60 12.74 -4.50 30.18
N LYS A 61 12.84 -5.53 29.34
CA LYS A 61 11.70 -6.10 28.62
C LYS A 61 10.69 -5.05 28.17
N THR A 62 11.03 -4.32 27.11
CA THR A 62 10.14 -3.30 26.57
C THR A 62 10.48 -2.99 25.12
N LEU A 63 9.47 -3.04 24.26
CA LEU A 63 9.66 -2.77 22.83
C LEU A 63 9.08 -1.40 22.45
N ASN A 64 8.57 -0.69 23.44
CA ASN A 64 7.98 0.64 23.22
C ASN A 64 8.16 1.49 24.47
N PRO A 65 9.41 1.63 24.95
CA PRO A 65 9.73 2.39 26.14
C PRO A 65 9.90 3.89 25.91
N VAL A 66 9.57 4.67 26.93
CA VAL A 66 9.69 6.12 26.88
C VAL A 66 10.67 6.57 27.96
N PHE A 67 11.41 7.63 27.69
CA PHE A 67 12.38 8.13 28.66
C PHE A 67 12.85 9.54 28.29
N ASN A 68 13.23 9.71 27.04
CA ASN A 68 13.70 11.00 26.54
C ASN A 68 15.05 11.36 27.17
N GLU A 69 16.09 10.65 26.75
CA GLU A 69 17.42 10.90 27.24
C GLU A 69 18.04 12.12 26.55
N GLN A 70 18.92 12.81 27.25
CA GLN A 70 19.57 14.00 26.72
C GLN A 70 20.97 13.69 26.20
N PHE A 71 21.12 13.64 24.88
CA PHE A 71 22.42 13.37 24.27
C PHE A 71 23.07 14.68 23.83
N THR A 72 24.26 14.93 24.36
CA THR A 72 25.01 16.14 24.03
C THR A 72 25.99 15.88 22.89
N PHE A 73 25.65 16.38 21.71
CA PHE A 73 26.51 16.22 20.54
C PHE A 73 27.73 17.11 20.66
N LYS A 74 28.73 16.63 21.40
CA LYS A 74 29.97 17.37 21.61
C LYS A 74 30.71 17.63 20.30
N VAL A 75 30.43 18.77 19.69
CA VAL A 75 31.08 19.19 18.44
C VAL A 75 30.54 20.55 18.01
N PRO A 76 31.44 21.49 17.69
CA PRO A 76 31.03 22.83 17.27
C PRO A 76 30.09 22.80 16.08
N TYR A 77 29.03 23.61 16.12
CA TYR A 77 28.06 23.67 15.04
C TYR A 77 28.77 23.79 13.69
N SER A 78 29.83 24.60 13.66
CA SER A 78 30.62 24.81 12.46
C SER A 78 31.31 23.53 11.98
N GLU A 79 31.51 22.59 12.91
CA GLU A 79 32.16 21.33 12.61
C GLU A 79 31.13 20.25 12.24
N LEU A 80 29.92 20.38 12.80
CA LEU A 80 28.84 19.42 12.55
C LEU A 80 28.75 19.03 11.07
N GLY A 81 29.02 19.98 10.18
CA GLY A 81 28.96 19.71 8.75
C GLY A 81 29.69 18.45 8.35
N GLY A 82 30.79 18.14 9.03
CA GLY A 82 31.55 16.95 8.70
C GLY A 82 31.40 15.84 9.73
N LYS A 83 30.26 15.77 10.40
CA LYS A 83 30.02 14.75 11.42
C LYS A 83 28.64 14.12 11.28
N THR A 84 28.62 12.84 10.92
CA THR A 84 27.39 12.09 10.78
C THR A 84 27.09 11.34 12.08
N LEU A 85 26.07 11.76 12.81
CA LEU A 85 25.71 11.11 14.06
C LEU A 85 24.99 9.80 13.78
N VAL A 86 25.21 8.81 14.64
CA VAL A 86 24.58 7.51 14.49
C VAL A 86 23.97 7.04 15.80
N MET A 87 22.68 6.75 15.79
CA MET A 87 21.98 6.28 16.97
C MET A 87 21.66 4.81 16.84
N ALA A 88 22.35 3.98 17.61
CA ALA A 88 22.13 2.54 17.58
C ALA A 88 21.47 2.07 18.86
N VAL A 89 20.41 1.30 18.73
CA VAL A 89 19.70 0.78 19.89
C VAL A 89 20.25 -0.61 20.24
N TYR A 90 20.87 -0.69 21.41
CA TYR A 90 21.49 -1.93 21.86
C TYR A 90 20.59 -2.63 22.89
N ASP A 91 20.55 -3.95 22.83
CA ASP A 91 19.74 -4.73 23.76
C ASP A 91 20.55 -5.05 25.01
N PHE A 92 19.86 -5.43 26.08
CA PHE A 92 20.51 -5.77 27.33
C PHE A 92 19.84 -7.00 27.97
N ASP A 93 19.55 -8.01 27.16
CA ASP A 93 18.91 -9.24 27.63
C ASP A 93 19.55 -9.72 28.95
N ARG A 94 20.86 -9.55 29.05
CA ARG A 94 21.64 -9.92 30.24
C ARG A 94 21.98 -11.41 30.30
N PHE A 95 21.93 -12.08 29.15
CA PHE A 95 22.24 -13.51 29.11
C PHE A 95 23.11 -13.85 27.89
N SER A 96 22.60 -13.56 26.72
CA SER A 96 23.29 -13.86 25.47
C SER A 96 24.11 -12.64 25.02
N LYS A 97 24.72 -12.73 23.85
CA LYS A 97 25.50 -11.63 23.31
C LYS A 97 24.57 -10.51 22.88
N HIS A 98 24.48 -9.47 23.71
CA HIS A 98 23.61 -8.33 23.39
C HIS A 98 23.76 -7.94 21.92
N ASP A 99 22.66 -7.99 21.19
CA ASP A 99 22.66 -7.67 19.77
C ASP A 99 22.14 -6.27 19.50
N ILE A 100 22.49 -5.72 18.33
CA ILE A 100 22.04 -4.40 17.95
C ILE A 100 20.73 -4.53 17.17
N ILE A 101 19.62 -4.44 17.90
CA ILE A 101 18.30 -4.57 17.31
C ILE A 101 18.10 -3.60 16.13
N GLY A 102 18.81 -2.49 16.14
CA GLY A 102 18.70 -1.53 15.06
C GLY A 102 19.41 -0.22 15.34
N GLU A 103 19.35 0.70 14.38
CA GLU A 103 20.00 2.00 14.51
C GLU A 103 19.47 2.98 13.46
N PHE A 104 19.92 4.23 13.56
CA PHE A 104 19.53 5.27 12.61
C PHE A 104 20.60 6.37 12.61
N LYS A 105 20.70 7.09 11.49
CA LYS A 105 21.68 8.17 11.36
C LYS A 105 21.23 9.19 10.33
N VAL A 106 21.83 10.38 10.36
CA VAL A 106 21.49 11.44 9.42
C VAL A 106 22.67 12.38 9.21
N PRO A 107 22.93 12.76 7.95
CA PRO A 107 24.03 13.68 7.62
C PRO A 107 23.80 15.07 8.21
N MET A 108 24.47 15.34 9.33
CA MET A 108 24.33 16.62 10.03
C MET A 108 24.48 17.82 9.07
N ASN A 109 25.40 17.73 8.11
CA ASN A 109 25.59 18.83 7.16
C ASN A 109 24.28 19.21 6.50
N THR A 110 23.42 18.22 6.25
CA THR A 110 22.12 18.47 5.63
C THR A 110 21.08 18.89 6.67
N VAL A 111 21.45 18.83 7.95
CA VAL A 111 20.56 19.20 9.03
C VAL A 111 20.76 20.66 9.39
N ASP A 112 20.07 21.53 8.67
CA ASP A 112 20.15 22.97 8.89
C ASP A 112 19.64 23.32 10.29
N PHE A 113 20.57 23.47 11.23
CA PHE A 113 20.23 23.79 12.61
C PHE A 113 19.70 25.23 12.73
N GLY A 114 18.53 25.46 12.12
CA GLY A 114 17.91 26.76 12.17
C GLY A 114 17.33 27.07 13.54
N HIS A 115 16.69 26.08 14.16
CA HIS A 115 16.11 26.22 15.48
C HIS A 115 16.12 24.88 16.21
N VAL A 116 15.16 24.02 15.86
CA VAL A 116 15.05 22.70 16.46
C VAL A 116 14.62 21.68 15.41
N THR A 117 15.34 20.57 15.35
CA THR A 117 15.05 19.51 14.41
C THR A 117 14.19 18.43 15.05
N GLU A 118 12.88 18.56 14.92
CA GLU A 118 11.94 17.60 15.48
C GLU A 118 11.30 16.80 14.35
N GLU A 119 11.25 15.48 14.49
CA GLU A 119 10.67 14.62 13.47
C GLU A 119 10.49 13.19 13.98
N TRP A 120 9.67 12.41 13.27
CA TRP A 120 9.43 11.02 13.63
C TRP A 120 10.40 10.12 12.86
N ARG A 121 11.61 9.98 13.40
CA ARG A 121 12.65 9.19 12.76
C ARG A 121 12.27 7.71 12.67
N ASP A 122 12.53 7.14 11.49
CA ASP A 122 12.29 5.73 11.24
C ASP A 122 13.48 4.91 11.71
N LEU A 123 13.22 3.77 12.32
CA LEU A 123 14.29 2.91 12.84
C LEU A 123 14.51 1.70 11.94
N GLN A 124 15.77 1.35 11.71
CA GLN A 124 16.11 0.22 10.88
C GLN A 124 17.06 -0.74 11.61
N SER A 125 16.86 -2.03 11.40
CA SER A 125 17.68 -3.05 12.04
C SER A 125 19.03 -3.20 11.35
N ALA A 126 19.80 -2.12 11.29
CA ALA A 126 21.11 -2.15 10.66
C ALA A 126 22.11 -2.83 11.59
N GLU A 127 22.48 -4.07 11.26
CA GLU A 127 23.41 -4.83 12.08
C GLU A 127 24.85 -4.35 11.88
N LYS A 128 25.12 -3.18 12.46
CA LYS A 128 26.43 -2.55 12.34
C LYS A 128 27.08 -2.45 13.73
N TYR B 1 34.27 14.66 -21.04
CA TYR B 1 35.11 15.16 -19.92
C TYR B 1 35.18 14.12 -18.80
N LYS B 2 35.80 12.97 -19.09
CA LYS B 2 35.92 11.90 -18.11
C LYS B 2 36.47 12.44 -16.79
N LYS B 3 35.61 12.50 -15.79
CA LYS B 3 35.97 13.01 -14.47
C LYS B 3 34.99 12.47 -13.42
N PRO B 4 35.10 12.93 -12.15
CA PRO B 4 34.24 12.52 -11.04
C PRO B 4 32.93 11.87 -11.48
N LYS B 5 32.87 10.55 -11.34
CA LYS B 5 31.67 9.80 -11.69
C LYS B 5 30.82 9.57 -10.45
N LEU B 6 29.71 10.30 -10.34
CA LEU B 6 28.81 10.16 -9.20
C LEU B 6 27.87 8.99 -9.42
N LEU B 7 27.68 8.18 -8.39
CA LEU B 7 26.81 7.01 -8.46
C LEU B 7 26.08 6.79 -7.14
N TYR B 8 24.79 6.50 -7.22
CA TYR B 8 23.98 6.24 -6.03
C TYR B 8 22.74 5.44 -6.41
N CYS B 9 21.96 5.00 -5.43
CA CYS B 9 20.75 4.23 -5.71
C CYS B 9 19.67 4.49 -4.66
N SER B 10 18.45 4.06 -4.97
CA SER B 10 17.30 4.23 -4.10
C SER B 10 16.82 5.67 -4.15
N ASN B 11 15.57 5.86 -4.56
CA ASN B 11 14.99 7.20 -4.66
C ASN B 11 15.22 7.98 -3.37
N GLY B 12 15.81 9.16 -3.50
CA GLY B 12 16.08 9.99 -2.34
C GLY B 12 17.47 10.56 -2.38
N GLY B 13 17.59 11.84 -2.01
CA GLY B 13 18.88 12.49 -2.00
C GLY B 13 19.90 11.76 -1.16
N HIS B 14 20.83 11.06 -1.82
CA HIS B 14 21.88 10.31 -1.16
C HIS B 14 22.97 9.94 -2.17
N PHE B 15 24.20 10.38 -1.91
CA PHE B 15 25.32 10.10 -2.81
C PHE B 15 26.39 9.26 -2.11
N LEU B 16 27.09 8.44 -2.88
CA LEU B 16 28.14 7.59 -2.32
C LEU B 16 29.37 8.43 -1.98
N ARG B 17 29.53 8.77 -0.71
CA ARG B 17 30.67 9.56 -0.27
C ARG B 17 31.79 8.65 0.23
N ILE B 18 32.85 8.54 -0.55
CA ILE B 18 33.98 7.70 -0.22
C ILE B 18 35.01 8.44 0.61
N LEU B 19 35.60 7.74 1.56
CA LEU B 19 36.63 8.31 2.43
C LEU B 19 37.84 7.38 2.47
N PRO B 20 39.06 7.95 2.46
CA PRO B 20 40.31 7.17 2.49
C PRO B 20 40.27 6.05 3.53
N ASP B 21 39.53 6.30 4.61
CA ASP B 21 39.38 5.33 5.69
C ASP B 21 38.78 4.02 5.17
N GLY B 22 37.76 4.14 4.33
CA GLY B 22 37.10 2.97 3.78
C GLY B 22 35.61 3.00 4.03
N THR B 23 35.20 3.56 5.16
CA THR B 23 33.79 3.63 5.51
C THR B 23 33.04 4.63 4.63
N VAL B 24 32.61 4.16 3.46
CA VAL B 24 31.86 4.98 2.52
C VAL B 24 30.37 4.94 2.85
N ASP B 25 29.74 6.11 2.91
CA ASP B 25 28.31 6.19 3.21
C ASP B 25 27.56 6.99 2.15
N GLY B 26 26.24 6.88 2.17
CA GLY B 26 25.41 7.58 1.21
C GLY B 26 25.10 9.00 1.62
N THR B 27 26.13 9.82 1.67
CA THR B 27 26.00 11.22 2.05
C THR B 27 25.21 12.00 0.99
N ARG B 28 24.19 12.72 1.42
CA ARG B 28 23.40 13.50 0.48
C ARG B 28 23.91 14.93 0.41
N ASP B 29 25.11 15.08 -0.13
CA ASP B 29 25.74 16.39 -0.28
C ASP B 29 26.65 16.43 -1.50
N ARG B 30 26.81 17.62 -2.06
CA ARG B 30 27.66 17.81 -3.24
C ARG B 30 28.55 19.04 -3.05
N SER B 31 28.78 19.42 -1.80
CA SER B 31 29.62 20.56 -1.46
C SER B 31 31.06 20.13 -1.28
N ASP B 32 31.25 19.00 -0.58
CA ASP B 32 32.59 18.47 -0.34
C ASP B 32 32.94 17.42 -1.38
N GLN B 33 34.08 17.59 -2.04
CA GLN B 33 34.52 16.65 -3.06
C GLN B 33 34.90 15.29 -2.47
N HIS B 34 33.88 14.51 -2.12
CA HIS B 34 34.11 13.17 -1.57
C HIS B 34 33.04 12.18 -2.03
N ILE B 35 32.29 12.55 -3.07
CA ILE B 35 31.24 11.68 -3.60
C ILE B 35 31.44 11.45 -5.10
N GLN B 36 32.69 11.19 -5.48
CA GLN B 36 33.03 10.96 -6.88
C GLN B 36 34.05 9.84 -7.02
N LEU B 37 33.78 8.93 -7.94
CA LEU B 37 34.67 7.81 -8.20
C LEU B 37 34.99 7.74 -9.69
N GLN B 38 36.14 7.16 -10.03
CA GLN B 38 36.53 7.06 -11.43
C GLN B 38 36.01 5.75 -12.03
N LEU B 39 34.70 5.71 -12.26
CA LEU B 39 34.06 4.54 -12.86
C LEU B 39 34.37 4.47 -14.35
N SER B 40 34.85 3.32 -14.80
CA SER B 40 35.19 3.12 -16.20
C SER B 40 35.25 1.63 -16.53
N ALA B 41 35.05 1.31 -17.81
CA ALA B 41 35.10 -0.07 -18.27
C ALA B 41 36.54 -0.46 -18.55
N GLU B 42 37.14 -1.22 -17.64
CA GLU B 42 38.52 -1.64 -17.78
C GLU B 42 38.64 -2.69 -18.89
N SER B 43 37.85 -3.76 -18.76
CA SER B 43 37.85 -4.83 -19.73
C SER B 43 36.48 -4.93 -20.40
N VAL B 44 36.34 -5.80 -21.40
CA VAL B 44 35.08 -5.98 -22.10
C VAL B 44 33.94 -6.26 -21.12
N GLY B 45 33.24 -5.21 -20.72
CA GLY B 45 32.13 -5.36 -19.79
C GLY B 45 32.55 -5.23 -18.34
N GLU B 46 33.85 -5.33 -18.06
CA GLU B 46 34.35 -5.26 -16.70
C GLU B 46 34.62 -3.80 -16.31
N VAL B 47 33.80 -3.26 -15.44
CA VAL B 47 33.95 -1.89 -14.98
C VAL B 47 34.53 -1.87 -13.57
N TYR B 48 35.39 -0.90 -13.30
CA TYR B 48 36.02 -0.77 -11.99
C TYR B 48 35.59 0.51 -11.30
N ILE B 49 35.52 0.46 -9.97
CA ILE B 49 35.14 1.61 -9.18
C ILE B 49 36.33 2.06 -8.33
N LYS B 50 36.98 3.13 -8.76
CA LYS B 50 38.14 3.66 -8.06
C LYS B 50 38.00 5.16 -7.84
N SER B 51 37.89 5.55 -6.57
CA SER B 51 37.76 6.97 -6.22
C SER B 51 39.16 7.59 -6.16
N THR B 52 39.85 7.55 -7.29
CA THR B 52 41.21 8.08 -7.39
C THR B 52 41.31 9.53 -6.92
N GLU B 53 40.75 10.44 -7.71
CA GLU B 53 40.81 11.87 -7.40
C GLU B 53 39.75 12.28 -6.38
N THR B 54 39.75 11.64 -5.21
CA THR B 54 38.78 11.96 -4.16
C THR B 54 38.86 11.02 -2.96
N GLY B 55 39.04 9.73 -3.20
CA GLY B 55 39.09 8.80 -2.09
C GLY B 55 40.09 7.68 -2.27
N GLN B 56 39.58 6.47 -2.44
CA GLN B 56 40.42 5.29 -2.57
C GLN B 56 39.83 4.29 -3.57
N TYR B 57 40.50 3.14 -3.70
CA TYR B 57 40.05 2.08 -4.59
C TYR B 57 39.15 1.11 -3.81
N LEU B 58 38.14 0.57 -4.47
CA LEU B 58 37.23 -0.35 -3.81
C LEU B 58 37.80 -1.77 -3.75
N ALA B 59 37.33 -2.53 -2.77
CA ALA B 59 37.76 -3.90 -2.57
C ALA B 59 36.71 -4.63 -1.72
N MET B 60 35.68 -5.13 -2.38
CA MET B 60 34.59 -5.83 -1.71
C MET B 60 35.10 -6.95 -0.80
N ASP B 61 34.42 -7.11 0.33
CA ASP B 61 34.77 -8.15 1.29
C ASP B 61 33.93 -9.37 0.99
N THR B 62 34.38 -10.16 0.03
CA THR B 62 33.67 -11.38 -0.36
C THR B 62 32.27 -11.01 -0.86
N ASP B 63 32.15 -9.85 -1.51
CA ASP B 63 30.87 -9.34 -2.01
C ASP B 63 29.95 -8.95 -0.85
N GLY B 64 29.76 -9.89 0.09
CA GLY B 64 28.92 -9.65 1.26
C GLY B 64 28.97 -8.20 1.73
N LEU B 65 30.17 -7.72 2.04
CA LEU B 65 30.35 -6.35 2.49
C LEU B 65 31.19 -5.58 1.48
N LEU B 66 30.73 -4.39 1.13
CA LEU B 66 31.45 -3.57 0.17
C LEU B 66 32.32 -2.54 0.88
N TYR B 67 33.59 -2.48 0.50
CA TYR B 67 34.53 -1.54 1.09
C TYR B 67 35.67 -1.24 0.11
N GLY B 68 36.56 -0.34 0.50
CA GLY B 68 37.68 0.01 -0.34
C GLY B 68 38.61 0.99 0.33
N SER B 69 39.91 0.86 0.08
CA SER B 69 40.90 1.75 0.68
C SER B 69 42.32 1.25 0.40
N GLN B 70 42.64 0.06 0.91
CA GLN B 70 43.99 -0.50 0.76
C GLN B 70 44.35 -0.76 -0.70
N THR B 71 43.74 -1.76 -1.33
CA THR B 71 44.06 -2.10 -2.71
C THR B 71 42.82 -2.51 -3.51
N PRO B 72 42.80 -2.20 -4.83
CA PRO B 72 41.69 -2.56 -5.71
C PRO B 72 41.75 -4.04 -6.09
N ASN B 73 41.45 -4.91 -5.13
CA ASN B 73 41.47 -6.35 -5.35
C ASN B 73 40.43 -6.76 -6.40
N GLU B 74 40.65 -7.90 -7.04
CA GLU B 74 39.72 -8.41 -8.07
C GLU B 74 38.27 -8.26 -7.62
N GLU B 75 38.02 -8.36 -6.32
CA GLU B 75 36.68 -8.18 -5.76
C GLU B 75 36.03 -6.90 -6.33
N CYS B 76 36.85 -5.94 -6.74
CA CYS B 76 36.36 -4.67 -7.26
C CYS B 76 36.02 -4.73 -8.76
N LEU B 77 36.14 -5.90 -9.40
CA LEU B 77 35.80 -6.01 -10.82
C LEU B 77 34.33 -6.38 -10.99
N PHE B 78 33.57 -5.52 -11.66
CA PHE B 78 32.15 -5.75 -11.85
C PHE B 78 31.77 -5.66 -13.33
N LEU B 79 30.79 -6.46 -13.73
CA LEU B 79 30.30 -6.47 -15.10
C LEU B 79 29.27 -5.35 -15.28
N GLU B 80 29.49 -4.49 -16.26
CA GLU B 80 28.60 -3.37 -16.52
C GLU B 80 27.31 -3.83 -17.20
N ARG B 81 26.19 -3.67 -16.51
CA ARG B 81 24.88 -4.05 -17.03
C ARG B 81 23.90 -2.88 -16.89
N LEU B 82 22.94 -2.80 -17.79
CA LEU B 82 21.96 -1.73 -17.76
C LEU B 82 20.54 -2.30 -17.66
N GLU B 83 19.69 -1.65 -16.87
CA GLU B 83 18.31 -2.08 -16.71
C GLU B 83 17.37 -1.04 -17.32
N GLU B 84 16.30 -1.51 -17.96
CA GLU B 84 15.32 -0.61 -18.58
C GLU B 84 14.46 0.06 -17.50
N ASN B 85 15.14 0.69 -16.55
CA ASN B 85 14.48 1.38 -15.45
C ASN B 85 15.25 2.65 -15.08
N HIS B 86 16.07 3.14 -16.02
CA HIS B 86 16.89 4.33 -15.80
C HIS B 86 17.87 4.10 -14.66
N TYR B 87 18.50 2.93 -14.65
CA TYR B 87 19.47 2.59 -13.61
C TYR B 87 20.57 1.68 -14.17
N ASN B 88 21.73 1.74 -13.53
CA ASN B 88 22.88 0.94 -13.93
C ASN B 88 23.04 -0.27 -13.02
N THR B 89 23.52 -1.37 -13.58
CA THR B 89 23.72 -2.60 -12.81
C THR B 89 25.16 -3.06 -12.97
N TYR B 90 25.78 -3.49 -11.88
CA TYR B 90 27.15 -3.96 -11.91
C TYR B 90 27.26 -5.31 -11.22
N ILE B 91 27.62 -6.33 -11.98
CA ILE B 91 27.73 -7.68 -11.44
C ILE B 91 29.15 -8.00 -10.99
N SER B 92 29.31 -8.24 -9.69
CA SER B 92 30.61 -8.58 -9.14
C SER B 92 31.04 -9.96 -9.62
N LYS B 93 31.55 -10.02 -10.84
CA LYS B 93 31.97 -11.29 -11.44
C LYS B 93 32.76 -12.13 -10.44
N LYS B 94 33.54 -11.47 -9.58
CA LYS B 94 34.31 -12.17 -8.55
C LYS B 94 33.41 -13.10 -7.73
N HIS B 95 32.14 -12.75 -7.61
CA HIS B 95 31.17 -13.56 -6.86
C HIS B 95 29.93 -13.88 -7.68
N ALA B 96 29.97 -13.59 -8.98
CA ALA B 96 28.84 -13.85 -9.86
C ALA B 96 28.39 -15.30 -9.73
N GLU B 97 29.35 -16.18 -9.43
CA GLU B 97 29.08 -17.59 -9.24
C GLU B 97 27.91 -17.82 -8.27
N LYS B 98 27.79 -16.93 -7.28
CA LYS B 98 26.71 -17.02 -6.30
C LYS B 98 25.55 -16.10 -6.68
N ASN B 99 25.57 -15.60 -7.91
CA ASN B 99 24.53 -14.68 -8.40
C ASN B 99 24.51 -13.42 -7.55
N TRP B 100 25.70 -13.00 -7.09
CA TRP B 100 25.84 -11.82 -6.26
C TRP B 100 26.34 -10.64 -7.06
N PHE B 101 25.64 -9.52 -6.95
CA PHE B 101 26.02 -8.30 -7.65
C PHE B 101 25.85 -7.07 -6.75
N VAL B 102 27.02 -6.43 -6.46
CA VAL B 102 27.14 -5.24 -5.62
C VAL B 102 25.81 -4.53 -5.31
N GLY B 103 25.51 -4.42 -4.02
CA GLY B 103 24.31 -3.74 -3.56
C GLY B 103 24.58 -2.92 -2.32
N LEU B 104 24.13 -1.67 -2.29
CA LEU B 104 24.37 -0.79 -1.14
C LEU B 104 23.07 -0.32 -0.52
N LYS B 105 23.16 0.13 0.73
CA LYS B 105 22.01 0.63 1.46
C LYS B 105 22.05 2.15 1.51
N LYS B 106 21.19 2.79 0.71
CA LYS B 106 21.12 4.25 0.62
C LYS B 106 21.22 4.91 2.01
N ASN B 107 20.51 4.34 2.97
CA ASN B 107 20.51 4.88 4.33
C ASN B 107 21.24 3.94 5.29
N GLY B 108 22.31 3.32 4.81
CA GLY B 108 23.07 2.41 5.64
C GLY B 108 24.55 2.35 5.26
N SER B 109 24.80 2.09 3.98
CA SER B 109 26.15 1.97 3.41
C SER B 109 26.18 0.81 2.42
N CYS B 110 27.31 0.63 1.75
CA CYS B 110 27.44 -0.46 0.78
C CYS B 110 27.86 -1.75 1.48
N LYS B 111 26.89 -2.65 1.69
CA LYS B 111 27.15 -3.94 2.32
C LYS B 111 25.87 -4.76 2.43
N ARG B 112 25.52 -5.38 1.30
CA ARG B 112 24.32 -6.21 1.22
C ARG B 112 24.54 -7.39 0.29
N GLY B 113 25.77 -7.89 0.24
CA GLY B 113 26.09 -9.05 -0.61
C GLY B 113 25.13 -10.20 -0.40
N PRO B 114 24.87 -10.67 0.85
CA PRO B 114 23.92 -11.77 1.08
C PRO B 114 22.52 -11.46 0.53
N ARG B 115 22.30 -10.19 0.20
CA ARG B 115 21.02 -9.74 -0.34
C ARG B 115 21.19 -9.13 -1.75
N THR B 116 22.27 -9.48 -2.45
CA THR B 116 22.51 -8.94 -3.79
C THR B 116 22.00 -9.87 -4.88
N HIS B 117 20.67 -9.99 -4.95
CA HIS B 117 20.01 -10.83 -5.93
C HIS B 117 18.67 -10.18 -6.28
N TYR B 118 17.70 -10.95 -6.78
CA TYR B 118 16.42 -10.38 -7.11
C TYR B 118 15.55 -10.23 -5.87
N GLY B 119 15.54 -9.01 -5.33
CA GLY B 119 14.78 -8.71 -4.14
C GLY B 119 15.04 -7.29 -3.69
N GLN B 120 16.32 -6.94 -3.63
CA GLN B 120 16.73 -5.60 -3.25
C GLN B 120 16.92 -4.77 -4.51
N LYS B 121 16.16 -3.70 -4.62
CA LYS B 121 16.22 -2.85 -5.82
C LYS B 121 17.43 -1.92 -5.75
N ALA B 122 17.99 -1.74 -4.55
CA ALA B 122 19.16 -0.88 -4.34
C ALA B 122 20.30 -1.23 -5.30
N ILE B 123 20.24 -2.41 -5.93
CA ILE B 123 21.26 -2.84 -6.88
C ILE B 123 21.18 -2.02 -8.18
N LEU B 124 20.04 -1.38 -8.42
CA LEU B 124 19.86 -0.54 -9.59
C LEU B 124 20.34 0.87 -9.30
N PHE B 125 21.63 1.10 -9.52
CA PHE B 125 22.24 2.40 -9.24
C PHE B 125 21.93 3.43 -10.33
N LEU B 126 21.83 4.69 -9.93
CA LEU B 126 21.59 5.79 -10.84
C LEU B 126 22.84 6.64 -10.96
N PRO B 127 23.54 6.55 -12.10
CA PRO B 127 24.78 7.29 -12.33
C PRO B 127 24.55 8.70 -12.89
N LEU B 128 25.38 9.64 -12.43
CA LEU B 128 25.32 11.03 -12.88
C LEU B 128 26.73 11.50 -13.25
N PRO B 129 27.48 10.72 -14.03
CA PRO B 129 28.85 11.05 -14.44
C PRO B 129 28.92 12.02 -15.61
N VAL B 130 30.00 12.78 -15.66
CA VAL B 130 30.20 13.75 -16.74
C VAL B 130 30.72 13.03 -17.99
N SER B 131 29.79 12.55 -18.80
CA SER B 131 30.13 11.84 -20.03
C SER B 131 30.75 12.78 -21.07
N SER B 132 31.13 12.22 -22.21
CA SER B 132 31.73 13.00 -23.28
C SER B 132 30.76 13.07 -24.46
N ASP B 133 29.64 13.74 -24.24
CA ASP B 133 28.60 13.89 -25.25
C ASP B 133 28.77 15.20 -26.00
N MET C 1 -1.31 9.42 -13.55
CA MET C 1 -0.51 8.88 -14.66
C MET C 1 -0.10 7.43 -14.36
N ALA C 2 1.18 7.12 -14.52
CA ALA C 2 1.69 5.79 -14.23
C ALA C 2 1.70 5.56 -12.71
N ALA C 3 2.13 4.37 -12.28
CA ALA C 3 2.15 4.06 -10.85
C ALA C 3 0.71 3.94 -10.38
N GLU C 4 -0.05 3.08 -11.05
CA GLU C 4 -1.46 2.88 -10.72
C GLU C 4 -1.64 1.89 -9.58
N PRO C 5 -2.55 2.21 -8.64
CA PRO C 5 -2.84 1.34 -7.50
C PRO C 5 -3.69 0.14 -7.89
N LEU C 6 -3.30 -1.03 -7.41
CA LEU C 6 -4.02 -2.26 -7.68
C LEU C 6 -5.10 -2.49 -6.63
N THR C 7 -5.72 -3.67 -6.64
CA THR C 7 -6.76 -3.96 -5.66
C THR C 7 -6.13 -4.26 -4.30
N GLU C 8 -6.96 -4.18 -3.25
CA GLU C 8 -6.53 -4.41 -1.87
C GLU C 8 -5.78 -5.74 -1.68
N LEU C 9 -6.21 -6.78 -2.38
CA LEU C 9 -5.60 -8.09 -2.28
C LEU C 9 -4.30 -8.17 -3.10
N GLU C 10 -4.25 -7.52 -4.26
CA GLU C 10 -3.02 -7.45 -5.07
C GLU C 10 -1.92 -6.74 -4.26
N GLU C 11 -2.27 -5.60 -3.64
CA GLU C 11 -1.37 -4.85 -2.76
C GLU C 11 -0.76 -5.80 -1.71
N SER C 12 -1.64 -6.51 -1.00
CA SER C 12 -1.22 -7.32 0.13
C SER C 12 -0.46 -8.59 -0.29
N ILE C 13 -0.82 -9.27 -1.39
CA ILE C 13 0.02 -10.36 -1.86
C ILE C 13 1.37 -9.82 -2.29
N GLU C 14 1.42 -8.68 -2.99
CA GLU C 14 2.71 -8.14 -3.39
C GLU C 14 3.58 -7.89 -2.15
N THR C 15 3.11 -7.11 -1.17
CA THR C 15 3.96 -6.71 -0.04
C THR C 15 4.59 -7.93 0.66
N VAL C 16 3.86 -9.03 0.80
CA VAL C 16 4.42 -10.25 1.38
C VAL C 16 5.32 -10.97 0.36
N VAL C 17 4.94 -11.01 -0.92
CA VAL C 17 5.77 -11.61 -1.98
C VAL C 17 7.13 -10.93 -2.07
N THR C 18 7.18 -9.58 -2.05
CA THR C 18 8.46 -8.86 -2.12
C THR C 18 9.31 -9.15 -0.86
N THR C 19 8.68 -9.17 0.31
CA THR C 19 9.34 -9.49 1.56
C THR C 19 9.89 -10.92 1.52
N PHE C 20 9.03 -11.89 1.18
CA PHE C 20 9.42 -13.26 0.89
C PHE C 20 10.65 -13.27 -0.01
N PHE C 21 10.56 -12.58 -1.15
CA PHE C 21 11.64 -12.52 -2.15
C PHE C 21 12.91 -11.84 -1.63
N THR C 22 12.84 -11.22 -0.46
CA THR C 22 14.01 -10.57 0.13
C THR C 22 14.84 -11.57 0.94
N PHE C 23 14.33 -12.80 1.05
CA PHE C 23 15.00 -13.87 1.77
C PHE C 23 15.18 -15.08 0.86
N ALA C 24 14.20 -15.29 -0.02
CA ALA C 24 14.17 -16.39 -0.97
C ALA C 24 15.42 -16.41 -1.85
N ARG C 25 15.95 -15.23 -2.16
CA ARG C 25 17.12 -15.11 -3.04
C ARG C 25 18.46 -15.03 -2.30
N GLN C 26 18.46 -15.22 -0.98
CA GLN C 26 19.71 -15.14 -0.21
C GLN C 26 20.78 -16.12 -0.70
N GLU C 27 20.41 -17.39 -0.82
CA GLU C 27 21.33 -18.43 -1.28
C GLU C 27 21.05 -18.83 -2.72
N GLY C 28 21.12 -20.14 -2.98
CA GLY C 28 20.87 -20.66 -4.31
C GLY C 28 19.40 -20.73 -4.63
N ARG C 29 19.03 -20.31 -5.85
CA ARG C 29 17.63 -20.32 -6.32
C ARG C 29 16.81 -19.27 -5.57
N LYS C 30 16.24 -18.32 -6.31
CA LYS C 30 15.45 -17.26 -5.70
C LYS C 30 13.97 -17.64 -5.58
N ASP C 31 13.72 -18.87 -5.15
CA ASP C 31 12.35 -19.35 -4.96
C ASP C 31 12.31 -20.08 -3.63
N SER C 32 13.26 -21.01 -3.46
CA SER C 32 13.35 -21.82 -2.26
C SER C 32 14.12 -21.08 -1.17
N LEU C 33 13.59 -21.15 0.05
CA LEU C 33 14.34 -20.83 1.26
C LEU C 33 15.04 -22.10 1.70
N SER C 34 16.37 -22.10 1.78
CA SER C 34 17.07 -23.18 2.49
C SER C 34 17.07 -22.89 3.99
N VAL C 35 17.66 -23.79 4.78
CA VAL C 35 17.53 -23.80 6.24
C VAL C 35 17.84 -22.41 6.86
N ASN C 36 19.05 -21.88 6.62
CA ASN C 36 19.44 -20.55 7.14
C ASN C 36 18.47 -19.48 6.65
N GLU C 37 18.35 -19.39 5.32
CA GLU C 37 17.38 -18.54 4.64
C GLU C 37 16.04 -18.49 5.36
N PHE C 38 15.50 -19.67 5.67
CA PHE C 38 14.23 -19.82 6.33
C PHE C 38 14.33 -19.22 7.74
N LYS C 39 15.32 -19.66 8.52
CA LYS C 39 15.51 -19.16 9.87
C LYS C 39 15.63 -17.64 9.90
N GLU C 40 16.21 -17.05 8.86
CA GLU C 40 16.38 -15.60 8.76
C GLU C 40 15.05 -14.84 8.78
N LEU C 41 13.98 -15.44 8.25
CA LEU C 41 12.68 -14.78 8.22
C LEU C 41 12.18 -14.65 9.65
N VAL C 42 12.14 -15.79 10.34
CA VAL C 42 11.53 -15.88 11.65
C VAL C 42 12.36 -15.07 12.64
N THR C 43 13.67 -15.30 12.64
CA THR C 43 14.59 -14.62 13.57
C THR C 43 14.61 -13.08 13.40
N GLN C 44 14.38 -12.59 12.19
CA GLN C 44 14.45 -11.15 11.95
C GLN C 44 13.11 -10.43 12.08
N GLN C 45 12.11 -10.82 11.28
CA GLN C 45 10.83 -10.13 11.28
C GLN C 45 9.69 -10.86 12.00
N LEU C 46 10.01 -11.84 12.86
CA LEU C 46 8.95 -12.56 13.57
C LEU C 46 9.36 -12.90 15.01
N PRO C 47 9.35 -11.89 15.90
CA PRO C 47 9.73 -12.05 17.30
C PRO C 47 8.54 -12.23 18.26
N HIS C 48 7.32 -11.99 17.79
CA HIS C 48 6.15 -12.11 18.65
C HIS C 48 5.25 -13.27 18.25
N LEU C 49 4.78 -13.26 16.99
CA LEU C 49 3.89 -14.30 16.47
C LEU C 49 4.37 -15.70 16.85
N LEU C 50 5.51 -16.11 16.30
CA LEU C 50 6.17 -17.37 16.57
C LEU C 50 7.45 -17.05 17.32
N LYS C 51 7.29 -16.80 18.62
CA LYS C 51 8.42 -16.44 19.51
C LYS C 51 9.38 -17.62 19.75
N ASP C 52 9.29 -18.64 18.90
CA ASP C 52 10.17 -19.80 19.02
C ASP C 52 11.31 -19.71 18.03
N VAL C 53 12.34 -18.93 18.38
CA VAL C 53 13.50 -18.76 17.51
C VAL C 53 14.57 -19.81 17.81
N GLY C 54 14.15 -20.90 18.44
CA GLY C 54 15.07 -21.98 18.77
C GLY C 54 14.65 -23.31 18.17
N SER C 55 13.35 -23.54 18.12
CA SER C 55 12.81 -24.79 17.57
C SER C 55 12.34 -24.60 16.13
N LEU C 56 13.16 -23.91 15.34
CA LEU C 56 12.86 -23.67 13.95
C LEU C 56 12.87 -25.02 13.20
N ASP C 57 13.66 -25.97 13.66
CA ASP C 57 13.67 -27.34 13.16
C ASP C 57 12.25 -27.94 13.15
N GLU C 58 11.51 -27.80 14.25
CA GLU C 58 10.14 -28.28 14.35
C GLU C 58 9.30 -27.66 13.24
N LYS C 59 9.32 -26.34 13.11
CA LYS C 59 8.59 -25.66 12.05
C LYS C 59 9.01 -26.26 10.71
N MET C 60 10.32 -26.31 10.44
CA MET C 60 10.89 -26.81 9.21
C MET C 60 10.29 -28.18 8.87
N LYS C 61 10.39 -29.14 9.79
CA LYS C 61 9.81 -30.47 9.60
C LYS C 61 8.30 -30.39 9.35
N SER C 62 7.59 -29.56 10.12
CA SER C 62 6.15 -29.39 9.97
C SER C 62 5.79 -28.80 8.59
N LEU C 63 6.68 -27.98 8.01
CA LEU C 63 6.50 -27.29 6.74
C LEU C 63 6.92 -28.18 5.57
N ASP C 64 8.21 -28.52 5.52
CA ASP C 64 8.84 -29.24 4.42
C ASP C 64 8.44 -30.72 4.48
N VAL C 65 7.20 -31.03 4.09
CA VAL C 65 6.64 -32.38 4.16
C VAL C 65 7.56 -33.44 3.53
N ASN C 66 8.21 -33.09 2.42
CA ASN C 66 9.12 -33.97 1.69
C ASN C 66 10.54 -33.98 2.26
N GLN C 67 10.85 -33.08 3.19
CA GLN C 67 12.14 -32.98 3.86
C GLN C 67 13.30 -33.00 2.85
N ASP C 68 13.21 -32.11 1.85
CA ASP C 68 14.27 -31.89 0.86
C ASP C 68 15.23 -30.82 1.35
N SER C 69 14.89 -30.10 2.44
CA SER C 69 15.67 -28.97 2.96
C SER C 69 15.64 -27.79 2.01
N GLU C 70 14.57 -27.70 1.22
CA GLU C 70 14.16 -26.54 0.46
C GLU C 70 12.68 -26.32 0.72
N LEU C 71 12.30 -25.19 1.32
CA LEU C 71 10.92 -24.76 1.30
C LEU C 71 10.72 -24.02 -0.02
N LYS C 72 10.28 -24.71 -1.08
CA LYS C 72 9.83 -24.09 -2.33
C LYS C 72 8.78 -23.02 -2.01
N PHE C 73 8.53 -22.09 -2.93
CA PHE C 73 7.55 -21.01 -2.78
C PHE C 73 6.30 -21.47 -2.03
N ASN C 74 5.61 -22.49 -2.57
CA ASN C 74 4.37 -23.00 -2.01
C ASN C 74 4.56 -23.69 -0.65
N GLU C 75 5.72 -24.32 -0.42
CA GLU C 75 6.01 -24.96 0.84
C GLU C 75 6.22 -23.89 1.91
N TYR C 76 7.13 -22.95 1.64
CA TYR C 76 7.37 -21.78 2.48
C TYR C 76 6.06 -21.10 2.82
N TRP C 77 5.26 -20.84 1.78
CA TRP C 77 3.97 -20.20 1.90
C TRP C 77 3.16 -20.77 3.07
N ARG C 78 3.22 -22.08 3.35
CA ARG C 78 2.58 -22.68 4.52
C ARG C 78 2.71 -21.82 5.77
N LEU C 79 3.93 -21.36 6.09
CA LEU C 79 4.20 -20.51 7.23
C LEU C 79 3.19 -19.38 7.32
N ILE C 80 2.89 -18.72 6.19
CA ILE C 80 2.02 -17.54 6.18
C ILE C 80 0.62 -17.91 6.70
N GLY C 81 0.25 -19.18 6.58
CA GLY C 81 -1.01 -19.68 7.06
C GLY C 81 -0.99 -19.79 8.55
N GLU C 82 0.12 -20.29 9.05
CA GLU C 82 0.31 -20.52 10.45
C GLU C 82 0.41 -19.14 11.10
N LEU C 83 0.98 -18.15 10.42
CA LEU C 83 0.99 -16.76 10.83
C LEU C 83 -0.44 -16.20 10.89
N ALA C 84 -1.12 -16.20 9.74
CA ALA C 84 -2.47 -15.68 9.56
C ALA C 84 -3.47 -16.37 10.48
N LYS C 85 -3.17 -17.61 10.86
CA LYS C 85 -3.89 -18.34 11.87
C LYS C 85 -3.50 -17.78 13.24
N GLU C 86 -2.23 -17.86 13.65
CA GLU C 86 -1.72 -17.41 14.94
C GLU C 86 -2.25 -16.04 15.35
N ILE C 87 -2.22 -15.04 14.45
CA ILE C 87 -2.70 -13.71 14.79
C ILE C 87 -4.13 -13.69 15.38
N ARG C 88 -4.98 -14.61 14.94
CA ARG C 88 -6.31 -14.84 15.48
C ARG C 88 -6.23 -15.86 16.62
N LYS C 89 -5.64 -17.01 16.32
CA LYS C 89 -5.67 -18.23 17.09
C LYS C 89 -4.96 -18.09 18.43
N LYS C 90 -4.01 -17.16 18.59
CA LYS C 90 -2.64 -17.54 18.91
C LYS C 90 -2.56 -18.79 19.80
N LYS C 91 -3.00 -18.75 21.06
CA LYS C 91 -2.99 -19.91 21.95
C LYS C 91 -4.37 -20.03 22.64
N ASP C 92 -5.45 -19.91 21.83
CA ASP C 92 -6.87 -20.03 22.14
C ASP C 92 -7.16 -21.41 22.73
N LEU C 93 -6.74 -21.59 23.97
CA LEU C 93 -6.67 -22.83 24.70
C LEU C 93 -6.22 -22.46 26.12
N LYS C 94 -5.12 -21.70 26.23
CA LYS C 94 -4.63 -21.13 27.48
C LYS C 94 -4.61 -19.60 27.44
N ILE C 95 -4.14 -19.01 26.34
CA ILE C 95 -3.84 -17.58 26.25
C ILE C 95 -4.31 -17.03 24.89
N ARG C 96 -5.33 -16.18 24.77
CA ARG C 96 -6.34 -15.70 25.72
C ARG C 96 -7.33 -14.74 25.03
N DLY C 97 -6.93 -13.73 24.23
CA DLY C 97 -5.62 -13.31 23.70
C DLY C 97 -5.90 -12.56 22.37
O DLY C 97 -6.65 -13.12 21.59
CB DLY C 97 -4.74 -12.69 24.80
CG DLY C 97 -5.32 -11.53 25.65
CD DLY C 97 -4.17 -10.82 26.43
CE DLY C 97 -4.02 -9.31 26.19
NZ DLY C 97 -5.04 -8.48 26.85
H DLY C 97 -7.66 -13.16 23.92
HA DLY C 97 -6.27 -12.35 23.91
HB2 DLY C 97 -4.46 -13.47 25.49
HB3 DLY C 97 -3.83 -12.33 24.33
HG2 DLY C 97 -5.80 -10.81 25.00
HG3 DLY C 97 -6.04 -11.93 26.36
HD2 DLY C 97 -4.35 -10.98 27.48
HD3 DLY C 97 -3.25 -11.31 26.16
HE2 DLY C 97 -3.05 -9.01 26.55
HE3 DLY C 97 -4.08 -9.13 25.12
HZ1 DLY C 97 -4.87 -7.48 26.64
HZ2 DLY C 97 -5.00 -8.63 27.89
HZ3 DLY C 97 -5.99 -8.74 26.52
N DLY C 98 -5.44 -11.36 22.01
CA DLY C 98 -4.43 -10.51 22.56
C DLY C 98 -3.08 -10.89 21.95
O DLY C 98 -2.93 -10.74 20.72
CB DLY C 98 -4.85 -9.05 22.32
CG DLY C 98 -6.33 -8.75 22.63
CD DLY C 98 -6.55 -7.26 22.92
CE DLY C 98 -6.07 -6.35 21.77
NZ DLY C 98 -5.76 -4.99 22.25
H DLY C 98 -5.89 -11.00 21.21
HA DLY C 98 -4.42 -10.54 21.39
HB2 DLY C 98 -4.25 -8.42 22.95
HB3 DLY C 98 -4.67 -8.80 21.29
HG2 DLY C 98 -6.94 -9.03 21.78
HG3 DLY C 98 -6.64 -9.32 23.51
HD2 DLY C 98 -7.60 -7.09 23.08
HD3 DLY C 98 -6.01 -7.00 23.82
HE2 DLY C 98 -5.19 -6.78 21.32
HE3 DLY C 98 -6.86 -6.28 21.03
HZ1 DLY C 98 -5.45 -4.39 21.45
HZ2 DLY C 98 -5.00 -5.03 22.96
HZ3 DLY C 98 -6.60 -4.56 22.70
N MET D 1 -11.04 -7.74 21.92
CA MET D 1 -12.07 -7.06 21.14
C MET D 1 -11.47 -6.58 19.82
N ALA D 2 -10.43 -5.74 19.85
CA ALA D 2 -9.73 -5.28 18.64
C ALA D 2 -8.45 -4.50 18.97
N ALA D 3 -7.30 -4.99 18.50
CA ALA D 3 -6.15 -4.23 17.99
C ALA D 3 -5.88 -2.80 18.50
N GLU D 4 -4.94 -2.63 19.44
CA GLU D 4 -4.01 -1.50 19.50
C GLU D 4 -2.83 -1.80 18.55
N PRO D 5 -1.74 -0.94 18.47
CA PRO D 5 -0.58 -1.09 17.59
C PRO D 5 -0.26 -2.49 17.08
N LEU D 6 0.05 -2.54 15.79
CA LEU D 6 0.40 -3.77 15.09
C LEU D 6 1.64 -3.49 14.22
N THR D 7 2.15 -4.51 13.53
CA THR D 7 3.32 -4.32 12.67
C THR D 7 2.88 -4.09 11.22
N GLU D 8 3.87 -3.94 10.32
CA GLU D 8 3.62 -3.69 8.90
C GLU D 8 2.75 -4.79 8.26
N LEU D 9 3.10 -6.05 8.48
CA LEU D 9 2.37 -7.17 7.89
C LEU D 9 1.01 -7.39 8.59
N GLU D 10 0.92 -6.96 9.84
CA GLU D 10 -0.31 -7.08 10.62
C GLU D 10 -1.38 -6.12 10.08
N GLU D 11 -0.95 -4.91 9.66
CA GLU D 11 -1.85 -3.97 9.02
C GLU D 11 -2.49 -4.60 7.77
N SER D 12 -1.64 -5.14 6.90
CA SER D 12 -2.06 -5.60 5.59
C SER D 12 -2.90 -6.89 5.66
N ILE D 13 -2.78 -7.69 6.71
CA ILE D 13 -3.77 -8.74 6.99
C ILE D 13 -5.05 -8.13 7.58
N GLU D 14 -4.96 -7.05 8.38
CA GLU D 14 -6.16 -6.36 8.85
C GLU D 14 -6.99 -5.84 7.67
N THR D 15 -6.38 -5.06 6.77
CA THR D 15 -7.13 -4.32 5.75
C THR D 15 -8.10 -5.24 4.98
N VAL D 16 -7.69 -6.47 4.69
CA VAL D 16 -8.56 -7.44 4.03
C VAL D 16 -9.63 -7.98 4.98
N VAL D 17 -9.30 -8.20 6.26
CA VAL D 17 -10.27 -8.60 7.27
C VAL D 17 -11.35 -7.52 7.42
N THR D 18 -10.94 -6.25 7.38
CA THR D 18 -11.90 -5.12 7.46
C THR D 18 -13.03 -5.28 6.42
N THR D 19 -12.72 -5.92 5.27
CA THR D 19 -13.74 -6.19 4.24
C THR D 19 -14.66 -7.27 4.76
N PHE D 20 -14.03 -8.35 5.24
CA PHE D 20 -14.70 -9.47 5.89
C PHE D 20 -15.69 -8.96 6.94
N PHE D 21 -15.16 -8.15 7.88
CA PHE D 21 -15.94 -7.60 9.00
C PHE D 21 -17.14 -6.76 8.58
N THR D 22 -17.02 -5.98 7.51
CA THR D 22 -18.14 -5.13 7.07
C THR D 22 -19.11 -5.83 6.13
N PHE D 23 -18.83 -7.09 5.81
CA PHE D 23 -19.70 -7.85 4.93
C PHE D 23 -20.38 -8.96 5.72
N ALA D 24 -19.72 -9.40 6.79
CA ALA D 24 -20.24 -10.46 7.63
C ALA D 24 -21.16 -9.95 8.72
N ARG D 25 -21.23 -8.62 8.87
CA ARG D 25 -22.16 -7.97 9.83
C ARG D 25 -23.49 -7.60 9.14
N GLN D 26 -23.92 -8.41 8.16
CA GLN D 26 -25.15 -8.14 7.42
C GLN D 26 -26.40 -8.73 8.12
N GLU D 27 -26.61 -10.05 7.98
CA GLU D 27 -27.73 -10.72 8.64
C GLU D 27 -27.33 -10.91 10.11
N GLY D 28 -27.19 -12.15 10.60
CA GLY D 28 -26.66 -12.28 11.94
C GLY D 28 -25.18 -11.90 11.96
N ARG D 29 -24.66 -11.57 13.14
CA ARG D 29 -23.35 -12.02 13.61
C ARG D 29 -22.20 -11.76 12.64
N LYS D 30 -21.39 -10.76 12.99
CA LYS D 30 -20.21 -10.34 12.20
C LYS D 30 -19.04 -11.33 12.31
N ASP D 31 -19.03 -12.13 13.37
CA ASP D 31 -17.98 -13.11 13.59
C ASP D 31 -18.06 -14.33 12.66
N SER D 32 -19.17 -14.54 11.93
CA SER D 32 -19.32 -15.63 10.98
C SER D 32 -19.83 -15.13 9.63
N LEU D 33 -19.27 -15.66 8.53
CA LEU D 33 -19.83 -15.44 7.21
C LEU D 33 -21.12 -16.23 7.08
N SER D 34 -22.13 -15.57 6.54
CA SER D 34 -23.47 -16.06 6.30
C SER D 34 -23.71 -16.00 4.77
N VAL D 35 -24.71 -16.72 4.21
CA VAL D 35 -24.79 -16.90 2.75
C VAL D 35 -25.78 -15.94 2.10
N ASN D 36 -25.63 -14.67 2.47
CA ASN D 36 -25.81 -13.49 1.66
C ASN D 36 -24.96 -12.42 2.34
N GLU D 37 -23.69 -12.85 2.43
CA GLU D 37 -22.54 -12.13 2.94
C GLU D 37 -21.32 -12.68 2.17
N PHE D 38 -21.31 -14.03 2.03
CA PHE D 38 -20.34 -14.75 1.25
C PHE D 38 -20.59 -14.53 -0.25
N LYS D 39 -21.79 -14.88 -0.73
CA LYS D 39 -22.06 -14.76 -2.15
C LYS D 39 -21.92 -13.30 -2.60
N GLU D 40 -22.32 -12.37 -1.75
CA GLU D 40 -22.18 -10.94 -2.05
C GLU D 40 -20.71 -10.53 -2.03
N LEU D 41 -19.90 -11.24 -1.22
CA LEU D 41 -18.48 -10.97 -1.10
C LEU D 41 -17.71 -11.41 -2.35
N VAL D 42 -18.00 -12.63 -2.83
CA VAL D 42 -17.36 -13.14 -4.02
C VAL D 42 -17.81 -12.37 -5.25
N THR D 43 -19.11 -12.09 -5.34
CA THR D 43 -19.66 -11.36 -6.49
C THR D 43 -19.11 -9.93 -6.63
N GLN D 44 -18.78 -9.28 -5.52
CA GLN D 44 -18.29 -7.90 -5.56
C GLN D 44 -16.77 -7.79 -5.42
N GLN D 45 -16.22 -8.35 -4.34
CA GLN D 45 -14.79 -8.25 -4.08
C GLN D 45 -13.94 -9.25 -4.90
N LEU D 46 -14.47 -10.44 -5.17
CA LEU D 46 -13.69 -11.44 -5.93
C LEU D 46 -14.40 -11.86 -7.23
N PRO D 47 -14.69 -10.92 -8.16
CA PRO D 47 -15.36 -11.25 -9.42
C PRO D 47 -14.37 -11.63 -10.52
N HIS D 48 -13.14 -11.15 -10.39
CA HIS D 48 -12.08 -11.43 -11.36
C HIS D 48 -11.10 -12.45 -10.80
N LEU D 49 -10.78 -12.30 -9.52
CA LEU D 49 -9.85 -13.21 -8.85
C LEU D 49 -10.46 -14.61 -8.79
N LEU D 50 -11.71 -14.68 -8.38
CA LEU D 50 -12.44 -15.93 -8.31
C LEU D 50 -13.43 -16.00 -9.46
N LYS D 51 -13.11 -16.82 -10.46
CA LYS D 51 -13.95 -16.98 -11.64
C LYS D 51 -15.04 -18.01 -11.42
N ASP D 52 -15.49 -18.13 -10.16
CA ASP D 52 -16.54 -19.08 -9.82
C ASP D 52 -17.54 -18.44 -8.86
N VAL D 53 -18.26 -17.44 -9.35
CA VAL D 53 -19.25 -16.73 -8.55
C VAL D 53 -20.60 -17.46 -8.56
N GLY D 54 -20.78 -18.33 -9.55
CA GLY D 54 -22.04 -19.06 -9.66
C GLY D 54 -21.95 -20.41 -9.00
N SER D 55 -20.71 -20.86 -8.73
CA SER D 55 -20.48 -22.15 -8.09
C SER D 55 -19.89 -21.97 -6.68
N LEU D 56 -20.30 -20.89 -6.02
CA LEU D 56 -19.88 -20.60 -4.66
C LEU D 56 -20.23 -21.78 -3.76
N ASP D 57 -21.45 -22.27 -3.86
CA ASP D 57 -22.04 -23.34 -3.07
C ASP D 57 -21.07 -24.53 -2.89
N GLU D 58 -20.34 -24.91 -3.95
CA GLU D 58 -19.32 -25.95 -3.88
C GLU D 58 -18.19 -25.52 -2.93
N LYS D 59 -17.70 -24.28 -3.14
CA LYS D 59 -16.64 -23.73 -2.30
C LYS D 59 -17.10 -23.69 -0.86
N MET D 60 -18.32 -23.20 -0.65
CA MET D 60 -18.96 -23.16 0.66
C MET D 60 -18.93 -24.55 1.31
N LYS D 61 -19.43 -25.56 0.63
CA LYS D 61 -19.42 -26.92 1.15
C LYS D 61 -18.00 -27.37 1.49
N SER D 62 -17.04 -27.08 0.60
CA SER D 62 -15.64 -27.41 0.81
C SER D 62 -15.05 -26.67 2.01
N LEU D 63 -15.44 -25.41 2.22
CA LEU D 63 -14.97 -24.55 3.29
C LEU D 63 -15.52 -25.03 4.62
N ASP D 64 -16.85 -25.10 4.73
CA ASP D 64 -17.62 -25.14 5.96
C ASP D 64 -17.31 -26.29 6.92
N VAL D 65 -16.57 -27.32 6.48
CA VAL D 65 -16.80 -28.77 6.56
C VAL D 65 -17.48 -29.35 7.80
N ASN D 66 -17.48 -28.68 8.95
CA ASN D 66 -18.41 -29.05 10.01
C ASN D 66 -19.87 -28.96 9.50
N GLN D 67 -20.09 -28.12 8.49
CA GLN D 67 -21.36 -27.98 7.77
C GLN D 67 -22.45 -27.38 8.66
N ASP D 68 -22.06 -26.72 9.75
CA ASP D 68 -22.97 -25.88 10.53
C ASP D 68 -23.52 -24.74 9.68
N SER D 69 -22.86 -24.43 8.55
CA SER D 69 -23.22 -23.36 7.63
C SER D 69 -23.02 -21.96 8.23
N GLU D 70 -22.34 -21.87 9.38
CA GLU D 70 -21.61 -20.68 9.75
C GLU D 70 -20.22 -20.89 9.17
N LEU D 71 -19.85 -20.09 8.17
CA LEU D 71 -18.49 -20.10 7.66
C LEU D 71 -17.65 -19.41 8.73
N LYS D 72 -16.94 -20.22 9.51
CA LYS D 72 -16.46 -19.84 10.83
C LYS D 72 -15.17 -19.03 10.72
N PHE D 73 -14.70 -18.49 11.85
CA PHE D 73 -13.57 -17.58 11.93
C PHE D 73 -12.30 -18.45 11.89
N ASN D 74 -12.05 -18.94 10.68
CA ASN D 74 -11.09 -19.91 10.17
C ASN D 74 -11.81 -21.26 10.02
N GLU D 75 -12.98 -21.29 9.39
CA GLU D 75 -13.19 -21.95 8.10
C GLU D 75 -12.91 -20.92 6.99
N TYR D 76 -13.70 -19.83 7.00
CA TYR D 76 -13.80 -18.81 5.97
C TYR D 76 -12.44 -18.46 5.39
N TRP D 77 -11.51 -18.15 6.30
CA TRP D 77 -10.19 -17.64 5.99
C TRP D 77 -9.53 -18.37 4.81
N ARG D 78 -9.71 -19.70 4.76
CA ARG D 78 -9.24 -20.54 3.66
C ARG D 78 -9.43 -19.86 2.30
N LEU D 79 -10.60 -19.24 2.06
CA LEU D 79 -10.92 -18.56 0.81
C LEU D 79 -9.81 -17.61 0.39
N ILE D 80 -9.35 -16.74 1.30
CA ILE D 80 -8.30 -15.77 1.04
C ILE D 80 -7.05 -16.53 0.58
N GLY D 81 -6.87 -17.76 1.08
CA GLY D 81 -5.81 -18.69 0.75
C GLY D 81 -5.89 -19.18 -0.67
N GLU D 82 -7.11 -19.51 -1.05
CA GLU D 82 -7.37 -20.05 -2.35
C GLU D 82 -7.14 -18.93 -3.35
N LEU D 83 -7.68 -17.72 -3.13
CA LEU D 83 -7.26 -16.59 -3.97
C LEU D 83 -5.74 -16.38 -3.95
N ALA D 84 -5.12 -16.40 -2.76
CA ALA D 84 -3.70 -16.19 -2.62
C ALA D 84 -2.90 -17.15 -3.51
N LYS D 85 -3.18 -18.45 -3.47
CA LYS D 85 -2.52 -19.37 -4.38
C LYS D 85 -3.00 -19.17 -5.81
N GLU D 86 -4.30 -18.94 -6.07
CA GLU D 86 -4.90 -18.84 -7.41
C GLU D 86 -4.06 -17.97 -8.34
N ILE D 87 -3.60 -16.82 -7.87
CA ILE D 87 -2.77 -15.93 -8.66
C ILE D 87 -1.58 -16.67 -9.30
N ARG D 88 -0.97 -17.59 -8.53
CA ARG D 88 0.05 -18.52 -8.96
C ARG D 88 -0.55 -19.77 -9.63
N LYS D 89 -1.68 -20.26 -9.12
CA LYS D 89 -2.19 -21.60 -9.35
C LYS D 89 -3.54 -21.57 -10.08
N LYS D 90 -3.48 -21.37 -11.40
CA LYS D 90 -4.59 -21.29 -12.33
C LYS D 90 -5.73 -22.29 -12.01
N LYS D 91 -5.45 -23.59 -11.89
CA LYS D 91 -6.48 -24.58 -11.56
C LYS D 91 -5.93 -25.84 -10.86
N ASP D 92 -4.62 -25.92 -10.68
CA ASP D 92 -3.89 -27.18 -10.75
C ASP D 92 -3.77 -27.81 -9.35
N LEU D 93 -4.87 -27.88 -8.61
CA LEU D 93 -4.90 -28.42 -7.25
C LEU D 93 -5.23 -29.90 -7.22
N DLY D 94 -6.35 -30.29 -7.85
CA DLY D 94 -6.98 -31.58 -7.67
C DLY D 94 -7.10 -31.96 -6.18
O DLY D 94 -8.00 -31.48 -5.51
CB DLY D 94 -8.37 -31.55 -8.31
CG DLY D 94 -9.13 -30.25 -7.95
CD DLY D 94 -10.65 -30.41 -7.78
CE DLY D 94 -11.12 -30.83 -6.37
NZ DLY D 94 -10.57 -32.13 -5.91
H DLY D 94 -6.77 -29.65 -8.46
HA DLY D 94 -7.37 -30.75 -6.98
HB2 DLY D 94 -8.28 -31.61 -9.38
HB3 DLY D 94 -8.95 -32.40 -7.95
HG2 DLY D 94 -8.75 -29.85 -7.03
HG3 DLY D 94 -8.95 -29.53 -8.74
HD2 DLY D 94 -11.12 -29.46 -8.01
HD3 DLY D 94 -10.99 -31.14 -8.49
HE2 DLY D 94 -10.81 -30.08 -5.67
HE3 DLY D 94 -12.19 -30.89 -6.38
HZ1 DLY D 94 -10.91 -32.35 -4.96
HZ2 DLY D 94 -9.53 -32.10 -5.90
HZ3 DLY D 94 -10.87 -32.89 -6.56
N ILE D 95 -6.26 -32.88 -5.70
CA ILE D 95 -6.36 -33.59 -4.43
C ILE D 95 -7.70 -34.32 -4.21
N ARG D 96 -7.62 -35.40 -3.42
CA ARG D 96 -8.72 -36.25 -2.99
C ARG D 96 -8.15 -37.13 -1.88
N LYS D 97 -8.77 -37.16 -0.69
CA LYS D 97 -8.14 -37.64 0.53
C LYS D 97 -9.23 -37.64 1.60
N LYS D 98 -9.45 -38.79 2.26
CA LYS D 98 -10.23 -38.89 3.49
C LYS D 98 -9.22 -39.03 4.63
N TYR E 1 -26.08 32.76 8.31
CA TYR E 1 -26.83 32.85 7.04
C TYR E 1 -27.28 31.45 6.59
N LYS E 2 -28.16 30.83 7.36
CA LYS E 2 -28.65 29.49 7.04
C LYS E 2 -29.14 29.43 5.60
N LYS E 3 -28.37 28.75 4.76
CA LYS E 3 -28.69 28.61 3.34
C LYS E 3 -27.99 27.37 2.77
N PRO E 4 -28.06 27.15 1.44
CA PRO E 4 -27.45 26.02 0.75
C PRO E 4 -26.33 25.34 1.54
N LYS E 5 -26.64 24.17 2.09
CA LYS E 5 -25.68 23.39 2.85
C LYS E 5 -25.03 22.35 1.95
N LEU E 6 -23.78 22.58 1.57
CA LEU E 6 -23.05 21.65 0.72
C LEU E 6 -22.44 20.53 1.56
N LEU E 7 -22.58 19.30 1.08
CA LEU E 7 -22.06 18.14 1.80
C LEU E 7 -21.52 17.10 0.82
N TYR E 8 -20.36 16.53 1.12
CA TYR E 8 -19.75 15.51 0.28
C TYR E 8 -18.75 14.69 1.10
N CYS E 9 -18.20 13.63 0.52
CA CYS E 9 -17.24 12.79 1.24
C CYS E 9 -16.22 12.19 0.28
N SER E 10 -15.14 11.65 0.86
CA SER E 10 -14.06 11.03 0.09
C SER E 10 -13.21 12.11 -0.55
N ASN E 11 -11.93 12.13 -0.20
CA ASN E 11 -11.00 13.11 -0.74
C ASN E 11 -11.11 13.17 -2.26
N GLY E 12 -11.33 14.37 -2.78
CA GLY E 12 -11.45 14.55 -4.21
C GLY E 12 -12.63 15.43 -4.57
N GLY E 13 -12.42 16.33 -5.53
CA GLY E 13 -13.47 17.22 -5.95
C GLY E 13 -14.72 16.48 -6.39
N HIS E 14 -15.74 16.50 -5.53
CA HIS E 14 -17.02 15.84 -5.81
C HIS E 14 -18.08 16.35 -4.83
N PHE E 15 -19.17 16.92 -5.35
CA PHE E 15 -20.23 17.44 -4.52
C PHE E 15 -21.55 16.71 -4.78
N LEU E 16 -22.38 16.62 -3.76
CA LEU E 16 -23.67 15.94 -3.90
C LEU E 16 -24.64 16.79 -4.69
N ARG E 17 -24.81 16.48 -5.97
CA ARG E 17 -25.72 17.23 -6.82
C ARG E 17 -27.08 16.55 -6.87
N ILE E 18 -28.06 17.15 -6.22
CA ILE E 18 -29.40 16.60 -6.17
C ILE E 18 -30.25 17.08 -7.34
N LEU E 19 -31.10 16.20 -7.85
CA LEU E 19 -31.98 16.53 -8.95
C LEU E 19 -33.40 16.08 -8.61
N PRO E 20 -34.42 16.89 -8.97
CA PRO E 20 -35.83 16.58 -8.70
C PRO E 20 -36.18 15.14 -9.04
N ASP E 21 -35.50 14.59 -10.05
CA ASP E 21 -35.71 13.22 -10.48
C ASP E 21 -35.45 12.24 -9.33
N GLY E 22 -34.38 12.47 -8.59
CA GLY E 22 -34.02 11.60 -7.49
C GLY E 22 -32.60 11.07 -7.61
N THR E 23 -32.15 10.87 -8.84
CA THR E 23 -30.80 10.35 -9.08
C THR E 23 -29.74 11.41 -8.76
N VAL E 24 -29.36 11.49 -7.49
CA VAL E 24 -28.35 12.42 -7.03
C VAL E 24 -26.96 11.80 -7.20
N ASP E 25 -26.03 12.56 -7.79
CA ASP E 25 -24.67 12.07 -7.99
C ASP E 25 -23.64 13.05 -7.41
N GLY E 26 -22.40 12.58 -7.28
CA GLY E 26 -21.34 13.41 -6.73
C GLY E 26 -20.69 14.28 -7.78
N THR E 27 -21.45 15.23 -8.31
CA THR E 27 -20.96 16.14 -9.33
C THR E 27 -19.92 17.09 -8.75
N ARG E 28 -18.77 17.19 -9.40
CA ARG E 28 -17.71 18.07 -8.92
C ARG E 28 -17.82 19.43 -9.61
N ASP E 29 -18.88 20.16 -9.30
CA ASP E 29 -19.11 21.47 -9.88
C ASP E 29 -19.86 22.37 -8.90
N ARG E 30 -19.65 23.67 -9.03
CA ARG E 30 -20.32 24.64 -8.17
C ARG E 30 -20.85 25.82 -9.00
N SER E 31 -21.07 25.56 -10.29
CA SER E 31 -21.57 26.57 -11.21
C SER E 31 -23.09 26.52 -11.25
N ASP E 32 -23.64 25.31 -11.31
CA ASP E 32 -25.08 25.12 -11.35
C ASP E 32 -25.63 24.87 -9.95
N GLN E 33 -26.62 25.66 -9.55
CA GLN E 33 -27.21 25.52 -8.22
C GLN E 33 -28.00 24.22 -8.08
N HIS E 34 -27.28 23.11 -7.93
CA HIS E 34 -27.91 21.81 -7.75
C HIS E 34 -27.13 20.92 -6.78
N ILE E 35 -26.22 21.54 -6.01
CA ILE E 35 -25.41 20.79 -5.05
C ILE E 35 -25.55 21.41 -3.65
N GLN E 36 -26.78 21.73 -3.27
CA GLN E 36 -27.06 22.33 -1.99
C GLN E 36 -28.33 21.76 -1.37
N LEU E 37 -28.25 21.40 -0.11
CA LEU E 37 -29.39 20.86 0.62
C LEU E 37 -29.59 21.63 1.92
N GLN E 38 -30.82 21.64 2.41
CA GLN E 38 -31.12 22.35 3.65
C GLN E 38 -30.93 21.44 4.85
N LEU E 39 -29.66 21.16 5.17
CA LEU E 39 -29.32 20.32 6.31
C LEU E 39 -29.52 21.09 7.61
N SER E 40 -30.27 20.49 8.54
CA SER E 40 -30.53 21.13 9.82
C SER E 40 -30.97 20.09 10.85
N ALA E 41 -30.77 20.40 12.13
CA ALA E 41 -31.16 19.51 13.21
C ALA E 41 -32.62 19.73 13.55
N GLU E 42 -33.47 18.82 13.10
CA GLU E 42 -34.91 18.92 13.34
C GLU E 42 -35.22 18.65 14.80
N SER E 43 -34.77 17.50 15.29
CA SER E 43 -34.99 17.09 16.67
C SER E 43 -33.65 16.97 17.38
N VAL E 44 -33.68 16.70 18.69
CA VAL E 44 -32.46 16.56 19.48
C VAL E 44 -31.52 15.52 18.85
N GLY E 45 -30.60 15.99 18.03
CA GLY E 45 -29.65 15.11 17.38
C GLY E 45 -30.13 14.60 16.03
N GLU E 46 -31.43 14.73 15.75
CA GLU E 46 -31.99 14.26 14.49
C GLU E 46 -31.89 15.34 13.42
N VAL E 47 -31.01 15.11 12.45
CA VAL E 47 -30.83 16.06 11.36
C VAL E 47 -31.49 15.54 10.09
N TYR E 48 -32.07 16.44 9.31
CA TYR E 48 -32.74 16.07 8.08
C TYR E 48 -32.03 16.67 6.87
N ILE E 49 -32.08 15.94 5.75
CA ILE E 49 -31.48 16.38 4.51
C ILE E 49 -32.55 16.66 3.48
N LYS E 50 -32.84 17.93 3.26
CA LYS E 50 -33.86 18.34 2.32
C LYS E 50 -33.34 19.42 1.38
N SER E 51 -33.21 19.09 0.11
CA SER E 51 -32.74 20.04 -0.89
C SER E 51 -33.90 20.91 -1.35
N THR E 52 -34.49 21.64 -0.41
CA THR E 52 -35.64 22.49 -0.68
C THR E 52 -35.37 23.49 -1.82
N GLU E 53 -34.51 24.46 -1.55
CA GLU E 53 -34.21 25.50 -2.53
C GLU E 53 -33.16 25.04 -3.55
N THR E 54 -33.43 23.92 -4.23
CA THR E 54 -32.49 23.41 -5.24
C THR E 54 -32.94 22.06 -5.82
N GLY E 55 -33.44 21.16 -4.98
CA GLY E 55 -33.84 19.86 -5.47
C GLY E 55 -35.10 19.32 -4.83
N GLN E 56 -34.93 18.27 -4.04
CA GLN E 56 -36.05 17.59 -3.39
C GLN E 56 -35.68 17.10 -2.00
N TYR E 57 -36.62 16.41 -1.36
CA TYR E 57 -36.42 15.84 -0.02
C TYR E 57 -35.89 14.42 -0.15
N LEU E 58 -35.02 14.02 0.77
CA LEU E 58 -34.44 12.67 0.72
C LEU E 58 -35.38 11.65 1.34
N ALA E 59 -35.23 10.41 0.90
CA ALA E 59 -36.03 9.29 1.38
C ALA E 59 -35.30 7.98 1.09
N MET E 60 -34.39 7.61 1.98
CA MET E 60 -33.60 6.40 1.83
C MET E 60 -34.47 5.17 1.56
N ASP E 61 -33.96 4.29 0.71
CA ASP E 61 -34.66 3.06 0.38
C ASP E 61 -34.17 1.96 1.30
N THR E 62 -34.74 1.92 2.50
CA THR E 62 -34.36 0.92 3.49
C THR E 62 -32.88 1.08 3.84
N ASP E 63 -32.39 2.32 3.82
CA ASP E 63 -30.98 2.63 4.10
C ASP E 63 -30.08 2.12 2.97
N GLY E 64 -30.24 0.82 2.64
CA GLY E 64 -29.47 0.21 1.56
C GLY E 64 -29.16 1.17 0.42
N LEU E 65 -30.19 1.76 -0.15
CA LEU E 65 -30.02 2.70 -1.25
C LEU E 65 -30.53 4.07 -0.82
N LEU E 66 -29.74 5.10 -1.08
CA LEU E 66 -30.11 6.45 -0.70
C LEU E 66 -30.73 7.19 -1.90
N TYR E 67 -31.90 7.77 -1.69
CA TYR E 67 -32.59 8.52 -2.73
C TYR E 67 -33.51 9.56 -2.13
N GLY E 68 -34.15 10.36 -2.98
CA GLY E 68 -35.06 11.38 -2.49
C GLY E 68 -35.74 12.11 -3.63
N SER E 69 -36.99 12.49 -3.44
CA SER E 69 -37.75 13.20 -4.47
C SER E 69 -39.22 13.32 -4.09
N GLN E 70 -39.90 12.18 -3.95
CA GLN E 70 -41.33 12.17 -3.63
C GLN E 70 -41.63 12.79 -2.27
N THR E 71 -41.27 12.10 -1.19
CA THR E 71 -41.55 12.61 0.16
C THR E 71 -40.42 12.32 1.14
N PRO E 72 -40.22 13.22 2.12
CA PRO E 72 -39.17 13.05 3.14
C PRO E 72 -39.61 12.05 4.20
N ASN E 73 -39.64 10.77 3.83
CA ASN E 73 -40.04 9.71 4.74
C ASN E 73 -39.07 9.60 5.92
N GLU E 74 -39.55 9.03 7.03
CA GLU E 74 -38.71 8.87 8.24
C GLU E 74 -37.31 8.38 7.88
N GLU E 75 -37.21 7.56 6.83
CA GLU E 75 -35.93 7.08 6.34
C GLU E 75 -34.90 8.21 6.25
N CYS E 76 -35.39 9.44 6.05
CA CYS E 76 -34.52 10.61 5.91
C CYS E 76 -34.09 11.21 7.26
N LEU E 77 -34.48 10.60 8.38
CA LEU E 77 -34.08 11.11 9.70
C LEU E 77 -32.76 10.48 10.13
N PHE E 78 -31.73 11.32 10.33
CA PHE E 78 -30.41 10.84 10.72
C PHE E 78 -29.91 11.54 11.98
N LEU E 79 -29.16 10.79 12.79
CA LEU E 79 -28.58 11.34 14.01
C LEU E 79 -27.27 12.06 13.69
N GLU E 80 -27.17 13.32 14.07
CA GLU E 80 -25.98 14.12 13.81
C GLU E 80 -24.82 13.71 14.72
N ARG E 81 -23.76 13.19 14.11
CA ARG E 81 -22.58 12.78 14.86
C ARG E 81 -21.32 13.39 14.22
N LEU E 82 -20.30 13.64 15.02
CA LEU E 82 -19.07 14.23 14.53
C LEU E 82 -17.87 13.33 14.83
N GLU E 83 -16.95 13.22 13.89
CA GLU E 83 -15.75 12.41 14.06
C GLU E 83 -14.52 13.29 14.13
N GLU E 84 -13.57 12.94 14.99
CA GLU E 84 -12.34 13.71 15.15
C GLU E 84 -11.42 13.49 13.95
N ASN E 85 -11.97 13.72 12.76
CA ASN E 85 -11.23 13.55 11.51
C ASN E 85 -11.65 14.62 10.50
N HIS E 86 -12.23 15.72 11.02
CA HIS E 86 -12.70 16.82 10.17
C HIS E 86 -13.79 16.33 9.23
N TYR E 87 -14.73 15.54 9.76
CA TYR E 87 -15.83 15.02 8.97
C TYR E 87 -17.09 14.86 9.83
N ASN E 88 -18.24 14.91 9.17
CA ASN E 88 -19.53 14.78 9.84
C ASN E 88 -20.09 13.37 9.63
N THR E 89 -20.81 12.88 10.63
CA THR E 89 -21.40 11.56 10.57
C THR E 89 -22.90 11.65 10.84
N TYR E 90 -23.69 10.93 10.06
CA TYR E 90 -25.14 10.93 10.22
C TYR E 90 -25.66 9.51 10.29
N ILE E 91 -26.23 9.15 11.44
CA ILE E 91 -26.75 7.81 11.64
C ILE E 91 -28.23 7.72 11.31
N SER E 92 -28.56 6.92 10.30
CA SER E 92 -29.94 6.73 9.88
C SER E 92 -30.70 5.96 10.97
N LYS E 93 -31.10 6.66 12.02
CA LYS E 93 -31.81 6.03 13.14
C LYS E 93 -32.88 5.05 12.64
N LYS E 94 -33.51 5.39 11.51
CA LYS E 94 -34.53 4.52 10.92
C LYS E 94 -33.99 3.09 10.73
N HIS E 95 -32.68 2.96 10.55
CA HIS E 95 -32.05 1.65 10.37
C HIS E 95 -30.87 1.45 11.33
N ALA E 96 -30.72 2.36 12.29
CA ALA E 96 -29.64 2.26 13.28
C ALA E 96 -29.63 0.89 13.91
N GLU E 97 -30.81 0.28 14.02
CA GLU E 97 -30.96 -1.06 14.59
C GLU E 97 -29.98 -2.04 13.95
N LYS E 98 -29.70 -1.86 12.65
CA LYS E 98 -28.79 -2.74 11.93
C LYS E 98 -27.38 -2.15 11.82
N ASN E 99 -27.14 -1.10 12.60
CA ASN E 99 -25.85 -0.40 12.62
C ASN E 99 -25.54 0.19 11.25
N TRP E 100 -26.56 0.79 10.64
CA TRP E 100 -26.43 1.39 9.32
C TRP E 100 -26.52 2.92 9.38
N PHE E 101 -25.52 3.59 8.83
CA PHE E 101 -25.49 5.04 8.79
C PHE E 101 -25.06 5.55 7.41
N VAL E 102 -25.98 6.33 6.78
CA VAL E 102 -25.84 6.90 5.43
C VAL E 102 -24.40 6.94 4.90
N GLY E 103 -24.21 6.29 3.75
CA GLY E 103 -22.91 6.25 3.10
C GLY E 103 -23.06 6.37 1.60
N LEU E 104 -22.27 7.25 0.97
CA LEU E 104 -22.35 7.46 -0.47
C LEU E 104 -21.03 7.14 -1.17
N LYS E 105 -21.11 6.91 -2.47
CA LYS E 105 -19.94 6.61 -3.28
C LYS E 105 -19.54 7.84 -4.10
N LYS E 106 -18.47 8.50 -3.66
CA LYS E 106 -17.96 9.70 -4.33
C LYS E 106 -18.00 9.58 -5.85
N ASN E 107 -17.58 8.43 -6.36
CA ASN E 107 -17.56 8.18 -7.80
C ASN E 107 -18.63 7.16 -8.19
N GLY E 108 -19.78 7.21 -7.54
CA GLY E 108 -20.85 6.29 -7.84
C GLY E 108 -22.23 6.87 -7.59
N SER E 109 -22.42 7.38 -6.36
CA SER E 109 -23.68 7.98 -5.91
C SER E 109 -23.96 7.53 -4.47
N CYS E 110 -25.02 8.04 -3.87
CA CYS E 110 -25.36 7.70 -2.50
C CYS E 110 -26.21 6.40 -2.47
N LYS E 111 -25.56 5.29 -2.14
CA LYS E 111 -26.25 4.00 -2.05
C LYS E 111 -25.27 2.90 -1.64
N ARG E 112 -24.98 2.85 -0.33
CA ARG E 112 -24.05 1.85 0.21
C ARG E 112 -24.50 1.42 1.60
N GLY E 113 -25.81 1.42 1.82
CA GLY E 113 -26.39 1.05 3.10
C GLY E 113 -25.95 -0.32 3.64
N PRO E 114 -25.88 -1.39 2.83
CA PRO E 114 -25.47 -2.72 3.31
C PRO E 114 -23.98 -2.78 3.67
N ARG E 115 -23.27 -1.67 3.47
CA ARG E 115 -21.84 -1.60 3.77
C ARG E 115 -21.51 -0.35 4.59
N THR E 116 -22.46 0.10 5.40
CA THR E 116 -22.24 1.30 6.22
C THR E 116 -21.80 0.96 7.65
N HIS E 117 -20.48 0.99 7.88
CA HIS E 117 -19.92 0.71 9.20
C HIS E 117 -18.45 1.13 9.24
N TYR E 118 -17.63 0.38 9.98
CA TYR E 118 -16.20 0.70 10.09
C TYR E 118 -15.42 0.02 8.96
N GLY E 119 -15.74 0.41 7.73
CA GLY E 119 -15.07 -0.13 6.56
C GLY E 119 -15.05 0.92 5.46
N GLN E 120 -16.24 1.37 5.09
CA GLN E 120 -16.37 2.40 4.07
C GLN E 120 -16.24 3.76 4.75
N LYS E 121 -15.14 4.45 4.45
CA LYS E 121 -14.84 5.75 5.07
C LYS E 121 -15.74 6.85 4.51
N ALA E 122 -16.36 6.58 3.36
CA ALA E 122 -17.27 7.54 2.71
C ALA E 122 -18.35 8.04 3.67
N ILE E 123 -18.54 7.34 4.78
CA ILE E 123 -19.52 7.74 5.78
C ILE E 123 -19.13 9.07 6.45
N LEU E 124 -17.83 9.37 6.45
CA LEU E 124 -17.32 10.59 7.04
C LEU E 124 -17.43 11.72 6.03
N PHE E 125 -18.57 12.40 6.03
CA PHE E 125 -18.83 13.49 5.10
C PHE E 125 -18.17 14.79 5.53
N LEU E 126 -17.77 15.59 4.54
CA LEU E 126 -17.14 16.87 4.79
C LEU E 126 -18.11 17.99 4.38
N PRO E 127 -18.69 18.68 5.37
CA PRO E 127 -19.66 19.75 5.12
C PRO E 127 -19.02 21.11 4.89
N LEU E 128 -19.60 21.88 3.97
CA LEU E 128 -19.13 23.22 3.65
C LEU E 128 -20.31 24.20 3.64
N PRO E 129 -21.17 24.15 4.67
CA PRO E 129 -22.36 25.01 4.76
C PRO E 129 -22.05 26.42 5.27
N VAL E 130 -22.88 27.37 4.87
CA VAL E 130 -22.72 28.76 5.30
C VAL E 130 -23.28 28.94 6.70
N SER E 131 -22.45 28.70 7.70
CA SER E 131 -22.85 28.84 9.09
C SER E 131 -23.09 30.30 9.46
N SER E 132 -23.52 30.52 10.70
CA SER E 132 -23.77 31.86 11.20
C SER E 132 -22.71 32.25 12.23
N ASP E 133 -21.48 32.37 11.76
CA ASP E 133 -20.35 32.72 12.62
C ASP E 133 -20.10 34.22 12.59
N GLU F 1 -14.74 -2.06 -4.96
CA GLU F 1 -15.28 -2.37 -6.30
C GLU F 1 -14.24 -2.10 -7.38
N LYS F 2 -13.97 -3.11 -8.20
CA LYS F 2 -12.98 -2.97 -9.28
C LYS F 2 -13.44 -3.69 -10.55
N LEU F 3 -13.05 -3.14 -11.69
CA LEU F 3 -13.40 -3.70 -12.99
C LEU F 3 -12.18 -3.65 -13.92
N GLY F 4 -11.11 -3.02 -13.45
CA GLY F 4 -9.90 -2.91 -14.24
C GLY F 4 -9.67 -1.48 -14.71
N LYS F 5 -9.22 -1.32 -15.95
CA LYS F 5 -8.96 0.01 -16.52
C LYS F 5 -9.33 0.07 -18.00
N LEU F 6 -9.73 1.24 -18.47
CA LEU F 6 -10.11 1.44 -19.86
C LEU F 6 -9.44 2.70 -20.41
N GLN F 7 -8.70 2.53 -21.49
CA GLN F 7 -8.00 3.66 -22.11
C GLN F 7 -8.91 4.29 -23.16
N TYR F 8 -8.98 5.62 -23.20
CA TYR F 8 -9.83 6.28 -24.18
C TYR F 8 -9.34 7.68 -24.55
N SER F 9 -9.76 8.11 -25.73
CA SER F 9 -9.42 9.43 -26.26
C SER F 9 -10.69 10.06 -26.84
N LEU F 10 -11.28 10.99 -26.11
CA LEU F 10 -12.53 11.62 -26.53
C LEU F 10 -12.28 13.01 -27.14
N ASP F 11 -12.82 13.21 -28.34
CA ASP F 11 -12.70 14.51 -29.02
C ASP F 11 -14.09 15.07 -29.29
N TYR F 12 -14.17 16.35 -29.64
CA TYR F 12 -15.47 16.99 -29.87
C TYR F 12 -15.63 17.50 -31.30
N ASP F 13 -16.87 17.42 -31.79
CA ASP F 13 -17.20 17.89 -33.13
C ASP F 13 -18.17 19.07 -33.02
N PHE F 14 -17.80 20.20 -33.60
CA PHE F 14 -18.63 21.40 -33.55
C PHE F 14 -19.39 21.65 -34.87
N GLN F 15 -19.38 20.67 -35.76
CA GLN F 15 -20.07 20.78 -37.04
C GLN F 15 -21.43 20.06 -36.96
N ASN F 16 -21.40 18.84 -36.44
CA ASN F 16 -22.61 18.05 -36.28
C ASN F 16 -23.12 18.11 -34.83
N ASN F 17 -22.24 18.55 -33.92
CA ASN F 17 -22.57 18.69 -32.51
C ASN F 17 -22.63 17.34 -31.81
N GLN F 18 -21.48 16.66 -31.77
CA GLN F 18 -21.37 15.36 -31.12
C GLN F 18 -19.96 15.16 -30.59
N LEU F 19 -19.86 14.50 -29.45
CA LEU F 19 -18.56 14.20 -28.86
C LEU F 19 -18.13 12.81 -29.29
N LEU F 20 -16.89 12.68 -29.73
CA LEU F 20 -16.36 11.42 -30.20
C LEU F 20 -15.69 10.65 -29.07
N VAL F 21 -16.42 9.68 -28.53
CA VAL F 21 -15.88 8.86 -27.45
C VAL F 21 -15.06 7.72 -28.04
N GLY F 22 -13.80 8.01 -28.34
CA GLY F 22 -12.92 7.01 -28.91
C GLY F 22 -12.10 6.29 -27.87
N ILE F 23 -12.63 5.17 -27.37
CA ILE F 23 -11.94 4.39 -26.37
C ILE F 23 -10.94 3.45 -27.05
N ILE F 24 -9.86 3.13 -26.37
CA ILE F 24 -8.83 2.26 -26.93
C ILE F 24 -9.13 0.80 -26.61
N GLN F 25 -9.26 0.49 -25.33
CA GLN F 25 -9.55 -0.87 -24.89
C GLN F 25 -9.75 -0.92 -23.38
N ALA F 26 -10.14 -2.10 -22.89
CA ALA F 26 -10.36 -2.32 -21.47
C ALA F 26 -9.41 -3.41 -20.98
N ALA F 27 -8.87 -3.23 -19.79
CA ALA F 27 -7.93 -4.21 -19.23
C ALA F 27 -8.37 -4.68 -17.85
N GLU F 28 -8.13 -5.97 -17.58
CA GLU F 28 -8.44 -6.60 -16.28
C GLU F 28 -9.94 -6.65 -15.99
N LEU F 29 -10.73 -7.16 -16.94
CA LEU F 29 -12.17 -7.28 -16.74
C LEU F 29 -12.51 -8.56 -16.00
N PRO F 30 -13.44 -8.50 -15.01
CA PRO F 30 -13.85 -9.66 -14.21
C PRO F 30 -14.55 -10.74 -15.05
N ALA F 31 -14.61 -11.95 -14.51
CA ALA F 31 -15.23 -13.07 -15.20
C ALA F 31 -16.71 -13.21 -14.85
N LEU F 32 -17.45 -13.92 -15.69
CA LEU F 32 -18.88 -14.13 -15.50
C LEU F 32 -19.25 -15.56 -15.91
N ASP F 33 -18.73 -15.99 -17.06
CA ASP F 33 -19.00 -17.33 -17.58
C ASP F 33 -18.12 -18.37 -16.87
N MET F 34 -18.65 -19.57 -16.69
CA MET F 34 -17.92 -20.66 -16.03
C MET F 34 -16.62 -20.97 -16.77
N GLY F 35 -15.50 -20.73 -16.11
CA GLY F 35 -14.20 -20.96 -16.72
C GLY F 35 -13.19 -19.92 -16.32
N GLY F 36 -13.38 -18.68 -16.79
CA GLY F 36 -12.46 -17.62 -16.46
C GLY F 36 -12.56 -16.43 -17.39
N THR F 37 -13.58 -16.39 -18.24
CA THR F 37 -13.76 -15.28 -19.18
C THR F 37 -15.22 -14.89 -19.32
N SER F 38 -15.47 -13.72 -19.91
CA SER F 38 -16.82 -13.22 -20.13
C SER F 38 -16.95 -12.65 -21.53
N ASP F 39 -18.17 -12.23 -21.87
CA ASP F 39 -18.45 -11.62 -23.17
C ASP F 39 -18.83 -10.16 -22.94
N PRO F 40 -17.90 -9.35 -22.42
CA PRO F 40 -18.15 -7.95 -22.10
C PRO F 40 -18.27 -7.02 -23.30
N TYR F 41 -19.38 -6.30 -23.35
CA TYR F 41 -19.63 -5.32 -24.37
C TYR F 41 -20.08 -4.03 -23.69
N VAL F 42 -19.49 -2.91 -24.08
CA VAL F 42 -19.83 -1.63 -23.47
C VAL F 42 -21.13 -1.06 -24.03
N LYS F 43 -22.09 -0.81 -23.14
CA LYS F 43 -23.37 -0.25 -23.54
C LYS F 43 -23.40 1.21 -23.10
N VAL F 44 -23.18 2.10 -24.06
CA VAL F 44 -23.16 3.53 -23.79
C VAL F 44 -24.56 4.03 -23.42
N PHE F 45 -24.68 4.55 -22.21
CA PHE F 45 -25.95 5.08 -21.72
C PHE F 45 -25.78 6.53 -21.26
N LEU F 46 -26.90 7.19 -21.01
CA LEU F 46 -26.89 8.59 -20.58
C LEU F 46 -27.89 8.82 -19.45
N LEU F 47 -27.66 9.87 -18.69
CA LEU F 47 -28.54 10.26 -17.60
C LEU F 47 -29.94 10.58 -18.16
N PRO F 48 -30.89 11.09 -17.33
CA PRO F 48 -32.24 11.46 -17.75
C PRO F 48 -32.35 11.78 -19.24
N ASP F 49 -31.39 12.56 -19.75
CA ASP F 49 -31.34 12.93 -21.16
C ASP F 49 -31.76 11.74 -22.03
N LYS F 50 -31.13 10.59 -21.77
CA LYS F 50 -31.40 9.34 -22.47
C LYS F 50 -31.55 9.50 -24.00
N LYS F 51 -30.88 10.49 -24.58
CA LYS F 51 -30.96 10.69 -26.03
C LYS F 51 -29.78 10.04 -26.73
N LYS F 52 -29.62 8.74 -26.51
CA LYS F 52 -28.54 7.96 -27.12
C LYS F 52 -28.48 6.57 -26.50
N LYS F 53 -28.29 5.57 -27.35
CA LYS F 53 -28.20 4.19 -26.89
C LYS F 53 -27.49 3.34 -27.96
N PHE F 54 -26.27 2.92 -27.67
CA PHE F 54 -25.51 2.12 -28.63
C PHE F 54 -24.98 0.85 -27.96
N GLU F 55 -25.04 -0.25 -28.70
CA GLU F 55 -24.57 -1.54 -28.22
C GLU F 55 -23.33 -1.95 -29.01
N THR F 56 -22.23 -2.18 -28.31
CA THR F 56 -20.99 -2.59 -28.94
C THR F 56 -21.04 -4.04 -29.39
N LYS F 57 -20.03 -4.46 -30.14
CA LYS F 57 -19.99 -5.83 -30.64
C LYS F 57 -19.58 -6.79 -29.52
N VAL F 58 -20.41 -7.78 -29.27
CA VAL F 58 -20.11 -8.76 -28.23
C VAL F 58 -18.69 -9.29 -28.42
N HIS F 59 -17.95 -9.36 -27.31
CA HIS F 59 -16.58 -9.86 -27.34
C HIS F 59 -16.54 -11.19 -26.60
N ARG F 60 -16.76 -12.26 -27.34
CA ARG F 60 -16.80 -13.61 -26.80
C ARG F 60 -15.56 -13.98 -25.99
N LYS F 61 -15.79 -14.40 -24.75
CA LYS F 61 -14.75 -14.85 -23.82
C LYS F 61 -13.47 -14.02 -23.95
N THR F 62 -13.48 -12.82 -23.39
CA THR F 62 -12.31 -11.95 -23.42
C THR F 62 -12.39 -10.90 -22.31
N LEU F 63 -11.31 -10.81 -21.53
CA LEU F 63 -11.23 -9.86 -20.42
C LEU F 63 -10.29 -8.70 -20.74
N ASN F 64 -9.79 -8.69 -21.97
CA ASN F 64 -8.88 -7.63 -22.43
C ASN F 64 -9.01 -7.47 -23.94
N PRO F 65 -10.24 -7.23 -24.43
CA PRO F 65 -10.51 -7.09 -25.86
C PRO F 65 -10.28 -5.69 -26.39
N VAL F 66 -9.91 -5.60 -27.66
CA VAL F 66 -9.68 -4.34 -28.33
C VAL F 66 -10.65 -4.21 -29.50
N PHE F 67 -11.07 -2.99 -29.80
CA PHE F 67 -12.01 -2.78 -30.89
C PHE F 67 -12.08 -1.29 -31.27
N ASN F 68 -12.25 -0.44 -30.26
CA ASN F 68 -12.32 1.00 -30.48
C ASN F 68 -13.62 1.35 -31.21
N GLU F 69 -14.73 1.25 -30.50
CA GLU F 69 -16.03 1.58 -31.07
C GLU F 69 -16.24 3.09 -31.07
N GLN F 70 -17.02 3.58 -32.03
CA GLN F 70 -17.28 5.00 -32.16
C GLN F 70 -18.64 5.36 -31.57
N PHE F 71 -18.63 6.00 -30.40
CA PHE F 71 -19.87 6.42 -29.75
C PHE F 71 -20.13 7.89 -30.01
N THR F 72 -21.27 8.18 -30.61
CA THR F 72 -21.66 9.55 -30.92
C THR F 72 -22.53 10.13 -29.81
N PHE F 73 -21.94 11.03 -29.03
CA PHE F 73 -22.65 11.68 -27.93
C PHE F 73 -23.63 12.71 -28.51
N LYS F 74 -24.80 12.22 -28.91
CA LYS F 74 -25.84 13.07 -29.47
C LYS F 74 -26.33 14.11 -28.46
N VAL F 75 -25.71 15.29 -28.50
CA VAL F 75 -26.07 16.39 -27.62
C VAL F 75 -25.18 17.60 -27.91
N PRO F 76 -25.77 18.78 -28.12
CA PRO F 76 -25.01 19.99 -28.41
C PRO F 76 -23.96 20.29 -27.35
N TYR F 77 -22.76 20.65 -27.78
CA TYR F 77 -21.67 20.96 -26.85
C TYR F 77 -22.16 21.89 -25.74
N SER F 78 -22.97 22.86 -26.12
CA SER F 78 -23.54 23.84 -25.19
C SER F 78 -24.44 23.18 -24.15
N GLU F 79 -24.98 22.01 -24.50
CA GLU F 79 -25.87 21.26 -23.62
C GLU F 79 -25.09 20.26 -22.76
N LEU F 80 -23.96 19.78 -23.29
CA LEU F 80 -23.11 18.80 -22.60
C LEU F 80 -22.94 19.16 -21.12
N GLY F 81 -22.86 20.44 -20.81
CA GLY F 81 -22.68 20.89 -19.43
C GLY F 81 -23.64 20.22 -18.47
N GLY F 82 -24.86 19.93 -18.92
CA GLY F 82 -25.83 19.30 -18.05
C GLY F 82 -26.09 17.85 -18.39
N LYS F 83 -25.08 17.16 -18.94
CA LYS F 83 -25.23 15.76 -19.31
C LYS F 83 -24.04 14.92 -18.87
N THR F 84 -24.28 14.02 -17.93
CA THR F 84 -23.25 13.13 -17.43
C THR F 84 -23.31 11.80 -18.18
N LEU F 85 -22.32 11.53 -19.01
CA LEU F 85 -22.29 10.28 -19.78
C LEU F 85 -21.86 9.12 -18.89
N VAL F 86 -22.43 7.95 -19.14
CA VAL F 86 -22.11 6.77 -18.36
C VAL F 86 -21.81 5.58 -19.27
N MET F 87 -20.63 5.00 -19.10
CA MET F 87 -20.22 3.85 -19.90
C MET F 87 -20.24 2.60 -19.06
N ALA F 88 -21.20 1.73 -19.31
CA ALA F 88 -21.32 0.48 -18.58
C ALA F 88 -20.97 -0.70 -19.46
N VAL F 89 -20.11 -1.58 -18.95
CA VAL F 89 -19.70 -2.76 -19.70
C VAL F 89 -20.61 -3.93 -19.33
N TYR F 90 -21.38 -4.38 -20.30
CA TYR F 90 -22.31 -5.48 -20.10
C TYR F 90 -21.76 -6.79 -20.63
N ASP F 91 -22.02 -7.89 -19.93
CA ASP F 91 -21.55 -9.20 -20.35
C ASP F 91 -22.57 -9.85 -21.28
N PHE F 92 -22.13 -10.86 -22.01
CA PHE F 92 -22.99 -11.57 -22.94
C PHE F 92 -22.72 -13.07 -22.89
N ASP F 93 -22.58 -13.61 -21.67
CA ASP F 93 -22.32 -15.04 -21.47
C ASP F 93 -23.21 -15.90 -22.39
N ARG F 94 -24.46 -15.45 -22.57
CA ARG F 94 -25.44 -16.12 -23.44
C ARG F 94 -26.13 -17.30 -22.75
N PHE F 95 -26.10 -17.33 -21.42
CA PHE F 95 -26.73 -18.42 -20.68
C PHE F 95 -27.49 -17.89 -19.47
N SER F 96 -26.78 -17.23 -18.58
CA SER F 96 -27.36 -16.68 -17.35
C SER F 96 -27.81 -15.24 -17.57
N LYS F 97 -28.27 -14.59 -16.51
CA LYS F 97 -28.70 -13.21 -16.59
C LYS F 97 -27.47 -12.30 -16.77
N HIS F 98 -27.24 -11.85 -17.99
CA HIS F 98 -26.10 -10.99 -18.29
C HIS F 98 -25.96 -9.93 -17.19
N ASP F 99 -24.81 -9.91 -16.52
CA ASP F 99 -24.55 -8.98 -15.44
C ASP F 99 -23.67 -7.81 -15.89
N ILE F 100 -23.74 -6.69 -15.16
CA ILE F 100 -22.94 -5.52 -15.47
C ILE F 100 -21.62 -5.63 -14.73
N ILE F 101 -20.60 -6.20 -15.38
CA ILE F 101 -19.30 -6.37 -14.74
C ILE F 101 -18.77 -5.06 -14.18
N GLY F 102 -19.15 -3.94 -14.78
CA GLY F 102 -18.69 -2.66 -14.27
C GLY F 102 -19.04 -1.49 -15.16
N GLU F 103 -18.65 -0.29 -14.72
CA GLU F 103 -18.93 0.92 -15.49
C GLU F 103 -18.09 2.09 -14.99
N PHE F 104 -18.19 3.22 -15.69
CA PHE F 104 -17.46 4.43 -15.31
C PHE F 104 -18.19 5.66 -15.88
N LYS F 105 -18.00 6.81 -15.24
CA LYS F 105 -18.64 8.04 -15.67
C LYS F 105 -17.84 9.25 -15.21
N VAL F 106 -18.10 10.40 -15.83
CA VAL F 106 -17.42 11.63 -15.48
C VAL F 106 -18.27 12.86 -15.80
N PRO F 107 -18.33 13.83 -14.88
CA PRO F 107 -19.10 15.07 -15.07
C PRO F 107 -18.56 15.90 -16.24
N MET F 108 -19.22 15.80 -17.38
CA MET F 108 -18.80 16.52 -18.59
C MET F 108 -18.54 18.00 -18.32
N ASN F 109 -19.38 18.61 -17.48
CA ASN F 109 -19.19 20.04 -17.16
C ASN F 109 -17.76 20.31 -16.67
N THR F 110 -17.20 19.35 -15.94
CA THR F 110 -15.83 19.48 -15.44
C THR F 110 -14.80 19.08 -16.50
N VAL F 111 -15.27 18.54 -17.62
CA VAL F 111 -14.41 18.11 -18.70
C VAL F 111 -14.23 19.23 -19.71
N ASP F 112 -13.27 20.11 -19.44
CA ASP F 112 -12.99 21.24 -20.31
C ASP F 112 -12.51 20.73 -21.67
N PHE F 113 -13.44 20.68 -22.63
CA PHE F 113 -13.14 20.23 -23.99
C PHE F 113 -12.25 21.24 -24.72
N GLY F 114 -11.02 21.39 -24.23
CA GLY F 114 -10.08 22.30 -24.85
C GLY F 114 -9.55 21.77 -26.17
N HIS F 115 -9.25 20.47 -26.20
CA HIS F 115 -8.77 19.81 -27.41
C HIS F 115 -9.20 18.35 -27.43
N VAL F 116 -8.47 17.52 -26.66
CA VAL F 116 -8.77 16.10 -26.57
C VAL F 116 -8.55 15.61 -25.14
N THR F 117 -9.53 14.89 -24.63
CA THR F 117 -9.46 14.36 -23.27
C THR F 117 -8.99 12.91 -23.29
N GLU F 118 -7.69 12.73 -23.16
CA GLU F 118 -7.09 11.39 -23.15
C GLU F 118 -6.60 11.07 -21.75
N GLU F 119 -6.92 9.88 -21.27
CA GLU F 119 -6.51 9.46 -19.92
C GLU F 119 -6.76 7.98 -19.70
N TRP F 120 -6.13 7.43 -18.66
CA TRP F 120 -6.30 6.04 -18.30
C TRP F 120 -7.40 5.92 -17.25
N ARG F 121 -8.64 5.82 -17.72
CA ARG F 121 -9.80 5.73 -16.85
C ARG F 121 -9.80 4.45 -16.03
N ASP F 122 -10.10 4.60 -14.74
CA ASP F 122 -10.20 3.46 -13.83
C ASP F 122 -11.60 2.87 -13.91
N LEU F 123 -11.67 1.54 -13.88
CA LEU F 123 -12.95 0.86 -13.96
C LEU F 123 -13.41 0.32 -12.61
N GLN F 124 -14.70 0.47 -12.31
CA GLN F 124 -15.24 0.01 -11.04
C GLN F 124 -16.45 -0.90 -11.29
N SER F 125 -16.58 -1.95 -10.48
CA SER F 125 -17.68 -2.89 -10.62
C SER F 125 -18.95 -2.36 -9.93
N ALA F 126 -19.69 -1.53 -10.65
CA ALA F 126 -20.92 -0.97 -10.12
C ALA F 126 -22.03 -2.01 -10.17
N GLU F 127 -22.37 -2.54 -8.99
CA GLU F 127 -23.41 -3.55 -8.85
C GLU F 127 -24.79 -2.94 -9.13
N LYS F 128 -24.94 -2.39 -10.32
CA LYS F 128 -26.18 -1.75 -10.71
C LYS F 128 -26.76 -2.42 -11.95
N GLU A 1 15.75 -4.25 6.45
CA GLU A 1 16.02 -4.12 7.90
C GLU A 1 15.01 -3.18 8.56
N LYS A 2 14.43 -3.64 9.67
CA LYS A 2 13.44 -2.84 10.39
C LYS A 2 13.65 -2.91 11.90
N LEU A 3 13.58 -1.75 12.54
CA LEU A 3 13.74 -1.66 13.99
C LEU A 3 12.57 -0.89 14.63
N GLY A 4 11.59 -0.52 13.81
CA GLY A 4 10.45 0.22 14.31
C GLY A 4 10.56 1.71 14.03
N LYS A 5 10.23 2.54 15.01
CA LYS A 5 10.33 3.98 14.86
C LYS A 5 10.74 4.65 16.17
N LEU A 6 11.38 5.81 16.05
CA LEU A 6 11.84 6.56 17.21
C LEU A 6 11.54 8.03 17.02
N GLN A 7 10.81 8.61 17.97
CA GLN A 7 10.45 10.02 17.89
C GLN A 7 11.51 10.84 18.62
N TYR A 8 11.93 11.96 18.03
CA TYR A 8 12.95 12.79 18.66
C TYR A 8 12.85 14.27 18.26
N SER A 9 13.40 15.10 19.13
CA SER A 9 13.43 16.54 18.94
C SER A 9 14.83 17.05 19.27
N LEU A 10 15.62 17.34 18.25
CA LEU A 10 16.99 17.77 18.45
C LEU A 10 17.14 19.28 18.30
N ASP A 11 17.75 19.92 19.29
CA ASP A 11 17.98 21.36 19.27
C ASP A 11 19.48 21.64 19.38
N TYR A 12 19.91 22.86 19.08
CA TYR A 12 21.32 23.20 19.11
C TYR A 12 21.66 24.28 20.15
N ASP A 13 22.84 24.16 20.74
CA ASP A 13 23.32 25.13 21.72
C ASP A 13 24.56 25.84 21.17
N PHE A 14 24.51 27.16 21.10
CA PHE A 14 25.62 27.95 20.57
C PHE A 14 26.45 28.61 21.68
N GLN A 15 26.22 28.22 22.92
CA GLN A 15 26.95 28.76 24.06
C GLN A 15 28.06 27.80 24.47
N ASN A 16 27.71 26.52 24.59
CA ASN A 16 28.67 25.49 24.96
C ASN A 16 29.14 24.71 23.72
N ASN A 17 28.38 24.86 22.62
CA ASN A 17 28.69 24.21 21.35
C ASN A 17 28.38 22.71 21.39
N GLN A 18 27.10 22.41 21.55
CA GLN A 18 26.63 21.03 21.59
C GLN A 18 25.21 20.93 21.08
N LEU A 19 24.91 19.85 20.39
CA LEU A 19 23.56 19.62 19.88
C LEU A 19 22.79 18.77 20.87
N LEU A 20 21.57 19.18 21.19
CA LEU A 20 20.75 18.47 22.15
C LEU A 20 19.87 17.43 21.46
N VAL A 21 20.30 16.18 21.51
CA VAL A 21 19.55 15.10 20.91
C VAL A 21 18.47 14.62 21.88
N GLY A 22 17.34 15.32 21.88
CA GLY A 22 16.25 14.97 22.76
C GLY A 22 15.24 14.05 22.11
N ILE A 23 15.46 12.75 22.26
CA ILE A 23 14.54 11.76 21.69
C ILE A 23 13.36 11.54 22.63
N ILE A 24 12.20 11.20 22.07
CA ILE A 24 11.01 10.98 22.86
C ILE A 24 10.91 9.53 23.32
N GLN A 25 10.92 8.62 22.35
CA GLN A 25 10.83 7.20 22.64
C GLN A 25 10.97 6.36 21.37
N ALA A 26 11.03 5.05 21.55
CA ALA A 26 11.15 4.12 20.42
C ALA A 26 9.94 3.19 20.41
N ALA A 27 9.45 2.83 19.24
CA ALA A 27 8.29 1.95 19.13
C ALA A 27 8.57 0.76 18.22
N GLU A 28 7.87 -0.36 18.48
CA GLU A 28 7.99 -1.60 17.71
C GLU A 28 9.44 -2.05 17.55
N LEU A 29 10.02 -2.58 18.63
CA LEU A 29 11.40 -3.05 18.60
C LEU A 29 11.46 -4.58 18.57
N PRO A 30 12.45 -5.16 17.88
CA PRO A 30 12.63 -6.62 17.79
C PRO A 30 12.96 -7.23 19.15
N ALA A 31 12.63 -8.52 19.32
CA ALA A 31 12.89 -9.21 20.58
C ALA A 31 14.24 -9.92 20.60
N LEU A 32 14.79 -10.09 21.80
CA LEU A 32 16.07 -10.76 21.98
C LEU A 32 15.96 -11.79 23.11
N ASP A 33 15.48 -11.33 24.27
CA ASP A 33 15.29 -12.21 25.42
C ASP A 33 14.18 -13.22 25.14
N MET A 34 14.17 -14.32 25.88
CA MET A 34 13.15 -15.35 25.68
C MET A 34 11.85 -14.97 26.39
N GLY A 35 10.87 -14.53 25.60
CA GLY A 35 9.58 -14.14 26.15
C GLY A 35 8.82 -13.24 25.20
N GLY A 36 9.51 -12.75 24.18
CA GLY A 36 8.89 -11.88 23.20
C GLY A 36 9.23 -10.42 23.40
N THR A 37 10.11 -10.14 24.37
CA THR A 37 10.52 -8.78 24.67
C THR A 37 12.05 -8.70 24.85
N SER A 38 12.58 -7.47 24.89
CA SER A 38 14.01 -7.27 25.06
C SER A 38 14.29 -6.12 26.02
N ASP A 39 15.56 -5.88 26.30
CA ASP A 39 15.98 -4.79 27.18
C ASP A 39 16.76 -3.77 26.33
N PRO A 40 16.09 -3.14 25.36
CA PRO A 40 16.73 -2.19 24.44
C PRO A 40 17.08 -0.84 25.05
N TYR A 41 18.35 -0.49 24.92
CA TYR A 41 18.85 0.79 25.37
C TYR A 41 19.65 1.42 24.23
N VAL A 42 19.39 2.68 23.94
CA VAL A 42 20.08 3.37 22.85
C VAL A 42 21.48 3.81 23.27
N LYS A 43 22.47 3.35 22.53
CA LYS A 43 23.86 3.73 22.79
C LYS A 43 24.30 4.72 21.72
N VAL A 44 24.32 5.99 22.08
CA VAL A 44 24.71 7.04 21.16
C VAL A 44 26.19 6.96 20.82
N PHE A 45 26.48 6.75 19.54
CA PHE A 45 27.85 6.65 19.05
C PHE A 45 28.10 7.67 17.95
N LEU A 46 29.36 7.84 17.57
CA LEU A 46 29.73 8.77 16.53
C LEU A 46 30.77 8.17 15.61
N LEU A 47 30.86 8.72 14.39
CA LEU A 47 31.82 8.28 13.40
C LEU A 47 33.25 8.51 13.95
N PRO A 48 34.32 8.30 13.13
CA PRO A 48 35.71 8.50 13.51
C PRO A 48 35.88 9.49 14.66
N ASP A 49 35.18 10.62 14.58
CA ASP A 49 35.22 11.65 15.63
C ASP A 49 35.28 10.99 17.01
N LYS A 50 34.35 10.06 17.24
CA LYS A 50 34.26 9.30 18.49
C LYS A 50 34.41 10.16 19.75
N LYS A 51 34.05 11.44 19.68
CA LYS A 51 34.16 12.31 20.86
C LYS A 51 32.83 12.39 21.59
N LYS A 52 32.32 11.24 22.01
CA LYS A 52 31.06 11.15 22.74
C LYS A 52 30.62 9.70 22.86
N LYS A 53 30.15 9.33 24.03
CA LYS A 53 29.69 7.97 24.30
C LYS A 53 28.77 7.97 25.52
N PHE A 54 27.48 7.76 25.28
CA PHE A 54 26.50 7.74 26.37
C PHE A 54 25.65 6.49 26.34
N GLU A 55 25.40 5.92 27.52
CA GLU A 55 24.60 4.72 27.65
C GLU A 55 23.28 5.06 28.33
N THR A 56 22.17 4.77 27.67
CA THR A 56 20.85 5.05 28.22
C THR A 56 20.49 4.05 29.32
N LYS A 57 19.40 4.30 30.02
CA LYS A 57 18.97 3.43 31.10
C LYS A 57 18.33 2.17 30.52
N VAL A 58 18.85 1.01 30.90
CA VAL A 58 18.30 -0.25 30.43
C VAL A 58 16.79 -0.27 30.62
N HIS A 59 16.07 -0.71 29.60
CA HIS A 59 14.62 -0.79 29.66
C HIS A 59 14.22 -2.26 29.64
N ARG A 60 14.13 -2.83 30.84
CA ARG A 60 13.80 -4.24 31.01
C ARG A 60 12.50 -4.66 30.30
N LYS A 61 12.63 -5.69 29.47
CA LYS A 61 11.52 -6.28 28.72
C LYS A 61 10.52 -5.24 28.24
N THR A 62 10.88 -4.52 27.18
CA THR A 62 9.99 -3.50 26.61
C THR A 62 10.37 -3.20 25.17
N LEU A 63 9.37 -3.25 24.28
CA LEU A 63 9.57 -2.99 22.86
C LEU A 63 9.02 -1.62 22.48
N ASN A 64 8.39 -0.96 23.45
CA ASN A 64 7.82 0.37 23.24
C ASN A 64 8.03 1.24 24.48
N PRO A 65 9.30 1.42 24.92
CA PRO A 65 9.58 2.20 26.13
C PRO A 65 9.75 3.69 25.88
N VAL A 66 9.39 4.48 26.89
CA VAL A 66 9.52 5.92 26.82
C VAL A 66 10.46 6.39 27.92
N PHE A 67 11.21 7.46 27.66
CA PHE A 67 12.16 7.96 28.64
C PHE A 67 12.63 9.36 28.27
N ASN A 68 13.04 9.54 27.03
CA ASN A 68 13.51 10.83 26.53
C ASN A 68 14.84 11.19 27.19
N GLU A 69 15.89 10.48 26.79
CA GLU A 69 17.23 10.74 27.33
C GLU A 69 17.85 11.95 26.62
N GLN A 70 18.71 12.65 27.34
CA GLN A 70 19.36 13.85 26.82
C GLN A 70 20.78 13.53 26.33
N PHE A 71 20.96 13.47 25.01
CA PHE A 71 22.27 13.20 24.44
C PHE A 71 22.93 14.50 24.00
N THR A 72 24.10 14.77 24.56
CA THR A 72 24.85 15.98 24.23
C THR A 72 25.86 15.71 23.12
N PHE A 73 25.55 16.20 21.92
CA PHE A 73 26.43 16.03 20.78
C PHE A 73 27.64 16.94 20.93
N LYS A 74 28.63 16.47 21.68
CA LYS A 74 29.87 17.21 21.92
C LYS A 74 30.64 17.46 20.62
N VAL A 75 30.37 18.60 20.00
CA VAL A 75 31.04 19.00 18.75
C VAL A 75 30.50 20.35 18.31
N PRO A 76 31.40 21.30 17.99
CA PRO A 76 31.01 22.64 17.56
C PRO A 76 30.10 22.59 16.34
N TYR A 77 29.04 23.39 16.37
CA TYR A 77 28.09 23.44 15.24
C TYR A 77 28.83 23.54 13.91
N SER A 78 29.88 24.36 13.90
CA SER A 78 30.70 24.57 12.71
C SER A 78 31.40 23.28 12.26
N GLU A 79 31.59 22.35 13.21
CA GLU A 79 32.25 21.08 12.94
C GLU A 79 31.22 20.00 12.56
N LEU A 80 30.00 20.13 13.08
CA LEU A 80 28.93 19.17 12.82
C LEU A 80 28.87 18.77 11.34
N GLY A 81 29.17 19.70 10.44
CA GLY A 81 29.13 19.42 9.02
C GLY A 81 29.88 18.16 8.64
N GLY A 82 30.97 17.86 9.35
CA GLY A 82 31.75 16.68 9.06
C GLY A 82 31.58 15.57 10.09
N LYS A 83 30.41 15.51 10.73
CA LYS A 83 30.17 14.50 11.74
C LYS A 83 28.79 13.85 11.58
N THR A 84 28.78 12.58 11.24
CA THR A 84 27.54 11.82 11.08
C THR A 84 27.23 11.08 12.38
N LEU A 85 26.19 11.50 13.08
CA LEU A 85 25.80 10.86 14.33
C LEU A 85 25.09 9.54 14.05
N VAL A 86 25.30 8.57 14.92
CA VAL A 86 24.67 7.26 14.76
C VAL A 86 24.05 6.79 16.07
N MET A 87 22.76 6.51 16.03
CA MET A 87 22.03 6.05 17.20
C MET A 87 21.71 4.57 17.07
N ALA A 88 22.39 3.75 17.86
CA ALA A 88 22.17 2.31 17.84
C ALA A 88 21.49 1.85 19.11
N VAL A 89 20.43 1.07 18.97
CA VAL A 89 19.70 0.56 20.12
C VAL A 89 20.25 -0.81 20.49
N TYR A 90 20.85 -0.89 21.66
CA TYR A 90 21.44 -2.12 22.16
C TYR A 90 20.53 -2.81 23.16
N ASP A 91 20.50 -4.14 23.11
CA ASP A 91 19.67 -4.91 24.03
C ASP A 91 20.46 -5.23 25.31
N PHE A 92 19.75 -5.60 26.36
CA PHE A 92 20.37 -5.92 27.63
C PHE A 92 19.69 -7.14 28.26
N ASP A 93 19.42 -8.16 27.45
CA ASP A 93 18.77 -9.39 27.92
C ASP A 93 19.38 -9.85 29.26
N ARG A 94 20.70 -9.68 29.38
CA ARG A 94 21.44 -10.03 30.61
C ARG A 94 21.78 -11.53 30.68
N PHE A 95 21.76 -12.21 29.54
CA PHE A 95 22.08 -13.64 29.51
C PHE A 95 22.97 -13.98 28.33
N SER A 96 22.49 -13.72 27.13
CA SER A 96 23.21 -14.01 25.90
C SER A 96 24.03 -12.79 25.46
N LYS A 97 24.67 -12.89 24.30
CA LYS A 97 25.47 -11.80 23.78
C LYS A 97 24.54 -10.68 23.32
N HIS A 98 24.43 -9.63 24.13
CA HIS A 98 23.57 -8.50 23.79
C HIS A 98 23.74 -8.13 22.32
N ASP A 99 22.66 -8.18 21.56
CA ASP A 99 22.69 -7.88 20.13
C ASP A 99 22.17 -6.48 19.85
N ILE A 100 22.54 -5.94 18.69
CA ILE A 100 22.10 -4.62 18.26
C ILE A 100 20.80 -4.78 17.47
N ILE A 101 19.68 -4.69 18.17
CA ILE A 101 18.37 -4.82 17.55
C ILE A 101 18.20 -3.87 16.36
N GLY A 102 18.92 -2.73 16.38
CA GLY A 102 18.81 -1.79 15.29
C GLY A 102 19.51 -0.47 15.57
N GLU A 103 19.47 0.43 14.59
CA GLU A 103 20.11 1.73 14.74
C GLU A 103 19.61 2.70 13.66
N PHE A 104 20.04 3.96 13.76
CA PHE A 104 19.68 4.99 12.79
C PHE A 104 20.74 6.09 12.80
N LYS A 105 20.87 6.81 11.68
CA LYS A 105 21.85 7.88 11.56
C LYS A 105 21.41 8.89 10.51
N VAL A 106 22.01 10.08 10.54
CA VAL A 106 21.68 11.14 9.59
C VAL A 106 22.87 12.08 9.40
N PRO A 107 23.15 12.45 8.15
CA PRO A 107 24.25 13.37 7.82
C PRO A 107 24.01 14.76 8.40
N MET A 108 24.66 15.04 9.53
CA MET A 108 24.49 16.33 10.21
C MET A 108 24.66 17.51 9.25
N ASN A 109 25.60 17.42 8.31
CA ASN A 109 25.82 18.51 7.36
C ASN A 109 24.51 18.88 6.66
N THR A 110 23.66 17.89 6.40
CA THR A 110 22.38 18.12 5.75
C THR A 110 21.31 18.55 6.77
N VAL A 111 21.66 18.51 8.06
CA VAL A 111 20.74 18.88 9.11
C VAL A 111 20.92 20.36 9.46
N ASP A 112 20.25 21.21 8.71
CA ASP A 112 20.32 22.65 8.94
C ASP A 112 19.78 23.01 10.31
N PHE A 113 20.68 23.17 11.27
CA PHE A 113 20.31 23.51 12.64
C PHE A 113 19.77 24.94 12.73
N GLY A 114 18.62 25.17 12.10
CA GLY A 114 17.99 26.47 12.13
C GLY A 114 17.38 26.79 13.48
N HIS A 115 16.73 25.79 14.08
CA HIS A 115 16.12 25.95 15.39
C HIS A 115 16.12 24.61 16.13
N VAL A 116 15.17 23.74 15.77
CA VAL A 116 15.05 22.43 16.38
C VAL A 116 14.64 21.39 15.33
N THR A 117 15.36 20.29 15.30
CA THR A 117 15.10 19.22 14.35
C THR A 117 14.23 18.14 15.00
N GLU A 118 12.93 18.27 14.83
CA GLU A 118 11.98 17.30 15.37
C GLU A 118 11.37 16.50 14.24
N GLU A 119 11.32 15.17 14.40
CA GLU A 119 10.77 14.30 13.37
C GLU A 119 10.58 12.88 13.88
N TRP A 120 9.78 12.09 13.17
CA TRP A 120 9.53 10.70 13.53
C TRP A 120 10.52 9.80 12.79
N ARG A 121 11.72 9.67 13.35
CA ARG A 121 12.78 8.88 12.75
C ARG A 121 12.42 7.40 12.66
N ASP A 122 12.70 6.82 11.51
CA ASP A 122 12.46 5.40 11.26
C ASP A 122 13.65 4.59 11.75
N LEU A 123 13.38 3.46 12.38
CA LEU A 123 14.43 2.62 12.93
C LEU A 123 14.68 1.39 12.04
N GLN A 124 15.95 1.05 11.84
CA GLN A 124 16.32 -0.10 11.03
C GLN A 124 17.25 -1.04 11.80
N SER A 125 17.07 -2.33 11.58
CA SER A 125 17.87 -3.36 12.24
C SER A 125 19.19 -3.58 11.51
N ALA A 126 19.99 -2.52 11.37
CA ALA A 126 21.27 -2.64 10.70
C ALA A 126 22.29 -3.29 11.63
N GLU A 127 22.60 -4.56 11.35
CA GLU A 127 23.56 -5.32 12.15
C GLU A 127 24.97 -4.77 11.95
N LYS A 128 25.23 -3.62 12.55
CA LYS A 128 26.52 -2.97 12.43
C LYS A 128 27.16 -2.81 13.82
N TYR B 1 33.85 14.88 -21.05
CA TYR B 1 34.71 15.37 -19.95
C TYR B 1 34.80 14.32 -18.84
N LYS B 2 35.42 13.18 -19.16
CA LYS B 2 35.57 12.09 -18.19
C LYS B 2 36.15 12.62 -16.88
N LYS B 3 35.31 12.66 -15.86
CA LYS B 3 35.69 13.15 -14.54
C LYS B 3 34.74 12.59 -13.48
N PRO B 4 34.88 13.04 -12.20
CA PRO B 4 34.04 12.60 -11.08
C PRO B 4 32.72 11.95 -11.50
N LYS B 5 32.67 10.62 -11.38
CA LYS B 5 31.47 9.88 -11.73
C LYS B 5 30.65 9.61 -10.47
N LEU B 6 29.54 10.33 -10.33
CA LEU B 6 28.67 10.17 -9.17
C LEU B 6 27.72 9.00 -9.39
N LEU B 7 27.58 8.16 -8.36
CA LEU B 7 26.71 6.99 -8.44
C LEU B 7 26.01 6.75 -7.10
N TYR B 8 24.71 6.45 -7.15
CA TYR B 8 23.93 6.17 -5.96
C TYR B 8 22.69 5.36 -6.32
N CYS B 9 21.94 4.90 -5.33
CA CYS B 9 20.74 4.11 -5.60
C CYS B 9 19.67 4.35 -4.53
N SER B 10 18.44 3.91 -4.82
CA SER B 10 17.31 4.06 -3.92
C SER B 10 16.82 5.50 -3.95
N ASN B 11 15.56 5.69 -4.33
CA ASN B 11 14.97 7.01 -4.40
C ASN B 11 15.22 7.78 -3.11
N GLY B 12 15.78 8.97 -3.22
CA GLY B 12 16.07 9.79 -2.06
C GLY B 12 17.47 10.37 -2.12
N GLY B 13 17.58 11.64 -1.74
CA GLY B 13 18.86 12.31 -1.74
C GLY B 13 19.90 11.57 -0.94
N HIS B 14 20.82 10.90 -1.63
CA HIS B 14 21.90 10.15 -0.99
C HIS B 14 22.97 9.80 -2.02
N PHE B 15 24.20 10.24 -1.79
CA PHE B 15 25.30 9.99 -2.72
C PHE B 15 26.39 9.15 -2.05
N LEU B 16 27.09 8.35 -2.83
CA LEU B 16 28.15 7.50 -2.31
C LEU B 16 29.39 8.34 -1.99
N ARG B 17 29.57 8.67 -0.71
CA ARG B 17 30.71 9.47 -0.29
C ARG B 17 31.85 8.56 0.17
N ILE B 18 32.89 8.48 -0.64
CA ILE B 18 34.03 7.64 -0.32
C ILE B 18 35.08 8.38 0.50
N LEU B 19 35.70 7.66 1.43
CA LEU B 19 36.74 8.24 2.27
C LEU B 19 37.95 7.32 2.29
N PRO B 20 39.17 7.90 2.26
CA PRO B 20 40.42 7.14 2.25
C PRO B 20 40.42 6.01 3.28
N ASP B 21 39.70 6.22 4.38
CA ASP B 21 39.58 5.24 5.45
C ASP B 21 38.98 3.93 4.92
N GLY B 22 37.95 4.06 4.10
CA GLY B 22 37.28 2.89 3.54
C GLY B 22 35.79 2.89 3.82
N THR B 23 35.40 3.45 4.97
CA THR B 23 33.99 3.49 5.35
C THR B 23 33.22 4.50 4.49
N VAL B 24 32.77 4.04 3.32
CA VAL B 24 32.00 4.86 2.41
C VAL B 24 30.52 4.81 2.78
N ASP B 25 29.87 5.96 2.87
CA ASP B 25 28.45 6.03 3.20
C ASP B 25 27.67 6.83 2.16
N GLY B 26 26.35 6.71 2.21
CA GLY B 26 25.49 7.41 1.26
C GLY B 26 25.19 8.82 1.71
N THR B 27 26.21 9.66 1.74
CA THR B 27 26.07 11.05 2.15
C THR B 27 25.25 11.84 1.12
N ARG B 28 24.24 12.55 1.57
CA ARG B 28 23.41 13.33 0.66
C ARG B 28 23.92 14.76 0.60
N ASP B 29 25.11 14.93 0.03
CA ASP B 29 25.72 16.25 -0.10
C ASP B 29 26.60 16.32 -1.34
N ARG B 30 26.74 17.51 -1.89
CA ARG B 30 27.57 17.73 -3.08
C ARG B 30 28.46 18.96 -2.89
N SER B 31 28.71 19.32 -1.64
CA SER B 31 29.53 20.48 -1.31
C SER B 31 30.98 20.05 -1.16
N ASP B 32 31.19 18.92 -0.48
CA ASP B 32 32.54 18.40 -0.27
C ASP B 32 32.89 17.36 -1.34
N GLN B 33 34.01 17.56 -2.01
CA GLN B 33 34.44 16.63 -3.06
C GLN B 33 34.84 15.27 -2.49
N HIS B 34 33.84 14.47 -2.13
CA HIS B 34 34.09 13.13 -1.60
C HIS B 34 33.03 12.14 -2.06
N ILE B 35 32.25 12.50 -3.08
CA ILE B 35 31.19 11.63 -3.60
C ILE B 35 31.37 11.42 -5.11
N GLN B 36 32.61 11.18 -5.51
CA GLN B 36 32.92 10.98 -6.92
C GLN B 36 33.95 9.87 -7.09
N LEU B 37 33.68 8.97 -8.03
CA LEU B 37 34.56 7.86 -8.31
C LEU B 37 34.86 7.81 -9.81
N GLN B 38 36.01 7.25 -10.19
CA GLN B 38 36.37 7.16 -11.59
C GLN B 38 35.85 5.86 -12.20
N LEU B 39 34.54 5.81 -12.41
CA LEU B 39 33.89 4.65 -13.00
C LEU B 39 34.17 4.60 -14.51
N SER B 40 34.65 3.46 -14.98
CA SER B 40 34.97 3.28 -16.38
C SER B 40 35.03 1.79 -16.74
N ALA B 41 34.81 1.49 -18.02
CA ALA B 41 34.87 0.12 -18.50
C ALA B 41 36.30 -0.25 -18.81
N GLU B 42 36.93 -1.02 -17.93
CA GLU B 42 38.31 -1.42 -18.10
C GLU B 42 38.42 -2.46 -19.22
N SER B 43 37.65 -3.53 -19.09
CA SER B 43 37.63 -4.60 -20.09
C SER B 43 36.25 -4.70 -20.72
N VAL B 44 36.11 -5.56 -21.73
CA VAL B 44 34.82 -5.74 -22.41
C VAL B 44 33.70 -6.05 -21.41
N GLY B 45 33.01 -5.00 -20.98
CA GLY B 45 31.92 -5.17 -20.03
C GLY B 45 32.36 -5.06 -18.59
N GLU B 46 33.66 -5.16 -18.33
CA GLU B 46 34.20 -5.10 -16.98
C GLU B 46 34.46 -3.65 -16.58
N VAL B 47 33.64 -3.12 -15.68
CA VAL B 47 33.80 -1.75 -15.20
C VAL B 47 34.40 -1.75 -13.81
N TYR B 48 35.27 -0.78 -13.55
CA TYR B 48 35.93 -0.66 -12.25
C TYR B 48 35.49 0.62 -11.53
N ILE B 49 35.45 0.54 -10.20
CA ILE B 49 35.08 1.68 -9.39
C ILE B 49 36.27 2.13 -8.56
N LYS B 50 36.90 3.21 -8.98
CA LYS B 50 38.07 3.74 -8.30
C LYS B 50 37.93 5.23 -8.05
N SER B 51 37.83 5.62 -6.79
CA SER B 51 37.71 7.02 -6.42
C SER B 51 39.09 7.66 -6.37
N THR B 52 39.76 7.65 -7.51
CA THR B 52 41.11 8.18 -7.63
C THR B 52 41.21 9.63 -7.16
N GLU B 53 40.62 10.54 -7.91
CA GLU B 53 40.68 11.97 -7.58
C GLU B 53 39.64 12.36 -6.54
N THR B 54 39.66 11.70 -5.38
CA THR B 54 38.71 12.00 -4.31
C THR B 54 38.83 11.04 -3.12
N GLY B 55 39.01 9.75 -3.37
CA GLY B 55 39.10 8.81 -2.28
C GLY B 55 40.11 7.71 -2.49
N GLN B 56 39.61 6.50 -2.67
CA GLN B 56 40.45 5.32 -2.84
C GLN B 56 39.85 4.33 -3.83
N TYR B 57 40.52 3.19 -3.99
CA TYR B 57 40.07 2.13 -4.89
C TYR B 57 39.20 1.15 -4.10
N LEU B 58 38.18 0.61 -4.76
CA LEU B 58 37.29 -0.33 -4.09
C LEU B 58 37.87 -1.75 -4.07
N ALA B 59 37.44 -2.53 -3.08
CA ALA B 59 37.87 -3.90 -2.91
C ALA B 59 36.85 -4.65 -2.05
N MET B 60 35.82 -5.15 -2.69
CA MET B 60 34.74 -5.86 -2.01
C MET B 60 35.27 -6.98 -1.13
N ASP B 61 34.63 -7.17 0.02
CA ASP B 61 35.01 -8.22 0.96
C ASP B 61 34.18 -9.45 0.66
N THR B 62 34.61 -10.22 -0.32
CA THR B 62 33.89 -11.43 -0.71
C THR B 62 32.48 -11.08 -1.18
N ASP B 63 32.34 -9.90 -1.81
CA ASP B 63 31.05 -9.40 -2.28
C ASP B 63 30.15 -9.04 -1.10
N GLY B 64 29.99 -9.99 -0.17
CA GLY B 64 29.18 -9.77 1.02
C GLY B 64 29.22 -8.33 1.52
N LEU B 65 30.42 -7.85 1.80
CA LEU B 65 30.60 -6.49 2.27
C LEU B 65 31.41 -5.68 1.26
N LEU B 66 30.94 -4.49 0.93
CA LEU B 66 31.61 -3.65 -0.04
C LEU B 66 32.50 -2.63 0.67
N TYR B 67 33.76 -2.56 0.27
CA TYR B 67 34.70 -1.61 0.85
C TYR B 67 35.81 -1.28 -0.14
N GLY B 68 36.70 -0.39 0.24
CA GLY B 68 37.80 -0.01 -0.63
C GLY B 68 38.74 0.97 0.05
N SER B 69 40.04 0.85 -0.24
CA SER B 69 41.03 1.74 0.35
C SER B 69 42.44 1.26 0.04
N GLN B 70 42.79 0.07 0.52
CA GLN B 70 44.13 -0.48 0.34
C GLN B 70 44.48 -0.71 -1.13
N THR B 71 43.85 -1.71 -1.75
CA THR B 71 44.15 -2.03 -3.15
C THR B 71 42.91 -2.45 -3.94
N PRO B 72 42.85 -2.12 -5.24
CA PRO B 72 41.73 -2.48 -6.10
C PRO B 72 41.79 -3.95 -6.51
N ASN B 73 41.53 -4.83 -5.55
CA ASN B 73 41.56 -6.26 -5.80
C ASN B 73 40.50 -6.67 -6.83
N GLU B 74 40.71 -7.81 -7.48
CA GLU B 74 39.77 -8.31 -8.51
C GLU B 74 38.32 -8.18 -8.03
N GLU B 75 38.10 -8.31 -6.72
CA GLU B 75 36.77 -8.13 -6.13
C GLU B 75 36.10 -6.86 -6.67
N CYS B 76 36.90 -5.88 -7.07
CA CYS B 76 36.38 -4.62 -7.58
C CYS B 76 36.02 -4.66 -9.07
N LEU B 77 36.14 -5.82 -9.72
CA LEU B 77 35.77 -5.91 -11.14
C LEU B 77 34.30 -6.29 -11.28
N PHE B 78 33.53 -5.44 -11.93
CA PHE B 78 32.10 -5.68 -12.11
C PHE B 78 31.68 -5.57 -13.57
N LEU B 79 30.71 -6.38 -13.96
CA LEU B 79 30.19 -6.37 -15.32
C LEU B 79 29.14 -5.26 -15.46
N GLU B 80 29.35 -4.38 -16.43
CA GLU B 80 28.43 -3.26 -16.66
C GLU B 80 27.14 -3.74 -17.32
N ARG B 81 26.02 -3.59 -16.60
CA ARG B 81 24.71 -3.97 -17.11
C ARG B 81 23.72 -2.82 -16.94
N LEU B 82 22.74 -2.74 -17.81
CA LEU B 82 21.75 -1.67 -17.75
C LEU B 82 20.34 -2.25 -17.64
N GLU B 83 19.50 -1.62 -16.82
CA GLU B 83 18.13 -2.07 -16.64
C GLU B 83 17.17 -1.04 -17.20
N GLU B 84 16.10 -1.50 -17.83
CA GLU B 84 15.09 -0.62 -18.42
C GLU B 84 14.25 0.05 -17.33
N ASN B 85 14.94 0.66 -16.37
CA ASN B 85 14.29 1.33 -15.25
C ASN B 85 15.06 2.60 -14.88
N HIS B 86 15.85 3.12 -15.83
CA HIS B 86 16.67 4.31 -15.61
C HIS B 86 17.68 4.08 -14.49
N TYR B 87 18.32 2.91 -14.50
CA TYR B 87 19.31 2.56 -13.49
C TYR B 87 20.40 1.67 -14.08
N ASN B 88 21.58 1.73 -13.47
CA ASN B 88 22.73 0.95 -13.91
C ASN B 88 22.92 -0.27 -13.01
N THR B 89 23.40 -1.36 -13.59
CA THR B 89 23.62 -2.58 -12.86
C THR B 89 25.07 -3.04 -13.05
N TYR B 90 25.71 -3.47 -11.97
CA TYR B 90 27.09 -3.93 -12.03
C TYR B 90 27.22 -5.29 -11.36
N ILE B 91 27.57 -6.29 -12.15
CA ILE B 91 27.70 -7.65 -11.63
C ILE B 91 29.14 -7.96 -11.21
N SER B 92 29.32 -8.22 -9.92
CA SER B 92 30.64 -8.55 -9.39
C SER B 92 31.06 -9.92 -9.90
N LYS B 93 31.56 -9.97 -11.13
CA LYS B 93 31.99 -11.22 -11.77
C LYS B 93 32.80 -12.06 -10.78
N LYS B 94 33.58 -11.41 -9.93
CA LYS B 94 34.38 -12.11 -8.93
C LYS B 94 33.51 -13.06 -8.10
N HIS B 95 32.23 -12.73 -7.95
CA HIS B 95 31.30 -13.56 -7.19
C HIS B 95 30.04 -13.88 -7.99
N ALA B 96 30.05 -13.57 -9.29
CA ALA B 96 28.91 -13.83 -10.15
C ALA B 96 28.47 -15.29 -10.03
N GLU B 97 29.44 -16.16 -9.76
CA GLU B 97 29.19 -17.59 -9.59
C GLU B 97 28.04 -17.83 -8.60
N LYS B 98 27.94 -16.96 -7.59
CA LYS B 98 26.88 -17.07 -6.60
C LYS B 98 25.70 -16.16 -6.94
N ASN B 99 25.68 -15.65 -8.17
CA ASN B 99 24.63 -14.74 -8.61
C ASN B 99 24.59 -13.49 -7.72
N TRP B 100 25.77 -13.06 -7.30
CA TRP B 100 25.91 -11.89 -6.43
C TRP B 100 26.39 -10.68 -7.22
N PHE B 101 25.64 -9.58 -7.13
CA PHE B 101 26.00 -8.36 -7.81
C PHE B 101 25.88 -7.16 -6.89
N VAL B 102 27.03 -6.49 -6.64
CA VAL B 102 27.18 -5.31 -5.77
C VAL B 102 25.86 -4.61 -5.43
N GLY B 103 25.59 -4.52 -4.13
CA GLY B 103 24.39 -3.86 -3.63
C GLY B 103 24.69 -3.06 -2.38
N LEU B 104 24.24 -1.81 -2.33
CA LEU B 104 24.50 -0.95 -1.17
C LEU B 104 23.21 -0.48 -0.50
N LYS B 105 23.33 -0.06 0.75
CA LYS B 105 22.19 0.43 1.51
C LYS B 105 22.23 1.96 1.58
N LYS B 106 21.36 2.61 0.81
CA LYS B 106 21.28 4.07 0.74
C LYS B 106 21.40 4.70 2.14
N ASN B 107 20.72 4.12 3.11
CA ASN B 107 20.74 4.63 4.49
C ASN B 107 21.50 3.68 5.40
N GLY B 108 22.57 3.06 4.89
CA GLY B 108 23.35 2.14 5.69
C GLY B 108 24.80 2.09 5.28
N SER B 109 25.04 1.85 3.98
CA SER B 109 26.37 1.75 3.39
C SER B 109 26.38 0.60 2.38
N CYS B 110 27.49 0.43 1.69
CA CYS B 110 27.61 -0.64 0.69
C CYS B 110 28.03 -1.95 1.36
N LYS B 111 27.08 -2.84 1.58
CA LYS B 111 27.35 -4.15 2.18
C LYS B 111 26.07 -4.98 2.29
N ARG B 112 25.70 -5.57 1.18
CA ARG B 112 24.50 -6.39 1.09
C ARG B 112 24.72 -7.57 0.17
N GLY B 113 25.96 -8.08 0.11
CA GLY B 113 26.26 -9.24 -0.74
C GLY B 113 25.31 -10.40 -0.52
N PRO B 114 25.07 -10.84 0.75
CA PRO B 114 24.12 -11.94 1.02
C PRO B 114 22.70 -11.64 0.49
N ARG B 115 22.48 -10.38 0.12
CA ARG B 115 21.19 -9.94 -0.42
C ARG B 115 21.34 -9.29 -1.80
N THR B 116 22.31 -9.76 -2.60
CA THR B 116 22.52 -9.20 -3.93
C THR B 116 21.98 -10.12 -5.03
N HIS B 117 20.66 -10.20 -5.10
CA HIS B 117 19.99 -11.03 -6.09
C HIS B 117 18.67 -10.35 -6.48
N TYR B 118 17.58 -11.09 -6.55
CA TYR B 118 16.29 -10.50 -6.88
C TYR B 118 15.46 -10.30 -5.62
N GLY B 119 15.50 -9.08 -5.10
CA GLY B 119 14.78 -8.73 -3.89
C GLY B 119 15.11 -7.32 -3.46
N GLN B 120 16.41 -7.03 -3.40
CA GLN B 120 16.89 -5.71 -3.05
C GLN B 120 17.03 -4.89 -4.32
N LYS B 121 16.24 -3.83 -4.41
CA LYS B 121 16.25 -2.97 -5.60
C LYS B 121 17.46 -2.04 -5.59
N ALA B 122 18.07 -1.86 -4.42
CA ALA B 122 19.25 -1.00 -4.27
C ALA B 122 20.35 -1.35 -5.28
N ILE B 123 20.26 -2.52 -5.90
CA ILE B 123 21.23 -2.95 -6.90
C ILE B 123 21.12 -2.12 -8.18
N LEU B 124 19.98 -1.47 -8.37
CA LEU B 124 19.76 -0.62 -9.53
C LEU B 124 20.24 0.80 -9.21
N PHE B 125 21.52 1.05 -9.48
CA PHE B 125 22.13 2.34 -9.19
C PHE B 125 21.79 3.39 -10.25
N LEU B 126 21.71 4.63 -9.82
CA LEU B 126 21.42 5.75 -10.71
C LEU B 126 22.67 6.60 -10.84
N PRO B 127 23.34 6.54 -12.01
CA PRO B 127 24.57 7.29 -12.26
C PRO B 127 24.33 8.71 -12.78
N LEU B 128 25.16 9.64 -12.32
CA LEU B 128 25.09 11.03 -12.75
C LEU B 128 26.49 11.52 -13.14
N PRO B 129 27.22 10.75 -13.97
CA PRO B 129 28.57 11.10 -14.40
C PRO B 129 28.60 12.09 -15.56
N VAL B 130 29.68 12.86 -15.63
CA VAL B 130 29.86 13.84 -16.70
C VAL B 130 30.35 13.15 -17.96
N SER B 131 29.39 12.68 -18.76
CA SER B 131 29.70 12.00 -20.01
C SER B 131 30.29 12.96 -21.04
N SER B 132 30.65 12.42 -22.20
CA SER B 132 31.21 13.22 -23.28
C SER B 132 30.21 13.31 -24.43
N ASP B 133 29.09 13.97 -24.16
CA ASP B 133 28.02 14.14 -25.14
C ASP B 133 28.18 15.46 -25.88
N MET C 1 -0.98 8.64 -13.95
CA MET C 1 -0.01 8.16 -14.96
C MET C 1 0.39 6.73 -14.65
N ALA C 2 1.68 6.41 -14.85
CA ALA C 2 2.17 5.08 -14.53
C ALA C 2 2.14 4.88 -13.02
N ALA C 3 2.53 3.70 -12.57
CA ALA C 3 2.52 3.36 -11.16
C ALA C 3 1.05 3.23 -10.73
N GLU C 4 0.32 2.38 -11.43
CA GLU C 4 -1.09 2.18 -11.16
C GLU C 4 -1.30 1.18 -10.02
N PRO C 5 -2.17 1.53 -9.06
CA PRO C 5 -2.47 0.68 -7.92
C PRO C 5 -3.42 -0.45 -8.30
N LEU C 6 -3.09 -1.66 -7.86
CA LEU C 6 -3.91 -2.83 -8.13
C LEU C 6 -4.97 -2.99 -7.04
N THR C 7 -5.62 -4.15 -7.00
CA THR C 7 -6.63 -4.39 -5.98
C THR C 7 -5.97 -4.61 -4.62
N GLU C 8 -6.73 -4.36 -3.55
CA GLU C 8 -6.23 -4.49 -2.18
C GLU C 8 -5.59 -5.86 -1.91
N LEU C 9 -6.09 -6.90 -2.56
CA LEU C 9 -5.59 -8.24 -2.38
C LEU C 9 -4.27 -8.47 -3.13
N GLU C 10 -4.13 -7.86 -4.33
CA GLU C 10 -2.87 -7.94 -5.07
C GLU C 10 -1.76 -7.18 -4.31
N GLU C 11 -2.13 -6.02 -3.74
CA GLU C 11 -1.22 -5.21 -2.91
C GLU C 11 -0.61 -6.10 -1.80
N SER C 12 -1.49 -6.77 -1.06
CA SER C 12 -1.05 -7.53 0.11
C SER C 12 -0.28 -8.79 -0.24
N ILE C 13 -0.63 -9.54 -1.30
CA ILE C 13 0.22 -10.65 -1.72
C ILE C 13 1.58 -10.11 -2.18
N GLU C 14 1.61 -9.01 -2.93
CA GLU C 14 2.89 -8.47 -3.37
C GLU C 14 3.75 -8.15 -2.14
N THR C 15 3.27 -7.31 -1.21
CA THR C 15 4.11 -6.86 -0.10
C THR C 15 4.78 -8.02 0.66
N VAL C 16 4.05 -9.13 0.87
CA VAL C 16 4.63 -10.31 1.50
C VAL C 16 5.53 -11.07 0.52
N VAL C 17 5.16 -11.18 -0.76
CA VAL C 17 5.98 -11.83 -1.78
C VAL C 17 7.34 -11.13 -1.91
N THR C 18 7.37 -9.79 -1.96
CA THR C 18 8.65 -9.06 -2.06
C THR C 18 9.53 -9.31 -0.82
N THR C 19 8.90 -9.31 0.36
CA THR C 19 9.59 -9.59 1.61
C THR C 19 10.16 -11.01 1.59
N PHE C 20 9.31 -12.00 1.29
CA PHE C 20 9.73 -13.37 1.02
C PHE C 20 10.95 -13.37 0.10
N PHE C 21 10.84 -12.71 -1.04
CA PHE C 21 11.91 -12.66 -2.05
C PHE C 21 13.22 -12.06 -1.54
N THR C 22 13.17 -11.15 -0.57
CA THR C 22 14.39 -10.54 -0.05
C THR C 22 15.14 -11.50 0.89
N PHE C 23 14.57 -12.70 1.07
CA PHE C 23 15.17 -13.73 1.92
C PHE C 23 15.36 -15.03 1.13
N ALA C 24 14.45 -15.28 0.17
CA ALA C 24 14.47 -16.46 -0.68
C ALA C 24 15.76 -16.55 -1.47
N ARG C 25 16.31 -15.40 -1.86
CA ARG C 25 17.53 -15.36 -2.66
C ARG C 25 18.82 -15.20 -1.85
N GLN C 26 18.72 -15.27 -0.52
CA GLN C 26 19.90 -15.13 0.33
C GLN C 26 21.00 -16.10 -0.07
N GLU C 27 20.59 -17.29 -0.51
CA GLU C 27 21.52 -18.33 -0.94
C GLU C 27 21.04 -18.97 -2.24
N GLY C 28 21.50 -20.20 -2.47
CA GLY C 28 21.12 -20.99 -3.64
C GLY C 28 19.61 -21.05 -3.91
N ARG C 29 19.26 -20.74 -5.17
CA ARG C 29 17.88 -20.71 -5.66
C ARG C 29 17.04 -19.60 -4.99
N LYS C 30 16.62 -18.61 -5.80
CA LYS C 30 15.83 -17.49 -5.27
C LYS C 30 14.33 -17.81 -5.18
N ASP C 31 14.03 -19.03 -4.74
CA ASP C 31 12.66 -19.48 -4.57
C ASP C 31 12.59 -20.19 -3.23
N SER C 32 13.52 -21.12 -3.01
CA SER C 32 13.58 -21.90 -1.79
C SER C 32 14.32 -21.15 -0.70
N LEU C 33 13.78 -21.17 0.52
CA LEU C 33 14.51 -20.83 1.72
C LEU C 33 15.19 -22.10 2.21
N SER C 34 16.52 -22.13 2.32
CA SER C 34 17.18 -23.20 3.06
C SER C 34 17.16 -22.86 4.55
N VAL C 35 17.72 -23.75 5.38
CA VAL C 35 17.56 -23.72 6.84
C VAL C 35 17.88 -22.32 7.43
N ASN C 36 19.10 -21.82 7.19
CA ASN C 36 19.51 -20.48 7.68
C ASN C 36 18.54 -19.42 7.16
N GLU C 37 18.46 -19.35 5.83
CA GLU C 37 17.52 -18.51 5.10
C GLU C 37 16.16 -18.42 5.79
N PHE C 38 15.61 -19.58 6.12
CA PHE C 38 14.32 -19.69 6.77
C PHE C 38 14.39 -19.06 8.15
N LYS C 39 15.37 -19.50 8.97
CA LYS C 39 15.54 -18.97 10.31
C LYS C 39 15.67 -17.44 10.31
N GLU C 40 16.30 -16.89 9.27
CA GLU C 40 16.48 -15.44 9.15
C GLU C 40 15.16 -14.66 9.07
N LEU C 41 14.11 -15.28 8.49
CA LEU C 41 12.82 -14.61 8.36
C LEU C 41 12.25 -14.41 9.76
N VAL C 42 12.17 -15.51 10.50
CA VAL C 42 11.50 -15.53 11.79
C VAL C 42 12.29 -14.69 12.77
N THR C 43 13.59 -14.94 12.87
CA THR C 43 14.46 -14.23 13.81
C THR C 43 14.46 -12.70 13.63
N GLN C 44 14.21 -12.22 12.41
CA GLN C 44 14.24 -10.78 12.16
C GLN C 44 12.86 -10.11 12.21
N GLN C 45 11.96 -10.52 11.30
CA GLN C 45 10.65 -9.90 11.21
C GLN C 45 9.54 -10.65 11.96
N LEU C 46 9.90 -11.52 12.89
CA LEU C 46 8.87 -12.25 13.65
C LEU C 46 9.31 -12.54 15.08
N PRO C 47 9.27 -11.51 15.95
CA PRO C 47 9.65 -11.61 17.35
C PRO C 47 8.48 -11.78 18.32
N HIS C 48 7.24 -11.58 17.85
CA HIS C 48 6.06 -11.69 18.71
C HIS C 48 5.20 -12.90 18.36
N LEU C 49 4.71 -12.93 17.11
CA LEU C 49 3.85 -14.01 16.63
C LEU C 49 4.35 -15.38 17.04
N LEU C 50 5.51 -15.78 16.50
CA LEU C 50 6.19 -17.02 16.80
C LEU C 50 7.47 -16.65 17.54
N LYS C 51 7.32 -16.34 18.83
CA LYS C 51 8.44 -15.93 19.68
C LYS C 51 9.44 -17.05 19.92
N ASP C 52 9.22 -18.20 19.29
CA ASP C 52 10.12 -19.34 19.43
C ASP C 52 11.25 -19.23 18.42
N VAL C 53 12.29 -18.49 18.78
CA VAL C 53 13.46 -18.30 17.92
C VAL C 53 14.54 -19.34 18.24
N GLY C 54 14.13 -20.44 18.85
CA GLY C 54 15.06 -21.49 19.20
C GLY C 54 14.67 -22.84 18.62
N SER C 55 13.36 -23.10 18.56
CA SER C 55 12.86 -24.35 18.03
C SER C 55 12.39 -24.21 16.58
N LEU C 56 13.21 -23.54 15.77
CA LEU C 56 12.93 -23.34 14.37
C LEU C 56 12.95 -24.70 13.66
N ASP C 57 13.75 -25.64 14.15
CA ASP C 57 13.78 -27.02 13.68
C ASP C 57 12.37 -27.63 13.67
N GLU C 58 11.61 -27.47 14.76
CA GLU C 58 10.25 -27.96 14.86
C GLU C 58 9.40 -27.38 13.73
N LYS C 59 9.42 -26.05 13.57
CA LYS C 59 8.69 -25.41 12.49
C LYS C 59 9.13 -26.04 11.16
N MET C 60 10.43 -26.08 10.91
CA MET C 60 11.02 -26.61 9.69
C MET C 60 10.44 -28.00 9.39
N LYS C 61 10.53 -28.93 10.33
CA LYS C 61 9.98 -30.28 10.16
C LYS C 61 8.47 -30.22 9.91
N SER C 62 7.74 -29.37 10.64
CA SER C 62 6.30 -29.21 10.47
C SER C 62 5.94 -28.65 9.09
N LEU C 63 6.83 -27.85 8.50
CA LEU C 63 6.65 -27.20 7.21
C LEU C 63 7.09 -28.10 6.06
N ASP C 64 8.39 -28.44 6.03
CA ASP C 64 9.03 -29.18 4.95
C ASP C 64 8.64 -30.66 5.04
N VAL C 65 7.41 -30.99 4.66
CA VAL C 65 6.86 -32.34 4.75
C VAL C 65 7.79 -33.41 4.16
N ASN C 66 8.45 -33.07 3.05
CA ASN C 66 9.37 -33.97 2.34
C ASN C 66 10.79 -33.95 2.93
N GLN C 67 11.09 -33.03 3.84
CA GLN C 67 12.37 -32.90 4.51
C GLN C 67 13.53 -32.93 3.51
N ASP C 68 13.44 -32.07 2.49
CA ASP C 68 14.50 -31.87 1.50
C ASP C 68 15.47 -30.77 1.97
N SER C 69 15.11 -30.03 3.04
CA SER C 69 15.86 -28.89 3.54
C SER C 69 15.83 -27.72 2.55
N GLU C 70 14.77 -27.66 1.76
CA GLU C 70 14.36 -26.52 0.96
C GLU C 70 12.88 -26.32 1.22
N LEU C 71 12.48 -25.18 1.77
CA LEU C 71 11.10 -24.75 1.74
C LEU C 71 10.91 -24.05 0.40
N LYS C 72 10.47 -24.79 -0.64
CA LYS C 72 10.02 -24.19 -1.92
C LYS C 72 8.98 -23.12 -1.63
N PHE C 73 8.72 -22.22 -2.59
CA PHE C 73 7.73 -21.15 -2.46
C PHE C 73 6.47 -21.60 -1.71
N ASN C 74 5.80 -22.64 -2.23
CA ASN C 74 4.56 -23.14 -1.68
C ASN C 74 4.74 -23.80 -0.29
N GLU C 75 5.90 -24.40 -0.04
CA GLU C 75 6.19 -25.02 1.25
C GLU C 75 6.38 -23.91 2.28
N TYR C 76 7.29 -22.97 1.99
CA TYR C 76 7.52 -21.77 2.81
C TYR C 76 6.19 -21.11 3.12
N TRP C 77 5.40 -20.87 2.07
CA TRP C 77 4.10 -20.25 2.16
C TRP C 77 3.29 -20.79 3.34
N ARG C 78 3.36 -22.10 3.66
CA ARG C 78 2.71 -22.68 4.85
C ARG C 78 2.83 -21.77 6.08
N LEU C 79 4.04 -21.30 6.38
CA LEU C 79 4.29 -20.42 7.50
C LEU C 79 3.27 -19.29 7.56
N ILE C 80 2.97 -18.66 6.42
CA ILE C 80 2.10 -17.49 6.35
C ILE C 80 0.71 -17.87 6.88
N GLY C 81 0.34 -19.14 6.79
CA GLY C 81 -0.93 -19.64 7.27
C GLY C 81 -0.91 -19.71 8.76
N GLU C 82 0.20 -20.19 9.29
CA GLU C 82 0.38 -20.38 10.70
C GLU C 82 0.46 -18.99 11.32
N LEU C 83 1.03 -18.02 10.61
CA LEU C 83 1.02 -16.61 10.99
C LEU C 83 -0.41 -16.06 11.01
N ALA C 84 -1.09 -16.10 9.86
CA ALA C 84 -2.44 -15.59 9.66
C ALA C 84 -3.45 -16.27 10.59
N LYS C 85 -3.13 -17.49 11.00
CA LYS C 85 -3.85 -18.21 12.03
C LYS C 85 -3.49 -17.62 13.38
N GLU C 86 -2.22 -17.68 13.79
CA GLU C 86 -1.71 -17.19 15.08
C GLU C 86 -2.27 -15.80 15.45
N ILE C 87 -2.23 -14.83 14.53
CA ILE C 87 -2.72 -13.49 14.83
C ILE C 87 -4.15 -13.48 15.41
N ARG C 88 -5.00 -14.41 14.98
CA ARG C 88 -6.33 -14.64 15.53
C ARG C 88 -6.25 -15.63 16.69
N LYS C 89 -5.65 -16.79 16.42
CA LYS C 89 -5.66 -17.99 17.22
C LYS C 89 -4.97 -17.80 18.57
N LYS C 90 -4.04 -16.86 18.71
CA LYS C 90 -2.67 -17.23 19.05
C LYS C 90 -2.58 -18.45 19.97
N LYS C 91 -3.03 -18.38 21.22
CA LYS C 91 -3.03 -19.51 22.16
C LYS C 91 -4.41 -19.63 22.83
N ASP C 92 -5.47 -19.55 22.00
CA ASP C 92 -6.91 -19.67 22.30
C ASP C 92 -7.19 -21.03 22.92
N LEU C 93 -6.77 -21.18 24.18
CA LEU C 93 -6.70 -22.40 24.95
C LEU C 93 -6.26 -21.99 26.36
N LYS C 94 -5.17 -21.22 26.45
CA LYS C 94 -4.69 -20.61 27.69
C LYS C 94 -4.69 -19.08 27.62
N ILE C 95 -4.21 -18.51 26.50
CA ILE C 95 -3.92 -17.08 26.39
C ILE C 95 -4.39 -16.57 25.01
N ARG C 96 -5.42 -15.73 24.86
CA ARG C 96 -6.44 -15.23 25.79
C ARG C 96 -7.43 -14.30 25.06
N DLY C 97 -7.03 -13.31 24.24
CA DLY C 97 -5.72 -12.90 23.72
C DLY C 97 -6.01 -12.18 22.37
O DLY C 97 -6.74 -12.78 21.58
CB DLY C 97 -4.86 -12.25 24.80
CG DLY C 97 -5.45 -11.06 25.62
CD DLY C 97 -4.32 -10.34 26.39
CE DLY C 97 -4.18 -8.82 26.11
NZ DLY C 97 -5.21 -7.99 26.75
H DLY C 97 -7.77 -12.76 23.91
HA DLY C 97 -6.39 -11.93 23.89
HB2 DLY C 97 -4.58 -13.01 25.51
HB3 DLY C 97 -3.95 -11.89 24.33
HG2 DLY C 97 -5.93 -10.37 24.94
HG3 DLY C 97 -6.17 -11.44 26.32
HD2 DLY C 97 -4.50 -10.46 27.45
HD3 DLY C 97 -3.39 -10.81 26.14
HE2 DLY C 97 -3.21 -8.51 26.47
HE3 DLY C 97 -4.22 -8.67 25.04
HZ1 DLY C 97 -5.04 -6.99 26.51
HZ2 DLY C 97 -5.17 -8.10 27.78
HZ3 DLY C 97 -6.16 -8.26 26.41
N DLY C 98 -5.55 -10.99 21.98
CA DLY C 98 -4.55 -10.11 22.51
C DLY C 98 -3.19 -10.49 21.92
O DLY C 98 -3.04 -10.38 20.68
CB DLY C 98 -4.98 -8.67 22.24
CG DLY C 98 -6.47 -8.37 22.53
CD DLY C 98 -6.70 -6.87 22.77
CE DLY C 98 -6.22 -5.99 21.60
NZ DLY C 98 -5.92 -4.62 22.05
H DLY C 98 -5.99 -10.65 21.16
HA DLY C 98 -4.53 -10.18 21.34
HB2 DLY C 98 -4.39 -8.01 22.85
HB3 DLY C 98 -4.80 -8.44 21.19
HG2 DLY C 98 -7.06 -8.69 21.68
HG3 DLY C 98 -6.77 -8.92 23.40
HD2 DLY C 98 -7.75 -6.71 22.93
HD3 DLY C 98 -6.16 -6.58 23.66
HE2 DLY C 98 -5.33 -6.41 21.18
HE3 DLY C 98 -7.00 -5.95 20.86
HZ1 DLY C 98 -5.64 -4.03 21.24
HZ2 DLY C 98 -5.15 -4.63 22.74
HZ3 DLY C 98 -6.77 -4.20 22.50
N MET D 1 -10.64 -7.43 21.85
CA MET D 1 -11.65 -6.71 21.07
C MET D 1 -11.04 -6.27 19.73
N ALA D 2 -9.96 -5.49 19.76
CA ALA D 2 -9.25 -5.06 18.54
C ALA D 2 -7.93 -4.34 18.85
N ALA D 3 -6.81 -4.88 18.39
CA ALA D 3 -5.63 -4.17 17.87
C ALA D 3 -5.30 -2.75 18.37
N GLU D 4 -4.34 -2.62 19.30
CA GLU D 4 -3.38 -1.52 19.34
C GLU D 4 -2.20 -1.88 18.38
N PRO D 5 -1.08 -1.09 18.30
CA PRO D 5 0.07 -1.31 17.40
C PRO D 5 0.35 -2.74 16.97
N LEU D 6 0.65 -2.86 15.68
CA LEU D 6 1.01 -4.11 15.04
C LEU D 6 2.25 -3.85 14.18
N THR D 7 2.85 -4.88 13.60
CA THR D 7 4.03 -4.69 12.77
C THR D 7 3.67 -4.18 11.37
N GLU D 8 4.67 -4.02 10.51
CA GLU D 8 4.47 -3.53 9.15
C GLU D 8 3.71 -4.55 8.28
N LEU D 9 4.01 -5.83 8.48
CA LEU D 9 3.37 -6.90 7.72
C LEU D 9 1.99 -7.24 8.29
N GLU D 10 1.73 -6.80 9.52
CA GLU D 10 0.44 -7.05 10.17
C GLU D 10 -0.62 -6.06 9.66
N GLU D 11 -0.18 -4.87 9.19
CA GLU D 11 -1.08 -3.90 8.58
C GLU D 11 -1.79 -4.54 7.38
N SER D 12 -1.02 -5.14 6.48
CA SER D 12 -1.52 -5.61 5.21
C SER D 12 -2.41 -6.86 5.35
N ILE D 13 -2.26 -7.64 6.42
CA ILE D 13 -3.28 -8.64 6.77
C ILE D 13 -4.49 -7.97 7.42
N GLU D 14 -4.33 -6.88 8.18
CA GLU D 14 -5.47 -6.14 8.70
C GLU D 14 -6.34 -5.61 7.55
N THR D 15 -5.75 -4.86 6.61
CA THR D 15 -6.52 -4.13 5.60
C THR D 15 -7.58 -5.02 4.92
N VAL D 16 -7.23 -6.27 4.63
CA VAL D 16 -8.16 -7.22 4.04
C VAL D 16 -9.20 -7.71 5.06
N VAL D 17 -8.81 -7.90 6.33
CA VAL D 17 -9.73 -8.25 7.40
C VAL D 17 -10.76 -7.13 7.58
N THR D 18 -10.33 -5.86 7.50
CA THR D 18 -11.26 -4.73 7.60
C THR D 18 -12.39 -4.86 6.55
N THR D 19 -12.10 -5.52 5.42
CA THR D 19 -13.09 -5.77 4.37
C THR D 19 -14.02 -6.90 4.85
N PHE D 20 -13.39 -7.97 5.35
CA PHE D 20 -14.07 -9.12 5.93
C PHE D 20 -15.13 -8.64 6.93
N PHE D 21 -14.67 -7.84 7.90
CA PHE D 21 -15.50 -7.32 8.99
C PHE D 21 -16.68 -6.44 8.54
N THR D 22 -16.52 -5.73 7.43
CA THR D 22 -17.59 -4.86 6.98
C THR D 22 -18.50 -5.53 5.95
N PHE D 23 -18.53 -6.86 6.02
CA PHE D 23 -19.36 -7.67 5.15
C PHE D 23 -20.01 -8.79 5.96
N ALA D 24 -19.35 -9.14 7.07
CA ALA D 24 -19.85 -10.20 7.94
C ALA D 24 -20.76 -9.68 9.03
N ARG D 25 -20.88 -8.36 9.13
CA ARG D 25 -21.79 -7.74 10.11
C ARG D 25 -23.17 -7.41 9.50
N GLN D 26 -23.49 -7.95 8.32
CA GLN D 26 -24.77 -7.69 7.64
C GLN D 26 -25.97 -8.29 8.41
N GLU D 27 -26.18 -9.60 8.24
CA GLU D 27 -27.27 -10.33 8.93
C GLU D 27 -26.84 -10.54 10.38
N GLY D 28 -26.70 -11.78 10.85
CA GLY D 28 -26.16 -11.93 12.18
C GLY D 28 -24.69 -11.55 12.20
N ARG D 29 -24.18 -11.24 13.39
CA ARG D 29 -22.87 -11.70 13.85
C ARG D 29 -21.70 -11.41 12.89
N LYS D 30 -20.90 -10.42 13.27
CA LYS D 30 -19.73 -9.97 12.50
C LYS D 30 -18.55 -10.96 12.57
N ASP D 31 -18.52 -11.79 13.60
CA ASP D 31 -17.47 -12.77 13.81
C ASP D 31 -17.57 -13.99 12.86
N SER D 32 -18.69 -14.18 12.16
CA SER D 32 -18.88 -15.27 11.20
C SER D 32 -19.41 -14.76 9.85
N LEU D 33 -18.87 -15.28 8.75
CA LEU D 33 -19.46 -15.05 7.45
C LEU D 33 -20.76 -15.84 7.35
N SER D 34 -21.79 -15.17 6.83
CA SER D 34 -23.14 -15.66 6.61
C SER D 34 -23.40 -15.59 5.09
N VAL D 35 -24.42 -16.30 4.55
CA VAL D 35 -24.52 -16.46 3.09
C VAL D 35 -25.53 -15.49 2.47
N ASN D 36 -25.37 -14.23 2.84
CA ASN D 36 -25.57 -13.05 2.05
C ASN D 36 -24.69 -11.97 2.71
N GLU D 37 -23.43 -12.41 2.76
CA GLU D 37 -22.26 -11.71 3.26
C GLU D 37 -21.07 -12.25 2.46
N PHE D 38 -21.06 -13.60 2.32
CA PHE D 38 -20.11 -14.32 1.51
C PHE D 38 -20.39 -14.09 0.02
N LYS D 39 -21.61 -14.43 -0.44
CA LYS D 39 -21.90 -14.30 -1.86
C LYS D 39 -21.76 -12.84 -2.30
N GLU D 40 -22.16 -11.91 -1.43
CA GLU D 40 -22.02 -10.48 -1.74
C GLU D 40 -20.55 -10.08 -1.78
N LEU D 41 -19.71 -10.82 -1.04
CA LEU D 41 -18.27 -10.56 -0.99
C LEU D 41 -17.58 -11.07 -2.25
N VAL D 42 -17.86 -12.32 -2.64
CA VAL D 42 -17.26 -12.89 -3.83
C VAL D 42 -17.74 -12.15 -5.07
N THR D 43 -19.03 -11.85 -5.16
CA THR D 43 -19.59 -11.18 -6.32
C THR D 43 -19.08 -9.74 -6.50
N GLN D 44 -18.74 -9.06 -5.41
CA GLN D 44 -18.29 -7.67 -5.50
C GLN D 44 -16.77 -7.50 -5.41
N GLN D 45 -16.17 -8.08 -4.37
CA GLN D 45 -14.73 -7.93 -4.14
C GLN D 45 -13.89 -8.93 -4.93
N LEU D 46 -14.43 -10.12 -5.21
CA LEU D 46 -13.66 -11.13 -5.95
C LEU D 46 -14.38 -11.58 -7.24
N PRO D 47 -14.74 -10.65 -8.15
CA PRO D 47 -15.42 -11.01 -9.39
C PRO D 47 -14.46 -11.37 -10.52
N HIS D 48 -13.22 -10.92 -10.40
CA HIS D 48 -12.19 -11.18 -11.40
C HIS D 48 -11.22 -12.24 -10.88
N LEU D 49 -10.83 -12.09 -9.62
CA LEU D 49 -9.91 -13.02 -8.97
C LEU D 49 -10.55 -14.40 -8.87
N LEU D 50 -11.80 -14.44 -8.41
CA LEU D 50 -12.53 -15.68 -8.31
C LEU D 50 -13.56 -15.77 -9.41
N LYS D 51 -13.25 -16.58 -10.43
CA LYS D 51 -14.15 -16.76 -11.58
C LYS D 51 -15.18 -17.84 -11.32
N ASP D 52 -15.64 -17.91 -10.07
CA ASP D 52 -16.64 -18.88 -9.66
C ASP D 52 -17.64 -18.25 -8.71
N VAL D 53 -18.26 -17.16 -9.18
CA VAL D 53 -19.24 -16.44 -8.38
C VAL D 53 -20.60 -17.13 -8.41
N GLY D 54 -20.81 -18.00 -9.40
CA GLY D 54 -22.09 -18.69 -9.53
C GLY D 54 -22.01 -20.06 -8.88
N SER D 55 -20.79 -20.48 -8.56
CA SER D 55 -20.56 -21.78 -7.93
C SER D 55 -19.97 -21.61 -6.53
N LEU D 56 -20.35 -20.51 -5.86
CA LEU D 56 -19.90 -20.22 -4.51
C LEU D 56 -20.25 -21.38 -3.60
N ASP D 57 -21.50 -21.85 -3.68
CA ASP D 57 -22.09 -22.91 -2.88
C ASP D 57 -21.16 -24.12 -2.71
N GLU D 58 -20.45 -24.52 -3.78
CA GLU D 58 -19.45 -25.58 -3.71
C GLU D 58 -18.30 -25.17 -2.80
N LYS D 59 -17.76 -23.96 -3.00
CA LYS D 59 -16.68 -23.43 -2.19
C LYS D 59 -17.13 -23.37 -0.73
N MET D 60 -18.34 -22.84 -0.52
CA MET D 60 -18.95 -22.78 0.81
C MET D 60 -18.94 -24.16 1.46
N LYS D 61 -19.48 -25.18 0.79
CA LYS D 61 -19.50 -26.53 1.32
C LYS D 61 -18.07 -27.00 1.64
N SER D 62 -17.13 -26.74 0.74
CA SER D 62 -15.72 -27.11 0.92
C SER D 62 -15.10 -26.38 2.12
N LEU D 63 -15.46 -25.11 2.31
CA LEU D 63 -14.95 -24.25 3.37
C LEU D 63 -15.49 -24.71 4.72
N ASP D 64 -16.82 -24.75 4.84
CA ASP D 64 -17.57 -24.77 6.09
C ASP D 64 -17.27 -25.93 7.05
N VAL D 65 -16.56 -26.96 6.61
CA VAL D 65 -16.82 -28.41 6.69
C VAL D 65 -17.50 -28.97 7.95
N ASN D 66 -17.47 -28.29 9.10
CA ASN D 66 -18.39 -28.64 10.17
C ASN D 66 -19.85 -28.51 9.69
N GLN D 67 -20.07 -27.68 8.67
CA GLN D 67 -21.34 -27.51 7.97
C GLN D 67 -22.41 -26.88 8.88
N ASP D 68 -21.99 -26.22 9.96
CA ASP D 68 -22.87 -25.36 10.76
C ASP D 68 -23.40 -24.20 9.91
N SER D 69 -22.75 -23.91 8.77
CA SER D 69 -23.11 -22.85 7.84
C SER D 69 -22.85 -21.45 8.43
N GLU D 70 -22.16 -21.37 9.57
CA GLU D 70 -21.39 -20.20 9.91
C GLU D 70 -20.01 -20.44 9.32
N LEU D 71 -19.65 -19.65 8.30
CA LEU D 71 -18.30 -19.70 7.78
C LEU D 71 -17.42 -19.02 8.83
N LYS D 72 -16.72 -19.85 9.61
CA LYS D 72 -16.21 -19.47 10.92
C LYS D 72 -14.90 -18.69 10.78
N PHE D 73 -14.41 -18.15 11.90
CA PHE D 73 -13.25 -17.27 11.96
C PHE D 73 -12.00 -18.17 11.90
N ASN D 74 -11.77 -18.67 10.68
CA ASN D 74 -10.86 -19.67 10.16
C ASN D 74 -11.60 -21.01 10.04
N GLU D 75 -12.78 -21.01 9.42
CA GLU D 75 -13.02 -21.66 8.15
C GLU D 75 -12.75 -20.66 7.02
N TYR D 76 -13.52 -19.55 7.04
CA TYR D 76 -13.60 -18.52 6.00
C TYR D 76 -12.24 -18.22 5.40
N TRP D 77 -11.30 -17.92 6.29
CA TRP D 77 -9.97 -17.44 5.96
C TRP D 77 -9.35 -18.19 4.78
N ARG D 78 -9.55 -19.52 4.73
CA ARG D 78 -9.13 -20.37 3.63
C ARG D 78 -9.33 -19.69 2.27
N LEU D 79 -10.48 -19.05 2.05
CA LEU D 79 -10.81 -18.37 0.81
C LEU D 79 -9.68 -17.45 0.35
N ILE D 80 -9.18 -16.59 1.25
CA ILE D 80 -8.12 -15.64 0.96
C ILE D 80 -6.89 -16.44 0.49
N GLY D 81 -6.74 -17.66 0.99
CA GLY D 81 -5.70 -18.62 0.66
C GLY D 81 -5.81 -19.11 -0.75
N GLU D 82 -7.05 -19.42 -1.12
CA GLU D 82 -7.34 -19.96 -2.41
C GLU D 82 -7.10 -18.84 -3.42
N LEU D 83 -7.61 -17.63 -3.20
CA LEU D 83 -7.19 -16.51 -4.05
C LEU D 83 -5.66 -16.33 -4.06
N ALA D 84 -5.02 -16.37 -2.88
CA ALA D 84 -3.58 -16.19 -2.77
C ALA D 84 -2.83 -17.17 -3.67
N LYS D 85 -3.14 -18.47 -3.60
CA LYS D 85 -2.51 -19.41 -4.52
C LYS D 85 -3.01 -19.20 -5.95
N GLU D 86 -4.31 -18.94 -6.19
CA GLU D 86 -4.93 -18.83 -7.52
C GLU D 86 -4.08 -18.00 -8.47
N ILE D 87 -3.59 -16.84 -8.00
CA ILE D 87 -2.75 -15.97 -8.82
C ILE D 87 -1.58 -16.75 -9.46
N ARG D 88 -0.99 -17.67 -8.71
CA ARG D 88 0.01 -18.64 -9.16
C ARG D 88 -0.64 -19.87 -9.81
N LYS D 89 -1.77 -20.34 -9.27
CA LYS D 89 -2.31 -21.66 -9.48
C LYS D 89 -3.67 -21.61 -10.20
N LYS D 90 -3.63 -21.41 -11.51
CA LYS D 90 -4.76 -21.32 -12.44
C LYS D 90 -5.92 -22.28 -12.08
N LYS D 91 -5.67 -23.59 -11.96
CA LYS D 91 -6.72 -24.55 -11.60
C LYS D 91 -6.19 -25.82 -10.92
N ASP D 92 -4.87 -25.93 -10.75
CA ASP D 92 -4.17 -27.21 -10.83
C ASP D 92 -4.04 -27.83 -9.44
N LEU D 93 -5.14 -27.88 -8.67
CA LEU D 93 -5.15 -28.40 -7.31
C LEU D 93 -5.52 -29.88 -7.27
N DLY D 94 -6.65 -30.24 -7.87
CA DLY D 94 -7.31 -31.53 -7.67
C DLY D 94 -7.41 -31.89 -6.18
O DLY D 94 -8.29 -31.38 -5.50
CB DLY D 94 -8.72 -31.47 -8.29
CG DLY D 94 -9.45 -30.14 -7.93
CD DLY D 94 -10.95 -30.26 -7.73
CE DLY D 94 -11.41 -30.68 -6.31
NZ DLY D 94 -10.88 -31.98 -5.85
H DLY D 94 -7.06 -29.60 -8.49
HA DLY D 94 -7.67 -30.68 -6.99
HB2 DLY D 94 -8.63 -31.53 -9.36
HB3 DLY D 94 -9.31 -32.28 -7.92
HG2 DLY D 94 -9.03 -29.75 -7.02
HG3 DLY D 94 -9.26 -29.44 -8.72
HD2 DLY D 94 -11.40 -29.31 -7.96
HD3 DLY D 94 -11.32 -31.00 -8.44
HE2 DLY D 94 -11.07 -29.92 -5.63
HE3 DLY D 94 -12.49 -30.71 -6.29
HZ1 DLY D 94 -11.22 -32.19 -4.90
HZ2 DLY D 94 -9.84 -31.98 -5.85
HZ3 DLY D 94 -11.21 -32.74 -6.49
N ILE D 95 -6.59 -32.83 -5.71
CA ILE D 95 -6.68 -33.52 -4.43
C ILE D 95 -8.03 -34.23 -4.19
N ARG D 96 -7.97 -35.31 -3.40
CA ARG D 96 -9.08 -36.13 -2.94
C ARG D 96 -8.51 -37.00 -1.83
N LYS D 97 -9.11 -37.03 -0.65
CA LYS D 97 -8.48 -37.52 0.57
C LYS D 97 -9.55 -37.48 1.67
N LYS D 98 -9.79 -38.62 2.33
CA LYS D 98 -10.55 -38.70 3.58
C LYS D 98 -9.52 -38.86 4.70
N TYR E 1 -26.07 32.56 8.73
CA TYR E 1 -26.86 32.67 7.50
C TYR E 1 -27.31 31.29 7.02
N LYS E 2 -28.17 30.64 7.82
CA LYS E 2 -28.66 29.31 7.48
C LYS E 2 -29.20 29.28 6.05
N LYS E 3 -28.46 28.61 5.18
CA LYS E 3 -28.83 28.50 3.77
C LYS E 3 -28.15 27.29 3.14
N PRO E 4 -28.27 27.09 1.81
CA PRO E 4 -27.67 25.99 1.08
C PRO E 4 -26.53 25.29 1.82
N LYS E 5 -26.81 24.10 2.34
CA LYS E 5 -25.82 23.32 3.06
C LYS E 5 -25.19 22.30 2.12
N LEU E 6 -23.96 22.55 1.70
CA LEU E 6 -23.25 21.64 0.80
C LEU E 6 -22.62 20.50 1.60
N LEU E 7 -22.76 19.28 1.09
CA LEU E 7 -22.21 18.10 1.77
C LEU E 7 -21.71 17.09 0.74
N TYR E 8 -20.53 16.52 0.99
CA TYR E 8 -19.94 15.52 0.11
C TYR E 8 -18.92 14.69 0.88
N CYS E 9 -18.39 13.64 0.26
CA CYS E 9 -17.40 12.80 0.92
C CYS E 9 -16.41 12.21 -0.09
N SER E 10 -15.30 11.67 0.44
CA SER E 10 -14.25 11.07 -0.38
C SER E 10 -13.42 12.18 -1.02
N ASN E 11 -12.13 12.18 -0.71
CA ASN E 11 -11.23 13.18 -1.27
C ASN E 11 -11.39 13.28 -2.78
N GLY E 12 -11.63 14.48 -3.27
CA GLY E 12 -11.81 14.70 -4.68
C GLY E 12 -13.00 15.58 -4.98
N GLY E 13 -12.83 16.49 -5.93
CA GLY E 13 -13.90 17.40 -6.29
C GLY E 13 -15.16 16.66 -6.70
N HIS E 14 -16.15 16.65 -5.81
CA HIS E 14 -17.43 16.00 -6.05
C HIS E 14 -18.46 16.48 -5.04
N PHE E 15 -19.56 17.05 -5.51
CA PHE E 15 -20.60 17.56 -4.62
C PHE E 15 -21.91 16.82 -4.85
N LEU E 16 -22.73 16.70 -3.82
CA LEU E 16 -24.00 16.02 -3.91
C LEU E 16 -25.02 16.89 -4.65
N ARG E 17 -25.23 16.61 -5.94
CA ARG E 17 -26.16 17.38 -6.74
C ARG E 17 -27.52 16.68 -6.77
N ILE E 18 -28.48 17.27 -6.07
CA ILE E 18 -29.82 16.71 -5.98
C ILE E 18 -30.71 17.21 -7.11
N LEU E 19 -31.57 16.34 -7.61
CA LEU E 19 -32.49 16.68 -8.67
C LEU E 19 -33.90 16.22 -8.29
N PRO E 20 -34.93 17.04 -8.60
CA PRO E 20 -36.33 16.72 -8.28
C PRO E 20 -36.69 15.27 -8.65
N ASP E 21 -36.03 14.76 -9.69
CA ASP E 21 -36.26 13.39 -10.14
C ASP E 21 -35.96 12.39 -9.03
N GLY E 22 -34.86 12.61 -8.33
CA GLY E 22 -34.46 11.72 -7.25
C GLY E 22 -33.05 11.20 -7.43
N THR E 23 -32.63 11.02 -8.67
CA THR E 23 -31.30 10.52 -8.97
C THR E 23 -30.23 11.57 -8.67
N VAL E 24 -29.81 11.62 -7.41
CA VAL E 24 -28.78 12.55 -6.97
C VAL E 24 -27.39 11.94 -7.19
N ASP E 25 -26.49 12.71 -7.79
CA ASP E 25 -25.13 12.24 -8.06
C ASP E 25 -24.09 13.21 -7.49
N GLY E 26 -22.85 12.74 -7.41
CA GLY E 26 -21.77 13.56 -6.88
C GLY E 26 -21.16 14.47 -7.94
N THR E 27 -21.94 15.42 -8.42
CA THR E 27 -21.49 16.36 -9.43
C THR E 27 -20.43 17.29 -8.87
N ARG E 28 -19.30 17.41 -9.56
CA ARG E 28 -18.24 18.29 -9.10
C ARG E 28 -18.37 19.66 -9.76
N ASP E 29 -19.42 20.38 -9.39
CA ASP E 29 -19.68 21.71 -9.93
C ASP E 29 -20.41 22.58 -8.92
N ARG E 30 -20.20 23.88 -9.01
CA ARG E 30 -20.83 24.84 -8.11
C ARG E 30 -21.41 26.02 -8.90
N SER E 31 -21.67 25.79 -10.19
CA SER E 31 -22.20 26.81 -11.07
C SER E 31 -23.72 26.77 -11.05
N ASP E 32 -24.27 25.55 -11.12
CA ASP E 32 -25.72 25.36 -11.12
C ASP E 32 -26.21 25.07 -9.70
N GLN E 33 -27.19 25.85 -9.24
CA GLN E 33 -27.74 25.68 -7.90
C GLN E 33 -28.52 24.37 -7.77
N HIS E 34 -27.78 23.26 -7.67
CA HIS E 34 -28.41 21.96 -7.49
C HIS E 34 -27.58 21.05 -6.57
N ILE E 35 -26.65 21.64 -5.82
CA ILE E 35 -25.80 20.89 -4.90
C ILE E 35 -25.90 21.47 -3.49
N GLN E 36 -27.11 21.78 -3.07
CA GLN E 36 -27.36 22.36 -1.76
C GLN E 36 -28.60 21.77 -1.11
N LEU E 37 -28.48 21.38 0.14
CA LEU E 37 -29.59 20.80 0.90
C LEU E 37 -29.75 21.55 2.21
N GLN E 38 -30.97 21.56 2.76
CA GLN E 38 -31.22 22.24 4.02
C GLN E 38 -30.98 21.30 5.20
N LEU E 39 -29.71 21.01 5.47
CA LEU E 39 -29.33 20.15 6.57
C LEU E 39 -29.49 20.89 7.90
N SER E 40 -30.20 20.28 8.83
CA SER E 40 -30.42 20.87 10.14
C SER E 40 -30.81 19.81 11.17
N ALA E 41 -30.57 20.09 12.43
CA ALA E 41 -30.92 19.18 13.51
C ALA E 41 -32.37 19.39 13.91
N GLU E 42 -33.23 18.49 13.47
CA GLU E 42 -34.66 18.58 13.76
C GLU E 42 -34.92 18.27 15.23
N SER E 43 -34.46 17.11 15.66
CA SER E 43 -34.62 16.68 17.04
C SER E 43 -33.26 16.54 17.70
N VAL E 44 -33.25 16.25 19.01
CA VAL E 44 -31.99 16.09 19.75
C VAL E 44 -31.08 15.07 19.07
N GLY E 45 -30.18 15.57 18.23
CA GLY E 45 -29.25 14.70 17.53
C GLY E 45 -29.78 14.21 16.18
N GLU E 46 -31.08 14.35 15.96
CA GLU E 46 -31.69 13.91 14.71
C GLU E 46 -31.63 15.00 13.65
N VAL E 47 -30.79 14.80 12.65
CA VAL E 47 -30.63 15.77 11.57
C VAL E 47 -31.35 15.28 10.32
N TYR E 48 -31.96 16.20 9.58
CA TYR E 48 -32.67 15.85 8.36
C TYR E 48 -32.00 16.48 7.15
N ILE E 49 -32.10 15.78 6.02
CA ILE E 49 -31.52 16.24 4.77
C ILE E 49 -32.64 16.54 3.77
N LYS E 50 -32.93 17.81 3.60
CA LYS E 50 -33.99 18.23 2.70
C LYS E 50 -33.51 19.35 1.77
N SER E 51 -33.43 19.04 0.48
CA SER E 51 -32.99 20.02 -0.52
C SER E 51 -34.17 20.90 -0.92
N THR E 52 -34.72 21.59 0.06
CA THR E 52 -35.88 22.45 -0.15
C THR E 52 -35.66 23.47 -1.27
N GLU E 53 -34.80 24.45 -1.02
CA GLU E 53 -34.53 25.51 -1.99
C GLU E 53 -33.52 25.07 -3.05
N THR E 54 -33.81 23.97 -3.75
CA THR E 54 -32.91 23.47 -4.79
C THR E 54 -33.36 22.14 -5.38
N GLY E 55 -33.84 21.22 -4.54
CA GLY E 55 -34.25 19.93 -5.05
C GLY E 55 -35.48 19.37 -4.38
N GLN E 56 -35.28 18.29 -3.62
CA GLN E 56 -36.37 17.60 -2.96
C GLN E 56 -35.95 17.08 -1.58
N TYR E 57 -36.87 16.37 -0.93
CA TYR E 57 -36.62 15.79 0.39
C TYR E 57 -36.08 14.37 0.21
N LEU E 58 -35.19 13.95 1.09
CA LEU E 58 -34.61 12.61 0.99
C LEU E 58 -35.53 11.56 1.62
N ALA E 59 -35.38 10.33 1.15
CA ALA E 59 -36.16 9.21 1.63
C ALA E 59 -35.43 7.90 1.28
N MET E 60 -34.50 7.52 2.13
CA MET E 60 -33.70 6.32 1.93
C MET E 60 -34.57 5.09 1.66
N ASP E 61 -34.09 4.23 0.78
CA ASP E 61 -34.79 3.01 0.44
C ASP E 61 -34.27 1.88 1.33
N THR E 62 -34.80 1.81 2.54
CA THR E 62 -34.38 0.79 3.49
C THR E 62 -32.89 0.95 3.80
N ASP E 63 -32.40 2.20 3.80
CA ASP E 63 -30.99 2.51 4.02
C ASP E 63 -30.13 2.02 2.85
N GLY E 64 -30.30 0.75 2.50
CA GLY E 64 -29.56 0.15 1.39
C GLY E 64 -29.29 1.13 0.27
N LEU E 65 -30.34 1.72 -0.27
CA LEU E 65 -30.22 2.70 -1.35
C LEU E 65 -30.72 4.06 -0.87
N LEU E 66 -29.94 5.09 -1.13
CA LEU E 66 -30.30 6.44 -0.72
C LEU E 66 -30.96 7.20 -1.87
N TYR E 67 -32.12 7.77 -1.61
CA TYR E 67 -32.85 8.53 -2.61
C TYR E 67 -33.76 9.57 -1.95
N GLY E 68 -34.43 10.37 -2.75
CA GLY E 68 -35.32 11.38 -2.22
C GLY E 68 -36.04 12.13 -3.32
N SER E 69 -37.29 12.50 -3.08
CA SER E 69 -38.09 13.23 -4.07
C SER E 69 -39.55 13.34 -3.63
N GLN E 70 -40.21 12.20 -3.50
CA GLN E 70 -41.63 12.17 -3.13
C GLN E 70 -41.89 12.76 -1.75
N THR E 71 -41.49 12.05 -0.69
CA THR E 71 -41.74 12.52 0.66
C THR E 71 -40.57 12.21 1.61
N PRO E 72 -40.33 13.09 2.61
CA PRO E 72 -39.26 12.91 3.59
C PRO E 72 -39.65 11.88 4.64
N ASN E 73 -39.68 10.62 4.23
CA ASN E 73 -40.05 9.54 5.14
C ASN E 73 -39.04 9.41 6.28
N GLU E 74 -39.48 8.81 7.39
CA GLU E 74 -38.60 8.63 8.57
C GLU E 74 -37.21 8.14 8.15
N GLU E 75 -37.15 7.36 7.08
CA GLU E 75 -35.87 6.88 6.54
C GLU E 75 -34.85 8.03 6.43
N CYS E 76 -35.36 9.25 6.28
CA CYS E 76 -34.50 10.43 6.14
C CYS E 76 -34.02 11.00 7.49
N LEU E 77 -34.37 10.37 8.60
CA LEU E 77 -33.92 10.86 9.92
C LEU E 77 -32.59 10.22 10.28
N PHE E 78 -31.57 11.05 10.47
CA PHE E 78 -30.23 10.56 10.80
C PHE E 78 -29.68 11.25 12.06
N LEU E 79 -28.91 10.49 12.83
CA LEU E 79 -28.29 11.01 14.04
C LEU E 79 -26.99 11.74 13.68
N GLU E 80 -26.88 13.00 14.11
CA GLU E 80 -25.71 13.80 13.81
C GLU E 80 -24.52 13.39 14.67
N ARG E 81 -23.47 12.89 14.02
CA ARG E 81 -22.25 12.46 14.71
C ARG E 81 -21.03 13.08 14.05
N LEU E 82 -19.98 13.32 14.82
CA LEU E 82 -18.77 13.93 14.31
C LEU E 82 -17.56 13.03 14.54
N GLU E 83 -16.67 12.95 13.56
CA GLU E 83 -15.47 12.13 13.68
C GLU E 83 -14.23 13.02 13.73
N GLU E 84 -13.27 12.65 14.54
CA GLU E 84 -12.03 13.42 14.68
C GLU E 84 -11.15 13.24 13.44
N ASN E 85 -11.73 13.49 12.28
CA ASN E 85 -11.04 13.35 11.00
C ASN E 85 -11.50 14.44 10.03
N HIS E 86 -12.06 15.54 10.59
CA HIS E 86 -12.57 16.64 9.79
C HIS E 86 -13.70 16.18 8.87
N TYR E 87 -14.60 15.37 9.41
CA TYR E 87 -15.74 14.85 8.65
C TYR E 87 -16.96 14.68 9.55
N ASN E 88 -18.13 14.73 8.92
CA ASN E 88 -19.40 14.58 9.63
C ASN E 88 -19.96 13.18 9.42
N THR E 89 -20.64 12.66 10.44
CA THR E 89 -21.23 11.33 10.36
C THR E 89 -22.72 11.41 10.68
N TYR E 90 -23.53 10.71 9.92
CA TYR E 90 -24.97 10.70 10.13
C TYR E 90 -25.49 9.28 10.19
N ILE E 91 -26.02 8.89 11.34
CA ILE E 91 -26.52 7.54 11.53
C ILE E 91 -28.01 7.45 11.25
N SER E 92 -28.38 6.67 10.23
CA SER E 92 -29.78 6.49 9.86
C SER E 92 -30.49 5.68 10.95
N LYS E 93 -30.86 6.36 12.04
CA LYS E 93 -31.52 5.70 13.16
C LYS E 93 -32.61 4.74 12.68
N LYS E 94 -33.27 5.09 11.58
CA LYS E 94 -34.31 4.24 11.00
C LYS E 94 -33.77 2.82 10.76
N HIS E 95 -32.46 2.69 10.53
CA HIS E 95 -31.84 1.39 10.31
C HIS E 95 -30.63 1.17 11.23
N ALA E 96 -30.45 2.06 12.20
CA ALA E 96 -29.34 1.95 13.14
C ALA E 96 -29.30 0.56 13.75
N GLU E 97 -30.47 -0.06 13.89
CA GLU E 97 -30.59 -1.41 14.44
C GLU E 97 -29.63 -2.37 13.73
N LYS E 98 -29.39 -2.16 12.43
CA LYS E 98 -28.50 -3.03 11.66
C LYS E 98 -27.11 -2.42 11.53
N ASN E 99 -26.83 -1.38 12.32
CA ASN E 99 -25.54 -0.68 12.31
C ASN E 99 -25.29 -0.05 10.94
N TRP E 100 -26.34 0.53 10.37
CA TRP E 100 -26.26 1.14 9.05
C TRP E 100 -26.38 2.67 9.15
N PHE E 101 -25.38 3.37 8.59
CA PHE E 101 -25.36 4.82 8.59
C PHE E 101 -24.99 5.36 7.22
N VAL E 102 -25.94 6.14 6.63
CA VAL E 102 -25.85 6.76 5.29
C VAL E 102 -24.44 6.81 4.72
N GLY E 103 -24.28 6.20 3.54
CA GLY E 103 -23.01 6.19 2.84
C GLY E 103 -23.21 6.34 1.34
N LEU E 104 -22.46 7.25 0.71
CA LEU E 104 -22.59 7.49 -0.72
C LEU E 104 -21.29 7.20 -1.47
N LYS E 105 -21.42 7.00 -2.78
CA LYS E 105 -20.28 6.74 -3.64
C LYS E 105 -19.92 7.98 -4.43
N LYS E 106 -18.84 8.64 -4.03
CA LYS E 106 -18.37 9.87 -4.68
C LYS E 106 -18.47 9.78 -6.20
N ASN E 107 -18.05 8.65 -6.76
CA ASN E 107 -18.09 8.43 -8.20
C ASN E 107 -19.16 7.41 -8.58
N GLY E 108 -20.29 7.45 -7.88
CA GLY E 108 -21.35 6.52 -8.17
C GLY E 108 -22.73 7.07 -7.85
N SER E 109 -22.88 7.54 -6.61
CA SER E 109 -24.13 8.12 -6.09
C SER E 109 -24.35 7.63 -4.65
N CYS E 110 -25.39 8.13 -4.01
CA CYS E 110 -25.69 7.74 -2.64
C CYS E 110 -26.51 6.45 -2.60
N LYS E 111 -25.85 5.32 -2.32
CA LYS E 111 -26.52 4.02 -2.24
C LYS E 111 -25.52 2.92 -1.89
N ARG E 112 -25.18 2.84 -0.61
CA ARG E 112 -24.23 1.85 -0.11
C ARG E 112 -24.63 1.38 1.29
N GLY E 113 -25.94 1.36 1.54
CA GLY E 113 -26.47 0.94 2.83
C GLY E 113 -25.99 -0.42 3.33
N PRO E 114 -25.93 -1.48 2.49
CA PRO E 114 -25.47 -2.80 2.93
C PRO E 114 -23.96 -2.83 3.19
N ARG E 115 -23.30 -1.70 2.93
CA ARG E 115 -21.86 -1.58 3.13
C ARG E 115 -21.53 -0.36 4.00
N THR E 116 -22.40 -0.04 4.96
CA THR E 116 -22.18 1.11 5.83
C THR E 116 -21.67 0.68 7.22
N HIS E 117 -20.35 0.64 7.36
CA HIS E 117 -19.73 0.28 8.64
C HIS E 117 -18.34 0.92 8.73
N TYR E 118 -17.40 0.24 9.38
CA TYR E 118 -16.05 0.78 9.50
C TYR E 118 -15.15 0.29 8.35
N GLY E 119 -15.70 0.32 7.14
CA GLY E 119 -14.97 -0.09 5.95
C GLY E 119 -15.01 0.99 4.91
N GLN E 120 -16.20 1.32 4.45
CA GLN E 120 -16.39 2.37 3.47
C GLN E 120 -16.24 3.71 4.17
N LYS E 121 -15.15 4.41 3.86
CA LYS E 121 -14.83 5.69 4.50
C LYS E 121 -15.76 6.80 3.99
N ALA E 122 -16.42 6.56 2.85
CA ALA E 122 -17.35 7.53 2.26
C ALA E 122 -18.40 8.00 3.27
N ILE E 123 -18.56 7.28 4.38
CA ILE E 123 -19.50 7.64 5.42
C ILE E 123 -19.08 8.95 6.10
N LEU E 124 -17.79 9.26 6.05
CA LEU E 124 -17.27 10.48 6.66
C LEU E 124 -17.41 11.64 5.68
N PHE E 125 -18.55 12.30 5.74
CA PHE E 125 -18.85 13.41 4.84
C PHE E 125 -18.18 14.70 5.28
N LEU E 126 -17.82 15.53 4.31
CA LEU E 126 -17.19 16.81 4.55
C LEU E 126 -18.18 17.93 4.21
N PRO E 127 -18.73 18.60 5.23
CA PRO E 127 -19.71 19.67 5.03
C PRO E 127 -19.07 21.04 4.81
N LEU E 128 -19.69 21.82 3.94
CA LEU E 128 -19.24 23.18 3.63
C LEU E 128 -20.43 24.15 3.68
N PRO E 129 -21.25 24.07 4.75
CA PRO E 129 -22.43 24.92 4.90
C PRO E 129 -22.11 26.32 5.43
N VAL E 130 -22.96 27.28 5.08
CA VAL E 130 -22.78 28.65 5.53
C VAL E 130 -23.31 28.81 6.95
N SER E 131 -22.43 28.55 7.92
CA SER E 131 -22.79 28.65 9.33
C SER E 131 -23.03 30.10 9.75
N SER E 132 -23.40 30.29 11.00
CA SER E 132 -23.65 31.62 11.54
C SER E 132 -22.55 31.98 12.54
N ASP E 133 -21.33 32.11 12.04
CA ASP E 133 -20.18 32.45 12.86
C ASP E 133 -19.93 33.95 12.85
N GLU F 1 -15.30 -1.83 -5.17
CA GLU F 1 -15.84 -1.96 -6.54
C GLU F 1 -14.76 -1.72 -7.58
N LYS F 2 -14.42 -2.76 -8.34
CA LYS F 2 -13.38 -2.65 -9.36
C LYS F 2 -13.77 -3.40 -10.63
N LEU F 3 -13.38 -2.84 -11.77
CA LEU F 3 -13.68 -3.43 -13.08
C LEU F 3 -12.44 -3.37 -13.98
N GLY F 4 -11.38 -2.73 -13.49
CA GLY F 4 -10.15 -2.61 -14.24
C GLY F 4 -9.94 -1.18 -14.71
N LYS F 5 -9.46 -1.02 -15.96
CA LYS F 5 -9.20 0.30 -16.52
C LYS F 5 -9.55 0.34 -18.02
N LEU F 6 -9.93 1.50 -18.52
CA LEU F 6 -10.28 1.68 -19.92
C LEU F 6 -9.61 2.94 -20.46
N GLN F 7 -8.83 2.79 -21.51
CA GLN F 7 -8.15 3.92 -22.11
C GLN F 7 -9.02 4.52 -23.21
N TYR F 8 -9.12 5.84 -23.27
CA TYR F 8 -9.95 6.48 -24.28
C TYR F 8 -9.47 7.88 -24.65
N SER F 9 -9.86 8.30 -25.84
CA SER F 9 -9.54 9.62 -26.38
C SER F 9 -10.80 10.21 -26.99
N LEU F 10 -11.42 11.14 -26.29
CA LEU F 10 -12.66 11.75 -26.76
C LEU F 10 -12.43 13.13 -27.37
N ASP F 11 -12.93 13.33 -28.59
CA ASP F 11 -12.81 14.61 -29.29
C ASP F 11 -14.21 15.15 -29.61
N TYR F 12 -14.31 16.42 -29.96
CA TYR F 12 -15.60 17.03 -30.24
C TYR F 12 -15.73 17.53 -31.68
N ASP F 13 -16.95 17.42 -32.21
CA ASP F 13 -17.25 17.87 -33.57
C ASP F 13 -18.25 19.03 -33.50
N PHE F 14 -17.88 20.16 -34.08
CA PHE F 14 -18.73 21.35 -34.07
C PHE F 14 -19.45 21.58 -35.41
N GLN F 15 -19.39 20.58 -36.29
CA GLN F 15 -20.04 20.67 -37.59
C GLN F 15 -21.38 19.92 -37.54
N ASN F 16 -21.36 18.71 -37.01
CA ASN F 16 -22.56 17.89 -36.88
C ASN F 16 -23.12 17.96 -35.45
N ASN F 17 -22.28 18.43 -34.52
CA ASN F 17 -22.64 18.57 -33.12
C ASN F 17 -22.70 17.23 -32.42
N GLN F 18 -21.54 16.57 -32.32
CA GLN F 18 -21.43 15.29 -31.67
C GLN F 18 -20.03 15.11 -31.08
N LEU F 19 -19.96 14.46 -29.94
CA LEU F 19 -18.68 14.20 -29.30
C LEU F 19 -18.21 12.80 -29.71
N LEU F 20 -16.94 12.70 -30.11
CA LEU F 20 -16.38 11.44 -30.55
C LEU F 20 -15.74 10.70 -29.39
N VAL F 21 -16.45 9.72 -28.85
CA VAL F 21 -15.94 8.92 -27.75
C VAL F 21 -15.08 7.79 -28.30
N GLY F 22 -13.81 8.10 -28.57
CA GLY F 22 -12.90 7.12 -29.11
C GLY F 22 -12.11 6.41 -28.03
N ILE F 23 -12.64 5.30 -27.54
CA ILE F 23 -11.95 4.53 -26.51
C ILE F 23 -10.92 3.61 -27.15
N ILE F 24 -9.84 3.31 -26.43
CA ILE F 24 -8.79 2.46 -26.96
C ILE F 24 -9.07 1.00 -26.64
N GLN F 25 -9.23 0.69 -25.35
CA GLN F 25 -9.51 -0.67 -24.90
C GLN F 25 -9.76 -0.71 -23.39
N ALA F 26 -10.15 -1.88 -22.91
CA ALA F 26 -10.40 -2.09 -21.49
C ALA F 26 -9.46 -3.17 -20.96
N ALA F 27 -8.95 -2.96 -19.75
CA ALA F 27 -8.02 -3.91 -19.15
C ALA F 27 -8.49 -4.39 -17.78
N GLU F 28 -8.24 -5.66 -17.49
CA GLU F 28 -8.57 -6.29 -16.21
C GLU F 28 -10.08 -6.36 -15.95
N LEU F 29 -10.83 -6.89 -16.91
CA LEU F 29 -12.28 -7.03 -16.77
C LEU F 29 -12.62 -8.31 -16.01
N PRO F 30 -13.57 -8.25 -15.05
CA PRO F 30 -13.99 -9.42 -14.26
C PRO F 30 -14.66 -10.50 -15.11
N ALA F 31 -14.73 -11.71 -14.56
CA ALA F 31 -15.32 -12.84 -15.27
C ALA F 31 -16.81 -13.00 -14.94
N LEU F 32 -17.51 -13.74 -15.80
CA LEU F 32 -18.94 -13.98 -15.64
C LEU F 32 -19.27 -15.42 -16.05
N ASP F 33 -18.71 -15.84 -17.18
CA ASP F 33 -18.93 -17.19 -17.70
C ASP F 33 -18.06 -18.21 -16.96
N MET F 34 -18.60 -19.41 -16.75
CA MET F 34 -17.86 -20.48 -16.07
C MET F 34 -16.55 -20.79 -16.77
N GLY F 35 -15.44 -20.51 -16.08
CA GLY F 35 -14.13 -20.75 -16.66
C GLY F 35 -13.14 -19.68 -16.24
N GLY F 36 -13.40 -18.44 -16.66
CA GLY F 36 -12.52 -17.35 -16.31
C GLY F 36 -12.57 -16.18 -17.27
N THR F 37 -13.58 -16.16 -18.14
CA THR F 37 -13.74 -15.09 -19.12
C THR F 37 -15.21 -14.71 -19.32
N SER F 38 -15.44 -13.55 -19.95
CA SER F 38 -16.79 -13.08 -20.21
C SER F 38 -16.89 -12.51 -21.63
N ASP F 39 -18.11 -12.12 -22.00
CA ASP F 39 -18.36 -11.53 -23.31
C ASP F 39 -18.76 -10.07 -23.11
N PRO F 40 -17.84 -9.24 -22.59
CA PRO F 40 -18.12 -7.84 -22.27
C PRO F 40 -18.21 -6.93 -23.49
N TYR F 41 -19.33 -6.22 -23.58
CA TYR F 41 -19.57 -5.25 -24.63
C TYR F 41 -20.06 -3.95 -23.97
N VAL F 42 -19.46 -2.84 -24.36
CA VAL F 42 -19.82 -1.56 -23.77
C VAL F 42 -21.11 -1.00 -24.37
N LYS F 43 -22.10 -0.76 -23.52
CA LYS F 43 -23.37 -0.21 -23.95
C LYS F 43 -23.43 1.25 -23.54
N VAL F 44 -23.20 2.13 -24.50
CA VAL F 44 -23.20 3.57 -24.23
C VAL F 44 -24.61 4.06 -23.92
N PHE F 45 -24.77 4.59 -22.71
CA PHE F 45 -26.06 5.11 -22.27
C PHE F 45 -25.92 6.56 -21.83
N LEU F 46 -27.06 7.22 -21.61
CA LEU F 46 -27.07 8.62 -21.20
C LEU F 46 -28.10 8.85 -20.11
N LEU F 47 -27.90 9.92 -19.35
CA LEU F 47 -28.82 10.30 -18.29
C LEU F 47 -30.21 10.61 -18.89
N PRO F 48 -31.18 11.12 -18.09
CA PRO F 48 -32.53 11.46 -18.55
C PRO F 48 -32.59 11.77 -20.04
N ASP F 49 -31.63 12.56 -20.53
CA ASP F 49 -31.55 12.91 -21.95
C ASP F 49 -31.94 11.70 -22.82
N LYS F 50 -31.29 10.57 -22.53
CA LYS F 50 -31.54 9.30 -23.23
C LYS F 50 -31.64 9.44 -24.76
N LYS F 51 -30.96 10.44 -25.33
CA LYS F 51 -31.00 10.62 -26.79
C LYS F 51 -29.79 9.96 -27.44
N LYS F 52 -29.64 8.67 -27.21
CA LYS F 52 -28.53 7.90 -27.77
C LYS F 52 -28.46 6.53 -27.13
N LYS F 53 -28.25 5.51 -27.96
CA LYS F 53 -28.16 4.14 -27.50
C LYS F 53 -27.42 3.29 -28.53
N PHE F 54 -26.20 2.88 -28.21
CA PHE F 54 -25.40 2.08 -29.13
C PHE F 54 -24.88 0.82 -28.44
N GLU F 55 -24.90 -0.29 -29.17
CA GLU F 55 -24.44 -1.56 -28.66
C GLU F 55 -23.17 -1.98 -29.40
N THR F 56 -22.09 -2.19 -28.67
CA THR F 56 -20.82 -2.58 -29.26
C THR F 56 -20.85 -4.05 -29.70
N LYS F 57 -19.81 -4.47 -30.41
CA LYS F 57 -19.75 -5.84 -30.90
C LYS F 57 -19.36 -6.77 -29.76
N VAL F 58 -20.18 -7.77 -29.51
CA VAL F 58 -19.90 -8.74 -28.46
C VAL F 58 -18.48 -9.26 -28.59
N HIS F 59 -17.76 -9.30 -27.47
CA HIS F 59 -16.39 -9.79 -27.45
C HIS F 59 -16.35 -11.11 -26.69
N ARG F 60 -16.55 -12.20 -27.44
CA ARG F 60 -16.58 -13.54 -26.87
C ARG F 60 -15.35 -13.88 -26.03
N LYS F 61 -15.62 -14.30 -24.79
CA LYS F 61 -14.60 -14.73 -23.83
C LYS F 61 -13.33 -13.88 -23.92
N THR F 62 -13.37 -12.68 -23.37
CA THR F 62 -12.21 -11.79 -23.38
C THR F 62 -12.32 -10.73 -22.29
N LEU F 63 -11.27 -10.62 -21.49
CA LEU F 63 -11.22 -9.67 -20.39
C LEU F 63 -10.29 -8.49 -20.70
N ASN F 64 -9.76 -8.48 -21.91
CA ASN F 64 -8.86 -7.43 -22.35
C ASN F 64 -8.95 -7.29 -23.87
N PRO F 65 -10.16 -7.06 -24.40
CA PRO F 65 -10.40 -6.94 -25.83
C PRO F 65 -10.17 -5.54 -26.37
N VAL F 66 -9.77 -5.48 -27.63
CA VAL F 66 -9.53 -4.21 -28.31
C VAL F 66 -10.46 -4.11 -29.52
N PHE F 67 -10.90 -2.90 -29.84
CA PHE F 67 -11.81 -2.71 -30.96
C PHE F 67 -11.88 -1.24 -31.35
N ASN F 68 -12.09 -0.37 -30.37
CA ASN F 68 -12.18 1.06 -30.61
C ASN F 68 -13.45 1.39 -31.37
N GLU F 69 -14.60 1.28 -30.70
CA GLU F 69 -15.87 1.59 -31.31
C GLU F 69 -16.10 3.10 -31.34
N GLN F 70 -16.86 3.57 -32.32
CA GLN F 70 -17.14 4.98 -32.47
C GLN F 70 -18.52 5.33 -31.93
N PHE F 71 -18.55 5.98 -30.77
CA PHE F 71 -19.81 6.39 -30.15
C PHE F 71 -20.08 7.86 -30.44
N THR F 72 -21.21 8.13 -31.08
CA THR F 72 -21.61 9.48 -31.42
C THR F 72 -22.51 10.07 -30.34
N PHE F 73 -21.96 10.98 -29.55
CA PHE F 73 -22.70 11.64 -28.49
C PHE F 73 -23.68 12.65 -29.10
N LYS F 74 -24.84 12.14 -29.53
CA LYS F 74 -25.87 12.97 -30.13
C LYS F 74 -26.41 14.02 -29.15
N VAL F 75 -25.79 15.20 -29.18
CA VAL F 75 -26.20 16.32 -28.33
C VAL F 75 -25.31 17.52 -28.61
N PRO F 76 -25.91 18.69 -28.84
CA PRO F 76 -25.16 19.91 -29.13
C PRO F 76 -24.15 20.23 -28.05
N TYR F 77 -22.93 20.61 -28.45
CA TYR F 77 -21.88 20.94 -27.49
C TYR F 77 -22.41 21.88 -26.41
N SER F 78 -23.22 22.85 -26.82
CA SER F 78 -23.82 23.82 -25.93
C SER F 78 -24.74 23.15 -24.90
N GLU F 79 -25.26 21.98 -25.25
CA GLU F 79 -26.17 21.23 -24.39
C GLU F 79 -25.40 20.25 -23.49
N LEU F 80 -24.25 19.78 -23.99
CA LEU F 80 -23.41 18.82 -23.25
C LEU F 80 -23.28 19.19 -21.77
N GLY F 81 -23.23 20.49 -21.49
CA GLY F 81 -23.09 20.95 -20.11
C GLY F 81 -24.06 20.29 -19.15
N GLY F 82 -25.27 19.98 -19.64
CA GLY F 82 -26.27 19.34 -18.80
C GLY F 82 -26.49 17.87 -19.12
N LYS F 83 -25.46 17.21 -19.63
CA LYS F 83 -25.59 15.79 -19.99
C LYS F 83 -24.39 14.97 -19.50
N THR F 84 -24.65 14.09 -18.56
CA THR F 84 -23.62 13.21 -18.02
C THR F 84 -23.65 11.87 -18.76
N LEU F 85 -22.62 11.60 -19.56
CA LEU F 85 -22.55 10.35 -20.31
C LEU F 85 -22.14 9.21 -19.39
N VAL F 86 -22.68 8.02 -19.65
CA VAL F 86 -22.37 6.86 -18.83
C VAL F 86 -22.04 5.66 -19.72
N MET F 87 -20.86 5.09 -19.52
CA MET F 87 -20.41 3.94 -20.29
C MET F 87 -20.43 2.70 -19.43
N ALA F 88 -21.38 1.82 -19.70
CA ALA F 88 -21.50 0.57 -18.96
C ALA F 88 -21.11 -0.62 -19.81
N VAL F 89 -20.25 -1.48 -19.27
CA VAL F 89 -19.82 -2.66 -19.99
C VAL F 89 -20.72 -3.84 -19.63
N TYR F 90 -21.45 -4.32 -20.61
CA TYR F 90 -22.38 -5.42 -20.43
C TYR F 90 -21.78 -6.73 -20.93
N ASP F 91 -22.06 -7.81 -20.22
CA ASP F 91 -21.56 -9.13 -20.61
C ASP F 91 -22.55 -9.80 -21.56
N PHE F 92 -22.07 -10.82 -22.27
CA PHE F 92 -22.90 -11.55 -23.20
C PHE F 92 -22.62 -13.04 -23.13
N ASP F 93 -22.49 -13.57 -21.91
CA ASP F 93 -22.23 -15.00 -21.68
C ASP F 93 -23.07 -15.88 -22.61
N ARG F 94 -24.33 -15.45 -22.83
CA ARG F 94 -25.27 -16.13 -23.72
C ARG F 94 -25.96 -17.32 -23.04
N PHE F 95 -25.98 -17.33 -21.71
CA PHE F 95 -26.61 -18.42 -20.97
C PHE F 95 -27.41 -17.88 -19.79
N SER F 96 -26.73 -17.21 -18.88
CA SER F 96 -27.37 -16.65 -17.68
C SER F 96 -27.82 -15.21 -17.93
N LYS F 97 -28.31 -14.55 -16.89
CA LYS F 97 -28.76 -13.18 -17.00
C LYS F 97 -27.54 -12.26 -17.16
N HIS F 98 -27.28 -11.83 -18.38
CA HIS F 98 -26.14 -10.95 -18.65
C HIS F 98 -26.04 -9.88 -17.57
N ASP F 99 -24.91 -9.84 -16.87
CA ASP F 99 -24.70 -8.89 -15.79
C ASP F 99 -23.81 -7.72 -16.23
N ILE F 100 -23.93 -6.59 -15.51
CA ILE F 100 -23.14 -5.41 -15.82
C ILE F 100 -21.84 -5.50 -15.04
N ILE F 101 -20.80 -6.06 -15.65
CA ILE F 101 -19.50 -6.21 -14.97
C ILE F 101 -19.00 -4.89 -14.41
N GLY F 102 -19.38 -3.77 -15.03
CA GLY F 102 -18.95 -2.48 -14.52
C GLY F 102 -19.31 -1.33 -15.44
N GLU F 103 -18.95 -0.11 -15.01
CA GLU F 103 -19.23 1.08 -15.79
C GLU F 103 -18.41 2.27 -15.27
N PHE F 104 -18.49 3.39 -15.98
CA PHE F 104 -17.80 4.62 -15.60
C PHE F 104 -18.53 5.83 -16.20
N LYS F 105 -18.38 6.99 -15.56
CA LYS F 105 -19.02 8.21 -16.03
C LYS F 105 -18.26 9.44 -15.55
N VAL F 106 -18.51 10.58 -16.19
CA VAL F 106 -17.85 11.82 -15.83
C VAL F 106 -18.73 13.03 -16.19
N PRO F 107 -18.81 14.01 -15.28
CA PRO F 107 -19.60 15.23 -15.51
C PRO F 107 -19.03 16.06 -16.67
N MET F 108 -19.66 15.94 -17.83
CA MET F 108 -19.22 16.65 -19.03
C MET F 108 -18.99 18.14 -18.76
N ASN F 109 -19.85 18.76 -17.96
CA ASN F 109 -19.70 20.18 -17.64
C ASN F 109 -18.28 20.48 -17.12
N THR F 110 -17.72 19.54 -16.37
CA THR F 110 -16.38 19.70 -15.83
C THR F 110 -15.31 19.29 -16.85
N VAL F 111 -15.75 18.74 -17.98
CA VAL F 111 -14.84 18.30 -19.04
C VAL F 111 -14.66 19.42 -20.05
N ASP F 112 -13.72 20.30 -19.76
CA ASP F 112 -13.43 21.43 -20.63
C ASP F 112 -12.91 20.94 -21.98
N PHE F 113 -13.81 20.86 -22.96
CA PHE F 113 -13.46 20.39 -24.30
C PHE F 113 -12.56 21.41 -25.02
N GLY F 114 -11.35 21.59 -24.50
CA GLY F 114 -10.40 22.50 -25.10
C GLY F 114 -9.83 21.96 -26.40
N HIS F 115 -9.52 20.67 -26.42
CA HIS F 115 -8.98 20.01 -27.60
C HIS F 115 -9.40 18.53 -27.62
N VAL F 116 -8.69 17.73 -26.83
CA VAL F 116 -8.97 16.31 -26.73
C VAL F 116 -8.78 15.82 -25.29
N THR F 117 -9.76 15.11 -24.78
CA THR F 117 -9.72 14.59 -23.44
C THR F 117 -9.23 13.15 -23.43
N GLU F 118 -7.92 12.98 -23.26
CA GLU F 118 -7.31 11.65 -23.22
C GLU F 118 -6.85 11.35 -21.80
N GLU F 119 -7.17 10.16 -21.31
CA GLU F 119 -6.79 9.76 -19.95
C GLU F 119 -7.04 8.27 -19.71
N TRP F 120 -6.42 7.75 -18.66
CA TRP F 120 -6.59 6.35 -18.29
C TRP F 120 -7.71 6.23 -17.27
N ARG F 121 -8.93 6.11 -17.78
CA ARG F 121 -10.12 6.01 -16.95
C ARG F 121 -10.13 4.74 -16.11
N ASP F 122 -10.48 4.89 -14.84
CA ASP F 122 -10.58 3.78 -13.92
C ASP F 122 -11.97 3.14 -14.03
N LEU F 123 -12.03 1.82 -13.99
CA LEU F 123 -13.30 1.11 -14.11
C LEU F 123 -13.78 0.59 -12.77
N GLN F 124 -15.07 0.72 -12.52
CA GLN F 124 -15.66 0.26 -11.26
C GLN F 124 -16.85 -0.68 -11.53
N SER F 125 -16.98 -1.71 -10.71
CA SER F 125 -18.07 -2.66 -10.87
C SER F 125 -19.35 -2.15 -10.21
N ALA F 126 -20.12 -1.37 -10.96
CA ALA F 126 -21.37 -0.84 -10.46
C ALA F 126 -22.45 -1.92 -10.48
N GLU F 127 -22.77 -2.44 -9.29
CA GLU F 127 -23.79 -3.47 -9.15
C GLU F 127 -25.17 -2.90 -9.42
N LYS F 128 -25.37 -2.40 -10.63
CA LYS F 128 -26.62 -1.80 -11.03
C LYS F 128 -27.20 -2.54 -12.23
N GLU A 1 15.42 -4.17 6.34
CA GLU A 1 15.74 -4.05 7.79
C GLU A 1 14.78 -3.11 8.48
N LYS A 2 14.24 -3.54 9.63
CA LYS A 2 13.29 -2.74 10.39
C LYS A 2 13.56 -2.82 11.89
N LEU A 3 13.51 -1.67 12.54
CA LEU A 3 13.72 -1.60 13.99
C LEU A 3 12.56 -0.85 14.68
N GLY A 4 11.56 -0.46 13.88
CA GLY A 4 10.42 0.26 14.42
C GLY A 4 10.53 1.75 14.16
N LYS A 5 10.25 2.56 15.18
CA LYS A 5 10.32 4.01 15.05
C LYS A 5 10.79 4.66 16.35
N LEU A 6 11.43 5.81 16.22
CA LEU A 6 11.92 6.54 17.38
C LEU A 6 11.61 8.03 17.23
N GLN A 7 10.92 8.58 18.21
CA GLN A 7 10.56 10.00 18.18
C GLN A 7 11.65 10.80 18.87
N TYR A 8 12.04 11.93 18.28
CA TYR A 8 13.09 12.75 18.89
C TYR A 8 12.97 14.23 18.53
N SER A 9 13.54 15.06 19.39
CA SER A 9 13.57 16.51 19.22
C SER A 9 14.98 17.00 19.52
N LEU A 10 15.74 17.30 18.46
CA LEU A 10 17.12 17.75 18.62
C LEU A 10 17.26 19.26 18.49
N ASP A 11 17.90 19.88 19.48
CA ASP A 11 18.14 21.32 19.47
C ASP A 11 19.64 21.60 19.53
N TYR A 12 20.04 22.83 19.24
CA TYR A 12 21.47 23.16 19.23
C TYR A 12 21.84 24.22 20.26
N ASP A 13 23.04 24.10 20.81
CA ASP A 13 23.56 25.05 21.79
C ASP A 13 24.78 25.76 21.21
N PHE A 14 24.72 27.09 21.17
CA PHE A 14 25.82 27.89 20.61
C PHE A 14 26.69 28.53 21.70
N GLN A 15 26.50 28.12 22.94
CA GLN A 15 27.27 28.65 24.07
C GLN A 15 28.39 27.67 24.42
N ASN A 16 28.05 26.40 24.52
CA ASN A 16 29.02 25.36 24.84
C ASN A 16 29.44 24.61 23.57
N ASN A 17 28.64 24.77 22.51
CA ASN A 17 28.92 24.14 21.22
C ASN A 17 28.59 22.65 21.25
N GLN A 18 27.32 22.34 21.44
CA GLN A 18 26.87 20.96 21.48
C GLN A 18 25.42 20.86 21.02
N LEU A 19 25.10 19.79 20.32
CA LEU A 19 23.73 19.58 19.86
C LEU A 19 23.00 18.70 20.86
N LEU A 20 21.78 19.10 21.23
CA LEU A 20 21.00 18.38 22.21
C LEU A 20 20.11 17.35 21.52
N VAL A 21 20.53 16.10 21.55
CA VAL A 21 19.76 15.02 20.95
C VAL A 21 18.72 14.53 21.95
N GLY A 22 17.58 15.23 21.99
CA GLY A 22 16.53 14.86 22.92
C GLY A 22 15.50 13.95 22.28
N ILE A 23 15.72 12.64 22.41
CA ILE A 23 14.79 11.67 21.85
C ILE A 23 13.64 11.44 22.83
N ILE A 24 12.47 11.10 22.30
CA ILE A 24 11.30 10.88 23.14
C ILE A 24 11.21 9.42 23.56
N GLN A 25 11.19 8.52 22.58
CA GLN A 25 11.11 7.09 22.86
C GLN A 25 11.20 6.28 21.57
N ALA A 26 11.27 4.96 21.71
CA ALA A 26 11.35 4.06 20.57
C ALA A 26 10.14 3.12 20.60
N ALA A 27 9.58 2.85 19.43
CA ALA A 27 8.42 1.98 19.34
C ALA A 27 8.64 0.83 18.37
N GLU A 28 8.08 -0.34 18.71
CA GLU A 28 8.17 -1.56 17.89
C GLU A 28 9.62 -2.01 17.70
N LEU A 29 10.20 -2.59 18.73
CA LEU A 29 11.57 -3.06 18.67
C LEU A 29 11.62 -4.60 18.61
N PRO A 30 12.60 -5.17 17.87
CA PRO A 30 12.76 -6.63 17.75
C PRO A 30 13.10 -7.28 19.10
N ALA A 31 12.72 -8.54 19.25
CA ALA A 31 12.97 -9.27 20.49
C ALA A 31 14.32 -10.00 20.48
N LEU A 32 14.92 -10.13 21.66
CA LEU A 32 16.21 -10.80 21.81
C LEU A 32 16.10 -11.86 22.91
N ASP A 33 15.64 -11.43 24.08
CA ASP A 33 15.45 -12.34 25.22
C ASP A 33 14.30 -13.29 24.93
N MET A 34 14.26 -14.43 25.64
CA MET A 34 13.19 -15.40 25.43
C MET A 34 11.91 -14.97 26.16
N GLY A 35 10.95 -14.46 25.39
CA GLY A 35 9.70 -14.02 25.96
C GLY A 35 8.97 -13.01 25.08
N GLY A 36 9.59 -12.67 23.95
CA GLY A 36 8.99 -11.72 23.02
C GLY A 36 9.33 -10.28 23.38
N THR A 37 10.40 -10.11 24.14
CA THR A 37 10.86 -8.78 24.57
C THR A 37 12.39 -8.74 24.60
N SER A 38 12.95 -7.55 24.90
CA SER A 38 14.39 -7.36 25.01
C SER A 38 14.70 -6.21 25.97
N ASP A 39 15.99 -5.98 26.20
CA ASP A 39 16.45 -4.91 27.07
C ASP A 39 17.19 -3.89 26.21
N PRO A 40 16.49 -3.24 25.28
CA PRO A 40 17.09 -2.28 24.34
C PRO A 40 17.47 -0.94 24.95
N TYR A 41 18.73 -0.59 24.77
CA TYR A 41 19.26 0.69 25.23
C TYR A 41 20.02 1.33 24.06
N VAL A 42 19.74 2.60 23.80
CA VAL A 42 20.39 3.29 22.68
C VAL A 42 21.80 3.73 23.05
N LYS A 43 22.76 3.27 22.26
CA LYS A 43 24.16 3.64 22.47
C LYS A 43 24.56 4.65 21.40
N VAL A 44 24.60 5.91 21.78
CA VAL A 44 24.95 6.98 20.86
C VAL A 44 26.42 6.89 20.45
N PHE A 45 26.65 6.71 19.15
CA PHE A 45 28.00 6.60 18.62
C PHE A 45 28.20 7.64 17.51
N LEU A 46 29.45 7.80 17.09
CA LEU A 46 29.79 8.77 16.05
C LEU A 46 30.79 8.17 15.06
N LEU A 47 30.82 8.74 13.86
CA LEU A 47 31.74 8.31 12.82
C LEU A 47 33.19 8.52 13.32
N PRO A 48 34.22 8.32 12.44
CA PRO A 48 35.63 8.51 12.78
C PRO A 48 35.85 9.49 13.94
N ASP A 49 35.14 10.62 13.89
CA ASP A 49 35.24 11.63 14.95
C ASP A 49 35.35 10.96 16.32
N LYS A 50 34.43 10.02 16.58
CA LYS A 50 34.39 9.25 17.82
C LYS A 50 34.60 10.10 19.09
N LYS A 51 34.23 11.38 19.05
CA LYS A 51 34.39 12.23 20.22
C LYS A 51 33.10 12.30 21.02
N LYS A 52 32.61 11.15 21.44
CA LYS A 52 31.37 11.05 22.22
C LYS A 52 30.93 9.60 22.34
N LYS A 53 30.51 9.22 23.53
CA LYS A 53 30.06 7.87 23.80
C LYS A 53 29.19 7.84 25.05
N PHE A 54 27.89 7.64 24.87
CA PHE A 54 26.97 7.61 25.99
C PHE A 54 26.11 6.35 25.98
N GLU A 55 25.91 5.77 27.16
CA GLU A 55 25.10 4.58 27.31
C GLU A 55 23.81 4.90 28.05
N THR A 56 22.68 4.62 27.43
CA THR A 56 21.38 4.90 28.04
C THR A 56 21.07 3.89 29.14
N LYS A 57 20.01 4.13 29.89
CA LYS A 57 19.62 3.25 30.97
C LYS A 57 18.95 1.99 30.40
N VAL A 58 19.49 0.84 30.75
CA VAL A 58 18.92 -0.42 30.29
C VAL A 58 17.41 -0.44 30.54
N HIS A 59 16.66 -0.86 29.54
CA HIS A 59 15.21 -0.94 29.66
C HIS A 59 14.80 -2.41 29.64
N ARG A 60 14.75 -3.00 30.84
CA ARG A 60 14.43 -4.41 31.00
C ARG A 60 13.11 -4.82 30.34
N LYS A 61 13.20 -5.83 29.49
CA LYS A 61 12.06 -6.41 28.78
C LYS A 61 11.03 -5.36 28.36
N THR A 62 11.35 -4.63 27.29
CA THR A 62 10.45 -3.61 26.78
C THR A 62 10.76 -3.28 25.32
N LEU A 63 9.74 -3.33 24.47
CA LEU A 63 9.89 -3.04 23.05
C LEU A 63 9.31 -1.69 22.68
N ASN A 64 8.82 -0.97 23.68
CA ASN A 64 8.24 0.35 23.48
C ASN A 64 8.43 1.19 24.74
N PRO A 65 9.69 1.34 25.18
CA PRO A 65 10.02 2.09 26.39
C PRO A 65 10.18 3.59 26.16
N VAL A 66 9.87 4.37 27.18
CA VAL A 66 10.00 5.81 27.13
C VAL A 66 10.99 6.27 28.20
N PHE A 67 11.72 7.33 27.91
CA PHE A 67 12.70 7.83 28.87
C PHE A 67 13.17 9.23 28.50
N ASN A 68 13.52 9.42 27.23
CA ASN A 68 13.98 10.71 26.74
C ASN A 68 15.34 11.07 27.35
N GLU A 69 16.37 10.36 26.90
CA GLU A 69 17.72 10.61 27.39
C GLU A 69 18.32 11.84 26.68
N GLN A 70 19.21 12.52 27.37
CA GLN A 70 19.85 13.72 26.83
C GLN A 70 21.23 13.42 26.29
N PHE A 71 21.37 13.37 24.96
CA PHE A 71 22.66 13.11 24.33
C PHE A 71 23.29 14.41 23.88
N THR A 72 24.49 14.68 24.40
CA THR A 72 25.23 15.89 24.06
C THR A 72 26.20 15.63 22.90
N PHE A 73 25.84 16.14 21.72
CA PHE A 73 26.66 15.98 20.54
C PHE A 73 27.89 16.88 20.65
N LYS A 74 28.90 16.40 21.36
CA LYS A 74 30.14 17.14 21.55
C LYS A 74 30.87 17.41 20.23
N VAL A 75 30.57 18.55 19.63
CA VAL A 75 31.20 18.97 18.38
C VAL A 75 30.65 20.33 17.96
N PRO A 76 31.53 21.28 17.63
CA PRO A 76 31.12 22.62 17.23
C PRO A 76 30.16 22.60 16.05
N TYR A 77 29.10 23.40 16.12
CA TYR A 77 28.11 23.47 15.04
C TYR A 77 28.80 23.58 13.68
N SER A 78 29.85 24.40 13.64
CA SER A 78 30.62 24.63 12.42
C SER A 78 31.30 23.34 11.93
N GLU A 79 31.52 22.40 12.86
CA GLU A 79 32.17 21.13 12.54
C GLU A 79 31.13 20.06 12.19
N LEU A 80 29.94 20.18 12.76
CA LEU A 80 28.85 19.23 12.52
C LEU A 80 28.74 18.84 11.05
N GLY A 81 28.99 19.79 10.16
CA GLY A 81 28.89 19.53 8.73
C GLY A 81 29.63 18.27 8.30
N GLY A 82 30.74 17.96 8.97
CA GLY A 82 31.50 16.77 8.62
C GLY A 82 31.37 15.66 9.65
N LYS A 83 30.24 15.59 10.34
CA LYS A 83 30.03 14.56 11.35
C LYS A 83 28.65 13.92 11.24
N THR A 84 28.62 12.64 10.87
CA THR A 84 27.38 11.90 10.76
C THR A 84 27.12 11.13 12.04
N LEU A 85 26.10 11.56 12.80
CA LEU A 85 25.77 10.90 14.06
C LEU A 85 25.04 9.58 13.79
N VAL A 86 25.28 8.60 14.63
CA VAL A 86 24.65 7.29 14.49
C VAL A 86 24.08 6.81 15.81
N MET A 87 22.78 6.52 15.81
CA MET A 87 22.11 6.06 17.01
C MET A 87 21.78 4.57 16.88
N ALA A 88 22.49 3.75 17.63
CA ALA A 88 22.27 2.31 17.59
C ALA A 88 21.63 1.83 18.89
N VAL A 89 20.57 1.05 18.78
CA VAL A 89 19.89 0.53 19.95
C VAL A 89 20.45 -0.85 20.28
N TYR A 90 21.09 -0.95 21.43
CA TYR A 90 21.71 -2.18 21.88
C TYR A 90 20.83 -2.88 22.90
N ASP A 91 20.79 -4.20 22.85
CA ASP A 91 20.01 -5.00 23.79
C ASP A 91 20.84 -5.32 25.03
N PHE A 92 20.17 -5.71 26.10
CA PHE A 92 20.84 -6.05 27.34
C PHE A 92 20.18 -7.28 27.98
N ASP A 93 19.88 -8.29 27.16
CA ASP A 93 19.26 -9.53 27.66
C ASP A 93 19.91 -10.01 28.96
N ARG A 94 21.23 -9.84 29.03
CA ARG A 94 22.03 -10.21 30.21
C ARG A 94 22.38 -11.69 30.26
N PHE A 95 22.31 -12.37 29.11
CA PHE A 95 22.62 -13.79 29.06
C PHE A 95 23.46 -14.13 27.83
N SER A 96 22.93 -13.84 26.65
CA SER A 96 23.61 -14.12 25.39
C SER A 96 24.42 -12.90 24.94
N LYS A 97 25.00 -12.98 23.75
CA LYS A 97 25.77 -11.88 23.21
C LYS A 97 24.84 -10.76 22.80
N HIS A 98 24.75 -9.72 23.63
CA HIS A 98 23.88 -8.58 23.34
C HIS A 98 24.00 -8.20 21.87
N ASP A 99 22.88 -8.24 21.15
CA ASP A 99 22.87 -7.91 19.73
C ASP A 99 22.34 -6.50 19.48
N ILE A 100 22.66 -5.96 18.31
CA ILE A 100 22.21 -4.63 17.93
C ILE A 100 20.88 -4.76 17.19
N ILE A 101 19.78 -4.69 17.94
CA ILE A 101 18.45 -4.82 17.37
C ILE A 101 18.23 -3.84 16.20
N GLY A 102 18.94 -2.72 16.20
CA GLY A 102 18.80 -1.75 15.13
C GLY A 102 19.52 -0.44 15.40
N GLU A 103 19.44 0.47 14.44
CA GLU A 103 20.08 1.77 14.57
C GLU A 103 19.54 2.76 13.53
N PHE A 104 19.98 4.01 13.63
CA PHE A 104 19.58 5.06 12.69
C PHE A 104 20.64 6.16 12.67
N LYS A 105 20.73 6.88 11.56
CA LYS A 105 21.70 7.96 11.41
C LYS A 105 21.22 8.99 10.39
N VAL A 106 21.83 10.17 10.42
CA VAL A 106 21.47 11.24 9.49
C VAL A 106 22.63 12.19 9.27
N PRO A 107 22.88 12.57 8.01
CA PRO A 107 23.97 13.50 7.65
C PRO A 107 23.75 14.88 8.26
N MET A 108 24.44 15.15 9.36
CA MET A 108 24.31 16.43 10.06
C MET A 108 24.43 17.62 9.12
N ASN A 109 25.34 17.54 8.14
CA ASN A 109 25.51 18.65 7.19
C ASN A 109 24.18 19.03 6.55
N THR A 110 23.32 18.03 6.31
CA THR A 110 22.03 18.28 5.72
C THR A 110 20.99 18.69 6.78
N VAL A 111 21.38 18.64 8.05
CA VAL A 111 20.52 19.00 9.15
C VAL A 111 20.72 20.47 9.51
N ASP A 112 20.01 21.33 8.81
CA ASP A 112 20.10 22.77 9.05
C ASP A 112 19.61 23.10 10.45
N PHE A 113 20.55 23.26 11.36
CA PHE A 113 20.23 23.58 12.76
C PHE A 113 19.70 25.01 12.89
N GLY A 114 18.53 25.24 12.31
CA GLY A 114 17.90 26.55 12.38
C GLY A 114 17.35 26.84 13.76
N HIS A 115 16.73 25.85 14.38
CA HIS A 115 16.16 25.98 15.71
C HIS A 115 16.19 24.63 16.43
N VAL A 116 15.23 23.78 16.09
CA VAL A 116 15.13 22.45 16.69
C VAL A 116 14.68 21.44 15.65
N THR A 117 15.39 20.33 15.57
CA THR A 117 15.09 19.28 14.62
C THR A 117 14.25 18.18 15.29
N GLU A 118 12.95 18.31 15.18
CA GLU A 118 12.02 17.34 15.74
C GLU A 118 11.35 16.56 14.62
N GLU A 119 11.31 15.23 14.77
CA GLU A 119 10.71 14.37 13.75
C GLU A 119 10.56 12.94 14.25
N TRP A 120 9.72 12.17 13.56
CA TRP A 120 9.48 10.77 13.92
C TRP A 120 10.43 9.88 13.12
N ARG A 121 11.65 9.74 13.62
CA ARG A 121 12.69 8.96 12.97
C ARG A 121 12.32 7.48 12.88
N ASP A 122 12.56 6.91 11.71
CA ASP A 122 12.31 5.51 11.45
C ASP A 122 13.51 4.68 11.89
N LEU A 123 13.26 3.54 12.51
CA LEU A 123 14.34 2.69 13.00
C LEU A 123 14.55 1.48 12.09
N GLN A 124 15.80 1.14 11.84
CA GLN A 124 16.14 -0.01 11.00
C GLN A 124 17.10 -0.95 11.71
N SER A 125 16.91 -2.25 11.49
CA SER A 125 17.74 -3.27 12.11
C SER A 125 19.05 -3.45 11.35
N ALA A 126 19.86 -2.40 11.31
CA ALA A 126 21.15 -2.47 10.63
C ALA A 126 22.16 -3.22 11.49
N GLU A 127 22.45 -4.47 11.11
CA GLU A 127 23.37 -5.31 11.87
C GLU A 127 24.81 -4.83 11.70
N LYS A 128 25.10 -3.67 12.27
CA LYS A 128 26.41 -3.04 12.18
C LYS A 128 27.04 -2.94 13.57
N TYR B 1 33.39 14.95 -21.04
CA TYR B 1 34.25 15.45 -19.95
C TYR B 1 34.35 14.41 -18.83
N LYS B 2 34.99 13.27 -19.14
CA LYS B 2 35.13 12.19 -18.17
C LYS B 2 35.71 12.72 -16.86
N LYS B 3 34.86 12.77 -15.84
CA LYS B 3 35.25 13.27 -14.53
C LYS B 3 34.30 12.72 -13.45
N PRO B 4 34.43 13.17 -12.18
CA PRO B 4 33.60 12.74 -11.07
C PRO B 4 32.28 12.08 -11.48
N LYS B 5 32.23 10.77 -11.34
CA LYS B 5 31.04 10.00 -11.69
C LYS B 5 30.22 9.75 -10.43
N LEU B 6 29.10 10.47 -10.29
CA LEU B 6 28.24 10.31 -9.13
C LEU B 6 27.29 9.13 -9.34
N LEU B 7 27.14 8.30 -8.30
CA LEU B 7 26.28 7.14 -8.37
C LEU B 7 25.58 6.90 -7.03
N TYR B 8 24.28 6.59 -7.09
CA TYR B 8 23.50 6.31 -5.89
C TYR B 8 22.26 5.50 -6.26
N CYS B 9 21.51 5.05 -5.26
CA CYS B 9 20.30 4.27 -5.52
C CYS B 9 19.25 4.50 -4.44
N SER B 10 18.02 4.06 -4.74
CA SER B 10 16.89 4.22 -3.84
C SER B 10 16.39 5.66 -3.87
N ASN B 11 15.14 5.82 -4.25
CA ASN B 11 14.54 7.16 -4.33
C ASN B 11 14.79 7.93 -3.04
N GLY B 12 15.35 9.13 -3.18
CA GLY B 12 15.64 9.94 -2.02
C GLY B 12 17.03 10.54 -2.08
N GLY B 13 17.14 11.81 -1.71
CA GLY B 13 18.43 12.48 -1.72
C GLY B 13 19.47 11.75 -0.90
N HIS B 14 20.38 11.08 -1.59
CA HIS B 14 21.47 10.33 -0.95
C HIS B 14 22.53 9.98 -1.98
N PHE B 15 23.77 10.42 -1.75
CA PHE B 15 24.86 10.16 -2.68
C PHE B 15 25.96 9.33 -2.00
N LEU B 16 26.66 8.53 -2.78
CA LEU B 16 27.72 7.69 -2.26
C LEU B 16 28.96 8.54 -1.94
N ARG B 17 29.14 8.87 -0.66
CA ARG B 17 30.28 9.67 -0.25
C ARG B 17 31.41 8.77 0.22
N ILE B 18 32.46 8.68 -0.58
CA ILE B 18 33.60 7.84 -0.27
C ILE B 18 34.65 8.59 0.54
N LEU B 19 35.26 7.90 1.48
CA LEU B 19 36.30 8.47 2.32
C LEU B 19 37.52 7.56 2.33
N PRO B 20 38.74 8.13 2.30
CA PRO B 20 39.99 7.37 2.30
C PRO B 20 39.99 6.25 3.34
N ASP B 21 39.27 6.47 4.43
CA ASP B 21 39.15 5.50 5.51
C ASP B 21 38.56 4.18 5.00
N GLY B 22 37.52 4.30 4.17
CA GLY B 22 36.87 3.14 3.63
C GLY B 22 35.37 3.13 3.91
N THR B 23 34.97 3.69 5.05
CA THR B 23 33.57 3.74 5.43
C THR B 23 32.81 4.74 4.56
N VAL B 24 32.35 4.27 3.40
CA VAL B 24 31.58 5.09 2.49
C VAL B 24 30.09 5.03 2.85
N ASP B 25 29.44 6.18 2.93
CA ASP B 25 28.02 6.26 3.27
C ASP B 25 27.24 7.04 2.22
N GLY B 26 25.92 6.92 2.27
CA GLY B 26 25.06 7.61 1.32
C GLY B 26 24.75 9.03 1.76
N THR B 27 25.78 9.87 1.78
CA THR B 27 25.62 11.27 2.18
C THR B 27 24.82 12.04 1.15
N ARG B 28 23.80 12.75 1.59
CA ARG B 28 22.97 13.52 0.68
C ARG B 28 23.48 14.96 0.61
N ASP B 29 24.67 15.13 0.04
CA ASP B 29 25.28 16.44 -0.10
C ASP B 29 26.16 16.51 -1.35
N ARG B 30 26.29 17.70 -1.90
CA ARG B 30 27.11 17.90 -3.09
C ARG B 30 28.00 19.15 -2.92
N SER B 31 28.24 19.51 -1.66
CA SER B 31 29.07 20.66 -1.34
C SER B 31 30.52 20.24 -1.19
N ASP B 32 30.75 19.12 -0.51
CA ASP B 32 32.09 18.60 -0.29
C ASP B 32 32.44 17.56 -1.35
N GLN B 33 33.57 17.75 -2.02
CA GLN B 33 33.99 16.82 -3.08
C GLN B 33 34.39 15.47 -2.49
N HIS B 34 33.39 14.67 -2.12
CA HIS B 34 33.65 13.33 -1.59
C HIS B 34 32.58 12.33 -2.04
N ILE B 35 31.82 12.69 -3.05
CA ILE B 35 30.76 11.82 -3.57
C ILE B 35 30.93 11.60 -5.07
N GLN B 36 32.17 11.36 -5.48
CA GLN B 36 32.48 11.14 -6.89
C GLN B 36 33.52 10.04 -7.06
N LEU B 37 33.24 9.13 -7.98
CA LEU B 37 34.13 8.01 -8.27
C LEU B 37 34.42 7.96 -9.76
N GLN B 38 35.57 7.40 -10.13
CA GLN B 38 35.94 7.30 -11.53
C GLN B 38 35.41 6.00 -12.14
N LEU B 39 34.11 5.95 -12.34
CA LEU B 39 33.46 4.78 -12.93
C LEU B 39 33.75 4.72 -14.43
N SER B 40 34.23 3.57 -14.89
CA SER B 40 34.54 3.39 -16.31
C SER B 40 34.60 1.90 -16.66
N ALA B 41 34.38 1.58 -17.92
CA ALA B 41 34.44 0.21 -18.40
C ALA B 41 35.88 -0.16 -18.72
N GLU B 42 36.50 -0.92 -17.81
CA GLU B 42 37.89 -1.33 -17.99
C GLU B 42 37.99 -2.37 -19.11
N SER B 43 37.23 -3.44 -18.97
CA SER B 43 37.21 -4.51 -19.96
C SER B 43 35.84 -4.62 -20.59
N VAL B 44 35.69 -5.48 -21.58
CA VAL B 44 34.41 -5.68 -22.27
C VAL B 44 33.30 -5.98 -21.27
N GLY B 45 32.59 -4.94 -20.85
CA GLY B 45 31.51 -5.09 -19.90
C GLY B 45 31.95 -4.98 -18.45
N GLU B 46 33.25 -5.07 -18.20
CA GLU B 46 33.78 -4.99 -16.85
C GLU B 46 34.05 -3.55 -16.46
N VAL B 47 33.23 -3.02 -15.56
CA VAL B 47 33.38 -1.64 -15.09
C VAL B 47 33.99 -1.63 -13.69
N TYR B 48 34.84 -0.65 -13.44
CA TYR B 48 35.50 -0.52 -12.15
C TYR B 48 35.07 0.75 -11.43
N ILE B 49 35.03 0.69 -10.12
CA ILE B 49 34.66 1.83 -9.29
C ILE B 49 35.85 2.29 -8.47
N LYS B 50 36.47 3.37 -8.90
CA LYS B 50 37.64 3.90 -8.23
C LYS B 50 37.50 5.40 -7.99
N SER B 51 37.41 5.79 -6.72
CA SER B 51 37.27 7.20 -6.36
C SER B 51 38.66 7.84 -6.32
N THR B 52 39.33 7.82 -7.46
CA THR B 52 40.68 8.36 -7.58
C THR B 52 40.77 9.80 -7.12
N GLU B 53 40.18 10.72 -7.88
CA GLU B 53 40.24 12.14 -7.56
C GLU B 53 39.20 12.53 -6.51
N THR B 54 39.22 11.88 -5.35
CA THR B 54 38.27 12.19 -4.29
C THR B 54 38.40 11.25 -3.09
N GLY B 55 38.58 9.95 -3.34
CA GLY B 55 38.66 9.02 -2.24
C GLY B 55 39.68 7.91 -2.45
N GLN B 56 39.18 6.70 -2.62
CA GLN B 56 40.02 5.52 -2.77
C GLN B 56 39.43 4.52 -3.76
N TYR B 57 40.11 3.39 -3.92
CA TYR B 57 39.65 2.32 -4.81
C TYR B 57 38.78 1.35 -4.02
N LEU B 58 37.76 0.79 -4.66
CA LEU B 58 36.87 -0.15 -3.99
C LEU B 58 37.46 -1.55 -3.95
N ALA B 59 37.02 -2.32 -2.97
CA ALA B 59 37.47 -3.70 -2.79
C ALA B 59 36.44 -4.44 -1.92
N MET B 60 35.40 -4.95 -2.56
CA MET B 60 34.33 -5.67 -1.87
C MET B 60 34.88 -6.78 -0.98
N ASP B 61 34.22 -6.96 0.16
CA ASP B 61 34.61 -8.00 1.10
C ASP B 61 33.78 -9.24 0.83
N THR B 62 34.20 -10.01 -0.16
CA THR B 62 33.50 -11.22 -0.55
C THR B 62 32.09 -10.88 -1.01
N ASP B 63 31.95 -9.71 -1.65
CA ASP B 63 30.65 -9.21 -2.12
C ASP B 63 29.76 -8.84 -0.94
N GLY B 64 29.59 -9.79 0.00
CA GLY B 64 28.78 -9.56 1.19
C GLY B 64 28.82 -8.13 1.68
N LEU B 65 30.01 -7.64 1.95
CA LEU B 65 30.19 -6.26 2.41
C LEU B 65 31.01 -5.48 1.39
N LEU B 66 30.53 -4.29 1.06
CA LEU B 66 31.20 -3.45 0.08
C LEU B 66 32.08 -2.42 0.78
N TYR B 67 33.34 -2.34 0.38
CA TYR B 67 34.29 -1.40 0.97
C TYR B 67 35.39 -1.08 -0.04
N GLY B 68 36.29 -0.18 0.34
CA GLY B 68 37.39 0.21 -0.53
C GLY B 68 38.32 1.18 0.14
N SER B 69 39.62 1.07 -0.14
CA SER B 69 40.61 1.96 0.43
C SER B 69 42.03 1.49 0.13
N GLN B 70 42.37 0.30 0.63
CA GLN B 70 43.72 -0.24 0.44
C GLN B 70 44.06 -0.48 -1.03
N THR B 71 43.44 -1.49 -1.65
CA THR B 71 43.74 -1.82 -3.04
C THR B 71 42.50 -2.24 -3.82
N PRO B 72 42.45 -1.92 -5.13
CA PRO B 72 41.32 -2.29 -5.99
C PRO B 72 41.38 -3.77 -6.39
N ASN B 73 41.11 -4.64 -5.42
CA ASN B 73 41.15 -6.08 -5.66
C ASN B 73 40.09 -6.49 -6.68
N GLU B 74 40.31 -7.64 -7.33
CA GLU B 74 39.37 -8.14 -8.36
C GLU B 74 37.92 -8.01 -7.88
N GLU B 75 37.70 -8.13 -6.57
CA GLU B 75 36.37 -7.96 -5.98
C GLU B 75 35.69 -6.69 -6.53
N CYS B 76 36.50 -5.71 -6.94
CA CYS B 76 35.98 -4.45 -7.45
C CYS B 76 35.61 -4.50 -8.94
N LEU B 77 35.72 -5.66 -9.59
CA LEU B 77 35.37 -5.77 -11.01
C LEU B 77 33.89 -6.16 -11.13
N PHE B 78 33.12 -5.30 -11.79
CA PHE B 78 31.69 -5.55 -11.97
C PHE B 78 31.27 -5.45 -13.43
N LEU B 79 30.30 -6.26 -13.82
CA LEU B 79 29.78 -6.27 -15.17
C LEU B 79 28.73 -5.16 -15.33
N GLU B 80 28.93 -4.28 -16.30
CA GLU B 80 28.01 -3.17 -16.54
C GLU B 80 26.73 -3.65 -17.20
N ARG B 81 25.61 -3.51 -16.48
CA ARG B 81 24.30 -3.89 -16.98
C ARG B 81 23.31 -2.74 -16.81
N LEU B 82 22.32 -2.67 -17.69
CA LEU B 82 21.33 -1.60 -17.63
C LEU B 82 19.92 -2.18 -17.52
N GLU B 83 19.08 -1.54 -16.70
CA GLU B 83 17.71 -1.99 -16.52
C GLU B 83 16.75 -0.97 -17.09
N GLU B 84 15.68 -1.44 -17.72
CA GLU B 84 14.67 -0.55 -18.30
C GLU B 84 13.83 0.10 -17.21
N ASN B 85 14.52 0.74 -16.27
CA ASN B 85 13.87 1.41 -15.15
C ASN B 85 14.64 2.68 -14.78
N HIS B 86 15.43 3.20 -15.73
CA HIS B 86 16.24 4.39 -15.53
C HIS B 86 17.25 4.17 -14.40
N TYR B 87 17.89 3.00 -14.41
CA TYR B 87 18.88 2.66 -13.41
C TYR B 87 19.98 1.77 -13.99
N ASN B 88 21.16 1.83 -13.38
CA ASN B 88 22.31 1.05 -13.81
C ASN B 88 22.50 -0.16 -12.90
N THR B 89 22.97 -1.25 -13.48
CA THR B 89 23.21 -2.48 -12.73
C THR B 89 24.65 -2.94 -12.92
N TYR B 90 25.29 -3.35 -11.84
CA TYR B 90 26.68 -3.81 -11.90
C TYR B 90 26.80 -5.16 -11.23
N ILE B 91 27.16 -6.18 -12.00
CA ILE B 91 27.30 -7.53 -11.48
C ILE B 91 28.73 -7.83 -11.05
N SER B 92 28.93 -8.08 -9.76
CA SER B 92 30.24 -8.40 -9.24
C SER B 92 30.67 -9.78 -9.74
N LYS B 93 31.15 -9.83 -10.97
CA LYS B 93 31.58 -11.09 -11.59
C LYS B 93 32.40 -11.93 -10.61
N LYS B 94 33.18 -11.26 -9.76
CA LYS B 94 33.99 -11.95 -8.76
C LYS B 94 33.12 -12.90 -7.91
N HIS B 95 31.83 -12.57 -7.77
CA HIS B 95 30.91 -13.40 -7.01
C HIS B 95 29.64 -13.73 -7.80
N ALA B 96 29.65 -13.42 -9.10
CA ALA B 96 28.51 -13.69 -9.97
C ALA B 96 28.09 -15.15 -9.83
N GLU B 97 29.05 -16.02 -9.55
CA GLU B 97 28.80 -17.45 -9.37
C GLU B 97 27.66 -17.68 -8.38
N LYS B 98 27.55 -16.81 -7.38
CA LYS B 98 26.49 -16.91 -6.38
C LYS B 98 25.31 -16.00 -6.73
N ASN B 99 25.30 -15.50 -7.96
CA ASN B 99 24.24 -14.61 -8.41
C ASN B 99 24.20 -13.35 -7.54
N TRP B 100 25.37 -12.91 -7.11
CA TRP B 100 25.51 -11.74 -6.26
C TRP B 100 26.04 -10.55 -7.06
N PHE B 101 25.29 -9.45 -7.03
CA PHE B 101 25.69 -8.25 -7.75
C PHE B 101 25.53 -7.01 -6.86
N VAL B 102 26.68 -6.33 -6.62
CA VAL B 102 26.82 -5.13 -5.78
C VAL B 102 25.48 -4.46 -5.43
N GLY B 103 25.24 -4.34 -4.13
CA GLY B 103 24.03 -3.69 -3.63
C GLY B 103 24.34 -2.86 -2.39
N LEU B 104 23.86 -1.62 -2.37
CA LEU B 104 24.12 -0.73 -1.23
C LEU B 104 22.82 -0.28 -0.56
N LYS B 105 22.96 0.17 0.69
CA LYS B 105 21.82 0.65 1.46
C LYS B 105 21.82 2.18 1.50
N LYS B 106 20.92 2.79 0.73
CA LYS B 106 20.80 4.24 0.64
C LYS B 106 20.95 4.91 2.01
N ASN B 107 20.28 4.34 3.01
CA ASN B 107 20.33 4.87 4.37
C ASN B 107 21.12 3.97 5.30
N GLY B 108 22.19 3.37 4.77
CA GLY B 108 23.01 2.48 5.59
C GLY B 108 24.46 2.46 5.15
N SER B 109 24.67 2.20 3.86
CA SER B 109 26.01 2.12 3.23
C SER B 109 26.02 0.94 2.26
N CYS B 110 27.12 0.78 1.54
CA CYS B 110 27.25 -0.30 0.57
C CYS B 110 27.72 -1.58 1.25
N LYS B 111 26.79 -2.50 1.51
CA LYS B 111 27.11 -3.78 2.14
C LYS B 111 25.85 -4.64 2.29
N ARG B 112 25.47 -5.27 1.19
CA ARG B 112 24.29 -6.11 1.14
C ARG B 112 24.52 -7.32 0.26
N GLY B 113 25.76 -7.82 0.22
CA GLY B 113 26.09 -9.00 -0.59
C GLY B 113 25.14 -10.16 -0.35
N PRO B 114 24.87 -10.57 0.92
CA PRO B 114 23.95 -11.70 1.18
C PRO B 114 22.51 -11.38 0.72
N ARG B 115 22.31 -10.15 0.23
CA ARG B 115 21.02 -9.67 -0.26
C ARG B 115 21.18 -8.97 -1.62
N THR B 116 22.22 -9.32 -2.38
CA THR B 116 22.47 -8.70 -3.69
C THR B 116 21.81 -9.45 -4.82
N HIS B 117 20.84 -10.28 -4.50
CA HIS B 117 20.11 -11.03 -5.53
C HIS B 117 18.78 -10.33 -5.80
N TYR B 118 17.94 -10.93 -6.64
CA TYR B 118 16.65 -10.32 -6.97
C TYR B 118 15.72 -10.29 -5.75
N GLY B 119 15.64 -9.12 -5.14
CA GLY B 119 14.81 -8.92 -3.96
C GLY B 119 14.91 -7.49 -3.48
N GLN B 120 16.15 -7.00 -3.43
CA GLN B 120 16.42 -5.63 -3.04
C GLN B 120 16.57 -4.79 -4.30
N LYS B 121 15.81 -3.72 -4.38
CA LYS B 121 15.83 -2.84 -5.56
C LYS B 121 17.03 -1.91 -5.53
N ALA B 122 17.62 -1.73 -4.34
CA ALA B 122 18.80 -0.87 -4.17
C ALA B 122 19.92 -1.20 -5.17
N ILE B 123 19.84 -2.37 -5.80
CA ILE B 123 20.83 -2.79 -6.79
C ILE B 123 20.73 -1.95 -8.06
N LEU B 124 19.58 -1.32 -8.27
CA LEU B 124 19.36 -0.47 -9.43
C LEU B 124 19.84 0.94 -9.12
N PHE B 125 21.12 1.18 -9.38
CA PHE B 125 21.73 2.47 -9.11
C PHE B 125 21.40 3.51 -10.17
N LEU B 126 21.30 4.77 -9.75
CA LEU B 126 21.02 5.87 -10.65
C LEU B 126 22.28 6.73 -10.78
N PRO B 127 22.94 6.66 -11.93
CA PRO B 127 24.17 7.41 -12.20
C PRO B 127 23.93 8.83 -12.73
N LEU B 128 24.77 9.75 -12.28
CA LEU B 128 24.69 11.15 -12.71
C LEU B 128 26.09 11.64 -13.11
N PRO B 129 26.82 10.86 -13.92
CA PRO B 129 28.18 11.21 -14.35
C PRO B 129 28.21 12.19 -15.52
N VAL B 130 29.28 12.96 -15.59
CA VAL B 130 29.46 13.94 -16.67
C VAL B 130 29.95 13.24 -17.94
N SER B 131 29.00 12.77 -18.73
CA SER B 131 29.31 12.08 -19.97
C SER B 131 29.89 13.03 -21.01
N SER B 132 30.26 12.48 -22.17
CA SER B 132 30.82 13.28 -23.24
C SER B 132 29.82 13.36 -24.40
N ASP B 133 28.70 14.02 -24.14
CA ASP B 133 27.64 14.18 -25.13
C ASP B 133 27.79 15.50 -25.86
N MET C 1 -2.23 8.12 -13.46
CA MET C 1 -1.76 7.59 -14.76
C MET C 1 -1.27 6.16 -14.60
N ALA C 2 0.03 6.00 -14.35
CA ALA C 2 0.60 4.68 -14.13
C ALA C 2 0.61 4.41 -12.63
N ALA C 3 1.05 3.21 -12.23
CA ALA C 3 1.09 2.85 -10.82
C ALA C 3 -0.35 2.77 -10.32
N GLU C 4 -1.14 1.95 -11.01
CA GLU C 4 -2.55 1.77 -10.69
C GLU C 4 -2.76 0.85 -9.49
N PRO C 5 -3.66 1.24 -8.57
CA PRO C 5 -3.97 0.45 -7.39
C PRO C 5 -4.82 -0.76 -7.71
N LEU C 6 -4.41 -1.92 -7.20
CA LEU C 6 -5.14 -3.16 -7.43
C LEU C 6 -6.10 -3.42 -6.26
N THR C 7 -6.66 -4.62 -6.21
CA THR C 7 -7.57 -4.95 -5.12
C THR C 7 -6.78 -5.18 -3.83
N GLU C 8 -7.46 -5.11 -2.70
CA GLU C 8 -6.81 -5.27 -1.40
C GLU C 8 -6.09 -6.62 -1.26
N LEU C 9 -6.63 -7.64 -1.91
CA LEU C 9 -6.04 -8.96 -1.85
C LEU C 9 -4.77 -9.06 -2.71
N GLU C 10 -4.74 -8.39 -3.87
CA GLU C 10 -3.54 -8.35 -4.70
C GLU C 10 -2.42 -7.59 -3.96
N GLU C 11 -2.77 -6.43 -3.36
CA GLU C 11 -1.86 -5.62 -2.55
C GLU C 11 -1.21 -6.51 -1.47
N SER C 12 -2.05 -7.21 -0.71
CA SER C 12 -1.58 -7.97 0.44
C SER C 12 -0.80 -9.23 0.04
N ILE C 13 -1.18 -9.97 -1.02
CA ILE C 13 -0.33 -11.06 -1.47
C ILE C 13 1.00 -10.51 -1.97
N GLU C 14 1.00 -9.40 -2.71
CA GLU C 14 2.27 -8.84 -3.16
C GLU C 14 3.16 -8.52 -1.97
N THR C 15 2.70 -7.71 -1.01
CA THR C 15 3.57 -7.26 0.08
C THR C 15 4.27 -8.43 0.81
N VAL C 16 3.55 -9.54 1.02
CA VAL C 16 4.17 -10.72 1.62
C VAL C 16 5.05 -11.46 0.61
N VAL C 17 4.64 -11.56 -0.67
CA VAL C 17 5.44 -12.19 -1.72
C VAL C 17 6.79 -11.48 -1.88
N THR C 18 6.82 -10.15 -1.97
CA THR C 18 8.09 -9.43 -2.07
C THR C 18 8.97 -9.71 -0.83
N THR C 19 8.40 -9.67 0.38
CA THR C 19 9.13 -9.97 1.60
C THR C 19 9.71 -11.39 1.53
N PHE C 20 8.87 -12.38 1.23
CA PHE C 20 9.29 -13.74 0.93
C PHE C 20 10.48 -13.72 -0.02
N PHE C 21 10.31 -13.06 -1.17
CA PHE C 21 11.34 -12.99 -2.21
C PHE C 21 12.64 -12.35 -1.74
N THR C 22 12.55 -11.40 -0.80
CA THR C 22 13.74 -10.71 -0.29
C THR C 22 14.49 -11.59 0.73
N PHE C 23 14.02 -12.83 0.89
CA PHE C 23 14.64 -13.80 1.79
C PHE C 23 14.96 -15.09 1.02
N ALA C 24 14.11 -15.40 0.04
CA ALA C 24 14.24 -16.58 -0.80
C ALA C 24 15.49 -16.51 -1.67
N ARG C 25 15.85 -15.30 -2.10
CA ARG C 25 17.00 -15.09 -2.96
C ARG C 25 18.32 -14.99 -2.20
N GLN C 26 18.27 -15.03 -0.87
CA GLN C 26 19.48 -14.92 -0.04
C GLN C 26 20.59 -15.87 -0.50
N GLU C 27 20.22 -17.11 -0.78
CA GLU C 27 21.17 -18.11 -1.22
C GLU C 27 20.70 -18.78 -2.52
N GLY C 28 21.20 -19.99 -2.76
CA GLY C 28 20.80 -20.79 -3.93
C GLY C 28 19.30 -20.89 -4.15
N ARG C 29 18.89 -20.59 -5.40
CA ARG C 29 17.49 -20.61 -5.83
C ARG C 29 16.65 -19.53 -5.14
N LYS C 30 16.18 -18.53 -5.90
CA LYS C 30 15.38 -17.45 -5.33
C LYS C 30 13.89 -17.80 -5.23
N ASP C 31 13.62 -19.00 -4.75
CA ASP C 31 12.27 -19.49 -4.55
C ASP C 31 12.23 -20.18 -3.18
N SER C 32 13.18 -21.09 -2.97
CA SER C 32 13.30 -21.85 -1.76
C SER C 32 14.03 -21.06 -0.68
N LEU C 33 13.50 -21.09 0.54
CA LEU C 33 14.24 -20.70 1.74
C LEU C 33 14.96 -21.95 2.23
N SER C 34 16.29 -21.95 2.32
CA SER C 34 16.99 -22.99 3.07
C SER C 34 16.98 -22.64 4.56
N VAL C 35 17.58 -23.49 5.39
CA VAL C 35 17.44 -23.44 6.85
C VAL C 35 17.73 -22.05 7.41
N ASN C 36 18.94 -21.51 7.14
CA ASN C 36 19.33 -20.16 7.61
C ASN C 36 18.33 -19.12 7.09
N GLU C 37 18.20 -19.08 5.77
CA GLU C 37 17.24 -18.26 5.04
C GLU C 37 15.89 -18.21 5.75
N PHE C 38 15.37 -19.38 6.11
CA PHE C 38 14.09 -19.51 6.77
C PHE C 38 14.18 -18.87 8.15
N LYS C 39 15.17 -19.26 8.95
CA LYS C 39 15.34 -18.71 10.29
C LYS C 39 15.44 -17.18 10.26
N GLU C 40 16.03 -16.63 9.21
CA GLU C 40 16.18 -15.17 9.06
C GLU C 40 14.83 -14.44 9.02
N LEU C 41 13.78 -15.08 8.50
CA LEU C 41 12.47 -14.44 8.41
C LEU C 41 11.96 -14.22 9.82
N VAL C 42 11.92 -15.32 10.59
CA VAL C 42 11.30 -15.33 11.90
C VAL C 42 12.12 -14.44 12.84
N THR C 43 13.42 -14.67 12.89
CA THR C 43 14.32 -13.91 13.78
C THR C 43 14.30 -12.39 13.54
N GLN C 44 13.95 -11.95 12.33
CA GLN C 44 13.96 -10.53 12.03
C GLN C 44 12.57 -9.88 12.10
N GLN C 45 11.65 -10.33 11.24
CA GLN C 45 10.32 -9.72 11.18
C GLN C 45 9.25 -10.50 11.94
N LEU C 46 9.63 -11.34 12.90
CA LEU C 46 8.61 -12.09 13.66
C LEU C 46 9.06 -12.34 15.11
N PRO C 47 9.01 -11.30 15.96
CA PRO C 47 9.40 -11.39 17.36
C PRO C 47 8.23 -11.58 18.33
N HIS C 48 6.99 -11.40 17.86
CA HIS C 48 5.82 -11.53 18.73
C HIS C 48 5.00 -12.77 18.41
N LEU C 49 4.48 -12.84 17.17
CA LEU C 49 3.66 -13.95 16.72
C LEU C 49 4.21 -15.30 17.14
N LEU C 50 5.36 -15.67 16.58
CA LEU C 50 6.10 -16.88 16.89
C LEU C 50 7.38 -16.45 17.60
N LYS C 51 7.23 -16.14 18.89
CA LYS C 51 8.35 -15.69 19.73
C LYS C 51 9.40 -16.78 19.95
N ASP C 52 9.19 -17.95 19.35
CA ASP C 52 10.13 -19.06 19.48
C ASP C 52 11.25 -18.92 18.45
N VAL C 53 12.28 -18.15 18.81
CA VAL C 53 13.42 -17.95 17.93
C VAL C 53 14.53 -18.95 18.24
N GLY C 54 14.16 -20.06 18.88
CA GLY C 54 15.13 -21.08 19.22
C GLY C 54 14.76 -22.44 18.67
N SER C 55 13.46 -22.74 18.64
CA SER C 55 12.98 -24.03 18.15
C SER C 55 12.48 -23.92 16.71
N LEU C 56 13.27 -23.24 15.87
CA LEU C 56 12.95 -23.07 14.47
C LEU C 56 13.00 -24.44 13.78
N ASP C 57 13.84 -25.35 14.28
CA ASP C 57 13.89 -26.74 13.84
C ASP C 57 12.50 -27.39 13.87
N GLU C 58 11.77 -27.23 14.98
CA GLU C 58 10.41 -27.76 15.11
C GLU C 58 9.53 -27.22 13.98
N LYS C 59 9.50 -25.90 13.80
CA LYS C 59 8.73 -25.30 12.72
C LYS C 59 9.16 -25.94 11.39
N MET C 60 10.47 -25.96 11.12
CA MET C 60 11.04 -26.50 9.89
C MET C 60 10.50 -27.90 9.64
N LYS C 61 10.64 -28.82 10.59
CA LYS C 61 10.12 -30.17 10.46
C LYS C 61 8.59 -30.16 10.24
N SER C 62 7.86 -29.32 10.98
CA SER C 62 6.42 -29.20 10.83
C SER C 62 6.02 -28.69 9.45
N LEU C 63 6.87 -27.87 8.81
CA LEU C 63 6.64 -27.25 7.52
C LEU C 63 7.08 -28.16 6.37
N ASP C 64 8.39 -28.46 6.32
CA ASP C 64 9.03 -29.21 5.25
C ASP C 64 8.69 -30.68 5.37
N VAL C 65 7.46 -31.07 5.03
CA VAL C 65 6.95 -32.43 5.17
C VAL C 65 7.89 -33.48 4.57
N ASN C 66 8.52 -33.15 3.43
CA ASN C 66 9.46 -34.04 2.73
C ASN C 66 10.89 -33.97 3.28
N GLN C 67 11.17 -33.02 4.17
CA GLN C 67 12.47 -32.84 4.82
C GLN C 67 13.61 -32.85 3.79
N ASP C 68 13.47 -32.02 2.75
CA ASP C 68 14.51 -31.81 1.74
C ASP C 68 15.44 -30.67 2.17
N SER C 69 15.10 -29.93 3.23
CA SER C 69 15.83 -28.75 3.69
C SER C 69 15.74 -27.60 2.68
N GLU C 70 14.66 -27.59 1.91
CA GLU C 70 14.20 -26.48 1.11
C GLU C 70 12.71 -26.31 1.38
N LEU C 71 12.29 -25.17 1.93
CA LEU C 71 10.90 -24.79 1.92
C LEU C 71 10.66 -24.11 0.57
N LYS C 72 10.23 -24.87 -0.45
CA LYS C 72 9.74 -24.33 -1.73
C LYS C 72 8.66 -23.28 -1.44
N PHE C 73 8.36 -22.41 -2.41
CA PHE C 73 7.34 -21.36 -2.29
C PHE C 73 6.11 -21.84 -1.50
N ASN C 74 5.47 -22.89 -1.98
CA ASN C 74 4.24 -23.43 -1.39
C ASN C 74 4.48 -24.05 0.00
N GLU C 75 5.67 -24.62 0.24
CA GLU C 75 5.99 -25.20 1.54
C GLU C 75 6.18 -24.07 2.54
N TYR C 76 7.05 -23.11 2.22
CA TYR C 76 7.27 -21.89 3.00
C TYR C 76 5.92 -21.26 3.33
N TRP C 77 5.11 -21.07 2.29
CA TRP C 77 3.79 -20.46 2.40
C TRP C 77 3.01 -21.01 3.61
N ARG C 78 3.14 -22.32 3.94
CA ARG C 78 2.52 -22.89 5.15
C ARG C 78 2.64 -21.95 6.36
N LEU C 79 3.84 -21.44 6.64
CA LEU C 79 4.09 -20.54 7.74
C LEU C 79 3.04 -19.44 7.79
N ILE C 80 2.70 -18.84 6.64
CA ILE C 80 1.79 -17.69 6.58
C ILE C 80 0.42 -18.10 7.14
N GLY C 81 0.10 -19.38 7.09
CA GLY C 81 -1.15 -19.91 7.60
C GLY C 81 -1.11 -19.95 9.09
N GLU C 82 0.03 -20.40 9.60
CA GLU C 82 0.25 -20.55 11.00
C GLU C 82 0.29 -19.14 11.60
N LEU C 83 0.83 -18.16 10.87
CA LEU C 83 0.79 -16.76 11.22
C LEU C 83 -0.66 -16.24 11.27
N ALA C 84 -1.35 -16.33 10.12
CA ALA C 84 -2.73 -15.86 9.94
C ALA C 84 -3.70 -16.54 10.91
N LYS C 85 -3.34 -17.75 11.34
CA LYS C 85 -4.02 -18.47 12.39
C LYS C 85 -3.64 -17.84 13.72
N GLU C 86 -2.36 -17.85 14.11
CA GLU C 86 -1.85 -17.32 15.38
C GLU C 86 -2.43 -15.96 15.72
N ILE C 87 -2.44 -15.00 14.80
CA ILE C 87 -2.97 -13.67 15.09
C ILE C 87 -4.39 -13.68 15.69
N ARG C 88 -5.21 -14.65 15.30
CA ARG C 88 -6.53 -14.90 15.88
C ARG C 88 -6.39 -15.87 17.06
N LYS C 89 -5.77 -17.01 16.79
CA LYS C 89 -5.73 -18.20 17.61
C LYS C 89 -5.02 -17.97 18.94
N LYS C 90 -4.10 -16.99 19.05
CA LYS C 90 -2.71 -17.31 19.37
C LYS C 90 -2.58 -18.51 20.31
N LYS C 91 -3.01 -18.44 21.57
CA LYS C 91 -2.94 -19.55 22.52
C LYS C 91 -4.32 -19.69 23.22
N ASP C 92 -5.39 -19.66 22.43
CA ASP C 92 -6.82 -19.81 22.75
C ASP C 92 -7.05 -21.18 23.41
N LEU C 93 -6.60 -21.28 24.66
CA LEU C 93 -6.48 -22.48 25.44
C LEU C 93 -6.02 -22.04 26.84
N LYS C 94 -4.95 -21.23 26.89
CA LYS C 94 -4.47 -20.59 28.12
C LYS C 94 -4.50 -19.06 28.00
N ILE C 95 -4.07 -18.50 26.87
CA ILE C 95 -3.83 -17.06 26.72
C ILE C 95 -4.33 -16.60 25.35
N ARG C 96 -5.39 -15.79 25.20
CA ARG C 96 -6.41 -15.30 26.14
C ARG C 96 -7.43 -14.41 25.42
N DLY C 97 -7.09 -13.43 24.57
CA DLY C 97 -5.80 -12.99 24.02
C DLY C 97 -6.13 -12.31 22.65
O DLY C 97 -6.86 -12.94 21.90
CB DLY C 97 -4.93 -12.28 25.06
CG DLY C 97 -5.54 -11.11 25.87
CD DLY C 97 -4.41 -10.34 26.60
CE DLY C 97 -4.32 -8.83 26.30
NZ DLY C 97 -5.36 -8.01 26.94
H DLY C 97 -7.85 -12.91 24.25
HA DLY C 97 -6.49 -12.03 24.18
HB2 DLY C 97 -4.62 -13.03 25.78
HB3 DLY C 97 -4.04 -11.92 24.57
HG2 DLY C 97 -6.05 -10.45 25.20
HG3 DLY C 97 -6.23 -11.50 26.60
HD2 DLY C 97 -4.57 -10.45 27.67
HD3 DLY C 97 -3.47 -10.80 26.34
HE2 DLY C 97 -3.36 -8.48 26.62
HE3 DLY C 97 -4.40 -8.70 25.22
HZ1 DLY C 97 -5.23 -7.01 26.69
HZ2 DLY C 97 -5.30 -8.10 27.97
HZ3 DLY C 97 -6.30 -8.31 26.63
N DLY C 98 -5.72 -11.11 22.23
CA DLY C 98 -4.73 -10.19 22.73
C DLY C 98 -3.38 -10.55 22.11
O DLY C 98 -3.25 -10.45 20.88
CB DLY C 98 -5.21 -8.77 22.44
CG DLY C 98 -6.69 -8.50 22.75
CD DLY C 98 -6.96 -7.02 22.98
CE DLY C 98 -6.54 -6.13 21.78
NZ DLY C 98 -6.27 -4.75 22.20
H DLY C 98 -6.18 -10.81 21.42
HA DLY C 98 -4.73 -10.28 21.56
HB2 DLY C 98 -4.62 -8.08 23.03
HB3 DLY C 98 -5.06 -8.55 21.39
HG2 DLY C 98 -7.30 -8.85 21.93
HG3 DLY C 98 -6.96 -9.05 23.64
HD2 DLY C 98 -8.02 -6.87 23.15
HD3 DLY C 98 -6.42 -6.69 23.84
HE2 DLY C 98 -5.64 -6.54 21.34
HE3 DLY C 98 -7.33 -6.14 21.05
HZ1 DLY C 98 -6.02 -4.17 21.37
HZ2 DLY C 98 -5.49 -4.72 22.88
HZ3 DLY C 98 -7.12 -4.33 22.65
N MET D 1 -11.08 -7.54 21.74
CA MET D 1 -12.12 -6.86 20.96
C MET D 1 -11.53 -6.37 19.64
N ALA D 2 -10.48 -5.53 19.68
CA ALA D 2 -9.79 -5.04 18.48
C ALA D 2 -8.52 -4.25 18.81
N ALA D 3 -7.37 -4.73 18.34
CA ALA D 3 -6.21 -3.95 17.85
C ALA D 3 -5.96 -2.52 18.37
N GLU D 4 -5.03 -2.35 19.32
CA GLU D 4 -4.12 -1.20 19.39
C GLU D 4 -2.93 -1.48 18.42
N PRO D 5 -1.85 -0.62 18.37
CA PRO D 5 -0.69 -0.77 17.48
C PRO D 5 -0.33 -2.18 17.03
N LEU D 6 -0.05 -2.27 15.73
CA LEU D 6 0.35 -3.51 15.07
C LEU D 6 1.55 -3.21 14.17
N THR D 7 2.27 -4.23 13.71
CA THR D 7 3.41 -4.02 12.83
C THR D 7 2.95 -3.87 11.38
N GLU D 8 3.90 -3.64 10.47
CA GLU D 8 3.60 -3.45 9.05
C GLU D 8 2.78 -4.61 8.46
N LEU D 9 3.20 -5.84 8.75
CA LEU D 9 2.51 -7.02 8.23
C LEU D 9 1.14 -7.23 8.91
N GLU D 10 1.03 -6.83 10.17
CA GLU D 10 -0.22 -6.98 10.90
C GLU D 10 -1.28 -6.03 10.34
N GLU D 11 -0.85 -4.81 9.96
CA GLU D 11 -1.75 -3.86 9.31
C GLU D 11 -2.32 -4.47 8.03
N SER D 12 -1.44 -4.99 7.18
CA SER D 12 -1.82 -5.44 5.85
C SER D 12 -2.65 -6.74 5.87
N ILE D 13 -2.56 -7.55 6.92
CA ILE D 13 -3.55 -8.61 7.14
C ILE D 13 -4.86 -8.01 7.70
N GLU D 14 -4.80 -6.95 8.52
CA GLU D 14 -6.02 -6.28 8.97
C GLU D 14 -6.81 -5.74 7.77
N THR D 15 -6.18 -4.94 6.90
CA THR D 15 -6.90 -4.20 5.87
C THR D 15 -7.85 -5.10 5.06
N VAL D 16 -7.42 -6.33 4.76
CA VAL D 16 -8.26 -7.30 4.05
C VAL D 16 -9.36 -7.87 4.97
N VAL D 17 -9.07 -8.09 6.25
CA VAL D 17 -10.06 -8.52 7.23
C VAL D 17 -11.15 -7.46 7.35
N THR D 18 -10.76 -6.17 7.35
CA THR D 18 -11.72 -5.06 7.42
C THR D 18 -12.78 -5.18 6.30
N THR D 19 -12.41 -5.79 5.16
CA THR D 19 -13.35 -6.03 4.06
C THR D 19 -14.32 -7.12 4.50
N PHE D 20 -13.71 -8.20 4.98
CA PHE D 20 -14.42 -9.35 5.55
C PHE D 20 -15.46 -8.88 6.57
N PHE D 21 -14.99 -8.07 7.54
CA PHE D 21 -15.83 -7.56 8.63
C PHE D 21 -17.02 -6.72 8.16
N THR D 22 -16.84 -5.91 7.12
CA THR D 22 -17.94 -5.06 6.65
C THR D 22 -18.89 -5.79 5.69
N PHE D 23 -18.61 -7.04 5.39
CA PHE D 23 -19.46 -7.81 4.50
C PHE D 23 -20.18 -8.89 5.28
N ALA D 24 -19.53 -9.36 6.35
CA ALA D 24 -20.07 -10.41 7.18
C ALA D 24 -21.02 -9.89 8.25
N ARG D 25 -21.10 -8.55 8.39
CA ARG D 25 -22.03 -7.93 9.33
C ARG D 25 -23.36 -7.55 8.62
N GLN D 26 -23.73 -8.32 7.60
CA GLN D 26 -24.95 -8.05 6.82
C GLN D 26 -26.20 -8.59 7.53
N GLU D 27 -26.44 -9.90 7.42
CA GLU D 27 -27.58 -10.54 8.09
C GLU D 27 -27.20 -10.70 9.56
N GLY D 28 -27.07 -11.93 10.07
CA GLY D 28 -26.56 -12.04 11.42
C GLY D 28 -25.08 -11.68 11.44
N ARG D 29 -24.57 -11.35 12.64
CA ARG D 29 -23.28 -11.81 13.13
C ARG D 29 -22.10 -11.57 12.17
N LYS D 30 -21.28 -10.58 12.53
CA LYS D 30 -20.09 -10.18 11.76
C LYS D 30 -18.93 -11.16 11.89
N ASP D 31 -18.95 -11.98 12.95
CA ASP D 31 -17.92 -12.97 13.20
C ASP D 31 -18.00 -14.20 12.28
N SER D 32 -19.10 -14.39 11.54
CA SER D 32 -19.25 -15.50 10.60
C SER D 32 -19.73 -15.00 9.23
N LEU D 33 -19.17 -15.56 8.15
CA LEU D 33 -19.71 -15.34 6.81
C LEU D 33 -21.01 -16.12 6.68
N SER D 34 -22.01 -15.45 6.12
CA SER D 34 -23.36 -15.93 5.86
C SER D 34 -23.57 -15.89 4.33
N VAL D 35 -24.57 -16.60 3.77
CA VAL D 35 -24.63 -16.79 2.31
C VAL D 35 -25.60 -15.83 1.64
N ASN D 36 -25.44 -14.57 1.99
CA ASN D 36 -25.60 -13.39 1.16
C ASN D 36 -24.74 -12.31 1.84
N GLU D 37 -23.49 -12.78 1.96
CA GLU D 37 -22.32 -12.08 2.48
C GLU D 37 -21.13 -12.63 1.69
N PHE D 38 -21.11 -13.98 1.60
CA PHE D 38 -20.14 -14.73 0.84
C PHE D 38 -20.36 -14.52 -0.65
N LYS D 39 -21.56 -14.86 -1.15
CA LYS D 39 -21.81 -14.75 -2.58
C LYS D 39 -21.64 -13.30 -3.04
N GLU D 40 -22.05 -12.34 -2.21
CA GLU D 40 -21.88 -10.92 -2.53
C GLU D 40 -20.39 -10.55 -2.57
N LEU D 41 -19.61 -11.21 -1.71
CA LEU D 41 -18.17 -10.96 -1.62
C LEU D 41 -17.45 -11.50 -2.86
N VAL D 42 -17.75 -12.74 -3.24
CA VAL D 42 -17.14 -13.33 -4.42
C VAL D 42 -17.59 -12.61 -5.68
N THR D 43 -18.87 -12.28 -5.78
CA THR D 43 -19.40 -11.61 -6.98
C THR D 43 -18.83 -10.20 -7.19
N GLN D 44 -18.48 -9.49 -6.11
CA GLN D 44 -17.97 -8.12 -6.25
C GLN D 44 -16.46 -8.01 -6.04
N GLN D 45 -15.97 -8.52 -4.92
CA GLN D 45 -14.55 -8.43 -4.59
C GLN D 45 -13.69 -9.47 -5.32
N LEU D 46 -14.22 -10.67 -5.55
CA LEU D 46 -13.43 -11.72 -6.23
C LEU D 46 -14.10 -12.21 -7.53
N PRO D 47 -14.43 -11.32 -8.48
CA PRO D 47 -15.07 -11.73 -9.74
C PRO D 47 -14.06 -12.07 -10.83
N HIS D 48 -12.85 -11.53 -10.69
CA HIS D 48 -11.77 -11.77 -11.65
C HIS D 48 -10.80 -12.81 -11.12
N LEU D 49 -10.44 -12.67 -9.85
CA LEU D 49 -9.52 -13.61 -9.20
C LEU D 49 -10.17 -14.98 -9.10
N LEU D 50 -11.37 -15.02 -8.54
CA LEU D 50 -12.11 -16.27 -8.42
C LEU D 50 -13.11 -16.38 -9.57
N LYS D 51 -12.73 -17.16 -10.57
CA LYS D 51 -13.57 -17.35 -11.75
C LYS D 51 -14.59 -18.48 -11.52
N ASP D 52 -15.26 -18.40 -10.37
CA ASP D 52 -16.27 -19.39 -10.00
C ASP D 52 -17.32 -18.75 -9.10
N VAL D 53 -17.93 -17.67 -9.60
CA VAL D 53 -18.96 -16.94 -8.86
C VAL D 53 -20.30 -17.66 -8.92
N GLY D 54 -20.45 -18.55 -9.89
CA GLY D 54 -21.70 -19.28 -10.05
C GLY D 54 -21.65 -20.64 -9.37
N SER D 55 -20.44 -21.05 -9.00
CA SER D 55 -20.23 -22.32 -8.32
C SER D 55 -19.68 -22.12 -6.91
N LEU D 56 -20.07 -21.01 -6.29
CA LEU D 56 -19.67 -20.69 -4.93
C LEU D 56 -20.06 -21.84 -4.01
N ASP D 57 -21.29 -22.31 -4.11
CA ASP D 57 -21.91 -23.35 -3.31
C ASP D 57 -20.98 -24.55 -3.08
N GLU D 58 -20.24 -24.97 -4.12
CA GLU D 58 -19.25 -26.04 -4.00
C GLU D 58 -18.12 -25.60 -3.05
N LYS D 59 -17.60 -24.39 -3.28
CA LYS D 59 -16.53 -23.83 -2.43
C LYS D 59 -17.03 -23.75 -0.99
N MET D 60 -18.24 -23.22 -0.83
CA MET D 60 -18.90 -23.13 0.47
C MET D 60 -18.90 -24.50 1.16
N LYS D 61 -19.41 -25.53 0.48
CA LYS D 61 -19.45 -26.86 1.06
C LYS D 61 -18.04 -27.34 1.42
N SER D 62 -17.06 -27.09 0.54
CA SER D 62 -15.68 -27.45 0.79
C SER D 62 -15.09 -26.69 1.99
N LEU D 63 -15.46 -25.42 2.14
CA LEU D 63 -14.99 -24.54 3.20
C LEU D 63 -15.56 -24.97 4.54
N ASP D 64 -16.89 -25.01 4.62
CA ASP D 64 -17.69 -25.01 5.84
C ASP D 64 -17.42 -26.14 6.84
N VAL D 65 -16.69 -27.18 6.44
CA VAL D 65 -16.96 -28.63 6.54
C VAL D 65 -17.67 -29.17 7.79
N ASN D 66 -17.67 -28.47 8.92
CA ASN D 66 -18.64 -28.80 9.98
C ASN D 66 -20.07 -28.68 9.44
N GLN D 67 -20.27 -27.86 8.40
CA GLN D 67 -21.51 -27.72 7.66
C GLN D 67 -22.61 -27.06 8.52
N ASP D 68 -22.22 -26.38 9.60
CA ASP D 68 -23.13 -25.51 10.34
C ASP D 68 -23.64 -24.37 9.45
N SER D 69 -22.95 -24.11 8.33
CA SER D 69 -23.28 -23.06 7.38
C SER D 69 -23.05 -21.66 7.93
N GLU D 70 -22.39 -21.54 9.10
CA GLU D 70 -21.63 -20.36 9.44
C GLU D 70 -20.23 -20.61 8.90
N LEU D 71 -19.83 -19.86 7.87
CA LEU D 71 -18.47 -19.90 7.38
C LEU D 71 -17.63 -19.20 8.46
N LYS D 72 -16.95 -20.00 9.28
CA LYS D 72 -16.49 -19.61 10.60
C LYS D 72 -15.18 -18.83 10.48
N PHE D 73 -14.72 -18.26 11.61
CA PHE D 73 -13.56 -17.38 11.67
C PHE D 73 -12.31 -18.27 11.68
N ASN D 74 -12.05 -18.80 10.48
CA ASN D 74 -11.11 -19.81 10.02
C ASN D 74 -11.85 -21.14 9.89
N GLU D 75 -13.02 -21.17 9.24
CA GLU D 75 -13.22 -21.86 7.97
C GLU D 75 -12.90 -20.86 6.84
N TYR D 76 -13.67 -19.77 6.81
CA TYR D 76 -13.72 -18.75 5.75
C TYR D 76 -12.34 -18.46 5.19
N TRP D 77 -11.42 -18.15 6.09
CA TRP D 77 -10.09 -17.67 5.80
C TRP D 77 -9.44 -18.45 4.66
N ARG D 78 -9.63 -19.77 4.63
CA ARG D 78 -9.18 -20.65 3.56
C ARG D 78 -9.32 -20.00 2.18
N LEU D 79 -10.47 -19.37 1.91
CA LEU D 79 -10.76 -18.72 0.65
C LEU D 79 -9.61 -17.80 0.21
N ILE D 80 -9.15 -16.92 1.10
CA ILE D 80 -8.09 -15.97 0.83
C ILE D 80 -6.83 -16.78 0.41
N GLY D 81 -6.71 -17.99 0.94
CA GLY D 81 -5.66 -18.95 0.66
C GLY D 81 -5.72 -19.48 -0.74
N GLU D 82 -6.94 -19.80 -1.13
CA GLU D 82 -7.18 -20.36 -2.43
C GLU D 82 -6.91 -19.26 -3.44
N LEU D 83 -7.43 -18.05 -3.27
CA LEU D 83 -6.98 -16.95 -4.13
C LEU D 83 -5.46 -16.77 -4.09
N ALA D 84 -4.86 -16.78 -2.89
CA ALA D 84 -3.42 -16.59 -2.74
C ALA D 84 -2.64 -17.59 -3.59
N LYS D 85 -2.95 -18.89 -3.51
CA LYS D 85 -2.29 -19.85 -4.38
C LYS D 85 -2.74 -19.66 -5.83
N GLU D 86 -4.04 -19.42 -6.12
CA GLU D 86 -4.62 -19.34 -7.48
C GLU D 86 -3.74 -18.52 -8.42
N ILE D 87 -3.26 -17.35 -7.96
CA ILE D 87 -2.40 -16.51 -8.77
C ILE D 87 -1.21 -17.29 -9.36
N ARG D 88 -0.64 -18.21 -8.56
CA ARG D 88 0.37 -19.18 -8.95
C ARG D 88 -0.25 -20.42 -9.60
N LYS D 89 -1.40 -20.87 -9.10
CA LYS D 89 -1.93 -22.22 -9.30
C LYS D 89 -3.27 -22.17 -10.05
N LYS D 90 -3.19 -22.00 -11.37
CA LYS D 90 -4.28 -21.94 -12.33
C LYS D 90 -5.45 -22.88 -11.99
N LYS D 91 -5.20 -24.20 -11.83
CA LYS D 91 -6.27 -25.15 -11.49
C LYS D 91 -5.75 -26.40 -10.76
N ASP D 92 -4.43 -26.51 -10.55
CA ASP D 92 -3.75 -27.79 -10.57
C ASP D 92 -3.65 -28.38 -9.16
N LEU D 93 -4.77 -28.41 -8.44
CA LEU D 93 -4.83 -28.90 -7.07
C LEU D 93 -5.20 -30.38 -7.01
N DLY D 94 -6.31 -30.77 -7.64
CA DLY D 94 -6.98 -32.04 -7.43
C DLY D 94 -7.13 -32.38 -5.94
O DLY D 94 -8.03 -31.85 -5.29
CB DLY D 94 -8.36 -31.99 -8.09
CG DLY D 94 -9.10 -30.67 -7.79
CD DLY D 94 -10.62 -30.79 -7.64
CE DLY D 94 -11.12 -31.17 -6.23
NZ DLY D 94 -10.60 -32.46 -5.72
H DLY D 94 -6.71 -30.14 -8.28
HA DLY D 94 -7.36 -31.18 -6.78
HB2 DLY D 94 -8.25 -32.08 -9.16
HB3 DLY D 94 -8.96 -32.81 -7.72
HG2 DLY D 94 -8.72 -30.25 -6.86
HG3 DLY D 94 -8.89 -29.98 -8.59
HD2 DLY D 94 -11.06 -29.84 -7.90
HD3 DLY D 94 -10.97 -31.54 -8.34
HE2 DLY D 94 -10.80 -30.40 -5.55
HE3 DLY D 94 -12.20 -31.20 -6.25
HZ1 DLY D 94 -10.97 -32.64 -4.77
HZ2 DLY D 94 -9.56 -32.45 -5.69
HZ3 DLY D 94 -10.91 -33.24 -6.36
N ILE D 95 -6.30 -33.30 -5.42
CA ILE D 95 -6.45 -33.97 -4.13
C ILE D 95 -7.81 -34.67 -3.92
N ARG D 96 -7.77 -35.73 -3.10
CA ARG D 96 -8.90 -36.54 -2.66
C ARG D 96 -8.36 -37.40 -1.51
N LYS D 97 -9.00 -37.40 -0.35
CA LYS D 97 -8.41 -37.85 0.89
C LYS D 97 -9.51 -37.79 1.96
N LYS D 98 -9.77 -38.92 2.64
CA LYS D 98 -10.57 -38.97 3.86
C LYS D 98 -9.59 -39.11 5.01
N TYR E 1 -26.27 32.65 8.40
CA TYR E 1 -27.04 32.74 7.13
C TYR E 1 -27.44 31.34 6.67
N LYS E 2 -28.30 30.68 7.44
CA LYS E 2 -28.76 29.34 7.11
C LYS E 2 -29.26 29.28 5.67
N LYS E 3 -28.48 28.62 4.82
CA LYS E 3 -28.81 28.49 3.41
C LYS E 3 -28.08 27.28 2.82
N PRO E 4 -28.16 27.07 1.47
CA PRO E 4 -27.52 25.97 0.77
C PRO E 4 -26.38 25.31 1.55
N LYS E 5 -26.65 24.12 2.08
CA LYS E 5 -25.67 23.37 2.83
C LYS E 5 -25.00 22.34 1.92
N LEU E 6 -23.75 22.62 1.53
CA LEU E 6 -23.01 21.72 0.66
C LEU E 6 -22.36 20.60 1.49
N LEU E 7 -22.47 19.37 1.00
CA LEU E 7 -21.91 18.22 1.69
C LEU E 7 -21.36 17.21 0.69
N TYR E 8 -20.18 16.67 0.98
CA TYR E 8 -19.55 15.67 0.12
C TYR E 8 -18.52 14.87 0.93
N CYS E 9 -17.96 13.82 0.33
CA CYS E 9 -16.96 13.01 1.03
C CYS E 9 -15.93 12.44 0.06
N SER E 10 -14.84 11.92 0.62
CA SER E 10 -13.75 11.35 -0.16
C SER E 10 -12.93 12.46 -0.79
N ASN E 11 -11.64 12.50 -0.46
CA ASN E 11 -10.75 13.52 -1.00
C ASN E 11 -10.87 13.59 -2.51
N GLY E 12 -11.13 14.78 -3.02
CA GLY E 12 -11.27 14.97 -4.45
C GLY E 12 -12.47 15.83 -4.78
N GLY E 13 -12.29 16.75 -5.73
CA GLY E 13 -13.37 17.61 -6.14
C GLY E 13 -14.61 16.84 -6.57
N HIS E 14 -15.62 16.83 -5.71
CA HIS E 14 -16.88 16.15 -5.98
C HIS E 14 -17.95 16.61 -4.99
N PHE E 15 -19.05 17.15 -5.50
CA PHE E 15 -20.13 17.64 -4.64
C PHE E 15 -21.41 16.88 -4.91
N LEU E 16 -22.24 16.75 -3.88
CA LEU E 16 -23.51 16.04 -4.01
C LEU E 16 -24.52 16.88 -4.79
N ARG E 17 -24.69 16.57 -6.07
CA ARG E 17 -25.62 17.32 -6.91
C ARG E 17 -26.96 16.59 -6.96
N ILE E 18 -27.95 17.16 -6.29
CA ILE E 18 -29.28 16.56 -6.24
C ILE E 18 -30.15 17.05 -7.38
N LEU E 19 -30.98 16.15 -7.91
CA LEU E 19 -31.89 16.45 -8.99
C LEU E 19 -33.28 15.97 -8.65
N PRO E 20 -34.32 16.76 -8.99
CA PRO E 20 -35.73 16.40 -8.72
C PRO E 20 -36.04 14.96 -9.07
N ASP E 21 -35.35 14.44 -10.08
CA ASP E 21 -35.53 13.07 -10.53
C ASP E 21 -35.23 12.08 -9.40
N GLY E 22 -34.16 12.34 -8.66
CA GLY E 22 -33.77 11.48 -7.57
C GLY E 22 -32.34 10.98 -7.70
N THR E 23 -31.89 10.79 -8.94
CA THR E 23 -30.54 10.32 -9.20
C THR E 23 -29.50 11.40 -8.87
N VAL E 24 -29.12 11.47 -7.61
CA VAL E 24 -28.12 12.43 -7.15
C VAL E 24 -26.71 11.85 -7.33
N ASP E 25 -25.82 12.64 -7.92
CA ASP E 25 -24.44 12.20 -8.14
C ASP E 25 -23.44 13.18 -7.56
N GLY E 26 -22.18 12.75 -7.45
CA GLY E 26 -21.14 13.60 -6.89
C GLY E 26 -20.52 14.50 -7.94
N THR E 27 -21.31 15.43 -8.45
CA THR E 27 -20.86 16.37 -9.47
C THR E 27 -19.83 17.35 -8.88
N ARG E 28 -18.69 17.48 -9.54
CA ARG E 28 -17.66 18.38 -9.07
C ARG E 28 -17.80 19.75 -9.74
N ASP E 29 -18.89 20.44 -9.41
CA ASP E 29 -19.16 21.76 -9.98
C ASP E 29 -19.92 22.63 -8.98
N ARG E 30 -19.74 23.93 -9.09
CA ARG E 30 -20.43 24.88 -8.21
C ARG E 30 -20.99 26.04 -9.04
N SER E 31 -21.22 25.80 -10.32
CA SER E 31 -21.76 26.80 -11.22
C SER E 31 -23.28 26.71 -11.26
N ASP E 32 -23.79 25.49 -11.32
CA ASP E 32 -25.24 25.27 -11.35
C ASP E 32 -25.77 24.98 -9.95
N GLN E 33 -26.78 25.73 -9.54
CA GLN E 33 -27.35 25.57 -8.20
C GLN E 33 -28.10 24.24 -8.07
N HIS E 34 -27.35 23.15 -7.94
CA HIS E 34 -27.94 21.83 -7.77
C HIS E 34 -27.12 20.96 -6.82
N ILE E 35 -26.23 21.59 -6.05
CA ILE E 35 -25.39 20.85 -5.10
C ILE E 35 -25.53 21.45 -3.70
N GLN E 36 -26.77 21.73 -3.31
CA GLN E 36 -27.05 22.32 -2.01
C GLN E 36 -28.31 21.71 -1.40
N LEU E 37 -28.21 21.34 -0.13
CA LEU E 37 -29.33 20.75 0.60
C LEU E 37 -29.54 21.50 1.91
N GLN E 38 -30.76 21.49 2.42
CA GLN E 38 -31.07 22.17 3.66
C GLN E 38 -30.84 21.25 4.85
N LEU E 39 -29.58 21.00 5.16
CA LEU E 39 -29.20 20.16 6.28
C LEU E 39 -29.41 20.90 7.59
N SER E 40 -30.12 20.28 8.52
CA SER E 40 -30.39 20.89 9.83
C SER E 40 -30.80 19.83 10.84
N ALA E 41 -30.59 20.13 12.11
CA ALA E 41 -30.94 19.23 13.20
C ALA E 41 -32.41 19.41 13.55
N GLU E 42 -33.24 18.48 13.09
CA GLU E 42 -34.68 18.54 13.34
C GLU E 42 -34.97 18.23 14.81
N SER E 43 -34.49 17.09 15.27
CA SER E 43 -34.69 16.67 16.65
C SER E 43 -33.34 16.56 17.35
N VAL E 44 -33.35 16.29 18.66
CA VAL E 44 -32.12 16.17 19.43
C VAL E 44 -31.17 15.16 18.79
N GLY E 45 -30.26 15.67 17.97
CA GLY E 45 -29.30 14.81 17.30
C GLY E 45 -29.77 14.31 15.95
N GLU E 46 -31.08 14.41 15.68
CA GLU E 46 -31.64 13.94 14.42
C GLU E 46 -31.58 15.03 13.36
N VAL E 47 -30.70 14.84 12.38
CA VAL E 47 -30.55 15.80 11.29
C VAL E 47 -31.20 15.28 10.02
N TYR E 48 -31.82 16.18 9.27
CA TYR E 48 -32.49 15.80 8.03
C TYR E 48 -31.80 16.42 6.83
N ILE E 49 -31.85 15.72 5.71
CA ILE E 49 -31.26 16.18 4.46
C ILE E 49 -32.36 16.44 3.44
N LYS E 50 -32.67 17.70 3.25
CA LYS E 50 -33.72 18.09 2.31
C LYS E 50 -33.23 19.20 1.38
N SER E 51 -33.11 18.89 0.09
CA SER E 51 -32.67 19.86 -0.88
C SER E 51 -33.86 20.72 -1.34
N THR E 52 -34.46 21.41 -0.38
CA THR E 52 -35.62 22.24 -0.63
C THR E 52 -35.40 23.25 -1.75
N GLU E 53 -34.56 24.25 -1.49
CA GLU E 53 -34.30 25.30 -2.46
C GLU E 53 -33.25 24.88 -3.49
N THR E 54 -33.49 23.76 -4.19
CA THR E 54 -32.55 23.28 -5.20
C THR E 54 -32.96 21.93 -5.79
N GLY E 55 -33.43 21.01 -4.95
CA GLY E 55 -33.80 19.70 -5.46
C GLY E 55 -35.04 19.12 -4.82
N GLN E 56 -34.83 18.06 -4.04
CA GLN E 56 -35.92 17.35 -3.39
C GLN E 56 -35.53 16.85 -2.00
N TYR E 57 -36.45 16.13 -1.37
CA TYR E 57 -36.22 15.56 -0.04
C TYR E 57 -35.66 14.16 -0.18
N LEU E 58 -34.76 13.77 0.72
CA LEU E 58 -34.16 12.44 0.65
C LEU E 58 -35.07 11.38 1.27
N ALA E 59 -34.88 10.15 0.82
CA ALA E 59 -35.65 9.01 1.29
C ALA E 59 -34.89 7.72 0.96
N MET E 60 -33.96 7.37 1.85
CA MET E 60 -33.14 6.17 1.68
C MET E 60 -33.97 4.93 1.40
N ASP E 61 -33.44 4.07 0.54
CA ASP E 61 -34.12 2.83 0.20
C ASP E 61 -33.59 1.73 1.11
N THR E 62 -34.14 1.66 2.31
CA THR E 62 -33.73 0.66 3.28
C THR E 62 -32.25 0.85 3.63
N ASP E 63 -31.80 2.11 3.62
CA ASP E 63 -30.40 2.46 3.89
C ASP E 63 -29.50 1.97 2.75
N GLY E 64 -29.62 0.69 2.41
CA GLY E 64 -28.85 0.10 1.32
C GLY E 64 -28.57 1.08 0.19
N LEU E 65 -29.62 1.65 -0.38
CA LEU E 65 -29.49 2.61 -1.46
C LEU E 65 -30.03 3.96 -1.02
N LEU E 66 -29.28 5.01 -1.28
CA LEU E 66 -29.67 6.35 -0.88
C LEU E 66 -30.32 7.08 -2.06
N TYR E 67 -31.50 7.64 -1.83
CA TYR E 67 -32.22 8.36 -2.87
C TYR E 67 -33.16 9.39 -2.23
N GLY E 68 -33.84 10.17 -3.07
CA GLY E 68 -34.76 11.16 -2.56
C GLY E 68 -35.46 11.89 -3.69
N SER E 69 -36.74 12.22 -3.49
CA SER E 69 -37.52 12.93 -4.50
C SER E 69 -38.99 13.01 -4.10
N GLN E 70 -39.63 11.85 -3.98
CA GLN E 70 -41.06 11.79 -3.66
C GLN E 70 -41.37 12.39 -2.28
N THR E 71 -40.98 11.70 -1.21
CA THR E 71 -41.27 12.18 0.14
C THR E 71 -40.12 11.91 1.12
N PRO E 72 -39.93 12.81 2.10
CA PRO E 72 -38.88 12.66 3.12
C PRO E 72 -39.27 11.63 4.17
N ASN E 73 -39.27 10.36 3.78
CA ASN E 73 -39.64 9.28 4.68
C ASN E 73 -38.66 9.18 5.85
N GLU E 74 -39.11 8.59 6.96
CA GLU E 74 -38.26 8.44 8.16
C GLU E 74 -36.85 7.98 7.79
N GLU E 75 -36.74 7.20 6.72
CA GLU E 75 -35.43 6.74 6.22
C GLU E 75 -34.44 7.91 6.13
N CYS E 76 -34.97 9.12 5.95
CA CYS E 76 -34.14 10.31 5.82
C CYS E 76 -33.71 10.91 7.18
N LEU E 77 -34.07 10.28 8.30
CA LEU E 77 -33.68 10.79 9.61
C LEU E 77 -32.33 10.19 10.02
N PHE E 78 -31.34 11.05 10.23
CA PHE E 78 -30.00 10.60 10.60
C PHE E 78 -29.50 11.30 11.86
N LEU E 79 -28.73 10.57 12.67
CA LEU E 79 -28.16 11.12 13.88
C LEU E 79 -26.87 11.87 13.55
N GLU E 80 -26.80 13.13 13.96
CA GLU E 80 -25.63 13.96 13.69
C GLU E 80 -24.45 13.58 14.59
N ARG E 81 -23.38 13.10 13.96
CA ARG E 81 -22.18 12.71 14.70
C ARG E 81 -20.95 13.35 14.06
N LEU E 82 -19.92 13.62 14.86
CA LEU E 82 -18.72 14.25 14.35
C LEU E 82 -17.49 13.38 14.63
N GLU E 83 -16.57 13.32 13.69
CA GLU E 83 -15.36 12.53 13.84
C GLU E 83 -14.15 13.45 13.90
N GLU E 84 -13.19 13.11 14.76
CA GLU E 84 -11.98 13.90 14.91
C GLU E 84 -11.06 13.72 13.70
N ASN E 85 -11.62 13.95 12.52
CA ASN E 85 -10.89 13.82 11.27
C ASN E 85 -11.35 14.89 10.28
N HIS E 86 -11.94 15.97 10.80
CA HIS E 86 -12.45 17.06 9.97
C HIS E 86 -13.55 16.56 9.04
N TYR E 87 -14.45 15.73 9.57
CA TYR E 87 -15.55 15.19 8.78
C TYR E 87 -16.80 14.98 9.64
N ASN E 88 -17.95 15.02 9.00
CA ASN E 88 -19.23 14.84 9.67
C ASN E 88 -19.75 13.42 9.46
N THR E 89 -20.45 12.90 10.46
CA THR E 89 -21.01 11.57 10.39
C THR E 89 -22.51 11.61 10.67
N TYR E 90 -23.28 10.87 9.88
CA TYR E 90 -24.73 10.85 10.06
C TYR E 90 -25.21 9.41 10.12
N ILE E 91 -25.77 9.02 11.26
CA ILE E 91 -26.24 7.66 11.45
C ILE E 91 -27.73 7.54 11.13
N SER E 92 -28.05 6.74 10.12
CA SER E 92 -29.42 6.52 9.72
C SER E 92 -30.15 5.71 10.79
N LYS E 93 -30.56 6.39 11.86
CA LYS E 93 -31.24 5.73 12.97
C LYS E 93 -32.29 4.73 12.47
N LYS E 94 -32.94 5.06 11.35
CA LYS E 94 -33.93 4.18 10.76
C LYS E 94 -33.37 2.77 10.56
N HIS E 95 -32.05 2.67 10.36
CA HIS E 95 -31.39 1.38 10.16
C HIS E 95 -30.20 1.20 11.10
N ALA E 96 -30.06 2.10 12.08
CA ALA E 96 -28.97 2.03 13.05
C ALA E 96 -28.92 0.63 13.67
N GLU E 97 -30.08 0.00 13.79
CA GLU E 97 -30.19 -1.35 14.34
C GLU E 97 -29.19 -2.30 13.68
N LYS E 98 -28.94 -2.10 12.39
CA LYS E 98 -28.01 -2.96 11.64
C LYS E 98 -26.62 -2.33 11.55
N ASN E 99 -26.39 -1.27 12.34
CA ASN E 99 -25.12 -0.55 12.36
C ASN E 99 -24.84 0.08 10.99
N TRP E 100 -25.89 0.63 10.38
CA TRP E 100 -25.78 1.25 9.06
C TRP E 100 -25.93 2.77 9.15
N PHE E 101 -24.95 3.48 8.62
CA PHE E 101 -24.98 4.94 8.61
C PHE E 101 -24.58 5.48 7.22
N VAL E 102 -25.53 6.22 6.60
CA VAL E 102 -25.43 6.83 5.27
C VAL E 102 -23.99 6.93 4.73
N GLY E 103 -23.79 6.30 3.57
CA GLY E 103 -22.49 6.33 2.91
C GLY E 103 -22.66 6.46 1.40
N LEU E 104 -21.91 7.38 0.79
CA LEU E 104 -22.02 7.60 -0.65
C LEU E 104 -20.68 7.36 -1.36
N LYS E 105 -20.77 7.14 -2.67
CA LYS E 105 -19.59 6.90 -3.49
C LYS E 105 -19.25 8.15 -4.29
N LYS E 106 -18.20 8.85 -3.86
CA LYS E 106 -17.75 10.09 -4.51
C LYS E 106 -17.80 9.98 -6.04
N ASN E 107 -17.33 8.85 -6.56
CA ASN E 107 -17.32 8.63 -8.00
C ASN E 107 -18.34 7.57 -8.40
N GLY E 108 -19.49 7.57 -7.74
CA GLY E 108 -20.53 6.60 -8.05
C GLY E 108 -21.92 7.12 -7.78
N SER E 109 -22.12 7.60 -6.55
CA SER E 109 -23.40 8.14 -6.07
C SER E 109 -23.65 7.65 -4.64
N CYS E 110 -24.72 8.12 -4.03
CA CYS E 110 -25.05 7.74 -2.66
C CYS E 110 -25.83 6.42 -2.64
N LYS E 111 -25.14 5.32 -2.33
CA LYS E 111 -25.78 4.00 -2.25
C LYS E 111 -24.75 2.95 -1.86
N ARG E 112 -24.45 2.89 -0.56
CA ARG E 112 -23.48 1.94 -0.03
C ARG E 112 -23.91 1.45 1.35
N GLY E 113 -25.22 1.37 1.57
CA GLY E 113 -25.77 0.94 2.84
C GLY E 113 -25.24 -0.39 3.35
N PRO E 114 -25.12 -1.44 2.52
CA PRO E 114 -24.58 -2.75 2.97
C PRO E 114 -23.08 -2.69 3.29
N ARG E 115 -22.48 -1.50 3.12
CA ARG E 115 -21.06 -1.30 3.38
C ARG E 115 -20.84 -0.06 4.26
N THR E 116 -21.86 0.33 5.02
CA THR E 116 -21.75 1.51 5.88
C THR E 116 -21.32 1.15 7.32
N HIS E 117 -20.01 1.17 7.55
CA HIS E 117 -19.45 0.88 8.88
C HIS E 117 -17.95 1.22 8.89
N TYR E 118 -17.17 0.48 9.67
CA TYR E 118 -15.74 0.72 9.75
C TYR E 118 -15.01 0.01 8.61
N GLY E 119 -15.15 0.56 7.42
CA GLY E 119 -14.51 0.02 6.23
C GLY E 119 -14.46 1.07 5.14
N GLN E 120 -15.64 1.56 4.77
CA GLN E 120 -15.76 2.61 3.77
C GLN E 120 -15.65 3.96 4.46
N LYS E 121 -14.60 4.69 4.15
CA LYS E 121 -14.33 5.98 4.78
C LYS E 121 -15.28 7.07 4.24
N ALA E 122 -15.88 6.81 3.08
CA ALA E 122 -16.81 7.74 2.45
C ALA E 122 -17.91 8.20 3.41
N ILE E 123 -18.09 7.47 4.51
CA ILE E 123 -19.09 7.83 5.52
C ILE E 123 -18.73 9.16 6.20
N LEU E 124 -17.44 9.50 6.21
CA LEU E 124 -16.97 10.74 6.81
C LEU E 124 -17.11 11.87 5.82
N PHE E 125 -18.27 12.51 5.84
CA PHE E 125 -18.57 13.61 4.91
C PHE E 125 -17.94 14.92 5.37
N LEU E 126 -17.57 15.74 4.39
CA LEU E 126 -16.97 17.04 4.66
C LEU E 126 -17.98 18.13 4.27
N PRO E 127 -18.59 18.79 5.25
CA PRO E 127 -19.58 19.84 5.02
C PRO E 127 -18.97 21.23 4.82
N LEU E 128 -19.58 21.99 3.90
CA LEU E 128 -19.16 23.35 3.61
C LEU E 128 -20.37 24.29 3.60
N PRO E 129 -21.22 24.20 4.65
CA PRO E 129 -22.43 25.02 4.74
C PRO E 129 -22.17 26.43 5.26
N VAL E 130 -23.03 27.36 4.88
CA VAL E 130 -22.90 28.75 5.33
C VAL E 130 -23.49 28.90 6.73
N SER E 131 -22.64 28.66 7.74
CA SER E 131 -23.05 28.77 9.12
C SER E 131 -23.33 30.22 9.52
N SER E 132 -23.76 30.41 10.75
CA SER E 132 -24.06 31.73 11.28
C SER E 132 -23.01 32.14 12.31
N ASP E 133 -21.78 32.30 11.85
CA ASP E 133 -20.67 32.67 12.71
C ASP E 133 -20.46 34.18 12.70
N GLU F 1 -14.64 -1.54 -5.10
CA GLU F 1 -15.20 -1.72 -6.47
C GLU F 1 -14.10 -1.56 -7.53
N LYS F 2 -13.89 -2.62 -8.31
CA LYS F 2 -12.87 -2.62 -9.35
C LYS F 2 -13.33 -3.34 -10.61
N LEU F 3 -12.94 -2.82 -11.76
CA LEU F 3 -13.31 -3.43 -13.03
C LEU F 3 -12.11 -3.41 -14.00
N GLY F 4 -11.02 -2.78 -13.55
CA GLY F 4 -9.82 -2.69 -14.36
C GLY F 4 -9.58 -1.27 -14.85
N LYS F 5 -9.16 -1.13 -16.11
CA LYS F 5 -8.89 0.19 -16.69
C LYS F 5 -9.28 0.23 -18.16
N LEU F 6 -9.65 1.41 -18.65
CA LEU F 6 -10.05 1.60 -20.03
C LEU F 6 -9.38 2.85 -20.60
N GLN F 7 -8.64 2.68 -21.68
CA GLN F 7 -7.95 3.81 -22.31
C GLN F 7 -8.86 4.42 -23.36
N TYR F 8 -8.94 5.75 -23.42
CA TYR F 8 -9.80 6.40 -24.40
C TYR F 8 -9.31 7.80 -24.77
N SER F 9 -9.73 8.23 -25.95
CA SER F 9 -9.40 9.54 -26.50
C SER F 9 -10.67 10.16 -27.07
N LEU F 10 -11.26 11.09 -26.34
CA LEU F 10 -12.50 11.72 -26.77
C LEU F 10 -12.27 13.10 -27.39
N ASP F 11 -12.82 13.30 -28.59
CA ASP F 11 -12.70 14.59 -29.27
C ASP F 11 -14.10 15.15 -29.55
N TYR F 12 -14.19 16.43 -29.91
CA TYR F 12 -15.48 17.06 -30.13
C TYR F 12 -15.66 17.55 -31.57
N ASP F 13 -16.89 17.47 -32.06
CA ASP F 13 -17.23 17.94 -33.40
C ASP F 13 -18.21 19.11 -33.30
N PHE F 14 -17.84 20.24 -33.89
CA PHE F 14 -18.66 21.44 -33.84
C PHE F 14 -19.43 21.68 -35.15
N GLN F 15 -19.43 20.69 -36.04
CA GLN F 15 -20.12 20.79 -37.32
C GLN F 15 -21.47 20.06 -37.23
N ASN F 16 -21.44 18.85 -36.69
CA ASN F 16 -22.65 18.04 -36.53
C ASN F 16 -23.16 18.12 -35.08
N ASN F 17 -22.27 18.58 -34.18
CA ASN F 17 -22.60 18.72 -32.76
C ASN F 17 -22.64 17.37 -32.06
N GLN F 18 -21.50 16.71 -32.01
CA GLN F 18 -21.38 15.41 -31.36
C GLN F 18 -19.97 15.21 -30.83
N LEU F 19 -19.86 14.56 -29.68
CA LEU F 19 -18.57 14.27 -29.10
C LEU F 19 -18.13 12.87 -29.53
N LEU F 20 -16.89 12.75 -29.96
CA LEU F 20 -16.36 11.48 -30.43
C LEU F 20 -15.68 10.72 -29.29
N VAL F 21 -16.40 9.76 -28.74
CA VAL F 21 -15.86 8.95 -27.66
C VAL F 21 -15.04 7.80 -28.24
N GLY F 22 -13.78 8.09 -28.54
CA GLY F 22 -12.91 7.10 -29.12
C GLY F 22 -12.08 6.39 -28.07
N ILE F 23 -12.61 5.28 -27.56
CA ILE F 23 -11.90 4.49 -26.56
C ILE F 23 -10.91 3.55 -27.24
N ILE F 24 -9.82 3.24 -26.56
CA ILE F 24 -8.79 2.37 -27.12
C ILE F 24 -9.08 0.91 -26.79
N GLN F 25 -9.21 0.61 -25.51
CA GLN F 25 -9.49 -0.75 -25.05
C GLN F 25 -9.69 -0.80 -23.54
N ALA F 26 -10.07 -1.97 -23.04
CA ALA F 26 -10.28 -2.17 -21.62
C ALA F 26 -9.34 -3.26 -21.13
N ALA F 27 -8.79 -3.07 -19.94
CA ALA F 27 -7.85 -4.04 -19.37
C ALA F 27 -8.28 -4.50 -17.99
N GLU F 28 -8.03 -5.78 -17.71
CA GLU F 28 -8.34 -6.42 -16.42
C GLU F 28 -9.83 -6.45 -16.11
N LEU F 29 -10.62 -6.99 -17.03
CA LEU F 29 -12.07 -7.09 -16.83
C LEU F 29 -12.42 -8.35 -16.06
N PRO F 30 -13.35 -8.27 -15.09
CA PRO F 30 -13.78 -9.43 -14.28
C PRO F 30 -14.48 -10.49 -15.10
N ALA F 31 -14.53 -11.71 -14.56
CA ALA F 31 -15.16 -12.83 -15.24
C ALA F 31 -16.63 -12.96 -14.85
N LEU F 32 -17.39 -13.65 -15.70
CA LEU F 32 -18.83 -13.86 -15.47
C LEU F 32 -19.21 -15.28 -15.89
N ASP F 33 -18.71 -15.69 -17.06
CA ASP F 33 -19.00 -17.02 -17.59
C ASP F 33 -18.08 -18.06 -16.94
N MET F 34 -18.61 -19.29 -16.79
CA MET F 34 -17.86 -20.39 -16.19
C MET F 34 -16.55 -20.64 -16.93
N GLY F 35 -15.44 -20.60 -16.19
CA GLY F 35 -14.14 -20.81 -16.79
C GLY F 35 -13.15 -19.75 -16.38
N GLY F 36 -13.38 -18.52 -16.82
CA GLY F 36 -12.49 -17.42 -16.49
C GLY F 36 -12.56 -16.25 -17.45
N THR F 37 -13.63 -16.19 -18.24
CA THR F 37 -13.80 -15.11 -19.21
C THR F 37 -15.27 -14.70 -19.35
N SER F 38 -15.50 -13.52 -19.92
CA SER F 38 -16.85 -13.02 -20.13
C SER F 38 -17.01 -12.46 -21.53
N ASP F 39 -18.22 -12.04 -21.86
CA ASP F 39 -18.52 -11.44 -23.16
C ASP F 39 -18.89 -9.97 -22.94
N PRO F 40 -17.94 -9.17 -22.44
CA PRO F 40 -18.17 -7.76 -22.12
C PRO F 40 -18.30 -6.84 -23.33
N TYR F 41 -19.41 -6.11 -23.37
CA TYR F 41 -19.68 -5.13 -24.41
C TYR F 41 -20.11 -3.84 -23.73
N VAL F 42 -19.50 -2.73 -24.13
CA VAL F 42 -19.82 -1.44 -23.53
C VAL F 42 -21.13 -0.86 -24.08
N LYS F 43 -22.07 -0.61 -23.18
CA LYS F 43 -23.35 -0.03 -23.56
C LYS F 43 -23.37 1.43 -23.14
N VAL F 44 -23.16 2.31 -24.10
CA VAL F 44 -23.13 3.75 -23.84
C VAL F 44 -24.51 4.26 -23.47
N PHE F 45 -24.61 4.79 -22.26
CA PHE F 45 -25.87 5.33 -21.76
C PHE F 45 -25.69 6.79 -21.31
N LEU F 46 -26.80 7.46 -21.06
CA LEU F 46 -26.76 8.85 -20.64
C LEU F 46 -27.75 9.10 -19.50
N LEU F 47 -27.49 10.17 -18.74
CA LEU F 47 -28.36 10.57 -17.65
C LEU F 47 -29.76 10.89 -18.19
N PRO F 48 -30.69 11.42 -17.36
CA PRO F 48 -32.05 11.79 -17.75
C PRO F 48 -32.18 12.11 -19.24
N ASP F 49 -31.22 12.87 -19.77
CA ASP F 49 -31.20 13.23 -21.20
C ASP F 49 -31.64 12.04 -22.04
N LYS F 50 -31.02 10.89 -21.78
CA LYS F 50 -31.31 9.63 -22.47
C LYS F 50 -31.48 9.77 -23.99
N LYS F 51 -30.81 10.75 -24.60
CA LYS F 51 -30.90 10.94 -26.05
C LYS F 51 -29.74 10.27 -26.75
N LYS F 52 -29.59 8.97 -26.54
CA LYS F 52 -28.52 8.19 -27.15
C LYS F 52 -28.45 6.80 -26.52
N LYS F 53 -28.29 5.79 -27.36
CA LYS F 53 -28.21 4.42 -26.89
C LYS F 53 -27.53 3.55 -27.96
N PHE F 54 -26.30 3.12 -27.69
CA PHE F 54 -25.56 2.30 -28.63
C PHE F 54 -25.02 1.04 -27.98
N GLU F 55 -25.11 -0.07 -28.71
CA GLU F 55 -24.64 -1.35 -28.23
C GLU F 55 -23.41 -1.79 -29.01
N THR F 56 -22.31 -2.02 -28.32
CA THR F 56 -21.08 -2.44 -28.98
C THR F 56 -21.15 -3.89 -29.42
N LYS F 57 -20.15 -4.34 -30.18
CA LYS F 57 -20.12 -5.70 -30.66
C LYS F 57 -19.71 -6.65 -29.54
N VAL F 58 -20.54 -7.64 -29.26
CA VAL F 58 -20.23 -8.61 -28.22
C VAL F 58 -18.83 -9.16 -28.42
N HIS F 59 -18.07 -9.22 -27.33
CA HIS F 59 -16.70 -9.72 -27.38
C HIS F 59 -16.65 -11.05 -26.62
N ARG F 60 -16.89 -12.13 -27.35
CA ARG F 60 -16.94 -13.47 -26.79
C ARG F 60 -15.68 -13.84 -25.99
N LYS F 61 -15.90 -14.25 -24.76
CA LYS F 61 -14.86 -14.69 -23.84
C LYS F 61 -13.56 -13.88 -23.98
N THR F 62 -13.56 -12.67 -23.44
CA THR F 62 -12.39 -11.81 -23.49
C THR F 62 -12.44 -10.75 -22.39
N LEU F 63 -11.34 -10.66 -21.64
CA LEU F 63 -11.24 -9.70 -20.54
C LEU F 63 -10.29 -8.56 -20.88
N ASN F 64 -9.82 -8.55 -22.11
CA ASN F 64 -8.92 -7.51 -22.60
C ASN F 64 -9.06 -7.36 -24.11
N PRO F 65 -10.30 -7.13 -24.59
CA PRO F 65 -10.59 -7.00 -26.01
C PRO F 65 -10.36 -5.60 -26.55
N VAL F 66 -10.01 -5.53 -27.84
CA VAL F 66 -9.78 -4.27 -28.52
C VAL F 66 -10.75 -4.15 -29.68
N PHE F 67 -11.19 -2.94 -29.98
CA PHE F 67 -12.14 -2.73 -31.06
C PHE F 67 -12.20 -1.25 -31.46
N ASN F 68 -12.35 -0.39 -30.46
CA ASN F 68 -12.42 1.05 -30.69
C ASN F 68 -13.72 1.41 -31.41
N GLU F 69 -14.84 1.31 -30.68
CA GLU F 69 -16.14 1.65 -31.25
C GLU F 69 -16.34 3.16 -31.25
N GLN F 70 -17.12 3.64 -32.21
CA GLN F 70 -17.38 5.07 -32.35
C GLN F 70 -18.73 5.44 -31.75
N PHE F 71 -18.71 6.09 -30.58
CA PHE F 71 -19.93 6.51 -29.91
C PHE F 71 -20.19 7.99 -30.18
N THR F 72 -21.34 8.28 -30.78
CA THR F 72 -21.73 9.63 -31.10
C THR F 72 -22.58 10.24 -29.98
N PHE F 73 -21.97 11.14 -29.22
CA PHE F 73 -22.66 11.81 -28.13
C PHE F 73 -23.64 12.84 -28.69
N LYS F 74 -24.81 12.36 -29.07
CA LYS F 74 -25.86 13.21 -29.63
C LYS F 74 -26.34 14.26 -28.63
N VAL F 75 -25.71 15.43 -28.67
CA VAL F 75 -26.05 16.55 -27.80
C VAL F 75 -25.16 17.74 -28.13
N PRO F 76 -25.75 18.93 -28.33
CA PRO F 76 -24.99 20.13 -28.65
C PRO F 76 -23.93 20.42 -27.60
N TYR F 77 -22.72 20.78 -28.06
CA TYR F 77 -21.62 21.10 -27.15
C TYR F 77 -22.09 22.04 -26.04
N SER F 78 -22.90 23.02 -26.42
CA SER F 78 -23.44 24.01 -25.49
C SER F 78 -24.34 23.35 -24.44
N GLU F 79 -24.89 22.19 -24.76
CA GLU F 79 -25.77 21.45 -23.87
C GLU F 79 -24.98 20.46 -23.00
N LEU F 80 -23.87 19.96 -23.54
CA LEU F 80 -23.02 19.00 -22.85
C LEU F 80 -22.81 19.36 -21.38
N GLY F 81 -22.72 20.66 -21.09
CA GLY F 81 -22.53 21.11 -19.72
C GLY F 81 -23.47 20.46 -18.73
N GLY F 82 -24.70 20.18 -19.17
CA GLY F 82 -25.67 19.56 -18.28
C GLY F 82 -25.93 18.09 -18.60
N LYS F 83 -24.94 17.40 -19.15
CA LYS F 83 -25.10 15.99 -19.51
C LYS F 83 -23.91 15.15 -19.07
N THR F 84 -24.13 14.27 -18.11
CA THR F 84 -23.11 13.38 -17.62
C THR F 84 -23.18 12.04 -18.35
N LEU F 85 -22.20 11.76 -19.20
CA LEU F 85 -22.18 10.50 -19.96
C LEU F 85 -21.76 9.35 -19.06
N VAL F 86 -22.33 8.17 -19.29
CA VAL F 86 -22.01 7.00 -18.50
C VAL F 86 -21.73 5.80 -19.40
N MET F 87 -20.55 5.21 -19.25
CA MET F 87 -20.16 4.06 -20.04
C MET F 87 -20.17 2.81 -19.18
N ALA F 88 -21.14 1.94 -19.41
CA ALA F 88 -21.27 0.71 -18.66
C ALA F 88 -20.92 -0.49 -19.53
N VAL F 89 -20.07 -1.37 -19.02
CA VAL F 89 -19.67 -2.55 -19.77
C VAL F 89 -20.58 -3.71 -19.37
N TYR F 90 -21.37 -4.18 -20.33
CA TYR F 90 -22.31 -5.26 -20.10
C TYR F 90 -21.75 -6.58 -20.63
N ASP F 91 -22.02 -7.66 -19.92
CA ASP F 91 -21.56 -8.99 -20.32
C ASP F 91 -22.59 -9.64 -21.23
N PHE F 92 -22.17 -10.67 -21.97
CA PHE F 92 -23.05 -11.38 -22.87
C PHE F 92 -22.79 -12.89 -22.80
N ASP F 93 -22.63 -13.41 -21.59
CA ASP F 93 -22.37 -14.84 -21.37
C ASP F 93 -23.28 -15.70 -22.27
N ARG F 94 -24.53 -15.25 -22.44
CA ARG F 94 -25.53 -15.92 -23.29
C ARG F 94 -26.21 -17.09 -22.57
N PHE F 95 -26.16 -17.11 -21.24
CA PHE F 95 -26.79 -18.19 -20.49
C PHE F 95 -27.54 -17.64 -19.26
N SER F 96 -26.80 -16.97 -18.39
CA SER F 96 -27.38 -16.41 -17.17
C SER F 96 -27.81 -14.97 -17.40
N LYS F 97 -28.25 -14.30 -16.33
CA LYS F 97 -28.67 -12.91 -16.42
C LYS F 97 -27.44 -12.02 -16.62
N HIS F 98 -27.23 -11.58 -17.87
CA HIS F 98 -26.08 -10.73 -18.17
C HIS F 98 -25.92 -9.66 -17.10
N ASP F 99 -24.77 -9.65 -16.45
CA ASP F 99 -24.50 -8.69 -15.37
C ASP F 99 -23.59 -7.55 -15.85
N ILE F 100 -23.68 -6.42 -15.16
CA ILE F 100 -22.87 -5.25 -15.48
C ILE F 100 -21.55 -5.35 -14.72
N ILE F 101 -20.54 -5.94 -15.35
CA ILE F 101 -19.23 -6.11 -14.70
C ILE F 101 -18.69 -4.79 -14.16
N GLY F 102 -19.08 -3.67 -14.76
CA GLY F 102 -18.62 -2.39 -14.26
C GLY F 102 -18.97 -1.23 -15.18
N GLU F 103 -18.60 -0.02 -14.77
CA GLU F 103 -18.87 1.18 -15.55
C GLU F 103 -18.02 2.36 -15.06
N PHE F 104 -18.11 3.47 -15.77
CA PHE F 104 -17.39 4.69 -15.42
C PHE F 104 -18.12 5.90 -16.01
N LYS F 105 -17.94 7.06 -15.39
CA LYS F 105 -18.58 8.30 -15.85
C LYS F 105 -17.79 9.52 -15.39
N VAL F 106 -18.04 10.66 -16.04
CA VAL F 106 -17.35 11.89 -15.70
C VAL F 106 -18.21 13.11 -16.05
N PRO F 107 -18.27 14.10 -15.14
CA PRO F 107 -19.04 15.33 -15.37
C PRO F 107 -18.49 16.13 -16.54
N MET F 108 -19.14 16.02 -17.69
CA MET F 108 -18.71 16.72 -18.90
C MET F 108 -18.45 18.20 -18.64
N ASN F 109 -19.29 18.84 -17.83
CA ASN F 109 -19.11 20.27 -17.54
C ASN F 109 -17.69 20.55 -17.04
N THR F 110 -17.12 19.60 -16.29
CA THR F 110 -15.77 19.75 -15.77
C THR F 110 -14.72 19.31 -16.81
N VAL F 111 -15.19 18.76 -17.93
CA VAL F 111 -14.31 18.31 -19.00
C VAL F 111 -14.12 19.42 -20.02
N ASP F 112 -13.17 20.29 -19.75
CA ASP F 112 -12.88 21.41 -20.65
C ASP F 112 -12.39 20.89 -22.00
N PHE F 113 -13.31 20.82 -22.95
CA PHE F 113 -12.99 20.35 -24.30
C PHE F 113 -12.09 21.34 -25.04
N GLY F 114 -10.87 21.50 -24.55
CA GLY F 114 -9.92 22.41 -25.17
C GLY F 114 -9.38 21.85 -26.48
N HIS F 115 -9.09 20.55 -26.49
CA HIS F 115 -8.59 19.88 -27.67
C HIS F 115 -9.01 18.42 -27.67
N VAL F 116 -8.30 17.60 -26.89
CA VAL F 116 -8.59 16.18 -26.78
C VAL F 116 -8.38 15.70 -25.34
N THR F 117 -9.37 15.00 -24.81
CA THR F 117 -9.32 14.49 -23.46
C THR F 117 -8.84 13.04 -23.45
N GLU F 118 -7.54 12.85 -23.30
CA GLU F 118 -6.95 11.53 -23.26
C GLU F 118 -6.47 11.23 -21.85
N GLU F 119 -6.79 10.04 -21.35
CA GLU F 119 -6.40 9.65 -19.99
C GLU F 119 -6.66 8.17 -19.74
N TRP F 120 -6.03 7.63 -18.70
CA TRP F 120 -6.21 6.24 -18.33
C TRP F 120 -7.31 6.14 -17.28
N ARG F 121 -8.54 6.04 -17.76
CA ARG F 121 -9.71 5.96 -16.90
C ARG F 121 -9.72 4.69 -16.05
N ASP F 122 -10.04 4.87 -14.77
CA ASP F 122 -10.14 3.76 -13.84
C ASP F 122 -11.53 3.15 -13.91
N LEU F 123 -11.61 1.82 -13.86
CA LEU F 123 -12.88 1.13 -13.96
C LEU F 123 -13.35 0.63 -12.59
N GLN F 124 -14.64 0.78 -12.31
CA GLN F 124 -15.21 0.33 -11.04
C GLN F 124 -16.41 -0.59 -11.28
N SER F 125 -16.53 -1.62 -10.45
CA SER F 125 -17.63 -2.56 -10.58
C SER F 125 -18.92 -2.01 -9.96
N ALA F 126 -19.71 -1.35 -10.80
CA ALA F 126 -20.98 -0.79 -10.37
C ALA F 126 -22.02 -1.88 -10.21
N GLU F 127 -22.31 -2.22 -8.95
CA GLU F 127 -23.30 -3.25 -8.62
C GLU F 127 -24.70 -2.75 -8.94
N LYS F 128 -24.89 -2.28 -10.17
CA LYS F 128 -26.17 -1.76 -10.60
C LYS F 128 -26.68 -2.54 -11.82
N GLU A 1 15.57 -4.35 6.42
CA GLU A 1 15.91 -4.14 7.86
C GLU A 1 14.93 -3.17 8.51
N LYS A 2 14.36 -3.59 9.64
CA LYS A 2 13.39 -2.75 10.35
C LYS A 2 13.62 -2.81 11.85
N LEU A 3 13.55 -1.65 12.49
CA LEU A 3 13.74 -1.54 13.94
C LEU A 3 12.57 -0.76 14.59
N GLY A 4 11.58 -0.41 13.77
CA GLY A 4 10.44 0.33 14.27
C GLY A 4 10.55 1.82 14.00
N LYS A 5 10.26 2.65 14.99
CA LYS A 5 10.35 4.09 14.85
C LYS A 5 10.79 4.75 16.15
N LEU A 6 11.44 5.91 16.02
CA LEU A 6 11.92 6.65 17.18
C LEU A 6 11.63 8.13 17.00
N GLN A 7 10.92 8.70 17.95
CA GLN A 7 10.57 10.12 17.90
C GLN A 7 11.65 10.93 18.60
N TYR A 8 12.06 12.05 18.01
CA TYR A 8 13.09 12.87 18.63
C TYR A 8 13.00 14.35 18.24
N SER A 9 13.56 15.18 19.10
CA SER A 9 13.60 16.63 18.91
C SER A 9 15.01 17.11 19.23
N LEU A 10 15.78 17.40 18.18
CA LEU A 10 17.17 17.83 18.37
C LEU A 10 17.32 19.34 18.22
N ASP A 11 17.95 19.97 19.21
CA ASP A 11 18.19 21.42 19.19
C ASP A 11 19.70 21.68 19.27
N TYR A 12 20.11 22.91 18.97
CA TYR A 12 21.54 23.23 18.99
C TYR A 12 21.89 24.30 20.01
N ASP A 13 23.09 24.18 20.58
CA ASP A 13 23.59 25.14 21.55
C ASP A 13 24.83 25.84 20.99
N PHE A 14 24.79 27.16 20.92
CA PHE A 14 25.89 27.94 20.37
C PHE A 14 26.74 28.59 21.47
N GLN A 15 26.53 28.21 22.72
CA GLN A 15 27.28 28.74 23.85
C GLN A 15 28.39 27.77 24.23
N ASN A 16 28.04 26.50 24.36
CA ASN A 16 29.00 25.45 24.70
C ASN A 16 29.44 24.68 23.45
N ASN A 17 28.66 24.83 22.37
CA ASN A 17 28.95 24.19 21.09
C ASN A 17 28.62 22.70 21.14
N GLN A 18 27.34 22.40 21.32
CA GLN A 18 26.88 21.02 21.36
C GLN A 18 25.44 20.94 20.87
N LEU A 19 25.12 19.86 20.18
CA LEU A 19 23.77 19.64 19.69
C LEU A 19 23.01 18.78 20.70
N LEU A 20 21.80 19.20 21.04
CA LEU A 20 20.99 18.49 22.01
C LEU A 20 20.10 17.46 21.32
N VAL A 21 20.51 16.21 21.37
CA VAL A 21 19.75 15.13 20.77
C VAL A 21 18.69 14.66 21.77
N GLY A 22 17.55 15.36 21.78
CA GLY A 22 16.48 15.01 22.68
C GLY A 22 15.46 14.10 22.04
N ILE A 23 15.66 12.79 22.18
CA ILE A 23 14.73 11.82 21.63
C ILE A 23 13.57 11.60 22.59
N ILE A 24 12.41 11.27 22.04
CA ILE A 24 11.22 11.06 22.86
C ILE A 24 11.12 9.61 23.31
N GLN A 25 11.10 8.70 22.34
CA GLN A 25 11.01 7.27 22.62
C GLN A 25 11.12 6.44 21.35
N ALA A 26 11.19 5.13 21.52
CA ALA A 26 11.27 4.21 20.40
C ALA A 26 10.07 3.28 20.40
N ALA A 27 9.52 2.99 19.23
CA ALA A 27 8.35 2.13 19.12
C ALA A 27 8.59 0.96 18.18
N GLU A 28 8.01 -0.20 18.53
CA GLU A 28 8.13 -1.43 17.72
C GLU A 28 9.58 -1.89 17.56
N LEU A 29 10.16 -2.40 18.63
CA LEU A 29 11.54 -2.88 18.60
C LEU A 29 11.57 -4.41 18.58
N PRO A 30 12.57 -5.00 17.86
CA PRO A 30 12.72 -6.46 17.78
C PRO A 30 13.00 -7.09 19.16
N ALA A 31 12.67 -8.37 19.31
CA ALA A 31 12.86 -9.07 20.58
C ALA A 31 14.16 -9.85 20.62
N LEU A 32 14.59 -10.19 21.85
CA LEU A 32 15.83 -10.94 22.08
C LEU A 32 15.63 -11.96 23.20
N ASP A 33 15.10 -11.50 24.33
CA ASP A 33 14.83 -12.34 25.49
C ASP A 33 13.71 -13.33 25.18
N MET A 34 13.62 -14.41 25.94
CA MET A 34 12.58 -15.41 25.70
C MET A 34 11.25 -14.96 26.31
N GLY A 35 10.43 -14.33 25.47
CA GLY A 35 9.13 -13.85 25.93
C GLY A 35 8.51 -12.85 24.97
N GLY A 36 9.26 -12.48 23.94
CA GLY A 36 8.76 -11.52 22.96
C GLY A 36 9.10 -10.09 23.31
N THR A 37 10.18 -9.91 24.08
CA THR A 37 10.63 -8.59 24.51
C THR A 37 12.16 -8.53 24.57
N SER A 38 12.71 -7.35 24.89
CA SER A 38 14.15 -7.16 25.02
C SER A 38 14.44 -6.00 25.97
N ASP A 39 15.73 -5.78 26.23
CA ASP A 39 16.17 -4.69 27.09
C ASP A 39 16.94 -3.69 26.24
N PRO A 40 16.25 -3.05 25.27
CA PRO A 40 16.88 -2.11 24.34
C PRO A 40 17.26 -0.76 24.94
N TYR A 41 18.52 -0.41 24.78
CA TYR A 41 19.05 0.87 25.23
C TYR A 41 19.83 1.49 24.07
N VAL A 42 19.56 2.75 23.78
CA VAL A 42 20.23 3.43 22.68
C VAL A 42 21.64 3.87 23.07
N LYS A 43 22.62 3.41 22.30
CA LYS A 43 24.01 3.76 22.54
C LYS A 43 24.44 4.76 21.46
N VAL A 44 24.48 6.03 21.83
CA VAL A 44 24.85 7.08 20.89
C VAL A 44 26.32 6.98 20.51
N PHE A 45 26.58 6.77 19.22
CA PHE A 45 27.94 6.67 18.72
C PHE A 45 28.17 7.68 17.61
N LEU A 46 29.43 7.83 17.21
CA LEU A 46 29.79 8.78 16.16
C LEU A 46 30.80 8.17 15.21
N LEU A 47 30.87 8.71 14.00
CA LEU A 47 31.81 8.27 12.99
C LEU A 47 33.26 8.49 13.51
N PRO A 48 34.30 8.26 12.66
CA PRO A 48 35.70 8.46 13.01
C PRO A 48 35.91 9.45 14.16
N ASP A 49 35.21 10.59 14.09
CA ASP A 49 35.27 11.60 15.14
C ASP A 49 35.36 10.96 16.52
N LYS A 50 34.43 10.03 16.78
CA LYS A 50 34.36 9.27 18.02
C LYS A 50 34.55 10.13 19.27
N LYS A 51 34.18 11.41 19.21
CA LYS A 51 34.32 12.29 20.38
C LYS A 51 33.01 12.38 21.15
N LYS A 52 32.51 11.22 21.57
CA LYS A 52 31.26 11.15 22.33
C LYS A 52 30.81 9.70 22.46
N LYS A 53 30.36 9.33 23.65
CA LYS A 53 29.90 7.98 23.92
C LYS A 53 29.01 7.98 25.16
N PHE A 54 27.71 7.78 24.96
CA PHE A 54 26.76 7.78 26.07
C PHE A 54 25.90 6.51 26.05
N GLU A 55 25.67 5.96 27.24
CA GLU A 55 24.86 4.76 27.38
C GLU A 55 23.56 5.10 28.09
N THR A 56 22.43 4.82 27.44
CA THR A 56 21.13 5.11 28.03
C THR A 56 20.79 4.11 29.14
N LYS A 57 19.70 4.37 29.86
CA LYS A 57 19.29 3.50 30.94
C LYS A 57 18.63 2.25 30.39
N VAL A 58 19.15 1.09 30.75
CA VAL A 58 18.59 -0.16 30.29
C VAL A 58 17.08 -0.18 30.52
N HIS A 59 16.34 -0.60 29.51
CA HIS A 59 14.89 -0.68 29.60
C HIS A 59 14.48 -2.14 29.60
N ARG A 60 14.41 -2.72 30.79
CA ARG A 60 14.07 -4.13 30.97
C ARG A 60 12.77 -4.53 30.29
N LYS A 61 12.88 -5.57 29.45
CA LYS A 61 11.74 -6.15 28.74
C LYS A 61 10.73 -5.10 28.27
N THR A 62 11.07 -4.39 27.20
CA THR A 62 10.19 -3.37 26.66
C THR A 62 10.53 -3.07 25.20
N LEU A 63 9.52 -3.12 24.33
CA LEU A 63 9.72 -2.86 22.91
C LEU A 63 9.15 -1.50 22.51
N ASN A 64 8.64 -0.77 23.49
CA ASN A 64 8.06 0.54 23.26
C ASN A 64 8.24 1.41 24.51
N PRO A 65 9.48 1.55 24.98
CA PRO A 65 9.79 2.33 26.18
C PRO A 65 9.96 3.82 25.93
N VAL A 66 9.64 4.60 26.94
CA VAL A 66 9.76 6.05 26.88
C VAL A 66 10.74 6.52 27.96
N PHE A 67 11.49 7.57 27.68
CA PHE A 67 12.45 8.08 28.65
C PHE A 67 12.92 9.48 28.27
N ASN A 68 13.32 9.65 27.01
CA ASN A 68 13.79 10.93 26.51
C ASN A 68 15.12 11.28 27.14
N GLU A 69 16.17 10.57 26.72
CA GLU A 69 17.51 10.82 27.24
C GLU A 69 18.13 12.03 26.52
N GLN A 70 19.01 12.73 27.22
CA GLN A 70 19.65 13.92 26.68
C GLN A 70 21.07 13.59 26.17
N PHE A 71 21.22 13.53 24.86
CA PHE A 71 22.52 13.25 24.26
C PHE A 71 23.18 14.55 23.81
N THR A 72 24.36 14.81 24.35
CA THR A 72 25.11 16.01 24.01
C THR A 72 26.10 15.73 22.87
N PHE A 73 25.77 16.22 21.68
CA PHE A 73 26.62 16.06 20.52
C PHE A 73 27.86 16.96 20.64
N LYS A 74 28.85 16.47 21.38
CA LYS A 74 30.09 17.21 21.60
C LYS A 74 30.85 17.45 20.28
N VAL A 75 30.57 18.59 19.66
CA VAL A 75 31.22 18.99 18.41
C VAL A 75 30.69 20.35 17.97
N PRO A 76 31.58 21.29 17.65
CA PRO A 76 31.19 22.63 17.22
C PRO A 76 30.25 22.59 16.02
N TYR A 77 29.19 23.40 16.06
CA TYR A 77 28.23 23.45 14.96
C TYR A 77 28.96 23.55 13.61
N SER A 78 30.01 24.37 13.58
CA SER A 78 30.80 24.57 12.37
C SER A 78 31.48 23.27 11.93
N GLU A 79 31.68 22.35 12.86
CA GLU A 79 32.33 21.08 12.58
C GLU A 79 31.30 20.00 12.20
N LEU A 80 30.09 20.13 12.75
CA LEU A 80 29.01 19.19 12.51
C LEU A 80 28.91 18.77 11.04
N GLY A 81 29.20 19.72 10.14
CA GLY A 81 29.14 19.43 8.71
C GLY A 81 29.87 18.16 8.32
N GLY A 82 30.97 17.86 9.01
CA GLY A 82 31.73 16.66 8.70
C GLY A 82 31.57 15.56 9.74
N LYS A 83 30.42 15.52 10.40
CA LYS A 83 30.18 14.49 11.42
C LYS A 83 28.80 13.86 11.29
N THR A 84 28.78 12.59 10.94
CA THR A 84 27.54 11.84 10.80
C THR A 84 27.24 11.10 12.10
N LEU A 85 26.21 11.53 12.82
CA LEU A 85 25.84 10.89 14.08
C LEU A 85 25.12 9.58 13.82
N VAL A 86 25.34 8.60 14.68
CA VAL A 86 24.70 7.29 14.54
C VAL A 86 24.10 6.84 15.86
N MET A 87 22.80 6.55 15.84
CA MET A 87 22.10 6.10 17.02
C MET A 87 21.77 4.62 16.91
N ALA A 88 22.46 3.79 17.68
CA ALA A 88 22.23 2.36 17.66
C ALA A 88 21.56 1.91 18.95
N VAL A 89 20.49 1.14 18.81
CA VAL A 89 19.79 0.63 19.98
C VAL A 89 20.33 -0.75 20.34
N TYR A 90 20.95 -0.83 21.51
CA TYR A 90 21.55 -2.07 21.98
C TYR A 90 20.65 -2.75 23.01
N ASP A 91 20.61 -4.08 22.96
CA ASP A 91 19.79 -4.85 23.90
C ASP A 91 20.61 -5.16 25.16
N PHE A 92 19.91 -5.53 26.22
CA PHE A 92 20.55 -5.87 27.48
C PHE A 92 19.87 -7.08 28.13
N ASP A 93 19.58 -8.09 27.32
CA ASP A 93 18.94 -9.32 27.80
C ASP A 93 19.56 -9.78 29.13
N ARG A 94 20.88 -9.62 29.23
CA ARG A 94 21.66 -9.98 30.44
C ARG A 94 21.99 -11.47 30.50
N PHE A 95 21.94 -12.16 29.37
CA PHE A 95 22.25 -13.59 29.33
C PHE A 95 23.12 -13.94 28.14
N SER A 96 22.61 -13.66 26.94
CA SER A 96 23.32 -13.97 25.70
C SER A 96 24.13 -12.76 25.25
N LYS A 97 24.75 -12.87 24.07
CA LYS A 97 25.55 -11.77 23.54
C LYS A 97 24.61 -10.65 23.09
N HIS A 98 24.52 -9.60 23.90
CA HIS A 98 23.66 -8.45 23.58
C HIS A 98 23.81 -8.09 22.11
N ASP A 99 22.71 -8.13 21.37
CA ASP A 99 22.72 -7.83 19.94
C ASP A 99 22.21 -6.42 19.66
N ILE A 100 22.57 -5.89 18.50
CA ILE A 100 22.12 -4.57 18.09
C ILE A 100 20.81 -4.71 17.32
N ILE A 101 19.69 -4.62 18.04
CA ILE A 101 18.38 -4.74 17.44
C ILE A 101 18.19 -3.79 16.25
N GLY A 102 18.91 -2.67 16.26
CA GLY A 102 18.80 -1.71 15.17
C GLY A 102 19.52 -0.40 15.44
N GLU A 103 19.45 0.50 14.47
CA GLU A 103 20.11 1.80 14.59
C GLU A 103 19.59 2.77 13.52
N PHE A 104 20.04 4.02 13.62
CA PHE A 104 19.67 5.06 12.66
C PHE A 104 20.73 6.16 12.65
N LYS A 105 20.84 6.86 11.53
CA LYS A 105 21.82 7.93 11.39
C LYS A 105 21.38 8.95 10.35
N VAL A 106 21.99 10.13 10.36
CA VAL A 106 21.64 11.19 9.42
C VAL A 106 22.82 12.12 9.21
N PRO A 107 23.10 12.50 7.94
CA PRO A 107 24.20 13.41 7.60
C PRO A 107 23.97 14.80 8.19
N MET A 108 24.64 15.09 9.31
CA MET A 108 24.50 16.37 9.99
C MET A 108 24.66 17.55 9.03
N ASN A 109 25.57 17.45 8.08
CA ASN A 109 25.78 18.54 7.11
C ASN A 109 24.47 18.92 6.44
N THR A 110 23.61 17.93 6.20
CA THR A 110 22.32 18.18 5.57
C THR A 110 21.27 18.61 6.61
N VAL A 111 21.64 18.56 7.88
CA VAL A 111 20.74 18.94 8.96
C VAL A 111 20.94 20.42 9.31
N ASP A 112 20.26 21.28 8.57
CA ASP A 112 20.34 22.72 8.79
C ASP A 112 19.83 23.08 10.18
N PHE A 113 20.75 23.24 11.12
CA PHE A 113 20.41 23.58 12.50
C PHE A 113 19.88 25.01 12.59
N GLY A 114 18.71 25.24 11.99
CA GLY A 114 18.09 26.55 12.02
C GLY A 114 17.52 26.87 13.39
N HIS A 115 16.88 25.88 14.01
CA HIS A 115 16.28 26.04 15.33
C HIS A 115 16.29 24.70 16.07
N VAL A 116 15.33 23.84 15.72
CA VAL A 116 15.21 22.53 16.33
C VAL A 116 14.78 21.50 15.29
N THR A 117 15.49 20.38 15.25
CA THR A 117 15.20 19.32 14.31
C THR A 117 14.35 18.24 14.96
N GLU A 118 13.04 18.38 14.82
CA GLU A 118 12.09 17.42 15.38
C GLU A 118 11.45 16.62 14.26
N GLU A 119 11.40 15.30 14.42
CA GLU A 119 10.82 14.43 13.40
C GLU A 119 10.64 13.01 13.92
N TRP A 120 9.82 12.22 13.21
CA TRP A 120 9.57 10.83 13.58
C TRP A 120 10.54 9.93 12.83
N ARG A 121 11.74 9.79 13.36
CA ARG A 121 12.79 8.99 12.74
C ARG A 121 12.42 7.52 12.66
N ASP A 122 12.68 6.93 11.49
CA ASP A 122 12.42 5.52 11.25
C ASP A 122 13.61 4.71 11.74
N LEU A 123 13.34 3.57 12.37
CA LEU A 123 14.40 2.72 12.88
C LEU A 123 14.63 1.49 12.00
N GLN A 124 15.88 1.14 11.78
CA GLN A 124 16.24 0.00 10.95
C GLN A 124 17.17 -0.95 11.70
N SER A 125 16.98 -2.25 11.50
CA SER A 125 17.80 -3.27 12.15
C SER A 125 19.13 -3.45 11.45
N ALA A 126 19.90 -2.36 11.35
CA ALA A 126 21.21 -2.42 10.72
C ALA A 126 22.22 -3.07 11.66
N GLU A 127 22.57 -4.32 11.36
CA GLU A 127 23.52 -5.06 12.21
C GLU A 127 24.95 -4.58 11.99
N LYS A 128 25.25 -3.42 12.58
CA LYS A 128 26.56 -2.80 12.44
C LYS A 128 27.23 -2.72 13.82
N TYR B 1 33.71 14.80 -21.09
CA TYR B 1 34.56 15.30 -19.98
C TYR B 1 34.67 14.25 -18.87
N LYS B 2 35.30 13.12 -19.18
CA LYS B 2 35.45 12.04 -18.20
C LYS B 2 36.02 12.58 -16.89
N LYS B 3 35.17 12.62 -15.88
CA LYS B 3 35.55 13.13 -14.57
C LYS B 3 34.61 12.57 -13.50
N PRO B 4 34.73 13.03 -12.22
CA PRO B 4 33.90 12.59 -11.11
C PRO B 4 32.59 11.93 -11.52
N LYS B 5 32.55 10.60 -11.38
CA LYS B 5 31.36 9.83 -11.73
C LYS B 5 30.54 9.58 -10.48
N LEU B 6 29.42 10.29 -10.34
CA LEU B 6 28.55 10.13 -9.18
C LEU B 6 27.61 8.94 -9.38
N LEU B 7 27.47 8.12 -8.35
CA LEU B 7 26.60 6.94 -8.42
C LEU B 7 25.91 6.71 -7.09
N TYR B 8 24.62 6.39 -7.15
CA TYR B 8 23.82 6.12 -5.94
C TYR B 8 22.59 5.29 -6.31
N CYS B 9 21.84 4.85 -5.32
CA CYS B 9 20.65 4.04 -5.57
C CYS B 9 19.58 4.29 -4.51
N SER B 10 18.36 3.84 -4.81
CA SER B 10 17.22 3.98 -3.91
C SER B 10 16.72 5.42 -3.94
N ASN B 11 15.45 5.59 -4.32
CA ASN B 11 14.86 6.92 -4.41
C ASN B 11 15.10 7.69 -3.12
N GLY B 12 15.66 8.88 -3.25
CA GLY B 12 15.95 9.71 -2.09
C GLY B 12 17.33 10.31 -2.15
N GLY B 13 17.43 11.58 -1.78
CA GLY B 13 18.71 12.26 -1.79
C GLY B 13 19.75 11.54 -0.97
N HIS B 14 20.68 10.86 -1.65
CA HIS B 14 21.77 10.12 -1.01
C HIS B 14 22.84 9.78 -2.04
N PHE B 15 24.06 10.23 -1.81
CA PHE B 15 25.17 9.97 -2.73
C PHE B 15 26.25 9.16 -2.05
N LEU B 16 26.97 8.35 -2.84
CA LEU B 16 28.03 7.51 -2.30
C LEU B 16 29.26 8.36 -1.98
N ARG B 17 29.44 8.70 -0.70
CA ARG B 17 30.58 9.51 -0.29
C ARG B 17 31.71 8.62 0.19
N ILE B 18 32.76 8.53 -0.62
CA ILE B 18 33.91 7.70 -0.31
C ILE B 18 34.95 8.46 0.51
N LEU B 19 35.57 7.76 1.45
CA LEU B 19 36.60 8.34 2.29
C LEU B 19 37.82 7.43 2.31
N PRO B 20 39.04 8.02 2.27
CA PRO B 20 40.30 7.26 2.28
C PRO B 20 40.30 6.14 3.33
N ASP B 21 39.57 6.36 4.42
CA ASP B 21 39.46 5.38 5.50
C ASP B 21 38.87 4.07 4.97
N GLY B 22 37.83 4.18 4.15
CA GLY B 22 37.19 3.01 3.60
C GLY B 22 35.70 2.99 3.88
N THR B 23 35.30 3.55 5.02
CA THR B 23 33.89 3.59 5.40
C THR B 23 33.11 4.59 4.53
N VAL B 24 32.67 4.12 3.37
CA VAL B 24 31.89 4.94 2.45
C VAL B 24 30.41 4.87 2.81
N ASP B 25 29.76 6.02 2.89
CA ASP B 25 28.33 6.08 3.22
C ASP B 25 27.55 6.87 2.18
N GLY B 26 26.22 6.74 2.22
CA GLY B 26 25.36 7.42 1.27
C GLY B 26 25.06 8.84 1.70
N THR B 27 26.07 9.69 1.74
CA THR B 27 25.91 11.08 2.13
C THR B 27 25.11 11.85 1.09
N ARG B 28 24.07 12.56 1.54
CA ARG B 28 23.25 13.32 0.62
C ARG B 28 23.74 14.77 0.55
N ASP B 29 24.94 14.94 -0.01
CA ASP B 29 25.54 16.26 -0.16
C ASP B 29 26.42 16.33 -1.40
N ARG B 30 26.55 17.51 -1.96
CA ARG B 30 27.38 17.73 -3.15
C ARG B 30 28.26 18.97 -2.97
N SER B 31 28.50 19.34 -1.72
CA SER B 31 29.31 20.50 -1.39
C SER B 31 30.77 20.08 -1.23
N ASP B 32 31.00 18.96 -0.56
CA ASP B 32 32.34 18.46 -0.33
C ASP B 32 32.70 17.41 -1.39
N GLN B 33 33.82 17.61 -2.07
CA GLN B 33 34.26 16.68 -3.11
C GLN B 33 34.67 15.33 -2.53
N HIS B 34 33.68 14.52 -2.16
CA HIS B 34 33.94 13.18 -1.63
C HIS B 34 32.88 12.18 -2.07
N ILE B 35 32.10 12.53 -3.10
CA ILE B 35 31.05 11.66 -3.62
C ILE B 35 31.23 11.44 -5.12
N GLN B 36 32.48 11.20 -5.52
CA GLN B 36 32.79 10.99 -6.93
C GLN B 36 33.83 9.89 -7.09
N LEU B 37 33.56 8.98 -8.02
CA LEU B 37 34.46 7.87 -8.30
C LEU B 37 34.75 7.81 -9.79
N GLN B 38 35.91 7.26 -10.17
CA GLN B 38 36.27 7.16 -11.57
C GLN B 38 35.76 5.85 -12.17
N LEU B 39 34.44 5.79 -12.37
CA LEU B 39 33.81 4.62 -12.96
C LEU B 39 34.10 4.57 -14.46
N SER B 40 34.59 3.42 -14.92
CA SER B 40 34.91 3.23 -16.33
C SER B 40 34.98 1.75 -16.68
N ALA B 41 34.77 1.43 -17.95
CA ALA B 41 34.83 0.05 -18.42
C ALA B 41 36.27 -0.31 -18.73
N GLU B 42 36.89 -1.06 -17.84
CA GLU B 42 38.28 -1.46 -18.01
C GLU B 42 38.39 -2.50 -19.12
N SER B 43 37.63 -3.58 -18.99
CA SER B 43 37.63 -4.66 -19.97
C SER B 43 36.25 -4.76 -20.61
N VAL B 44 36.11 -5.64 -21.61
CA VAL B 44 34.84 -5.83 -22.30
C VAL B 44 33.72 -6.13 -21.29
N GLY B 45 33.02 -5.10 -20.87
CA GLY B 45 31.92 -5.26 -19.93
C GLY B 45 32.36 -5.14 -18.48
N GLU B 46 33.67 -5.23 -18.23
CA GLU B 46 34.19 -5.15 -16.88
C GLU B 46 34.45 -3.70 -16.48
N VAL B 47 33.63 -3.17 -15.58
CA VAL B 47 33.77 -1.80 -15.12
C VAL B 47 34.37 -1.78 -13.72
N TYR B 48 35.23 -0.80 -13.47
CA TYR B 48 35.88 -0.66 -12.17
C TYR B 48 35.44 0.62 -11.46
N ILE B 49 35.39 0.55 -10.14
CA ILE B 49 35.01 1.69 -9.31
C ILE B 49 36.20 2.14 -8.49
N LYS B 50 36.83 3.23 -8.93
CA LYS B 50 37.99 3.77 -8.24
C LYS B 50 37.85 5.27 -8.01
N SER B 51 37.73 5.66 -6.75
CA SER B 51 37.60 7.06 -6.39
C SER B 51 38.98 7.71 -6.34
N THR B 52 39.65 7.70 -7.48
CA THR B 52 40.99 8.24 -7.61
C THR B 52 41.09 9.69 -7.14
N GLU B 53 40.49 10.60 -7.90
CA GLU B 53 40.55 12.02 -7.59
C GLU B 53 39.50 12.41 -6.54
N THR B 54 39.52 11.76 -5.39
CA THR B 54 38.56 12.07 -4.31
C THR B 54 38.69 11.12 -3.12
N GLY B 55 38.88 9.83 -3.37
CA GLY B 55 38.97 8.90 -2.27
C GLY B 55 40.00 7.80 -2.47
N GLN B 56 39.50 6.59 -2.65
CA GLN B 56 40.35 5.41 -2.79
C GLN B 56 39.76 4.41 -3.78
N TYR B 57 40.44 3.27 -3.93
CA TYR B 57 39.99 2.20 -4.81
C TYR B 57 39.13 1.22 -4.03
N LEU B 58 38.11 0.66 -4.68
CA LEU B 58 37.23 -0.28 -4.01
C LEU B 58 37.82 -1.68 -3.97
N ALA B 59 37.39 -2.46 -2.98
CA ALA B 59 37.84 -3.83 -2.79
C ALA B 59 36.83 -4.57 -1.94
N MET B 60 35.79 -5.08 -2.58
CA MET B 60 34.72 -5.80 -1.90
C MET B 60 35.26 -6.91 -1.00
N ASP B 61 34.61 -7.10 0.14
CA ASP B 61 35.00 -8.13 1.08
C ASP B 61 34.17 -9.37 0.81
N THR B 62 34.61 -10.15 -0.17
CA THR B 62 33.91 -11.37 -0.55
C THR B 62 32.49 -11.03 -1.03
N ASP B 63 32.34 -9.86 -1.67
CA ASP B 63 31.04 -9.37 -2.15
C ASP B 63 30.15 -9.00 -0.96
N GLY B 64 29.99 -9.95 -0.03
CA GLY B 64 29.17 -9.73 1.15
C GLY B 64 29.20 -8.30 1.64
N LEU B 65 30.40 -7.79 1.91
CA LEU B 65 30.57 -6.42 2.38
C LEU B 65 31.37 -5.63 1.36
N LEU B 66 30.90 -4.44 1.03
CA LEU B 66 31.57 -3.61 0.06
C LEU B 66 32.44 -2.56 0.76
N TYR B 67 33.71 -2.49 0.36
CA TYR B 67 34.65 -1.53 0.94
C TYR B 67 35.75 -1.21 -0.06
N GLY B 68 36.64 -0.30 0.32
CA GLY B 68 37.74 0.08 -0.55
C GLY B 68 38.67 1.07 0.12
N SER B 69 39.96 0.95 -0.16
CA SER B 69 40.95 1.86 0.43
C SER B 69 42.37 1.39 0.12
N GLN B 70 42.71 0.21 0.62
CA GLN B 70 44.07 -0.34 0.44
C GLN B 70 44.42 -0.58 -1.03
N THR B 71 43.80 -1.59 -1.65
CA THR B 71 44.10 -1.91 -3.04
C THR B 71 42.86 -2.35 -3.83
N PRO B 72 42.82 -2.03 -5.14
CA PRO B 72 41.69 -2.40 -6.00
C PRO B 72 41.76 -3.87 -6.39
N ASN B 73 41.49 -4.75 -5.43
CA ASN B 73 41.54 -6.19 -5.67
C ASN B 73 40.49 -6.61 -6.69
N GLU B 74 40.71 -7.75 -7.34
CA GLU B 74 39.77 -8.26 -8.36
C GLU B 74 38.32 -8.13 -7.89
N GLU B 75 38.11 -8.25 -6.58
CA GLU B 75 36.77 -8.09 -6.00
C GLU B 75 36.09 -6.83 -6.54
N CYS B 76 36.89 -5.84 -6.96
CA CYS B 76 36.37 -4.58 -7.47
C CYS B 76 35.99 -4.64 -8.97
N LEU B 77 36.13 -5.80 -9.60
CA LEU B 77 35.77 -5.92 -11.02
C LEU B 77 34.30 -6.31 -11.16
N PHE B 78 33.52 -5.46 -11.81
CA PHE B 78 32.09 -5.71 -12.00
C PHE B 78 31.67 -5.61 -13.46
N LEU B 79 30.71 -6.43 -13.85
CA LEU B 79 30.19 -6.44 -15.21
C LEU B 79 29.14 -5.34 -15.36
N GLU B 80 29.33 -4.47 -16.34
CA GLU B 80 28.42 -3.35 -16.58
C GLU B 80 27.12 -3.84 -17.23
N ARG B 81 26.01 -3.70 -16.52
CA ARG B 81 24.70 -4.10 -17.02
C ARG B 81 23.71 -2.95 -16.86
N LEU B 82 22.72 -2.88 -17.74
CA LEU B 82 21.73 -1.82 -17.69
C LEU B 82 20.32 -2.40 -17.57
N GLU B 83 19.48 -1.78 -16.75
CA GLU B 83 18.10 -2.24 -16.57
C GLU B 83 17.14 -1.22 -17.15
N GLU B 84 16.06 -1.69 -17.78
CA GLU B 84 15.06 -0.81 -18.38
C GLU B 84 14.22 -0.15 -17.28
N ASN B 85 14.89 0.48 -16.33
CA ASN B 85 14.24 1.15 -15.22
C ASN B 85 15.01 2.43 -14.85
N HIS B 86 15.79 2.95 -15.81
CA HIS B 86 16.60 4.14 -15.59
C HIS B 86 17.61 3.93 -14.47
N TYR B 87 18.25 2.76 -14.48
CA TYR B 87 19.25 2.43 -13.46
C TYR B 87 20.34 1.55 -14.05
N ASN B 88 21.53 1.62 -13.43
CA ASN B 88 22.68 0.84 -13.86
C ASN B 88 22.87 -0.37 -12.95
N THR B 89 23.36 -1.46 -13.52
CA THR B 89 23.60 -2.68 -12.77
C THR B 89 25.04 -3.13 -12.97
N TYR B 90 25.69 -3.55 -11.88
CA TYR B 90 27.07 -3.99 -11.94
C TYR B 90 27.20 -5.35 -11.26
N ILE B 91 27.57 -6.36 -12.03
CA ILE B 91 27.71 -7.71 -11.51
C ILE B 91 29.14 -8.01 -11.09
N SER B 92 29.33 -8.25 -9.80
CA SER B 92 30.64 -8.57 -9.26
C SER B 92 31.08 -9.95 -9.76
N LYS B 93 31.58 -9.99 -10.99
CA LYS B 93 32.02 -11.25 -11.61
C LYS B 93 32.83 -12.08 -10.62
N LYS B 94 33.61 -11.42 -9.78
CA LYS B 94 34.42 -12.11 -8.77
C LYS B 94 33.55 -13.06 -7.94
N HIS B 95 32.27 -12.73 -7.79
CA HIS B 95 31.34 -13.57 -7.02
C HIS B 95 30.08 -13.90 -7.83
N ALA B 96 30.09 -13.59 -9.13
CA ALA B 96 28.95 -13.87 -9.99
C ALA B 96 28.53 -15.33 -9.86
N GLU B 97 29.51 -16.20 -9.58
CA GLU B 97 29.26 -17.62 -9.40
C GLU B 97 28.11 -17.86 -8.41
N LYS B 98 27.99 -16.99 -7.41
CA LYS B 98 26.94 -17.11 -6.41
C LYS B 98 25.76 -16.20 -6.76
N ASN B 99 25.74 -15.69 -7.99
CA ASN B 99 24.68 -14.80 -8.45
C ASN B 99 24.62 -13.55 -7.57
N TRP B 100 25.81 -13.10 -7.15
CA TRP B 100 25.94 -11.94 -6.30
C TRP B 100 26.46 -10.75 -7.10
N PHE B 101 25.71 -9.65 -7.06
CA PHE B 101 26.11 -8.44 -7.77
C PHE B 101 25.95 -7.20 -6.90
N VAL B 102 27.10 -6.51 -6.66
CA VAL B 102 27.22 -5.31 -5.81
C VAL B 102 25.89 -4.64 -5.48
N GLY B 103 25.63 -4.53 -4.18
CA GLY B 103 24.42 -3.88 -3.68
C GLY B 103 24.72 -3.04 -2.45
N LEU B 104 24.24 -1.81 -2.42
CA LEU B 104 24.49 -0.92 -1.29
C LEU B 104 23.19 -0.47 -0.62
N LYS B 105 23.31 -0.01 0.62
CA LYS B 105 22.17 0.46 1.38
C LYS B 105 22.17 1.99 1.42
N LYS B 106 21.27 2.60 0.64
CA LYS B 106 21.16 4.06 0.55
C LYS B 106 21.28 4.72 1.93
N ASN B 107 20.62 4.15 2.92
CA ASN B 107 20.65 4.70 4.28
C ASN B 107 21.45 3.78 5.21
N GLY B 108 22.51 3.18 4.70
CA GLY B 108 23.33 2.31 5.51
C GLY B 108 24.78 2.28 5.09
N SER B 109 25.00 2.02 3.80
CA SER B 109 26.33 1.94 3.18
C SER B 109 26.37 0.77 2.21
N CYS B 110 27.47 0.61 1.50
CA CYS B 110 27.61 -0.48 0.53
C CYS B 110 28.08 -1.76 1.22
N LYS B 111 27.14 -2.68 1.47
CA LYS B 111 27.47 -3.96 2.10
C LYS B 111 26.21 -4.81 2.25
N ARG B 112 25.83 -5.45 1.14
CA ARG B 112 24.65 -6.30 1.10
C ARG B 112 24.89 -7.51 0.21
N GLY B 113 26.14 -8.01 0.18
CA GLY B 113 26.46 -9.17 -0.63
C GLY B 113 25.52 -10.34 -0.39
N PRO B 114 25.24 -10.75 0.87
CA PRO B 114 24.32 -11.87 1.14
C PRO B 114 22.89 -11.56 0.66
N ARG B 115 22.69 -10.34 0.18
CA ARG B 115 21.41 -9.90 -0.34
C ARG B 115 21.58 -9.17 -1.68
N THR B 116 22.63 -9.52 -2.44
CA THR B 116 22.88 -8.88 -3.74
C THR B 116 22.23 -9.63 -4.88
N HIS B 117 21.21 -10.42 -4.57
CA HIS B 117 20.48 -11.17 -5.57
C HIS B 117 19.16 -10.49 -5.86
N TYR B 118 18.31 -11.08 -6.69
CA TYR B 118 17.02 -10.47 -7.03
C TYR B 118 16.10 -10.42 -5.82
N GLY B 119 16.01 -9.25 -5.23
CA GLY B 119 15.18 -9.03 -4.05
C GLY B 119 15.32 -7.61 -3.58
N GLN B 120 16.58 -7.17 -3.47
CA GLN B 120 16.88 -5.80 -3.08
C GLN B 120 17.04 -4.97 -4.33
N LYS B 121 16.24 -3.92 -4.42
CA LYS B 121 16.25 -3.06 -5.62
C LYS B 121 17.46 -2.11 -5.60
N ALA B 122 18.05 -1.93 -4.41
CA ALA B 122 19.22 -1.07 -4.23
C ALA B 122 20.34 -1.40 -5.24
N ILE B 123 20.27 -2.57 -5.86
CA ILE B 123 21.26 -3.00 -6.84
C ILE B 123 21.15 -2.16 -8.12
N LEU B 124 19.99 -1.55 -8.34
CA LEU B 124 19.78 -0.70 -9.50
C LEU B 124 20.24 0.71 -9.20
N PHE B 125 21.51 0.97 -9.46
CA PHE B 125 22.12 2.27 -9.17
C PHE B 125 21.78 3.30 -10.24
N LEU B 126 21.67 4.55 -9.83
CA LEU B 126 21.38 5.67 -10.73
C LEU B 126 22.63 6.53 -10.86
N PRO B 127 23.31 6.47 -12.01
CA PRO B 127 24.53 7.23 -12.27
C PRO B 127 24.27 8.63 -12.81
N LEU B 128 25.10 9.57 -12.35
CA LEU B 128 25.01 10.96 -12.79
C LEU B 128 26.41 11.48 -13.18
N PRO B 129 27.15 10.69 -13.99
CA PRO B 129 28.51 11.05 -14.41
C PRO B 129 28.53 12.04 -15.57
N VAL B 130 29.60 12.82 -15.65
CA VAL B 130 29.77 13.79 -16.72
C VAL B 130 30.28 13.10 -17.98
N SER B 131 29.34 12.61 -18.78
CA SER B 131 29.67 11.92 -20.03
C SER B 131 30.26 12.88 -21.06
N SER B 132 30.63 12.33 -22.21
CA SER B 132 31.19 13.12 -23.29
C SER B 132 30.19 13.20 -24.46
N ASP B 133 29.06 13.85 -24.19
CA ASP B 133 28.00 14.00 -25.19
C ASP B 133 28.15 15.31 -25.93
N MET C 1 -1.36 9.07 -13.76
CA MET C 1 -0.38 8.58 -14.77
C MET C 1 0.02 7.14 -14.45
N ALA C 2 1.29 6.82 -14.66
CA ALA C 2 1.82 5.49 -14.36
C ALA C 2 1.82 5.25 -12.86
N ALA C 3 2.26 4.06 -12.44
CA ALA C 3 2.28 3.71 -11.03
C ALA C 3 0.85 3.58 -10.55
N GLU C 4 0.09 2.72 -11.24
CA GLU C 4 -1.31 2.52 -10.93
C GLU C 4 -1.49 1.49 -9.81
N PRO C 5 -2.38 1.80 -8.84
CA PRO C 5 -2.65 0.91 -7.72
C PRO C 5 -3.55 -0.26 -8.11
N LEU C 6 -3.20 -1.45 -7.63
CA LEU C 6 -3.96 -2.66 -7.91
C LEU C 6 -5.05 -2.84 -6.85
N THR C 7 -5.69 -4.00 -6.85
CA THR C 7 -6.73 -4.26 -5.86
C THR C 7 -6.12 -4.50 -4.49
N GLU C 8 -6.94 -4.38 -3.44
CA GLU C 8 -6.50 -4.55 -2.05
C GLU C 8 -5.73 -5.87 -1.82
N LEU C 9 -6.19 -6.94 -2.47
CA LEU C 9 -5.56 -8.24 -2.31
C LEU C 9 -4.25 -8.35 -3.10
N GLU C 10 -4.19 -7.75 -4.29
CA GLU C 10 -2.95 -7.73 -5.07
C GLU C 10 -1.86 -6.97 -4.29
N GLU C 11 -2.23 -5.80 -3.72
CA GLU C 11 -1.34 -5.01 -2.86
C GLU C 11 -0.74 -5.91 -1.77
N SER C 12 -1.63 -6.59 -1.03
CA SER C 12 -1.22 -7.35 0.13
C SER C 12 -0.44 -8.62 -0.23
N ILE C 13 -0.79 -9.35 -1.30
CA ILE C 13 0.07 -10.47 -1.71
C ILE C 13 1.42 -9.94 -2.15
N GLU C 14 1.47 -8.82 -2.89
CA GLU C 14 2.77 -8.28 -3.30
C GLU C 14 3.62 -7.98 -2.06
N THR C 15 3.12 -7.16 -1.12
CA THR C 15 3.96 -6.71 0.00
C THR C 15 4.60 -7.89 0.76
N VAL C 16 3.86 -8.99 0.94
CA VAL C 16 4.43 -10.18 1.57
C VAL C 16 5.34 -10.94 0.60
N VAL C 17 4.99 -11.03 -0.69
CA VAL C 17 5.82 -11.68 -1.70
C VAL C 17 7.18 -10.98 -1.80
N THR C 18 7.22 -9.64 -1.84
CA THR C 18 8.51 -8.92 -1.92
C THR C 18 9.37 -9.18 -0.67
N THR C 19 8.73 -9.20 0.51
CA THR C 19 9.40 -9.50 1.76
C THR C 19 9.97 -10.93 1.72
N PHE C 20 9.12 -11.91 1.40
CA PHE C 20 9.53 -13.27 1.12
C PHE C 20 10.77 -13.27 0.22
N PHE C 21 10.66 -12.59 -0.94
CA PHE C 21 11.73 -12.53 -1.93
C PHE C 21 13.04 -11.96 -1.40
N THR C 22 13.00 -11.06 -0.42
CA THR C 22 14.23 -10.48 0.14
C THR C 22 14.88 -11.43 1.14
N PHE C 23 14.44 -12.69 1.12
CA PHE C 23 14.98 -13.73 1.99
C PHE C 23 15.19 -15.02 1.18
N ALA C 24 14.33 -15.23 0.20
CA ALA C 24 14.38 -16.39 -0.68
C ALA C 24 15.65 -16.41 -1.53
N ARG C 25 16.10 -15.22 -1.91
CA ARG C 25 17.28 -15.08 -2.77
C ARG C 25 18.59 -14.99 -1.98
N GLN C 26 18.52 -15.05 -0.65
CA GLN C 26 19.72 -14.94 0.19
C GLN C 26 20.83 -15.91 -0.26
N GLU C 27 20.44 -17.14 -0.54
CA GLU C 27 21.40 -18.16 -0.96
C GLU C 27 20.96 -18.81 -2.28
N GLY C 28 21.39 -20.06 -2.49
CA GLY C 28 21.01 -20.82 -3.68
C GLY C 28 19.52 -20.89 -3.95
N ARG C 29 19.16 -20.55 -5.20
CA ARG C 29 17.78 -20.52 -5.69
C ARG C 29 16.95 -19.41 -5.02
N LYS C 30 16.48 -18.44 -5.82
CA LYS C 30 15.69 -17.32 -5.30
C LYS C 30 14.19 -17.65 -5.20
N ASP C 31 13.90 -18.88 -4.80
CA ASP C 31 12.53 -19.34 -4.62
C ASP C 31 12.46 -20.06 -3.28
N SER C 32 13.39 -20.99 -3.08
CA SER C 32 13.46 -21.78 -1.88
C SER C 32 14.21 -21.03 -0.78
N LEU C 33 13.65 -21.07 0.44
CA LEU C 33 14.39 -20.74 1.65
C LEU C 33 15.08 -22.01 2.13
N SER C 34 16.41 -22.03 2.23
CA SER C 34 17.07 -23.10 2.97
C SER C 34 17.05 -22.79 4.46
N VAL C 35 17.61 -23.68 5.28
CA VAL C 35 17.46 -23.66 6.74
C VAL C 35 17.77 -22.28 7.34
N ASN C 36 18.99 -21.76 7.10
CA ASN C 36 19.41 -20.43 7.59
C ASN C 36 18.43 -19.37 7.09
N GLU C 37 18.33 -19.28 5.77
CA GLU C 37 17.39 -18.43 5.05
C GLU C 37 16.03 -18.36 5.75
N PHE C 38 15.47 -19.53 6.06
CA PHE C 38 14.19 -19.65 6.70
C PHE C 38 14.27 -19.04 8.11
N LYS C 39 15.25 -19.48 8.90
CA LYS C 39 15.42 -18.96 10.26
C LYS C 39 15.54 -17.43 10.27
N GLU C 40 16.15 -16.86 9.23
CA GLU C 40 16.34 -15.42 9.12
C GLU C 40 15.02 -14.64 9.09
N LEU C 41 13.95 -15.25 8.54
CA LEU C 41 12.65 -14.58 8.47
C LEU C 41 12.13 -14.39 9.88
N VAL C 42 12.06 -15.51 10.62
CA VAL C 42 11.44 -15.55 11.92
C VAL C 42 12.26 -14.70 12.89
N THR C 43 13.56 -14.96 12.94
CA THR C 43 14.46 -14.26 13.86
C THR C 43 14.46 -12.72 13.69
N GLN C 44 14.17 -12.23 12.50
CA GLN C 44 14.20 -10.79 12.27
C GLN C 44 12.84 -10.11 12.36
N GLN C 45 11.92 -10.46 11.46
CA GLN C 45 10.60 -9.83 11.43
C GLN C 45 9.50 -10.58 12.16
N LEU C 46 9.84 -11.53 13.03
CA LEU C 46 8.80 -12.27 13.76
C LEU C 46 9.21 -12.56 15.20
N PRO C 47 9.16 -11.53 16.07
CA PRO C 47 9.53 -11.63 17.47
C PRO C 47 8.34 -11.83 18.44
N HIS C 48 7.12 -11.64 17.94
CA HIS C 48 5.94 -11.78 18.80
C HIS C 48 5.07 -12.97 18.41
N LEU C 49 4.62 -13.01 17.15
CA LEU C 49 3.78 -14.06 16.64
C LEU C 49 4.27 -15.45 17.04
N LEU C 50 5.44 -15.84 16.50
CA LEU C 50 6.11 -17.09 16.79
C LEU C 50 7.39 -16.72 17.56
N LYS C 51 7.22 -16.44 18.85
CA LYS C 51 8.34 -16.04 19.72
C LYS C 51 9.31 -17.19 19.99
N ASP C 52 9.16 -18.28 19.24
CA ASP C 52 10.04 -19.43 19.40
C ASP C 52 11.19 -19.36 18.39
N VAL C 53 12.22 -18.57 18.74
CA VAL C 53 13.38 -18.41 17.88
C VAL C 53 14.45 -19.45 18.19
N GLY C 54 14.04 -20.55 18.82
CA GLY C 54 14.97 -21.61 19.16
C GLY C 54 14.57 -22.94 18.57
N SER C 55 13.26 -23.20 18.51
CA SER C 55 12.76 -24.46 17.98
C SER C 55 12.30 -24.31 16.52
N LEU C 56 13.12 -23.62 15.72
CA LEU C 56 12.83 -23.41 14.33
C LEU C 56 12.86 -24.76 13.61
N ASP C 57 13.67 -25.70 14.09
CA ASP C 57 13.69 -27.08 13.61
C ASP C 57 12.28 -27.69 13.59
N GLU C 58 11.52 -27.55 14.69
CA GLU C 58 10.16 -28.04 14.78
C GLU C 58 9.32 -27.45 13.65
N LYS C 59 9.33 -26.12 13.50
CA LYS C 59 8.60 -25.47 12.42
C LYS C 59 9.04 -26.09 11.09
N MET C 60 10.35 -26.13 10.85
CA MET C 60 10.93 -26.65 9.62
C MET C 60 10.37 -28.03 9.31
N LYS C 61 10.46 -28.98 10.25
CA LYS C 61 9.90 -30.31 10.06
C LYS C 61 8.39 -30.26 9.81
N SER C 62 7.66 -29.42 10.55
CA SER C 62 6.23 -29.27 10.38
C SER C 62 5.87 -28.71 8.99
N LEU C 63 6.75 -27.88 8.41
CA LEU C 63 6.57 -27.22 7.13
C LEU C 63 7.02 -28.12 5.97
N ASP C 64 8.31 -28.45 5.93
CA ASP C 64 8.96 -29.18 4.86
C ASP C 64 8.58 -30.66 4.93
N VAL C 65 7.34 -30.99 4.55
CA VAL C 65 6.80 -32.34 4.63
C VAL C 65 7.73 -33.41 4.03
N ASN C 66 8.39 -33.07 2.93
CA ASN C 66 9.32 -33.95 2.21
C ASN C 66 10.74 -33.94 2.80
N GLN C 67 11.03 -33.02 3.72
CA GLN C 67 12.31 -32.89 4.40
C GLN C 67 13.47 -32.91 3.40
N ASP C 68 13.39 -32.04 2.37
CA ASP C 68 14.45 -31.83 1.39
C ASP C 68 15.40 -30.73 1.88
N SER C 69 15.05 -30.01 2.95
CA SER C 69 15.79 -28.86 3.46
C SER C 69 15.77 -27.69 2.48
N GLU C 70 14.70 -27.62 1.68
CA GLU C 70 14.29 -26.48 0.89
C GLU C 70 12.80 -26.28 1.16
N LEU C 71 12.40 -25.14 1.72
CA LEU C 71 11.02 -24.73 1.69
C LEU C 71 10.83 -24.01 0.35
N LYS C 72 10.40 -24.73 -0.69
CA LYS C 72 9.96 -24.13 -1.97
C LYS C 72 8.90 -23.06 -1.67
N PHE C 73 8.64 -22.16 -2.62
CA PHE C 73 7.65 -21.08 -2.49
C PHE C 73 6.39 -21.56 -1.75
N ASN C 74 5.72 -22.59 -2.28
CA ASN C 74 4.48 -23.10 -1.72
C ASN C 74 4.67 -23.76 -0.35
N GLU C 75 5.82 -24.38 -0.10
CA GLU C 75 6.12 -25.00 1.19
C GLU C 75 6.31 -23.89 2.24
N TYR C 76 7.21 -22.94 1.96
CA TYR C 76 7.44 -21.77 2.77
C TYR C 76 6.11 -21.10 3.09
N TRP C 77 5.31 -20.86 2.05
CA TRP C 77 4.01 -20.23 2.14
C TRP C 77 3.21 -20.80 3.31
N ARG C 78 3.28 -22.10 3.61
CA ARG C 78 2.63 -22.69 4.80
C ARG C 78 2.73 -21.80 6.03
N LEU C 79 3.95 -21.33 6.34
CA LEU C 79 4.20 -20.46 7.48
C LEU C 79 3.16 -19.33 7.54
N ILE C 80 2.88 -18.69 6.40
CA ILE C 80 1.99 -17.53 6.35
C ILE C 80 0.61 -17.90 6.86
N GLY C 81 0.24 -19.18 6.77
CA GLY C 81 -1.02 -19.69 7.24
C GLY C 81 -1.01 -19.77 8.73
N GLU C 82 0.10 -20.25 9.26
CA GLU C 82 0.29 -20.45 10.67
C GLU C 82 0.35 -19.07 11.30
N LEU C 83 0.93 -18.08 10.60
CA LEU C 83 0.92 -16.69 10.99
C LEU C 83 -0.52 -16.13 11.02
N ALA C 84 -1.20 -16.16 9.86
CA ALA C 84 -2.55 -15.66 9.66
C ALA C 84 -3.56 -16.35 10.59
N LYS C 85 -3.24 -17.57 10.99
CA LYS C 85 -3.96 -18.30 12.00
C LYS C 85 -3.59 -17.72 13.37
N GLU C 86 -2.33 -17.78 13.78
CA GLU C 86 -1.82 -17.29 15.08
C GLU C 86 -2.38 -15.92 15.45
N ILE C 87 -2.35 -14.94 14.55
CA ILE C 87 -2.85 -13.60 14.86
C ILE C 87 -4.27 -13.60 15.43
N ARG C 88 -5.13 -14.54 14.99
CA ARG C 88 -6.45 -14.76 15.55
C ARG C 88 -6.37 -15.77 16.69
N LYS C 89 -5.77 -16.92 16.41
CA LYS C 89 -5.78 -18.13 17.20
C LYS C 89 -5.10 -17.95 18.55
N LYS C 90 -4.15 -17.01 18.71
CA LYS C 90 -2.79 -17.37 19.04
C LYS C 90 -2.70 -18.60 19.95
N LYS C 91 -3.16 -18.55 21.21
CA LYS C 91 -3.14 -19.69 22.12
C LYS C 91 -4.53 -19.81 22.80
N ASP C 92 -5.59 -19.73 21.98
CA ASP C 92 -7.02 -19.86 22.27
C ASP C 92 -7.30 -21.22 22.88
N LEU C 93 -6.89 -21.38 24.13
CA LEU C 93 -6.82 -22.61 24.89
C LEU C 93 -6.38 -22.21 26.30
N LYS C 94 -5.29 -21.43 26.41
CA LYS C 94 -4.82 -20.84 27.66
C LYS C 94 -4.81 -19.31 27.59
N ILE C 95 -4.34 -18.72 26.48
CA ILE C 95 -4.05 -17.30 26.37
C ILE C 95 -4.51 -16.77 25.01
N ARG C 96 -5.55 -15.94 24.86
CA ARG C 96 -6.57 -15.45 25.79
C ARG C 96 -7.57 -14.51 25.07
N DLY C 97 -7.17 -13.51 24.26
CA DLY C 97 -5.86 -13.10 23.73
C DLY C 97 -6.14 -12.37 22.39
O DLY C 97 -6.88 -12.96 21.61
CB DLY C 97 -4.99 -12.44 24.83
CG DLY C 97 -5.60 -11.27 25.65
CD DLY C 97 -4.46 -10.55 26.43
CE DLY C 97 -4.33 -9.04 26.16
NZ DLY C 97 -5.36 -8.21 26.81
H DLY C 97 -7.90 -12.96 23.93
HA DLY C 97 -6.53 -12.13 23.92
HB2 DLY C 97 -4.71 -13.22 25.54
HB3 DLY C 97 -4.09 -12.08 24.36
HG2 DLY C 97 -6.07 -10.58 24.99
HG3 DLY C 97 -6.32 -11.67 26.35
HD2 DLY C 97 -4.64 -10.68 27.48
HD3 DLY C 97 -3.52 -11.02 26.18
HE2 DLY C 97 -3.36 -8.72 26.52
HE3 DLY C 97 -4.37 -8.88 25.10
HZ1 DLY C 97 -5.20 -7.20 26.59
HZ2 DLY C 97 -5.33 -8.33 27.85
HZ3 DLY C 97 -6.30 -8.48 26.48
N DLY C 98 -5.69 -11.17 22.02
CA DLY C 98 -4.68 -10.30 22.57
C DLY C 98 -3.33 -10.66 21.97
O DLY C 98 -3.17 -10.54 20.73
CB DLY C 98 -5.13 -8.85 22.29
CG DLY C 98 -6.61 -8.56 22.58
CD DLY C 98 -6.84 -7.07 22.84
CE DLY C 98 -6.37 -6.17 21.68
NZ DLY C 98 -6.08 -4.80 22.14
H DLY C 98 -6.12 -10.83 21.20
HA DLY C 98 -4.67 -10.35 21.39
HB2 DLY C 98 -4.53 -8.20 22.91
HB3 DLY C 98 -4.94 -8.62 21.25
HG2 DLY C 98 -7.21 -8.86 21.74
HG3 DLY C 98 -6.91 -9.12 23.46
HD2 DLY C 98 -7.90 -6.90 22.99
HD3 DLY C 98 -6.31 -6.78 23.74
HE2 DLY C 98 -5.48 -6.59 21.25
HE3 DLY C 98 -7.15 -6.13 20.93
HZ1 DLY C 98 -5.79 -4.20 21.34
HZ2 DLY C 98 -5.30 -4.81 22.84
HZ3 DLY C 98 -6.92 -4.38 22.60
N MET D 1 -10.82 -7.80 21.86
CA MET D 1 -11.83 -7.15 21.03
C MET D 1 -11.21 -6.73 19.70
N ALA D 2 -10.15 -5.89 19.72
CA ALA D 2 -9.43 -5.48 18.52
C ALA D 2 -8.15 -4.69 18.84
N ALA D 3 -6.99 -5.21 18.43
CA ALA D 3 -5.83 -4.47 17.91
C ALA D 3 -5.56 -3.02 18.38
N GLU D 4 -4.64 -2.82 19.34
CA GLU D 4 -3.71 -1.69 19.37
C GLU D 4 -2.50 -2.03 18.46
N PRO D 5 -1.41 -1.19 18.38
CA PRO D 5 -0.23 -1.40 17.53
C PRO D 5 0.12 -2.83 17.14
N LEU D 6 0.44 -2.98 15.85
CA LEU D 6 0.87 -4.24 15.25
C LEU D 6 2.13 -3.98 14.44
N THR D 7 2.59 -4.95 13.67
CA THR D 7 3.79 -4.75 12.85
C THR D 7 3.42 -4.30 11.42
N GLU D 8 4.44 -4.15 10.58
CA GLU D 8 4.25 -3.72 9.19
C GLU D 8 3.49 -4.77 8.36
N LEU D 9 3.84 -6.03 8.56
CA LEU D 9 3.21 -7.13 7.82
C LEU D 9 1.83 -7.49 8.39
N GLU D 10 1.50 -6.95 9.55
CA GLU D 10 0.23 -7.22 10.19
C GLU D 10 -0.84 -6.24 9.70
N GLU D 11 -0.39 -5.05 9.25
CA GLU D 11 -1.30 -4.08 8.65
C GLU D 11 -2.02 -4.70 7.45
N SER D 12 -1.24 -5.28 6.54
CA SER D 12 -1.75 -5.74 5.26
C SER D 12 -2.63 -7.00 5.38
N ILE D 13 -2.48 -7.79 6.45
CA ILE D 13 -3.49 -8.79 6.78
C ILE D 13 -4.71 -8.13 7.44
N GLU D 14 -4.54 -7.06 8.21
CA GLU D 14 -5.69 -6.32 8.74
C GLU D 14 -6.55 -5.78 7.60
N THR D 15 -5.97 -5.03 6.67
CA THR D 15 -6.75 -4.28 5.68
C THR D 15 -7.80 -5.16 4.98
N VAL D 16 -7.45 -6.41 4.67
CA VAL D 16 -8.39 -7.36 4.07
C VAL D 16 -9.43 -7.86 5.09
N VAL D 17 -9.02 -8.06 6.35
CA VAL D 17 -9.95 -8.42 7.42
C VAL D 17 -10.98 -7.31 7.62
N THR D 18 -10.53 -6.04 7.53
CA THR D 18 -11.45 -4.89 7.65
C THR D 18 -12.60 -4.98 6.61
N THR D 19 -12.31 -5.60 5.46
CA THR D 19 -13.33 -5.81 4.43
C THR D 19 -14.31 -6.86 4.94
N PHE D 20 -13.74 -7.96 5.39
CA PHE D 20 -14.45 -9.06 6.02
C PHE D 20 -15.39 -8.53 7.10
N PHE D 21 -14.83 -7.76 8.04
CA PHE D 21 -15.55 -7.18 9.20
C PHE D 21 -16.72 -6.27 8.81
N THR D 22 -16.68 -5.67 7.62
CA THR D 22 -17.75 -4.77 7.22
C THR D 22 -18.65 -5.37 6.13
N PHE D 23 -18.70 -6.69 6.12
CA PHE D 23 -19.51 -7.42 5.16
C PHE D 23 -20.22 -8.57 5.86
N ALA D 24 -19.61 -9.06 6.94
CA ALA D 24 -20.17 -10.16 7.71
C ALA D 24 -21.08 -9.70 8.83
N ARG D 25 -21.13 -8.38 9.03
CA ARG D 25 -22.03 -7.77 10.03
C ARG D 25 -23.40 -7.45 9.41
N GLN D 26 -23.74 -8.11 8.30
CA GLN D 26 -25.01 -7.86 7.60
C GLN D 26 -26.20 -8.47 8.34
N GLU D 27 -26.46 -9.77 8.13
CA GLU D 27 -27.55 -10.48 8.83
C GLU D 27 -27.09 -10.73 10.26
N GLY D 28 -26.93 -11.99 10.70
CA GLY D 28 -26.36 -12.15 12.03
C GLY D 28 -24.90 -11.74 12.01
N ARG D 29 -24.36 -11.45 13.20
CA ARG D 29 -23.03 -11.89 13.62
C ARG D 29 -21.90 -11.57 12.64
N LYS D 30 -21.09 -10.57 13.02
CA LYS D 30 -19.95 -10.08 12.22
C LYS D 30 -18.75 -11.04 12.28
N ASP D 31 -18.70 -11.88 13.30
CA ASP D 31 -17.61 -12.83 13.47
C ASP D 31 -17.69 -14.03 12.52
N SER D 32 -18.82 -14.25 11.82
CA SER D 32 -18.97 -15.34 10.85
C SER D 32 -19.52 -14.82 9.52
N LEU D 33 -18.99 -15.31 8.41
CA LEU D 33 -19.59 -15.08 7.10
C LEU D 33 -20.87 -15.91 7.00
N SER D 34 -21.92 -15.26 6.49
CA SER D 34 -23.25 -15.78 6.28
C SER D 34 -23.53 -15.70 4.76
N VAL D 35 -24.53 -16.43 4.23
CA VAL D 35 -24.65 -16.58 2.77
C VAL D 35 -25.69 -15.63 2.17
N ASN D 36 -25.55 -14.37 2.56
CA ASN D 36 -25.79 -13.19 1.77
C ASN D 36 -24.94 -12.09 2.44
N GLU D 37 -23.67 -12.51 2.51
CA GLU D 37 -22.51 -11.78 3.01
C GLU D 37 -21.30 -12.33 2.23
N PHE D 38 -21.30 -13.68 2.10
CA PHE D 38 -20.34 -14.42 1.32
C PHE D 38 -20.57 -14.20 -0.17
N LYS D 39 -21.76 -14.53 -0.67
CA LYS D 39 -22.01 -14.42 -2.09
C LYS D 39 -21.85 -12.96 -2.55
N GLU D 40 -22.26 -12.01 -1.71
CA GLU D 40 -22.10 -10.59 -2.01
C GLU D 40 -20.62 -10.19 -2.00
N LEU D 41 -19.81 -10.96 -1.27
CA LEU D 41 -18.37 -10.70 -1.17
C LEU D 41 -17.65 -11.20 -2.43
N VAL D 42 -17.95 -12.44 -2.84
CA VAL D 42 -17.34 -13.01 -4.03
C VAL D 42 -17.79 -12.24 -5.27
N THR D 43 -19.07 -11.92 -5.36
CA THR D 43 -19.61 -11.22 -6.52
C THR D 43 -19.13 -9.76 -6.65
N GLN D 44 -18.84 -9.11 -5.52
CA GLN D 44 -18.40 -7.71 -5.57
C GLN D 44 -16.90 -7.53 -5.39
N GLN D 45 -16.34 -8.09 -4.32
CA GLN D 45 -14.92 -7.93 -4.01
C GLN D 45 -14.02 -8.84 -4.86
N LEU D 46 -14.44 -10.08 -5.10
CA LEU D 46 -13.61 -11.02 -5.89
C LEU D 46 -14.33 -11.51 -7.16
N PRO D 47 -14.70 -10.61 -8.10
CA PRO D 47 -15.40 -11.01 -9.32
C PRO D 47 -14.43 -11.37 -10.45
N HIS D 48 -13.20 -10.86 -10.35
CA HIS D 48 -12.18 -11.12 -11.35
C HIS D 48 -11.19 -12.16 -10.82
N LEU D 49 -10.80 -12.01 -9.56
CA LEU D 49 -9.86 -12.93 -8.93
C LEU D 49 -10.48 -14.32 -8.85
N LEU D 50 -11.73 -14.38 -8.41
CA LEU D 50 -12.45 -15.64 -8.32
C LEU D 50 -13.47 -15.73 -9.45
N LYS D 51 -13.16 -16.53 -10.45
CA LYS D 51 -14.04 -16.71 -11.60
C LYS D 51 -15.06 -17.82 -11.35
N ASP D 52 -15.61 -17.83 -10.14
CA ASP D 52 -16.61 -18.82 -9.76
C ASP D 52 -17.65 -18.17 -8.84
N VAL D 53 -18.27 -17.10 -9.33
CA VAL D 53 -19.28 -16.38 -8.57
C VAL D 53 -20.62 -17.10 -8.59
N GLY D 54 -20.81 -17.96 -9.59
CA GLY D 54 -22.06 -18.70 -9.70
C GLY D 54 -21.96 -20.07 -9.04
N SER D 55 -20.73 -20.50 -8.79
CA SER D 55 -20.48 -21.79 -8.17
C SER D 55 -19.89 -21.62 -6.76
N LEU D 56 -20.29 -20.53 -6.08
CA LEU D 56 -19.86 -20.26 -4.73
C LEU D 56 -20.23 -21.43 -3.84
N ASP D 57 -21.47 -21.90 -3.92
CA ASP D 57 -22.06 -22.96 -3.13
C ASP D 57 -21.11 -24.16 -2.95
N GLU D 58 -20.43 -24.50 -4.05
CA GLU D 58 -19.45 -25.58 -4.10
C GLU D 58 -18.27 -25.25 -3.17
N LYS D 59 -17.80 -23.99 -3.24
CA LYS D 59 -16.70 -23.52 -2.40
C LYS D 59 -17.16 -23.47 -0.95
N MET D 60 -18.34 -22.89 -0.72
CA MET D 60 -18.97 -22.83 0.59
C MET D 60 -18.96 -24.22 1.24
N LYS D 61 -19.48 -25.22 0.55
CA LYS D 61 -19.51 -26.59 1.08
C LYS D 61 -18.09 -27.05 1.42
N SER D 62 -17.13 -26.79 0.53
CA SER D 62 -15.73 -27.15 0.72
C SER D 62 -15.12 -26.42 1.93
N LEU D 63 -15.49 -25.15 2.14
CA LEU D 63 -15.00 -24.30 3.20
C LEU D 63 -15.56 -24.76 4.55
N ASP D 64 -16.89 -24.82 4.65
CA ASP D 64 -17.66 -24.84 5.89
C ASP D 64 -17.36 -26.00 6.85
N VAL D 65 -16.64 -27.03 6.40
CA VAL D 65 -16.90 -28.47 6.48
C VAL D 65 -17.59 -29.05 7.72
N ASN D 66 -17.58 -28.38 8.87
CA ASN D 66 -18.51 -28.73 9.93
C ASN D 66 -19.96 -28.61 9.44
N GLN D 67 -20.18 -27.77 8.42
CA GLN D 67 -21.43 -27.61 7.70
C GLN D 67 -22.52 -26.99 8.60
N ASP D 68 -22.11 -26.33 9.70
CA ASP D 68 -23.00 -25.47 10.48
C ASP D 68 -23.53 -24.32 9.62
N SER D 69 -22.87 -24.02 8.50
CA SER D 69 -23.22 -22.95 7.58
C SER D 69 -22.98 -21.57 8.17
N GLU D 70 -22.31 -21.48 9.32
CA GLU D 70 -21.54 -20.31 9.69
C GLU D 70 -20.15 -20.53 9.10
N LEU D 71 -19.78 -19.75 8.10
CA LEU D 71 -18.42 -19.78 7.58
C LEU D 71 -17.56 -19.11 8.65
N LYS D 72 -16.87 -19.92 9.43
CA LYS D 72 -16.39 -19.56 10.75
C LYS D 72 -15.08 -18.78 10.64
N PHE D 73 -14.59 -18.24 11.77
CA PHE D 73 -13.44 -17.35 11.83
C PHE D 73 -12.19 -18.23 11.80
N ASN D 74 -11.95 -18.74 10.58
CA ASN D 74 -11.01 -19.73 10.06
C ASN D 74 -11.76 -21.06 9.92
N GLU D 75 -12.93 -21.07 9.29
CA GLU D 75 -13.15 -21.73 8.01
C GLU D 75 -12.86 -20.71 6.89
N TYR D 76 -13.63 -19.61 6.91
CA TYR D 76 -13.71 -18.58 5.88
C TYR D 76 -12.35 -18.27 5.29
N TRP D 77 -11.41 -17.97 6.20
CA TRP D 77 -10.09 -17.48 5.89
C TRP D 77 -9.45 -18.22 4.71
N ARG D 78 -9.64 -19.55 4.65
CA ARG D 78 -9.19 -20.39 3.55
C ARG D 78 -9.38 -19.70 2.19
N LEU D 79 -10.54 -19.07 1.97
CA LEU D 79 -10.85 -18.38 0.72
C LEU D 79 -9.72 -17.46 0.29
N ILE D 80 -9.24 -16.60 1.19
CA ILE D 80 -8.18 -15.65 0.93
C ILE D 80 -6.93 -16.43 0.46
N GLY D 81 -6.79 -17.65 0.96
CA GLY D 81 -5.75 -18.61 0.63
C GLY D 81 -5.83 -19.10 -0.78
N GLU D 82 -7.06 -19.42 -1.16
CA GLU D 82 -7.33 -19.95 -2.46
C GLU D 82 -7.08 -18.82 -3.45
N LEU D 83 -7.60 -17.61 -3.24
CA LEU D 83 -7.17 -16.49 -4.08
C LEU D 83 -5.65 -16.30 -4.06
N ALA D 84 -5.03 -16.34 -2.88
CA ALA D 84 -3.59 -16.16 -2.74
C ALA D 84 -2.82 -17.13 -3.64
N LYS D 85 -3.12 -18.43 -3.59
CA LYS D 85 -2.47 -19.36 -4.50
C LYS D 85 -2.96 -19.15 -5.93
N GLU D 86 -4.26 -18.90 -6.19
CA GLU D 86 -4.86 -18.78 -7.53
C GLU D 86 -4.00 -17.93 -8.46
N ILE D 87 -3.51 -16.79 -7.99
CA ILE D 87 -2.68 -15.91 -8.79
C ILE D 87 -1.50 -16.68 -9.42
N ARG D 88 -0.91 -17.60 -8.66
CA ARG D 88 0.10 -18.56 -9.09
C ARG D 88 -0.54 -19.79 -9.77
N LYS D 89 -1.67 -20.27 -9.25
CA LYS D 89 -2.21 -21.59 -9.47
C LYS D 89 -3.55 -21.54 -10.20
N LYS D 90 -3.50 -21.34 -11.51
CA LYS D 90 -4.61 -21.24 -12.45
C LYS D 90 -5.76 -22.21 -12.12
N LYS D 91 -5.51 -23.52 -12.00
CA LYS D 91 -6.57 -24.50 -11.66
C LYS D 91 -6.04 -25.76 -10.97
N ASP D 92 -4.71 -25.87 -10.80
CA ASP D 92 -4.02 -27.15 -10.86
C ASP D 92 -3.90 -27.76 -9.47
N LEU D 93 -5.01 -27.83 -8.73
CA LEU D 93 -5.04 -28.36 -7.37
C LEU D 93 -5.40 -29.84 -7.34
N DLY D 94 -6.52 -30.20 -7.95
CA DLY D 94 -7.18 -31.49 -7.77
C DLY D 94 -7.30 -31.87 -6.28
O DLY D 94 -8.20 -31.35 -5.61
CB DLY D 94 -8.58 -31.43 -8.40
CG DLY D 94 -9.31 -30.12 -8.05
CD DLY D 94 -10.83 -30.24 -7.87
CE DLY D 94 -11.29 -30.66 -6.47
NZ DLY D 94 -10.77 -31.97 -6.01
H DLY D 94 -6.93 -29.56 -8.57
HA DLY D 94 -7.55 -30.65 -7.09
HB2 DLY D 94 -8.48 -31.50 -9.48
HB3 DLY D 94 -9.16 -32.26 -8.05
HG2 DLY D 94 -8.91 -29.72 -7.13
HG3 DLY D 94 -9.12 -29.41 -8.84
HD2 DLY D 94 -11.27 -29.28 -8.10
HD3 DLY D 94 -11.19 -30.97 -8.58
HE2 DLY D 94 -10.98 -29.90 -5.76
HE3 DLY D 94 -12.37 -30.70 -6.47
HZ1 DLY D 94 -11.11 -32.18 -5.05
HZ2 DLY D 94 -9.73 -31.96 -5.99
HZ3 DLY D 94 -11.09 -32.72 -6.64
N ILE D 95 -6.47 -32.80 -5.80
CA ILE D 95 -6.59 -33.49 -4.53
C ILE D 95 -7.93 -34.21 -4.31
N ARG D 96 -7.88 -35.29 -3.53
CA ARG D 96 -8.99 -36.12 -3.09
C ARG D 96 -8.44 -37.00 -1.98
N LYS D 97 -9.06 -37.03 -0.79
CA LYS D 97 -8.43 -37.52 0.43
C LYS D 97 -9.51 -37.49 1.51
N LYS D 98 -9.75 -38.64 2.17
CA LYS D 98 -10.53 -38.73 3.40
C LYS D 98 -9.53 -38.88 4.54
N TYR E 1 -26.73 32.57 8.18
CA TYR E 1 -27.47 32.64 6.89
C TYR E 1 -27.86 31.24 6.44
N LYS E 2 -28.74 30.58 7.20
CA LYS E 2 -29.18 29.24 6.87
C LYS E 2 -29.65 29.16 5.41
N LYS E 3 -28.85 28.51 4.59
CA LYS E 3 -29.15 28.35 3.18
C LYS E 3 -28.40 27.14 2.61
N PRO E 4 -28.46 26.91 1.27
CA PRO E 4 -27.81 25.81 0.59
C PRO E 4 -26.68 25.16 1.39
N LYS E 5 -26.97 23.97 1.93
CA LYS E 5 -25.99 23.23 2.71
C LYS E 5 -25.30 22.20 1.83
N LEU E 6 -24.05 22.47 1.47
CA LEU E 6 -23.28 21.56 0.62
C LEU E 6 -22.65 20.46 1.47
N LEU E 7 -22.76 19.23 0.99
CA LEU E 7 -22.20 18.07 1.71
C LEU E 7 -21.63 17.05 0.73
N TYR E 8 -20.46 16.52 1.05
CA TYR E 8 -19.80 15.51 0.23
C TYR E 8 -18.79 14.72 1.05
N CYS E 9 -18.21 13.67 0.49
CA CYS E 9 -17.24 12.86 1.22
C CYS E 9 -16.19 12.29 0.27
N SER E 10 -15.10 11.78 0.86
CA SER E 10 -13.99 11.20 0.11
C SER E 10 -13.16 12.30 -0.52
N ASN E 11 -11.89 12.34 -0.15
CA ASN E 11 -10.98 13.36 -0.68
C ASN E 11 -11.07 13.42 -2.19
N GLY E 12 -11.31 14.60 -2.71
CA GLY E 12 -11.42 14.78 -4.14
C GLY E 12 -12.61 15.63 -4.52
N GLY E 13 -12.42 16.54 -5.47
CA GLY E 13 -13.49 17.40 -5.92
C GLY E 13 -14.71 16.63 -6.37
N HIS E 14 -15.74 16.62 -5.53
CA HIS E 14 -17.00 15.92 -5.83
C HIS E 14 -18.08 16.41 -4.86
N PHE E 15 -19.17 16.94 -5.40
CA PHE E 15 -20.27 17.44 -4.57
C PHE E 15 -21.56 16.66 -4.86
N LEU E 16 -22.41 16.54 -3.86
CA LEU E 16 -23.67 15.83 -4.00
C LEU E 16 -24.66 16.67 -4.81
N ARG E 17 -24.80 16.36 -6.10
CA ARG E 17 -25.71 17.08 -6.96
C ARG E 17 -27.05 16.36 -7.04
N ILE E 18 -28.06 16.92 -6.40
CA ILE E 18 -29.38 16.34 -6.36
C ILE E 18 -30.24 16.80 -7.54
N LEU E 19 -31.04 15.90 -8.07
CA LEU E 19 -31.92 16.19 -9.18
C LEU E 19 -33.34 15.72 -8.87
N PRO E 20 -34.37 16.50 -9.23
CA PRO E 20 -35.78 16.15 -8.98
C PRO E 20 -36.08 14.69 -9.34
N ASP E 21 -35.37 14.17 -10.33
CA ASP E 21 -35.53 12.79 -10.77
C ASP E 21 -35.27 11.81 -9.62
N GLY E 22 -34.21 12.08 -8.87
CA GLY E 22 -33.85 11.23 -7.76
C GLY E 22 -32.41 10.74 -7.86
N THR E 23 -31.93 10.54 -9.08
CA THR E 23 -30.57 10.07 -9.29
C THR E 23 -29.55 11.15 -8.96
N VAL E 24 -29.19 11.23 -7.69
CA VAL E 24 -28.20 12.19 -7.21
C VAL E 24 -26.79 11.62 -7.35
N ASP E 25 -25.89 12.40 -7.93
CA ASP E 25 -24.50 11.95 -8.11
C ASP E 25 -23.51 12.95 -7.52
N GLY E 26 -22.27 12.52 -7.37
CA GLY E 26 -21.24 13.37 -6.81
C GLY E 26 -20.59 14.27 -7.85
N THR E 27 -21.38 15.18 -8.38
CA THR E 27 -20.89 16.12 -9.39
C THR E 27 -19.88 17.09 -8.80
N ARG E 28 -18.73 17.22 -9.43
CA ARG E 28 -17.71 18.14 -8.94
C ARG E 28 -17.84 19.49 -9.63
N ASP E 29 -18.93 20.19 -9.34
CA ASP E 29 -19.19 21.50 -9.92
C ASP E 29 -19.97 22.38 -8.96
N ARG E 30 -19.79 23.68 -9.07
CA ARG E 30 -20.50 24.64 -8.23
C ARG E 30 -21.05 25.79 -9.06
N SER E 31 -21.25 25.53 -10.36
CA SER E 31 -21.76 26.53 -11.29
C SER E 31 -23.28 26.44 -11.35
N ASP E 32 -23.79 25.21 -11.41
CA ASP E 32 -25.23 24.99 -11.48
C ASP E 32 -25.79 24.72 -10.08
N GLN E 33 -26.81 25.47 -9.69
CA GLN E 33 -27.42 25.33 -8.37
C GLN E 33 -28.17 24.00 -8.25
N HIS E 34 -27.42 22.91 -8.08
CA HIS E 34 -28.02 21.59 -7.92
C HIS E 34 -27.22 20.72 -6.94
N ILE E 35 -26.35 21.36 -6.15
CA ILE E 35 -25.53 20.64 -5.18
C ILE E 35 -25.71 21.25 -3.78
N GLN E 36 -26.95 21.54 -3.44
CA GLN E 36 -27.27 22.13 -2.15
C GLN E 36 -28.53 21.53 -1.55
N LEU E 37 -28.46 21.16 -0.28
CA LEU E 37 -29.60 20.58 0.42
C LEU E 37 -29.84 21.35 1.72
N GLN E 38 -31.07 21.33 2.20
CA GLN E 38 -31.42 22.04 3.43
C GLN E 38 -31.21 21.13 4.64
N LEU E 39 -29.94 20.88 4.97
CA LEU E 39 -29.60 20.04 6.11
C LEU E 39 -29.84 20.82 7.41
N SER E 40 -30.57 20.20 8.33
CA SER E 40 -30.88 20.81 9.62
C SER E 40 -31.30 19.76 10.63
N ALA E 41 -31.13 20.08 11.92
CA ALA E 41 -31.50 19.19 12.99
C ALA E 41 -32.98 19.36 13.30
N GLU E 42 -33.80 18.43 12.85
CA GLU E 42 -35.24 18.49 13.07
C GLU E 42 -35.57 18.21 14.53
N SER E 43 -35.10 17.07 15.01
CA SER E 43 -35.32 16.66 16.39
C SER E 43 -33.99 16.56 17.12
N VAL E 44 -34.04 16.31 18.43
CA VAL E 44 -32.83 16.19 19.23
C VAL E 44 -31.85 15.18 18.62
N GLY E 45 -30.93 15.67 17.81
CA GLY E 45 -29.94 14.81 17.18
C GLY E 45 -30.38 14.29 15.82
N GLU E 46 -31.68 14.40 15.53
CA GLU E 46 -32.22 13.91 14.26
C GLU E 46 -32.12 14.99 13.19
N VAL E 47 -31.23 14.79 12.23
CA VAL E 47 -31.05 15.74 11.14
C VAL E 47 -31.69 15.20 9.86
N TYR E 48 -32.27 16.09 9.08
CA TYR E 48 -32.93 15.70 7.83
C TYR E 48 -32.21 16.32 6.64
N ILE E 49 -32.23 15.60 5.52
CA ILE E 49 -31.61 16.05 4.29
C ILE E 49 -32.68 16.29 3.23
N LYS E 50 -33.00 17.57 3.03
CA LYS E 50 -34.02 17.95 2.06
C LYS E 50 -33.52 19.04 1.14
N SER E 51 -33.36 18.71 -0.14
CA SER E 51 -32.90 19.68 -1.13
C SER E 51 -34.07 20.53 -1.62
N THR E 52 -34.69 21.23 -0.68
CA THR E 52 -35.86 22.05 -0.96
C THR E 52 -35.61 23.05 -2.09
N GLU E 53 -34.79 24.06 -1.82
CA GLU E 53 -34.49 25.10 -2.79
C GLU E 53 -33.42 24.67 -3.80
N THR E 54 -33.65 23.56 -4.48
CA THR E 54 -32.68 23.06 -5.47
C THR E 54 -33.07 21.70 -6.06
N GLY E 55 -33.56 20.79 -5.23
CA GLY E 55 -33.93 19.47 -5.73
C GLY E 55 -35.17 18.90 -5.11
N GLN E 56 -35.00 17.85 -4.31
CA GLN E 56 -36.10 17.14 -3.69
C GLN E 56 -35.73 16.66 -2.29
N TYR E 57 -36.67 15.94 -1.66
CA TYR E 57 -36.47 15.39 -0.32
C TYR E 57 -35.90 13.98 -0.44
N LEU E 58 -35.03 13.60 0.48
CA LEU E 58 -34.42 12.28 0.45
C LEU E 58 -35.34 11.21 1.05
N ALA E 59 -35.15 9.98 0.62
CA ALA E 59 -35.92 8.85 1.08
C ALA E 59 -35.15 7.56 0.80
N MET E 60 -34.25 7.21 1.70
CA MET E 60 -33.42 6.02 1.56
C MET E 60 -34.24 4.78 1.28
N ASP E 61 -33.70 3.90 0.44
CA ASP E 61 -34.36 2.65 0.10
C ASP E 61 -33.86 1.57 1.02
N THR E 62 -34.44 1.51 2.21
CA THR E 62 -34.04 0.52 3.21
C THR E 62 -32.57 0.72 3.58
N ASP E 63 -32.12 1.98 3.58
CA ASP E 63 -30.72 2.33 3.87
C ASP E 63 -29.81 1.84 2.75
N GLY E 64 -29.92 0.55 2.42
CA GLY E 64 -29.12 -0.06 1.36
C GLY E 64 -28.81 0.92 0.22
N LEU E 65 -29.85 1.47 -0.37
CA LEU E 65 -29.70 2.42 -1.45
C LEU E 65 -30.25 3.78 -1.04
N LEU E 66 -29.49 4.83 -1.29
CA LEU E 66 -29.90 6.18 -0.92
C LEU E 66 -30.51 6.89 -2.12
N TYR E 67 -31.71 7.44 -1.93
CA TYR E 67 -32.40 8.17 -2.98
C TYR E 67 -33.36 9.19 -2.39
N GLY E 68 -34.01 9.97 -3.24
CA GLY E 68 -34.95 10.97 -2.77
C GLY E 68 -35.63 11.67 -3.92
N SER E 69 -36.90 12.02 -3.75
CA SER E 69 -37.66 12.71 -4.79
C SER E 69 -39.14 12.79 -4.43
N GLN E 70 -39.79 11.64 -4.31
CA GLN E 70 -41.22 11.58 -4.01
C GLN E 70 -41.57 12.19 -2.65
N THR E 71 -41.20 11.51 -1.56
CA THR E 71 -41.52 12.00 -0.22
C THR E 71 -40.39 11.74 0.78
N PRO E 72 -40.22 12.65 1.77
CA PRO E 72 -39.20 12.52 2.80
C PRO E 72 -39.62 11.50 3.86
N ASN E 73 -39.61 10.22 3.47
CA ASN E 73 -39.99 9.15 4.39
C ASN E 73 -39.04 9.07 5.57
N GLU E 74 -39.51 8.48 6.68
CA GLU E 74 -38.70 8.35 7.90
C GLU E 74 -37.27 7.89 7.56
N GLU E 75 -37.14 7.08 6.50
CA GLU E 75 -35.83 6.62 6.05
C GLU E 75 -34.83 7.79 5.96
N CYS E 76 -35.35 9.01 5.77
CA CYS E 76 -34.52 10.20 5.64
C CYS E 76 -34.13 10.81 6.99
N LEU E 77 -34.51 10.19 8.11
CA LEU E 77 -34.14 10.71 9.42
C LEU E 77 -32.81 10.11 9.87
N PHE E 78 -31.82 10.98 10.09
CA PHE E 78 -30.49 10.53 10.51
C PHE E 78 -30.02 11.25 11.77
N LEU E 79 -29.27 10.53 12.60
CA LEU E 79 -28.72 11.09 13.82
C LEU E 79 -27.43 11.83 13.51
N GLU E 80 -27.37 13.10 13.91
CA GLU E 80 -26.19 13.93 13.66
C GLU E 80 -25.04 13.56 14.58
N ARG E 81 -23.95 13.07 14.00
CA ARG E 81 -22.76 12.68 14.76
C ARG E 81 -21.52 13.34 14.14
N LEU E 82 -20.52 13.61 14.96
CA LEU E 82 -19.29 14.24 14.48
C LEU E 82 -18.08 13.37 14.81
N GLU E 83 -17.14 13.29 13.87
CA GLU E 83 -15.93 12.51 14.06
C GLU E 83 -14.72 13.43 14.15
N GLU E 84 -13.78 13.10 15.03
CA GLU E 84 -12.57 13.90 15.20
C GLU E 84 -11.63 13.71 14.02
N ASN E 85 -12.16 13.92 12.82
CA ASN E 85 -11.40 13.77 11.58
C ASN E 85 -11.85 14.84 10.57
N HIS E 86 -12.45 15.93 11.07
CA HIS E 86 -12.94 17.01 10.23
C HIS E 86 -14.01 16.50 9.27
N TYR E 87 -14.92 15.68 9.78
CA TYR E 87 -16.00 15.12 8.97
C TYR E 87 -17.26 14.92 9.81
N ASN E 88 -18.41 14.94 9.14
CA ASN E 88 -19.70 14.78 9.78
C ASN E 88 -20.22 13.36 9.57
N THR E 89 -20.94 12.84 10.56
CA THR E 89 -21.50 11.50 10.48
C THR E 89 -23.00 11.55 10.73
N TYR E 90 -23.76 10.81 9.94
CA TYR E 90 -25.21 10.78 10.08
C TYR E 90 -25.70 9.34 10.15
N ILE E 91 -26.27 8.97 11.28
CA ILE E 91 -26.75 7.60 11.47
C ILE E 91 -28.22 7.48 11.12
N SER E 92 -28.52 6.68 10.10
CA SER E 92 -29.89 6.44 9.67
C SER E 92 -30.64 5.64 10.75
N LYS E 93 -31.08 6.33 11.80
CA LYS E 93 -31.79 5.69 12.90
C LYS E 93 -32.82 4.68 12.38
N LYS E 94 -33.44 5.00 11.24
CA LYS E 94 -34.42 4.11 10.63
C LYS E 94 -33.85 2.69 10.46
N HIS E 95 -32.53 2.61 10.29
CA HIS E 95 -31.86 1.31 10.12
C HIS E 95 -30.70 1.15 11.10
N ALA E 96 -30.59 2.05 12.07
CA ALA E 96 -29.51 1.99 13.06
C ALA E 96 -29.47 0.61 13.70
N GLU E 97 -30.64 -0.03 13.79
CA GLU E 97 -30.75 -1.37 14.36
C GLU E 97 -29.74 -2.33 13.73
N LYS E 98 -29.46 -2.15 12.44
CA LYS E 98 -28.51 -3.01 11.73
C LYS E 98 -27.10 -2.40 11.69
N ASN E 99 -26.90 -1.32 12.44
CA ASN E 99 -25.62 -0.62 12.50
C ASN E 99 -25.29 -0.01 11.15
N TRP E 100 -26.31 0.52 10.49
CA TRP E 100 -26.15 1.13 9.17
C TRP E 100 -26.31 2.64 9.24
N PHE E 101 -25.32 3.36 8.71
CA PHE E 101 -25.36 4.81 8.68
C PHE E 101 -24.93 5.35 7.32
N VAL E 102 -25.87 6.09 6.68
CA VAL E 102 -25.75 6.69 5.35
C VAL E 102 -24.30 6.78 4.83
N GLY E 103 -24.07 6.16 3.67
CA GLY E 103 -22.77 6.17 3.03
C GLY E 103 -22.91 6.31 1.53
N LEU E 104 -22.15 7.22 0.93
CA LEU E 104 -22.22 7.44 -0.52
C LEU E 104 -20.88 7.19 -1.20
N LYS E 105 -20.94 6.96 -2.51
CA LYS E 105 -19.75 6.72 -3.31
C LYS E 105 -19.39 7.97 -4.11
N LYS E 106 -18.35 8.67 -3.66
CA LYS E 106 -17.88 9.90 -4.31
C LYS E 106 -17.90 9.78 -5.83
N ASN E 107 -17.43 8.66 -6.35
CA ASN E 107 -17.39 8.43 -7.79
C ASN E 107 -18.41 7.37 -8.20
N GLY E 108 -19.57 7.37 -7.56
CA GLY E 108 -20.60 6.41 -7.89
C GLY E 108 -22.00 6.93 -7.63
N SER E 109 -22.23 7.42 -6.41
CA SER E 109 -23.52 7.96 -5.96
C SER E 109 -23.79 7.47 -4.54
N CYS E 110 -24.87 7.96 -3.94
CA CYS E 110 -25.22 7.58 -2.59
C CYS E 110 -26.01 6.26 -2.57
N LYS E 111 -25.33 5.16 -2.24
CA LYS E 111 -25.96 3.85 -2.17
C LYS E 111 -24.95 2.78 -1.76
N ARG E 112 -24.66 2.73 -0.47
CA ARG E 112 -23.71 1.77 0.08
C ARG E 112 -24.17 1.28 1.45
N GLY E 113 -25.49 1.28 1.64
CA GLY E 113 -26.09 0.84 2.90
C GLY E 113 -25.64 -0.54 3.37
N PRO E 114 -25.53 -1.56 2.48
CA PRO E 114 -25.08 -2.90 2.89
C PRO E 114 -23.59 -2.94 3.24
N ARG E 115 -22.95 -1.78 3.25
CA ARG E 115 -21.53 -1.66 3.57
C ARG E 115 -21.26 -0.43 4.44
N THR E 116 -22.32 0.12 5.05
CA THR E 116 -22.19 1.31 5.90
C THR E 116 -21.78 0.95 7.34
N HIS E 117 -20.56 0.47 7.51
CA HIS E 117 -20.04 0.12 8.83
C HIS E 117 -18.67 0.75 9.02
N TYR E 118 -17.85 0.23 9.93
CA TYR E 118 -16.53 0.80 10.17
C TYR E 118 -15.52 0.25 9.16
N GLY E 119 -15.76 0.56 7.89
CA GLY E 119 -14.89 0.14 6.81
C GLY E 119 -14.83 1.17 5.72
N GLN E 120 -16.01 1.48 5.16
CA GLN E 120 -16.12 2.49 4.13
C GLN E 120 -16.01 3.85 4.79
N LYS E 121 -14.94 4.57 4.48
CA LYS E 121 -14.68 5.87 5.10
C LYS E 121 -15.61 6.94 4.53
N ALA E 122 -16.20 6.66 3.37
CA ALA E 122 -17.14 7.58 2.71
C ALA E 122 -18.24 8.06 3.66
N ILE E 123 -18.43 7.35 4.77
CA ILE E 123 -19.44 7.73 5.76
C ILE E 123 -19.08 9.07 6.43
N LEU E 124 -17.79 9.40 6.44
CA LEU E 124 -17.34 10.65 7.03
C LEU E 124 -17.47 11.77 6.02
N PHE E 125 -18.62 12.41 6.02
CA PHE E 125 -18.91 13.49 5.06
C PHE E 125 -18.28 14.82 5.51
N LEU E 126 -17.90 15.62 4.53
CA LEU E 126 -17.31 16.93 4.77
C LEU E 126 -18.31 18.01 4.35
N PRO E 127 -18.93 18.68 5.33
CA PRO E 127 -19.92 19.72 5.06
C PRO E 127 -19.32 21.11 4.84
N LEU E 128 -19.90 21.85 3.91
CA LEU E 128 -19.47 23.22 3.60
C LEU E 128 -20.69 24.15 3.56
N PRO E 129 -21.55 24.08 4.59
CA PRO E 129 -22.77 24.91 4.67
C PRO E 129 -22.51 26.32 5.18
N VAL E 130 -23.36 27.25 4.76
CA VAL E 130 -23.24 28.65 5.19
C VAL E 130 -23.84 28.81 6.59
N SER E 131 -23.00 28.60 7.59
CA SER E 131 -23.42 28.72 8.98
C SER E 131 -23.72 30.18 9.35
N SER E 132 -24.15 30.39 10.58
CA SER E 132 -24.46 31.72 11.07
C SER E 132 -23.42 32.15 12.12
N ASP E 133 -22.19 32.29 11.67
CA ASP E 133 -21.08 32.68 12.53
C ASP E 133 -20.87 34.18 12.49
N GLU F 1 -15.02 -1.74 -5.01
CA GLU F 1 -15.56 -1.93 -6.39
C GLU F 1 -14.47 -1.76 -7.43
N LYS F 2 -14.18 -2.83 -8.17
CA LYS F 2 -13.15 -2.80 -9.19
C LYS F 2 -13.59 -3.53 -10.46
N LEU F 3 -13.22 -2.96 -11.60
CA LEU F 3 -13.57 -3.54 -12.90
C LEU F 3 -12.34 -3.50 -13.83
N GLY F 4 -11.28 -2.85 -13.36
CA GLY F 4 -10.06 -2.75 -14.14
C GLY F 4 -9.83 -1.33 -14.61
N LYS F 5 -9.36 -1.17 -15.86
CA LYS F 5 -9.09 0.16 -16.44
C LYS F 5 -9.45 0.22 -17.92
N LEU F 6 -9.86 1.39 -18.39
CA LEU F 6 -10.23 1.60 -19.78
C LEU F 6 -9.56 2.85 -20.32
N GLN F 7 -8.82 2.68 -21.40
CA GLN F 7 -8.12 3.81 -22.01
C GLN F 7 -9.01 4.43 -23.07
N TYR F 8 -9.08 5.76 -23.11
CA TYR F 8 -9.93 6.43 -24.10
C TYR F 8 -9.43 7.82 -24.46
N SER F 9 -9.83 8.27 -25.65
CA SER F 9 -9.50 9.58 -26.18
C SER F 9 -10.76 10.21 -26.76
N LEU F 10 -11.35 11.14 -26.03
CA LEU F 10 -12.59 11.79 -26.45
C LEU F 10 -12.34 13.16 -27.06
N ASP F 11 -12.87 13.37 -28.26
CA ASP F 11 -12.74 14.67 -28.94
C ASP F 11 -14.13 15.24 -29.23
N TYR F 12 -14.21 16.53 -29.57
CA TYR F 12 -15.50 17.16 -29.80
C TYR F 12 -15.66 17.67 -31.24
N ASP F 13 -16.89 17.60 -31.74
CA ASP F 13 -17.22 18.08 -33.07
C ASP F 13 -18.18 19.25 -32.97
N PHE F 14 -17.80 20.38 -33.55
CA PHE F 14 -18.63 21.59 -33.50
C PHE F 14 -19.39 21.84 -34.82
N GLN F 15 -19.38 20.85 -35.71
CA GLN F 15 -20.07 20.97 -36.99
C GLN F 15 -21.42 20.26 -36.92
N ASN F 16 -21.40 19.04 -36.39
CA ASN F 16 -22.62 18.25 -36.25
C ASN F 16 -23.12 18.31 -34.79
N ASN F 17 -22.26 18.75 -33.88
CA ASN F 17 -22.59 18.89 -32.47
C ASN F 17 -22.65 17.53 -31.78
N GLN F 18 -21.51 16.86 -31.72
CA GLN F 18 -21.40 15.56 -31.08
C GLN F 18 -19.99 15.35 -30.54
N LEU F 19 -19.91 14.68 -29.40
CA LEU F 19 -18.60 14.38 -28.81
C LEU F 19 -18.18 12.99 -29.24
N LEU F 20 -16.93 12.87 -29.67
CA LEU F 20 -16.42 11.59 -30.15
C LEU F 20 -15.75 10.82 -29.00
N VAL F 21 -16.47 9.86 -28.46
CA VAL F 21 -15.95 9.04 -27.39
C VAL F 21 -15.13 7.90 -27.98
N GLY F 22 -13.87 8.19 -28.27
CA GLY F 22 -12.99 7.18 -28.84
C GLY F 22 -12.19 6.45 -27.79
N ILE F 23 -12.71 5.34 -27.30
CA ILE F 23 -12.02 4.55 -26.30
C ILE F 23 -11.03 3.61 -26.97
N ILE F 24 -9.94 3.28 -26.29
CA ILE F 24 -8.92 2.41 -26.84
C ILE F 24 -9.24 0.95 -26.53
N GLN F 25 -9.36 0.64 -25.24
CA GLN F 25 -9.65 -0.72 -24.81
C GLN F 25 -9.87 -0.77 -23.29
N ALA F 26 -10.26 -1.94 -22.80
CA ALA F 26 -10.49 -2.16 -21.39
C ALA F 26 -9.56 -3.26 -20.89
N ALA F 27 -9.00 -3.08 -19.69
CA ALA F 27 -8.09 -4.06 -19.14
C ALA F 27 -8.52 -4.53 -17.76
N GLU F 28 -8.29 -5.82 -17.49
CA GLU F 28 -8.61 -6.46 -16.19
C GLU F 28 -10.11 -6.51 -15.90
N LEU F 29 -10.89 -6.99 -16.87
CA LEU F 29 -12.34 -7.11 -16.68
C LEU F 29 -12.68 -8.40 -15.93
N PRO F 30 -13.62 -8.32 -14.95
CA PRO F 30 -14.04 -9.49 -14.16
C PRO F 30 -14.74 -10.56 -15.01
N ALA F 31 -14.80 -11.78 -14.47
CA ALA F 31 -15.43 -12.89 -15.16
C ALA F 31 -16.91 -13.03 -14.80
N LEU F 32 -17.64 -13.74 -15.64
CA LEU F 32 -19.07 -13.97 -15.44
C LEU F 32 -19.44 -15.39 -15.84
N ASP F 33 -18.91 -15.84 -16.97
CA ASP F 33 -19.17 -17.18 -17.47
C ASP F 33 -18.28 -18.21 -16.77
N MET F 34 -18.81 -19.42 -16.57
CA MET F 34 -18.09 -20.50 -15.92
C MET F 34 -16.79 -20.81 -16.66
N GLY F 35 -15.67 -20.54 -16.00
CA GLY F 35 -14.37 -20.79 -16.60
C GLY F 35 -13.36 -19.73 -16.22
N GLY F 36 -13.59 -18.50 -16.68
CA GLY F 36 -12.69 -17.41 -16.35
C GLY F 36 -12.76 -16.24 -17.32
N THR F 37 -13.79 -16.21 -18.17
CA THR F 37 -13.96 -15.14 -19.14
C THR F 37 -15.41 -14.73 -19.30
N SER F 38 -15.65 -13.54 -19.86
CA SER F 38 -17.00 -13.05 -20.08
C SER F 38 -17.12 -12.47 -21.49
N ASP F 39 -18.33 -12.05 -21.83
CA ASP F 39 -18.62 -11.44 -23.14
C ASP F 39 -18.99 -9.98 -22.90
N PRO F 40 -18.05 -9.17 -22.39
CA PRO F 40 -18.30 -7.77 -22.05
C PRO F 40 -18.41 -6.83 -23.25
N TYR F 41 -19.52 -6.12 -23.31
CA TYR F 41 -19.76 -5.12 -24.34
C TYR F 41 -20.21 -3.83 -23.65
N VAL F 42 -19.60 -2.71 -24.04
CA VAL F 42 -19.94 -1.43 -23.43
C VAL F 42 -21.24 -0.87 -24.00
N LYS F 43 -22.19 -0.62 -23.12
CA LYS F 43 -23.46 -0.04 -23.51
C LYS F 43 -23.50 1.43 -23.08
N VAL F 44 -23.26 2.31 -24.03
CA VAL F 44 -23.25 3.74 -23.75
C VAL F 44 -24.64 4.25 -23.39
N PHE F 45 -24.77 4.77 -22.18
CA PHE F 45 -26.03 5.30 -21.70
C PHE F 45 -25.87 6.75 -21.25
N LEU F 46 -26.98 7.42 -21.00
CA LEU F 46 -26.96 8.81 -20.56
C LEU F 46 -27.96 9.05 -19.44
N LEU F 47 -27.73 10.10 -18.67
CA LEU F 47 -28.61 10.49 -17.58
C LEU F 47 -30.01 10.82 -18.16
N PRO F 48 -30.95 11.33 -17.33
CA PRO F 48 -32.30 11.71 -17.74
C PRO F 48 -32.40 12.04 -19.24
N ASP F 49 -31.44 12.82 -19.74
CA ASP F 49 -31.40 13.17 -21.16
C ASP F 49 -31.82 11.99 -22.02
N LYS F 50 -31.18 10.85 -21.76
CA LYS F 50 -31.47 9.59 -22.47
C LYS F 50 -31.60 9.75 -23.99
N LYS F 51 -30.93 10.74 -24.57
CA LYS F 51 -31.00 10.94 -26.03
C LYS F 51 -29.82 10.27 -26.72
N LYS F 52 -29.67 8.98 -26.50
CA LYS F 52 -28.59 8.20 -27.10
C LYS F 52 -28.53 6.81 -26.48
N LYS F 53 -28.35 5.81 -27.33
CA LYS F 53 -28.27 4.42 -26.89
C LYS F 53 -27.57 3.57 -27.95
N PHE F 54 -26.35 3.15 -27.66
CA PHE F 54 -25.58 2.34 -28.60
C PHE F 54 -25.06 1.07 -27.94
N GLU F 55 -25.13 -0.03 -28.69
CA GLU F 55 -24.67 -1.32 -28.21
C GLU F 55 -23.42 -1.74 -28.98
N THR F 56 -22.33 -1.98 -28.27
CA THR F 56 -21.08 -2.38 -28.91
C THR F 56 -21.15 -3.84 -29.36
N LYS F 57 -20.14 -4.27 -30.11
CA LYS F 57 -20.10 -5.64 -30.61
C LYS F 57 -19.70 -6.58 -29.49
N VAL F 58 -20.53 -7.58 -29.24
CA VAL F 58 -20.24 -8.56 -28.20
C VAL F 58 -18.83 -9.10 -28.37
N HIS F 59 -18.09 -9.17 -27.28
CA HIS F 59 -16.73 -9.68 -27.30
C HIS F 59 -16.69 -11.01 -26.56
N ARG F 60 -16.92 -12.08 -27.31
CA ARG F 60 -16.97 -13.43 -26.75
C ARG F 60 -15.72 -13.80 -25.95
N LYS F 61 -15.96 -14.23 -24.70
CA LYS F 61 -14.93 -14.68 -23.78
C LYS F 61 -13.64 -13.87 -23.89
N THR F 62 -13.65 -12.66 -23.33
CA THR F 62 -12.48 -11.80 -23.36
C THR F 62 -12.54 -10.74 -22.25
N LEU F 63 -11.46 -10.66 -21.47
CA LEU F 63 -11.39 -9.72 -20.36
C LEU F 63 -10.44 -8.55 -20.68
N ASN F 64 -9.93 -8.54 -21.90
CA ASN F 64 -9.02 -7.49 -22.35
C ASN F 64 -9.15 -7.33 -23.88
N PRO F 65 -10.38 -7.09 -24.36
CA PRO F 65 -10.65 -6.95 -25.79
C PRO F 65 -10.40 -5.54 -26.33
N VAL F 66 -10.03 -5.46 -27.59
CA VAL F 66 -9.79 -4.20 -28.26
C VAL F 66 -10.75 -4.06 -29.43
N PHE F 67 -11.17 -2.84 -29.73
CA PHE F 67 -12.11 -2.62 -30.83
C PHE F 67 -12.16 -1.14 -31.21
N ASN F 68 -12.32 -0.28 -30.21
CA ASN F 68 -12.40 1.15 -30.42
C ASN F 68 -13.69 1.52 -31.16
N GLU F 69 -14.81 1.42 -30.45
CA GLU F 69 -16.10 1.76 -31.03
C GLU F 69 -16.30 3.27 -31.02
N GLN F 70 -17.08 3.76 -31.99
CA GLN F 70 -17.33 5.18 -32.12
C GLN F 70 -18.70 5.55 -31.54
N PHE F 71 -18.69 6.18 -30.37
CA PHE F 71 -19.92 6.61 -29.71
C PHE F 71 -20.18 8.08 -29.97
N THR F 72 -21.32 8.37 -30.59
CA THR F 72 -21.69 9.74 -30.90
C THR F 72 -22.56 10.33 -29.79
N PHE F 73 -21.98 11.22 -29.01
CA PHE F 73 -22.69 11.88 -27.92
C PHE F 73 -23.66 12.91 -28.49
N LYS F 74 -24.83 12.44 -28.90
CA LYS F 74 -25.86 13.29 -29.47
C LYS F 74 -26.35 14.33 -28.45
N VAL F 75 -25.73 15.50 -28.49
CA VAL F 75 -26.09 16.62 -27.61
C VAL F 75 -25.19 17.81 -27.91
N PRO F 76 -25.78 18.99 -28.10
CA PRO F 76 -25.01 20.20 -28.40
C PRO F 76 -23.96 20.49 -27.32
N TYR F 77 -22.76 20.85 -27.76
CA TYR F 77 -21.67 21.16 -26.82
C TYR F 77 -22.16 22.09 -25.71
N SER F 78 -22.97 23.07 -26.10
CA SER F 78 -23.52 24.05 -25.18
C SER F 78 -24.44 23.38 -24.13
N GLU F 79 -24.98 22.21 -24.49
CA GLU F 79 -25.88 21.47 -23.60
C GLU F 79 -25.10 20.47 -22.74
N LEU F 80 -23.98 19.99 -23.27
CA LEU F 80 -23.14 19.01 -22.57
C LEU F 80 -22.96 19.36 -21.10
N GLY F 81 -22.88 20.65 -20.79
CA GLY F 81 -22.71 21.09 -19.41
C GLY F 81 -23.67 20.42 -18.45
N GLY F 82 -24.89 20.15 -18.91
CA GLY F 82 -25.87 19.52 -18.04
C GLY F 82 -26.13 18.06 -18.38
N LYS F 83 -25.12 17.38 -18.92
CA LYS F 83 -25.28 15.97 -19.29
C LYS F 83 -24.09 15.12 -18.85
N THR F 84 -24.35 14.23 -17.91
CA THR F 84 -23.32 13.33 -17.40
C THR F 84 -23.38 12.00 -18.16
N LEU F 85 -22.38 11.73 -18.99
CA LEU F 85 -22.35 10.48 -19.75
C LEU F 85 -21.95 9.32 -18.87
N VAL F 86 -22.51 8.15 -19.12
CA VAL F 86 -22.20 6.97 -18.34
C VAL F 86 -21.91 5.78 -19.24
N MET F 87 -20.74 5.20 -19.07
CA MET F 87 -20.32 4.05 -19.87
C MET F 87 -20.35 2.79 -19.03
N ALA F 88 -21.32 1.92 -19.29
CA ALA F 88 -21.45 0.67 -18.55
C ALA F 88 -21.09 -0.51 -19.43
N VAL F 89 -20.24 -1.40 -18.92
CA VAL F 89 -19.84 -2.57 -19.67
C VAL F 89 -20.75 -3.74 -19.30
N TYR F 90 -21.51 -4.19 -20.28
CA TYR F 90 -22.45 -5.28 -20.07
C TYR F 90 -21.89 -6.60 -20.61
N ASP F 91 -22.18 -7.69 -19.91
CA ASP F 91 -21.71 -9.00 -20.32
C ASP F 91 -22.73 -9.65 -21.26
N PHE F 92 -22.29 -10.66 -21.99
CA PHE F 92 -23.15 -11.37 -22.92
C PHE F 92 -22.89 -12.87 -22.86
N ASP F 93 -22.75 -13.41 -21.65
CA ASP F 93 -22.51 -14.84 -21.46
C ASP F 93 -23.39 -15.70 -22.38
N ARG F 94 -24.63 -15.24 -22.56
CA ARG F 94 -25.62 -15.91 -23.43
C ARG F 94 -26.32 -17.08 -22.75
N PHE F 95 -26.29 -17.11 -21.42
CA PHE F 95 -26.93 -18.20 -20.68
C PHE F 95 -27.70 -17.67 -19.46
N SER F 96 -26.98 -17.00 -18.57
CA SER F 96 -27.57 -16.47 -17.35
C SER F 96 -28.01 -15.01 -17.58
N LYS F 97 -28.46 -14.36 -16.51
CA LYS F 97 -28.88 -12.97 -16.60
C LYS F 97 -27.66 -12.08 -16.76
N HIS F 98 -27.42 -11.62 -17.99
CA HIS F 98 -26.27 -10.77 -18.28
C HIS F 98 -26.13 -9.71 -17.18
N ASP F 99 -24.99 -9.70 -16.51
CA ASP F 99 -24.73 -8.77 -15.42
C ASP F 99 -23.84 -7.61 -15.88
N ILE F 100 -23.91 -6.49 -15.14
CA ILE F 100 -23.11 -5.32 -15.45
C ILE F 100 -21.79 -5.43 -14.70
N ILE F 101 -20.77 -6.02 -15.35
CA ILE F 101 -19.47 -6.19 -14.69
C ILE F 101 -18.92 -4.89 -14.14
N GLY F 102 -19.30 -3.75 -14.76
CA GLY F 102 -18.83 -2.48 -14.24
C GLY F 102 -19.18 -1.31 -15.14
N GLU F 103 -18.78 -0.11 -14.72
CA GLU F 103 -19.05 1.10 -15.48
C GLU F 103 -18.19 2.27 -14.98
N PHE F 104 -18.28 3.39 -15.68
CA PHE F 104 -17.55 4.60 -15.31
C PHE F 104 -18.27 5.83 -15.89
N LYS F 105 -18.07 6.98 -15.25
CA LYS F 105 -18.71 8.23 -15.69
C LYS F 105 -17.90 9.43 -15.22
N VAL F 106 -18.15 10.58 -15.85
CA VAL F 106 -17.46 11.81 -15.49
C VAL F 106 -18.31 13.03 -15.82
N PRO F 107 -18.35 14.01 -14.92
CA PRO F 107 -19.12 15.25 -15.12
C PRO F 107 -18.57 16.06 -16.27
N MET F 108 -19.22 15.97 -17.43
CA MET F 108 -18.78 16.68 -18.63
C MET F 108 -18.52 18.17 -18.36
N ASN F 109 -19.34 18.79 -17.54
CA ASN F 109 -19.16 20.22 -17.22
C ASN F 109 -17.73 20.47 -16.72
N THR F 110 -17.17 19.51 -15.99
CA THR F 110 -15.82 19.64 -15.47
C THR F 110 -14.78 19.22 -16.53
N VAL F 111 -15.25 18.69 -17.65
CA VAL F 111 -14.38 18.24 -18.72
C VAL F 111 -14.19 19.37 -19.74
N ASP F 112 -13.23 20.23 -19.46
CA ASP F 112 -12.93 21.35 -20.34
C ASP F 112 -12.46 20.85 -21.70
N PHE F 113 -13.38 20.80 -22.66
CA PHE F 113 -13.07 20.34 -24.01
C PHE F 113 -12.16 21.34 -24.74
N GLY F 114 -10.94 21.48 -24.25
CA GLY F 114 -9.98 22.38 -24.87
C GLY F 114 -9.46 21.84 -26.18
N HIS F 115 -9.17 20.54 -26.21
CA HIS F 115 -8.68 19.88 -27.41
C HIS F 115 -9.12 18.42 -27.42
N VAL F 116 -8.41 17.59 -26.65
CA VAL F 116 -8.71 16.17 -26.56
C VAL F 116 -8.51 15.68 -25.12
N THR F 117 -9.49 14.98 -24.60
CA THR F 117 -9.44 14.45 -23.26
C THR F 117 -8.98 12.99 -23.27
N GLU F 118 -7.67 12.80 -23.13
CA GLU F 118 -7.09 11.47 -23.11
C GLU F 118 -6.60 11.14 -21.71
N GLU F 119 -6.94 9.95 -21.22
CA GLU F 119 -6.54 9.53 -19.87
C GLU F 119 -6.81 8.05 -19.63
N TRP F 120 -6.18 7.52 -18.59
CA TRP F 120 -6.36 6.13 -18.21
C TRP F 120 -7.47 6.03 -17.18
N ARG F 121 -8.70 5.91 -17.67
CA ARG F 121 -9.87 5.84 -16.80
C ARG F 121 -9.87 4.55 -15.96
N ASP F 122 -10.18 4.71 -14.69
CA ASP F 122 -10.28 3.60 -13.76
C ASP F 122 -11.68 3.00 -13.84
N LEU F 123 -11.76 1.67 -13.80
CA LEU F 123 -13.05 0.98 -13.89
C LEU F 123 -13.51 0.47 -12.53
N GLN F 124 -14.79 0.62 -12.23
CA GLN F 124 -15.35 0.17 -10.98
C GLN F 124 -16.56 -0.73 -11.21
N SER F 125 -16.70 -1.78 -10.39
CA SER F 125 -17.80 -2.72 -10.53
C SER F 125 -19.07 -2.18 -9.89
N ALA F 126 -19.78 -1.33 -10.62
CA ALA F 126 -21.03 -0.76 -10.14
C ALA F 126 -22.14 -1.79 -10.20
N GLU F 127 -22.51 -2.31 -9.02
CA GLU F 127 -23.57 -3.30 -8.91
C GLU F 127 -24.93 -2.66 -9.19
N LYS F 128 -25.07 -2.12 -10.39
CA LYS F 128 -26.31 -1.46 -10.78
C LYS F 128 -26.89 -2.14 -12.03
N GLU A 1 15.48 -4.07 6.37
CA GLU A 1 15.75 -3.96 7.83
C GLU A 1 14.74 -3.05 8.50
N LYS A 2 14.20 -3.49 9.64
CA LYS A 2 13.23 -2.70 10.37
C LYS A 2 13.48 -2.77 11.88
N LEU A 3 13.43 -1.61 12.52
CA LEU A 3 13.63 -1.51 13.96
C LEU A 3 12.47 -0.74 14.63
N GLY A 4 11.47 -0.38 13.83
CA GLY A 4 10.33 0.36 14.35
C GLY A 4 10.44 1.85 14.08
N LYS A 5 10.16 2.67 15.09
CA LYS A 5 10.25 4.12 14.94
C LYS A 5 10.71 4.77 16.24
N LEU A 6 11.35 5.93 16.12
CA LEU A 6 11.84 6.66 17.27
C LEU A 6 11.54 8.14 17.10
N GLN A 7 10.84 8.71 18.07
CA GLN A 7 10.49 10.12 18.02
C GLN A 7 11.57 10.94 18.72
N TYR A 8 11.98 12.05 18.13
CA TYR A 8 13.03 12.88 18.75
C TYR A 8 12.92 14.35 18.36
N SER A 9 13.49 15.18 19.22
CA SER A 9 13.52 16.63 19.04
C SER A 9 14.94 17.12 19.34
N LEU A 10 15.69 17.41 18.30
CA LEU A 10 17.08 17.84 18.47
C LEU A 10 17.23 19.36 18.33
N ASP A 11 17.86 19.98 19.31
CA ASP A 11 18.11 21.42 19.30
C ASP A 11 19.62 21.69 19.37
N TYR A 12 20.03 22.92 19.06
CA TYR A 12 21.46 23.24 19.06
C TYR A 12 21.83 24.31 20.09
N ASP A 13 23.03 24.18 20.65
CA ASP A 13 23.54 25.14 21.63
C ASP A 13 24.76 25.84 21.05
N PHE A 14 24.72 27.17 20.99
CA PHE A 14 25.82 27.96 20.44
C PHE A 14 26.68 28.60 21.53
N GLN A 15 26.48 28.20 22.78
CA GLN A 15 27.24 28.74 23.90
C GLN A 15 28.36 27.77 24.27
N ASN A 16 28.01 26.49 24.39
CA ASN A 16 28.97 25.45 24.72
C ASN A 16 29.40 24.68 23.46
N ASN A 17 28.61 24.84 22.39
CA ASN A 17 28.89 24.20 21.10
C ASN A 17 28.57 22.72 21.15
N GLN A 18 27.29 22.41 21.34
CA GLN A 18 26.82 21.03 21.38
C GLN A 18 25.38 20.94 20.90
N LEU A 19 25.05 19.86 20.21
CA LEU A 19 23.70 19.65 19.74
C LEU A 19 22.95 18.79 20.75
N LEU A 20 21.74 19.20 21.09
CA LEU A 20 20.94 18.49 22.07
C LEU A 20 20.04 17.46 21.39
N VAL A 21 20.46 16.20 21.43
CA VAL A 21 19.69 15.13 20.83
C VAL A 21 18.65 14.65 21.83
N GLY A 22 17.51 15.35 21.86
CA GLY A 22 16.44 15.00 22.77
C GLY A 22 15.41 14.09 22.14
N ILE A 23 15.62 12.78 22.27
CA ILE A 23 14.69 11.81 21.72
C ILE A 23 13.53 11.59 22.69
N ILE A 24 12.37 11.26 22.16
CA ILE A 24 11.19 11.05 22.98
C ILE A 24 11.09 9.59 23.43
N GLN A 25 11.08 8.68 22.45
CA GLN A 25 10.99 7.25 22.73
C GLN A 25 11.08 6.44 21.45
N ALA A 26 11.15 5.11 21.61
CA ALA A 26 11.23 4.20 20.48
C ALA A 26 10.01 3.27 20.50
N ALA A 27 9.46 2.99 19.32
CA ALA A 27 8.29 2.13 19.23
C ALA A 27 8.52 0.97 18.28
N GLU A 28 7.95 -0.20 18.62
CA GLU A 28 8.05 -1.42 17.80
C GLU A 28 9.50 -1.89 17.62
N LEU A 29 10.10 -2.39 18.69
CA LEU A 29 11.47 -2.87 18.65
C LEU A 29 11.52 -4.39 18.61
N PRO A 30 12.50 -4.98 17.88
CA PRO A 30 12.66 -6.44 17.79
C PRO A 30 12.95 -7.08 19.15
N ALA A 31 12.63 -8.36 19.29
CA ALA A 31 12.84 -9.07 20.55
C ALA A 31 14.15 -9.86 20.58
N LEU A 32 14.59 -10.22 21.79
CA LEU A 32 15.82 -10.98 21.98
C LEU A 32 15.64 -12.03 23.08
N ASP A 33 15.12 -11.57 24.23
CA ASP A 33 14.87 -12.45 25.38
C ASP A 33 13.74 -13.43 25.06
N MET A 34 13.67 -14.54 25.80
CA MET A 34 12.64 -15.54 25.57
C MET A 34 11.32 -15.11 26.20
N GLY A 35 10.48 -14.46 25.41
CA GLY A 35 9.20 -13.98 25.88
C GLY A 35 8.59 -12.97 24.94
N GLY A 36 9.35 -12.57 23.93
CA GLY A 36 8.87 -11.60 22.97
C GLY A 36 9.21 -10.17 23.35
N THR A 37 10.22 -10.02 24.22
CA THR A 37 10.64 -8.71 24.67
C THR A 37 12.16 -8.63 24.80
N SER A 38 12.70 -7.41 24.88
CA SER A 38 14.14 -7.21 25.00
C SER A 38 14.44 -6.06 25.97
N ASP A 39 15.73 -5.83 26.21
CA ASP A 39 16.18 -4.76 27.08
C ASP A 39 16.94 -3.74 26.22
N PRO A 40 16.24 -3.10 25.28
CA PRO A 40 16.86 -2.16 24.34
C PRO A 40 17.24 -0.81 24.95
N TYR A 41 18.51 -0.45 24.79
CA TYR A 41 19.03 0.82 25.24
C TYR A 41 19.80 1.45 24.08
N VAL A 42 19.53 2.72 23.80
CA VAL A 42 20.19 3.40 22.70
C VAL A 42 21.60 3.84 23.07
N LYS A 43 22.58 3.37 22.31
CA LYS A 43 23.97 3.75 22.53
C LYS A 43 24.39 4.74 21.46
N VAL A 44 24.43 6.01 21.83
CA VAL A 44 24.80 7.07 20.91
C VAL A 44 26.27 6.98 20.52
N PHE A 45 26.51 6.78 19.23
CA PHE A 45 27.87 6.67 18.72
C PHE A 45 28.10 7.69 17.60
N LEU A 46 29.35 7.86 17.20
CA LEU A 46 29.70 8.81 16.16
C LEU A 46 30.72 8.20 15.19
N LEU A 47 30.77 8.75 13.99
CA LEU A 47 31.71 8.32 12.97
C LEU A 47 33.15 8.54 13.47
N PRO A 48 34.19 8.33 12.62
CA PRO A 48 35.60 8.51 12.98
C PRO A 48 35.81 9.50 14.13
N ASP A 49 35.10 10.64 14.07
CA ASP A 49 35.17 11.65 15.12
C ASP A 49 35.27 10.99 16.49
N LYS A 50 34.35 10.07 16.74
CA LYS A 50 34.28 9.30 17.99
C LYS A 50 34.48 10.15 19.25
N LYS A 51 34.11 11.42 19.20
CA LYS A 51 34.26 12.29 20.38
C LYS A 51 32.95 12.38 21.15
N LYS A 52 32.45 11.23 21.57
CA LYS A 52 31.21 11.13 22.33
C LYS A 52 30.77 9.69 22.46
N LYS A 53 30.32 9.31 23.64
CA LYS A 53 29.86 7.96 23.92
C LYS A 53 28.97 7.94 25.16
N PHE A 54 27.67 7.75 24.97
CA PHE A 54 26.73 7.73 26.08
C PHE A 54 25.88 6.47 26.05
N GLU A 55 25.65 5.90 27.23
CA GLU A 55 24.85 4.71 27.38
C GLU A 55 23.55 5.04 28.10
N THR A 56 22.42 4.76 27.46
CA THR A 56 21.12 5.05 28.05
C THR A 56 20.79 4.04 29.15
N LYS A 57 19.71 4.30 29.89
CA LYS A 57 19.30 3.42 30.97
C LYS A 57 18.65 2.17 30.40
N VAL A 58 19.17 1.01 30.77
CA VAL A 58 18.60 -0.25 30.30
C VAL A 58 17.10 -0.27 30.54
N HIS A 59 16.35 -0.69 29.53
CA HIS A 59 14.90 -0.77 29.63
C HIS A 59 14.49 -2.23 29.61
N ARG A 60 14.43 -2.81 30.80
CA ARG A 60 14.10 -4.22 30.98
C ARG A 60 12.79 -4.62 30.30
N LYS A 61 12.89 -5.66 29.46
CA LYS A 61 11.75 -6.24 28.74
C LYS A 61 10.74 -5.18 28.29
N THR A 62 11.08 -4.47 27.22
CA THR A 62 10.18 -3.44 26.69
C THR A 62 10.52 -3.13 25.24
N LEU A 63 9.50 -3.18 24.37
CA LEU A 63 9.70 -2.91 22.95
C LEU A 63 9.12 -1.55 22.56
N ASN A 64 8.61 -0.83 23.55
CA ASN A 64 8.02 0.49 23.33
C ASN A 64 8.21 1.35 24.58
N PRO A 65 9.45 1.49 25.05
CA PRO A 65 9.77 2.26 26.26
C PRO A 65 9.94 3.75 26.01
N VAL A 66 9.62 4.54 27.03
CA VAL A 66 9.74 5.98 26.97
C VAL A 66 10.71 6.44 28.04
N PHE A 67 11.46 7.50 27.78
CA PHE A 67 12.44 8.01 28.74
C PHE A 67 12.90 9.40 28.37
N ASN A 68 13.28 9.58 27.10
CA ASN A 68 13.74 10.87 26.61
C ASN A 68 15.09 11.22 27.23
N GLU A 69 16.13 10.52 26.80
CA GLU A 69 17.48 10.77 27.30
C GLU A 69 18.09 11.98 26.60
N GLN A 70 18.97 12.67 27.30
CA GLN A 70 19.60 13.87 26.76
C GLN A 70 21.01 13.56 26.24
N PHE A 71 21.16 13.50 24.92
CA PHE A 71 22.45 13.23 24.31
C PHE A 71 23.11 14.53 23.86
N THR A 72 24.29 14.79 24.39
CA THR A 72 25.04 16.00 24.06
C THR A 72 26.02 15.73 22.92
N PHE A 73 25.69 16.23 21.73
CA PHE A 73 26.54 16.07 20.56
C PHE A 73 27.76 16.97 20.68
N LYS A 74 28.76 16.48 21.40
CA LYS A 74 30.00 17.23 21.62
C LYS A 74 30.73 17.48 20.31
N VAL A 75 30.46 18.62 19.69
CA VAL A 75 31.09 19.02 18.45
C VAL A 75 30.56 20.39 18.01
N PRO A 76 31.46 21.34 17.69
CA PRO A 76 31.05 22.68 17.27
C PRO A 76 30.11 22.63 16.07
N TYR A 77 29.05 23.45 16.13
CA TYR A 77 28.08 23.50 15.04
C TYR A 77 28.79 23.62 13.68
N SER A 78 29.84 24.43 13.65
CA SER A 78 30.63 24.64 12.44
C SER A 78 31.31 23.35 11.98
N GLU A 79 31.52 22.42 12.90
CA GLU A 79 32.17 21.15 12.61
C GLU A 79 31.14 20.08 12.25
N LEU A 80 29.93 20.20 12.80
CA LEU A 80 28.84 19.25 12.55
C LEU A 80 28.75 18.85 11.08
N GLY A 81 29.02 19.80 10.19
CA GLY A 81 28.95 19.53 8.75
C GLY A 81 29.68 18.26 8.36
N GLY A 82 30.79 17.96 9.04
CA GLY A 82 31.55 16.77 8.71
C GLY A 82 31.40 15.66 9.73
N LYS A 83 30.26 15.60 10.42
CA LYS A 83 30.03 14.57 11.43
C LYS A 83 28.65 13.94 11.30
N THR A 84 28.63 12.66 10.94
CA THR A 84 27.39 11.92 10.81
C THR A 84 27.10 11.16 12.11
N LEU A 85 26.08 11.59 12.84
CA LEU A 85 25.72 10.94 14.10
C LEU A 85 25.00 9.63 13.84
N VAL A 86 25.23 8.64 14.69
CA VAL A 86 24.59 7.34 14.54
C VAL A 86 24.00 6.87 15.86
N MET A 87 22.70 6.58 15.84
CA MET A 87 22.00 6.13 17.03
C MET A 87 21.68 4.64 16.90
N ALA A 88 22.37 3.83 17.67
CA ALA A 88 22.15 2.39 17.65
C ALA A 88 21.49 1.92 18.93
N VAL A 89 20.43 1.14 18.81
CA VAL A 89 19.73 0.63 19.97
C VAL A 89 20.28 -0.76 20.33
N TYR A 90 20.91 -0.84 21.49
CA TYR A 90 21.51 -2.08 21.95
C TYR A 90 20.62 -2.77 22.98
N ASP A 91 20.58 -4.09 22.92
CA ASP A 91 19.78 -4.87 23.86
C ASP A 91 20.60 -5.20 25.11
N PHE A 92 19.91 -5.57 26.18
CA PHE A 92 20.55 -5.91 27.43
C PHE A 92 19.90 -7.12 28.07
N ASP A 93 19.59 -8.14 27.25
CA ASP A 93 18.96 -9.38 27.74
C ASP A 93 19.60 -9.85 29.06
N ARG A 94 20.92 -9.68 29.16
CA ARG A 94 21.70 -10.04 30.35
C ARG A 94 22.04 -11.54 30.41
N PHE A 95 21.98 -12.21 29.26
CA PHE A 95 22.29 -13.64 29.23
C PHE A 95 23.16 -13.99 28.02
N SER A 96 22.64 -13.70 26.83
CA SER A 96 23.33 -13.99 25.58
C SER A 96 24.15 -12.78 25.13
N LYS A 97 24.76 -12.87 23.95
CA LYS A 97 25.54 -11.78 23.41
C LYS A 97 24.61 -10.66 22.98
N HIS A 98 24.52 -9.61 23.80
CA HIS A 98 23.65 -8.47 23.50
C HIS A 98 23.79 -8.10 22.02
N ASP A 99 22.69 -8.14 21.29
CA ASP A 99 22.69 -7.82 19.87
C ASP A 99 22.17 -6.41 19.60
N ILE A 100 22.51 -5.88 18.43
CA ILE A 100 22.07 -4.56 18.03
C ILE A 100 20.75 -4.69 17.27
N ILE A 101 19.65 -4.61 18.00
CA ILE A 101 18.32 -4.73 17.40
C ILE A 101 18.12 -3.77 16.24
N GLY A 102 18.84 -2.65 16.24
CA GLY A 102 18.71 -1.69 15.15
C GLY A 102 19.43 -0.38 15.42
N GLU A 103 19.36 0.53 14.46
CA GLU A 103 20.01 1.83 14.58
C GLU A 103 19.48 2.81 13.54
N PHE A 104 19.92 4.06 13.63
CA PHE A 104 19.55 5.10 12.68
C PHE A 104 20.61 6.21 12.67
N LYS A 105 20.71 6.92 11.56
CA LYS A 105 21.69 7.99 11.42
C LYS A 105 21.23 9.01 10.38
N VAL A 106 21.83 10.19 10.41
CA VAL A 106 21.49 11.25 9.46
C VAL A 106 22.67 12.20 9.26
N PRO A 107 22.92 12.58 7.99
CA PRO A 107 24.02 13.50 7.65
C PRO A 107 23.79 14.89 8.25
N MET A 108 24.47 15.16 9.35
CA MET A 108 24.33 16.44 10.05
C MET A 108 24.48 17.63 9.09
N ASN A 109 25.39 17.54 8.13
CA ASN A 109 25.59 18.64 7.19
C ASN A 109 24.27 19.01 6.51
N THR A 110 23.42 18.02 6.27
CA THR A 110 22.12 18.27 5.65
C THR A 110 21.07 18.70 6.69
N VAL A 111 21.45 18.64 7.98
CA VAL A 111 20.56 19.02 9.06
C VAL A 111 20.76 20.48 9.41
N ASP A 112 20.07 21.35 8.69
CA ASP A 112 20.15 22.78 8.91
C ASP A 112 19.64 23.13 10.31
N PHE A 113 20.57 23.29 11.25
CA PHE A 113 20.23 23.62 12.63
C PHE A 113 19.70 25.05 12.73
N GLY A 114 18.54 25.29 12.14
CA GLY A 114 17.92 26.60 12.19
C GLY A 114 17.34 26.90 13.56
N HIS A 115 16.70 25.91 14.17
CA HIS A 115 16.13 26.06 15.50
C HIS A 115 16.13 24.71 16.23
N VAL A 116 15.18 23.86 15.88
CA VAL A 116 15.06 22.53 16.49
C VAL A 116 14.63 21.51 15.44
N THR A 117 15.35 20.40 15.39
CA THR A 117 15.05 19.35 14.45
C THR A 117 14.21 18.25 15.11
N GLU A 118 12.90 18.38 14.97
CA GLU A 118 11.96 17.42 15.53
C GLU A 118 11.32 16.63 14.41
N GLU A 119 11.27 15.31 14.56
CA GLU A 119 10.68 14.44 13.54
C GLU A 119 10.51 13.01 14.05
N TRP A 120 9.69 12.23 13.35
CA TRP A 120 9.45 10.84 13.71
C TRP A 120 10.41 9.94 12.94
N ARG A 121 11.61 9.81 13.47
CA ARG A 121 12.66 9.01 12.84
C ARG A 121 12.29 7.53 12.75
N ASP A 122 12.55 6.96 11.58
CA ASP A 122 12.29 5.55 11.33
C ASP A 122 13.49 4.73 11.80
N LEU A 123 13.23 3.59 12.41
CA LEU A 123 14.30 2.74 12.93
C LEU A 123 14.52 1.52 12.03
N GLN A 124 15.78 1.18 11.80
CA GLN A 124 16.12 0.03 10.97
C GLN A 124 17.07 -0.91 11.71
N SER A 125 16.87 -2.21 11.50
CA SER A 125 17.70 -3.23 12.14
C SER A 125 19.04 -3.38 11.44
N ALA A 126 19.77 -2.28 11.31
CA ALA A 126 21.08 -2.31 10.66
C ALA A 126 22.11 -2.90 11.60
N GLU A 127 22.50 -4.15 11.36
CA GLU A 127 23.47 -4.84 12.22
C GLU A 127 24.89 -4.34 11.95
N LYS A 128 25.17 -3.14 12.45
CA LYS A 128 26.46 -2.50 12.26
C LYS A 128 27.15 -2.30 13.61
N TYR B 1 33.97 14.77 -21.11
CA TYR B 1 34.81 15.28 -20.00
C TYR B 1 34.91 14.25 -18.89
N LYS B 2 35.54 13.11 -19.18
CA LYS B 2 35.68 12.03 -18.20
C LYS B 2 36.24 12.58 -16.88
N LYS B 3 35.38 12.63 -15.87
CA LYS B 3 35.75 13.14 -14.57
C LYS B 3 34.80 12.59 -13.50
N PRO B 4 34.91 13.05 -12.22
CA PRO B 4 34.07 12.63 -11.11
C PRO B 4 32.76 11.96 -11.54
N LYS B 5 32.73 10.63 -11.40
CA LYS B 5 31.53 9.87 -11.74
C LYS B 5 30.70 9.62 -10.49
N LEU B 6 29.59 10.33 -10.37
CA LEU B 6 28.70 10.18 -9.21
C LEU B 6 27.77 8.99 -9.43
N LEU B 7 27.61 8.17 -8.39
CA LEU B 7 26.75 6.99 -8.46
C LEU B 7 26.04 6.77 -7.12
N TYR B 8 24.75 6.45 -7.19
CA TYR B 8 23.95 6.19 -6.00
C TYR B 8 22.72 5.36 -6.37
N CYS B 9 21.96 4.91 -5.38
CA CYS B 9 20.77 4.11 -5.65
C CYS B 9 19.70 4.36 -4.59
N SER B 10 18.47 3.91 -4.89
CA SER B 10 17.33 4.07 -4.00
C SER B 10 16.83 5.50 -4.05
N ASN B 11 15.57 5.67 -4.45
CA ASN B 11 14.98 6.99 -4.54
C ASN B 11 15.21 7.78 -3.26
N GLY B 12 15.77 8.97 -3.39
CA GLY B 12 16.04 9.80 -2.23
C GLY B 12 17.43 10.39 -2.28
N GLY B 13 17.53 11.67 -1.92
CA GLY B 13 18.80 12.35 -1.92
C GLY B 13 19.84 11.63 -1.09
N HIS B 14 20.77 10.96 -1.76
CA HIS B 14 21.85 10.22 -1.10
C HIS B 14 22.93 9.87 -2.13
N PHE B 15 24.16 10.32 -1.88
CA PHE B 15 25.27 10.06 -2.80
C PHE B 15 26.35 9.24 -2.11
N LEU B 16 27.07 8.43 -2.88
CA LEU B 16 28.13 7.60 -2.33
C LEU B 16 29.36 8.45 -2.01
N ARG B 17 29.52 8.80 -0.73
CA ARG B 17 30.66 9.61 -0.31
C ARG B 17 31.79 8.71 0.18
N ILE B 18 32.84 8.63 -0.61
CA ILE B 18 33.99 7.80 -0.29
C ILE B 18 35.02 8.56 0.54
N LEU B 19 35.64 7.87 1.49
CA LEU B 19 36.65 8.46 2.33
C LEU B 19 37.89 7.54 2.37
N PRO B 20 39.09 8.14 2.34
CA PRO B 20 40.36 7.38 2.36
C PRO B 20 40.35 6.25 3.41
N ASP B 21 39.61 6.49 4.49
CA ASP B 21 39.49 5.51 5.57
C ASP B 21 38.91 4.20 5.06
N GLY B 22 37.88 4.31 4.22
CA GLY B 22 37.23 3.13 3.68
C GLY B 22 35.74 3.12 3.95
N THR B 23 35.33 3.69 5.08
CA THR B 23 33.92 3.73 5.44
C THR B 23 33.15 4.71 4.56
N VAL B 24 32.72 4.24 3.41
CA VAL B 24 31.95 5.05 2.47
C VAL B 24 30.46 4.99 2.82
N ASP B 25 29.81 6.14 2.88
CA ASP B 25 28.38 6.20 3.21
C ASP B 25 27.61 6.98 2.14
N GLY B 26 26.29 6.86 2.18
CA GLY B 26 25.44 7.54 1.22
C GLY B 26 25.12 8.96 1.64
N THR B 27 26.13 9.80 1.68
CA THR B 27 25.97 11.19 2.06
C THR B 27 25.17 11.96 1.01
N ARG B 28 24.14 12.67 1.45
CA ARG B 28 23.33 13.44 0.52
C ARG B 28 23.81 14.87 0.44
N ASP B 29 25.01 15.04 -0.11
CA ASP B 29 25.62 16.36 -0.26
C ASP B 29 26.51 16.42 -1.50
N ARG B 30 26.64 17.60 -2.06
CA ARG B 30 27.48 17.81 -3.24
C ARG B 30 28.36 19.06 -3.07
N SER B 31 28.59 19.43 -1.82
CA SER B 31 29.40 20.59 -1.49
C SER B 31 30.86 20.18 -1.32
N ASP B 32 31.08 19.06 -0.62
CA ASP B 32 32.42 18.56 -0.39
C ASP B 32 32.79 17.50 -1.44
N GLN B 33 33.92 17.69 -2.10
CA GLN B 33 34.36 16.76 -3.15
C GLN B 33 34.76 15.41 -2.55
N HIS B 34 33.76 14.60 -2.19
CA HIS B 34 34.03 13.27 -1.64
C HIS B 34 32.97 12.26 -2.09
N ILE B 35 32.21 12.61 -3.12
CA ILE B 35 31.15 11.74 -3.64
C ILE B 35 31.36 11.51 -5.15
N GLN B 36 32.59 11.28 -5.54
CA GLN B 36 32.93 11.05 -6.93
C GLN B 36 33.97 9.95 -7.09
N LEU B 37 33.71 9.03 -8.01
CA LEU B 37 34.61 7.92 -8.27
C LEU B 37 34.91 7.85 -9.77
N GLN B 38 36.07 7.30 -10.12
CA GLN B 38 36.45 7.19 -11.52
C GLN B 38 35.93 5.88 -12.12
N LEU B 39 34.62 5.83 -12.33
CA LEU B 39 33.99 4.65 -12.92
C LEU B 39 34.30 4.58 -14.41
N SER B 40 34.80 3.44 -14.87
CA SER B 40 35.12 3.24 -16.28
C SER B 40 35.20 1.75 -16.61
N ALA B 41 34.99 1.42 -17.89
CA ALA B 41 35.06 0.05 -18.35
C ALA B 41 36.50 -0.32 -18.64
N GLU B 42 37.12 -1.07 -17.74
CA GLU B 42 38.51 -1.47 -17.90
C GLU B 42 38.63 -2.52 -19.00
N SER B 43 37.87 -3.60 -18.87
CA SER B 43 37.87 -4.66 -19.85
C SER B 43 36.49 -4.79 -20.49
N VAL B 44 36.37 -5.66 -21.49
CA VAL B 44 35.10 -5.86 -22.19
C VAL B 44 33.97 -6.17 -21.19
N GLY B 45 33.26 -5.12 -20.78
CA GLY B 45 32.17 -5.28 -19.85
C GLY B 45 32.59 -5.16 -18.40
N GLU B 46 33.90 -5.24 -18.14
CA GLU B 46 34.41 -5.15 -16.77
C GLU B 46 34.66 -3.69 -16.39
N VAL B 47 33.83 -3.17 -15.50
CA VAL B 47 33.97 -1.78 -15.04
C VAL B 47 34.56 -1.75 -13.64
N TYR B 48 35.41 -0.78 -13.38
CA TYR B 48 36.05 -0.63 -12.08
C TYR B 48 35.62 0.65 -11.38
N ILE B 49 35.56 0.59 -10.06
CA ILE B 49 35.16 1.74 -9.26
C ILE B 49 36.35 2.20 -8.42
N LYS B 50 36.98 3.28 -8.86
CA LYS B 50 38.13 3.82 -8.17
C LYS B 50 37.98 5.32 -7.93
N SER B 51 37.87 5.72 -6.68
CA SER B 51 37.73 7.13 -6.33
C SER B 51 39.11 7.78 -6.28
N THR B 52 39.79 7.75 -7.42
CA THR B 52 41.14 8.30 -7.53
C THR B 52 41.23 9.75 -7.07
N GLU B 53 40.64 10.65 -7.84
CA GLU B 53 40.68 12.08 -7.54
C GLU B 53 39.63 12.48 -6.50
N THR B 54 39.64 11.83 -5.33
CA THR B 54 38.68 12.14 -4.28
C THR B 54 38.79 11.21 -3.08
N GLY B 55 38.98 9.91 -3.32
CA GLY B 55 39.07 8.98 -2.21
C GLY B 55 40.09 7.88 -2.40
N GLN B 56 39.60 6.67 -2.57
CA GLN B 56 40.44 5.49 -2.70
C GLN B 56 39.87 4.48 -3.69
N TYR B 57 40.55 3.35 -3.83
CA TYR B 57 40.12 2.28 -4.72
C TYR B 57 39.24 1.30 -3.93
N LEU B 58 38.24 0.74 -4.58
CA LEU B 58 37.34 -0.20 -3.92
C LEU B 58 37.93 -1.61 -3.87
N ALA B 59 37.49 -2.37 -2.88
CA ALA B 59 37.93 -3.74 -2.67
C ALA B 59 36.91 -4.48 -1.82
N MET B 60 35.89 -5.00 -2.47
CA MET B 60 34.81 -5.71 -1.79
C MET B 60 35.34 -6.82 -0.88
N ASP B 61 34.68 -7.00 0.26
CA ASP B 61 35.06 -8.03 1.20
C ASP B 61 34.23 -9.27 0.93
N THR B 62 34.68 -10.05 -0.04
CA THR B 62 33.98 -11.27 -0.43
C THR B 62 32.58 -10.94 -0.91
N ASP B 63 32.43 -9.77 -1.56
CA ASP B 63 31.13 -9.29 -2.05
C ASP B 63 30.22 -8.91 -0.88
N GLY B 64 30.07 -9.84 0.06
CA GLY B 64 29.24 -9.62 1.24
C GLY B 64 29.26 -8.18 1.72
N LEU B 65 30.45 -7.68 2.00
CA LEU B 65 30.63 -6.31 2.46
C LEU B 65 31.44 -5.52 1.44
N LEU B 66 30.96 -4.34 1.09
CA LEU B 66 31.65 -3.50 0.12
C LEU B 66 32.51 -2.45 0.82
N TYR B 67 33.77 -2.39 0.44
CA TYR B 67 34.71 -1.43 1.02
C TYR B 67 35.82 -1.11 0.03
N GLY B 68 36.71 -0.20 0.40
CA GLY B 68 37.81 0.18 -0.45
C GLY B 68 38.74 1.17 0.22
N SER B 69 40.04 1.06 -0.05
CA SER B 69 41.01 1.96 0.54
C SER B 69 42.44 1.49 0.25
N GLN B 70 42.79 0.31 0.75
CA GLN B 70 44.13 -0.23 0.59
C GLN B 70 44.50 -0.48 -0.88
N THR B 71 43.90 -1.50 -1.49
CA THR B 71 44.20 -1.83 -2.88
C THR B 71 42.97 -2.27 -3.67
N PRO B 72 42.93 -1.96 -4.98
CA PRO B 72 41.81 -2.34 -5.85
C PRO B 72 41.90 -3.81 -6.24
N ASN B 73 41.62 -4.68 -5.27
CA ASN B 73 41.66 -6.12 -5.50
C ASN B 73 40.62 -6.54 -6.54
N GLU B 74 40.84 -7.70 -7.17
CA GLU B 74 39.92 -8.21 -8.20
C GLU B 74 38.47 -8.08 -7.74
N GLU B 75 38.24 -8.19 -6.43
CA GLU B 75 36.89 -8.03 -5.86
C GLU B 75 36.22 -6.76 -6.42
N CYS B 76 37.02 -5.79 -6.83
CA CYS B 76 36.50 -4.53 -7.36
C CYS B 76 36.15 -4.59 -8.85
N LEU B 77 36.28 -5.76 -9.49
CA LEU B 77 35.93 -5.88 -10.90
C LEU B 77 34.47 -6.28 -11.06
N PHE B 78 33.69 -5.42 -11.72
CA PHE B 78 32.27 -5.68 -11.91
C PHE B 78 31.86 -5.59 -13.38
N LEU B 79 30.89 -6.41 -13.77
CA LEU B 79 30.39 -6.43 -15.14
C LEU B 79 29.35 -5.32 -15.30
N GLU B 80 29.55 -4.46 -16.28
CA GLU B 80 28.63 -3.35 -16.54
C GLU B 80 27.34 -3.84 -17.20
N ARG B 81 26.22 -3.70 -16.50
CA ARG B 81 24.92 -4.10 -17.01
C ARG B 81 23.93 -2.94 -16.86
N LEU B 82 22.95 -2.88 -17.75
CA LEU B 82 21.94 -1.82 -17.71
C LEU B 82 20.54 -2.41 -17.60
N GLU B 83 19.69 -1.77 -16.80
CA GLU B 83 18.32 -2.23 -16.63
C GLU B 83 17.36 -1.21 -17.22
N GLU B 84 16.30 -1.70 -17.86
CA GLU B 84 15.30 -0.81 -18.46
C GLU B 84 14.44 -0.15 -17.38
N ASN B 85 15.10 0.49 -16.43
CA ASN B 85 14.44 1.17 -15.33
C ASN B 85 15.21 2.45 -14.96
N HIS B 86 16.00 2.95 -15.91
CA HIS B 86 16.80 4.16 -15.70
C HIS B 86 17.81 3.95 -14.56
N TYR B 87 18.45 2.78 -14.56
CA TYR B 87 19.43 2.45 -13.53
C TYR B 87 20.54 1.56 -14.11
N ASN B 88 21.71 1.64 -13.48
CA ASN B 88 22.88 0.86 -13.89
C ASN B 88 23.06 -0.34 -12.98
N THR B 89 23.54 -1.44 -13.54
CA THR B 89 23.78 -2.66 -12.78
C THR B 89 25.23 -3.10 -12.96
N TYR B 90 25.85 -3.52 -11.87
CA TYR B 90 27.25 -3.96 -11.91
C TYR B 90 27.37 -5.32 -11.22
N ILE B 91 27.75 -6.34 -11.99
CA ILE B 91 27.88 -7.68 -11.45
C ILE B 91 29.31 -7.97 -11.02
N SER B 92 29.49 -8.21 -9.72
CA SER B 92 30.80 -8.53 -9.17
C SER B 92 31.24 -9.90 -9.66
N LYS B 93 31.75 -9.96 -10.90
CA LYS B 93 32.19 -11.21 -11.50
C LYS B 93 33.00 -12.05 -10.50
N LYS B 94 33.76 -11.37 -9.65
CA LYS B 94 34.57 -12.06 -8.63
C LYS B 94 33.70 -13.00 -7.80
N HIS B 95 32.40 -12.68 -7.66
CA HIS B 95 31.48 -13.51 -6.90
C HIS B 95 30.22 -13.85 -7.71
N ALA B 96 30.24 -13.54 -9.02
CA ALA B 96 29.11 -13.82 -9.89
C ALA B 96 28.69 -15.28 -9.74
N GLU B 97 29.66 -16.15 -9.45
CA GLU B 97 29.41 -17.57 -9.27
C GLU B 97 28.26 -17.81 -8.29
N LYS B 98 28.13 -16.93 -7.30
CA LYS B 98 27.07 -17.03 -6.30
C LYS B 98 25.89 -16.13 -6.67
N ASN B 99 25.89 -15.64 -7.91
CA ASN B 99 24.82 -14.75 -8.37
C ASN B 99 24.76 -13.49 -7.50
N TRP B 100 25.94 -13.04 -7.08
CA TRP B 100 26.07 -11.87 -6.23
C TRP B 100 26.55 -10.65 -7.03
N PHE B 101 25.81 -9.55 -6.94
CA PHE B 101 26.17 -8.33 -7.64
C PHE B 101 26.01 -7.11 -6.73
N VAL B 102 27.16 -6.44 -6.47
CA VAL B 102 27.28 -5.24 -5.61
C VAL B 102 25.94 -4.56 -5.30
N GLY B 103 25.65 -4.45 -4.01
CA GLY B 103 24.44 -3.80 -3.54
C GLY B 103 24.72 -2.98 -2.28
N LEU B 104 24.25 -1.73 -2.26
CA LEU B 104 24.48 -0.85 -1.12
C LEU B 104 23.17 -0.40 -0.48
N LYS B 105 23.27 0.04 0.77
CA LYS B 105 22.11 0.53 1.52
C LYS B 105 22.13 2.06 1.56
N LYS B 106 21.26 2.68 0.77
CA LYS B 106 21.16 4.14 0.69
C LYS B 106 21.26 4.79 2.08
N ASN B 107 20.57 4.22 3.05
CA ASN B 107 20.57 4.75 4.41
C ASN B 107 21.33 3.82 5.35
N GLY B 108 22.41 3.22 4.86
CA GLY B 108 23.20 2.32 5.68
C GLY B 108 24.66 2.28 5.29
N SER B 109 24.91 2.03 4.00
CA SER B 109 26.26 1.95 3.43
C SER B 109 26.30 0.77 2.44
N CYS B 110 27.41 0.61 1.75
CA CYS B 110 27.56 -0.46 0.78
C CYS B 110 28.00 -1.77 1.47
N LYS B 111 27.05 -2.67 1.68
CA LYS B 111 27.34 -3.96 2.32
C LYS B 111 26.08 -4.80 2.43
N ARG B 112 25.72 -5.42 1.31
CA ARG B 112 24.53 -6.25 1.23
C ARG B 112 24.78 -7.46 0.33
N GLY B 113 26.02 -7.98 0.33
CA GLY B 113 26.36 -9.14 -0.48
C GLY B 113 25.39 -10.29 -0.27
N PRO B 114 25.14 -10.75 0.98
CA PRO B 114 24.18 -11.85 1.22
C PRO B 114 22.76 -11.49 0.74
N ARG B 115 22.61 -10.27 0.26
CA ARG B 115 21.34 -9.77 -0.25
C ARG B 115 21.50 -9.17 -1.66
N THR B 116 22.63 -9.47 -2.34
CA THR B 116 22.89 -8.93 -3.68
C THR B 116 22.33 -9.84 -4.77
N HIS B 117 21.05 -10.09 -4.69
CA HIS B 117 20.35 -10.92 -5.66
C HIS B 117 19.00 -10.28 -5.96
N TYR B 118 18.12 -10.97 -6.67
CA TYR B 118 16.82 -10.40 -6.98
C TYR B 118 15.96 -10.29 -5.74
N GLY B 119 15.82 -9.07 -5.25
CA GLY B 119 15.05 -8.80 -4.05
C GLY B 119 15.29 -7.38 -3.58
N GLN B 120 16.56 -7.02 -3.50
CA GLN B 120 16.97 -5.68 -3.11
C GLN B 120 17.13 -4.84 -4.37
N LYS B 121 16.36 -3.79 -4.47
CA LYS B 121 16.39 -2.92 -5.65
C LYS B 121 17.61 -1.99 -5.63
N ALA B 122 18.20 -1.82 -4.44
CA ALA B 122 19.39 -0.98 -4.27
C ALA B 122 20.51 -1.33 -5.27
N ILE B 123 20.41 -2.51 -5.88
CA ILE B 123 21.39 -2.94 -6.87
C ILE B 123 21.29 -2.11 -8.16
N LEU B 124 20.13 -1.49 -8.38
CA LEU B 124 19.92 -0.65 -9.55
C LEU B 124 20.39 0.77 -9.25
N PHE B 125 21.67 1.02 -9.50
CA PHE B 125 22.27 2.32 -9.22
C PHE B 125 21.93 3.35 -10.30
N LEU B 126 21.81 4.61 -9.89
CA LEU B 126 21.53 5.71 -10.80
C LEU B 126 22.78 6.57 -10.93
N PRO B 127 23.46 6.50 -12.08
CA PRO B 127 24.68 7.27 -12.32
C PRO B 127 24.43 8.67 -12.88
N LEU B 128 25.25 9.62 -12.42
CA LEU B 128 25.17 11.00 -12.86
C LEU B 128 26.57 11.51 -13.25
N PRO B 129 27.32 10.73 -14.05
CA PRO B 129 28.67 11.09 -14.47
C PRO B 129 28.71 12.07 -15.63
N VAL B 130 29.78 12.84 -15.71
CA VAL B 130 29.96 13.82 -16.79
C VAL B 130 30.46 13.11 -18.04
N SER B 131 29.53 12.62 -18.84
CA SER B 131 29.86 11.93 -20.08
C SER B 131 30.45 12.88 -21.12
N SER B 132 30.83 12.33 -22.26
CA SER B 132 31.39 13.11 -23.35
C SER B 132 30.41 13.19 -24.51
N ASP B 133 29.28 13.83 -24.27
CA ASP B 133 28.22 13.97 -25.27
C ASP B 133 28.37 15.29 -26.02
N MET C 1 -1.23 9.49 -13.09
CA MET C 1 -0.29 8.99 -14.14
C MET C 1 0.09 7.54 -13.85
N ALA C 2 1.36 7.20 -14.08
CA ALA C 2 1.84 5.84 -13.82
C ALA C 2 1.85 5.57 -12.31
N ALA C 3 2.25 4.36 -11.92
CA ALA C 3 2.26 3.99 -10.50
C ALA C 3 0.81 3.88 -10.04
N GLU C 4 0.04 3.06 -10.75
CA GLU C 4 -1.37 2.86 -10.44
C GLU C 4 -1.58 1.83 -9.34
N PRO C 5 -2.47 2.14 -8.39
CA PRO C 5 -2.76 1.25 -7.27
C PRO C 5 -3.67 0.10 -7.69
N LEU C 6 -3.31 -1.10 -7.24
CA LEU C 6 -4.10 -2.30 -7.54
C LEU C 6 -5.16 -2.50 -6.48
N THR C 7 -5.79 -3.68 -6.47
CA THR C 7 -6.82 -3.95 -5.49
C THR C 7 -6.20 -4.25 -4.12
N GLU C 8 -7.01 -4.11 -3.07
CA GLU C 8 -6.57 -4.33 -1.68
C GLU C 8 -5.81 -5.65 -1.47
N LEU C 9 -6.29 -6.70 -2.12
CA LEU C 9 -5.69 -8.02 -2.01
C LEU C 9 -4.40 -8.14 -2.83
N GLU C 10 -4.35 -7.51 -4.01
CA GLU C 10 -3.12 -7.49 -4.82
C GLU C 10 -2.01 -6.77 -4.05
N GLU C 11 -2.34 -5.61 -3.45
CA GLU C 11 -1.43 -4.85 -2.60
C GLU C 11 -0.81 -5.77 -1.54
N SER C 12 -1.69 -6.46 -0.79
CA SER C 12 -1.26 -7.25 0.35
C SER C 12 -0.50 -8.52 -0.06
N ILE C 13 -0.89 -9.23 -1.14
CA ILE C 13 -0.06 -10.34 -1.59
C ILE C 13 1.30 -9.81 -2.06
N GLU C 14 1.34 -8.68 -2.77
CA GLU C 14 2.62 -8.16 -3.20
C GLU C 14 3.52 -7.89 -1.98
N THR C 15 3.05 -7.08 -1.02
CA THR C 15 3.92 -6.66 0.09
C THR C 15 4.56 -7.87 0.82
N VAL C 16 3.82 -8.97 0.99
CA VAL C 16 4.38 -10.17 1.59
C VAL C 16 5.27 -10.92 0.57
N VAL C 17 4.88 -10.99 -0.70
CA VAL C 17 5.67 -11.62 -1.75
C VAL C 17 7.05 -10.95 -1.87
N THR C 18 7.12 -9.62 -1.94
CA THR C 18 8.41 -8.93 -2.01
C THR C 18 9.26 -9.26 -0.77
N THR C 19 8.66 -9.22 0.43
CA THR C 19 9.37 -9.56 1.66
C THR C 19 9.91 -10.99 1.58
N PHE C 20 9.05 -11.96 1.26
CA PHE C 20 9.43 -13.32 0.94
C PHE C 20 10.64 -13.31 0.01
N PHE C 21 10.52 -12.62 -1.12
CA PHE C 21 11.58 -12.56 -2.14
C PHE C 21 12.87 -11.91 -1.62
N THR C 22 12.78 -11.11 -0.56
CA THR C 22 13.96 -10.46 -0.01
C THR C 22 14.74 -11.40 0.92
N PHE C 23 14.20 -12.60 1.12
CA PHE C 23 14.83 -13.60 1.96
C PHE C 23 15.12 -14.88 1.17
N ALA C 24 14.31 -15.12 0.14
CA ALA C 24 14.44 -16.32 -0.69
C ALA C 24 15.56 -16.22 -1.72
N ARG C 25 16.28 -15.12 -1.71
CA ARG C 25 17.36 -14.92 -2.66
C ARG C 25 18.72 -14.87 -1.97
N GLN C 26 18.70 -15.04 -0.64
CA GLN C 26 19.92 -15.03 0.16
C GLN C 26 20.93 -16.06 -0.32
N GLU C 27 20.49 -17.31 -0.40
CA GLU C 27 21.34 -18.41 -0.85
C GLU C 27 21.05 -18.76 -2.31
N GLY C 28 21.12 -20.06 -2.63
CA GLY C 28 20.87 -20.51 -4.00
C GLY C 28 19.38 -20.54 -4.34
N ARG C 29 19.06 -20.11 -5.56
CA ARG C 29 17.68 -20.08 -6.07
C ARG C 29 16.84 -19.04 -5.35
N LYS C 30 16.33 -18.06 -6.10
CA LYS C 30 15.52 -16.98 -5.53
C LYS C 30 14.04 -17.36 -5.41
N ASP C 31 13.77 -18.58 -4.97
CA ASP C 31 12.39 -19.06 -4.79
C ASP C 31 12.35 -19.82 -3.47
N SER C 32 13.28 -20.76 -3.30
CA SER C 32 13.37 -21.57 -2.12
C SER C 32 14.13 -20.85 -1.00
N LEU C 33 13.58 -20.93 0.21
CA LEU C 33 14.34 -20.62 1.43
C LEU C 33 15.03 -21.91 1.86
N SER C 34 16.36 -21.92 1.96
CA SER C 34 17.04 -23.01 2.65
C SER C 34 17.03 -22.73 4.15
N VAL C 35 17.61 -23.64 4.94
CA VAL C 35 17.47 -23.66 6.40
C VAL C 35 17.78 -22.30 7.03
N ASN C 36 18.99 -21.76 6.81
CA ASN C 36 19.39 -20.44 7.36
C ASN C 36 18.42 -19.36 6.86
N GLU C 37 18.31 -19.26 5.54
CA GLU C 37 17.36 -18.39 4.85
C GLU C 37 16.01 -18.34 5.56
N PHE C 38 15.46 -19.53 5.85
CA PHE C 38 14.19 -19.67 6.51
C PHE C 38 14.27 -19.09 7.92
N LYS C 39 15.26 -19.55 8.70
CA LYS C 39 15.45 -19.06 10.07
C LYS C 39 15.57 -17.54 10.11
N GLU C 40 16.17 -16.95 9.08
CA GLU C 40 16.35 -15.49 9.01
C GLU C 40 15.01 -14.72 9.01
N LEU C 41 13.94 -15.32 8.47
CA LEU C 41 12.65 -14.66 8.43
C LEU C 41 12.13 -14.50 9.85
N VAL C 42 12.08 -15.64 10.55
CA VAL C 42 11.47 -15.71 11.87
C VAL C 42 12.30 -14.88 12.84
N THR C 43 13.61 -15.12 12.87
CA THR C 43 14.53 -14.43 13.78
C THR C 43 14.55 -12.90 13.60
N GLN C 44 14.34 -12.42 12.38
CA GLN C 44 14.41 -10.98 12.12
C GLN C 44 13.07 -10.25 12.22
N GLN C 45 12.08 -10.67 11.44
CA GLN C 45 10.79 -9.96 11.42
C GLN C 45 9.64 -10.70 12.13
N LEU C 46 9.94 -11.69 12.97
CA LEU C 46 8.87 -12.40 13.66
C LEU C 46 9.26 -12.76 15.10
N PRO C 47 9.25 -11.75 16.00
CA PRO C 47 9.61 -11.92 17.40
C PRO C 47 8.42 -12.09 18.35
N HIS C 48 7.21 -11.83 17.87
CA HIS C 48 6.02 -11.94 18.72
C HIS C 48 5.12 -13.11 18.32
N LEU C 49 4.67 -13.10 17.05
CA LEU C 49 3.79 -14.13 16.53
C LEU C 49 4.24 -15.54 16.92
N LEU C 50 5.39 -15.96 16.38
CA LEU C 50 6.04 -17.23 16.66
C LEU C 50 7.32 -16.91 17.43
N LYS C 51 7.15 -16.66 18.73
CA LYS C 51 8.25 -16.31 19.63
C LYS C 51 9.19 -17.49 19.90
N ASP C 52 9.22 -18.46 18.99
CA ASP C 52 10.09 -19.62 19.13
C ASP C 52 11.23 -19.55 18.13
N VAL C 53 12.25 -18.76 18.47
CA VAL C 53 13.42 -18.59 17.61
C VAL C 53 14.49 -19.64 17.92
N GLY C 54 14.06 -20.73 18.54
CA GLY C 54 14.98 -21.80 18.87
C GLY C 54 14.57 -23.13 18.27
N SER C 55 13.26 -23.38 18.23
CA SER C 55 12.73 -24.62 17.68
C SER C 55 12.26 -24.44 16.23
N LEU C 56 13.08 -23.75 15.45
CA LEU C 56 12.78 -23.50 14.06
C LEU C 56 12.80 -24.84 13.31
N ASP C 57 13.60 -25.80 13.77
CA ASP C 57 13.61 -27.16 13.27
C ASP C 57 12.20 -27.76 13.25
N GLU C 58 11.46 -27.64 14.34
CA GLU C 58 10.08 -28.12 14.44
C GLU C 58 9.24 -27.51 13.33
N LYS C 59 9.26 -26.17 13.21
CA LYS C 59 8.52 -25.51 12.14
C LYS C 59 8.95 -26.10 10.79
N MET C 60 10.27 -26.15 10.54
CA MET C 60 10.84 -26.64 9.30
C MET C 60 10.25 -28.03 8.97
N LYS C 61 10.35 -28.98 9.89
CA LYS C 61 9.79 -30.31 9.69
C LYS C 61 8.27 -30.24 9.44
N SER C 62 7.56 -29.41 10.21
CA SER C 62 6.11 -29.24 10.04
C SER C 62 5.76 -28.65 8.67
N LEU C 63 6.64 -27.83 8.10
CA LEU C 63 6.46 -27.14 6.83
C LEU C 63 6.90 -28.02 5.65
N ASP C 64 8.18 -28.36 5.60
CA ASP C 64 8.81 -29.08 4.51
C ASP C 64 8.43 -30.56 4.57
N VAL C 65 7.19 -30.87 4.18
CA VAL C 65 6.64 -32.23 4.24
C VAL C 65 7.56 -33.28 3.61
N ASN C 66 8.22 -32.93 2.51
CA ASN C 66 9.13 -33.80 1.77
C ASN C 66 10.55 -33.81 2.35
N GLN C 67 10.86 -32.91 3.29
CA GLN C 67 12.14 -32.80 3.96
C GLN C 67 13.30 -32.80 2.95
N ASP C 68 13.22 -31.92 1.94
CA ASP C 68 14.27 -31.71 0.96
C ASP C 68 15.24 -30.62 1.46
N SER C 69 14.89 -29.91 2.55
CA SER C 69 15.65 -28.78 3.07
C SER C 69 15.62 -27.59 2.12
N GLU C 70 14.55 -27.50 1.33
CA GLU C 70 14.15 -26.34 0.57
C GLU C 70 12.65 -26.13 0.84
N LEU C 71 12.27 -25.01 1.42
CA LEU C 71 10.89 -24.58 1.41
C LEU C 71 10.70 -23.84 0.08
N LYS C 72 10.25 -24.53 -0.97
CA LYS C 72 9.81 -23.92 -2.23
C LYS C 72 8.77 -22.84 -1.91
N PHE C 73 8.51 -21.92 -2.85
CA PHE C 73 7.52 -20.85 -2.70
C PHE C 73 6.26 -21.32 -1.95
N ASN C 74 5.59 -22.34 -2.49
CA ASN C 74 4.34 -22.85 -1.93
C ASN C 74 4.53 -23.54 -0.58
N GLU C 75 5.69 -24.16 -0.35
CA GLU C 75 5.98 -24.81 0.93
C GLU C 75 6.18 -23.72 1.99
N TYR C 76 7.09 -22.78 1.73
CA TYR C 76 7.33 -21.62 2.57
C TYR C 76 6.01 -20.96 2.90
N TRP C 77 5.22 -20.69 1.87
CA TRP C 77 3.91 -20.05 1.98
C TRP C 77 3.11 -20.63 3.15
N ARG C 78 3.18 -21.94 3.43
CA ARG C 78 2.54 -22.54 4.60
C ARG C 78 2.65 -21.68 5.85
N LEU C 79 3.87 -21.21 6.17
CA LEU C 79 4.13 -20.37 7.32
C LEU C 79 3.11 -19.24 7.40
N ILE C 80 2.81 -18.58 6.27
CA ILE C 80 1.95 -17.41 6.25
C ILE C 80 0.55 -17.78 6.77
N GLY C 81 0.19 -19.06 6.65
CA GLY C 81 -1.08 -19.57 7.12
C GLY C 81 -1.06 -19.67 8.61
N GLU C 82 0.04 -20.17 9.12
CA GLU C 82 0.23 -20.40 10.52
C GLU C 82 0.32 -19.02 11.18
N LEU C 83 0.90 -18.03 10.50
CA LEU C 83 0.89 -16.64 10.91
C LEU C 83 -0.53 -16.08 10.96
N ALA C 84 -1.21 -16.09 9.80
CA ALA C 84 -2.57 -15.57 9.61
C ALA C 84 -3.57 -16.27 10.54
N LYS C 85 -3.26 -17.50 10.91
CA LYS C 85 -3.98 -18.25 11.92
C LYS C 85 -3.60 -17.69 13.29
N GLU C 86 -2.33 -17.76 13.70
CA GLU C 86 -1.82 -17.31 14.99
C GLU C 86 -2.37 -15.94 15.40
N ILE C 87 -2.34 -14.94 14.52
CA ILE C 87 -2.82 -13.60 14.85
C ILE C 87 -4.26 -13.60 15.44
N ARG C 88 -5.10 -14.53 14.98
CA ARG C 88 -6.44 -14.75 15.53
C ARG C 88 -6.35 -15.78 16.67
N LYS C 89 -5.75 -16.93 16.36
CA LYS C 89 -5.77 -18.15 17.13
C LYS C 89 -5.08 -18.00 18.48
N LYS C 90 -4.13 -17.07 18.65
CA LYS C 90 -2.76 -17.44 18.97
C LYS C 90 -2.68 -18.69 19.86
N LYS C 91 -3.13 -18.66 21.12
CA LYS C 91 -3.12 -19.82 22.01
C LYS C 91 -4.50 -19.95 22.69
N ASP C 92 -5.56 -19.84 21.87
CA ASP C 92 -7.00 -19.95 22.18
C ASP C 92 -7.28 -21.34 22.76
N LEU C 93 -6.87 -21.51 24.02
CA LEU C 93 -6.80 -22.76 24.74
C LEU C 93 -6.34 -22.39 26.16
N LYS C 94 -5.24 -21.62 26.28
CA LYS C 94 -4.77 -21.05 27.53
C LYS C 94 -4.75 -19.52 27.49
N ILE C 95 -4.29 -18.92 26.39
CA ILE C 95 -3.99 -17.49 26.31
C ILE C 95 -4.44 -16.95 24.94
N ARG C 96 -5.48 -16.09 24.83
CA ARG C 96 -6.50 -15.62 25.76
C ARG C 96 -7.48 -14.66 25.08
N DLY C 97 -7.08 -13.66 24.28
CA DLY C 97 -5.78 -13.23 23.76
C DLY C 97 -6.06 -12.48 22.43
O DLY C 97 -6.81 -13.05 21.63
CB DLY C 97 -4.91 -12.61 24.86
CG DLY C 97 -5.49 -11.45 25.71
CD DLY C 97 -4.35 -10.75 26.49
CE DLY C 97 -4.20 -9.23 26.25
NZ DLY C 97 -5.22 -8.40 26.92
H DLY C 97 -7.83 -13.09 23.96
HA DLY C 97 -6.44 -12.27 23.96
HB2 DLY C 97 -4.63 -13.39 25.55
HB3 DLY C 97 -3.99 -12.25 24.39
HG2 DLY C 97 -5.96 -10.73 25.05
HG3 DLY C 97 -6.21 -11.85 26.40
HD2 DLY C 97 -4.53 -10.89 27.54
HD3 DLY C 97 -3.42 -11.23 26.23
HE2 DLY C 97 -3.24 -8.92 26.61
HE3 DLY C 97 -4.26 -9.05 25.18
HZ1 DLY C 97 -5.06 -7.40 26.70
HZ2 DLY C 97 -5.18 -8.54 27.94
HZ3 DLY C 97 -6.17 -8.67 26.58
N DLY C 98 -5.60 -11.28 22.07
CA DLY C 98 -4.60 -10.42 22.63
C DLY C 98 -3.24 -10.80 22.02
O DLY C 98 -3.09 -10.65 20.78
CB DLY C 98 -5.02 -8.97 22.38
CG DLY C 98 -6.51 -8.67 22.69
CD DLY C 98 -6.73 -7.18 22.98
CE DLY C 98 -6.25 -6.27 21.83
NZ DLY C 98 -5.95 -4.90 22.31
H DLY C 98 -6.05 -10.91 21.27
HA DLY C 98 -4.58 -10.45 21.45
HB2 DLY C 98 -4.43 -8.33 23.02
HB3 DLY C 98 -4.84 -8.72 21.35
HG2 DLY C 98 -7.11 -8.96 21.84
HG3 DLY C 98 -6.81 -9.24 23.56
HD2 DLY C 98 -7.78 -7.02 23.14
HD3 DLY C 98 -6.18 -6.91 23.88
HE2 DLY C 98 -5.36 -6.69 21.38
HE3 DLY C 98 -7.03 -6.21 21.08
HZ1 DLY C 98 -5.71 -4.29 21.51
HZ2 DLY C 98 -5.14 -4.94 22.97
HZ3 DLY C 98 -6.77 -4.52 22.82
N MET D 1 -11.08 -7.90 22.58
CA MET D 1 -12.13 -7.25 21.79
C MET D 1 -11.54 -6.77 20.45
N ALA D 2 -10.50 -5.92 20.48
CA ALA D 2 -9.83 -5.46 19.27
C ALA D 2 -8.56 -4.66 19.59
N ALA D 3 -7.39 -5.13 19.13
CA ALA D 3 -6.25 -4.36 18.61
C ALA D 3 -6.00 -2.92 19.11
N GLU D 4 -5.07 -2.73 20.05
CA GLU D 4 -4.16 -1.57 20.10
C GLU D 4 -2.98 -1.86 19.14
N PRO D 5 -1.90 -1.00 19.07
CA PRO D 5 -0.73 -1.16 18.19
C PRO D 5 -0.37 -2.58 17.74
N LEU D 6 -0.06 -2.67 16.44
CA LEU D 6 0.35 -3.91 15.80
C LEU D 6 1.61 -3.61 14.98
N THR D 7 2.07 -4.55 14.17
CA THR D 7 3.27 -4.33 13.36
C THR D 7 2.90 -3.82 11.95
N GLU D 8 3.91 -3.65 11.10
CA GLU D 8 3.72 -3.17 9.73
C GLU D 8 2.99 -4.19 8.86
N LEU D 9 3.33 -5.46 9.02
CA LEU D 9 2.73 -6.53 8.23
C LEU D 9 1.36 -6.94 8.78
N GLU D 10 0.99 -6.39 9.93
CA GLU D 10 -0.30 -6.70 10.55
C GLU D 10 -1.38 -5.76 9.99
N GLU D 11 -0.97 -4.61 9.45
CA GLU D 11 -1.89 -3.69 8.78
C GLU D 11 -2.59 -4.40 7.62
N SER D 12 -1.80 -5.03 6.76
CA SER D 12 -2.30 -5.58 5.50
C SER D 12 -3.14 -6.85 5.72
N ILE D 13 -2.98 -7.56 6.84
CA ILE D 13 -3.97 -8.57 7.23
C ILE D 13 -5.21 -7.88 7.84
N GLU D 14 -5.07 -6.76 8.54
CA GLU D 14 -6.23 -6.02 9.03
C GLU D 14 -7.11 -5.57 7.86
N THR D 15 -6.53 -4.86 6.87
CA THR D 15 -7.32 -4.20 5.83
C THR D 15 -8.36 -5.14 5.18
N VAL D 16 -7.98 -6.41 4.97
CA VAL D 16 -8.89 -7.41 4.43
C VAL D 16 -9.91 -7.87 5.48
N VAL D 17 -9.53 -7.98 6.75
CA VAL D 17 -10.44 -8.29 7.85
C VAL D 17 -11.50 -7.20 7.96
N THR D 18 -11.08 -5.92 7.83
CA THR D 18 -12.01 -4.79 7.88
C THR D 18 -13.10 -4.91 6.81
N THR D 19 -12.76 -5.53 5.66
CA THR D 19 -13.72 -5.77 4.58
C THR D 19 -14.68 -6.86 5.06
N PHE D 20 -14.05 -7.95 5.50
CA PHE D 20 -14.72 -9.09 6.10
C PHE D 20 -15.73 -8.63 7.15
N PHE D 21 -15.24 -7.83 8.11
CA PHE D 21 -16.04 -7.33 9.23
C PHE D 21 -17.23 -6.46 8.81
N THR D 22 -17.13 -5.76 7.69
CA THR D 22 -18.25 -4.90 7.25
C THR D 22 -19.14 -5.57 6.22
N PHE D 23 -18.92 -6.86 6.00
CA PHE D 23 -19.72 -7.63 5.06
C PHE D 23 -20.43 -8.74 5.80
N ALA D 24 -19.84 -9.16 6.92
CA ALA D 24 -20.41 -10.22 7.72
C ALA D 24 -21.34 -9.70 8.81
N ARG D 25 -21.39 -8.38 9.00
CA ARG D 25 -22.32 -7.79 9.99
C ARG D 25 -23.71 -7.51 9.35
N GLN D 26 -24.05 -8.27 8.29
CA GLN D 26 -25.33 -8.09 7.59
C GLN D 26 -26.52 -8.69 8.35
N GLU D 27 -26.77 -10.01 8.19
CA GLU D 27 -27.85 -10.69 8.92
C GLU D 27 -27.37 -10.92 10.35
N GLY D 28 -27.23 -12.19 10.81
CA GLY D 28 -26.66 -12.35 12.12
C GLY D 28 -25.20 -11.91 12.10
N ARG D 29 -24.65 -11.62 13.29
CA ARG D 29 -23.32 -12.04 13.69
C ARG D 29 -22.20 -11.68 12.69
N LYS D 30 -21.41 -10.67 13.09
CA LYS D 30 -20.28 -10.15 12.27
C LYS D 30 -19.04 -11.05 12.34
N ASP D 31 -18.96 -11.87 13.38
CA ASP D 31 -17.84 -12.78 13.57
C ASP D 31 -17.87 -13.99 12.63
N SER D 32 -18.97 -14.26 11.93
CA SER D 32 -19.08 -15.37 10.97
C SER D 32 -19.66 -14.88 9.63
N LEU D 33 -19.09 -15.37 8.52
CA LEU D 33 -19.70 -15.17 7.21
C LEU D 33 -20.94 -16.05 7.12
N SER D 34 -22.01 -15.46 6.60
CA SER D 34 -23.33 -16.03 6.39
C SER D 34 -23.61 -15.98 4.86
N VAL D 35 -24.57 -16.75 4.34
CA VAL D 35 -24.67 -16.92 2.88
C VAL D 35 -25.75 -16.02 2.27
N ASN D 36 -25.67 -14.76 2.64
CA ASN D 36 -25.95 -13.58 1.85
C ASN D 36 -25.15 -12.46 2.51
N GLU D 37 -23.86 -12.82 2.58
CA GLU D 37 -22.74 -12.04 3.08
C GLU D 37 -21.51 -12.56 2.32
N PHE D 38 -21.48 -13.90 2.17
CA PHE D 38 -20.47 -14.61 1.40
C PHE D 38 -20.68 -14.37 -0.09
N LYS D 39 -21.86 -14.73 -0.61
CA LYS D 39 -22.08 -14.60 -2.04
C LYS D 39 -21.94 -13.14 -2.47
N GLU D 40 -22.41 -12.21 -1.65
CA GLU D 40 -22.28 -10.78 -1.96
C GLU D 40 -20.81 -10.36 -1.93
N LEU D 41 -20.01 -11.04 -1.09
CA LEU D 41 -18.58 -10.75 -0.98
C LEU D 41 -17.82 -11.19 -2.22
N VAL D 42 -18.06 -12.44 -2.65
CA VAL D 42 -17.42 -12.95 -3.84
C VAL D 42 -17.85 -12.17 -5.08
N THR D 43 -19.15 -11.87 -5.19
CA THR D 43 -19.68 -11.14 -6.33
C THR D 43 -19.11 -9.72 -6.49
N GLN D 44 -18.80 -9.06 -5.37
CA GLN D 44 -18.30 -7.68 -5.43
C GLN D 44 -16.78 -7.58 -5.32
N GLN D 45 -16.22 -8.17 -4.26
CA GLN D 45 -14.78 -8.08 -4.02
C GLN D 45 -13.96 -9.08 -4.85
N LEU D 46 -14.52 -10.24 -5.14
CA LEU D 46 -13.79 -11.26 -5.92
C LEU D 46 -14.50 -11.63 -7.23
N PRO D 47 -14.79 -10.66 -8.13
CA PRO D 47 -15.46 -10.96 -9.39
C PRO D 47 -14.48 -11.31 -10.51
N HIS D 48 -13.25 -10.81 -10.38
CA HIS D 48 -12.20 -11.06 -11.36
C HIS D 48 -11.20 -12.07 -10.82
N LEU D 49 -10.86 -11.93 -9.54
CA LEU D 49 -9.92 -12.83 -8.88
C LEU D 49 -10.52 -14.25 -8.84
N LEU D 50 -11.74 -14.36 -8.36
CA LEU D 50 -12.43 -15.63 -8.31
C LEU D 50 -13.42 -15.70 -9.48
N LYS D 51 -13.07 -16.49 -10.49
CA LYS D 51 -13.92 -16.65 -11.66
C LYS D 51 -14.98 -17.72 -11.46
N ASP D 52 -15.49 -17.81 -10.23
CA ASP D 52 -16.50 -18.78 -9.89
C ASP D 52 -17.52 -18.17 -8.92
N VAL D 53 -18.19 -17.12 -9.37
CA VAL D 53 -19.19 -16.43 -8.55
C VAL D 53 -20.53 -17.14 -8.60
N GLY D 54 -20.72 -17.98 -9.61
CA GLY D 54 -21.98 -18.70 -9.75
C GLY D 54 -21.92 -20.07 -9.09
N SER D 55 -20.70 -20.51 -8.81
CA SER D 55 -20.48 -21.82 -8.18
C SER D 55 -19.90 -21.66 -6.78
N LEU D 56 -20.31 -20.58 -6.09
CA LEU D 56 -19.89 -20.31 -4.73
C LEU D 56 -20.23 -21.50 -3.84
N ASP D 57 -21.45 -21.99 -3.95
CA ASP D 57 -22.04 -23.08 -3.18
C ASP D 57 -21.07 -24.27 -3.01
N GLU D 58 -20.37 -24.59 -4.11
CA GLU D 58 -19.37 -25.65 -4.13
C GLU D 58 -18.20 -25.29 -3.19
N LYS D 59 -17.75 -24.03 -3.28
CA LYS D 59 -16.67 -23.54 -2.43
C LYS D 59 -17.13 -23.52 -0.98
N MET D 60 -18.33 -22.97 -0.75
CA MET D 60 -18.97 -22.95 0.55
C MET D 60 -18.92 -24.33 1.19
N LYS D 61 -19.43 -25.35 0.48
CA LYS D 61 -19.42 -26.71 1.00
C LYS D 61 -18.00 -27.15 1.33
N SER D 62 -17.03 -26.85 0.44
CA SER D 62 -15.64 -27.18 0.65
C SER D 62 -15.05 -26.46 1.87
N LEU D 63 -15.44 -25.22 2.08
CA LEU D 63 -14.97 -24.35 3.17
C LEU D 63 -15.52 -24.86 4.50
N ASP D 64 -16.85 -24.94 4.59
CA ASP D 64 -17.62 -25.00 5.83
C ASP D 64 -17.31 -26.16 6.77
N VAL D 65 -16.56 -27.17 6.32
CA VAL D 65 -16.79 -28.62 6.37
C VAL D 65 -17.48 -29.22 7.61
N ASN D 66 -17.48 -28.57 8.78
CA ASN D 66 -18.41 -28.96 9.83
C ASN D 66 -19.86 -28.86 9.32
N GLN D 67 -20.09 -28.01 8.31
CA GLN D 67 -21.35 -27.87 7.60
C GLN D 67 -22.45 -27.28 8.50
N ASP D 68 -22.06 -26.63 9.60
CA ASP D 68 -22.97 -25.81 10.39
C ASP D 68 -23.52 -24.64 9.55
N SER D 69 -22.86 -24.32 8.43
CA SER D 69 -23.23 -23.25 7.53
C SER D 69 -23.02 -21.85 8.14
N GLU D 70 -22.35 -21.78 9.29
CA GLU D 70 -21.61 -20.59 9.68
C GLU D 70 -20.22 -20.78 9.09
N LEU D 71 -19.85 -19.98 8.10
CA LEU D 71 -18.49 -19.97 7.59
C LEU D 71 -17.66 -19.30 8.67
N LYS D 72 -16.95 -20.11 9.44
CA LYS D 72 -16.47 -19.77 10.78
C LYS D 72 -15.18 -18.94 10.67
N PHE D 73 -14.72 -18.41 11.81
CA PHE D 73 -13.59 -17.50 11.90
C PHE D 73 -12.31 -18.36 11.85
N ASN D 74 -12.06 -18.84 10.62
CA ASN D 74 -11.10 -19.80 10.10
C ASN D 74 -11.81 -21.15 9.94
N GLU D 75 -12.98 -21.18 9.30
CA GLU D 75 -13.19 -21.82 8.01
C GLU D 75 -12.93 -20.78 6.92
N TYR D 76 -13.71 -19.70 6.94
CA TYR D 76 -13.80 -18.65 5.92
C TYR D 76 -12.44 -18.30 5.35
N TRP D 77 -11.52 -18.00 6.25
CA TRP D 77 -10.21 -17.47 5.96
C TRP D 77 -9.55 -18.19 4.78
N ARG D 78 -9.72 -19.52 4.70
CA ARG D 78 -9.25 -20.34 3.59
C ARG D 78 -9.44 -19.64 2.24
N LEU D 79 -10.61 -19.02 2.01
CA LEU D 79 -10.94 -18.34 0.78
C LEU D 79 -9.82 -17.38 0.36
N ILE D 80 -9.37 -16.52 1.28
CA ILE D 80 -8.32 -15.55 1.02
C ILE D 80 -7.07 -16.29 0.56
N GLY D 81 -6.89 -17.52 1.03
CA GLY D 81 -5.83 -18.45 0.71
C GLY D 81 -5.90 -18.93 -0.72
N GLU D 82 -7.12 -19.26 -1.11
CA GLU D 82 -7.38 -19.77 -2.41
C GLU D 82 -7.15 -18.64 -3.39
N LEU D 83 -7.69 -17.44 -3.16
CA LEU D 83 -7.29 -16.30 -3.99
C LEU D 83 -5.76 -16.07 -3.96
N ALA D 84 -5.15 -16.12 -2.77
CA ALA D 84 -3.71 -15.90 -2.63
C ALA D 84 -2.92 -16.85 -3.54
N LYS D 85 -3.20 -18.16 -3.51
CA LYS D 85 -2.53 -19.06 -4.43
C LYS D 85 -3.01 -18.84 -5.86
N GLU D 86 -4.31 -18.61 -6.12
CA GLU D 86 -4.92 -18.49 -7.45
C GLU D 86 -4.07 -17.61 -8.38
N ILE D 87 -3.61 -16.46 -7.88
CA ILE D 87 -2.79 -15.55 -8.68
C ILE D 87 -1.59 -16.30 -9.31
N ARG D 88 -0.98 -17.21 -8.56
CA ARG D 88 0.05 -18.14 -9.00
C ARG D 88 -0.57 -19.38 -9.69
N LYS D 89 -1.69 -19.88 -9.19
CA LYS D 89 -2.20 -21.22 -9.43
C LYS D 89 -3.54 -21.19 -10.16
N LYS D 90 -3.49 -20.97 -11.47
CA LYS D 90 -4.61 -20.88 -12.41
C LYS D 90 -5.74 -21.87 -12.10
N LYS D 91 -5.45 -23.18 -12.00
CA LYS D 91 -6.49 -24.18 -11.68
C LYS D 91 -5.93 -25.45 -11.00
N ASP D 92 -4.62 -25.52 -10.82
CA ASP D 92 -3.90 -26.79 -10.90
C ASP D 92 -3.76 -27.43 -9.52
N LEU D 93 -4.88 -27.52 -8.78
CA LEU D 93 -4.90 -28.06 -7.43
C LEU D 93 -5.23 -29.56 -7.42
N DLY D 94 -6.35 -29.93 -8.04
CA DLY D 94 -6.97 -31.24 -7.89
C DLY D 94 -7.09 -31.63 -6.40
O DLY D 94 -8.00 -31.15 -5.72
CB DLY D 94 -8.37 -31.20 -8.52
CG DLY D 94 -9.13 -29.91 -8.15
CD DLY D 94 -10.64 -30.07 -7.98
CE DLY D 94 -11.11 -30.52 -6.58
NZ DLY D 94 -10.56 -31.81 -6.14
H DLY D 94 -6.77 -29.29 -8.65
HA DLY D 94 -7.36 -30.41 -7.20
HB2 DLY D 94 -8.27 -31.24 -9.59
HB3 DLY D 94 -8.94 -32.04 -8.18
HG2 DLY D 94 -8.75 -29.52 -7.23
HG3 DLY D 94 -8.95 -29.18 -8.92
HD2 DLY D 94 -11.10 -29.12 -8.20
HD3 DLY D 94 -10.99 -30.79 -8.70
HE2 DLY D 94 -10.81 -29.77 -5.86
HE3 DLY D 94 -12.19 -30.57 -6.59
HZ1 DLY D 94 -10.90 -32.04 -5.19
HZ2 DLY D 94 -9.52 -31.78 -6.11
HZ3 DLY D 94 -10.86 -32.57 -6.79
N ILE D 95 -6.24 -32.55 -5.93
CA ILE D 95 -6.35 -33.28 -4.67
C ILE D 95 -7.68 -34.02 -4.46
N ARG D 96 -7.60 -35.11 -3.69
CA ARG D 96 -8.71 -35.97 -3.26
C ARG D 96 -8.12 -36.85 -2.17
N LYS D 97 -8.76 -36.91 -0.98
CA LYS D 97 -8.12 -37.41 0.23
C LYS D 97 -9.21 -37.42 1.31
N LYS D 98 -9.43 -38.57 1.96
CA LYS D 98 -10.21 -38.69 3.17
C LYS D 98 -9.20 -38.85 4.31
N TYR E 1 -26.10 32.62 8.28
CA TYR E 1 -26.87 32.71 7.01
C TYR E 1 -27.29 31.32 6.56
N LYS E 2 -28.17 30.68 7.34
CA LYS E 2 -28.65 29.33 7.02
C LYS E 2 -29.15 29.27 5.58
N LYS E 3 -28.38 28.60 4.73
CA LYS E 3 -28.70 28.45 3.32
C LYS E 3 -27.99 27.23 2.73
N PRO E 4 -28.08 27.01 1.40
CA PRO E 4 -27.46 25.89 0.71
C PRO E 4 -26.33 25.22 1.49
N LYS E 5 -26.62 24.04 2.03
CA LYS E 5 -25.64 23.27 2.79
C LYS E 5 -25.00 22.24 1.88
N LEU E 6 -23.74 22.49 1.50
CA LEU E 6 -23.02 21.56 0.63
C LEU E 6 -22.39 20.45 1.46
N LEU E 7 -22.52 19.22 0.99
CA LEU E 7 -21.98 18.06 1.70
C LEU E 7 -21.45 17.02 0.70
N TYR E 8 -20.28 16.47 1.00
CA TYR E 8 -19.66 15.45 0.16
C TYR E 8 -18.65 14.65 0.97
N CYS E 9 -18.10 13.58 0.38
CA CYS E 9 -17.13 12.76 1.09
C CYS E 9 -16.10 12.16 0.13
N SER E 10 -15.02 11.63 0.68
CA SER E 10 -13.94 11.03 -0.08
C SER E 10 -13.09 12.12 -0.73
N ASN E 11 -11.81 12.14 -0.39
CA ASN E 11 -10.89 13.14 -0.93
C ASN E 11 -11.02 13.20 -2.45
N GLY E 12 -11.25 14.40 -2.97
CA GLY E 12 -11.38 14.58 -4.40
C GLY E 12 -12.57 15.46 -4.74
N GLY E 13 -12.38 16.35 -5.69
CA GLY E 13 -13.44 17.24 -6.11
C GLY E 13 -14.69 16.49 -6.54
N HIS E 14 -15.70 16.50 -5.68
CA HIS E 14 -16.97 15.83 -5.94
C HIS E 14 -18.03 16.32 -4.97
N PHE E 15 -19.12 16.89 -5.47
CA PHE E 15 -20.19 17.40 -4.62
C PHE E 15 -21.50 16.65 -4.88
N LEU E 16 -22.33 16.54 -3.87
CA LEU E 16 -23.61 15.86 -3.99
C LEU E 16 -24.60 16.70 -4.78
N ARG E 17 -24.77 16.39 -6.06
CA ARG E 17 -25.69 17.14 -6.90
C ARG E 17 -27.04 16.44 -6.96
N ILE E 18 -28.02 17.04 -6.29
CA ILE E 18 -29.36 16.47 -6.23
C ILE E 18 -30.22 16.96 -7.39
N LEU E 19 -31.06 16.06 -7.90
CA LEU E 19 -31.97 16.38 -8.99
C LEU E 19 -33.37 15.92 -8.65
N PRO E 20 -34.40 16.73 -8.99
CA PRO E 20 -35.81 16.40 -8.72
C PRO E 20 -36.15 14.95 -9.06
N ASP E 21 -35.46 14.41 -10.07
CA ASP E 21 -35.66 13.04 -10.51
C ASP E 21 -35.39 12.06 -9.37
N GLY E 22 -34.31 12.31 -8.63
CA GLY E 22 -33.94 11.44 -7.54
C GLY E 22 -32.52 10.92 -7.66
N THR E 23 -32.07 10.72 -8.90
CA THR E 23 -30.72 10.22 -9.15
C THR E 23 -29.67 11.28 -8.83
N VAL E 24 -29.29 11.36 -7.56
CA VAL E 24 -28.27 12.31 -7.11
C VAL E 24 -26.88 11.70 -7.28
N ASP E 25 -25.96 12.47 -7.87
CA ASP E 25 -24.60 12.00 -8.09
C ASP E 25 -23.57 12.98 -7.51
N GLY E 26 -22.34 12.52 -7.39
CA GLY E 26 -21.28 13.35 -6.85
C GLY E 26 -20.64 14.23 -7.90
N THR E 27 -21.42 15.17 -8.43
CA THR E 27 -20.94 16.10 -9.44
C THR E 27 -19.91 17.06 -8.86
N ARG E 28 -18.76 17.16 -9.52
CA ARG E 28 -17.71 18.06 -9.05
C ARG E 28 -17.82 19.41 -9.74
N ASP E 29 -18.90 20.13 -9.42
CA ASP E 29 -19.15 21.45 -9.99
C ASP E 29 -19.89 22.33 -9.01
N ARG E 30 -19.70 23.64 -9.13
CA ARG E 30 -20.36 24.61 -8.27
C ARG E 30 -20.92 25.78 -9.09
N SER E 31 -21.14 25.52 -10.38
CA SER E 31 -21.65 26.53 -11.29
C SER E 31 -23.18 26.46 -11.33
N ASP E 32 -23.72 25.25 -11.38
CA ASP E 32 -25.16 25.05 -11.41
C ASP E 32 -25.69 24.79 -10.00
N GLN E 33 -26.69 25.56 -9.59
CA GLN E 33 -27.28 25.42 -8.27
C GLN E 33 -28.04 24.11 -8.13
N HIS E 34 -27.32 23.01 -7.98
CA HIS E 34 -27.93 21.70 -7.80
C HIS E 34 -27.13 20.82 -6.84
N ILE E 35 -26.23 21.43 -6.07
CA ILE E 35 -25.40 20.70 -5.12
C ILE E 35 -25.53 21.30 -3.72
N GLN E 36 -26.77 21.61 -3.34
CA GLN E 36 -27.05 22.21 -2.04
C GLN E 36 -28.31 21.63 -1.42
N LEU E 37 -28.21 21.26 -0.16
CA LEU E 37 -29.35 20.71 0.57
C LEU E 37 -29.55 21.47 1.88
N GLN E 38 -30.78 21.48 2.38
CA GLN E 38 -31.07 22.19 3.62
C GLN E 38 -30.87 21.27 4.82
N LEU E 39 -29.60 21.00 5.13
CA LEU E 39 -29.24 20.16 6.26
C LEU E 39 -29.44 20.92 7.57
N SER E 40 -30.17 20.32 8.49
CA SER E 40 -30.43 20.94 9.79
C SER E 40 -30.86 19.89 10.81
N ALA E 41 -30.65 20.21 12.09
CA ALA E 41 -31.02 19.31 13.17
C ALA E 41 -32.49 19.52 13.52
N GLU E 42 -33.33 18.60 13.07
CA GLU E 42 -34.77 18.69 13.32
C GLU E 42 -35.07 18.41 14.79
N SER E 43 -34.60 17.25 15.26
CA SER E 43 -34.81 16.84 16.64
C SER E 43 -33.46 16.73 17.35
N VAL E 44 -33.48 16.47 18.66
CA VAL E 44 -32.26 16.33 19.44
C VAL E 44 -31.32 15.30 18.80
N GLY E 45 -30.40 15.78 17.98
CA GLY E 45 -29.45 14.90 17.32
C GLY E 45 -29.94 14.39 15.97
N GLU E 46 -31.23 14.52 15.70
CA GLU E 46 -31.81 14.05 14.45
C GLU E 46 -31.72 15.12 13.37
N VAL E 47 -30.85 14.92 12.40
CA VAL E 47 -30.67 15.87 11.30
C VAL E 47 -31.34 15.34 10.04
N TYR E 48 -31.93 16.24 9.27
CA TYR E 48 -32.61 15.87 8.04
C TYR E 48 -31.91 16.47 6.83
N ILE E 49 -31.97 15.76 5.71
CA ILE E 49 -31.36 16.20 4.47
C ILE E 49 -32.45 16.47 3.45
N LYS E 50 -32.75 17.74 3.23
CA LYS E 50 -33.79 18.15 2.30
C LYS E 50 -33.29 19.24 1.36
N SER E 51 -33.16 18.91 0.08
CA SER E 51 -32.71 19.86 -0.92
C SER E 51 -33.88 20.73 -1.37
N THR E 52 -34.46 21.44 -0.42
CA THR E 52 -35.62 22.29 -0.68
C THR E 52 -35.37 23.29 -1.81
N GLU E 53 -34.52 24.28 -1.56
CA GLU E 53 -34.23 25.31 -2.54
C GLU E 53 -33.18 24.86 -3.56
N THR E 54 -33.45 23.75 -4.25
CA THR E 54 -32.52 23.24 -5.26
C THR E 54 -32.95 21.89 -5.84
N GLY E 55 -33.44 20.99 -5.00
CA GLY E 55 -33.83 19.68 -5.49
C GLY E 55 -35.08 19.12 -4.85
N GLN E 56 -34.90 18.08 -4.06
CA GLN E 56 -36.00 17.38 -3.41
C GLN E 56 -35.62 16.89 -2.01
N TYR E 57 -36.56 16.20 -1.38
CA TYR E 57 -36.33 15.64 -0.04
C TYR E 57 -35.79 14.21 -0.18
N LEU E 58 -34.91 13.82 0.73
CA LEU E 58 -34.33 12.48 0.68
C LEU E 58 -35.25 11.44 1.30
N ALA E 59 -35.09 10.20 0.86
CA ALA E 59 -35.88 9.08 1.34
C ALA E 59 -35.14 7.78 1.03
N MET E 60 -34.22 7.42 1.92
CA MET E 60 -33.41 6.21 1.76
C MET E 60 -34.26 4.98 1.50
N ASP E 61 -33.76 4.09 0.65
CA ASP E 61 -34.45 2.86 0.31
C ASP E 61 -33.94 1.77 1.23
N THR E 62 -34.50 1.71 2.43
CA THR E 62 -34.11 0.71 3.41
C THR E 62 -32.62 0.88 3.75
N ASP E 63 -32.15 2.14 3.74
CA ASP E 63 -30.75 2.46 4.01
C ASP E 63 -29.86 1.96 2.87
N GLY E 64 -30.00 0.67 2.53
CA GLY E 64 -29.23 0.06 1.46
C GLY E 64 -28.93 1.03 0.33
N LEU E 65 -29.97 1.60 -0.25
CA LEU E 65 -29.83 2.55 -1.34
C LEU E 65 -30.34 3.92 -0.91
N LEU E 66 -29.56 4.95 -1.17
CA LEU E 66 -29.95 6.30 -0.79
C LEU E 66 -30.57 7.04 -1.97
N TYR E 67 -31.75 7.61 -1.76
CA TYR E 67 -32.45 8.34 -2.80
C TYR E 67 -33.38 9.39 -2.17
N GLY E 68 -34.03 10.17 -3.02
CA GLY E 68 -34.95 11.19 -2.53
C GLY E 68 -35.64 11.91 -3.67
N SER E 69 -36.90 12.27 -3.46
CA SER E 69 -37.67 12.98 -4.49
C SER E 69 -39.13 13.10 -4.09
N GLN E 70 -39.80 11.95 -3.95
CA GLN E 70 -41.22 11.92 -3.63
C GLN E 70 -41.53 12.53 -2.26
N THR E 71 -41.16 11.85 -1.18
CA THR E 71 -41.44 12.34 0.16
C THR E 71 -40.30 12.06 1.15
N PRO E 72 -40.09 12.96 2.12
CA PRO E 72 -39.05 12.80 3.14
C PRO E 72 -39.46 11.79 4.20
N ASN E 73 -39.48 10.52 3.82
CA ASN E 73 -39.87 9.45 4.73
C ASN E 73 -38.90 9.35 5.90
N GLU E 74 -39.35 8.77 7.01
CA GLU E 74 -38.51 8.62 8.21
C GLU E 74 -37.10 8.13 7.85
N GLU E 75 -37.01 7.33 6.79
CA GLU E 75 -35.71 6.85 6.30
C GLU E 75 -34.70 8.00 6.19
N CYS E 76 -35.20 9.22 6.01
CA CYS E 76 -34.36 10.40 5.87
C CYS E 76 -33.92 11.00 7.22
N LEU E 77 -34.30 10.38 8.34
CA LEU E 77 -33.89 10.90 9.65
C LEU E 77 -32.56 10.28 10.07
N PHE E 78 -31.54 11.12 10.27
CA PHE E 78 -30.22 10.64 10.66
C PHE E 78 -29.71 11.35 11.90
N LEU E 79 -28.95 10.61 12.71
CA LEU E 79 -28.37 11.16 13.93
C LEU E 79 -27.07 11.89 13.59
N GLU E 80 -26.97 13.16 14.00
CA GLU E 80 -25.79 13.96 13.73
C GLU E 80 -24.63 13.57 14.62
N ARG E 81 -23.56 13.06 14.02
CA ARG E 81 -22.36 12.65 14.75
C ARG E 81 -21.12 13.28 14.10
N LEU E 82 -20.10 13.53 14.90
CA LEU E 82 -18.88 14.14 14.40
C LEU E 82 -17.67 13.24 14.69
N GLU E 83 -16.75 13.16 13.74
CA GLU E 83 -15.55 12.35 13.90
C GLU E 83 -14.32 13.25 13.97
N GLU E 84 -13.37 12.90 14.83
CA GLU E 84 -12.14 13.67 14.97
C GLU E 84 -11.23 13.47 13.76
N ASN E 85 -11.79 13.70 12.58
CA ASN E 85 -11.06 13.55 11.33
C ASN E 85 -11.50 14.61 10.33
N HIS E 86 -12.07 15.70 10.85
CA HIS E 86 -12.56 16.80 10.01
C HIS E 86 -13.66 16.32 9.07
N TYR E 87 -14.58 15.51 9.61
CA TYR E 87 -15.68 14.97 8.82
C TYR E 87 -16.93 14.80 9.69
N ASN E 88 -18.09 14.84 9.04
CA ASN E 88 -19.37 14.70 9.71
C ASN E 88 -19.92 13.29 9.51
N THR E 89 -20.63 12.78 10.51
CA THR E 89 -21.21 11.45 10.45
C THR E 89 -22.70 11.53 10.72
N TYR E 90 -23.50 10.81 9.95
CA TYR E 90 -24.95 10.80 10.12
C TYR E 90 -25.45 9.37 10.19
N ILE E 91 -26.01 9.00 11.34
CA ILE E 91 -26.51 7.66 11.54
C ILE E 91 -28.00 7.55 11.22
N SER E 92 -28.33 6.76 10.20
CA SER E 92 -29.71 6.56 9.80
C SER E 92 -30.45 5.76 10.88
N LYS E 93 -30.85 6.45 11.94
CA LYS E 93 -31.56 5.82 13.06
C LYS E 93 -32.61 4.84 12.57
N LYS E 94 -33.25 5.17 11.44
CA LYS E 94 -34.26 4.30 10.85
C LYS E 94 -33.72 2.88 10.66
N HIS E 95 -32.41 2.75 10.46
CA HIS E 95 -31.76 1.45 10.28
C HIS E 95 -30.58 1.27 11.24
N ALA E 96 -30.43 2.17 12.20
CA ALA E 96 -29.35 2.09 13.17
C ALA E 96 -29.32 0.69 13.81
N GLU E 97 -30.50 0.09 13.93
CA GLU E 97 -30.62 -1.26 14.49
C GLU E 97 -29.64 -2.23 13.84
N LYS E 98 -29.37 -2.06 12.55
CA LYS E 98 -28.45 -2.96 11.84
C LYS E 98 -27.03 -2.37 11.79
N ASN E 99 -26.81 -1.28 12.51
CA ASN E 99 -25.53 -0.58 12.55
C ASN E 99 -25.21 0.02 11.18
N TRP E 100 -26.24 0.55 10.54
CA TRP E 100 -26.10 1.15 9.22
C TRP E 100 -26.23 2.68 9.29
N PHE E 101 -25.25 3.38 8.70
CA PHE E 101 -25.26 4.83 8.68
C PHE E 101 -24.85 5.36 7.30
N VAL E 102 -25.80 6.11 6.68
CA VAL E 102 -25.68 6.71 5.34
C VAL E 102 -24.25 6.77 4.80
N GLY E 103 -24.05 6.14 3.64
CA GLY E 103 -22.76 6.13 2.98
C GLY E 103 -22.92 6.27 1.48
N LEU E 104 -22.15 7.17 0.86
CA LEU E 104 -22.24 7.38 -0.59
C LEU E 104 -20.93 7.10 -1.29
N LYS E 105 -21.01 6.88 -2.60
CA LYS E 105 -19.84 6.61 -3.42
C LYS E 105 -19.47 7.85 -4.23
N LYS E 106 -18.41 8.53 -3.80
CA LYS E 106 -17.94 9.76 -4.46
C LYS E 106 -17.98 9.64 -5.98
N ASN E 107 -17.55 8.50 -6.50
CA ASN E 107 -17.53 8.27 -7.95
C ASN E 107 -18.58 7.22 -8.34
N GLY E 108 -19.73 7.25 -7.67
CA GLY E 108 -20.78 6.30 -7.98
C GLY E 108 -22.16 6.85 -7.70
N SER E 109 -22.37 7.35 -6.48
CA SER E 109 -23.63 7.91 -6.01
C SER E 109 -23.88 7.44 -4.58
N CYS E 110 -24.95 7.93 -3.96
CA CYS E 110 -25.28 7.56 -2.59
C CYS E 110 -26.09 6.26 -2.56
N LYS E 111 -25.42 5.15 -2.25
CA LYS E 111 -26.08 3.86 -2.16
C LYS E 111 -25.09 2.77 -1.76
N ARG E 112 -24.78 2.71 -0.47
CA ARG E 112 -23.83 1.73 0.06
C ARG E 112 -24.27 1.25 1.44
N GLY E 113 -25.58 1.25 1.66
CA GLY E 113 -26.16 0.82 2.92
C GLY E 113 -25.76 -0.58 3.39
N PRO E 114 -25.68 -1.60 2.50
CA PRO E 114 -25.28 -2.96 2.92
C PRO E 114 -23.79 -3.06 3.27
N ARG E 115 -23.09 -1.93 3.24
CA ARG E 115 -21.67 -1.89 3.55
C ARG E 115 -21.34 -0.72 4.49
N THR E 116 -22.38 -0.11 5.08
CA THR E 116 -22.17 1.03 5.97
C THR E 116 -21.73 0.59 7.37
N HIS E 117 -20.43 0.76 7.64
CA HIS E 117 -19.84 0.40 8.93
C HIS E 117 -18.40 0.92 9.00
N TYR E 118 -17.54 0.26 9.78
CA TYR E 118 -16.15 0.69 9.90
C TYR E 118 -15.28 0.06 8.81
N GLY E 119 -15.68 0.31 7.57
CA GLY E 119 -14.94 -0.20 6.41
C GLY E 119 -14.89 0.83 5.32
N GLN E 120 -16.07 1.32 4.95
CA GLN E 120 -16.20 2.37 3.94
C GLN E 120 -16.04 3.72 4.62
N LYS E 121 -14.97 4.43 4.28
CA LYS E 121 -14.66 5.72 4.90
C LYS E 121 -15.59 6.81 4.35
N ALA E 122 -16.21 6.55 3.19
CA ALA E 122 -17.12 7.49 2.56
C ALA E 122 -18.21 7.99 3.53
N ILE E 123 -18.40 7.28 4.63
CA ILE E 123 -19.38 7.66 5.64
C ILE E 123 -18.98 9.00 6.30
N LEU E 124 -17.69 9.30 6.29
CA LEU E 124 -17.20 10.55 6.89
C LEU E 124 -17.31 11.67 5.89
N PHE E 125 -18.46 12.34 5.90
CA PHE E 125 -18.74 13.43 4.97
C PHE E 125 -18.08 14.73 5.41
N LEU E 126 -17.69 15.53 4.43
CA LEU E 126 -17.08 16.83 4.66
C LEU E 126 -18.05 17.92 4.27
N PRO E 127 -18.64 18.61 5.25
CA PRO E 127 -19.61 19.68 5.01
C PRO E 127 -18.99 21.05 4.78
N LEU E 128 -19.58 21.81 3.87
CA LEU E 128 -19.12 23.17 3.56
C LEU E 128 -20.31 24.12 3.55
N PRO E 129 -21.17 24.07 4.59
CA PRO E 129 -22.36 24.93 4.69
C PRO E 129 -22.06 26.33 5.20
N VAL E 130 -22.90 27.28 4.81
CA VAL E 130 -22.75 28.66 5.24
C VAL E 130 -23.31 28.84 6.64
N SER E 131 -22.48 28.60 7.64
CA SER E 131 -22.88 28.73 9.04
C SER E 131 -23.14 30.19 9.41
N SER E 132 -23.55 30.40 10.65
CA SER E 132 -23.81 31.74 11.16
C SER E 132 -22.75 32.13 12.19
N ASP E 133 -21.53 32.25 11.72
CA ASP E 133 -20.39 32.61 12.57
C ASP E 133 -20.16 34.12 12.54
N GLU F 1 -14.80 -1.91 -4.99
CA GLU F 1 -15.35 -2.17 -6.35
C GLU F 1 -14.27 -1.98 -7.41
N LYS F 2 -14.04 -3.02 -8.21
CA LYS F 2 -13.03 -2.99 -9.26
C LYS F 2 -13.51 -3.70 -10.53
N LEU F 3 -13.14 -3.13 -11.67
CA LEU F 3 -13.51 -3.69 -12.96
C LEU F 3 -12.31 -3.65 -13.92
N GLY F 4 -11.22 -3.02 -13.48
CA GLY F 4 -10.04 -2.91 -14.30
C GLY F 4 -9.81 -1.49 -14.77
N LYS F 5 -9.37 -1.33 -16.03
CA LYS F 5 -9.11 0.00 -16.60
C LYS F 5 -9.49 0.05 -18.09
N LEU F 6 -9.89 1.22 -18.56
CA LEU F 6 -10.28 1.41 -19.95
C LEU F 6 -9.60 2.66 -20.51
N GLN F 7 -8.87 2.48 -21.60
CA GLN F 7 -8.16 3.59 -22.22
C GLN F 7 -9.07 4.22 -23.28
N TYR F 8 -9.13 5.55 -23.33
CA TYR F 8 -9.98 6.21 -24.32
C TYR F 8 -9.47 7.61 -24.69
N SER F 9 -9.89 8.04 -25.88
CA SER F 9 -9.55 9.35 -26.42
C SER F 9 -10.81 9.98 -26.99
N LEU F 10 -11.38 10.92 -26.26
CA LEU F 10 -12.63 11.56 -26.69
C LEU F 10 -12.38 12.94 -27.30
N ASP F 11 -12.91 13.15 -28.50
CA ASP F 11 -12.78 14.43 -29.19
C ASP F 11 -14.17 15.01 -29.47
N TYR F 12 -14.25 16.29 -29.82
CA TYR F 12 -15.53 16.94 -30.05
C TYR F 12 -15.70 17.43 -31.49
N ASP F 13 -16.93 17.37 -31.98
CA ASP F 13 -17.28 17.83 -33.32
C ASP F 13 -18.23 19.02 -33.22
N PHE F 14 -17.85 20.14 -33.81
CA PHE F 14 -18.66 21.35 -33.76
C PHE F 14 -19.42 21.60 -35.07
N GLN F 15 -19.43 20.61 -35.95
CA GLN F 15 -20.13 20.72 -37.23
C GLN F 15 -21.49 20.02 -37.15
N ASN F 16 -21.47 18.80 -36.61
CA ASN F 16 -22.69 18.01 -36.45
C ASN F 16 -23.19 18.09 -35.00
N ASN F 17 -22.30 18.54 -34.09
CA ASN F 17 -22.63 18.69 -32.67
C ASN F 17 -22.69 17.33 -31.98
N GLN F 18 -21.56 16.66 -31.93
CA GLN F 18 -21.45 15.36 -31.28
C GLN F 18 -20.04 15.14 -30.74
N LEU F 19 -19.95 14.49 -29.60
CA LEU F 19 -18.65 14.19 -29.02
C LEU F 19 -18.23 12.78 -29.44
N LEU F 20 -16.99 12.65 -29.88
CA LEU F 20 -16.48 11.37 -30.35
C LEU F 20 -15.81 10.61 -29.21
N VAL F 21 -16.54 9.64 -28.65
CA VAL F 21 -16.02 8.83 -27.57
C VAL F 21 -15.21 7.68 -28.16
N GLY F 22 -13.94 7.96 -28.46
CA GLY F 22 -13.07 6.94 -29.03
C GLY F 22 -12.26 6.22 -27.99
N ILE F 23 -12.80 5.12 -27.48
CA ILE F 23 -12.10 4.33 -26.48
C ILE F 23 -11.13 3.38 -27.16
N ILE F 24 -10.03 3.05 -26.48
CA ILE F 24 -9.02 2.17 -27.03
C ILE F 24 -9.33 0.71 -26.71
N GLN F 25 -9.46 0.42 -25.41
CA GLN F 25 -9.76 -0.95 -24.97
C GLN F 25 -9.95 -0.99 -23.45
N ALA F 26 -10.36 -2.15 -22.96
CA ALA F 26 -10.56 -2.36 -21.53
C ALA F 26 -9.63 -3.45 -21.04
N ALA F 27 -9.07 -3.27 -19.85
CA ALA F 27 -8.16 -4.24 -19.29
C ALA F 27 -8.60 -4.71 -17.90
N GLU F 28 -8.36 -5.99 -17.62
CA GLU F 28 -8.67 -6.62 -16.33
C GLU F 28 -10.16 -6.69 -16.02
N LEU F 29 -10.95 -7.16 -16.99
CA LEU F 29 -12.40 -7.28 -16.80
C LEU F 29 -12.74 -8.57 -16.05
N PRO F 30 -13.65 -8.50 -15.07
CA PRO F 30 -14.07 -9.68 -14.28
C PRO F 30 -14.79 -10.73 -15.11
N ALA F 31 -14.88 -11.94 -14.56
CA ALA F 31 -15.52 -13.06 -15.25
C ALA F 31 -16.99 -13.17 -14.87
N LEU F 32 -17.74 -13.91 -15.70
CA LEU F 32 -19.17 -14.11 -15.48
C LEU F 32 -19.55 -15.55 -15.83
N ASP F 33 -19.05 -16.02 -16.96
CA ASP F 33 -19.33 -17.38 -17.43
C ASP F 33 -18.44 -18.39 -16.72
N MET F 34 -18.98 -19.60 -16.51
CA MET F 34 -18.25 -20.68 -15.86
C MET F 34 -16.97 -21.01 -16.62
N GLY F 35 -15.82 -20.69 -16.02
CA GLY F 35 -14.55 -20.94 -16.65
C GLY F 35 -13.51 -19.90 -16.29
N GLY F 36 -13.72 -18.67 -16.74
CA GLY F 36 -12.79 -17.60 -16.44
C GLY F 36 -12.87 -16.43 -17.40
N THR F 37 -13.91 -16.40 -18.23
CA THR F 37 -14.08 -15.31 -19.19
C THR F 37 -15.55 -14.90 -19.36
N SER F 38 -15.77 -13.72 -19.93
CA SER F 38 -17.12 -13.21 -20.15
C SER F 38 -17.25 -12.64 -21.55
N ASP F 39 -18.47 -12.22 -21.90
CA ASP F 39 -18.75 -11.61 -23.20
C ASP F 39 -19.12 -10.14 -22.97
N PRO F 40 -18.16 -9.35 -22.47
CA PRO F 40 -18.41 -7.93 -22.14
C PRO F 40 -18.52 -7.01 -23.35
N TYR F 41 -19.63 -6.28 -23.40
CA TYR F 41 -19.88 -5.30 -24.44
C TYR F 41 -20.31 -4.01 -23.76
N VAL F 42 -19.71 -2.89 -24.15
CA VAL F 42 -20.03 -1.60 -23.55
C VAL F 42 -21.33 -1.04 -24.11
N LYS F 43 -22.28 -0.78 -23.23
CA LYS F 43 -23.56 -0.20 -23.62
C LYS F 43 -23.58 1.26 -23.19
N VAL F 44 -23.35 2.15 -24.16
CA VAL F 44 -23.33 3.57 -23.89
C VAL F 44 -24.71 4.10 -23.53
N PHE F 45 -24.83 4.62 -22.31
CA PHE F 45 -26.09 5.16 -21.83
C PHE F 45 -25.92 6.61 -21.38
N LEU F 46 -27.02 7.28 -21.13
CA LEU F 46 -27.00 8.68 -20.71
C LEU F 46 -28.00 8.93 -19.58
N LEU F 47 -27.76 9.99 -18.82
CA LEU F 47 -28.64 10.39 -17.73
C LEU F 47 -30.03 10.71 -18.29
N PRO F 48 -30.97 11.23 -17.47
CA PRO F 48 -32.32 11.62 -17.89
C PRO F 48 -32.43 11.93 -19.37
N ASP F 49 -31.46 12.70 -19.89
CA ASP F 49 -31.42 13.06 -21.30
C ASP F 49 -31.86 11.87 -22.16
N LYS F 50 -31.22 10.72 -21.90
CA LYS F 50 -31.52 9.46 -22.60
C LYS F 50 -31.66 9.62 -24.12
N LYS F 51 -30.98 10.60 -24.71
CA LYS F 51 -31.07 10.79 -26.16
C LYS F 51 -29.89 10.12 -26.86
N LYS F 52 -29.75 8.82 -26.64
CA LYS F 52 -28.67 8.04 -27.24
C LYS F 52 -28.61 6.65 -26.62
N LYS F 53 -28.44 5.64 -27.45
CA LYS F 53 -28.36 4.26 -27.00
C LYS F 53 -27.67 3.40 -28.05
N PHE F 54 -26.45 2.97 -27.77
CA PHE F 54 -25.69 2.16 -28.72
C PHE F 54 -25.18 0.89 -28.05
N GLU F 55 -25.24 -0.21 -28.79
CA GLU F 55 -24.79 -1.50 -28.30
C GLU F 55 -23.54 -1.94 -29.08
N THR F 56 -22.46 -2.17 -28.37
CA THR F 56 -21.21 -2.58 -29.02
C THR F 56 -21.28 -4.04 -29.46
N LYS F 57 -20.28 -4.48 -30.21
CA LYS F 57 -20.25 -5.85 -30.70
C LYS F 57 -19.85 -6.79 -29.58
N VAL F 58 -20.68 -7.79 -29.31
CA VAL F 58 -20.39 -8.75 -28.27
C VAL F 58 -18.97 -9.31 -28.46
N HIS F 59 -18.23 -9.37 -27.36
CA HIS F 59 -16.87 -9.89 -27.38
C HIS F 59 -16.83 -11.21 -26.63
N ARG F 60 -17.07 -12.28 -27.37
CA ARG F 60 -17.12 -13.64 -26.82
C ARG F 60 -15.87 -14.01 -26.01
N LYS F 61 -16.11 -14.42 -24.76
CA LYS F 61 -15.07 -14.87 -23.85
C LYS F 61 -13.78 -14.07 -23.97
N THR F 62 -13.79 -12.86 -23.41
CA THR F 62 -12.61 -12.00 -23.46
C THR F 62 -12.67 -10.94 -22.35
N LEU F 63 -11.59 -10.85 -21.58
CA LEU F 63 -11.50 -9.90 -20.47
C LEU F 63 -10.56 -8.74 -20.80
N ASN F 64 -10.05 -8.74 -22.03
CA ASN F 64 -9.14 -7.70 -22.49
C ASN F 64 -9.26 -7.55 -24.01
N PRO F 65 -10.49 -7.31 -24.49
CA PRO F 65 -10.77 -7.17 -25.92
C PRO F 65 -10.53 -5.76 -26.46
N VAL F 66 -10.16 -5.69 -27.73
CA VAL F 66 -9.92 -4.44 -28.42
C VAL F 66 -10.88 -4.30 -29.58
N PHE F 67 -11.30 -3.08 -29.89
CA PHE F 67 -12.24 -2.86 -30.98
C PHE F 67 -12.29 -1.39 -31.37
N ASN F 68 -12.44 -0.53 -30.36
CA ASN F 68 -12.52 0.91 -30.59
C ASN F 68 -13.81 1.27 -31.32
N GLU F 69 -14.92 1.18 -30.61
CA GLU F 69 -16.21 1.53 -31.18
C GLU F 69 -16.41 3.04 -31.19
N GLN F 70 -17.18 3.52 -32.15
CA GLN F 70 -17.43 4.95 -32.29
C GLN F 70 -18.79 5.33 -31.69
N PHE F 71 -18.77 5.97 -30.53
CA PHE F 71 -20.01 6.40 -29.88
C PHE F 71 -20.25 7.87 -30.15
N THR F 72 -21.40 8.18 -30.75
CA THR F 72 -21.77 9.54 -31.07
C THR F 72 -22.63 10.14 -29.96
N PHE F 73 -22.03 11.03 -29.19
CA PHE F 73 -22.73 11.70 -28.10
C PHE F 73 -23.71 12.73 -28.66
N LYS F 74 -24.88 12.26 -29.07
CA LYS F 74 -25.92 13.12 -29.63
C LYS F 74 -26.40 14.16 -28.63
N VAL F 75 -25.77 15.33 -28.67
CA VAL F 75 -26.12 16.45 -27.80
C VAL F 75 -25.21 17.64 -28.10
N PRO F 76 -25.79 18.83 -28.31
CA PRO F 76 -25.02 20.03 -28.61
C PRO F 76 -23.97 20.33 -27.55
N TYR F 77 -22.77 20.67 -27.99
CA TYR F 77 -21.67 20.98 -27.06
C TYR F 77 -22.16 21.92 -25.95
N SER F 78 -22.96 22.90 -26.34
CA SER F 78 -23.51 23.88 -25.41
C SER F 78 -24.42 23.23 -24.37
N GLU F 79 -24.97 22.07 -24.71
CA GLU F 79 -25.87 21.34 -23.83
C GLU F 79 -25.09 20.34 -22.96
N LEU F 80 -23.98 19.83 -23.49
CA LEU F 80 -23.13 18.86 -22.79
C LEU F 80 -22.95 19.21 -21.31
N GLY F 81 -22.86 20.51 -21.01
CA GLY F 81 -22.67 20.96 -19.65
C GLY F 81 -23.64 20.30 -18.66
N GLY F 82 -24.85 20.02 -19.12
CA GLY F 82 -25.84 19.41 -18.25
C GLY F 82 -26.11 17.95 -18.57
N LYS F 83 -25.11 17.26 -19.12
CA LYS F 83 -25.28 15.85 -19.49
C LYS F 83 -24.09 15.01 -19.04
N THR F 84 -24.33 14.11 -18.08
CA THR F 84 -23.31 13.21 -17.59
C THR F 84 -23.39 11.88 -18.34
N LEU F 85 -22.39 11.59 -19.16
CA LEU F 85 -22.37 10.36 -19.92
C LEU F 85 -21.96 9.19 -19.02
N VAL F 86 -22.54 8.02 -19.28
CA VAL F 86 -22.23 6.84 -18.49
C VAL F 86 -21.94 5.64 -19.39
N MET F 87 -20.77 5.05 -19.23
CA MET F 87 -20.37 3.90 -20.02
C MET F 87 -20.40 2.64 -19.16
N ALA F 88 -21.38 1.79 -19.42
CA ALA F 88 -21.51 0.54 -18.67
C ALA F 88 -21.16 -0.65 -19.55
N VAL F 89 -20.31 -1.53 -19.04
CA VAL F 89 -19.92 -2.72 -19.78
C VAL F 89 -20.83 -3.89 -19.40
N TYR F 90 -21.60 -4.33 -20.37
CA TYR F 90 -22.54 -5.42 -20.16
C TYR F 90 -22.00 -6.74 -20.69
N ASP F 91 -22.28 -7.82 -19.98
CA ASP F 91 -21.82 -9.14 -20.39
C ASP F 91 -22.84 -9.79 -21.31
N PHE F 92 -22.42 -10.81 -22.05
CA PHE F 92 -23.29 -11.51 -22.96
C PHE F 92 -23.03 -13.02 -22.90
N ASP F 93 -22.88 -13.56 -21.69
CA ASP F 93 -22.64 -14.99 -21.48
C ASP F 93 -23.54 -15.84 -22.39
N ARG F 94 -24.78 -15.39 -22.57
CA ARG F 94 -25.78 -16.04 -23.43
C ARG F 94 -26.48 -17.21 -22.74
N PHE F 95 -26.44 -17.24 -21.41
CA PHE F 95 -27.08 -18.32 -20.67
C PHE F 95 -27.84 -17.78 -19.46
N SER F 96 -27.12 -17.12 -18.56
CA SER F 96 -27.69 -16.56 -17.35
C SER F 96 -28.13 -15.11 -17.58
N LYS F 97 -28.57 -14.45 -16.51
CA LYS F 97 -29.00 -13.06 -16.60
C LYS F 97 -27.76 -12.17 -16.78
N HIS F 98 -27.52 -11.73 -18.01
CA HIS F 98 -26.37 -10.88 -18.31
C HIS F 98 -26.22 -9.82 -17.23
N ASP F 99 -25.07 -9.81 -16.56
CA ASP F 99 -24.82 -8.87 -15.48
C ASP F 99 -23.91 -7.71 -15.94
N ILE F 100 -23.98 -6.59 -15.21
CA ILE F 100 -23.18 -5.42 -15.54
C ILE F 100 -21.84 -5.54 -14.78
N ILE F 101 -20.84 -6.12 -15.44
CA ILE F 101 -19.53 -6.31 -14.79
C ILE F 101 -18.99 -5.00 -14.24
N GLY F 102 -19.36 -3.87 -14.85
CA GLY F 102 -18.89 -2.60 -14.34
C GLY F 102 -19.23 -1.43 -15.24
N GLU F 103 -18.84 -0.23 -14.83
CA GLU F 103 -19.11 0.98 -15.59
C GLU F 103 -18.24 2.14 -15.10
N PHE F 104 -18.33 3.27 -15.80
CA PHE F 104 -17.59 4.48 -15.44
C PHE F 104 -18.31 5.71 -16.02
N LYS F 105 -18.11 6.86 -15.37
CA LYS F 105 -18.74 8.10 -15.82
C LYS F 105 -17.94 9.31 -15.37
N VAL F 106 -18.19 10.45 -15.99
CA VAL F 106 -17.48 11.68 -15.64
C VAL F 106 -18.33 12.90 -15.97
N PRO F 107 -18.37 13.89 -15.07
CA PRO F 107 -19.13 15.13 -15.26
C PRO F 107 -18.59 15.94 -16.44
N MET F 108 -19.25 15.84 -17.58
CA MET F 108 -18.82 16.56 -18.78
C MET F 108 -18.55 18.02 -18.52
N ASN F 109 -19.37 18.67 -17.69
CA ASN F 109 -19.17 20.09 -17.38
C ASN F 109 -17.74 20.35 -16.89
N THR F 110 -17.18 19.39 -16.16
CA THR F 110 -15.82 19.52 -15.65
C THR F 110 -14.80 19.08 -16.71
N VAL F 111 -15.28 18.55 -17.84
CA VAL F 111 -14.41 18.10 -18.91
C VAL F 111 -14.23 19.21 -19.93
N ASP F 112 -13.26 20.09 -19.66
CA ASP F 112 -12.96 21.20 -20.54
C ASP F 112 -12.50 20.70 -21.90
N PHE F 113 -13.43 20.65 -22.85
CA PHE F 113 -13.13 20.18 -24.20
C PHE F 113 -12.23 21.17 -24.95
N GLY F 114 -11.00 21.31 -24.47
CA GLY F 114 -10.05 22.22 -25.09
C GLY F 114 -9.53 21.67 -26.41
N HIS F 115 -9.25 20.37 -26.43
CA HIS F 115 -8.76 19.70 -27.64
C HIS F 115 -9.20 18.24 -27.65
N VAL F 116 -8.50 17.41 -26.88
CA VAL F 116 -8.80 15.99 -26.77
C VAL F 116 -8.59 15.51 -25.35
N THR F 117 -9.58 14.81 -24.82
CA THR F 117 -9.50 14.29 -23.47
C THR F 117 -9.05 12.82 -23.48
N GLU F 118 -7.75 12.63 -23.35
CA GLU F 118 -7.17 11.29 -23.33
C GLU F 118 -6.68 10.97 -21.92
N GLU F 119 -7.00 9.78 -21.43
CA GLU F 119 -6.59 9.37 -20.09
C GLU F 119 -6.87 7.89 -19.85
N TRP F 120 -6.24 7.34 -18.81
CA TRP F 120 -6.43 5.95 -18.45
C TRP F 120 -7.52 5.85 -17.39
N ARG F 121 -8.75 5.76 -17.85
CA ARG F 121 -9.91 5.68 -16.97
C ARG F 121 -9.91 4.41 -16.13
N ASP F 122 -10.21 4.57 -14.85
CA ASP F 122 -10.29 3.47 -13.92
C ASP F 122 -11.70 2.87 -13.98
N LEU F 123 -11.78 1.54 -13.93
CA LEU F 123 -13.07 0.85 -14.00
C LEU F 123 -13.50 0.34 -12.63
N GLN F 124 -14.79 0.50 -12.34
CA GLN F 124 -15.34 0.05 -11.06
C GLN F 124 -16.55 -0.86 -11.28
N SER F 125 -16.67 -1.90 -10.46
CA SER F 125 -17.78 -2.83 -10.59
C SER F 125 -19.05 -2.27 -9.96
N ALA F 126 -19.83 -1.55 -10.76
CA ALA F 126 -21.08 -0.96 -10.30
C ALA F 126 -22.15 -2.04 -10.21
N GLU F 127 -22.47 -2.44 -8.98
CA GLU F 127 -23.49 -3.45 -8.71
C GLU F 127 -24.87 -2.91 -9.04
N LYS F 128 -25.03 -2.42 -10.26
CA LYS F 128 -26.30 -1.85 -10.68
C LYS F 128 -26.83 -2.59 -11.91
N GLU A 1 15.60 -4.05 6.35
CA GLU A 1 15.83 -3.96 7.81
C GLU A 1 14.79 -3.05 8.45
N LYS A 2 14.25 -3.48 9.59
CA LYS A 2 13.24 -2.70 10.30
C LYS A 2 13.45 -2.77 11.81
N LEU A 3 13.41 -1.61 12.46
CA LEU A 3 13.57 -1.52 13.91
C LEU A 3 12.39 -0.74 14.54
N GLY A 4 11.42 -0.37 13.71
CA GLY A 4 10.27 0.38 14.20
C GLY A 4 10.41 1.87 13.93
N LYS A 5 10.10 2.69 14.94
CA LYS A 5 10.20 4.14 14.79
C LYS A 5 10.64 4.79 16.11
N LEU A 6 11.29 5.94 15.99
CA LEU A 6 11.77 6.66 17.16
C LEU A 6 11.49 8.15 16.99
N GLN A 7 10.77 8.72 17.94
CA GLN A 7 10.42 10.14 17.88
C GLN A 7 11.49 10.94 18.60
N TYR A 8 11.93 12.06 18.03
CA TYR A 8 12.96 12.87 18.66
C TYR A 8 12.87 14.35 18.28
N SER A 9 13.44 15.18 19.15
CA SER A 9 13.49 16.61 18.97
C SER A 9 14.89 17.10 19.31
N LEU A 10 15.68 17.38 18.28
CA LEU A 10 17.07 17.81 18.48
C LEU A 10 17.22 19.32 18.35
N ASP A 11 17.85 19.94 19.35
CA ASP A 11 18.10 21.38 19.34
C ASP A 11 19.61 21.64 19.45
N TYR A 12 20.04 22.86 19.15
CA TYR A 12 21.46 23.17 19.19
C TYR A 12 21.81 24.24 20.22
N ASP A 13 23.00 24.10 20.82
CA ASP A 13 23.50 25.06 21.81
C ASP A 13 24.74 25.74 21.25
N PHE A 14 24.71 27.07 21.20
CA PHE A 14 25.83 27.85 20.67
C PHE A 14 26.67 28.49 21.78
N GLN A 15 26.43 28.10 23.03
CA GLN A 15 27.17 28.62 24.16
C GLN A 15 28.28 27.64 24.56
N ASN A 16 27.91 26.37 24.67
CA ASN A 16 28.86 25.32 25.02
C ASN A 16 29.31 24.56 23.78
N ASN A 17 28.56 24.71 22.68
CA ASN A 17 28.86 24.08 21.40
C ASN A 17 28.51 22.59 21.44
N GLN A 18 27.23 22.29 21.60
CA GLN A 18 26.76 20.92 21.63
C GLN A 18 25.32 20.84 21.12
N LEU A 19 25.01 19.76 20.42
CA LEU A 19 23.66 19.57 19.91
C LEU A 19 22.88 18.71 20.91
N LEU A 20 21.66 19.13 21.22
CA LEU A 20 20.83 18.42 22.19
C LEU A 20 19.95 17.40 21.48
N VAL A 21 20.36 16.14 21.53
CA VAL A 21 19.59 15.08 20.91
C VAL A 21 18.52 14.61 21.88
N GLY A 22 17.39 15.31 21.89
CA GLY A 22 16.30 14.96 22.78
C GLY A 22 15.28 14.07 22.12
N ILE A 23 15.48 12.76 22.25
CA ILE A 23 14.55 11.79 21.68
C ILE A 23 13.37 11.58 22.62
N ILE A 24 12.21 11.26 22.06
CA ILE A 24 11.01 11.05 22.86
C ILE A 24 10.89 9.60 23.30
N GLN A 25 10.89 8.69 22.32
CA GLN A 25 10.79 7.27 22.60
C GLN A 25 10.90 6.44 21.32
N ALA A 26 10.96 5.13 21.48
CA ALA A 26 11.05 4.21 20.35
C ALA A 26 9.83 3.30 20.34
N ALA A 27 9.30 3.02 19.16
CA ALA A 27 8.14 2.17 19.03
C ALA A 27 8.38 1.00 18.08
N GLU A 28 7.80 -0.16 18.42
CA GLU A 28 7.90 -1.38 17.61
C GLU A 28 9.36 -1.85 17.48
N LEU A 29 9.90 -2.42 18.55
CA LEU A 29 11.27 -2.90 18.54
C LEU A 29 11.31 -4.43 18.51
N PRO A 30 12.30 -5.02 17.79
CA PRO A 30 12.46 -6.48 17.71
C PRO A 30 12.78 -7.10 19.07
N ALA A 31 12.40 -8.35 19.26
CA ALA A 31 12.63 -9.05 20.53
C ALA A 31 13.94 -9.84 20.53
N LEU A 32 14.52 -9.98 21.71
CA LEU A 32 15.77 -10.72 21.88
C LEU A 32 15.61 -11.78 22.97
N ASP A 33 15.08 -11.35 24.12
CA ASP A 33 14.83 -12.27 25.24
C ASP A 33 13.70 -13.24 24.89
N MET A 34 13.63 -14.38 25.58
CA MET A 34 12.59 -15.36 25.31
C MET A 34 11.30 -14.97 26.03
N GLY A 35 10.39 -14.34 25.28
CA GLY A 35 9.13 -13.91 25.83
C GLY A 35 8.45 -12.89 24.96
N GLY A 36 9.13 -12.50 23.87
CA GLY A 36 8.58 -11.52 22.96
C GLY A 36 8.92 -10.10 23.34
N THR A 37 9.93 -9.95 24.21
CA THR A 37 10.36 -8.63 24.67
C THR A 37 11.87 -8.57 24.82
N SER A 38 12.42 -7.36 24.86
CA SER A 38 13.85 -7.17 24.99
C SER A 38 14.16 -6.03 25.96
N ASP A 39 15.45 -5.81 26.21
CA ASP A 39 15.90 -4.73 27.09
C ASP A 39 16.67 -3.73 26.24
N PRO A 40 16.00 -3.08 25.27
CA PRO A 40 16.64 -2.14 24.34
C PRO A 40 17.02 -0.80 24.96
N TYR A 41 18.29 -0.45 24.81
CA TYR A 41 18.82 0.81 25.26
C TYR A 41 19.61 1.43 24.11
N VAL A 42 19.35 2.70 23.82
CA VAL A 42 20.03 3.39 22.73
C VAL A 42 21.45 3.81 23.12
N LYS A 43 22.43 3.33 22.36
CA LYS A 43 23.81 3.68 22.60
C LYS A 43 24.26 4.68 21.53
N VAL A 44 24.30 5.95 21.90
CA VAL A 44 24.70 6.99 20.98
C VAL A 44 26.17 6.89 20.60
N PHE A 45 26.42 6.69 19.33
CA PHE A 45 27.79 6.57 18.82
C PHE A 45 28.04 7.59 17.71
N LEU A 46 29.30 7.74 17.32
CA LEU A 46 29.68 8.68 16.28
C LEU A 46 30.68 8.06 15.33
N LEU A 47 30.76 8.62 14.12
CA LEU A 47 31.70 8.17 13.11
C LEU A 47 33.14 8.37 13.64
N PRO A 48 34.18 8.15 12.80
CA PRO A 48 35.60 8.32 13.17
C PRO A 48 35.80 9.31 14.31
N ASP A 49 35.10 10.45 14.25
CA ASP A 49 35.18 11.47 15.30
C ASP A 49 35.25 10.81 16.67
N LYS A 50 34.32 9.89 16.91
CA LYS A 50 34.23 9.13 18.16
C LYS A 50 34.43 9.98 19.42
N LYS A 51 34.07 11.27 19.37
CA LYS A 51 34.21 12.13 20.54
C LYS A 51 32.89 12.23 21.30
N LYS A 52 32.38 11.08 21.71
CA LYS A 52 31.12 11.02 22.47
C LYS A 52 30.66 9.56 22.58
N LYS A 53 30.20 9.20 23.77
CA LYS A 53 29.73 7.85 24.04
C LYS A 53 28.83 7.85 25.27
N PHE A 54 27.53 7.66 25.06
CA PHE A 54 26.58 7.65 26.16
C PHE A 54 25.71 6.40 26.13
N GLU A 55 25.47 5.85 27.31
CA GLU A 55 24.65 4.65 27.45
C GLU A 55 23.34 5.01 28.16
N THR A 56 22.22 4.73 27.51
CA THR A 56 20.92 5.03 28.08
C THR A 56 20.57 4.03 29.19
N LYS A 57 19.48 4.30 29.90
CA LYS A 57 19.05 3.42 30.99
C LYS A 57 18.39 2.18 30.42
N VAL A 58 18.90 1.02 30.78
CA VAL A 58 18.34 -0.23 30.32
C VAL A 58 16.82 -0.23 30.54
N HIS A 59 16.08 -0.65 29.52
CA HIS A 59 14.63 -0.72 29.60
C HIS A 59 14.21 -2.18 29.59
N ARG A 60 14.13 -2.76 30.79
CA ARG A 60 13.78 -4.17 30.95
C ARG A 60 12.47 -4.56 30.27
N LYS A 61 12.57 -5.59 29.42
CA LYS A 61 11.44 -6.16 28.69
C LYS A 61 10.44 -5.10 28.24
N THR A 62 10.79 -4.39 27.18
CA THR A 62 9.92 -3.36 26.63
C THR A 62 10.28 -3.05 25.17
N LEU A 63 9.27 -3.10 24.30
CA LEU A 63 9.47 -2.84 22.87
C LEU A 63 8.91 -1.48 22.48
N ASN A 64 8.40 -0.74 23.46
CA ASN A 64 7.84 0.58 23.23
C ASN A 64 8.02 1.44 24.49
N PRO A 65 9.27 1.57 24.97
CA PRO A 65 9.58 2.34 26.17
C PRO A 65 9.76 3.83 25.92
N VAL A 66 9.43 4.62 26.94
CA VAL A 66 9.57 6.06 26.88
C VAL A 66 10.53 6.51 27.97
N PHE A 67 11.30 7.57 27.70
CA PHE A 67 12.27 8.05 28.68
C PHE A 67 12.75 9.46 28.31
N ASN A 68 13.14 9.63 27.05
CA ASN A 68 13.64 10.91 26.56
C ASN A 68 14.98 11.25 27.20
N GLU A 69 16.01 10.53 26.78
CA GLU A 69 17.35 10.76 27.30
C GLU A 69 17.98 11.97 26.60
N GLN A 70 18.87 12.66 27.32
CA GLN A 70 19.53 13.85 26.78
C GLN A 70 20.94 13.50 26.28
N PHE A 71 21.10 13.46 24.96
CA PHE A 71 22.40 13.16 24.37
C PHE A 71 23.07 14.46 23.92
N THR A 72 24.25 14.71 24.47
CA THR A 72 25.02 15.90 24.14
C THR A 72 26.01 15.63 23.01
N PHE A 73 25.69 16.13 21.82
CA PHE A 73 26.55 15.95 20.66
C PHE A 73 27.79 16.84 20.80
N LYS A 74 28.77 16.35 21.53
CA LYS A 74 30.02 17.07 21.77
C LYS A 74 30.77 17.33 20.45
N VAL A 75 30.52 18.46 19.84
CA VAL A 75 31.17 18.86 18.59
C VAL A 75 30.66 20.23 18.16
N PRO A 76 31.56 21.16 17.84
CA PRO A 76 31.18 22.50 17.42
C PRO A 76 30.26 22.47 16.21
N TYR A 77 29.21 23.30 16.25
CA TYR A 77 28.25 23.36 15.14
C TYR A 77 28.97 23.46 13.80
N SER A 78 30.04 24.26 13.78
CA SER A 78 30.84 24.47 12.58
C SER A 78 31.52 23.17 12.12
N GLU A 79 31.71 22.24 13.06
CA GLU A 79 32.34 20.97 12.77
C GLU A 79 31.31 19.89 12.39
N LEU A 80 30.09 20.04 12.93
CA LEU A 80 29.00 19.10 12.68
C LEU A 80 28.92 18.69 11.20
N GLY A 81 29.21 19.64 10.31
CA GLY A 81 29.16 19.37 8.89
C GLY A 81 29.88 18.09 8.49
N GLY A 82 30.97 17.77 9.19
CA GLY A 82 31.72 16.58 8.87
C GLY A 82 31.55 15.47 9.90
N LYS A 83 30.40 15.43 10.56
CA LYS A 83 30.15 14.41 11.58
C LYS A 83 28.75 13.79 11.44
N THR A 84 28.73 12.51 11.08
CA THR A 84 27.48 11.77 10.94
C THR A 84 27.17 11.03 12.22
N LEU A 85 26.14 11.47 12.94
CA LEU A 85 25.76 10.83 14.20
C LEU A 85 25.02 9.52 13.93
N VAL A 86 25.23 8.53 14.78
CA VAL A 86 24.58 7.24 14.63
C VAL A 86 23.97 6.77 15.94
N MET A 87 22.68 6.51 15.91
CA MET A 87 21.96 6.05 17.09
C MET A 87 21.61 4.58 16.97
N ALA A 88 22.29 3.75 17.74
CA ALA A 88 22.05 2.31 17.71
C ALA A 88 21.38 1.85 19.00
N VAL A 89 20.30 1.09 18.86
CA VAL A 89 19.59 0.58 20.02
C VAL A 89 20.12 -0.80 20.37
N TYR A 90 20.74 -0.88 21.55
CA TYR A 90 21.31 -2.13 22.02
C TYR A 90 20.41 -2.81 23.03
N ASP A 91 20.36 -4.13 22.99
CA ASP A 91 19.53 -4.90 23.91
C ASP A 91 20.32 -5.23 25.17
N PHE A 92 19.62 -5.60 26.22
CA PHE A 92 20.26 -5.94 27.49
C PHE A 92 19.56 -7.15 28.13
N ASP A 93 19.27 -8.17 27.31
CA ASP A 93 18.61 -9.39 27.79
C ASP A 93 19.23 -9.87 29.11
N ARG A 94 20.55 -9.71 29.23
CA ARG A 94 21.31 -10.08 30.44
C ARG A 94 21.63 -11.58 30.50
N PHE A 95 21.59 -12.26 29.36
CA PHE A 95 21.87 -13.68 29.32
C PHE A 95 22.76 -14.04 28.12
N SER A 96 22.26 -13.77 26.93
CA SER A 96 22.97 -14.06 25.69
C SER A 96 23.80 -12.85 25.25
N LYS A 97 24.42 -12.96 24.08
CA LYS A 97 25.22 -11.87 23.54
C LYS A 97 24.31 -10.74 23.10
N HIS A 98 24.22 -9.69 23.91
CA HIS A 98 23.37 -8.55 23.60
C HIS A 98 23.53 -8.17 22.13
N ASP A 99 22.44 -8.21 21.38
CA ASP A 99 22.46 -7.90 19.96
C ASP A 99 21.95 -6.49 19.68
N ILE A 100 22.32 -5.95 18.52
CA ILE A 100 21.89 -4.62 18.11
C ILE A 100 20.58 -4.75 17.34
N ILE A 101 19.47 -4.65 18.05
CA ILE A 101 18.14 -4.76 17.44
C ILE A 101 17.97 -3.80 16.26
N GLY A 102 18.70 -2.68 16.27
CA GLY A 102 18.60 -1.73 15.18
C GLY A 102 19.33 -0.42 15.47
N GLU A 103 19.28 0.49 14.50
CA GLU A 103 19.95 1.78 14.63
C GLU A 103 19.45 2.76 13.57
N PHE A 104 19.90 4.01 13.67
CA PHE A 104 19.54 5.05 12.72
C PHE A 104 20.62 6.13 12.71
N LYS A 105 20.73 6.85 11.60
CA LYS A 105 21.73 7.91 11.47
C LYS A 105 21.30 8.94 10.43
N VAL A 106 21.91 10.12 10.46
CA VAL A 106 21.59 11.18 9.52
C VAL A 106 22.78 12.11 9.31
N PRO A 107 23.06 12.49 8.06
CA PRO A 107 24.17 13.39 7.73
C PRO A 107 23.95 14.78 8.31
N MET A 108 24.62 15.05 9.43
CA MET A 108 24.49 16.34 10.12
C MET A 108 24.65 17.51 9.17
N ASN A 109 25.58 17.42 8.22
CA ASN A 109 25.80 18.51 7.26
C ASN A 109 24.49 18.90 6.58
N THR A 110 23.63 17.92 6.33
CA THR A 110 22.34 18.17 5.69
C THR A 110 21.29 18.62 6.72
N VAL A 111 21.65 18.57 8.01
CA VAL A 111 20.75 18.95 9.09
C VAL A 111 20.97 20.41 9.43
N ASP A 112 20.29 21.28 8.71
CA ASP A 112 20.38 22.72 8.93
C ASP A 112 19.87 23.08 10.32
N PHE A 113 20.78 23.22 11.26
CA PHE A 113 20.44 23.57 12.64
C PHE A 113 19.92 25.00 12.74
N GLY A 114 18.76 25.24 12.13
CA GLY A 114 18.15 26.55 12.17
C GLY A 114 17.57 26.87 13.53
N HIS A 115 16.91 25.89 14.13
CA HIS A 115 16.32 26.04 15.45
C HIS A 115 16.30 24.70 16.19
N VAL A 116 15.35 23.86 15.83
CA VAL A 116 15.21 22.54 16.44
C VAL A 116 14.77 21.52 15.39
N THR A 117 15.48 20.40 15.34
CA THR A 117 15.19 19.35 14.40
C THR A 117 14.32 18.27 15.04
N GLU A 118 13.01 18.41 14.90
CA GLU A 118 12.05 17.46 15.45
C GLU A 118 11.41 16.67 14.33
N GLU A 119 11.35 15.35 14.47
CA GLU A 119 10.77 14.49 13.45
C GLU A 119 10.58 13.06 13.95
N TRP A 120 9.75 12.29 13.25
CA TRP A 120 9.49 10.90 13.61
C TRP A 120 10.45 10.00 12.85
N ARG A 121 11.66 9.84 13.39
CA ARG A 121 12.70 9.04 12.78
C ARG A 121 12.31 7.57 12.69
N ASP A 122 12.58 6.98 11.52
CA ASP A 122 12.31 5.58 11.27
C ASP A 122 13.49 4.75 11.76
N LEU A 123 13.21 3.61 12.37
CA LEU A 123 14.26 2.75 12.90
C LEU A 123 14.48 1.53 12.02
N GLN A 124 15.74 1.17 11.79
CA GLN A 124 16.08 0.02 10.97
C GLN A 124 17.01 -0.94 11.72
N SER A 125 16.80 -2.24 11.50
CA SER A 125 17.60 -3.25 12.17
C SER A 125 18.95 -3.44 11.47
N ALA A 126 19.69 -2.35 11.31
CA ALA A 126 21.00 -2.41 10.67
C ALA A 126 22.03 -2.98 11.64
N GLU A 127 22.41 -4.24 11.40
CA GLU A 127 23.39 -4.91 12.24
C GLU A 127 24.78 -4.35 11.99
N LYS A 128 25.06 -3.20 12.59
CA LYS A 128 26.35 -2.55 12.43
C LYS A 128 27.02 -2.38 13.79
N TYR B 1 34.00 14.99 -20.93
CA TYR B 1 34.85 15.49 -19.82
C TYR B 1 34.94 14.43 -18.71
N LYS B 2 35.57 13.29 -19.02
CA LYS B 2 35.70 12.21 -18.05
C LYS B 2 36.26 12.74 -16.73
N LYS B 3 35.40 12.78 -15.72
CA LYS B 3 35.78 13.28 -14.40
C LYS B 3 34.82 12.72 -13.34
N PRO B 4 34.93 13.17 -12.07
CA PRO B 4 34.09 12.74 -10.96
C PRO B 4 32.78 12.08 -11.39
N LYS B 5 32.73 10.76 -11.27
CA LYS B 5 31.53 9.99 -11.62
C LYS B 5 30.70 9.74 -10.37
N LEU B 6 29.58 10.45 -10.25
CA LEU B 6 28.70 10.29 -9.10
C LEU B 6 27.76 9.11 -9.32
N LEU B 7 27.60 8.29 -8.29
CA LEU B 7 26.73 7.12 -8.38
C LEU B 7 26.02 6.88 -7.05
N TYR B 8 24.73 6.56 -7.12
CA TYR B 8 23.93 6.29 -5.93
C TYR B 8 22.69 5.47 -6.32
N CYS B 9 21.93 5.01 -5.33
CA CYS B 9 20.74 4.23 -5.61
C CYS B 9 19.66 4.47 -4.55
N SER B 10 18.43 4.04 -4.86
CA SER B 10 17.29 4.18 -3.96
C SER B 10 16.79 5.62 -4.00
N ASN B 11 15.55 5.79 -4.40
CA ASN B 11 14.95 7.13 -4.48
C ASN B 11 15.19 7.89 -3.17
N GLY B 12 15.75 9.09 -3.30
CA GLY B 12 16.03 9.90 -2.14
C GLY B 12 17.42 10.50 -2.18
N GLY B 13 17.52 11.76 -1.80
CA GLY B 13 18.80 12.44 -1.79
C GLY B 13 19.84 11.70 -0.97
N HIS B 14 20.76 11.02 -1.65
CA HIS B 14 21.84 10.28 -1.00
C HIS B 14 22.92 9.93 -2.02
N PHE B 15 24.15 10.38 -1.77
CA PHE B 15 25.26 10.12 -2.69
C PHE B 15 26.33 9.29 -2.00
N LEU B 16 27.04 8.49 -2.78
CA LEU B 16 28.11 7.65 -2.24
C LEU B 16 29.33 8.49 -1.90
N ARG B 17 29.50 8.82 -0.63
CA ARG B 17 30.64 9.62 -0.20
C ARG B 17 31.77 8.72 0.29
N ILE B 18 32.82 8.63 -0.51
CA ILE B 18 33.96 7.79 -0.19
C ILE B 18 35.00 8.54 0.65
N LEU B 19 35.60 7.83 1.58
CA LEU B 19 36.64 8.40 2.44
C LEU B 19 37.85 7.49 2.47
N PRO B 20 39.07 8.07 2.44
CA PRO B 20 40.33 7.30 2.46
C PRO B 20 40.30 6.18 3.49
N ASP B 21 39.58 6.40 4.58
CA ASP B 21 39.45 5.42 5.65
C ASP B 21 38.85 4.11 5.12
N GLY B 22 37.83 4.23 4.29
CA GLY B 22 37.18 3.07 3.72
C GLY B 22 35.69 3.05 4.00
N THR B 23 35.28 3.61 5.13
CA THR B 23 33.87 3.66 5.49
C THR B 23 33.11 4.66 4.63
N VAL B 24 32.67 4.20 3.46
CA VAL B 24 31.90 5.03 2.53
C VAL B 24 30.42 4.96 2.88
N ASP B 25 29.77 6.12 2.96
CA ASP B 25 28.34 6.19 3.28
C ASP B 25 27.57 6.98 2.23
N GLY B 26 26.25 6.86 2.25
CA GLY B 26 25.41 7.55 1.30
C GLY B 26 25.10 8.98 1.74
N THR B 27 26.12 9.81 1.79
CA THR B 27 25.96 11.20 2.19
C THR B 27 25.16 11.98 1.15
N ARG B 28 24.13 12.69 1.58
CA ARG B 28 23.32 13.46 0.67
C ARG B 28 23.83 14.90 0.61
N ASP B 29 25.02 15.07 0.05
CA ASP B 29 25.64 16.40 -0.07
C ASP B 29 26.53 16.46 -1.31
N ARG B 30 26.67 17.65 -1.86
CA ARG B 30 27.51 17.87 -3.04
C ARG B 30 28.39 19.10 -2.85
N SER B 31 28.63 19.46 -1.59
CA SER B 31 29.44 20.62 -1.25
C SER B 31 30.90 20.19 -1.09
N ASP B 32 31.11 19.06 -0.41
CA ASP B 32 32.45 18.55 -0.18
C ASP B 32 32.81 17.51 -1.23
N GLN B 33 33.94 17.71 -1.90
CA GLN B 33 34.38 16.78 -2.94
C GLN B 33 34.78 15.43 -2.37
N HIS B 34 33.78 14.62 -2.00
CA HIS B 34 34.03 13.28 -1.48
C HIS B 34 32.97 12.29 -1.94
N ILE B 35 32.21 12.65 -2.97
CA ILE B 35 31.15 11.78 -3.50
C ILE B 35 31.35 11.57 -5.01
N GLN B 36 32.60 11.33 -5.40
CA GLN B 36 32.93 11.12 -6.81
C GLN B 36 33.96 10.01 -6.96
N LEU B 37 33.69 9.11 -7.89
CA LEU B 37 34.59 7.99 -8.17
C LEU B 37 34.91 7.95 -9.66
N GLN B 38 36.04 7.39 -10.03
CA GLN B 38 36.44 7.30 -11.42
C GLN B 38 35.92 5.99 -12.04
N LEU B 39 34.61 5.94 -12.26
CA LEU B 39 33.97 4.78 -12.86
C LEU B 39 34.27 4.73 -14.35
N SER B 40 34.76 3.59 -14.82
CA SER B 40 35.09 3.40 -16.23
C SER B 40 35.16 1.92 -16.58
N ALA B 41 34.96 1.61 -17.85
CA ALA B 41 35.02 0.24 -18.33
C ALA B 41 36.46 -0.13 -18.64
N GLU B 42 37.07 -0.89 -17.74
CA GLU B 42 38.46 -1.30 -17.90
C GLU B 42 38.58 -2.34 -19.01
N SER B 43 37.81 -3.41 -18.89
CA SER B 43 37.81 -4.48 -19.88
C SER B 43 36.43 -4.57 -20.53
N VAL B 44 36.30 -5.44 -21.54
CA VAL B 44 35.04 -5.63 -22.24
C VAL B 44 33.90 -5.94 -21.25
N GLY B 45 33.20 -4.89 -20.83
CA GLY B 45 32.10 -5.06 -19.90
C GLY B 45 32.53 -4.95 -18.45
N GLU B 46 33.82 -5.05 -18.18
CA GLU B 46 34.34 -4.97 -16.82
C GLU B 46 34.60 -3.52 -16.42
N VAL B 47 33.77 -3.00 -15.52
CA VAL B 47 33.92 -1.63 -15.05
C VAL B 47 34.51 -1.62 -13.64
N TYR B 48 35.36 -0.64 -13.37
CA TYR B 48 36.01 -0.52 -12.08
C TYR B 48 35.57 0.75 -11.36
N ILE B 49 35.51 0.68 -10.04
CA ILE B 49 35.12 1.82 -9.22
C ILE B 49 36.31 2.26 -8.38
N LYS B 50 36.93 3.36 -8.80
CA LYS B 50 38.10 3.88 -8.11
C LYS B 50 37.96 5.38 -7.87
N SER B 51 37.84 5.77 -6.60
CA SER B 51 37.71 7.17 -6.23
C SER B 51 39.10 7.82 -6.17
N THR B 52 39.78 7.80 -7.31
CA THR B 52 41.12 8.34 -7.42
C THR B 52 41.22 9.79 -6.94
N GLU B 53 40.63 10.70 -7.71
CA GLU B 53 40.69 12.11 -7.38
C GLU B 53 39.63 12.51 -6.34
N THR B 54 39.64 11.85 -5.18
CA THR B 54 38.68 12.16 -4.12
C THR B 54 38.78 11.21 -2.93
N GLY B 55 38.98 9.91 -3.19
CA GLY B 55 39.05 8.97 -2.09
C GLY B 55 40.06 7.87 -2.29
N GLN B 56 39.57 6.65 -2.48
CA GLN B 56 40.42 5.48 -2.62
C GLN B 56 39.82 4.48 -3.62
N TYR B 57 40.51 3.35 -3.77
CA TYR B 57 40.07 2.29 -4.67
C TYR B 57 39.18 1.31 -3.90
N LEU B 58 38.17 0.76 -4.55
CA LEU B 58 37.27 -0.19 -3.90
C LEU B 58 37.86 -1.59 -3.87
N ALA B 59 37.41 -2.37 -2.89
CA ALA B 59 37.86 -3.74 -2.70
C ALA B 59 36.83 -4.49 -1.85
N MET B 60 35.79 -4.99 -2.51
CA MET B 60 34.72 -5.71 -1.84
C MET B 60 35.24 -6.83 -0.95
N ASP B 61 34.59 -7.01 0.19
CA ASP B 61 34.96 -8.05 1.13
C ASP B 61 34.13 -9.29 0.83
N THR B 62 34.57 -10.07 -0.14
CA THR B 62 33.87 -11.27 -0.54
C THR B 62 32.46 -10.93 -1.03
N ASP B 63 32.33 -9.76 -1.66
CA ASP B 63 31.03 -9.25 -2.15
C ASP B 63 30.12 -8.89 -0.98
N GLY B 64 29.95 -9.84 -0.04
CA GLY B 64 29.12 -9.62 1.13
C GLY B 64 29.16 -8.19 1.63
N LEU B 65 30.35 -7.70 1.92
CA LEU B 65 30.53 -6.33 2.40
C LEU B 65 31.35 -5.53 1.39
N LEU B 66 30.88 -4.35 1.05
CA LEU B 66 31.56 -3.50 0.09
C LEU B 66 32.43 -2.47 0.81
N TYR B 67 33.70 -2.40 0.42
CA TYR B 67 34.64 -1.46 1.01
C TYR B 67 35.76 -1.13 0.03
N GLY B 68 36.65 -0.23 0.42
CA GLY B 68 37.75 0.15 -0.43
C GLY B 68 38.68 1.13 0.25
N SER B 69 39.97 1.02 -0.02
CA SER B 69 40.96 1.91 0.58
C SER B 69 42.38 1.44 0.29
N GLN B 70 42.73 0.25 0.78
CA GLN B 70 44.07 -0.30 0.61
C GLN B 70 44.43 -0.53 -0.86
N THR B 71 43.83 -1.54 -1.49
CA THR B 71 44.14 -1.86 -2.87
C THR B 71 42.90 -2.29 -3.67
N PRO B 72 42.86 -1.96 -4.98
CA PRO B 72 41.74 -2.32 -5.85
C PRO B 72 41.82 -3.79 -6.26
N ASN B 73 41.53 -4.67 -5.30
CA ASN B 73 41.58 -6.11 -5.55
C ASN B 73 40.53 -6.52 -6.59
N GLU B 74 40.75 -7.66 -7.24
CA GLU B 74 39.82 -8.16 -8.26
C GLU B 74 38.37 -8.03 -7.82
N GLU B 75 38.14 -8.15 -6.50
CA GLU B 75 36.80 -7.99 -5.93
C GLU B 75 36.13 -6.72 -6.48
N CYS B 76 36.94 -5.73 -6.88
CA CYS B 76 36.42 -4.46 -7.39
C CYS B 76 36.07 -4.52 -8.89
N LEU B 77 36.20 -5.67 -9.54
CA LEU B 77 35.85 -5.78 -10.96
C LEU B 77 34.39 -6.16 -11.11
N PHE B 78 33.61 -5.30 -11.77
CA PHE B 78 32.19 -5.55 -11.97
C PHE B 78 31.79 -5.44 -13.43
N LEU B 79 30.82 -6.26 -13.83
CA LEU B 79 30.32 -6.25 -15.20
C LEU B 79 29.28 -5.15 -15.35
N GLU B 80 29.48 -4.27 -16.32
CA GLU B 80 28.57 -3.16 -16.57
C GLU B 80 27.29 -3.63 -17.24
N ARG B 81 26.17 -3.48 -16.53
CA ARG B 81 24.86 -3.88 -17.05
C ARG B 81 23.86 -2.72 -16.90
N LEU B 82 22.90 -2.64 -17.78
CA LEU B 82 21.90 -1.57 -17.74
C LEU B 82 20.49 -2.16 -17.64
N GLU B 83 19.65 -1.53 -16.82
CA GLU B 83 18.27 -1.98 -16.66
C GLU B 83 17.32 -0.95 -17.24
N GLU B 84 16.24 -1.42 -17.88
CA GLU B 84 15.25 -0.53 -18.48
C GLU B 84 14.39 0.13 -17.39
N ASN B 85 15.06 0.75 -16.44
CA ASN B 85 14.41 1.43 -15.33
C ASN B 85 15.17 2.69 -14.94
N HIS B 86 15.97 3.21 -15.89
CA HIS B 86 16.78 4.40 -15.67
C HIS B 86 17.78 4.17 -14.53
N TYR B 87 18.42 3.00 -14.53
CA TYR B 87 19.40 2.66 -13.52
C TYR B 87 20.51 1.78 -14.10
N ASN B 88 21.67 1.84 -13.47
CA ASN B 88 22.83 1.06 -13.88
C ASN B 88 23.01 -0.16 -12.99
N THR B 89 23.49 -1.24 -13.56
CA THR B 89 23.72 -2.47 -12.81
C THR B 89 25.17 -2.93 -12.99
N TYR B 90 25.79 -3.35 -11.90
CA TYR B 90 27.18 -3.81 -11.94
C TYR B 90 27.30 -5.17 -11.28
N ILE B 91 27.66 -6.18 -12.05
CA ILE B 91 27.79 -7.53 -11.53
C ILE B 91 29.21 -7.84 -11.09
N SER B 92 29.40 -8.10 -9.81
CA SER B 92 30.71 -8.42 -9.26
C SER B 92 31.15 -9.79 -9.76
N LYS B 93 31.64 -9.84 -10.99
CA LYS B 93 32.08 -11.09 -11.61
C LYS B 93 32.88 -11.93 -10.62
N LYS B 94 33.66 -11.28 -9.76
CA LYS B 94 34.45 -11.97 -8.74
C LYS B 94 33.57 -12.92 -7.92
N HIS B 95 32.29 -12.59 -7.79
CA HIS B 95 31.35 -13.43 -7.04
C HIS B 95 30.09 -13.75 -7.86
N ALA B 96 30.12 -13.44 -9.16
CA ALA B 96 28.98 -13.71 -10.03
C ALA B 96 28.56 -15.16 -9.90
N GLU B 97 29.53 -16.03 -9.63
CA GLU B 97 29.27 -17.46 -9.45
C GLU B 97 28.12 -17.70 -8.48
N LYS B 98 28.00 -16.82 -7.48
CA LYS B 98 26.93 -16.95 -6.49
C LYS B 98 25.76 -16.02 -6.84
N ASN B 99 25.75 -15.52 -8.08
CA ASN B 99 24.70 -14.62 -8.53
C ASN B 99 24.64 -13.38 -7.65
N TRP B 100 25.83 -12.93 -7.22
CA TRP B 100 25.94 -11.76 -6.36
C TRP B 100 26.43 -10.55 -7.15
N PHE B 101 25.73 -9.43 -7.01
CA PHE B 101 26.09 -8.21 -7.70
C PHE B 101 25.95 -6.99 -6.77
N VAL B 102 27.10 -6.34 -6.49
CA VAL B 102 27.22 -5.15 -5.62
C VAL B 102 25.89 -4.47 -5.31
N GLY B 103 25.59 -4.38 -4.01
CA GLY B 103 24.38 -3.72 -3.54
C GLY B 103 24.66 -2.92 -2.28
N LEU B 104 24.19 -1.67 -2.24
CA LEU B 104 24.42 -0.81 -1.09
C LEU B 104 23.11 -0.35 -0.44
N LYS B 105 23.20 0.08 0.81
CA LYS B 105 22.05 0.56 1.55
C LYS B 105 22.07 2.09 1.62
N LYS B 106 21.21 2.72 0.82
CA LYS B 106 21.13 4.19 0.76
C LYS B 106 21.22 4.83 2.15
N ASN B 107 20.52 4.24 3.12
CA ASN B 107 20.51 4.75 4.49
C ASN B 107 21.27 3.81 5.43
N GLY B 108 22.34 3.20 4.93
CA GLY B 108 23.11 2.29 5.75
C GLY B 108 24.58 2.25 5.37
N SER B 109 24.83 2.01 4.08
CA SER B 109 26.19 1.91 3.51
C SER B 109 26.22 0.76 2.51
N CYS B 110 27.34 0.60 1.83
CA CYS B 110 27.49 -0.47 0.85
C CYS B 110 27.91 -1.78 1.52
N LYS B 111 26.96 -2.68 1.72
CA LYS B 111 27.24 -3.98 2.33
C LYS B 111 25.96 -4.82 2.42
N ARG B 112 25.61 -5.42 1.30
CA ARG B 112 24.42 -6.25 1.21
C ARG B 112 24.65 -7.42 0.25
N GLY B 113 25.90 -7.92 0.20
CA GLY B 113 26.22 -9.06 -0.65
C GLY B 113 25.26 -10.22 -0.46
N PRO B 114 25.02 -10.71 0.79
CA PRO B 114 24.08 -11.82 1.02
C PRO B 114 22.67 -11.49 0.51
N ARG B 115 22.46 -10.22 0.16
CA ARG B 115 21.18 -9.73 -0.35
C ARG B 115 21.34 -9.11 -1.75
N THR B 116 22.44 -9.45 -2.46
CA THR B 116 22.67 -8.89 -3.81
C THR B 116 22.13 -9.82 -4.89
N HIS B 117 20.83 -10.03 -4.86
CA HIS B 117 20.16 -10.87 -5.83
C HIS B 117 18.81 -10.23 -6.16
N TYR B 118 17.91 -10.96 -6.81
CA TYR B 118 16.61 -10.40 -7.15
C TYR B 118 15.74 -10.28 -5.90
N GLY B 119 15.62 -9.05 -5.41
CA GLY B 119 14.85 -8.78 -4.22
C GLY B 119 15.10 -7.36 -3.74
N GLN B 120 16.38 -7.02 -3.65
CA GLN B 120 16.79 -5.68 -3.26
C GLN B 120 16.96 -4.83 -4.50
N LYS B 121 16.20 -3.76 -4.58
CA LYS B 121 16.23 -2.89 -5.76
C LYS B 121 17.44 -1.95 -5.72
N ALA B 122 18.02 -1.78 -4.52
CA ALA B 122 19.19 -0.92 -4.31
C ALA B 122 20.32 -1.26 -5.30
N ILE B 123 20.25 -2.42 -5.93
CA ILE B 123 21.27 -2.84 -6.90
C ILE B 123 21.17 -2.01 -8.20
N LEU B 124 20.03 -1.36 -8.41
CA LEU B 124 19.83 -0.50 -9.57
C LEU B 124 20.31 0.91 -9.24
N PHE B 125 21.58 1.15 -9.49
CA PHE B 125 22.18 2.45 -9.19
C PHE B 125 21.86 3.49 -10.26
N LEU B 126 21.76 4.74 -9.83
CA LEU B 126 21.49 5.86 -10.73
C LEU B 126 22.74 6.71 -10.84
N PRO B 127 23.43 6.65 -11.99
CA PRO B 127 24.67 7.40 -12.21
C PRO B 127 24.42 8.82 -12.74
N LEU B 128 25.25 9.75 -12.28
CA LEU B 128 25.18 11.15 -12.70
C LEU B 128 26.59 11.65 -13.07
N PRO B 129 27.33 10.87 -13.88
CA PRO B 129 28.69 11.23 -14.28
C PRO B 129 28.74 12.21 -15.45
N VAL B 130 29.82 12.99 -15.50
CA VAL B 130 30.00 13.97 -16.57
C VAL B 130 30.52 13.28 -17.82
N SER B 131 29.58 12.80 -18.64
CA SER B 131 29.92 12.13 -19.88
C SER B 131 30.53 13.08 -20.91
N SER B 132 30.90 12.55 -22.06
CA SER B 132 31.48 13.34 -23.13
C SER B 132 30.50 13.43 -24.30
N ASP B 133 29.38 14.08 -24.04
CA ASP B 133 28.33 14.25 -25.05
C ASP B 133 28.50 15.58 -25.78
N MET C 1 -1.09 9.08 -13.94
CA MET C 1 -0.19 8.54 -14.98
C MET C 1 0.19 7.10 -14.62
N ALA C 2 1.48 6.77 -14.77
CA ALA C 2 1.97 5.44 -14.44
C ALA C 2 1.94 5.24 -12.92
N ALA C 3 2.34 4.05 -12.46
CA ALA C 3 2.33 3.74 -11.04
C ALA C 3 0.86 3.63 -10.60
N GLU C 4 0.13 2.78 -11.29
CA GLU C 4 -1.29 2.59 -11.01
C GLU C 4 -1.51 1.58 -9.89
N PRO C 5 -2.40 1.91 -8.94
CA PRO C 5 -2.71 1.03 -7.82
C PRO C 5 -3.62 -0.13 -8.23
N LEU C 6 -3.26 -1.33 -7.79
CA LEU C 6 -4.05 -2.52 -8.10
C LEU C 6 -5.12 -2.72 -7.04
N THR C 7 -5.76 -3.89 -7.05
CA THR C 7 -6.81 -4.17 -6.08
C THR C 7 -6.19 -4.44 -4.70
N GLU C 8 -7.01 -4.30 -3.66
CA GLU C 8 -6.58 -4.51 -2.27
C GLU C 8 -5.87 -5.85 -2.05
N LEU C 9 -6.32 -6.88 -2.75
CA LEU C 9 -5.76 -8.21 -2.62
C LEU C 9 -4.44 -8.36 -3.38
N GLU C 10 -4.32 -7.71 -4.55
CA GLU C 10 -3.05 -7.72 -5.29
C GLU C 10 -1.97 -6.97 -4.47
N GLU C 11 -2.34 -5.82 -3.87
CA GLU C 11 -1.47 -5.06 -2.99
C GLU C 11 -0.88 -5.97 -1.91
N SER C 12 -1.77 -6.68 -1.21
CA SER C 12 -1.37 -7.46 -0.05
C SER C 12 -0.58 -8.73 -0.43
N ILE C 13 -0.91 -9.43 -1.52
CA ILE C 13 -0.05 -10.54 -1.95
C ILE C 13 1.31 -9.98 -2.37
N GLU C 14 1.36 -8.86 -3.08
CA GLU C 14 2.65 -8.31 -3.46
C GLU C 14 3.49 -8.03 -2.21
N THR C 15 2.99 -7.24 -1.25
CA THR C 15 3.81 -6.81 -0.12
C THR C 15 4.44 -8.00 0.63
N VAL C 16 3.71 -9.12 0.77
CA VAL C 16 4.27 -10.32 1.37
C VAL C 16 5.20 -11.04 0.40
N VAL C 17 4.86 -11.11 -0.90
CA VAL C 17 5.70 -11.72 -1.91
C VAL C 17 7.07 -11.02 -1.99
N THR C 18 7.11 -9.69 -1.99
CA THR C 18 8.39 -8.95 -2.04
C THR C 18 9.24 -9.23 -0.77
N THR C 19 8.58 -9.29 0.39
CA THR C 19 9.24 -9.62 1.64
C THR C 19 9.81 -11.05 1.57
N PHE C 20 8.97 -12.02 1.21
CA PHE C 20 9.39 -13.38 0.90
C PHE C 20 10.62 -13.35 0.01
N PHE C 21 10.54 -12.64 -1.11
CA PHE C 21 11.62 -12.55 -2.09
C PHE C 21 12.89 -11.85 -1.57
N THR C 22 12.79 -11.17 -0.43
CA THR C 22 13.96 -10.49 0.12
C THR C 22 14.78 -11.45 1.02
N PHE C 23 14.34 -12.71 1.05
CA PHE C 23 15.01 -13.75 1.83
C PHE C 23 15.22 -15.01 0.96
N ALA C 24 14.27 -15.25 0.06
CA ALA C 24 14.28 -16.40 -0.84
C ALA C 24 15.53 -16.39 -1.72
N ARG C 25 16.01 -15.20 -2.07
CA ARG C 25 17.17 -15.07 -2.96
C ARG C 25 18.51 -14.99 -2.21
N GLN C 26 18.50 -15.20 -0.90
CA GLN C 26 19.75 -15.11 -0.11
C GLN C 26 20.82 -16.11 -0.56
N GLU C 27 20.44 -17.38 -0.70
CA GLU C 27 21.40 -18.41 -1.10
C GLU C 27 21.17 -18.86 -2.56
N GLY C 28 21.18 -20.18 -2.77
CA GLY C 28 20.99 -20.73 -4.10
C GLY C 28 19.52 -20.79 -4.46
N ARG C 29 19.19 -20.32 -5.67
CA ARG C 29 17.82 -20.30 -6.17
C ARG C 29 16.99 -19.24 -5.46
N LYS C 30 16.43 -18.30 -6.21
CA LYS C 30 15.64 -17.23 -5.62
C LYS C 30 14.16 -17.61 -5.51
N ASP C 31 13.89 -18.82 -5.02
CA ASP C 31 12.52 -19.29 -4.84
C ASP C 31 12.47 -20.02 -3.51
N SER C 32 13.40 -20.95 -3.30
CA SER C 32 13.48 -21.74 -2.10
C SER C 32 14.23 -20.98 -1.01
N LEU C 33 13.69 -21.04 0.21
CA LEU C 33 14.43 -20.70 1.41
C LEU C 33 15.12 -21.97 1.88
N SER C 34 16.45 -22.00 1.99
CA SER C 34 17.13 -23.07 2.71
C SER C 34 17.12 -22.75 4.21
N VAL C 35 17.69 -23.64 5.02
CA VAL C 35 17.54 -23.63 6.48
C VAL C 35 17.85 -22.25 7.07
N ASN C 36 19.07 -21.73 6.83
CA ASN C 36 19.49 -20.40 7.33
C ASN C 36 18.51 -19.34 6.84
N GLU C 37 18.39 -19.25 5.51
CA GLU C 37 17.46 -18.40 4.80
C GLU C 37 16.10 -18.33 5.51
N PHE C 38 15.55 -19.51 5.82
CA PHE C 38 14.27 -19.63 6.48
C PHE C 38 14.35 -19.03 7.88
N LYS C 39 15.33 -19.46 8.67
CA LYS C 39 15.51 -18.94 10.02
C LYS C 39 15.63 -17.42 10.04
N GLU C 40 16.25 -16.85 9.00
CA GLU C 40 16.42 -15.40 8.88
C GLU C 40 15.09 -14.63 8.88
N LEU C 41 14.03 -15.24 8.36
CA LEU C 41 12.72 -14.57 8.30
C LEU C 41 12.23 -14.38 9.72
N VAL C 42 12.18 -15.50 10.47
CA VAL C 42 11.58 -15.54 11.78
C VAL C 42 12.40 -14.69 12.73
N THR C 43 13.71 -14.93 12.75
CA THR C 43 14.64 -14.22 13.65
C THR C 43 14.67 -12.70 13.42
N GLN C 44 14.45 -12.25 12.20
CA GLN C 44 14.52 -10.81 11.91
C GLN C 44 13.18 -10.08 11.99
N GLN C 45 12.20 -10.51 11.20
CA GLN C 45 10.91 -9.81 11.16
C GLN C 45 9.76 -10.52 11.88
N LEU C 46 10.05 -11.49 12.74
CA LEU C 46 8.97 -12.19 13.45
C LEU C 46 9.35 -12.50 14.90
N PRO C 47 9.34 -11.48 15.77
CA PRO C 47 9.70 -11.61 17.17
C PRO C 47 8.49 -11.74 18.12
N HIS C 48 7.28 -11.52 17.61
CA HIS C 48 6.09 -11.61 18.46
C HIS C 48 5.20 -12.79 18.07
N LEU C 49 4.73 -12.81 16.82
CA LEU C 49 3.86 -13.85 16.30
C LEU C 49 4.32 -15.24 16.73
N LEU C 50 5.47 -15.67 16.21
CA LEU C 50 6.13 -16.93 16.53
C LEU C 50 7.39 -16.59 17.30
N LYS C 51 7.21 -16.32 18.59
CA LYS C 51 8.30 -15.94 19.50
C LYS C 51 9.27 -17.10 19.77
N ASP C 52 9.23 -18.14 18.93
CA ASP C 52 10.11 -19.28 19.08
C ASP C 52 11.26 -19.21 18.09
N VAL C 53 12.30 -18.44 18.44
CA VAL C 53 13.47 -18.29 17.58
C VAL C 53 14.53 -19.35 17.91
N GLY C 54 14.10 -20.43 18.57
CA GLY C 54 15.01 -21.49 18.92
C GLY C 54 14.61 -22.83 18.33
N SER C 55 13.31 -23.08 18.28
CA SER C 55 12.79 -24.34 17.74
C SER C 55 12.33 -24.18 16.28
N LEU C 56 13.16 -23.51 15.48
CA LEU C 56 12.86 -23.30 14.09
C LEU C 56 12.88 -24.66 13.37
N ASP C 57 13.68 -25.61 13.85
CA ASP C 57 13.70 -26.98 13.37
C ASP C 57 12.29 -27.59 13.37
N GLU C 58 11.53 -27.43 14.46
CA GLU C 58 10.17 -27.91 14.57
C GLU C 58 9.32 -27.33 13.43
N LYS C 59 9.34 -25.99 13.28
CA LYS C 59 8.61 -25.35 12.21
C LYS C 59 9.05 -25.97 10.87
N MET C 60 10.35 -26.03 10.62
CA MET C 60 10.93 -26.54 9.40
C MET C 60 10.34 -27.93 9.09
N LYS C 61 10.43 -28.88 10.03
CA LYS C 61 9.87 -30.21 9.85
C LYS C 61 8.36 -30.14 9.60
N SER C 62 7.64 -29.30 10.35
CA SER C 62 6.20 -29.12 10.18
C SER C 62 5.84 -28.57 8.80
N LEU C 63 6.73 -27.76 8.21
CA LEU C 63 6.55 -27.10 6.92
C LEU C 63 6.98 -28.01 5.77
N ASP C 64 8.28 -28.34 5.73
CA ASP C 64 8.91 -29.09 4.65
C ASP C 64 8.53 -30.56 4.74
N VAL C 65 7.28 -30.88 4.36
CA VAL C 65 6.73 -32.24 4.45
C VAL C 65 7.65 -33.30 3.84
N ASN C 66 8.31 -32.97 2.74
CA ASN C 66 9.23 -33.86 2.02
C ASN C 66 10.64 -33.86 2.60
N GLN C 67 10.94 -32.94 3.52
CA GLN C 67 12.24 -32.82 4.19
C GLN C 67 13.40 -32.85 3.18
N ASP C 68 13.31 -31.99 2.16
CA ASP C 68 14.37 -31.78 1.17
C ASP C 68 15.33 -30.69 1.65
N SER C 69 14.99 -29.96 2.72
CA SER C 69 15.75 -28.82 3.22
C SER C 69 15.72 -27.64 2.24
N GLU C 70 14.65 -27.58 1.44
CA GLU C 70 14.25 -26.44 0.66
C GLU C 70 12.76 -26.22 0.92
N LEU C 71 12.37 -25.08 1.48
CA LEU C 71 10.99 -24.65 1.45
C LEU C 71 10.80 -23.94 0.12
N LYS C 72 10.35 -24.66 -0.93
CA LYS C 72 9.91 -24.06 -2.20
C LYS C 72 8.87 -22.98 -1.90
N PHE C 73 8.61 -22.09 -2.86
CA PHE C 73 7.62 -21.01 -2.73
C PHE C 73 6.36 -21.46 -1.98
N ASN C 74 5.69 -22.49 -2.49
CA ASN C 74 4.45 -22.99 -1.93
C ASN C 74 4.64 -23.65 -0.56
N GLU C 75 5.79 -24.27 -0.31
CA GLU C 75 6.08 -24.89 0.97
C GLU C 75 6.29 -23.79 2.02
N TYR C 76 7.19 -22.85 1.73
CA TYR C 76 7.43 -21.67 2.55
C TYR C 76 6.11 -21.00 2.87
N TRP C 77 5.32 -20.75 1.83
CA TRP C 77 4.02 -20.11 1.92
C TRP C 77 3.21 -20.66 3.10
N ARG C 78 3.28 -21.96 3.41
CA ARG C 78 2.62 -22.56 4.59
C ARG C 78 2.75 -21.65 5.82
N LEU C 79 3.96 -21.19 6.13
CA LEU C 79 4.23 -20.32 7.26
C LEU C 79 3.20 -19.19 7.33
N ILE C 80 2.90 -18.54 6.18
CA ILE C 80 2.04 -17.37 6.13
C ILE C 80 0.65 -17.74 6.66
N GLY C 81 0.28 -19.01 6.56
CA GLY C 81 -0.99 -19.51 7.04
C GLY C 81 -0.98 -19.59 8.53
N GLU C 82 0.13 -20.08 9.05
CA GLU C 82 0.32 -20.28 10.46
C GLU C 82 0.40 -18.89 11.09
N LEU C 83 0.98 -17.90 10.39
CA LEU C 83 0.98 -16.51 10.77
C LEU C 83 -0.45 -15.95 10.81
N ALA C 84 -1.13 -15.98 9.65
CA ALA C 84 -2.48 -15.47 9.45
C ALA C 84 -3.49 -16.14 10.39
N LYS C 85 -3.18 -17.37 10.79
CA LYS C 85 -3.91 -18.09 11.81
C LYS C 85 -3.52 -17.49 13.17
N GLU C 86 -2.25 -17.57 13.58
CA GLU C 86 -1.74 -17.09 14.87
C GLU C 86 -2.29 -15.70 15.24
N ILE C 87 -2.25 -14.72 14.34
CA ILE C 87 -2.74 -13.38 14.65
C ILE C 87 -4.17 -13.37 15.23
N ARG C 88 -5.03 -14.31 14.79
CA ARG C 88 -6.35 -14.51 15.35
C ARG C 88 -6.27 -15.52 16.50
N LYS C 89 -5.68 -16.67 16.22
CA LYS C 89 -5.69 -17.88 17.03
C LYS C 89 -5.00 -17.70 18.36
N LYS C 90 -4.06 -16.77 18.51
CA LYS C 90 -2.68 -17.13 18.84
C LYS C 90 -2.61 -18.36 19.75
N LYS C 91 -3.05 -18.31 21.01
CA LYS C 91 -3.04 -19.44 21.93
C LYS C 91 -4.43 -19.55 22.62
N ASP C 92 -5.49 -19.46 21.79
CA ASP C 92 -6.93 -19.58 22.09
C ASP C 92 -7.21 -20.95 22.71
N LEU C 93 -6.80 -21.10 23.97
CA LEU C 93 -6.73 -22.33 24.72
C LEU C 93 -6.28 -21.93 26.13
N LYS C 94 -5.18 -21.15 26.23
CA LYS C 94 -4.71 -20.56 27.48
C LYS C 94 -4.69 -19.03 27.41
N ILE C 95 -4.22 -18.45 26.29
CA ILE C 95 -3.92 -17.02 26.18
C ILE C 95 -4.38 -16.51 24.81
N ARG C 96 -5.41 -15.67 24.66
CA ARG C 96 -6.43 -15.17 25.60
C ARG C 96 -7.42 -14.23 24.88
N DLY C 97 -7.02 -13.24 24.06
CA DLY C 97 -5.71 -12.82 23.54
C DLY C 97 -5.99 -12.10 22.19
O DLY C 97 -6.73 -12.69 21.42
CB DLY C 97 -4.83 -12.18 24.63
CG DLY C 97 -5.43 -11.00 25.45
CD DLY C 97 -4.28 -10.28 26.21
CE DLY C 97 -4.14 -8.77 25.95
NZ DLY C 97 -5.17 -7.93 26.59
H DLY C 97 -7.76 -12.68 23.74
HA DLY C 97 -6.37 -11.86 23.72
HB2 DLY C 97 -4.56 -12.95 25.33
HB3 DLY C 97 -3.93 -11.82 24.15
HG2 DLY C 97 -5.90 -10.30 24.78
HG3 DLY C 97 -6.15 -11.38 26.15
HD2 DLY C 97 -4.46 -10.41 27.27
HD3 DLY C 97 -3.35 -10.76 25.96
HE2 DLY C 97 -3.17 -8.46 26.30
HE3 DLY C 97 -4.19 -8.62 24.87
HZ1 DLY C 97 -4.99 -6.93 26.36
HZ2 DLY C 97 -5.12 -8.05 27.63
HZ3 DLY C 97 -6.11 -8.20 26.26
N DLY C 98 -5.53 -10.91 21.81
CA DLY C 98 -4.52 -10.03 22.35
C DLY C 98 -3.17 -10.42 21.74
O DLY C 98 -3.02 -10.30 20.50
CB DLY C 98 -4.96 -8.59 22.07
CG DLY C 98 -6.43 -8.29 22.37
CD DLY C 98 -6.66 -6.78 22.62
CE DLY C 98 -6.18 -5.90 21.46
NZ DLY C 98 -5.87 -4.53 21.91
H DLY C 98 -5.98 -10.56 21.00
HA DLY C 98 -4.51 -10.09 21.17
HB2 DLY C 98 -4.36 -7.94 22.69
HB3 DLY C 98 -4.76 -8.35 21.04
HG2 DLY C 98 -7.03 -8.59 21.52
HG3 DLY C 98 -6.74 -8.84 23.25
HD2 DLY C 98 -7.71 -6.62 22.78
HD3 DLY C 98 -6.11 -6.50 23.51
HE2 DLY C 98 -5.29 -6.33 21.02
HE3 DLY C 98 -6.96 -5.86 20.71
HZ1 DLY C 98 -5.57 -3.95 21.11
HZ2 DLY C 98 -5.11 -4.55 22.61
HZ3 DLY C 98 -6.71 -4.10 22.34
N MET D 1 -11.15 -7.36 21.87
CA MET D 1 -12.18 -6.71 21.07
C MET D 1 -11.58 -6.27 19.73
N ALA D 2 -10.53 -5.43 19.74
CA ALA D 2 -9.85 -5.00 18.52
C ALA D 2 -8.56 -4.22 18.82
N ALA D 3 -7.41 -4.72 18.35
CA ALA D 3 -6.26 -3.98 17.82
C ALA D 3 -5.98 -2.53 18.29
N GLU D 4 -5.03 -2.34 19.22
CA GLU D 4 -4.12 -1.21 19.24
C GLU D 4 -2.93 -1.54 18.28
N PRO D 5 -1.85 -0.70 18.19
CA PRO D 5 -0.69 -0.89 17.30
C PRO D 5 -0.34 -2.32 16.88
N LEU D 6 -0.07 -2.46 15.60
CA LEU D 6 0.36 -3.71 14.98
C LEU D 6 1.58 -3.39 14.11
N THR D 7 2.13 -4.40 13.43
CA THR D 7 3.30 -4.15 12.58
C THR D 7 2.89 -3.80 11.15
N GLU D 8 3.88 -3.63 10.27
CA GLU D 8 3.64 -3.27 8.87
C GLU D 8 2.92 -4.39 8.09
N LEU D 9 3.30 -5.63 8.37
CA LEU D 9 2.71 -6.78 7.70
C LEU D 9 1.35 -7.16 8.29
N GLU D 10 1.01 -6.58 9.44
CA GLU D 10 -0.26 -6.86 10.09
C GLU D 10 -1.35 -5.93 9.54
N GLU D 11 -0.94 -4.78 9.00
CA GLU D 11 -1.88 -3.86 8.35
C GLU D 11 -2.59 -4.58 7.19
N SER D 12 -1.80 -5.19 6.31
CA SER D 12 -2.31 -5.76 5.07
C SER D 12 -3.16 -7.01 5.28
N ILE D 13 -2.98 -7.74 6.39
CA ILE D 13 -3.96 -8.74 6.81
C ILE D 13 -5.20 -8.07 7.43
N GLU D 14 -5.05 -6.93 8.13
CA GLU D 14 -6.21 -6.19 8.63
C GLU D 14 -7.09 -5.75 7.46
N THR D 15 -6.54 -5.04 6.46
CA THR D 15 -7.33 -4.38 5.44
C THR D 15 -8.37 -5.33 4.80
N VAL D 16 -8.00 -6.59 4.58
CA VAL D 16 -8.91 -7.60 4.05
C VAL D 16 -9.93 -8.05 5.11
N VAL D 17 -9.52 -8.17 6.37
CA VAL D 17 -10.43 -8.48 7.48
C VAL D 17 -11.49 -7.37 7.61
N THR D 18 -11.07 -6.11 7.45
CA THR D 18 -11.99 -4.98 7.51
C THR D 18 -13.11 -5.11 6.43
N THR D 19 -12.80 -5.79 5.32
CA THR D 19 -13.80 -6.04 4.26
C THR D 19 -14.75 -7.10 4.79
N PHE D 20 -14.14 -8.17 5.27
CA PHE D 20 -14.81 -9.29 5.93
C PHE D 20 -15.79 -8.78 6.98
N PHE D 21 -15.27 -7.95 7.89
CA PHE D 21 -16.03 -7.36 9.01
C PHE D 21 -17.22 -6.51 8.58
N THR D 22 -17.14 -5.85 7.42
CA THR D 22 -18.25 -5.01 6.98
C THR D 22 -19.17 -5.72 5.99
N PHE D 23 -19.02 -7.03 5.89
CA PHE D 23 -19.85 -7.82 4.99
C PHE D 23 -20.51 -8.96 5.77
N ALA D 24 -19.84 -9.40 6.83
CA ALA D 24 -20.34 -10.49 7.65
C ALA D 24 -21.25 -10.01 8.77
N ARG D 25 -21.24 -8.72 9.05
CA ARG D 25 -22.15 -8.16 10.06
C ARG D 25 -23.49 -7.81 9.40
N GLN D 26 -23.94 -8.67 8.48
CA GLN D 26 -25.15 -8.39 7.70
C GLN D 26 -26.45 -8.99 8.26
N GLU D 27 -26.59 -10.32 8.37
CA GLU D 27 -27.87 -10.86 8.78
C GLU D 27 -27.97 -11.08 10.29
N GLY D 28 -27.32 -12.14 10.78
CA GLY D 28 -26.74 -12.30 12.10
C GLY D 28 -25.28 -11.90 12.09
N ARG D 29 -24.74 -11.60 13.27
CA ARG D 29 -23.40 -12.05 13.70
C ARG D 29 -22.28 -11.74 12.71
N LYS D 30 -21.46 -10.75 13.10
CA LYS D 30 -20.31 -10.27 12.31
C LYS D 30 -19.10 -11.20 12.37
N ASP D 31 -19.07 -12.04 13.39
CA ASP D 31 -17.99 -13.00 13.59
C ASP D 31 -18.05 -14.21 12.65
N SER D 32 -19.17 -14.44 11.93
CA SER D 32 -19.31 -15.53 10.98
C SER D 32 -19.85 -15.03 9.64
N LEU D 33 -19.31 -15.54 8.53
CA LEU D 33 -19.89 -15.33 7.21
C LEU D 33 -21.17 -16.16 7.12
N SER D 34 -22.22 -15.52 6.59
CA SER D 34 -23.55 -16.04 6.37
C SER D 34 -23.81 -15.98 4.85
N VAL D 35 -24.80 -16.73 4.31
CA VAL D 35 -24.90 -16.89 2.86
C VAL D 35 -25.94 -15.96 2.23
N ASN D 36 -25.82 -14.69 2.61
CA ASN D 36 -26.05 -13.51 1.80
C ASN D 36 -25.21 -12.41 2.48
N GLU D 37 -23.94 -12.82 2.54
CA GLU D 37 -22.79 -12.09 3.04
C GLU D 37 -21.60 -12.64 2.25
N PHE D 38 -21.56 -13.98 2.18
CA PHE D 38 -20.58 -14.72 1.42
C PHE D 38 -20.80 -14.53 -0.08
N LYS D 39 -21.99 -14.88 -0.57
CA LYS D 39 -22.24 -14.78 -2.01
C LYS D 39 -22.08 -13.33 -2.47
N GLU D 40 -22.51 -12.38 -1.65
CA GLU D 40 -22.36 -10.96 -1.98
C GLU D 40 -20.88 -10.57 -2.02
N LEU D 41 -20.06 -11.29 -1.25
CA LEU D 41 -18.62 -11.04 -1.20
C LEU D 41 -17.91 -11.58 -2.44
N VAL D 42 -18.22 -12.82 -2.83
CA VAL D 42 -17.61 -13.40 -4.01
C VAL D 42 -18.03 -12.64 -5.26
N THR D 43 -19.30 -12.31 -5.37
CA THR D 43 -19.81 -11.61 -6.56
C THR D 43 -19.33 -10.14 -6.66
N GLN D 44 -19.00 -9.52 -5.53
CA GLN D 44 -18.57 -8.12 -5.55
C GLN D 44 -17.07 -7.94 -5.42
N GLN D 45 -16.49 -8.46 -4.34
CA GLN D 45 -15.06 -8.29 -4.08
C GLN D 45 -14.19 -9.25 -4.89
N LEU D 46 -14.69 -10.45 -5.19
CA LEU D 46 -13.91 -11.44 -5.94
C LEU D 46 -14.61 -11.85 -7.25
N PRO D 47 -14.89 -10.91 -8.18
CA PRO D 47 -15.56 -11.24 -9.43
C PRO D 47 -14.59 -11.62 -10.55
N HIS D 48 -13.34 -11.18 -10.40
CA HIS D 48 -12.29 -11.44 -11.37
C HIS D 48 -11.34 -12.50 -10.85
N LEU D 49 -10.97 -12.36 -9.57
CA LEU D 49 -10.07 -13.29 -8.92
C LEU D 49 -10.70 -14.67 -8.83
N LEU D 50 -11.97 -14.70 -8.41
CA LEU D 50 -12.71 -15.94 -8.31
C LEU D 50 -13.74 -16.01 -9.43
N LYS D 51 -13.42 -16.81 -10.45
CA LYS D 51 -14.30 -16.97 -11.60
C LYS D 51 -15.37 -18.04 -11.35
N ASP D 52 -15.73 -18.19 -10.09
CA ASP D 52 -16.74 -19.16 -9.69
C ASP D 52 -17.77 -18.51 -8.76
N VAL D 53 -18.48 -17.53 -9.30
CA VAL D 53 -19.50 -16.80 -8.53
C VAL D 53 -20.82 -17.55 -8.53
N GLY D 54 -21.00 -18.45 -9.49
CA GLY D 54 -22.24 -19.20 -9.59
C GLY D 54 -22.12 -20.55 -8.90
N SER D 55 -20.89 -20.97 -8.65
CA SER D 55 -20.62 -22.26 -8.00
C SER D 55 -20.04 -22.06 -6.60
N LEU D 56 -20.45 -20.96 -5.94
CA LEU D 56 -20.03 -20.65 -4.60
C LEU D 56 -20.36 -21.82 -3.68
N ASP D 57 -21.59 -22.33 -3.76
CA ASP D 57 -22.16 -23.39 -2.96
C ASP D 57 -21.19 -24.56 -2.77
N GLU D 58 -20.46 -24.96 -3.83
CA GLU D 58 -19.44 -25.99 -3.74
C GLU D 58 -18.30 -25.54 -2.81
N LYS D 59 -17.82 -24.31 -3.02
CA LYS D 59 -16.75 -23.73 -2.20
C LYS D 59 -17.22 -23.68 -0.75
N MET D 60 -18.45 -23.20 -0.56
CA MET D 60 -19.07 -23.14 0.76
C MET D 60 -19.03 -24.51 1.42
N LYS D 61 -19.53 -25.54 0.75
CA LYS D 61 -19.52 -26.89 1.30
C LYS D 61 -18.09 -27.33 1.64
N SER D 62 -17.13 -27.04 0.74
CA SER D 62 -15.73 -27.37 0.95
C SER D 62 -15.14 -26.62 2.15
N LEU D 63 -15.54 -25.35 2.33
CA LEU D 63 -15.07 -24.47 3.39
C LEU D 63 -15.62 -24.94 4.74
N ASP D 64 -16.94 -25.02 4.84
CA ASP D 64 -17.72 -25.05 6.08
C ASP D 64 -17.39 -26.18 7.06
N VAL D 65 -16.65 -27.20 6.63
CA VAL D 65 -16.87 -28.65 6.72
C VAL D 65 -17.55 -29.22 7.97
N ASN D 66 -17.55 -28.54 9.11
CA ASN D 66 -18.48 -28.91 10.18
C ASN D 66 -19.92 -28.82 9.68
N GLN D 67 -20.16 -28.00 8.65
CA GLN D 67 -21.42 -27.87 7.93
C GLN D 67 -22.52 -27.28 8.82
N ASP D 68 -22.13 -26.59 9.91
CA ASP D 68 -23.04 -25.75 10.68
C ASP D 68 -23.60 -24.61 9.80
N SER D 69 -22.95 -24.32 8.68
CA SER D 69 -23.32 -23.27 7.74
C SER D 69 -23.11 -21.87 8.32
N GLU D 70 -22.44 -21.76 9.46
CA GLU D 70 -21.70 -20.56 9.82
C GLU D 70 -20.31 -20.76 9.24
N LEU D 71 -19.95 -19.97 8.22
CA LEU D 71 -18.60 -19.98 7.70
C LEU D 71 -17.76 -19.28 8.76
N LYS D 72 -17.04 -20.07 9.56
CA LYS D 72 -16.57 -19.68 10.88
C LYS D 72 -15.27 -18.86 10.75
N PHE D 73 -14.81 -18.29 11.87
CA PHE D 73 -13.67 -17.38 11.93
C PHE D 73 -12.41 -18.24 11.90
N ASN D 74 -12.15 -18.74 10.69
CA ASN D 74 -11.19 -19.72 10.19
C ASN D 74 -11.91 -21.08 10.07
N GLU D 75 -13.07 -21.13 9.43
CA GLU D 75 -13.28 -21.80 8.17
C GLU D 75 -13.02 -20.79 7.04
N TYR D 76 -13.82 -19.71 7.03
CA TYR D 76 -13.91 -18.69 5.99
C TYR D 76 -12.56 -18.35 5.40
N TRP D 77 -11.63 -18.03 6.30
CA TRP D 77 -10.31 -17.51 5.98
C TRP D 77 -9.66 -18.25 4.82
N ARG D 78 -9.83 -19.58 4.78
CA ARG D 78 -9.36 -20.43 3.68
C ARG D 78 -9.56 -19.77 2.32
N LEU D 79 -10.73 -19.15 2.08
CA LEU D 79 -11.06 -18.50 0.83
C LEU D 79 -9.95 -17.55 0.39
N ILE D 80 -9.49 -16.67 1.28
CA ILE D 80 -8.45 -15.70 1.00
C ILE D 80 -7.19 -16.45 0.54
N GLY D 81 -7.02 -17.68 1.05
CA GLY D 81 -5.95 -18.60 0.74
C GLY D 81 -6.03 -19.11 -0.66
N GLU D 82 -7.24 -19.47 -1.04
CA GLU D 82 -7.51 -20.01 -2.33
C GLU D 82 -7.28 -18.90 -3.34
N LEU D 83 -7.83 -17.70 -3.14
CA LEU D 83 -7.43 -16.58 -4.00
C LEU D 83 -5.90 -16.35 -3.98
N ALA D 84 -5.29 -16.36 -2.79
CA ALA D 84 -3.86 -16.14 -2.67
C ALA D 84 -3.07 -17.11 -3.55
N LYS D 85 -3.34 -18.41 -3.48
CA LYS D 85 -2.66 -19.34 -4.38
C LYS D 85 -3.16 -19.16 -5.82
N GLU D 86 -4.45 -18.94 -6.08
CA GLU D 86 -5.06 -18.86 -7.41
C GLU D 86 -4.22 -18.00 -8.37
N ILE D 87 -3.77 -16.84 -7.90
CA ILE D 87 -2.94 -15.95 -8.72
C ILE D 87 -1.75 -16.70 -9.34
N ARG D 88 -1.14 -17.60 -8.56
CA ARG D 88 -0.11 -18.53 -8.98
C ARG D 88 -0.71 -19.79 -9.64
N LYS D 89 -1.84 -20.29 -9.12
CA LYS D 89 -2.34 -21.63 -9.33
C LYS D 89 -3.70 -21.62 -10.06
N LYS D 90 -3.64 -21.44 -11.37
CA LYS D 90 -4.76 -21.38 -12.31
C LYS D 90 -5.89 -22.36 -11.96
N LYS D 91 -5.60 -23.68 -11.82
CA LYS D 91 -6.63 -24.67 -11.48
C LYS D 91 -6.07 -25.91 -10.77
N ASP D 92 -4.76 -25.98 -10.59
CA ASP D 92 -4.03 -27.24 -10.64
C ASP D 92 -3.89 -27.85 -9.25
N LEU D 93 -5.00 -27.92 -8.50
CA LEU D 93 -5.01 -28.44 -7.13
C LEU D 93 -5.34 -29.92 -7.08
N DLY D 94 -6.46 -30.31 -7.69
CA DLY D 94 -7.08 -31.62 -7.49
C DLY D 94 -7.19 -31.98 -6.00
O DLY D 94 -8.09 -31.48 -5.33
CB DLY D 94 -8.49 -31.60 -8.13
CG DLY D 94 -9.25 -30.30 -7.79
CD DLY D 94 -10.76 -30.46 -7.61
CE DLY D 94 -11.22 -30.87 -6.20
NZ DLY D 94 -10.66 -32.16 -5.73
H DLY D 94 -6.88 -29.69 -8.32
HA DLY D 94 -7.48 -30.77 -6.82
HB2 DLY D 94 -8.39 -31.67 -9.21
HB3 DLY D 94 -9.05 -32.44 -7.76
HG2 DLY D 94 -8.86 -29.88 -6.87
HG3 DLY D 94 -9.07 -29.59 -8.59
HD2 DLY D 94 -11.22 -29.51 -7.85
HD3 DLY D 94 -11.09 -31.21 -8.32
HE2 DLY D 94 -10.92 -30.10 -5.51
HE3 DLY D 94 -12.29 -30.94 -6.20
HZ1 DLY D 94 -11.00 -32.37 -4.76
HZ2 DLY D 94 -9.62 -32.13 -5.71
HZ3 DLY D 94 -10.96 -32.93 -6.36
N ILE D 95 -6.35 -32.88 -5.51
CA ILE D 95 -6.44 -33.57 -4.23
C ILE D 95 -7.77 -34.31 -4.00
N ARG D 96 -7.69 -35.38 -3.21
CA ARG D 96 -8.78 -36.22 -2.75
C ARG D 96 -8.20 -37.08 -1.63
N LYS D 97 -8.82 -37.11 -0.44
CA LYS D 97 -8.18 -37.57 0.78
C LYS D 97 -9.27 -37.56 1.86
N LYS D 98 -9.48 -38.70 2.54
CA LYS D 98 -10.26 -38.80 3.77
C LYS D 98 -9.26 -38.91 4.91
N TYR E 1 -25.81 32.69 8.07
CA TYR E 1 -26.59 32.76 6.80
C TYR E 1 -27.03 31.36 6.36
N LYS E 2 -27.90 30.74 7.17
CA LYS E 2 -28.38 29.40 6.86
C LYS E 2 -28.89 29.32 5.42
N LYS E 3 -28.14 28.63 4.58
CA LYS E 3 -28.47 28.48 3.16
C LYS E 3 -27.77 27.24 2.59
N PRO E 4 -27.87 27.01 1.27
CA PRO E 4 -27.26 25.89 0.57
C PRO E 4 -26.13 25.21 1.36
N LYS E 5 -26.42 24.04 1.91
CA LYS E 5 -25.44 23.28 2.67
C LYS E 5 -24.79 22.24 1.77
N LEU E 6 -23.55 22.47 1.37
CA LEU E 6 -22.83 21.54 0.50
C LEU E 6 -22.21 20.43 1.35
N LEU E 7 -22.34 19.19 0.89
CA LEU E 7 -21.80 18.03 1.60
C LEU E 7 -21.28 16.99 0.61
N TYR E 8 -20.11 16.44 0.91
CA TYR E 8 -19.50 15.41 0.07
C TYR E 8 -18.48 14.61 0.88
N CYS E 9 -17.94 13.54 0.30
CA CYS E 9 -16.97 12.72 1.01
C CYS E 9 -15.96 12.11 0.04
N SER E 10 -14.87 11.58 0.60
CA SER E 10 -13.80 10.96 -0.17
C SER E 10 -12.95 12.04 -0.83
N ASN E 11 -11.66 12.06 -0.50
CA ASN E 11 -10.75 13.05 -1.06
C ASN E 11 -10.88 13.10 -2.58
N GLY E 12 -11.11 14.29 -3.10
CA GLY E 12 -11.27 14.46 -4.53
C GLY E 12 -12.45 15.33 -4.89
N GLY E 13 -12.26 16.22 -5.85
CA GLY E 13 -13.32 17.11 -6.27
C GLY E 13 -14.57 16.36 -6.68
N HIS E 14 -15.58 16.38 -5.80
CA HIS E 14 -16.86 15.72 -6.06
C HIS E 14 -17.91 16.23 -5.07
N PHE E 15 -19.00 16.78 -5.58
CA PHE E 15 -20.06 17.31 -4.73
C PHE E 15 -21.37 16.56 -4.97
N LEU E 16 -22.20 16.47 -3.95
CA LEU E 16 -23.48 15.78 -4.05
C LEU E 16 -24.47 16.63 -4.84
N ARG E 17 -24.65 16.31 -6.12
CA ARG E 17 -25.58 17.05 -6.96
C ARG E 17 -26.94 16.36 -6.99
N ILE E 18 -27.91 16.96 -6.33
CA ILE E 18 -29.24 16.40 -6.25
C ILE E 18 -30.12 16.88 -7.41
N LEU E 19 -30.96 15.98 -7.91
CA LEU E 19 -31.87 16.29 -8.99
C LEU E 19 -33.29 15.84 -8.63
N PRO E 20 -34.30 16.64 -8.98
CA PRO E 20 -35.71 16.33 -8.68
C PRO E 20 -36.06 14.87 -9.02
N ASP E 21 -35.39 14.33 -10.03
CA ASP E 21 -35.59 12.96 -10.44
C ASP E 21 -35.32 11.98 -9.29
N GLY E 22 -34.24 12.23 -8.57
CA GLY E 22 -33.86 11.38 -7.47
C GLY E 22 -32.45 10.84 -7.61
N THR E 23 -32.00 10.63 -8.84
CA THR E 23 -30.65 10.13 -9.09
C THR E 23 -29.59 11.19 -8.79
N VAL E 24 -29.20 11.28 -7.53
CA VAL E 24 -28.18 12.22 -7.10
C VAL E 24 -26.79 11.61 -7.28
N ASP E 25 -25.88 12.36 -7.88
CA ASP E 25 -24.51 11.89 -8.10
C ASP E 25 -23.49 12.87 -7.55
N GLY E 26 -22.25 12.41 -7.43
CA GLY E 26 -21.18 13.24 -6.90
C GLY E 26 -20.55 14.12 -7.97
N THR E 27 -21.32 15.05 -8.49
CA THR E 27 -20.85 15.97 -9.52
C THR E 27 -19.81 16.92 -8.97
N ARG E 28 -18.67 17.03 -9.63
CA ARG E 28 -17.61 17.91 -9.18
C ARG E 28 -17.74 19.27 -9.88
N ASP E 29 -18.79 19.99 -9.56
CA ASP E 29 -19.04 21.31 -10.14
C ASP E 29 -19.78 22.20 -9.17
N ARG E 30 -19.58 23.51 -9.30
CA ARG E 30 -20.24 24.48 -8.43
C ARG E 30 -20.79 25.64 -9.27
N SER E 31 -21.02 25.37 -10.55
CA SER E 31 -21.55 26.38 -11.47
C SER E 31 -23.07 26.31 -11.50
N ASP E 32 -23.61 25.10 -11.53
CA ASP E 32 -25.06 24.91 -11.55
C ASP E 32 -25.58 24.67 -10.15
N GLN E 33 -26.57 25.46 -9.73
CA GLN E 33 -27.14 25.32 -8.39
C GLN E 33 -27.92 24.01 -8.24
N HIS E 34 -27.19 22.92 -8.08
CA HIS E 34 -27.81 21.61 -7.89
C HIS E 34 -27.00 20.73 -6.93
N ILE E 35 -26.10 21.35 -6.16
CA ILE E 35 -25.27 20.62 -5.21
C ILE E 35 -25.38 21.24 -3.82
N GLN E 36 -26.62 21.56 -3.43
CA GLN E 36 -26.87 22.18 -2.14
C GLN E 36 -28.14 21.60 -1.50
N LEU E 37 -28.03 21.25 -0.23
CA LEU E 37 -29.17 20.70 0.50
C LEU E 37 -29.36 21.48 1.80
N GLN E 38 -30.58 21.50 2.32
CA GLN E 38 -30.86 22.22 3.55
C GLN E 38 -30.65 21.31 4.76
N LEU E 39 -29.38 21.04 5.06
CA LEU E 39 -29.01 20.21 6.20
C LEU E 39 -29.20 20.99 7.50
N SER E 40 -29.93 20.40 8.44
CA SER E 40 -30.18 21.03 9.73
C SER E 40 -30.59 20.00 10.77
N ALA E 41 -30.38 20.33 12.04
CA ALA E 41 -30.74 19.44 13.13
C ALA E 41 -32.21 19.66 13.49
N GLU E 42 -33.05 18.73 13.06
CA GLU E 42 -34.49 18.84 13.32
C GLU E 42 -34.78 18.57 14.79
N SER E 43 -34.32 17.42 15.27
CA SER E 43 -34.51 17.03 16.67
C SER E 43 -33.16 16.91 17.36
N VAL E 44 -33.18 16.66 18.67
CA VAL E 44 -31.95 16.53 19.43
C VAL E 44 -31.01 15.49 18.80
N GLY E 45 -30.10 15.96 17.96
CA GLY E 45 -29.15 15.08 17.31
C GLY E 45 -29.65 14.56 15.97
N GLU E 46 -30.96 14.68 15.71
CA GLU E 46 -31.54 14.20 14.47
C GLU E 46 -31.46 15.26 13.38
N VAL E 47 -30.59 15.04 12.40
CA VAL E 47 -30.42 15.98 11.30
C VAL E 47 -31.10 15.44 10.04
N TYR E 48 -31.69 16.33 9.27
CA TYR E 48 -32.39 15.96 8.05
C TYR E 48 -31.69 16.54 6.82
N ILE E 49 -31.76 15.82 5.72
CA ILE E 49 -31.17 16.25 4.46
C ILE E 49 -32.26 16.51 3.44
N LYS E 50 -32.56 17.78 3.23
CA LYS E 50 -33.60 18.18 2.29
C LYS E 50 -33.10 19.25 1.34
N SER E 51 -33.00 18.91 0.06
CA SER E 51 -32.53 19.86 -0.94
C SER E 51 -33.71 20.73 -1.41
N THR E 52 -34.28 21.45 -0.45
CA THR E 52 -35.43 22.30 -0.71
C THR E 52 -35.20 23.29 -1.86
N GLU E 53 -34.34 24.27 -1.62
CA GLU E 53 -34.06 25.30 -2.62
C GLU E 53 -33.02 24.84 -3.64
N THR E 54 -33.29 23.71 -4.31
CA THR E 54 -32.37 23.20 -5.32
C THR E 54 -32.81 21.84 -5.89
N GLY E 55 -33.30 20.95 -5.03
CA GLY E 55 -33.70 19.64 -5.51
C GLY E 55 -34.95 19.09 -4.85
N GLN E 56 -34.76 18.05 -4.04
CA GLN E 56 -35.86 17.37 -3.39
C GLN E 56 -35.47 16.89 -1.99
N TYR E 57 -36.40 16.20 -1.34
CA TYR E 57 -36.18 15.65 0.00
C TYR E 57 -35.64 14.23 -0.12
N LEU E 58 -34.75 13.84 0.78
CA LEU E 58 -34.18 12.50 0.73
C LEU E 58 -35.10 11.47 1.37
N ALA E 59 -34.94 10.22 0.95
CA ALA E 59 -35.73 9.11 1.45
C ALA E 59 -35.00 7.80 1.15
N MET E 60 -34.07 7.45 2.02
CA MET E 60 -33.28 6.24 1.88
C MET E 60 -34.13 5.00 1.63
N ASP E 61 -33.64 4.11 0.78
CA ASP E 61 -34.34 2.88 0.47
C ASP E 61 -33.82 1.79 1.39
N THR E 62 -34.38 1.75 2.59
CA THR E 62 -33.97 0.76 3.58
C THR E 62 -32.48 0.92 3.92
N ASP E 63 -32.01 2.17 3.88
CA ASP E 63 -30.59 2.50 4.13
C ASP E 63 -29.73 1.98 3.00
N GLY E 64 -29.87 0.69 2.68
CA GLY E 64 -29.12 0.07 1.60
C GLY E 64 -28.82 1.02 0.45
N LEU E 65 -29.87 1.59 -0.12
CA LEU E 65 -29.73 2.53 -1.22
C LEU E 65 -30.23 3.90 -0.80
N LEU E 66 -29.45 4.93 -1.08
CA LEU E 66 -29.83 6.29 -0.70
C LEU E 66 -30.46 7.01 -1.90
N TYR E 67 -31.64 7.60 -1.67
CA TYR E 67 -32.35 8.32 -2.71
C TYR E 67 -33.26 9.37 -2.10
N GLY E 68 -33.92 10.15 -2.94
CA GLY E 68 -34.82 11.17 -2.46
C GLY E 68 -35.51 11.89 -3.59
N SER E 69 -36.78 12.26 -3.38
CA SER E 69 -37.55 12.97 -4.40
C SER E 69 -39.02 13.08 -3.99
N GLN E 70 -39.68 11.94 -3.85
CA GLN E 70 -41.11 11.92 -3.52
C GLN E 70 -41.40 12.56 -2.15
N THR E 71 -41.02 11.87 -1.07
CA THR E 71 -41.29 12.38 0.28
C THR E 71 -40.15 12.11 1.25
N PRO E 72 -39.92 13.02 2.22
CA PRO E 72 -38.87 12.87 3.22
C PRO E 72 -39.29 11.86 4.31
N ASN E 73 -39.31 10.59 3.93
CA ASN E 73 -39.69 9.53 4.86
C ASN E 73 -38.71 9.44 6.02
N GLU E 74 -39.16 8.87 7.14
CA GLU E 74 -38.31 8.73 8.34
C GLU E 74 -36.91 8.23 7.97
N GLU E 75 -36.82 7.42 6.92
CA GLU E 75 -35.53 6.93 6.42
C GLU E 75 -34.52 8.07 6.31
N CYS E 76 -35.02 9.30 6.11
CA CYS E 76 -34.17 10.47 5.95
C CYS E 76 -33.72 11.08 7.29
N LEU E 77 -34.09 10.48 8.41
CA LEU E 77 -33.67 11.01 9.72
C LEU E 77 -32.34 10.38 10.13
N PHE E 78 -31.32 11.23 10.32
CA PHE E 78 -29.99 10.75 10.69
C PHE E 78 -29.47 11.47 11.93
N LEU E 79 -28.71 10.73 12.74
CA LEU E 79 -28.11 11.29 13.95
C LEU E 79 -26.82 12.01 13.60
N GLU E 80 -26.72 13.28 13.98
CA GLU E 80 -25.53 14.09 13.69
C GLU E 80 -24.36 13.69 14.59
N ARG E 81 -23.30 13.17 13.98
CA ARG E 81 -22.10 12.76 14.71
C ARG E 81 -20.87 13.38 14.04
N LEU E 82 -19.83 13.64 14.84
CA LEU E 82 -18.61 14.24 14.32
C LEU E 82 -17.41 13.35 14.60
N GLU E 83 -16.49 13.25 13.64
CA GLU E 83 -15.30 12.43 13.81
C GLU E 83 -14.06 13.33 13.86
N GLU E 84 -13.11 12.97 14.71
CA GLU E 84 -11.87 13.75 14.85
C GLU E 84 -10.97 13.54 13.63
N ASN E 85 -11.53 13.74 12.45
CA ASN E 85 -10.81 13.58 11.20
C ASN E 85 -11.26 14.64 10.18
N HIS E 86 -11.83 15.74 10.70
CA HIS E 86 -12.32 16.83 9.85
C HIS E 86 -13.43 16.34 8.92
N TYR E 87 -14.35 15.54 9.48
CA TYR E 87 -15.46 15.01 8.71
C TYR E 87 -16.71 14.84 9.58
N ASN E 88 -17.86 14.89 8.94
CA ASN E 88 -19.14 14.75 9.62
C ASN E 88 -19.70 13.34 9.44
N THR E 89 -20.39 12.85 10.46
CA THR E 89 -20.98 11.52 10.41
C THR E 89 -22.48 11.61 10.71
N TYR E 90 -23.28 10.88 9.94
CA TYR E 90 -24.72 10.89 10.12
C TYR E 90 -25.24 9.46 10.21
N ILE E 91 -25.79 9.10 11.37
CA ILE E 91 -26.30 7.75 11.58
C ILE E 91 -27.78 7.65 11.27
N SER E 92 -28.12 6.85 10.27
CA SER E 92 -29.51 6.64 9.88
C SER E 92 -30.24 5.86 10.98
N LYS E 93 -30.64 6.58 12.03
CA LYS E 93 -31.33 5.95 13.17
C LYS E 93 -32.39 4.97 12.68
N LYS E 94 -33.04 5.29 11.56
CA LYS E 94 -34.06 4.42 10.99
C LYS E 94 -33.52 3.00 10.81
N HIS E 95 -32.21 2.87 10.60
CA HIS E 95 -31.58 1.56 10.43
C HIS E 95 -30.39 1.37 11.38
N ALA E 96 -30.23 2.29 12.33
CA ALA E 96 -29.14 2.21 13.30
C ALA E 96 -29.11 0.83 13.95
N GLU E 97 -30.28 0.22 14.08
CA GLU E 97 -30.41 -1.11 14.66
C GLU E 97 -29.43 -2.10 14.01
N LYS E 98 -29.17 -1.93 12.70
CA LYS E 98 -28.26 -2.84 11.99
C LYS E 98 -26.84 -2.26 11.91
N ASN E 99 -26.62 -1.16 12.64
CA ASN E 99 -25.33 -0.47 12.67
C ASN E 99 -25.01 0.11 11.30
N TRP E 100 -26.04 0.62 10.64
CA TRP E 100 -25.90 1.21 9.31
C TRP E 100 -26.04 2.73 9.37
N PHE E 101 -25.05 3.43 8.81
CA PHE E 101 -25.07 4.88 8.77
C PHE E 101 -24.67 5.40 7.38
N VAL E 102 -25.62 6.14 6.76
CA VAL E 102 -25.52 6.73 5.43
C VAL E 102 -24.09 6.80 4.87
N GLY E 103 -23.90 6.16 3.72
CA GLY E 103 -22.61 6.16 3.04
C GLY E 103 -22.79 6.28 1.54
N LEU E 104 -22.03 7.18 0.91
CA LEU E 104 -22.13 7.38 -0.54
C LEU E 104 -20.82 7.11 -1.25
N LYS E 105 -20.91 6.87 -2.55
CA LYS E 105 -19.75 6.60 -3.39
C LYS E 105 -19.40 7.84 -4.20
N LYS E 106 -18.33 8.53 -3.79
CA LYS E 106 -17.87 9.75 -4.46
C LYS E 106 -17.93 9.63 -5.98
N ASN E 107 -17.49 8.49 -6.49
CA ASN E 107 -17.48 8.24 -7.94
C ASN E 107 -18.52 7.19 -8.32
N GLY E 108 -19.67 7.22 -7.64
CA GLY E 108 -20.72 6.26 -7.93
C GLY E 108 -22.11 6.81 -7.65
N SER E 109 -22.30 7.30 -6.43
CA SER E 109 -23.57 7.87 -5.95
C SER E 109 -23.80 7.41 -4.52
N CYS E 110 -24.86 7.90 -3.90
CA CYS E 110 -25.19 7.54 -2.52
C CYS E 110 -25.99 6.24 -2.47
N LYS E 111 -25.32 5.13 -2.15
CA LYS E 111 -25.97 3.82 -2.06
C LYS E 111 -24.96 2.74 -1.66
N ARG E 112 -24.66 2.70 -0.37
CA ARG E 112 -23.70 1.74 0.18
C ARG E 112 -24.14 1.28 1.56
N GLY E 113 -25.46 1.28 1.78
CA GLY E 113 -26.04 0.88 3.06
C GLY E 113 -25.59 -0.48 3.59
N PRO E 114 -25.50 -1.54 2.75
CA PRO E 114 -25.07 -2.86 3.23
C PRO E 114 -23.57 -2.89 3.55
N ARG E 115 -22.89 -1.77 3.33
CA ARG E 115 -21.46 -1.66 3.60
C ARG E 115 -21.16 -0.44 4.49
N THR E 116 -22.19 0.12 5.13
CA THR E 116 -22.00 1.28 6.00
C THR E 116 -21.59 0.87 7.40
N HIS E 117 -20.27 0.79 7.62
CA HIS E 117 -19.71 0.41 8.91
C HIS E 117 -18.24 0.83 8.97
N TYR E 118 -17.44 0.16 9.79
CA TYR E 118 -16.02 0.50 9.90
C TYR E 118 -15.20 -0.17 8.79
N GLY E 119 -15.42 0.29 7.58
CA GLY E 119 -14.72 -0.23 6.41
C GLY E 119 -14.71 0.81 5.32
N GLN E 120 -15.89 1.30 4.97
CA GLN E 120 -16.03 2.34 3.96
C GLN E 120 -15.86 3.69 4.63
N LYS E 121 -14.81 4.40 4.26
CA LYS E 121 -14.49 5.71 4.86
C LYS E 121 -15.42 6.80 4.31
N ALA E 122 -16.06 6.52 3.17
CA ALA E 122 -16.98 7.46 2.54
C ALA E 122 -18.05 7.97 3.51
N ILE E 123 -18.22 7.28 4.63
CA ILE E 123 -19.18 7.68 5.66
C ILE E 123 -18.77 9.01 6.30
N LEU E 124 -17.47 9.32 6.26
CA LEU E 124 -16.96 10.55 6.83
C LEU E 124 -17.10 11.68 5.82
N PHE E 125 -18.24 12.35 5.85
CA PHE E 125 -18.53 13.42 4.91
C PHE E 125 -17.85 14.73 5.32
N LEU E 126 -17.48 15.53 4.31
CA LEU E 126 -16.86 16.81 4.53
C LEU E 126 -17.84 17.91 4.14
N PRO E 127 -18.41 18.62 5.12
CA PRO E 127 -19.39 19.68 4.88
C PRO E 127 -18.75 21.05 4.64
N LEU E 128 -19.35 21.80 3.73
CA LEU E 128 -18.90 23.15 3.39
C LEU E 128 -20.08 24.12 3.38
N PRO E 129 -20.93 24.08 4.44
CA PRO E 129 -22.11 24.93 4.54
C PRO E 129 -21.80 26.34 5.03
N VAL E 130 -22.64 27.30 4.64
CA VAL E 130 -22.47 28.68 5.05
C VAL E 130 -23.02 28.88 6.47
N SER E 131 -22.15 28.65 7.45
CA SER E 131 -22.53 28.80 8.85
C SER E 131 -22.78 30.26 9.22
N SER E 132 -23.17 30.49 10.46
CA SER E 132 -23.42 31.83 10.95
C SER E 132 -22.35 32.23 11.97
N ASP E 133 -21.12 32.35 11.47
CA ASP E 133 -19.98 32.71 12.30
C ASP E 133 -19.73 34.21 12.25
N GLU F 1 -15.10 -1.81 -5.08
CA GLU F 1 -15.63 -2.08 -6.44
C GLU F 1 -14.55 -1.87 -7.48
N LYS F 2 -14.23 -2.93 -8.23
CA LYS F 2 -13.19 -2.87 -9.26
C LYS F 2 -13.62 -3.59 -10.53
N LEU F 3 -13.23 -3.03 -11.67
CA LEU F 3 -13.57 -3.59 -12.98
C LEU F 3 -12.34 -3.54 -13.90
N GLY F 4 -11.28 -2.89 -13.42
CA GLY F 4 -10.06 -2.77 -14.20
C GLY F 4 -9.85 -1.34 -14.67
N LYS F 5 -9.39 -1.19 -15.91
CA LYS F 5 -9.13 0.14 -16.49
C LYS F 5 -9.51 0.19 -17.97
N LEU F 6 -9.91 1.37 -18.44
CA LEU F 6 -10.29 1.57 -19.82
C LEU F 6 -9.64 2.83 -20.38
N GLN F 7 -8.90 2.66 -21.46
CA GLN F 7 -8.21 3.80 -22.08
C GLN F 7 -9.11 4.41 -23.14
N TYR F 8 -9.20 5.74 -23.18
CA TYR F 8 -10.06 6.39 -24.16
C TYR F 8 -9.58 7.79 -24.53
N SER F 9 -10.00 8.23 -25.71
CA SER F 9 -9.68 9.54 -26.24
C SER F 9 -10.95 10.15 -26.82
N LEU F 10 -11.54 11.09 -26.09
CA LEU F 10 -12.80 11.71 -26.51
C LEU F 10 -12.57 13.09 -27.12
N ASP F 11 -13.10 13.30 -28.32
CA ASP F 11 -12.99 14.58 -29.01
C ASP F 11 -14.39 15.15 -29.28
N TYR F 12 -14.48 16.42 -29.63
CA TYR F 12 -15.79 17.05 -29.86
C TYR F 12 -15.96 17.54 -31.29
N ASP F 13 -17.19 17.46 -31.79
CA ASP F 13 -17.53 17.93 -33.12
C ASP F 13 -18.51 19.09 -33.02
N PHE F 14 -18.14 20.23 -33.61
CA PHE F 14 -18.98 21.43 -33.56
C PHE F 14 -19.75 21.67 -34.87
N GLN F 15 -19.73 20.68 -35.76
CA GLN F 15 -20.43 20.78 -37.04
C GLN F 15 -21.77 20.05 -36.96
N ASN F 16 -21.73 18.84 -36.43
CA ASN F 16 -22.94 18.03 -36.28
C ASN F 16 -23.44 18.09 -34.84
N ASN F 17 -22.58 18.55 -33.92
CA ASN F 17 -22.90 18.68 -32.51
C ASN F 17 -22.94 17.32 -31.81
N GLN F 18 -21.79 16.67 -31.76
CA GLN F 18 -21.67 15.37 -31.12
C GLN F 18 -20.27 15.17 -30.58
N LEU F 19 -20.16 14.52 -29.44
CA LEU F 19 -18.86 14.24 -28.85
C LEU F 19 -18.41 12.84 -29.28
N LEU F 20 -17.17 12.73 -29.72
CA LEU F 20 -16.63 11.47 -30.20
C LEU F 20 -15.96 10.71 -29.05
N VAL F 21 -16.67 9.74 -28.51
CA VAL F 21 -16.13 8.92 -27.43
C VAL F 21 -15.30 7.79 -28.02
N GLY F 22 -14.04 8.09 -28.32
CA GLY F 22 -13.16 7.10 -28.89
C GLY F 22 -12.33 6.37 -27.85
N ILE F 23 -12.85 5.26 -27.35
CA ILE F 23 -12.15 4.48 -26.35
C ILE F 23 -11.14 3.55 -27.03
N ILE F 24 -10.06 3.25 -26.34
CA ILE F 24 -9.02 2.38 -26.90
C ILE F 24 -9.30 0.92 -26.58
N GLN F 25 -9.44 0.61 -25.29
CA GLN F 25 -9.71 -0.75 -24.85
C GLN F 25 -9.91 -0.81 -23.34
N ALA F 26 -10.29 -1.98 -22.86
CA ALA F 26 -10.51 -2.19 -21.43
C ALA F 26 -9.55 -3.28 -20.94
N ALA F 27 -9.00 -3.09 -19.74
CA ALA F 27 -8.07 -4.06 -19.18
C ALA F 27 -8.51 -4.54 -17.80
N GLU F 28 -8.25 -5.83 -17.53
CA GLU F 28 -8.55 -6.46 -16.24
C GLU F 28 -10.05 -6.53 -15.94
N LEU F 29 -10.83 -7.04 -16.89
CA LEU F 29 -12.27 -7.17 -16.71
C LEU F 29 -12.61 -8.46 -15.95
N PRO F 30 -13.55 -8.40 -14.98
CA PRO F 30 -13.96 -9.56 -14.19
C PRO F 30 -14.65 -10.63 -15.03
N ALA F 31 -14.69 -11.86 -14.50
CA ALA F 31 -15.30 -12.98 -15.19
C ALA F 31 -16.77 -13.13 -14.83
N LEU F 32 -17.51 -13.84 -15.67
CA LEU F 32 -18.93 -14.07 -15.47
C LEU F 32 -19.30 -15.50 -15.87
N ASP F 33 -18.71 -15.96 -16.98
CA ASP F 33 -18.97 -17.31 -17.49
C ASP F 33 -18.09 -18.33 -16.78
N MET F 34 -18.62 -19.54 -16.57
CA MET F 34 -17.89 -20.62 -15.92
C MET F 34 -16.58 -20.91 -16.64
N GLY F 35 -15.46 -20.63 -15.98
CA GLY F 35 -14.16 -20.84 -16.57
C GLY F 35 -13.18 -19.77 -16.19
N GLY F 36 -13.40 -18.55 -16.68
CA GLY F 36 -12.51 -17.45 -16.36
C GLY F 36 -12.59 -16.30 -17.34
N THR F 37 -13.62 -16.28 -18.18
CA THR F 37 -13.79 -15.21 -19.17
C THR F 37 -15.25 -14.82 -19.34
N SER F 38 -15.49 -13.65 -19.91
CA SER F 38 -16.85 -13.17 -20.14
C SER F 38 -16.99 -12.59 -21.55
N ASP F 39 -18.21 -12.18 -21.89
CA ASP F 39 -18.49 -11.58 -23.19
C ASP F 39 -18.89 -10.12 -22.96
N PRO F 40 -17.96 -9.30 -22.45
CA PRO F 40 -18.23 -7.91 -22.11
C PRO F 40 -18.35 -6.97 -23.31
N TYR F 41 -19.47 -6.27 -23.36
CA TYR F 41 -19.73 -5.28 -24.40
C TYR F 41 -20.19 -3.99 -23.71
N VAL F 42 -19.61 -2.88 -24.10
CA VAL F 42 -19.95 -1.59 -23.49
C VAL F 42 -21.26 -1.04 -24.06
N LYS F 43 -22.22 -0.81 -23.17
CA LYS F 43 -23.50 -0.24 -23.57
C LYS F 43 -23.56 1.22 -23.14
N VAL F 44 -23.33 2.10 -24.09
CA VAL F 44 -23.34 3.53 -23.82
C VAL F 44 -24.74 4.02 -23.46
N PHE F 45 -24.87 4.54 -22.24
CA PHE F 45 -26.14 5.06 -21.77
C PHE F 45 -25.99 6.51 -21.31
N LEU F 46 -27.12 7.16 -21.06
CA LEU F 46 -27.11 8.55 -20.63
C LEU F 46 -28.12 8.78 -19.50
N LEU F 47 -27.90 9.84 -18.74
CA LEU F 47 -28.79 10.21 -17.65
C LEU F 47 -30.20 10.53 -18.22
N PRO F 48 -31.14 11.02 -17.40
CA PRO F 48 -32.50 11.38 -17.81
C PRO F 48 -32.61 11.70 -19.30
N ASP F 49 -31.65 12.49 -19.80
CA ASP F 49 -31.61 12.86 -21.23
C ASP F 49 -32.02 11.66 -22.09
N LYS F 50 -31.38 10.53 -21.83
CA LYS F 50 -31.64 9.27 -22.53
C LYS F 50 -31.78 9.43 -24.05
N LYS F 51 -31.11 10.42 -24.65
CA LYS F 51 -31.20 10.63 -26.09
C LYS F 51 -30.00 9.98 -26.79
N LYS F 52 -29.83 8.68 -26.57
CA LYS F 52 -28.75 7.91 -27.17
C LYS F 52 -28.66 6.53 -26.55
N LYS F 53 -28.46 5.53 -27.40
CA LYS F 53 -28.37 4.14 -26.95
C LYS F 53 -27.66 3.31 -28.01
N PHE F 54 -26.43 2.90 -27.72
CA PHE F 54 -25.66 2.10 -28.66
C PHE F 54 -25.13 0.84 -28.01
N GLU F 55 -25.17 -0.27 -28.75
CA GLU F 55 -24.69 -1.54 -28.26
C GLU F 55 -23.44 -1.95 -29.05
N THR F 56 -22.35 -2.18 -28.33
CA THR F 56 -21.09 -2.56 -28.97
C THR F 56 -21.13 -4.02 -29.42
N LYS F 57 -20.12 -4.44 -30.17
CA LYS F 57 -20.06 -5.80 -30.66
C LYS F 57 -19.64 -6.75 -29.55
N VAL F 58 -20.47 -7.76 -29.29
CA VAL F 58 -20.16 -8.72 -28.25
C VAL F 58 -18.74 -9.25 -28.43
N HIS F 59 -18.00 -9.31 -27.33
CA HIS F 59 -16.63 -9.80 -27.36
C HIS F 59 -16.57 -11.13 -26.61
N ARG F 60 -16.78 -12.20 -27.36
CA ARG F 60 -16.82 -13.56 -26.81
C ARG F 60 -15.56 -13.91 -26.00
N LYS F 61 -15.80 -14.33 -24.76
CA LYS F 61 -14.76 -14.77 -23.83
C LYS F 61 -13.48 -13.93 -23.94
N THR F 62 -13.51 -12.73 -23.39
CA THR F 62 -12.36 -11.85 -23.41
C THR F 62 -12.43 -10.79 -22.31
N LEU F 63 -11.35 -10.70 -21.53
CA LEU F 63 -11.29 -9.75 -20.42
C LEU F 63 -10.36 -8.58 -20.73
N ASN F 64 -9.86 -8.56 -21.96
CA ASN F 64 -8.96 -7.50 -22.42
C ASN F 64 -9.08 -7.34 -23.93
N PRO F 65 -10.32 -7.12 -24.42
CA PRO F 65 -10.59 -6.98 -25.85
C PRO F 65 -10.37 -5.56 -26.39
N VAL F 66 -10.00 -5.48 -27.65
CA VAL F 66 -9.77 -4.22 -28.32
C VAL F 66 -10.73 -4.10 -29.49
N PHE F 67 -11.17 -2.88 -29.79
CA PHE F 67 -12.10 -2.67 -30.89
C PHE F 67 -12.19 -1.20 -31.27
N ASN F 68 -12.37 -0.35 -30.27
CA ASN F 68 -12.46 1.09 -30.49
C ASN F 68 -13.75 1.44 -31.22
N GLU F 69 -14.87 1.32 -30.51
CA GLU F 69 -16.17 1.64 -31.09
C GLU F 69 -16.39 3.16 -31.09
N GLN F 70 -17.16 3.64 -32.05
CA GLN F 70 -17.44 5.05 -32.18
C GLN F 70 -18.81 5.41 -31.60
N PHE F 71 -18.81 6.04 -30.42
CA PHE F 71 -20.05 6.44 -29.77
C PHE F 71 -20.33 7.91 -30.04
N THR F 72 -21.47 8.19 -30.64
CA THR F 72 -21.87 9.55 -30.96
C THR F 72 -22.75 10.13 -29.85
N PHE F 73 -22.17 11.03 -29.07
CA PHE F 73 -22.89 11.68 -27.98
C PHE F 73 -23.88 12.70 -28.55
N LYS F 74 -25.04 12.21 -28.95
CA LYS F 74 -26.09 13.05 -29.52
C LYS F 74 -26.59 14.08 -28.52
N VAL F 75 -25.98 15.26 -28.55
CA VAL F 75 -26.36 16.36 -27.68
C VAL F 75 -25.48 17.57 -27.97
N PRO F 76 -26.08 18.75 -28.16
CA PRO F 76 -25.33 19.97 -28.46
C PRO F 76 -24.29 20.27 -27.39
N TYR F 77 -23.08 20.65 -27.82
CA TYR F 77 -22.00 20.97 -26.89
C TYR F 77 -22.50 21.89 -25.78
N SER F 78 -23.33 22.87 -26.17
CA SER F 78 -23.89 23.83 -25.23
C SER F 78 -24.80 23.16 -24.20
N GLU F 79 -25.33 21.99 -24.55
CA GLU F 79 -26.21 21.23 -23.67
C GLU F 79 -25.42 20.24 -22.81
N LEU F 80 -24.29 19.77 -23.33
CA LEU F 80 -23.43 18.80 -22.64
C LEU F 80 -23.26 19.16 -21.16
N GLY F 81 -23.20 20.45 -20.85
CA GLY F 81 -23.03 20.89 -19.48
C GLY F 81 -23.99 20.21 -18.51
N GLY F 82 -25.20 19.92 -18.97
CA GLY F 82 -26.18 19.28 -18.10
C GLY F 82 -26.41 17.82 -18.44
N LYS F 83 -25.39 17.14 -18.99
CA LYS F 83 -25.54 15.74 -19.36
C LYS F 83 -24.33 14.91 -18.91
N THR F 84 -24.57 14.01 -17.97
CA THR F 84 -23.53 13.12 -17.47
C THR F 84 -23.58 11.79 -18.21
N LEU F 85 -22.58 11.54 -19.05
CA LEU F 85 -22.54 10.29 -19.81
C LEU F 85 -22.11 9.14 -18.93
N VAL F 86 -22.65 7.96 -19.19
CA VAL F 86 -22.34 6.78 -18.40
C VAL F 86 -22.02 5.59 -19.30
N MET F 87 -20.84 5.02 -19.13
CA MET F 87 -20.41 3.88 -19.93
C MET F 87 -20.42 2.62 -19.08
N ALA F 88 -21.38 1.74 -19.34
CA ALA F 88 -21.49 0.49 -18.60
C ALA F 88 -21.12 -0.68 -19.48
N VAL F 89 -20.25 -1.55 -18.98
CA VAL F 89 -19.84 -2.73 -19.73
C VAL F 89 -20.73 -3.91 -19.36
N TYR F 90 -21.50 -4.37 -20.33
CA TYR F 90 -22.42 -5.48 -20.13
C TYR F 90 -21.84 -6.77 -20.66
N ASP F 91 -22.10 -7.87 -19.96
CA ASP F 91 -21.62 -9.18 -20.37
C ASP F 91 -22.63 -9.84 -21.31
N PHE F 92 -22.18 -10.85 -22.04
CA PHE F 92 -23.04 -11.57 -22.97
C PHE F 92 -22.75 -13.07 -22.91
N ASP F 93 -22.60 -13.61 -21.70
CA ASP F 93 -22.34 -15.03 -21.51
C ASP F 93 -23.21 -15.90 -22.43
N ARG F 94 -24.46 -15.47 -22.61
CA ARG F 94 -25.44 -16.14 -23.48
C ARG F 94 -26.11 -17.32 -22.79
N PHE F 95 -26.10 -17.36 -21.46
CA PHE F 95 -26.71 -18.45 -20.72
C PHE F 95 -27.49 -17.93 -19.51
N SER F 96 -26.79 -17.26 -18.62
CA SER F 96 -27.37 -16.72 -17.40
C SER F 96 -27.84 -15.28 -17.62
N LYS F 97 -28.30 -14.63 -16.56
CA LYS F 97 -28.74 -13.25 -16.64
C LYS F 97 -27.53 -12.35 -16.81
N HIS F 98 -27.30 -11.88 -18.05
CA HIS F 98 -26.15 -11.02 -18.33
C HIS F 98 -26.03 -9.95 -17.23
N ASP F 99 -24.88 -9.93 -16.57
CA ASP F 99 -24.64 -8.99 -15.48
C ASP F 99 -23.77 -7.82 -15.93
N ILE F 100 -23.86 -6.70 -15.20
CA ILE F 100 -23.07 -5.51 -15.50
C ILE F 100 -21.74 -5.62 -14.76
N ILE F 101 -20.72 -6.18 -15.40
CA ILE F 101 -19.42 -6.34 -14.75
C ILE F 101 -18.89 -5.02 -14.20
N GLY F 102 -19.28 -3.90 -14.81
CA GLY F 102 -18.83 -2.62 -14.29
C GLY F 102 -19.19 -1.45 -15.19
N GLU F 103 -18.81 -0.25 -14.77
CA GLU F 103 -19.10 0.96 -15.54
C GLU F 103 -18.26 2.14 -15.04
N PHE F 104 -18.37 3.26 -15.75
CA PHE F 104 -17.65 4.47 -15.38
C PHE F 104 -18.39 5.69 -15.95
N LYS F 105 -18.21 6.85 -15.32
CA LYS F 105 -18.86 8.08 -15.75
C LYS F 105 -18.07 9.30 -15.29
N VAL F 106 -18.34 10.44 -15.91
CA VAL F 106 -17.66 11.69 -15.57
C VAL F 106 -18.52 12.89 -15.90
N PRO F 107 -18.59 13.88 -14.99
CA PRO F 107 -19.37 15.11 -15.19
C PRO F 107 -18.83 15.93 -16.35
N MET F 108 -19.49 15.82 -17.50
CA MET F 108 -19.06 16.54 -18.70
C MET F 108 -18.81 18.03 -18.44
N ASN F 109 -19.65 18.64 -17.60
CA ASN F 109 -19.48 20.06 -17.30
C ASN F 109 -18.06 20.35 -16.80
N THR F 110 -17.48 19.40 -16.07
CA THR F 110 -16.12 19.55 -15.55
C THR F 110 -15.09 19.14 -16.61
N VAL F 111 -15.55 18.60 -17.73
CA VAL F 111 -14.67 18.16 -18.81
C VAL F 111 -14.51 19.29 -19.82
N ASP F 112 -13.56 20.17 -19.55
CA ASP F 112 -13.27 21.29 -20.43
C ASP F 112 -12.80 20.79 -21.79
N PHE F 113 -13.72 20.73 -22.74
CA PHE F 113 -13.41 20.27 -24.09
C PHE F 113 -12.52 21.29 -24.83
N GLY F 114 -11.29 21.45 -24.34
CA GLY F 114 -10.36 22.36 -24.95
C GLY F 114 -9.82 21.82 -26.28
N HIS F 115 -9.52 20.53 -26.31
CA HIS F 115 -9.02 19.87 -27.50
C HIS F 115 -9.44 18.40 -27.52
N VAL F 116 -8.72 17.59 -26.74
CA VAL F 116 -9.00 16.16 -26.65
C VAL F 116 -8.78 15.68 -25.22
N THR F 117 -9.76 14.96 -24.70
CA THR F 117 -9.69 14.43 -23.35
C THR F 117 -9.21 12.99 -23.37
N GLU F 118 -7.90 12.80 -23.23
CA GLU F 118 -7.30 11.49 -23.20
C GLU F 118 -6.81 11.17 -21.80
N GLU F 119 -7.12 9.98 -21.31
CA GLU F 119 -6.72 9.57 -19.96
C GLU F 119 -6.97 8.08 -19.72
N TRP F 120 -6.33 7.55 -18.69
CA TRP F 120 -6.49 6.15 -18.32
C TRP F 120 -7.59 6.03 -17.27
N ARG F 121 -8.83 5.93 -17.75
CA ARG F 121 -9.99 5.84 -16.88
C ARG F 121 -9.98 4.55 -16.05
N ASP F 122 -10.29 4.69 -14.78
CA ASP F 122 -10.38 3.57 -13.86
C ASP F 122 -11.78 2.96 -13.94
N LEU F 123 -11.86 1.64 -13.90
CA LEU F 123 -13.13 0.95 -14.00
C LEU F 123 -13.58 0.42 -12.64
N GLN F 124 -14.87 0.56 -12.35
CA GLN F 124 -15.42 0.09 -11.08
C GLN F 124 -16.63 -0.82 -11.32
N SER F 125 -16.75 -1.86 -10.51
CA SER F 125 -17.85 -2.80 -10.65
C SER F 125 -19.12 -2.28 -9.97
N ALA F 126 -19.83 -1.41 -10.66
CA ALA F 126 -21.07 -0.85 -10.13
C ALA F 126 -22.19 -1.87 -10.23
N GLU F 127 -22.55 -2.47 -9.10
CA GLU F 127 -23.62 -3.46 -9.04
C GLU F 127 -24.98 -2.81 -9.29
N LYS F 128 -25.13 -2.23 -10.48
CA LYS F 128 -26.37 -1.56 -10.84
C LYS F 128 -26.97 -2.21 -12.08
N GLU A 1 15.38 -4.59 6.54
CA GLU A 1 15.85 -4.15 7.88
C GLU A 1 14.87 -3.19 8.51
N LYS A 2 14.28 -3.61 9.64
CA LYS A 2 13.31 -2.78 10.35
C LYS A 2 13.51 -2.85 11.86
N LEU A 3 13.48 -1.70 12.50
CA LEU A 3 13.65 -1.62 13.96
C LEU A 3 12.47 -0.85 14.60
N GLY A 4 11.49 -0.48 13.78
CA GLY A 4 10.35 0.26 14.27
C GLY A 4 10.46 1.74 14.00
N LYS A 5 10.15 2.57 15.01
CA LYS A 5 10.24 4.02 14.87
C LYS A 5 10.67 4.66 16.19
N LEU A 6 11.31 5.82 16.07
CA LEU A 6 11.78 6.55 17.23
C LEU A 6 11.48 8.04 17.07
N GLN A 7 10.76 8.60 18.02
CA GLN A 7 10.40 10.01 17.97
C GLN A 7 11.47 10.82 18.69
N TYR A 8 11.90 11.95 18.11
CA TYR A 8 12.92 12.77 18.74
C TYR A 8 12.81 14.25 18.37
N SER A 9 13.37 15.08 19.24
CA SER A 9 13.41 16.52 19.05
C SER A 9 14.82 17.02 19.39
N LEU A 10 15.59 17.32 18.36
CA LEU A 10 16.98 17.75 18.55
C LEU A 10 17.12 19.25 18.42
N ASP A 11 17.74 19.88 19.42
CA ASP A 11 17.98 21.33 19.41
C ASP A 11 19.49 21.59 19.52
N TYR A 12 19.90 22.82 19.22
CA TYR A 12 21.33 23.16 19.24
C TYR A 12 21.67 24.22 20.29
N ASP A 13 22.86 24.09 20.87
CA ASP A 13 23.36 25.05 21.86
C ASP A 13 24.59 25.76 21.30
N PHE A 14 24.54 27.08 21.25
CA PHE A 14 25.65 27.86 20.72
C PHE A 14 26.49 28.51 21.82
N GLN A 15 26.27 28.11 23.07
CA GLN A 15 27.00 28.65 24.21
C GLN A 15 28.12 27.68 24.60
N ASN A 16 27.76 26.40 24.71
CA ASN A 16 28.72 25.36 25.06
C ASN A 16 29.18 24.60 23.80
N ASN A 17 28.41 24.75 22.72
CA ASN A 17 28.72 24.11 21.44
C ASN A 17 28.40 22.63 21.47
N GLN A 18 27.12 22.32 21.63
CA GLN A 18 26.64 20.94 21.67
C GLN A 18 25.22 20.85 21.16
N LEU A 19 24.92 19.78 20.46
CA LEU A 19 23.56 19.57 19.96
C LEU A 19 22.79 18.70 20.95
N LEU A 20 21.58 19.11 21.28
CA LEU A 20 20.76 18.38 22.24
C LEU A 20 19.88 17.37 21.54
N VAL A 21 20.30 16.11 21.58
CA VAL A 21 19.54 15.04 20.97
C VAL A 21 18.48 14.56 21.94
N GLY A 22 17.34 15.24 21.95
CA GLY A 22 16.25 14.89 22.84
C GLY A 22 15.25 13.98 22.18
N ILE A 23 15.45 12.67 22.32
CA ILE A 23 14.54 11.71 21.75
C ILE A 23 13.35 11.48 22.70
N ILE A 24 12.20 11.14 22.14
CA ILE A 24 11.01 10.93 22.94
C ILE A 24 10.91 9.47 23.38
N GLN A 25 10.90 8.56 22.40
CA GLN A 25 10.81 7.14 22.68
C GLN A 25 10.94 6.32 21.40
N ALA A 26 11.01 5.00 21.55
CA ALA A 26 11.10 4.09 20.43
C ALA A 26 9.90 3.16 20.42
N ALA A 27 9.36 2.88 19.24
CA ALA A 27 8.20 2.01 19.12
C ALA A 27 8.46 0.85 18.16
N GLU A 28 7.87 -0.31 18.49
CA GLU A 28 7.98 -1.52 17.67
C GLU A 28 9.42 -1.99 17.53
N LEU A 29 10.00 -2.50 18.62
CA LEU A 29 11.37 -2.97 18.60
C LEU A 29 11.42 -4.51 18.57
N PRO A 30 12.41 -5.09 17.84
CA PRO A 30 12.58 -6.54 17.75
C PRO A 30 12.91 -7.17 19.12
N ALA A 31 12.60 -8.45 19.27
CA ALA A 31 12.85 -9.16 20.52
C ALA A 31 14.19 -9.90 20.50
N LEU A 32 14.77 -10.05 21.69
CA LEU A 32 16.05 -10.75 21.84
C LEU A 32 15.95 -11.77 22.96
N ASP A 33 15.49 -11.34 24.13
CA ASP A 33 15.32 -12.22 25.28
C ASP A 33 14.19 -13.22 25.00
N MET A 34 14.17 -14.33 25.73
CA MET A 34 13.13 -15.34 25.53
C MET A 34 11.85 -14.96 26.27
N GLY A 35 10.89 -14.44 25.52
CA GLY A 35 9.63 -14.03 26.12
C GLY A 35 8.86 -13.08 25.21
N GLY A 36 9.47 -12.72 24.08
CA GLY A 36 8.83 -11.83 23.13
C GLY A 36 9.20 -10.37 23.38
N THR A 37 10.09 -10.13 24.34
CA THR A 37 10.52 -8.77 24.68
C THR A 37 12.03 -8.68 24.83
N SER A 38 12.57 -7.46 24.88
CA SER A 38 14.00 -7.26 25.02
C SER A 38 14.30 -6.11 25.98
N ASP A 39 15.58 -5.89 26.24
CA ASP A 39 16.02 -4.80 27.11
C ASP A 39 16.79 -3.79 26.26
N PRO A 40 16.10 -3.14 25.31
CA PRO A 40 16.73 -2.20 24.37
C PRO A 40 17.10 -0.86 24.99
N TYR A 41 18.36 -0.50 24.84
CA TYR A 41 18.88 0.78 25.29
C TYR A 41 19.66 1.42 24.14
N VAL A 42 19.40 2.67 23.86
CA VAL A 42 20.07 3.36 22.76
C VAL A 42 21.47 3.80 23.16
N LYS A 43 22.46 3.34 22.41
CA LYS A 43 23.85 3.70 22.63
C LYS A 43 24.28 4.70 21.57
N VAL A 44 24.31 5.96 21.94
CA VAL A 44 24.69 7.03 21.02
C VAL A 44 26.16 6.94 20.65
N PHE A 45 26.43 6.74 19.36
CA PHE A 45 27.79 6.63 18.86
C PHE A 45 28.02 7.65 17.75
N LEU A 46 29.28 7.81 17.35
CA LEU A 46 29.65 8.76 16.32
C LEU A 46 30.67 8.15 15.37
N LEU A 47 30.73 8.71 14.16
CA LEU A 47 31.69 8.28 13.15
C LEU A 47 33.12 8.50 13.68
N PRO A 48 34.17 8.28 12.84
CA PRO A 48 35.57 8.48 13.20
C PRO A 48 35.77 9.46 14.35
N ASP A 49 35.06 10.60 14.29
CA ASP A 49 35.12 11.61 15.34
C ASP A 49 35.20 10.96 16.72
N LYS A 50 34.28 10.03 16.96
CA LYS A 50 34.20 9.26 18.20
C LYS A 50 34.38 10.12 19.46
N LYS A 51 34.01 11.40 19.41
CA LYS A 51 34.15 12.27 20.57
C LYS A 51 32.82 12.35 21.34
N LYS A 52 32.33 11.20 21.75
CA LYS A 52 31.08 11.11 22.51
C LYS A 52 30.63 9.66 22.62
N LYS A 53 30.18 9.28 23.81
CA LYS A 53 29.72 7.93 24.08
C LYS A 53 28.81 7.92 25.31
N PHE A 54 27.51 7.72 25.10
CA PHE A 54 26.56 7.70 26.20
C PHE A 54 25.71 6.44 26.17
N GLU A 55 25.47 5.88 27.35
CA GLU A 55 24.66 4.68 27.49
C GLU A 55 23.36 5.01 28.20
N THR A 56 22.24 4.73 27.54
CA THR A 56 20.93 5.01 28.12
C THR A 56 20.58 4.01 29.22
N LYS A 57 19.50 4.27 29.94
CA LYS A 57 19.09 3.39 31.03
C LYS A 57 18.43 2.14 30.45
N VAL A 58 18.95 0.98 30.82
CA VAL A 58 18.41 -0.28 30.35
C VAL A 58 16.89 -0.30 30.57
N HIS A 59 16.16 -0.72 29.56
CA HIS A 59 14.71 -0.81 29.64
C HIS A 59 14.30 -2.27 29.62
N ARG A 60 14.23 -2.85 30.81
CA ARG A 60 13.90 -4.26 30.99
C ARG A 60 12.59 -4.67 30.30
N LYS A 61 12.70 -5.70 29.46
CA LYS A 61 11.57 -6.28 28.72
C LYS A 61 10.57 -5.24 28.26
N THR A 62 10.91 -4.52 27.21
CA THR A 62 10.02 -3.49 26.66
C THR A 62 10.37 -3.18 25.20
N LEU A 63 9.37 -3.24 24.33
CA LEU A 63 9.57 -2.97 22.91
C LEU A 63 8.99 -1.62 22.51
N ASN A 64 8.49 -0.89 23.49
CA ASN A 64 7.91 0.44 23.27
C ASN A 64 8.08 1.29 24.52
N PRO A 65 9.32 1.43 25.00
CA PRO A 65 9.62 2.20 26.21
C PRO A 65 9.79 3.69 25.96
N VAL A 66 9.46 4.47 26.98
CA VAL A 66 9.59 5.92 26.92
C VAL A 66 10.55 6.37 28.01
N PHE A 67 11.30 7.43 27.75
CA PHE A 67 12.25 7.94 28.72
C PHE A 67 12.73 9.34 28.36
N ASN A 68 13.13 9.52 27.10
CA ASN A 68 13.60 10.80 26.61
C ASN A 68 14.94 11.15 27.26
N GLU A 69 15.99 10.44 26.84
CA GLU A 69 17.33 10.69 27.36
C GLU A 69 17.95 11.90 26.66
N GLN A 70 18.83 12.60 27.38
CA GLN A 70 19.47 13.79 26.84
C GLN A 70 20.88 13.48 26.34
N PHE A 71 21.04 13.42 25.02
CA PHE A 71 22.35 13.15 24.43
C PHE A 71 23.01 14.45 23.98
N THR A 72 24.19 14.71 24.52
CA THR A 72 24.94 15.91 24.20
C THR A 72 25.94 15.64 23.07
N PHE A 73 25.62 16.14 21.89
CA PHE A 73 26.48 15.97 20.73
C PHE A 73 27.70 16.88 20.86
N LYS A 74 28.69 16.39 21.60
CA LYS A 74 29.93 17.13 21.83
C LYS A 74 30.69 17.38 20.53
N VAL A 75 30.42 18.52 19.91
CA VAL A 75 31.08 18.93 18.67
C VAL A 75 30.54 20.30 18.23
N PRO A 76 31.44 21.24 17.92
CA PRO A 76 31.04 22.57 17.49
C PRO A 76 30.12 22.55 16.29
N TYR A 77 29.07 23.35 16.33
CA TYR A 77 28.10 23.42 15.22
C TYR A 77 28.84 23.52 13.88
N SER A 78 29.89 24.33 13.87
CA SER A 78 30.69 24.55 12.66
C SER A 78 31.37 23.25 12.20
N GLU A 79 31.57 22.32 13.14
CA GLU A 79 32.22 21.05 12.84
C GLU A 79 31.20 19.98 12.47
N LEU A 80 29.98 20.10 13.01
CA LEU A 80 28.90 19.16 12.75
C LEU A 80 28.82 18.75 11.27
N GLY A 81 29.10 19.70 10.38
CA GLY A 81 29.06 19.43 8.96
C GLY A 81 29.79 18.17 8.56
N GLY A 82 30.88 17.85 9.26
CA GLY A 82 31.65 16.67 8.94
C GLY A 82 31.49 15.56 9.97
N LYS A 83 30.33 15.50 10.63
CA LYS A 83 30.09 14.48 11.65
C LYS A 83 28.71 13.84 11.50
N THR A 84 28.69 12.57 11.14
CA THR A 84 27.46 11.82 11.00
C THR A 84 27.15 11.07 12.29
N LEU A 85 26.11 11.49 13.00
CA LEU A 85 25.73 10.85 14.26
C LEU A 85 25.02 9.54 13.99
N VAL A 86 25.24 8.55 14.84
CA VAL A 86 24.60 7.25 14.68
C VAL A 86 23.99 6.79 16.00
N MET A 87 22.69 6.50 15.97
CA MET A 87 21.98 6.04 17.14
C MET A 87 21.65 4.56 17.02
N ALA A 88 22.34 3.73 17.79
CA ALA A 88 22.11 2.29 17.76
C ALA A 88 21.44 1.84 19.04
N VAL A 89 20.37 1.06 18.90
CA VAL A 89 19.66 0.54 20.06
C VAL A 89 20.21 -0.84 20.42
N TYR A 90 20.82 -0.92 21.59
CA TYR A 90 21.41 -2.16 22.06
C TYR A 90 20.51 -2.85 23.07
N ASP A 91 20.46 -4.18 23.01
CA ASP A 91 19.66 -4.95 23.94
C ASP A 91 20.45 -5.28 25.20
N PHE A 92 19.74 -5.65 26.26
CA PHE A 92 20.38 -5.99 27.53
C PHE A 92 19.71 -7.20 28.16
N ASP A 93 19.41 -8.22 27.34
CA ASP A 93 18.77 -9.45 27.82
C ASP A 93 19.39 -9.92 29.14
N ARG A 94 20.71 -9.76 29.26
CA ARG A 94 21.47 -10.12 30.46
C ARG A 94 21.81 -11.61 30.52
N PHE A 95 21.77 -12.29 29.38
CA PHE A 95 22.07 -13.72 29.35
C PHE A 95 22.96 -14.07 28.15
N SER A 96 22.45 -13.79 26.95
CA SER A 96 23.17 -14.07 25.72
C SER A 96 23.99 -12.86 25.28
N LYS A 97 24.61 -12.96 24.11
CA LYS A 97 25.40 -11.86 23.57
C LYS A 97 24.47 -10.74 23.14
N HIS A 98 24.38 -9.69 23.95
CA HIS A 98 23.51 -8.55 23.64
C HIS A 98 23.68 -8.18 22.16
N ASP A 99 22.58 -8.22 21.41
CA ASP A 99 22.61 -7.90 19.99
C ASP A 99 22.09 -6.50 19.71
N ILE A 100 22.45 -5.96 18.55
CA ILE A 100 22.00 -4.64 18.15
C ILE A 100 20.70 -4.78 17.37
N ILE A 101 19.58 -4.68 18.08
CA ILE A 101 18.27 -4.81 17.48
C ILE A 101 18.09 -3.85 16.30
N GLY A 102 18.80 -2.72 16.32
CA GLY A 102 18.70 -1.77 15.23
C GLY A 102 19.41 -0.46 15.51
N GLU A 103 19.36 0.45 14.54
CA GLU A 103 20.01 1.75 14.67
C GLU A 103 19.50 2.73 13.62
N PHE A 104 19.94 3.97 13.72
CA PHE A 104 19.58 5.02 12.77
C PHE A 104 20.64 6.12 12.76
N LYS A 105 20.76 6.83 11.65
CA LYS A 105 21.74 7.90 11.52
C LYS A 105 21.29 8.93 10.48
N VAL A 106 21.90 10.11 10.51
CA VAL A 106 21.56 11.17 9.58
C VAL A 106 22.75 12.11 9.38
N PRO A 107 23.03 12.49 8.12
CA PRO A 107 24.13 13.40 7.79
C PRO A 107 23.90 14.79 8.38
N MET A 108 24.56 15.07 9.50
CA MET A 108 24.42 16.35 10.19
C MET A 108 24.57 17.54 9.24
N ASN A 109 25.50 17.45 8.29
CA ASN A 109 25.71 18.55 7.34
C ASN A 109 24.39 18.93 6.65
N THR A 110 23.55 17.94 6.40
CA THR A 110 22.25 18.18 5.76
C THR A 110 21.20 18.62 6.80
N VAL A 111 21.56 18.55 8.08
CA VAL A 111 20.66 18.94 9.15
C VAL A 111 20.86 20.40 9.51
N ASP A 112 20.17 21.26 8.78
CA ASP A 112 20.25 22.70 9.00
C ASP A 112 19.74 23.06 10.39
N PHE A 113 20.65 23.21 11.34
CA PHE A 113 20.30 23.54 12.71
C PHE A 113 19.76 24.98 12.82
N GLY A 114 18.61 25.20 12.21
CA GLY A 114 17.98 26.52 12.25
C GLY A 114 17.40 26.82 13.61
N HIS A 115 16.75 25.83 14.21
CA HIS A 115 16.15 25.98 15.54
C HIS A 115 16.15 24.64 16.26
N VAL A 116 15.20 23.78 15.91
CA VAL A 116 15.07 22.46 16.51
C VAL A 116 14.65 21.44 15.46
N THR A 117 15.37 20.32 15.42
CA THR A 117 15.08 19.27 14.46
C THR A 117 14.22 18.19 15.11
N GLU A 118 12.92 18.32 14.96
CA GLU A 118 11.97 17.35 15.51
C GLU A 118 11.33 16.56 14.38
N GLU A 119 11.28 15.24 14.53
CA GLU A 119 10.71 14.37 13.51
C GLU A 119 10.54 12.94 14.02
N TRP A 120 9.72 12.18 13.30
CA TRP A 120 9.47 10.78 13.66
C TRP A 120 10.44 9.88 12.90
N ARG A 121 11.64 9.74 13.45
CA ARG A 121 12.69 8.94 12.83
C ARG A 121 12.32 7.47 12.73
N ASP A 122 12.58 6.89 11.57
CA ASP A 122 12.34 5.49 11.32
C ASP A 122 13.53 4.67 11.80
N LEU A 123 13.26 3.52 12.42
CA LEU A 123 14.32 2.67 12.95
C LEU A 123 14.54 1.45 12.06
N GLN A 124 15.81 1.11 11.84
CA GLN A 124 16.16 -0.04 11.01
C GLN A 124 17.10 -0.99 11.77
N SER A 125 16.91 -2.28 11.53
CA SER A 125 17.71 -3.32 12.18
C SER A 125 19.04 -3.50 11.47
N ALA A 126 19.80 -2.40 11.31
CA ALA A 126 21.09 -2.48 10.65
C ALA A 126 22.13 -3.05 11.61
N GLU A 127 22.50 -4.32 11.39
CA GLU A 127 23.47 -4.98 12.27
C GLU A 127 24.89 -4.44 12.03
N LYS A 128 25.12 -3.26 12.58
CA LYS A 128 26.40 -2.58 12.43
C LYS A 128 27.07 -2.42 13.80
N TYR B 1 34.00 14.80 -21.04
CA TYR B 1 34.85 15.30 -19.93
C TYR B 1 34.93 14.24 -18.81
N LYS B 2 35.55 13.11 -19.12
CA LYS B 2 35.69 12.02 -18.14
C LYS B 2 36.25 12.55 -16.84
N LYS B 3 35.40 12.61 -15.82
CA LYS B 3 35.78 13.10 -14.50
C LYS B 3 34.82 12.54 -13.44
N PRO B 4 34.94 13.00 -12.17
CA PRO B 4 34.10 12.58 -11.05
C PRO B 4 32.79 11.93 -11.48
N LYS B 5 32.72 10.60 -11.35
CA LYS B 5 31.53 9.86 -11.70
C LYS B 5 30.69 9.60 -10.45
N LEU B 6 29.58 10.33 -10.32
CA LEU B 6 28.70 10.18 -9.17
C LEU B 6 27.75 9.00 -9.38
N LEU B 7 27.59 8.18 -8.35
CA LEU B 7 26.72 7.02 -8.43
C LEU B 7 26.00 6.79 -7.10
N TYR B 8 24.71 6.49 -7.17
CA TYR B 8 23.91 6.22 -5.98
C TYR B 8 22.67 5.42 -6.35
N CYS B 9 21.91 4.96 -5.35
CA CYS B 9 20.70 4.18 -5.63
C CYS B 9 19.64 4.43 -4.57
N SER B 10 18.41 4.00 -4.87
CA SER B 10 17.27 4.16 -3.99
C SER B 10 16.79 5.60 -4.01
N ASN B 11 15.53 5.79 -4.41
CA ASN B 11 14.94 7.12 -4.49
C ASN B 11 15.19 7.89 -3.20
N GLY B 12 15.76 9.07 -3.32
CA GLY B 12 16.05 9.89 -2.16
C GLY B 12 17.44 10.47 -2.21
N GLY B 13 17.56 11.75 -1.83
CA GLY B 13 18.85 12.41 -1.84
C GLY B 13 19.88 11.67 -1.01
N HIS B 14 20.79 10.99 -1.69
CA HIS B 14 21.87 10.23 -1.04
C HIS B 14 22.94 9.88 -2.07
N PHE B 15 24.17 10.31 -1.83
CA PHE B 15 25.27 10.05 -2.75
C PHE B 15 26.35 9.21 -2.06
N LEU B 16 27.06 8.40 -2.84
CA LEU B 16 28.11 7.55 -2.30
C LEU B 16 29.35 8.39 -1.98
N ARG B 17 29.53 8.72 -0.69
CA ARG B 17 30.67 9.52 -0.27
C ARG B 17 31.79 8.60 0.21
N ILE B 18 32.85 8.52 -0.59
CA ILE B 18 33.98 7.66 -0.27
C ILE B 18 35.02 8.41 0.55
N LEU B 19 35.63 7.70 1.50
CA LEU B 19 36.66 8.26 2.35
C LEU B 19 37.87 7.34 2.37
N PRO B 20 39.09 7.91 2.35
CA PRO B 20 40.35 7.14 2.36
C PRO B 20 40.32 6.01 3.39
N ASP B 21 39.59 6.25 4.49
CA ASP B 21 39.46 5.27 5.56
C ASP B 21 38.87 3.96 5.03
N GLY B 22 37.83 4.09 4.20
CA GLY B 22 37.17 2.93 3.65
C GLY B 22 35.68 2.93 3.92
N THR B 23 35.28 3.49 5.05
CA THR B 23 33.87 3.56 5.42
C THR B 23 33.12 4.56 4.56
N VAL B 24 32.67 4.08 3.39
CA VAL B 24 31.91 4.92 2.46
C VAL B 24 30.43 4.87 2.82
N ASP B 25 29.79 6.03 2.89
CA ASP B 25 28.36 6.11 3.23
C ASP B 25 27.60 6.91 2.17
N GLY B 26 26.26 6.79 2.20
CA GLY B 26 25.43 7.49 1.26
C GLY B 26 25.12 8.91 1.69
N THR B 27 26.15 9.75 1.73
CA THR B 27 26.01 11.14 2.12
C THR B 27 25.22 11.92 1.08
N ARG B 28 24.19 12.64 1.52
CA ARG B 28 23.38 13.42 0.60
C ARG B 28 23.90 14.85 0.54
N ASP B 29 25.09 15.01 -0.02
CA ASP B 29 25.71 16.33 -0.16
C ASP B 29 26.60 16.38 -1.40
N ARG B 30 26.75 17.58 -1.94
CA ARG B 30 27.59 17.77 -3.13
C ARG B 30 28.47 19.01 -2.94
N SER B 31 28.72 19.37 -1.69
CA SER B 31 29.55 20.52 -1.35
C SER B 31 30.99 20.09 -1.19
N ASP B 32 31.20 18.96 -0.51
CA ASP B 32 32.54 18.43 -0.28
C ASP B 32 32.89 17.39 -1.33
N GLN B 33 34.02 17.57 -2.01
CA GLN B 33 34.46 16.65 -3.05
C GLN B 33 34.84 15.28 -2.47
N HIS B 34 33.83 14.49 -2.11
CA HIS B 34 34.09 13.15 -1.58
C HIS B 34 33.01 12.16 -2.03
N ILE B 35 32.25 12.53 -3.06
CA ILE B 35 31.18 11.67 -3.59
C ILE B 35 31.38 11.44 -5.09
N GLN B 36 32.62 11.19 -5.48
CA GLN B 36 32.94 10.98 -6.89
C GLN B 36 33.96 9.86 -7.05
N LEU B 37 33.69 8.96 -7.97
CA LEU B 37 34.58 7.84 -8.26
C LEU B 37 34.89 7.79 -9.75
N GLN B 38 36.02 7.22 -10.11
CA GLN B 38 36.41 7.12 -11.51
C GLN B 38 35.88 5.83 -12.12
N LEU B 39 34.57 5.78 -12.34
CA LEU B 39 33.92 4.62 -12.94
C LEU B 39 34.22 4.56 -14.43
N SER B 40 34.70 3.42 -14.89
CA SER B 40 35.01 3.22 -16.30
C SER B 40 35.08 1.73 -16.65
N ALA B 41 34.87 1.42 -17.92
CA ALA B 41 34.91 0.05 -18.39
C ALA B 41 36.35 -0.33 -18.70
N GLU B 42 36.97 -1.09 -17.80
CA GLU B 42 38.35 -1.51 -17.97
C GLU B 42 38.46 -2.55 -19.08
N SER B 43 37.68 -3.62 -18.95
CA SER B 43 37.68 -4.69 -19.94
C SER B 43 36.29 -4.78 -20.58
N VAL B 44 36.15 -5.65 -21.59
CA VAL B 44 34.88 -5.83 -22.28
C VAL B 44 33.75 -6.13 -21.29
N GLY B 45 33.05 -5.08 -20.87
CA GLY B 45 31.96 -5.23 -19.93
C GLY B 45 32.39 -5.12 -18.48
N GLU B 46 33.69 -5.23 -18.22
CA GLU B 46 34.20 -5.15 -16.86
C GLU B 46 34.48 -3.70 -16.47
N VAL B 47 33.66 -3.17 -15.57
CA VAL B 47 33.81 -1.80 -15.10
C VAL B 47 34.41 -1.79 -13.70
N TYR B 48 35.27 -0.82 -13.44
CA TYR B 48 35.92 -0.70 -12.14
C TYR B 48 35.49 0.59 -11.43
N ILE B 49 35.44 0.51 -10.11
CA ILE B 49 35.06 1.65 -9.28
C ILE B 49 36.26 2.10 -8.45
N LYS B 50 36.89 3.18 -8.88
CA LYS B 50 38.06 3.70 -8.20
C LYS B 50 37.93 5.20 -7.95
N SER B 51 37.82 5.59 -6.69
CA SER B 51 37.70 7.00 -6.33
C SER B 51 39.09 7.63 -6.28
N THR B 52 39.77 7.61 -7.42
CA THR B 52 41.12 8.14 -7.52
C THR B 52 41.22 9.58 -7.05
N GLU B 53 40.64 10.50 -7.82
CA GLU B 53 40.71 11.92 -7.50
C GLU B 53 39.66 12.32 -6.46
N THR B 54 39.67 11.66 -5.30
CA THR B 54 38.71 11.99 -4.24
C THR B 54 38.81 11.04 -3.04
N GLY B 55 38.99 9.74 -3.29
CA GLY B 55 39.06 8.80 -2.19
C GLY B 55 40.08 7.70 -2.39
N GLN B 56 39.57 6.48 -2.57
CA GLN B 56 40.40 5.30 -2.72
C GLN B 56 39.81 4.31 -3.71
N TYR B 57 40.48 3.17 -3.86
CA TYR B 57 40.02 2.10 -4.76
C TYR B 57 39.14 1.13 -3.98
N LEU B 58 38.12 0.58 -4.63
CA LEU B 58 37.22 -0.35 -3.97
C LEU B 58 37.80 -1.76 -3.94
N ALA B 59 37.34 -2.53 -2.95
CA ALA B 59 37.78 -3.90 -2.77
C ALA B 59 36.75 -4.64 -1.91
N MET B 60 35.71 -5.14 -2.56
CA MET B 60 34.63 -5.84 -1.89
C MET B 60 35.15 -6.96 -0.99
N ASP B 61 34.49 -7.14 0.16
CA ASP B 61 34.86 -8.18 1.10
C ASP B 61 34.02 -9.42 0.80
N THR B 62 34.46 -10.20 -0.17
CA THR B 62 33.74 -11.41 -0.57
C THR B 62 32.34 -11.05 -1.04
N ASP B 63 32.21 -9.88 -1.69
CA ASP B 63 30.92 -9.36 -2.17
C ASP B 63 30.01 -9.00 -0.99
N GLY B 64 29.84 -9.94 -0.06
CA GLY B 64 29.02 -9.72 1.13
C GLY B 64 29.07 -8.28 1.61
N LEU B 65 30.27 -7.79 1.90
CA LEU B 65 30.45 -6.43 2.36
C LEU B 65 31.27 -5.64 1.35
N LEU B 66 30.81 -4.44 1.02
CA LEU B 66 31.50 -3.61 0.05
C LEU B 66 32.38 -2.58 0.76
N TYR B 67 33.65 -2.52 0.37
CA TYR B 67 34.59 -1.58 0.96
C TYR B 67 35.71 -1.27 -0.03
N GLY B 68 36.60 -0.37 0.36
CA GLY B 68 37.71 -0.01 -0.51
C GLY B 68 38.65 0.97 0.17
N SER B 69 39.94 0.85 -0.10
CA SER B 69 40.94 1.73 0.49
C SER B 69 42.35 1.25 0.20
N GLN B 70 42.69 0.06 0.69
CA GLN B 70 44.03 -0.49 0.52
C GLN B 70 44.38 -0.74 -0.95
N THR B 71 43.77 -1.74 -1.58
CA THR B 71 44.07 -2.07 -2.96
C THR B 71 42.82 -2.48 -3.75
N PRO B 72 42.79 -2.17 -5.06
CA PRO B 72 41.67 -2.52 -5.94
C PRO B 72 41.73 -4.00 -6.33
N ASN B 73 41.45 -4.87 -5.37
CA ASN B 73 41.47 -6.31 -5.61
C ASN B 73 40.42 -6.71 -6.65
N GLU B 74 40.63 -7.86 -7.30
CA GLU B 74 39.70 -8.35 -8.32
C GLU B 74 38.24 -8.21 -7.86
N GLU B 75 38.02 -8.33 -6.55
CA GLU B 75 36.68 -8.15 -5.98
C GLU B 75 36.02 -6.88 -6.52
N CYS B 76 36.83 -5.91 -6.93
CA CYS B 76 36.33 -4.64 -7.44
C CYS B 76 35.97 -4.68 -8.94
N LEU B 77 36.09 -5.84 -9.59
CA LEU B 77 35.74 -5.95 -11.00
C LEU B 77 34.26 -6.32 -11.15
N PHE B 78 33.50 -5.47 -11.81
CA PHE B 78 32.07 -5.70 -12.00
C PHE B 78 31.67 -5.59 -13.47
N LEU B 79 30.69 -6.40 -13.86
CA LEU B 79 30.18 -6.40 -15.22
C LEU B 79 29.15 -5.28 -15.38
N GLU B 80 29.35 -4.41 -16.35
CA GLU B 80 28.45 -3.29 -16.59
C GLU B 80 27.16 -3.76 -17.27
N ARG B 81 26.04 -3.60 -16.56
CA ARG B 81 24.73 -3.98 -17.08
C ARG B 81 23.75 -2.82 -16.91
N LEU B 82 22.77 -2.73 -17.80
CA LEU B 82 21.79 -1.67 -17.75
C LEU B 82 20.37 -2.23 -17.64
N GLU B 83 19.54 -1.60 -16.83
CA GLU B 83 18.16 -2.04 -16.66
C GLU B 83 17.20 -1.01 -17.24
N GLU B 84 16.13 -1.47 -17.87
CA GLU B 84 15.14 -0.58 -18.47
C GLU B 84 14.29 0.09 -17.38
N ASN B 85 14.98 0.72 -16.43
CA ASN B 85 14.32 1.39 -15.32
C ASN B 85 15.10 2.66 -14.95
N HIS B 86 15.90 3.16 -15.90
CA HIS B 86 16.71 4.35 -15.68
C HIS B 86 17.72 4.12 -14.54
N TYR B 87 18.35 2.96 -14.55
CA TYR B 87 19.34 2.60 -13.53
C TYR B 87 20.43 1.70 -14.11
N ASN B 88 21.59 1.76 -13.48
CA ASN B 88 22.75 0.98 -13.90
C ASN B 88 22.92 -0.24 -13.01
N THR B 89 23.39 -1.34 -13.58
CA THR B 89 23.62 -2.57 -12.83
C THR B 89 25.06 -3.03 -13.01
N TYR B 90 25.69 -3.46 -11.92
CA TYR B 90 27.07 -3.93 -11.97
C TYR B 90 27.18 -5.28 -11.29
N ILE B 91 27.54 -6.29 -12.07
CA ILE B 91 27.66 -7.64 -11.54
C ILE B 91 29.08 -7.97 -11.12
N SER B 92 29.26 -8.21 -9.83
CA SER B 92 30.58 -8.55 -9.28
C SER B 92 31.00 -9.93 -9.78
N LYS B 93 31.49 -9.98 -11.01
CA LYS B 93 31.92 -11.24 -11.63
C LYS B 93 32.72 -12.09 -10.64
N LYS B 94 33.50 -11.43 -9.78
CA LYS B 94 34.29 -12.12 -8.77
C LYS B 94 33.41 -13.07 -7.94
N HIS B 95 32.13 -12.73 -7.81
CA HIS B 95 31.18 -13.55 -7.05
C HIS B 95 29.93 -13.87 -7.86
N ALA B 96 29.96 -13.56 -9.16
CA ALA B 96 28.82 -13.83 -10.03
C ALA B 96 28.37 -15.28 -9.90
N GLU B 97 29.34 -16.16 -9.63
CA GLU B 97 29.08 -17.58 -9.45
C GLU B 97 27.92 -17.81 -8.46
N LYS B 98 27.81 -16.93 -7.47
CA LYS B 98 26.74 -17.04 -6.48
C LYS B 98 25.58 -16.11 -6.83
N ASN B 99 25.57 -15.62 -8.06
CA ASN B 99 24.53 -14.70 -8.52
C ASN B 99 24.48 -13.46 -7.64
N TRP B 100 25.66 -13.02 -7.22
CA TRP B 100 25.81 -11.84 -6.37
C TRP B 100 26.34 -10.65 -7.18
N PHE B 101 25.60 -9.54 -7.14
CA PHE B 101 26.00 -8.35 -7.85
C PHE B 101 25.83 -7.11 -6.97
N VAL B 102 26.97 -6.44 -6.71
CA VAL B 102 27.10 -5.25 -5.86
C VAL B 102 25.77 -4.57 -5.52
N GLY B 103 25.53 -4.45 -4.21
CA GLY B 103 24.32 -3.81 -3.71
C GLY B 103 24.62 -2.98 -2.48
N LEU B 104 24.15 -1.74 -2.45
CA LEU B 104 24.39 -0.85 -1.32
C LEU B 104 23.10 -0.40 -0.64
N LYS B 105 23.23 0.05 0.60
CA LYS B 105 22.09 0.53 1.37
C LYS B 105 22.10 2.06 1.41
N LYS B 106 21.20 2.66 0.64
CA LYS B 106 21.09 4.13 0.55
C LYS B 106 21.23 4.79 1.92
N ASN B 107 20.55 4.22 2.93
CA ASN B 107 20.59 4.76 4.28
C ASN B 107 21.39 3.84 5.21
N GLY B 108 22.45 3.24 4.70
CA GLY B 108 23.26 2.36 5.50
C GLY B 108 24.72 2.33 5.07
N SER B 109 24.94 2.07 3.78
CA SER B 109 26.27 1.98 3.16
C SER B 109 26.29 0.82 2.19
N CYS B 110 27.39 0.65 1.48
CA CYS B 110 27.53 -0.42 0.51
C CYS B 110 27.99 -1.71 1.18
N LYS B 111 27.06 -2.62 1.44
CA LYS B 111 27.38 -3.92 2.07
C LYS B 111 26.11 -4.76 2.22
N ARG B 112 25.74 -5.40 1.11
CA ARG B 112 24.56 -6.24 1.07
C ARG B 112 24.78 -7.42 0.14
N GLY B 113 26.01 -7.96 0.10
CA GLY B 113 26.31 -9.11 -0.74
C GLY B 113 25.34 -10.26 -0.54
N PRO B 114 25.04 -10.71 0.70
CA PRO B 114 24.08 -11.81 0.90
C PRO B 114 22.68 -11.45 0.39
N ARG B 115 22.50 -10.18 0.03
CA ARG B 115 21.23 -9.67 -0.49
C ARG B 115 21.42 -9.00 -1.85
N THR B 116 22.47 -9.36 -2.59
CA THR B 116 22.74 -8.77 -3.91
C THR B 116 22.12 -9.58 -5.05
N HIS B 117 20.99 -10.20 -4.78
CA HIS B 117 20.30 -10.97 -5.79
C HIS B 117 18.95 -10.31 -6.07
N TYR B 118 18.07 -10.96 -6.83
CA TYR B 118 16.77 -10.39 -7.14
C TYR B 118 15.89 -10.31 -5.90
N GLY B 119 15.79 -9.11 -5.34
CA GLY B 119 15.00 -8.88 -4.15
C GLY B 119 15.18 -7.45 -3.67
N GLN B 120 16.44 -7.03 -3.61
CA GLN B 120 16.78 -5.68 -3.20
C GLN B 120 16.95 -4.83 -4.45
N LYS B 121 16.17 -3.77 -4.56
CA LYS B 121 16.20 -2.91 -5.74
C LYS B 121 17.41 -1.98 -5.70
N ALA B 122 18.00 -1.80 -4.51
CA ALA B 122 19.17 -0.96 -4.32
C ALA B 122 20.29 -1.28 -5.32
N ILE B 123 20.21 -2.46 -5.95
CA ILE B 123 21.22 -2.87 -6.92
C ILE B 123 21.12 -2.02 -8.20
N LEU B 124 19.97 -1.40 -8.41
CA LEU B 124 19.77 -0.54 -9.57
C LEU B 124 20.26 0.87 -9.25
N PHE B 125 21.54 1.11 -9.51
CA PHE B 125 22.15 2.40 -9.22
C PHE B 125 21.84 3.44 -10.28
N LEU B 126 21.74 4.69 -9.85
CA LEU B 126 21.48 5.80 -10.75
C LEU B 126 22.74 6.66 -10.87
N PRO B 127 23.42 6.59 -12.03
CA PRO B 127 24.65 7.34 -12.26
C PRO B 127 24.42 8.75 -12.80
N LEU B 128 25.26 9.67 -12.33
CA LEU B 128 25.19 11.07 -12.75
C LEU B 128 26.60 11.56 -13.14
N PRO B 129 27.33 10.78 -13.95
CA PRO B 129 28.70 11.12 -14.37
C PRO B 129 28.74 12.12 -15.53
N VAL B 130 29.83 12.88 -15.59
CA VAL B 130 30.01 13.85 -16.65
C VAL B 130 30.51 13.16 -17.92
N SER B 131 29.57 12.69 -18.73
CA SER B 131 29.89 12.01 -19.97
C SER B 131 30.50 12.96 -21.00
N SER B 132 30.86 12.42 -22.15
CA SER B 132 31.44 13.21 -23.23
C SER B 132 30.45 13.31 -24.39
N ASP B 133 29.32 13.97 -24.13
CA ASP B 133 28.28 14.14 -25.13
C ASP B 133 28.45 15.47 -25.86
N MET C 1 -1.31 8.34 -14.00
CA MET C 1 -0.88 7.77 -15.31
C MET C 1 -0.41 6.34 -15.12
N ALA C 2 0.90 6.14 -15.04
CA ALA C 2 1.47 4.82 -14.82
C ALA C 2 1.50 4.55 -13.32
N ALA C 3 1.92 3.34 -12.94
CA ALA C 3 1.97 2.97 -11.53
C ALA C 3 0.53 2.90 -11.01
N GLU C 4 -0.28 2.10 -11.69
CA GLU C 4 -1.68 1.94 -11.34
C GLU C 4 -1.88 0.99 -10.16
N PRO C 5 -2.79 1.33 -9.24
CA PRO C 5 -3.09 0.50 -8.08
C PRO C 5 -3.93 -0.71 -8.43
N LEU C 6 -3.52 -1.87 -7.91
CA LEU C 6 -4.24 -3.11 -8.17
C LEU C 6 -5.31 -3.32 -7.10
N THR C 7 -5.92 -4.51 -7.07
CA THR C 7 -6.95 -4.79 -6.08
C THR C 7 -6.32 -4.99 -4.70
N GLU C 8 -7.14 -4.91 -3.66
CA GLU C 8 -6.69 -5.05 -2.28
C GLU C 8 -6.06 -6.43 -2.02
N LEU C 9 -6.49 -7.44 -2.78
CA LEU C 9 -5.99 -8.78 -2.61
C LEU C 9 -4.71 -9.03 -3.41
N GLU C 10 -4.38 -8.10 -4.33
CA GLU C 10 -3.12 -8.17 -5.09
C GLU C 10 -2.01 -7.45 -4.30
N GLU C 11 -2.36 -6.28 -3.71
CA GLU C 11 -1.45 -5.49 -2.89
C GLU C 11 -0.83 -6.37 -1.79
N SER C 12 -1.68 -7.07 -1.05
CA SER C 12 -1.24 -7.82 0.11
C SER C 12 -0.46 -9.09 -0.26
N ILE C 13 -0.82 -9.82 -1.33
CA ILE C 13 0.03 -10.93 -1.75
C ILE C 13 1.38 -10.37 -2.23
N GLU C 14 1.40 -9.27 -2.97
CA GLU C 14 2.67 -8.71 -3.41
C GLU C 14 3.55 -8.39 -2.19
N THR C 15 3.07 -7.58 -1.24
CA THR C 15 3.92 -7.13 -0.13
C THR C 15 4.59 -8.30 0.62
N VAL C 16 3.87 -9.40 0.80
CA VAL C 16 4.46 -10.59 1.42
C VAL C 16 5.37 -11.34 0.43
N VAL C 17 4.98 -11.43 -0.84
CA VAL C 17 5.80 -12.07 -1.87
C VAL C 17 7.15 -11.36 -2.01
N THR C 18 7.18 -10.03 -2.05
CA THR C 18 8.46 -9.29 -2.16
C THR C 18 9.35 -9.54 -0.92
N THR C 19 8.73 -9.55 0.27
CA THR C 19 9.43 -9.86 1.51
C THR C 19 10.01 -11.28 1.46
N PHE C 20 9.16 -12.27 1.15
CA PHE C 20 9.58 -13.63 0.86
C PHE C 20 10.79 -13.61 -0.07
N PHE C 21 10.66 -12.93 -1.21
CA PHE C 21 11.72 -12.87 -2.22
C PHE C 21 13.00 -12.18 -1.74
N THR C 22 12.91 -11.38 -0.68
CA THR C 22 14.09 -10.69 -0.16
C THR C 22 14.89 -11.59 0.79
N PHE C 23 14.47 -12.86 0.87
CA PHE C 23 15.15 -13.86 1.70
C PHE C 23 15.40 -15.14 0.90
N ALA C 24 14.49 -15.42 -0.05
CA ALA C 24 14.56 -16.59 -0.91
C ALA C 24 15.81 -16.56 -1.79
N ARG C 25 16.22 -15.36 -2.19
CA ARG C 25 17.38 -15.19 -3.06
C ARG C 25 18.70 -15.08 -2.32
N GLN C 26 18.67 -15.16 -0.98
CA GLN C 26 19.89 -15.06 -0.18
C GLN C 26 20.99 -16.00 -0.66
N GLU C 27 20.63 -17.27 -0.85
CA GLU C 27 21.59 -18.29 -1.29
C GLU C 27 21.10 -18.96 -2.58
N GLY C 28 21.58 -20.19 -2.80
CA GLY C 28 21.18 -21.00 -3.95
C GLY C 28 19.67 -21.07 -4.17
N ARG C 29 19.29 -20.78 -5.44
CA ARG C 29 17.88 -20.76 -5.89
C ARG C 29 17.06 -19.66 -5.21
N LYS C 30 16.61 -18.68 -6.00
CA LYS C 30 15.84 -17.55 -5.47
C LYS C 30 14.34 -17.86 -5.36
N ASP C 31 14.04 -19.08 -4.92
CA ASP C 31 12.67 -19.54 -4.73
C ASP C 31 12.62 -20.23 -3.37
N SER C 32 13.55 -21.15 -3.15
CA SER C 32 13.63 -21.91 -1.93
C SER C 32 14.38 -21.15 -0.85
N LEU C 33 13.84 -21.15 0.37
CA LEU C 33 14.59 -20.79 1.56
C LEU C 33 15.27 -22.05 2.06
N SER C 34 16.60 -22.07 2.16
CA SER C 34 17.28 -23.13 2.92
C SER C 34 17.27 -22.78 4.41
N VAL C 35 17.84 -23.65 5.24
CA VAL C 35 17.70 -23.59 6.70
C VAL C 35 18.02 -22.20 7.26
N ASN C 36 19.23 -21.68 7.00
CA ASN C 36 19.64 -20.34 7.48
C ASN C 36 18.68 -19.28 6.93
N GLU C 37 18.57 -19.24 5.62
CA GLU C 37 17.63 -18.41 4.88
C GLU C 37 16.28 -18.31 5.58
N PHE C 38 15.72 -19.47 5.93
CA PHE C 38 14.44 -19.58 6.60
C PHE C 38 14.53 -18.93 7.97
N LYS C 39 15.52 -19.34 8.78
CA LYS C 39 15.70 -18.80 10.11
C LYS C 39 15.83 -17.27 10.08
N GLU C 40 16.43 -16.73 9.03
CA GLU C 40 16.62 -15.28 8.88
C GLU C 40 15.29 -14.51 8.84
N LEU C 41 14.23 -15.13 8.32
CA LEU C 41 12.93 -14.47 8.23
C LEU C 41 12.42 -14.24 9.65
N VAL C 42 12.36 -15.33 10.41
CA VAL C 42 11.74 -15.33 11.72
C VAL C 42 12.56 -14.46 12.66
N THR C 43 13.87 -14.71 12.71
CA THR C 43 14.77 -13.99 13.60
C THR C 43 14.81 -12.48 13.36
N GLN C 44 14.50 -12.03 12.14
CA GLN C 44 14.55 -10.60 11.84
C GLN C 44 13.18 -9.91 11.92
N GLN C 45 12.26 -10.32 11.06
CA GLN C 45 10.94 -9.67 11.01
C GLN C 45 9.82 -10.42 11.73
N LEU C 46 10.17 -11.29 12.69
CA LEU C 46 9.12 -12.01 13.43
C LEU C 46 9.54 -12.29 14.88
N PRO C 47 9.48 -11.26 15.73
CA PRO C 47 9.85 -11.36 17.15
C PRO C 47 8.67 -11.54 18.10
N HIS C 48 7.44 -11.33 17.61
CA HIS C 48 6.26 -11.45 18.47
C HIS C 48 5.39 -12.64 18.10
N LEU C 49 4.93 -12.68 16.83
CA LEU C 49 4.08 -13.75 16.34
C LEU C 49 4.57 -15.13 16.78
N LEU C 50 5.73 -15.54 16.26
CA LEU C 50 6.41 -16.77 16.59
C LEU C 50 7.67 -16.40 17.34
N LYS C 51 7.49 -16.10 18.63
CA LYS C 51 8.59 -15.69 19.52
C LYS C 51 9.61 -16.81 19.74
N ASP C 52 9.42 -17.94 19.09
CA ASP C 52 10.33 -19.07 19.22
C ASP C 52 11.48 -18.95 18.22
N VAL C 53 12.49 -18.18 18.59
CA VAL C 53 13.66 -17.98 17.73
C VAL C 53 14.76 -19.00 18.04
N GLY C 54 14.36 -20.09 18.69
CA GLY C 54 15.31 -21.13 19.04
C GLY C 54 14.91 -22.49 18.50
N SER C 55 13.61 -22.76 18.46
CA SER C 55 13.10 -24.03 17.97
C SER C 55 12.62 -23.92 16.52
N LEU C 56 13.43 -23.26 15.68
CA LEU C 56 13.13 -23.09 14.29
C LEU C 56 13.16 -24.47 13.60
N ASP C 57 13.97 -25.40 14.12
CA ASP C 57 14.00 -26.79 13.68
C ASP C 57 12.59 -27.39 13.69
N GLU C 58 11.85 -27.22 14.79
CA GLU C 58 10.48 -27.71 14.92
C GLU C 58 9.62 -27.17 13.78
N LYS C 59 9.63 -25.84 13.59
CA LYS C 59 8.88 -25.24 12.49
C LYS C 59 9.31 -25.89 11.18
N MET C 60 10.62 -25.93 10.92
CA MET C 60 11.19 -26.49 9.70
C MET C 60 10.63 -27.89 9.45
N LYS C 61 10.73 -28.80 10.41
CA LYS C 61 10.19 -30.14 10.28
C LYS C 61 8.67 -30.10 10.04
N SER C 62 7.94 -29.24 10.77
CA SER C 62 6.51 -29.10 10.60
C SER C 62 6.12 -28.58 9.20
N LEU C 63 7.00 -27.78 8.57
CA LEU C 63 6.81 -27.16 7.28
C LEU C 63 7.24 -28.09 6.15
N ASP C 64 8.54 -28.41 6.11
CA ASP C 64 9.17 -29.18 5.05
C ASP C 64 8.80 -30.66 5.18
N VAL C 65 7.56 -31.01 4.81
CA VAL C 65 7.03 -32.36 4.95
C VAL C 65 7.96 -33.44 4.37
N ASN C 66 8.62 -33.13 3.25
CA ASN C 66 9.52 -34.04 2.54
C ASN C 66 10.95 -34.00 3.12
N GLN C 67 11.25 -33.06 4.01
CA GLN C 67 12.54 -32.90 4.67
C GLN C 67 13.69 -32.94 3.66
N ASP C 68 13.59 -32.12 2.61
CA ASP C 68 14.64 -31.92 1.61
C ASP C 68 15.60 -30.80 2.05
N SER C 69 15.25 -30.05 3.10
CA SER C 69 16.00 -28.89 3.57
C SER C 69 15.96 -27.74 2.55
N GLU C 70 14.87 -27.71 1.76
CA GLU C 70 14.45 -26.59 0.94
C GLU C 70 12.97 -26.39 1.22
N LEU C 71 12.58 -25.24 1.74
CA LEU C 71 11.19 -24.82 1.72
C LEU C 71 10.98 -24.16 0.36
N LYS C 72 10.53 -24.91 -0.66
CA LYS C 72 10.08 -24.36 -1.95
C LYS C 72 9.03 -23.29 -1.68
N PHE C 73 8.75 -22.41 -2.65
CA PHE C 73 7.76 -21.34 -2.55
C PHE C 73 6.51 -21.78 -1.77
N ASN C 74 5.84 -22.84 -2.26
CA ASN C 74 4.60 -23.33 -1.67
C ASN C 74 4.81 -23.94 -0.28
N GLU C 75 5.97 -24.55 -0.02
CA GLU C 75 6.28 -25.13 1.28
C GLU C 75 6.47 -23.99 2.28
N TYR C 76 7.37 -23.06 1.97
CA TYR C 76 7.60 -21.85 2.74
C TYR C 76 6.28 -21.18 3.06
N TRP C 77 5.48 -20.97 2.01
CA TRP C 77 4.17 -20.34 2.09
C TRP C 77 3.37 -20.86 3.30
N ARG C 78 3.45 -22.17 3.64
CA ARG C 78 2.82 -22.73 4.85
C ARG C 78 2.94 -21.79 6.05
N LEU C 79 4.15 -21.30 6.33
CA LEU C 79 4.42 -20.39 7.44
C LEU C 79 3.38 -19.27 7.47
N ILE C 80 3.07 -18.67 6.32
CA ILE C 80 2.19 -17.51 6.24
C ILE C 80 0.80 -17.87 6.78
N GLY C 81 0.45 -19.15 6.73
CA GLY C 81 -0.81 -19.65 7.23
C GLY C 81 -0.78 -19.68 8.73
N GLU C 82 0.33 -20.15 9.25
CA GLU C 82 0.53 -20.31 10.66
C GLU C 82 0.60 -18.89 11.25
N LEU C 83 1.17 -17.93 10.51
CA LEU C 83 1.15 -16.52 10.86
C LEU C 83 -0.28 -15.97 10.89
N ALA C 84 -0.97 -16.05 9.74
CA ALA C 84 -2.33 -15.55 9.54
C ALA C 84 -3.32 -16.21 10.49
N LYS C 85 -3.00 -17.42 10.94
CA LYS C 85 -3.71 -18.12 11.98
C LYS C 85 -3.32 -17.49 13.31
N GLU C 86 -2.05 -17.54 13.72
CA GLU C 86 -1.53 -17.01 15.00
C GLU C 86 -2.10 -15.63 15.33
N ILE C 87 -2.08 -14.67 14.39
CA ILE C 87 -2.58 -13.33 14.67
C ILE C 87 -4.00 -13.31 15.27
N ARG C 88 -4.84 -14.26 14.86
CA ARG C 88 -6.17 -14.48 15.43
C ARG C 88 -6.07 -15.44 16.61
N LYS C 89 -5.47 -16.60 16.35
CA LYS C 89 -5.47 -17.78 17.19
C LYS C 89 -4.76 -17.55 18.52
N LYS C 90 -3.84 -16.61 18.63
CA LYS C 90 -2.45 -16.95 18.97
C LYS C 90 -2.36 -18.16 19.92
N LYS C 91 -2.79 -18.07 21.18
CA LYS C 91 -2.77 -19.18 22.13
C LYS C 91 -4.15 -19.28 22.82
N ASP C 92 -5.21 -19.23 22.01
CA ASP C 92 -6.64 -19.35 22.32
C ASP C 92 -6.92 -20.70 22.98
N LEU C 93 -6.49 -20.81 24.24
CA LEU C 93 -6.40 -22.02 25.02
C LEU C 93 -5.95 -21.57 26.41
N LYS C 94 -4.86 -20.78 26.49
CA LYS C 94 -4.38 -20.15 27.72
C LYS C 94 -4.38 -18.62 27.60
N ILE C 95 -3.93 -18.07 26.47
CA ILE C 95 -3.64 -16.65 26.31
C ILE C 95 -4.12 -16.18 24.93
N ARG C 96 -5.16 -15.35 24.77
CA ARG C 96 -6.18 -14.83 25.69
C ARG C 96 -7.17 -13.92 24.95
N DLY C 97 -6.79 -12.95 24.10
CA DLY C 97 -5.49 -12.55 23.56
C DLY C 97 -5.79 -11.86 22.20
O DLY C 97 -6.53 -12.48 21.43
CB DLY C 97 -4.62 -11.86 24.62
CG DLY C 97 -5.21 -10.66 25.41
CD DLY C 97 -4.08 -9.91 26.15
CE DLY C 97 -3.96 -8.41 25.84
NZ DLY C 97 -4.98 -7.55 26.47
H DLY C 97 -7.54 -12.41 23.77
HA DLY C 97 -6.16 -11.58 23.72
HB2 DLY C 97 -4.33 -12.59 25.35
HB3 DLY C 97 -3.72 -11.50 24.13
HG2 DLY C 97 -5.70 -9.99 24.73
HG3 DLY C 97 -5.92 -11.03 26.14
HD2 DLY C 97 -4.25 -10.01 27.21
HD3 DLY C 97 -3.14 -10.39 25.91
HE2 DLY C 97 -2.98 -8.07 26.18
HE3 DLY C 97 -4.00 -8.28 24.77
HZ1 DLY C 97 -4.83 -6.55 26.21
HZ2 DLY C 97 -4.93 -7.64 27.51
HZ3 DLY C 97 -5.93 -7.84 26.15
N DLY C 98 -5.35 -10.67 21.77
CA DLY C 98 -4.34 -9.77 22.28
C DLY C 98 -2.99 -10.17 21.68
O DLY C 98 -2.85 -10.07 20.44
CB DLY C 98 -4.79 -8.35 21.97
CG DLY C 98 -6.27 -8.05 22.27
CD DLY C 98 -6.51 -6.55 22.48
CE DLY C 98 -6.06 -5.69 21.28
NZ DLY C 98 -5.75 -4.29 21.70
H DLY C 98 -5.80 -10.35 20.95
HA DLY C 98 -4.33 -9.87 21.11
HB2 DLY C 98 -4.20 -7.66 22.56
HB3 DLY C 98 -4.61 -8.14 20.92
HG2 DLY C 98 -6.88 -8.38 21.44
HG3 DLY C 98 -6.56 -8.58 23.16
HD2 DLY C 98 -7.56 -6.38 22.63
HD3 DLY C 98 -5.97 -6.23 23.35
HE2 DLY C 98 -5.16 -6.12 20.86
HE3 DLY C 98 -6.83 -5.68 20.54
HZ1 DLY C 98 -5.38 -3.76 20.89
HZ2 DLY C 98 -5.06 -4.29 22.47
HZ3 DLY C 98 -6.63 -3.83 22.03
N MET D 1 -11.32 -7.12 22.30
CA MET D 1 -12.39 -6.48 21.51
C MET D 1 -11.83 -6.03 20.16
N ALA D 2 -10.80 -5.17 20.16
CA ALA D 2 -10.14 -4.73 18.92
C ALA D 2 -8.87 -3.91 19.20
N ALA D 3 -7.72 -4.37 18.72
CA ALA D 3 -6.59 -3.61 18.17
C ALA D 3 -6.35 -2.16 18.64
N GLU D 4 -5.39 -1.94 19.56
CA GLU D 4 -4.51 -0.78 19.57
C GLU D 4 -3.33 -1.08 18.59
N PRO D 5 -2.28 -0.19 18.48
CA PRO D 5 -1.06 -0.33 17.65
C PRO D 5 -0.72 -1.73 17.14
N LEU D 6 -0.33 -1.77 15.87
CA LEU D 6 0.07 -2.99 15.20
C LEU D 6 1.44 -2.80 14.54
N THR D 7 1.62 -3.38 13.35
CA THR D 7 2.87 -3.25 12.61
C THR D 7 2.59 -3.05 11.11
N GLU D 8 3.65 -3.02 10.30
CA GLU D 8 3.51 -2.81 8.86
C GLU D 8 2.69 -3.90 8.17
N LEU D 9 3.03 -5.17 8.44
CA LEU D 9 2.31 -6.29 7.83
C LEU D 9 0.96 -6.57 8.51
N GLU D 10 0.81 -6.08 9.74
CA GLU D 10 -0.43 -6.25 10.48
C GLU D 10 -1.52 -5.37 9.88
N GLU D 11 -1.13 -4.21 9.34
CA GLU D 11 -2.07 -3.33 8.63
C GLU D 11 -2.73 -4.09 7.48
N SER D 12 -1.91 -4.72 6.64
CA SER D 12 -2.38 -5.31 5.40
C SER D 12 -3.21 -6.59 5.63
N ILE D 13 -3.04 -7.29 6.76
CA ILE D 13 -4.01 -8.30 7.18
C ILE D 13 -5.26 -7.64 7.76
N GLU D 14 -5.16 -6.49 8.44
CA GLU D 14 -6.35 -5.76 8.88
C GLU D 14 -7.23 -5.37 7.69
N THR D 15 -6.66 -4.67 6.68
CA THR D 15 -7.45 -4.06 5.63
C THR D 15 -8.45 -5.04 5.00
N VAL D 16 -8.04 -6.31 4.81
CA VAL D 16 -8.92 -7.34 4.29
C VAL D 16 -9.94 -7.79 5.33
N VAL D 17 -9.56 -7.87 6.61
CA VAL D 17 -10.49 -8.17 7.70
C VAL D 17 -11.58 -7.10 7.77
N THR D 18 -11.18 -5.83 7.61
CA THR D 18 -12.13 -4.71 7.63
C THR D 18 -13.20 -4.88 6.53
N THR D 19 -12.83 -5.52 5.39
CA THR D 19 -13.78 -5.80 4.31
C THR D 19 -14.72 -6.89 4.78
N PHE D 20 -14.09 -7.96 5.29
CA PHE D 20 -14.77 -9.10 5.90
C PHE D 20 -15.81 -8.60 6.91
N PHE D 21 -15.35 -7.78 7.87
CA PHE D 21 -16.16 -7.22 8.94
C PHE D 21 -17.40 -6.46 8.46
N THR D 22 -17.31 -5.78 7.31
CA THR D 22 -18.46 -5.01 6.81
C THR D 22 -19.35 -5.80 5.87
N PHE D 23 -19.10 -7.10 5.77
CA PHE D 23 -19.90 -7.96 4.91
C PHE D 23 -20.46 -9.11 5.74
N ALA D 24 -19.79 -9.43 6.84
CA ALA D 24 -20.20 -10.52 7.71
C ALA D 24 -21.16 -10.06 8.79
N ARG D 25 -21.35 -8.74 8.93
CA ARG D 25 -22.27 -8.18 9.93
C ARG D 25 -23.67 -7.89 9.33
N GLN D 26 -23.95 -8.43 8.14
CA GLN D 26 -25.24 -8.21 7.46
C GLN D 26 -26.41 -8.81 8.23
N GLU D 27 -26.59 -10.13 8.09
CA GLU D 27 -27.65 -10.85 8.79
C GLU D 27 -27.22 -11.03 10.25
N GLY D 28 -27.05 -12.26 10.72
CA GLY D 28 -26.49 -12.42 12.05
C GLY D 28 -25.03 -12.00 12.05
N ARG D 29 -24.51 -11.70 13.25
CA ARG D 29 -23.18 -12.13 13.67
C ARG D 29 -22.05 -11.80 12.71
N LYS D 30 -21.24 -10.79 13.09
CA LYS D 30 -20.10 -10.31 12.30
C LYS D 30 -18.88 -11.23 12.37
N ASP D 31 -18.82 -12.04 13.41
CA ASP D 31 -17.72 -12.98 13.61
C ASP D 31 -17.79 -14.21 12.68
N SER D 32 -18.92 -14.45 11.99
CA SER D 32 -19.06 -15.57 11.05
C SER D 32 -19.63 -15.08 9.71
N LEU D 33 -19.10 -15.60 8.60
CA LEU D 33 -19.71 -15.41 7.30
C LEU D 33 -20.98 -16.25 7.22
N SER D 34 -22.03 -15.64 6.71
CA SER D 34 -23.36 -16.17 6.52
C SER D 34 -23.65 -16.14 5.00
N VAL D 35 -24.64 -16.89 4.49
CA VAL D 35 -24.76 -17.07 3.03
C VAL D 35 -25.82 -16.16 2.42
N ASN D 36 -25.71 -14.89 2.77
CA ASN D 36 -25.96 -13.72 1.97
C ASN D 36 -25.13 -12.61 2.60
N GLU D 37 -23.85 -13.00 2.66
CA GLU D 37 -22.70 -12.25 3.14
C GLU D 37 -21.50 -12.78 2.33
N PHE D 38 -21.45 -14.13 2.24
CA PHE D 38 -20.47 -14.87 1.48
C PHE D 38 -20.74 -14.68 -0.01
N LYS D 39 -21.94 -15.06 -0.48
CA LYS D 39 -22.23 -14.98 -1.91
C LYS D 39 -22.10 -13.53 -2.39
N GLU D 40 -22.53 -12.58 -1.57
CA GLU D 40 -22.41 -11.16 -1.91
C GLU D 40 -20.95 -10.74 -1.99
N LEU D 41 -20.10 -11.39 -1.17
CA LEU D 41 -18.67 -11.10 -1.14
C LEU D 41 -17.98 -11.60 -2.41
N VAL D 42 -18.27 -12.85 -2.80
CA VAL D 42 -17.69 -13.42 -4.00
C VAL D 42 -18.19 -12.68 -5.23
N THR D 43 -19.47 -12.37 -5.29
CA THR D 43 -20.05 -11.70 -6.45
C THR D 43 -19.56 -10.24 -6.61
N GLN D 44 -19.07 -9.63 -5.53
CA GLN D 44 -18.61 -8.24 -5.60
C GLN D 44 -17.09 -8.07 -5.51
N GLN D 45 -16.48 -8.68 -4.51
CA GLN D 45 -15.03 -8.54 -4.30
C GLN D 45 -14.21 -9.61 -5.01
N LEU D 46 -14.84 -10.71 -5.42
CA LEU D 46 -14.10 -11.78 -6.11
C LEU D 46 -14.68 -12.15 -7.50
N PRO D 47 -15.16 -11.18 -8.33
CA PRO D 47 -15.74 -11.50 -9.62
C PRO D 47 -14.68 -11.79 -10.70
N HIS D 48 -13.47 -11.25 -10.50
CA HIS D 48 -12.39 -11.46 -11.45
C HIS D 48 -11.43 -12.55 -10.96
N LEU D 49 -11.09 -12.50 -9.68
CA LEU D 49 -10.19 -13.48 -9.08
C LEU D 49 -10.83 -14.87 -9.07
N LEU D 50 -12.01 -14.96 -8.47
CA LEU D 50 -12.74 -16.23 -8.43
C LEU D 50 -13.76 -16.28 -9.55
N LYS D 51 -13.46 -17.07 -10.57
CA LYS D 51 -14.34 -17.22 -11.73
C LYS D 51 -15.43 -18.26 -11.46
N ASP D 52 -15.73 -18.47 -10.19
CA ASP D 52 -16.75 -19.43 -9.79
C ASP D 52 -17.77 -18.77 -8.85
N VAL D 53 -18.46 -17.76 -9.37
CA VAL D 53 -19.46 -17.04 -8.58
C VAL D 53 -20.77 -17.81 -8.52
N GLY D 54 -20.98 -18.71 -9.49
CA GLY D 54 -22.20 -19.49 -9.51
C GLY D 54 -22.01 -20.84 -8.86
N SER D 55 -20.75 -21.19 -8.61
CA SER D 55 -20.41 -22.47 -7.98
C SER D 55 -19.83 -22.24 -6.58
N LEU D 56 -20.27 -21.16 -5.93
CA LEU D 56 -19.83 -20.83 -4.58
C LEU D 56 -20.14 -22.01 -3.67
N ASP D 57 -21.36 -22.53 -3.73
CA ASP D 57 -21.90 -23.60 -2.92
C ASP D 57 -20.90 -24.76 -2.73
N GLU D 58 -20.18 -25.14 -3.79
CA GLU D 58 -19.14 -26.15 -3.70
C GLU D 58 -18.00 -25.67 -2.79
N LYS D 59 -17.54 -24.44 -3.02
CA LYS D 59 -16.48 -23.84 -2.21
C LYS D 59 -16.92 -23.79 -0.75
N MET D 60 -18.16 -23.32 -0.55
CA MET D 60 -18.78 -23.27 0.77
C MET D 60 -18.70 -24.64 1.44
N LYS D 61 -19.19 -25.68 0.78
CA LYS D 61 -19.14 -27.02 1.34
C LYS D 61 -17.70 -27.43 1.67
N SER D 62 -16.77 -27.14 0.75
CA SER D 62 -15.35 -27.43 0.95
C SER D 62 -14.76 -26.66 2.14
N LEU D 63 -15.18 -25.41 2.32
CA LEU D 63 -14.72 -24.51 3.37
C LEU D 63 -15.24 -24.98 4.72
N ASP D 64 -16.57 -25.08 4.84
CA ASP D 64 -17.32 -25.12 6.08
C ASP D 64 -16.97 -26.25 7.07
N VAL D 65 -16.20 -27.26 6.63
CA VAL D 65 -16.41 -28.70 6.74
C VAL D 65 -17.06 -29.28 8.00
N ASN D 66 -17.06 -28.58 9.14
CA ASN D 66 -17.97 -28.96 10.22
C ASN D 66 -19.42 -28.91 9.74
N GLN D 67 -19.69 -28.10 8.70
CA GLN D 67 -20.96 -28.01 8.00
C GLN D 67 -22.06 -27.41 8.90
N ASP D 68 -21.67 -26.71 9.97
CA ASP D 68 -22.59 -25.89 10.75
C ASP D 68 -23.17 -24.77 9.87
N SER D 69 -22.54 -24.47 8.74
CA SER D 69 -22.94 -23.43 7.80
C SER D 69 -22.75 -22.02 8.37
N GLU D 70 -22.06 -21.89 9.51
CA GLU D 70 -21.35 -20.68 9.84
C GLU D 70 -19.96 -20.85 9.24
N LEU D 71 -19.64 -20.08 8.23
CA LEU D 71 -18.28 -20.06 7.69
C LEU D 71 -17.44 -19.33 8.74
N LYS D 72 -16.70 -20.10 9.53
CA LYS D 72 -16.22 -19.70 10.84
C LYS D 72 -14.95 -18.86 10.69
N PHE D 73 -14.48 -18.28 11.81
CA PHE D 73 -13.37 -17.35 11.85
C PHE D 73 -12.08 -18.17 11.80
N ASN D 74 -11.83 -18.69 10.59
CA ASN D 74 -10.85 -19.65 10.09
C ASN D 74 -11.54 -21.02 9.99
N GLU D 75 -12.72 -21.09 9.36
CA GLU D 75 -12.93 -21.77 8.10
C GLU D 75 -12.70 -20.77 6.97
N TYR D 76 -13.52 -19.70 6.97
CA TYR D 76 -13.65 -18.69 5.92
C TYR D 76 -12.30 -18.32 5.32
N TRP D 77 -11.37 -17.98 6.20
CA TRP D 77 -10.07 -17.44 5.86
C TRP D 77 -9.41 -18.18 4.69
N ARG D 78 -9.55 -19.52 4.66
CA ARG D 78 -9.08 -20.35 3.57
C ARG D 78 -9.31 -19.71 2.21
N LEU D 79 -10.49 -19.13 1.97
CA LEU D 79 -10.85 -18.48 0.73
C LEU D 79 -9.76 -17.51 0.26
N ILE D 80 -9.31 -16.62 1.15
CA ILE D 80 -8.29 -15.63 0.84
C ILE D 80 -7.03 -16.36 0.39
N GLY D 81 -6.82 -17.59 0.90
CA GLY D 81 -5.74 -18.49 0.58
C GLY D 81 -5.83 -19.01 -0.82
N GLU D 82 -7.03 -19.38 -1.18
CA GLU D 82 -7.31 -19.95 -2.46
C GLU D 82 -7.12 -18.84 -3.49
N LEU D 83 -7.68 -17.65 -3.29
CA LEU D 83 -7.30 -16.53 -4.16
C LEU D 83 -5.79 -16.27 -4.15
N ALA D 84 -5.16 -16.26 -2.98
CA ALA D 84 -3.72 -16.01 -2.87
C ALA D 84 -2.93 -16.96 -3.75
N LYS D 85 -3.18 -18.28 -3.68
CA LYS D 85 -2.49 -19.20 -4.57
C LYS D 85 -3.00 -19.04 -6.01
N GLU D 86 -4.32 -18.85 -6.26
CA GLU D 86 -4.94 -18.78 -7.59
C GLU D 86 -4.13 -17.92 -8.54
N ILE D 87 -3.69 -16.74 -8.10
CA ILE D 87 -2.90 -15.84 -8.92
C ILE D 87 -1.69 -16.58 -9.55
N ARG D 88 -1.05 -17.45 -8.78
CA ARG D 88 -0.01 -18.37 -9.21
C ARG D 88 -0.60 -19.65 -9.85
N LYS D 89 -1.70 -20.16 -9.32
CA LYS D 89 -2.19 -21.51 -9.51
C LYS D 89 -3.54 -21.53 -10.22
N LYS D 90 -3.51 -21.36 -11.54
CA LYS D 90 -4.64 -21.33 -12.47
C LYS D 90 -5.75 -22.33 -12.10
N LYS D 91 -5.43 -23.63 -11.95
CA LYS D 91 -6.45 -24.64 -11.59
C LYS D 91 -5.85 -25.87 -10.88
N ASP D 92 -4.53 -25.92 -10.72
CA ASP D 92 -3.78 -27.16 -10.78
C ASP D 92 -3.61 -27.76 -9.37
N LEU D 93 -4.72 -27.84 -8.61
CA LEU D 93 -4.71 -28.35 -7.24
C LEU D 93 -5.01 -29.85 -7.19
N DLY D 94 -6.12 -30.26 -7.77
CA DLY D 94 -6.72 -31.58 -7.56
C DLY D 94 -6.81 -31.93 -6.07
O DLY D 94 -7.71 -31.44 -5.39
CB DLY D 94 -8.12 -31.59 -8.18
CG DLY D 94 -8.91 -30.30 -7.84
CD DLY D 94 -10.41 -30.49 -7.65
CE DLY D 94 -10.85 -30.90 -6.23
NZ DLY D 94 -10.27 -32.18 -5.75
H DLY D 94 -6.56 -29.66 -8.40
HA DLY D 94 -7.12 -30.73 -6.89
HB2 DLY D 94 -8.04 -31.67 -9.26
HB3 DLY D 94 -8.68 -32.43 -7.80
HG2 DLY D 94 -8.52 -29.87 -6.93
HG3 DLY D 94 -8.75 -29.60 -8.65
HD2 DLY D 94 -10.90 -29.56 -7.88
HD3 DLY D 94 -10.75 -31.25 -8.34
HE2 DLY D 94 -10.55 -30.12 -5.54
HE3 DLY D 94 -11.93 -30.98 -6.21
HZ1 DLY D 94 -10.59 -32.37 -4.78
HZ2 DLY D 94 -9.23 -32.11 -5.75
HZ3 DLY D 94 -10.56 -32.96 -6.38
N ILE D 95 -5.93 -32.81 -5.58
CA ILE D 95 -6.01 -33.50 -4.29
C ILE D 95 -7.33 -34.26 -4.04
N ARG D 96 -7.21 -35.32 -3.24
CA ARG D 96 -8.28 -36.19 -2.77
C ARG D 96 -7.68 -37.02 -1.65
N LYS D 97 -8.28 -37.06 -0.46
CA LYS D 97 -7.62 -37.50 0.76
C LYS D 97 -8.70 -37.50 1.86
N LYS D 98 -8.88 -38.64 2.54
CA LYS D 98 -9.64 -38.73 3.78
C LYS D 98 -8.62 -38.82 4.91
N TYR E 1 -25.91 32.63 8.49
CA TYR E 1 -26.69 32.74 7.22
C TYR E 1 -27.14 31.35 6.77
N LYS E 2 -28.01 30.71 7.55
CA LYS E 2 -28.50 29.37 7.22
C LYS E 2 -29.01 29.33 5.78
N LYS E 3 -28.26 28.65 4.92
CA LYS E 3 -28.60 28.54 3.51
C LYS E 3 -27.91 27.31 2.91
N PRO E 4 -28.00 27.10 1.58
CA PRO E 4 -27.40 25.99 0.87
C PRO E 4 -26.27 25.29 1.63
N LYS E 5 -26.57 24.12 2.16
CA LYS E 5 -25.59 23.33 2.91
C LYS E 5 -24.95 22.30 1.99
N LEU E 6 -23.71 22.54 1.59
CA LEU E 6 -22.99 21.62 0.71
C LEU E 6 -22.37 20.49 1.53
N LEU E 7 -22.52 19.26 1.03
CA LEU E 7 -21.97 18.10 1.73
C LEU E 7 -21.47 17.06 0.72
N TYR E 8 -20.30 16.50 1.00
CA TYR E 8 -19.69 15.49 0.14
C TYR E 8 -18.68 14.66 0.93
N CYS E 9 -18.15 13.61 0.33
CA CYS E 9 -17.18 12.76 1.02
C CYS E 9 -16.17 12.17 0.04
N SER E 10 -15.08 11.62 0.59
CA SER E 10 -14.02 11.02 -0.20
C SER E 10 -13.17 12.11 -0.85
N ASN E 11 -11.88 12.12 -0.51
CA ASN E 11 -10.96 13.11 -1.05
C ASN E 11 -11.09 13.19 -2.58
N GLY E 12 -11.32 14.39 -3.07
CA GLY E 12 -11.48 14.59 -4.50
C GLY E 12 -12.65 15.48 -4.83
N GLY E 13 -12.46 16.38 -5.78
CA GLY E 13 -13.53 17.28 -6.17
C GLY E 13 -14.78 16.54 -6.60
N HIS E 14 -15.79 16.55 -5.73
CA HIS E 14 -17.07 15.90 -5.99
C HIS E 14 -18.11 16.39 -4.99
N PHE E 15 -19.20 16.97 -5.49
CA PHE E 15 -20.26 17.48 -4.62
C PHE E 15 -21.57 16.75 -4.88
N LEU E 16 -22.40 16.63 -3.85
CA LEU E 16 -23.69 15.96 -3.96
C LEU E 16 -24.68 16.83 -4.73
N ARG E 17 -24.86 16.53 -6.02
CA ARG E 17 -25.78 17.29 -6.84
C ARG E 17 -27.14 16.61 -6.89
N ILE E 18 -28.11 17.20 -6.21
CA ILE E 18 -29.45 16.64 -6.14
C ILE E 18 -30.32 17.15 -7.29
N LEU E 19 -31.17 16.26 -7.79
CA LEU E 19 -32.08 16.60 -8.88
C LEU E 19 -33.50 16.15 -8.53
N PRO E 20 -34.51 16.96 -8.85
CA PRO E 20 -35.92 16.65 -8.56
C PRO E 20 -36.28 15.21 -8.92
N ASP E 21 -35.61 14.68 -9.94
CA ASP E 21 -35.82 13.31 -10.39
C ASP E 21 -35.55 12.31 -9.26
N GLY E 22 -34.47 12.54 -8.54
CA GLY E 22 -34.09 11.67 -7.44
C GLY E 22 -32.68 11.13 -7.60
N THR E 23 -32.24 10.94 -8.83
CA THR E 23 -30.90 10.43 -9.10
C THR E 23 -29.83 11.49 -8.79
N VAL E 24 -29.43 11.55 -7.52
CA VAL E 24 -28.41 12.48 -7.08
C VAL E 24 -27.02 11.87 -7.26
N ASP E 25 -26.10 12.63 -7.86
CA ASP E 25 -24.74 12.15 -8.09
C ASP E 25 -23.71 13.11 -7.51
N GLY E 26 -22.47 12.65 -7.41
CA GLY E 26 -21.40 13.46 -6.87
C GLY E 26 -20.77 14.36 -7.92
N THR E 27 -21.54 15.31 -8.43
CA THR E 27 -21.07 16.23 -9.43
C THR E 27 -20.01 17.18 -8.86
N ARG E 28 -18.88 17.29 -9.53
CA ARG E 28 -17.82 18.16 -9.07
C ARG E 28 -17.93 19.53 -9.73
N ASP E 29 -18.99 20.26 -9.40
CA ASP E 29 -19.23 21.58 -9.95
C ASP E 29 -19.97 22.46 -8.96
N ARG E 30 -19.76 23.77 -9.07
CA ARG E 30 -20.41 24.72 -8.19
C ARG E 30 -20.96 25.90 -8.99
N SER E 31 -21.20 25.66 -10.29
CA SER E 31 -21.71 26.68 -11.18
C SER E 31 -23.23 26.64 -11.20
N ASP E 32 -23.78 25.42 -11.26
CA ASP E 32 -25.23 25.23 -11.28
C ASP E 32 -25.76 24.97 -9.88
N GLN E 33 -26.74 25.75 -9.44
CA GLN E 33 -27.31 25.60 -8.11
C GLN E 33 -28.09 24.29 -7.98
N HIS E 34 -27.37 23.18 -7.85
CA HIS E 34 -28.00 21.88 -7.68
C HIS E 34 -27.19 20.98 -6.74
N ILE E 35 -26.28 21.58 -5.96
CA ILE E 35 -25.44 20.83 -5.03
C ILE E 35 -25.56 21.43 -3.62
N GLN E 36 -26.79 21.74 -3.23
CA GLN E 36 -27.05 22.33 -1.92
C GLN E 36 -28.30 21.75 -1.30
N LEU E 37 -28.21 21.37 -0.04
CA LEU E 37 -29.34 20.82 0.70
C LEU E 37 -29.52 21.57 2.01
N GLN E 38 -30.74 21.58 2.53
CA GLN E 38 -31.02 22.28 3.78
C GLN E 38 -30.80 21.35 4.97
N LEU E 39 -29.54 21.07 5.26
CA LEU E 39 -29.17 20.21 6.38
C LEU E 39 -29.36 20.96 7.69
N SER E 40 -30.09 20.36 8.63
CA SER E 40 -30.32 20.97 9.93
C SER E 40 -30.75 19.91 10.95
N ALA E 41 -30.52 20.22 12.23
CA ALA E 41 -30.90 19.31 13.30
C ALA E 41 -32.36 19.53 13.67
N GLU E 42 -33.21 18.62 13.22
CA GLU E 42 -34.64 18.73 13.48
C GLU E 42 -34.93 18.43 14.96
N SER E 43 -34.47 17.27 15.41
CA SER E 43 -34.67 16.85 16.79
C SER E 43 -33.31 16.71 17.49
N VAL E 44 -33.33 16.44 18.79
CA VAL E 44 -32.10 16.29 19.55
C VAL E 44 -31.16 15.25 18.90
N GLY E 45 -30.26 15.73 18.07
CA GLY E 45 -29.32 14.87 17.39
C GLY E 45 -29.82 14.37 16.05
N GLU E 46 -31.12 14.51 15.79
CA GLU E 46 -31.71 14.05 14.54
C GLU E 46 -31.62 15.14 13.47
N VAL E 47 -30.76 14.93 12.49
CA VAL E 47 -30.59 15.88 11.40
C VAL E 47 -31.27 15.38 10.14
N TYR E 48 -31.87 16.29 9.39
CA TYR E 48 -32.57 15.94 8.16
C TYR E 48 -31.88 16.55 6.94
N ILE E 49 -31.95 15.84 5.82
CA ILE E 49 -31.35 16.29 4.58
C ILE E 49 -32.44 16.58 3.56
N LYS E 50 -32.74 17.86 3.37
CA LYS E 50 -33.78 18.28 2.45
C LYS E 50 -33.28 19.37 1.51
N SER E 51 -33.17 19.05 0.23
CA SER E 51 -32.71 20.01 -0.76
C SER E 51 -33.89 20.90 -1.20
N THR E 52 -34.45 21.61 -0.24
CA THR E 52 -35.60 22.46 -0.47
C THR E 52 -35.35 23.47 -1.60
N GLU E 53 -34.50 24.45 -1.34
CA GLU E 53 -34.21 25.50 -2.32
C GLU E 53 -33.18 25.05 -3.35
N THR E 54 -33.46 23.94 -4.05
CA THR E 54 -32.54 23.44 -5.06
C THR E 54 -32.99 22.10 -5.65
N GLY E 55 -33.48 21.19 -4.82
CA GLY E 55 -33.88 19.89 -5.33
C GLY E 55 -35.13 19.34 -4.67
N GLN E 56 -34.95 18.28 -3.89
CA GLN E 56 -36.05 17.59 -3.25
C GLN E 56 -35.66 17.08 -1.86
N TYR E 57 -36.59 16.38 -1.21
CA TYR E 57 -36.37 15.81 0.11
C TYR E 57 -35.84 14.39 -0.04
N LEU E 58 -34.95 13.97 0.86
CA LEU E 58 -34.38 12.63 0.78
C LEU E 58 -35.31 11.60 1.40
N ALA E 59 -35.16 10.36 0.96
CA ALA E 59 -35.95 9.24 1.42
C ALA E 59 -35.23 7.94 1.11
N MET E 60 -34.31 7.56 1.97
CA MET E 60 -33.51 6.35 1.80
C MET E 60 -34.38 5.13 1.53
N ASP E 61 -33.89 4.24 0.66
CA ASP E 61 -34.59 3.01 0.33
C ASP E 61 -34.09 1.91 1.23
N THR E 62 -34.64 1.85 2.44
CA THR E 62 -34.23 0.84 3.40
C THR E 62 -32.75 0.99 3.73
N ASP E 63 -32.26 2.24 3.72
CA ASP E 63 -30.85 2.55 3.98
C ASP E 63 -29.97 2.06 2.83
N GLY E 64 -30.13 0.77 2.48
CA GLY E 64 -29.38 0.16 1.39
C GLY E 64 -29.09 1.14 0.26
N LEU E 65 -30.14 1.73 -0.30
CA LEU E 65 -29.99 2.69 -1.37
C LEU E 65 -30.49 4.05 -0.93
N LEU E 66 -29.70 5.08 -1.19
CA LEU E 66 -30.06 6.43 -0.79
C LEU E 66 -30.70 7.18 -1.96
N TYR E 67 -31.87 7.77 -1.72
CA TYR E 67 -32.58 8.52 -2.76
C TYR E 67 -33.49 9.56 -2.11
N GLY E 68 -34.14 10.36 -2.94
CA GLY E 68 -35.05 11.38 -2.43
C GLY E 68 -35.74 12.11 -3.55
N SER E 69 -37.00 12.49 -3.33
CA SER E 69 -37.77 13.21 -4.34
C SER E 69 -39.24 13.34 -3.93
N GLN E 70 -39.91 12.19 -3.80
CA GLN E 70 -41.33 12.17 -3.47
C GLN E 70 -41.62 12.77 -2.09
N THR E 71 -41.23 12.08 -1.01
CA THR E 71 -41.50 12.56 0.33
C THR E 71 -40.35 12.25 1.30
N PRO E 72 -40.13 13.15 2.29
CA PRO E 72 -39.08 12.97 3.28
C PRO E 72 -39.48 11.95 4.35
N ASN E 73 -39.52 10.68 3.96
CA ASN E 73 -39.91 9.61 4.85
C ASN E 73 -38.92 9.49 6.02
N GLU E 74 -39.37 8.90 7.13
CA GLU E 74 -38.52 8.73 8.32
C GLU E 74 -37.12 8.24 7.94
N GLU E 75 -37.04 7.44 6.87
CA GLU E 75 -35.76 6.96 6.36
C GLU E 75 -34.74 8.10 6.26
N CYS E 76 -35.23 9.33 6.09
CA CYS E 76 -34.37 10.50 5.95
C CYS E 76 -33.92 11.09 7.30
N LEU E 77 -34.29 10.46 8.42
CA LEU E 77 -33.87 10.97 9.73
C LEU E 77 -32.53 10.33 10.13
N PHE E 78 -31.52 11.16 10.33
CA PHE E 78 -30.19 10.67 10.70
C PHE E 78 -29.66 11.36 11.94
N LEU E 79 -28.90 10.61 12.74
CA LEU E 79 -28.31 11.14 13.96
C LEU E 79 -26.99 11.87 13.62
N GLU E 80 -26.89 13.12 14.03
CA GLU E 80 -25.71 13.92 13.75
C GLU E 80 -24.54 13.51 14.64
N ARG E 81 -23.47 12.99 14.01
CA ARG E 81 -22.28 12.57 14.72
C ARG E 81 -21.04 13.19 14.08
N LEU E 82 -20.01 13.43 14.87
CA LEU E 82 -18.78 14.03 14.37
C LEU E 82 -17.58 13.13 14.63
N GLU E 83 -16.67 13.04 13.67
CA GLU E 83 -15.47 12.22 13.82
C GLU E 83 -14.24 13.10 13.88
N GLU E 84 -13.29 12.74 14.73
CA GLU E 84 -12.05 13.51 14.87
C GLU E 84 -11.15 13.30 13.64
N ASN E 85 -11.71 13.55 12.46
CA ASN E 85 -11.00 13.40 11.21
C ASN E 85 -11.44 14.49 10.22
N HIS E 86 -12.00 15.58 10.75
CA HIS E 86 -12.48 16.68 9.93
C HIS E 86 -13.61 16.21 9.00
N TYR E 87 -14.52 15.42 9.54
CA TYR E 87 -15.64 14.90 8.76
C TYR E 87 -16.88 14.72 9.63
N ASN E 88 -18.04 14.78 8.99
CA ASN E 88 -19.32 14.64 9.68
C ASN E 88 -19.88 13.24 9.47
N THR E 89 -20.58 12.73 10.47
CA THR E 89 -21.18 11.40 10.41
C THR E 89 -22.67 11.49 10.70
N TYR E 90 -23.47 10.78 9.92
CA TYR E 90 -24.92 10.78 10.11
C TYR E 90 -25.44 9.36 10.17
N ILE E 91 -25.99 8.99 11.32
CA ILE E 91 -26.51 7.63 11.52
C ILE E 91 -27.99 7.56 11.21
N SER E 92 -28.34 6.77 10.19
CA SER E 92 -29.73 6.58 9.80
C SER E 92 -30.45 5.79 10.88
N LYS E 93 -30.85 6.47 11.96
CA LYS E 93 -31.54 5.83 13.07
C LYS E 93 -32.61 4.87 12.58
N LYS E 94 -33.26 5.21 11.46
CA LYS E 94 -34.29 4.35 10.87
C LYS E 94 -33.76 2.93 10.67
N HIS E 95 -32.44 2.80 10.45
CA HIS E 95 -31.82 1.49 10.25
C HIS E 95 -30.62 1.28 11.19
N ALA E 96 -30.46 2.18 12.17
CA ALA E 96 -29.37 2.08 13.12
C ALA E 96 -29.34 0.68 13.75
N GLU E 97 -30.52 0.07 13.87
CA GLU E 97 -30.65 -1.27 14.42
C GLU E 97 -29.69 -2.25 13.75
N LYS E 98 -29.43 -2.05 12.46
CA LYS E 98 -28.53 -2.92 11.71
C LYS E 98 -27.11 -2.35 11.63
N ASN E 99 -26.87 -1.27 12.39
CA ASN E 99 -25.58 -0.59 12.41
C ASN E 99 -25.27 0.01 11.04
N TRP E 100 -26.31 0.56 10.41
CA TRP E 100 -26.19 1.17 9.09
C TRP E 100 -26.32 2.69 9.17
N PHE E 101 -25.32 3.38 8.64
CA PHE E 101 -25.32 4.84 8.62
C PHE E 101 -24.91 5.38 7.24
N VAL E 102 -25.86 6.15 6.64
CA VAL E 102 -25.75 6.75 5.30
C VAL E 102 -24.32 6.82 4.74
N GLY E 103 -24.14 6.20 3.59
CA GLY E 103 -22.85 6.18 2.91
C GLY E 103 -23.02 6.33 1.40
N LEU E 104 -22.26 7.24 0.79
CA LEU E 104 -22.37 7.47 -0.65
C LEU E 104 -21.06 7.19 -1.38
N LYS E 105 -21.16 6.97 -2.68
CA LYS E 105 -20.00 6.72 -3.52
C LYS E 105 -19.63 7.96 -4.32
N LYS E 106 -18.56 8.63 -3.90
CA LYS E 106 -18.09 9.86 -4.54
C LYS E 106 -18.15 9.76 -6.07
N ASN E 107 -17.72 8.62 -6.59
CA ASN E 107 -17.72 8.40 -8.05
C ASN E 107 -18.77 7.37 -8.44
N GLY E 108 -19.92 7.40 -7.76
CA GLY E 108 -20.98 6.46 -8.07
C GLY E 108 -22.36 7.01 -7.77
N SER E 109 -22.54 7.50 -6.54
CA SER E 109 -23.80 8.06 -6.06
C SER E 109 -24.04 7.59 -4.62
N CYS E 110 -25.10 8.07 -3.99
CA CYS E 110 -25.42 7.69 -2.63
C CYS E 110 -26.24 6.39 -2.60
N LYS E 111 -25.58 5.28 -2.30
CA LYS E 111 -26.24 3.98 -2.23
C LYS E 111 -25.24 2.89 -1.85
N ARG E 112 -24.93 2.82 -0.56
CA ARG E 112 -23.98 1.83 -0.03
C ARG E 112 -24.43 1.35 1.34
N GLY E 113 -25.73 1.40 1.57
CA GLY E 113 -26.33 0.98 2.84
C GLY E 113 -25.93 -0.42 3.32
N PRO E 114 -25.88 -1.45 2.46
CA PRO E 114 -25.49 -2.80 2.90
C PRO E 114 -24.00 -2.88 3.25
N ARG E 115 -23.28 -1.79 3.05
CA ARG E 115 -21.85 -1.72 3.34
C ARG E 115 -21.52 -0.50 4.20
N THR E 116 -22.52 0.03 4.91
CA THR E 116 -22.31 1.20 5.77
C THR E 116 -21.88 0.79 7.18
N HIS E 117 -20.58 0.55 7.34
CA HIS E 117 -20.02 0.18 8.63
C HIS E 117 -18.58 0.67 8.72
N TYR E 118 -17.75 0.05 9.55
CA TYR E 118 -16.36 0.46 9.69
C TYR E 118 -15.49 -0.18 8.61
N GLY E 119 -15.73 0.25 7.37
CA GLY E 119 -14.98 -0.24 6.22
C GLY E 119 -14.96 0.81 5.14
N GLN E 120 -16.14 1.28 4.76
CA GLN E 120 -16.28 2.32 3.76
C GLN E 120 -16.10 3.67 4.46
N LYS E 121 -15.03 4.38 4.11
CA LYS E 121 -14.72 5.66 4.73
C LYS E 121 -15.64 6.77 4.21
N ALA E 122 -16.27 6.52 3.05
CA ALA E 122 -17.19 7.48 2.44
C ALA E 122 -18.26 7.97 3.42
N ILE E 123 -18.44 7.25 4.53
CA ILE E 123 -19.41 7.64 5.55
C ILE E 123 -18.99 8.96 6.22
N LEU E 124 -17.70 9.26 6.20
CA LEU E 124 -17.18 10.49 6.80
C LEU E 124 -17.31 11.63 5.81
N PHE E 125 -18.45 12.30 5.84
CA PHE E 125 -18.72 13.40 4.93
C PHE E 125 -18.06 14.69 5.37
N LEU E 126 -17.68 15.51 4.39
CA LEU E 126 -17.05 16.80 4.63
C LEU E 126 -18.03 17.90 4.25
N PRO E 127 -18.60 18.58 5.26
CA PRO E 127 -19.56 19.66 5.04
C PRO E 127 -18.93 21.02 4.82
N LEU E 128 -19.52 21.80 3.92
CA LEU E 128 -19.06 23.15 3.61
C LEU E 128 -20.25 24.12 3.63
N PRO E 129 -21.09 24.07 4.67
CA PRO E 129 -22.27 24.92 4.80
C PRO E 129 -21.96 26.32 5.31
N VAL E 130 -22.80 27.28 4.94
CA VAL E 130 -22.63 28.65 5.38
C VAL E 130 -23.19 28.83 6.79
N SER E 131 -22.32 28.57 7.78
CA SER E 131 -22.71 28.69 9.18
C SER E 131 -22.95 30.14 9.58
N SER E 132 -23.35 30.35 10.83
CA SER E 132 -23.60 31.68 11.34
C SER E 132 -22.53 32.06 12.37
N ASP E 133 -21.30 32.18 11.88
CA ASP E 133 -20.17 32.52 12.73
C ASP E 133 -19.91 34.03 12.71
N GLU F 1 -15.12 -1.75 -5.04
CA GLU F 1 -15.66 -1.99 -6.40
C GLU F 1 -14.60 -1.73 -7.47
N LYS F 2 -14.28 -2.76 -8.25
CA LYS F 2 -13.28 -2.64 -9.31
C LYS F 2 -13.69 -3.40 -10.56
N LEU F 3 -13.33 -2.85 -11.72
CA LEU F 3 -13.64 -3.47 -12.99
C LEU F 3 -12.41 -3.43 -13.92
N GLY F 4 -11.34 -2.78 -13.43
CA GLY F 4 -10.12 -2.68 -14.20
C GLY F 4 -9.88 -1.26 -14.68
N LYS F 5 -9.42 -1.11 -15.92
CA LYS F 5 -9.16 0.22 -16.50
C LYS F 5 -9.51 0.27 -17.98
N LEU F 6 -9.90 1.44 -18.46
CA LEU F 6 -10.27 1.64 -19.86
C LEU F 6 -9.59 2.89 -20.41
N GLN F 7 -8.83 2.73 -21.48
CA GLN F 7 -8.13 3.85 -22.08
C GLN F 7 -9.03 4.46 -23.16
N TYR F 8 -9.10 5.79 -23.20
CA TYR F 8 -9.95 6.45 -24.21
C TYR F 8 -9.46 7.85 -24.57
N SER F 9 -9.86 8.29 -25.76
CA SER F 9 -9.52 9.60 -26.29
C SER F 9 -10.79 10.21 -26.88
N LEU F 10 -11.38 11.15 -26.17
CA LEU F 10 -12.62 11.77 -26.61
C LEU F 10 -12.38 13.15 -27.22
N ASP F 11 -12.91 13.36 -28.43
CA ASP F 11 -12.78 14.64 -29.11
C ASP F 11 -14.17 15.20 -29.41
N TYR F 12 -14.25 16.49 -29.76
CA TYR F 12 -15.55 17.11 -30.01
C TYR F 12 -15.70 17.61 -31.45
N ASP F 13 -16.93 17.53 -31.96
CA ASP F 13 -17.25 17.99 -33.30
C ASP F 13 -18.22 19.17 -33.22
N PHE F 14 -17.84 20.30 -33.80
CA PHE F 14 -18.68 21.50 -33.77
C PHE F 14 -19.42 21.73 -35.09
N GLN F 15 -19.40 20.75 -35.98
CA GLN F 15 -20.08 20.85 -37.27
C GLN F 15 -21.42 20.13 -37.20
N ASN F 16 -21.40 18.91 -36.67
CA ASN F 16 -22.62 18.11 -36.52
C ASN F 16 -23.14 18.17 -35.08
N ASN F 17 -22.27 18.63 -34.16
CA ASN F 17 -22.62 18.77 -32.76
C ASN F 17 -22.68 17.42 -32.05
N GLN F 18 -21.53 16.76 -31.99
CA GLN F 18 -21.43 15.46 -31.34
C GLN F 18 -20.03 15.26 -30.78
N LEU F 19 -19.94 14.61 -29.64
CA LEU F 19 -18.65 14.32 -29.03
C LEU F 19 -18.20 12.92 -29.46
N LEU F 20 -16.96 12.81 -29.88
CA LEU F 20 -16.42 11.53 -30.33
C LEU F 20 -15.76 10.78 -29.18
N VAL F 21 -16.48 9.80 -28.65
CA VAL F 21 -15.96 9.00 -27.56
C VAL F 21 -15.13 7.85 -28.13
N GLY F 22 -13.87 8.15 -28.42
CA GLY F 22 -12.98 7.15 -28.98
C GLY F 22 -12.17 6.44 -27.91
N ILE F 23 -12.70 5.32 -27.43
CA ILE F 23 -12.01 4.55 -26.41
C ILE F 23 -11.01 3.61 -27.08
N ILE F 24 -9.93 3.29 -26.37
CA ILE F 24 -8.90 2.42 -26.92
C ILE F 24 -9.19 0.96 -26.60
N GLN F 25 -9.33 0.67 -25.31
CA GLN F 25 -9.62 -0.70 -24.87
C GLN F 25 -9.84 -0.75 -23.36
N ALA F 26 -10.24 -1.93 -22.87
CA ALA F 26 -10.48 -2.13 -21.45
C ALA F 26 -9.54 -3.22 -20.94
N ALA F 27 -9.00 -3.03 -19.74
CA ALA F 27 -8.07 -4.00 -19.17
C ALA F 27 -8.53 -4.46 -17.79
N GLU F 28 -8.28 -5.75 -17.51
CA GLU F 28 -8.61 -6.38 -16.21
C GLU F 28 -10.11 -6.43 -15.93
N LEU F 29 -10.88 -6.97 -16.88
CA LEU F 29 -12.32 -7.08 -16.71
C LEU F 29 -12.68 -8.36 -15.94
N PRO F 30 -13.62 -8.29 -14.98
CA PRO F 30 -14.05 -9.45 -14.18
C PRO F 30 -14.74 -10.52 -15.03
N ALA F 31 -14.78 -11.74 -14.50
CA ALA F 31 -15.41 -12.86 -15.19
C ALA F 31 -16.88 -13.00 -14.85
N LEU F 32 -17.61 -13.71 -15.71
CA LEU F 32 -19.04 -13.93 -15.54
C LEU F 32 -19.40 -15.34 -16.00
N ASP F 33 -18.88 -15.72 -17.15
CA ASP F 33 -19.14 -17.05 -17.72
C ASP F 33 -18.24 -18.09 -17.06
N MET F 34 -18.74 -19.32 -16.96
CA MET F 34 -17.99 -20.43 -16.34
C MET F 34 -16.66 -20.65 -17.05
N GLY F 35 -15.57 -20.62 -16.27
CA GLY F 35 -14.25 -20.81 -16.83
C GLY F 35 -13.27 -19.76 -16.37
N GLY F 36 -13.49 -18.52 -16.81
CA GLY F 36 -12.60 -17.43 -16.43
C GLY F 36 -12.69 -16.24 -17.36
N THR F 37 -13.73 -16.19 -18.19
CA THR F 37 -13.90 -15.08 -19.13
C THR F 37 -15.37 -14.71 -19.29
N SER F 38 -15.61 -13.55 -19.90
CA SER F 38 -16.97 -13.06 -20.14
C SER F 38 -17.08 -12.49 -21.55
N ASP F 39 -18.29 -12.08 -21.91
CA ASP F 39 -18.56 -11.48 -23.21
C ASP F 39 -18.96 -10.02 -22.99
N PRO F 40 -18.02 -9.20 -22.48
CA PRO F 40 -18.29 -7.80 -22.15
C PRO F 40 -18.40 -6.88 -23.36
N TYR F 41 -19.51 -6.17 -23.43
CA TYR F 41 -19.76 -5.19 -24.47
C TYR F 41 -20.22 -3.89 -23.80
N VAL F 42 -19.63 -2.77 -24.19
CA VAL F 42 -19.97 -1.49 -23.59
C VAL F 42 -21.26 -0.94 -24.17
N LYS F 43 -22.24 -0.69 -23.30
CA LYS F 43 -23.51 -0.12 -23.71
C LYS F 43 -23.55 1.34 -23.29
N VAL F 44 -23.33 2.22 -24.25
CA VAL F 44 -23.31 3.65 -23.98
C VAL F 44 -24.71 4.15 -23.64
N PHE F 45 -24.85 4.68 -22.43
CA PHE F 45 -26.13 5.21 -21.97
C PHE F 45 -25.98 6.66 -21.52
N LEU F 46 -27.10 7.33 -21.28
CA LEU F 46 -27.09 8.72 -20.86
C LEU F 46 -28.10 8.95 -19.75
N LEU F 47 -27.88 10.02 -18.98
CA LEU F 47 -28.78 10.41 -17.90
C LEU F 47 -30.18 10.72 -18.49
N PRO F 48 -31.13 11.23 -17.68
CA PRO F 48 -32.48 11.59 -18.11
C PRO F 48 -32.57 11.91 -19.60
N ASP F 49 -31.62 12.69 -20.10
CA ASP F 49 -31.56 13.04 -21.52
C ASP F 49 -31.96 11.85 -22.39
N LYS F 50 -31.33 10.71 -22.11
CA LYS F 50 -31.59 9.45 -22.81
C LYS F 50 -31.72 9.59 -24.33
N LYS F 51 -31.05 10.58 -24.92
CA LYS F 51 -31.11 10.77 -26.37
C LYS F 51 -29.91 10.12 -27.04
N LYS F 52 -29.76 8.82 -26.83
CA LYS F 52 -28.67 8.05 -27.41
C LYS F 52 -28.61 6.66 -26.79
N LYS F 53 -28.41 5.66 -27.62
CA LYS F 53 -28.33 4.27 -27.16
C LYS F 53 -27.61 3.43 -28.21
N PHE F 54 -26.38 3.01 -27.91
CA PHE F 54 -25.61 2.20 -28.84
C PHE F 54 -25.08 0.94 -28.17
N GLU F 55 -25.13 -0.17 -28.90
CA GLU F 55 -24.67 -1.45 -28.41
C GLU F 55 -23.41 -1.86 -29.17
N THR F 56 -22.32 -2.09 -28.46
CA THR F 56 -21.06 -2.49 -29.07
C THR F 56 -21.11 -3.95 -29.51
N LYS F 57 -20.10 -4.38 -30.26
CA LYS F 57 -20.04 -5.75 -30.74
C LYS F 57 -19.64 -6.69 -29.61
N VAL F 58 -20.47 -7.69 -29.36
CA VAL F 58 -20.18 -8.65 -28.31
C VAL F 58 -18.76 -9.18 -28.47
N HIS F 59 -18.03 -9.24 -27.36
CA HIS F 59 -16.66 -9.74 -27.37
C HIS F 59 -16.61 -11.07 -26.62
N ARG F 60 -16.83 -12.14 -27.37
CA ARG F 60 -16.88 -13.49 -26.80
C ARG F 60 -15.64 -13.85 -25.98
N LYS F 61 -15.88 -14.26 -24.75
CA LYS F 61 -14.85 -14.70 -23.80
C LYS F 61 -13.57 -13.87 -23.92
N THR F 62 -13.60 -12.67 -23.37
CA THR F 62 -12.42 -11.79 -23.38
C THR F 62 -12.51 -10.73 -22.29
N LEU F 63 -11.44 -10.63 -21.50
CA LEU F 63 -11.38 -9.68 -20.39
C LEU F 63 -10.44 -8.52 -20.71
N ASN F 64 -9.92 -8.51 -21.93
CA ASN F 64 -9.01 -7.45 -22.38
C ASN F 64 -9.13 -7.31 -23.91
N PRO F 65 -10.35 -7.07 -24.41
CA PRO F 65 -10.60 -6.95 -25.84
C PRO F 65 -10.37 -5.53 -26.38
N VAL F 66 -9.99 -5.46 -27.64
CA VAL F 66 -9.75 -4.20 -28.32
C VAL F 66 -10.70 -4.08 -29.50
N PHE F 67 -11.12 -2.86 -29.80
CA PHE F 67 -12.05 -2.65 -30.92
C PHE F 67 -12.11 -1.17 -31.30
N ASN F 68 -12.29 -0.32 -30.31
CA ASN F 68 -12.37 1.12 -30.53
C ASN F 68 -13.65 1.48 -31.27
N GLU F 69 -14.77 1.37 -30.58
CA GLU F 69 -16.06 1.70 -31.16
C GLU F 69 -16.28 3.21 -31.17
N GLN F 70 -17.04 3.70 -32.15
CA GLN F 70 -17.30 5.12 -32.28
C GLN F 70 -18.67 5.48 -31.72
N PHE F 71 -18.68 6.12 -30.55
CA PHE F 71 -19.92 6.54 -29.91
C PHE F 71 -20.18 8.02 -30.19
N THR F 72 -21.32 8.30 -30.81
CA THR F 72 -21.70 9.66 -31.13
C THR F 72 -22.58 10.25 -30.03
N PHE F 73 -22.00 11.16 -29.25
CA PHE F 73 -22.72 11.81 -28.17
C PHE F 73 -23.70 12.83 -28.75
N LYS F 74 -24.87 12.35 -29.16
CA LYS F 74 -25.90 13.19 -29.74
C LYS F 74 -26.40 14.24 -28.76
N VAL F 75 -25.78 15.42 -28.78
CA VAL F 75 -26.16 16.53 -27.91
C VAL F 75 -25.26 17.73 -28.21
N PRO F 76 -25.86 18.91 -28.42
CA PRO F 76 -25.09 20.12 -28.72
C PRO F 76 -24.05 20.42 -27.65
N TYR F 77 -22.84 20.78 -28.06
CA TYR F 77 -21.76 21.10 -27.12
C TYR F 77 -22.26 22.04 -26.02
N SER F 78 -23.08 23.01 -26.43
CA SER F 78 -23.65 23.99 -25.51
C SER F 78 -24.57 23.32 -24.47
N GLU F 79 -25.10 22.16 -24.81
CA GLU F 79 -26.01 21.41 -23.94
C GLU F 79 -25.22 20.43 -23.07
N LEU F 80 -24.10 19.94 -23.58
CA LEU F 80 -23.25 18.97 -22.87
C LEU F 80 -23.09 19.33 -21.40
N GLY F 81 -23.02 20.63 -21.10
CA GLY F 81 -22.86 21.07 -19.73
C GLY F 81 -23.83 20.41 -18.76
N GLY F 82 -25.03 20.12 -19.22
CA GLY F 82 -26.02 19.50 -18.36
C GLY F 82 -26.27 18.03 -18.70
N LYS F 83 -25.26 17.35 -19.23
CA LYS F 83 -25.41 15.94 -19.60
C LYS F 83 -24.22 15.11 -19.13
N THR F 84 -24.47 14.22 -18.19
CA THR F 84 -23.44 13.32 -17.67
C THR F 84 -23.50 11.99 -18.42
N LEU F 85 -22.49 11.72 -19.24
CA LEU F 85 -22.45 10.46 -19.99
C LEU F 85 -22.05 9.31 -19.09
N VAL F 86 -22.60 8.14 -19.35
CA VAL F 86 -22.29 6.96 -18.56
C VAL F 86 -21.98 5.76 -19.45
N MET F 87 -20.80 5.18 -19.27
CA MET F 87 -20.39 4.04 -20.06
C MET F 87 -20.41 2.78 -19.20
N ALA F 88 -21.37 1.91 -19.47
CA ALA F 88 -21.51 0.67 -18.72
C ALA F 88 -21.13 -0.52 -19.59
N VAL F 89 -20.29 -1.40 -19.08
CA VAL F 89 -19.87 -2.58 -19.81
C VAL F 89 -20.78 -3.75 -19.44
N TYR F 90 -21.53 -4.21 -20.42
CA TYR F 90 -22.47 -5.30 -20.22
C TYR F 90 -21.91 -6.62 -20.74
N ASP F 91 -22.18 -7.70 -20.03
CA ASP F 91 -21.71 -9.02 -20.44
C ASP F 91 -22.71 -9.68 -21.38
N PHE F 92 -22.26 -10.69 -22.11
CA PHE F 92 -23.12 -11.41 -23.04
C PHE F 92 -22.84 -12.91 -22.97
N ASP F 93 -22.71 -13.45 -21.75
CA ASP F 93 -22.46 -14.87 -21.54
C ASP F 93 -23.34 -15.73 -22.46
N ARG F 94 -24.59 -15.29 -22.66
CA ARG F 94 -25.56 -15.96 -23.54
C ARG F 94 -26.25 -17.14 -22.85
N PHE F 95 -26.24 -17.16 -21.52
CA PHE F 95 -26.88 -18.24 -20.77
C PHE F 95 -27.65 -17.71 -19.57
N SER F 96 -26.95 -17.04 -18.68
CA SER F 96 -27.55 -16.49 -17.47
C SER F 96 -27.99 -15.04 -17.70
N LYS F 97 -28.46 -14.38 -16.65
CA LYS F 97 -28.88 -13.01 -16.74
C LYS F 97 -27.67 -12.11 -16.91
N HIS F 98 -27.42 -11.66 -18.13
CA HIS F 98 -26.26 -10.80 -18.42
C HIS F 98 -26.14 -9.73 -17.34
N ASP F 99 -25.00 -9.71 -16.65
CA ASP F 99 -24.76 -8.76 -15.56
C ASP F 99 -23.87 -7.61 -16.01
N ILE F 100 -23.96 -6.49 -15.30
CA ILE F 100 -23.16 -5.31 -15.60
C ILE F 100 -21.84 -5.42 -14.84
N ILE F 101 -20.82 -5.99 -15.48
CA ILE F 101 -19.52 -6.16 -14.83
C ILE F 101 -18.97 -4.85 -14.27
N GLY F 102 -19.36 -3.72 -14.88
CA GLY F 102 -18.91 -2.44 -14.37
C GLY F 102 -19.25 -1.28 -15.27
N GLU F 103 -18.87 -0.08 -14.85
CA GLU F 103 -19.15 1.13 -15.63
C GLU F 103 -18.30 2.30 -15.12
N PHE F 104 -18.39 3.43 -15.82
CA PHE F 104 -17.67 4.65 -15.46
C PHE F 104 -18.38 5.86 -16.04
N LYS F 105 -18.21 7.01 -15.41
CA LYS F 105 -18.85 8.25 -15.86
C LYS F 105 -18.05 9.47 -15.40
N VAL F 106 -18.31 10.61 -16.02
CA VAL F 106 -17.62 11.84 -15.67
C VAL F 106 -18.47 13.06 -16.02
N PRO F 107 -18.54 14.05 -15.10
CA PRO F 107 -19.31 15.28 -15.31
C PRO F 107 -18.75 16.10 -16.47
N MET F 108 -19.40 15.99 -17.63
CA MET F 108 -18.97 16.70 -18.83
C MET F 108 -18.71 18.18 -18.57
N ASN F 109 -19.55 18.82 -17.75
CA ASN F 109 -19.37 20.24 -17.44
C ASN F 109 -17.95 20.51 -16.93
N THR F 110 -17.39 19.56 -16.19
CA THR F 110 -16.03 19.70 -15.67
C THR F 110 -14.99 19.27 -16.72
N VAL F 111 -15.45 18.73 -17.84
CA VAL F 111 -14.57 18.29 -18.91
C VAL F 111 -14.38 19.41 -19.93
N ASP F 112 -13.43 20.28 -19.65
CA ASP F 112 -13.14 21.41 -20.53
C ASP F 112 -12.65 20.90 -21.88
N PHE F 113 -13.56 20.85 -22.84
CA PHE F 113 -13.24 20.37 -24.20
C PHE F 113 -12.34 21.38 -24.93
N GLY F 114 -11.12 21.53 -24.43
CA GLY F 114 -10.17 22.44 -25.04
C GLY F 114 -9.63 21.89 -26.36
N HIS F 115 -9.34 20.60 -26.38
CA HIS F 115 -8.83 19.93 -27.57
C HIS F 115 -9.26 18.46 -27.58
N VAL F 116 -8.56 17.64 -26.80
CA VAL F 116 -8.85 16.22 -26.71
C VAL F 116 -8.64 15.74 -25.27
N THR F 117 -9.63 15.03 -24.75
CA THR F 117 -9.58 14.51 -23.40
C THR F 117 -9.11 13.06 -23.40
N GLU F 118 -7.80 12.87 -23.26
CA GLU F 118 -7.21 11.54 -23.23
C GLU F 118 -6.73 11.23 -21.82
N GLU F 119 -7.05 10.04 -21.33
CA GLU F 119 -6.66 9.63 -19.99
C GLU F 119 -6.93 8.14 -19.74
N TRP F 120 -6.31 7.61 -18.70
CA TRP F 120 -6.48 6.21 -18.34
C TRP F 120 -7.59 6.11 -17.30
N ARG F 121 -8.81 6.00 -17.78
CA ARG F 121 -9.99 5.92 -16.91
C ARG F 121 -10.00 4.65 -16.08
N ASP F 122 -10.32 4.80 -14.81
CA ASP F 122 -10.41 3.69 -13.88
C ASP F 122 -11.81 3.08 -13.97
N LEU F 123 -11.88 1.75 -13.92
CA LEU F 123 -13.17 1.07 -14.02
C LEU F 123 -13.63 0.54 -12.66
N GLN F 124 -14.92 0.69 -12.39
CA GLN F 124 -15.48 0.24 -11.12
C GLN F 124 -16.69 -0.67 -11.36
N SER F 125 -16.82 -1.71 -10.55
CA SER F 125 -17.92 -2.65 -10.70
C SER F 125 -19.19 -2.12 -10.05
N ALA F 126 -19.93 -1.31 -10.80
CA ALA F 126 -21.18 -0.75 -10.31
C ALA F 126 -22.29 -1.81 -10.34
N GLU F 127 -22.64 -2.31 -9.15
CA GLU F 127 -23.67 -3.33 -9.01
C GLU F 127 -25.04 -2.74 -9.35
N LYS F 128 -25.16 -2.24 -10.57
CA LYS F 128 -26.41 -1.63 -11.02
C LYS F 128 -26.95 -2.38 -12.24
N GLU A 1 15.60 -4.23 6.41
CA GLU A 1 15.87 -4.09 7.86
C GLU A 1 14.87 -3.16 8.52
N LYS A 2 14.31 -3.59 9.64
CA LYS A 2 13.33 -2.79 10.37
C LYS A 2 13.55 -2.86 11.88
N LEU A 3 13.48 -1.71 12.53
CA LEU A 3 13.65 -1.62 13.97
C LEU A 3 12.48 -0.86 14.62
N GLY A 4 11.50 -0.49 13.81
CA GLY A 4 10.34 0.24 14.31
C GLY A 4 10.46 1.72 14.04
N LYS A 5 10.14 2.55 15.03
CA LYS A 5 10.22 4.00 14.89
C LYS A 5 10.65 4.66 16.20
N LEU A 6 11.29 5.81 16.07
CA LEU A 6 11.76 6.56 17.23
C LEU A 6 11.45 8.04 17.06
N GLN A 7 10.73 8.60 18.02
CA GLN A 7 10.37 10.01 17.96
C GLN A 7 11.44 10.83 18.67
N TYR A 8 11.84 11.95 18.09
CA TYR A 8 12.87 12.78 18.71
C TYR A 8 12.76 14.26 18.32
N SER A 9 13.31 15.10 19.19
CA SER A 9 13.34 16.54 19.00
C SER A 9 14.75 17.04 19.33
N LEU A 10 15.52 17.34 18.29
CA LEU A 10 16.90 17.78 18.48
C LEU A 10 17.04 19.29 18.34
N ASP A 11 17.65 19.93 19.33
CA ASP A 11 17.88 21.37 19.31
C ASP A 11 19.39 21.65 19.41
N TYR A 12 19.80 22.88 19.11
CA TYR A 12 21.22 23.21 19.13
C TYR A 12 21.56 24.30 20.16
N ASP A 13 22.76 24.18 20.74
CA ASP A 13 23.25 25.13 21.72
C ASP A 13 24.47 25.85 21.15
N PHE A 14 24.42 27.17 21.10
CA PHE A 14 25.52 27.96 20.56
C PHE A 14 26.36 28.62 21.66
N GLN A 15 26.15 28.22 22.91
CA GLN A 15 26.89 28.77 24.04
C GLN A 15 28.01 27.80 24.43
N ASN A 16 27.67 26.53 24.55
CA ASN A 16 28.63 25.49 24.90
C ASN A 16 29.09 24.73 23.65
N ASN A 17 28.31 24.87 22.56
CA ASN A 17 28.61 24.24 21.28
C ASN A 17 28.30 22.74 21.32
N GLN A 18 27.02 22.43 21.49
CA GLN A 18 26.57 21.05 21.53
C GLN A 18 25.13 20.95 21.03
N LEU A 19 24.82 19.87 20.34
CA LEU A 19 23.48 19.64 19.85
C LEU A 19 22.73 18.78 20.85
N LEU A 20 21.51 19.19 21.17
CA LEU A 20 20.69 18.47 22.14
C LEU A 20 19.81 17.43 21.45
N VAL A 21 20.24 16.18 21.50
CA VAL A 21 19.49 15.10 20.90
C VAL A 21 18.43 14.61 21.88
N GLY A 22 17.30 15.30 21.89
CA GLY A 22 16.21 14.94 22.78
C GLY A 22 15.21 14.02 22.14
N ILE A 23 15.42 12.72 22.27
CA ILE A 23 14.50 11.74 21.71
C ILE A 23 13.34 11.51 22.66
N ILE A 24 12.18 11.17 22.11
CA ILE A 24 10.99 10.95 22.92
C ILE A 24 10.90 9.49 23.37
N GLN A 25 10.90 8.59 22.40
CA GLN A 25 10.81 7.15 22.69
C GLN A 25 10.94 6.33 21.40
N ALA A 26 11.01 5.02 21.57
CA ALA A 26 11.12 4.10 20.44
C ALA A 26 9.92 3.17 20.45
N ALA A 27 9.38 2.88 19.27
CA ALA A 27 8.21 2.01 19.16
C ALA A 27 8.47 0.83 18.21
N GLU A 28 7.88 -0.32 18.54
CA GLU A 28 8.00 -1.54 17.72
C GLU A 28 9.45 -2.00 17.56
N LEU A 29 10.02 -2.54 18.65
CA LEU A 29 11.40 -3.01 18.62
C LEU A 29 11.46 -4.54 18.58
N PRO A 30 12.45 -5.12 17.87
CA PRO A 30 12.62 -6.57 17.78
C PRO A 30 12.94 -7.20 19.13
N ALA A 31 12.61 -8.48 19.29
CA ALA A 31 12.86 -9.18 20.55
C ALA A 31 14.21 -9.89 20.55
N LEU A 32 14.79 -10.03 21.74
CA LEU A 32 16.08 -10.70 21.90
C LEU A 32 15.99 -11.73 23.03
N ASP A 33 15.49 -11.29 24.18
CA ASP A 33 15.32 -12.18 25.34
C ASP A 33 14.22 -13.20 25.05
N MET A 34 14.23 -14.31 25.78
CA MET A 34 13.22 -15.36 25.57
C MET A 34 11.93 -15.01 26.29
N GLY A 35 10.93 -14.60 25.52
CA GLY A 35 9.64 -14.24 26.07
C GLY A 35 8.85 -13.34 25.14
N GLY A 36 9.55 -12.76 24.17
CA GLY A 36 8.90 -11.87 23.21
C GLY A 36 9.26 -10.42 23.43
N THR A 37 10.14 -10.15 24.39
CA THR A 37 10.55 -8.79 24.70
C THR A 37 12.07 -8.70 24.87
N SER A 38 12.61 -7.47 24.90
CA SER A 38 14.04 -7.27 25.05
C SER A 38 14.32 -6.12 26.00
N ASP A 39 15.60 -5.89 26.27
CA ASP A 39 16.03 -4.79 27.15
C ASP A 39 16.80 -3.78 26.30
N PRO A 40 16.12 -3.14 25.34
CA PRO A 40 16.75 -2.20 24.41
C PRO A 40 17.11 -0.85 25.02
N TYR A 41 18.38 -0.49 24.87
CA TYR A 41 18.88 0.79 25.34
C TYR A 41 19.67 1.42 24.18
N VAL A 42 19.40 2.68 23.90
CA VAL A 42 20.07 3.37 22.80
C VAL A 42 21.48 3.82 23.20
N LYS A 43 22.46 3.35 22.44
CA LYS A 43 23.84 3.73 22.69
C LYS A 43 24.28 4.73 21.62
N VAL A 44 24.31 5.99 21.99
CA VAL A 44 24.69 7.05 21.06
C VAL A 44 26.16 6.97 20.70
N PHE A 45 26.42 6.76 19.41
CA PHE A 45 27.79 6.67 18.92
C PHE A 45 28.03 7.69 17.81
N LEU A 46 29.28 7.86 17.42
CA LEU A 46 29.65 8.81 16.38
C LEU A 46 30.67 8.21 15.43
N LEU A 47 30.75 8.75 14.23
CA LEU A 47 31.70 8.33 13.22
C LEU A 47 33.14 8.54 13.75
N PRO A 48 34.18 8.34 12.92
CA PRO A 48 35.59 8.53 13.29
C PRO A 48 35.78 9.53 14.44
N ASP A 49 35.06 10.65 14.37
CA ASP A 49 35.12 11.67 15.41
C ASP A 49 35.19 11.02 16.80
N LYS A 50 34.27 10.09 17.03
CA LYS A 50 34.20 9.32 18.28
C LYS A 50 34.38 10.18 19.54
N LYS A 51 34.00 11.45 19.48
CA LYS A 51 34.13 12.32 20.65
C LYS A 51 32.81 12.41 21.41
N LYS A 52 32.31 11.25 21.82
CA LYS A 52 31.05 11.15 22.57
C LYS A 52 30.61 9.71 22.69
N LYS A 53 30.16 9.33 23.88
CA LYS A 53 29.70 7.98 24.15
C LYS A 53 28.80 7.97 25.37
N PHE A 54 27.50 7.76 25.16
CA PHE A 54 26.55 7.74 26.26
C PHE A 54 25.70 6.48 26.22
N GLU A 55 25.45 5.91 27.41
CA GLU A 55 24.65 4.71 27.54
C GLU A 55 23.34 5.05 28.24
N THR A 56 22.22 4.76 27.59
CA THR A 56 20.91 5.04 28.16
C THR A 56 20.57 4.03 29.27
N LYS A 57 19.48 4.28 29.98
CA LYS A 57 19.06 3.40 31.06
C LYS A 57 18.42 2.15 30.49
N VAL A 58 18.94 0.99 30.86
CA VAL A 58 18.40 -0.27 30.39
C VAL A 58 16.89 -0.30 30.60
N HIS A 59 16.15 -0.72 29.58
CA HIS A 59 14.70 -0.81 29.66
C HIS A 59 14.30 -2.27 29.64
N ARG A 60 14.23 -2.85 30.84
CA ARG A 60 13.90 -4.26 31.01
C ARG A 60 12.60 -4.67 30.32
N LYS A 61 12.71 -5.71 29.48
CA LYS A 61 11.60 -6.30 28.75
C LYS A 61 10.58 -5.25 28.28
N THR A 62 10.93 -4.53 27.22
CA THR A 62 10.03 -3.51 26.67
C THR A 62 10.40 -3.20 25.22
N LEU A 63 9.39 -3.26 24.34
CA LEU A 63 9.59 -3.00 22.92
C LEU A 63 9.01 -1.64 22.51
N ASN A 64 8.49 -0.91 23.50
CA ASN A 64 7.91 0.40 23.27
C ASN A 64 8.06 1.26 24.52
N PRO A 65 9.32 1.42 25.00
CA PRO A 65 9.62 2.19 26.21
C PRO A 65 9.78 3.68 25.95
N VAL A 66 9.43 4.46 26.97
CA VAL A 66 9.55 5.91 26.91
C VAL A 66 10.50 6.38 28.00
N PHE A 67 11.25 7.44 27.73
CA PHE A 67 12.21 7.95 28.71
C PHE A 67 12.67 9.35 28.34
N ASN A 68 13.07 9.53 27.07
CA ASN A 68 13.54 10.82 26.58
C ASN A 68 14.87 11.18 27.22
N GLU A 69 15.92 10.48 26.81
CA GLU A 69 17.26 10.74 27.33
C GLU A 69 17.87 11.95 26.63
N GLN A 70 18.74 12.66 27.34
CA GLN A 70 19.38 13.85 26.80
C GLN A 70 20.79 13.54 26.31
N PHE A 71 20.96 13.48 24.99
CA PHE A 71 22.26 13.21 24.40
C PHE A 71 22.91 14.52 23.95
N THR A 72 24.09 14.80 24.49
CA THR A 72 24.83 16.00 24.16
C THR A 72 25.84 15.73 23.04
N PHE A 73 25.51 16.23 21.85
CA PHE A 73 26.37 16.06 20.68
C PHE A 73 27.59 16.97 20.82
N LYS A 74 28.59 16.50 21.56
CA LYS A 74 29.81 17.25 21.79
C LYS A 74 30.58 17.50 20.49
N VAL A 75 30.30 18.64 19.86
CA VAL A 75 30.95 19.04 18.62
C VAL A 75 30.41 20.40 18.18
N PRO A 76 31.30 21.35 17.87
CA PRO A 76 30.90 22.68 17.44
C PRO A 76 29.97 22.64 16.23
N TYR A 77 28.91 23.45 16.27
CA TYR A 77 27.95 23.49 15.16
C TYR A 77 28.68 23.60 13.81
N SER A 78 29.73 24.42 13.79
CA SER A 78 30.52 24.64 12.60
C SER A 78 31.22 23.35 12.14
N GLU A 79 31.42 22.43 13.07
CA GLU A 79 32.09 21.15 12.80
C GLU A 79 31.06 20.08 12.42
N LEU A 80 29.85 20.20 12.96
CA LEU A 80 28.77 19.23 12.71
C LEU A 80 28.70 18.84 11.23
N GLY A 81 28.97 19.77 10.33
CA GLY A 81 28.93 19.50 8.91
C GLY A 81 29.67 18.24 8.52
N GLY A 82 30.76 17.94 9.22
CA GLY A 82 31.54 16.75 8.90
C GLY A 82 31.39 15.65 9.94
N LYS A 83 30.23 15.59 10.60
CA LYS A 83 29.99 14.56 11.61
C LYS A 83 28.62 13.92 11.47
N THR A 84 28.61 12.64 11.11
CA THR A 84 27.38 11.88 10.97
C THR A 84 27.08 11.13 12.26
N LEU A 85 26.04 11.56 12.98
CA LEU A 85 25.67 10.91 14.24
C LEU A 85 24.96 9.60 13.96
N VAL A 86 25.19 8.61 14.82
CA VAL A 86 24.56 7.31 14.66
C VAL A 86 23.94 6.84 15.98
N MET A 87 22.66 6.55 15.96
CA MET A 87 21.95 6.09 17.13
C MET A 87 21.62 4.61 17.01
N ALA A 88 22.31 3.79 17.78
CA ALA A 88 22.10 2.34 17.76
C ALA A 88 21.43 1.89 19.04
N VAL A 89 20.37 1.10 18.90
CA VAL A 89 19.66 0.58 20.06
C VAL A 89 20.21 -0.79 20.43
N TYR A 90 20.83 -0.87 21.60
CA TYR A 90 21.43 -2.10 22.07
C TYR A 90 20.53 -2.79 23.08
N ASP A 91 20.50 -4.12 23.04
CA ASP A 91 19.68 -4.90 23.97
C ASP A 91 20.49 -5.22 25.23
N PHE A 92 19.79 -5.59 26.29
CA PHE A 92 20.42 -5.92 27.55
C PHE A 92 19.76 -7.14 28.18
N ASP A 93 19.47 -8.16 27.37
CA ASP A 93 18.84 -9.40 27.85
C ASP A 93 19.46 -9.86 29.18
N ARG A 94 20.78 -9.68 29.29
CA ARG A 94 21.55 -10.04 30.50
C ARG A 94 21.89 -11.53 30.56
N PHE A 95 21.86 -12.21 29.42
CA PHE A 95 22.17 -13.64 29.40
C PHE A 95 23.06 -13.98 28.20
N SER A 96 22.56 -13.71 27.00
CA SER A 96 23.27 -13.99 25.76
C SER A 96 24.08 -12.78 25.33
N LYS A 97 24.71 -12.88 24.15
CA LYS A 97 25.49 -11.77 23.62
C LYS A 97 24.56 -10.65 23.17
N HIS A 98 24.45 -9.61 23.99
CA HIS A 98 23.58 -8.48 23.66
C HIS A 98 23.74 -8.10 22.19
N ASP A 99 22.64 -8.16 21.44
CA ASP A 99 22.67 -7.85 20.02
C ASP A 99 22.14 -6.44 19.74
N ILE A 100 22.50 -5.90 18.58
CA ILE A 100 22.04 -4.59 18.17
C ILE A 100 20.75 -4.74 17.39
N ILE A 101 19.63 -4.65 18.10
CA ILE A 101 18.31 -4.79 17.49
C ILE A 101 18.12 -3.83 16.31
N GLY A 102 18.83 -2.71 16.33
CA GLY A 102 18.71 -1.75 15.24
C GLY A 102 19.42 -0.43 15.51
N GLU A 103 19.36 0.47 14.55
CA GLU A 103 20.01 1.77 14.67
C GLU A 103 19.48 2.75 13.61
N PHE A 104 19.92 4.00 13.71
CA PHE A 104 19.54 5.04 12.75
C PHE A 104 20.60 6.14 12.75
N LYS A 105 20.71 6.86 11.64
CA LYS A 105 21.69 7.94 11.50
C LYS A 105 21.24 8.95 10.45
N VAL A 106 21.83 10.14 10.49
CA VAL A 106 21.50 11.19 9.55
C VAL A 106 22.68 12.14 9.35
N PRO A 107 22.95 12.52 8.08
CA PRO A 107 24.05 13.44 7.76
C PRO A 107 23.80 14.83 8.34
N MET A 108 24.47 15.11 9.46
CA MET A 108 24.31 16.39 10.15
C MET A 108 24.46 17.58 9.19
N ASN A 109 25.39 17.49 8.25
CA ASN A 109 25.59 18.58 7.28
C ASN A 109 24.27 18.95 6.60
N THR A 110 23.43 17.96 6.36
CA THR A 110 22.14 18.20 5.71
C THR A 110 21.08 18.62 6.74
N VAL A 111 21.44 18.57 8.03
CA VAL A 111 20.54 18.95 9.10
C VAL A 111 20.72 20.41 9.45
N ASP A 112 20.03 21.27 8.72
CA ASP A 112 20.11 22.72 8.94
C ASP A 112 19.58 23.06 10.32
N PHE A 113 20.50 23.22 11.27
CA PHE A 113 20.14 23.56 12.65
C PHE A 113 19.60 24.99 12.74
N GLY A 114 18.44 25.21 12.13
CA GLY A 114 17.81 26.52 12.16
C GLY A 114 17.22 26.83 13.53
N HIS A 115 16.58 25.83 14.14
CA HIS A 115 15.98 25.98 15.46
C HIS A 115 15.99 24.64 16.20
N VAL A 116 15.04 23.77 15.83
CA VAL A 116 14.92 22.46 16.44
C VAL A 116 14.51 21.42 15.40
N THR A 117 15.23 20.32 15.36
CA THR A 117 14.96 19.26 14.41
C THR A 117 14.11 18.17 15.07
N GLU A 118 12.80 18.30 14.91
CA GLU A 118 11.86 17.32 15.47
C GLU A 118 11.23 16.52 14.34
N GLU A 119 11.19 15.20 14.49
CA GLU A 119 10.62 14.33 13.47
C GLU A 119 10.45 12.90 13.98
N TRP A 120 9.64 12.12 13.27
CA TRP A 120 9.40 10.73 13.63
C TRP A 120 10.38 9.83 12.87
N ARG A 121 11.58 9.70 13.42
CA ARG A 121 12.63 8.92 12.80
C ARG A 121 12.28 7.44 12.71
N ASP A 122 12.56 6.85 11.55
CA ASP A 122 12.30 5.45 11.31
C ASP A 122 13.51 4.63 11.79
N LEU A 123 13.24 3.50 12.41
CA LEU A 123 14.31 2.65 12.94
C LEU A 123 14.54 1.43 12.05
N GLN A 124 15.81 1.09 11.84
CA GLN A 124 16.17 -0.05 11.01
C GLN A 124 17.12 -0.99 11.77
N SER A 125 16.93 -2.29 11.55
CA SER A 125 17.75 -3.30 12.21
C SER A 125 19.08 -3.49 11.49
N ALA A 126 19.89 -2.44 11.47
CA ALA A 126 21.20 -2.52 10.81
C ALA A 126 22.18 -3.27 11.70
N GLU A 127 22.47 -4.52 11.31
CA GLU A 127 23.41 -5.36 12.05
C GLU A 127 24.82 -4.81 11.95
N LYS A 128 25.06 -3.72 12.67
CA LYS A 128 26.37 -3.08 12.66
C LYS A 128 26.96 -3.05 14.06
N TYR B 1 34.12 14.94 -20.87
CA TYR B 1 34.95 15.43 -19.75
C TYR B 1 35.03 14.37 -18.65
N LYS B 2 35.65 13.24 -18.95
CA LYS B 2 35.78 12.15 -17.99
C LYS B 2 36.33 12.66 -16.66
N LYS B 3 35.47 12.71 -15.66
CA LYS B 3 35.84 13.19 -14.34
C LYS B 3 34.87 12.64 -13.28
N PRO B 4 34.98 13.08 -12.01
CA PRO B 4 34.13 12.65 -10.91
C PRO B 4 32.83 12.00 -11.35
N LYS B 5 32.76 10.68 -11.22
CA LYS B 5 31.56 9.93 -11.59
C LYS B 5 30.72 9.67 -10.35
N LEU B 6 29.61 10.39 -10.22
CA LEU B 6 28.72 10.23 -9.09
C LEU B 6 27.77 9.06 -9.31
N LEU B 7 27.61 8.23 -8.29
CA LEU B 7 26.73 7.06 -8.39
C LEU B 7 26.01 6.81 -7.06
N TYR B 8 24.71 6.52 -7.15
CA TYR B 8 23.90 6.24 -5.96
C TYR B 8 22.67 5.44 -6.35
N CYS B 9 21.90 4.98 -5.36
CA CYS B 9 20.70 4.20 -5.65
C CYS B 9 19.62 4.44 -4.60
N SER B 10 18.40 4.01 -4.92
CA SER B 10 17.25 4.16 -4.04
C SER B 10 16.76 5.60 -4.07
N ASN B 11 15.52 5.79 -4.46
CA ASN B 11 14.93 7.12 -4.54
C ASN B 11 15.17 7.88 -3.25
N GLY B 12 15.74 9.07 -3.36
CA GLY B 12 16.00 9.88 -2.19
C GLY B 12 17.40 10.47 -2.21
N GLY B 13 17.51 11.73 -1.83
CA GLY B 13 18.80 12.40 -1.82
C GLY B 13 19.82 11.65 -0.99
N HIS B 14 20.74 10.98 -1.67
CA HIS B 14 21.81 10.22 -1.02
C HIS B 14 22.89 9.87 -2.03
N PHE B 15 24.12 10.31 -1.78
CA PHE B 15 25.24 10.05 -2.69
C PHE B 15 26.32 9.21 -2.00
N LEU B 16 27.03 8.40 -2.78
CA LEU B 16 28.08 7.56 -2.24
C LEU B 16 29.31 8.40 -1.89
N ARG B 17 29.47 8.71 -0.62
CA ARG B 17 30.62 9.50 -0.17
C ARG B 17 31.73 8.60 0.31
N ILE B 18 32.79 8.50 -0.48
CA ILE B 18 33.92 7.66 -0.15
C ILE B 18 34.95 8.40 0.68
N LEU B 19 35.56 7.68 1.63
CA LEU B 19 36.58 8.25 2.49
C LEU B 19 37.80 7.33 2.51
N PRO B 20 39.02 7.90 2.51
CA PRO B 20 40.26 7.13 2.53
C PRO B 20 40.24 6.00 3.55
N ASP B 21 39.50 6.21 4.64
CA ASP B 21 39.36 5.23 5.71
C ASP B 21 38.77 3.93 5.16
N GLY B 22 37.75 4.05 4.33
CA GLY B 22 37.09 2.90 3.76
C GLY B 22 35.60 2.90 4.01
N THR B 23 35.18 3.45 5.16
CA THR B 23 33.77 3.51 5.51
C THR B 23 33.01 4.51 4.64
N VAL B 24 32.59 4.06 3.47
CA VAL B 24 31.83 4.89 2.55
C VAL B 24 30.34 4.83 2.89
N ASP B 25 29.70 6.00 2.96
CA ASP B 25 28.28 6.07 3.27
C ASP B 25 27.51 6.87 2.22
N GLY B 26 26.19 6.76 2.24
CA GLY B 26 25.36 7.47 1.29
C GLY B 26 25.05 8.88 1.73
N THR B 27 26.08 9.71 1.78
CA THR B 27 25.92 11.10 2.19
C THR B 27 25.14 11.89 1.15
N ARG B 28 24.11 12.61 1.59
CA ARG B 28 23.31 13.39 0.67
C ARG B 28 23.82 14.83 0.61
N ASP B 29 25.02 14.99 0.07
CA ASP B 29 25.64 16.32 -0.05
C ASP B 29 26.54 16.37 -1.28
N ARG B 30 26.70 17.57 -1.83
CA ARG B 30 27.54 17.78 -2.99
C ARG B 30 28.43 19.01 -2.80
N SER B 31 28.66 19.37 -1.54
CA SER B 31 29.48 20.51 -1.19
C SER B 31 30.93 20.08 -1.02
N ASP B 32 31.13 18.95 -0.34
CA ASP B 32 32.47 18.43 -0.11
C ASP B 32 32.83 17.39 -1.16
N GLN B 33 33.97 17.58 -1.82
CA GLN B 33 34.41 16.66 -2.87
C GLN B 33 34.79 15.30 -2.30
N HIS B 34 33.79 14.50 -1.95
CA HIS B 34 34.03 13.15 -1.42
C HIS B 34 32.96 12.17 -1.89
N ILE B 35 32.20 12.54 -2.92
CA ILE B 35 31.16 11.67 -3.47
C ILE B 35 31.35 11.47 -4.97
N GLN B 36 32.61 11.22 -5.36
CA GLN B 36 32.94 11.02 -6.76
C GLN B 36 33.97 9.90 -6.92
N LEU B 37 33.70 9.01 -7.86
CA LEU B 37 34.60 7.90 -8.14
C LEU B 37 34.91 7.85 -9.63
N GLN B 38 36.05 7.28 -9.99
CA GLN B 38 36.45 7.20 -11.38
C GLN B 38 35.93 5.90 -12.00
N LEU B 39 34.62 5.86 -12.22
CA LEU B 39 33.98 4.70 -12.84
C LEU B 39 34.29 4.66 -14.33
N SER B 40 34.77 3.51 -14.80
CA SER B 40 35.11 3.33 -16.21
C SER B 40 35.17 1.85 -16.56
N ALA B 41 34.97 1.54 -17.84
CA ALA B 41 35.03 0.18 -18.32
C ALA B 41 36.47 -0.21 -18.62
N GLU B 42 37.07 -0.98 -17.72
CA GLU B 42 38.46 -1.39 -17.88
C GLU B 42 38.58 -2.42 -19.00
N SER B 43 37.81 -3.49 -18.89
CA SER B 43 37.80 -4.55 -19.88
C SER B 43 36.42 -4.64 -20.53
N VAL B 44 36.30 -5.50 -21.54
CA VAL B 44 35.03 -5.68 -22.25
C VAL B 44 33.89 -5.98 -21.27
N GLY B 45 33.19 -4.94 -20.85
CA GLY B 45 32.08 -5.10 -19.93
C GLY B 45 32.51 -5.00 -18.47
N GLU B 46 33.81 -5.10 -18.20
CA GLU B 46 34.31 -5.04 -16.83
C GLU B 46 34.58 -3.59 -16.42
N VAL B 47 33.75 -3.06 -15.54
CA VAL B 47 33.90 -1.70 -15.05
C VAL B 47 34.48 -1.70 -13.65
N TYR B 48 35.34 -0.73 -13.37
CA TYR B 48 35.97 -0.62 -12.06
C TYR B 48 35.55 0.66 -11.35
N ILE B 49 35.48 0.58 -10.03
CA ILE B 49 35.10 1.72 -9.21
C ILE B 49 36.28 2.16 -8.36
N LYS B 50 36.91 3.24 -8.77
CA LYS B 50 38.07 3.76 -8.07
C LYS B 50 37.94 5.25 -7.81
N SER B 51 37.81 5.64 -6.56
CA SER B 51 37.69 7.04 -6.18
C SER B 51 39.09 7.68 -6.12
N THR B 52 39.77 7.66 -7.24
CA THR B 52 41.13 8.19 -7.34
C THR B 52 41.22 9.64 -6.86
N GLU B 53 40.65 10.56 -7.63
CA GLU B 53 40.71 11.98 -7.30
C GLU B 53 39.65 12.37 -6.26
N THR B 54 39.65 11.71 -5.11
CA THR B 54 38.68 12.02 -4.05
C THR B 54 38.78 11.06 -2.86
N GLY B 55 38.96 9.77 -3.12
CA GLY B 55 39.02 8.82 -2.03
C GLY B 55 40.04 7.71 -2.22
N GLN B 56 39.53 6.50 -2.41
CA GLN B 56 40.38 5.32 -2.57
C GLN B 56 39.79 4.34 -3.57
N TYR B 57 40.46 3.20 -3.72
CA TYR B 57 40.02 2.14 -4.63
C TYR B 57 39.13 1.16 -3.87
N LEU B 58 38.11 0.62 -4.53
CA LEU B 58 37.21 -0.32 -3.89
C LEU B 58 37.79 -1.73 -3.85
N ALA B 59 37.33 -2.51 -2.87
CA ALA B 59 37.76 -3.89 -2.70
C ALA B 59 36.72 -4.62 -1.85
N MET B 60 35.69 -5.12 -2.52
CA MET B 60 34.61 -5.84 -1.86
C MET B 60 35.12 -6.96 -0.96
N ASP B 61 34.46 -7.14 0.17
CA ASP B 61 34.81 -8.20 1.11
C ASP B 61 33.98 -9.43 0.80
N THR B 62 34.43 -10.20 -0.18
CA THR B 62 33.72 -11.41 -0.58
C THR B 62 32.31 -11.05 -1.07
N ASP B 63 32.20 -9.87 -1.71
CA ASP B 63 30.90 -9.36 -2.20
C ASP B 63 29.99 -9.00 -1.03
N GLY B 64 29.80 -9.95 -0.10
CA GLY B 64 28.97 -9.73 1.07
C GLY B 64 29.01 -8.29 1.57
N LEU B 65 30.21 -7.81 1.88
CA LEU B 65 30.39 -6.45 2.35
C LEU B 65 31.22 -5.66 1.36
N LEU B 66 30.75 -4.46 1.02
CA LEU B 66 31.45 -3.62 0.07
C LEU B 66 32.32 -2.59 0.79
N TYR B 67 33.59 -2.53 0.41
CA TYR B 67 34.53 -1.59 1.01
C TYR B 67 35.66 -1.27 0.04
N GLY B 68 36.56 -0.37 0.44
CA GLY B 68 37.67 0.00 -0.41
C GLY B 68 38.60 0.97 0.28
N SER B 69 39.90 0.85 0.02
CA SER B 69 40.88 1.73 0.62
C SER B 69 42.31 1.25 0.34
N GLN B 70 42.63 0.06 0.83
CA GLN B 70 43.98 -0.49 0.66
C GLN B 70 44.35 -0.73 -0.81
N THR B 71 43.73 -1.72 -1.43
CA THR B 71 44.05 -2.04 -2.83
C THR B 71 42.82 -2.45 -3.63
N PRO B 72 42.79 -2.12 -4.94
CA PRO B 72 41.68 -2.47 -5.82
C PRO B 72 41.75 -3.94 -6.23
N ASN B 73 41.45 -4.82 -5.28
CA ASN B 73 41.48 -6.26 -5.53
C ASN B 73 40.44 -6.66 -6.58
N GLU B 74 40.66 -7.80 -7.23
CA GLU B 74 39.74 -8.29 -8.27
C GLU B 74 38.28 -8.15 -7.82
N GLU B 75 38.04 -8.28 -6.51
CA GLU B 75 36.70 -8.11 -5.95
C GLU B 75 36.03 -6.84 -6.50
N CYS B 76 36.86 -5.86 -6.89
CA CYS B 76 36.35 -4.58 -7.39
C CYS B 76 36.00 -4.62 -8.90
N LEU B 77 36.13 -5.78 -9.54
CA LEU B 77 35.80 -5.88 -10.97
C LEU B 77 34.32 -6.25 -11.13
N PHE B 78 33.56 -5.39 -11.79
CA PHE B 78 32.13 -5.62 -11.99
C PHE B 78 31.74 -5.50 -13.46
N LEU B 79 30.77 -6.31 -13.87
CA LEU B 79 30.28 -6.30 -15.24
C LEU B 79 29.23 -5.19 -15.39
N GLU B 80 29.46 -4.30 -16.36
CA GLU B 80 28.56 -3.18 -16.60
C GLU B 80 27.27 -3.65 -17.29
N ARG B 81 26.14 -3.50 -16.59
CA ARG B 81 24.84 -3.88 -17.12
C ARG B 81 23.85 -2.72 -16.96
N LEU B 82 22.88 -2.64 -17.84
CA LEU B 82 21.90 -1.57 -17.80
C LEU B 82 20.48 -2.14 -17.71
N GLU B 83 19.63 -1.51 -16.91
CA GLU B 83 18.26 -1.95 -16.75
C GLU B 83 17.30 -0.91 -17.33
N GLU B 84 16.25 -1.38 -17.98
CA GLU B 84 15.26 -0.47 -18.58
C GLU B 84 14.40 0.18 -17.49
N ASN B 85 15.07 0.80 -16.53
CA ASN B 85 14.41 1.46 -15.41
C ASN B 85 15.18 2.73 -15.03
N HIS B 86 15.99 3.24 -15.97
CA HIS B 86 16.80 4.43 -15.74
C HIS B 86 17.79 4.20 -14.59
N TYR B 87 18.42 3.03 -14.60
CA TYR B 87 19.40 2.67 -13.57
C TYR B 87 20.50 1.77 -14.16
N ASN B 88 21.67 1.84 -13.52
CA ASN B 88 22.82 1.05 -13.94
C ASN B 88 22.99 -0.17 -13.05
N THR B 89 23.47 -1.27 -13.61
CA THR B 89 23.69 -2.49 -12.88
C THR B 89 25.13 -2.95 -13.04
N TYR B 90 25.74 -3.39 -11.96
CA TYR B 90 27.13 -3.85 -12.00
C TYR B 90 27.24 -5.21 -11.33
N ILE B 91 27.60 -6.23 -12.11
CA ILE B 91 27.72 -7.58 -11.59
C ILE B 91 29.14 -7.89 -11.15
N SER B 92 29.32 -8.16 -9.86
CA SER B 92 30.62 -8.49 -9.31
C SER B 92 31.05 -9.87 -9.81
N LYS B 93 31.56 -9.91 -11.05
CA LYS B 93 31.99 -11.17 -11.66
C LYS B 93 32.79 -12.02 -10.67
N LYS B 94 33.55 -11.36 -9.80
CA LYS B 94 34.35 -12.07 -8.80
C LYS B 94 33.46 -13.03 -7.98
N HIS B 95 32.16 -12.68 -7.85
CA HIS B 95 31.22 -13.51 -7.11
C HIS B 95 29.97 -13.83 -7.93
N ALA B 96 30.00 -13.50 -9.23
CA ALA B 96 28.88 -13.76 -10.11
C ALA B 96 28.44 -15.22 -10.00
N GLU B 97 29.40 -16.09 -9.72
CA GLU B 97 29.14 -17.52 -9.55
C GLU B 97 27.98 -17.76 -8.58
N LYS B 98 27.85 -16.89 -7.57
CA LYS B 98 26.78 -17.01 -6.59
C LYS B 98 25.62 -16.09 -6.95
N ASN B 99 25.62 -15.57 -8.18
CA ASN B 99 24.57 -14.66 -8.65
C ASN B 99 24.52 -13.42 -7.76
N TRP B 100 25.70 -12.98 -7.33
CA TRP B 100 25.83 -11.81 -6.47
C TRP B 100 26.36 -10.62 -7.25
N PHE B 101 25.63 -9.53 -7.22
CA PHE B 101 26.04 -8.32 -7.92
C PHE B 101 25.86 -7.07 -7.03
N VAL B 102 27.01 -6.41 -6.75
CA VAL B 102 27.13 -5.22 -5.89
C VAL B 102 25.80 -4.55 -5.56
N GLY B 103 25.53 -4.44 -4.25
CA GLY B 103 24.32 -3.81 -3.76
C GLY B 103 24.61 -2.98 -2.51
N LEU B 104 24.13 -1.73 -2.49
CA LEU B 104 24.37 -0.86 -1.34
C LEU B 104 23.08 -0.41 -0.67
N LYS B 105 23.19 0.03 0.57
CA LYS B 105 22.04 0.50 1.33
C LYS B 105 22.05 2.03 1.38
N LYS B 106 21.16 2.64 0.60
CA LYS B 106 21.04 4.11 0.53
C LYS B 106 21.17 4.76 1.90
N ASN B 107 20.50 4.18 2.90
CA ASN B 107 20.52 4.70 4.26
C ASN B 107 21.30 3.78 5.19
N GLY B 108 22.37 3.19 4.67
CA GLY B 108 23.18 2.30 5.49
C GLY B 108 24.63 2.28 5.06
N SER B 109 24.87 2.03 3.77
CA SER B 109 26.20 1.95 3.18
C SER B 109 26.24 0.79 2.19
N CYS B 110 27.35 0.63 1.48
CA CYS B 110 27.49 -0.45 0.51
C CYS B 110 27.95 -1.74 1.18
N LYS B 111 27.01 -2.66 1.42
CA LYS B 111 27.32 -3.95 2.04
C LYS B 111 26.06 -4.79 2.18
N ARG B 112 25.69 -5.42 1.07
CA ARG B 112 24.51 -6.27 1.01
C ARG B 112 24.75 -7.45 0.07
N GLY B 113 25.98 -7.97 0.04
CA GLY B 113 26.30 -9.12 -0.79
C GLY B 113 25.32 -10.27 -0.62
N PRO B 114 25.01 -10.73 0.62
CA PRO B 114 24.06 -11.83 0.82
C PRO B 114 22.65 -11.47 0.30
N ARG B 115 22.48 -10.20 -0.04
CA ARG B 115 21.21 -9.69 -0.57
C ARG B 115 21.42 -8.98 -1.92
N THR B 116 22.45 -9.39 -2.68
CA THR B 116 22.72 -8.76 -3.98
C THR B 116 22.10 -9.52 -5.15
N HIS B 117 21.08 -10.31 -4.86
CA HIS B 117 20.39 -11.06 -5.91
C HIS B 117 19.05 -10.36 -6.19
N TYR B 118 18.19 -10.97 -7.00
CA TYR B 118 16.91 -10.36 -7.33
C TYR B 118 15.99 -10.31 -6.11
N GLY B 119 15.89 -9.14 -5.51
CA GLY B 119 15.07 -8.93 -4.34
C GLY B 119 15.20 -7.51 -3.84
N GLN B 120 16.45 -7.05 -3.77
CA GLN B 120 16.75 -5.69 -3.36
C GLN B 120 16.92 -4.83 -4.59
N LYS B 121 16.15 -3.76 -4.68
CA LYS B 121 16.20 -2.88 -5.85
C LYS B 121 17.42 -1.95 -5.80
N ALA B 122 17.98 -1.79 -4.59
CA ALA B 122 19.15 -0.94 -4.39
C ALA B 122 20.29 -1.26 -5.36
N ILE B 123 20.22 -2.42 -6.00
CA ILE B 123 21.23 -2.83 -6.97
C ILE B 123 21.15 -1.99 -8.25
N LEU B 124 20.00 -1.35 -8.47
CA LEU B 124 19.82 -0.50 -9.63
C LEU B 124 20.29 0.91 -9.31
N PHE B 125 21.57 1.15 -9.54
CA PHE B 125 22.19 2.45 -9.24
C PHE B 125 21.88 3.50 -10.30
N LEU B 126 21.79 4.74 -9.87
CA LEU B 126 21.52 5.86 -10.77
C LEU B 126 22.77 6.72 -10.87
N PRO B 127 23.47 6.65 -12.02
CA PRO B 127 24.70 7.40 -12.24
C PRO B 127 24.47 8.81 -12.77
N LEU B 128 25.31 9.74 -12.30
CA LEU B 128 25.25 11.14 -12.72
C LEU B 128 26.65 11.64 -13.08
N PRO B 129 27.39 10.86 -13.89
CA PRO B 129 28.76 11.20 -14.30
C PRO B 129 28.82 12.19 -15.45
N VAL B 130 29.91 12.96 -15.50
CA VAL B 130 30.09 13.95 -16.55
C VAL B 130 30.61 13.25 -17.82
N SER B 131 29.68 12.79 -18.64
CA SER B 131 30.00 12.11 -19.89
C SER B 131 30.62 13.07 -20.90
N SER B 132 31.00 12.53 -22.05
CA SER B 132 31.58 13.33 -23.12
C SER B 132 30.61 13.43 -24.29
N ASP B 133 29.48 14.09 -24.04
CA ASP B 133 28.44 14.26 -25.05
C ASP B 133 28.62 15.59 -25.77
N MET C 1 -0.87 8.65 -14.33
CA MET C 1 -0.38 8.13 -15.63
C MET C 1 0.05 6.68 -15.47
N ALA C 2 1.34 6.48 -15.19
CA ALA C 2 1.86 5.15 -14.97
C ALA C 2 1.87 4.88 -13.47
N ALA C 3 2.20 3.66 -13.09
CA ALA C 3 2.24 3.26 -11.68
C ALA C 3 0.80 3.25 -11.17
N GLU C 4 -0.04 2.49 -11.85
CA GLU C 4 -1.45 2.39 -11.49
C GLU C 4 -1.68 1.48 -10.29
N PRO C 5 -2.57 1.91 -9.37
CA PRO C 5 -2.90 1.13 -8.18
C PRO C 5 -3.81 -0.06 -8.50
N LEU C 6 -3.46 -1.22 -7.97
CA LEU C 6 -4.24 -2.43 -8.19
C LEU C 6 -5.24 -2.63 -7.05
N THR C 7 -5.90 -3.79 -7.00
CA THR C 7 -6.86 -4.06 -5.94
C THR C 7 -6.13 -4.28 -4.62
N GLU C 8 -6.85 -4.15 -3.50
CA GLU C 8 -6.27 -4.31 -2.17
C GLU C 8 -5.62 -5.67 -1.96
N LEU C 9 -6.05 -6.67 -2.73
CA LEU C 9 -5.51 -8.01 -2.62
C LEU C 9 -4.23 -8.19 -3.44
N GLU C 10 -4.15 -7.54 -4.61
CA GLU C 10 -2.95 -7.59 -5.45
C GLU C 10 -1.79 -6.91 -4.72
N GLU C 11 -2.14 -5.83 -4.02
CA GLU C 11 -1.23 -5.06 -3.17
C GLU C 11 -0.62 -5.98 -2.10
N SER C 12 -1.49 -6.67 -1.36
CA SER C 12 -1.06 -7.45 -0.21
C SER C 12 -0.31 -8.72 -0.61
N ILE C 13 -0.68 -9.43 -1.68
CA ILE C 13 0.16 -10.55 -2.12
C ILE C 13 1.51 -10.03 -2.59
N GLU C 14 1.55 -8.90 -3.31
CA GLU C 14 2.83 -8.37 -3.74
C GLU C 14 3.72 -8.10 -2.52
N THR C 15 3.26 -7.28 -1.56
CA THR C 15 4.11 -6.86 -0.44
C THR C 15 4.76 -8.06 0.28
N VAL C 16 4.02 -9.15 0.46
CA VAL C 16 4.58 -10.36 1.06
C VAL C 16 5.47 -11.11 0.06
N VAL C 17 5.10 -11.18 -1.22
CA VAL C 17 5.90 -11.81 -2.25
C VAL C 17 7.26 -11.14 -2.38
N THR C 18 7.32 -9.79 -2.39
CA THR C 18 8.61 -9.07 -2.49
C THR C 18 9.47 -9.33 -1.24
N THR C 19 8.84 -9.32 -0.06
CA THR C 19 9.52 -9.63 1.19
C THR C 19 10.06 -11.06 1.17
N PHE C 20 9.20 -12.03 0.86
CA PHE C 20 9.59 -13.41 0.60
C PHE C 20 10.80 -13.44 -0.31
N PHE C 21 10.70 -12.78 -1.47
CA PHE C 21 11.76 -12.76 -2.48
C PHE C 21 13.05 -12.10 -1.98
N THR C 22 12.97 -11.32 -0.91
CA THR C 22 14.16 -10.66 -0.37
C THR C 22 14.95 -11.62 0.54
N PHE C 23 14.46 -12.85 0.66
CA PHE C 23 15.12 -13.88 1.46
C PHE C 23 15.31 -15.16 0.63
N ALA C 24 14.40 -15.37 -0.32
CA ALA C 24 14.40 -16.52 -1.21
C ALA C 24 15.67 -16.55 -2.08
N ARG C 25 16.14 -15.37 -2.46
CA ARG C 25 17.31 -15.23 -3.33
C ARG C 25 18.62 -15.15 -2.57
N GLN C 26 18.57 -15.23 -1.24
CA GLN C 26 19.79 -15.14 -0.42
C GLN C 26 20.87 -16.13 -0.89
N GLU C 27 20.46 -17.35 -1.20
CA GLU C 27 21.39 -18.39 -1.65
C GLU C 27 20.90 -19.04 -2.94
N GLY C 28 21.35 -20.28 -3.18
CA GLY C 28 20.92 -21.05 -4.34
C GLY C 28 19.40 -21.12 -4.56
N ARG C 29 19.01 -20.80 -5.80
CA ARG C 29 17.60 -20.77 -6.24
C ARG C 29 16.80 -19.67 -5.54
N LYS C 30 16.34 -18.66 -6.31
CA LYS C 30 15.59 -17.54 -5.75
C LYS C 30 14.09 -17.85 -5.63
N ASP C 31 13.78 -19.07 -5.21
CA ASP C 31 12.41 -19.52 -4.99
C ASP C 31 12.37 -20.21 -3.63
N SER C 32 13.29 -21.16 -3.44
CA SER C 32 13.38 -21.92 -2.22
C SER C 32 14.16 -21.16 -1.15
N LEU C 33 13.64 -21.18 0.08
CA LEU C 33 14.39 -20.82 1.27
C LEU C 33 15.08 -22.09 1.75
N SER C 34 16.41 -22.12 1.83
CA SER C 34 17.09 -23.19 2.58
C SER C 34 17.10 -22.84 4.06
N VAL C 35 17.67 -23.73 4.88
CA VAL C 35 17.55 -23.69 6.34
C VAL C 35 17.88 -22.30 6.91
N ASN C 36 19.11 -21.79 6.63
CA ASN C 36 19.54 -20.46 7.10
C ASN C 36 18.56 -19.38 6.60
N GLU C 37 18.44 -19.33 5.28
CA GLU C 37 17.49 -18.48 4.56
C GLU C 37 16.14 -18.39 5.28
N PHE C 38 15.59 -19.54 5.63
CA PHE C 38 14.31 -19.65 6.31
C PHE C 38 14.42 -19.01 7.69
N LYS C 39 15.41 -19.44 8.48
CA LYS C 39 15.62 -18.90 9.82
C LYS C 39 15.76 -17.37 9.80
N GLU C 40 16.36 -16.83 8.74
CA GLU C 40 16.54 -15.38 8.60
C GLU C 40 15.23 -14.61 8.57
N LEU C 41 14.16 -15.22 8.04
CA LEU C 41 12.86 -14.54 7.97
C LEU C 41 12.35 -14.33 9.39
N VAL C 42 12.28 -15.44 10.13
CA VAL C 42 11.67 -15.46 11.45
C VAL C 42 12.51 -14.61 12.40
N THR C 43 13.81 -14.87 12.45
CA THR C 43 14.72 -14.17 13.34
C THR C 43 14.76 -12.64 13.14
N GLN C 44 14.44 -12.17 11.94
CA GLN C 44 14.49 -10.73 11.66
C GLN C 44 13.13 -10.05 11.77
N GLN C 45 12.18 -10.45 10.92
CA GLN C 45 10.87 -9.80 10.90
C GLN C 45 9.78 -10.55 11.66
N LEU C 46 10.15 -11.41 12.61
CA LEU C 46 9.14 -12.14 13.38
C LEU C 46 9.60 -12.40 14.83
N PRO C 47 9.55 -11.36 15.68
CA PRO C 47 9.95 -11.44 17.08
C PRO C 47 8.79 -11.61 18.06
N HIS C 48 7.55 -11.40 17.61
CA HIS C 48 6.39 -11.50 18.49
C HIS C 48 5.51 -12.70 18.14
N LEU C 49 5.02 -12.75 16.90
CA LEU C 49 4.14 -13.81 16.43
C LEU C 49 4.64 -15.19 16.84
N LEU C 50 5.78 -15.60 16.28
CA LEU C 50 6.47 -16.84 16.57
C LEU C 50 7.76 -16.47 17.29
N LYS C 51 7.62 -16.15 18.58
CA LYS C 51 8.77 -15.74 19.41
C LYS C 51 9.75 -16.88 19.64
N ASP C 52 9.49 -18.04 19.05
CA ASP C 52 10.38 -19.18 19.18
C ASP C 52 11.50 -19.11 18.13
N VAL C 53 12.54 -18.37 18.46
CA VAL C 53 13.68 -18.22 17.56
C VAL C 53 14.75 -19.26 17.85
N GLY C 54 14.37 -20.32 18.54
CA GLY C 54 15.30 -21.38 18.87
C GLY C 54 14.87 -22.73 18.29
N SER C 55 13.57 -22.97 18.27
CA SER C 55 13.03 -24.23 17.76
C SER C 55 12.55 -24.09 16.30
N LEU C 56 13.36 -23.43 15.48
CA LEU C 56 13.06 -23.25 14.08
C LEU C 56 13.05 -24.61 13.39
N ASP C 57 13.86 -25.56 13.87
CA ASP C 57 13.87 -26.94 13.42
C ASP C 57 12.45 -27.53 13.44
N GLU C 58 11.72 -27.37 14.55
CA GLU C 58 10.35 -27.84 14.68
C GLU C 58 9.49 -27.27 13.55
N LYS C 59 9.51 -25.94 13.38
CA LYS C 59 8.76 -25.30 12.31
C LYS C 59 9.17 -25.95 10.98
N MET C 60 10.48 -26.00 10.70
CA MET C 60 11.04 -26.55 9.48
C MET C 60 10.44 -27.93 9.20
N LYS C 61 10.54 -28.87 10.15
CA LYS C 61 9.97 -30.20 10.00
C LYS C 61 8.45 -30.13 9.78
N SER C 62 7.76 -29.27 10.52
CA SER C 62 6.31 -29.10 10.38
C SER C 62 5.94 -28.56 8.99
N LEU C 63 6.82 -27.77 8.37
CA LEU C 63 6.63 -27.12 7.08
C LEU C 63 7.03 -28.05 5.93
N ASP C 64 8.32 -28.39 5.87
CA ASP C 64 8.94 -29.15 4.80
C ASP C 64 8.55 -30.62 4.91
N VAL C 65 7.30 -30.95 4.56
CA VAL C 65 6.74 -32.29 4.68
C VAL C 65 7.66 -33.37 4.07
N ASN C 66 8.31 -33.06 2.95
CA ASN C 66 9.20 -33.97 2.23
C ASN C 66 10.62 -33.96 2.79
N GLN C 67 10.94 -33.03 3.69
CA GLN C 67 12.25 -32.90 4.34
C GLN C 67 13.39 -32.95 3.32
N ASP C 68 13.29 -32.10 2.29
CA ASP C 68 14.34 -31.92 1.27
C ASP C 68 15.31 -30.82 1.72
N SER C 69 14.98 -30.08 2.78
CA SER C 69 15.76 -28.93 3.26
C SER C 69 15.71 -27.77 2.26
N GLU C 70 14.63 -27.71 1.48
CA GLU C 70 14.22 -26.57 0.69
C GLU C 70 12.74 -26.36 0.97
N LEU C 71 12.36 -25.21 1.52
CA LEU C 71 10.98 -24.77 1.51
C LEU C 71 10.78 -24.08 0.17
N LYS C 72 10.32 -24.81 -0.86
CA LYS C 72 9.85 -24.23 -2.13
C LYS C 72 8.82 -23.15 -1.83
N PHE C 73 8.55 -22.26 -2.80
CA PHE C 73 7.57 -21.18 -2.67
C PHE C 73 6.31 -21.61 -1.89
N ASN C 74 5.63 -22.65 -2.38
CA ASN C 74 4.40 -23.13 -1.80
C ASN C 74 4.61 -23.77 -0.42
N GLU C 75 5.76 -24.40 -0.18
CA GLU C 75 6.07 -24.99 1.11
C GLU C 75 6.29 -23.88 2.13
N TYR C 76 7.20 -22.95 1.82
CA TYR C 76 7.45 -21.75 2.61
C TYR C 76 6.14 -21.08 2.95
N TRP C 77 5.33 -20.84 1.91
CA TRP C 77 4.04 -20.20 2.01
C TRP C 77 3.24 -20.73 3.21
N ARG C 78 3.30 -22.03 3.55
CA ARG C 78 2.68 -22.60 4.74
C ARG C 78 2.82 -21.68 5.96
N LEU C 79 4.04 -21.20 6.24
CA LEU C 79 4.32 -20.33 7.36
C LEU C 79 3.31 -19.19 7.41
N ILE C 80 2.99 -18.57 6.27
CA ILE C 80 2.13 -17.40 6.22
C ILE C 80 0.74 -17.74 6.76
N GLY C 81 0.36 -19.02 6.70
CA GLY C 81 -0.89 -19.51 7.20
C GLY C 81 -0.86 -19.56 8.70
N GLU C 82 0.26 -20.05 9.21
CA GLU C 82 0.47 -20.23 10.61
C GLU C 82 0.56 -18.83 11.23
N LEU C 83 1.14 -17.86 10.50
CA LEU C 83 1.15 -16.45 10.86
C LEU C 83 -0.28 -15.89 10.90
N ALA C 84 -0.98 -15.94 9.76
CA ALA C 84 -2.33 -15.42 9.58
C ALA C 84 -3.32 -16.08 10.54
N LYS C 85 -3.02 -17.30 10.96
CA LYS C 85 -3.72 -18.01 11.99
C LYS C 85 -3.32 -17.40 13.34
N GLU C 86 -2.04 -17.46 13.73
CA GLU C 86 -1.51 -16.96 15.01
C GLU C 86 -2.06 -15.58 15.37
N ILE C 87 -2.03 -14.61 14.45
CA ILE C 87 -2.51 -13.27 14.74
C ILE C 87 -3.92 -13.23 15.35
N ARG C 88 -4.79 -14.18 14.94
CA ARG C 88 -6.11 -14.38 15.52
C ARG C 88 -6.01 -15.36 16.68
N LYS C 89 -5.43 -16.53 16.41
CA LYS C 89 -5.43 -17.72 17.22
C LYS C 89 -4.73 -17.52 18.55
N LYS C 90 -3.77 -16.59 18.68
CA LYS C 90 -2.40 -16.95 18.99
C LYS C 90 -2.31 -18.17 19.92
N LYS C 91 -2.73 -18.09 21.19
CA LYS C 91 -2.72 -19.22 22.12
C LYS C 91 -4.09 -19.32 22.82
N ASP C 92 -5.17 -19.23 22.02
CA ASP C 92 -6.60 -19.33 22.35
C ASP C 92 -6.88 -20.70 22.99
N LEU C 93 -6.45 -20.83 24.24
CA LEU C 93 -6.37 -22.04 25.01
C LEU C 93 -5.90 -21.63 26.40
N LYS C 94 -4.80 -20.86 26.48
CA LYS C 94 -4.30 -20.25 27.71
C LYS C 94 -4.28 -18.72 27.61
N ILE C 95 -3.82 -18.16 26.48
CA ILE C 95 -3.53 -16.74 26.35
C ILE C 95 -4.00 -16.24 24.97
N ARG C 96 -5.03 -15.39 24.83
CA ARG C 96 -6.03 -14.88 25.78
C ARG C 96 -7.02 -13.94 25.06
N DLY C 97 -6.64 -12.96 24.22
CA DLY C 97 -5.34 -12.57 23.67
C DLY C 97 -5.63 -11.86 22.32
O DLY C 97 -6.39 -12.46 21.56
CB DLY C 97 -4.44 -11.91 24.74
CG DLY C 97 -5.01 -10.72 25.55
CD DLY C 97 -3.86 -9.99 26.29
CE DLY C 97 -3.72 -8.49 26.00
NZ DLY C 97 -4.73 -7.63 26.64
H DLY C 97 -7.37 -12.41 23.90
HA DLY C 97 -5.99 -11.59 23.84
HB2 DLY C 97 -4.16 -12.67 25.44
HB3 DLY C 97 -3.54 -11.56 24.24
HG2 DLY C 97 -5.49 -10.03 24.87
HG3 DLY C 97 -5.73 -11.09 26.26
HD2 DLY C 97 -4.03 -10.11 27.35
HD3 DLY C 97 -2.94 -10.49 26.03
HE2 DLY C 97 -2.74 -8.17 26.33
HE3 DLY C 97 -3.77 -8.35 24.93
HZ1 DLY C 97 -4.56 -6.63 26.39
HZ2 DLY C 97 -4.67 -7.74 27.68
HZ3 DLY C 97 -5.68 -7.90 26.33
N DLY C 98 -5.17 -10.68 21.91
CA DLY C 98 -4.16 -9.80 22.42
C DLY C 98 -2.81 -10.20 21.81
O DLY C 98 -2.68 -10.10 20.56
CB DLY C 98 -4.59 -8.36 22.13
CG DLY C 98 -6.06 -8.04 22.45
CD DLY C 98 -6.28 -6.54 22.68
CE DLY C 98 -5.82 -5.67 21.50
NZ DLY C 98 -5.50 -4.30 21.93
H DLY C 98 -5.63 -10.34 21.11
HA DLY C 98 -4.16 -9.88 21.25
HB2 DLY C 98 -3.97 -7.70 22.73
HB3 DLY C 98 -4.41 -8.14 21.09
HG2 DLY C 98 -6.68 -8.35 21.62
HG3 DLY C 98 -6.35 -8.58 23.33
HD2 DLY C 98 -7.32 -6.37 22.85
HD3 DLY C 98 -5.72 -6.26 23.56
HE2 DLY C 98 -4.93 -6.11 21.06
HE3 DLY C 98 -6.60 -5.64 20.76
HZ1 DLY C 98 -5.12 -3.75 21.13
HZ2 DLY C 98 -4.79 -4.31 22.69
HZ3 DLY C 98 -6.36 -3.83 22.28
N MET D 1 -11.36 -7.07 22.31
CA MET D 1 -12.39 -6.47 21.47
C MET D 1 -11.80 -6.10 20.10
N ALA D 2 -10.77 -5.26 20.06
CA ALA D 2 -10.08 -4.88 18.82
C ALA D 2 -8.81 -4.06 19.08
N ALA D 3 -7.65 -4.57 18.65
CA ALA D 3 -6.51 -3.85 18.09
C ALA D 3 -6.26 -2.37 18.47
N GLU D 4 -5.32 -2.11 19.39
CA GLU D 4 -4.41 -0.96 19.35
C GLU D 4 -3.22 -1.33 18.43
N PRO D 5 -2.15 -0.47 18.28
CA PRO D 5 -0.98 -0.67 17.41
C PRO D 5 -0.63 -2.09 17.04
N LEU D 6 -0.24 -2.26 15.78
CA LEU D 6 0.16 -3.54 15.23
C LEU D 6 1.55 -3.42 14.60
N THR D 7 1.63 -3.48 13.27
CA THR D 7 2.89 -3.35 12.55
C THR D 7 2.63 -3.10 11.05
N GLU D 8 3.69 -3.06 10.25
CA GLU D 8 3.57 -2.81 8.81
C GLU D 8 2.77 -3.90 8.08
N LEU D 9 3.14 -5.16 8.32
CA LEU D 9 2.45 -6.28 7.66
C LEU D 9 1.12 -6.61 8.33
N GLU D 10 0.94 -6.15 9.57
CA GLU D 10 -0.31 -6.37 10.30
C GLU D 10 -1.42 -5.49 9.73
N GLU D 11 -1.05 -4.32 9.18
CA GLU D 11 -2.01 -3.44 8.51
C GLU D 11 -2.68 -4.20 7.36
N SER D 12 -1.86 -4.80 6.49
CA SER D 12 -2.35 -5.40 5.25
C SER D 12 -3.15 -6.68 5.48
N ILE D 13 -2.95 -7.39 6.60
CA ILE D 13 -3.90 -8.42 7.01
C ILE D 13 -5.17 -7.78 7.61
N GLU D 14 -5.07 -6.63 8.31
CA GLU D 14 -6.26 -5.93 8.78
C GLU D 14 -7.15 -5.54 7.60
N THR D 15 -6.62 -4.83 6.61
CA THR D 15 -7.43 -4.20 5.56
C THR D 15 -8.42 -5.20 4.93
N VAL D 16 -8.00 -6.45 4.73
CA VAL D 16 -8.87 -7.49 4.20
C VAL D 16 -9.87 -7.97 5.26
N VAL D 17 -9.48 -8.06 6.53
CA VAL D 17 -10.38 -8.38 7.63
C VAL D 17 -11.48 -7.32 7.73
N THR D 18 -11.11 -6.04 7.58
CA THR D 18 -12.08 -4.94 7.62
C THR D 18 -13.15 -5.10 6.52
N THR D 19 -12.77 -5.75 5.41
CA THR D 19 -13.72 -6.02 4.31
C THR D 19 -14.66 -7.11 4.79
N PHE D 20 -14.03 -8.18 5.27
CA PHE D 20 -14.70 -9.33 5.88
C PHE D 20 -15.73 -8.85 6.91
N PHE D 21 -15.25 -8.04 7.86
CA PHE D 21 -16.05 -7.49 8.95
C PHE D 21 -17.29 -6.72 8.49
N THR D 22 -17.20 -5.96 7.41
CA THR D 22 -18.36 -5.19 6.94
C THR D 22 -19.27 -5.96 6.00
N PHE D 23 -18.96 -7.22 5.76
CA PHE D 23 -19.78 -8.05 4.89
C PHE D 23 -20.49 -9.12 5.71
N ALA D 24 -19.81 -9.53 6.78
CA ALA D 24 -20.34 -10.56 7.65
C ALA D 24 -21.26 -10.01 8.74
N ARG D 25 -21.20 -8.70 8.95
CA ARG D 25 -22.11 -8.04 9.89
C ARG D 25 -23.41 -7.74 9.13
N GLN D 26 -23.97 -8.78 8.52
CA GLN D 26 -25.17 -8.59 7.70
C GLN D 26 -26.42 -9.29 8.22
N GLU D 27 -26.46 -10.63 8.29
CA GLU D 27 -27.71 -11.26 8.70
C GLU D 27 -27.81 -11.45 10.22
N GLY D 28 -27.11 -12.47 10.73
CA GLY D 28 -26.54 -12.58 12.07
C GLY D 28 -25.10 -12.11 12.04
N ARG D 29 -24.58 -11.77 13.22
CA ARG D 29 -23.23 -12.16 13.66
C ARG D 29 -22.11 -11.82 12.68
N LYS D 30 -21.34 -10.78 13.04
CA LYS D 30 -20.22 -10.28 12.23
C LYS D 30 -18.97 -11.18 12.31
N ASP D 31 -18.89 -11.97 13.36
CA ASP D 31 -17.77 -12.88 13.56
C ASP D 31 -17.80 -14.12 12.65
N SER D 32 -18.92 -14.41 11.96
CA SER D 32 -19.03 -15.53 11.03
C SER D 32 -19.62 -15.08 9.69
N LEU D 33 -19.06 -15.58 8.59
CA LEU D 33 -19.68 -15.42 7.27
C LEU D 33 -20.92 -16.29 7.22
N SER D 34 -21.99 -15.71 6.69
CA SER D 34 -23.31 -16.29 6.49
C SER D 34 -23.60 -16.27 4.98
N VAL D 35 -24.56 -17.05 4.47
CA VAL D 35 -24.68 -17.25 3.01
C VAL D 35 -25.75 -16.37 2.39
N ASN D 36 -25.67 -15.09 2.73
CA ASN D 36 -25.95 -13.94 1.91
C ASN D 36 -25.15 -12.79 2.55
N GLU D 37 -23.86 -13.16 2.60
CA GLU D 37 -22.73 -12.38 3.07
C GLU D 37 -21.53 -12.90 2.26
N PHE D 38 -21.46 -14.25 2.21
CA PHE D 38 -20.47 -14.97 1.46
C PHE D 38 -20.70 -14.79 -0.04
N LYS D 39 -21.88 -15.18 -0.53
CA LYS D 39 -22.14 -15.10 -1.96
C LYS D 39 -22.01 -13.64 -2.44
N GLU D 40 -22.47 -12.69 -1.62
CA GLU D 40 -22.36 -11.28 -1.96
C GLU D 40 -20.88 -10.85 -1.98
N LEU D 41 -20.05 -11.53 -1.18
CA LEU D 41 -18.62 -11.23 -1.12
C LEU D 41 -17.89 -11.74 -2.36
N VAL D 42 -18.16 -12.99 -2.75
CA VAL D 42 -17.53 -13.56 -3.92
C VAL D 42 -17.96 -12.80 -5.18
N THR D 43 -19.24 -12.50 -5.29
CA THR D 43 -19.76 -11.82 -6.48
C THR D 43 -19.39 -10.34 -6.54
N GLN D 44 -19.02 -9.74 -5.42
CA GLN D 44 -18.69 -8.30 -5.41
C GLN D 44 -17.18 -8.04 -5.32
N GLN D 45 -16.53 -8.59 -4.30
CA GLN D 45 -15.10 -8.34 -4.10
C GLN D 45 -14.21 -9.31 -4.90
N LEU D 46 -14.70 -10.50 -5.20
CA LEU D 46 -13.90 -11.48 -5.95
C LEU D 46 -14.60 -11.94 -7.25
N PRO D 47 -14.94 -11.01 -8.17
CA PRO D 47 -15.61 -11.38 -9.42
C PRO D 47 -14.62 -11.74 -10.54
N HIS D 48 -13.39 -11.27 -10.40
CA HIS D 48 -12.34 -11.52 -11.38
C HIS D 48 -11.35 -12.55 -10.84
N LEU D 49 -11.01 -12.41 -9.57
CA LEU D 49 -10.07 -13.32 -8.91
C LEU D 49 -10.69 -14.71 -8.83
N LEU D 50 -11.94 -14.77 -8.39
CA LEU D 50 -12.66 -16.02 -8.29
C LEU D 50 -13.69 -16.11 -9.41
N LYS D 51 -13.35 -16.85 -10.46
CA LYS D 51 -14.22 -17.00 -11.62
C LYS D 51 -15.22 -18.13 -11.42
N ASP D 52 -15.63 -18.34 -10.17
CA ASP D 52 -16.60 -19.37 -9.84
C ASP D 52 -17.61 -18.85 -8.84
N VAL D 53 -18.34 -17.81 -9.26
CA VAL D 53 -19.35 -17.18 -8.41
C VAL D 53 -20.67 -17.93 -8.45
N GLY D 54 -20.82 -18.82 -9.43
CA GLY D 54 -22.06 -19.57 -9.57
C GLY D 54 -21.94 -20.92 -8.90
N SER D 55 -20.71 -21.30 -8.53
CA SER D 55 -20.46 -22.56 -7.86
C SER D 55 -19.87 -22.34 -6.47
N LEU D 56 -20.30 -21.25 -5.81
CA LEU D 56 -19.87 -20.92 -4.48
C LEU D 56 -20.16 -22.09 -3.55
N ASP D 57 -21.38 -22.62 -3.61
CA ASP D 57 -21.91 -23.70 -2.80
C ASP D 57 -20.91 -24.85 -2.61
N GLU D 58 -20.18 -25.23 -3.67
CA GLU D 58 -19.14 -26.23 -3.59
C GLU D 58 -17.99 -25.75 -2.67
N LYS D 59 -17.55 -24.51 -2.91
CA LYS D 59 -16.50 -23.90 -2.09
C LYS D 59 -16.94 -23.86 -0.65
N MET D 60 -18.18 -23.40 -0.43
CA MET D 60 -18.79 -23.34 0.88
C MET D 60 -18.70 -24.71 1.56
N LYS D 61 -19.18 -25.76 0.90
CA LYS D 61 -19.13 -27.11 1.45
C LYS D 61 -17.68 -27.50 1.78
N SER D 62 -16.75 -27.20 0.87
CA SER D 62 -15.34 -27.48 1.06
C SER D 62 -14.75 -26.70 2.25
N LEU D 63 -15.18 -25.46 2.43
CA LEU D 63 -14.71 -24.56 3.47
C LEU D 63 -15.24 -25.03 4.83
N ASP D 64 -16.56 -25.14 4.96
CA ASP D 64 -17.31 -25.18 6.20
C ASP D 64 -16.95 -26.30 7.18
N VAL D 65 -16.18 -27.31 6.75
CA VAL D 65 -16.36 -28.76 6.85
C VAL D 65 -17.01 -29.34 8.12
N ASN D 66 -17.01 -28.65 9.26
CA ASN D 66 -17.93 -29.03 10.33
C ASN D 66 -19.38 -28.98 9.85
N GLN D 67 -19.66 -28.17 8.82
CA GLN D 67 -20.93 -28.09 8.12
C GLN D 67 -22.03 -27.50 9.01
N ASP D 68 -21.64 -26.81 10.09
CA ASP D 68 -22.56 -25.98 10.87
C ASP D 68 -23.17 -24.87 10.00
N SER D 69 -22.53 -24.57 8.86
CA SER D 69 -22.94 -23.53 7.93
C SER D 69 -22.76 -22.12 8.49
N GLU D 70 -22.08 -21.98 9.62
CA GLU D 70 -21.37 -20.76 9.95
C GLU D 70 -19.98 -20.93 9.35
N LEU D 71 -19.65 -20.15 8.33
CA LEU D 71 -18.31 -20.13 7.80
C LEU D 71 -17.47 -19.39 8.85
N LYS D 72 -16.73 -20.16 9.64
CA LYS D 72 -16.25 -19.75 10.94
C LYS D 72 -14.99 -18.89 10.79
N PHE D 73 -14.52 -18.31 11.91
CA PHE D 73 -13.40 -17.37 11.95
C PHE D 73 -12.11 -18.20 11.90
N ASN D 74 -11.87 -18.71 10.70
CA ASN D 74 -10.89 -19.66 10.20
C ASN D 74 -11.56 -21.04 10.09
N GLU D 75 -12.73 -21.11 9.47
CA GLU D 75 -12.95 -21.81 8.20
C GLU D 75 -12.72 -20.79 7.07
N TYR D 76 -13.55 -19.74 7.07
CA TYR D 76 -13.68 -18.73 6.02
C TYR D 76 -12.34 -18.36 5.42
N TRP D 77 -11.41 -18.00 6.30
CA TRP D 77 -10.12 -17.45 5.96
C TRP D 77 -9.46 -18.19 4.79
N ARG D 78 -9.59 -19.52 4.76
CA ARG D 78 -9.11 -20.37 3.67
C ARG D 78 -9.34 -19.72 2.30
N LEU D 79 -10.53 -19.14 2.08
CA LEU D 79 -10.89 -18.50 0.83
C LEU D 79 -9.81 -17.53 0.35
N ILE D 80 -9.37 -16.63 1.24
CA ILE D 80 -8.36 -15.63 0.93
C ILE D 80 -7.09 -16.36 0.47
N GLY D 81 -6.88 -17.57 0.99
CA GLY D 81 -5.79 -18.48 0.67
C GLY D 81 -5.87 -19.00 -0.73
N GLU D 82 -7.07 -19.38 -1.09
CA GLU D 82 -7.35 -19.95 -2.37
C GLU D 82 -7.17 -18.84 -3.39
N LEU D 83 -7.74 -17.64 -3.19
CA LEU D 83 -7.37 -16.52 -4.06
C LEU D 83 -5.86 -16.26 -4.07
N ALA D 84 -5.22 -16.24 -2.89
CA ALA D 84 -3.79 -15.99 -2.78
C ALA D 84 -3.00 -16.94 -3.67
N LYS D 85 -3.23 -18.25 -3.59
CA LYS D 85 -2.54 -19.17 -4.48
C LYS D 85 -3.06 -19.00 -5.92
N GLU D 86 -4.36 -18.83 -6.17
CA GLU D 86 -5.00 -18.77 -7.49
C GLU D 86 -4.19 -17.90 -8.46
N ILE D 87 -3.75 -16.72 -8.01
CA ILE D 87 -2.97 -15.82 -8.84
C ILE D 87 -1.76 -16.55 -9.47
N ARG D 88 -1.12 -17.42 -8.70
CA ARG D 88 -0.06 -18.33 -9.13
C ARG D 88 -0.65 -19.60 -9.76
N LYS D 89 -1.76 -20.13 -9.23
CA LYS D 89 -2.22 -21.49 -9.42
C LYS D 89 -3.58 -21.51 -10.13
N LYS D 90 -3.55 -21.34 -11.45
CA LYS D 90 -4.69 -21.31 -12.37
C LYS D 90 -5.79 -22.33 -12.01
N LYS D 91 -5.46 -23.62 -11.86
CA LYS D 91 -6.47 -24.64 -11.49
C LYS D 91 -5.86 -25.86 -10.78
N ASP D 92 -4.54 -25.90 -10.62
CA ASP D 92 -3.78 -27.15 -10.68
C ASP D 92 -3.61 -27.73 -9.27
N LEU D 93 -4.70 -27.84 -8.51
CA LEU D 93 -4.70 -28.33 -7.14
C LEU D 93 -4.98 -29.83 -7.08
N DLY D 94 -6.09 -30.26 -7.67
CA DLY D 94 -6.68 -31.57 -7.46
C DLY D 94 -6.77 -31.92 -5.96
O DLY D 94 -7.67 -31.45 -5.28
CB DLY D 94 -8.09 -31.60 -8.07
CG DLY D 94 -8.88 -30.32 -7.73
CD DLY D 94 -10.39 -30.51 -7.53
CE DLY D 94 -10.82 -30.92 -6.11
NZ DLY D 94 -10.23 -32.20 -5.64
H DLY D 94 -6.54 -29.66 -8.29
HA DLY D 94 -7.08 -30.73 -6.79
HB2 DLY D 94 -8.01 -31.68 -9.15
HB3 DLY D 94 -8.63 -32.45 -7.69
HG2 DLY D 94 -8.50 -29.89 -6.82
HG3 DLY D 94 -8.74 -29.61 -8.54
HD2 DLY D 94 -10.88 -29.58 -7.78
HD3 DLY D 94 -10.72 -31.27 -8.23
HE2 DLY D 94 -10.52 -30.15 -5.44
HE3 DLY D 94 -11.90 -31.02 -6.11
HZ1 DLY D 94 -10.55 -32.41 -4.67
HZ2 DLY D 94 -9.18 -32.13 -5.64
HZ3 DLY D 94 -10.51 -32.98 -6.27
N ILE D 95 -5.89 -32.81 -5.48
CA ILE D 95 -5.96 -33.49 -4.19
C ILE D 95 -7.26 -34.26 -3.93
N ARG D 96 -7.14 -35.33 -3.13
CA ARG D 96 -8.21 -36.19 -2.67
C ARG D 96 -7.60 -37.02 -1.54
N LYS D 97 -8.20 -37.06 -0.35
CA LYS D 97 -7.53 -37.50 0.88
C LYS D 97 -8.60 -37.50 1.96
N LYS D 98 -8.79 -38.64 2.65
CA LYS D 98 -9.54 -38.74 3.89
C LYS D 98 -8.52 -38.83 5.02
N TYR E 1 -25.86 32.69 8.44
CA TYR E 1 -26.63 32.80 7.18
C TYR E 1 -27.07 31.41 6.71
N LYS E 2 -27.96 30.79 7.49
CA LYS E 2 -28.46 29.45 7.16
C LYS E 2 -28.96 29.41 5.72
N LYS E 3 -28.20 28.72 4.88
CA LYS E 3 -28.53 28.60 3.46
C LYS E 3 -27.84 27.36 2.87
N PRO E 4 -27.92 27.15 1.54
CA PRO E 4 -27.32 26.03 0.83
C PRO E 4 -26.20 25.33 1.61
N LYS E 5 -26.50 24.15 2.14
CA LYS E 5 -25.54 23.37 2.90
C LYS E 5 -24.91 22.33 2.00
N LEU E 6 -23.65 22.57 1.60
CA LEU E 6 -22.93 21.63 0.74
C LEU E 6 -22.33 20.51 1.56
N LEU E 7 -22.48 19.28 1.09
CA LEU E 7 -21.95 18.11 1.79
C LEU E 7 -21.43 17.07 0.79
N TYR E 8 -20.27 16.50 1.08
CA TYR E 8 -19.67 15.48 0.22
C TYR E 8 -18.67 14.65 1.04
N CYS E 9 -18.13 13.59 0.45
CA CYS E 9 -17.18 12.74 1.14
C CYS E 9 -16.16 12.14 0.18
N SER E 10 -15.08 11.59 0.74
CA SER E 10 -14.01 10.97 -0.03
C SER E 10 -13.15 12.06 -0.66
N ASN E 11 -11.87 12.05 -0.32
CA ASN E 11 -10.94 13.04 -0.86
C ASN E 11 -11.06 13.12 -2.38
N GLY E 12 -11.27 14.32 -2.89
CA GLY E 12 -11.40 14.51 -4.32
C GLY E 12 -12.57 15.40 -4.66
N GLY E 13 -12.36 16.31 -5.61
CA GLY E 13 -13.42 17.21 -6.03
C GLY E 13 -14.67 16.48 -6.45
N HIS E 14 -15.69 16.50 -5.59
CA HIS E 14 -16.97 15.85 -5.87
C HIS E 14 -18.03 16.35 -4.88
N PHE E 15 -19.10 16.93 -5.39
CA PHE E 15 -20.17 17.46 -4.54
C PHE E 15 -21.48 16.73 -4.81
N LEU E 16 -22.32 16.63 -3.79
CA LEU E 16 -23.61 15.96 -3.92
C LEU E 16 -24.59 16.83 -4.70
N ARG E 17 -24.76 16.53 -5.98
CA ARG E 17 -25.67 17.30 -6.82
C ARG E 17 -27.03 16.62 -6.87
N ILE E 18 -28.00 17.22 -6.21
CA ILE E 18 -29.34 16.68 -6.15
C ILE E 18 -30.20 17.17 -7.32
N LEU E 19 -31.05 16.29 -7.83
CA LEU E 19 -31.95 16.64 -8.92
C LEU E 19 -33.37 16.20 -8.58
N PRO E 20 -34.38 17.02 -8.93
CA PRO E 20 -35.79 16.72 -8.65
C PRO E 20 -36.15 15.27 -9.00
N ASP E 21 -35.47 14.73 -10.01
CA ASP E 21 -35.69 13.36 -10.46
C ASP E 21 -35.43 12.37 -9.33
N GLY E 22 -34.36 12.59 -8.59
CA GLY E 22 -34.01 11.72 -7.50
C GLY E 22 -32.59 11.18 -7.62
N THR E 23 -32.13 10.98 -8.86
CA THR E 23 -30.80 10.46 -9.11
C THR E 23 -29.73 11.51 -8.78
N VAL E 24 -29.35 11.57 -7.52
CA VAL E 24 -28.32 12.50 -7.06
C VAL E 24 -26.93 11.87 -7.24
N ASP E 25 -26.01 12.63 -7.82
CA ASP E 25 -24.64 12.13 -8.04
C ASP E 25 -23.61 13.11 -7.46
N GLY E 26 -22.38 12.62 -7.33
CA GLY E 26 -21.31 13.44 -6.79
C GLY E 26 -20.66 14.33 -7.84
N THR E 27 -21.42 15.28 -8.35
CA THR E 27 -20.92 16.20 -9.36
C THR E 27 -19.88 17.14 -8.78
N ARG E 28 -18.74 17.23 -9.44
CA ARG E 28 -17.67 18.11 -8.96
C ARG E 28 -17.77 19.47 -9.64
N ASP E 29 -18.83 20.20 -9.31
CA ASP E 29 -19.05 21.53 -9.88
C ASP E 29 -19.80 22.41 -8.89
N ARG E 30 -19.58 23.72 -9.01
CA ARG E 30 -20.23 24.69 -8.14
C ARG E 30 -20.76 25.86 -8.96
N SER E 31 -20.99 25.63 -10.25
CA SER E 31 -21.49 26.65 -11.15
C SER E 31 -23.01 26.60 -11.19
N ASP E 32 -23.57 25.40 -11.25
CA ASP E 32 -25.02 25.22 -11.29
C ASP E 32 -25.56 24.95 -9.89
N GLN E 33 -26.54 25.75 -9.47
CA GLN E 33 -27.13 25.60 -8.14
C GLN E 33 -27.91 24.30 -8.01
N HIS E 34 -27.20 23.19 -7.87
CA HIS E 34 -27.84 21.89 -7.70
C HIS E 34 -27.05 20.99 -6.74
N ILE E 35 -26.15 21.58 -5.97
CA ILE E 35 -25.33 20.84 -5.02
C ILE E 35 -25.45 21.43 -3.62
N GLN E 36 -26.68 21.77 -3.24
CA GLN E 36 -26.96 22.36 -1.93
C GLN E 36 -28.22 21.79 -1.33
N LEU E 37 -28.14 21.41 -0.06
CA LEU E 37 -29.28 20.87 0.67
C LEU E 37 -29.47 21.63 1.97
N GLN E 38 -30.70 21.65 2.48
CA GLN E 38 -30.98 22.36 3.72
C GLN E 38 -30.79 21.43 4.91
N LEU E 39 -29.53 21.14 5.22
CA LEU E 39 -29.19 20.28 6.35
C LEU E 39 -29.37 21.05 7.66
N SER E 40 -30.12 20.45 8.59
CA SER E 40 -30.37 21.06 9.89
C SER E 40 -30.80 20.02 10.91
N ALA E 41 -30.59 20.33 12.18
CA ALA E 41 -30.98 19.42 13.25
C ALA E 41 -32.44 19.66 13.61
N GLU E 42 -33.30 18.75 13.15
CA GLU E 42 -34.73 18.87 13.40
C GLU E 42 -35.05 18.58 14.87
N SER E 43 -34.60 17.41 15.33
CA SER E 43 -34.81 17.00 16.71
C SER E 43 -33.46 16.86 17.43
N VAL E 44 -33.50 16.59 18.73
CA VAL E 44 -32.27 16.43 19.50
C VAL E 44 -31.34 15.38 18.87
N GLY E 45 -30.42 15.86 18.04
CA GLY E 45 -29.48 14.98 17.38
C GLY E 45 -29.97 14.48 16.03
N GLU E 46 -31.27 14.63 15.76
CA GLU E 46 -31.84 14.17 14.50
C GLU E 46 -31.74 15.25 13.44
N VAL E 47 -30.87 15.04 12.46
CA VAL E 47 -30.68 15.98 11.37
C VAL E 47 -31.36 15.48 10.11
N TYR E 48 -31.94 16.40 9.33
CA TYR E 48 -32.62 16.04 8.11
C TYR E 48 -31.91 16.64 6.90
N ILE E 49 -31.98 15.93 5.78
CA ILE E 49 -31.37 16.38 4.53
C ILE E 49 -32.45 16.66 3.51
N LYS E 50 -32.73 17.94 3.31
CA LYS E 50 -33.76 18.36 2.37
C LYS E 50 -33.23 19.45 1.44
N SER E 51 -33.11 19.13 0.16
CA SER E 51 -32.64 20.09 -0.83
C SER E 51 -33.80 20.97 -1.29
N THR E 52 -34.38 21.69 -0.32
CA THR E 52 -35.53 22.55 -0.58
C THR E 52 -35.26 23.56 -1.71
N GLU E 53 -34.39 24.52 -1.44
CA GLU E 53 -34.09 25.56 -2.42
C GLU E 53 -33.05 25.11 -3.44
N THR E 54 -33.33 24.01 -4.13
CA THR E 54 -32.40 23.49 -5.15
C THR E 54 -32.85 22.15 -5.73
N GLY E 55 -33.35 21.25 -4.90
CA GLY E 55 -33.77 19.95 -5.40
C GLY E 55 -35.02 19.40 -4.76
N GLN E 56 -34.86 18.35 -3.98
CA GLN E 56 -35.97 17.67 -3.34
C GLN E 56 -35.60 17.16 -1.94
N TYR E 57 -36.54 16.47 -1.31
CA TYR E 57 -36.34 15.91 0.02
C TYR E 57 -35.82 14.48 -0.12
N LEU E 58 -34.93 14.07 0.78
CA LEU E 58 -34.38 12.72 0.72
C LEU E 58 -35.32 11.70 1.34
N ALA E 59 -35.18 10.45 0.89
CA ALA E 59 -35.97 9.33 1.37
C ALA E 59 -35.26 8.02 1.05
N MET E 60 -34.35 7.64 1.94
CA MET E 60 -33.56 6.44 1.77
C MET E 60 -34.43 5.22 1.50
N ASP E 61 -33.94 4.33 0.64
CA ASP E 61 -34.64 3.10 0.30
C ASP E 61 -34.15 1.99 1.21
N THR E 62 -34.71 1.94 2.41
CA THR E 62 -34.34 0.94 3.39
C THR E 62 -32.85 1.08 3.74
N ASP E 63 -32.36 2.33 3.73
CA ASP E 63 -30.94 2.63 4.00
C ASP E 63 -30.06 2.11 2.86
N GLY E 64 -30.22 0.83 2.52
CA GLY E 64 -29.47 0.22 1.44
C GLY E 64 -29.15 1.19 0.31
N LEU E 65 -30.18 1.78 -0.27
CA LEU E 65 -30.02 2.73 -1.35
C LEU E 65 -30.52 4.11 -0.91
N LEU E 66 -29.72 5.13 -1.17
CA LEU E 66 -30.08 6.49 -0.78
C LEU E 66 -30.69 7.23 -1.96
N TYR E 67 -31.87 7.83 -1.74
CA TYR E 67 -32.56 8.57 -2.77
C TYR E 67 -33.47 9.62 -2.15
N GLY E 68 -34.11 10.43 -2.98
CA GLY E 68 -35.01 11.45 -2.50
C GLY E 68 -35.69 12.19 -3.62
N SER E 69 -36.95 12.58 -3.43
CA SER E 69 -37.70 13.30 -4.44
C SER E 69 -39.18 13.43 -4.04
N GLN E 70 -39.86 12.29 -3.91
CA GLN E 70 -41.28 12.29 -3.59
C GLN E 70 -41.58 12.89 -2.22
N THR E 71 -41.21 12.20 -1.15
CA THR E 71 -41.49 12.68 0.20
C THR E 71 -40.35 12.38 1.17
N PRO E 72 -40.13 13.28 2.16
CA PRO E 72 -39.10 13.09 3.18
C PRO E 72 -39.52 12.08 4.24
N ASN E 73 -39.56 10.82 3.85
CA ASN E 73 -39.97 9.74 4.75
C ASN E 73 -38.99 9.63 5.92
N GLU E 74 -39.46 9.05 7.04
CA GLU E 74 -38.62 8.88 8.24
C GLU E 74 -37.22 8.37 7.86
N GLU E 75 -37.14 7.57 6.80
CA GLU E 75 -35.85 7.07 6.30
C GLU E 75 -34.82 8.21 6.21
N CYS E 76 -35.31 9.45 6.04
CA CYS E 76 -34.43 10.60 5.90
C CYS E 76 -34.00 11.20 7.26
N LEU E 77 -34.38 10.58 8.38
CA LEU E 77 -33.97 11.08 9.68
C LEU E 77 -32.65 10.44 10.10
N PHE E 78 -31.63 11.26 10.31
CA PHE E 78 -30.31 10.77 10.69
C PHE E 78 -29.78 11.46 11.95
N LEU E 79 -29.04 10.71 12.75
CA LEU E 79 -28.45 11.24 13.98
C LEU E 79 -27.14 11.95 13.64
N GLU E 80 -27.03 13.21 14.05
CA GLU E 80 -25.84 14.00 13.78
C GLU E 80 -24.67 13.58 14.69
N ARG E 81 -23.61 13.06 14.07
CA ARG E 81 -22.42 12.64 14.80
C ARG E 81 -21.18 13.25 14.16
N LEU E 82 -20.15 13.48 14.96
CA LEU E 82 -18.92 14.07 14.47
C LEU E 82 -17.72 13.16 14.75
N GLU E 83 -16.81 13.07 13.80
CA GLU E 83 -15.61 12.24 13.97
C GLU E 83 -14.38 13.12 14.04
N GLU E 84 -13.43 12.75 14.89
CA GLU E 84 -12.19 13.50 15.04
C GLU E 84 -11.28 13.29 13.84
N ASN E 85 -11.83 13.54 12.65
CA ASN E 85 -11.10 13.38 11.40
C ASN E 85 -11.52 14.46 10.40
N HIS E 86 -12.09 15.57 10.93
CA HIS E 86 -12.56 16.67 10.10
C HIS E 86 -13.67 16.20 9.16
N TYR E 87 -14.59 15.41 9.69
CA TYR E 87 -15.71 14.89 8.90
C TYR E 87 -16.96 14.74 9.76
N ASN E 88 -18.11 14.80 9.11
CA ASN E 88 -19.40 14.66 9.78
C ASN E 88 -19.96 13.26 9.57
N THR E 89 -20.68 12.77 10.57
CA THR E 89 -21.28 11.45 10.50
C THR E 89 -22.78 11.54 10.77
N TYR E 90 -23.58 10.83 9.99
CA TYR E 90 -25.03 10.86 10.16
C TYR E 90 -25.56 9.42 10.22
N ILE E 91 -26.12 9.07 11.37
CA ILE E 91 -26.65 7.71 11.56
C ILE E 91 -28.13 7.64 11.23
N SER E 92 -28.47 6.85 10.22
CA SER E 92 -29.86 6.67 9.82
C SER E 92 -30.61 5.88 10.89
N LYS E 93 -31.01 6.58 11.96
CA LYS E 93 -31.72 5.96 13.07
C LYS E 93 -32.79 4.99 12.57
N LYS E 94 -33.42 5.33 11.45
CA LYS E 94 -34.44 4.48 10.85
C LYS E 94 -33.92 3.05 10.65
N HIS E 95 -32.60 2.91 10.46
CA HIS E 95 -31.99 1.60 10.27
C HIS E 95 -30.80 1.39 11.22
N ALA E 96 -30.65 2.28 12.19
CA ALA E 96 -29.56 2.18 13.17
C ALA E 96 -29.55 0.78 13.79
N GLU E 97 -30.73 0.19 13.90
CA GLU E 97 -30.88 -1.16 14.46
C GLU E 97 -29.92 -2.14 13.80
N LYS E 98 -29.64 -1.95 12.51
CA LYS E 98 -28.73 -2.83 11.78
C LYS E 98 -27.34 -2.23 11.65
N ASN E 99 -27.07 -1.19 12.44
CA ASN E 99 -25.77 -0.50 12.44
C ASN E 99 -25.49 0.12 11.08
N TRP E 100 -26.53 0.70 10.48
CA TRP E 100 -26.42 1.32 9.16
C TRP E 100 -26.52 2.84 9.25
N PHE E 101 -25.50 3.51 8.72
CA PHE E 101 -25.47 4.96 8.69
C PHE E 101 -25.04 5.49 7.31
N VAL E 102 -25.95 6.26 6.68
CA VAL E 102 -25.82 6.86 5.35
C VAL E 102 -24.38 6.89 4.82
N GLY E 103 -24.20 6.26 3.65
CA GLY E 103 -22.90 6.21 3.00
C GLY E 103 -23.05 6.36 1.49
N LEU E 104 -22.26 7.24 0.88
CA LEU E 104 -22.35 7.46 -0.57
C LEU E 104 -21.03 7.15 -1.27
N LYS E 105 -21.12 6.93 -2.58
CA LYS E 105 -19.95 6.63 -3.39
C LYS E 105 -19.54 7.87 -4.20
N LYS E 106 -18.48 8.52 -3.76
CA LYS E 106 -17.96 9.74 -4.42
C LYS E 106 -18.01 9.62 -5.94
N ASN E 107 -17.60 8.48 -6.46
CA ASN E 107 -17.58 8.25 -7.90
C ASN E 107 -18.65 7.23 -8.30
N GLY E 108 -19.81 7.28 -7.64
CA GLY E 108 -20.88 6.36 -7.96
C GLY E 108 -22.25 6.94 -7.68
N SER E 109 -22.44 7.43 -6.45
CA SER E 109 -23.70 8.03 -5.99
C SER E 109 -23.97 7.57 -4.56
N CYS E 110 -25.02 8.08 -3.95
CA CYS E 110 -25.37 7.72 -2.59
C CYS E 110 -26.21 6.44 -2.56
N LYS E 111 -25.57 5.32 -2.24
CA LYS E 111 -26.26 4.02 -2.16
C LYS E 111 -25.30 2.92 -1.76
N ARG E 112 -24.99 2.86 -0.47
CA ARG E 112 -24.06 1.86 0.07
C ARG E 112 -24.50 1.42 1.46
N GLY E 113 -25.81 1.45 1.67
CA GLY E 113 -26.41 1.08 2.95
C GLY E 113 -25.99 -0.29 3.50
N PRO E 114 -25.93 -1.37 2.67
CA PRO E 114 -25.53 -2.70 3.17
C PRO E 114 -24.05 -2.77 3.57
N ARG E 115 -23.31 -1.71 3.29
CA ARG E 115 -21.89 -1.65 3.63
C ARG E 115 -21.56 -0.37 4.40
N THR E 116 -22.45 0.03 5.32
CA THR E 116 -22.22 1.24 6.11
C THR E 116 -21.74 0.92 7.52
N HIS E 117 -20.42 0.90 7.72
CA HIS E 117 -19.83 0.62 9.02
C HIS E 117 -18.36 1.01 9.03
N TYR E 118 -17.53 0.27 9.76
CA TYR E 118 -16.11 0.56 9.84
C TYR E 118 -15.34 -0.13 8.71
N GLY E 119 -15.70 0.23 7.49
CA GLY E 119 -15.05 -0.31 6.30
C GLY E 119 -15.04 0.72 5.20
N GLN E 120 -16.21 1.27 4.91
CA GLN E 120 -16.35 2.31 3.92
C GLN E 120 -16.20 3.66 4.60
N LYS E 121 -15.12 4.36 4.28
CA LYS E 121 -14.80 5.64 4.91
C LYS E 121 -15.70 6.75 4.36
N ALA E 122 -16.32 6.50 3.21
CA ALA E 122 -17.23 7.47 2.59
C ALA E 122 -18.30 7.97 3.56
N ILE E 123 -18.50 7.26 4.66
CA ILE E 123 -19.48 7.66 5.67
C ILE E 123 -19.06 8.98 6.34
N LEU E 124 -17.76 9.27 6.33
CA LEU E 124 -17.25 10.49 6.94
C LEU E 124 -17.35 11.64 5.94
N PHE E 125 -18.48 12.31 5.95
CA PHE E 125 -18.75 13.41 5.03
C PHE E 125 -18.07 14.71 5.47
N LEU E 126 -17.67 15.51 4.50
CA LEU E 126 -17.03 16.79 4.75
C LEU E 126 -18.00 17.90 4.35
N PRO E 127 -18.58 18.60 5.34
CA PRO E 127 -19.53 19.67 5.11
C PRO E 127 -18.89 21.04 4.89
N LEU E 128 -19.46 21.82 3.98
CA LEU E 128 -18.98 23.16 3.68
C LEU E 128 -20.17 24.14 3.67
N PRO E 129 -21.02 24.09 4.71
CA PRO E 129 -22.19 24.96 4.82
C PRO E 129 -21.88 26.35 5.34
N VAL E 130 -22.70 27.32 4.96
CA VAL E 130 -22.53 28.70 5.39
C VAL E 130 -23.09 28.88 6.80
N SER E 131 -22.25 28.62 7.79
CA SER E 131 -22.64 28.74 9.18
C SER E 131 -22.87 30.20 9.58
N SER E 132 -23.29 30.42 10.82
CA SER E 132 -23.52 31.77 11.33
C SER E 132 -22.47 32.13 12.35
N ASP E 133 -21.23 32.24 11.88
CA ASP E 133 -20.10 32.58 12.74
C ASP E 133 -19.83 34.08 12.71
N GLU F 1 -14.99 -2.03 -5.03
CA GLU F 1 -15.57 -2.13 -6.40
C GLU F 1 -14.49 -1.90 -7.45
N LYS F 2 -14.22 -2.93 -8.25
CA LYS F 2 -13.21 -2.85 -9.30
C LYS F 2 -13.63 -3.61 -10.56
N LEU F 3 -13.29 -3.04 -11.72
CA LEU F 3 -13.62 -3.65 -12.99
C LEU F 3 -12.40 -3.63 -13.92
N GLY F 4 -11.32 -3.00 -13.45
CA GLY F 4 -10.11 -2.91 -14.23
C GLY F 4 -9.86 -1.48 -14.71
N LYS F 5 -9.41 -1.34 -15.96
CA LYS F 5 -9.13 -0.03 -16.53
C LYS F 5 -9.51 0.02 -18.01
N LEU F 6 -9.86 1.20 -18.49
CA LEU F 6 -10.24 1.40 -19.88
C LEU F 6 -9.56 2.64 -20.43
N GLN F 7 -8.81 2.47 -21.52
CA GLN F 7 -8.11 3.59 -22.13
C GLN F 7 -9.00 4.22 -23.20
N TYR F 8 -9.06 5.54 -23.25
CA TYR F 8 -9.90 6.21 -24.24
C TYR F 8 -9.40 7.61 -24.61
N SER F 9 -9.81 8.04 -25.80
CA SER F 9 -9.46 9.34 -26.33
C SER F 9 -10.72 9.98 -26.91
N LEU F 10 -11.29 10.93 -26.18
CA LEU F 10 -12.53 11.56 -26.62
C LEU F 10 -12.27 12.95 -27.23
N ASP F 11 -12.81 13.16 -28.43
CA ASP F 11 -12.66 14.44 -29.12
C ASP F 11 -14.06 15.02 -29.40
N TYR F 12 -14.12 16.30 -29.75
CA TYR F 12 -15.42 16.95 -30.00
C TYR F 12 -15.58 17.44 -31.43
N ASP F 13 -16.80 17.38 -31.93
CA ASP F 13 -17.13 17.86 -33.27
C ASP F 13 -18.09 19.03 -33.17
N PHE F 14 -17.70 20.17 -33.76
CA PHE F 14 -18.52 21.38 -33.71
C PHE F 14 -19.27 21.62 -35.02
N GLN F 15 -19.28 20.63 -35.92
CA GLN F 15 -19.96 20.75 -37.20
C GLN F 15 -21.32 20.04 -37.12
N ASN F 16 -21.31 18.83 -36.58
CA ASN F 16 -22.53 18.04 -36.43
C ASN F 16 -23.04 18.12 -34.98
N ASN F 17 -22.16 18.56 -34.08
CA ASN F 17 -22.49 18.71 -32.66
C ASN F 17 -22.56 17.36 -31.96
N GLN F 18 -21.43 16.68 -31.90
CA GLN F 18 -21.32 15.38 -31.25
C GLN F 18 -19.92 15.16 -30.72
N LEU F 19 -19.83 14.50 -29.57
CA LEU F 19 -18.53 14.20 -28.98
C LEU F 19 -18.12 12.80 -29.40
N LEU F 20 -16.88 12.66 -29.84
CA LEU F 20 -16.37 11.38 -30.30
C LEU F 20 -15.71 10.62 -29.16
N VAL F 21 -16.43 9.66 -28.61
CA VAL F 21 -15.91 8.84 -27.53
C VAL F 21 -15.10 7.69 -28.11
N GLY F 22 -13.85 7.96 -28.41
CA GLY F 22 -12.97 6.96 -28.97
C GLY F 22 -12.17 6.23 -27.92
N ILE F 23 -12.71 5.12 -27.42
CA ILE F 23 -12.02 4.33 -26.42
C ILE F 23 -11.03 3.38 -27.09
N ILE F 24 -9.95 3.05 -26.41
CA ILE F 24 -8.94 2.17 -26.96
C ILE F 24 -9.25 0.72 -26.64
N GLN F 25 -9.38 0.41 -25.34
CA GLN F 25 -9.69 -0.94 -24.90
C GLN F 25 -9.89 -0.99 -23.39
N ALA F 26 -10.29 -2.16 -22.90
CA ALA F 26 -10.52 -2.36 -21.47
C ALA F 26 -9.59 -3.46 -20.97
N ALA F 27 -9.04 -3.28 -19.78
CA ALA F 27 -8.12 -4.26 -19.21
C ALA F 27 -8.57 -4.73 -17.83
N GLU F 28 -8.34 -6.01 -17.56
CA GLU F 28 -8.67 -6.64 -16.26
C GLU F 28 -10.17 -6.67 -15.97
N LEU F 29 -10.96 -7.17 -16.92
CA LEU F 29 -12.41 -7.27 -16.73
C LEU F 29 -12.76 -8.56 -15.97
N PRO F 30 -13.69 -8.48 -14.99
CA PRO F 30 -14.12 -9.64 -14.20
C PRO F 30 -14.82 -10.70 -15.03
N ALA F 31 -14.89 -11.91 -14.50
CA ALA F 31 -15.52 -13.03 -15.19
C ALA F 31 -17.00 -13.15 -14.83
N LEU F 32 -17.74 -13.85 -15.68
CA LEU F 32 -19.17 -14.06 -15.49
C LEU F 32 -19.55 -15.48 -15.91
N ASP F 33 -19.02 -15.91 -17.05
CA ASP F 33 -19.29 -17.24 -17.59
C ASP F 33 -18.41 -18.27 -16.89
N MET F 34 -18.91 -19.50 -16.76
CA MET F 34 -18.18 -20.59 -16.12
C MET F 34 -16.83 -20.83 -16.81
N GLY F 35 -15.76 -20.75 -16.04
CA GLY F 35 -14.43 -20.95 -16.59
C GLY F 35 -13.47 -19.85 -16.17
N GLY F 36 -13.67 -18.66 -16.72
CA GLY F 36 -12.81 -17.54 -16.37
C GLY F 36 -12.88 -16.39 -17.35
N THR F 37 -13.96 -16.33 -18.15
CA THR F 37 -14.12 -15.27 -19.13
C THR F 37 -15.59 -14.87 -19.28
N SER F 38 -15.81 -13.69 -19.87
CA SER F 38 -17.17 -13.19 -20.11
C SER F 38 -17.29 -12.62 -21.52
N ASP F 39 -18.49 -12.19 -21.87
CA ASP F 39 -18.77 -11.59 -23.16
C ASP F 39 -19.14 -10.11 -22.95
N PRO F 40 -18.18 -9.32 -22.43
CA PRO F 40 -18.43 -7.91 -22.12
C PRO F 40 -18.53 -6.99 -23.33
N TYR F 41 -19.63 -6.26 -23.38
CA TYR F 41 -19.88 -5.27 -24.42
C TYR F 41 -20.31 -3.98 -23.75
N VAL F 42 -19.70 -2.87 -24.14
CA VAL F 42 -20.02 -1.58 -23.54
C VAL F 42 -21.32 -1.00 -24.11
N LYS F 43 -22.27 -0.74 -23.23
CA LYS F 43 -23.55 -0.16 -23.63
C LYS F 43 -23.57 1.31 -23.22
N VAL F 44 -23.34 2.18 -24.17
CA VAL F 44 -23.30 3.62 -23.91
C VAL F 44 -24.69 4.13 -23.55
N PHE F 45 -24.81 4.67 -22.34
CA PHE F 45 -26.08 5.21 -21.86
C PHE F 45 -25.90 6.66 -21.42
N LEU F 46 -27.01 7.34 -21.17
CA LEU F 46 -26.98 8.74 -20.76
C LEU F 46 -27.98 8.99 -19.63
N LEU F 47 -27.73 10.05 -18.87
CA LEU F 47 -28.62 10.45 -17.79
C LEU F 47 -30.02 10.78 -18.36
N PRO F 48 -30.95 11.31 -17.53
CA PRO F 48 -32.30 11.69 -17.96
C PRO F 48 -32.40 12.01 -19.45
N ASP F 49 -31.43 12.77 -19.96
CA ASP F 49 -31.38 13.13 -21.38
C ASP F 49 -31.82 11.94 -22.24
N LYS F 50 -31.20 10.79 -21.97
CA LYS F 50 -31.48 9.53 -22.67
C LYS F 50 -31.61 9.68 -24.18
N LYS F 51 -30.94 10.66 -24.78
CA LYS F 51 -31.01 10.86 -26.23
C LYS F 51 -29.83 10.17 -26.92
N LYS F 52 -29.69 8.87 -26.70
CA LYS F 52 -28.62 8.08 -27.29
C LYS F 52 -28.57 6.70 -26.66
N LYS F 53 -28.39 5.69 -27.50
CA LYS F 53 -28.32 4.31 -27.04
C LYS F 53 -27.63 3.45 -28.10
N PHE F 54 -26.41 3.01 -27.80
CA PHE F 54 -25.65 2.19 -28.74
C PHE F 54 -25.14 0.93 -28.07
N GLU F 55 -25.21 -0.18 -28.81
CA GLU F 55 -24.76 -1.48 -28.32
C GLU F 55 -23.52 -1.90 -29.09
N THR F 56 -22.42 -2.14 -28.38
CA THR F 56 -21.18 -2.55 -29.01
C THR F 56 -21.25 -4.02 -29.45
N LYS F 57 -20.25 -4.46 -30.20
CA LYS F 57 -20.22 -5.83 -30.69
C LYS F 57 -19.82 -6.78 -29.56
N VAL F 58 -20.67 -7.77 -29.29
CA VAL F 58 -20.38 -8.74 -28.25
C VAL F 58 -18.96 -9.30 -28.43
N HIS F 59 -18.23 -9.36 -27.33
CA HIS F 59 -16.87 -9.87 -27.34
C HIS F 59 -16.84 -11.20 -26.59
N ARG F 60 -17.08 -12.27 -27.34
CA ARG F 60 -17.14 -13.62 -26.77
C ARG F 60 -15.89 -14.00 -25.97
N LYS F 61 -16.14 -14.41 -24.71
CA LYS F 61 -15.11 -14.86 -23.79
C LYS F 61 -13.81 -14.05 -23.90
N THR F 62 -13.81 -12.85 -23.36
CA THR F 62 -12.64 -11.99 -23.39
C THR F 62 -12.69 -10.93 -22.29
N LEU F 63 -11.61 -10.84 -21.51
CA LEU F 63 -11.52 -9.89 -20.40
C LEU F 63 -10.57 -8.75 -20.73
N ASN F 64 -10.07 -8.74 -21.96
CA ASN F 64 -9.15 -7.70 -22.42
C ASN F 64 -9.28 -7.56 -23.94
N PRO F 65 -10.50 -7.30 -24.43
CA PRO F 65 -10.76 -7.17 -25.86
C PRO F 65 -10.52 -5.76 -26.40
N VAL F 66 -10.14 -5.69 -27.67
CA VAL F 66 -9.89 -4.44 -28.35
C VAL F 66 -10.85 -4.30 -29.52
N PHE F 67 -11.26 -3.08 -29.82
CA PHE F 67 -12.19 -2.85 -30.92
C PHE F 67 -12.23 -1.38 -31.31
N ASN F 68 -12.40 -0.52 -30.31
CA ASN F 68 -12.45 0.92 -30.54
C ASN F 68 -13.73 1.29 -31.27
N GLU F 69 -14.85 1.20 -30.57
CA GLU F 69 -16.15 1.55 -31.15
C GLU F 69 -16.33 3.06 -31.15
N GLN F 70 -17.11 3.55 -32.12
CA GLN F 70 -17.34 4.98 -32.25
C GLN F 70 -18.71 5.37 -31.68
N PHE F 71 -18.69 6.01 -30.51
CA PHE F 71 -19.92 6.44 -29.86
C PHE F 71 -20.16 7.93 -30.13
N THR F 72 -21.30 8.22 -30.75
CA THR F 72 -21.66 9.59 -31.07
C THR F 72 -22.54 10.20 -29.96
N PHE F 73 -21.93 11.09 -29.18
CA PHE F 73 -22.64 11.76 -28.09
C PHE F 73 -23.60 12.79 -28.68
N LYS F 74 -24.77 12.32 -29.08
CA LYS F 74 -25.80 13.18 -29.65
C LYS F 74 -26.28 14.24 -28.65
N VAL F 75 -25.65 15.41 -28.68
CA VAL F 75 -26.00 16.53 -27.81
C VAL F 75 -25.09 17.70 -28.11
N PRO F 76 -25.67 18.90 -28.33
CA PRO F 76 -24.89 20.10 -28.63
C PRO F 76 -23.84 20.38 -27.56
N TYR F 77 -22.62 20.73 -28.00
CA TYR F 77 -21.53 21.03 -27.06
C TYR F 77 -22.02 21.98 -25.96
N SER F 78 -22.81 22.96 -26.35
CA SER F 78 -23.36 23.94 -25.43
C SER F 78 -24.28 23.30 -24.38
N GLU F 79 -24.83 22.14 -24.72
CA GLU F 79 -25.74 21.41 -23.85
C GLU F 79 -24.97 20.40 -22.98
N LEU F 80 -23.85 19.90 -23.50
CA LEU F 80 -23.02 18.92 -22.80
C LEU F 80 -22.84 19.28 -21.31
N GLY F 81 -22.75 20.57 -21.03
CA GLY F 81 -22.57 21.02 -19.65
C GLY F 81 -23.54 20.38 -18.68
N GLY F 82 -24.76 20.09 -19.14
CA GLY F 82 -25.75 19.49 -18.27
C GLY F 82 -26.02 18.04 -18.60
N LYS F 83 -25.02 17.33 -19.14
CA LYS F 83 -25.19 15.93 -19.50
C LYS F 83 -24.00 15.07 -19.05
N THR F 84 -24.27 14.19 -18.10
CA THR F 84 -23.25 13.28 -17.59
C THR F 84 -23.33 11.94 -18.34
N LEU F 85 -22.33 11.66 -19.17
CA LEU F 85 -22.32 10.41 -19.93
C LEU F 85 -21.91 9.24 -19.03
N VAL F 86 -22.49 8.08 -19.27
CA VAL F 86 -22.19 6.91 -18.49
C VAL F 86 -21.91 5.70 -19.38
N MET F 87 -20.73 5.10 -19.21
CA MET F 87 -20.34 3.95 -20.00
C MET F 87 -20.37 2.70 -19.15
N ALA F 88 -21.35 1.84 -19.41
CA ALA F 88 -21.50 0.61 -18.66
C ALA F 88 -21.15 -0.60 -19.53
N VAL F 89 -20.31 -1.48 -19.01
CA VAL F 89 -19.92 -2.67 -19.76
C VAL F 89 -20.84 -3.83 -19.38
N TYR F 90 -21.61 -4.28 -20.35
CA TYR F 90 -22.56 -5.35 -20.14
C TYR F 90 -22.02 -6.68 -20.67
N ASP F 91 -22.30 -7.75 -19.96
CA ASP F 91 -21.85 -9.08 -20.37
C ASP F 91 -22.87 -9.72 -21.30
N PHE F 92 -22.44 -10.76 -22.02
CA PHE F 92 -23.31 -11.46 -22.95
C PHE F 92 -23.06 -12.96 -22.88
N ASP F 93 -22.92 -13.49 -21.68
CA ASP F 93 -22.69 -14.93 -21.47
C ASP F 93 -23.59 -15.77 -22.37
N ARG F 94 -24.83 -15.31 -22.57
CA ARG F 94 -25.82 -15.97 -23.43
C ARG F 94 -26.52 -17.14 -22.73
N PHE F 95 -26.50 -17.16 -21.41
CA PHE F 95 -27.15 -18.23 -20.66
C PHE F 95 -27.91 -17.69 -19.45
N SER F 96 -27.20 -17.03 -18.56
CA SER F 96 -27.78 -16.47 -17.35
C SER F 96 -28.20 -15.02 -17.57
N LYS F 97 -28.65 -14.35 -16.51
CA LYS F 97 -29.06 -12.96 -16.62
C LYS F 97 -27.82 -12.09 -16.79
N HIS F 98 -27.58 -11.64 -18.02
CA HIS F 98 -26.42 -10.80 -18.31
C HIS F 98 -26.27 -9.73 -17.23
N ASP F 99 -25.12 -9.74 -16.55
CA ASP F 99 -24.86 -8.79 -15.47
C ASP F 99 -23.95 -7.65 -15.92
N ILE F 100 -24.02 -6.53 -15.21
CA ILE F 100 -23.21 -5.36 -15.52
C ILE F 100 -21.89 -5.48 -14.77
N ILE F 101 -20.87 -6.07 -15.41
CA ILE F 101 -19.57 -6.25 -14.77
C ILE F 101 -19.01 -4.95 -14.22
N GLY F 102 -19.39 -3.82 -14.82
CA GLY F 102 -18.92 -2.55 -14.32
C GLY F 102 -19.25 -1.38 -15.22
N GLU F 103 -18.85 -0.18 -14.80
CA GLU F 103 -19.11 1.03 -15.57
C GLU F 103 -18.24 2.19 -15.08
N PHE F 104 -18.33 3.32 -15.78
CA PHE F 104 -17.59 4.52 -15.42
C PHE F 104 -18.29 5.75 -15.99
N LYS F 105 -18.10 6.91 -15.36
CA LYS F 105 -18.72 8.14 -15.81
C LYS F 105 -17.91 9.35 -15.36
N VAL F 106 -18.15 10.50 -15.98
CA VAL F 106 -17.45 11.72 -15.63
C VAL F 106 -18.29 12.95 -15.97
N PRO F 107 -18.32 13.94 -15.06
CA PRO F 107 -19.08 15.17 -15.25
C PRO F 107 -18.53 15.99 -16.42
N MET F 108 -19.20 15.90 -17.57
CA MET F 108 -18.76 16.60 -18.78
C MET F 108 -18.48 18.07 -18.51
N ASN F 109 -19.30 18.72 -17.69
CA ASN F 109 -19.10 20.14 -17.38
C ASN F 109 -17.67 20.39 -16.88
N THR F 110 -17.11 19.43 -16.16
CA THR F 110 -15.75 19.56 -15.64
C THR F 110 -14.72 19.12 -16.70
N VAL F 111 -15.21 18.58 -17.82
CA VAL F 111 -14.35 18.13 -18.90
C VAL F 111 -14.15 19.24 -19.92
N ASP F 112 -13.18 20.11 -19.65
CA ASP F 112 -12.88 21.22 -20.52
C ASP F 112 -12.42 20.71 -21.89
N PHE F 113 -13.33 20.67 -22.84
CA PHE F 113 -13.04 20.20 -24.19
C PHE F 113 -12.14 21.19 -24.93
N GLY F 114 -10.90 21.32 -24.45
CA GLY F 114 -9.95 22.22 -25.07
C GLY F 114 -9.43 21.66 -26.39
N HIS F 115 -9.16 20.37 -26.41
CA HIS F 115 -8.67 19.70 -27.62
C HIS F 115 -9.12 18.24 -27.62
N VAL F 116 -8.42 17.41 -26.84
CA VAL F 116 -8.73 15.99 -26.75
C VAL F 116 -8.51 15.50 -25.32
N THR F 117 -9.51 14.81 -24.78
CA THR F 117 -9.45 14.29 -23.44
C THR F 117 -8.99 12.83 -23.44
N GLU F 118 -7.69 12.62 -23.32
CA GLU F 118 -7.12 11.28 -23.30
C GLU F 118 -6.62 10.96 -21.88
N GLU F 119 -6.96 9.78 -21.39
CA GLU F 119 -6.56 9.37 -20.06
C GLU F 119 -6.84 7.88 -19.81
N TRP F 120 -6.21 7.34 -18.77
CA TRP F 120 -6.41 5.94 -18.41
C TRP F 120 -7.50 5.84 -17.35
N ARG F 121 -8.74 5.77 -17.83
CA ARG F 121 -9.90 5.69 -16.95
C ARG F 121 -9.91 4.42 -16.11
N ASP F 122 -10.22 4.58 -14.84
CA ASP F 122 -10.32 3.47 -13.90
C ASP F 122 -11.72 2.89 -13.98
N LEU F 123 -11.81 1.56 -13.93
CA LEU F 123 -13.10 0.88 -14.02
C LEU F 123 -13.56 0.37 -12.65
N GLN F 124 -14.85 0.53 -12.35
CA GLN F 124 -15.40 0.08 -11.08
C GLN F 124 -16.62 -0.81 -11.31
N SER F 125 -16.75 -1.85 -10.50
CA SER F 125 -17.87 -2.78 -10.63
C SER F 125 -19.14 -2.23 -9.98
N ALA F 126 -19.83 -1.37 -10.73
CA ALA F 126 -21.08 -0.78 -10.25
C ALA F 126 -22.20 -1.81 -10.32
N GLU F 127 -22.59 -2.32 -9.15
CA GLU F 127 -23.66 -3.30 -9.03
C GLU F 127 -25.00 -2.67 -9.39
N LYS F 128 -25.09 -2.17 -10.62
CA LYS F 128 -26.30 -1.51 -11.07
C LYS F 128 -26.85 -2.23 -12.31
N GLU A 1 15.62 -4.16 6.37
CA GLU A 1 15.92 -3.98 7.81
C GLU A 1 14.93 -3.03 8.45
N LYS A 2 14.36 -3.43 9.59
CA LYS A 2 13.39 -2.60 10.29
C LYS A 2 13.61 -2.66 11.80
N LEU A 3 13.56 -1.49 12.43
CA LEU A 3 13.73 -1.39 13.89
C LEU A 3 12.55 -0.62 14.51
N GLY A 4 11.58 -0.26 13.69
CA GLY A 4 10.42 0.48 14.17
C GLY A 4 10.54 1.97 13.90
N LYS A 5 10.23 2.79 14.90
CA LYS A 5 10.32 4.23 14.75
C LYS A 5 10.74 4.90 16.05
N LEU A 6 11.38 6.06 15.93
CA LEU A 6 11.85 6.79 17.09
C LEU A 6 11.55 8.28 16.91
N GLN A 7 10.83 8.85 17.86
CA GLN A 7 10.48 10.26 17.80
C GLN A 7 11.54 11.07 18.52
N TYR A 8 11.96 12.20 17.94
CA TYR A 8 12.99 13.02 18.56
C TYR A 8 12.89 14.50 18.18
N SER A 9 13.43 15.34 19.04
CA SER A 9 13.48 16.78 18.84
C SER A 9 14.88 17.28 19.18
N LEU A 10 15.67 17.56 18.16
CA LEU A 10 17.04 18.00 18.35
C LEU A 10 17.19 19.51 18.21
N ASP A 11 17.81 20.15 19.20
CA ASP A 11 18.05 21.58 19.18
C ASP A 11 19.55 21.85 19.29
N TYR A 12 19.96 23.08 18.99
CA TYR A 12 21.39 23.41 19.01
C TYR A 12 21.73 24.48 20.04
N ASP A 13 22.92 24.36 20.64
CA ASP A 13 23.41 25.33 21.62
C ASP A 13 24.65 26.02 21.06
N PHE A 14 24.60 27.35 21.00
CA PHE A 14 25.71 28.14 20.47
C PHE A 14 26.55 28.80 21.57
N GLN A 15 26.32 28.40 22.82
CA GLN A 15 27.05 28.94 23.96
C GLN A 15 28.16 27.97 24.35
N ASN A 16 27.81 26.70 24.47
CA ASN A 16 28.77 25.65 24.83
C ASN A 16 29.22 24.89 23.59
N ASN A 17 28.47 25.04 22.50
CA ASN A 17 28.77 24.40 21.22
C ASN A 17 28.46 22.90 21.26
N GLN A 18 27.17 22.59 21.43
CA GLN A 18 26.71 21.22 21.47
C GLN A 18 25.27 21.13 20.96
N LEU A 19 24.97 20.05 20.26
CA LEU A 19 23.62 19.83 19.76
C LEU A 19 22.85 18.97 20.76
N LEU A 20 21.63 19.38 21.08
CA LEU A 20 20.82 18.67 22.04
C LEU A 20 19.94 17.63 21.34
N VAL A 21 20.36 16.39 21.40
CA VAL A 21 19.60 15.31 20.79
C VAL A 21 18.53 14.83 21.77
N GLY A 22 17.39 15.52 21.76
CA GLY A 22 16.31 15.18 22.66
C GLY A 22 15.30 14.26 22.01
N ILE A 23 15.51 12.96 22.15
CA ILE A 23 14.59 11.97 21.58
C ILE A 23 13.41 11.76 22.52
N ILE A 24 12.26 11.43 21.96
CA ILE A 24 11.05 11.21 22.77
C ILE A 24 10.96 9.76 23.22
N GLN A 25 10.97 8.85 22.25
CA GLN A 25 10.86 7.42 22.54
C GLN A 25 11.00 6.59 21.26
N ALA A 26 11.06 5.28 21.42
CA ALA A 26 11.16 4.36 20.31
C ALA A 26 9.96 3.43 20.30
N ALA A 27 9.43 3.14 19.11
CA ALA A 27 8.26 2.27 19.00
C ALA A 27 8.52 1.10 18.06
N GLU A 28 7.95 -0.06 18.40
CA GLU A 28 8.07 -1.28 17.59
C GLU A 28 9.52 -1.74 17.45
N LEU A 29 10.09 -2.24 18.54
CA LEU A 29 11.47 -2.71 18.54
C LEU A 29 11.52 -4.25 18.51
N PRO A 30 12.51 -4.84 17.80
CA PRO A 30 12.67 -6.29 17.71
C PRO A 30 12.95 -6.93 19.08
N ALA A 31 12.61 -8.21 19.22
CA ALA A 31 12.80 -8.91 20.49
C ALA A 31 14.11 -9.71 20.52
N LEU A 32 14.57 -10.01 21.74
CA LEU A 32 15.81 -10.78 21.94
C LEU A 32 15.64 -11.81 23.04
N ASP A 33 15.09 -11.36 24.18
CA ASP A 33 14.84 -12.22 25.33
C ASP A 33 13.73 -13.22 25.01
N MET A 34 13.66 -14.31 25.77
CA MET A 34 12.62 -15.31 25.53
C MET A 34 11.29 -14.88 26.16
N GLY A 35 10.48 -14.16 25.38
CA GLY A 35 9.21 -13.68 25.87
C GLY A 35 8.56 -12.69 24.91
N GLY A 36 9.28 -12.31 23.86
CA GLY A 36 8.76 -11.37 22.89
C GLY A 36 9.07 -9.93 23.24
N THR A 37 10.13 -9.75 24.03
CA THR A 37 10.57 -8.42 24.46
C THR A 37 12.09 -8.36 24.53
N SER A 38 12.65 -7.18 24.84
CA SER A 38 14.08 -6.98 24.99
C SER A 38 14.37 -5.82 25.93
N ASP A 39 15.65 -5.59 26.20
CA ASP A 39 16.08 -4.49 27.06
C ASP A 39 16.85 -3.49 26.21
N PRO A 40 16.16 -2.85 25.24
CA PRO A 40 16.79 -1.92 24.30
C PRO A 40 17.16 -0.57 24.91
N TYR A 41 18.44 -0.21 24.75
CA TYR A 41 18.95 1.07 25.20
C TYR A 41 19.72 1.70 24.05
N VAL A 42 19.46 2.96 23.75
CA VAL A 42 20.13 3.63 22.65
C VAL A 42 21.54 4.08 23.04
N LYS A 43 22.52 3.62 22.29
CA LYS A 43 23.91 3.99 22.53
C LYS A 43 24.34 4.97 21.45
N VAL A 44 24.37 6.24 21.81
CA VAL A 44 24.74 7.30 20.88
C VAL A 44 26.23 7.21 20.51
N PHE A 45 26.49 7.00 19.23
CA PHE A 45 27.84 6.89 18.73
C PHE A 45 28.08 7.91 17.61
N LEU A 46 29.34 8.06 17.22
CA LEU A 46 29.70 9.01 16.17
C LEU A 46 30.72 8.39 15.22
N LEU A 47 30.80 8.95 14.01
CA LEU A 47 31.75 8.50 13.01
C LEU A 47 33.19 8.72 13.53
N PRO A 48 34.22 8.51 12.70
CA PRO A 48 35.63 8.71 13.07
C PRO A 48 35.82 9.71 14.20
N ASP A 49 35.12 10.83 14.13
CA ASP A 49 35.17 11.86 15.18
C ASP A 49 35.26 11.21 16.56
N LYS A 50 34.33 10.28 16.81
CA LYS A 50 34.26 9.53 18.06
C LYS A 50 34.44 10.40 19.31
N LYS A 51 34.06 11.67 19.25
CA LYS A 51 34.20 12.55 20.41
C LYS A 51 32.88 12.64 21.17
N LYS A 52 32.38 11.48 21.59
CA LYS A 52 31.12 11.40 22.34
C LYS A 52 30.69 9.95 22.48
N LYS A 53 30.23 9.59 23.66
CA LYS A 53 29.78 8.23 23.94
C LYS A 53 28.87 8.23 25.17
N PHE A 54 27.58 8.02 24.96
CA PHE A 54 26.62 8.02 26.06
C PHE A 54 25.77 6.75 26.04
N GLU A 55 25.53 6.19 27.22
CA GLU A 55 24.72 5.00 27.37
C GLU A 55 23.41 5.34 28.07
N THR A 56 22.30 5.04 27.43
CA THR A 56 20.99 5.33 28.00
C THR A 56 20.65 4.34 29.11
N LYS A 57 19.56 4.60 29.83
CA LYS A 57 19.14 3.72 30.91
C LYS A 57 18.50 2.46 30.35
N VAL A 58 19.02 1.30 30.73
CA VAL A 58 18.47 0.05 30.26
C VAL A 58 16.95 0.03 30.49
N HIS A 59 16.22 -0.41 29.47
CA HIS A 59 14.77 -0.49 29.55
C HIS A 59 14.37 -1.96 29.54
N ARG A 60 14.29 -2.52 30.74
CA ARG A 60 13.96 -3.94 30.93
C ARG A 60 12.66 -4.35 30.24
N LYS A 61 12.77 -5.38 29.41
CA LYS A 61 11.64 -5.98 28.69
C LYS A 61 10.64 -4.93 28.22
N THR A 62 10.99 -4.21 27.14
CA THR A 62 10.10 -3.20 26.59
C THR A 62 10.45 -2.90 25.14
N LEU A 63 9.44 -2.96 24.26
CA LEU A 63 9.64 -2.70 22.84
C LEU A 63 9.08 -1.34 22.43
N ASN A 64 8.56 -0.62 23.41
CA ASN A 64 7.97 0.70 23.17
C ASN A 64 8.14 1.56 24.43
N PRO A 65 9.39 1.71 24.91
CA PRO A 65 9.68 2.48 26.11
C PRO A 65 9.85 3.98 25.85
N VAL A 66 9.52 4.77 26.87
CA VAL A 66 9.64 6.21 26.80
C VAL A 66 10.61 6.68 27.88
N PHE A 67 11.35 7.74 27.61
CA PHE A 67 12.31 8.24 28.58
C PHE A 67 12.78 9.64 28.22
N ASN A 68 13.18 9.81 26.96
CA ASN A 68 13.65 11.10 26.46
C ASN A 68 15.00 11.46 27.09
N GLU A 69 16.04 10.74 26.68
CA GLU A 69 17.38 11.00 27.21
C GLU A 69 18.00 12.21 26.50
N GLN A 70 18.87 12.90 27.21
CA GLN A 70 19.53 14.09 26.67
C GLN A 70 20.93 13.77 26.18
N PHE A 71 21.10 13.72 24.85
CA PHE A 71 22.40 13.43 24.26
C PHE A 71 23.06 14.73 23.81
N THR A 72 24.24 15.01 24.36
CA THR A 72 24.99 16.20 24.03
C THR A 72 25.99 15.92 22.91
N PHE A 73 25.67 16.42 21.71
CA PHE A 73 26.54 16.24 20.55
C PHE A 73 27.75 17.14 20.69
N LYS A 74 28.75 16.67 21.43
CA LYS A 74 29.99 17.41 21.65
C LYS A 74 30.74 17.65 20.34
N VAL A 75 30.47 18.79 19.72
CA VAL A 75 31.13 19.19 18.48
C VAL A 75 30.59 20.55 18.03
N PRO A 76 31.49 21.49 17.71
CA PRO A 76 31.10 22.82 17.27
C PRO A 76 30.18 22.78 16.07
N TYR A 77 29.11 23.59 16.10
CA TYR A 77 28.16 23.64 14.99
C TYR A 77 28.89 23.74 13.65
N SER A 78 29.94 24.56 13.63
CA SER A 78 30.75 24.76 12.43
C SER A 78 31.43 23.47 11.98
N GLU A 79 31.63 22.54 12.91
CA GLU A 79 32.28 21.27 12.64
C GLU A 79 31.26 20.20 12.27
N LEU A 80 30.04 20.32 12.81
CA LEU A 80 28.95 19.37 12.56
C LEU A 80 28.88 18.96 11.08
N GLY A 81 29.17 19.90 10.18
CA GLY A 81 29.11 19.62 8.76
C GLY A 81 29.85 18.35 8.37
N GLY A 82 30.94 18.04 9.08
CA GLY A 82 31.72 16.86 8.77
C GLY A 82 31.56 15.76 9.80
N LYS A 83 30.40 15.70 10.46
CA LYS A 83 30.16 14.69 11.48
C LYS A 83 28.78 14.05 11.33
N THR A 84 28.76 12.76 10.99
CA THR A 84 27.52 12.02 10.85
C THR A 84 27.21 11.27 12.14
N LEU A 85 26.18 11.71 12.85
CA LEU A 85 25.81 11.07 14.11
C LEU A 85 25.08 9.76 13.84
N VAL A 86 25.31 8.78 14.71
CA VAL A 86 24.67 7.48 14.56
C VAL A 86 24.05 7.02 15.87
N MET A 87 22.76 6.73 15.85
CA MET A 87 22.05 6.28 17.03
C MET A 87 21.72 4.80 16.91
N ALA A 88 22.41 3.98 17.69
CA ALA A 88 22.18 2.54 17.67
C ALA A 88 21.50 2.08 18.95
N VAL A 89 20.44 1.31 18.81
CA VAL A 89 19.72 0.80 19.98
C VAL A 89 20.27 -0.57 20.35
N TYR A 90 20.88 -0.65 21.52
CA TYR A 90 21.48 -1.88 22.00
C TYR A 90 20.57 -2.57 23.02
N ASP A 91 20.54 -3.90 22.97
CA ASP A 91 19.72 -4.67 23.90
C ASP A 91 20.51 -4.98 25.16
N PHE A 92 19.82 -5.35 26.22
CA PHE A 92 20.45 -5.68 27.49
C PHE A 92 19.77 -6.89 28.13
N ASP A 93 19.49 -7.91 27.32
CA ASP A 93 18.85 -9.14 27.80
C ASP A 93 19.46 -9.61 29.13
N ARG A 94 20.78 -9.44 29.25
CA ARG A 94 21.54 -9.79 30.45
C ARG A 94 21.88 -11.28 30.52
N PHE A 95 21.85 -11.97 29.39
CA PHE A 95 22.15 -13.40 29.36
C PHE A 95 23.03 -13.75 28.17
N SER A 96 22.53 -13.48 26.97
CA SER A 96 23.25 -13.78 25.74
C SER A 96 24.07 -12.57 25.29
N LYS A 97 24.69 -12.67 24.12
CA LYS A 97 25.48 -11.58 23.58
C LYS A 97 24.55 -10.46 23.13
N HIS A 98 24.45 -9.40 23.94
CA HIS A 98 23.59 -8.27 23.61
C HIS A 98 23.76 -7.91 22.14
N ASP A 99 22.66 -7.96 21.40
CA ASP A 99 22.69 -7.65 19.97
C ASP A 99 22.16 -6.25 19.68
N ILE A 100 22.53 -5.72 18.52
CA ILE A 100 22.09 -4.39 18.11
C ILE A 100 20.78 -4.53 17.33
N ILE A 101 19.67 -4.44 18.04
CA ILE A 101 18.35 -4.57 17.42
C ILE A 101 18.17 -3.62 16.25
N GLY A 102 18.88 -2.50 16.25
CA GLY A 102 18.77 -1.55 15.16
C GLY A 102 19.49 -0.24 15.43
N GLU A 103 19.44 0.67 14.46
CA GLU A 103 20.08 1.97 14.58
C GLU A 103 19.57 2.94 13.52
N PHE A 104 20.01 4.19 13.62
CA PHE A 104 19.65 5.23 12.66
C PHE A 104 20.71 6.33 12.64
N LYS A 105 20.82 7.04 11.53
CA LYS A 105 21.81 8.11 11.39
C LYS A 105 21.36 9.12 10.34
N VAL A 106 21.97 10.30 10.37
CA VAL A 106 21.64 11.36 9.42
C VAL A 106 22.82 12.30 9.22
N PRO A 107 23.10 12.67 7.96
CA PRO A 107 24.19 13.58 7.63
C PRO A 107 23.96 14.97 8.21
N MET A 108 24.63 15.26 9.33
CA MET A 108 24.48 16.54 10.00
C MET A 108 24.64 17.73 9.04
N ASN A 109 25.57 17.63 8.10
CA ASN A 109 25.78 18.72 7.14
C ASN A 109 24.46 19.10 6.45
N THR A 110 23.61 18.11 6.21
CA THR A 110 22.33 18.34 5.56
C THR A 110 21.27 18.77 6.60
N VAL A 111 21.63 18.73 7.88
CA VAL A 111 20.73 19.12 8.95
C VAL A 111 20.92 20.59 9.30
N ASP A 112 20.23 21.44 8.56
CA ASP A 112 20.32 22.88 8.77
C ASP A 112 19.79 23.25 10.16
N PHE A 113 20.71 23.40 11.10
CA PHE A 113 20.35 23.75 12.48
C PHE A 113 19.82 25.19 12.57
N GLY A 114 18.66 25.40 11.96
CA GLY A 114 18.04 26.72 11.98
C GLY A 114 17.45 27.03 13.35
N HIS A 115 16.80 26.04 13.96
CA HIS A 115 16.21 26.20 15.28
C HIS A 115 16.20 24.86 16.01
N VAL A 116 15.25 24.00 15.67
CA VAL A 116 15.12 22.69 16.27
C VAL A 116 14.71 21.66 15.24
N THR A 117 15.42 20.55 15.20
CA THR A 117 15.14 19.48 14.25
C THR A 117 14.28 18.40 14.91
N GLU A 118 12.98 18.53 14.76
CA GLU A 118 12.03 17.57 15.31
C GLU A 118 11.40 16.77 14.19
N GLU A 119 11.35 15.45 14.35
CA GLU A 119 10.77 14.57 13.32
C GLU A 119 10.60 13.15 13.84
N TRP A 120 9.79 12.37 13.13
CA TRP A 120 9.53 10.98 13.50
C TRP A 120 10.51 10.08 12.75
N ARG A 121 11.71 9.95 13.30
CA ARG A 121 12.76 9.15 12.69
C ARG A 121 12.39 7.67 12.59
N ASP A 122 12.66 7.08 11.44
CA ASP A 122 12.41 5.67 11.20
C ASP A 122 13.60 4.86 11.69
N LEU A 123 13.33 3.72 12.31
CA LEU A 123 14.39 2.87 12.84
C LEU A 123 14.62 1.65 11.96
N GLN A 124 15.89 1.30 11.75
CA GLN A 124 16.24 0.15 10.92
C GLN A 124 17.18 -0.79 11.69
N SER A 125 16.98 -2.09 11.47
CA SER A 125 17.79 -3.11 12.13
C SER A 125 19.12 -3.32 11.40
N ALA A 126 19.96 -2.30 11.38
CA ALA A 126 21.25 -2.40 10.72
C ALA A 126 22.23 -3.19 11.59
N GLU A 127 22.49 -4.43 11.21
CA GLU A 127 23.38 -5.29 11.99
C GLU A 127 24.82 -4.79 11.92
N LYS A 128 25.05 -3.64 12.57
CA LYS A 128 26.35 -3.01 12.58
C LYS A 128 26.89 -2.95 14.00
N TYR B 1 33.85 14.69 -21.10
CA TYR B 1 34.70 15.19 -19.98
C TYR B 1 34.79 14.15 -18.87
N LYS B 2 35.41 13.01 -19.16
CA LYS B 2 35.54 11.94 -18.18
C LYS B 2 36.12 12.48 -16.86
N LYS B 3 35.26 12.54 -15.85
CA LYS B 3 35.64 13.05 -14.54
C LYS B 3 34.68 12.51 -13.47
N PRO B 4 34.81 12.97 -12.20
CA PRO B 4 33.97 12.56 -11.09
C PRO B 4 32.65 11.91 -11.51
N LYS B 5 32.59 10.59 -11.36
CA LYS B 5 31.39 9.84 -11.70
C LYS B 5 30.56 9.60 -10.45
N LEU B 6 29.45 10.33 -10.32
CA LEU B 6 28.56 10.18 -9.17
C LEU B 6 27.62 9.01 -9.37
N LEU B 7 27.46 8.20 -8.34
CA LEU B 7 26.58 7.03 -8.40
C LEU B 7 25.88 6.81 -7.06
N TYR B 8 24.58 6.51 -7.13
CA TYR B 8 23.78 6.25 -5.93
C TYR B 8 22.54 5.44 -6.29
N CYS B 9 21.78 5.01 -5.30
CA CYS B 9 20.58 4.23 -5.56
C CYS B 9 19.50 4.48 -4.50
N SER B 10 18.28 4.05 -4.80
CA SER B 10 17.14 4.22 -3.91
C SER B 10 16.66 5.66 -3.95
N ASN B 11 15.40 5.84 -4.35
CA ASN B 11 14.82 7.17 -4.45
C ASN B 11 15.06 7.96 -3.16
N GLY B 12 15.64 9.14 -3.29
CA GLY B 12 15.92 9.97 -2.15
C GLY B 12 17.32 10.56 -2.19
N GLY B 13 17.43 11.83 -1.84
CA GLY B 13 18.72 12.49 -1.84
C GLY B 13 19.75 11.76 -1.01
N HIS B 14 20.67 11.07 -1.69
CA HIS B 14 21.74 10.32 -1.04
C HIS B 14 22.81 9.96 -2.06
N PHE B 15 24.05 10.40 -1.82
CA PHE B 15 25.15 10.12 -2.74
C PHE B 15 26.23 9.29 -2.05
N LEU B 16 26.94 8.47 -2.82
CA LEU B 16 27.99 7.63 -2.28
C LEU B 16 29.22 8.47 -1.96
N ARG B 17 29.40 8.81 -0.68
CA ARG B 17 30.55 9.61 -0.27
C ARG B 17 31.67 8.71 0.22
N ILE B 18 32.72 8.59 -0.58
CA ILE B 18 33.86 7.75 -0.26
C ILE B 18 34.91 8.51 0.56
N LEU B 19 35.51 7.81 1.51
CA LEU B 19 36.54 8.38 2.36
C LEU B 19 37.76 7.46 2.38
N PRO B 20 38.97 8.03 2.35
CA PRO B 20 40.22 7.26 2.38
C PRO B 20 40.21 6.15 3.42
N ASP B 21 39.48 6.39 4.52
CA ASP B 21 39.35 5.41 5.59
C ASP B 21 38.75 4.11 5.08
N GLY B 22 37.72 4.23 4.25
CA GLY B 22 37.06 3.05 3.71
C GLY B 22 35.57 3.06 3.98
N THR B 23 35.17 3.63 5.11
CA THR B 23 33.76 3.70 5.48
C THR B 23 33.00 4.69 4.61
N VAL B 24 32.55 4.22 3.45
CA VAL B 24 31.80 5.04 2.52
C VAL B 24 30.31 4.99 2.87
N ASP B 25 29.66 6.16 2.93
CA ASP B 25 28.24 6.24 3.26
C ASP B 25 27.48 7.02 2.20
N GLY B 26 26.15 6.91 2.23
CA GLY B 26 25.30 7.60 1.28
C GLY B 26 25.00 9.03 1.70
N THR B 27 26.03 9.86 1.73
CA THR B 27 25.89 11.26 2.12
C THR B 27 25.10 12.02 1.07
N ARG B 28 24.08 12.74 1.50
CA ARG B 28 23.26 13.51 0.57
C ARG B 28 23.77 14.95 0.49
N ASP B 29 24.97 15.11 -0.07
CA ASP B 29 25.60 16.42 -0.21
C ASP B 29 26.48 16.46 -1.45
N ARG B 30 26.63 17.65 -2.02
CA ARG B 30 27.46 17.84 -3.20
C ARG B 30 28.36 19.07 -3.03
N SER B 31 28.60 19.45 -1.78
CA SER B 31 29.43 20.60 -1.45
C SER B 31 30.87 20.17 -1.29
N ASP B 32 31.08 19.05 -0.61
CA ASP B 32 32.43 18.52 -0.37
C ASP B 32 32.77 17.48 -1.41
N GLN B 33 33.90 17.64 -2.09
CA GLN B 33 34.32 16.71 -3.13
C GLN B 33 34.72 15.35 -2.53
N HIS B 34 33.71 14.56 -2.16
CA HIS B 34 33.96 13.23 -1.62
C HIS B 34 32.88 12.23 -2.05
N ILE B 35 32.12 12.59 -3.09
CA ILE B 35 31.06 11.72 -3.60
C ILE B 35 31.25 11.49 -5.10
N GLN B 36 32.48 11.24 -5.51
CA GLN B 36 32.81 11.01 -6.90
C GLN B 36 33.84 9.89 -7.06
N LEU B 37 33.55 8.98 -7.97
CA LEU B 37 34.45 7.85 -8.25
C LEU B 37 34.75 7.78 -9.74
N GLN B 38 35.89 7.21 -10.09
CA GLN B 38 36.27 7.10 -11.50
C GLN B 38 35.74 5.80 -12.08
N LEU B 39 34.43 5.75 -12.31
CA LEU B 39 33.78 4.59 -12.88
C LEU B 39 34.08 4.51 -14.39
N SER B 40 34.56 3.37 -14.83
CA SER B 40 34.87 3.16 -16.24
C SER B 40 34.93 1.67 -16.57
N ALA B 41 34.71 1.34 -17.84
CA ALA B 41 34.76 -0.03 -18.31
C ALA B 41 36.21 -0.42 -18.60
N GLU B 42 36.81 -1.18 -17.70
CA GLU B 42 38.20 -1.60 -17.86
C GLU B 42 38.31 -2.64 -18.97
N SER B 43 37.53 -3.71 -18.83
CA SER B 43 37.52 -4.79 -19.81
C SER B 43 36.13 -4.89 -20.45
N VAL B 44 36.00 -5.77 -21.44
CA VAL B 44 34.72 -5.95 -22.13
C VAL B 44 33.60 -6.24 -21.13
N GLY B 45 32.90 -5.19 -20.73
CA GLY B 45 31.81 -5.33 -19.79
C GLY B 45 32.24 -5.20 -18.33
N GLU B 46 33.54 -5.30 -18.08
CA GLU B 46 34.06 -5.22 -16.72
C GLU B 46 34.34 -3.77 -16.34
N VAL B 47 33.52 -3.23 -15.45
CA VAL B 47 33.67 -1.86 -14.99
C VAL B 47 34.27 -1.83 -13.59
N TYR B 48 35.13 -0.86 -13.34
CA TYR B 48 35.78 -0.72 -12.04
C TYR B 48 35.36 0.56 -11.34
N ILE B 49 35.30 0.51 -10.03
CA ILE B 49 34.93 1.66 -9.22
C ILE B 49 36.12 2.11 -8.39
N LYS B 50 36.76 3.18 -8.82
CA LYS B 50 37.93 3.71 -8.14
C LYS B 50 37.79 5.22 -7.91
N SER B 51 37.69 5.61 -6.66
CA SER B 51 37.57 7.03 -6.31
C SER B 51 38.95 7.67 -6.26
N THR B 52 39.64 7.63 -7.40
CA THR B 52 40.99 8.16 -7.52
C THR B 52 41.08 9.61 -7.06
N GLU B 53 40.51 10.51 -7.84
CA GLU B 53 40.57 11.94 -7.53
C GLU B 53 39.53 12.36 -6.49
N THR B 54 39.54 11.71 -5.33
CA THR B 54 38.58 12.04 -4.27
C THR B 54 38.69 11.10 -3.07
N GLY B 55 38.86 9.80 -3.30
CA GLY B 55 38.94 8.87 -2.19
C GLY B 55 39.95 7.77 -2.38
N GLN B 56 39.44 6.56 -2.55
CA GLN B 56 40.28 5.36 -2.69
C GLN B 56 39.68 4.37 -3.67
N TYR B 57 40.35 3.22 -3.81
CA TYR B 57 39.90 2.15 -4.69
C TYR B 57 39.02 1.19 -3.90
N LEU B 58 38.00 0.64 -4.56
CA LEU B 58 37.09 -0.28 -3.88
C LEU B 58 37.67 -1.70 -3.83
N ALA B 59 37.22 -2.47 -2.84
CA ALA B 59 37.65 -3.84 -2.64
C ALA B 59 36.62 -4.56 -1.77
N MET B 60 35.58 -5.07 -2.42
CA MET B 60 34.50 -5.77 -1.73
C MET B 60 35.03 -6.88 -0.82
N ASP B 61 34.37 -7.05 0.32
CA ASP B 61 34.73 -8.08 1.27
C ASP B 61 33.90 -9.32 0.99
N THR B 62 34.33 -10.10 0.02
CA THR B 62 33.62 -11.32 -0.36
C THR B 62 32.21 -10.96 -0.84
N ASP B 63 32.08 -9.80 -1.49
CA ASP B 63 30.78 -9.29 -1.98
C ASP B 63 29.89 -8.91 -0.80
N GLY B 64 29.72 -9.84 0.13
CA GLY B 64 28.90 -9.61 1.31
C GLY B 64 28.95 -8.16 1.79
N LEU B 65 30.14 -7.67 2.07
CA LEU B 65 30.32 -6.31 2.52
C LEU B 65 31.14 -5.53 1.51
N LEU B 66 30.69 -4.34 1.16
CA LEU B 66 31.38 -3.51 0.18
C LEU B 66 32.25 -2.48 0.88
N TYR B 67 33.52 -2.43 0.49
CA TYR B 67 34.46 -1.48 1.07
C TYR B 67 35.59 -1.17 0.07
N GLY B 68 36.48 -0.27 0.44
CA GLY B 68 37.58 0.09 -0.42
C GLY B 68 38.52 1.06 0.25
N SER B 69 39.82 0.94 -0.02
CA SER B 69 40.82 1.84 0.56
C SER B 69 42.23 1.35 0.27
N GLN B 70 42.57 0.16 0.77
CA GLN B 70 43.91 -0.40 0.60
C GLN B 70 44.27 -0.66 -0.87
N THR B 71 43.64 -1.66 -1.48
CA THR B 71 43.94 -2.00 -2.87
C THR B 71 42.70 -2.43 -3.65
N PRO B 72 42.66 -2.12 -4.96
CA PRO B 72 41.54 -2.48 -5.83
C PRO B 72 41.59 -3.96 -6.21
N ASN B 73 41.32 -4.82 -5.25
CA ASN B 73 41.34 -6.26 -5.47
C ASN B 73 40.29 -6.68 -6.50
N GLU B 74 40.50 -7.84 -7.14
CA GLU B 74 39.56 -8.34 -8.16
C GLU B 74 38.11 -8.19 -7.69
N GLU B 75 37.88 -8.29 -6.38
CA GLU B 75 36.55 -8.12 -5.81
C GLU B 75 35.89 -6.85 -6.36
N CYS B 76 36.70 -5.87 -6.79
CA CYS B 76 36.20 -4.61 -7.31
C CYS B 76 35.84 -4.67 -8.81
N LEU B 77 35.96 -5.84 -9.44
CA LEU B 77 35.60 -5.97 -10.85
C LEU B 77 34.13 -6.34 -10.99
N PHE B 78 33.36 -5.48 -11.66
CA PHE B 78 31.93 -5.72 -11.85
C PHE B 78 31.52 -5.63 -13.31
N LEU B 79 30.55 -6.45 -13.70
CA LEU B 79 30.03 -6.45 -15.06
C LEU B 79 29.00 -5.34 -15.23
N GLU B 80 29.21 -4.47 -16.21
CA GLU B 80 28.31 -3.36 -16.46
C GLU B 80 27.01 -3.83 -17.13
N ARG B 81 25.90 -3.67 -16.42
CA ARG B 81 24.58 -4.05 -16.92
C ARG B 81 23.60 -2.89 -16.77
N LEU B 82 22.62 -2.81 -17.66
CA LEU B 82 21.64 -1.75 -17.62
C LEU B 82 20.23 -2.32 -17.51
N GLU B 83 19.39 -1.67 -16.70
CA GLU B 83 18.02 -2.11 -16.53
C GLU B 83 17.05 -1.07 -17.11
N GLU B 84 15.99 -1.54 -17.74
CA GLU B 84 14.99 -0.66 -18.35
C GLU B 84 14.15 0.02 -17.27
N ASN B 85 14.83 0.65 -16.32
CA ASN B 85 14.18 1.34 -15.21
C ASN B 85 14.96 2.61 -14.85
N HIS B 86 15.76 3.10 -15.81
CA HIS B 86 16.57 4.29 -15.60
C HIS B 86 17.58 4.08 -14.47
N TYR B 87 18.21 2.91 -14.46
CA TYR B 87 19.19 2.57 -13.44
C TYR B 87 20.29 1.67 -14.01
N ASN B 88 21.46 1.72 -13.39
CA ASN B 88 22.60 0.93 -13.81
C ASN B 88 22.78 -0.27 -12.89
N THR B 89 23.26 -1.38 -13.46
CA THR B 89 23.48 -2.60 -12.70
C THR B 89 24.92 -3.07 -12.87
N TYR B 90 25.55 -3.47 -11.78
CA TYR B 90 26.93 -3.94 -11.83
C TYR B 90 27.05 -5.29 -11.15
N ILE B 91 27.40 -6.31 -11.91
CA ILE B 91 27.52 -7.66 -11.37
C ILE B 91 28.94 -7.98 -10.93
N SER B 92 29.13 -8.22 -9.64
CA SER B 92 30.44 -8.54 -9.10
C SER B 92 30.86 -9.93 -9.58
N LYS B 93 31.35 -9.99 -10.82
CA LYS B 93 31.78 -11.26 -11.42
C LYS B 93 32.58 -12.09 -10.42
N LYS B 94 33.36 -11.43 -9.58
CA LYS B 94 34.15 -12.11 -8.56
C LYS B 94 33.28 -13.05 -7.73
N HIS B 95 32.00 -12.71 -7.59
CA HIS B 95 31.05 -13.53 -6.83
C HIS B 95 29.79 -13.86 -7.63
N ALA B 96 29.82 -13.55 -8.93
CA ALA B 96 28.68 -13.83 -9.80
C ALA B 96 28.24 -15.28 -9.65
N GLU B 97 29.21 -16.15 -9.37
CA GLU B 97 28.93 -17.57 -9.18
C GLU B 97 27.79 -17.79 -8.19
N LYS B 98 27.67 -16.91 -7.20
CA LYS B 98 26.61 -17.00 -6.20
C LYS B 98 25.44 -16.08 -6.56
N ASN B 99 25.44 -15.59 -7.80
CA ASN B 99 24.39 -14.69 -8.27
C ASN B 99 24.35 -13.43 -7.41
N TRP B 100 25.53 -13.00 -6.97
CA TRP B 100 25.68 -11.83 -6.13
C TRP B 100 26.21 -10.64 -6.94
N PHE B 101 25.47 -9.54 -6.92
CA PHE B 101 25.89 -8.34 -7.64
C PHE B 101 25.73 -7.10 -6.76
N VAL B 102 26.88 -6.42 -6.53
CA VAL B 102 27.02 -5.21 -5.70
C VAL B 102 25.69 -4.53 -5.36
N GLY B 103 25.42 -4.40 -4.07
CA GLY B 103 24.22 -3.74 -3.58
C GLY B 103 24.52 -2.90 -2.35
N LEU B 104 24.05 -1.65 -2.33
CA LEU B 104 24.31 -0.75 -1.21
C LEU B 104 23.01 -0.30 -0.54
N LYS B 105 23.14 0.17 0.70
CA LYS B 105 22.00 0.66 1.45
C LYS B 105 22.02 2.19 1.48
N LYS B 106 21.13 2.80 0.70
CA LYS B 106 21.03 4.26 0.59
C LYS B 106 21.15 4.93 1.97
N ASN B 107 20.48 4.38 2.96
CA ASN B 107 20.52 4.93 4.32
C ASN B 107 21.30 4.01 5.26
N GLY B 108 22.37 3.40 4.75
CA GLY B 108 23.17 2.53 5.57
C GLY B 108 24.63 2.48 5.15
N SER B 109 24.85 2.21 3.85
CA SER B 109 26.18 2.11 3.24
C SER B 109 26.20 0.93 2.28
N CYS B 110 27.31 0.75 1.57
CA CYS B 110 27.43 -0.33 0.62
C CYS B 110 27.90 -1.62 1.31
N LYS B 111 26.95 -2.52 1.56
CA LYS B 111 27.26 -3.81 2.21
C LYS B 111 25.99 -4.65 2.37
N ARG B 112 25.62 -5.28 1.26
CA ARG B 112 24.43 -6.12 1.22
C ARG B 112 24.66 -7.35 0.35
N GLY B 113 25.90 -7.85 0.32
CA GLY B 113 26.22 -9.03 -0.49
C GLY B 113 25.27 -10.19 -0.23
N PRO B 114 24.98 -10.59 1.03
CA PRO B 114 24.05 -11.70 1.29
C PRO B 114 22.62 -11.38 0.82
N ARG B 115 22.43 -10.15 0.32
CA ARG B 115 21.15 -9.68 -0.19
C ARG B 115 21.32 -9.00 -1.56
N THR B 116 22.35 -9.39 -2.33
CA THR B 116 22.60 -8.78 -3.64
C THR B 116 21.98 -9.58 -4.78
N HIS B 117 20.82 -10.16 -4.52
CA HIS B 117 20.12 -10.92 -5.54
C HIS B 117 18.77 -10.23 -5.83
N TYR B 118 17.86 -10.91 -6.51
CA TYR B 118 16.57 -10.31 -6.84
C TYR B 118 15.67 -10.24 -5.60
N GLY B 119 15.70 -9.08 -4.96
CA GLY B 119 14.91 -8.83 -3.76
C GLY B 119 15.08 -7.40 -3.31
N GLN B 120 16.32 -6.93 -3.35
CA GLN B 120 16.64 -5.56 -2.99
C GLN B 120 16.81 -4.75 -4.27
N LYS B 121 16.04 -3.69 -4.37
CA LYS B 121 16.08 -2.84 -5.56
C LYS B 121 17.29 -1.90 -5.55
N ALA B 122 17.88 -1.72 -4.35
CA ALA B 122 19.05 -0.86 -4.18
C ALA B 122 20.18 -1.22 -5.17
N ILE B 123 20.10 -2.39 -5.78
CA ILE B 123 21.10 -2.83 -6.75
C ILE B 123 21.01 -2.00 -8.04
N LEU B 124 19.86 -1.38 -8.27
CA LEU B 124 19.66 -0.54 -9.45
C LEU B 124 20.14 0.88 -9.15
N PHE B 125 21.42 1.11 -9.40
CA PHE B 125 22.03 2.41 -9.13
C PHE B 125 21.71 3.44 -10.21
N LEU B 126 21.62 4.69 -9.80
CA LEU B 126 21.35 5.79 -10.72
C LEU B 126 22.61 6.65 -10.85
N PRO B 127 23.29 6.56 -12.00
CA PRO B 127 24.52 7.30 -12.25
C PRO B 127 24.29 8.71 -12.80
N LEU B 128 25.13 9.65 -12.35
CA LEU B 128 25.06 11.04 -12.80
C LEU B 128 26.46 11.52 -13.19
N PRO B 129 27.20 10.73 -13.98
CA PRO B 129 28.56 11.06 -14.40
C PRO B 129 28.61 12.04 -15.59
N VAL B 130 29.70 12.80 -15.65
CA VAL B 130 29.88 13.76 -16.73
C VAL B 130 30.38 13.05 -17.99
N SER B 131 29.44 12.57 -18.79
CA SER B 131 29.77 11.86 -20.02
C SER B 131 30.36 12.80 -21.06
N SER B 132 30.73 12.24 -22.20
CA SER B 132 31.31 13.02 -23.29
C SER B 132 30.33 13.10 -24.46
N ASP B 133 29.20 13.76 -24.21
CA ASP B 133 28.16 13.91 -25.21
C ASP B 133 28.32 15.22 -25.96
N MET C 1 -2.48 8.04 -13.58
CA MET C 1 -2.03 7.52 -14.90
C MET C 1 -1.50 6.09 -14.75
N ALA C 2 -0.18 5.94 -14.67
CA ALA C 2 0.43 4.64 -14.49
C ALA C 2 0.47 4.31 -13.00
N ALA C 3 0.94 3.12 -12.63
CA ALA C 3 1.00 2.72 -11.24
C ALA C 3 -0.43 2.62 -10.72
N GLU C 4 -1.22 1.80 -11.41
CA GLU C 4 -2.63 1.60 -11.05
C GLU C 4 -2.79 0.70 -9.84
N PRO C 5 -3.64 1.12 -8.89
CA PRO C 5 -3.92 0.36 -7.67
C PRO C 5 -4.83 -0.84 -7.94
N LEU C 6 -4.40 -2.00 -7.48
CA LEU C 6 -5.18 -3.23 -7.66
C LEU C 6 -6.10 -3.43 -6.46
N THR C 7 -6.70 -4.61 -6.36
CA THR C 7 -7.59 -4.89 -5.23
C THR C 7 -6.76 -5.07 -3.96
N GLU C 8 -7.41 -4.95 -2.81
CA GLU C 8 -6.74 -5.06 -1.52
C GLU C 8 -6.04 -6.42 -1.35
N LEU C 9 -6.62 -7.45 -1.96
CA LEU C 9 -6.10 -8.81 -1.88
C LEU C 9 -4.86 -8.99 -2.76
N GLU C 10 -4.74 -8.17 -3.82
CA GLU C 10 -3.58 -8.23 -4.71
C GLU C 10 -2.41 -7.49 -4.05
N GLU C 11 -2.75 -6.36 -3.43
CA GLU C 11 -1.83 -5.55 -2.64
C GLU C 11 -1.17 -6.41 -1.55
N SER C 12 -2.00 -7.08 -0.76
CA SER C 12 -1.52 -7.81 0.41
C SER C 12 -0.75 -9.08 0.04
N ILE C 13 -1.14 -9.84 -0.99
CA ILE C 13 -0.30 -10.95 -1.41
C ILE C 13 1.02 -10.42 -1.94
N GLU C 14 1.03 -9.32 -2.71
CA GLU C 14 2.28 -8.79 -3.19
C GLU C 14 3.20 -8.44 -2.02
N THR C 15 2.74 -7.60 -1.07
CA THR C 15 3.63 -7.11 0.00
C THR C 15 4.32 -8.27 0.75
N VAL C 16 3.61 -9.37 1.00
CA VAL C 16 4.23 -10.54 1.63
C VAL C 16 5.09 -11.31 0.63
N VAL C 17 4.67 -11.44 -0.63
CA VAL C 17 5.46 -12.10 -1.67
C VAL C 17 6.81 -11.41 -1.87
N THR C 18 6.84 -10.05 -1.93
CA THR C 18 8.12 -9.33 -2.10
C THR C 18 9.03 -9.54 -0.88
N THR C 19 8.44 -9.53 0.32
CA THR C 19 9.19 -9.80 1.54
C THR C 19 9.77 -11.22 1.51
N PHE C 20 8.92 -12.21 1.26
CA PHE C 20 9.33 -13.58 0.99
C PHE C 20 10.52 -13.59 0.03
N PHE C 21 10.34 -12.96 -1.13
CA PHE C 21 11.37 -12.91 -2.17
C PHE C 21 12.67 -12.29 -1.71
N THR C 22 12.61 -11.37 -0.75
CA THR C 22 13.82 -10.71 -0.23
C THR C 22 14.57 -11.61 0.75
N PHE C 23 14.06 -12.83 0.96
CA PHE C 23 14.68 -13.80 1.84
C PHE C 23 14.97 -15.10 1.08
N ALA C 24 14.12 -15.38 0.07
CA ALA C 24 14.24 -16.56 -0.78
C ALA C 24 15.51 -16.50 -1.63
N ARG C 25 15.89 -15.30 -2.03
CA ARG C 25 17.07 -15.10 -2.87
C ARG C 25 18.38 -14.98 -2.09
N GLN C 26 18.31 -15.08 -0.76
CA GLN C 26 19.50 -14.96 0.09
C GLN C 26 20.61 -15.92 -0.37
N GLU C 27 20.25 -17.19 -0.53
CA GLU C 27 21.19 -18.21 -0.95
C GLU C 27 20.75 -18.82 -2.29
N GLY C 28 21.30 -20.00 -2.61
CA GLY C 28 20.96 -20.70 -3.84
C GLY C 28 19.46 -20.84 -4.12
N ARG C 29 19.07 -20.32 -5.30
CA ARG C 29 17.69 -20.32 -5.81
C ARG C 29 16.82 -19.26 -5.11
N LYS C 30 16.20 -18.37 -5.91
CA LYS C 30 15.36 -17.29 -5.37
C LYS C 30 13.88 -17.67 -5.32
N ASP C 31 13.61 -18.85 -4.78
CA ASP C 31 12.26 -19.37 -4.60
C ASP C 31 12.24 -20.11 -3.26
N SER C 32 13.21 -21.01 -3.08
CA SER C 32 13.33 -21.80 -1.89
C SER C 32 14.05 -21.04 -0.79
N LEU C 33 13.52 -21.12 0.44
CA LEU C 33 14.26 -20.77 1.64
C LEU C 33 15.00 -22.02 2.09
N SER C 34 16.33 -21.99 2.18
CA SER C 34 17.05 -23.03 2.89
C SER C 34 17.04 -22.74 4.40
N VAL C 35 17.65 -23.62 5.20
CA VAL C 35 17.51 -23.63 6.65
C VAL C 35 17.77 -22.24 7.27
N ASN C 36 18.97 -21.67 7.01
CA ASN C 36 19.33 -20.34 7.52
C ASN C 36 18.35 -19.29 7.00
N GLU C 37 18.26 -19.25 5.67
CA GLU C 37 17.31 -18.42 4.92
C GLU C 37 15.96 -18.35 5.60
N PHE C 38 15.40 -19.50 5.95
CA PHE C 38 14.12 -19.62 6.59
C PHE C 38 14.18 -18.96 7.97
N LYS C 39 15.15 -19.36 8.79
CA LYS C 39 15.32 -18.82 10.13
C LYS C 39 15.44 -17.29 10.09
N GLU C 40 16.05 -16.75 9.04
CA GLU C 40 16.23 -15.29 8.90
C GLU C 40 14.89 -14.54 8.87
N LEU C 41 13.82 -15.16 8.36
CA LEU C 41 12.52 -14.50 8.29
C LEU C 41 12.03 -14.29 9.72
N VAL C 42 11.97 -15.39 10.47
CA VAL C 42 11.38 -15.40 11.79
C VAL C 42 12.20 -14.53 12.72
N THR C 43 13.51 -14.78 12.75
CA THR C 43 14.42 -14.05 13.64
C THR C 43 14.42 -12.53 13.42
N GLN C 44 14.04 -12.07 12.22
CA GLN C 44 14.07 -10.63 11.94
C GLN C 44 12.69 -9.97 12.03
N GLN C 45 11.74 -10.42 11.21
CA GLN C 45 10.41 -9.80 11.18
C GLN C 45 9.32 -10.59 11.91
N LEU C 46 9.69 -11.46 12.84
CA LEU C 46 8.65 -12.21 13.58
C LEU C 46 9.08 -12.51 15.01
N PRO C 47 9.05 -11.49 15.89
CA PRO C 47 9.43 -11.62 17.30
C PRO C 47 8.26 -11.82 18.26
N HIS C 48 7.03 -11.62 17.79
CA HIS C 48 5.86 -11.76 18.66
C HIS C 48 5.03 -12.99 18.32
N LEU C 49 4.55 -13.05 17.06
CA LEU C 49 3.71 -14.15 16.59
C LEU C 49 4.27 -15.52 17.00
N LEU C 50 5.42 -15.87 16.45
CA LEU C 50 6.15 -17.10 16.75
C LEU C 50 7.42 -16.68 17.47
N LYS C 51 7.26 -16.39 18.77
CA LYS C 51 8.37 -15.96 19.64
C LYS C 51 9.41 -17.06 19.84
N ASP C 52 9.19 -18.21 19.23
CA ASP C 52 10.11 -19.33 19.35
C ASP C 52 11.25 -19.21 18.33
N VAL C 53 12.27 -18.44 18.70
CA VAL C 53 13.43 -18.24 17.83
C VAL C 53 14.53 -19.23 18.16
N GLY C 54 14.14 -20.38 18.71
CA GLY C 54 15.10 -21.41 19.06
C GLY C 54 14.75 -22.76 18.49
N SER C 55 13.45 -23.06 18.46
CA SER C 55 12.97 -24.34 17.94
C SER C 55 12.47 -24.21 16.49
N LEU C 56 13.27 -23.52 15.67
CA LEU C 56 12.95 -23.33 14.28
C LEU C 56 12.99 -24.69 13.57
N ASP C 57 13.83 -25.61 14.04
CA ASP C 57 13.88 -26.98 13.57
C ASP C 57 12.49 -27.62 13.60
N GLU C 58 11.74 -27.49 14.70
CA GLU C 58 10.39 -28.02 14.83
C GLU C 58 9.51 -27.46 13.71
N LYS C 59 9.49 -26.14 13.55
CA LYS C 59 8.72 -25.51 12.48
C LYS C 59 9.15 -26.13 11.15
N MET C 60 10.46 -26.14 10.88
CA MET C 60 11.03 -26.65 9.64
C MET C 60 10.48 -28.06 9.35
N LYS C 61 10.62 -28.99 10.30
CA LYS C 61 10.08 -30.35 10.14
C LYS C 61 8.57 -30.33 9.92
N SER C 62 7.84 -29.49 10.67
CA SER C 62 6.39 -29.37 10.53
C SER C 62 5.99 -28.83 9.14
N LEU C 63 6.85 -28.01 8.53
CA LEU C 63 6.63 -27.36 7.25
C LEU C 63 7.07 -28.25 6.09
N ASP C 64 8.37 -28.55 6.02
CA ASP C 64 9.01 -29.28 4.95
C ASP C 64 8.67 -30.76 5.05
N VAL C 65 7.43 -31.14 4.70
CA VAL C 65 6.92 -32.50 4.79
C VAL C 65 7.86 -33.54 4.18
N ASN C 66 8.50 -33.20 3.06
CA ASN C 66 9.43 -34.06 2.33
C ASN C 66 10.86 -34.01 2.89
N GLN C 67 11.15 -33.08 3.80
CA GLN C 67 12.44 -32.92 4.45
C GLN C 67 13.58 -32.91 3.42
N ASP C 68 13.45 -32.07 2.39
CA ASP C 68 14.49 -31.83 1.38
C ASP C 68 15.43 -30.71 1.84
N SER C 69 15.07 -29.99 2.91
CA SER C 69 15.81 -28.82 3.39
C SER C 69 15.73 -27.65 2.41
N GLU C 70 14.65 -27.62 1.63
CA GLU C 70 14.19 -26.50 0.86
C GLU C 70 12.70 -26.33 1.13
N LEU C 71 12.29 -25.19 1.70
CA LEU C 71 10.89 -24.81 1.69
C LEU C 71 10.66 -24.11 0.35
N LYS C 72 10.23 -24.86 -0.68
CA LYS C 72 9.74 -24.29 -1.94
C LYS C 72 8.66 -23.23 -1.64
N PHE C 73 8.36 -22.34 -2.59
CA PHE C 73 7.36 -21.29 -2.46
C PHE C 73 6.12 -21.78 -1.68
N ASN C 74 5.47 -22.84 -2.18
CA ASN C 74 4.25 -23.37 -1.59
C ASN C 74 4.48 -24.02 -0.22
N GLU C 75 5.65 -24.60 0.02
CA GLU C 75 5.99 -25.20 1.30
C GLU C 75 6.18 -24.08 2.33
N TYR C 76 7.04 -23.12 2.03
CA TYR C 76 7.26 -21.92 2.82
C TYR C 76 5.93 -21.29 3.18
N TRP C 77 5.11 -21.08 2.14
CA TRP C 77 3.79 -20.48 2.25
C TRP C 77 3.03 -21.05 3.45
N ARG C 78 3.14 -22.35 3.76
CA ARG C 78 2.53 -22.94 4.96
C ARG C 78 2.64 -22.04 6.19
N LEU C 79 3.85 -21.53 6.47
CA LEU C 79 4.10 -20.65 7.59
C LEU C 79 3.05 -19.54 7.66
N ILE C 80 2.72 -18.92 6.52
CA ILE C 80 1.81 -17.78 6.48
C ILE C 80 0.44 -18.19 7.03
N GLY C 81 0.10 -19.47 6.95
CA GLY C 81 -1.14 -20.01 7.46
C GLY C 81 -1.09 -20.07 8.95
N GLU C 82 0.04 -20.52 9.45
CA GLU C 82 0.26 -20.71 10.86
C GLU C 82 0.31 -19.31 11.48
N LEU C 83 0.84 -18.32 10.76
CA LEU C 83 0.80 -16.92 11.14
C LEU C 83 -0.64 -16.40 11.19
N ALA C 84 -1.34 -16.46 10.04
CA ALA C 84 -2.71 -15.98 9.87
C ALA C 84 -3.68 -16.69 10.82
N LYS C 85 -3.33 -17.90 11.23
CA LYS C 85 -4.01 -18.64 12.26
C LYS C 85 -3.63 -18.03 13.62
N GLU C 86 -2.35 -18.06 14.01
CA GLU C 86 -1.83 -17.55 15.28
C GLU C 86 -2.42 -16.19 15.66
N ILE C 87 -2.42 -15.21 14.75
CA ILE C 87 -2.94 -13.90 15.06
C ILE C 87 -4.36 -13.91 15.66
N ARG C 88 -5.19 -14.88 15.25
CA ARG C 88 -6.51 -15.12 15.83
C ARG C 88 -6.38 -16.12 16.98
N LYS C 89 -5.76 -17.26 16.69
CA LYS C 89 -5.72 -18.46 17.51
C LYS C 89 -5.01 -18.25 18.83
N LYS C 90 -4.10 -17.29 18.96
CA LYS C 90 -2.71 -17.61 19.27
C LYS C 90 -2.57 -18.83 20.19
N LYS C 91 -3.00 -18.77 21.45
CA LYS C 91 -2.94 -19.91 22.37
C LYS C 91 -4.31 -20.06 23.09
N ASP C 92 -5.38 -20.01 22.28
CA ASP C 92 -6.81 -20.16 22.60
C ASP C 92 -7.05 -21.54 23.24
N LEU C 93 -6.60 -21.66 24.49
CA LEU C 93 -6.49 -22.89 25.25
C LEU C 93 -6.03 -22.46 26.65
N LYS C 94 -4.95 -21.66 26.72
CA LYS C 94 -4.48 -21.05 27.96
C LYS C 94 -4.50 -19.51 27.88
N ILE C 95 -4.07 -18.93 26.75
CA ILE C 95 -3.82 -17.49 26.62
C ILE C 95 -4.32 -17.00 25.25
N ARG C 96 -5.38 -16.19 25.13
CA ARG C 96 -6.39 -15.72 26.07
C ARG C 96 -7.42 -14.81 25.37
N DLY C 97 -7.07 -13.81 24.54
CA DLY C 97 -5.78 -13.37 23.99
C DLY C 97 -6.10 -12.66 22.65
O DLY C 97 -6.84 -13.28 21.88
CB DLY C 97 -4.91 -12.68 25.05
CG DLY C 97 -5.51 -11.52 25.88
CD DLY C 97 -4.39 -10.76 26.63
CE DLY C 97 -4.29 -9.25 26.35
NZ DLY C 97 -5.33 -8.43 27.01
H DLY C 97 -7.83 -13.28 24.23
HA DLY C 97 -6.46 -12.42 24.18
HB2 DLY C 97 -4.59 -13.44 25.76
HB3 DLY C 97 -4.02 -12.30 24.57
HG2 DLY C 97 -6.02 -10.84 25.22
HG3 DLY C 97 -6.21 -11.92 26.60
HD2 DLY C 97 -4.54 -10.89 27.69
HD3 DLY C 97 -3.45 -11.22 26.36
HE2 DLY C 97 -3.32 -8.90 26.68
HE3 DLY C 97 -4.36 -9.10 25.28
HZ1 DLY C 97 -5.20 -7.43 26.77
HZ2 DLY C 97 -5.27 -8.54 28.04
HZ3 DLY C 97 -6.27 -8.73 26.69
N DLY C 98 -5.69 -11.45 22.24
CA DLY C 98 -4.70 -10.55 22.76
C DLY C 98 -3.34 -10.90 22.14
O DLY C 98 -3.22 -10.77 20.90
CB DLY C 98 -5.18 -9.12 22.49
CG DLY C 98 -6.67 -8.86 22.81
CD DLY C 98 -6.92 -7.37 23.06
CE DLY C 98 -6.50 -6.47 21.88
NZ DLY C 98 -6.23 -5.09 22.33
H DLY C 98 -6.16 -11.12 21.44
HA DLY C 98 -4.70 -10.62 21.59
HB2 DLY C 98 -4.59 -8.45 23.09
HB3 DLY C 98 -5.02 -8.89 21.45
HG2 DLY C 98 -7.27 -9.18 21.98
HG3 DLY C 98 -6.93 -9.42 23.69
HD2 DLY C 98 -7.98 -7.23 23.23
HD3 DLY C 98 -6.39 -7.06 23.94
HE2 DLY C 98 -5.60 -6.88 21.44
HE3 DLY C 98 -7.29 -6.46 21.14
HZ1 DLY C 98 -5.97 -4.50 21.51
HZ2 DLY C 98 -5.44 -5.08 23.00
HZ3 DLY C 98 -7.07 -4.69 22.79
N MET D 1 -10.84 -7.95 22.15
CA MET D 1 -11.90 -7.25 21.42
C MET D 1 -11.33 -6.70 20.11
N ALA D 2 -10.28 -5.85 20.17
CA ALA D 2 -9.63 -5.32 18.98
C ALA D 2 -8.34 -4.55 19.31
N ALA D 3 -7.20 -5.01 18.79
CA ALA D 3 -6.07 -4.21 18.30
C ALA D 3 -5.80 -2.81 18.88
N GLU D 4 -4.84 -2.68 19.81
CA GLU D 4 -3.92 -1.53 19.91
C GLU D 4 -2.76 -1.77 18.90
N PRO D 5 -1.68 -0.91 18.86
CA PRO D 5 -0.53 -1.02 17.95
C PRO D 5 -0.19 -2.41 17.42
N LEU D 6 0.07 -2.44 16.11
CA LEU D 6 0.44 -3.65 15.40
C LEU D 6 1.62 -3.31 14.48
N THR D 7 2.31 -4.32 13.96
CA THR D 7 3.45 -4.07 13.07
C THR D 7 2.98 -3.89 11.62
N GLU D 8 3.92 -3.67 10.72
CA GLU D 8 3.61 -3.46 9.29
C GLU D 8 2.79 -4.60 8.70
N LEU D 9 3.21 -5.84 8.96
CA LEU D 9 2.52 -7.02 8.44
C LEU D 9 1.16 -7.24 9.09
N GLU D 10 1.04 -6.85 10.36
CA GLU D 10 -0.22 -7.00 11.09
C GLU D 10 -1.26 -6.04 10.53
N GLU D 11 -0.84 -4.82 10.16
CA GLU D 11 -1.73 -3.86 9.50
C GLU D 11 -2.30 -4.47 8.21
N SER D 12 -1.40 -4.98 7.36
CA SER D 12 -1.76 -5.42 6.03
C SER D 12 -2.59 -6.71 6.02
N ILE D 13 -2.51 -7.55 7.07
CA ILE D 13 -3.51 -8.60 7.28
C ILE D 13 -4.81 -8.02 7.82
N GLU D 14 -4.77 -6.96 8.65
CA GLU D 14 -6.00 -6.30 9.09
C GLU D 14 -6.77 -5.75 7.88
N THR D 15 -6.14 -4.94 7.03
CA THR D 15 -6.85 -4.18 6.00
C THR D 15 -7.78 -5.09 5.16
N VAL D 16 -7.34 -6.31 4.86
CA VAL D 16 -8.18 -7.27 4.14
C VAL D 16 -9.28 -7.84 5.03
N VAL D 17 -9.01 -8.09 6.32
CA VAL D 17 -10.01 -8.53 7.28
C VAL D 17 -11.11 -7.46 7.41
N THR D 18 -10.71 -6.18 7.42
CA THR D 18 -11.68 -5.07 7.48
C THR D 18 -12.72 -5.18 6.35
N THR D 19 -12.33 -5.77 5.20
CA THR D 19 -13.25 -5.99 4.09
C THR D 19 -14.21 -7.10 4.49
N PHE D 20 -13.60 -8.19 4.94
CA PHE D 20 -14.28 -9.36 5.49
C PHE D 20 -15.34 -8.93 6.50
N PHE D 21 -14.89 -8.16 7.51
CA PHE D 21 -15.72 -7.68 8.61
C PHE D 21 -16.92 -6.85 8.16
N THR D 22 -16.76 -6.01 7.13
CA THR D 22 -17.87 -5.16 6.68
C THR D 22 -18.82 -5.86 5.70
N PHE D 23 -18.52 -7.12 5.39
CA PHE D 23 -19.37 -7.88 4.50
C PHE D 23 -20.07 -8.99 5.28
N ALA D 24 -19.50 -9.33 6.43
CA ALA D 24 -20.03 -10.37 7.29
C ALA D 24 -21.00 -9.84 8.32
N ARG D 25 -21.07 -8.51 8.43
CA ARG D 25 -21.98 -7.82 9.35
C ARG D 25 -23.27 -7.40 8.63
N GLN D 26 -23.70 -8.19 7.64
CA GLN D 26 -24.91 -7.90 6.87
C GLN D 26 -26.15 -8.44 7.58
N GLU D 27 -26.39 -9.76 7.44
CA GLU D 27 -27.51 -10.42 8.11
C GLU D 27 -27.12 -10.62 9.57
N GLY D 28 -27.02 -11.87 10.06
CA GLY D 28 -26.51 -12.02 11.40
C GLY D 28 -25.04 -11.63 11.45
N ARG D 29 -24.54 -11.34 12.65
CA ARG D 29 -23.24 -11.81 13.14
C ARG D 29 -22.07 -11.53 12.18
N LYS D 30 -21.24 -10.55 12.59
CA LYS D 30 -20.06 -10.10 11.84
C LYS D 30 -18.88 -11.07 11.96
N ASP D 31 -18.90 -11.90 12.99
CA ASP D 31 -17.85 -12.89 13.23
C ASP D 31 -17.92 -14.11 12.30
N SER D 32 -19.03 -14.31 11.55
CA SER D 32 -19.17 -15.41 10.60
C SER D 32 -19.67 -14.91 9.25
N LEU D 33 -19.10 -15.44 8.16
CA LEU D 33 -19.65 -15.22 6.83
C LEU D 33 -20.95 -16.01 6.70
N SER D 34 -21.96 -15.35 6.13
CA SER D 34 -23.29 -15.85 5.88
C SER D 34 -23.52 -15.79 4.35
N VAL D 35 -24.51 -16.50 3.80
CA VAL D 35 -24.58 -16.67 2.34
C VAL D 35 -25.56 -15.72 1.68
N ASN D 36 -25.41 -14.45 2.05
CA ASN D 36 -25.59 -13.27 1.23
C ASN D 36 -24.73 -12.19 1.91
N GLU D 37 -23.48 -12.63 2.01
CA GLU D 37 -22.32 -11.92 2.55
C GLU D 37 -21.11 -12.47 1.78
N PHE D 38 -21.10 -13.82 1.64
CA PHE D 38 -20.12 -14.55 0.86
C PHE D 38 -20.35 -14.32 -0.63
N LYS D 39 -21.55 -14.67 -1.12
CA LYS D 39 -21.80 -14.56 -2.55
C LYS D 39 -21.66 -13.09 -3.00
N GLU D 40 -22.08 -12.16 -2.14
CA GLU D 40 -21.92 -10.73 -2.46
C GLU D 40 -20.44 -10.34 -2.46
N LEU D 41 -19.64 -11.03 -1.64
CA LEU D 41 -18.20 -10.76 -1.54
C LEU D 41 -17.46 -11.25 -2.78
N VAL D 42 -17.76 -12.47 -3.22
CA VAL D 42 -17.13 -13.03 -4.41
C VAL D 42 -17.60 -12.28 -5.66
N THR D 43 -18.88 -11.97 -5.73
CA THR D 43 -19.44 -11.28 -6.90
C THR D 43 -18.87 -9.86 -7.09
N GLN D 44 -18.47 -9.20 -6.00
CA GLN D 44 -17.96 -7.82 -6.12
C GLN D 44 -16.43 -7.73 -5.96
N GLN D 45 -15.90 -8.32 -4.90
CA GLN D 45 -14.46 -8.24 -4.62
C GLN D 45 -13.65 -9.32 -5.34
N LEU D 46 -14.24 -10.48 -5.60
CA LEU D 46 -13.51 -11.56 -6.28
C LEU D 46 -14.19 -12.02 -7.57
N PRO D 47 -14.55 -11.12 -8.50
CA PRO D 47 -15.19 -11.51 -9.76
C PRO D 47 -14.18 -11.77 -10.87
N HIS D 48 -13.00 -11.17 -10.73
CA HIS D 48 -11.93 -11.31 -11.70
C HIS D 48 -10.91 -12.33 -11.22
N LEU D 49 -10.52 -12.23 -9.95
CA LEU D 49 -9.56 -13.14 -9.35
C LEU D 49 -10.17 -14.55 -9.30
N LEU D 50 -11.32 -14.66 -8.63
CA LEU D 50 -12.02 -15.93 -8.57
C LEU D 50 -13.02 -15.99 -9.71
N LYS D 51 -12.61 -16.65 -10.79
CA LYS D 51 -13.45 -16.77 -11.97
C LYS D 51 -14.44 -17.93 -11.82
N ASP D 52 -15.19 -17.91 -10.73
CA ASP D 52 -16.17 -18.93 -10.45
C ASP D 52 -17.23 -18.41 -9.48
N VAL D 53 -17.82 -17.26 -9.80
CA VAL D 53 -18.85 -16.65 -8.97
C VAL D 53 -20.17 -17.41 -9.08
N GLY D 54 -20.33 -18.15 -10.17
CA GLY D 54 -21.55 -18.91 -10.38
C GLY D 54 -21.51 -20.26 -9.68
N SER D 55 -20.31 -20.68 -9.25
CA SER D 55 -20.15 -21.97 -8.57
C SER D 55 -19.57 -21.79 -7.16
N LEU D 56 -20.02 -20.73 -6.48
CA LEU D 56 -19.61 -20.44 -5.12
C LEU D 56 -20.00 -21.61 -4.22
N ASP D 57 -21.24 -22.07 -4.33
CA ASP D 57 -21.85 -23.12 -3.54
C ASP D 57 -20.91 -24.33 -3.34
N GLU D 58 -20.22 -24.68 -4.42
CA GLU D 58 -19.25 -25.76 -4.43
C GLU D 58 -18.08 -25.43 -3.49
N LYS D 59 -17.59 -24.19 -3.58
CA LYS D 59 -16.50 -23.70 -2.73
C LYS D 59 -16.98 -23.64 -1.27
N MET D 60 -18.17 -23.06 -1.08
CA MET D 60 -18.82 -22.99 0.23
C MET D 60 -18.82 -24.36 0.89
N LYS D 61 -19.34 -25.38 0.19
CA LYS D 61 -19.38 -26.73 0.74
C LYS D 61 -17.97 -27.21 1.10
N SER D 62 -16.99 -26.95 0.22
CA SER D 62 -15.60 -27.31 0.45
C SER D 62 -15.01 -26.58 1.65
N LEU D 63 -15.38 -25.32 1.84
CA LEU D 63 -14.90 -24.45 2.91
C LEU D 63 -15.48 -24.91 4.25
N ASP D 64 -16.81 -24.95 4.33
CA ASP D 64 -17.60 -24.97 5.55
C ASP D 64 -17.32 -26.11 6.53
N VAL D 65 -16.60 -27.15 6.11
CA VAL D 65 -16.87 -28.60 6.19
C VAL D 65 -17.58 -29.16 7.42
N ASN D 66 -17.58 -28.48 8.58
CA ASN D 66 -18.54 -28.82 9.62
C ASN D 66 -19.97 -28.69 9.09
N GLN D 67 -20.18 -27.86 8.08
CA GLN D 67 -21.42 -27.69 7.34
C GLN D 67 -22.51 -27.06 8.20
N ASP D 68 -22.11 -26.40 9.30
CA ASP D 68 -23.01 -25.54 10.06
C ASP D 68 -23.53 -24.37 9.19
N SER D 69 -22.84 -24.10 8.08
CA SER D 69 -23.17 -23.03 7.15
C SER D 69 -22.93 -21.63 7.73
N GLU D 70 -22.27 -21.56 8.89
CA GLU D 70 -21.51 -20.38 9.26
C GLU D 70 -20.12 -20.62 8.70
N LEU D 71 -19.72 -19.84 7.70
CA LEU D 71 -18.36 -19.88 7.19
C LEU D 71 -17.51 -19.21 8.28
N LYS D 72 -16.84 -20.03 9.07
CA LYS D 72 -16.36 -19.66 10.41
C LYS D 72 -15.05 -18.88 10.30
N PHE D 73 -14.58 -18.34 11.44
CA PHE D 73 -13.42 -17.45 11.52
C PHE D 73 -12.18 -18.35 11.50
N ASN D 74 -11.92 -18.86 10.29
CA ASN D 74 -10.98 -19.86 9.81
C ASN D 74 -11.74 -21.20 9.66
N GLU D 75 -12.89 -21.20 9.01
CA GLU D 75 -13.11 -21.85 7.73
C GLU D 75 -12.79 -20.85 6.61
N TYR D 76 -13.56 -19.75 6.60
CA TYR D 76 -13.62 -18.72 5.56
C TYR D 76 -12.24 -18.41 5.01
N TRP D 77 -11.31 -18.12 5.92
CA TRP D 77 -9.98 -17.64 5.61
C TRP D 77 -9.33 -18.40 4.46
N ARG D 78 -9.53 -19.73 4.41
CA ARG D 78 -9.08 -20.58 3.32
C ARG D 78 -9.23 -19.90 1.95
N LEU D 79 -10.38 -19.26 1.70
CA LEU D 79 -10.67 -18.59 0.45
C LEU D 79 -9.53 -17.67 0.03
N ILE D 80 -9.06 -16.81 0.93
CA ILE D 80 -7.99 -15.86 0.67
C ILE D 80 -6.74 -16.65 0.24
N GLY D 81 -6.61 -17.88 0.74
CA GLY D 81 -5.57 -18.84 0.44
C GLY D 81 -5.64 -19.34 -0.97
N GLU D 82 -6.85 -19.65 -1.36
CA GLU D 82 -7.12 -20.19 -2.67
C GLU D 82 -6.84 -19.08 -3.67
N LEU D 83 -7.36 -17.86 -3.46
CA LEU D 83 -6.91 -16.75 -4.31
C LEU D 83 -5.38 -16.57 -4.27
N ALA D 84 -4.78 -16.60 -3.08
CA ALA D 84 -3.34 -16.42 -2.91
C ALA D 84 -2.56 -17.40 -3.80
N LYS D 85 -2.89 -18.70 -3.74
CA LYS D 85 -2.22 -19.65 -4.64
C LYS D 85 -2.69 -19.44 -6.07
N GLU D 86 -3.98 -19.19 -6.36
CA GLU D 86 -4.56 -19.08 -7.70
C GLU D 86 -3.69 -18.24 -8.63
N ILE D 87 -3.20 -17.09 -8.16
CA ILE D 87 -2.34 -16.23 -8.95
C ILE D 87 -1.16 -17.01 -9.56
N ARG D 88 -0.58 -17.93 -8.78
CA ARG D 88 0.42 -18.89 -9.20
C ARG D 88 -0.21 -20.13 -9.87
N LYS D 89 -1.36 -20.58 -9.36
CA LYS D 89 -1.89 -21.92 -9.59
C LYS D 89 -3.23 -21.87 -10.34
N LYS D 90 -3.15 -21.67 -11.65
CA LYS D 90 -4.25 -21.58 -12.60
C LYS D 90 -5.42 -22.53 -12.28
N LYS D 91 -5.17 -23.85 -12.15
CA LYS D 91 -6.24 -24.81 -11.83
C LYS D 91 -5.73 -26.07 -11.11
N ASP D 92 -4.41 -26.19 -10.92
CA ASP D 92 -3.72 -27.47 -10.97
C ASP D 92 -3.62 -28.08 -9.56
N LEU D 93 -4.74 -28.13 -8.84
CA LEU D 93 -4.80 -28.65 -7.47
C LEU D 93 -5.17 -30.13 -7.45
N DLY D 94 -6.29 -30.49 -8.08
CA DLY D 94 -6.95 -31.77 -7.89
C DLY D 94 -7.10 -32.14 -6.41
O DLY D 94 -8.00 -31.62 -5.75
CB DLY D 94 -8.34 -31.71 -8.55
CG DLY D 94 -9.07 -30.39 -8.21
CD DLY D 94 -10.59 -30.50 -8.06
CE DLY D 94 -11.08 -30.90 -6.65
NZ DLY D 94 -10.58 -32.22 -6.18
H DLY D 94 -6.68 -29.85 -8.71
HA DLY D 94 -7.33 -30.91 -7.22
HB2 DLY D 94 -8.23 -31.78 -9.62
HB3 DLY D 94 -8.94 -32.53 -8.19
HG2 DLY D 94 -8.69 -29.99 -7.28
HG3 DLY D 94 -8.87 -29.68 -9.00
HD2 DLY D 94 -11.02 -29.55 -8.30
HD3 DLY D 94 -10.94 -31.23 -8.77
HE2 DLY D 94 -10.77 -30.15 -5.96
HE3 DLY D 94 -12.16 -30.94 -6.67
HZ1 DLY D 94 -10.93 -32.42 -5.22
HZ2 DLY D 94 -9.54 -32.21 -6.15
HZ3 DLY D 94 -10.88 -32.98 -6.83
N ILE D 95 -6.28 -33.06 -5.91
CA ILE D 95 -6.42 -33.76 -4.62
C ILE D 95 -7.78 -34.46 -4.43
N ARG D 96 -7.74 -35.54 -3.64
CA ARG D 96 -8.86 -36.36 -3.20
C ARG D 96 -8.33 -37.23 -2.08
N LYS D 97 -8.97 -37.25 -0.91
CA LYS D 97 -8.36 -37.73 0.33
C LYS D 97 -9.46 -37.70 1.40
N LYS D 98 -9.72 -38.83 2.06
CA LYS D 98 -10.52 -38.91 3.28
C LYS D 98 -9.53 -39.06 4.43
N TYR E 1 -26.00 32.60 8.48
CA TYR E 1 -26.77 32.69 7.22
C TYR E 1 -27.19 31.29 6.76
N LYS E 2 -28.06 30.66 7.55
CA LYS E 2 -28.55 29.31 7.22
C LYS E 2 -29.04 29.25 5.77
N LYS E 3 -28.28 28.58 4.92
CA LYS E 3 -28.61 28.45 3.51
C LYS E 3 -27.90 27.22 2.93
N PRO E 4 -27.98 27.01 1.59
CA PRO E 4 -27.36 25.90 0.88
C PRO E 4 -26.23 25.22 1.66
N LYS E 5 -26.52 24.04 2.20
CA LYS E 5 -25.55 23.28 2.96
C LYS E 5 -24.89 22.24 2.04
N LEU E 6 -23.64 22.50 1.66
CA LEU E 6 -22.92 21.58 0.79
C LEU E 6 -22.29 20.46 1.62
N LEU E 7 -22.42 19.23 1.13
CA LEU E 7 -21.87 18.07 1.83
C LEU E 7 -21.33 17.03 0.83
N TYR E 8 -20.17 16.49 1.13
CA TYR E 8 -19.55 15.47 0.27
C TYR E 8 -18.53 14.66 1.08
N CYS E 9 -17.98 13.61 0.49
CA CYS E 9 -17.01 12.78 1.19
C CYS E 9 -15.99 12.19 0.22
N SER E 10 -14.90 11.66 0.79
CA SER E 10 -13.83 11.06 0.00
C SER E 10 -12.98 12.15 -0.63
N ASN E 11 -11.70 12.17 -0.30
CA ASN E 11 -10.78 13.17 -0.84
C ASN E 11 -10.91 13.24 -2.36
N GLY E 12 -11.14 14.45 -2.87
CA GLY E 12 -11.28 14.63 -4.29
C GLY E 12 -12.47 15.51 -4.64
N GLY E 13 -12.28 16.41 -5.58
CA GLY E 13 -13.35 17.30 -6.00
C GLY E 13 -14.59 16.54 -6.43
N HIS E 14 -15.60 16.54 -5.57
CA HIS E 14 -16.88 15.88 -5.83
C HIS E 14 -17.93 16.37 -4.85
N PHE E 15 -19.03 16.92 -5.35
CA PHE E 15 -20.09 17.43 -4.50
C PHE E 15 -21.40 16.68 -4.76
N LEU E 16 -22.23 16.58 -3.73
CA LEU E 16 -23.51 15.89 -3.86
C LEU E 16 -24.50 16.74 -4.64
N ARG E 17 -24.68 16.43 -5.93
CA ARG E 17 -25.60 17.19 -6.76
C ARG E 17 -26.95 16.48 -6.81
N ILE E 18 -27.93 17.07 -6.14
CA ILE E 18 -29.27 16.50 -6.08
C ILE E 18 -30.14 16.99 -7.24
N LEU E 19 -30.97 16.10 -7.75
CA LEU E 19 -31.87 16.42 -8.85
C LEU E 19 -33.29 15.96 -8.50
N PRO E 20 -34.31 16.76 -8.84
CA PRO E 20 -35.72 16.42 -8.56
C PRO E 20 -36.06 14.98 -8.91
N ASP E 21 -35.38 14.46 -9.92
CA ASP E 21 -35.58 13.08 -10.37
C ASP E 21 -35.29 12.09 -9.23
N GLY E 22 -34.22 12.34 -8.50
CA GLY E 22 -33.84 11.47 -7.41
C GLY E 22 -32.43 10.96 -7.54
N THR E 23 -31.97 10.76 -8.77
CA THR E 23 -30.63 10.27 -9.03
C THR E 23 -29.58 11.33 -8.70
N VAL E 24 -29.19 11.40 -7.44
CA VAL E 24 -28.18 12.35 -6.99
C VAL E 24 -26.78 11.74 -7.16
N ASP E 25 -25.87 12.51 -7.75
CA ASP E 25 -24.49 12.04 -7.97
C ASP E 25 -23.48 13.02 -7.40
N GLY E 26 -22.24 12.57 -7.29
CA GLY E 26 -21.18 13.40 -6.75
C GLY E 26 -20.54 14.29 -7.78
N THR E 27 -21.32 15.23 -8.30
CA THR E 27 -20.85 16.16 -9.32
C THR E 27 -19.81 17.12 -8.74
N ARG E 28 -18.68 17.23 -9.39
CA ARG E 28 -17.63 18.12 -8.92
C ARG E 28 -17.74 19.48 -9.61
N ASP E 29 -18.82 20.19 -9.28
CA ASP E 29 -19.06 21.51 -9.85
C ASP E 29 -19.82 22.39 -8.86
N ARG E 30 -19.62 23.70 -8.98
CA ARG E 30 -20.29 24.66 -8.10
C ARG E 30 -20.84 25.83 -8.92
N SER E 31 -21.07 25.59 -10.21
CA SER E 31 -21.59 26.58 -11.12
C SER E 31 -23.11 26.53 -11.16
N ASP E 32 -23.65 25.31 -11.20
CA ASP E 32 -25.09 25.11 -11.24
C ASP E 32 -25.62 24.84 -9.84
N GLN E 33 -26.62 25.61 -9.42
CA GLN E 33 -27.20 25.46 -8.08
C GLN E 33 -27.97 24.15 -7.95
N HIS E 34 -27.23 23.05 -7.81
CA HIS E 34 -27.85 21.74 -7.64
C HIS E 34 -27.05 20.86 -6.69
N ILE E 35 -26.14 21.46 -5.91
CA ILE E 35 -25.31 20.73 -4.96
C ILE E 35 -25.44 21.32 -3.57
N GLN E 36 -26.68 21.63 -3.18
CA GLN E 36 -26.95 22.23 -1.88
C GLN E 36 -28.21 21.64 -1.26
N LEU E 37 -28.12 21.27 0.01
CA LEU E 37 -29.25 20.71 0.73
C LEU E 37 -29.45 21.47 2.03
N GLN E 38 -30.67 21.47 2.55
CA GLN E 38 -30.97 22.17 3.79
C GLN E 38 -30.75 21.24 4.98
N LEU E 39 -29.48 20.98 5.29
CA LEU E 39 -29.13 20.13 6.42
C LEU E 39 -29.32 20.89 7.73
N SER E 40 -30.05 20.28 8.66
CA SER E 40 -30.31 20.90 9.96
C SER E 40 -30.73 19.85 10.98
N ALA E 41 -30.51 20.15 12.25
CA ALA E 41 -30.89 19.25 13.33
C ALA E 41 -32.35 19.46 13.69
N GLU E 42 -33.20 18.55 13.23
CA GLU E 42 -34.63 18.64 13.49
C GLU E 42 -34.92 18.34 14.95
N SER E 43 -34.46 17.18 15.43
CA SER E 43 -34.66 16.77 16.80
C SER E 43 -33.31 16.66 17.51
N VAL E 44 -33.34 16.38 18.80
CA VAL E 44 -32.11 16.25 19.58
C VAL E 44 -31.17 15.22 18.94
N GLY E 45 -30.25 15.71 18.12
CA GLY E 45 -29.30 14.84 17.45
C GLY E 45 -29.78 14.33 16.10
N GLU E 46 -31.09 14.46 15.84
CA GLU E 46 -31.65 13.99 14.59
C GLU E 46 -31.58 15.07 13.51
N VAL E 47 -30.70 14.87 12.54
CA VAL E 47 -30.53 15.82 11.45
C VAL E 47 -31.20 15.30 10.18
N TYR E 48 -31.80 16.20 9.42
CA TYR E 48 -32.48 15.84 8.19
C TYR E 48 -31.79 16.45 6.97
N ILE E 49 -31.85 15.74 5.86
CA ILE E 49 -31.24 16.18 4.62
C ILE E 49 -32.34 16.46 3.59
N LYS E 50 -32.64 17.73 3.39
CA LYS E 50 -33.67 18.13 2.45
C LYS E 50 -33.18 19.23 1.52
N SER E 51 -33.05 18.90 0.24
CA SER E 51 -32.60 19.86 -0.75
C SER E 51 -33.77 20.73 -1.20
N THR E 52 -34.36 21.45 -0.24
CA THR E 52 -35.52 22.29 -0.50
C THR E 52 -35.28 23.30 -1.63
N GLU E 53 -34.43 24.28 -1.37
CA GLU E 53 -34.14 25.33 -2.35
C GLU E 53 -33.10 24.88 -3.37
N THR E 54 -33.36 23.76 -4.06
CA THR E 54 -32.43 23.26 -5.08
C THR E 54 -32.86 21.91 -5.66
N GLY E 55 -33.35 21.01 -4.82
CA GLY E 55 -33.74 19.71 -5.33
C GLY E 55 -34.98 19.15 -4.68
N GLN E 56 -34.80 18.09 -3.89
CA GLN E 56 -35.90 17.40 -3.25
C GLN E 56 -35.51 16.90 -1.86
N TYR E 57 -36.45 16.20 -1.22
CA TYR E 57 -36.22 15.63 0.11
C TYR E 57 -35.68 14.21 -0.03
N LEU E 58 -34.80 13.81 0.88
CA LEU E 58 -34.21 12.48 0.82
C LEU E 58 -35.14 11.44 1.44
N ALA E 59 -34.96 10.19 0.99
CA ALA E 59 -35.75 9.06 1.47
C ALA E 59 -35.02 7.77 1.15
N MET E 60 -34.09 7.40 2.04
CA MET E 60 -33.28 6.20 1.87
C MET E 60 -34.14 4.97 1.61
N ASP E 61 -33.63 4.09 0.74
CA ASP E 61 -34.32 2.86 0.41
C ASP E 61 -33.81 1.76 1.32
N THR E 62 -34.36 1.70 2.52
CA THR E 62 -33.97 0.70 3.50
C THR E 62 -32.49 0.87 3.84
N ASP E 63 -32.01 2.12 3.83
CA ASP E 63 -30.60 2.45 4.09
C ASP E 63 -29.72 1.95 2.95
N GLY E 64 -29.86 0.66 2.62
CA GLY E 64 -29.09 0.06 1.53
C GLY E 64 -28.79 1.02 0.40
N LEU E 65 -29.85 1.60 -0.17
CA LEU E 65 -29.70 2.56 -1.25
C LEU E 65 -30.22 3.92 -0.82
N LEU E 66 -29.43 4.96 -1.08
CA LEU E 66 -29.82 6.31 -0.69
C LEU E 66 -30.46 7.05 -1.87
N TYR E 67 -31.63 7.62 -1.65
CA TYR E 67 -32.34 8.36 -2.69
C TYR E 67 -33.27 9.40 -2.05
N GLY E 68 -33.92 10.19 -2.89
CA GLY E 68 -34.83 11.20 -2.39
C GLY E 68 -35.53 11.92 -3.53
N SER E 69 -36.80 12.29 -3.32
CA SER E 69 -37.57 12.99 -4.34
C SER E 69 -39.03 13.10 -3.94
N GLN E 70 -39.69 11.95 -3.81
CA GLN E 70 -41.12 11.92 -3.48
C GLN E 70 -41.42 12.54 -2.11
N THR E 71 -41.05 11.84 -1.03
CA THR E 71 -41.33 12.33 0.31
C THR E 71 -40.18 12.05 1.29
N PRO E 72 -39.97 12.95 2.27
CA PRO E 72 -38.92 12.77 3.28
C PRO E 72 -39.34 11.76 4.35
N ASN E 73 -39.35 10.49 3.95
CA ASN E 73 -39.74 9.42 4.87
C ASN E 73 -38.76 9.31 6.04
N GLU E 74 -39.22 8.73 7.15
CA GLU E 74 -38.38 8.58 8.35
C GLU E 74 -36.97 8.09 7.97
N GLU E 75 -36.87 7.30 6.91
CA GLU E 75 -35.58 6.81 6.42
C GLU E 75 -34.57 7.97 6.31
N CYS E 76 -35.07 9.19 6.14
CA CYS E 76 -34.22 10.37 6.00
C CYS E 76 -33.78 10.96 7.35
N LEU E 77 -34.16 10.34 8.47
CA LEU E 77 -33.74 10.86 9.77
C LEU E 77 -32.41 10.24 10.19
N PHE E 78 -31.41 11.08 10.39
CA PHE E 78 -30.08 10.60 10.77
C PHE E 78 -29.56 11.30 12.02
N LEU E 79 -28.80 10.57 12.83
CA LEU E 79 -28.22 11.10 14.05
C LEU E 79 -26.92 11.84 13.71
N GLU E 80 -26.84 13.10 14.12
CA GLU E 80 -25.65 13.92 13.84
C GLU E 80 -24.48 13.52 14.74
N ARG E 81 -23.41 13.02 14.13
CA ARG E 81 -22.22 12.61 14.86
C ARG E 81 -20.98 13.23 14.21
N LEU E 82 -19.95 13.49 15.01
CA LEU E 82 -18.74 14.11 14.51
C LEU E 82 -17.52 13.21 14.79
N GLU E 83 -16.61 13.13 13.84
CA GLU E 83 -15.41 12.32 14.00
C GLU E 83 -14.18 13.22 14.07
N GLU E 84 -13.23 12.86 14.92
CA GLU E 84 -12.00 13.64 15.07
C GLU E 84 -11.09 13.45 13.86
N ASN E 85 -11.64 13.68 12.68
CA ASN E 85 -10.92 13.53 11.43
C ASN E 85 -11.36 14.60 10.42
N HIS E 86 -11.93 15.69 10.95
CA HIS E 86 -12.43 16.79 10.12
C HIS E 86 -13.53 16.31 9.18
N TYR E 87 -14.45 15.50 9.71
CA TYR E 87 -15.56 14.96 8.93
C TYR E 87 -16.80 14.78 9.80
N ASN E 88 -17.96 14.83 9.15
CA ASN E 88 -19.24 14.68 9.82
C ASN E 88 -19.78 13.27 9.62
N THR E 89 -20.49 12.75 10.61
CA THR E 89 -21.07 11.43 10.55
C THR E 89 -22.57 11.50 10.84
N TYR E 90 -23.36 10.78 10.06
CA TYR E 90 -24.81 10.77 10.23
C TYR E 90 -25.32 9.34 10.30
N ILE E 91 -25.87 8.96 11.45
CA ILE E 91 -26.37 7.61 11.64
C ILE E 91 -27.85 7.51 11.32
N SER E 92 -28.18 6.72 10.31
CA SER E 92 -29.57 6.52 9.90
C SER E 92 -30.30 5.72 10.98
N LYS E 93 -30.70 6.41 12.05
CA LYS E 93 -31.41 5.77 13.17
C LYS E 93 -32.46 4.79 12.66
N LYS E 94 -33.10 5.12 11.54
CA LYS E 94 -34.11 4.25 10.95
C LYS E 94 -33.57 2.83 10.76
N HIS E 95 -32.25 2.72 10.56
CA HIS E 95 -31.61 1.41 10.37
C HIS E 95 -30.42 1.21 11.32
N ALA E 96 -30.28 2.12 12.29
CA ALA E 96 -29.19 2.03 13.25
C ALA E 96 -29.16 0.65 13.89
N GLU E 97 -30.33 0.03 14.01
CA GLU E 97 -30.45 -1.32 14.56
C GLU E 97 -29.47 -2.28 13.90
N LYS E 98 -29.22 -2.10 12.61
CA LYS E 98 -28.31 -2.97 11.86
C LYS E 98 -26.91 -2.36 11.75
N ASN E 99 -26.65 -1.31 12.54
CA ASN E 99 -25.37 -0.61 12.54
C ASN E 99 -25.08 0.00 11.18
N TRP E 100 -26.13 0.58 10.58
CA TRP E 100 -26.02 1.19 9.27
C TRP E 100 -26.14 2.72 9.34
N PHE E 101 -25.14 3.41 8.80
CA PHE E 101 -25.15 4.86 8.77
C PHE E 101 -24.74 5.39 7.39
N VAL E 102 -25.68 6.15 6.77
CA VAL E 102 -25.57 6.75 5.43
C VAL E 102 -24.13 6.81 4.89
N GLY E 103 -23.93 6.18 3.73
CA GLY E 103 -22.64 6.17 3.08
C GLY E 103 -22.80 6.31 1.57
N LEU E 104 -22.04 7.20 0.95
CA LEU E 104 -22.13 7.42 -0.50
C LEU E 104 -20.82 7.14 -1.20
N LYS E 105 -20.89 6.92 -2.51
CA LYS E 105 -19.73 6.65 -3.32
C LYS E 105 -19.36 7.90 -4.13
N LYS E 106 -18.30 8.58 -3.70
CA LYS E 106 -17.82 9.80 -4.36
C LYS E 106 -17.87 9.68 -5.89
N ASN E 107 -17.43 8.54 -6.40
CA ASN E 107 -17.41 8.30 -7.84
C ASN E 107 -18.46 7.27 -8.24
N GLY E 108 -19.60 7.29 -7.58
CA GLY E 108 -20.66 6.34 -7.89
C GLY E 108 -22.04 6.89 -7.61
N SER E 109 -22.25 7.38 -6.38
CA SER E 109 -23.51 7.94 -5.92
C SER E 109 -23.76 7.47 -4.48
N CYS E 110 -24.83 7.96 -3.87
CA CYS E 110 -25.16 7.59 -2.50
C CYS E 110 -25.97 6.29 -2.47
N LYS E 111 -25.30 5.19 -2.15
CA LYS E 111 -25.96 3.88 -2.08
C LYS E 111 -24.96 2.80 -1.68
N ARG E 112 -24.65 2.75 -0.38
CA ARG E 112 -23.70 1.78 0.17
C ARG E 112 -24.15 1.32 1.55
N GLY E 113 -25.45 1.32 1.77
CA GLY E 113 -26.04 0.92 3.05
C GLY E 113 -25.58 -0.42 3.61
N PRO E 114 -25.49 -1.50 2.79
CA PRO E 114 -25.07 -2.81 3.30
C PRO E 114 -23.58 -2.85 3.68
N ARG E 115 -22.85 -1.78 3.38
CA ARG E 115 -21.42 -1.70 3.69
C ARG E 115 -21.09 -0.49 4.57
N THR E 116 -22.11 0.06 5.25
CA THR E 116 -21.90 1.23 6.11
C THR E 116 -21.46 0.86 7.52
N HIS E 117 -20.15 0.91 7.77
CA HIS E 117 -19.59 0.61 9.08
C HIS E 117 -18.12 1.02 9.13
N TYR E 118 -17.30 0.25 9.86
CA TYR E 118 -15.88 0.55 9.96
C TYR E 118 -15.10 -0.11 8.82
N GLY E 119 -15.35 0.39 7.62
CA GLY E 119 -14.69 -0.12 6.43
C GLY E 119 -14.68 0.92 5.34
N GLN E 120 -15.88 1.35 4.96
CA GLN E 120 -16.04 2.39 3.94
C GLN E 120 -15.91 3.74 4.63
N LYS E 121 -14.82 4.44 4.33
CA LYS E 121 -14.52 5.73 4.96
C LYS E 121 -15.44 6.83 4.41
N ALA E 122 -16.06 6.57 3.26
CA ALA E 122 -16.98 7.52 2.63
C ALA E 122 -18.07 8.00 3.59
N ILE E 123 -18.25 7.29 4.71
CA ILE E 123 -19.23 7.67 5.72
C ILE E 123 -18.84 9.00 6.38
N LEU E 124 -17.54 9.31 6.38
CA LEU E 124 -17.05 10.54 6.98
C LEU E 124 -17.17 11.68 5.98
N PHE E 125 -18.32 12.34 6.00
CA PHE E 125 -18.60 13.43 5.07
C PHE E 125 -17.93 14.74 5.52
N LEU E 126 -17.55 15.55 4.54
CA LEU E 126 -16.94 16.84 4.78
C LEU E 126 -17.92 17.94 4.39
N PRO E 127 -18.51 18.62 5.38
CA PRO E 127 -19.49 19.69 5.15
C PRO E 127 -18.86 21.06 4.93
N LEU E 128 -19.45 21.82 4.02
CA LEU E 128 -18.99 23.18 3.71
C LEU E 128 -20.19 24.14 3.71
N PRO E 129 -21.05 24.08 4.75
CA PRO E 129 -22.24 24.92 4.86
C PRO E 129 -21.93 26.33 5.37
N VAL E 130 -22.77 27.28 4.98
CA VAL E 130 -22.63 28.66 5.42
C VAL E 130 -23.19 28.83 6.82
N SER E 131 -22.35 28.59 7.82
CA SER E 131 -22.74 28.71 9.21
C SER E 131 -23.00 30.17 9.60
N SER E 132 -23.41 30.37 10.85
CA SER E 132 -23.67 31.71 11.35
C SER E 132 -22.62 32.10 12.39
N ASP E 133 -21.39 32.23 11.91
CA ASP E 133 -20.26 32.59 12.76
C ASP E 133 -20.02 34.08 12.74
N GLU F 1 -14.88 -2.03 -5.12
CA GLU F 1 -15.46 -2.08 -6.49
C GLU F 1 -14.37 -1.91 -7.55
N LYS F 2 -14.12 -2.96 -8.31
CA LYS F 2 -13.10 -2.93 -9.36
C LYS F 2 -13.57 -3.65 -10.62
N LEU F 3 -13.21 -3.08 -11.77
CA LEU F 3 -13.58 -3.64 -13.07
C LEU F 3 -12.37 -3.62 -14.01
N GLY F 4 -11.28 -3.00 -13.55
CA GLY F 4 -10.08 -2.91 -14.36
C GLY F 4 -9.84 -1.49 -14.83
N LYS F 5 -9.40 -1.34 -16.08
CA LYS F 5 -9.13 -0.01 -16.65
C LYS F 5 -9.50 0.05 -18.13
N LEU F 6 -9.87 1.23 -18.60
CA LEU F 6 -10.25 1.44 -19.99
C LEU F 6 -9.56 2.68 -20.54
N GLN F 7 -8.82 2.52 -21.61
CA GLN F 7 -8.11 3.63 -22.24
C GLN F 7 -9.01 4.27 -23.29
N TYR F 8 -9.06 5.59 -23.33
CA TYR F 8 -9.91 6.28 -24.31
C TYR F 8 -9.40 7.67 -24.67
N SER F 9 -9.80 8.11 -25.86
CA SER F 9 -9.46 9.42 -26.39
C SER F 9 -10.71 10.07 -26.96
N LEU F 10 -11.28 11.01 -26.23
CA LEU F 10 -12.53 11.66 -26.65
C LEU F 10 -12.27 13.03 -27.26
N ASP F 11 -12.80 13.26 -28.45
CA ASP F 11 -12.66 14.55 -29.13
C ASP F 11 -14.05 15.14 -29.41
N TYR F 12 -14.11 16.42 -29.75
CA TYR F 12 -15.40 17.07 -29.99
C TYR F 12 -15.56 17.57 -31.41
N ASP F 13 -16.80 17.52 -31.91
CA ASP F 13 -17.13 18.00 -33.24
C ASP F 13 -18.08 19.19 -33.13
N PHE F 14 -17.69 20.31 -33.72
CA PHE F 14 -18.50 21.53 -33.66
C PHE F 14 -19.26 21.79 -34.98
N GLN F 15 -19.26 20.80 -35.88
CA GLN F 15 -19.96 20.92 -37.15
C GLN F 15 -21.31 20.23 -37.07
N ASN F 16 -21.31 19.01 -36.55
CA ASN F 16 -22.53 18.22 -36.39
C ASN F 16 -23.04 18.29 -34.95
N ASN F 17 -22.15 18.72 -34.04
CA ASN F 17 -22.48 18.87 -32.62
C ASN F 17 -22.56 17.51 -31.93
N GLN F 18 -21.42 16.83 -31.88
CA GLN F 18 -21.33 15.53 -31.24
C GLN F 18 -19.92 15.30 -30.70
N LEU F 19 -19.83 14.63 -29.56
CA LEU F 19 -18.54 14.33 -28.98
C LEU F 19 -18.12 12.92 -29.41
N LEU F 20 -16.87 12.78 -29.85
CA LEU F 20 -16.37 11.51 -30.33
C LEU F 20 -15.71 10.73 -29.19
N VAL F 21 -16.45 9.77 -28.64
CA VAL F 21 -15.92 8.95 -27.57
C VAL F 21 -15.12 7.80 -28.17
N GLY F 22 -13.85 8.07 -28.47
CA GLY F 22 -12.99 7.06 -29.04
C GLY F 22 -12.18 6.32 -27.99
N ILE F 23 -12.73 5.21 -27.50
CA ILE F 23 -12.03 4.42 -26.50
C ILE F 23 -11.06 3.46 -27.19
N ILE F 24 -9.98 3.13 -26.50
CA ILE F 24 -8.96 2.25 -27.06
C ILE F 24 -9.27 0.79 -26.75
N GLN F 25 -9.41 0.48 -25.46
CA GLN F 25 -9.72 -0.88 -25.02
C GLN F 25 -9.92 -0.93 -23.51
N ALA F 26 -10.32 -2.10 -23.02
CA ALA F 26 -10.54 -2.31 -21.60
C ALA F 26 -9.62 -3.41 -21.11
N ALA F 27 -9.06 -3.25 -19.92
CA ALA F 27 -8.15 -4.24 -19.36
C ALA F 27 -8.59 -4.70 -17.98
N GLU F 28 -8.37 -6.00 -17.71
CA GLU F 28 -8.69 -6.62 -16.43
C GLU F 28 -10.19 -6.66 -16.12
N LEU F 29 -10.99 -7.14 -17.07
CA LEU F 29 -12.43 -7.24 -16.88
C LEU F 29 -12.80 -8.51 -16.13
N PRO F 30 -13.72 -8.44 -15.15
CA PRO F 30 -14.16 -9.60 -14.35
C PRO F 30 -14.89 -10.66 -15.20
N ALA F 31 -14.96 -11.87 -14.66
CA ALA F 31 -15.62 -12.98 -15.35
C ALA F 31 -17.10 -13.10 -14.98
N LEU F 32 -17.86 -13.78 -15.84
CA LEU F 32 -19.29 -13.99 -15.63
C LEU F 32 -19.67 -15.43 -15.98
N ASP F 33 -19.38 -15.84 -17.21
CA ASP F 33 -19.65 -17.19 -17.68
C ASP F 33 -18.77 -18.19 -16.93
N MET F 34 -19.19 -19.46 -16.90
CA MET F 34 -18.44 -20.50 -16.21
C MET F 34 -17.11 -20.79 -16.91
N GLY F 35 -16.02 -20.68 -16.16
CA GLY F 35 -14.71 -20.92 -16.71
C GLY F 35 -13.70 -19.86 -16.30
N GLY F 36 -13.83 -18.67 -16.89
CA GLY F 36 -12.93 -17.59 -16.56
C GLY F 36 -12.97 -16.44 -17.54
N THR F 37 -14.06 -16.35 -18.31
CA THR F 37 -14.20 -15.27 -19.30
C THR F 37 -15.66 -14.85 -19.46
N SER F 38 -15.87 -13.64 -19.98
CA SER F 38 -17.22 -13.12 -20.20
C SER F 38 -17.34 -12.55 -21.62
N ASP F 39 -18.55 -12.11 -21.96
CA ASP F 39 -18.83 -11.50 -23.25
C ASP F 39 -19.19 -10.04 -23.02
N PRO F 40 -18.23 -9.25 -22.51
CA PRO F 40 -18.47 -7.84 -22.18
C PRO F 40 -18.57 -6.90 -23.38
N TYR F 41 -19.67 -6.17 -23.43
CA TYR F 41 -19.91 -5.18 -24.46
C TYR F 41 -20.34 -3.88 -23.78
N VAL F 42 -19.73 -2.77 -24.17
CA VAL F 42 -20.04 -1.48 -23.56
C VAL F 42 -21.33 -0.91 -24.12
N LYS F 43 -22.29 -0.64 -23.23
CA LYS F 43 -23.55 -0.05 -23.63
C LYS F 43 -23.56 1.41 -23.20
N VAL F 44 -23.33 2.29 -24.15
CA VAL F 44 -23.29 3.72 -23.88
C VAL F 44 -24.67 4.25 -23.52
N PHE F 45 -24.79 4.78 -22.31
CA PHE F 45 -26.05 5.32 -21.81
C PHE F 45 -25.86 6.77 -21.36
N LEU F 46 -26.96 7.45 -21.11
CA LEU F 46 -26.93 8.85 -20.68
C LEU F 46 -27.92 9.10 -19.55
N LEU F 47 -27.67 10.14 -18.79
CA LEU F 47 -28.54 10.55 -17.69
C LEU F 47 -29.93 10.89 -18.26
N PRO F 48 -30.87 11.42 -17.43
CA PRO F 48 -32.21 11.81 -17.84
C PRO F 48 -32.32 12.13 -19.33
N ASP F 49 -31.36 12.89 -19.84
CA ASP F 49 -31.32 13.26 -21.26
C ASP F 49 -31.75 12.07 -22.12
N LYS F 50 -31.13 10.92 -21.86
CA LYS F 50 -31.43 9.67 -22.56
C LYS F 50 -31.58 9.83 -24.09
N LYS F 51 -30.89 10.80 -24.67
CA LYS F 51 -30.98 11.01 -26.12
C LYS F 51 -29.81 10.34 -26.82
N LYS F 52 -29.68 9.03 -26.61
CA LYS F 52 -28.60 8.23 -27.21
C LYS F 52 -28.56 6.85 -26.59
N LYS F 53 -28.38 5.84 -27.43
CA LYS F 53 -28.32 4.46 -26.98
C LYS F 53 -27.65 3.59 -28.05
N PHE F 54 -26.43 3.16 -27.77
CA PHE F 54 -25.68 2.34 -28.71
C PHE F 54 -25.17 1.06 -28.05
N GLU F 55 -25.25 -0.04 -28.79
CA GLU F 55 -24.80 -1.33 -28.30
C GLU F 55 -23.56 -1.77 -29.09
N THR F 56 -22.46 -2.02 -28.39
CA THR F 56 -21.23 -2.44 -29.03
C THR F 56 -21.31 -3.89 -29.49
N LYS F 57 -20.31 -4.34 -30.23
CA LYS F 57 -20.29 -5.71 -30.73
C LYS F 57 -19.90 -6.66 -29.61
N VAL F 58 -20.73 -7.64 -29.35
CA VAL F 58 -20.45 -8.62 -28.31
C VAL F 58 -19.05 -9.18 -28.49
N HIS F 59 -18.30 -9.25 -27.41
CA HIS F 59 -16.94 -9.78 -27.42
C HIS F 59 -16.91 -11.11 -26.68
N ARG F 60 -17.16 -12.17 -27.42
CA ARG F 60 -17.22 -13.53 -26.87
C ARG F 60 -15.98 -13.91 -26.07
N LYS F 61 -16.22 -14.33 -24.83
CA LYS F 61 -15.18 -14.80 -23.91
C LYS F 61 -13.88 -13.99 -24.03
N THR F 62 -13.88 -12.79 -23.47
CA THR F 62 -12.69 -11.93 -23.50
C THR F 62 -12.75 -10.88 -22.40
N LEU F 63 -11.67 -10.81 -21.63
CA LEU F 63 -11.56 -9.87 -20.51
C LEU F 63 -10.60 -8.72 -20.85
N ASN F 64 -10.11 -8.71 -22.08
CA ASN F 64 -9.19 -7.67 -22.54
C ASN F 64 -9.32 -7.51 -24.05
N PRO F 65 -10.55 -7.26 -24.53
CA PRO F 65 -10.82 -7.12 -25.96
C PRO F 65 -10.56 -5.71 -26.50
N VAL F 66 -10.20 -5.64 -27.77
CA VAL F 66 -9.95 -4.38 -28.44
C VAL F 66 -10.91 -4.22 -29.61
N PHE F 67 -11.31 -3.01 -29.91
CA PHE F 67 -12.25 -2.78 -31.01
C PHE F 67 -12.30 -1.30 -31.39
N ASN F 68 -12.44 -0.44 -30.38
CA ASN F 68 -12.50 1.00 -30.60
C ASN F 68 -13.78 1.38 -31.32
N GLU F 69 -14.91 1.30 -30.61
CA GLU F 69 -16.19 1.65 -31.18
C GLU F 69 -16.38 3.16 -31.18
N GLN F 70 -17.15 3.66 -32.14
CA GLN F 70 -17.38 5.09 -32.28
C GLN F 70 -18.74 5.47 -31.68
N PHE F 71 -18.71 6.12 -30.51
CA PHE F 71 -19.94 6.55 -29.86
C PHE F 71 -20.19 8.03 -30.12
N THR F 72 -21.32 8.33 -30.72
CA THR F 72 -21.69 9.70 -31.04
C THR F 72 -22.54 10.32 -29.93
N PHE F 73 -21.94 11.20 -29.15
CA PHE F 73 -22.63 11.86 -28.06
C PHE F 73 -23.59 12.91 -28.62
N LYS F 74 -24.77 12.44 -29.02
CA LYS F 74 -25.81 13.31 -29.58
C LYS F 74 -26.27 14.36 -28.58
N VAL F 75 -25.64 15.52 -28.61
CA VAL F 75 -25.97 16.64 -27.74
C VAL F 75 -25.06 17.82 -28.04
N PRO F 76 -25.63 19.02 -28.24
CA PRO F 76 -24.85 20.21 -28.54
C PRO F 76 -23.79 20.49 -27.48
N TYR F 77 -22.59 20.83 -27.91
CA TYR F 77 -21.48 21.14 -26.98
C TYR F 77 -21.96 22.08 -25.87
N SER F 78 -22.76 23.06 -26.26
CA SER F 78 -23.30 24.05 -25.33
C SER F 78 -24.21 23.39 -24.28
N GLU F 79 -24.78 22.24 -24.63
CA GLU F 79 -25.68 21.51 -23.75
C GLU F 79 -24.91 20.50 -22.88
N LEU F 80 -23.80 19.99 -23.42
CA LEU F 80 -22.96 19.00 -22.72
C LEU F 80 -22.78 19.35 -21.25
N GLY F 81 -22.67 20.65 -20.95
CA GLY F 81 -22.48 21.09 -19.56
C GLY F 81 -23.46 20.44 -18.60
N GLY F 82 -24.67 20.18 -19.04
CA GLY F 82 -25.67 19.57 -18.17
C GLY F 82 -25.95 18.11 -18.51
N LYS F 83 -24.95 17.40 -19.06
CA LYS F 83 -25.12 16.01 -19.43
C LYS F 83 -23.95 15.15 -18.99
N THR F 84 -24.20 14.25 -18.04
CA THR F 84 -23.19 13.34 -17.54
C THR F 84 -23.28 12.01 -18.29
N LEU F 85 -22.28 11.72 -19.12
CA LEU F 85 -22.27 10.47 -19.89
C LEU F 85 -21.87 9.32 -19.00
N VAL F 86 -22.46 8.15 -19.25
CA VAL F 86 -22.16 6.97 -18.47
C VAL F 86 -21.88 5.76 -19.37
N MET F 87 -20.71 5.17 -19.20
CA MET F 87 -20.32 4.02 -20.01
C MET F 87 -20.37 2.76 -19.15
N ALA F 88 -21.34 1.90 -19.41
CA ALA F 88 -21.49 0.66 -18.67
C ALA F 88 -21.15 -0.53 -19.55
N VAL F 89 -20.31 -1.42 -19.04
CA VAL F 89 -19.92 -2.61 -19.80
C VAL F 89 -20.85 -3.76 -19.42
N TYR F 90 -21.63 -4.21 -20.39
CA TYR F 90 -22.58 -5.29 -20.18
C TYR F 90 -22.04 -6.60 -20.71
N ASP F 91 -22.33 -7.69 -20.01
CA ASP F 91 -21.88 -9.02 -20.42
C ASP F 91 -22.91 -9.65 -21.36
N PHE F 92 -22.49 -10.67 -22.08
CA PHE F 92 -23.37 -11.37 -23.01
C PHE F 92 -23.12 -12.87 -22.95
N ASP F 93 -22.98 -13.41 -21.74
CA ASP F 93 -22.75 -14.85 -21.54
C ASP F 93 -23.66 -15.69 -22.45
N ARG F 94 -24.89 -15.23 -22.63
CA ARG F 94 -25.90 -15.88 -23.50
C ARG F 94 -26.60 -17.04 -22.80
N PHE F 95 -26.57 -17.07 -21.48
CA PHE F 95 -27.22 -18.15 -20.73
C PHE F 95 -27.97 -17.60 -19.51
N SER F 96 -27.24 -16.95 -18.63
CA SER F 96 -27.82 -16.39 -17.40
C SER F 96 -28.24 -14.94 -17.63
N LYS F 97 -28.68 -14.28 -16.56
CA LYS F 97 -29.08 -12.89 -16.65
C LYS F 97 -27.84 -12.02 -16.82
N HIS F 98 -27.60 -11.57 -18.06
CA HIS F 98 -26.44 -10.72 -18.35
C HIS F 98 -26.29 -9.66 -17.27
N ASP F 99 -25.14 -9.67 -16.59
CA ASP F 99 -24.88 -8.72 -15.51
C ASP F 99 -23.96 -7.59 -15.96
N ILE F 100 -24.02 -6.46 -15.25
CA ILE F 100 -23.20 -5.30 -15.55
C ILE F 100 -21.87 -5.43 -14.81
N ILE F 101 -20.87 -6.03 -15.46
CA ILE F 101 -19.57 -6.22 -14.82
C ILE F 101 -19.01 -4.91 -14.27
N GLY F 102 -19.37 -3.79 -14.86
CA GLY F 102 -18.89 -2.52 -14.35
C GLY F 102 -19.23 -1.34 -15.24
N GLU F 103 -18.82 -0.15 -14.81
CA GLU F 103 -19.08 1.07 -15.58
C GLU F 103 -18.22 2.22 -15.08
N PHE F 104 -18.30 3.35 -15.78
CA PHE F 104 -17.56 4.55 -15.41
C PHE F 104 -18.26 5.79 -15.97
N LYS F 105 -18.05 6.93 -15.33
CA LYS F 105 -18.67 8.19 -15.76
C LYS F 105 -17.86 9.39 -15.30
N VAL F 106 -18.09 10.53 -15.92
CA VAL F 106 -17.39 11.76 -15.58
C VAL F 106 -18.24 12.99 -15.89
N PRO F 107 -18.26 13.98 -14.98
CA PRO F 107 -19.02 15.22 -15.17
C PRO F 107 -18.47 16.04 -16.33
N MET F 108 -19.13 15.94 -17.47
CA MET F 108 -18.70 16.66 -18.68
C MET F 108 -18.42 18.13 -18.40
N ASN F 109 -19.23 18.78 -17.57
CA ASN F 109 -19.02 20.19 -17.26
C ASN F 109 -17.59 20.44 -16.77
N THR F 110 -17.04 19.47 -16.04
CA THR F 110 -15.68 19.58 -15.53
C THR F 110 -14.65 19.15 -16.60
N VAL F 111 -15.14 18.62 -17.72
CA VAL F 111 -14.28 18.18 -18.80
C VAL F 111 -14.09 19.30 -19.82
N ASP F 112 -13.12 20.16 -19.54
CA ASP F 112 -12.81 21.28 -20.42
C ASP F 112 -12.35 20.77 -21.79
N PHE F 113 -13.28 20.74 -22.73
CA PHE F 113 -12.99 20.28 -24.09
C PHE F 113 -12.08 21.28 -24.83
N GLY F 114 -10.85 21.40 -24.35
CA GLY F 114 -9.89 22.30 -24.96
C GLY F 114 -9.38 21.75 -26.29
N HIS F 115 -9.11 20.45 -26.32
CA HIS F 115 -8.63 19.79 -27.53
C HIS F 115 -9.08 18.34 -27.54
N VAL F 116 -8.38 17.50 -26.78
CA VAL F 116 -8.69 16.08 -26.69
C VAL F 116 -8.48 15.58 -25.26
N THR F 117 -9.47 14.88 -24.73
CA THR F 117 -9.41 14.35 -23.39
C THR F 117 -8.96 12.88 -23.41
N GLU F 118 -7.66 12.68 -23.28
CA GLU F 118 -7.09 11.34 -23.28
C GLU F 118 -6.59 11.01 -21.87
N GLU F 119 -6.98 9.85 -21.35
CA GLU F 119 -6.57 9.44 -20.01
C GLU F 119 -6.83 7.96 -19.78
N TRP F 120 -6.18 7.41 -18.77
CA TRP F 120 -6.37 6.01 -18.41
C TRP F 120 -7.47 5.90 -17.37
N ARG F 121 -8.71 5.78 -17.84
CA ARG F 121 -9.87 5.71 -16.96
C ARG F 121 -9.88 4.43 -16.12
N ASP F 122 -10.19 4.59 -14.84
CA ASP F 122 -10.27 3.48 -13.91
C ASP F 122 -11.68 2.88 -13.99
N LEU F 123 -11.77 1.57 -13.94
CA LEU F 123 -13.06 0.88 -14.03
C LEU F 123 -13.50 0.37 -12.66
N GLN F 124 -14.79 0.52 -12.37
CA GLN F 124 -15.35 0.08 -11.09
C GLN F 124 -16.56 -0.83 -11.32
N SER F 125 -16.69 -1.86 -10.51
CA SER F 125 -17.80 -2.79 -10.64
C SER F 125 -19.07 -2.23 -10.02
N ALA F 126 -19.92 -1.65 -10.87
CA ALA F 126 -21.18 -1.07 -10.42
C ALA F 126 -22.19 -2.18 -10.14
N GLU F 127 -22.43 -2.44 -8.86
CA GLU F 127 -23.39 -3.46 -8.43
C GLU F 127 -24.80 -3.04 -8.76
N LYS F 128 -25.01 -2.60 -9.99
CA LYS F 128 -26.31 -2.14 -10.44
C LYS F 128 -26.77 -2.97 -11.63
N GLU A 1 15.68 -4.25 6.38
CA GLU A 1 16.00 -4.06 7.82
C GLU A 1 15.02 -3.11 8.48
N LYS A 2 14.46 -3.53 9.61
CA LYS A 2 13.49 -2.70 10.33
C LYS A 2 13.73 -2.76 11.83
N LEU A 3 13.68 -1.60 12.47
CA LEU A 3 13.86 -1.50 13.93
C LEU A 3 12.69 -0.73 14.56
N GLY A 4 11.70 -0.37 13.75
CA GLY A 4 10.56 0.37 14.26
C GLY A 4 10.67 1.85 13.96
N LYS A 5 10.35 2.69 14.96
CA LYS A 5 10.43 4.14 14.78
C LYS A 5 10.85 4.81 16.09
N LEU A 6 11.48 5.97 15.96
CA LEU A 6 11.95 6.72 17.11
C LEU A 6 11.64 8.21 16.91
N GLN A 7 10.91 8.78 17.86
CA GLN A 7 10.55 10.19 17.79
C GLN A 7 11.60 11.02 18.49
N TYR A 8 12.02 12.13 17.90
CA TYR A 8 13.04 12.98 18.52
C TYR A 8 12.93 14.45 18.11
N SER A 9 13.47 15.29 18.97
CA SER A 9 13.50 16.74 18.77
C SER A 9 14.90 17.25 19.08
N LEU A 10 15.68 17.53 18.06
CA LEU A 10 17.06 17.97 18.25
C LEU A 10 17.20 19.48 18.09
N ASP A 11 17.81 20.13 19.08
CA ASP A 11 18.04 21.57 19.04
C ASP A 11 19.54 21.86 19.14
N TYR A 12 19.96 23.09 18.84
CA TYR A 12 21.38 23.42 18.86
C TYR A 12 21.71 24.51 19.88
N ASP A 13 22.89 24.40 20.47
CA ASP A 13 23.38 25.38 21.44
C ASP A 13 24.61 26.08 20.88
N PHE A 14 24.55 27.41 20.80
CA PHE A 14 25.67 28.20 20.27
C PHE A 14 26.50 28.86 21.36
N GLN A 15 26.27 28.48 22.61
CA GLN A 15 27.00 29.05 23.74
C GLN A 15 28.12 28.08 24.15
N ASN A 16 27.77 26.81 24.28
CA ASN A 16 28.74 25.78 24.65
C ASN A 16 29.20 25.00 23.41
N ASN A 17 28.44 25.13 22.32
CA ASN A 17 28.75 24.48 21.06
C ASN A 17 28.44 22.99 21.10
N GLN A 18 27.16 22.67 21.27
CA GLN A 18 26.71 21.29 21.32
C GLN A 18 25.28 21.19 20.82
N LEU A 19 24.98 20.10 20.14
CA LEU A 19 23.63 19.86 19.64
C LEU A 19 22.87 19.01 20.65
N LEU A 20 21.65 19.41 20.96
CA LEU A 20 20.83 18.71 21.93
C LEU A 20 19.96 17.66 21.25
N VAL A 21 20.39 16.41 21.31
CA VAL A 21 19.64 15.32 20.71
C VAL A 21 18.58 14.85 21.70
N GLY A 22 17.44 15.54 21.70
CA GLY A 22 16.35 15.19 22.58
C GLY A 22 15.34 14.26 21.94
N ILE A 23 15.56 12.96 22.10
CA ILE A 23 14.65 11.97 21.54
C ILE A 23 13.47 11.76 22.49
N ILE A 24 12.32 11.40 21.94
CA ILE A 24 11.13 11.19 22.74
C ILE A 24 11.04 9.74 23.20
N GLN A 25 11.05 8.82 22.25
CA GLN A 25 10.96 7.40 22.55
C GLN A 25 11.09 6.56 21.28
N ALA A 26 11.17 5.25 21.46
CA ALA A 26 11.28 4.32 20.35
C ALA A 26 10.08 3.38 20.35
N ALA A 27 9.56 3.08 19.17
CA ALA A 27 8.40 2.20 19.06
C ALA A 27 8.66 1.02 18.13
N GLU A 28 8.08 -0.13 18.49
CA GLU A 28 8.20 -1.37 17.70
C GLU A 28 9.65 -1.82 17.54
N LEU A 29 10.24 -2.34 18.61
CA LEU A 29 11.61 -2.81 18.57
C LEU A 29 11.68 -4.34 18.54
N PRO A 30 12.68 -4.92 17.83
CA PRO A 30 12.85 -6.38 17.75
C PRO A 30 13.12 -7.01 19.11
N ALA A 31 12.81 -8.30 19.24
CA ALA A 31 13.01 -9.01 20.51
C ALA A 31 14.33 -9.76 20.54
N LEU A 32 14.77 -10.11 21.76
CA LEU A 32 16.02 -10.83 21.97
C LEU A 32 15.84 -11.89 23.07
N ASP A 33 15.28 -11.46 24.20
CA ASP A 33 15.04 -12.32 25.35
C ASP A 33 13.94 -13.34 25.01
N MET A 34 13.89 -14.45 25.74
CA MET A 34 12.89 -15.47 25.50
C MET A 34 11.55 -15.08 26.13
N GLY A 35 10.75 -14.37 25.36
CA GLY A 35 9.45 -13.92 25.83
C GLY A 35 8.82 -12.90 24.91
N GLY A 36 9.57 -12.53 23.87
CA GLY A 36 9.08 -11.55 22.91
C GLY A 36 9.40 -10.12 23.29
N THR A 37 10.39 -9.94 24.16
CA THR A 37 10.79 -8.61 24.61
C THR A 37 12.30 -8.51 24.77
N SER A 38 12.82 -7.29 24.86
CA SER A 38 14.25 -7.09 25.01
C SER A 38 14.53 -5.92 25.97
N ASP A 39 15.81 -5.68 26.24
CA ASP A 39 16.23 -4.59 27.11
C ASP A 39 16.99 -3.58 26.26
N PRO A 40 16.32 -2.94 25.28
CA PRO A 40 16.95 -2.00 24.36
C PRO A 40 17.30 -0.65 24.96
N TYR A 41 18.57 -0.28 24.82
CA TYR A 41 19.07 1.00 25.27
C TYR A 41 19.86 1.62 24.13
N VAL A 42 19.59 2.89 23.83
CA VAL A 42 20.27 3.56 22.74
C VAL A 42 21.66 4.01 23.13
N LYS A 43 22.66 3.56 22.39
CA LYS A 43 24.04 3.93 22.64
C LYS A 43 24.48 4.93 21.56
N VAL A 44 24.51 6.20 21.93
CA VAL A 44 24.88 7.25 21.00
C VAL A 44 26.36 7.17 20.65
N PHE A 45 26.63 6.97 19.37
CA PHE A 45 28.00 6.87 18.88
C PHE A 45 28.24 7.88 17.76
N LEU A 46 29.50 8.04 17.39
CA LEU A 46 29.87 8.98 16.34
C LEU A 46 30.91 8.38 15.41
N LEU A 47 30.98 8.93 14.19
CA LEU A 47 31.95 8.49 13.20
C LEU A 47 33.37 8.72 13.74
N PRO A 48 34.43 8.51 12.91
CA PRO A 48 35.82 8.72 13.29
C PRO A 48 36.00 9.72 14.43
N ASP A 49 35.29 10.84 14.35
CA ASP A 49 35.33 11.88 15.39
C ASP A 49 35.40 11.22 16.77
N LYS A 50 34.49 10.29 17.01
CA LYS A 50 34.40 9.53 18.27
C LYS A 50 34.57 10.40 19.52
N LYS A 51 34.18 11.67 19.46
CA LYS A 51 34.30 12.56 20.62
C LYS A 51 32.98 12.63 21.37
N LYS A 52 32.48 11.48 21.79
CA LYS A 52 31.22 11.38 22.52
C LYS A 52 30.79 9.93 22.65
N LYS A 53 30.32 9.57 23.84
CA LYS A 53 29.87 8.21 24.11
C LYS A 53 28.95 8.21 25.34
N PHE A 54 27.66 7.99 25.11
CA PHE A 54 26.70 7.98 26.20
C PHE A 54 25.86 6.71 26.17
N GLU A 55 25.60 6.16 27.35
CA GLU A 55 24.81 4.95 27.49
C GLU A 55 23.49 5.29 28.18
N THR A 56 22.38 4.99 27.53
CA THR A 56 21.06 5.27 28.08
C THR A 56 20.72 4.27 29.20
N LYS A 57 19.63 4.52 29.90
CA LYS A 57 19.20 3.65 30.98
C LYS A 57 18.57 2.39 30.41
N VAL A 58 19.10 1.24 30.80
CA VAL A 58 18.55 -0.03 30.33
C VAL A 58 17.05 -0.06 30.54
N HIS A 59 16.32 -0.49 29.52
CA HIS A 59 14.87 -0.58 29.59
C HIS A 59 14.47 -2.05 29.57
N ARG A 60 14.39 -2.62 30.77
CA ARG A 60 14.06 -4.03 30.95
C ARG A 60 12.78 -4.46 30.25
N LYS A 61 12.89 -5.50 29.42
CA LYS A 61 11.78 -6.09 28.68
C LYS A 61 10.77 -5.05 28.21
N THR A 62 11.12 -4.34 27.14
CA THR A 62 10.23 -3.33 26.58
C THR A 62 10.60 -3.02 25.13
N LEU A 63 9.59 -3.09 24.25
CA LEU A 63 9.79 -2.82 22.83
C LEU A 63 9.23 -1.47 22.44
N ASN A 64 8.61 -0.80 23.41
CA ASN A 64 8.02 0.52 23.19
C ASN A 64 8.24 1.39 24.43
N PRO A 65 9.50 1.59 24.87
CA PRO A 65 9.79 2.37 26.07
C PRO A 65 9.94 3.87 25.81
N VAL A 66 9.59 4.66 26.82
CA VAL A 66 9.70 6.10 26.74
C VAL A 66 10.65 6.58 27.83
N PHE A 67 11.39 7.65 27.56
CA PHE A 67 12.34 8.17 28.54
C PHE A 67 12.80 9.56 28.16
N ASN A 68 13.20 9.73 26.90
CA ASN A 68 13.66 11.02 26.41
C ASN A 68 15.00 11.40 27.04
N GLU A 69 16.05 10.70 26.64
CA GLU A 69 17.38 10.96 27.17
C GLU A 69 17.99 12.18 26.46
N GLN A 70 18.86 12.88 27.17
CA GLN A 70 19.50 14.09 26.63
C GLN A 70 20.91 13.77 26.14
N PHE A 71 21.09 13.71 24.82
CA PHE A 71 22.40 13.44 24.23
C PHE A 71 23.05 14.75 23.78
N THR A 72 24.21 15.03 24.33
CA THR A 72 24.95 16.23 24.00
C THR A 72 25.96 15.96 22.88
N PHE A 73 25.64 16.45 21.69
CA PHE A 73 26.51 16.28 20.53
C PHE A 73 27.72 17.19 20.66
N LYS A 74 28.72 16.73 21.41
CA LYS A 74 29.95 17.48 21.64
C LYS A 74 30.71 17.74 20.33
N VAL A 75 30.43 18.87 19.71
CA VAL A 75 31.09 19.26 18.46
C VAL A 75 30.54 20.62 18.01
N PRO A 76 31.43 21.56 17.69
CA PRO A 76 31.02 22.90 17.25
C PRO A 76 30.10 22.84 16.04
N TYR A 77 29.03 23.64 16.06
CA TYR A 77 28.08 23.68 14.95
C TYR A 77 28.82 23.77 13.61
N SER A 78 29.86 24.60 13.59
CA SER A 78 30.67 24.81 12.39
C SER A 78 31.38 23.52 11.96
N GLU A 79 31.58 22.60 12.90
CA GLU A 79 32.24 21.34 12.63
C GLU A 79 31.23 20.25 12.26
N LEU A 80 30.01 20.36 12.79
CA LEU A 80 28.93 19.41 12.54
C LEU A 80 28.87 18.99 11.06
N GLY A 81 29.15 19.92 10.17
CA GLY A 81 29.11 19.64 8.74
C GLY A 81 29.87 18.38 8.36
N GLY A 82 30.96 18.08 9.07
CA GLY A 82 31.74 16.90 8.76
C GLY A 82 31.58 15.80 9.81
N LYS A 83 30.42 15.74 10.47
CA LYS A 83 30.19 14.72 11.48
C LYS A 83 28.82 14.08 11.34
N THR A 84 28.82 12.80 10.99
CA THR A 84 27.58 12.03 10.85
C THR A 84 27.29 11.29 12.14
N LEU A 85 26.24 11.71 12.86
CA LEU A 85 25.87 11.08 14.11
C LEU A 85 25.16 9.75 13.84
N VAL A 86 25.39 8.78 14.72
CA VAL A 86 24.77 7.48 14.57
C VAL A 86 24.14 7.01 15.89
N MET A 87 22.86 6.71 15.85
CA MET A 87 22.15 6.25 17.03
C MET A 87 21.83 4.77 16.91
N ALA A 88 22.53 3.96 17.71
CA ALA A 88 22.32 2.52 17.69
C ALA A 88 21.64 2.06 18.97
N VAL A 89 20.59 1.27 18.83
CA VAL A 89 19.87 0.76 19.99
C VAL A 89 20.43 -0.60 20.37
N TYR A 90 21.04 -0.67 21.55
CA TYR A 90 21.65 -1.90 22.03
C TYR A 90 20.74 -2.58 23.04
N ASP A 91 20.72 -3.91 23.00
CA ASP A 91 19.91 -4.69 23.93
C ASP A 91 20.70 -4.99 25.21
N PHE A 92 20.00 -5.36 26.26
CA PHE A 92 20.63 -5.68 27.53
C PHE A 92 19.96 -6.89 28.17
N ASP A 93 19.69 -7.92 27.37
CA ASP A 93 19.06 -9.15 27.86
C ASP A 93 19.67 -9.61 29.19
N ARG A 94 20.99 -9.43 29.31
CA ARG A 94 21.75 -9.77 30.53
C ARG A 94 22.10 -11.25 30.60
N PHE A 95 22.08 -11.95 29.46
CA PHE A 95 22.41 -13.37 29.45
C PHE A 95 23.29 -13.72 28.25
N SER A 96 22.79 -13.45 27.06
CA SER A 96 23.52 -13.75 25.82
C SER A 96 24.33 -12.54 25.38
N LYS A 97 24.96 -12.64 24.21
CA LYS A 97 25.74 -11.54 23.67
C LYS A 97 24.80 -10.43 23.21
N HIS A 98 24.69 -9.37 24.02
CA HIS A 98 23.82 -8.25 23.68
C HIS A 98 23.98 -7.89 22.21
N ASP A 99 22.90 -7.95 21.45
CA ASP A 99 22.92 -7.65 20.03
C ASP A 99 22.38 -6.25 19.73
N ILE A 100 22.75 -5.73 18.57
CA ILE A 100 22.29 -4.41 18.15
C ILE A 100 20.99 -4.57 17.36
N ILE A 101 19.87 -4.49 18.07
CA ILE A 101 18.56 -4.64 17.46
C ILE A 101 18.38 -3.68 16.27
N GLY A 102 19.08 -2.55 16.28
CA GLY A 102 18.96 -1.61 15.18
C GLY A 102 19.66 -0.29 15.45
N GLU A 103 19.61 0.60 14.47
CA GLU A 103 20.24 1.92 14.60
C GLU A 103 19.72 2.88 13.52
N PHE A 104 20.16 4.14 13.61
CA PHE A 104 19.77 5.16 12.65
C PHE A 104 20.82 6.27 12.64
N LYS A 105 20.95 6.98 11.52
CA LYS A 105 21.92 8.06 11.39
C LYS A 105 21.47 9.06 10.33
N VAL A 106 22.05 10.25 10.36
CA VAL A 106 21.72 11.30 9.41
C VAL A 106 22.89 12.25 9.20
N PRO A 107 23.17 12.62 7.94
CA PRO A 107 24.26 13.54 7.61
C PRO A 107 24.02 14.94 8.18
N MET A 108 24.66 15.23 9.29
CA MET A 108 24.50 16.52 9.97
C MET A 108 24.65 17.70 9.01
N ASN A 109 25.59 17.61 8.08
CA ASN A 109 25.79 18.70 7.11
C ASN A 109 24.48 19.05 6.41
N THR A 110 23.63 18.05 6.16
CA THR A 110 22.35 18.28 5.52
C THR A 110 21.28 18.70 6.54
N VAL A 111 21.63 18.67 7.83
CA VAL A 111 20.73 19.05 8.89
C VAL A 111 20.90 20.52 9.24
N ASP A 112 20.21 21.37 8.48
CA ASP A 112 20.28 22.81 8.70
C ASP A 112 19.74 23.17 10.08
N PHE A 113 20.66 23.34 11.03
CA PHE A 113 20.29 23.69 12.40
C PHE A 113 19.74 25.11 12.49
N GLY A 114 18.59 25.32 11.87
CA GLY A 114 17.94 26.62 11.88
C GLY A 114 17.35 26.95 13.24
N HIS A 115 16.71 25.95 13.85
CA HIS A 115 16.10 26.10 15.17
C HIS A 115 16.11 24.78 15.91
N VAL A 116 15.17 23.90 15.56
CA VAL A 116 15.06 22.59 16.18
C VAL A 116 14.65 21.55 15.14
N THR A 117 15.38 20.45 15.11
CA THR A 117 15.12 19.38 14.17
C THR A 117 14.27 18.28 14.82
N GLU A 118 12.96 18.40 14.67
CA GLU A 118 12.02 17.44 15.22
C GLU A 118 11.41 16.62 14.09
N GLU A 119 11.36 15.30 14.27
CA GLU A 119 10.81 14.42 13.24
C GLU A 119 10.64 13.00 13.76
N TRP A 120 9.84 12.21 13.05
CA TRP A 120 9.61 10.82 13.43
C TRP A 120 10.59 9.92 12.68
N ARG A 121 11.79 9.80 13.24
CA ARG A 121 12.85 9.01 12.63
C ARG A 121 12.49 7.52 12.55
N ASP A 122 12.78 6.94 11.40
CA ASP A 122 12.55 5.53 11.15
C ASP A 122 13.74 4.73 11.66
N LEU A 123 13.48 3.59 12.28
CA LEU A 123 14.55 2.75 12.82
C LEU A 123 14.79 1.53 11.95
N GLN A 124 16.06 1.19 11.74
CA GLN A 124 16.43 0.04 10.93
C GLN A 124 17.38 -0.89 11.70
N SER A 125 17.20 -2.18 11.48
CA SER A 125 18.01 -3.20 12.15
C SER A 125 19.31 -3.44 11.38
N ALA A 126 20.24 -2.50 11.47
CA ALA A 126 21.53 -2.65 10.79
C ALA A 126 22.42 -3.60 11.57
N GLU A 127 22.58 -4.82 11.05
CA GLU A 127 23.41 -5.84 11.67
C GLU A 127 24.87 -5.39 11.67
N LYS A 128 25.16 -4.36 12.47
CA LYS A 128 26.50 -3.83 12.57
C LYS A 128 27.00 -3.92 14.01
N TYR B 1 33.96 14.86 -20.95
CA TYR B 1 34.79 15.35 -19.83
C TYR B 1 34.87 14.29 -18.72
N LYS B 2 35.49 13.15 -19.04
CA LYS B 2 35.61 12.07 -18.07
C LYS B 2 36.17 12.58 -16.74
N LYS B 3 35.32 12.63 -15.74
CA LYS B 3 35.70 13.12 -14.42
C LYS B 3 34.73 12.57 -13.37
N PRO B 4 34.84 13.02 -12.09
CA PRO B 4 33.99 12.59 -10.99
C PRO B 4 32.67 11.95 -11.42
N LYS B 5 32.61 10.62 -11.29
CA LYS B 5 31.41 9.88 -11.65
C LYS B 5 30.57 9.63 -10.40
N LEU B 6 29.46 10.37 -10.28
CA LEU B 6 28.58 10.21 -9.13
C LEU B 6 27.62 9.05 -9.36
N LEU B 7 27.45 8.21 -8.34
CA LEU B 7 26.57 7.05 -8.42
C LEU B 7 25.85 6.81 -7.09
N TYR B 8 24.55 6.53 -7.17
CA TYR B 8 23.75 6.26 -5.98
C TYR B 8 22.50 5.46 -6.37
N CYS B 9 21.74 5.01 -5.39
CA CYS B 9 20.53 4.23 -5.66
C CYS B 9 19.46 4.47 -4.61
N SER B 10 18.23 4.05 -4.92
CA SER B 10 17.09 4.22 -4.03
C SER B 10 16.61 5.66 -4.06
N ASN B 11 15.36 5.85 -4.46
CA ASN B 11 14.79 7.19 -4.55
C ASN B 11 15.02 7.95 -3.24
N GLY B 12 15.60 9.14 -3.36
CA GLY B 12 15.88 9.95 -2.19
C GLY B 12 17.28 10.52 -2.23
N GLY B 13 17.40 11.79 -1.85
CA GLY B 13 18.69 12.45 -1.84
C GLY B 13 19.72 11.70 -1.01
N HIS B 14 20.64 11.02 -1.69
CA HIS B 14 21.70 10.26 -1.05
C HIS B 14 22.78 9.91 -2.06
N PHE B 15 24.01 10.33 -1.81
CA PHE B 15 25.12 10.06 -2.73
C PHE B 15 26.18 9.22 -2.04
N LEU B 16 26.89 8.41 -2.82
CA LEU B 16 27.94 7.56 -2.28
C LEU B 16 29.18 8.38 -1.93
N ARG B 17 29.35 8.71 -0.66
CA ARG B 17 30.50 9.49 -0.23
C ARG B 17 31.60 8.58 0.25
N ILE B 18 32.66 8.48 -0.54
CA ILE B 18 33.79 7.63 -0.22
C ILE B 18 34.84 8.36 0.61
N LEU B 19 35.44 7.65 1.56
CA LEU B 19 36.46 8.21 2.42
C LEU B 19 37.68 7.28 2.44
N PRO B 20 38.89 7.85 2.43
CA PRO B 20 40.15 7.07 2.44
C PRO B 20 40.11 5.94 3.47
N ASP B 21 39.38 6.17 4.56
CA ASP B 21 39.23 5.18 5.63
C ASP B 21 38.63 3.88 5.09
N GLY B 22 37.61 4.02 4.26
CA GLY B 22 36.95 2.86 3.69
C GLY B 22 35.45 2.87 3.95
N THR B 23 35.05 3.43 5.09
CA THR B 23 33.64 3.49 5.46
C THR B 23 32.89 4.50 4.59
N VAL B 24 32.45 4.05 3.42
CA VAL B 24 31.69 4.89 2.50
C VAL B 24 30.21 4.83 2.84
N ASP B 25 29.58 6.00 2.92
CA ASP B 25 28.15 6.08 3.23
C ASP B 25 27.39 6.88 2.18
N GLY B 26 26.07 6.78 2.21
CA GLY B 26 25.24 7.48 1.26
C GLY B 26 24.94 8.91 1.70
N THR B 27 25.97 9.73 1.75
CA THR B 27 25.83 11.13 2.15
C THR B 27 25.04 11.92 1.10
N ARG B 28 24.02 12.63 1.55
CA ARG B 28 23.22 13.42 0.63
C ARG B 28 23.74 14.86 0.57
N ASP B 29 24.93 15.01 0.02
CA ASP B 29 25.57 16.33 -0.10
C ASP B 29 26.46 16.38 -1.34
N ARG B 30 26.62 17.58 -1.89
CA ARG B 30 27.46 17.79 -3.06
C ARG B 30 28.36 19.01 -2.87
N SER B 31 28.59 19.36 -1.60
CA SER B 31 29.42 20.51 -1.26
C SER B 31 30.87 20.07 -1.09
N ASP B 32 31.07 18.94 -0.42
CA ASP B 32 32.40 18.41 -0.19
C ASP B 32 32.75 17.37 -1.25
N GLN B 33 33.89 17.54 -1.91
CA GLN B 33 34.32 16.62 -2.96
C GLN B 33 34.70 15.26 -2.38
N HIS B 34 33.69 14.46 -2.02
CA HIS B 34 33.92 13.12 -1.51
C HIS B 34 32.85 12.13 -1.96
N ILE B 35 32.10 12.52 -3.00
CA ILE B 35 31.04 11.66 -3.53
C ILE B 35 31.23 11.45 -5.04
N GLN B 36 32.48 11.19 -5.42
CA GLN B 36 32.81 10.98 -6.83
C GLN B 36 33.83 9.86 -6.98
N LEU B 37 33.55 8.96 -7.92
CA LEU B 37 34.44 7.84 -8.21
C LEU B 37 34.75 7.79 -9.70
N GLN B 38 35.89 7.22 -10.05
CA GLN B 38 36.27 7.13 -11.45
C GLN B 38 35.75 5.83 -12.06
N LEU B 39 34.44 5.80 -12.29
CA LEU B 39 33.79 4.63 -12.90
C LEU B 39 34.09 4.59 -14.39
N SER B 40 34.57 3.44 -14.86
CA SER B 40 34.90 3.26 -16.27
C SER B 40 34.95 1.77 -16.62
N ALA B 41 34.74 1.47 -17.89
CA ALA B 41 34.79 0.10 -18.37
C ALA B 41 36.23 -0.29 -18.67
N GLU B 42 36.83 -1.06 -17.77
CA GLU B 42 38.21 -1.49 -17.94
C GLU B 42 38.33 -2.52 -19.06
N SER B 43 37.54 -3.59 -18.94
CA SER B 43 37.54 -4.65 -19.92
C SER B 43 36.16 -4.74 -20.58
N VAL B 44 36.02 -5.59 -21.59
CA VAL B 44 34.75 -5.77 -22.28
C VAL B 44 33.61 -6.07 -21.30
N GLY B 45 32.92 -5.01 -20.88
CA GLY B 45 31.81 -5.17 -19.96
C GLY B 45 32.24 -5.06 -18.49
N GLU B 46 33.55 -5.18 -18.23
CA GLU B 46 34.05 -5.11 -16.86
C GLU B 46 34.33 -3.66 -16.47
N VAL B 47 33.50 -3.14 -15.57
CA VAL B 47 33.67 -1.77 -15.09
C VAL B 47 34.25 -1.76 -13.69
N TYR B 48 35.12 -0.80 -13.42
CA TYR B 48 35.76 -0.69 -12.12
C TYR B 48 35.34 0.59 -11.40
N ILE B 49 35.28 0.52 -10.08
CA ILE B 49 34.90 1.66 -9.26
C ILE B 49 36.09 2.09 -8.41
N LYS B 50 36.73 3.17 -8.84
CA LYS B 50 37.90 3.69 -8.14
C LYS B 50 37.77 5.19 -7.89
N SER B 51 37.65 5.57 -6.63
CA SER B 51 37.54 6.97 -6.26
C SER B 51 38.93 7.60 -6.20
N THR B 52 39.62 7.58 -7.34
CA THR B 52 40.97 8.10 -7.44
C THR B 52 41.08 9.55 -6.96
N GLU B 53 40.51 10.47 -7.72
CA GLU B 53 40.58 11.89 -7.39
C GLU B 53 39.52 12.30 -6.35
N THR B 54 39.52 11.64 -5.20
CA THR B 54 38.57 11.94 -4.14
C THR B 54 38.66 11.00 -2.95
N GLY B 55 38.83 9.70 -3.20
CA GLY B 55 38.89 8.75 -2.11
C GLY B 55 39.90 7.64 -2.31
N GLN B 56 39.40 6.43 -2.49
CA GLN B 56 40.22 5.25 -2.65
C GLN B 56 39.63 4.26 -3.65
N TYR B 57 40.29 3.12 -3.80
CA TYR B 57 39.84 2.07 -4.71
C TYR B 57 38.95 1.10 -3.93
N LEU B 58 37.93 0.56 -4.59
CA LEU B 58 37.02 -0.38 -3.94
C LEU B 58 37.59 -1.79 -3.91
N ALA B 59 37.13 -2.56 -2.93
CA ALA B 59 37.56 -3.94 -2.74
C ALA B 59 36.52 -4.68 -1.90
N MET B 60 35.48 -5.17 -2.56
CA MET B 60 34.39 -5.87 -1.89
C MET B 60 34.91 -7.00 -1.00
N ASP B 61 34.24 -7.18 0.14
CA ASP B 61 34.60 -8.23 1.08
C ASP B 61 33.75 -9.46 0.78
N THR B 62 34.20 -10.23 -0.20
CA THR B 62 33.48 -11.44 -0.60
C THR B 62 32.07 -11.07 -1.09
N ASP B 63 31.96 -9.90 -1.72
CA ASP B 63 30.67 -9.38 -2.21
C ASP B 63 29.76 -9.01 -1.04
N GLY B 64 29.58 -9.95 -0.11
CA GLY B 64 28.76 -9.73 1.06
C GLY B 64 28.81 -8.29 1.57
N LEU B 65 30.00 -7.82 1.86
CA LEU B 65 30.19 -6.46 2.34
C LEU B 65 31.02 -5.67 1.34
N LEU B 66 30.56 -4.47 1.00
CA LEU B 66 31.26 -3.63 0.04
C LEU B 66 32.14 -2.62 0.76
N TYR B 67 33.41 -2.56 0.37
CA TYR B 67 34.36 -1.62 0.97
C TYR B 67 35.48 -1.31 -0.01
N GLY B 68 36.38 -0.42 0.38
CA GLY B 68 37.49 -0.05 -0.47
C GLY B 68 38.43 0.92 0.22
N SER B 69 39.72 0.79 -0.05
CA SER B 69 40.72 1.67 0.56
C SER B 69 42.14 1.18 0.26
N GLN B 70 42.47 -0.01 0.75
CA GLN B 70 43.80 -0.58 0.58
C GLN B 70 44.16 -0.82 -0.89
N THR B 71 43.55 -1.81 -1.51
CA THR B 71 43.86 -2.14 -2.91
C THR B 71 42.62 -2.54 -3.71
N PRO B 72 42.59 -2.21 -5.01
CA PRO B 72 41.47 -2.56 -5.89
C PRO B 72 41.53 -4.03 -6.29
N ASN B 73 41.23 -4.91 -5.34
CA ASN B 73 41.25 -6.35 -5.59
C ASN B 73 40.21 -6.74 -6.63
N GLU B 74 40.42 -7.89 -7.28
CA GLU B 74 39.48 -8.38 -8.31
C GLU B 74 38.03 -8.23 -7.86
N GLU B 75 37.79 -8.35 -6.55
CA GLU B 75 36.46 -8.17 -5.98
C GLU B 75 35.80 -6.89 -6.53
N CYS B 76 36.62 -5.91 -6.93
CA CYS B 76 36.13 -4.65 -7.44
C CYS B 76 35.78 -4.69 -8.94
N LEU B 77 35.89 -5.85 -9.58
CA LEU B 77 35.55 -5.95 -11.00
C LEU B 77 34.08 -6.31 -11.16
N PHE B 78 33.32 -5.44 -11.83
CA PHE B 78 31.89 -5.67 -12.02
C PHE B 78 31.49 -5.56 -13.49
N LEU B 79 30.52 -6.36 -13.88
CA LEU B 79 30.01 -6.35 -15.26
C LEU B 79 28.98 -5.23 -15.41
N GLU B 80 29.21 -4.34 -16.38
CA GLU B 80 28.31 -3.22 -16.62
C GLU B 80 27.01 -3.69 -17.30
N ARG B 81 25.89 -3.53 -16.60
CA ARG B 81 24.58 -3.90 -17.12
C ARG B 81 23.61 -2.73 -16.95
N LEU B 82 22.63 -2.65 -17.85
CA LEU B 82 21.65 -1.57 -17.80
C LEU B 82 20.24 -2.13 -17.71
N GLU B 83 19.40 -1.50 -16.90
CA GLU B 83 18.01 -1.93 -16.73
C GLU B 83 17.07 -0.89 -17.32
N GLU B 84 16.00 -1.34 -17.96
CA GLU B 84 15.01 -0.45 -18.55
C GLU B 84 14.16 0.22 -17.47
N ASN B 85 14.84 0.84 -16.51
CA ASN B 85 14.19 1.51 -15.40
C ASN B 85 14.97 2.77 -15.02
N HIS B 86 15.78 3.28 -15.96
CA HIS B 86 16.59 4.47 -15.73
C HIS B 86 17.60 4.22 -14.59
N TYR B 87 18.22 3.05 -14.60
CA TYR B 87 19.19 2.69 -13.58
C TYR B 87 20.29 1.79 -14.15
N ASN B 88 21.46 1.84 -13.53
CA ASN B 88 22.60 1.05 -13.95
C ASN B 88 22.77 -0.17 -13.05
N THR B 89 23.24 -1.27 -13.62
CA THR B 89 23.46 -2.50 -12.88
C THR B 89 24.89 -2.97 -13.05
N TYR B 90 25.51 -3.41 -11.96
CA TYR B 90 26.90 -3.87 -12.01
C TYR B 90 27.00 -5.24 -11.34
N ILE B 91 27.35 -6.25 -12.12
CA ILE B 91 27.47 -7.60 -11.59
C ILE B 91 28.89 -7.93 -11.15
N SER B 92 29.07 -8.19 -9.87
CA SER B 92 30.37 -8.52 -9.32
C SER B 92 30.79 -9.91 -9.82
N LYS B 93 31.29 -9.96 -11.05
CA LYS B 93 31.72 -11.21 -11.68
C LYS B 93 32.50 -12.07 -10.68
N LYS B 94 33.29 -11.41 -9.82
CA LYS B 94 34.07 -12.12 -8.81
C LYS B 94 33.18 -13.07 -7.99
N HIS B 95 31.89 -12.72 -7.86
CA HIS B 95 30.95 -13.54 -7.11
C HIS B 95 29.69 -13.85 -7.93
N ALA B 96 29.73 -13.54 -9.23
CA ALA B 96 28.59 -13.78 -10.10
C ALA B 96 28.14 -15.24 -9.98
N GLU B 97 29.10 -16.12 -9.71
CA GLU B 97 28.83 -17.54 -9.54
C GLU B 97 27.67 -17.78 -8.56
N LYS B 98 27.55 -16.91 -7.56
CA LYS B 98 26.49 -17.01 -6.57
C LYS B 98 25.32 -16.09 -6.92
N ASN B 99 25.33 -15.56 -8.14
CA ASN B 99 24.29 -14.63 -8.61
C ASN B 99 24.29 -13.39 -7.73
N TRP B 100 25.48 -12.98 -7.32
CA TRP B 100 25.64 -11.82 -6.46
C TRP B 100 26.17 -10.62 -7.24
N PHE B 101 25.42 -9.53 -7.22
CA PHE B 101 25.81 -8.31 -7.91
C PHE B 101 25.64 -7.08 -7.01
N VAL B 102 26.79 -6.43 -6.75
CA VAL B 102 26.92 -5.23 -5.90
C VAL B 102 25.59 -4.54 -5.56
N GLY B 103 25.33 -4.44 -4.25
CA GLY B 103 24.13 -3.78 -3.76
C GLY B 103 24.43 -2.96 -2.51
N LEU B 104 23.96 -1.72 -2.49
CA LEU B 104 24.22 -0.83 -1.35
C LEU B 104 22.92 -0.38 -0.67
N LYS B 105 23.05 0.07 0.57
CA LYS B 105 21.90 0.55 1.34
C LYS B 105 21.92 2.07 1.38
N LYS B 106 21.04 2.70 0.61
CA LYS B 106 20.93 4.16 0.53
C LYS B 106 21.06 4.81 1.91
N ASN B 107 20.40 4.24 2.90
CA ASN B 107 20.42 4.77 4.27
C ASN B 107 21.21 3.84 5.19
N GLY B 108 22.27 3.24 4.68
CA GLY B 108 23.07 2.34 5.48
C GLY B 108 24.53 2.31 5.05
N SER B 109 24.75 2.05 3.77
CA SER B 109 26.09 1.97 3.16
C SER B 109 26.11 0.80 2.17
N CYS B 110 27.21 0.63 1.46
CA CYS B 110 27.34 -0.44 0.49
C CYS B 110 27.79 -1.74 1.17
N LYS B 111 26.85 -2.66 1.41
CA LYS B 111 27.15 -3.94 2.03
C LYS B 111 25.89 -4.78 2.17
N ARG B 112 25.51 -5.41 1.07
CA ARG B 112 24.33 -6.25 1.02
C ARG B 112 24.54 -7.43 0.09
N GLY B 113 25.78 -7.95 0.05
CA GLY B 113 26.09 -9.12 -0.78
C GLY B 113 25.12 -10.26 -0.57
N PRO B 114 24.83 -10.70 0.69
CA PRO B 114 23.88 -11.81 0.91
C PRO B 114 22.48 -11.50 0.38
N ARG B 115 22.27 -10.23 0.03
CA ARG B 115 21.00 -9.76 -0.51
C ARG B 115 21.20 -9.03 -1.86
N THR B 116 22.18 -9.47 -2.66
CA THR B 116 22.45 -8.84 -3.95
C THR B 116 21.80 -9.60 -5.11
N HIS B 117 20.68 -10.22 -4.85
CA HIS B 117 19.96 -10.96 -5.88
C HIS B 117 18.64 -10.23 -6.17
N TYR B 118 17.75 -10.86 -6.94
CA TYR B 118 16.48 -10.22 -7.27
C TYR B 118 15.54 -10.19 -6.07
N GLY B 119 15.62 -9.09 -5.34
CA GLY B 119 14.80 -8.89 -4.15
C GLY B 119 14.94 -7.47 -3.66
N GLN B 120 16.18 -6.98 -3.68
CA GLN B 120 16.49 -5.62 -3.29
C GLN B 120 16.67 -4.79 -4.54
N LYS B 121 15.91 -3.71 -4.64
CA LYS B 121 15.95 -2.84 -5.82
C LYS B 121 17.17 -1.91 -5.77
N ALA B 122 17.75 -1.75 -4.58
CA ALA B 122 18.93 -0.90 -4.40
C ALA B 122 20.05 -1.24 -5.38
N ILE B 123 19.98 -2.41 -6.01
CA ILE B 123 20.98 -2.83 -6.98
C ILE B 123 20.89 -1.99 -8.26
N LEU B 124 19.76 -1.35 -8.48
CA LEU B 124 19.57 -0.47 -9.64
C LEU B 124 20.06 0.92 -9.31
N PHE B 125 21.34 1.16 -9.56
CA PHE B 125 21.96 2.44 -9.25
C PHE B 125 21.65 3.49 -10.32
N LEU B 126 21.57 4.74 -9.88
CA LEU B 126 21.31 5.86 -10.78
C LEU B 126 22.58 6.71 -10.88
N PRO B 127 23.26 6.64 -12.04
CA PRO B 127 24.50 7.38 -12.26
C PRO B 127 24.28 8.80 -12.79
N LEU B 128 25.12 9.71 -12.32
CA LEU B 128 25.06 11.11 -12.74
C LEU B 128 26.48 11.60 -13.10
N PRO B 129 27.21 10.81 -13.92
CA PRO B 129 28.58 11.15 -14.32
C PRO B 129 28.63 12.15 -15.47
N VAL B 130 29.73 12.91 -15.53
CA VAL B 130 29.93 13.89 -16.59
C VAL B 130 30.43 13.20 -17.86
N SER B 131 29.49 12.74 -18.67
CA SER B 131 29.81 12.06 -19.91
C SER B 131 30.43 13.01 -20.94
N SER B 132 30.80 12.46 -22.09
CA SER B 132 31.39 13.27 -23.16
C SER B 132 30.41 13.37 -24.32
N ASP B 133 29.30 14.04 -24.07
CA ASP B 133 28.25 14.22 -25.08
C ASP B 133 28.43 15.54 -25.80
N MET C 1 -2.63 8.80 -13.01
CA MET C 1 -2.12 8.35 -14.32
C MET C 1 -1.56 6.94 -14.20
N ALA C 2 -0.25 6.84 -13.97
CA ALA C 2 0.40 5.55 -13.80
C ALA C 2 0.42 5.20 -12.31
N ALA C 3 0.92 4.01 -11.97
CA ALA C 3 0.98 3.59 -10.57
C ALA C 3 -0.46 3.43 -10.07
N GLU C 4 -1.21 2.61 -10.79
CA GLU C 4 -2.61 2.37 -10.47
C GLU C 4 -2.77 1.40 -9.29
N PRO C 5 -3.66 1.75 -8.34
CA PRO C 5 -3.92 0.92 -7.17
C PRO C 5 -4.83 -0.26 -7.50
N LEU C 6 -4.44 -1.43 -7.02
CA LEU C 6 -5.20 -2.65 -7.24
C LEU C 6 -6.19 -2.87 -6.10
N THR C 7 -6.81 -4.04 -6.05
CA THR C 7 -7.77 -4.32 -4.98
C THR C 7 -7.03 -4.57 -3.66
N GLU C 8 -7.76 -4.50 -2.56
CA GLU C 8 -7.21 -4.68 -1.22
C GLU C 8 -6.40 -5.98 -1.08
N LEU C 9 -6.89 -7.06 -1.68
CA LEU C 9 -6.24 -8.35 -1.60
C LEU C 9 -5.00 -8.42 -2.49
N GLU C 10 -5.05 -7.80 -3.68
CA GLU C 10 -3.87 -7.74 -4.56
C GLU C 10 -2.74 -6.97 -3.86
N GLU C 11 -3.07 -5.80 -3.26
CA GLU C 11 -2.13 -5.01 -2.47
C GLU C 11 -1.46 -5.89 -1.41
N SER C 12 -2.29 -6.58 -0.62
CA SER C 12 -1.80 -7.34 0.52
C SER C 12 -1.05 -8.61 0.11
N ILE C 13 -1.46 -9.35 -0.92
CA ILE C 13 -0.63 -10.45 -1.39
C ILE C 13 0.69 -9.92 -1.92
N GLU C 14 0.69 -8.81 -2.67
CA GLU C 14 1.95 -8.28 -3.16
C GLU C 14 2.88 -7.96 -1.98
N THR C 15 2.45 -7.14 -1.02
CA THR C 15 3.35 -6.68 0.03
C THR C 15 4.05 -7.86 0.76
N VAL C 16 3.33 -8.96 1.00
CA VAL C 16 3.94 -10.15 1.59
C VAL C 16 4.80 -10.90 0.57
N VAL C 17 4.35 -11.00 -0.69
CA VAL C 17 5.12 -11.65 -1.75
C VAL C 17 6.46 -10.95 -1.95
N THR C 18 6.52 -9.63 -2.06
CA THR C 18 7.79 -8.93 -2.19
C THR C 18 8.70 -9.21 -0.99
N THR C 19 8.15 -9.14 0.24
CA THR C 19 8.91 -9.45 1.45
C THR C 19 9.47 -10.87 1.38
N PHE C 20 8.61 -11.86 1.12
CA PHE C 20 9.01 -13.22 0.81
C PHE C 20 10.18 -13.22 -0.17
N PHE C 21 10.00 -12.55 -1.30
CA PHE C 21 11.00 -12.51 -2.38
C PHE C 21 12.32 -11.88 -1.95
N THR C 22 12.30 -10.94 -1.00
CA THR C 22 13.53 -10.29 -0.55
C THR C 22 14.29 -11.17 0.45
N PHE C 23 13.89 -12.45 0.52
CA PHE C 23 14.52 -13.43 1.39
C PHE C 23 14.68 -14.75 0.64
N ALA C 24 13.80 -14.98 -0.32
CA ALA C 24 13.78 -16.19 -1.14
C ALA C 24 14.97 -16.23 -2.09
N ARG C 25 15.64 -15.10 -2.26
CA ARG C 25 16.77 -15.02 -3.19
C ARG C 25 18.12 -14.89 -2.47
N GLN C 26 18.11 -15.03 -1.15
CA GLN C 26 19.34 -14.93 -0.35
C GLN C 26 20.39 -15.94 -0.84
N GLU C 27 19.94 -17.16 -1.09
CA GLU C 27 20.82 -18.23 -1.58
C GLU C 27 20.50 -18.57 -3.04
N GLY C 28 20.59 -19.86 -3.38
CA GLY C 28 20.30 -20.28 -4.74
C GLY C 28 18.81 -20.36 -5.02
N ARG C 29 18.41 -19.93 -6.22
CA ARG C 29 17.00 -19.96 -6.66
C ARG C 29 16.16 -18.95 -5.88
N LYS C 30 15.58 -17.98 -6.59
CA LYS C 30 14.77 -16.95 -5.95
C LYS C 30 13.31 -17.36 -5.80
N ASP C 31 13.09 -18.57 -5.27
CA ASP C 31 11.73 -19.07 -5.04
C ASP C 31 11.76 -19.82 -3.71
N SER C 32 12.73 -20.72 -3.57
CA SER C 32 12.89 -21.53 -2.38
C SER C 32 13.66 -20.78 -1.31
N LEU C 33 13.17 -20.86 -0.06
CA LEU C 33 13.96 -20.51 1.11
C LEU C 33 14.70 -21.77 1.53
N SER C 34 16.04 -21.75 1.57
CA SER C 34 16.78 -22.82 2.25
C SER C 34 16.82 -22.52 3.75
N VAL C 35 17.45 -23.40 4.53
CA VAL C 35 17.37 -23.41 5.98
C VAL C 35 17.66 -22.03 6.60
N ASN C 36 18.86 -21.47 6.31
CA ASN C 36 19.24 -20.13 6.83
C ASN C 36 18.22 -19.08 6.37
N GLU C 37 18.06 -18.99 5.05
CA GLU C 37 17.06 -18.17 4.39
C GLU C 37 15.73 -18.15 5.16
N PHE C 38 15.23 -19.34 5.48
CA PHE C 38 13.98 -19.51 6.19
C PHE C 38 14.11 -18.92 7.58
N LYS C 39 15.14 -19.33 8.33
CA LYS C 39 15.36 -18.84 9.68
C LYS C 39 15.44 -17.30 9.71
N GLU C 40 15.99 -16.70 8.65
CA GLU C 40 16.12 -15.23 8.56
C GLU C 40 14.77 -14.52 8.60
N LEU C 41 13.71 -15.14 8.08
CA LEU C 41 12.39 -14.50 8.08
C LEU C 41 11.92 -14.38 9.53
N VAL C 42 11.91 -15.52 10.22
CA VAL C 42 11.35 -15.62 11.55
C VAL C 42 12.18 -14.78 12.51
N THR C 43 13.49 -14.98 12.50
CA THR C 43 14.41 -14.27 13.39
C THR C 43 14.40 -12.74 13.22
N GLN C 44 14.13 -12.26 12.00
CA GLN C 44 14.15 -10.82 11.75
C GLN C 44 12.79 -10.14 11.89
N GLN C 45 11.80 -10.57 11.11
CA GLN C 45 10.48 -9.93 11.12
C GLN C 45 9.40 -10.70 11.87
N LEU C 46 9.77 -11.60 12.79
CA LEU C 46 8.75 -12.34 13.54
C LEU C 46 9.23 -12.69 14.95
N PRO C 47 9.25 -11.70 15.86
CA PRO C 47 9.68 -11.87 17.23
C PRO C 47 8.54 -12.05 18.25
N HIS C 48 7.30 -11.84 17.81
CA HIS C 48 6.15 -11.97 18.72
C HIS C 48 5.29 -13.18 18.38
N LEU C 49 4.75 -13.21 17.15
CA LEU C 49 3.89 -14.28 16.68
C LEU C 49 4.42 -15.65 17.06
N LEU C 50 5.55 -16.03 16.46
CA LEU C 50 6.27 -17.27 16.72
C LEU C 50 7.57 -16.89 17.42
N LYS C 51 7.46 -16.63 18.72
CA LYS C 51 8.61 -16.23 19.55
C LYS C 51 9.63 -17.36 19.74
N ASP C 52 9.49 -18.43 18.96
CA ASP C 52 10.40 -19.56 19.04
C ASP C 52 11.50 -19.44 18.00
N VAL C 53 12.53 -18.65 18.31
CA VAL C 53 13.65 -18.45 17.40
C VAL C 53 14.76 -19.47 17.65
N GLY C 54 14.40 -20.58 18.27
CA GLY C 54 15.36 -21.62 18.57
C GLY C 54 14.97 -22.96 17.96
N SER C 55 13.67 -23.25 17.99
CA SER C 55 13.16 -24.51 17.47
C SER C 55 12.62 -24.34 16.04
N LEU C 56 13.39 -23.63 15.21
CA LEU C 56 13.03 -23.41 13.84
C LEU C 56 13.05 -24.75 13.09
N ASP C 57 13.90 -25.69 13.52
CA ASP C 57 13.92 -27.05 13.02
C ASP C 57 12.53 -27.69 13.07
N GLU C 58 11.82 -27.58 14.20
CA GLU C 58 10.47 -28.09 14.35
C GLU C 58 9.56 -27.51 13.27
N LYS C 59 9.54 -26.18 13.14
CA LYS C 59 8.75 -25.53 12.11
C LYS C 59 9.14 -26.12 10.75
N MET C 60 10.44 -26.14 10.44
CA MET C 60 10.97 -26.62 9.18
C MET C 60 10.41 -28.02 8.87
N LYS C 61 10.56 -28.97 9.79
CA LYS C 61 10.02 -30.32 9.62
C LYS C 61 8.50 -30.29 9.44
N SER C 62 7.80 -29.47 10.23
CA SER C 62 6.35 -29.33 10.13
C SER C 62 5.90 -28.76 8.77
N LEU C 63 6.75 -27.93 8.16
CA LEU C 63 6.50 -27.24 6.89
C LEU C 63 6.91 -28.12 5.71
N ASP C 64 8.19 -28.42 5.60
CA ASP C 64 8.80 -29.12 4.48
C ASP C 64 8.45 -30.61 4.56
N VAL C 65 7.21 -30.96 4.23
CA VAL C 65 6.69 -32.33 4.32
C VAL C 65 7.61 -33.36 3.65
N ASN C 66 8.22 -33.00 2.52
CA ASN C 66 9.11 -33.86 1.75
C ASN C 66 10.56 -33.82 2.27
N GLN C 67 10.88 -32.91 3.19
CA GLN C 67 12.19 -32.77 3.80
C GLN C 67 13.31 -32.75 2.75
N ASP C 68 13.15 -31.87 1.75
CA ASP C 68 14.17 -31.63 0.71
C ASP C 68 15.12 -30.52 1.16
N SER C 69 14.80 -29.81 2.26
CA SER C 69 15.56 -28.66 2.76
C SER C 69 15.46 -27.47 1.79
N GLU C 70 14.35 -27.42 1.05
CA GLU C 70 13.88 -26.27 0.31
C GLU C 70 12.40 -26.10 0.64
N LEU C 71 12.02 -24.99 1.24
CA LEU C 71 10.63 -24.60 1.28
C LEU C 71 10.35 -23.86 -0.04
N LYS C 72 9.89 -24.57 -1.07
CA LYS C 72 9.37 -23.97 -2.31
C LYS C 72 8.31 -22.92 -1.95
N PHE C 73 7.98 -22.02 -2.87
CA PHE C 73 6.98 -20.96 -2.68
C PHE C 73 5.77 -21.46 -1.88
N ASN C 74 5.10 -22.51 -2.39
CA ASN C 74 3.89 -23.05 -1.78
C ASN C 74 4.16 -23.72 -0.43
N GLU C 75 5.34 -24.32 -0.25
CA GLU C 75 5.70 -24.95 1.02
C GLU C 75 5.93 -23.86 2.06
N TYR C 76 6.80 -22.89 1.76
CA TYR C 76 7.04 -21.72 2.58
C TYR C 76 5.72 -21.08 2.98
N TRP C 77 4.88 -20.85 1.97
CA TRP C 77 3.57 -20.24 2.13
C TRP C 77 2.83 -20.83 3.34
N ARG C 78 2.94 -22.14 3.62
CA ARG C 78 2.36 -22.77 4.83
C ARG C 78 2.52 -21.88 6.06
N LEU C 79 3.73 -21.39 6.32
CA LEU C 79 4.02 -20.53 7.46
C LEU C 79 2.97 -19.43 7.59
N ILE C 80 2.61 -18.78 6.47
CA ILE C 80 1.71 -17.63 6.47
C ILE C 80 0.35 -18.04 7.06
N GLY C 81 0.02 -19.32 6.96
CA GLY C 81 -1.22 -19.86 7.49
C GLY C 81 -1.14 -19.96 8.98
N GLU C 82 0.01 -20.43 9.44
CA GLU C 82 0.26 -20.65 10.83
C GLU C 82 0.34 -19.26 11.48
N LEU C 83 0.87 -18.26 10.77
CA LEU C 83 0.84 -16.87 11.18
C LEU C 83 -0.59 -16.34 11.28
N ALA C 84 -1.33 -16.37 10.16
CA ALA C 84 -2.70 -15.89 10.03
C ALA C 84 -3.65 -16.62 11.00
N LYS C 85 -3.28 -17.83 11.36
CA LYS C 85 -3.95 -18.59 12.40
C LYS C 85 -3.52 -18.01 13.75
N GLU C 86 -2.23 -18.06 14.11
CA GLU C 86 -1.67 -17.58 15.39
C GLU C 86 -2.24 -16.22 15.80
N ILE C 87 -2.26 -15.23 14.92
CA ILE C 87 -2.78 -13.91 15.27
C ILE C 87 -4.18 -13.94 15.91
N ARG C 88 -5.02 -14.89 15.50
CA ARG C 88 -6.33 -15.15 16.12
C ARG C 88 -6.16 -16.17 17.25
N LYS C 89 -5.55 -17.30 16.91
CA LYS C 89 -5.51 -18.52 17.69
C LYS C 89 -4.75 -18.34 19.00
N LYS C 90 -3.83 -17.38 19.13
CA LYS C 90 -2.44 -17.73 19.39
C LYS C 90 -2.28 -18.97 20.28
N LYS C 91 -2.68 -18.93 21.56
CA LYS C 91 -2.60 -20.10 22.45
C LYS C 91 -3.95 -20.25 23.19
N ASP C 92 -5.05 -20.18 22.42
CA ASP C 92 -6.46 -20.33 22.79
C ASP C 92 -6.69 -21.72 23.39
N LEU C 93 -6.21 -21.88 24.62
CA LEU C 93 -6.08 -23.12 25.35
C LEU C 93 -5.59 -22.72 26.75
N LYS C 94 -4.50 -21.93 26.81
CA LYS C 94 -3.98 -21.35 28.04
C LYS C 94 -4.01 -19.81 28.00
N ILE C 95 -3.60 -19.21 26.88
CA ILE C 95 -3.34 -17.77 26.77
C ILE C 95 -3.88 -17.25 25.43
N ARG C 96 -4.94 -16.43 25.36
CA ARG C 96 -5.93 -15.97 26.33
C ARG C 96 -6.96 -15.04 25.69
N DLY C 97 -6.63 -14.02 24.86
CA DLY C 97 -5.35 -13.57 24.29
C DLY C 97 -5.72 -12.84 22.98
O DLY C 97 -6.47 -13.43 22.21
CB DLY C 97 -4.44 -12.92 25.36
CG DLY C 97 -5.03 -11.78 26.22
CD DLY C 97 -3.88 -11.04 26.95
CE DLY C 97 -3.78 -9.52 26.70
NZ DLY C 97 -4.79 -8.72 27.41
H DLY C 97 -7.39 -13.49 24.59
HA DLY C 97 -6.03 -12.63 24.52
HB2 DLY C 97 -4.12 -13.70 26.03
HB3 DLY C 97 -3.57 -12.53 24.84
HG2 DLY C 97 -5.55 -11.08 25.59
HG3 DLY C 97 -5.70 -12.19 26.95
HD2 DLY C 97 -4.00 -11.19 28.01
HD3 DLY C 97 -2.94 -11.50 26.65
HE2 DLY C 97 -2.80 -9.19 27.02
HE3 DLY C 97 -3.88 -9.35 25.64
HZ1 DLY C 97 -4.66 -7.70 27.19
HZ2 DLY C 97 -4.70 -8.86 28.44
HZ3 DLY C 97 -5.74 -9.01 27.11
N DLY C 98 -5.30 -11.62 22.58
CA DLY C 98 -4.30 -10.74 23.10
C DLY C 98 -2.95 -11.08 22.43
O DLY C 98 -2.86 -10.93 21.19
CB DLY C 98 -4.77 -9.30 22.87
CG DLY C 98 -6.25 -9.04 23.24
CD DLY C 98 -6.50 -7.55 23.53
CE DLY C 98 -6.09 -6.63 22.36
NZ DLY C 98 -5.81 -5.26 22.83
H DLY C 98 -5.79 -11.28 21.80
HA DLY C 98 -4.33 -10.78 21.92
HB2 DLY C 98 -4.17 -8.64 23.47
HB3 DLY C 98 -4.64 -9.04 21.83
HG2 DLY C 98 -6.87 -9.34 22.42
HG3 DLY C 98 -6.49 -9.61 24.12
HD2 DLY C 98 -7.54 -7.41 23.73
HD3 DLY C 98 -5.92 -7.26 24.40
HE2 DLY C 98 -5.22 -7.03 21.88
HE3 DLY C 98 -6.91 -6.59 21.65
HZ1 DLY C 98 -5.57 -4.65 22.02
HZ2 DLY C 98 -4.99 -5.27 23.48
HZ3 DLY C 98 -6.63 -4.87 23.32
N MET D 1 -10.50 -7.92 22.50
CA MET D 1 -11.52 -7.17 21.76
C MET D 1 -10.94 -6.66 20.44
N ALA D 2 -9.85 -5.87 20.49
CA ALA D 2 -9.16 -5.38 19.29
C ALA D 2 -7.85 -4.66 19.62
N ALA D 3 -6.73 -5.18 19.11
CA ALA D 3 -5.56 -4.44 18.60
C ALA D 3 -5.21 -3.05 19.17
N GLU D 4 -4.25 -2.95 20.09
CA GLU D 4 -3.28 -1.86 20.18
C GLU D 4 -2.13 -2.16 19.18
N PRO D 5 -1.03 -1.35 19.12
CA PRO D 5 0.13 -1.51 18.21
C PRO D 5 0.38 -2.90 17.65
N LEU D 6 0.65 -2.91 16.34
CA LEU D 6 0.95 -4.12 15.58
C LEU D 6 2.19 -3.85 14.72
N THR D 7 2.67 -4.86 13.99
CA THR D 7 3.83 -4.67 13.14
C THR D 7 3.40 -4.38 11.68
N GLU D 8 4.38 -4.23 10.80
CA GLU D 8 4.14 -3.92 9.38
C GLU D 8 3.24 -4.97 8.70
N LEU D 9 3.55 -6.25 8.91
CA LEU D 9 2.78 -7.34 8.30
C LEU D 9 1.42 -7.55 8.97
N GLU D 10 1.32 -7.12 10.22
CA GLU D 10 0.10 -7.23 11.01
C GLU D 10 -0.95 -6.24 10.50
N GLU D 11 -0.49 -5.04 10.11
CA GLU D 11 -1.38 -4.05 9.50
C GLU D 11 -2.02 -4.64 8.24
N SER D 12 -1.19 -5.18 7.34
CA SER D 12 -1.64 -5.60 6.03
C SER D 12 -2.50 -6.87 6.07
N ILE D 13 -2.40 -7.70 7.11
CA ILE D 13 -3.42 -8.73 7.36
C ILE D 13 -4.68 -8.10 7.97
N GLU D 14 -4.56 -7.04 8.80
CA GLU D 14 -5.74 -6.35 9.30
C GLU D 14 -6.56 -5.77 8.13
N THR D 15 -5.94 -4.98 7.25
CA THR D 15 -6.66 -4.21 6.25
C THR D 15 -7.67 -5.07 5.46
N VAL D 16 -7.29 -6.31 5.14
CA VAL D 16 -8.19 -7.24 4.45
C VAL D 16 -9.26 -7.78 5.40
N VAL D 17 -8.93 -8.03 6.67
CA VAL D 17 -9.91 -8.44 7.68
C VAL D 17 -10.96 -7.35 7.86
N THR D 18 -10.53 -6.07 7.85
CA THR D 18 -11.46 -4.94 7.96
C THR D 18 -12.56 -5.01 6.89
N THR D 19 -12.23 -5.60 5.72
CA THR D 19 -13.22 -5.80 4.65
C THR D 19 -14.19 -6.88 5.11
N PHE D 20 -13.60 -7.98 5.54
CA PHE D 20 -14.30 -9.13 6.11
C PHE D 20 -15.28 -8.66 7.18
N PHE D 21 -14.77 -7.92 8.16
CA PHE D 21 -15.55 -7.42 9.29
C PHE D 21 -16.74 -6.54 8.89
N THR D 22 -16.61 -5.76 7.82
CA THR D 22 -17.69 -4.88 7.40
C THR D 22 -18.58 -5.51 6.33
N PHE D 23 -18.47 -6.81 6.19
CA PHE D 23 -19.28 -7.55 5.23
C PHE D 23 -19.92 -8.73 5.94
N ALA D 24 -19.37 -9.09 7.10
CA ALA D 24 -19.88 -10.19 7.89
C ALA D 24 -20.83 -9.73 8.98
N ARG D 25 -20.96 -8.42 9.12
CA ARG D 25 -21.88 -7.83 10.11
C ARG D 25 -23.24 -7.46 9.48
N GLN D 26 -23.52 -7.97 8.27
CA GLN D 26 -24.78 -7.66 7.56
C GLN D 26 -26.01 -8.21 8.30
N GLU D 27 -26.26 -9.51 8.14
CA GLU D 27 -27.37 -10.19 8.81
C GLU D 27 -26.97 -10.42 10.26
N GLY D 28 -26.90 -11.67 10.74
CA GLY D 28 -26.37 -11.84 12.07
C GLY D 28 -24.89 -11.48 12.10
N ARG D 29 -24.37 -11.20 13.30
CA ARG D 29 -23.08 -11.69 13.76
C ARG D 29 -21.91 -11.43 12.80
N LYS D 30 -21.07 -10.47 13.19
CA LYS D 30 -19.88 -10.04 12.43
C LYS D 30 -18.72 -11.04 12.51
N ASP D 31 -18.74 -11.89 13.53
CA ASP D 31 -17.71 -12.89 13.74
C ASP D 31 -17.82 -14.10 12.79
N SER D 32 -18.94 -14.26 12.06
CA SER D 32 -19.12 -15.34 11.09
C SER D 32 -19.63 -14.81 9.75
N LEU D 33 -19.09 -15.33 8.64
CA LEU D 33 -19.64 -15.07 7.32
C LEU D 33 -20.96 -15.84 7.20
N SER D 34 -21.95 -15.14 6.66
CA SER D 34 -23.31 -15.60 6.42
C SER D 34 -23.55 -15.51 4.89
N VAL D 35 -24.56 -16.19 4.33
CA VAL D 35 -24.65 -16.34 2.88
C VAL D 35 -25.62 -15.36 2.24
N ASN D 36 -25.45 -14.10 2.63
CA ASN D 36 -25.61 -12.90 1.84
C ASN D 36 -24.73 -11.85 2.53
N GLU D 37 -23.47 -12.32 2.60
CA GLU D 37 -22.30 -11.64 3.13
C GLU D 37 -21.11 -12.20 2.34
N PHE D 38 -21.12 -13.54 2.18
CA PHE D 38 -20.17 -14.28 1.38
C PHE D 38 -20.42 -14.03 -0.10
N LYS D 39 -21.63 -14.34 -0.59
CA LYS D 39 -21.90 -14.20 -2.01
C LYS D 39 -21.73 -12.73 -2.44
N GLU D 40 -22.12 -11.80 -1.57
CA GLU D 40 -21.96 -10.37 -1.84
C GLU D 40 -20.47 -9.99 -1.84
N LEU D 41 -19.68 -10.73 -1.07
CA LEU D 41 -18.23 -10.49 -0.98
C LEU D 41 -17.51 -10.97 -2.24
N VAL D 42 -17.79 -12.21 -2.66
CA VAL D 42 -17.19 -12.74 -3.86
C VAL D 42 -17.63 -11.97 -5.09
N THR D 43 -18.91 -11.66 -5.17
CA THR D 43 -19.46 -10.95 -6.34
C THR D 43 -18.91 -9.51 -6.50
N GLN D 44 -18.55 -8.86 -5.40
CA GLN D 44 -18.07 -7.48 -5.47
C GLN D 44 -16.55 -7.35 -5.32
N GLN D 45 -15.99 -7.98 -4.29
CA GLN D 45 -14.55 -7.87 -4.02
C GLN D 45 -13.71 -8.88 -4.81
N LEU D 46 -14.23 -10.08 -5.04
CA LEU D 46 -13.48 -11.11 -5.78
C LEU D 46 -14.19 -11.55 -7.06
N PRO D 47 -14.54 -10.64 -7.99
CA PRO D 47 -15.23 -11.00 -9.23
C PRO D 47 -14.26 -11.36 -10.35
N HIS D 48 -13.03 -10.86 -10.23
CA HIS D 48 -11.99 -11.11 -11.22
C HIS D 48 -11.01 -12.16 -10.71
N LEU D 49 -10.64 -12.03 -9.43
CA LEU D 49 -9.73 -12.96 -8.80
C LEU D 49 -10.36 -14.35 -8.74
N LEU D 50 -11.58 -14.41 -8.23
CA LEU D 50 -12.31 -15.66 -8.16
C LEU D 50 -13.31 -15.72 -9.31
N LYS D 51 -13.01 -16.54 -10.31
CA LYS D 51 -13.86 -16.68 -11.48
C LYS D 51 -14.95 -17.72 -11.24
N ASP D 52 -15.45 -17.77 -10.02
CA ASP D 52 -16.50 -18.72 -9.64
C ASP D 52 -17.51 -18.06 -8.71
N VAL D 53 -18.13 -16.98 -9.18
CA VAL D 53 -19.12 -16.26 -8.40
C VAL D 53 -20.49 -16.92 -8.46
N GLY D 54 -20.70 -17.76 -9.47
CA GLY D 54 -21.96 -18.44 -9.62
C GLY D 54 -21.94 -19.81 -8.97
N SER D 55 -20.74 -20.29 -8.67
CA SER D 55 -20.56 -21.59 -8.04
C SER D 55 -19.98 -21.44 -6.63
N LEU D 56 -20.34 -20.34 -5.96
CA LEU D 56 -19.91 -20.08 -4.60
C LEU D 56 -20.29 -21.26 -3.70
N ASP D 57 -21.55 -21.69 -3.80
CA ASP D 57 -22.17 -22.74 -3.02
C ASP D 57 -21.27 -23.97 -2.84
N GLU D 58 -20.59 -24.33 -3.94
CA GLU D 58 -19.64 -25.44 -3.97
C GLU D 58 -18.46 -25.13 -3.04
N LYS D 59 -17.94 -23.89 -3.13
CA LYS D 59 -16.83 -23.44 -2.27
C LYS D 59 -17.29 -23.39 -0.82
N MET D 60 -18.46 -22.78 -0.61
CA MET D 60 -19.09 -22.71 0.71
C MET D 60 -19.11 -24.09 1.35
N LYS D 61 -19.67 -25.09 0.65
CA LYS D 61 -19.73 -26.45 1.18
C LYS D 61 -18.32 -26.96 1.51
N SER D 62 -17.35 -26.71 0.63
CA SER D 62 -15.97 -27.11 0.83
C SER D 62 -15.34 -26.40 2.04
N LEU D 63 -15.67 -25.14 2.25
CA LEU D 63 -15.16 -24.29 3.32
C LEU D 63 -15.73 -24.75 4.66
N ASP D 64 -17.06 -24.77 4.76
CA ASP D 64 -17.84 -24.79 6.00
C ASP D 64 -17.58 -25.95 6.95
N VAL D 65 -16.88 -27.00 6.50
CA VAL D 65 -17.17 -28.44 6.57
C VAL D 65 -17.89 -29.00 7.81
N ASN D 66 -17.85 -28.33 8.97
CA ASN D 66 -18.80 -28.68 10.03
C ASN D 66 -20.25 -28.50 9.52
N GLN D 67 -20.44 -27.66 8.52
CA GLN D 67 -21.69 -27.46 7.79
C GLN D 67 -22.76 -26.81 8.69
N ASP D 68 -22.34 -26.17 9.78
CA ASP D 68 -23.20 -25.29 10.57
C ASP D 68 -23.70 -24.12 9.73
N SER D 69 -23.03 -23.84 8.60
CA SER D 69 -23.35 -22.75 7.69
C SER D 69 -23.07 -21.37 8.28
N GLU D 70 -22.39 -21.31 9.44
CA GLU D 70 -21.60 -20.16 9.81
C GLU D 70 -20.23 -20.42 9.23
N LEU D 71 -19.82 -19.65 8.23
CA LEU D 71 -18.47 -19.71 7.71
C LEU D 71 -17.60 -19.06 8.79
N LYS D 72 -16.93 -19.91 9.56
CA LYS D 72 -16.43 -19.57 10.89
C LYS D 72 -15.10 -18.81 10.78
N PHE D 73 -14.61 -18.29 11.91
CA PHE D 73 -13.43 -17.44 11.99
C PHE D 73 -12.20 -18.36 11.95
N ASN D 74 -11.97 -18.86 10.73
CA ASN D 74 -11.07 -19.87 10.21
C ASN D 74 -11.84 -21.19 10.06
N GLU D 75 -13.02 -21.15 9.43
CA GLU D 75 -13.25 -21.80 8.14
C GLU D 75 -12.94 -20.79 7.03
N TYR D 76 -13.68 -19.67 7.06
CA TYR D 76 -13.72 -18.63 6.03
C TYR D 76 -12.35 -18.34 5.44
N TRP D 77 -11.41 -18.08 6.35
CA TRP D 77 -10.07 -17.62 6.05
C TRP D 77 -9.46 -18.38 4.87
N ARG D 78 -9.68 -19.69 4.80
CA ARG D 78 -9.26 -20.55 3.69
C ARG D 78 -9.42 -19.85 2.34
N LEU D 79 -10.56 -19.18 2.11
CA LEU D 79 -10.85 -18.49 0.87
C LEU D 79 -9.69 -17.58 0.45
N ILE D 80 -9.20 -16.75 1.36
CA ILE D 80 -8.11 -15.82 1.09
C ILE D 80 -6.88 -16.63 0.63
N GLY D 81 -6.77 -17.87 1.12
CA GLY D 81 -5.75 -18.85 0.79
C GLY D 81 -5.86 -19.32 -0.62
N GLU D 82 -7.08 -19.60 -1.01
CA GLU D 82 -7.38 -20.12 -2.31
C GLU D 82 -7.09 -19.01 -3.30
N LEU D 83 -7.58 -17.77 -3.07
CA LEU D 83 -7.12 -16.67 -3.91
C LEU D 83 -5.59 -16.51 -3.89
N ALA D 84 -4.96 -16.58 -2.70
CA ALA D 84 -3.53 -16.44 -2.57
C ALA D 84 -2.78 -17.42 -3.47
N LYS D 85 -3.13 -18.71 -3.43
CA LYS D 85 -2.50 -19.65 -4.34
C LYS D 85 -2.97 -19.42 -5.77
N GLU D 86 -4.26 -19.14 -6.03
CA GLU D 86 -4.87 -19.00 -7.37
C GLU D 86 -3.99 -18.17 -8.30
N ILE D 87 -3.47 -17.03 -7.82
CA ILE D 87 -2.61 -16.18 -8.62
C ILE D 87 -1.45 -16.97 -9.25
N ARG D 88 -0.88 -17.92 -8.49
CA ARG D 88 0.11 -18.90 -8.92
C ARG D 88 -0.56 -20.12 -9.61
N LYS D 89 -1.71 -20.56 -9.10
CA LYS D 89 -2.29 -21.87 -9.32
C LYS D 89 -3.63 -21.78 -10.06
N LYS D 90 -3.56 -21.57 -11.37
CA LYS D 90 -4.68 -21.44 -12.31
C LYS D 90 -5.85 -22.38 -11.98
N LYS D 91 -5.63 -23.70 -11.86
CA LYS D 91 -6.71 -24.64 -11.54
C LYS D 91 -6.21 -25.93 -10.85
N ASP D 92 -4.91 -26.07 -10.67
CA ASP D 92 -4.24 -27.36 -10.75
C ASP D 92 -4.14 -27.99 -9.36
N LEU D 93 -5.25 -28.03 -8.62
CA LEU D 93 -5.30 -28.57 -7.26
C LEU D 93 -5.70 -30.04 -7.24
N DLY D 94 -6.83 -30.36 -7.86
CA DLY D 94 -7.53 -31.64 -7.68
C DLY D 94 -7.66 -32.01 -6.20
O DLY D 94 -8.54 -31.49 -5.51
CB DLY D 94 -8.92 -31.54 -8.31
CG DLY D 94 -9.62 -30.21 -7.96
CD DLY D 94 -11.13 -30.30 -7.78
CE DLY D 94 -11.61 -30.71 -6.37
NZ DLY D 94 -11.12 -32.03 -5.93
H DLY D 94 -7.22 -29.71 -8.47
HA DLY D 94 -7.88 -30.78 -6.99
HB2 DLY D 94 -8.82 -31.60 -9.39
HB3 DLY D 94 -9.53 -32.35 -7.96
HG2 DLY D 94 -9.21 -29.83 -7.03
HG3 DLY D 94 -9.40 -29.50 -8.74
HD2 DLY D 94 -11.56 -29.33 -8.01
HD3 DLY D 94 -11.51 -31.01 -8.50
HE2 DLY D 94 -11.27 -29.97 -5.67
HE3 DLY D 94 -12.69 -30.72 -6.38
HZ1 DLY D 94 -11.48 -32.23 -4.97
HZ2 DLY D 94 -10.09 -32.04 -5.91
HZ3 DLY D 94 -11.46 -32.77 -6.57
N ILE D 95 -6.85 -32.97 -5.72
CA ILE D 95 -6.98 -33.68 -4.44
C ILE D 95 -8.36 -34.36 -4.24
N ARG D 96 -8.33 -35.45 -3.46
CA ARG D 96 -9.46 -36.24 -3.03
C ARG D 96 -8.93 -37.14 -1.91
N LYS D 97 -9.56 -37.16 -0.74
CA LYS D 97 -8.94 -37.68 0.49
C LYS D 97 -10.03 -37.63 1.56
N LYS D 98 -10.30 -38.77 2.22
CA LYS D 98 -11.09 -38.84 3.44
C LYS D 98 -10.08 -39.03 4.58
N TYR E 1 -26.36 32.45 8.86
CA TYR E 1 -27.12 32.56 7.60
C TYR E 1 -27.55 31.17 7.11
N LYS E 2 -28.42 30.51 7.87
CA LYS E 2 -28.89 29.18 7.52
C LYS E 2 -29.38 29.15 6.08
N LYS E 3 -28.62 28.50 5.22
CA LYS E 3 -28.94 28.39 3.81
C LYS E 3 -28.23 27.18 3.19
N PRO E 4 -28.32 26.99 1.84
CA PRO E 4 -27.69 25.89 1.13
C PRO E 4 -26.56 25.20 1.89
N LYS E 5 -26.85 24.01 2.40
CA LYS E 5 -25.86 23.23 3.15
C LYS E 5 -25.21 22.23 2.22
N LEU E 6 -23.96 22.48 1.84
CA LEU E 6 -23.23 21.59 0.95
C LEU E 6 -22.60 20.45 1.76
N LEU E 7 -22.72 19.24 1.26
CA LEU E 7 -22.18 18.06 1.93
C LEU E 7 -21.64 17.05 0.92
N TYR E 8 -20.46 16.49 1.20
CA TYR E 8 -19.85 15.50 0.33
C TYR E 8 -18.82 14.68 1.12
N CYS E 9 -18.27 13.64 0.52
CA CYS E 9 -17.30 12.79 1.20
C CYS E 9 -16.27 12.24 0.22
N SER E 10 -15.19 11.69 0.77
CA SER E 10 -14.11 11.11 -0.02
C SER E 10 -13.26 12.23 -0.63
N ASN E 11 -11.98 12.24 -0.29
CA ASN E 11 -11.07 13.25 -0.81
C ASN E 11 -11.19 13.35 -2.33
N GLY E 12 -11.43 14.56 -2.82
CA GLY E 12 -11.57 14.77 -4.24
C GLY E 12 -12.76 15.65 -4.57
N GLY E 13 -12.56 16.57 -5.50
CA GLY E 13 -13.64 17.46 -5.90
C GLY E 13 -14.88 16.71 -6.34
N HIS E 14 -15.90 16.70 -5.48
CA HIS E 14 -17.17 16.04 -5.77
C HIS E 14 -18.23 16.50 -4.77
N PHE E 15 -19.31 17.07 -5.27
CA PHE E 15 -20.38 17.56 -4.41
C PHE E 15 -21.69 16.81 -4.69
N LEU E 16 -22.52 16.67 -3.67
CA LEU E 16 -23.80 15.98 -3.80
C LEU E 16 -24.79 16.85 -4.57
N ARG E 17 -24.96 16.57 -5.86
CA ARG E 17 -25.89 17.33 -6.68
C ARG E 17 -27.23 16.63 -6.75
N ILE E 18 -28.22 17.21 -6.07
CA ILE E 18 -29.56 16.63 -6.03
C ILE E 18 -30.42 17.13 -7.17
N LEU E 19 -31.25 16.24 -7.71
CA LEU E 19 -32.16 16.60 -8.79
C LEU E 19 -33.56 16.11 -8.45
N PRO E 20 -34.59 16.93 -8.78
CA PRO E 20 -36.01 16.58 -8.51
C PRO E 20 -36.33 15.15 -8.89
N ASP E 21 -35.65 14.64 -9.92
CA ASP E 21 -35.85 13.28 -10.38
C ASP E 21 -35.57 12.27 -9.26
N GLY E 22 -34.49 12.50 -8.52
CA GLY E 22 -34.11 11.60 -7.45
C GLY E 22 -32.69 11.10 -7.59
N THR E 23 -32.24 10.93 -8.83
CA THR E 23 -30.89 10.45 -9.08
C THR E 23 -29.84 11.51 -8.75
N VAL E 24 -29.46 11.55 -7.48
CA VAL E 24 -28.45 12.49 -7.01
C VAL E 24 -27.05 11.90 -7.19
N ASP E 25 -26.14 12.67 -7.76
CA ASP E 25 -24.77 12.22 -7.99
C ASP E 25 -23.76 13.19 -7.40
N GLY E 26 -22.51 12.73 -7.29
CA GLY E 26 -21.46 13.56 -6.72
C GLY E 26 -20.82 14.48 -7.75
N THR E 27 -21.61 15.42 -8.25
CA THR E 27 -21.13 16.38 -9.25
C THR E 27 -20.10 17.32 -8.65
N ARG E 28 -18.96 17.45 -9.31
CA ARG E 28 -17.91 18.34 -8.82
C ARG E 28 -18.04 19.71 -9.47
N ASP E 29 -19.11 20.41 -9.14
CA ASP E 29 -19.36 21.75 -9.68
C ASP E 29 -20.12 22.60 -8.67
N ARG E 30 -19.92 23.90 -8.76
CA ARG E 30 -20.59 24.85 -7.87
C ARG E 30 -21.15 26.03 -8.67
N SER E 31 -21.37 25.81 -9.96
CA SER E 31 -21.90 26.83 -10.86
C SER E 31 -23.42 26.77 -10.89
N ASP E 32 -23.95 25.55 -10.96
CA ASP E 32 -25.40 25.35 -11.01
C ASP E 32 -25.93 25.05 -9.61
N GLN E 33 -26.92 25.81 -9.17
CA GLN E 33 -27.51 25.63 -7.85
C GLN E 33 -28.27 24.31 -7.75
N HIS E 34 -27.54 23.21 -7.62
CA HIS E 34 -28.15 21.90 -7.47
C HIS E 34 -27.34 21.00 -6.54
N ILE E 35 -26.44 21.60 -5.76
CA ILE E 35 -25.61 20.84 -4.82
C ILE E 35 -25.75 21.42 -3.41
N GLN E 36 -26.99 21.71 -3.01
CA GLN E 36 -27.26 22.28 -1.70
C GLN E 36 -28.53 21.68 -1.11
N LEU E 37 -28.43 21.28 0.15
CA LEU E 37 -29.56 20.70 0.87
C LEU E 37 -29.77 21.44 2.19
N GLN E 38 -30.99 21.43 2.70
CA GLN E 38 -31.29 22.10 3.95
C GLN E 38 -31.07 21.15 5.14
N LEU E 39 -29.81 20.88 5.43
CA LEU E 39 -29.44 20.01 6.54
C LEU E 39 -29.65 20.75 7.86
N SER E 40 -30.38 20.13 8.79
CA SER E 40 -30.64 20.72 10.09
C SER E 40 -31.05 19.64 11.09
N ALA E 41 -30.84 19.92 12.38
CA ALA E 41 -31.22 19.00 13.44
C ALA E 41 -32.69 19.19 13.79
N GLU E 42 -33.52 18.28 13.33
CA GLU E 42 -34.96 18.37 13.58
C GLU E 42 -35.26 18.05 15.04
N SER E 43 -34.78 16.89 15.47
CA SER E 43 -34.99 16.44 16.85
C SER E 43 -33.64 16.31 17.55
N VAL E 44 -33.67 16.02 18.85
CA VAL E 44 -32.44 15.87 19.62
C VAL E 44 -31.49 14.85 18.97
N GLY E 45 -30.58 15.36 18.16
CA GLY E 45 -29.62 14.51 17.48
C GLY E 45 -30.11 14.03 16.12
N GLU E 46 -31.40 14.15 15.86
CA GLU E 46 -31.97 13.71 14.59
C GLU E 46 -31.89 14.81 13.54
N VAL E 47 -31.02 14.63 12.56
CA VAL E 47 -30.84 15.60 11.49
C VAL E 47 -31.52 15.11 10.21
N TYR E 48 -32.11 16.02 9.46
CA TYR E 48 -32.79 15.69 8.23
C TYR E 48 -32.10 16.32 7.02
N ILE E 49 -32.16 15.62 5.89
CA ILE E 49 -31.55 16.10 4.67
C ILE E 49 -32.64 16.38 3.64
N LYS E 50 -32.95 17.66 3.47
CA LYS E 50 -33.98 18.08 2.54
C LYS E 50 -33.49 19.19 1.63
N SER E 51 -33.37 18.90 0.34
CA SER E 51 -32.91 19.88 -0.63
C SER E 51 -34.09 20.75 -1.08
N THR E 52 -34.68 21.44 -0.10
CA THR E 52 -35.84 22.29 -0.34
C THR E 52 -35.58 23.32 -1.45
N GLU E 53 -34.75 24.30 -1.17
CA GLU E 53 -34.46 25.37 -2.12
C GLU E 53 -33.42 24.94 -3.16
N THR E 54 -33.68 23.84 -3.87
CA THR E 54 -32.74 23.37 -4.89
C THR E 54 -33.16 22.03 -5.51
N GLY E 55 -33.65 21.09 -4.68
CA GLY E 55 -34.03 19.80 -5.21
C GLY E 55 -35.28 19.22 -4.58
N GLN E 56 -35.09 18.16 -3.81
CA GLN E 56 -36.20 17.45 -3.18
C GLN E 56 -35.81 16.93 -1.80
N TYR E 57 -36.73 16.20 -1.18
CA TYR E 57 -36.52 15.62 0.14
C TYR E 57 -35.96 14.21 -0.02
N LEU E 58 -35.08 13.79 0.88
CA LEU E 58 -34.50 12.46 0.79
C LEU E 58 -35.42 11.40 1.39
N ALA E 59 -35.25 10.17 0.92
CA ALA E 59 -36.03 9.03 1.38
C ALA E 59 -35.29 7.74 1.03
N MET E 60 -34.37 7.36 1.91
CA MET E 60 -33.55 6.17 1.72
C MET E 60 -34.40 4.93 1.43
N ASP E 61 -33.90 4.08 0.55
CA ASP E 61 -34.58 2.85 0.20
C ASP E 61 -34.07 1.73 1.09
N THR E 62 -34.63 1.64 2.28
CA THR E 62 -34.22 0.63 3.24
C THR E 62 -32.74 0.80 3.59
N ASP E 63 -32.27 2.06 3.61
CA ASP E 63 -30.87 2.38 3.87
C ASP E 63 -29.98 1.90 2.73
N GLY E 64 -30.12 0.62 2.36
CA GLY E 64 -29.35 0.04 1.28
C GLY E 64 -29.04 1.04 0.16
N LEU E 65 -30.10 1.62 -0.41
CA LEU E 65 -29.95 2.60 -1.47
C LEU E 65 -30.48 3.94 -1.01
N LEU E 66 -29.71 4.99 -1.24
CA LEU E 66 -30.09 6.33 -0.83
C LEU E 66 -30.72 7.09 -1.99
N TYR E 67 -31.90 7.65 -1.76
CA TYR E 67 -32.61 8.41 -2.78
C TYR E 67 -33.54 9.43 -2.14
N GLY E 68 -34.20 10.24 -2.96
CA GLY E 68 -35.11 11.23 -2.45
C GLY E 68 -35.81 11.98 -3.57
N SER E 69 -37.07 12.33 -3.36
CA SER E 69 -37.84 13.07 -4.36
C SER E 69 -39.32 13.16 -3.96
N GLN E 70 -39.97 12.01 -3.85
CA GLN E 70 -41.40 11.96 -3.53
C GLN E 70 -41.70 12.55 -2.15
N THR E 71 -41.32 11.83 -1.09
CA THR E 71 -41.61 12.30 0.27
C THR E 71 -40.47 12.00 1.24
N PRO E 72 -40.26 12.88 2.24
CA PRO E 72 -39.22 12.71 3.26
C PRO E 72 -39.62 11.66 4.30
N ASN E 73 -39.64 10.40 3.88
CA ASN E 73 -40.02 9.31 4.77
C ASN E 73 -39.05 9.18 5.93
N GLU E 74 -39.50 8.57 7.04
CA GLU E 74 -38.66 8.39 8.24
C GLU E 74 -37.26 7.93 7.86
N GLU E 75 -37.16 7.15 6.78
CA GLU E 75 -35.85 6.68 6.28
C GLU E 75 -34.85 7.84 6.20
N CYS E 76 -35.36 9.07 6.05
CA CYS E 76 -34.51 10.25 5.93
C CYS E 76 -34.08 10.82 7.29
N LEU E 77 -34.45 10.18 8.40
CA LEU E 77 -34.05 10.66 9.72
C LEU E 77 -32.71 10.04 10.12
N PHE E 78 -31.70 10.88 10.34
CA PHE E 78 -30.38 10.40 10.72
C PHE E 78 -29.86 11.08 11.98
N LEU E 79 -29.11 10.32 12.77
CA LEU E 79 -28.52 10.85 14.01
C LEU E 79 -27.23 11.60 13.68
N GLU E 80 -27.14 12.84 14.11
CA GLU E 80 -25.96 13.67 13.86
C GLU E 80 -24.79 13.25 14.75
N ARG E 81 -23.73 12.76 14.13
CA ARG E 81 -22.53 12.35 14.85
C ARG E 81 -21.29 12.99 14.22
N LEU E 82 -20.27 13.23 15.02
CA LEU E 82 -19.05 13.86 14.54
C LEU E 82 -17.84 12.97 14.81
N GLU E 83 -16.92 12.90 13.85
CA GLU E 83 -15.71 12.09 14.00
C GLU E 83 -14.49 13.00 14.08
N GLU E 84 -13.54 12.63 14.93
CA GLU E 84 -12.31 13.41 15.10
C GLU E 84 -11.40 13.24 13.88
N ASN E 85 -11.96 13.50 12.71
CA ASN E 85 -11.22 13.37 11.45
C ASN E 85 -11.67 14.46 10.47
N HIS E 86 -12.25 15.54 11.02
CA HIS E 86 -12.75 16.65 10.21
C HIS E 86 -13.85 16.18 9.26
N TYR E 87 -14.76 15.36 9.78
CA TYR E 87 -15.86 14.84 8.98
C TYR E 87 -17.11 14.64 9.84
N ASN E 88 -18.27 14.69 9.19
CA ASN E 88 -19.55 14.52 9.86
C ASN E 88 -20.09 13.11 9.62
N THR E 89 -20.79 12.59 10.61
CA THR E 89 -21.37 11.25 10.52
C THR E 89 -22.87 11.32 10.80
N TYR E 90 -23.66 10.62 10.01
CA TYR E 90 -25.10 10.60 10.18
C TYR E 90 -25.61 9.16 10.22
N ILE E 91 -26.16 8.76 11.35
CA ILE E 91 -26.65 7.41 11.52
C ILE E 91 -28.15 7.31 11.20
N SER E 92 -28.47 6.54 10.17
CA SER E 92 -29.85 6.33 9.77
C SER E 92 -30.59 5.52 10.83
N LYS E 93 -30.99 6.18 11.90
CA LYS E 93 -31.69 5.52 13.01
C LYS E 93 -32.75 4.55 12.49
N LYS E 94 -33.38 4.90 11.37
CA LYS E 94 -34.40 4.04 10.76
C LYS E 94 -33.85 2.62 10.54
N HIS E 95 -32.52 2.52 10.34
CA HIS E 95 -31.88 1.22 10.13
C HIS E 95 -30.69 1.01 11.08
N ALA E 96 -30.56 1.89 12.07
CA ALA E 96 -29.47 1.79 13.03
C ALA E 96 -29.43 0.38 13.63
N GLU E 97 -30.60 -0.23 13.74
CA GLU E 97 -30.72 -1.59 14.27
C GLU E 97 -29.74 -2.55 13.59
N LYS E 98 -29.47 -2.33 12.30
CA LYS E 98 -28.54 -3.18 11.56
C LYS E 98 -27.14 -2.57 11.47
N ASN E 99 -26.91 -1.52 12.26
CA ASN E 99 -25.63 -0.82 12.28
C ASN E 99 -25.33 -0.18 10.92
N TRP E 100 -26.38 0.37 10.31
CA TRP E 100 -26.26 0.99 9.01
C TRP E 100 -26.40 2.51 9.10
N PHE E 101 -25.41 3.22 8.56
CA PHE E 101 -25.43 4.68 8.55
C PHE E 101 -25.01 5.23 7.19
N VAL E 102 -25.94 5.99 6.58
CA VAL E 102 -25.82 6.61 5.24
C VAL E 102 -24.39 6.69 4.70
N GLY E 103 -24.19 6.08 3.55
CA GLY E 103 -22.89 6.08 2.89
C GLY E 103 -23.04 6.24 1.38
N LEU E 104 -22.28 7.15 0.78
CA LEU E 104 -22.37 7.39 -0.66
C LEU E 104 -21.04 7.12 -1.36
N LYS E 105 -21.12 6.92 -2.67
CA LYS E 105 -19.94 6.67 -3.49
C LYS E 105 -19.58 7.93 -4.27
N LYS E 106 -18.52 8.61 -3.83
CA LYS E 106 -18.05 9.83 -4.47
C LYS E 106 -18.08 9.75 -5.99
N ASN E 107 -17.63 8.62 -6.53
CA ASN E 107 -17.61 8.41 -7.98
C ASN E 107 -18.65 7.36 -8.39
N GLY E 108 -19.81 7.38 -7.73
CA GLY E 108 -20.86 6.44 -8.06
C GLY E 108 -22.25 6.97 -7.78
N SER E 109 -22.45 7.45 -6.55
CA SER E 109 -23.73 8.00 -6.07
C SER E 109 -23.99 7.51 -4.66
N CYS E 110 -25.05 7.98 -4.04
CA CYS E 110 -25.39 7.59 -2.68
C CYS E 110 -26.19 6.29 -2.67
N LYS E 111 -25.53 5.18 -2.36
CA LYS E 111 -26.19 3.87 -2.30
C LYS E 111 -25.17 2.79 -1.93
N ARG E 112 -24.89 2.71 -0.62
CA ARG E 112 -23.94 1.73 -0.09
C ARG E 112 -24.38 1.27 1.30
N GLY E 113 -25.68 1.23 1.51
CA GLY E 113 -26.26 0.82 2.78
C GLY E 113 -25.78 -0.55 3.28
N PRO E 114 -25.71 -1.60 2.45
CA PRO E 114 -25.25 -2.93 2.89
C PRO E 114 -23.74 -2.97 3.14
N ARG E 115 -23.09 -1.81 3.03
CA ARG E 115 -21.65 -1.70 3.24
C ARG E 115 -21.32 -0.51 4.16
N THR E 116 -22.29 -0.10 4.98
CA THR E 116 -22.08 1.03 5.88
C THR E 116 -21.58 0.58 7.25
N HIS E 117 -20.27 0.73 7.47
CA HIS E 117 -19.65 0.36 8.75
C HIS E 117 -18.25 0.98 8.84
N TYR E 118 -17.33 0.30 9.52
CA TYR E 118 -15.98 0.82 9.67
C TYR E 118 -15.08 0.35 8.53
N GLY E 119 -15.68 0.15 7.35
CA GLY E 119 -14.94 -0.28 6.18
C GLY E 119 -14.92 0.81 5.13
N GLN E 120 -16.11 1.25 4.75
CA GLN E 120 -16.26 2.32 3.78
C GLN E 120 -16.13 3.66 4.51
N LYS E 121 -15.09 4.41 4.17
CA LYS E 121 -14.80 5.69 4.81
C LYS E 121 -15.72 6.79 4.29
N ALA E 122 -16.35 6.55 3.14
CA ALA E 122 -17.27 7.51 2.53
C ALA E 122 -18.35 7.98 3.52
N ILE E 123 -18.52 7.25 4.62
CA ILE E 123 -19.49 7.61 5.64
C ILE E 123 -19.10 8.92 6.32
N LEU E 124 -17.81 9.24 6.31
CA LEU E 124 -17.30 10.46 6.94
C LEU E 124 -17.44 11.61 5.96
N PHE E 125 -18.58 12.27 6.00
CA PHE E 125 -18.87 13.38 5.09
C PHE E 125 -18.21 14.67 5.55
N LEU E 126 -17.83 15.51 4.58
CA LEU E 126 -17.22 16.79 4.85
C LEU E 126 -18.21 17.90 4.48
N PRO E 127 -18.79 18.56 5.49
CA PRO E 127 -19.77 19.63 5.28
C PRO E 127 -19.14 21.01 5.09
N LEU E 128 -19.74 21.79 4.20
CA LEU E 128 -19.29 23.15 3.91
C LEU E 128 -20.48 24.11 3.93
N PRO E 129 -21.33 24.03 4.98
CA PRO E 129 -22.52 24.87 5.10
C PRO E 129 -22.22 26.27 5.65
N VAL E 130 -23.07 27.22 5.28
CA VAL E 130 -22.91 28.59 5.74
C VAL E 130 -23.47 28.74 7.15
N SER E 131 -22.62 28.48 8.14
CA SER E 131 -23.01 28.57 9.54
C SER E 131 -23.25 30.03 9.95
N SER E 132 -23.67 30.21 11.20
CA SER E 132 -23.93 31.54 11.73
C SER E 132 -22.86 31.91 12.76
N ASP E 133 -21.63 32.04 12.28
CA ASP E 133 -20.51 32.39 13.14
C ASP E 133 -20.26 33.89 13.14
N GLU F 1 -15.03 -1.70 -5.07
CA GLU F 1 -15.55 -1.93 -6.44
C GLU F 1 -14.43 -1.78 -7.48
N LYS F 2 -14.15 -2.86 -8.20
CA LYS F 2 -13.10 -2.85 -9.21
C LYS F 2 -13.54 -3.57 -10.49
N LEU F 3 -13.10 -3.03 -11.63
CA LEU F 3 -13.42 -3.59 -12.93
C LEU F 3 -12.19 -3.56 -13.84
N GLY F 4 -11.13 -2.93 -13.35
CA GLY F 4 -9.91 -2.83 -14.12
C GLY F 4 -9.66 -1.42 -14.60
N LYS F 5 -9.20 -1.27 -15.84
CA LYS F 5 -8.93 0.05 -16.42
C LYS F 5 -9.27 0.08 -17.91
N LEU F 6 -9.60 1.26 -18.41
CA LEU F 6 -9.94 1.44 -19.82
C LEU F 6 -9.25 2.68 -20.36
N GLN F 7 -8.46 2.50 -21.42
CA GLN F 7 -7.74 3.61 -22.03
C GLN F 7 -8.60 4.23 -23.12
N TYR F 8 -8.67 5.55 -23.18
CA TYR F 8 -9.48 6.21 -24.21
C TYR F 8 -8.97 7.60 -24.58
N SER F 9 -9.34 8.02 -25.78
CA SER F 9 -8.98 9.32 -26.31
C SER F 9 -10.23 9.94 -26.94
N LEU F 10 -10.84 10.89 -26.24
CA LEU F 10 -12.06 11.53 -26.72
C LEU F 10 -11.80 12.89 -27.35
N ASP F 11 -12.29 13.10 -28.56
CA ASP F 11 -12.14 14.37 -29.26
C ASP F 11 -13.53 14.94 -29.60
N TYR F 12 -13.58 16.22 -29.96
CA TYR F 12 -14.87 16.86 -30.24
C TYR F 12 -14.98 17.33 -31.69
N ASP F 13 -16.19 17.26 -32.23
CA ASP F 13 -16.48 17.71 -33.59
C ASP F 13 -17.45 18.89 -33.53
N PHE F 14 -17.05 20.01 -34.12
CA PHE F 14 -17.87 21.22 -34.11
C PHE F 14 -18.58 21.45 -35.45
N GLN F 15 -18.55 20.45 -36.33
CA GLN F 15 -19.20 20.55 -37.64
C GLN F 15 -20.55 19.84 -37.59
N ASN F 16 -20.55 18.62 -37.05
CA ASN F 16 -21.78 17.83 -36.93
C ASN F 16 -22.33 17.92 -35.50
N ASN F 17 -21.49 18.38 -34.57
CA ASN F 17 -21.87 18.54 -33.17
C ASN F 17 -21.95 17.19 -32.45
N GLN F 18 -20.80 16.52 -32.36
CA GLN F 18 -20.73 15.24 -31.69
C GLN F 18 -19.34 15.03 -31.10
N LEU F 19 -19.28 14.38 -29.95
CA LEU F 19 -18.01 14.09 -29.31
C LEU F 19 -17.56 12.68 -29.71
N LEU F 20 -16.31 12.56 -30.10
CA LEU F 20 -15.77 11.28 -30.53
C LEU F 20 -15.15 10.53 -29.36
N VAL F 21 -15.89 9.57 -28.83
CA VAL F 21 -15.40 8.76 -27.72
C VAL F 21 -14.57 7.62 -28.27
N GLY F 22 -13.29 7.89 -28.53
CA GLY F 22 -12.40 6.88 -29.06
C GLY F 22 -11.62 6.17 -27.97
N ILE F 23 -12.18 5.07 -27.48
CA ILE F 23 -11.51 4.29 -26.44
C ILE F 23 -10.50 3.35 -27.07
N ILE F 24 -9.44 3.02 -26.34
CA ILE F 24 -8.39 2.14 -26.85
C ILE F 24 -8.71 0.69 -26.52
N GLN F 25 -8.89 0.40 -25.24
CA GLN F 25 -9.20 -0.96 -24.79
C GLN F 25 -9.45 -0.98 -23.29
N ALA F 26 -9.87 -2.15 -22.80
CA ALA F 26 -10.14 -2.34 -21.38
C ALA F 26 -9.22 -3.43 -20.84
N ALA F 27 -8.70 -3.24 -19.63
CA ALA F 27 -7.81 -4.20 -19.02
C ALA F 27 -8.29 -4.65 -17.65
N GLU F 28 -8.07 -5.94 -17.36
CA GLU F 28 -8.43 -6.55 -16.07
C GLU F 28 -9.93 -6.60 -15.82
N LEU F 29 -10.70 -7.10 -16.78
CA LEU F 29 -12.15 -7.21 -16.63
C LEU F 29 -12.52 -8.48 -15.89
N PRO F 30 -13.44 -8.40 -14.91
CA PRO F 30 -13.89 -9.56 -14.12
C PRO F 30 -14.58 -10.63 -14.96
N ALA F 31 -14.68 -11.83 -14.41
CA ALA F 31 -15.30 -12.95 -15.11
C ALA F 31 -16.79 -13.07 -14.77
N LEU F 32 -17.52 -13.79 -15.62
CA LEU F 32 -18.95 -13.98 -15.44
C LEU F 32 -19.34 -15.42 -15.82
N ASP F 33 -18.80 -15.89 -16.95
CA ASP F 33 -19.08 -17.24 -17.43
C ASP F 33 -18.23 -18.26 -16.69
N MET F 34 -18.81 -19.45 -16.47
CA MET F 34 -18.11 -20.54 -15.77
C MET F 34 -16.83 -20.92 -16.51
N GLY F 35 -15.69 -20.59 -15.90
CA GLY F 35 -14.42 -20.89 -16.52
C GLY F 35 -13.35 -19.90 -16.14
N GLY F 36 -13.53 -18.65 -16.56
CA GLY F 36 -12.56 -17.61 -16.23
C GLY F 36 -12.61 -16.41 -17.16
N THR F 37 -13.59 -16.38 -18.06
CA THR F 37 -13.73 -15.28 -19.01
C THR F 37 -15.19 -14.87 -19.22
N SER F 38 -15.39 -13.69 -19.80
CA SER F 38 -16.74 -13.19 -20.08
C SER F 38 -16.82 -12.62 -21.49
N ASP F 39 -18.02 -12.20 -21.87
CA ASP F 39 -18.26 -11.61 -23.19
C ASP F 39 -18.63 -10.14 -22.98
N PRO F 40 -17.70 -9.33 -22.45
CA PRO F 40 -17.95 -7.92 -22.15
C PRO F 40 -18.02 -7.00 -23.36
N TYR F 41 -19.13 -6.28 -23.45
CA TYR F 41 -19.34 -5.30 -24.50
C TYR F 41 -19.79 -4.00 -23.85
N VAL F 42 -19.17 -2.89 -24.23
CA VAL F 42 -19.52 -1.60 -23.64
C VAL F 42 -20.80 -1.03 -24.25
N LYS F 43 -21.77 -0.76 -23.40
CA LYS F 43 -23.03 -0.18 -23.84
C LYS F 43 -23.07 1.28 -23.42
N VAL F 44 -22.81 2.16 -24.38
CA VAL F 44 -22.78 3.59 -24.12
C VAL F 44 -24.18 4.11 -23.81
N PHE F 45 -24.34 4.65 -22.61
CA PHE F 45 -25.62 5.19 -22.17
C PHE F 45 -25.45 6.65 -21.73
N LEU F 46 -26.57 7.33 -21.51
CA LEU F 46 -26.55 8.72 -21.09
C LEU F 46 -27.58 8.97 -20.00
N LEU F 47 -27.36 10.04 -19.25
CA LEU F 47 -28.28 10.45 -18.19
C LEU F 47 -29.65 10.77 -18.79
N PRO F 48 -30.62 11.30 -18.00
CA PRO F 48 -31.95 11.68 -18.47
C PRO F 48 -32.01 11.99 -19.97
N ASP F 49 -31.03 12.75 -20.45
CA ASP F 49 -30.94 13.11 -21.86
C ASP F 49 -31.35 11.91 -22.73
N LYS F 50 -30.73 10.76 -22.44
CA LYS F 50 -31.01 9.49 -23.14
C LYS F 50 -31.10 9.64 -24.67
N LYS F 51 -30.40 10.62 -25.24
CA LYS F 51 -30.44 10.81 -26.70
C LYS F 51 -29.23 10.13 -27.35
N LYS F 52 -29.11 8.82 -27.12
CA LYS F 52 -28.01 8.03 -27.68
C LYS F 52 -27.98 6.65 -27.04
N LYS F 53 -27.78 5.63 -27.86
CA LYS F 53 -27.72 4.26 -27.40
C LYS F 53 -27.00 3.40 -28.43
N PHE F 54 -25.78 2.96 -28.10
CA PHE F 54 -25.00 2.14 -29.01
C PHE F 54 -24.51 0.87 -28.32
N GLU F 55 -24.55 -0.23 -29.06
CA GLU F 55 -24.12 -1.52 -28.55
C GLU F 55 -22.85 -1.96 -29.29
N THR F 56 -21.78 -2.19 -28.54
CA THR F 56 -20.52 -2.61 -29.13
C THR F 56 -20.58 -4.07 -29.58
N LYS F 57 -19.55 -4.52 -30.29
CA LYS F 57 -19.51 -5.89 -30.77
C LYS F 57 -19.14 -6.83 -29.63
N VAL F 58 -19.99 -7.82 -29.38
CA VAL F 58 -19.73 -8.78 -28.33
C VAL F 58 -18.31 -9.33 -28.46
N HIS F 59 -17.61 -9.40 -27.34
CA HIS F 59 -16.25 -9.92 -27.32
C HIS F 59 -16.24 -11.23 -26.56
N ARG F 60 -16.45 -12.31 -27.30
CA ARG F 60 -16.52 -13.66 -26.73
C ARG F 60 -15.30 -14.03 -25.89
N LYS F 61 -15.58 -14.43 -24.65
CA LYS F 61 -14.57 -14.88 -23.69
C LYS F 61 -13.28 -14.07 -23.78
N THR F 62 -13.30 -12.85 -23.23
CA THR F 62 -12.12 -11.99 -23.24
C THR F 62 -12.21 -10.93 -22.15
N LEU F 63 -11.15 -10.84 -21.33
CA LEU F 63 -11.10 -9.88 -20.23
C LEU F 63 -10.15 -8.73 -20.54
N ASN F 64 -9.61 -8.74 -21.76
CA ASN F 64 -8.68 -7.69 -22.20
C ASN F 64 -8.77 -7.56 -23.72
N PRO F 65 -9.98 -7.32 -24.25
CA PRO F 65 -10.20 -7.19 -25.69
C PRO F 65 -9.95 -5.80 -26.23
N VAL F 66 -9.54 -5.74 -27.49
CA VAL F 66 -9.27 -4.48 -28.17
C VAL F 66 -10.20 -4.37 -29.38
N PHE F 67 -10.62 -3.15 -29.70
CA PHE F 67 -11.52 -2.94 -30.83
C PHE F 67 -11.56 -1.47 -31.23
N ASN F 68 -11.75 -0.61 -30.24
CA ASN F 68 -11.82 0.83 -30.48
C ASN F 68 -13.09 1.19 -31.26
N GLU F 69 -14.23 1.10 -30.58
CA GLU F 69 -15.50 1.43 -31.19
C GLU F 69 -15.70 2.95 -31.22
N GLN F 70 -16.45 3.42 -32.21
CA GLN F 70 -16.69 4.85 -32.36
C GLN F 70 -18.08 5.23 -31.82
N PHE F 71 -18.10 5.88 -30.66
CA PHE F 71 -19.34 6.31 -30.06
C PHE F 71 -19.59 7.79 -30.35
N THR F 72 -20.71 8.07 -30.99
CA THR F 72 -21.08 9.43 -31.33
C THR F 72 -21.98 10.05 -30.25
N PHE F 73 -21.41 10.94 -29.46
CA PHE F 73 -22.14 11.62 -28.40
C PHE F 73 -23.10 12.64 -29.01
N LYS F 74 -24.26 12.16 -29.45
CA LYS F 74 -25.29 13.01 -30.05
C LYS F 74 -25.79 14.07 -29.08
N VAL F 75 -25.17 15.24 -29.11
CA VAL F 75 -25.55 16.36 -28.26
C VAL F 75 -24.64 17.55 -28.54
N PRO F 76 -25.22 18.73 -28.77
CA PRO F 76 -24.44 19.94 -29.07
C PRO F 76 -23.42 20.23 -27.97
N TYR F 77 -22.20 20.59 -28.38
CA TYR F 77 -21.14 20.90 -27.42
C TYR F 77 -21.65 21.86 -26.34
N SER F 78 -22.45 22.83 -26.76
CA SER F 78 -23.03 23.82 -25.86
C SER F 78 -23.97 23.18 -24.84
N GLU F 79 -24.51 22.01 -25.19
CA GLU F 79 -25.43 21.28 -24.33
C GLU F 79 -24.68 20.29 -23.42
N LEU F 80 -23.54 19.79 -23.92
CA LEU F 80 -22.73 18.82 -23.18
C LEU F 80 -22.59 19.19 -21.71
N GLY F 81 -22.52 20.49 -21.41
CA GLY F 81 -22.37 20.95 -20.04
C GLY F 81 -23.37 20.30 -19.09
N GLY F 82 -24.57 20.02 -19.57
CA GLY F 82 -25.58 19.41 -18.73
C GLY F 82 -25.83 17.94 -19.06
N LYS F 83 -24.81 17.24 -19.57
CA LYS F 83 -24.96 15.84 -19.92
C LYS F 83 -23.79 14.99 -19.42
N THR F 84 -24.06 14.12 -18.48
CA THR F 84 -23.05 13.22 -17.94
C THR F 84 -23.11 11.89 -18.67
N LEU F 85 -22.08 11.60 -19.47
CA LEU F 85 -22.04 10.34 -20.22
C LEU F 85 -21.66 9.18 -19.30
N VAL F 86 -22.22 8.01 -19.56
CA VAL F 86 -21.93 6.84 -18.75
C VAL F 86 -21.61 5.64 -19.63
N MET F 87 -20.44 5.05 -19.42
CA MET F 87 -20.01 3.90 -20.19
C MET F 87 -20.07 2.64 -19.32
N ALA F 88 -21.02 1.78 -19.60
CA ALA F 88 -21.18 0.55 -18.85
C ALA F 88 -20.81 -0.66 -19.70
N VAL F 89 -19.97 -1.53 -19.15
CA VAL F 89 -19.55 -2.72 -19.87
C VAL F 89 -20.47 -3.88 -19.52
N TYR F 90 -21.21 -4.34 -20.50
CA TYR F 90 -22.16 -5.43 -20.31
C TYR F 90 -21.59 -6.75 -20.81
N ASP F 91 -21.89 -7.83 -20.10
CA ASP F 91 -21.42 -9.16 -20.48
C ASP F 91 -22.41 -9.81 -21.44
N PHE F 92 -21.96 -10.84 -22.14
CA PHE F 92 -22.80 -11.56 -23.09
C PHE F 92 -22.54 -13.06 -23.01
N ASP F 93 -22.43 -13.58 -21.78
CA ASP F 93 -22.19 -15.01 -21.55
C ASP F 93 -23.06 -15.87 -22.48
N ARG F 94 -24.30 -15.42 -22.71
CA ARG F 94 -25.25 -16.09 -23.60
C ARG F 94 -25.97 -17.26 -22.91
N PHE F 95 -25.99 -17.28 -21.59
CA PHE F 95 -26.64 -18.34 -20.84
C PHE F 95 -27.45 -17.80 -19.66
N SER F 96 -26.76 -17.13 -18.76
CA SER F 96 -27.37 -16.56 -17.57
C SER F 96 -27.79 -15.11 -17.82
N LYS F 97 -28.28 -14.45 -16.78
CA LYS F 97 -28.69 -13.06 -16.90
C LYS F 97 -27.46 -12.17 -17.05
N HIS F 98 -27.19 -11.73 -18.27
CA HIS F 98 -26.03 -10.89 -18.53
C HIS F 98 -25.92 -9.81 -17.46
N ASP F 99 -24.79 -9.80 -16.76
CA ASP F 99 -24.56 -8.84 -15.67
C ASP F 99 -23.66 -7.69 -16.12
N ILE F 100 -23.75 -6.56 -15.41
CA ILE F 100 -22.93 -5.40 -15.71
C ILE F 100 -21.63 -5.51 -14.92
N ILE F 101 -20.61 -6.09 -15.53
CA ILE F 101 -19.32 -6.26 -14.85
C ILE F 101 -18.80 -4.95 -14.28
N GLY F 102 -19.15 -3.82 -14.91
CA GLY F 102 -18.70 -2.55 -14.39
C GLY F 102 -19.04 -1.38 -15.31
N GLU F 103 -18.66 -0.18 -14.89
CA GLU F 103 -18.90 1.02 -15.67
C GLU F 103 -18.06 2.20 -15.15
N PHE F 104 -18.14 3.31 -15.86
CA PHE F 104 -17.42 4.53 -15.48
C PHE F 104 -18.12 5.74 -16.08
N LYS F 105 -17.95 6.91 -15.46
CA LYS F 105 -18.58 8.14 -15.91
C LYS F 105 -17.78 9.36 -15.44
N VAL F 106 -18.03 10.50 -16.07
CA VAL F 106 -17.34 11.73 -15.72
C VAL F 106 -18.19 12.95 -16.08
N PRO F 107 -18.26 13.95 -15.17
CA PRO F 107 -19.03 15.17 -15.40
C PRO F 107 -18.44 15.99 -16.55
N MET F 108 -19.08 15.88 -17.72
CA MET F 108 -18.62 16.59 -18.92
C MET F 108 -18.36 18.07 -18.65
N ASN F 109 -19.20 18.70 -17.85
CA ASN F 109 -19.02 20.12 -17.54
C ASN F 109 -17.62 20.39 -17.01
N THR F 110 -17.07 19.44 -16.26
CA THR F 110 -15.73 19.58 -15.71
C THR F 110 -14.67 19.15 -16.73
N VAL F 111 -15.11 18.61 -17.87
CA VAL F 111 -14.21 18.15 -18.92
C VAL F 111 -14.00 19.27 -19.94
N ASP F 112 -13.05 20.14 -19.64
CA ASP F 112 -12.73 21.26 -20.52
C ASP F 112 -12.22 20.75 -21.86
N PHE F 113 -13.12 20.70 -22.84
CA PHE F 113 -12.79 20.22 -24.18
C PHE F 113 -11.87 21.22 -24.90
N GLY F 114 -10.66 21.37 -24.38
CA GLY F 114 -9.69 22.27 -24.98
C GLY F 114 -9.13 21.72 -26.28
N HIS F 115 -8.84 20.42 -26.29
CA HIS F 115 -8.31 19.75 -27.48
C HIS F 115 -8.74 18.29 -27.49
N VAL F 116 -8.06 17.47 -26.70
CA VAL F 116 -8.36 16.05 -26.60
C VAL F 116 -8.19 15.57 -25.17
N THR F 117 -9.18 14.86 -24.66
CA THR F 117 -9.15 14.35 -23.31
C THR F 117 -8.68 12.89 -23.31
N GLU F 118 -7.39 12.71 -23.13
CA GLU F 118 -6.80 11.37 -23.08
C GLU F 118 -6.35 11.06 -21.68
N GLU F 119 -6.73 9.90 -21.15
CA GLU F 119 -6.35 9.51 -19.80
C GLU F 119 -6.61 8.03 -19.56
N TRP F 120 -5.99 7.50 -18.52
CA TRP F 120 -6.17 6.10 -18.15
C TRP F 120 -7.29 6.00 -17.13
N ARG F 121 -8.52 5.87 -17.63
CA ARG F 121 -9.70 5.80 -16.77
C ARG F 121 -9.72 4.51 -15.95
N ASP F 122 -10.06 4.67 -14.67
CA ASP F 122 -10.18 3.54 -13.77
C ASP F 122 -11.58 2.95 -13.88
N LEU F 123 -11.68 1.64 -13.82
CA LEU F 123 -12.96 0.97 -13.94
C LEU F 123 -13.45 0.45 -12.58
N GLN F 124 -14.74 0.62 -12.31
CA GLN F 124 -15.32 0.16 -11.06
C GLN F 124 -16.53 -0.74 -11.32
N SER F 125 -16.68 -1.78 -10.50
CA SER F 125 -17.79 -2.70 -10.66
C SER F 125 -19.07 -2.15 -10.03
N ALA F 126 -19.71 -1.23 -10.74
CA ALA F 126 -20.95 -0.64 -10.27
C ALA F 126 -22.11 -1.61 -10.46
N GLU F 127 -22.55 -2.20 -9.36
CA GLU F 127 -23.66 -3.16 -9.37
C GLU F 127 -24.96 -2.45 -9.74
N LYS F 128 -25.00 -1.92 -10.97
CA LYS F 128 -26.17 -1.21 -11.45
C LYS F 128 -26.71 -1.88 -12.71
N GLU A 1 15.44 -3.92 6.42
CA GLU A 1 15.70 -3.80 7.88
C GLU A 1 14.71 -2.85 8.53
N LYS A 2 14.15 -3.26 9.66
CA LYS A 2 13.18 -2.43 10.38
C LYS A 2 13.37 -2.51 11.89
N LEU A 3 13.35 -1.36 12.54
CA LEU A 3 13.51 -1.28 13.99
C LEU A 3 12.34 -0.51 14.63
N GLY A 4 11.38 -0.11 13.80
CA GLY A 4 10.22 0.64 14.29
C GLY A 4 10.37 2.12 14.01
N LYS A 5 10.07 2.96 15.02
CA LYS A 5 10.18 4.40 14.88
C LYS A 5 10.60 5.05 16.19
N LEU A 6 11.27 6.20 16.07
CA LEU A 6 11.74 6.93 17.23
C LEU A 6 11.46 8.41 17.06
N GLN A 7 10.74 8.99 18.02
CA GLN A 7 10.41 10.41 17.96
C GLN A 7 11.48 11.21 18.67
N TYR A 8 11.92 12.32 18.09
CA TYR A 8 12.96 13.13 18.73
C TYR A 8 12.87 14.61 18.35
N SER A 9 13.44 15.44 19.22
CA SER A 9 13.49 16.88 19.03
C SER A 9 14.91 17.35 19.37
N LEU A 10 15.70 17.64 18.35
CA LEU A 10 17.09 18.05 18.55
C LEU A 10 17.26 19.56 18.41
N ASP A 11 17.87 20.18 19.41
CA ASP A 11 18.13 21.61 19.39
C ASP A 11 19.64 21.87 19.51
N TYR A 12 20.08 23.09 19.22
CA TYR A 12 21.51 23.40 19.25
C TYR A 12 21.85 24.46 20.28
N ASP A 13 23.04 24.32 20.89
CA ASP A 13 23.54 25.27 21.87
C ASP A 13 24.78 25.96 21.32
N PHE A 14 24.76 27.29 21.27
CA PHE A 14 25.89 28.06 20.73
C PHE A 14 26.73 28.70 21.84
N GLN A 15 26.49 28.30 23.09
CA GLN A 15 27.22 28.83 24.22
C GLN A 15 28.33 27.85 24.63
N ASN A 16 27.95 26.58 24.74
CA ASN A 16 28.89 25.52 25.11
C ASN A 16 29.34 24.76 23.85
N ASN A 17 28.59 24.91 22.76
CA ASN A 17 28.89 24.27 21.48
C ASN A 17 28.54 22.78 21.52
N GLN A 18 27.26 22.50 21.68
CA GLN A 18 26.78 21.12 21.71
C GLN A 18 25.35 21.05 21.20
N LEU A 19 25.03 19.98 20.49
CA LEU A 19 23.69 19.78 19.99
C LEU A 19 22.90 18.93 20.98
N LEU A 20 21.69 19.35 21.30
CA LEU A 20 20.85 18.65 22.25
C LEU A 20 19.96 17.64 21.55
N VAL A 21 20.36 16.38 21.60
CA VAL A 21 19.59 15.31 20.99
C VAL A 21 18.52 14.85 21.96
N GLY A 22 17.39 15.56 21.95
CA GLY A 22 16.30 15.22 22.84
C GLY A 22 15.27 14.32 22.19
N ILE A 23 15.47 13.01 22.32
CA ILE A 23 14.53 12.05 21.76
C ILE A 23 13.35 11.85 22.69
N ILE A 24 12.19 11.53 22.13
CA ILE A 24 10.99 11.33 22.92
C ILE A 24 10.87 9.87 23.36
N GLN A 25 10.87 8.97 22.40
CA GLN A 25 10.75 7.54 22.67
C GLN A 25 10.87 6.72 21.40
N ALA A 26 10.91 5.41 21.56
CA ALA A 26 11.01 4.48 20.43
C ALA A 26 9.79 3.57 20.42
N ALA A 27 9.26 3.29 19.24
CA ALA A 27 8.08 2.45 19.11
C ALA A 27 8.33 1.27 18.17
N GLU A 28 7.73 0.12 18.50
CA GLU A 28 7.84 -1.11 17.70
C GLU A 28 9.28 -1.59 17.56
N LEU A 29 9.81 -2.16 18.63
CA LEU A 29 11.19 -2.66 18.61
C LEU A 29 11.21 -4.19 18.57
N PRO A 30 12.20 -4.79 17.87
CA PRO A 30 12.34 -6.25 17.77
C PRO A 30 12.63 -6.89 19.13
N ALA A 31 12.23 -8.14 19.29
CA ALA A 31 12.43 -8.87 20.54
C ALA A 31 13.76 -9.62 20.56
N LEU A 32 14.35 -9.73 21.75
CA LEU A 32 15.61 -10.44 21.93
C LEU A 32 15.46 -11.49 23.02
N ASP A 33 14.95 -11.07 24.18
CA ASP A 33 14.71 -11.97 25.30
C ASP A 33 13.56 -12.93 24.97
N MET A 34 13.48 -14.05 25.67
CA MET A 34 12.42 -15.02 25.42
C MET A 34 11.12 -14.60 26.11
N GLY A 35 10.22 -13.98 25.35
CA GLY A 35 8.96 -13.53 25.91
C GLY A 35 8.26 -12.52 25.02
N GLY A 36 8.89 -12.18 23.89
CA GLY A 36 8.31 -11.23 22.97
C GLY A 36 8.66 -9.79 23.31
N THR A 37 9.72 -9.63 24.10
CA THR A 37 10.19 -8.31 24.54
C THR A 37 11.71 -8.28 24.61
N SER A 38 12.29 -7.12 24.93
CA SER A 38 13.73 -6.94 25.08
C SER A 38 14.03 -5.80 26.05
N ASP A 39 15.31 -5.59 26.32
CA ASP A 39 15.77 -4.51 27.19
C ASP A 39 16.55 -3.51 26.34
N PRO A 40 15.89 -2.86 25.39
CA PRO A 40 16.53 -1.92 24.46
C PRO A 40 16.93 -0.58 25.07
N TYR A 41 18.20 -0.25 24.93
CA TYR A 41 18.73 1.02 25.39
C TYR A 41 19.54 1.63 24.24
N VAL A 42 19.30 2.90 23.95
CA VAL A 42 19.98 3.57 22.87
C VAL A 42 21.40 3.99 23.26
N LYS A 43 22.38 3.51 22.52
CA LYS A 43 23.77 3.86 22.76
C LYS A 43 24.22 4.84 21.70
N VAL A 44 24.28 6.11 22.07
CA VAL A 44 24.68 7.16 21.15
C VAL A 44 26.15 7.04 20.78
N PHE A 45 26.42 6.83 19.50
CA PHE A 45 27.78 6.71 19.01
C PHE A 45 28.04 7.73 17.90
N LEU A 46 29.31 7.87 17.52
CA LEU A 46 29.70 8.81 16.48
C LEU A 46 30.71 8.18 15.54
N LEU A 47 30.80 8.74 14.33
CA LEU A 47 31.75 8.29 13.33
C LEU A 47 33.19 8.48 13.87
N PRO A 48 34.24 8.24 13.03
CA PRO A 48 35.64 8.42 13.41
C PRO A 48 35.84 9.40 14.56
N ASP A 49 35.15 10.55 14.49
CA ASP A 49 35.23 11.56 15.54
C ASP A 49 35.28 10.91 16.92
N LYS A 50 34.35 9.99 17.15
CA LYS A 50 34.25 9.23 18.40
C LYS A 50 34.44 10.09 19.66
N LYS A 51 34.09 11.37 19.60
CA LYS A 51 34.23 12.24 20.78
C LYS A 51 32.90 12.34 21.52
N LYS A 52 32.38 11.20 21.94
CA LYS A 52 31.12 11.13 22.68
C LYS A 52 30.65 9.69 22.79
N LYS A 53 30.18 9.33 23.98
CA LYS A 53 29.70 7.98 24.25
C LYS A 53 28.79 7.99 25.48
N PHE A 54 27.50 7.80 25.25
CA PHE A 54 26.53 7.81 26.34
C PHE A 54 25.66 6.56 26.31
N GLU A 55 25.39 6.01 27.49
CA GLU A 55 24.57 4.81 27.62
C GLU A 55 23.26 5.18 28.32
N THR A 56 22.14 4.91 27.66
CA THR A 56 20.83 5.21 28.23
C THR A 56 20.48 4.22 29.32
N LYS A 57 19.38 4.49 30.04
CA LYS A 57 18.95 3.63 31.11
C LYS A 57 18.27 2.39 30.55
N VAL A 58 18.78 1.21 30.91
CA VAL A 58 18.20 -0.03 30.44
C VAL A 58 16.70 -0.02 30.66
N HIS A 59 15.96 -0.43 29.64
CA HIS A 59 14.51 -0.49 29.70
C HIS A 59 14.07 -1.96 29.69
N ARG A 60 13.98 -2.53 30.88
CA ARG A 60 13.62 -3.93 31.05
C ARG A 60 12.32 -4.32 30.35
N LYS A 61 12.42 -5.35 29.52
CA LYS A 61 11.29 -5.92 28.77
C LYS A 61 10.30 -4.85 28.31
N THR A 62 10.66 -4.13 27.24
CA THR A 62 9.79 -3.11 26.69
C THR A 62 10.16 -2.80 25.24
N LEU A 63 9.16 -2.83 24.36
CA LEU A 63 9.38 -2.58 22.93
C LEU A 63 8.83 -1.21 22.54
N ASN A 64 8.31 -0.47 23.52
CA ASN A 64 7.76 0.85 23.28
C ASN A 64 7.93 1.71 24.54
N PRO A 65 9.18 1.84 25.02
CA PRO A 65 9.48 2.60 26.24
C PRO A 65 9.68 4.09 25.98
N VAL A 66 9.34 4.88 26.99
CA VAL A 66 9.49 6.33 26.94
C VAL A 66 10.45 6.78 28.02
N PHE A 67 11.22 7.82 27.76
CA PHE A 67 12.19 8.32 28.74
C PHE A 67 12.68 9.71 28.37
N ASN A 68 13.08 9.88 27.12
CA ASN A 68 13.57 11.16 26.62
C ASN A 68 14.91 11.50 27.27
N GLU A 69 15.95 10.77 26.87
CA GLU A 69 17.29 11.00 27.38
C GLU A 69 17.93 12.21 26.69
N GLN A 70 18.81 12.89 27.40
CA GLN A 70 19.48 14.07 26.87
C GLN A 70 20.89 13.73 26.38
N PHE A 71 21.06 13.68 25.06
CA PHE A 71 22.35 13.38 24.47
C PHE A 71 23.04 14.67 24.02
N THR A 72 24.22 14.92 24.58
CA THR A 72 24.99 16.11 24.25
C THR A 72 25.99 15.83 23.12
N PHE A 73 25.68 16.32 21.93
CA PHE A 73 26.54 16.14 20.78
C PHE A 73 27.78 17.02 20.92
N LYS A 74 28.76 16.53 21.66
CA LYS A 74 30.00 17.26 21.90
C LYS A 74 30.77 17.50 20.59
N VAL A 75 30.53 18.64 19.97
CA VAL A 75 31.18 19.03 18.73
C VAL A 75 30.68 20.40 18.30
N PRO A 76 31.59 21.33 17.98
CA PRO A 76 31.21 22.67 17.55
C PRO A 76 30.29 22.64 16.34
N TYR A 77 29.24 23.47 16.37
CA TYR A 77 28.29 23.54 15.26
C TYR A 77 29.03 23.64 13.92
N SER A 78 30.08 24.43 13.91
CA SER A 78 30.90 24.63 12.71
C SER A 78 31.57 23.33 12.26
N GLU A 79 31.75 22.40 13.19
CA GLU A 79 32.38 21.12 12.91
C GLU A 79 31.35 20.06 12.54
N LEU A 80 30.13 20.21 13.06
CA LEU A 80 29.04 19.27 12.81
C LEU A 80 28.96 18.86 11.33
N GLY A 81 29.26 19.80 10.44
CA GLY A 81 29.22 19.53 9.01
C GLY A 81 29.93 18.25 8.62
N GLY A 82 31.02 17.93 9.33
CA GLY A 82 31.77 16.73 9.02
C GLY A 82 31.59 15.62 10.05
N LYS A 83 30.43 15.59 10.71
CA LYS A 83 30.17 14.57 11.71
C LYS A 83 28.78 13.95 11.57
N THR A 84 28.75 12.67 11.21
CA THR A 84 27.50 11.94 11.06
C THR A 84 27.18 11.20 12.35
N LEU A 85 26.15 11.64 13.07
CA LEU A 85 25.76 11.01 14.32
C LEU A 85 25.02 9.70 14.05
N VAL A 86 25.23 8.72 14.91
CA VAL A 86 24.57 7.43 14.74
C VAL A 86 23.95 6.96 16.06
N MET A 87 22.65 6.71 16.03
CA MET A 87 21.93 6.26 17.21
C MET A 87 21.58 4.78 17.09
N ALA A 88 22.25 3.95 17.87
CA ALA A 88 22.01 2.52 17.83
C ALA A 88 21.32 2.06 19.12
N VAL A 89 20.25 1.30 18.97
CA VAL A 89 19.52 0.80 20.12
C VAL A 89 20.05 -0.58 20.49
N TYR A 90 20.66 -0.67 21.66
CA TYR A 90 21.23 -1.92 22.14
C TYR A 90 20.31 -2.59 23.15
N ASP A 91 20.26 -3.91 23.10
CA ASP A 91 19.43 -4.68 24.03
C ASP A 91 20.21 -5.02 25.29
N PHE A 92 19.51 -5.37 26.35
CA PHE A 92 20.13 -5.72 27.61
C PHE A 92 19.43 -6.92 28.25
N ASP A 93 19.13 -7.93 27.44
CA ASP A 93 18.47 -9.16 27.92
C ASP A 93 19.08 -9.64 29.24
N ARG A 94 20.40 -9.49 29.36
CA ARG A 94 21.15 -9.85 30.57
C ARG A 94 21.47 -11.35 30.63
N PHE A 95 21.43 -12.03 29.49
CA PHE A 95 21.71 -13.46 29.46
C PHE A 95 22.60 -13.83 28.27
N SER A 96 22.10 -13.54 27.07
CA SER A 96 22.81 -13.85 25.84
C SER A 96 23.66 -12.64 25.40
N LYS A 97 24.28 -12.75 24.24
CA LYS A 97 25.09 -11.67 23.70
C LYS A 97 24.18 -10.54 23.25
N HIS A 98 24.09 -9.48 24.06
CA HIS A 98 23.25 -8.34 23.74
C HIS A 98 23.42 -7.97 22.27
N ASP A 99 22.33 -8.00 21.52
CA ASP A 99 22.36 -7.69 20.10
C ASP A 99 21.86 -6.27 19.81
N ILE A 100 22.23 -5.75 18.66
CA ILE A 100 21.81 -4.42 18.24
C ILE A 100 20.51 -4.54 17.46
N ILE A 101 19.39 -4.44 18.16
CA ILE A 101 18.08 -4.55 17.55
C ILE A 101 17.92 -3.58 16.37
N GLY A 102 18.64 -2.46 16.38
CA GLY A 102 18.55 -1.52 15.30
C GLY A 102 19.28 -0.21 15.57
N GLU A 103 19.25 0.69 14.61
CA GLU A 103 19.91 1.99 14.74
C GLU A 103 19.42 2.97 13.67
N PHE A 104 19.88 4.21 13.78
CA PHE A 104 19.53 5.26 12.82
C PHE A 104 20.61 6.34 12.82
N LYS A 105 20.74 7.05 11.70
CA LYS A 105 21.74 8.11 11.57
C LYS A 105 21.31 9.13 10.53
N VAL A 106 21.93 10.31 10.57
CA VAL A 106 21.62 11.37 9.62
C VAL A 106 22.82 12.30 9.43
N PRO A 107 23.10 12.67 8.17
CA PRO A 107 24.21 13.57 7.84
C PRO A 107 24.00 14.96 8.42
N MET A 108 24.66 15.23 9.54
CA MET A 108 24.53 16.52 10.23
C MET A 108 24.71 17.69 9.28
N ASN A 109 25.64 17.60 8.33
CA ASN A 109 25.87 18.68 7.38
C ASN A 109 24.56 19.08 6.69
N THR A 110 23.70 18.10 6.44
CA THR A 110 22.42 18.36 5.79
C THR A 110 21.36 18.80 6.81
N VAL A 111 21.72 18.75 8.10
CA VAL A 111 20.82 19.15 9.17
C VAL A 111 21.03 20.61 9.53
N ASP A 112 20.35 21.47 8.78
CA ASP A 112 20.46 22.91 9.00
C ASP A 112 19.93 23.27 10.39
N PHE A 113 20.85 23.42 11.34
CA PHE A 113 20.49 23.76 12.72
C PHE A 113 19.98 25.21 12.81
N GLY A 114 18.83 25.45 12.20
CA GLY A 114 18.23 26.77 12.23
C GLY A 114 17.63 27.09 13.59
N HIS A 115 16.98 26.10 14.19
CA HIS A 115 16.37 26.27 15.52
C HIS A 115 16.35 24.93 16.24
N VAL A 116 15.39 24.08 15.88
CA VAL A 116 15.24 22.76 16.49
C VAL A 116 14.82 21.74 15.44
N THR A 117 15.51 20.63 15.40
CA THR A 117 15.22 19.57 14.46
C THR A 117 14.35 18.49 15.10
N GLU A 118 13.04 18.65 14.95
CA GLU A 118 12.08 17.70 15.50
C GLU A 118 11.44 16.91 14.37
N GLU A 119 11.37 15.59 14.52
CA GLU A 119 10.78 14.73 13.50
C GLU A 119 10.59 13.30 14.01
N TRP A 120 9.77 12.54 13.29
CA TRP A 120 9.49 11.15 13.65
C TRP A 120 10.46 10.23 12.89
N ARG A 121 11.66 10.08 13.45
CA ARG A 121 12.70 9.27 12.83
C ARG A 121 12.31 7.80 12.74
N ASP A 122 12.58 7.22 11.59
CA ASP A 122 12.30 5.81 11.34
C ASP A 122 13.48 4.98 11.82
N LEU A 123 13.19 3.84 12.45
CA LEU A 123 14.24 2.97 12.98
C LEU A 123 14.45 1.75 12.10
N GLN A 124 15.72 1.38 11.88
CA GLN A 124 16.05 0.23 11.06
C GLN A 124 16.98 -0.73 11.82
N SER A 125 16.77 -2.02 11.61
CA SER A 125 17.56 -3.05 12.26
C SER A 125 18.92 -3.22 11.59
N ALA A 126 19.65 -2.12 11.41
CA ALA A 126 20.95 -2.18 10.78
C ALA A 126 21.98 -2.71 11.78
N GLU A 127 22.40 -3.95 11.60
CA GLU A 127 23.36 -4.58 12.50
C GLU A 127 24.77 -4.09 12.23
N LYS A 128 25.05 -2.88 12.70
CA LYS A 128 26.34 -2.24 12.51
C LYS A 128 27.03 -2.03 13.87
N TYR B 1 33.92 14.61 -21.13
CA TYR B 1 34.77 15.11 -20.03
C TYR B 1 34.87 14.07 -18.91
N LYS B 2 35.48 12.92 -19.21
CA LYS B 2 35.61 11.85 -18.23
C LYS B 2 36.20 12.39 -16.92
N LYS B 3 35.35 12.45 -15.91
CA LYS B 3 35.75 12.96 -14.60
C LYS B 3 34.80 12.43 -13.52
N PRO B 4 34.93 12.89 -12.26
CA PRO B 4 34.11 12.48 -11.13
C PRO B 4 32.78 11.83 -11.53
N LYS B 5 32.71 10.51 -11.39
CA LYS B 5 31.52 9.77 -11.72
C LYS B 5 30.69 9.54 -10.46
N LEU B 6 29.58 10.27 -10.33
CA LEU B 6 28.71 10.13 -9.16
C LEU B 6 27.75 8.96 -9.36
N LEU B 7 27.60 8.15 -8.32
CA LEU B 7 26.72 6.98 -8.38
C LEU B 7 26.01 6.77 -7.04
N TYR B 8 24.72 6.48 -7.09
CA TYR B 8 23.93 6.23 -5.88
C TYR B 8 22.68 5.43 -6.23
N CYS B 9 21.93 4.99 -5.24
CA CYS B 9 20.72 4.22 -5.48
C CYS B 9 19.65 4.48 -4.42
N SER B 10 18.43 4.05 -4.71
CA SER B 10 17.30 4.22 -3.80
C SER B 10 16.83 5.67 -3.85
N ASN B 11 15.56 5.86 -4.23
CA ASN B 11 14.99 7.20 -4.32
C ASN B 11 15.25 7.98 -3.03
N GLY B 12 15.83 9.15 -3.17
CA GLY B 12 16.13 9.98 -2.03
C GLY B 12 17.53 10.56 -2.09
N GLY B 13 17.65 11.83 -1.74
CA GLY B 13 18.94 12.49 -1.75
C GLY B 13 19.98 11.75 -0.93
N HIS B 14 20.89 11.06 -1.61
CA HIS B 14 21.96 10.30 -0.97
C HIS B 14 23.03 9.94 -2.00
N PHE B 15 24.26 10.36 -1.77
CA PHE B 15 25.35 10.08 -2.70
C PHE B 15 26.43 9.24 -2.02
N LEU B 16 27.13 8.43 -2.80
CA LEU B 16 28.19 7.57 -2.27
C LEU B 16 29.43 8.40 -1.96
N ARG B 17 29.62 8.74 -0.69
CA ARG B 17 30.77 9.54 -0.28
C ARG B 17 31.89 8.63 0.19
N ILE B 18 32.94 8.52 -0.61
CA ILE B 18 34.06 7.66 -0.29
C ILE B 18 35.12 8.41 0.51
N LEU B 19 35.74 7.71 1.45
CA LEU B 19 36.78 8.28 2.29
C LEU B 19 37.99 7.35 2.30
N PRO B 20 39.21 7.91 2.26
CA PRO B 20 40.46 7.13 2.28
C PRO B 20 40.44 6.02 3.32
N ASP B 21 39.72 6.26 4.41
CA ASP B 21 39.60 5.29 5.50
C ASP B 21 38.99 3.99 4.99
N GLY B 22 37.95 4.11 4.17
CA GLY B 22 37.28 2.95 3.64
C GLY B 22 35.79 2.97 3.92
N THR B 23 35.40 3.53 5.05
CA THR B 23 34.00 3.61 5.44
C THR B 23 33.24 4.60 4.56
N VAL B 24 32.78 4.14 3.41
CA VAL B 24 32.01 4.97 2.49
C VAL B 24 30.53 4.92 2.85
N ASP B 25 29.90 6.09 2.93
CA ASP B 25 28.47 6.17 3.27
C ASP B 25 27.70 6.97 2.21
N GLY B 26 26.38 6.86 2.26
CA GLY B 26 25.53 7.56 1.32
C GLY B 26 25.24 8.99 1.73
N THR B 27 26.27 9.81 1.76
CA THR B 27 26.15 11.21 2.14
C THR B 27 25.34 11.98 1.11
N ARG B 28 24.32 12.71 1.55
CA ARG B 28 23.52 13.49 0.63
C ARG B 28 24.04 14.92 0.54
N ASP B 29 25.23 15.07 -0.03
CA ASP B 29 25.85 16.37 -0.18
C ASP B 29 26.73 16.42 -1.42
N ARG B 30 26.88 17.60 -1.98
CA ARG B 30 27.70 17.79 -3.18
C ARG B 30 28.60 19.02 -3.02
N SER B 31 28.86 19.39 -1.77
CA SER B 31 29.69 20.54 -1.45
C SER B 31 31.14 20.09 -1.31
N ASP B 32 31.35 18.97 -0.61
CA ASP B 32 32.69 18.44 -0.40
C ASP B 32 33.02 17.39 -1.45
N GLN B 33 34.15 17.56 -2.13
CA GLN B 33 34.56 16.62 -3.17
C GLN B 33 34.95 15.26 -2.57
N HIS B 34 33.95 14.48 -2.20
CA HIS B 34 34.19 13.14 -1.66
C HIS B 34 33.10 12.15 -2.09
N ILE B 35 32.33 12.52 -3.11
CA ILE B 35 31.26 11.65 -3.63
C ILE B 35 31.44 11.42 -5.12
N GLN B 36 32.67 11.16 -5.53
CA GLN B 36 32.99 10.93 -6.93
C GLN B 36 33.99 9.80 -7.09
N LEU B 37 33.71 8.89 -8.01
CA LEU B 37 34.59 7.76 -8.29
C LEU B 37 34.87 7.69 -9.79
N GLN B 38 36.01 7.12 -10.15
CA GLN B 38 36.38 7.01 -11.56
C GLN B 38 35.83 5.70 -12.15
N LEU B 39 34.52 5.67 -12.35
CA LEU B 39 33.87 4.50 -12.93
C LEU B 39 34.15 4.43 -14.43
N SER B 40 34.61 3.28 -14.89
CA SER B 40 34.91 3.07 -16.29
C SER B 40 34.97 1.58 -16.63
N ALA B 41 34.73 1.26 -17.90
CA ALA B 41 34.77 -0.12 -18.36
C ALA B 41 36.20 -0.51 -18.67
N GLU B 42 36.82 -1.27 -17.78
CA GLU B 42 38.20 -1.70 -17.95
C GLU B 42 38.29 -2.75 -19.06
N SER B 43 37.51 -3.82 -18.91
CA SER B 43 37.48 -4.89 -19.88
C SER B 43 36.10 -4.98 -20.52
N VAL B 44 35.94 -5.86 -21.51
CA VAL B 44 34.67 -6.03 -22.19
C VAL B 44 33.55 -6.31 -21.18
N GLY B 45 32.85 -5.26 -20.76
CA GLY B 45 31.77 -5.40 -19.82
C GLY B 45 32.22 -5.27 -18.37
N GLU B 46 33.51 -5.39 -18.12
CA GLU B 46 34.05 -5.30 -16.77
C GLU B 46 34.33 -3.85 -16.39
N VAL B 47 33.53 -3.31 -15.49
CA VAL B 47 33.70 -1.94 -15.04
C VAL B 47 34.31 -1.91 -13.64
N TYR B 48 35.17 -0.94 -13.40
CA TYR B 48 35.84 -0.81 -12.11
C TYR B 48 35.43 0.48 -11.41
N ILE B 49 35.38 0.42 -10.08
CA ILE B 49 35.02 1.57 -9.27
C ILE B 49 36.23 2.02 -8.45
N LYS B 50 36.87 3.09 -8.89
CA LYS B 50 38.05 3.61 -8.23
C LYS B 50 37.92 5.11 -8.00
N SER B 51 37.83 5.51 -6.73
CA SER B 51 37.72 6.92 -6.38
C SER B 51 39.11 7.55 -6.35
N THR B 52 39.78 7.51 -7.50
CA THR B 52 41.13 8.02 -7.63
C THR B 52 41.25 9.48 -7.17
N GLU B 53 40.67 10.39 -7.94
CA GLU B 53 40.74 11.81 -7.63
C GLU B 53 39.71 12.24 -6.59
N THR B 54 39.72 11.59 -5.42
CA THR B 54 38.78 11.92 -4.35
C THR B 54 38.90 10.99 -3.15
N GLY B 55 39.06 9.69 -3.39
CA GLY B 55 39.14 8.76 -2.29
C GLY B 55 40.14 7.65 -2.48
N GLN B 56 39.63 6.43 -2.64
CA GLN B 56 40.45 5.24 -2.79
C GLN B 56 39.84 4.24 -3.77
N TYR B 57 40.50 3.10 -3.91
CA TYR B 57 40.03 2.04 -4.79
C TYR B 57 39.15 1.07 -4.00
N LEU B 58 38.13 0.52 -4.63
CA LEU B 58 37.22 -0.40 -3.96
C LEU B 58 37.79 -1.80 -3.91
N ALA B 59 37.35 -2.57 -2.92
CA ALA B 59 37.77 -3.94 -2.72
C ALA B 59 36.75 -4.66 -1.85
N MET B 60 35.70 -5.16 -2.49
CA MET B 60 34.63 -5.86 -1.79
C MET B 60 35.15 -6.97 -0.89
N ASP B 61 34.50 -7.13 0.26
CA ASP B 61 34.87 -8.18 1.20
C ASP B 61 34.02 -9.40 0.94
N THR B 62 34.45 -10.19 -0.04
CA THR B 62 33.73 -11.40 -0.41
C THR B 62 32.32 -11.04 -0.88
N ASP B 63 32.18 -9.87 -1.53
CA ASP B 63 30.89 -9.37 -2.00
C ASP B 63 30.00 -8.97 -0.82
N GLY B 64 29.83 -9.91 0.12
CA GLY B 64 29.02 -9.67 1.31
C GLY B 64 29.08 -8.23 1.79
N LEU B 65 30.29 -7.74 2.06
CA LEU B 65 30.48 -6.37 2.51
C LEU B 65 31.30 -5.61 1.48
N LEU B 66 30.85 -4.41 1.14
CA LEU B 66 31.52 -3.59 0.15
C LEU B 66 32.42 -2.56 0.84
N TYR B 67 33.68 -2.51 0.44
CA TYR B 67 34.64 -1.57 1.02
C TYR B 67 35.75 -1.27 0.01
N GLY B 68 36.65 -0.38 0.37
CA GLY B 68 37.76 -0.03 -0.50
C GLY B 68 38.70 0.96 0.17
N SER B 69 39.99 0.82 -0.12
CA SER B 69 41.00 1.70 0.45
C SER B 69 42.42 1.21 0.14
N GLN B 70 42.74 0.02 0.65
CA GLN B 70 44.07 -0.54 0.47
C GLN B 70 44.41 -0.81 -1.00
N THR B 71 43.79 -1.80 -1.61
CA THR B 71 44.08 -2.14 -3.00
C THR B 71 42.82 -2.56 -3.78
N PRO B 72 42.77 -2.26 -5.09
CA PRO B 72 41.64 -2.61 -5.94
C PRO B 72 41.69 -4.09 -6.33
N ASN B 73 41.40 -4.96 -5.36
CA ASN B 73 41.43 -6.40 -5.58
C ASN B 73 40.36 -6.80 -6.60
N GLU B 74 40.56 -7.95 -7.24
CA GLU B 74 39.61 -8.46 -8.26
C GLU B 74 38.17 -8.30 -7.77
N GLU B 75 37.95 -8.41 -6.47
CA GLU B 75 36.62 -8.22 -5.89
C GLU B 75 35.95 -6.94 -6.44
N CYS B 76 36.78 -5.98 -6.87
CA CYS B 76 36.27 -4.71 -7.38
C CYS B 76 35.90 -4.77 -8.88
N LEU B 77 36.00 -5.94 -9.51
CA LEU B 77 35.64 -6.06 -10.92
C LEU B 77 34.16 -6.43 -11.04
N PHE B 78 33.40 -5.56 -11.71
CA PHE B 78 31.96 -5.79 -11.88
C PHE B 78 31.54 -5.70 -13.35
N LEU B 79 30.56 -6.51 -13.72
CA LEU B 79 30.03 -6.51 -15.08
C LEU B 79 29.01 -5.39 -15.23
N GLU B 80 29.22 -4.53 -16.21
CA GLU B 80 28.30 -3.41 -16.46
C GLU B 80 27.01 -3.87 -17.12
N ARG B 81 25.90 -3.70 -16.40
CA ARG B 81 24.58 -4.08 -16.89
C ARG B 81 23.61 -2.92 -16.73
N LEU B 82 22.62 -2.84 -17.61
CA LEU B 82 21.64 -1.75 -17.56
C LEU B 82 20.23 -2.31 -17.43
N GLU B 83 19.40 -1.67 -16.62
CA GLU B 83 18.02 -2.10 -16.43
C GLU B 83 17.07 -1.06 -17.01
N GLU B 84 15.99 -1.52 -17.63
CA GLU B 84 15.00 -0.64 -18.23
C GLU B 84 14.17 0.05 -17.13
N ASN B 85 14.86 0.68 -16.20
CA ASN B 85 14.23 1.37 -15.09
C ASN B 85 15.01 2.64 -14.73
N HIS B 86 15.80 3.13 -15.69
CA HIS B 86 16.63 4.31 -15.49
C HIS B 86 17.64 4.09 -14.37
N TYR B 87 18.27 2.91 -14.37
CA TYR B 87 19.26 2.57 -13.36
C TYR B 87 20.34 1.65 -13.94
N ASN B 88 21.52 1.71 -13.33
CA ASN B 88 22.66 0.91 -13.75
C ASN B 88 22.83 -0.30 -12.84
N THR B 89 23.29 -1.40 -13.41
CA THR B 89 23.52 -2.62 -12.66
C THR B 89 24.95 -3.10 -12.85
N TYR B 90 25.59 -3.52 -11.76
CA TYR B 90 26.96 -3.99 -11.82
C TYR B 90 27.08 -5.34 -11.13
N ILE B 91 27.43 -6.37 -11.90
CA ILE B 91 27.54 -7.71 -11.37
C ILE B 91 28.97 -8.03 -10.95
N SER B 92 29.17 -8.27 -9.65
CA SER B 92 30.48 -8.61 -9.12
C SER B 92 30.88 -10.00 -9.61
N LYS B 93 31.37 -10.06 -10.86
CA LYS B 93 31.79 -11.33 -11.46
C LYS B 93 32.60 -12.17 -10.47
N LYS B 94 33.39 -11.51 -9.62
CA LYS B 94 34.18 -12.20 -8.61
C LYS B 94 33.30 -13.14 -7.77
N HIS B 95 32.02 -12.78 -7.62
CA HIS B 95 31.09 -13.59 -6.85
C HIS B 95 29.81 -13.92 -7.65
N ALA B 96 29.83 -13.62 -8.94
CA ALA B 96 28.68 -13.88 -9.81
C ALA B 96 28.24 -15.33 -9.66
N GLU B 97 29.20 -16.21 -9.38
CA GLU B 97 28.93 -17.63 -9.19
C GLU B 97 27.79 -17.84 -8.20
N LYS B 98 27.69 -16.96 -7.20
CA LYS B 98 26.63 -17.05 -6.19
C LYS B 98 25.47 -16.13 -6.55
N ASN B 99 25.46 -15.62 -7.77
CA ASN B 99 24.42 -14.70 -8.23
C ASN B 99 24.41 -13.44 -7.39
N TRP B 100 25.61 -13.03 -6.96
CA TRP B 100 25.77 -11.85 -6.12
C TRP B 100 26.27 -10.66 -6.92
N PHE B 101 25.57 -9.54 -6.80
CA PHE B 101 25.94 -8.33 -7.51
C PHE B 101 25.81 -7.10 -6.59
N VAL B 102 26.97 -6.45 -6.34
CA VAL B 102 27.12 -5.26 -5.48
C VAL B 102 25.80 -4.55 -5.17
N GLY B 103 25.53 -4.43 -3.87
CA GLY B 103 24.33 -3.75 -3.39
C GLY B 103 24.64 -2.93 -2.15
N LEU B 104 24.20 -1.68 -2.12
CA LEU B 104 24.45 -0.81 -0.97
C LEU B 104 23.16 -0.32 -0.33
N LYS B 105 23.26 0.13 0.92
CA LYS B 105 22.13 0.64 1.66
C LYS B 105 22.18 2.16 1.71
N LYS B 106 21.32 2.81 0.92
CA LYS B 106 21.26 4.27 0.84
C LYS B 106 21.38 4.92 2.22
N ASN B 107 20.67 4.37 3.19
CA ASN B 107 20.69 4.89 4.56
C ASN B 107 21.43 3.95 5.50
N GLY B 108 22.49 3.32 5.01
CA GLY B 108 23.26 2.40 5.83
C GLY B 108 24.72 2.34 5.43
N SER B 109 24.96 2.08 4.15
CA SER B 109 26.30 1.95 3.55
C SER B 109 26.31 0.78 2.58
N CYS B 110 27.42 0.59 1.89
CA CYS B 110 27.54 -0.49 0.92
C CYS B 110 27.95 -1.80 1.60
N LYS B 111 26.99 -2.68 1.82
CA LYS B 111 27.24 -3.98 2.45
C LYS B 111 25.95 -4.79 2.57
N ARG B 112 25.58 -5.41 1.45
CA ARG B 112 24.38 -6.21 1.37
C ARG B 112 24.58 -7.40 0.45
N GLY B 113 25.82 -7.92 0.39
CA GLY B 113 26.11 -9.07 -0.46
C GLY B 113 25.14 -10.23 -0.23
N PRO B 114 24.92 -10.69 1.02
CA PRO B 114 23.96 -11.79 1.27
C PRO B 114 22.55 -11.47 0.76
N ARG B 115 22.34 -10.20 0.42
CA ARG B 115 21.07 -9.74 -0.11
C ARG B 115 21.22 -9.12 -1.51
N THR B 116 22.23 -9.56 -2.27
CA THR B 116 22.45 -9.02 -3.61
C THR B 116 21.91 -9.95 -4.70
N HIS B 117 20.60 -10.05 -4.75
CA HIS B 117 19.91 -10.87 -5.73
C HIS B 117 18.57 -10.20 -6.05
N TYR B 118 17.60 -10.94 -6.57
CA TYR B 118 16.31 -10.34 -6.88
C TYR B 118 15.45 -10.23 -5.62
N GLY B 119 15.50 -9.05 -5.01
CA GLY B 119 14.76 -8.77 -3.80
C GLY B 119 15.00 -7.34 -3.36
N GLN B 120 16.28 -6.98 -3.30
CA GLN B 120 16.67 -5.62 -2.93
C GLN B 120 16.84 -4.81 -4.20
N LYS B 121 16.13 -3.70 -4.28
CA LYS B 121 16.16 -2.84 -5.47
C LYS B 121 17.38 -1.92 -5.44
N ALA B 122 17.97 -1.75 -4.26
CA ALA B 122 19.16 -0.90 -4.09
C ALA B 122 20.28 -1.27 -5.08
N ILE B 123 20.18 -2.43 -5.70
CA ILE B 123 21.17 -2.87 -6.67
C ILE B 123 21.07 -2.06 -7.98
N LEU B 124 19.92 -1.41 -8.19
CA LEU B 124 19.73 -0.57 -9.36
C LEU B 124 20.21 0.84 -9.06
N PHE B 125 21.49 1.07 -9.33
CA PHE B 125 22.11 2.36 -9.05
C PHE B 125 21.80 3.40 -10.14
N LEU B 126 21.71 4.65 -9.72
CA LEU B 126 21.43 5.75 -10.62
C LEU B 126 22.70 6.60 -10.77
N PRO B 127 23.37 6.52 -11.93
CA PRO B 127 24.60 7.25 -12.18
C PRO B 127 24.38 8.66 -12.74
N LEU B 128 25.22 9.59 -12.28
CA LEU B 128 25.16 10.98 -12.73
C LEU B 128 26.56 11.46 -13.13
N PRO B 129 27.29 10.66 -13.94
CA PRO B 129 28.64 10.99 -14.37
C PRO B 129 28.69 11.98 -15.54
N VAL B 130 29.77 12.73 -15.62
CA VAL B 130 29.96 13.69 -16.69
C VAL B 130 30.45 12.98 -17.96
N SER B 131 29.50 12.51 -18.75
CA SER B 131 29.81 11.81 -19.98
C SER B 131 30.41 12.74 -21.03
N SER B 132 30.77 12.17 -22.18
CA SER B 132 31.34 12.96 -23.27
C SER B 132 30.35 13.04 -24.42
N ASP B 133 29.23 13.71 -24.17
CA ASP B 133 28.17 13.87 -25.16
C ASP B 133 28.35 15.19 -25.91
N MET C 1 -2.50 7.93 -13.64
CA MET C 1 -2.05 7.40 -14.95
C MET C 1 -1.53 5.98 -14.78
N ALA C 2 -0.21 5.82 -14.79
CA ALA C 2 0.40 4.52 -14.60
C ALA C 2 0.42 4.21 -13.10
N ALA C 3 0.89 3.01 -12.73
CA ALA C 3 0.93 2.63 -11.33
C ALA C 3 -0.51 2.50 -10.85
N GLU C 4 -1.28 1.66 -11.54
CA GLU C 4 -2.68 1.45 -11.23
C GLU C 4 -2.86 0.50 -10.04
N PRO C 5 -3.68 0.90 -9.06
CA PRO C 5 -3.96 0.08 -7.88
C PRO C 5 -4.94 -1.05 -8.18
N LEU C 6 -4.58 -2.25 -7.76
CA LEU C 6 -5.42 -3.43 -7.98
C LEU C 6 -6.33 -3.64 -6.78
N THR C 7 -6.92 -4.83 -6.67
CA THR C 7 -7.80 -5.12 -5.54
C THR C 7 -6.96 -5.28 -4.26
N GLU C 8 -7.60 -5.07 -3.12
CA GLU C 8 -6.91 -5.17 -1.82
C GLU C 8 -6.25 -6.52 -1.61
N LEU C 9 -6.78 -7.57 -2.24
CA LEU C 9 -6.25 -8.90 -2.11
C LEU C 9 -4.97 -9.11 -2.94
N GLU C 10 -4.91 -8.48 -4.13
CA GLU C 10 -3.70 -8.53 -4.96
C GLU C 10 -2.58 -7.71 -4.27
N GLU C 11 -2.94 -6.53 -3.74
CA GLU C 11 -2.03 -5.66 -2.98
C GLU C 11 -1.35 -6.48 -1.88
N SER C 12 -2.16 -7.15 -1.06
CA SER C 12 -1.66 -7.82 0.12
C SER C 12 -0.86 -9.09 -0.22
N ILE C 13 -1.25 -9.90 -1.21
CA ILE C 13 -0.39 -11.01 -1.62
C ILE C 13 0.92 -10.47 -2.17
N GLU C 14 0.90 -9.40 -2.97
CA GLU C 14 2.15 -8.84 -3.48
C GLU C 14 3.06 -8.44 -2.31
N THR C 15 2.59 -7.59 -1.40
CA THR C 15 3.48 -7.05 -0.35
C THR C 15 4.19 -8.17 0.43
N VAL C 16 3.51 -9.28 0.72
CA VAL C 16 4.14 -10.41 1.38
C VAL C 16 5.04 -11.20 0.39
N VAL C 17 4.60 -11.37 -0.86
CA VAL C 17 5.39 -12.06 -1.88
C VAL C 17 6.72 -11.33 -2.11
N THR C 18 6.72 -9.99 -2.21
CA THR C 18 7.98 -9.24 -2.41
C THR C 18 8.91 -9.40 -1.20
N THR C 19 8.34 -9.37 0.01
CA THR C 19 9.10 -9.59 1.23
C THR C 19 9.71 -10.99 1.24
N PHE C 20 8.87 -12.01 1.02
CA PHE C 20 9.31 -13.38 0.79
C PHE C 20 10.48 -13.40 -0.18
N PHE C 21 10.30 -12.79 -1.35
CA PHE C 21 11.32 -12.75 -2.40
C PHE C 21 12.63 -12.10 -1.95
N THR C 22 12.56 -11.15 -1.00
CA THR C 22 13.77 -10.48 -0.52
C THR C 22 14.43 -11.28 0.61
N PHE C 23 14.09 -12.57 0.68
CA PHE C 23 14.66 -13.48 1.68
C PHE C 23 14.93 -14.86 1.05
N ALA C 24 14.09 -15.22 0.08
CA ALA C 24 14.19 -16.49 -0.63
C ALA C 24 15.39 -16.50 -1.58
N ARG C 25 16.01 -15.34 -1.77
CA ARG C 25 17.14 -15.21 -2.69
C ARG C 25 18.48 -15.06 -1.96
N GLN C 26 18.48 -15.20 -0.64
CA GLN C 26 19.71 -15.05 0.15
C GLN C 26 20.78 -16.04 -0.32
N GLU C 27 20.37 -17.29 -0.54
CA GLU C 27 21.28 -18.33 -1.01
C GLU C 27 20.97 -18.70 -2.46
N GLY C 28 21.11 -19.98 -2.81
CA GLY C 28 20.84 -20.43 -4.16
C GLY C 28 19.35 -20.56 -4.45
N ARG C 29 18.94 -20.15 -5.65
CA ARG C 29 17.54 -20.22 -6.09
C ARG C 29 16.66 -19.22 -5.32
N LYS C 30 16.08 -18.26 -6.04
CA LYS C 30 15.24 -17.24 -5.42
C LYS C 30 13.77 -17.69 -5.29
N ASP C 31 13.57 -18.91 -4.77
CA ASP C 31 12.23 -19.44 -4.56
C ASP C 31 12.23 -20.14 -3.21
N SER C 32 13.22 -21.02 -3.02
CA SER C 32 13.36 -21.79 -1.80
C SER C 32 14.08 -20.98 -0.72
N LEU C 33 13.56 -21.03 0.50
CA LEU C 33 14.31 -20.64 1.70
C LEU C 33 15.06 -21.86 2.17
N SER C 34 16.40 -21.80 2.25
CA SER C 34 17.14 -22.83 2.99
C SER C 34 17.13 -22.49 4.48
N VAL C 35 17.76 -23.33 5.30
CA VAL C 35 17.63 -23.30 6.75
C VAL C 35 17.88 -21.89 7.33
N ASN C 36 19.07 -21.32 7.06
CA ASN C 36 19.42 -19.96 7.52
C ASN C 36 18.41 -18.95 6.96
N GLU C 37 18.32 -18.94 5.64
CA GLU C 37 17.36 -18.15 4.86
C GLU C 37 16.00 -18.06 5.56
N PHE C 38 15.47 -19.23 5.94
CA PHE C 38 14.19 -19.32 6.60
C PHE C 38 14.26 -18.62 7.95
N LYS C 39 15.24 -18.99 8.78
CA LYS C 39 15.41 -18.40 10.10
C LYS C 39 15.51 -16.87 10.02
N GLU C 40 16.11 -16.35 8.95
CA GLU C 40 16.27 -14.91 8.76
C GLU C 40 14.93 -14.16 8.64
N LEU C 41 13.88 -14.83 8.13
CA LEU C 41 12.58 -14.19 7.99
C LEU C 41 12.03 -13.94 9.39
N VAL C 42 11.97 -15.01 10.17
CA VAL C 42 11.33 -15.00 11.48
C VAL C 42 12.11 -14.08 12.41
N THR C 43 13.42 -14.31 12.50
CA THR C 43 14.29 -13.55 13.40
C THR C 43 14.27 -12.03 13.13
N GLN C 44 13.98 -11.61 11.91
CA GLN C 44 14.00 -10.18 11.60
C GLN C 44 12.62 -9.52 11.69
N GLN C 45 11.67 -9.97 10.87
CA GLN C 45 10.35 -9.35 10.84
C GLN C 45 9.26 -10.14 11.58
N LEU C 46 9.63 -10.96 12.57
CA LEU C 46 8.62 -11.70 13.32
C LEU C 46 9.07 -11.96 14.77
N PRO C 47 9.01 -10.92 15.62
CA PRO C 47 9.41 -11.00 17.02
C PRO C 47 8.24 -11.20 18.00
N HIS C 48 7.00 -11.03 17.52
CA HIS C 48 5.84 -11.18 18.39
C HIS C 48 5.02 -12.42 18.06
N LEU C 49 4.54 -12.52 16.81
CA LEU C 49 3.73 -13.63 16.34
C LEU C 49 4.27 -14.98 16.81
N LEU C 50 5.44 -15.34 16.29
CA LEU C 50 6.17 -16.56 16.63
C LEU C 50 7.41 -16.12 17.37
N LYS C 51 7.24 -15.80 18.65
CA LYS C 51 8.34 -15.35 19.52
C LYS C 51 9.38 -16.43 19.79
N ASP C 52 9.23 -17.58 19.13
CA ASP C 52 10.17 -18.68 19.29
C ASP C 52 11.31 -18.56 18.29
N VAL C 53 12.32 -17.78 18.65
CA VAL C 53 13.49 -17.58 17.78
C VAL C 53 14.59 -18.57 18.13
N GLY C 54 14.20 -19.71 18.71
CA GLY C 54 15.16 -20.72 19.09
C GLY C 54 14.81 -22.09 18.54
N SER C 55 13.52 -22.40 18.51
CA SER C 55 13.05 -23.70 18.01
C SER C 55 12.56 -23.61 16.56
N LEU C 56 13.35 -22.94 15.72
CA LEU C 56 13.04 -22.79 14.33
C LEU C 56 13.09 -24.16 13.65
N ASP C 57 13.94 -25.07 14.16
CA ASP C 57 14.00 -26.46 13.73
C ASP C 57 12.61 -27.11 13.77
N GLU C 58 11.88 -26.95 14.86
CA GLU C 58 10.53 -27.47 15.01
C GLU C 58 9.64 -26.96 13.87
N LYS C 59 9.61 -25.64 13.67
CA LYS C 59 8.85 -25.06 12.58
C LYS C 59 9.28 -25.70 11.27
N MET C 60 10.58 -25.71 10.99
CA MET C 60 11.17 -26.26 9.78
C MET C 60 10.63 -27.68 9.53
N LYS C 61 10.77 -28.58 10.51
CA LYS C 61 10.25 -29.94 10.38
C LYS C 61 8.74 -29.94 10.15
N SER C 62 8.00 -29.10 10.88
CA SER C 62 6.55 -28.99 10.73
C SER C 62 6.15 -28.50 9.33
N LEU C 63 6.99 -27.67 8.70
CA LEU C 63 6.78 -27.07 7.40
C LEU C 63 7.22 -28.00 6.27
N ASP C 64 8.53 -28.28 6.21
CA ASP C 64 9.17 -29.04 5.16
C ASP C 64 8.85 -30.52 5.29
N VAL C 65 7.62 -30.91 4.95
CA VAL C 65 7.12 -32.27 5.09
C VAL C 65 8.07 -33.32 4.50
N ASN C 66 8.71 -33.01 3.38
CA ASN C 66 9.64 -33.89 2.68
C ASN C 66 11.07 -33.81 3.24
N GLN C 67 11.35 -32.84 4.12
CA GLN C 67 12.64 -32.66 4.77
C GLN C 67 13.78 -32.67 3.75
N ASP C 68 13.65 -31.85 2.69
CA ASP C 68 14.69 -31.64 1.68
C ASP C 68 15.62 -30.50 2.11
N SER C 69 15.26 -29.75 3.17
CA SER C 69 15.98 -28.56 3.61
C SER C 69 15.89 -27.42 2.59
N GLU C 70 14.81 -27.43 1.81
CA GLU C 70 14.35 -26.32 1.00
C GLU C 70 12.86 -26.16 1.27
N LEU C 71 12.44 -25.02 1.80
CA LEU C 71 11.04 -24.64 1.78
C LEU C 71 10.81 -23.98 0.43
N LYS C 72 10.38 -24.76 -0.59
CA LYS C 72 9.89 -24.23 -1.87
C LYS C 72 8.80 -23.17 -1.60
N PHE C 73 8.50 -22.32 -2.58
CA PHE C 73 7.48 -21.27 -2.47
C PHE C 73 6.25 -21.75 -1.68
N ASN C 74 5.61 -22.82 -2.15
CA ASN C 74 4.39 -23.35 -1.56
C ASN C 74 4.62 -23.96 -0.17
N GLU C 75 5.81 -24.52 0.09
CA GLU C 75 6.14 -25.08 1.39
C GLU C 75 6.31 -23.94 2.38
N TYR C 76 7.17 -22.98 2.05
CA TYR C 76 7.38 -21.76 2.82
C TYR C 76 6.04 -21.13 3.15
N TRP C 77 5.23 -20.95 2.11
CA TRP C 77 3.91 -20.36 2.19
C TRP C 77 3.13 -20.89 3.40
N ARG C 78 3.25 -22.19 3.77
CA ARG C 78 2.64 -22.76 4.97
C ARG C 78 2.75 -21.81 6.17
N LEU C 79 3.95 -21.29 6.44
CA LEU C 79 4.19 -20.37 7.54
C LEU C 79 3.12 -19.28 7.58
N ILE C 80 2.80 -18.69 6.43
CA ILE C 80 1.88 -17.56 6.35
C ILE C 80 0.50 -17.96 6.90
N GLY C 81 0.19 -19.25 6.86
CA GLY C 81 -1.05 -19.78 7.37
C GLY C 81 -1.01 -19.80 8.86
N GLU C 82 0.12 -20.23 9.39
CA GLU C 82 0.34 -20.38 10.80
C GLU C 82 0.38 -18.96 11.38
N LEU C 83 0.91 -17.98 10.63
CA LEU C 83 0.85 -16.57 10.97
C LEU C 83 -0.60 -16.07 11.00
N ALA C 84 -1.29 -16.16 9.86
CA ALA C 84 -2.66 -15.71 9.67
C ALA C 84 -3.63 -16.40 10.64
N LYS C 85 -3.27 -17.59 11.08
CA LYS C 85 -3.95 -18.31 12.14
C LYS C 85 -3.57 -17.65 13.47
N GLU C 86 -2.30 -17.66 13.86
CA GLU C 86 -1.78 -17.11 15.13
C GLU C 86 -2.38 -15.74 15.46
N ILE C 87 -2.40 -14.80 14.52
CA ILE C 87 -2.93 -13.47 14.80
C ILE C 87 -4.36 -13.48 15.40
N ARG C 88 -5.18 -14.47 15.00
CA ARG C 88 -6.49 -14.71 15.59
C ARG C 88 -6.35 -15.67 16.77
N LYS C 89 -5.72 -16.81 16.52
CA LYS C 89 -5.68 -17.99 17.36
C LYS C 89 -4.97 -17.73 18.68
N LYS C 90 -4.06 -16.75 18.79
CA LYS C 90 -2.68 -17.07 19.11
C LYS C 90 -2.53 -18.26 20.07
N LYS C 91 -2.96 -18.17 21.33
CA LYS C 91 -2.90 -19.28 22.28
C LYS C 91 -4.26 -19.42 22.99
N ASP C 92 -5.35 -19.39 22.18
CA ASP C 92 -6.77 -19.56 22.51
C ASP C 92 -7.00 -20.92 23.18
N LEU C 93 -6.55 -21.00 24.44
CA LEU C 93 -6.43 -22.20 25.22
C LEU C 93 -5.98 -21.73 26.62
N LYS C 94 -4.91 -20.92 26.67
CA LYS C 94 -4.44 -20.27 27.88
C LYS C 94 -4.49 -18.74 27.77
N ILE C 95 -4.04 -18.18 26.62
CA ILE C 95 -3.80 -16.75 26.46
C ILE C 95 -4.30 -16.30 25.08
N ARG C 96 -5.38 -15.50 24.92
CA ARG C 96 -6.40 -15.01 25.85
C ARG C 96 -7.42 -14.13 25.12
N DLY C 97 -7.08 -13.15 24.27
CA DLY C 97 -5.79 -12.71 23.70
C DLY C 97 -6.13 -12.05 22.34
O DLY C 97 -6.86 -12.69 21.58
CB DLY C 97 -4.93 -11.99 24.76
CG DLY C 97 -5.55 -10.81 25.54
CD DLY C 97 -4.43 -10.03 26.27
CE DLY C 97 -4.35 -8.52 25.94
NZ DLY C 97 -5.40 -7.70 26.58
H DLY C 97 -7.84 -12.64 23.93
HA DLY C 97 -6.49 -11.76 23.85
HB2 DLY C 97 -4.62 -12.73 25.49
HB3 DLY C 97 -4.05 -11.63 24.26
HG2 DLY C 97 -6.06 -10.15 24.85
HG3 DLY C 97 -6.25 -11.20 26.27
HD2 DLY C 97 -4.59 -10.12 27.34
HD3 DLY C 97 -3.49 -10.48 26.02
HE2 DLY C 97 -3.39 -8.16 26.28
HE3 DLY C 97 -4.42 -8.40 24.87
HZ1 DLY C 97 -5.27 -6.70 26.32
HZ2 DLY C 97 -5.34 -7.78 27.62
HZ3 DLY C 97 -6.34 -8.01 26.28
N DLY C 98 -5.72 -10.85 21.90
CA DLY C 98 -4.74 -9.92 22.40
C DLY C 98 -3.38 -10.28 21.79
O DLY C 98 -3.25 -10.19 20.55
CB DLY C 98 -5.23 -8.51 22.08
CG DLY C 98 -6.72 -8.25 22.39
CD DLY C 98 -6.99 -6.75 22.60
CE DLY C 98 -6.57 -5.88 21.40
NZ DLY C 98 -6.31 -4.49 21.81
H DLY C 98 -6.18 -10.56 21.10
HA DLY C 98 -4.73 -10.03 21.23
HB2 DLY C 98 -4.65 -7.81 22.67
HB3 DLY C 98 -5.06 -8.31 21.04
HG2 DLY C 98 -7.31 -8.61 21.57
HG3 DLY C 98 -6.98 -8.78 23.29
HD2 DLY C 98 -8.05 -6.61 22.76
HD3 DLY C 98 -6.45 -6.42 23.47
HE2 DLY C 98 -5.67 -6.30 20.97
HE3 DLY C 98 -7.36 -5.90 20.66
HZ1 DLY C 98 -6.04 -3.93 20.97
HZ2 DLY C 98 -5.53 -4.45 22.50
HZ3 DLY C 98 -7.16 -4.08 22.24
N MET D 1 -11.43 -6.78 21.08
CA MET D 1 -12.43 -6.04 20.30
C MET D 1 -11.78 -5.55 18.99
N ALA D 2 -10.71 -4.76 19.07
CA ALA D 2 -9.98 -4.29 17.88
C ALA D 2 -8.68 -3.57 18.25
N ALA D 3 -7.54 -4.09 17.79
CA ALA D 3 -6.36 -3.36 17.32
C ALA D 3 -6.03 -1.95 17.87
N GLU D 4 -5.10 -1.85 18.82
CA GLU D 4 -4.14 -0.75 18.93
C GLU D 4 -2.95 -1.08 17.98
N PRO D 5 -1.83 -0.26 17.95
CA PRO D 5 -0.66 -0.44 17.07
C PRO D 5 -0.38 -1.85 16.55
N LEU D 6 -0.07 -1.89 15.26
CA LEU D 6 0.27 -3.12 14.55
C LEU D 6 1.50 -2.84 13.68
N THR D 7 2.14 -3.88 13.15
CA THR D 7 3.32 -3.69 12.31
C THR D 7 2.93 -3.53 10.82
N GLU D 8 3.93 -3.38 9.97
CA GLU D 8 3.72 -3.20 8.52
C GLU D 8 2.87 -4.32 7.90
N LEU D 9 3.24 -5.57 8.19
CA LEU D 9 2.53 -6.72 7.64
C LEU D 9 1.18 -6.96 8.32
N GLU D 10 1.05 -6.48 9.54
CA GLU D 10 -0.18 -6.60 10.31
C GLU D 10 -1.27 -5.70 9.71
N GLU D 11 -0.88 -4.51 9.24
CA GLU D 11 -1.80 -3.62 8.55
C GLU D 11 -2.39 -4.33 7.32
N SER D 12 -1.51 -4.89 6.49
CA SER D 12 -1.89 -5.43 5.20
C SER D 12 -2.69 -6.74 5.31
N ILE D 13 -2.57 -7.49 6.41
CA ILE D 13 -3.53 -8.54 6.72
C ILE D 13 -4.83 -7.95 7.26
N GLU D 14 -4.79 -6.83 8.01
CA GLU D 14 -6.02 -6.16 8.43
C GLU D 14 -6.85 -5.73 7.21
N THR D 15 -6.25 -4.96 6.28
CA THR D 15 -7.00 -4.31 5.21
C THR D 15 -7.94 -5.29 4.48
N VAL D 16 -7.49 -6.52 4.25
CA VAL D 16 -8.30 -7.54 3.62
C VAL D 16 -9.37 -8.08 4.58
N VAL D 17 -9.06 -8.22 5.87
CA VAL D 17 -10.03 -8.61 6.90
C VAL D 17 -11.15 -7.56 6.98
N THR D 18 -10.79 -6.26 6.95
CA THR D 18 -11.79 -5.17 7.00
C THR D 18 -12.87 -5.39 5.92
N THR D 19 -12.44 -5.84 4.73
CA THR D 19 -13.37 -6.19 3.65
C THR D 19 -14.27 -7.36 4.08
N PHE D 20 -13.66 -8.45 4.54
CA PHE D 20 -14.34 -9.59 5.15
C PHE D 20 -15.42 -9.10 6.13
N PHE D 21 -14.98 -8.25 7.06
CA PHE D 21 -15.82 -7.71 8.13
C PHE D 21 -16.98 -6.84 7.63
N THR D 22 -16.82 -6.13 6.51
CA THR D 22 -17.89 -5.27 6.00
C THR D 22 -18.85 -6.00 5.05
N PHE D 23 -18.58 -7.27 4.81
CA PHE D 23 -19.44 -8.05 3.94
C PHE D 23 -20.21 -9.07 4.76
N ALA D 24 -19.61 -9.48 5.88
CA ALA D 24 -20.22 -10.47 6.75
C ALA D 24 -21.15 -9.86 7.79
N ARG D 25 -21.14 -8.53 7.88
CA ARG D 25 -22.04 -7.81 8.81
C ARG D 25 -23.44 -7.61 8.20
N GLN D 26 -23.69 -8.23 7.04
CA GLN D 26 -24.98 -8.09 6.33
C GLN D 26 -26.18 -8.63 7.13
N GLU D 27 -26.44 -9.95 7.02
CA GLU D 27 -27.53 -10.59 7.76
C GLU D 27 -27.08 -10.74 9.21
N GLY D 28 -26.94 -11.97 9.73
CA GLY D 28 -26.39 -12.07 11.06
C GLY D 28 -24.93 -11.66 11.04
N ARG D 29 -24.39 -11.30 12.22
CA ARG D 29 -23.07 -11.71 12.67
C ARG D 29 -21.94 -11.43 11.68
N LYS D 30 -21.14 -10.41 12.02
CA LYS D 30 -19.99 -9.96 11.21
C LYS D 30 -18.77 -10.88 11.35
N ASP D 31 -18.74 -11.68 12.40
CA ASP D 31 -17.64 -12.61 12.66
C ASP D 31 -17.68 -13.86 11.76
N SER D 32 -18.79 -14.13 11.05
CA SER D 32 -18.90 -15.26 10.13
C SER D 32 -19.44 -14.82 8.77
N LEU D 33 -18.86 -15.36 7.68
CA LEU D 33 -19.44 -15.21 6.36
C LEU D 33 -20.70 -16.05 6.27
N SER D 34 -21.75 -15.45 5.71
CA SER D 34 -23.07 -16.00 5.49
C SER D 34 -23.31 -16.00 3.96
N VAL D 35 -24.29 -16.77 3.44
CA VAL D 35 -24.36 -16.99 2.00
C VAL D 35 -25.40 -16.10 1.32
N ASN D 36 -25.30 -14.81 1.65
CA ASN D 36 -25.53 -13.67 0.79
C ASN D 36 -24.72 -12.54 1.43
N GLU D 37 -23.44 -12.92 1.54
CA GLU D 37 -22.30 -12.16 2.05
C GLU D 37 -21.08 -12.74 1.33
N PHE D 38 -21.07 -14.09 1.24
CA PHE D 38 -20.08 -14.87 0.53
C PHE D 38 -20.25 -14.69 -0.97
N LYS D 39 -21.42 -15.03 -1.52
CA LYS D 39 -21.60 -14.95 -2.96
C LYS D 39 -21.40 -13.51 -3.44
N GLU D 40 -21.84 -12.53 -2.65
CA GLU D 40 -21.65 -11.12 -2.98
C GLU D 40 -20.15 -10.76 -2.96
N LEU D 41 -19.39 -11.47 -2.12
CA LEU D 41 -17.95 -11.23 -1.99
C LEU D 41 -17.19 -11.76 -3.20
N VAL D 42 -17.51 -12.98 -3.63
CA VAL D 42 -16.87 -13.58 -4.78
C VAL D 42 -17.29 -12.86 -6.05
N THR D 43 -18.57 -12.53 -6.18
CA THR D 43 -19.08 -11.87 -7.38
C THR D 43 -18.61 -10.40 -7.52
N GLN D 44 -18.26 -9.76 -6.41
CA GLN D 44 -17.84 -8.35 -6.46
C GLN D 44 -16.33 -8.16 -6.31
N GLN D 45 -15.76 -8.74 -5.26
CA GLN D 45 -14.32 -8.57 -4.99
C GLN D 45 -13.44 -9.61 -5.68
N LEU D 46 -13.95 -10.83 -5.89
CA LEU D 46 -13.15 -11.88 -6.54
C LEU D 46 -13.80 -12.43 -7.81
N PRO D 47 -14.21 -11.57 -8.77
CA PRO D 47 -14.84 -12.04 -10.01
C PRO D 47 -13.82 -12.31 -11.11
N HIS D 48 -12.68 -11.63 -11.03
CA HIS D 48 -11.60 -11.78 -12.00
C HIS D 48 -10.57 -12.78 -11.49
N LEU D 49 -10.20 -12.63 -10.22
CA LEU D 49 -9.22 -13.51 -9.60
C LEU D 49 -9.80 -14.93 -9.52
N LEU D 50 -10.97 -15.04 -8.89
CA LEU D 50 -11.65 -16.33 -8.80
C LEU D 50 -12.57 -16.49 -9.99
N LYS D 51 -12.16 -17.28 -10.95
CA LYS D 51 -12.94 -17.51 -12.16
C LYS D 51 -13.97 -18.62 -11.94
N ASP D 52 -14.71 -18.52 -10.83
CA ASP D 52 -15.73 -19.50 -10.49
C ASP D 52 -16.78 -18.89 -9.57
N VAL D 53 -17.41 -17.82 -10.04
CA VAL D 53 -18.45 -17.14 -9.26
C VAL D 53 -19.79 -17.88 -9.37
N GLY D 54 -19.94 -18.66 -10.42
CA GLY D 54 -21.17 -19.42 -10.63
C GLY D 54 -21.18 -20.74 -9.86
N SER D 55 -20.01 -21.19 -9.42
CA SER D 55 -19.90 -22.44 -8.69
C SER D 55 -19.34 -22.22 -7.28
N LEU D 56 -19.80 -21.15 -6.62
CA LEU D 56 -19.41 -20.82 -5.27
C LEU D 56 -19.79 -21.97 -4.34
N ASP D 57 -21.02 -22.43 -4.45
CA ASP D 57 -21.64 -23.47 -3.64
C ASP D 57 -20.70 -24.67 -3.40
N GLU D 58 -19.96 -25.10 -4.43
CA GLU D 58 -18.95 -26.15 -4.30
C GLU D 58 -17.83 -25.71 -3.35
N LYS D 59 -17.31 -24.49 -3.58
CA LYS D 59 -16.27 -23.92 -2.74
C LYS D 59 -16.77 -23.85 -1.30
N MET D 60 -17.98 -23.32 -1.14
CA MET D 60 -18.65 -23.23 0.15
C MET D 60 -18.64 -24.58 0.85
N LYS D 61 -19.15 -25.61 0.18
CA LYS D 61 -19.19 -26.95 0.75
C LYS D 61 -17.77 -27.42 1.14
N SER D 62 -16.79 -27.17 0.26
CA SER D 62 -15.40 -27.51 0.51
C SER D 62 -14.82 -26.75 1.70
N LEU D 63 -15.19 -25.48 1.86
CA LEU D 63 -14.73 -24.59 2.90
C LEU D 63 -15.32 -25.01 4.25
N ASP D 64 -16.66 -25.06 4.32
CA ASP D 64 -17.46 -25.06 5.54
C ASP D 64 -17.19 -26.18 6.55
N VAL D 65 -16.45 -27.22 6.15
CA VAL D 65 -16.70 -28.66 6.27
C VAL D 65 -17.42 -29.19 7.51
N ASN D 66 -17.43 -28.49 8.65
CA ASN D 66 -18.40 -28.81 9.69
C ASN D 66 -19.83 -28.72 9.15
N GLN D 67 -20.03 -27.90 8.10
CA GLN D 67 -21.27 -27.77 7.35
C GLN D 67 -22.38 -27.12 8.20
N ASP D 68 -21.99 -26.43 9.28
CA ASP D 68 -22.90 -25.55 10.02
C ASP D 68 -23.42 -24.43 9.11
N SER D 69 -22.73 -24.17 7.99
CA SER D 69 -23.06 -23.13 7.03
C SER D 69 -22.84 -21.72 7.58
N GLU D 70 -22.19 -21.59 8.74
CA GLU D 70 -21.43 -20.41 9.09
C GLU D 70 -20.03 -20.65 8.55
N LEU D 71 -19.64 -19.90 7.53
CA LEU D 71 -18.27 -19.94 7.05
C LEU D 71 -17.44 -19.23 8.12
N LYS D 72 -16.76 -20.02 8.94
CA LYS D 72 -16.31 -19.62 10.26
C LYS D 72 -15.00 -18.83 10.15
N PHE D 73 -14.56 -18.25 11.27
CA PHE D 73 -13.40 -17.36 11.34
C PHE D 73 -12.15 -18.25 11.36
N ASN D 74 -11.88 -18.79 10.17
CA ASN D 74 -10.92 -19.79 9.71
C ASN D 74 -11.66 -21.13 9.60
N GLU D 75 -12.82 -21.16 8.93
CA GLU D 75 -13.01 -21.85 7.67
C GLU D 75 -12.70 -20.88 6.53
N TYR D 76 -13.47 -19.78 6.49
CA TYR D 76 -13.53 -18.78 5.42
C TYR D 76 -12.14 -18.48 4.87
N TRP D 77 -11.23 -18.15 5.78
CA TRP D 77 -9.90 -17.67 5.49
C TRP D 77 -9.23 -18.45 4.35
N ARG D 78 -9.43 -19.78 4.33
CA ARG D 78 -8.95 -20.66 3.27
C ARG D 78 -9.10 -20.01 1.88
N LEU D 79 -10.25 -19.39 1.61
CA LEU D 79 -10.54 -18.76 0.33
C LEU D 79 -9.40 -17.83 -0.10
N ILE D 80 -8.94 -16.94 0.79
CA ILE D 80 -7.88 -16.00 0.51
C ILE D 80 -6.62 -16.79 0.11
N GLY D 81 -6.48 -18.01 0.65
CA GLY D 81 -5.44 -18.96 0.38
C GLY D 81 -5.49 -19.49 -1.02
N GLU D 82 -6.69 -19.83 -1.42
CA GLU D 82 -6.94 -20.40 -2.71
C GLU D 82 -6.67 -19.31 -3.74
N LEU D 83 -7.20 -18.10 -3.57
CA LEU D 83 -6.74 -17.00 -4.44
C LEU D 83 -5.22 -16.80 -4.38
N ALA D 84 -4.62 -16.81 -3.19
CA ALA D 84 -3.20 -16.62 -3.03
C ALA D 84 -2.40 -17.61 -3.87
N LYS D 85 -2.71 -18.92 -3.79
CA LYS D 85 -2.03 -19.87 -4.65
C LYS D 85 -2.48 -19.71 -6.10
N GLU D 86 -3.77 -19.47 -6.39
CA GLU D 86 -4.35 -19.39 -7.75
C GLU D 86 -3.47 -18.58 -8.69
N ILE D 87 -3.00 -17.41 -8.25
CA ILE D 87 -2.14 -16.55 -9.05
C ILE D 87 -0.94 -17.35 -9.63
N ARG D 88 -0.37 -18.24 -8.82
CA ARG D 88 0.65 -19.21 -9.21
C ARG D 88 0.03 -20.47 -9.84
N LYS D 89 -1.12 -20.93 -9.35
CA LYS D 89 -1.64 -22.26 -9.54
C LYS D 89 -2.97 -22.24 -10.30
N LYS D 90 -2.88 -22.08 -11.62
CA LYS D 90 -3.98 -22.02 -12.59
C LYS D 90 -5.13 -22.97 -12.25
N LYS D 91 -4.88 -24.28 -12.08
CA LYS D 91 -5.94 -25.24 -11.74
C LYS D 91 -5.42 -26.49 -10.99
N ASP D 92 -4.12 -26.59 -10.79
CA ASP D 92 -3.41 -27.86 -10.79
C ASP D 92 -3.32 -28.44 -9.38
N LEU D 93 -4.45 -28.47 -8.66
CA LEU D 93 -4.51 -28.96 -7.28
C LEU D 93 -4.87 -30.44 -7.22
N DLY D 94 -5.98 -30.82 -7.85
CA DLY D 94 -6.63 -32.12 -7.64
C DLY D 94 -6.79 -32.44 -6.13
O DLY D 94 -7.70 -31.91 -5.50
CB DLY D 94 -8.02 -32.08 -8.31
CG DLY D 94 -8.76 -30.76 -8.01
CD DLY D 94 -10.28 -30.88 -7.87
CE DLY D 94 -10.78 -31.25 -6.46
NZ DLY D 94 -10.27 -32.54 -5.95
H DLY D 94 -6.38 -30.21 -8.50
HA DLY D 94 -7.02 -31.25 -6.99
HB2 DLY D 94 -7.90 -32.17 -9.37
HB3 DLY D 94 -8.61 -32.89 -7.93
HG2 DLY D 94 -8.39 -30.33 -7.09
HG3 DLY D 94 -8.55 -30.07 -8.82
HD2 DLY D 94 -10.72 -29.93 -8.13
HD3 DLY D 94 -10.62 -31.63 -8.57
HE2 DLY D 94 -10.48 -30.47 -5.77
HE3 DLY D 94 -11.86 -31.30 -6.48
HZ1 DLY D 94 -10.63 -32.72 -4.99
HZ2 DLY D 94 -9.23 -32.53 -5.91
HZ3 DLY D 94 -10.57 -33.32 -6.58
N ILE D 95 -5.97 -33.34 -5.61
CA ILE D 95 -6.12 -34.02 -4.32
C ILE D 95 -7.47 -34.72 -4.11
N ARG D 96 -7.43 -35.77 -3.29
CA ARG D 96 -8.55 -36.59 -2.85
C ARG D 96 -8.01 -37.43 -1.70
N LYS D 97 -8.67 -37.43 -0.53
CA LYS D 97 -8.07 -37.88 0.73
C LYS D 97 -9.18 -37.82 1.77
N LYS D 98 -9.44 -38.94 2.47
CA LYS D 98 -10.25 -38.99 3.68
C LYS D 98 -9.26 -39.11 4.84
N TYR E 1 -25.40 32.53 8.80
CA TYR E 1 -26.19 32.65 7.54
C TYR E 1 -26.66 31.28 7.07
N LYS E 2 -27.53 30.64 7.87
CA LYS E 2 -28.03 29.31 7.54
C LYS E 2 -28.56 29.28 6.10
N LYS E 3 -27.83 28.61 5.24
CA LYS E 3 -28.19 28.49 3.83
C LYS E 3 -27.52 27.26 3.21
N PRO E 4 -27.64 27.07 1.87
CA PRO E 4 -27.05 25.95 1.14
C PRO E 4 -25.92 25.24 1.89
N LYS E 5 -26.23 24.06 2.42
CA LYS E 5 -25.24 23.27 3.14
C LYS E 5 -24.62 22.23 2.21
N LEU E 6 -23.39 22.46 1.80
CA LEU E 6 -22.69 21.54 0.90
C LEU E 6 -22.08 20.40 1.70
N LEU E 7 -22.24 19.18 1.21
CA LEU E 7 -21.70 18.00 1.87
C LEU E 7 -21.21 16.98 0.86
N TYR E 8 -20.04 16.40 1.12
CA TYR E 8 -19.46 15.38 0.24
C TYR E 8 -18.45 14.54 1.02
N CYS E 9 -17.94 13.49 0.41
CA CYS E 9 -16.96 12.63 1.07
C CYS E 9 -15.97 12.03 0.07
N SER E 10 -14.88 11.47 0.60
CA SER E 10 -13.83 10.87 -0.20
C SER E 10 -12.98 11.95 -0.85
N ASN E 11 -11.68 11.94 -0.54
CA ASN E 11 -10.77 12.93 -1.09
C ASN E 11 -10.92 13.02 -2.60
N GLY E 12 -11.14 14.23 -3.09
CA GLY E 12 -11.32 14.44 -4.51
C GLY E 12 -12.49 15.33 -4.81
N GLY E 13 -12.30 16.25 -5.76
CA GLY E 13 -13.36 17.16 -6.14
C GLY E 13 -14.63 16.44 -6.55
N HIS E 14 -15.62 16.45 -5.66
CA HIS E 14 -16.92 15.81 -5.92
C HIS E 14 -17.94 16.31 -4.90
N PHE E 15 -19.02 16.90 -5.38
CA PHE E 15 -20.07 17.42 -4.49
C PHE E 15 -21.39 16.70 -4.73
N LEU E 16 -22.21 16.58 -3.70
CA LEU E 16 -23.50 15.93 -3.80
C LEU E 16 -24.50 16.80 -4.55
N ARG E 17 -24.70 16.52 -5.83
CA ARG E 17 -25.62 17.30 -6.64
C ARG E 17 -26.99 16.63 -6.67
N ILE E 18 -27.95 17.22 -5.98
CA ILE E 18 -29.29 16.68 -5.89
C ILE E 18 -30.18 17.19 -7.03
N LEU E 19 -31.04 16.33 -7.53
CA LEU E 19 -31.96 16.69 -8.60
C LEU E 19 -33.37 16.24 -8.23
N PRO E 20 -34.38 17.07 -8.53
CA PRO E 20 -35.79 16.77 -8.23
C PRO E 20 -36.17 15.34 -8.60
N ASP E 21 -35.52 14.81 -9.62
CA ASP E 21 -35.75 13.44 -10.08
C ASP E 21 -35.47 12.43 -8.96
N GLY E 22 -34.37 12.64 -8.25
CA GLY E 22 -34.00 11.75 -7.17
C GLY E 22 -32.58 11.21 -7.35
N THR E 23 -32.17 11.03 -8.59
CA THR E 23 -30.83 10.51 -8.88
C THR E 23 -29.75 11.55 -8.56
N VAL E 24 -29.34 11.59 -7.31
CA VAL E 24 -28.30 12.51 -6.86
C VAL E 24 -26.93 11.89 -7.08
N ASP E 25 -26.01 12.64 -7.68
CA ASP E 25 -24.65 12.15 -7.94
C ASP E 25 -23.61 13.10 -7.37
N GLY E 26 -22.37 12.62 -7.28
CA GLY E 26 -21.28 13.43 -6.75
C GLY E 26 -20.65 14.32 -7.80
N THR E 27 -21.43 15.28 -8.30
CA THR E 27 -20.95 16.21 -9.31
C THR E 27 -19.88 17.14 -8.74
N ARG E 28 -18.76 17.24 -9.43
CA ARG E 28 -17.69 18.11 -8.97
C ARG E 28 -17.79 19.48 -9.62
N ASP E 29 -18.83 20.21 -9.27
CA ASP E 29 -19.07 21.54 -9.82
C ASP E 29 -19.78 22.42 -8.80
N ARG E 30 -19.57 23.72 -8.90
CA ARG E 30 -20.20 24.68 -8.01
C ARG E 30 -20.74 25.88 -8.81
N SER E 31 -21.00 25.64 -10.08
CA SER E 31 -21.52 26.67 -10.97
C SER E 31 -23.04 26.65 -10.97
N ASP E 32 -23.60 25.44 -11.03
CA ASP E 32 -25.05 25.27 -11.03
C ASP E 32 -25.56 24.99 -9.63
N GLN E 33 -26.54 25.78 -9.18
CA GLN E 33 -27.09 25.63 -7.83
C GLN E 33 -27.87 24.32 -7.69
N HIS E 34 -27.16 23.21 -7.59
CA HIS E 34 -27.80 21.91 -7.42
C HIS E 34 -26.99 21.00 -6.49
N ILE E 35 -26.06 21.58 -5.73
CA ILE E 35 -25.23 20.81 -4.81
C ILE E 35 -25.32 21.40 -3.40
N GLN E 36 -26.54 21.73 -2.99
CA GLN E 36 -26.78 22.31 -1.67
C GLN E 36 -28.03 21.74 -1.04
N LEU E 37 -27.92 21.35 0.22
CA LEU E 37 -29.05 20.80 0.97
C LEU E 37 -29.20 21.55 2.29
N GLN E 38 -30.42 21.57 2.83
CA GLN E 38 -30.66 22.26 4.08
C GLN E 38 -30.45 21.32 5.27
N LEU E 39 -29.18 21.02 5.53
CA LEU E 39 -28.81 20.15 6.64
C LEU E 39 -28.97 20.91 7.97
N SER E 40 -29.68 20.30 8.91
CA SER E 40 -29.90 20.90 10.22
C SER E 40 -30.32 19.85 11.23
N ALA E 41 -30.08 20.14 12.50
CA ALA E 41 -30.44 19.23 13.58
C ALA E 41 -31.90 19.46 13.97
N GLU E 42 -32.77 18.56 13.53
CA GLU E 42 -34.20 18.67 13.82
C GLU E 42 -34.46 18.37 15.28
N SER E 43 -34.02 17.20 15.72
CA SER E 43 -34.19 16.78 17.10
C SER E 43 -32.83 16.62 17.78
N VAL E 44 -32.84 16.34 19.08
CA VAL E 44 -31.59 16.17 19.83
C VAL E 44 -30.68 15.13 19.16
N GLY E 45 -29.77 15.61 18.31
CA GLY E 45 -28.85 14.73 17.62
C GLY E 45 -29.38 14.25 16.27
N GLU E 46 -30.68 14.40 16.04
CA GLU E 46 -31.29 13.96 14.80
C GLU E 46 -31.22 15.06 13.73
N VAL E 47 -30.37 14.85 12.73
CA VAL E 47 -30.20 15.80 11.65
C VAL E 47 -30.91 15.31 10.40
N TYR E 48 -31.50 16.24 9.65
CA TYR E 48 -32.21 15.90 8.43
C TYR E 48 -31.53 16.51 7.21
N ILE E 49 -31.63 15.81 6.10
CA ILE E 49 -31.05 16.27 4.84
C ILE E 49 -32.16 16.58 3.85
N LYS E 50 -32.44 17.86 3.67
CA LYS E 50 -33.48 18.29 2.76
C LYS E 50 -32.99 19.39 1.82
N SER E 51 -32.90 19.08 0.54
CA SER E 51 -32.45 20.05 -0.45
C SER E 51 -33.61 20.94 -0.87
N THR E 52 -34.17 21.65 0.11
CA THR E 52 -35.31 22.52 -0.11
C THR E 52 -35.07 23.53 -1.23
N GLU E 53 -34.19 24.50 -0.98
CA GLU E 53 -33.91 25.55 -1.95
C GLU E 53 -32.90 25.11 -3.00
N THR E 54 -33.19 24.00 -3.69
CA THR E 54 -32.29 23.49 -4.74
C THR E 54 -32.77 22.16 -5.33
N GLY E 55 -33.25 21.25 -4.49
CA GLY E 55 -33.67 19.97 -5.00
C GLY E 55 -34.92 19.42 -4.34
N GLN E 56 -34.74 18.36 -3.56
CA GLN E 56 -35.85 17.67 -2.90
C GLN E 56 -35.43 17.15 -1.53
N TYR E 57 -36.36 16.45 -0.88
CA TYR E 57 -36.13 15.87 0.44
C TYR E 57 -35.62 14.44 0.27
N LEU E 58 -34.72 14.02 1.15
CA LEU E 58 -34.16 12.67 1.07
C LEU E 58 -35.09 11.64 1.69
N ALA E 59 -34.97 10.40 1.23
CA ALA E 59 -35.76 9.29 1.70
C ALA E 59 -35.06 7.97 1.37
N MET E 60 -34.12 7.58 2.22
CA MET E 60 -33.35 6.36 2.02
C MET E 60 -34.23 5.15 1.76
N ASP E 61 -33.75 4.28 0.87
CA ASP E 61 -34.47 3.06 0.54
C ASP E 61 -33.97 1.93 1.43
N THR E 62 -34.50 1.87 2.65
CA THR E 62 -34.09 0.86 3.60
C THR E 62 -32.60 0.99 3.91
N ASP E 63 -32.11 2.23 3.91
CA ASP E 63 -30.69 2.52 4.14
C ASP E 63 -29.83 2.03 2.98
N GLY E 64 -30.01 0.75 2.62
CA GLY E 64 -29.28 0.14 1.52
C GLY E 64 -28.99 1.13 0.40
N LEU E 65 -30.04 1.72 -0.14
CA LEU E 65 -29.89 2.69 -1.22
C LEU E 65 -30.38 4.06 -0.75
N LEU E 66 -29.59 5.08 -1.02
CA LEU E 66 -29.93 6.43 -0.61
C LEU E 66 -30.57 7.20 -1.77
N TYR E 67 -31.73 7.80 -1.51
CA TYR E 67 -32.45 8.56 -2.52
C TYR E 67 -33.34 9.60 -1.86
N GLY E 68 -34.00 10.41 -2.67
CA GLY E 68 -34.88 11.44 -2.15
C GLY E 68 -35.58 12.19 -3.25
N SER E 69 -36.83 12.58 -3.02
CA SER E 69 -37.61 13.32 -4.00
C SER E 69 -39.07 13.45 -3.58
N GLN E 70 -39.76 12.31 -3.45
CA GLN E 70 -41.17 12.30 -3.09
C GLN E 70 -41.43 12.90 -1.70
N THR E 71 -41.05 12.19 -0.65
CA THR E 71 -41.29 12.66 0.71
C THR E 71 -40.14 12.35 1.66
N PRO E 72 -39.89 13.22 2.65
CA PRO E 72 -38.82 13.04 3.63
C PRO E 72 -39.23 12.01 4.70
N ASN E 73 -39.28 10.75 4.29
CA ASN E 73 -39.67 9.66 5.19
C ASN E 73 -38.66 9.53 6.34
N GLU E 74 -39.11 8.95 7.46
CA GLU E 74 -38.24 8.76 8.64
C GLU E 74 -36.86 8.26 8.22
N GLU E 75 -36.79 7.46 7.14
CA GLU E 75 -35.53 6.97 6.62
C GLU E 75 -34.50 8.10 6.51
N CYS E 76 -34.98 9.34 6.36
CA CYS E 76 -34.11 10.50 6.22
C CYS E 76 -33.63 11.07 7.57
N LEU E 77 -33.99 10.44 8.68
CA LEU E 77 -33.54 10.93 10.00
C LEU E 77 -32.22 10.28 10.37
N PHE E 78 -31.19 11.10 10.57
CA PHE E 78 -29.86 10.59 10.91
C PHE E 78 -29.31 11.27 12.16
N LEU E 79 -28.54 10.51 12.93
CA LEU E 79 -27.92 11.03 14.15
C LEU E 79 -26.62 11.74 13.79
N GLU E 80 -26.50 12.99 14.21
CA GLU E 80 -25.30 13.78 13.92
C GLU E 80 -24.12 13.35 14.79
N ARG E 81 -23.09 12.83 14.14
CA ARG E 81 -21.88 12.39 14.85
C ARG E 81 -20.64 13.01 14.18
N LEU E 82 -19.60 13.23 14.96
CA LEU E 82 -18.37 13.82 14.45
C LEU E 82 -17.18 12.90 14.69
N GLU E 83 -16.29 12.82 13.71
CA GLU E 83 -15.09 11.98 13.84
C GLU E 83 -13.85 12.85 13.89
N GLU E 84 -12.89 12.48 14.72
CA GLU E 84 -11.64 13.23 14.85
C GLU E 84 -10.76 13.02 13.62
N ASN E 85 -11.33 13.29 12.45
CA ASN E 85 -10.63 13.13 11.18
C ASN E 85 -11.08 14.23 10.20
N HIS E 86 -11.62 15.32 10.75
CA HIS E 86 -12.11 16.44 9.95
C HIS E 86 -13.25 15.99 9.02
N TYR E 87 -14.16 15.19 9.57
CA TYR E 87 -15.30 14.69 8.80
C TYR E 87 -16.53 14.52 9.70
N ASN E 88 -17.69 14.60 9.07
CA ASN E 88 -18.97 14.46 9.77
C ASN E 88 -19.55 13.07 9.56
N THR E 89 -20.24 12.56 10.57
CA THR E 89 -20.85 11.24 10.50
C THR E 89 -22.34 11.34 10.82
N TYR E 90 -23.16 10.64 10.05
CA TYR E 90 -24.59 10.66 10.26
C TYR E 90 -25.13 9.25 10.32
N ILE E 91 -25.67 8.87 11.46
CA ILE E 91 -26.19 7.52 11.65
C ILE E 91 -27.68 7.45 11.37
N SER E 92 -28.05 6.68 10.35
CA SER E 92 -29.46 6.51 9.98
C SER E 92 -30.17 5.71 11.07
N LYS E 93 -30.54 6.40 12.15
CA LYS E 93 -31.23 5.75 13.27
C LYS E 93 -32.31 4.80 12.79
N LYS E 94 -32.97 5.16 11.68
CA LYS E 94 -34.01 4.32 11.09
C LYS E 94 -33.50 2.89 10.88
N HIS E 95 -32.20 2.75 10.65
CA HIS E 95 -31.58 1.44 10.43
C HIS E 95 -30.38 1.21 11.35
N ALA E 96 -30.20 2.10 12.33
CA ALA E 96 -29.08 1.98 13.27
C ALA E 96 -29.06 0.58 13.88
N GLU E 97 -30.25 -0.01 14.01
CA GLU E 97 -30.39 -1.36 14.56
C GLU E 97 -29.44 -2.34 13.87
N LYS E 98 -29.21 -2.15 12.57
CA LYS E 98 -28.33 -3.03 11.80
C LYS E 98 -26.93 -2.43 11.64
N ASN E 99 -26.64 -1.41 12.46
CA ASN E 99 -25.34 -0.72 12.42
C ASN E 99 -25.12 -0.09 11.05
N TRP E 100 -26.17 0.53 10.53
CA TRP E 100 -26.13 1.17 9.21
C TRP E 100 -26.16 2.68 9.32
N PHE E 101 -25.17 3.35 8.73
CA PHE E 101 -25.13 4.80 8.73
C PHE E 101 -24.74 5.33 7.35
N VAL E 102 -25.67 6.13 6.75
CA VAL E 102 -25.56 6.74 5.41
C VAL E 102 -24.14 6.77 4.85
N GLY E 103 -23.98 6.15 3.69
CA GLY E 103 -22.70 6.12 2.99
C GLY E 103 -22.89 6.28 1.50
N LEU E 104 -22.12 7.17 0.88
CA LEU E 104 -22.23 7.41 -0.57
C LEU E 104 -20.92 7.10 -1.30
N LYS E 105 -21.04 6.91 -2.60
CA LYS E 105 -19.89 6.62 -3.45
C LYS E 105 -19.51 7.87 -4.25
N LYS E 106 -18.43 8.52 -3.83
CA LYS E 106 -17.94 9.74 -4.48
C LYS E 106 -18.01 9.64 -6.01
N ASN E 107 -17.61 8.50 -6.55
CA ASN E 107 -17.62 8.29 -7.99
C ASN E 107 -18.70 7.28 -8.38
N GLY E 108 -19.84 7.32 -7.69
CA GLY E 108 -20.91 6.41 -8.00
C GLY E 108 -22.28 6.98 -7.69
N SER E 109 -22.45 7.46 -6.45
CA SER E 109 -23.70 8.05 -5.95
C SER E 109 -23.93 7.56 -4.52
N CYS E 110 -24.98 8.08 -3.89
CA CYS E 110 -25.29 7.69 -2.52
C CYS E 110 -26.13 6.42 -2.48
N LYS E 111 -25.49 5.29 -2.20
CA LYS E 111 -26.18 4.00 -2.12
C LYS E 111 -25.20 2.89 -1.76
N ARG E 112 -24.86 2.80 -0.46
CA ARG E 112 -23.92 1.80 0.03
C ARG E 112 -24.32 1.30 1.40
N GLY E 113 -25.63 1.33 1.66
CA GLY E 113 -26.18 0.88 2.94
C GLY E 113 -25.75 -0.53 3.36
N PRO E 114 -25.69 -1.53 2.45
CA PRO E 114 -25.28 -2.90 2.82
C PRO E 114 -23.79 -2.99 3.18
N ARG E 115 -23.11 -1.85 3.23
CA ARG E 115 -21.69 -1.80 3.58
C ARG E 115 -21.39 -0.59 4.47
N THR E 116 -22.43 0.00 5.06
CA THR E 116 -22.26 1.19 5.91
C THR E 116 -21.84 0.82 7.34
N HIS E 117 -20.59 0.41 7.49
CA HIS E 117 -20.04 0.05 8.79
C HIS E 117 -18.57 0.45 8.85
N TYR E 118 -17.79 -0.16 9.73
CA TYR E 118 -16.39 0.17 9.86
C TYR E 118 -15.58 -0.48 8.73
N GLY E 119 -15.49 0.25 7.62
CA GLY E 119 -14.75 -0.22 6.46
C GLY E 119 -14.76 0.81 5.36
N GLN E 120 -15.96 1.11 4.86
CA GLN E 120 -16.12 2.13 3.83
C GLN E 120 -15.93 3.49 4.50
N LYS E 121 -14.85 4.19 4.13
CA LYS E 121 -14.51 5.47 4.76
C LYS E 121 -15.43 6.58 4.24
N ALA E 122 -16.08 6.35 3.09
CA ALA E 122 -17.00 7.31 2.49
C ALA E 122 -18.05 7.81 3.49
N ILE E 123 -18.22 7.10 4.59
CA ILE E 123 -19.17 7.49 5.63
C ILE E 123 -18.74 8.80 6.30
N LEU E 124 -17.45 9.09 6.26
CA LEU E 124 -16.92 10.31 6.87
C LEU E 124 -17.04 11.45 5.87
N PHE E 125 -18.17 12.13 5.92
CA PHE E 125 -18.45 13.24 5.01
C PHE E 125 -17.76 14.53 5.44
N LEU E 126 -17.38 15.34 4.46
CA LEU E 126 -16.74 16.61 4.71
C LEU E 126 -17.71 17.73 4.34
N PRO E 127 -18.27 18.43 5.35
CA PRO E 127 -19.23 19.51 5.14
C PRO E 127 -18.57 20.88 4.92
N LEU E 128 -19.17 21.66 4.02
CA LEU E 128 -18.71 23.00 3.72
C LEU E 128 -19.88 23.98 3.75
N PRO E 129 -20.71 23.93 4.80
CA PRO E 129 -21.89 24.79 4.94
C PRO E 129 -21.55 26.19 5.47
N VAL E 130 -22.38 27.15 5.10
CA VAL E 130 -22.19 28.54 5.54
C VAL E 130 -22.73 28.71 6.96
N SER E 131 -21.87 28.44 7.93
CA SER E 131 -22.24 28.55 9.34
C SER E 131 -22.46 30.02 9.74
N SER E 132 -22.85 30.22 11.00
CA SER E 132 -23.07 31.56 11.51
C SER E 132 -21.99 31.92 12.53
N ASP E 133 -20.76 32.03 12.03
CA ASP E 133 -19.61 32.36 12.86
C ASP E 133 -19.35 33.86 12.84
N GLU F 1 -15.04 -2.01 -5.11
CA GLU F 1 -15.64 -2.13 -6.46
C GLU F 1 -14.59 -1.90 -7.55
N LYS F 2 -14.31 -2.94 -8.33
CA LYS F 2 -13.32 -2.86 -9.39
C LYS F 2 -13.78 -3.59 -10.66
N LEU F 3 -13.45 -3.03 -11.81
CA LEU F 3 -13.82 -3.63 -13.09
C LEU F 3 -12.61 -3.62 -14.04
N GLY F 4 -11.51 -3.03 -13.58
CA GLY F 4 -10.31 -2.96 -14.39
C GLY F 4 -10.04 -1.54 -14.87
N LYS F 5 -9.62 -1.40 -16.13
CA LYS F 5 -9.33 -0.08 -16.69
C LYS F 5 -9.72 -0.03 -18.17
N LEU F 6 -10.07 1.16 -18.64
CA LEU F 6 -10.45 1.36 -20.03
C LEU F 6 -9.77 2.61 -20.59
N GLN F 7 -9.03 2.43 -21.67
CA GLN F 7 -8.32 3.55 -22.30
C GLN F 7 -9.22 4.19 -23.35
N TYR F 8 -9.28 5.51 -23.39
CA TYR F 8 -10.13 6.19 -24.37
C TYR F 8 -9.61 7.58 -24.74
N SER F 9 -10.03 8.02 -25.92
CA SER F 9 -9.67 9.33 -26.45
C SER F 9 -10.93 9.97 -27.02
N LEU F 10 -11.50 10.91 -26.29
CA LEU F 10 -12.75 11.56 -26.71
C LEU F 10 -12.50 12.94 -27.32
N ASP F 11 -13.02 13.16 -28.51
CA ASP F 11 -12.89 14.44 -29.20
C ASP F 11 -14.28 15.04 -29.47
N TYR F 12 -14.34 16.32 -29.82
CA TYR F 12 -15.63 16.97 -30.04
C TYR F 12 -15.80 17.47 -31.48
N ASP F 13 -17.03 17.41 -31.97
CA ASP F 13 -17.37 17.89 -33.31
C ASP F 13 -18.32 19.08 -33.19
N PHE F 14 -17.92 20.21 -33.78
CA PHE F 14 -18.74 21.42 -33.73
C PHE F 14 -19.50 21.68 -35.03
N GLN F 15 -19.52 20.69 -35.93
CA GLN F 15 -20.21 20.81 -37.20
C GLN F 15 -21.57 20.11 -37.12
N ASN F 16 -21.56 18.90 -36.59
CA ASN F 16 -22.78 18.12 -36.43
C ASN F 16 -23.28 18.19 -34.99
N ASN F 17 -22.40 18.62 -34.08
CA ASN F 17 -22.72 18.76 -32.66
C ASN F 17 -22.78 17.41 -31.97
N GLN F 18 -21.66 16.73 -31.92
CA GLN F 18 -21.56 15.42 -31.27
C GLN F 18 -20.15 15.20 -30.74
N LEU F 19 -20.06 14.54 -29.60
CA LEU F 19 -18.76 14.22 -29.02
C LEU F 19 -18.35 12.82 -29.45
N LEU F 20 -17.11 12.69 -29.90
CA LEU F 20 -16.61 11.41 -30.37
C LEU F 20 -15.94 10.64 -29.23
N VAL F 21 -16.67 9.67 -28.68
CA VAL F 21 -16.15 8.85 -27.62
C VAL F 21 -15.35 7.70 -28.21
N GLY F 22 -14.08 7.97 -28.50
CA GLY F 22 -13.22 6.96 -29.09
C GLY F 22 -12.41 6.23 -28.04
N ILE F 23 -12.95 5.12 -27.54
CA ILE F 23 -12.26 4.32 -26.55
C ILE F 23 -11.28 3.37 -27.23
N ILE F 24 -10.20 3.03 -26.55
CA ILE F 24 -9.18 2.15 -27.11
C ILE F 24 -9.51 0.70 -26.80
N GLN F 25 -9.63 0.39 -25.50
CA GLN F 25 -9.93 -0.96 -25.06
C GLN F 25 -10.13 -1.02 -23.55
N ALA F 26 -10.54 -2.19 -23.06
CA ALA F 26 -10.75 -2.40 -21.64
C ALA F 26 -9.83 -3.50 -21.14
N ALA F 27 -9.26 -3.33 -19.96
CA ALA F 27 -8.35 -4.31 -19.41
C ALA F 27 -8.79 -4.78 -18.02
N GLU F 28 -8.58 -6.07 -17.75
CA GLU F 28 -8.90 -6.71 -16.47
C GLU F 28 -10.40 -6.71 -16.18
N LEU F 29 -11.19 -7.25 -17.10
CA LEU F 29 -12.63 -7.32 -16.92
C LEU F 29 -13.03 -8.59 -16.15
N PRO F 30 -13.96 -8.45 -15.18
CA PRO F 30 -14.45 -9.59 -14.37
C PRO F 30 -15.12 -10.68 -15.20
N ALA F 31 -15.18 -11.89 -14.66
CA ALA F 31 -15.78 -13.03 -15.35
C ALA F 31 -17.25 -13.19 -14.99
N LEU F 32 -18.00 -13.86 -15.87
CA LEU F 32 -19.42 -14.11 -15.66
C LEU F 32 -19.76 -15.56 -16.02
N ASP F 33 -19.43 -15.94 -17.24
CA ASP F 33 -19.65 -17.31 -17.73
C ASP F 33 -18.76 -18.29 -16.98
N MET F 34 -19.13 -19.57 -16.95
CA MET F 34 -18.34 -20.59 -16.24
C MET F 34 -17.03 -20.86 -16.96
N GLY F 35 -15.93 -20.75 -16.23
CA GLY F 35 -14.62 -20.97 -16.81
C GLY F 35 -13.64 -19.87 -16.44
N GLY F 36 -13.97 -18.64 -16.80
CA GLY F 36 -13.11 -17.52 -16.48
C GLY F 36 -13.15 -16.41 -17.51
N THR F 37 -14.22 -16.36 -18.30
CA THR F 37 -14.35 -15.33 -19.32
C THR F 37 -15.81 -14.90 -19.48
N SER F 38 -16.03 -13.70 -20.03
CA SER F 38 -17.37 -13.18 -20.23
C SER F 38 -17.52 -12.60 -21.64
N ASP F 39 -18.73 -12.16 -21.95
CA ASP F 39 -19.01 -11.54 -23.25
C ASP F 39 -19.37 -10.07 -23.02
N PRO F 40 -18.40 -9.29 -22.51
CA PRO F 40 -18.63 -7.88 -22.17
C PRO F 40 -18.74 -6.94 -23.38
N TYR F 41 -19.85 -6.20 -23.41
CA TYR F 41 -20.09 -5.22 -24.43
C TYR F 41 -20.51 -3.92 -23.74
N VAL F 42 -19.90 -2.81 -24.13
CA VAL F 42 -20.20 -1.52 -23.51
C VAL F 42 -21.50 -0.93 -24.06
N LYS F 43 -22.44 -0.67 -23.16
CA LYS F 43 -23.71 -0.08 -23.54
C LYS F 43 -23.72 1.38 -23.11
N VAL F 44 -23.49 2.27 -24.06
CA VAL F 44 -23.44 3.70 -23.78
C VAL F 44 -24.82 4.23 -23.40
N PHE F 45 -24.92 4.75 -22.18
CA PHE F 45 -26.18 5.30 -21.68
C PHE F 45 -25.98 6.74 -21.22
N LEU F 46 -27.08 7.43 -20.96
CA LEU F 46 -27.03 8.81 -20.52
C LEU F 46 -28.01 9.06 -19.39
N LEU F 47 -27.75 10.12 -18.62
CA LEU F 47 -28.62 10.51 -17.52
C LEU F 47 -30.01 10.87 -18.07
N PRO F 48 -30.94 11.39 -17.22
CA PRO F 48 -32.28 11.79 -17.62
C PRO F 48 -32.40 12.12 -19.10
N ASP F 49 -31.44 12.89 -19.62
CA ASP F 49 -31.42 13.25 -21.04
C ASP F 49 -31.87 12.07 -21.90
N LYS F 50 -31.25 10.92 -21.66
CA LYS F 50 -31.56 9.66 -22.35
C LYS F 50 -31.72 9.83 -23.88
N LYS F 51 -31.04 10.80 -24.47
CA LYS F 51 -31.13 11.01 -25.91
C LYS F 51 -29.97 10.33 -26.63
N LYS F 52 -29.84 9.03 -26.43
CA LYS F 52 -28.78 8.23 -27.04
C LYS F 52 -28.73 6.85 -26.43
N LYS F 53 -28.57 5.84 -27.27
CA LYS F 53 -28.51 4.46 -26.83
C LYS F 53 -27.84 3.60 -27.90
N PHE F 54 -26.62 3.15 -27.64
CA PHE F 54 -25.88 2.34 -28.59
C PHE F 54 -25.37 1.06 -27.95
N GLU F 55 -25.46 -0.04 -28.69
CA GLU F 55 -25.01 -1.33 -28.22
C GLU F 55 -23.78 -1.78 -29.01
N THR F 56 -22.68 -2.03 -28.32
CA THR F 56 -21.46 -2.45 -28.98
C THR F 56 -21.54 -3.90 -29.43
N LYS F 57 -20.55 -4.34 -30.20
CA LYS F 57 -20.53 -5.71 -30.69
C LYS F 57 -20.14 -6.67 -29.58
N VAL F 58 -20.98 -7.65 -29.31
CA VAL F 58 -20.68 -8.64 -28.29
C VAL F 58 -19.28 -9.19 -28.49
N HIS F 59 -18.52 -9.28 -27.40
CA HIS F 59 -17.17 -9.81 -27.45
C HIS F 59 -17.14 -11.14 -26.71
N ARG F 60 -17.39 -12.20 -27.46
CA ARG F 60 -17.45 -13.56 -26.90
C ARG F 60 -16.20 -13.94 -26.11
N LYS F 61 -16.43 -14.37 -24.88
CA LYS F 61 -15.38 -14.83 -23.96
C LYS F 61 -14.08 -14.04 -24.09
N THR F 62 -14.07 -12.83 -23.53
CA THR F 62 -12.88 -11.98 -23.58
C THR F 62 -12.92 -10.94 -22.46
N LEU F 63 -11.83 -10.86 -21.70
CA LEU F 63 -11.73 -9.91 -20.59
C LEU F 63 -10.77 -8.77 -20.93
N ASN F 64 -10.28 -8.77 -22.16
CA ASN F 64 -9.37 -7.73 -22.63
C ASN F 64 -9.51 -7.57 -24.14
N PRO F 65 -10.75 -7.31 -24.62
CA PRO F 65 -11.03 -7.17 -26.04
C PRO F 65 -10.79 -5.76 -26.57
N VAL F 66 -10.43 -5.69 -27.85
CA VAL F 66 -10.19 -4.43 -28.53
C VAL F 66 -11.16 -4.28 -29.69
N PHE F 67 -11.58 -3.06 -29.97
CA PHE F 67 -12.53 -2.83 -31.06
C PHE F 67 -12.57 -1.35 -31.44
N ASN F 68 -12.72 -0.49 -30.43
CA ASN F 68 -12.77 0.95 -30.65
C ASN F 68 -14.06 1.33 -31.36
N GLU F 69 -15.17 1.24 -30.64
CA GLU F 69 -16.47 1.59 -31.20
C GLU F 69 -16.66 3.11 -31.19
N GLN F 70 -17.44 3.60 -32.14
CA GLN F 70 -17.68 5.03 -32.27
C GLN F 70 -19.03 5.41 -31.67
N PHE F 71 -19.00 6.04 -30.50
CA PHE F 71 -20.22 6.48 -29.83
C PHE F 71 -20.46 7.96 -30.09
N THR F 72 -21.61 8.26 -30.68
CA THR F 72 -21.98 9.64 -30.99
C THR F 72 -22.82 10.23 -29.86
N PHE F 73 -22.21 11.12 -29.09
CA PHE F 73 -22.90 11.79 -27.99
C PHE F 73 -23.87 12.83 -28.54
N LYS F 74 -25.05 12.37 -28.94
CA LYS F 74 -26.08 13.23 -29.49
C LYS F 74 -26.55 14.29 -28.48
N VAL F 75 -25.92 15.44 -28.51
CA VAL F 75 -26.24 16.56 -27.64
C VAL F 75 -25.33 17.75 -27.94
N PRO F 76 -25.91 18.94 -28.14
CA PRO F 76 -25.14 20.13 -28.44
C PRO F 76 -24.07 20.42 -27.39
N TYR F 77 -22.87 20.75 -27.84
CA TYR F 77 -21.76 21.06 -26.93
C TYR F 77 -22.23 22.00 -25.81
N SER F 78 -23.03 22.99 -26.18
CA SER F 78 -23.56 23.97 -25.25
C SER F 78 -24.47 23.31 -24.19
N GLU F 79 -25.03 22.15 -24.53
CA GLU F 79 -25.92 21.43 -23.64
C GLU F 79 -25.14 20.41 -22.79
N LEU F 80 -24.03 19.91 -23.33
CA LEU F 80 -23.19 18.92 -22.65
C LEU F 80 -22.99 19.27 -21.17
N GLY F 81 -22.89 20.56 -20.87
CA GLY F 81 -22.68 21.01 -19.50
C GLY F 81 -23.64 20.35 -18.52
N GLY F 82 -24.87 20.09 -18.95
CA GLY F 82 -25.85 19.47 -18.07
C GLY F 82 -26.12 18.01 -18.41
N LYS F 83 -25.13 17.32 -18.97
CA LYS F 83 -25.32 15.91 -19.34
C LYS F 83 -24.12 15.05 -18.91
N THR F 84 -24.38 14.16 -17.96
CA THR F 84 -23.35 13.25 -17.47
C THR F 84 -23.44 11.92 -18.23
N LEU F 85 -22.46 11.63 -19.07
CA LEU F 85 -22.46 10.40 -19.84
C LEU F 85 -22.05 9.22 -18.95
N VAL F 86 -22.63 8.06 -19.20
CA VAL F 86 -22.32 6.88 -18.42
C VAL F 86 -22.06 5.68 -19.33
N MET F 87 -20.88 5.09 -19.18
CA MET F 87 -20.50 3.94 -19.98
C MET F 87 -20.53 2.68 -19.13
N ALA F 88 -21.50 1.82 -19.37
CA ALA F 88 -21.65 0.57 -18.63
C ALA F 88 -21.30 -0.61 -19.52
N VAL F 89 -20.46 -1.50 -19.03
CA VAL F 89 -20.08 -2.70 -19.78
C VAL F 89 -21.00 -3.85 -19.39
N TYR F 90 -21.79 -4.29 -20.36
CA TYR F 90 -22.74 -5.38 -20.14
C TYR F 90 -22.19 -6.69 -20.68
N ASP F 91 -22.48 -7.77 -19.97
CA ASP F 91 -22.03 -9.10 -20.40
C ASP F 91 -23.07 -9.74 -21.31
N PHE F 92 -22.65 -10.76 -22.05
CA PHE F 92 -23.54 -11.45 -22.97
C PHE F 92 -23.29 -12.96 -22.92
N ASP F 93 -23.15 -13.50 -21.71
CA ASP F 93 -22.91 -14.93 -21.51
C ASP F 93 -23.82 -15.77 -22.41
N ARG F 94 -25.06 -15.31 -22.58
CA ARG F 94 -26.07 -15.96 -23.44
C ARG F 94 -26.76 -17.13 -22.73
N PHE F 95 -26.72 -17.15 -21.41
CA PHE F 95 -27.36 -18.24 -20.67
C PHE F 95 -28.10 -17.70 -19.44
N SER F 96 -27.37 -17.04 -18.55
CA SER F 96 -27.92 -16.49 -17.33
C SER F 96 -28.34 -15.04 -17.54
N LYS F 97 -28.79 -14.38 -16.48
CA LYS F 97 -29.19 -12.99 -16.55
C LYS F 97 -27.96 -12.12 -16.74
N HIS F 98 -27.73 -11.66 -17.97
CA HIS F 98 -26.58 -10.81 -18.28
C HIS F 98 -26.41 -9.76 -17.19
N ASP F 99 -25.26 -9.76 -16.52
CA ASP F 99 -24.99 -8.81 -15.45
C ASP F 99 -24.07 -7.69 -15.91
N ILE F 100 -24.13 -6.56 -15.21
CA ILE F 100 -23.30 -5.40 -15.52
C ILE F 100 -22.00 -5.51 -14.75
N ILE F 101 -20.98 -6.11 -15.39
CA ILE F 101 -19.68 -6.30 -14.75
C ILE F 101 -19.13 -5.00 -14.19
N GLY F 102 -19.51 -3.86 -14.78
CA GLY F 102 -19.04 -2.59 -14.27
C GLY F 102 -19.39 -1.42 -15.17
N GLU F 103 -18.98 -0.22 -14.76
CA GLU F 103 -19.25 0.98 -15.53
C GLU F 103 -18.40 2.15 -15.03
N PHE F 104 -18.48 3.28 -15.72
CA PHE F 104 -17.75 4.48 -15.36
C PHE F 104 -18.46 5.71 -15.94
N LYS F 105 -18.26 6.87 -15.31
CA LYS F 105 -18.89 8.11 -15.76
C LYS F 105 -18.09 9.31 -15.30
N VAL F 106 -18.33 10.46 -15.92
CA VAL F 106 -17.63 11.69 -15.58
C VAL F 106 -18.49 12.91 -15.91
N PRO F 107 -18.53 13.90 -15.01
CA PRO F 107 -19.30 15.14 -15.21
C PRO F 107 -18.73 15.95 -16.37
N MET F 108 -19.39 15.85 -17.53
CA MET F 108 -18.96 16.55 -18.73
C MET F 108 -18.69 18.04 -18.47
N ASN F 109 -19.51 18.67 -17.64
CA ASN F 109 -19.32 20.10 -17.33
C ASN F 109 -17.90 20.35 -16.84
N THR F 110 -17.33 19.40 -16.10
CA THR F 110 -15.98 19.52 -15.59
C THR F 110 -14.94 19.10 -16.64
N VAL F 111 -15.42 18.55 -17.76
CA VAL F 111 -14.55 18.11 -18.83
C VAL F 111 -14.36 19.22 -19.85
N ASP F 112 -13.39 20.09 -19.58
CA ASP F 112 -13.09 21.21 -20.47
C ASP F 112 -12.62 20.70 -21.82
N PHE F 113 -13.54 20.65 -22.77
CA PHE F 113 -13.23 20.18 -24.12
C PHE F 113 -12.33 21.18 -24.86
N GLY F 114 -11.11 21.32 -24.37
CA GLY F 114 -10.15 22.21 -24.99
C GLY F 114 -9.62 21.66 -26.31
N HIS F 115 -9.34 20.36 -26.33
CA HIS F 115 -8.84 19.70 -27.53
C HIS F 115 -9.29 18.24 -27.54
N VAL F 116 -8.58 17.41 -26.76
CA VAL F 116 -8.89 15.99 -26.66
C VAL F 116 -8.68 15.51 -25.23
N THR F 117 -9.67 14.81 -24.71
CA THR F 117 -9.61 14.29 -23.35
C THR F 117 -9.15 12.83 -23.36
N GLU F 118 -7.86 12.63 -23.23
CA GLU F 118 -7.27 11.30 -23.20
C GLU F 118 -6.79 10.98 -21.80
N GLU F 119 -7.17 9.81 -21.27
CA GLU F 119 -6.76 9.42 -19.92
C GLU F 119 -7.04 7.95 -19.68
N TRP F 120 -6.37 7.39 -18.68
CA TRP F 120 -6.56 5.99 -18.32
C TRP F 120 -7.67 5.89 -17.27
N ARG F 121 -8.89 5.77 -17.75
CA ARG F 121 -10.07 5.71 -16.88
C ARG F 121 -10.09 4.42 -16.05
N ASP F 122 -10.41 4.58 -14.78
CA ASP F 122 -10.51 3.46 -13.85
C ASP F 122 -11.91 2.87 -13.94
N LEU F 123 -12.01 1.55 -13.91
CA LEU F 123 -13.30 0.87 -14.00
C LEU F 123 -13.76 0.36 -12.64
N GLN F 124 -15.04 0.52 -12.36
CA GLN F 124 -15.62 0.06 -11.09
C GLN F 124 -16.84 -0.83 -11.34
N SER F 125 -16.97 -1.87 -10.52
CA SER F 125 -18.08 -2.80 -10.66
C SER F 125 -19.35 -2.25 -9.99
N ALA F 126 -20.11 -1.47 -10.74
CA ALA F 126 -21.35 -0.90 -10.24
C ALA F 126 -22.44 -1.96 -10.22
N GLU F 127 -22.76 -2.44 -9.02
CA GLU F 127 -23.79 -3.46 -8.82
C GLU F 127 -25.18 -2.85 -9.07
N LYS F 128 -25.38 -2.33 -10.27
CA LYS F 128 -26.65 -1.71 -10.62
C LYS F 128 -27.24 -2.42 -11.84
N GLU A 1 15.30 -3.92 6.26
CA GLU A 1 15.64 -3.79 7.70
C GLU A 1 14.67 -2.83 8.40
N LYS A 2 14.10 -3.28 9.50
CA LYS A 2 13.15 -2.46 10.26
C LYS A 2 13.40 -2.56 11.75
N LEU A 3 13.34 -1.42 12.43
CA LEU A 3 13.53 -1.37 13.88
C LEU A 3 12.38 -0.60 14.56
N GLY A 4 11.39 -0.21 13.76
CA GLY A 4 10.25 0.52 14.30
C GLY A 4 10.36 2.02 14.05
N LYS A 5 10.08 2.83 15.07
CA LYS A 5 10.18 4.28 14.95
C LYS A 5 10.64 4.92 16.25
N LEU A 6 11.28 6.06 16.13
CA LEU A 6 11.78 6.79 17.29
C LEU A 6 11.48 8.28 17.14
N GLN A 7 10.79 8.83 18.12
CA GLN A 7 10.44 10.24 18.09
C GLN A 7 11.52 11.04 18.79
N TYR A 8 11.93 12.18 18.22
CA TYR A 8 12.98 12.99 18.83
C TYR A 8 12.88 14.46 18.46
N SER A 9 13.46 15.29 19.33
CA SER A 9 13.49 16.73 19.17
C SER A 9 14.90 17.22 19.46
N LEU A 10 15.66 17.53 18.42
CA LEU A 10 17.05 17.95 18.58
C LEU A 10 17.20 19.46 18.46
N ASP A 11 17.84 20.08 19.45
CA ASP A 11 18.08 21.52 19.45
C ASP A 11 19.59 21.79 19.52
N TYR A 12 20.01 23.02 19.23
CA TYR A 12 21.42 23.34 19.22
C TYR A 12 21.80 24.39 20.26
N ASP A 13 23.00 24.26 20.82
CA ASP A 13 23.52 25.21 21.80
C ASP A 13 24.75 25.91 21.22
N PHE A 14 24.70 27.24 21.19
CA PHE A 14 25.80 28.03 20.63
C PHE A 14 26.67 28.67 21.72
N GLN A 15 26.47 28.25 22.97
CA GLN A 15 27.25 28.76 24.09
C GLN A 15 28.37 27.80 24.45
N ASN A 16 28.01 26.52 24.55
CA ASN A 16 28.97 25.47 24.87
C ASN A 16 29.40 24.72 23.59
N ASN A 17 28.61 24.89 22.53
CA ASN A 17 28.87 24.26 21.23
C ASN A 17 28.55 22.78 21.26
N GLN A 18 27.27 22.47 21.45
CA GLN A 18 26.81 21.09 21.49
C GLN A 18 25.36 21.01 21.01
N LEU A 19 25.03 19.94 20.31
CA LEU A 19 23.66 19.74 19.84
C LEU A 19 22.92 18.86 20.85
N LEU A 20 21.71 19.28 21.21
CA LEU A 20 20.92 18.54 22.18
C LEU A 20 20.02 17.53 21.50
N VAL A 21 20.43 16.27 21.51
CA VAL A 21 19.66 15.21 20.90
C VAL A 21 18.62 14.72 21.91
N GLY A 22 17.49 15.42 21.95
CA GLY A 22 16.43 15.06 22.86
C GLY A 22 15.39 14.16 22.22
N ILE A 23 15.60 12.86 22.34
CA ILE A 23 14.66 11.88 21.78
C ILE A 23 13.51 11.65 22.76
N ILE A 24 12.34 11.33 22.23
CA ILE A 24 11.17 11.11 23.05
C ILE A 24 11.07 9.65 23.48
N GLN A 25 11.05 8.75 22.50
CA GLN A 25 10.95 7.32 22.77
C GLN A 25 11.04 6.52 21.47
N ALA A 26 11.11 5.20 21.61
CA ALA A 26 11.18 4.30 20.47
C ALA A 26 9.97 3.37 20.49
N ALA A 27 9.41 3.10 19.31
CA ALA A 27 8.24 2.25 19.21
C ALA A 27 8.46 1.08 18.24
N GLU A 28 7.89 -0.08 18.58
CA GLU A 28 7.98 -1.29 17.75
C GLU A 28 9.42 -1.76 17.56
N LEU A 29 10.00 -2.34 18.60
CA LEU A 29 11.38 -2.82 18.53
C LEU A 29 11.42 -4.36 18.47
N PRO A 30 12.40 -4.93 17.74
CA PRO A 30 12.55 -6.39 17.63
C PRO A 30 12.88 -7.03 18.98
N ALA A 31 12.51 -8.31 19.12
CA ALA A 31 12.75 -9.03 20.38
C ALA A 31 14.09 -9.76 20.38
N LEU A 32 14.65 -9.94 21.57
CA LEU A 32 15.92 -10.63 21.76
C LEU A 32 15.78 -11.69 22.85
N ASP A 33 15.29 -11.27 24.01
CA ASP A 33 15.07 -12.18 25.14
C ASP A 33 13.93 -13.13 24.82
N MET A 34 13.87 -14.27 25.52
CA MET A 34 12.82 -15.25 25.29
C MET A 34 11.52 -14.83 25.98
N GLY A 35 10.58 -14.32 25.19
CA GLY A 35 9.31 -13.88 25.74
C GLY A 35 8.67 -12.82 24.86
N GLY A 36 9.32 -12.51 23.74
CA GLY A 36 8.79 -11.51 22.83
C GLY A 36 9.13 -10.10 23.24
N THR A 37 10.15 -9.96 24.08
CA THR A 37 10.59 -8.64 24.57
C THR A 37 12.11 -8.57 24.68
N SER A 38 12.64 -7.35 24.75
CA SER A 38 14.08 -7.16 24.87
C SER A 38 14.40 -6.03 25.83
N ASP A 39 15.69 -5.81 26.08
CA ASP A 39 16.14 -4.74 26.97
C ASP A 39 16.90 -3.72 26.12
N PRO A 40 16.20 -3.05 25.17
CA PRO A 40 16.83 -2.10 24.25
C PRO A 40 17.21 -0.77 24.87
N TYR A 41 18.48 -0.41 24.70
CA TYR A 41 19.00 0.85 25.17
C TYR A 41 19.77 1.50 24.01
N VAL A 42 19.51 2.76 23.75
CA VAL A 42 20.17 3.46 22.65
C VAL A 42 21.58 3.89 23.03
N LYS A 43 22.55 3.43 22.25
CA LYS A 43 23.95 3.78 22.48
C LYS A 43 24.36 4.79 21.42
N VAL A 44 24.41 6.06 21.80
CA VAL A 44 24.77 7.13 20.89
C VAL A 44 26.24 7.04 20.49
N PHE A 45 26.49 6.85 19.20
CA PHE A 45 27.84 6.75 18.68
C PHE A 45 28.06 7.78 17.58
N LEU A 46 29.32 7.94 17.17
CA LEU A 46 29.66 8.90 16.14
C LEU A 46 30.67 8.30 15.16
N LEU A 47 30.72 8.88 13.96
CA LEU A 47 31.66 8.45 12.93
C LEU A 47 33.10 8.66 13.44
N PRO A 48 34.14 8.45 12.59
CA PRO A 48 35.55 8.64 12.93
C PRO A 48 35.76 9.61 14.09
N ASP A 49 35.06 10.74 14.05
CA ASP A 49 35.14 11.75 15.11
C ASP A 49 35.24 11.07 16.48
N LYS A 50 34.31 10.14 16.72
CA LYS A 50 34.25 9.36 17.96
C LYS A 50 34.46 10.20 19.23
N LYS A 51 34.10 11.47 19.20
CA LYS A 51 34.24 12.33 20.38
C LYS A 51 32.95 12.41 21.16
N LYS A 52 32.44 11.25 21.57
CA LYS A 52 31.20 11.16 22.33
C LYS A 52 30.75 9.71 22.44
N LYS A 53 30.32 9.33 23.63
CA LYS A 53 29.85 7.97 23.88
C LYS A 53 28.97 7.95 25.13
N PHE A 54 27.67 7.75 24.94
CA PHE A 54 26.74 7.73 26.05
C PHE A 54 25.88 6.47 26.02
N GLU A 55 25.64 5.90 27.19
CA GLU A 55 24.84 4.69 27.33
C GLU A 55 23.55 5.03 28.06
N THR A 56 22.41 4.76 27.42
CA THR A 56 21.12 5.04 28.02
C THR A 56 20.79 4.02 29.12
N LYS A 57 19.72 4.28 29.86
CA LYS A 57 19.31 3.38 30.93
C LYS A 57 18.64 2.15 30.36
N VAL A 58 19.17 0.98 30.70
CA VAL A 58 18.60 -0.28 30.22
C VAL A 58 17.09 -0.29 30.46
N HIS A 59 16.34 -0.69 29.45
CA HIS A 59 14.89 -0.77 29.55
C HIS A 59 14.48 -2.23 29.53
N ARG A 60 14.42 -2.83 30.71
CA ARG A 60 14.08 -4.24 30.87
C ARG A 60 12.77 -4.64 30.20
N LYS A 61 12.86 -5.65 29.35
CA LYS A 61 11.72 -6.22 28.62
C LYS A 61 10.71 -5.16 28.19
N THR A 62 11.04 -4.42 27.13
CA THR A 62 10.15 -3.40 26.62
C THR A 62 10.48 -3.07 25.16
N LEU A 63 9.46 -3.11 24.30
CA LEU A 63 9.64 -2.82 22.87
C LEU A 63 9.07 -1.46 22.51
N ASN A 64 8.57 -0.74 23.51
CA ASN A 64 7.99 0.58 23.30
C ASN A 64 8.18 1.42 24.57
N PRO A 65 9.44 1.56 25.02
CA PRO A 65 9.75 2.31 26.23
C PRO A 65 9.93 3.81 26.01
N VAL A 66 9.61 4.58 27.03
CA VAL A 66 9.73 6.02 26.99
C VAL A 66 10.72 6.47 28.06
N PHE A 67 11.47 7.53 27.80
CA PHE A 67 12.44 8.02 28.76
C PHE A 67 12.91 9.42 28.41
N ASN A 68 13.28 9.61 27.15
CA ASN A 68 13.75 10.91 26.67
C ASN A 68 15.10 11.25 27.28
N GLU A 69 16.14 10.55 26.84
CA GLU A 69 17.49 10.79 27.34
C GLU A 69 18.10 12.01 26.65
N GLN A 70 18.99 12.69 27.35
CA GLN A 70 19.63 13.89 26.82
C GLN A 70 21.03 13.57 26.29
N PHE A 71 21.17 13.54 24.97
CA PHE A 71 22.45 13.27 24.35
C PHE A 71 23.11 14.57 23.92
N THR A 72 24.30 14.83 24.44
CA THR A 72 25.05 16.03 24.12
C THR A 72 26.03 15.77 22.97
N PHE A 73 25.68 16.29 21.79
CA PHE A 73 26.53 16.13 20.62
C PHE A 73 27.75 17.03 20.74
N LYS A 74 28.76 16.53 21.46
CA LYS A 74 30.00 17.27 21.68
C LYS A 74 30.74 17.54 20.36
N VAL A 75 30.46 18.69 19.76
CA VAL A 75 31.09 19.10 18.51
C VAL A 75 30.56 20.47 18.09
N PRO A 76 31.45 21.42 17.78
CA PRO A 76 31.04 22.76 17.37
C PRO A 76 30.10 22.75 16.18
N TYR A 77 29.04 23.56 16.25
CA TYR A 77 28.06 23.63 15.16
C TYR A 77 28.76 23.75 13.81
N SER A 78 29.82 24.56 13.78
CA SER A 78 30.61 24.78 12.58
C SER A 78 31.28 23.50 12.09
N GLU A 79 31.50 22.56 13.01
CA GLU A 79 32.14 21.29 12.69
C GLU A 79 31.11 20.22 12.32
N LEU A 80 29.89 20.35 12.89
CA LEU A 80 28.81 19.40 12.64
C LEU A 80 28.71 19.01 11.16
N GLY A 81 28.97 19.97 10.27
CA GLY A 81 28.90 19.72 8.84
C GLY A 81 29.62 18.45 8.42
N GLY A 82 30.73 18.13 9.09
CA GLY A 82 31.49 16.95 8.75
C GLY A 82 31.34 15.83 9.77
N LYS A 83 30.20 15.76 10.45
CA LYS A 83 29.98 14.73 11.46
C LYS A 83 28.59 14.10 11.33
N THR A 84 28.57 12.83 10.95
CA THR A 84 27.32 12.08 10.82
C THR A 84 27.04 11.32 12.11
N LEU A 85 26.02 11.74 12.85
CA LEU A 85 25.67 11.08 14.10
C LEU A 85 24.94 9.77 13.82
N VAL A 86 25.17 8.78 14.66
CA VAL A 86 24.54 7.48 14.51
C VAL A 86 23.94 6.99 15.82
N MET A 87 22.65 6.71 15.81
CA MET A 87 21.96 6.24 17.00
C MET A 87 21.63 4.76 16.86
N ALA A 88 22.32 3.93 17.61
CA ALA A 88 22.09 2.49 17.57
C ALA A 88 21.44 2.02 18.85
N VAL A 89 20.38 1.24 18.73
CA VAL A 89 19.68 0.72 19.90
C VAL A 89 20.23 -0.67 20.23
N TYR A 90 20.86 -0.76 21.39
CA TYR A 90 21.47 -2.01 21.83
C TYR A 90 20.58 -2.71 22.85
N ASP A 91 20.53 -4.03 22.79
CA ASP A 91 19.74 -4.82 23.71
C ASP A 91 20.55 -5.16 24.96
N PHE A 92 19.87 -5.55 26.03
CA PHE A 92 20.53 -5.90 27.27
C PHE A 92 19.85 -7.13 27.91
N ASP A 93 19.55 -8.13 27.08
CA ASP A 93 18.92 -9.36 27.56
C ASP A 93 19.56 -9.85 28.86
N ARG A 94 20.88 -9.69 28.95
CA ARG A 94 21.67 -10.06 30.14
C ARG A 94 22.00 -11.56 30.18
N PHE A 95 21.95 -12.22 29.03
CA PHE A 95 22.25 -13.65 28.97
C PHE A 95 23.11 -13.99 27.76
N SER A 96 22.59 -13.68 26.58
CA SER A 96 23.28 -13.97 25.32
C SER A 96 24.09 -12.75 24.88
N LYS A 97 24.69 -12.84 23.70
CA LYS A 97 25.47 -11.74 23.17
C LYS A 97 24.54 -10.61 22.75
N HIS A 98 24.46 -9.57 23.58
CA HIS A 98 23.59 -8.42 23.29
C HIS A 98 23.73 -8.03 21.82
N ASP A 99 22.62 -8.07 21.10
CA ASP A 99 22.62 -7.74 19.68
C ASP A 99 22.09 -6.32 19.43
N ILE A 100 22.44 -5.77 18.27
CA ILE A 100 22.00 -4.45 17.88
C ILE A 100 20.67 -4.58 17.12
N ILE A 101 19.57 -4.49 17.87
CA ILE A 101 18.24 -4.61 17.27
C ILE A 101 18.04 -3.63 16.11
N GLY A 102 18.76 -2.50 16.13
CA GLY A 102 18.64 -1.55 15.06
C GLY A 102 19.35 -0.24 15.34
N GLU A 103 19.28 0.68 14.38
CA GLU A 103 19.94 1.98 14.52
C GLU A 103 19.41 2.98 13.48
N PHE A 104 19.86 4.21 13.59
CA PHE A 104 19.48 5.27 12.65
C PHE A 104 20.54 6.37 12.64
N LYS A 105 20.63 7.10 11.54
CA LYS A 105 21.62 8.17 11.40
C LYS A 105 21.16 9.21 10.38
N VAL A 106 21.76 10.39 10.42
CA VAL A 106 21.41 11.46 9.49
C VAL A 106 22.60 12.40 9.29
N PRO A 107 22.86 12.80 8.03
CA PRO A 107 23.95 13.71 7.69
C PRO A 107 23.73 15.09 8.31
N MET A 108 24.41 15.35 9.41
CA MET A 108 24.28 16.63 10.12
C MET A 108 24.42 17.83 9.18
N ASN A 109 25.33 17.75 8.22
CA ASN A 109 25.53 18.85 7.27
C ASN A 109 24.20 19.24 6.61
N THR A 110 23.35 18.26 6.36
CA THR A 110 22.05 18.51 5.75
C THR A 110 21.01 18.93 6.80
N VAL A 111 21.39 18.86 8.09
CA VAL A 111 20.51 19.22 9.18
C VAL A 111 20.72 20.69 9.54
N ASP A 112 20.02 21.56 8.84
CA ASP A 112 20.11 23.00 9.07
C ASP A 112 19.61 23.33 10.48
N PHE A 113 20.54 23.47 11.40
CA PHE A 113 20.21 23.79 12.80
C PHE A 113 19.68 25.22 12.92
N GLY A 114 18.52 25.47 12.33
CA GLY A 114 17.90 26.78 12.40
C GLY A 114 17.33 27.07 13.78
N HIS A 115 16.70 26.07 14.37
CA HIS A 115 16.13 26.21 15.71
C HIS A 115 16.14 24.85 16.43
N VAL A 116 15.17 24.00 16.07
CA VAL A 116 15.06 22.67 16.67
C VAL A 116 14.62 21.66 15.61
N THR A 117 15.33 20.55 15.55
CA THR A 117 15.03 19.50 14.59
C THR A 117 14.19 18.41 15.23
N GLU A 118 12.87 18.55 15.11
CA GLU A 118 11.93 17.58 15.67
C GLU A 118 11.28 16.80 14.54
N GLU A 119 11.23 15.48 14.67
CA GLU A 119 10.63 14.62 13.65
C GLU A 119 10.46 13.19 14.15
N TRP A 120 9.64 12.42 13.44
CA TRP A 120 9.39 11.03 13.78
C TRP A 120 10.34 10.13 13.00
N ARG A 121 11.56 9.99 13.52
CA ARG A 121 12.59 9.21 12.88
C ARG A 121 12.22 7.72 12.78
N ASP A 122 12.47 7.16 11.60
CA ASP A 122 12.22 5.75 11.34
C ASP A 122 13.42 4.93 11.79
N LEU A 123 13.15 3.79 12.40
CA LEU A 123 14.22 2.93 12.90
C LEU A 123 14.43 1.72 11.99
N GLN A 124 15.69 1.36 11.75
CA GLN A 124 16.03 0.23 10.89
C GLN A 124 16.97 -0.72 11.63
N SER A 125 16.78 -2.02 11.40
CA SER A 125 17.59 -3.05 12.02
C SER A 125 18.93 -3.21 11.30
N ALA A 126 19.73 -2.14 11.28
CA ALA A 126 21.03 -2.19 10.62
C ALA A 126 22.03 -2.92 11.51
N GLU A 127 22.35 -4.16 11.14
CA GLU A 127 23.28 -4.97 11.93
C GLU A 127 24.72 -4.50 11.74
N LYS A 128 25.01 -3.34 12.31
CA LYS A 128 26.33 -2.73 12.21
C LYS A 128 26.97 -2.62 13.58
N TYR B 1 34.08 14.71 -21.00
CA TYR B 1 34.93 15.20 -19.89
C TYR B 1 35.00 14.16 -18.77
N LYS B 2 35.60 13.01 -19.06
CA LYS B 2 35.72 11.93 -18.08
C LYS B 2 36.28 12.47 -16.76
N LYS B 3 35.41 12.54 -15.76
CA LYS B 3 35.79 13.04 -14.44
C LYS B 3 34.82 12.50 -13.39
N PRO B 4 34.93 12.97 -12.11
CA PRO B 4 34.08 12.56 -11.01
C PRO B 4 32.76 11.92 -11.44
N LYS B 5 32.68 10.60 -11.30
CA LYS B 5 31.48 9.86 -11.66
C LYS B 5 30.63 9.63 -10.41
N LEU B 6 29.54 10.36 -10.30
CA LEU B 6 28.63 10.24 -9.15
C LEU B 6 27.68 9.06 -9.36
N LEU B 7 27.50 8.25 -8.32
CA LEU B 7 26.61 7.10 -8.40
C LEU B 7 25.89 6.88 -7.07
N TYR B 8 24.60 6.59 -7.16
CA TYR B 8 23.78 6.34 -5.96
C TYR B 8 22.53 5.54 -6.34
N CYS B 9 21.76 5.11 -5.36
CA CYS B 9 20.56 4.34 -5.63
C CYS B 9 19.48 4.61 -4.58
N SER B 10 18.25 4.19 -4.89
CA SER B 10 17.10 4.36 -4.01
C SER B 10 16.63 5.81 -4.07
N ASN B 11 15.39 6.00 -4.46
CA ASN B 11 14.82 7.34 -4.57
C ASN B 11 15.06 8.13 -3.27
N GLY B 12 15.65 9.30 -3.40
CA GLY B 12 15.93 10.13 -2.25
C GLY B 12 17.33 10.70 -2.28
N GLY B 13 17.45 11.96 -1.92
CA GLY B 13 18.74 12.61 -1.92
C GLY B 13 19.76 11.87 -1.07
N HIS B 14 20.68 11.18 -1.75
CA HIS B 14 21.74 10.42 -1.08
C HIS B 14 22.81 10.04 -2.09
N PHE B 15 24.05 10.47 -1.84
CA PHE B 15 25.16 10.18 -2.75
C PHE B 15 26.23 9.34 -2.05
N LEU B 16 26.92 8.52 -2.81
CA LEU B 16 27.97 7.66 -2.27
C LEU B 16 29.21 8.49 -1.93
N ARG B 17 29.38 8.82 -0.66
CA ARG B 17 30.52 9.61 -0.22
C ARG B 17 31.63 8.69 0.27
N ILE B 18 32.69 8.58 -0.52
CA ILE B 18 33.81 7.73 -0.19
C ILE B 18 34.86 8.47 0.64
N LEU B 19 35.45 7.76 1.59
CA LEU B 19 36.48 8.33 2.45
C LEU B 19 37.69 7.39 2.49
N PRO B 20 38.91 7.95 2.48
CA PRO B 20 40.16 7.17 2.50
C PRO B 20 40.12 6.05 3.55
N ASP B 21 39.37 6.30 4.63
CA ASP B 21 39.22 5.33 5.71
C ASP B 21 38.62 4.02 5.19
N GLY B 22 37.60 4.15 4.34
CA GLY B 22 36.93 2.99 3.79
C GLY B 22 35.43 3.02 4.06
N THR B 23 35.03 3.58 5.18
CA THR B 23 33.62 3.66 5.54
C THR B 23 32.88 4.67 4.66
N VAL B 24 32.44 4.20 3.49
CA VAL B 24 31.70 5.03 2.56
C VAL B 24 30.20 4.99 2.89
N ASP B 25 29.58 6.16 2.95
CA ASP B 25 28.16 6.26 3.27
C ASP B 25 27.41 7.05 2.20
N GLY B 26 26.08 6.96 2.23
CA GLY B 26 25.25 7.65 1.26
C GLY B 26 24.95 9.09 1.69
N THR B 27 26.00 9.90 1.73
CA THR B 27 25.86 11.30 2.12
C THR B 27 25.08 12.08 1.06
N ARG B 28 24.07 12.82 1.48
CA ARG B 28 23.26 13.59 0.55
C ARG B 28 23.80 15.03 0.48
N ASP B 29 25.00 15.17 -0.07
CA ASP B 29 25.63 16.47 -0.20
C ASP B 29 26.53 16.51 -1.43
N ARG B 30 26.71 17.70 -1.99
CA ARG B 30 27.55 17.89 -3.17
C ARG B 30 28.44 19.11 -2.99
N SER B 31 28.69 19.48 -1.74
CA SER B 31 29.52 20.62 -1.41
C SER B 31 30.97 20.18 -1.22
N ASP B 32 31.15 19.05 -0.53
CA ASP B 32 32.48 18.51 -0.29
C ASP B 32 32.83 17.45 -1.33
N GLN B 33 33.98 17.63 -2.00
CA GLN B 33 34.40 16.68 -3.03
C GLN B 33 34.77 15.33 -2.43
N HIS B 34 33.76 14.55 -2.08
CA HIS B 34 33.98 13.21 -1.54
C HIS B 34 32.91 12.22 -1.99
N ILE B 35 32.16 12.59 -3.03
CA ILE B 35 31.09 11.74 -3.55
C ILE B 35 31.30 11.50 -5.05
N GLN B 36 32.54 11.24 -5.43
CA GLN B 36 32.87 11.01 -6.84
C GLN B 36 33.88 9.88 -6.98
N LEU B 37 33.61 8.97 -7.90
CA LEU B 37 34.49 7.84 -8.17
C LEU B 37 34.81 7.77 -9.66
N GLN B 38 35.94 7.19 -10.01
CA GLN B 38 36.33 7.08 -11.40
C GLN B 38 35.80 5.78 -12.00
N LEU B 39 34.49 5.75 -12.23
CA LEU B 39 33.84 4.59 -12.82
C LEU B 39 34.15 4.52 -14.31
N SER B 40 34.62 3.36 -14.76
CA SER B 40 34.95 3.15 -16.17
C SER B 40 34.99 1.67 -16.51
N ALA B 41 34.79 1.35 -17.78
CA ALA B 41 34.83 -0.03 -18.24
C ALA B 41 36.27 -0.43 -18.54
N GLU B 42 36.86 -1.20 -17.62
CA GLU B 42 38.25 -1.62 -17.77
C GLU B 42 38.35 -2.68 -18.88
N SER B 43 37.56 -3.73 -18.75
CA SER B 43 37.55 -4.81 -19.72
C SER B 43 36.17 -4.90 -20.39
N VAL B 44 36.04 -5.77 -21.38
CA VAL B 44 34.77 -5.93 -22.08
C VAL B 44 33.62 -6.22 -21.10
N GLY B 45 32.93 -5.16 -20.69
CA GLY B 45 31.83 -5.29 -19.77
C GLY B 45 32.25 -5.17 -18.31
N GLU B 46 33.55 -5.29 -18.04
CA GLU B 46 34.05 -5.21 -16.68
C GLU B 46 34.34 -3.76 -16.28
N VAL B 47 33.52 -3.22 -15.41
CA VAL B 47 33.68 -1.84 -14.95
C VAL B 47 34.26 -1.83 -13.54
N TYR B 48 35.14 -0.86 -13.27
CA TYR B 48 35.78 -0.74 -11.97
C TYR B 48 35.36 0.55 -11.28
N ILE B 49 35.29 0.49 -9.95
CA ILE B 49 34.91 1.64 -9.15
C ILE B 49 36.11 2.09 -8.31
N LYS B 50 36.76 3.16 -8.74
CA LYS B 50 37.92 3.67 -8.04
C LYS B 50 37.81 5.17 -7.81
N SER B 51 37.68 5.57 -6.56
CA SER B 51 37.58 6.97 -6.20
C SER B 51 38.98 7.61 -6.14
N THR B 52 39.67 7.57 -7.28
CA THR B 52 41.01 8.07 -7.38
C THR B 52 41.14 9.53 -6.92
N GLU B 53 40.57 10.44 -7.70
CA GLU B 53 40.65 11.87 -7.38
C GLU B 53 39.59 12.29 -6.36
N THR B 54 39.58 11.64 -5.19
CA THR B 54 38.62 11.98 -4.14
C THR B 54 38.71 11.04 -2.94
N GLY B 55 38.87 9.74 -3.18
CA GLY B 55 38.93 8.81 -2.08
C GLY B 55 39.93 7.68 -2.25
N GLN B 56 39.41 6.48 -2.44
CA GLN B 56 40.24 5.29 -2.56
C GLN B 56 39.64 4.29 -3.56
N TYR B 57 40.30 3.14 -3.68
CA TYR B 57 39.85 2.09 -4.57
C TYR B 57 38.95 1.12 -3.80
N LEU B 58 37.93 0.58 -4.46
CA LEU B 58 37.01 -0.34 -3.80
C LEU B 58 37.57 -1.76 -3.74
N ALA B 59 37.10 -2.51 -2.76
CA ALA B 59 37.52 -3.89 -2.56
C ALA B 59 36.48 -4.61 -1.70
N MET B 60 35.45 -5.10 -2.37
CA MET B 60 34.35 -5.80 -1.69
C MET B 60 34.85 -6.91 -0.78
N ASP B 61 34.17 -7.08 0.36
CA ASP B 61 34.53 -8.12 1.30
C ASP B 61 33.67 -9.34 1.02
N THR B 62 34.12 -10.14 0.05
CA THR B 62 33.39 -11.33 -0.34
C THR B 62 31.99 -10.97 -0.84
N ASP B 63 31.89 -9.80 -1.48
CA ASP B 63 30.60 -9.29 -1.98
C ASP B 63 29.69 -8.89 -0.82
N GLY B 64 29.50 -9.83 0.13
CA GLY B 64 28.68 -9.58 1.30
C GLY B 64 28.73 -8.14 1.78
N LEU B 65 29.93 -7.67 2.07
CA LEU B 65 30.12 -6.30 2.53
C LEU B 65 30.96 -5.53 1.52
N LEU B 66 30.52 -4.33 1.17
CA LEU B 66 31.22 -3.51 0.20
C LEU B 66 32.10 -2.49 0.91
N TYR B 67 33.37 -2.44 0.53
CA TYR B 67 34.32 -1.51 1.12
C TYR B 67 35.46 -1.21 0.14
N GLY B 68 36.35 -0.33 0.53
CA GLY B 68 37.48 0.02 -0.33
C GLY B 68 38.41 1.00 0.35
N SER B 69 39.71 0.86 0.08
CA SER B 69 40.71 1.74 0.68
C SER B 69 42.12 1.24 0.40
N GLN B 70 42.44 0.05 0.90
CA GLN B 70 43.78 -0.52 0.75
C GLN B 70 44.14 -0.78 -0.71
N THR B 71 43.52 -1.77 -1.33
CA THR B 71 43.84 -2.12 -2.72
C THR B 71 42.59 -2.53 -3.52
N PRO B 72 42.57 -2.21 -4.83
CA PRO B 72 41.46 -2.57 -5.71
C PRO B 72 41.50 -4.05 -6.09
N ASN B 73 41.20 -4.91 -5.14
CA ASN B 73 41.21 -6.35 -5.36
C ASN B 73 40.17 -6.75 -6.40
N GLU B 74 40.37 -7.91 -7.04
CA GLU B 74 39.44 -8.40 -8.06
C GLU B 74 37.99 -8.24 -7.62
N GLU B 75 37.75 -8.35 -6.31
CA GLU B 75 36.41 -8.15 -5.75
C GLU B 75 35.76 -6.88 -6.31
N CYS B 76 36.59 -5.91 -6.72
CA CYS B 76 36.10 -4.65 -7.25
C CYS B 76 35.75 -4.70 -8.74
N LEU B 77 35.86 -5.87 -9.38
CA LEU B 77 35.53 -5.98 -10.80
C LEU B 77 34.05 -6.34 -10.95
N PHE B 78 33.30 -5.48 -11.63
CA PHE B 78 31.87 -5.69 -11.83
C PHE B 78 31.48 -5.60 -13.30
N LEU B 79 30.50 -6.41 -13.69
CA LEU B 79 30.01 -6.40 -15.06
C LEU B 79 28.97 -5.28 -15.23
N GLU B 80 29.22 -4.42 -16.22
CA GLU B 80 28.32 -3.29 -16.47
C GLU B 80 27.03 -3.75 -17.14
N ARG B 81 25.90 -3.58 -16.45
CA ARG B 81 24.59 -3.96 -16.97
C ARG B 81 23.63 -2.79 -16.83
N LEU B 82 22.65 -2.69 -17.72
CA LEU B 82 21.68 -1.61 -17.69
C LEU B 82 20.26 -2.17 -17.60
N GLU B 83 19.42 -1.52 -16.79
CA GLU B 83 18.03 -1.94 -16.63
C GLU B 83 17.10 -0.90 -17.23
N GLU B 84 16.03 -1.36 -17.87
CA GLU B 84 15.05 -0.46 -18.48
C GLU B 84 14.21 0.22 -17.41
N ASN B 85 14.88 0.84 -16.46
CA ASN B 85 14.23 1.54 -15.35
C ASN B 85 15.02 2.80 -14.98
N HIS B 86 15.82 3.29 -15.93
CA HIS B 86 16.65 4.47 -15.70
C HIS B 86 17.64 4.25 -14.56
N TYR B 87 18.27 3.06 -14.56
CA TYR B 87 19.23 2.71 -13.53
C TYR B 87 20.33 1.80 -14.09
N ASN B 88 21.49 1.85 -13.47
CA ASN B 88 22.63 1.04 -13.87
C ASN B 88 22.78 -0.16 -12.96
N THR B 89 23.25 -1.27 -13.52
CA THR B 89 23.46 -2.49 -12.75
C THR B 89 24.90 -2.97 -12.92
N TYR B 90 25.51 -3.40 -11.83
CA TYR B 90 26.89 -3.87 -11.85
C TYR B 90 26.99 -5.24 -11.17
N ILE B 91 27.34 -6.26 -11.93
CA ILE B 91 27.44 -7.60 -11.40
C ILE B 91 28.86 -7.92 -10.95
N SER B 92 29.02 -8.17 -9.65
CA SER B 92 30.33 -8.52 -9.10
C SER B 92 30.74 -9.90 -9.58
N LYS B 93 31.25 -9.96 -10.81
CA LYS B 93 31.67 -11.23 -11.42
C LYS B 93 32.45 -12.08 -10.42
N LYS B 94 33.23 -11.43 -9.56
CA LYS B 94 34.01 -12.12 -8.54
C LYS B 94 33.11 -13.05 -7.71
N HIS B 95 31.83 -12.69 -7.58
CA HIS B 95 30.87 -13.51 -6.82
C HIS B 95 29.62 -13.82 -7.65
N ALA B 96 29.65 -13.52 -8.95
CA ALA B 96 28.52 -13.78 -9.83
C ALA B 96 28.07 -15.23 -9.69
N GLU B 97 29.02 -16.10 -9.40
CA GLU B 97 28.74 -17.53 -9.21
C GLU B 97 27.58 -17.74 -8.24
N LYS B 98 27.46 -16.86 -7.25
CA LYS B 98 26.39 -16.94 -6.26
C LYS B 98 25.24 -16.01 -6.63
N ASN B 99 25.25 -15.51 -7.88
CA ASN B 99 24.21 -14.60 -8.34
C ASN B 99 24.17 -13.35 -7.48
N TRP B 100 25.35 -12.93 -7.05
CA TRP B 100 25.50 -11.74 -6.20
C TRP B 100 26.07 -10.57 -7.00
N PHE B 101 25.35 -9.45 -6.98
CA PHE B 101 25.79 -8.27 -7.69
C PHE B 101 25.63 -7.01 -6.83
N VAL B 102 26.79 -6.36 -6.56
CA VAL B 102 26.93 -5.16 -5.72
C VAL B 102 25.61 -4.46 -5.41
N GLY B 103 25.34 -4.33 -4.11
CA GLY B 103 24.13 -3.66 -3.63
C GLY B 103 24.43 -2.82 -2.40
N LEU B 104 23.98 -1.57 -2.39
CA LEU B 104 24.23 -0.68 -1.26
C LEU B 104 22.94 -0.20 -0.61
N LYS B 105 23.05 0.26 0.64
CA LYS B 105 21.91 0.77 1.38
C LYS B 105 21.94 2.30 1.40
N LYS B 106 21.08 2.92 0.61
CA LYS B 106 20.99 4.38 0.52
C LYS B 106 21.11 5.05 1.88
N ASN B 107 20.42 4.50 2.88
CA ASN B 107 20.45 5.05 4.22
C ASN B 107 21.21 4.12 5.18
N GLY B 108 22.27 3.50 4.69
CA GLY B 108 23.05 2.60 5.51
C GLY B 108 24.52 2.54 5.11
N SER B 109 24.74 2.26 3.82
CA SER B 109 26.08 2.15 3.23
C SER B 109 26.10 0.97 2.26
N CYS B 110 27.21 0.78 1.57
CA CYS B 110 27.34 -0.30 0.61
C CYS B 110 27.76 -1.60 1.31
N LYS B 111 26.82 -2.49 1.54
CA LYS B 111 27.09 -3.77 2.19
C LYS B 111 25.81 -4.60 2.33
N ARG B 112 25.45 -5.24 1.23
CA ARG B 112 24.25 -6.06 1.19
C ARG B 112 24.45 -7.26 0.26
N GLY B 113 25.68 -7.80 0.23
CA GLY B 113 25.97 -8.96 -0.61
C GLY B 113 24.96 -10.09 -0.41
N PRO B 114 24.63 -10.52 0.83
CA PRO B 114 23.64 -11.59 1.03
C PRO B 114 22.28 -11.24 0.42
N ARG B 115 22.07 -9.96 0.14
CA ARG B 115 20.83 -9.47 -0.45
C ARG B 115 21.08 -8.80 -1.82
N THR B 116 22.10 -9.25 -2.55
CA THR B 116 22.42 -8.67 -3.86
C THR B 116 21.83 -9.48 -5.02
N HIS B 117 20.66 -10.05 -4.80
CA HIS B 117 19.99 -10.83 -5.83
C HIS B 117 18.71 -10.10 -6.24
N TYR B 118 17.72 -10.82 -6.76
CA TYR B 118 16.47 -10.19 -7.17
C TYR B 118 15.54 -10.04 -5.97
N GLY B 119 15.65 -8.89 -5.31
CA GLY B 119 14.83 -8.59 -4.14
C GLY B 119 15.00 -7.15 -3.71
N GLN B 120 16.26 -6.78 -3.46
CA GLN B 120 16.58 -5.41 -3.09
C GLN B 120 16.78 -4.59 -4.34
N LYS B 121 15.97 -3.55 -4.49
CA LYS B 121 16.02 -2.69 -5.68
C LYS B 121 17.24 -1.76 -5.64
N ALA B 122 17.82 -1.59 -4.45
CA ALA B 122 19.00 -0.74 -4.27
C ALA B 122 20.12 -1.10 -5.25
N ILE B 123 20.04 -2.27 -5.88
CA ILE B 123 21.05 -2.70 -6.84
C ILE B 123 20.96 -1.86 -8.13
N LEU B 124 19.81 -1.23 -8.35
CA LEU B 124 19.62 -0.38 -9.52
C LEU B 124 20.12 1.02 -9.22
N PHE B 125 21.40 1.25 -9.47
CA PHE B 125 22.02 2.53 -9.19
C PHE B 125 21.72 3.56 -10.28
N LEU B 126 21.64 4.83 -9.86
CA LEU B 126 21.39 5.93 -10.77
C LEU B 126 22.65 6.77 -10.89
N PRO B 127 23.33 6.68 -12.06
CA PRO B 127 24.57 7.41 -12.30
C PRO B 127 24.35 8.82 -12.84
N LEU B 128 25.19 9.74 -12.40
CA LEU B 128 25.15 11.13 -12.84
C LEU B 128 26.56 11.61 -13.23
N PRO B 129 27.28 10.81 -14.02
CA PRO B 129 28.64 11.14 -14.45
C PRO B 129 28.70 12.12 -15.61
N VAL B 130 29.80 12.87 -15.69
CA VAL B 130 29.99 13.83 -16.76
C VAL B 130 30.48 13.11 -18.02
N SER B 131 29.53 12.65 -18.82
CA SER B 131 29.85 11.95 -20.06
C SER B 131 30.46 12.89 -21.10
N SER B 132 30.83 12.32 -22.25
CA SER B 132 31.41 13.10 -23.33
C SER B 132 30.42 13.19 -24.50
N ASP B 133 29.31 13.87 -24.24
CA ASP B 133 28.25 14.03 -25.25
C ASP B 133 28.44 15.36 -25.99
N MET C 1 -2.53 8.50 -13.63
CA MET C 1 -2.00 7.98 -14.92
C MET C 1 -1.49 6.55 -14.74
N ALA C 2 -0.19 6.41 -14.49
CA ALA C 2 0.42 5.10 -14.26
C ALA C 2 0.40 4.82 -12.76
N ALA C 3 0.88 3.63 -12.36
CA ALA C 3 0.90 3.25 -10.96
C ALA C 3 -0.54 3.12 -10.50
N GLU C 4 -1.28 2.26 -11.19
CA GLU C 4 -2.69 2.03 -10.90
C GLU C 4 -2.88 1.12 -9.70
N PRO C 5 -3.76 1.53 -8.76
CA PRO C 5 -4.04 0.74 -7.56
C PRO C 5 -4.96 -0.44 -7.84
N LEU C 6 -4.54 -1.62 -7.40
CA LEU C 6 -5.33 -2.83 -7.61
C LEU C 6 -6.24 -3.07 -6.41
N THR C 7 -6.87 -4.24 -6.36
CA THR C 7 -7.75 -4.56 -5.25
C THR C 7 -6.92 -4.81 -3.99
N GLU C 8 -7.56 -4.71 -2.83
CA GLU C 8 -6.88 -4.89 -1.54
C GLU C 8 -6.23 -6.27 -1.42
N LEU C 9 -6.81 -7.25 -2.11
CA LEU C 9 -6.31 -8.62 -2.09
C LEU C 9 -5.04 -8.77 -2.94
N GLU C 10 -4.92 -7.96 -4.00
CA GLU C 10 -3.73 -7.98 -4.86
C GLU C 10 -2.57 -7.26 -4.15
N GLU C 11 -2.94 -6.17 -3.47
CA GLU C 11 -2.03 -5.37 -2.65
C GLU C 11 -1.37 -6.25 -1.59
N SER C 12 -2.21 -6.96 -0.82
CA SER C 12 -1.73 -7.72 0.32
C SER C 12 -0.96 -8.98 -0.08
N ILE C 13 -1.33 -9.71 -1.13
CA ILE C 13 -0.47 -10.81 -1.59
C ILE C 13 0.85 -10.25 -2.09
N GLU C 14 0.85 -9.13 -2.83
CA GLU C 14 2.11 -8.56 -3.28
C GLU C 14 3.01 -8.25 -2.09
N THR C 15 2.54 -7.44 -1.13
CA THR C 15 3.42 -6.98 -0.04
C THR C 15 4.11 -8.15 0.70
N VAL C 16 3.41 -9.28 0.90
CA VAL C 16 4.02 -10.46 1.49
C VAL C 16 4.91 -11.19 0.48
N VAL C 17 4.49 -11.28 -0.79
CA VAL C 17 5.29 -11.91 -1.84
C VAL C 17 6.64 -11.19 -2.01
N THR C 18 6.67 -9.86 -2.09
CA THR C 18 7.94 -9.15 -2.19
C THR C 18 8.83 -9.42 -0.96
N THR C 19 8.24 -9.39 0.25
CA THR C 19 8.99 -9.69 1.47
C THR C 19 9.57 -11.10 1.40
N PHE C 20 8.73 -12.10 1.11
CA PHE C 20 9.15 -13.45 0.80
C PHE C 20 10.34 -13.42 -0.15
N PHE C 21 10.17 -12.76 -1.29
CA PHE C 21 11.20 -12.69 -2.34
C PHE C 21 12.52 -12.08 -1.88
N THR C 22 12.49 -11.13 -0.95
CA THR C 22 13.72 -10.50 -0.47
C THR C 22 14.48 -11.42 0.51
N PHE C 23 13.97 -12.64 0.66
CA PHE C 23 14.58 -13.65 1.54
C PHE C 23 14.82 -14.95 0.75
N ALA C 24 13.95 -15.21 -0.23
CA ALA C 24 14.00 -16.40 -1.07
C ALA C 24 15.28 -16.41 -1.90
N ARG C 25 15.73 -15.23 -2.32
CA ARG C 25 16.90 -15.11 -3.17
C ARG C 25 18.22 -15.01 -2.40
N GLN C 26 18.16 -15.01 -1.06
CA GLN C 26 19.36 -14.89 -0.24
C GLN C 26 20.45 -15.87 -0.67
N GLU C 27 20.03 -17.08 -1.02
CA GLU C 27 20.95 -18.12 -1.46
C GLU C 27 20.46 -18.76 -2.77
N GLY C 28 20.92 -19.99 -3.00
CA GLY C 28 20.52 -20.76 -4.18
C GLY C 28 19.00 -20.85 -4.41
N ARG C 29 18.62 -20.54 -5.67
CA ARG C 29 17.21 -20.54 -6.11
C ARG C 29 16.39 -19.45 -5.40
N LYS C 30 15.94 -18.45 -6.17
CA LYS C 30 15.15 -17.36 -5.61
C LYS C 30 13.66 -17.70 -5.50
N ASP C 31 13.39 -18.90 -4.98
CA ASP C 31 12.02 -19.38 -4.77
C ASP C 31 12.02 -20.07 -3.41
N SER C 32 12.96 -20.99 -3.21
CA SER C 32 13.08 -21.75 -1.99
C SER C 32 13.83 -20.96 -0.93
N LEU C 33 13.31 -20.99 0.31
CA LEU C 33 14.07 -20.61 1.49
C LEU C 33 14.79 -21.87 1.97
N SER C 34 16.12 -21.86 2.05
CA SER C 34 16.82 -22.90 2.79
C SER C 34 16.83 -22.55 4.28
N VAL C 35 17.43 -23.42 5.10
CA VAL C 35 17.31 -23.37 6.56
C VAL C 35 17.61 -21.97 7.12
N ASN C 36 18.82 -21.44 6.84
CA ASN C 36 19.22 -20.10 7.31
C ASN C 36 18.22 -19.06 6.81
N GLU C 37 18.08 -19.01 5.48
CA GLU C 37 17.11 -18.19 4.77
C GLU C 37 15.76 -18.12 5.50
N PHE C 38 15.24 -19.30 5.85
CA PHE C 38 13.98 -19.42 6.53
C PHE C 38 14.07 -18.78 7.91
N LYS C 39 15.08 -19.18 8.69
CA LYS C 39 15.27 -18.64 10.03
C LYS C 39 15.37 -17.11 10.01
N GLU C 40 15.95 -16.55 8.95
CA GLU C 40 16.10 -15.10 8.81
C GLU C 40 14.76 -14.36 8.76
N LEU C 41 13.71 -14.99 8.21
CA LEU C 41 12.41 -14.35 8.12
C LEU C 41 11.88 -14.15 9.54
N VAL C 42 11.83 -15.25 10.29
CA VAL C 42 11.20 -15.27 11.60
C VAL C 42 12.01 -14.40 12.55
N THR C 43 13.31 -14.63 12.62
CA THR C 43 14.20 -13.90 13.52
C THR C 43 14.16 -12.37 13.33
N GLN C 44 13.89 -11.91 12.12
CA GLN C 44 13.87 -10.47 11.86
C GLN C 44 12.48 -9.83 11.95
N GLN C 45 11.57 -10.27 11.09
CA GLN C 45 10.22 -9.68 11.04
C GLN C 45 9.16 -10.46 11.80
N LEU C 46 9.54 -11.30 12.75
CA LEU C 46 8.54 -12.05 13.52
C LEU C 46 8.99 -12.33 14.95
N PRO C 47 8.95 -11.29 15.81
CA PRO C 47 9.36 -11.38 17.21
C PRO C 47 8.21 -11.59 18.19
N HIS C 48 6.97 -11.43 17.74
CA HIS C 48 5.82 -11.57 18.63
C HIS C 48 4.98 -12.81 18.29
N LEU C 49 4.47 -12.87 17.06
CA LEU C 49 3.64 -13.98 16.59
C LEU C 49 4.21 -15.34 17.02
N LEU C 50 5.36 -15.70 16.45
CA LEU C 50 6.09 -16.91 16.75
C LEU C 50 7.36 -16.49 17.46
N LYS C 51 7.22 -16.18 18.75
CA LYS C 51 8.34 -15.74 19.60
C LYS C 51 9.40 -16.83 19.79
N ASP C 52 9.17 -18.00 19.20
CA ASP C 52 10.10 -19.10 19.31
C ASP C 52 11.22 -18.96 18.28
N VAL C 53 12.24 -18.17 18.62
CA VAL C 53 13.38 -17.95 17.73
C VAL C 53 14.50 -18.94 18.01
N GLY C 54 14.16 -20.04 18.69
CA GLY C 54 15.14 -21.05 19.01
C GLY C 54 14.77 -22.42 18.44
N SER C 55 13.47 -22.73 18.44
CA SER C 55 12.99 -24.00 17.95
C SER C 55 12.50 -23.90 16.50
N LEU C 56 13.27 -23.22 15.66
CA LEU C 56 12.94 -23.05 14.27
C LEU C 56 12.99 -24.42 13.58
N ASP C 57 13.84 -25.32 14.06
CA ASP C 57 13.89 -26.70 13.61
C ASP C 57 12.50 -27.36 13.65
N GLU C 58 11.77 -27.21 14.77
CA GLU C 58 10.42 -27.73 14.91
C GLU C 58 9.53 -27.21 13.78
N LYS C 59 9.50 -25.88 13.61
CA LYS C 59 8.72 -25.28 12.53
C LYS C 59 9.15 -25.92 11.21
N MET C 60 10.45 -25.92 10.92
CA MET C 60 11.02 -26.46 9.70
C MET C 60 10.48 -27.87 9.44
N LYS C 61 10.62 -28.78 10.39
CA LYS C 61 10.11 -30.13 10.26
C LYS C 61 8.59 -30.13 10.05
N SER C 62 7.85 -29.30 10.79
CA SER C 62 6.40 -29.19 10.65
C SER C 62 5.99 -28.67 9.26
N LEU C 63 6.84 -27.85 8.64
CA LEU C 63 6.61 -27.22 7.34
C LEU C 63 7.05 -28.13 6.19
N ASP C 64 8.34 -28.42 6.13
CA ASP C 64 8.99 -29.16 5.06
C ASP C 64 8.65 -30.65 5.18
N VAL C 65 7.42 -31.03 4.83
CA VAL C 65 6.91 -32.39 4.97
C VAL C 65 7.87 -33.44 4.36
N ASN C 66 8.49 -33.11 3.23
CA ASN C 66 9.41 -33.98 2.51
C ASN C 66 10.85 -33.91 3.06
N GLN C 67 11.14 -32.97 3.96
CA GLN C 67 12.43 -32.78 4.59
C GLN C 67 13.57 -32.79 3.56
N ASP C 68 13.44 -31.96 2.51
CA ASP C 68 14.46 -31.73 1.50
C ASP C 68 15.39 -30.59 1.94
N SER C 69 15.05 -29.86 3.00
CA SER C 69 15.77 -28.68 3.46
C SER C 69 15.68 -27.53 2.45
N GLU C 70 14.59 -27.52 1.68
CA GLU C 70 14.12 -26.41 0.88
C GLU C 70 12.63 -26.24 1.18
N LEU C 71 12.22 -25.11 1.72
CA LEU C 71 10.83 -24.73 1.72
C LEU C 71 10.58 -24.05 0.37
N LYS C 72 10.14 -24.81 -0.65
CA LYS C 72 9.65 -24.26 -1.92
C LYS C 72 8.56 -23.21 -1.62
N PHE C 73 8.25 -22.35 -2.58
CA PHE C 73 7.23 -21.30 -2.45
C PHE C 73 6.01 -21.78 -1.66
N ASN C 74 5.37 -22.85 -2.14
CA ASN C 74 4.15 -23.38 -1.54
C ASN C 74 4.39 -24.00 -0.16
N GLU C 75 5.57 -24.58 0.08
CA GLU C 75 5.93 -25.15 1.36
C GLU C 75 6.10 -24.03 2.38
N TYR C 76 6.97 -23.06 2.05
CA TYR C 76 7.18 -21.85 2.83
C TYR C 76 5.85 -21.21 3.18
N TRP C 77 5.02 -21.03 2.14
CA TRP C 77 3.70 -20.44 2.25
C TRP C 77 2.94 -20.99 3.47
N ARG C 78 3.06 -22.29 3.80
CA ARG C 78 2.46 -22.87 5.02
C ARG C 78 2.58 -21.94 6.22
N LEU C 79 3.79 -21.42 6.49
CA LEU C 79 4.04 -20.52 7.60
C LEU C 79 2.98 -19.43 7.66
N ILE C 80 2.63 -18.82 6.51
CA ILE C 80 1.73 -17.68 6.46
C ILE C 80 0.36 -18.08 7.02
N GLY C 81 0.03 -19.38 6.96
CA GLY C 81 -1.21 -19.91 7.49
C GLY C 81 -1.16 -19.95 8.98
N GLU C 82 -0.01 -20.39 9.48
CA GLU C 82 0.21 -20.55 10.89
C GLU C 82 0.26 -19.15 11.49
N LEU C 83 0.79 -18.17 10.75
CA LEU C 83 0.74 -16.76 11.10
C LEU C 83 -0.71 -16.25 11.17
N ALA C 84 -1.41 -16.33 10.03
CA ALA C 84 -2.79 -15.87 9.85
C ALA C 84 -3.75 -16.56 10.83
N LYS C 85 -3.39 -17.77 11.24
CA LYS C 85 -4.06 -18.49 12.29
C LYS C 85 -3.66 -17.86 13.63
N GLU C 86 -2.38 -17.87 14.01
CA GLU C 86 -1.86 -17.34 15.27
C GLU C 86 -2.46 -15.98 15.64
N ILE C 87 -2.47 -15.01 14.71
CA ILE C 87 -3.00 -13.69 15.00
C ILE C 87 -4.41 -13.71 15.62
N ARG C 88 -5.25 -14.69 15.23
CA ARG C 88 -6.56 -14.93 15.82
C ARG C 88 -6.40 -15.91 16.98
N LYS C 89 -5.78 -17.05 16.71
CA LYS C 89 -5.73 -18.25 17.54
C LYS C 89 -5.02 -18.01 18.86
N LYS C 90 -4.11 -17.03 18.96
CA LYS C 90 -2.72 -17.35 19.27
C LYS C 90 -2.56 -18.56 20.21
N LYS C 91 -2.99 -18.48 21.48
CA LYS C 91 -2.91 -19.59 22.42
C LYS C 91 -4.28 -19.75 23.13
N ASP C 92 -5.37 -19.71 22.33
CA ASP C 92 -6.79 -19.87 22.67
C ASP C 92 -7.01 -21.24 23.33
N LEU C 93 -6.56 -21.35 24.57
CA LEU C 93 -6.43 -22.55 25.35
C LEU C 93 -5.96 -22.11 26.74
N LYS C 94 -4.89 -21.29 26.80
CA LYS C 94 -4.41 -20.66 28.02
C LYS C 94 -4.45 -19.13 27.92
N ILE C 95 -4.02 -18.56 26.78
CA ILE C 95 -3.78 -17.13 26.63
C ILE C 95 -4.30 -16.65 25.26
N ARG C 96 -5.35 -15.85 25.13
CA ARG C 96 -6.37 -15.38 26.07
C ARG C 96 -7.41 -14.48 25.36
N DLY C 97 -7.07 -13.50 24.51
CA DLY C 97 -5.78 -13.05 23.95
C DLY C 97 -6.13 -12.37 22.60
O DLY C 97 -6.86 -12.99 21.85
CB DLY C 97 -4.91 -12.34 25.01
CG DLY C 97 -5.52 -11.18 25.81
CD DLY C 97 -4.39 -10.40 26.54
CE DLY C 97 -4.31 -8.89 26.23
NZ DLY C 97 -5.34 -8.07 26.89
H DLY C 97 -7.83 -12.97 24.20
HA DLY C 97 -6.47 -12.10 24.13
HB2 DLY C 97 -4.59 -13.09 25.72
HB3 DLY C 97 -4.03 -11.97 24.50
HG2 DLY C 97 -6.04 -10.51 25.14
HG3 DLY C 97 -6.21 -11.57 26.55
HD2 DLY C 97 -4.54 -10.51 27.60
HD3 DLY C 97 -3.45 -10.86 26.27
HE2 DLY C 97 -3.35 -8.54 26.56
HE3 DLY C 97 -4.38 -8.76 25.16
HZ1 DLY C 97 -5.22 -7.07 26.63
HZ2 DLY C 97 -5.28 -8.16 27.92
HZ3 DLY C 97 -6.29 -8.39 26.58
N DLY C 98 -5.72 -11.17 22.17
CA DLY C 98 -4.73 -10.25 22.67
C DLY C 98 -3.37 -10.60 22.05
O DLY C 98 -3.26 -10.49 20.81
CB DLY C 98 -5.22 -8.82 22.38
CG DLY C 98 -6.71 -8.57 22.70
CD DLY C 98 -6.98 -7.07 22.93
CE DLY C 98 -6.56 -6.20 21.74
NZ DLY C 98 -6.30 -4.80 22.16
H DLY C 98 -6.19 -10.85 21.37
HA DLY C 98 -4.74 -10.33 21.50
HB2 DLY C 98 -4.63 -8.14 22.96
HB3 DLY C 98 -5.06 -8.60 21.33
HG2 DLY C 98 -7.31 -8.92 21.88
HG3 DLY C 98 -6.96 -9.11 23.60
HD2 DLY C 98 -8.03 -6.94 23.11
HD3 DLY C 98 -6.42 -6.75 23.81
HE2 DLY C 98 -5.66 -6.60 21.30
HE3 DLY C 98 -7.36 -6.20 21.02
HZ1 DLY C 98 -6.04 -4.22 21.34
HZ2 DLY C 98 -5.51 -4.78 22.85
HZ3 DLY C 98 -7.15 -4.40 22.60
N MET D 1 -11.26 -7.54 21.65
CA MET D 1 -12.31 -6.87 20.87
C MET D 1 -11.71 -6.36 19.55
N ALA D 2 -10.68 -5.50 19.60
CA ALA D 2 -9.99 -5.01 18.40
C ALA D 2 -8.74 -4.20 18.74
N ALA D 3 -7.57 -4.67 18.27
CA ALA D 3 -6.43 -3.87 17.77
C ALA D 3 -6.19 -2.44 18.31
N GLU D 4 -5.26 -2.28 19.25
CA GLU D 4 -4.35 -1.12 19.32
C GLU D 4 -3.16 -1.39 18.36
N PRO D 5 -2.10 -0.52 18.30
CA PRO D 5 -0.92 -0.65 17.43
C PRO D 5 -0.55 -2.05 16.96
N LEU D 6 -0.27 -2.14 15.66
CA LEU D 6 0.15 -3.37 15.00
C LEU D 6 1.33 -3.04 14.09
N THR D 7 2.05 -4.05 13.61
CA THR D 7 3.19 -3.80 12.73
C THR D 7 2.71 -3.66 11.27
N GLU D 8 3.65 -3.40 10.36
CA GLU D 8 3.35 -3.21 8.93
C GLU D 8 2.55 -4.38 8.36
N LEU D 9 3.00 -5.61 8.62
CA LEU D 9 2.32 -6.80 8.10
C LEU D 9 0.98 -7.05 8.78
N GLU D 10 0.87 -6.67 10.05
CA GLU D 10 -0.37 -6.84 10.80
C GLU D 10 -1.46 -5.91 10.25
N GLU D 11 -1.06 -4.68 9.87
CA GLU D 11 -1.98 -3.74 9.23
C GLU D 11 -2.55 -4.36 7.95
N SER D 12 -1.67 -4.86 7.09
CA SER D 12 -2.04 -5.30 5.76
C SER D 12 -2.83 -6.61 5.77
N ILE D 13 -2.72 -7.44 6.81
CA ILE D 13 -3.69 -8.52 7.03
C ILE D 13 -5.00 -7.96 7.60
N GLU D 14 -4.97 -6.91 8.42
CA GLU D 14 -6.20 -6.27 8.88
C GLU D 14 -7.01 -5.75 7.69
N THR D 15 -6.40 -4.92 6.83
CA THR D 15 -7.14 -4.18 5.80
C THR D 15 -8.07 -5.10 4.99
N VAL D 16 -7.61 -6.32 4.67
CA VAL D 16 -8.43 -7.30 3.96
C VAL D 16 -9.51 -7.90 4.87
N VAL D 17 -9.21 -8.14 6.15
CA VAL D 17 -10.18 -8.59 7.14
C VAL D 17 -11.31 -7.56 7.28
N THR D 18 -10.94 -6.27 7.27
CA THR D 18 -11.93 -5.18 7.34
C THR D 18 -13.01 -5.33 6.25
N THR D 19 -12.64 -5.94 5.11
CA THR D 19 -13.60 -6.21 4.03
C THR D 19 -14.54 -7.32 4.49
N PHE D 20 -13.92 -8.38 4.99
CA PHE D 20 -14.61 -9.53 5.59
C PHE D 20 -15.64 -9.05 6.60
N PHE D 21 -15.17 -8.23 7.56
CA PHE D 21 -15.99 -7.68 8.66
C PHE D 21 -17.19 -6.86 8.18
N THR D 22 -17.06 -6.11 7.08
CA THR D 22 -18.17 -5.29 6.60
C THR D 22 -19.09 -6.02 5.63
N PHE D 23 -18.84 -7.29 5.42
CA PHE D 23 -19.66 -8.10 4.53
C PHE D 23 -20.37 -9.19 5.31
N ALA D 24 -19.72 -9.64 6.38
CA ALA D 24 -20.27 -10.69 7.22
C ALA D 24 -21.20 -10.16 8.30
N ARG D 25 -21.16 -8.84 8.53
CA ARG D 25 -22.07 -8.20 9.48
C ARG D 25 -23.37 -7.85 8.75
N GLN D 26 -23.84 -8.78 7.92
CA GLN D 26 -25.02 -8.53 7.11
C GLN D 26 -26.30 -9.18 7.63
N GLU D 27 -26.37 -10.52 7.75
CA GLU D 27 -27.64 -11.11 8.14
C GLU D 27 -27.76 -11.30 9.66
N GLY D 28 -27.10 -12.33 10.19
CA GLY D 28 -26.55 -12.45 11.53
C GLY D 28 -25.09 -12.02 11.54
N ARG D 29 -24.58 -11.68 12.71
CA ARG D 29 -23.26 -12.10 13.18
C ARG D 29 -22.11 -11.79 12.20
N LYS D 30 -21.32 -10.79 12.56
CA LYS D 30 -20.16 -10.31 11.78
C LYS D 30 -18.95 -11.24 11.88
N ASP D 31 -18.92 -12.06 12.92
CA ASP D 31 -17.83 -12.99 13.14
C ASP D 31 -17.88 -14.22 12.23
N SER D 32 -18.99 -14.48 11.51
CA SER D 32 -19.12 -15.59 10.57
C SER D 32 -19.66 -15.11 9.23
N LEU D 33 -19.10 -15.64 8.13
CA LEU D 33 -19.68 -15.45 6.81
C LEU D 33 -20.96 -16.29 6.72
N SER D 34 -22.00 -15.68 6.18
CA SER D 34 -23.33 -16.21 5.96
C SER D 34 -23.59 -16.18 4.43
N VAL D 35 -24.56 -16.93 3.90
CA VAL D 35 -24.65 -17.12 2.44
C VAL D 35 -25.69 -16.21 1.80
N ASN D 36 -25.58 -14.93 2.15
CA ASN D 36 -25.81 -13.77 1.33
C ASN D 36 -24.98 -12.66 1.98
N GLU D 37 -23.71 -13.06 2.06
CA GLU D 37 -22.57 -12.31 2.55
C GLU D 37 -21.37 -12.86 1.78
N PHE D 38 -21.33 -14.21 1.72
CA PHE D 38 -20.35 -14.97 0.98
C PHE D 38 -20.54 -14.77 -0.52
N LYS D 39 -21.73 -15.11 -1.03
CA LYS D 39 -21.95 -15.02 -2.47
C LYS D 39 -21.78 -13.57 -2.94
N GLU D 40 -22.22 -12.61 -2.12
CA GLU D 40 -22.05 -11.20 -2.44
C GLU D 40 -20.58 -10.82 -2.46
N LEU D 41 -19.78 -11.48 -1.61
CA LEU D 41 -18.35 -11.22 -1.52
C LEU D 41 -17.62 -11.72 -2.77
N VAL D 42 -17.91 -12.95 -3.19
CA VAL D 42 -17.30 -13.52 -4.37
C VAL D 42 -17.72 -12.75 -5.62
N THR D 43 -19.00 -12.42 -5.72
CA THR D 43 -19.51 -11.70 -6.89
C THR D 43 -19.04 -10.24 -6.97
N GLN D 44 -18.70 -9.63 -5.84
CA GLN D 44 -18.27 -8.24 -5.83
C GLN D 44 -16.75 -8.06 -5.73
N GLN D 45 -16.15 -8.61 -4.68
CA GLN D 45 -14.71 -8.46 -4.46
C GLN D 45 -13.87 -9.50 -5.21
N LEU D 46 -14.43 -10.65 -5.53
CA LEU D 46 -13.68 -11.70 -6.24
C LEU D 46 -14.34 -12.11 -7.56
N PRO D 47 -14.66 -11.17 -8.48
CA PRO D 47 -15.30 -11.52 -9.75
C PRO D 47 -14.29 -11.86 -10.84
N HIS D 48 -13.06 -11.35 -10.69
CA HIS D 48 -12.01 -11.58 -11.66
C HIS D 48 -11.05 -12.65 -11.15
N LEU D 49 -10.66 -12.53 -9.88
CA LEU D 49 -9.75 -13.48 -9.26
C LEU D 49 -10.40 -14.86 -9.19
N LEU D 50 -11.59 -14.91 -8.63
CA LEU D 50 -12.35 -16.16 -8.54
C LEU D 50 -13.35 -16.21 -9.67
N LYS D 51 -12.98 -16.92 -10.73
CA LYS D 51 -13.83 -17.06 -11.90
C LYS D 51 -14.83 -18.20 -11.73
N ASP D 52 -15.39 -18.29 -10.53
CA ASP D 52 -16.37 -19.33 -10.21
C ASP D 52 -17.40 -18.77 -9.22
N VAL D 53 -18.05 -17.69 -9.63
CA VAL D 53 -19.06 -17.03 -8.79
C VAL D 53 -20.40 -17.76 -8.87
N GLY D 54 -20.54 -18.63 -9.85
CA GLY D 54 -21.79 -19.36 -10.03
C GLY D 54 -21.74 -20.71 -9.33
N SER D 55 -20.53 -21.15 -8.98
CA SER D 55 -20.34 -22.43 -8.31
C SER D 55 -19.76 -22.23 -6.90
N LEU D 56 -20.16 -21.13 -6.26
CA LEU D 56 -19.75 -20.81 -4.91
C LEU D 56 -20.10 -21.98 -3.99
N ASP D 57 -21.33 -22.47 -4.09
CA ASP D 57 -21.92 -23.53 -3.28
C ASP D 57 -20.95 -24.71 -3.07
N GLU D 58 -20.22 -25.11 -4.12
CA GLU D 58 -19.21 -26.15 -4.02
C GLU D 58 -18.07 -25.70 -3.09
N LYS D 59 -17.58 -24.48 -3.30
CA LYS D 59 -16.52 -23.90 -2.47
C LYS D 59 -16.99 -23.85 -1.03
N MET D 60 -18.21 -23.35 -0.84
CA MET D 60 -18.85 -23.28 0.46
C MET D 60 -18.82 -24.66 1.14
N LYS D 61 -19.33 -25.69 0.47
CA LYS D 61 -19.33 -27.03 1.02
C LYS D 61 -17.90 -27.48 1.37
N SER D 62 -16.94 -27.21 0.49
CA SER D 62 -15.54 -27.54 0.70
C SER D 62 -14.95 -26.78 1.90
N LEU D 63 -15.34 -25.52 2.08
CA LEU D 63 -14.88 -24.63 3.14
C LEU D 63 -15.44 -25.09 4.48
N ASP D 64 -16.76 -25.16 4.57
CA ASP D 64 -17.55 -25.18 5.81
C ASP D 64 -17.24 -26.31 6.79
N VAL D 65 -16.50 -27.34 6.37
CA VAL D 65 -16.73 -28.78 6.47
C VAL D 65 -17.41 -29.34 7.72
N ASN D 66 -17.42 -28.66 8.86
CA ASN D 66 -18.36 -29.02 9.92
C ASN D 66 -19.80 -28.92 9.40
N GLN D 67 -20.04 -28.10 8.38
CA GLN D 67 -21.29 -27.97 7.65
C GLN D 67 -22.38 -27.35 8.52
N ASP D 68 -22.00 -26.66 9.61
CA ASP D 68 -22.91 -25.82 10.37
C ASP D 68 -23.46 -24.69 9.49
N SER D 69 -22.79 -24.40 8.36
CA SER D 69 -23.15 -23.36 7.42
C SER D 69 -22.93 -21.95 7.99
N GLU D 70 -22.27 -21.83 9.14
CA GLU D 70 -21.52 -20.64 9.49
C GLU D 70 -20.14 -20.86 8.93
N LEU D 71 -19.76 -20.08 7.91
CA LEU D 71 -18.41 -20.09 7.41
C LEU D 71 -17.56 -19.39 8.47
N LYS D 72 -16.86 -20.18 9.27
CA LYS D 72 -16.40 -19.80 10.59
C LYS D 72 -15.10 -18.98 10.46
N PHE D 73 -14.64 -18.42 11.59
CA PHE D 73 -13.49 -17.52 11.65
C PHE D 73 -12.23 -18.38 11.63
N ASN D 74 -11.98 -18.90 10.43
CA ASN D 74 -11.02 -19.88 9.95
C ASN D 74 -11.74 -21.23 9.82
N GLU D 75 -12.90 -21.27 9.18
CA GLU D 75 -13.11 -21.95 7.91
C GLU D 75 -12.82 -20.95 6.78
N TYR D 76 -13.62 -19.86 6.77
CA TYR D 76 -13.70 -18.85 5.71
C TYR D 76 -12.34 -18.52 5.13
N TRP D 77 -11.42 -18.20 6.04
CA TRP D 77 -10.10 -17.68 5.74
C TRP D 77 -9.43 -18.44 4.57
N ARG D 78 -9.61 -19.77 4.54
CA ARG D 78 -9.14 -20.63 3.45
C ARG D 78 -9.32 -19.97 2.08
N LEU D 79 -10.49 -19.36 1.83
CA LEU D 79 -10.81 -18.70 0.58
C LEU D 79 -9.69 -17.76 0.14
N ILE D 80 -9.23 -16.88 1.03
CA ILE D 80 -8.18 -15.91 0.75
C ILE D 80 -6.92 -16.68 0.31
N GLY D 81 -6.76 -17.90 0.83
CA GLY D 81 -5.70 -18.83 0.53
C GLY D 81 -5.77 -19.36 -0.88
N GLU D 82 -6.99 -19.69 -1.26
CA GLU D 82 -7.24 -20.25 -2.55
C GLU D 82 -7.00 -19.15 -3.57
N LEU D 83 -7.55 -17.94 -3.37
CA LEU D 83 -7.13 -16.83 -4.24
C LEU D 83 -5.61 -16.61 -4.21
N ALA D 84 -4.99 -16.62 -3.01
CA ALA D 84 -3.56 -16.41 -2.87
C ALA D 84 -2.77 -17.38 -3.75
N LYS D 85 -3.05 -18.69 -3.68
CA LYS D 85 -2.37 -19.62 -4.56
C LYS D 85 -2.86 -19.44 -6.01
N GLU D 86 -4.15 -19.22 -6.28
CA GLU D 86 -4.75 -19.14 -7.62
C GLU D 86 -3.90 -18.29 -8.57
N ILE D 87 -3.44 -17.12 -8.11
CA ILE D 87 -2.60 -16.25 -8.92
C ILE D 87 -1.41 -17.01 -9.53
N ARG D 88 -0.81 -17.91 -8.74
CA ARG D 88 0.21 -18.85 -9.16
C ARG D 88 -0.39 -20.11 -9.81
N LYS D 89 -1.53 -20.60 -9.29
CA LYS D 89 -2.04 -21.94 -9.50
C LYS D 89 -3.38 -21.92 -10.24
N LYS D 90 -3.32 -21.75 -11.56
CA LYS D 90 -4.43 -21.68 -12.50
C LYS D 90 -5.57 -22.66 -12.16
N LYS D 91 -5.29 -23.97 -12.01
CA LYS D 91 -6.33 -24.94 -11.67
C LYS D 91 -5.78 -26.19 -10.95
N ASP D 92 -4.46 -26.27 -10.76
CA ASP D 92 -3.75 -27.54 -10.80
C ASP D 92 -3.62 -28.14 -9.40
N LEU D 93 -4.74 -28.20 -8.66
CA LEU D 93 -4.78 -28.71 -7.29
C LEU D 93 -5.11 -30.20 -7.24
N DLY D 94 -6.22 -30.59 -7.86
CA DLY D 94 -6.86 -31.88 -7.66
C DLY D 94 -6.99 -32.23 -6.16
O DLY D 94 -7.89 -31.73 -5.50
CB DLY D 94 -8.25 -31.86 -8.30
CG DLY D 94 -9.01 -30.55 -7.97
CD DLY D 94 -10.53 -30.70 -7.81
CE DLY D 94 -11.00 -31.11 -6.40
NZ DLY D 94 -10.46 -32.40 -5.91
H DLY D 94 -6.64 -29.96 -8.49
HA DLY D 94 -7.25 -31.03 -6.99
HB2 DLY D 94 -8.15 -31.94 -9.38
HB3 DLY D 94 -8.83 -32.69 -7.93
HG2 DLY D 94 -8.63 -30.13 -7.06
HG3 DLY D 94 -8.82 -29.85 -8.78
HD2 DLY D 94 -10.98 -29.75 -8.06
HD3 DLY D 94 -10.86 -31.45 -8.51
HE2 DLY D 94 -10.69 -30.33 -5.71
HE3 DLY D 94 -12.07 -31.16 -6.40
HZ1 DLY D 94 -10.80 -32.59 -4.95
HZ2 DLY D 94 -9.41 -32.36 -5.89
HZ3 DLY D 94 -10.75 -33.17 -6.55
N ILE D 95 -6.14 -33.14 -5.67
CA ILE D 95 -6.25 -33.83 -4.38
C ILE D 95 -7.59 -34.56 -4.16
N ARG D 96 -7.53 -35.62 -3.36
CA ARG D 96 -8.63 -36.46 -2.91
C ARG D 96 -8.06 -37.31 -1.78
N LYS D 97 -8.69 -37.33 -0.60
CA LYS D 97 -8.06 -37.79 0.63
C LYS D 97 -9.16 -37.76 1.71
N LYS D 98 -9.39 -38.90 2.39
CA LYS D 98 -10.17 -38.98 3.61
C LYS D 98 -9.17 -39.10 4.75
N TYR E 1 -25.74 32.65 8.54
CA TYR E 1 -26.52 32.75 7.29
C TYR E 1 -26.97 31.35 6.83
N LYS E 2 -27.83 30.72 7.62
CA LYS E 2 -28.31 29.37 7.29
C LYS E 2 -28.83 29.32 5.86
N LYS E 3 -28.08 28.65 5.01
CA LYS E 3 -28.42 28.52 3.59
C LYS E 3 -27.73 27.30 3.00
N PRO E 4 -27.83 27.08 1.66
CA PRO E 4 -27.22 25.97 0.95
C PRO E 4 -26.09 25.29 1.71
N LYS E 5 -26.37 24.11 2.25
CA LYS E 5 -25.39 23.34 2.99
C LYS E 5 -24.75 22.30 2.06
N LEU E 6 -23.51 22.55 1.66
CA LEU E 6 -22.79 21.63 0.78
C LEU E 6 -22.17 20.51 1.61
N LEU E 7 -22.30 19.28 1.12
CA LEU E 7 -21.74 18.13 1.81
C LEU E 7 -21.23 17.09 0.80
N TYR E 8 -20.06 16.53 1.08
CA TYR E 8 -19.45 15.53 0.22
C TYR E 8 -18.43 14.70 1.01
N CYS E 9 -17.89 13.65 0.41
CA CYS E 9 -16.91 12.81 1.09
C CYS E 9 -15.90 12.22 0.11
N SER E 10 -14.81 11.70 0.66
CA SER E 10 -13.75 11.09 -0.14
C SER E 10 -12.91 12.18 -0.79
N ASN E 11 -11.62 12.20 -0.46
CA ASN E 11 -10.71 13.19 -1.01
C ASN E 11 -10.85 13.27 -2.52
N GLY E 12 -11.09 14.47 -3.03
CA GLY E 12 -11.25 14.67 -4.46
C GLY E 12 -12.44 15.54 -4.79
N GLY E 13 -12.25 16.45 -5.74
CA GLY E 13 -13.32 17.34 -6.13
C GLY E 13 -14.58 16.59 -6.55
N HIS E 14 -15.58 16.60 -5.67
CA HIS E 14 -16.86 15.93 -5.92
C HIS E 14 -17.90 16.43 -4.92
N PHE E 15 -18.99 16.99 -5.42
CA PHE E 15 -20.05 17.50 -4.55
C PHE E 15 -21.36 16.75 -4.79
N LEU E 16 -22.18 16.64 -3.76
CA LEU E 16 -23.47 15.95 -3.86
C LEU E 16 -24.47 16.81 -4.64
N ARG E 17 -24.65 16.51 -5.92
CA ARG E 17 -25.59 17.26 -6.74
C ARG E 17 -26.93 16.57 -6.78
N ILE E 18 -27.91 17.16 -6.09
CA ILE E 18 -29.25 16.59 -6.02
C ILE E 18 -30.12 17.09 -7.17
N LEU E 19 -30.97 16.20 -7.67
CA LEU E 19 -31.88 16.53 -8.75
C LEU E 19 -33.30 16.06 -8.38
N PRO E 20 -34.32 16.88 -8.70
CA PRO E 20 -35.72 16.56 -8.41
C PRO E 20 -36.08 15.11 -8.76
N ASP E 21 -35.41 14.58 -9.78
CA ASP E 21 -35.62 13.21 -10.23
C ASP E 21 -35.33 12.21 -9.10
N GLY E 22 -34.24 12.46 -8.37
CA GLY E 22 -33.86 11.58 -7.29
C GLY E 22 -32.44 11.06 -7.45
N THR E 23 -32.01 10.87 -8.68
CA THR E 23 -30.66 10.37 -8.95
C THR E 23 -29.61 11.43 -8.65
N VAL E 24 -29.21 11.49 -7.39
CA VAL E 24 -28.18 12.44 -6.94
C VAL E 24 -26.79 11.82 -7.14
N ASP E 25 -25.88 12.59 -7.73
CA ASP E 25 -24.52 12.12 -7.98
C ASP E 25 -23.49 13.10 -7.41
N GLY E 26 -22.25 12.64 -7.31
CA GLY E 26 -21.17 13.47 -6.78
C GLY E 26 -20.55 14.36 -7.84
N THR E 27 -21.34 15.30 -8.34
CA THR E 27 -20.87 16.23 -9.35
C THR E 27 -19.82 17.18 -8.79
N ARG E 28 -18.69 17.29 -9.46
CA ARG E 28 -17.64 18.18 -9.00
C ARG E 28 -17.76 19.54 -9.67
N ASP E 29 -18.83 20.26 -9.34
CA ASP E 29 -19.07 21.58 -9.90
C ASP E 29 -19.81 22.46 -8.90
N ARG E 30 -19.61 23.77 -9.01
CA ARG E 30 -20.27 24.73 -8.13
C ARG E 30 -20.82 25.90 -8.94
N SER E 31 -21.07 25.66 -10.23
CA SER E 31 -21.59 26.67 -11.13
C SER E 31 -23.12 26.61 -11.14
N ASP E 32 -23.66 25.39 -11.19
CA ASP E 32 -25.11 25.20 -11.21
C ASP E 32 -25.62 24.93 -9.80
N GLN E 33 -26.61 25.71 -9.37
CA GLN E 33 -27.17 25.55 -8.03
C GLN E 33 -27.95 24.24 -7.89
N HIS E 34 -27.21 23.14 -7.75
CA HIS E 34 -27.83 21.84 -7.58
C HIS E 34 -27.01 20.94 -6.64
N ILE E 35 -26.11 21.55 -5.88
CA ILE E 35 -25.26 20.81 -4.94
C ILE E 35 -25.37 21.40 -3.53
N GLN E 36 -26.60 21.72 -3.14
CA GLN E 36 -26.85 22.31 -1.83
C GLN E 36 -28.12 21.73 -1.20
N LEU E 37 -28.00 21.35 0.06
CA LEU E 37 -29.13 20.79 0.81
C LEU E 37 -29.31 21.55 2.11
N GLN E 38 -30.53 21.55 2.65
CA GLN E 38 -30.80 22.25 3.89
C GLN E 38 -30.58 21.32 5.08
N LEU E 39 -29.31 21.05 5.36
CA LEU E 39 -28.93 20.20 6.49
C LEU E 39 -29.12 20.96 7.80
N SER E 40 -29.84 20.36 8.74
CA SER E 40 -30.07 20.97 10.04
C SER E 40 -30.48 19.91 11.07
N ALA E 41 -30.26 20.22 12.34
CA ALA E 41 -30.61 19.32 13.42
C ALA E 41 -32.07 19.53 13.79
N GLU E 42 -32.93 18.61 13.35
CA GLU E 42 -34.36 18.71 13.62
C GLU E 42 -34.64 18.41 15.09
N SER E 43 -34.17 17.26 15.55
CA SER E 43 -34.36 16.84 16.93
C SER E 43 -32.99 16.72 17.61
N VAL E 44 -33.00 16.44 18.92
CA VAL E 44 -31.77 16.30 19.69
C VAL E 44 -30.83 15.27 19.03
N GLY E 45 -29.93 15.76 18.19
CA GLY E 45 -28.99 14.88 17.52
C GLY E 45 -29.50 14.38 16.17
N GLU E 46 -30.80 14.51 15.92
CA GLU E 46 -31.38 14.05 14.68
C GLU E 46 -31.32 15.13 13.60
N VAL E 47 -30.46 14.93 12.61
CA VAL E 47 -30.30 15.88 11.53
C VAL E 47 -30.99 15.37 10.27
N TYR E 48 -31.59 16.27 9.52
CA TYR E 48 -32.28 15.92 8.29
C TYR E 48 -31.61 16.52 7.07
N ILE E 49 -31.68 15.81 5.96
CA ILE E 49 -31.09 16.26 4.71
C ILE E 49 -32.20 16.54 3.69
N LYS E 50 -32.49 17.81 3.51
CA LYS E 50 -33.54 18.22 2.58
C LYS E 50 -33.05 19.32 1.64
N SER E 51 -32.95 19.00 0.36
CA SER E 51 -32.50 19.96 -0.64
C SER E 51 -33.68 20.83 -1.07
N THR E 52 -34.26 21.55 -0.11
CA THR E 52 -35.41 22.39 -0.34
C THR E 52 -35.17 23.40 -1.47
N GLU E 53 -34.32 24.39 -1.22
CA GLU E 53 -34.04 25.42 -2.20
C GLU E 53 -33.02 24.98 -3.24
N THR E 54 -33.29 23.87 -3.93
CA THR E 54 -32.37 23.37 -4.96
C THR E 54 -32.82 22.02 -5.53
N GLY E 55 -33.29 21.12 -4.69
CA GLY E 55 -33.69 19.82 -5.20
C GLY E 55 -34.93 19.25 -4.54
N GLN E 56 -34.75 18.20 -3.76
CA GLN E 56 -35.84 17.50 -3.09
C GLN E 56 -35.44 17.00 -1.71
N TYR E 57 -36.36 16.30 -1.06
CA TYR E 57 -36.13 15.74 0.27
C TYR E 57 -35.59 14.32 0.12
N LEU E 58 -34.69 13.91 1.01
CA LEU E 58 -34.12 12.57 0.94
C LEU E 58 -35.04 11.54 1.56
N ALA E 59 -34.88 10.29 1.11
CA ALA E 59 -35.66 9.16 1.60
C ALA E 59 -34.93 7.87 1.27
N MET E 60 -34.00 7.50 2.14
CA MET E 60 -33.20 6.30 1.97
C MET E 60 -34.06 5.07 1.70
N ASP E 61 -33.57 4.19 0.84
CA ASP E 61 -34.26 2.96 0.51
C ASP E 61 -33.75 1.85 1.41
N THR E 62 -34.29 1.79 2.62
CA THR E 62 -33.87 0.79 3.59
C THR E 62 -32.39 0.95 3.92
N ASP E 63 -31.92 2.21 3.90
CA ASP E 63 -30.50 2.52 4.15
C ASP E 63 -29.64 2.02 2.99
N GLY E 64 -29.79 0.74 2.65
CA GLY E 64 -29.03 0.14 1.56
C GLY E 64 -28.74 1.11 0.44
N LEU E 65 -29.80 1.69 -0.13
CA LEU E 65 -29.67 2.65 -1.21
C LEU E 65 -30.18 4.02 -0.77
N LEU E 66 -29.40 5.05 -1.03
CA LEU E 66 -29.77 6.39 -0.64
C LEU E 66 -30.41 7.14 -1.81
N TYR E 67 -31.59 7.71 -1.57
CA TYR E 67 -32.30 8.45 -2.60
C TYR E 67 -33.22 9.49 -1.95
N GLY E 68 -33.88 10.29 -2.77
CA GLY E 68 -34.79 11.30 -2.27
C GLY E 68 -35.49 12.03 -3.39
N SER E 69 -36.75 12.40 -3.17
CA SER E 69 -37.53 13.12 -4.18
C SER E 69 -39.00 13.23 -3.75
N GLN E 70 -39.66 12.08 -3.63
CA GLN E 70 -41.08 12.06 -3.28
C GLN E 70 -41.36 12.66 -1.90
N THR E 71 -40.97 11.97 -0.84
CA THR E 71 -41.24 12.45 0.52
C THR E 71 -40.08 12.17 1.48
N PRO E 72 -39.86 13.06 2.47
CA PRO E 72 -38.80 12.89 3.46
C PRO E 72 -39.20 11.87 4.53
N ASN E 73 -39.22 10.60 4.14
CA ASN E 73 -39.61 9.52 5.05
C ASN E 73 -38.61 9.42 6.21
N GLU E 74 -39.05 8.83 7.32
CA GLU E 74 -38.20 8.67 8.51
C GLU E 74 -36.80 8.19 8.11
N GLU E 75 -36.72 7.39 7.05
CA GLU E 75 -35.43 6.91 6.54
C GLU E 75 -34.42 8.05 6.43
N CYS E 76 -34.92 9.29 6.26
CA CYS E 76 -34.07 10.46 6.11
C CYS E 76 -33.62 11.05 7.46
N LEU E 77 -33.98 10.42 8.58
CA LEU E 77 -33.55 10.94 9.89
C LEU E 77 -32.21 10.30 10.29
N PHE E 78 -31.20 11.15 10.48
CA PHE E 78 -29.87 10.67 10.84
C PHE E 78 -29.33 11.36 12.09
N LEU E 79 -28.57 10.62 12.88
CA LEU E 79 -27.97 11.15 14.09
C LEU E 79 -26.67 11.89 13.74
N GLU E 80 -26.57 13.14 14.14
CA GLU E 80 -25.39 13.96 13.86
C GLU E 80 -24.21 13.56 14.74
N ARG E 81 -23.15 13.05 14.11
CA ARG E 81 -21.95 12.64 14.82
C ARG E 81 -20.72 13.26 14.17
N LEU E 82 -19.68 13.51 14.95
CA LEU E 82 -18.46 14.12 14.44
C LEU E 82 -17.25 13.22 14.70
N GLU E 83 -16.35 13.14 13.74
CA GLU E 83 -15.15 12.32 13.88
C GLU E 83 -13.92 13.22 13.93
N GLU E 84 -12.96 12.87 14.78
CA GLU E 84 -11.73 13.64 14.91
C GLU E 84 -10.83 13.44 13.69
N ASN E 85 -11.40 13.68 12.51
CA ASN E 85 -10.68 13.53 11.25
C ASN E 85 -11.14 14.61 10.26
N HIS E 86 -11.71 15.69 10.79
CA HIS E 86 -12.20 16.80 9.97
C HIS E 86 -13.32 16.31 9.05
N TYR E 87 -14.23 15.51 9.59
CA TYR E 87 -15.36 14.98 8.82
C TYR E 87 -16.59 14.80 9.70
N ASN E 88 -17.75 14.85 9.06
CA ASN E 88 -19.03 14.70 9.75
C ASN E 88 -19.58 13.30 9.56
N THR E 89 -20.27 12.79 10.56
CA THR E 89 -20.85 11.46 10.50
C THR E 89 -22.35 11.53 10.81
N TYR E 90 -23.16 10.81 10.03
CA TYR E 90 -24.60 10.82 10.22
C TYR E 90 -25.11 9.39 10.30
N ILE E 91 -25.66 9.02 11.45
CA ILE E 91 -26.16 7.66 11.64
C ILE E 91 -27.64 7.56 11.34
N SER E 92 -28.00 6.78 10.33
CA SER E 92 -29.38 6.58 9.95
C SER E 92 -30.11 5.78 11.04
N LYS E 93 -30.49 6.47 12.11
CA LYS E 93 -31.18 5.83 13.24
C LYS E 93 -32.24 4.86 12.75
N LYS E 94 -32.90 5.19 11.64
CA LYS E 94 -33.92 4.33 11.05
C LYS E 94 -33.38 2.90 10.85
N HIS E 95 -32.07 2.78 10.63
CA HIS E 95 -31.43 1.48 10.43
C HIS E 95 -30.23 1.28 11.37
N ALA E 96 -30.07 2.18 12.34
CA ALA E 96 -28.98 2.09 13.29
C ALA E 96 -28.93 0.70 13.92
N GLU E 97 -30.11 0.09 14.05
CA GLU E 97 -30.23 -1.26 14.61
C GLU E 97 -29.26 -2.23 13.93
N LYS E 98 -29.01 -2.04 12.64
CA LYS E 98 -28.11 -2.91 11.89
C LYS E 98 -26.70 -2.31 11.78
N ASN E 99 -26.45 -1.25 12.55
CA ASN E 99 -25.17 -0.55 12.55
C ASN E 99 -24.88 0.06 11.18
N TRP E 100 -25.92 0.65 10.59
CA TRP E 100 -25.80 1.26 9.28
C TRP E 100 -25.92 2.78 9.34
N PHE E 101 -24.93 3.47 8.79
CA PHE E 101 -24.93 4.93 8.77
C PHE E 101 -24.54 5.45 7.38
N VAL E 102 -25.48 6.22 6.77
CA VAL E 102 -25.39 6.81 5.43
C VAL E 102 -23.96 6.86 4.87
N GLY E 103 -23.78 6.23 3.71
CA GLY E 103 -22.50 6.22 3.03
C GLY E 103 -22.68 6.34 1.52
N LEU E 104 -21.93 7.24 0.89
CA LEU E 104 -22.04 7.47 -0.55
C LEU E 104 -20.74 7.17 -1.28
N LYS E 105 -20.83 6.95 -2.58
CA LYS E 105 -19.68 6.68 -3.42
C LYS E 105 -19.32 7.91 -4.23
N LYS E 106 -18.25 8.59 -3.83
CA LYS E 106 -17.78 9.81 -4.49
C LYS E 106 -17.85 9.70 -6.01
N ASN E 107 -17.43 8.55 -6.54
CA ASN E 107 -17.43 8.32 -7.98
C ASN E 107 -18.49 7.28 -8.36
N GLY E 108 -19.63 7.32 -7.67
CA GLY E 108 -20.70 6.37 -7.96
C GLY E 108 -22.08 6.93 -7.66
N SER E 109 -22.25 7.42 -6.43
CA SER E 109 -23.51 8.00 -5.95
C SER E 109 -23.74 7.53 -4.51
N CYS E 110 -24.79 8.03 -3.88
CA CYS E 110 -25.10 7.66 -2.51
C CYS E 110 -25.91 6.37 -2.47
N LYS E 111 -25.26 5.25 -2.15
CA LYS E 111 -25.91 3.95 -2.07
C LYS E 111 -24.92 2.87 -1.68
N ARG E 112 -24.61 2.80 -0.40
CA ARG E 112 -23.66 1.82 0.13
C ARG E 112 -24.06 1.36 1.53
N GLY E 113 -25.37 1.33 1.77
CA GLY E 113 -25.92 0.92 3.06
C GLY E 113 -25.39 -0.41 3.59
N PRO E 114 -25.32 -1.48 2.78
CA PRO E 114 -24.81 -2.78 3.26
C PRO E 114 -23.32 -2.74 3.61
N ARG E 115 -22.67 -1.64 3.27
CA ARG E 115 -21.23 -1.47 3.54
C ARG E 115 -20.97 -0.22 4.39
N THR E 116 -21.96 0.20 5.19
CA THR E 116 -21.80 1.38 6.03
C THR E 116 -21.34 1.01 7.45
N HIS E 117 -20.02 1.01 7.64
CA HIS E 117 -19.42 0.70 8.94
C HIS E 117 -17.93 1.00 8.92
N TYR E 118 -17.14 0.24 9.66
CA TYR E 118 -15.70 0.44 9.70
C TYR E 118 -15.01 -0.29 8.55
N GLY E 119 -15.15 0.29 7.35
CA GLY E 119 -14.56 -0.26 6.16
C GLY E 119 -14.54 0.78 5.06
N GLN E 120 -15.70 1.34 4.78
CA GLN E 120 -15.83 2.40 3.79
C GLN E 120 -15.70 3.75 4.50
N LYS E 121 -14.63 4.47 4.16
CA LYS E 121 -14.33 5.76 4.79
C LYS E 121 -15.26 6.86 4.26
N ALA E 122 -15.89 6.60 3.11
CA ALA E 122 -16.82 7.55 2.50
C ALA E 122 -17.90 8.03 3.48
N ILE E 123 -18.07 7.31 4.58
CA ILE E 123 -19.03 7.69 5.61
C ILE E 123 -18.64 9.01 6.28
N LEU E 124 -17.35 9.32 6.26
CA LEU E 124 -16.85 10.55 6.85
C LEU E 124 -16.98 11.70 5.87
N PHE E 125 -18.13 12.35 5.91
CA PHE E 125 -18.42 13.45 4.98
C PHE E 125 -17.76 14.75 5.42
N LEU E 126 -17.39 15.57 4.44
CA LEU E 126 -16.77 16.86 4.69
C LEU E 126 -17.76 17.96 4.31
N PRO E 127 -18.34 18.64 5.32
CA PRO E 127 -19.31 19.70 5.09
C PRO E 127 -18.69 21.07 4.87
N LEU E 128 -19.29 21.84 3.98
CA LEU E 128 -18.84 23.20 3.67
C LEU E 128 -20.05 24.16 3.68
N PRO E 129 -20.88 24.09 4.74
CA PRO E 129 -22.08 24.94 4.85
C PRO E 129 -21.78 26.34 5.37
N VAL E 130 -22.62 27.29 5.01
CA VAL E 130 -22.46 28.67 5.44
C VAL E 130 -23.02 28.83 6.86
N SER E 131 -22.16 28.59 7.84
CA SER E 131 -22.55 28.71 9.24
C SER E 131 -22.80 30.16 9.63
N SER E 132 -23.20 30.35 10.89
CA SER E 132 -23.46 31.69 11.40
C SER E 132 -22.40 32.08 12.42
N ASP E 133 -21.17 32.21 11.94
CA ASP E 133 -20.03 32.57 12.79
C ASP E 133 -19.80 34.06 12.76
N GLU F 1 -14.72 -1.79 -5.23
CA GLU F 1 -15.27 -1.99 -6.61
C GLU F 1 -14.18 -1.82 -7.65
N LYS F 2 -13.93 -2.89 -8.41
CA LYS F 2 -12.88 -2.87 -9.44
C LYS F 2 -13.34 -3.59 -10.71
N LEU F 3 -13.00 -3.01 -11.86
CA LEU F 3 -13.35 -3.62 -13.14
C LEU F 3 -12.15 -3.58 -14.09
N GLY F 4 -11.06 -2.94 -13.63
CA GLY F 4 -9.87 -2.84 -14.44
C GLY F 4 -9.64 -1.42 -14.91
N LYS F 5 -9.21 -1.27 -16.17
CA LYS F 5 -8.96 0.06 -16.74
C LYS F 5 -9.35 0.11 -18.22
N LEU F 6 -9.72 1.29 -18.69
CA LEU F 6 -10.10 1.49 -20.08
C LEU F 6 -9.44 2.74 -20.63
N GLN F 7 -8.70 2.58 -21.71
CA GLN F 7 -8.00 3.70 -22.33
C GLN F 7 -8.91 4.33 -23.39
N TYR F 8 -8.99 5.65 -23.44
CA TYR F 8 -9.84 6.31 -24.42
C TYR F 8 -9.35 7.72 -24.78
N SER F 9 -9.76 8.15 -25.97
CA SER F 9 -9.44 9.46 -26.50
C SER F 9 -10.71 10.08 -27.08
N LEU F 10 -11.29 11.02 -26.34
CA LEU F 10 -12.54 11.65 -26.77
C LEU F 10 -12.30 13.03 -27.38
N ASP F 11 -12.84 13.25 -28.57
CA ASP F 11 -12.73 14.53 -29.26
C ASP F 11 -14.12 15.09 -29.53
N TYR F 12 -14.20 16.38 -29.88
CA TYR F 12 -15.51 17.01 -30.11
C TYR F 12 -15.67 17.51 -31.54
N ASP F 13 -16.90 17.43 -32.03
CA ASP F 13 -17.25 17.90 -33.37
C ASP F 13 -18.21 19.08 -33.26
N PHE F 14 -17.84 20.21 -33.85
CA PHE F 14 -18.68 21.41 -33.81
C PHE F 14 -19.44 21.65 -35.12
N GLN F 15 -19.43 20.67 -36.00
CA GLN F 15 -20.12 20.77 -37.28
C GLN F 15 -21.47 20.06 -37.19
N ASN F 16 -21.45 18.84 -36.67
CA ASN F 16 -22.66 18.05 -36.51
C ASN F 16 -23.16 18.11 -35.07
N ASN F 17 -22.28 18.56 -34.16
CA ASN F 17 -22.60 18.70 -32.74
C ASN F 17 -22.66 17.33 -32.04
N GLN F 18 -21.51 16.67 -31.99
CA GLN F 18 -21.40 15.37 -31.35
C GLN F 18 -20.00 15.16 -30.82
N LEU F 19 -19.89 14.51 -29.67
CA LEU F 19 -18.59 14.22 -29.09
C LEU F 19 -18.16 12.83 -29.52
N LEU F 20 -16.92 12.70 -29.96
CA LEU F 20 -16.38 11.43 -30.44
C LEU F 20 -15.72 10.67 -29.30
N VAL F 21 -16.43 9.69 -28.75
CA VAL F 21 -15.90 8.88 -27.67
C VAL F 21 -15.07 7.74 -28.26
N GLY F 22 -13.81 8.03 -28.57
CA GLY F 22 -12.94 7.04 -29.14
C GLY F 22 -12.11 6.31 -28.10
N ILE F 23 -12.65 5.20 -27.59
CA ILE F 23 -11.94 4.41 -26.60
C ILE F 23 -10.94 3.49 -27.28
N ILE F 24 -9.86 3.16 -26.60
CA ILE F 24 -8.83 2.29 -27.16
C ILE F 24 -9.13 0.83 -26.84
N GLN F 25 -9.26 0.53 -25.55
CA GLN F 25 -9.54 -0.84 -25.11
C GLN F 25 -9.74 -0.88 -23.60
N ALA F 26 -10.14 -2.05 -23.10
CA ALA F 26 -10.34 -2.27 -21.69
C ALA F 26 -9.40 -3.37 -21.19
N ALA F 27 -8.85 -3.18 -20.01
CA ALA F 27 -7.92 -4.15 -19.44
C ALA F 27 -8.35 -4.62 -18.06
N GLU F 28 -8.10 -5.91 -17.79
CA GLU F 28 -8.41 -6.55 -16.50
C GLU F 28 -9.91 -6.59 -16.18
N LEU F 29 -10.70 -7.11 -17.11
CA LEU F 29 -12.15 -7.21 -16.90
C LEU F 29 -12.48 -8.50 -16.14
N PRO F 30 -13.40 -8.42 -15.15
CA PRO F 30 -13.81 -9.59 -14.35
C PRO F 30 -14.53 -10.66 -15.18
N ALA F 31 -14.58 -11.87 -14.63
CA ALA F 31 -15.23 -12.99 -15.31
C ALA F 31 -16.71 -13.11 -14.93
N LEU F 32 -17.46 -13.81 -15.78
CA LEU F 32 -18.89 -14.02 -15.56
C LEU F 32 -19.28 -15.44 -15.97
N ASP F 33 -18.77 -15.87 -17.12
CA ASP F 33 -19.04 -17.20 -17.65
C ASP F 33 -18.14 -18.24 -17.00
N MET F 34 -18.66 -19.46 -16.84
CA MET F 34 -17.92 -20.56 -16.21
C MET F 34 -16.60 -20.81 -16.95
N GLY F 35 -15.49 -20.72 -16.22
CA GLY F 35 -14.19 -20.93 -16.82
C GLY F 35 -13.20 -19.86 -16.41
N GLY F 36 -13.36 -18.66 -16.94
CA GLY F 36 -12.46 -17.57 -16.61
C GLY F 36 -12.56 -16.39 -17.55
N THR F 37 -13.61 -16.34 -18.36
CA THR F 37 -13.79 -15.25 -19.31
C THR F 37 -15.26 -14.86 -19.45
N SER F 38 -15.51 -13.67 -20.00
CA SER F 38 -16.86 -13.16 -20.21
C SER F 38 -17.01 -12.60 -21.62
N ASP F 39 -18.23 -12.19 -21.95
CA ASP F 39 -18.52 -11.58 -23.25
C ASP F 39 -18.90 -10.11 -23.01
N PRO F 40 -17.95 -9.31 -22.52
CA PRO F 40 -18.20 -7.90 -22.18
C PRO F 40 -18.32 -6.97 -23.40
N TYR F 41 -19.44 -6.26 -23.43
CA TYR F 41 -19.71 -5.27 -24.47
C TYR F 41 -20.14 -3.98 -23.79
N VAL F 42 -19.54 -2.87 -24.18
CA VAL F 42 -19.86 -1.58 -23.58
C VAL F 42 -21.18 -1.02 -24.13
N LYS F 43 -22.12 -0.76 -23.23
CA LYS F 43 -23.40 -0.19 -23.62
C LYS F 43 -23.43 1.27 -23.20
N VAL F 44 -23.22 2.16 -24.15
CA VAL F 44 -23.19 3.59 -23.89
C VAL F 44 -24.58 4.09 -23.51
N PHE F 45 -24.69 4.62 -22.30
CA PHE F 45 -25.95 5.16 -21.80
C PHE F 45 -25.78 6.61 -21.36
N LEU F 46 -26.89 7.28 -21.10
CA LEU F 46 -26.86 8.68 -20.67
C LEU F 46 -27.86 8.91 -19.53
N LEU F 47 -27.60 9.98 -18.77
CA LEU F 47 -28.48 10.36 -17.68
C LEU F 47 -29.89 10.69 -18.23
N PRO F 48 -30.82 11.20 -17.39
CA PRO F 48 -32.17 11.57 -17.80
C PRO F 48 -32.29 11.90 -19.28
N ASP F 49 -31.34 12.67 -19.80
CA ASP F 49 -31.32 13.03 -21.22
C ASP F 49 -31.75 11.84 -22.08
N LYS F 50 -31.12 10.69 -21.82
CA LYS F 50 -31.41 9.43 -22.51
C LYS F 50 -31.56 9.58 -24.03
N LYS F 51 -30.89 10.57 -24.64
CA LYS F 51 -30.99 10.76 -26.09
C LYS F 51 -29.81 10.10 -26.79
N LYS F 52 -29.66 8.80 -26.58
CA LYS F 52 -28.59 8.02 -27.19
C LYS F 52 -28.53 6.63 -26.56
N LYS F 53 -28.35 5.63 -27.40
CA LYS F 53 -28.26 4.24 -26.95
C LYS F 53 -27.58 3.39 -28.01
N PHE F 54 -26.36 2.97 -27.74
CA PHE F 54 -25.60 2.16 -28.70
C PHE F 54 -25.07 0.89 -28.03
N GLU F 55 -25.14 -0.21 -28.76
CA GLU F 55 -24.67 -1.50 -28.28
C GLU F 55 -23.44 -1.93 -29.08
N THR F 56 -22.33 -2.15 -28.38
CA THR F 56 -21.09 -2.56 -29.03
C THR F 56 -21.16 -4.01 -29.48
N LYS F 57 -20.16 -4.46 -30.24
CA LYS F 57 -20.13 -5.82 -30.72
C LYS F 57 -19.71 -6.77 -29.62
N VAL F 58 -20.54 -7.76 -29.33
CA VAL F 58 -20.23 -8.73 -28.30
C VAL F 58 -18.81 -9.27 -28.49
N HIS F 59 -18.06 -9.33 -27.41
CA HIS F 59 -16.70 -9.84 -27.45
C HIS F 59 -16.65 -11.17 -26.70
N ARG F 60 -16.88 -12.24 -27.43
CA ARG F 60 -16.92 -13.59 -26.88
C ARG F 60 -15.67 -13.96 -26.08
N LYS F 61 -15.89 -14.37 -24.84
CA LYS F 61 -14.84 -14.82 -23.92
C LYS F 61 -13.56 -14.00 -24.05
N THR F 62 -13.56 -12.79 -23.51
CA THR F 62 -12.39 -11.93 -23.56
C THR F 62 -12.45 -10.87 -22.46
N LEU F 63 -11.35 -10.77 -21.68
CA LEU F 63 -11.26 -9.82 -20.58
C LEU F 63 -10.32 -8.67 -20.92
N ASN F 64 -9.83 -8.66 -22.16
CA ASN F 64 -8.94 -7.62 -22.63
C ASN F 64 -9.08 -7.46 -24.14
N PRO F 65 -10.31 -7.22 -24.62
CA PRO F 65 -10.60 -7.09 -26.04
C PRO F 65 -10.37 -5.68 -26.58
N VAL F 66 -10.02 -5.61 -27.86
CA VAL F 66 -9.79 -4.35 -28.54
C VAL F 66 -10.76 -4.22 -29.70
N PHE F 67 -11.19 -3.01 -30.00
CA PHE F 67 -12.15 -2.79 -31.09
C PHE F 67 -12.21 -1.32 -31.47
N ASN F 68 -12.37 -0.46 -30.46
CA ASN F 68 -12.44 0.98 -30.69
C ASN F 68 -13.74 1.34 -31.41
N GLU F 69 -14.84 1.24 -30.68
CA GLU F 69 -16.15 1.57 -31.24
C GLU F 69 -16.35 3.09 -31.25
N GLN F 70 -17.14 3.57 -32.20
CA GLN F 70 -17.40 5.00 -32.34
C GLN F 70 -18.76 5.36 -31.73
N PHE F 71 -18.74 6.00 -30.57
CA PHE F 71 -19.96 6.42 -29.90
C PHE F 71 -20.23 7.90 -30.17
N THR F 72 -21.37 8.19 -30.76
CA THR F 72 -21.76 9.55 -31.08
C THR F 72 -22.61 10.15 -29.96
N PHE F 73 -22.01 11.05 -29.19
CA PHE F 73 -22.70 11.70 -28.09
C PHE F 73 -23.68 12.73 -28.65
N LYS F 74 -24.86 12.25 -29.04
CA LYS F 74 -25.91 13.10 -29.60
C LYS F 74 -26.39 14.15 -28.60
N VAL F 75 -25.76 15.32 -28.64
CA VAL F 75 -26.12 16.44 -27.76
C VAL F 75 -25.22 17.63 -28.07
N PRO F 76 -25.82 18.82 -28.27
CA PRO F 76 -25.05 20.02 -28.58
C PRO F 76 -23.99 20.31 -27.53
N TYR F 77 -22.79 20.68 -27.98
CA TYR F 77 -21.69 21.00 -27.06
C TYR F 77 -22.17 21.94 -25.95
N SER F 78 -22.98 22.91 -26.33
CA SER F 78 -23.53 23.89 -25.41
C SER F 78 -24.43 23.22 -24.35
N GLU F 79 -24.96 22.06 -24.69
CA GLU F 79 -25.85 21.33 -23.79
C GLU F 79 -25.06 20.32 -22.93
N LEU F 80 -23.95 19.83 -23.48
CA LEU F 80 -23.09 18.87 -22.78
C LEU F 80 -22.90 19.21 -21.31
N GLY F 81 -22.81 20.51 -21.01
CA GLY F 81 -22.62 20.97 -19.64
C GLY F 81 -23.57 20.30 -18.66
N GLY F 82 -24.79 20.02 -19.09
CA GLY F 82 -25.76 19.40 -18.21
C GLY F 82 -26.02 17.94 -18.54
N LYS F 83 -25.03 17.25 -19.10
CA LYS F 83 -25.18 15.85 -19.46
C LYS F 83 -23.99 15.00 -19.02
N THR F 84 -24.22 14.11 -18.08
CA THR F 84 -23.19 13.21 -17.58
C THR F 84 -23.26 11.88 -18.32
N LEU F 85 -22.27 11.60 -19.17
CA LEU F 85 -22.26 10.36 -19.93
C LEU F 85 -21.83 9.20 -19.04
N VAL F 86 -22.40 8.02 -19.28
CA VAL F 86 -22.07 6.85 -18.49
C VAL F 86 -21.79 5.65 -19.40
N MET F 87 -20.61 5.07 -19.24
CA MET F 87 -20.22 3.92 -20.04
C MET F 87 -20.23 2.67 -19.18
N ALA F 88 -21.19 1.79 -19.43
CA ALA F 88 -21.32 0.55 -18.68
C ALA F 88 -20.96 -0.63 -19.56
N VAL F 89 -20.11 -1.51 -19.06
CA VAL F 89 -19.72 -2.70 -19.81
C VAL F 89 -20.62 -3.86 -19.42
N TYR F 90 -21.39 -4.32 -20.39
CA TYR F 90 -22.33 -5.41 -20.15
C TYR F 90 -21.78 -6.72 -20.70
N ASP F 91 -22.04 -7.81 -19.98
CA ASP F 91 -21.58 -9.14 -20.40
C ASP F 91 -22.61 -9.79 -21.31
N PHE F 92 -22.19 -10.80 -22.05
CA PHE F 92 -23.06 -11.51 -22.96
C PHE F 92 -22.79 -13.02 -22.90
N ASP F 93 -22.63 -13.55 -21.69
CA ASP F 93 -22.38 -14.98 -21.49
C ASP F 93 -23.28 -15.84 -22.38
N ARG F 94 -24.53 -15.39 -22.55
CA ARG F 94 -25.53 -16.06 -23.41
C ARG F 94 -26.21 -17.23 -22.71
N PHE F 95 -26.17 -17.26 -21.37
CA PHE F 95 -26.79 -18.34 -20.62
C PHE F 95 -27.55 -17.80 -19.41
N SER F 96 -26.82 -17.13 -18.52
CA SER F 96 -27.38 -16.58 -17.30
C SER F 96 -27.83 -15.14 -17.52
N LYS F 97 -28.27 -14.48 -16.45
CA LYS F 97 -28.69 -13.09 -16.54
C LYS F 97 -27.48 -12.21 -16.74
N HIS F 98 -27.26 -11.75 -17.97
CA HIS F 98 -26.10 -10.90 -18.27
C HIS F 98 -25.96 -9.83 -17.20
N ASP F 99 -24.80 -9.82 -16.54
CA ASP F 99 -24.55 -8.87 -15.46
C ASP F 99 -23.65 -7.71 -15.93
N ILE F 100 -23.71 -6.60 -15.21
CA ILE F 100 -22.92 -5.42 -15.53
C ILE F 100 -21.58 -5.53 -14.80
N ILE F 101 -20.58 -6.11 -15.46
CA ILE F 101 -19.27 -6.28 -14.83
C ILE F 101 -18.71 -4.97 -14.28
N GLY F 102 -19.10 -3.85 -14.88
CA GLY F 102 -18.64 -2.58 -14.37
C GLY F 102 -19.00 -1.40 -15.26
N GLU F 103 -18.61 -0.21 -14.85
CA GLU F 103 -18.89 1.01 -15.60
C GLU F 103 -18.04 2.18 -15.11
N PHE F 104 -18.14 3.31 -15.81
CA PHE F 104 -17.41 4.52 -15.45
C PHE F 104 -18.14 5.74 -16.01
N LYS F 105 -17.95 6.90 -15.38
CA LYS F 105 -18.59 8.13 -15.80
C LYS F 105 -17.78 9.35 -15.35
N VAL F 106 -18.05 10.49 -15.97
CA VAL F 106 -17.35 11.72 -15.63
C VAL F 106 -18.22 12.94 -15.95
N PRO F 107 -18.26 13.93 -15.03
CA PRO F 107 -19.03 15.16 -15.22
C PRO F 107 -18.50 15.98 -16.39
N MET F 108 -19.17 15.88 -17.53
CA MET F 108 -18.76 16.60 -18.74
C MET F 108 -18.50 18.08 -18.46
N ASN F 109 -19.31 18.71 -17.63
CA ASN F 109 -19.12 20.12 -17.32
C ASN F 109 -17.69 20.39 -16.84
N THR F 110 -17.11 19.44 -16.12
CA THR F 110 -15.76 19.57 -15.62
C THR F 110 -14.74 19.15 -16.69
N VAL F 111 -15.22 18.62 -17.81
CA VAL F 111 -14.36 18.18 -18.90
C VAL F 111 -14.20 19.30 -19.91
N ASP F 112 -13.23 20.17 -19.65
CA ASP F 112 -12.96 21.30 -20.53
C ASP F 112 -12.49 20.80 -21.90
N PHE F 113 -13.43 20.75 -22.84
CA PHE F 113 -13.14 20.29 -24.20
C PHE F 113 -12.25 21.30 -24.94
N GLY F 114 -11.02 21.45 -24.46
CA GLY F 114 -10.08 22.35 -25.10
C GLY F 114 -9.57 21.81 -26.42
N HIS F 115 -9.28 20.51 -26.46
CA HIS F 115 -8.80 19.85 -27.67
C HIS F 115 -9.24 18.39 -27.67
N VAL F 116 -8.51 17.57 -26.91
CA VAL F 116 -8.80 16.14 -26.82
C VAL F 116 -8.57 15.65 -25.40
N THR F 117 -9.55 14.94 -24.86
CA THR F 117 -9.47 14.42 -23.51
C THR F 117 -9.00 12.96 -23.53
N GLU F 118 -7.69 12.78 -23.41
CA GLU F 118 -7.10 11.44 -23.41
C GLU F 118 -6.59 11.12 -22.01
N GLU F 119 -6.91 9.93 -21.51
CA GLU F 119 -6.49 9.51 -20.18
C GLU F 119 -6.76 8.03 -19.93
N TRP F 120 -6.10 7.49 -18.91
CA TRP F 120 -6.28 6.09 -18.55
C TRP F 120 -7.36 5.98 -17.49
N ARG F 121 -8.60 5.88 -17.95
CA ARG F 121 -9.76 5.81 -17.06
C ARG F 121 -9.76 4.52 -16.23
N ASP F 122 -10.05 4.67 -14.95
CA ASP F 122 -10.13 3.52 -14.05
C ASP F 122 -11.53 2.94 -14.12
N LEU F 123 -11.62 1.62 -14.06
CA LEU F 123 -12.91 0.94 -14.15
C LEU F 123 -13.35 0.42 -12.79
N GLN F 124 -14.63 0.56 -12.48
CA GLN F 124 -15.17 0.09 -11.20
C GLN F 124 -16.39 -0.80 -11.43
N SER F 125 -16.50 -1.85 -10.62
CA SER F 125 -17.62 -2.78 -10.74
C SER F 125 -18.87 -2.25 -10.06
N ALA F 126 -19.61 -1.41 -10.78
CA ALA F 126 -20.84 -0.84 -10.25
C ALA F 126 -21.95 -1.88 -10.30
N GLU F 127 -22.30 -2.41 -9.12
CA GLU F 127 -23.35 -3.41 -8.97
C GLU F 127 -24.71 -2.77 -9.22
N LYS F 128 -24.90 -2.21 -10.40
CA LYS F 128 -26.15 -1.56 -10.74
C LYS F 128 -26.76 -2.21 -11.98
N GLU A 1 15.61 -4.41 6.53
CA GLU A 1 15.87 -4.29 7.99
C GLU A 1 14.87 -3.35 8.64
N LYS A 2 14.33 -3.77 9.78
CA LYS A 2 13.34 -2.96 10.51
C LYS A 2 13.59 -3.02 12.01
N LEU A 3 13.55 -1.85 12.64
CA LEU A 3 13.73 -1.74 14.09
C LEU A 3 12.57 -0.98 14.73
N GLY A 4 11.57 -0.62 13.92
CA GLY A 4 10.42 0.11 14.42
C GLY A 4 10.53 1.60 14.14
N LYS A 5 10.23 2.43 15.13
CA LYS A 5 10.31 3.88 14.97
C LYS A 5 10.75 4.55 16.26
N LEU A 6 11.39 5.70 16.12
CA LEU A 6 11.87 6.46 17.27
C LEU A 6 11.55 7.95 17.08
N GLN A 7 10.84 8.51 18.04
CA GLN A 7 10.47 9.93 17.97
C GLN A 7 11.54 10.76 18.66
N TYR A 8 11.96 11.87 18.06
CA TYR A 8 12.98 12.71 18.67
C TYR A 8 12.87 14.17 18.27
N SER A 9 13.42 15.03 19.13
CA SER A 9 13.45 16.47 18.92
C SER A 9 14.86 16.97 19.23
N LEU A 10 15.62 17.26 18.19
CA LEU A 10 17.00 17.70 18.36
C LEU A 10 17.15 19.22 18.20
N ASP A 11 17.77 19.86 19.18
CA ASP A 11 17.99 21.30 19.14
C ASP A 11 19.50 21.58 19.23
N TYR A 12 19.91 22.81 18.91
CA TYR A 12 21.34 23.15 18.92
C TYR A 12 21.68 24.24 19.93
N ASP A 13 22.88 24.12 20.51
CA ASP A 13 23.37 25.09 21.47
C ASP A 13 24.60 25.79 20.90
N PHE A 14 24.54 27.13 20.82
CA PHE A 14 25.64 27.91 20.27
C PHE A 14 26.49 28.57 21.35
N GLN A 15 26.29 28.20 22.61
CA GLN A 15 27.03 28.75 23.73
C GLN A 15 28.16 27.80 24.12
N ASN A 16 27.81 26.52 24.25
CA ASN A 16 28.78 25.49 24.61
C ASN A 16 29.23 24.71 23.36
N ASN A 17 28.45 24.85 22.28
CA ASN A 17 28.74 24.19 21.00
C ASN A 17 28.43 22.70 21.06
N GLN A 18 27.14 22.39 21.25
CA GLN A 18 26.70 21.00 21.31
C GLN A 18 25.25 20.90 20.82
N LEU A 19 24.94 19.81 20.14
CA LEU A 19 23.59 19.58 19.66
C LEU A 19 22.85 18.72 20.68
N LEU A 20 21.62 19.13 21.01
CA LEU A 20 20.82 18.43 21.99
C LEU A 20 19.95 17.39 21.31
N VAL A 21 20.37 16.14 21.37
CA VAL A 21 19.61 15.04 20.78
C VAL A 21 18.56 14.58 21.78
N GLY A 22 17.43 15.26 21.79
CA GLY A 22 16.35 14.91 22.70
C GLY A 22 15.33 13.98 22.07
N ILE A 23 15.56 12.68 22.22
CA ILE A 23 14.64 11.70 21.67
C ILE A 23 13.47 11.47 22.63
N ILE A 24 12.31 11.13 22.10
CA ILE A 24 11.13 10.92 22.92
C ILE A 24 11.03 9.48 23.38
N GLN A 25 11.03 8.55 22.42
CA GLN A 25 10.95 7.13 22.72
C GLN A 25 11.07 6.28 21.45
N ALA A 26 11.14 4.97 21.63
CA ALA A 26 11.24 4.04 20.52
C ALA A 26 10.03 3.11 20.53
N ALA A 27 9.50 2.81 19.36
CA ALA A 27 8.33 1.93 19.26
C ALA A 27 8.58 0.75 18.33
N GLU A 28 8.01 -0.40 18.67
CA GLU A 28 8.14 -1.64 17.88
C GLU A 28 9.58 -2.09 17.73
N LEU A 29 10.16 -2.59 18.81
CA LEU A 29 11.55 -3.06 18.79
C LEU A 29 11.60 -4.59 18.76
N PRO A 30 12.59 -5.18 18.05
CA PRO A 30 12.76 -6.64 17.97
C PRO A 30 13.05 -7.26 19.34
N ALA A 31 12.71 -8.54 19.50
CA ALA A 31 12.92 -9.23 20.77
C ALA A 31 14.24 -10.00 20.81
N LEU A 32 14.69 -10.31 22.02
CA LEU A 32 15.94 -11.04 22.23
C LEU A 32 15.78 -12.06 23.35
N ASP A 33 15.24 -11.60 24.48
CA ASP A 33 15.00 -12.45 25.66
C ASP A 33 13.90 -13.45 25.36
N MET A 34 13.84 -14.54 26.13
CA MET A 34 12.81 -15.56 25.92
C MET A 34 11.50 -15.14 26.55
N GLY A 35 10.65 -14.51 25.74
CA GLY A 35 9.37 -14.04 26.21
C GLY A 35 8.76 -13.02 25.26
N GLY A 36 9.49 -12.71 24.20
CA GLY A 36 9.01 -11.74 23.23
C GLY A 36 9.34 -10.31 23.61
N THR A 37 10.34 -10.13 24.45
CA THR A 37 10.76 -8.79 24.89
C THR A 37 12.28 -8.70 25.02
N SER A 38 12.80 -7.49 25.10
CA SER A 38 14.24 -7.28 25.22
C SER A 38 14.53 -6.11 26.16
N ASP A 39 15.81 -5.88 26.41
CA ASP A 39 16.26 -4.78 27.27
C ASP A 39 17.01 -3.77 26.40
N PRO A 40 16.32 -3.15 25.44
CA PRO A 40 16.93 -2.21 24.50
C PRO A 40 17.30 -0.85 25.09
N TYR A 41 18.57 -0.50 24.93
CA TYR A 41 19.08 0.79 25.36
C TYR A 41 19.85 1.41 24.20
N VAL A 42 19.58 2.66 23.90
CA VAL A 42 20.24 3.34 22.80
C VAL A 42 21.65 3.79 23.17
N LYS A 43 22.62 3.33 22.42
CA LYS A 43 24.02 3.70 22.64
C LYS A 43 24.43 4.68 21.55
N VAL A 44 24.46 5.96 21.91
CA VAL A 44 24.83 7.01 20.97
C VAL A 44 26.30 6.92 20.59
N PHE A 45 26.56 6.70 19.31
CA PHE A 45 27.91 6.59 18.79
C PHE A 45 28.13 7.61 17.67
N LEU A 46 29.39 7.77 17.27
CA LEU A 46 29.75 8.71 16.21
C LEU A 46 30.76 8.09 15.26
N LEU A 47 30.81 8.64 14.05
CA LEU A 47 31.76 8.19 13.03
C LEU A 47 33.20 8.42 13.55
N PRO A 48 34.24 8.21 12.70
CA PRO A 48 35.65 8.41 13.06
C PRO A 48 35.84 9.41 14.20
N ASP A 49 35.14 10.54 14.12
CA ASP A 49 35.20 11.58 15.16
C ASP A 49 35.29 10.93 16.54
N LYS A 50 34.38 10.00 16.80
CA LYS A 50 34.31 9.25 18.06
C LYS A 50 34.50 10.12 19.32
N LYS A 51 34.13 11.40 19.25
CA LYS A 51 34.26 12.28 20.40
C LYS A 51 32.95 12.36 21.17
N LYS A 52 32.46 11.21 21.60
CA LYS A 52 31.21 11.13 22.37
C LYS A 52 30.77 9.68 22.50
N LYS A 53 30.33 9.32 23.70
CA LYS A 53 29.88 7.97 23.98
C LYS A 53 28.99 7.96 25.22
N PHE A 54 27.69 7.76 25.02
CA PHE A 54 26.74 7.75 26.14
C PHE A 54 25.90 6.48 26.12
N GLU A 55 25.67 5.94 27.31
CA GLU A 55 24.87 4.73 27.47
C GLU A 55 23.57 5.07 28.18
N THR A 56 22.45 4.78 27.55
CA THR A 56 21.13 5.06 28.13
C THR A 56 20.80 4.07 29.25
N LYS A 57 19.73 4.33 29.97
CA LYS A 57 19.32 3.46 31.06
C LYS A 57 18.67 2.20 30.51
N VAL A 58 19.20 1.05 30.89
CA VAL A 58 18.65 -0.22 30.43
C VAL A 58 17.13 -0.24 30.67
N HIS A 59 16.40 -0.68 29.67
CA HIS A 59 14.95 -0.76 29.75
C HIS A 59 14.54 -2.24 29.76
N ARG A 60 14.48 -2.79 30.96
CA ARG A 60 14.16 -4.20 31.15
C ARG A 60 12.85 -4.63 30.47
N LYS A 61 12.96 -5.66 29.65
CA LYS A 61 11.84 -6.26 28.94
C LYS A 61 10.81 -5.22 28.47
N THR A 62 11.15 -4.51 27.40
CA THR A 62 10.26 -3.50 26.84
C THR A 62 10.60 -3.21 25.38
N LEU A 63 9.58 -3.28 24.52
CA LEU A 63 9.77 -3.02 23.10
C LEU A 63 9.19 -1.68 22.68
N ASN A 64 8.67 -0.94 23.67
CA ASN A 64 8.09 0.37 23.43
C ASN A 64 8.26 1.24 24.66
N PRO A 65 9.51 1.40 25.12
CA PRO A 65 9.82 2.19 26.32
C PRO A 65 9.97 3.67 26.06
N VAL A 66 9.64 4.47 27.07
CA VAL A 66 9.76 5.92 26.99
C VAL A 66 10.74 6.40 28.06
N PHE A 67 11.47 7.46 27.78
CA PHE A 67 12.45 7.98 28.73
C PHE A 67 12.90 9.38 28.35
N ASN A 68 13.28 9.54 27.08
CA ASN A 68 13.74 10.83 26.57
C ASN A 68 15.08 11.20 27.19
N GLU A 69 16.13 10.49 26.77
CA GLU A 69 17.47 10.76 27.28
C GLU A 69 18.07 11.96 26.56
N GLN A 70 18.96 12.67 27.24
CA GLN A 70 19.59 13.85 26.68
C GLN A 70 21.00 13.54 26.18
N PHE A 71 21.15 13.48 24.86
CA PHE A 71 22.45 13.20 24.25
C PHE A 71 23.09 14.50 23.79
N THR A 72 24.28 14.78 24.32
CA THR A 72 25.01 15.98 23.97
C THR A 72 26.00 15.70 22.83
N PHE A 73 25.67 16.18 21.64
CA PHE A 73 26.52 16.00 20.47
C PHE A 73 27.73 16.91 20.59
N LYS A 74 28.74 16.45 21.33
CA LYS A 74 29.97 17.21 21.53
C LYS A 74 30.71 17.45 20.21
N VAL A 75 30.43 18.57 19.58
CA VAL A 75 31.07 18.96 18.33
C VAL A 75 30.53 20.32 17.88
N PRO A 76 31.41 21.27 17.55
CA PRO A 76 31.00 22.59 17.10
C PRO A 76 30.06 22.54 15.90
N TYR A 77 29.00 23.33 15.94
CA TYR A 77 28.02 23.38 14.85
C TYR A 77 28.74 23.47 13.50
N SER A 78 29.79 24.29 13.46
CA SER A 78 30.58 24.49 12.25
C SER A 78 31.27 23.20 11.80
N GLU A 79 31.48 22.28 12.74
CA GLU A 79 32.13 21.01 12.47
C GLU A 79 31.11 19.93 12.11
N LEU A 80 29.90 20.05 12.67
CA LEU A 80 28.82 19.10 12.43
C LEU A 80 28.74 18.67 10.97
N GLY A 81 29.00 19.61 10.06
CA GLY A 81 28.94 19.32 8.62
C GLY A 81 29.68 18.05 8.25
N GLY A 82 30.78 17.76 8.94
CA GLY A 82 31.56 16.57 8.63
C GLY A 82 31.40 15.48 9.67
N LYS A 83 30.27 15.42 10.34
CA LYS A 83 30.04 14.41 11.37
C LYS A 83 28.66 13.76 11.25
N THR A 84 28.65 12.48 10.92
CA THR A 84 27.42 11.73 10.79
C THR A 84 27.13 10.99 12.10
N LEU A 85 26.10 11.42 12.82
CA LEU A 85 25.74 10.79 14.09
C LEU A 85 25.03 9.47 13.84
N VAL A 86 25.26 8.49 14.71
CA VAL A 86 24.63 7.19 14.56
C VAL A 86 24.03 6.74 15.90
N MET A 87 22.74 6.44 15.88
CA MET A 87 22.05 5.99 17.08
C MET A 87 21.73 4.51 16.97
N ALA A 88 22.43 3.70 17.75
CA ALA A 88 22.22 2.26 17.74
C ALA A 88 21.56 1.81 19.04
N VAL A 89 20.49 1.03 18.91
CA VAL A 89 19.79 0.52 20.08
C VAL A 89 20.36 -0.85 20.47
N TYR A 90 20.98 -0.91 21.63
CA TYR A 90 21.59 -2.14 22.11
C TYR A 90 20.70 -2.82 23.14
N ASP A 91 20.68 -4.15 23.10
CA ASP A 91 19.87 -4.91 24.05
C ASP A 91 20.68 -5.22 25.31
N PHE A 92 19.99 -5.59 26.38
CA PHE A 92 20.65 -5.90 27.64
C PHE A 92 19.99 -7.11 28.30
N ASP A 93 19.70 -8.14 27.49
CA ASP A 93 19.06 -9.37 27.99
C ASP A 93 19.71 -9.82 29.32
N ARG A 94 21.02 -9.65 29.42
CA ARG A 94 21.80 -9.98 30.62
C ARG A 94 22.15 -11.48 30.70
N PHE A 95 22.10 -12.17 29.56
CA PHE A 95 22.42 -13.60 29.55
C PHE A 95 23.29 -13.95 28.34
N SER A 96 22.78 -13.69 27.15
CA SER A 96 23.47 -13.99 25.90
C SER A 96 24.28 -12.78 25.44
N LYS A 97 24.89 -12.89 24.26
CA LYS A 97 25.67 -11.80 23.71
C LYS A 97 24.73 -10.68 23.27
N HIS A 98 24.63 -9.63 24.07
CA HIS A 98 23.76 -8.50 23.74
C HIS A 98 23.90 -8.14 22.26
N ASP A 99 22.80 -8.21 21.54
CA ASP A 99 22.80 -7.91 20.10
C ASP A 99 22.28 -6.51 19.81
N ILE A 100 22.62 -5.98 18.64
CA ILE A 100 22.16 -4.67 18.22
C ILE A 100 20.85 -4.83 17.46
N ILE A 101 19.74 -4.74 18.19
CA ILE A 101 18.41 -4.88 17.59
C ILE A 101 18.22 -3.93 16.40
N GLY A 102 18.93 -2.80 16.40
CA GLY A 102 18.80 -1.86 15.30
C GLY A 102 19.51 -0.55 15.55
N GLU A 103 19.44 0.35 14.58
CA GLU A 103 20.08 1.66 14.69
C GLU A 103 19.55 2.62 13.62
N PHE A 104 19.99 3.87 13.70
CA PHE A 104 19.61 4.89 12.74
C PHE A 104 20.66 6.00 12.71
N LYS A 105 20.76 6.70 11.58
CA LYS A 105 21.73 7.78 11.43
C LYS A 105 21.27 8.78 10.38
N VAL A 106 21.87 9.97 10.40
CA VAL A 106 21.52 11.02 9.44
C VAL A 106 22.69 11.96 9.22
N PRO A 107 22.96 12.33 7.96
CA PRO A 107 24.05 13.25 7.60
C PRO A 107 23.81 14.64 8.17
N MET A 108 24.49 14.94 9.28
CA MET A 108 24.33 16.22 9.96
C MET A 108 24.48 17.40 8.99
N ASN A 109 25.39 17.30 8.03
CA ASN A 109 25.59 18.38 7.07
C ASN A 109 24.26 18.75 6.39
N THR A 110 23.41 17.75 6.16
CA THR A 110 22.12 17.97 5.53
C THR A 110 21.07 18.41 6.57
N VAL A 111 21.45 18.38 7.85
CA VAL A 111 20.55 18.77 8.92
C VAL A 111 20.74 20.24 9.26
N ASP A 112 20.04 21.08 8.52
CA ASP A 112 20.12 22.52 8.72
C ASP A 112 19.61 22.90 10.12
N PHE A 113 20.53 23.07 11.05
CA PHE A 113 20.20 23.41 12.43
C PHE A 113 19.65 24.85 12.51
N GLY A 114 18.49 25.06 11.92
CA GLY A 114 17.85 26.37 11.93
C GLY A 114 17.28 26.69 13.31
N HIS A 115 16.64 25.70 13.93
CA HIS A 115 16.06 25.87 15.26
C HIS A 115 16.09 24.53 16.00
N VAL A 116 15.13 23.67 15.67
CA VAL A 116 15.01 22.35 16.29
C VAL A 116 14.60 21.31 15.26
N THR A 117 15.32 20.21 15.22
CA THR A 117 15.03 19.14 14.29
C THR A 117 14.19 18.05 14.97
N GLU A 118 12.88 18.18 14.82
CA GLU A 118 11.94 17.21 15.40
C GLU A 118 11.31 16.40 14.29
N GLU A 119 11.26 15.08 14.45
CA GLU A 119 10.68 14.20 13.44
C GLU A 119 10.53 12.77 13.97
N TRP A 120 9.71 11.99 13.28
CA TRP A 120 9.48 10.60 13.66
C TRP A 120 10.44 9.68 12.90
N ARG A 121 11.64 9.57 13.44
CA ARG A 121 12.69 8.77 12.82
C ARG A 121 12.33 7.30 12.75
N ASP A 122 12.60 6.70 11.59
CA ASP A 122 12.35 5.29 11.36
C ASP A 122 13.55 4.49 11.84
N LEU A 123 13.30 3.35 12.48
CA LEU A 123 14.37 2.51 13.00
C LEU A 123 14.59 1.28 12.13
N GLN A 124 15.86 0.95 11.91
CA GLN A 124 16.21 -0.22 11.09
C GLN A 124 17.16 -1.14 11.84
N SER A 125 16.97 -2.45 11.64
CA SER A 125 17.80 -3.45 12.30
C SER A 125 19.13 -3.65 11.58
N ALA A 126 19.88 -2.55 11.42
CA ALA A 126 21.17 -2.62 10.75
C ALA A 126 22.22 -3.22 11.69
N GLU A 127 22.58 -4.48 11.46
CA GLU A 127 23.54 -5.16 12.31
C GLU A 127 24.96 -4.63 12.07
N LYS A 128 25.22 -3.45 12.61
CA LYS A 128 26.50 -2.79 12.46
C LYS A 128 27.18 -2.63 13.81
N TYR B 1 33.27 14.83 -21.20
CA TYR B 1 34.13 15.36 -20.10
C TYR B 1 34.27 14.31 -18.99
N LYS B 2 34.91 13.18 -19.30
CA LYS B 2 35.09 12.12 -18.33
C LYS B 2 35.67 12.66 -17.03
N LYS B 3 34.82 12.69 -15.99
CA LYS B 3 35.21 13.20 -14.69
C LYS B 3 34.29 12.63 -13.61
N PRO B 4 34.42 13.09 -12.34
CA PRO B 4 33.61 12.65 -11.22
C PRO B 4 32.30 11.95 -11.61
N LYS B 5 32.28 10.63 -11.48
CA LYS B 5 31.11 9.84 -11.81
C LYS B 5 30.30 9.58 -10.55
N LEU B 6 29.17 10.26 -10.40
CA LEU B 6 28.31 10.10 -9.23
C LEU B 6 27.39 8.89 -9.44
N LEU B 7 27.28 8.07 -8.39
CA LEU B 7 26.43 6.88 -8.46
C LEU B 7 25.75 6.62 -7.11
N TYR B 8 24.47 6.29 -7.16
CA TYR B 8 23.70 6.00 -5.94
C TYR B 8 22.47 5.16 -6.30
N CYS B 9 21.74 4.68 -5.30
CA CYS B 9 20.55 3.87 -5.55
C CYS B 9 19.50 4.09 -4.47
N SER B 10 18.28 3.62 -4.76
CA SER B 10 17.15 3.75 -3.84
C SER B 10 16.62 5.17 -3.87
N ASN B 11 15.36 5.32 -4.25
CA ASN B 11 14.74 6.63 -4.33
C ASN B 11 14.98 7.42 -3.03
N GLY B 12 15.51 8.62 -3.18
CA GLY B 12 15.79 9.45 -2.02
C GLY B 12 17.15 10.07 -2.09
N GLY B 13 17.24 11.35 -1.73
CA GLY B 13 18.51 12.04 -1.76
C GLY B 13 19.58 11.34 -0.94
N HIS B 14 20.51 10.69 -1.64
CA HIS B 14 21.61 9.97 -1.00
C HIS B 14 22.68 9.64 -2.04
N PHE B 15 23.90 10.11 -1.82
CA PHE B 15 25.00 9.88 -2.76
C PHE B 15 26.11 9.08 -2.09
N LEU B 16 26.83 8.29 -2.88
CA LEU B 16 27.92 7.48 -2.36
C LEU B 16 29.14 8.35 -2.04
N ARG B 17 29.32 8.69 -0.78
CA ARG B 17 30.45 9.52 -0.37
C ARG B 17 31.60 8.65 0.09
N ILE B 18 32.64 8.58 -0.71
CA ILE B 18 33.80 7.77 -0.41
C ILE B 18 34.84 8.55 0.39
N LEU B 19 35.48 7.86 1.32
CA LEU B 19 36.51 8.46 2.16
C LEU B 19 37.75 7.58 2.17
N PRO B 20 38.95 8.19 2.12
CA PRO B 20 40.23 7.45 2.12
C PRO B 20 40.25 6.34 3.16
N ASP B 21 39.54 6.54 4.26
CA ASP B 21 39.45 5.56 5.33
C ASP B 21 38.88 4.24 4.82
N GLY B 22 37.84 4.33 4.01
CA GLY B 22 37.20 3.15 3.47
C GLY B 22 35.72 3.10 3.77
N THR B 23 35.32 3.66 4.90
CA THR B 23 33.91 3.68 5.30
C THR B 23 33.11 4.65 4.44
N VAL B 24 32.66 4.17 3.28
CA VAL B 24 31.87 4.97 2.36
C VAL B 24 30.39 4.88 2.75
N ASP B 25 29.71 6.02 2.82
CA ASP B 25 28.29 6.06 3.18
C ASP B 25 27.49 6.82 2.13
N GLY B 26 26.16 6.68 2.19
CA GLY B 26 25.29 7.34 1.25
C GLY B 26 24.95 8.76 1.68
N THR B 27 25.95 9.62 1.70
CA THR B 27 25.76 11.01 2.10
C THR B 27 24.94 11.76 1.07
N ARG B 28 23.90 12.45 1.52
CA ARG B 28 23.05 13.21 0.61
C ARG B 28 23.52 14.65 0.53
N ASP B 29 24.70 14.85 -0.05
CA ASP B 29 25.28 16.18 -0.20
C ASP B 29 26.14 16.25 -1.45
N ARG B 30 26.26 17.45 -2.00
CA ARG B 30 27.06 17.68 -3.20
C ARG B 30 27.92 18.94 -3.03
N SER B 31 28.17 19.31 -1.78
CA SER B 31 28.97 20.47 -1.47
C SER B 31 30.43 20.09 -1.33
N ASP B 32 30.68 18.98 -0.65
CA ASP B 32 32.05 18.49 -0.44
C ASP B 32 32.40 17.45 -1.50
N GLN B 33 33.51 17.67 -2.18
CA GLN B 33 33.96 16.75 -3.23
C GLN B 33 34.40 15.41 -2.66
N HIS B 34 33.42 14.58 -2.28
CA HIS B 34 33.72 13.25 -1.74
C HIS B 34 32.67 12.22 -2.17
N ILE B 35 31.88 12.57 -3.19
CA ILE B 35 30.84 11.67 -3.70
C ILE B 35 31.01 11.45 -5.20
N GLN B 36 32.26 11.24 -5.61
CA GLN B 36 32.56 11.03 -7.03
C GLN B 36 33.62 9.94 -7.20
N LEU B 37 33.35 9.03 -8.12
CA LEU B 37 34.28 7.94 -8.41
C LEU B 37 34.56 7.89 -9.91
N GLN B 38 35.71 7.35 -10.28
CA GLN B 38 36.08 7.26 -11.70
C GLN B 38 35.57 5.95 -12.28
N LEU B 39 34.26 5.86 -12.48
CA LEU B 39 33.64 4.68 -13.07
C LEU B 39 33.92 4.62 -14.56
N SER B 40 34.42 3.48 -15.03
CA SER B 40 34.73 3.30 -16.44
C SER B 40 34.83 1.82 -16.79
N ALA B 41 34.60 1.50 -18.05
CA ALA B 41 34.68 0.12 -18.52
C ALA B 41 36.13 -0.22 -18.86
N GLU B 42 36.78 -0.96 -17.96
CA GLU B 42 38.17 -1.34 -18.15
C GLU B 42 38.29 -2.37 -19.26
N SER B 43 37.56 -3.46 -19.12
CA SER B 43 37.56 -4.54 -20.09
C SER B 43 36.18 -4.68 -20.72
N VAL B 44 36.04 -5.55 -21.72
CA VAL B 44 34.77 -5.77 -22.40
C VAL B 44 33.66 -6.10 -21.39
N GLY B 45 32.94 -5.07 -20.95
CA GLY B 45 31.86 -5.26 -20.00
C GLY B 45 32.32 -5.13 -18.56
N GLU B 46 33.62 -5.19 -18.32
CA GLU B 46 34.16 -5.09 -16.96
C GLU B 46 34.39 -3.63 -16.58
N VAL B 47 33.58 -3.12 -15.68
CA VAL B 47 33.69 -1.75 -15.20
C VAL B 47 34.32 -1.71 -13.82
N TYR B 48 35.15 -0.72 -13.58
CA TYR B 48 35.82 -0.57 -12.28
C TYR B 48 35.36 0.70 -11.57
N ILE B 49 35.33 0.63 -10.25
CA ILE B 49 34.93 1.76 -9.43
C ILE B 49 36.12 2.25 -8.62
N LYS B 50 36.72 3.34 -9.05
CA LYS B 50 37.88 3.91 -8.38
C LYS B 50 37.70 5.41 -8.15
N SER B 51 37.60 5.79 -6.89
CA SER B 51 37.44 7.19 -6.52
C SER B 51 38.81 7.87 -6.50
N THR B 52 39.48 7.86 -7.64
CA THR B 52 40.81 8.43 -7.78
C THR B 52 40.87 9.89 -7.32
N GLU B 53 40.26 10.78 -8.08
CA GLU B 53 40.28 12.20 -7.76
C GLU B 53 39.24 12.58 -6.70
N THR B 54 39.29 11.92 -5.55
CA THR B 54 38.34 12.22 -4.47
C THR B 54 38.49 11.28 -3.27
N GLY B 55 38.71 9.99 -3.53
CA GLY B 55 38.81 9.05 -2.42
C GLY B 55 39.86 7.98 -2.64
N GLN B 56 39.39 6.75 -2.80
CA GLN B 56 40.26 5.59 -2.96
C GLN B 56 39.68 4.58 -3.93
N TYR B 57 40.38 3.45 -4.09
CA TYR B 57 39.95 2.38 -4.99
C TYR B 57 39.10 1.39 -4.18
N LEU B 58 38.09 0.81 -4.81
CA LEU B 58 37.23 -0.15 -4.14
C LEU B 58 37.86 -1.55 -4.11
N ALA B 59 37.44 -2.33 -3.11
CA ALA B 59 37.91 -3.68 -2.93
C ALA B 59 36.92 -4.45 -2.05
N MET B 60 35.89 -4.98 -2.69
CA MET B 60 34.84 -5.72 -1.99
C MET B 60 35.41 -6.82 -1.10
N ASP B 61 34.78 -7.01 0.05
CA ASP B 61 35.19 -8.04 0.99
C ASP B 61 34.38 -9.30 0.71
N THR B 62 34.83 -10.07 -0.27
CA THR B 62 34.14 -11.30 -0.64
C THR B 62 32.73 -10.99 -1.10
N ASP B 63 32.55 -9.82 -1.74
CA ASP B 63 31.23 -9.36 -2.21
C ASP B 63 30.35 -9.00 -1.02
N GLY B 64 30.21 -9.95 -0.08
CA GLY B 64 29.40 -9.75 1.11
C GLY B 64 29.40 -8.31 1.60
N LEU B 65 30.60 -7.78 1.87
CA LEU B 65 30.74 -6.41 2.33
C LEU B 65 31.53 -5.60 1.30
N LEU B 66 31.02 -4.42 0.97
CA LEU B 66 31.67 -3.57 -0.02
C LEU B 66 32.53 -2.52 0.68
N TYR B 67 33.79 -2.42 0.26
CA TYR B 67 34.71 -1.45 0.84
C TYR B 67 35.81 -1.10 -0.17
N GLY B 68 36.68 -0.18 0.20
CA GLY B 68 37.76 0.22 -0.68
C GLY B 68 38.68 1.22 -0.02
N SER B 69 39.97 1.14 -0.32
CA SER B 69 40.95 2.06 0.26
C SER B 69 42.38 1.62 -0.06
N GLN B 70 42.76 0.44 0.43
CA GLN B 70 44.11 -0.08 0.24
C GLN B 70 44.45 -0.31 -1.23
N THR B 71 43.85 -1.33 -1.84
CA THR B 71 44.15 -1.66 -3.24
C THR B 71 42.90 -2.11 -4.01
N PRO B 72 42.84 -1.80 -5.32
CA PRO B 72 41.71 -2.20 -6.17
C PRO B 72 41.81 -3.66 -6.57
N ASN B 73 41.56 -4.54 -5.60
CA ASN B 73 41.63 -5.99 -5.83
C ASN B 73 40.58 -6.42 -6.85
N GLU B 74 40.82 -7.57 -7.50
CA GLU B 74 39.88 -8.10 -8.51
C GLU B 74 38.43 -7.99 -8.02
N GLU B 75 38.23 -8.12 -6.71
CA GLU B 75 36.90 -7.97 -6.11
C GLU B 75 36.18 -6.72 -6.65
N CYS B 76 36.97 -5.73 -7.07
CA CYS B 76 36.41 -4.48 -7.59
C CYS B 76 36.03 -4.55 -9.07
N LEU B 77 36.17 -5.70 -9.72
CA LEU B 77 35.81 -5.82 -11.13
C LEU B 77 34.34 -6.24 -11.25
N PHE B 78 33.54 -5.41 -11.90
CA PHE B 78 32.12 -5.69 -12.06
C PHE B 78 31.69 -5.60 -13.53
N LEU B 79 30.72 -6.44 -13.90
CA LEU B 79 30.20 -6.45 -15.26
C LEU B 79 29.12 -5.38 -15.40
N GLU B 80 29.30 -4.49 -16.38
CA GLU B 80 28.35 -3.40 -16.61
C GLU B 80 27.07 -3.92 -17.26
N ARG B 81 25.96 -3.80 -16.53
CA ARG B 81 24.65 -4.21 -17.03
C ARG B 81 23.63 -3.09 -16.85
N LEU B 82 22.65 -3.03 -17.72
CA LEU B 82 21.63 -2.00 -17.66
C LEU B 82 20.24 -2.61 -17.53
N GLU B 83 19.39 -1.99 -16.72
CA GLU B 83 18.02 -2.47 -16.51
C GLU B 83 17.03 -1.47 -17.08
N GLU B 84 15.97 -1.96 -17.70
CA GLU B 84 14.94 -1.11 -18.29
C GLU B 84 14.09 -0.46 -17.19
N ASN B 85 14.77 0.19 -16.25
CA ASN B 85 14.11 0.84 -15.13
C ASN B 85 14.85 2.14 -14.76
N HIS B 86 15.62 2.66 -15.73
CA HIS B 86 16.41 3.88 -15.53
C HIS B 86 17.43 3.69 -14.41
N TYR B 87 18.11 2.53 -14.42
CA TYR B 87 19.11 2.22 -13.42
C TYR B 87 20.22 1.35 -14.01
N ASN B 88 21.40 1.44 -13.41
CA ASN B 88 22.57 0.69 -13.85
C ASN B 88 22.79 -0.52 -12.94
N THR B 89 23.29 -1.60 -13.52
CA THR B 89 23.57 -2.81 -12.77
C THR B 89 25.01 -3.24 -12.97
N TYR B 90 25.67 -3.64 -11.89
CA TYR B 90 27.07 -4.06 -11.96
C TYR B 90 27.23 -5.42 -11.29
N ILE B 91 27.61 -6.42 -12.06
CA ILE B 91 27.77 -7.77 -11.53
C ILE B 91 29.22 -8.04 -11.12
N SER B 92 29.43 -8.28 -9.84
CA SER B 92 30.76 -8.56 -9.32
C SER B 92 31.22 -9.94 -9.82
N LYS B 93 31.69 -9.99 -11.06
CA LYS B 93 32.14 -11.23 -11.67
C LYS B 93 32.98 -12.04 -10.70
N LYS B 94 33.76 -11.36 -9.86
CA LYS B 94 34.59 -12.03 -8.86
C LYS B 94 33.75 -13.00 -8.01
N HIS B 95 32.46 -12.69 -7.85
CA HIS B 95 31.55 -13.55 -7.08
C HIS B 95 30.29 -13.91 -7.87
N ALA B 96 30.29 -13.60 -9.17
CA ALA B 96 29.14 -13.90 -10.02
C ALA B 96 28.75 -15.37 -9.88
N GLU B 97 29.75 -16.21 -9.61
CA GLU B 97 29.53 -17.64 -9.43
C GLU B 97 28.40 -17.91 -8.42
N LYS B 98 28.27 -17.03 -7.43
CA LYS B 98 27.23 -17.17 -6.42
C LYS B 98 26.03 -16.28 -6.76
N ASN B 99 25.98 -15.78 -7.99
CA ASN B 99 24.90 -14.90 -8.44
C ASN B 99 24.84 -13.65 -7.56
N TRP B 100 26.01 -13.19 -7.14
CA TRP B 100 26.12 -12.01 -6.30
C TRP B 100 26.58 -10.79 -7.10
N PHE B 101 25.83 -9.69 -6.98
CA PHE B 101 26.17 -8.47 -7.68
C PHE B 101 26.03 -7.25 -6.76
N VAL B 102 27.16 -6.55 -6.53
CA VAL B 102 27.28 -5.37 -5.67
C VAL B 102 25.94 -4.71 -5.33
N GLY B 103 25.68 -4.62 -4.03
CA GLY B 103 24.45 -3.98 -3.54
C GLY B 103 24.74 -3.16 -2.28
N LEU B 104 24.25 -1.92 -2.25
CA LEU B 104 24.49 -1.04 -1.10
C LEU B 104 23.19 -0.62 -0.44
N LYS B 105 23.30 -0.17 0.80
CA LYS B 105 22.16 0.29 1.57
C LYS B 105 22.14 1.81 1.63
N LYS B 106 21.25 2.42 0.86
CA LYS B 106 21.12 3.88 0.78
C LYS B 106 21.23 4.53 2.16
N ASN B 107 20.57 3.95 3.15
CA ASN B 107 20.58 4.46 4.51
C ASN B 107 21.39 3.55 5.45
N GLY B 108 22.46 2.97 4.93
CA GLY B 108 23.27 2.08 5.73
C GLY B 108 24.74 2.07 5.31
N SER B 109 24.96 1.83 4.01
CA SER B 109 26.30 1.77 3.41
C SER B 109 26.34 0.61 2.42
N CYS B 110 27.45 0.46 1.72
CA CYS B 110 27.60 -0.61 0.74
C CYS B 110 28.07 -1.89 1.41
N LYS B 111 27.15 -2.83 1.64
CA LYS B 111 27.48 -4.12 2.26
C LYS B 111 26.22 -4.98 2.39
N ARG B 112 25.86 -5.60 1.28
CA ARG B 112 24.70 -6.45 1.23
C ARG B 112 24.94 -7.65 0.32
N GLY B 113 26.19 -8.11 0.25
CA GLY B 113 26.53 -9.27 -0.58
C GLY B 113 25.63 -10.46 -0.33
N PRO B 114 25.43 -10.90 0.95
CA PRO B 114 24.54 -12.04 1.23
C PRO B 114 23.09 -11.76 0.81
N ARG B 115 22.87 -10.54 0.31
CA ARG B 115 21.58 -10.08 -0.16
C ARG B 115 21.70 -9.39 -1.52
N THR B 116 22.77 -9.71 -2.28
CA THR B 116 22.98 -9.10 -3.61
C THR B 116 22.37 -9.93 -4.72
N HIS B 117 21.24 -10.52 -4.43
CA HIS B 117 20.53 -11.33 -5.41
C HIS B 117 19.20 -10.64 -5.72
N TYR B 118 18.36 -11.24 -6.56
CA TYR B 118 17.08 -10.64 -6.90
C TYR B 118 16.15 -10.62 -5.68
N GLY B 119 16.07 -9.45 -5.06
CA GLY B 119 15.25 -9.25 -3.89
C GLY B 119 15.38 -7.82 -3.41
N GLN B 120 16.61 -7.35 -3.36
CA GLN B 120 16.91 -5.98 -2.97
C GLN B 120 17.05 -5.14 -4.22
N LYS B 121 16.25 -4.09 -4.32
CA LYS B 121 16.26 -3.23 -5.50
C LYS B 121 17.46 -2.28 -5.49
N ALA B 122 18.07 -2.10 -4.31
CA ALA B 122 19.23 -1.24 -4.15
C ALA B 122 20.35 -1.57 -5.16
N ILE B 123 20.27 -2.74 -5.79
CA ILE B 123 21.25 -3.17 -6.77
C ILE B 123 21.12 -2.34 -8.07
N LEU B 124 19.94 -1.75 -8.28
CA LEU B 124 19.71 -0.90 -9.44
C LEU B 124 20.15 0.52 -9.15
N PHE B 125 21.42 0.80 -9.42
CA PHE B 125 21.99 2.11 -9.14
C PHE B 125 21.63 3.13 -10.22
N LEU B 126 21.50 4.38 -9.80
CA LEU B 126 21.18 5.47 -10.71
C LEU B 126 22.41 6.37 -10.85
N PRO B 127 23.09 6.31 -12.00
CA PRO B 127 24.29 7.09 -12.27
C PRO B 127 24.01 8.50 -12.81
N LEU B 128 24.82 9.45 -12.37
CA LEU B 128 24.71 10.84 -12.81
C LEU B 128 26.09 11.37 -13.21
N PRO B 129 26.85 10.60 -14.02
CA PRO B 129 28.19 10.99 -14.46
C PRO B 129 28.19 11.97 -15.62
N VAL B 130 29.25 12.77 -15.70
CA VAL B 130 29.40 13.73 -16.78
C VAL B 130 29.90 13.04 -18.05
N SER B 131 28.97 12.54 -18.85
CA SER B 131 29.31 11.84 -20.08
C SER B 131 29.87 12.80 -21.12
N SER B 132 30.25 12.26 -22.27
CA SER B 132 30.78 13.06 -23.36
C SER B 132 29.79 13.11 -24.51
N ASP B 133 28.65 13.73 -24.26
CA ASP B 133 27.59 13.86 -25.24
C ASP B 133 27.70 15.17 -26.00
N MET C 1 -1.58 9.19 -13.90
CA MET C 1 -0.61 8.70 -14.92
C MET C 1 -0.22 7.25 -14.61
N ALA C 2 1.06 6.94 -14.80
CA ALA C 2 1.58 5.61 -14.51
C ALA C 2 1.58 5.37 -12.99
N ALA C 3 2.03 4.18 -12.58
CA ALA C 3 2.04 3.83 -11.16
C ALA C 3 0.59 3.70 -10.70
N GLU C 4 -0.16 2.85 -11.38
CA GLU C 4 -1.56 2.63 -11.08
C GLU C 4 -1.74 1.64 -9.94
N PRO C 5 -2.62 1.99 -8.96
CA PRO C 5 -2.90 1.13 -7.81
C PRO C 5 -3.81 -0.05 -8.17
N LEU C 6 -3.43 -1.24 -7.75
CA LEU C 6 -4.22 -2.43 -8.00
C LEU C 6 -5.25 -2.63 -6.89
N THR C 7 -5.86 -3.80 -6.85
CA THR C 7 -6.86 -4.07 -5.81
C THR C 7 -6.17 -4.30 -4.47
N GLU C 8 -6.92 -4.12 -3.39
CA GLU C 8 -6.42 -4.27 -2.03
C GLU C 8 -5.72 -5.62 -1.79
N LEU C 9 -6.23 -6.66 -2.43
CA LEU C 9 -5.70 -8.00 -2.28
C LEU C 9 -4.41 -8.20 -3.07
N GLU C 10 -4.30 -7.58 -4.26
CA GLU C 10 -3.06 -7.63 -5.05
C GLU C 10 -1.94 -6.89 -4.30
N GLU C 11 -2.28 -5.69 -3.76
CA GLU C 11 -1.37 -4.90 -2.95
C GLU C 11 -0.77 -5.76 -1.82
N SER C 12 -1.65 -6.42 -1.06
CA SER C 12 -1.23 -7.15 0.12
C SER C 12 -0.49 -8.44 -0.21
N ILE C 13 -0.86 -9.20 -1.25
CA ILE C 13 -0.04 -10.34 -1.64
C ILE C 13 1.33 -9.84 -2.12
N GLU C 14 1.38 -8.76 -2.90
CA GLU C 14 2.67 -8.25 -3.33
C GLU C 14 3.55 -7.93 -2.12
N THR C 15 3.09 -7.07 -1.20
CA THR C 15 3.95 -6.61 -0.11
C THR C 15 4.58 -7.77 0.68
N VAL C 16 3.83 -8.85 0.91
CA VAL C 16 4.38 -10.04 1.56
C VAL C 16 5.27 -10.83 0.59
N VAL C 17 4.89 -10.96 -0.68
CA VAL C 17 5.69 -11.65 -1.68
C VAL C 17 7.07 -10.98 -1.84
N THR C 18 7.15 -9.66 -1.96
CA THR C 18 8.44 -8.99 -2.05
C THR C 18 9.28 -9.26 -0.79
N THR C 19 8.68 -9.16 0.40
CA THR C 19 9.37 -9.44 1.66
C THR C 19 9.90 -10.87 1.65
N PHE C 20 9.04 -11.85 1.36
CA PHE C 20 9.42 -13.24 1.11
C PHE C 20 10.64 -13.27 0.20
N PHE C 21 10.54 -12.62 -0.96
CA PHE C 21 11.61 -12.60 -1.96
C PHE C 21 12.92 -11.99 -1.44
N THR C 22 12.84 -11.13 -0.42
CA THR C 22 14.04 -10.50 0.13
C THR C 22 14.77 -11.44 1.10
N PHE C 23 14.23 -12.64 1.27
CA PHE C 23 14.82 -13.67 2.12
C PHE C 23 15.06 -14.93 1.28
N ALA C 24 14.18 -15.18 0.32
CA ALA C 24 14.27 -16.38 -0.52
C ALA C 24 15.40 -16.31 -1.53
N ARG C 25 16.19 -15.24 -1.51
CA ARG C 25 17.30 -15.09 -2.44
C ARG C 25 18.65 -15.01 -1.73
N GLN C 26 18.63 -15.08 -0.40
CA GLN C 26 19.85 -14.99 0.40
C GLN C 26 20.90 -16.01 -0.05
N GLU C 27 20.50 -17.28 -0.13
CA GLU C 27 21.42 -18.34 -0.54
C GLU C 27 21.16 -18.76 -2.00
N GLY C 28 21.15 -20.06 -2.26
CA GLY C 28 20.94 -20.57 -3.59
C GLY C 28 19.47 -20.60 -3.97
N ARG C 29 19.17 -20.20 -5.21
CA ARG C 29 17.80 -20.18 -5.74
C ARG C 29 16.95 -19.12 -5.05
N LYS C 30 16.42 -18.17 -5.84
CA LYS C 30 15.60 -17.10 -5.28
C LYS C 30 14.11 -17.50 -5.17
N ASP C 31 13.86 -18.71 -4.68
CA ASP C 31 12.49 -19.20 -4.51
C ASP C 31 12.44 -19.92 -3.18
N SER C 32 13.38 -20.85 -2.99
CA SER C 32 13.46 -21.65 -1.79
C SER C 32 14.20 -20.91 -0.68
N LEU C 33 13.66 -20.97 0.54
CA LEU C 33 14.39 -20.63 1.75
C LEU C 33 15.09 -21.90 2.21
N SER C 34 16.43 -21.91 2.31
CA SER C 34 17.10 -22.97 3.04
C SER C 34 17.08 -22.68 4.54
N VAL C 35 17.66 -23.57 5.35
CA VAL C 35 17.51 -23.56 6.80
C VAL C 35 17.80 -22.19 7.41
N ASN C 36 19.02 -21.65 7.17
CA ASN C 36 19.42 -20.32 7.69
C ASN C 36 18.44 -19.26 7.20
N GLU C 37 18.33 -19.17 5.88
CA GLU C 37 17.38 -18.32 5.16
C GLU C 37 16.03 -18.28 5.86
N PHE C 38 15.48 -19.45 6.16
CA PHE C 38 14.20 -19.60 6.82
C PHE C 38 14.27 -18.98 8.22
N LYS C 39 15.26 -19.42 9.02
CA LYS C 39 15.43 -18.92 10.37
C LYS C 39 15.54 -17.39 10.40
N GLU C 40 16.15 -16.81 9.36
CA GLU C 40 16.32 -15.35 9.26
C GLU C 40 14.98 -14.60 9.23
N LEU C 41 13.92 -15.21 8.67
CA LEU C 41 12.62 -14.56 8.59
C LEU C 41 12.09 -14.38 10.00
N VAL C 42 12.03 -15.50 10.73
CA VAL C 42 11.39 -15.55 12.03
C VAL C 42 12.20 -14.69 13.01
N THR C 43 13.51 -14.94 13.07
CA THR C 43 14.39 -14.23 14.00
C THR C 43 14.40 -12.71 13.80
N GLN C 44 14.12 -12.22 12.60
CA GLN C 44 14.16 -10.78 12.36
C GLN C 44 12.78 -10.11 12.43
N GLN C 45 11.88 -10.46 11.52
CA GLN C 45 10.57 -9.83 11.45
C GLN C 45 9.46 -10.60 12.17
N LEU C 46 9.80 -11.49 13.10
CA LEU C 46 8.76 -12.23 13.82
C LEU C 46 9.18 -12.56 15.26
N PRO C 47 9.16 -11.56 16.14
CA PRO C 47 9.54 -11.71 17.54
C PRO C 47 8.37 -11.89 18.51
N HIS C 48 7.14 -11.69 18.04
CA HIS C 48 5.96 -11.81 18.90
C HIS C 48 5.10 -13.02 18.53
N LEU C 49 4.62 -13.04 17.27
CA LEU C 49 3.77 -14.10 16.76
C LEU C 49 4.28 -15.49 17.16
N LEU C 50 5.43 -15.87 16.61
CA LEU C 50 6.12 -17.11 16.89
C LEU C 50 7.39 -16.74 17.64
N LYS C 51 7.24 -16.47 18.94
CA LYS C 51 8.35 -16.08 19.80
C LYS C 51 9.37 -17.22 20.01
N ASP C 52 9.15 -18.34 19.34
CA ASP C 52 10.05 -19.48 19.45
C ASP C 52 11.19 -19.35 18.45
N VAL C 53 12.20 -18.57 18.81
CA VAL C 53 13.37 -18.37 17.96
C VAL C 53 14.46 -19.39 18.25
N GLY C 54 14.06 -20.50 18.88
CA GLY C 54 14.99 -21.55 19.20
C GLY C 54 14.61 -22.88 18.60
N SER C 55 13.30 -23.15 18.56
CA SER C 55 12.80 -24.41 18.02
C SER C 55 12.33 -24.25 16.57
N LEU C 56 13.15 -23.56 15.77
CA LEU C 56 12.85 -23.35 14.38
C LEU C 56 12.89 -24.70 13.65
N ASP C 57 13.70 -25.64 14.14
CA ASP C 57 13.73 -27.01 13.65
C ASP C 57 12.32 -27.63 13.62
N GLU C 58 11.57 -27.49 14.73
CA GLU C 58 10.21 -27.99 14.82
C GLU C 58 9.35 -27.40 13.69
N LYS C 59 9.36 -26.07 13.55
CA LYS C 59 8.63 -25.42 12.48
C LYS C 59 9.07 -26.04 11.14
N MET C 60 10.38 -26.07 10.89
CA MET C 60 10.97 -26.58 9.66
C MET C 60 10.40 -27.97 9.35
N LYS C 61 10.50 -28.91 10.28
CA LYS C 61 9.95 -30.26 10.10
C LYS C 61 8.43 -30.20 9.85
N SER C 62 7.70 -29.36 10.60
CA SER C 62 6.27 -29.21 10.43
C SER C 62 5.90 -28.65 9.04
N LEU C 63 6.78 -27.83 8.45
CA LEU C 63 6.60 -27.16 7.18
C LEU C 63 7.05 -28.06 6.02
N ASP C 64 8.34 -28.38 5.98
CA ASP C 64 8.99 -29.11 4.90
C ASP C 64 8.62 -30.58 4.97
N VAL C 65 7.38 -30.93 4.59
CA VAL C 65 6.84 -32.28 4.66
C VAL C 65 7.77 -33.34 4.06
N ASN C 66 8.44 -32.99 2.96
CA ASN C 66 9.36 -33.87 2.23
C ASN C 66 10.78 -33.86 2.82
N GLN C 67 11.07 -32.94 3.75
CA GLN C 67 12.35 -32.81 4.42
C GLN C 67 13.51 -32.82 3.42
N ASP C 68 13.43 -31.95 2.40
CA ASP C 68 14.48 -31.73 1.42
C ASP C 68 15.44 -30.62 1.90
N SER C 69 15.08 -29.91 2.98
CA SER C 69 15.83 -28.76 3.48
C SER C 69 15.79 -27.58 2.51
N GLU C 70 14.72 -27.52 1.71
CA GLU C 70 14.30 -26.38 0.94
C GLU C 70 12.81 -26.18 1.20
N LEU C 71 12.41 -25.05 1.77
CA LEU C 71 11.03 -24.64 1.73
C LEU C 71 10.83 -23.92 0.40
N LYS C 72 10.40 -24.64 -0.65
CA LYS C 72 9.95 -24.05 -1.91
C LYS C 72 8.90 -22.98 -1.61
N PHE C 73 8.63 -22.07 -2.57
CA PHE C 73 7.63 -21.00 -2.43
C PHE C 73 6.38 -21.48 -1.68
N ASN C 74 5.72 -22.51 -2.22
CA ASN C 74 4.47 -23.03 -1.65
C ASN C 74 4.67 -23.69 -0.28
N GLU C 75 5.83 -24.31 -0.04
CA GLU C 75 6.12 -24.93 1.24
C GLU C 75 6.31 -23.82 2.29
N TYR C 76 7.21 -22.87 2.01
CA TYR C 76 7.43 -21.69 2.83
C TYR C 76 6.10 -21.04 3.16
N TRP C 77 5.31 -20.80 2.11
CA TRP C 77 4.00 -20.17 2.21
C TRP C 77 3.20 -20.74 3.38
N ARG C 78 3.28 -22.04 3.69
CA ARG C 78 2.63 -22.65 4.87
C ARG C 78 2.75 -21.75 6.10
N LEU C 79 3.95 -21.27 6.41
CA LEU C 79 4.20 -20.41 7.55
C LEU C 79 3.17 -19.29 7.61
N ILE C 80 2.87 -18.65 6.48
CA ILE C 80 1.99 -17.48 6.43
C ILE C 80 0.60 -17.87 6.95
N GLY C 81 0.24 -19.14 6.85
CA GLY C 81 -1.02 -19.66 7.33
C GLY C 81 -1.01 -19.74 8.82
N GLU C 82 0.11 -20.23 9.34
CA GLU C 82 0.29 -20.43 10.74
C GLU C 82 0.36 -19.04 11.39
N LEU C 83 0.93 -18.05 10.68
CA LEU C 83 0.92 -16.65 11.08
C LEU C 83 -0.53 -16.11 11.11
N ALA C 84 -1.20 -16.14 9.95
CA ALA C 84 -2.56 -15.64 9.75
C ALA C 84 -3.56 -16.33 10.69
N LYS C 85 -3.25 -17.56 11.08
CA LYS C 85 -3.96 -18.29 12.09
C LYS C 85 -3.59 -17.71 13.46
N GLU C 86 -2.32 -17.77 13.87
CA GLU C 86 -1.82 -17.29 15.17
C GLU C 86 -2.38 -15.92 15.55
N ILE C 87 -2.35 -14.93 14.64
CA ILE C 87 -2.86 -13.60 14.96
C ILE C 87 -4.29 -13.60 15.54
N ARG C 88 -5.13 -14.55 15.09
CA ARG C 88 -6.46 -14.78 15.65
C ARG C 88 -6.37 -15.78 16.79
N LYS C 89 -5.76 -16.92 16.51
CA LYS C 89 -5.77 -18.14 17.30
C LYS C 89 -5.08 -17.96 18.64
N LYS C 90 -4.14 -17.01 18.80
CA LYS C 90 -2.77 -17.38 19.13
C LYS C 90 -2.67 -18.60 20.04
N LYS C 91 -3.13 -18.56 21.30
CA LYS C 91 -3.11 -19.70 22.22
C LYS C 91 -4.50 -19.83 22.89
N ASP C 92 -5.56 -19.75 22.07
CA ASP C 92 -7.00 -19.88 22.36
C ASP C 92 -7.27 -21.26 22.97
N LEU C 93 -6.85 -21.41 24.22
CA LEU C 93 -6.77 -22.64 24.97
C LEU C 93 -6.33 -22.24 26.39
N LYS C 94 -5.25 -21.46 26.50
CA LYS C 94 -4.78 -20.87 27.75
C LYS C 94 -4.77 -19.34 27.68
N ILE C 95 -4.31 -18.75 26.57
CA ILE C 95 -4.02 -17.33 26.47
C ILE C 95 -4.49 -16.80 25.10
N ARG C 96 -5.53 -15.97 24.97
CA ARG C 96 -6.54 -15.49 25.89
C ARG C 96 -7.54 -14.55 25.18
N DLY C 97 -7.15 -13.55 24.37
CA DLY C 97 -5.85 -13.13 23.85
C DLY C 97 -6.13 -12.39 22.50
O DLY C 97 -6.87 -12.98 21.72
CB DLY C 97 -4.98 -12.47 24.94
CG DLY C 97 -5.58 -11.31 25.77
CD DLY C 97 -4.46 -10.58 26.55
CE DLY C 97 -4.33 -9.07 26.28
NZ DLY C 97 -5.36 -8.24 26.93
H DLY C 97 -7.90 -13.00 24.05
HA DLY C 97 -6.51 -12.16 24.03
HB2 DLY C 97 -4.71 -13.25 25.65
HB3 DLY C 97 -4.08 -12.11 24.47
HG2 DLY C 97 -6.06 -10.62 25.10
HG3 DLY C 97 -6.30 -11.70 26.47
HD2 DLY C 97 -4.64 -10.71 27.60
HD3 DLY C 97 -3.52 -11.05 26.29
HE2 DLY C 97 -3.36 -8.74 26.64
HE3 DLY C 97 -4.37 -8.91 25.21
HZ1 DLY C 97 -5.21 -7.24 26.70
HZ2 DLY C 97 -5.32 -8.36 27.96
HZ3 DLY C 97 -6.31 -8.52 26.59
N DLY C 98 -5.69 -11.20 22.13
CA DLY C 98 -4.69 -10.32 22.68
C DLY C 98 -3.33 -10.68 22.07
O DLY C 98 -3.18 -10.55 20.84
CB DLY C 98 -5.14 -8.88 22.41
CG DLY C 98 -6.62 -8.59 22.71
CD DLY C 98 -6.86 -7.09 22.96
CE DLY C 98 -6.40 -6.19 21.81
NZ DLY C 98 -6.10 -4.82 22.27
H DLY C 98 -6.13 -10.85 21.32
HA DLY C 98 -4.68 -10.37 21.50
HB2 DLY C 98 -4.55 -8.22 23.03
HB3 DLY C 98 -4.95 -8.63 21.38
HG2 DLY C 98 -7.22 -8.89 21.86
HG3 DLY C 98 -6.92 -9.15 23.58
HD2 DLY C 98 -7.92 -6.94 23.12
HD3 DLY C 98 -6.33 -6.81 23.86
HE2 DLY C 98 -5.50 -6.61 21.37
HE3 DLY C 98 -7.17 -6.15 21.06
HZ1 DLY C 98 -5.83 -4.22 21.46
HZ2 DLY C 98 -5.32 -4.84 22.96
HZ3 DLY C 98 -6.94 -4.42 22.73
N MET D 1 -10.77 -7.79 22.26
CA MET D 1 -11.78 -7.11 21.46
C MET D 1 -11.16 -6.64 20.14
N ALA D 2 -10.09 -5.83 20.17
CA ALA D 2 -9.38 -5.39 18.97
C ALA D 2 -8.09 -4.62 19.31
N ALA D 3 -6.94 -5.14 18.86
CA ALA D 3 -5.77 -4.40 18.36
C ALA D 3 -5.48 -2.97 18.88
N GLU D 4 -4.55 -2.82 19.83
CA GLU D 4 -3.60 -1.70 19.89
C GLU D 4 -2.41 -2.03 18.95
N PRO D 5 -1.31 -1.21 18.90
CA PRO D 5 -0.14 -1.40 18.01
C PRO D 5 0.18 -2.84 17.57
N LEU D 6 0.48 -2.94 16.28
CA LEU D 6 0.87 -4.19 15.64
C LEU D 6 2.14 -3.91 14.83
N THR D 7 2.59 -4.87 14.01
CA THR D 7 3.79 -4.65 13.21
C THR D 7 3.43 -4.11 11.82
N GLU D 8 4.46 -3.91 10.99
CA GLU D 8 4.29 -3.37 9.63
C GLU D 8 3.56 -4.37 8.72
N LEU D 9 3.89 -5.65 8.87
CA LEU D 9 3.29 -6.69 8.04
C LEU D 9 1.91 -7.11 8.56
N GLU D 10 1.54 -6.61 9.74
CA GLU D 10 0.24 -6.93 10.33
C GLU D 10 -0.83 -5.97 9.79
N GLU D 11 -0.39 -4.79 9.30
CA GLU D 11 -1.31 -3.85 8.68
C GLU D 11 -2.00 -4.51 7.48
N SER D 12 -1.21 -5.11 6.59
CA SER D 12 -1.70 -5.62 5.32
C SER D 12 -2.56 -6.88 5.48
N ILE D 13 -2.42 -7.64 6.57
CA ILE D 13 -3.42 -8.65 6.93
C ILE D 13 -4.65 -7.98 7.55
N GLU D 14 -4.51 -6.87 8.29
CA GLU D 14 -5.67 -6.15 8.79
C GLU D 14 -6.53 -5.64 7.63
N THR D 15 -5.95 -4.91 6.67
CA THR D 15 -6.72 -4.20 5.65
C THR D 15 -7.76 -5.12 4.96
N VAL D 16 -7.39 -6.38 4.71
CA VAL D 16 -8.30 -7.35 4.12
C VAL D 16 -9.34 -7.83 5.14
N VAL D 17 -8.96 -8.00 6.41
CA VAL D 17 -9.89 -8.34 7.49
C VAL D 17 -10.94 -7.23 7.64
N THR D 18 -10.51 -5.97 7.54
CA THR D 18 -11.44 -4.82 7.60
C THR D 18 -12.55 -4.95 6.54
N THR D 19 -12.22 -5.56 5.39
CA THR D 19 -13.22 -5.80 4.32
C THR D 19 -14.19 -6.86 4.83
N PHE D 20 -13.60 -7.95 5.31
CA PHE D 20 -14.28 -9.08 5.92
C PHE D 20 -15.26 -8.57 6.98
N PHE D 21 -14.73 -7.80 7.95
CA PHE D 21 -15.48 -7.25 9.08
C PHE D 21 -16.66 -6.36 8.69
N THR D 22 -16.60 -5.71 7.54
CA THR D 22 -17.70 -4.82 7.13
C THR D 22 -18.56 -5.44 6.04
N PHE D 23 -18.56 -6.76 6.00
CA PHE D 23 -19.36 -7.51 5.04
C PHE D 23 -20.04 -8.66 5.76
N ALA D 24 -19.42 -9.14 6.85
CA ALA D 24 -19.96 -10.23 7.62
C ALA D 24 -20.87 -9.77 8.75
N ARG D 25 -20.83 -8.49 9.08
CA ARG D 25 -21.71 -7.94 10.11
C ARG D 25 -23.08 -7.61 9.49
N GLN D 26 -23.48 -8.38 8.49
CA GLN D 26 -24.71 -8.12 7.74
C GLN D 26 -26.00 -8.73 8.31
N GLU D 27 -26.13 -10.06 8.37
CA GLU D 27 -27.41 -10.63 8.78
C GLU D 27 -27.49 -10.86 10.29
N GLY D 28 -26.83 -11.92 10.77
CA GLY D 28 -26.26 -12.09 12.08
C GLY D 28 -24.79 -11.71 12.06
N ARG D 29 -24.23 -11.43 13.24
CA ARG D 29 -22.90 -11.87 13.64
C ARG D 29 -21.79 -11.56 12.64
N LYS D 30 -20.95 -10.58 13.03
CA LYS D 30 -19.81 -10.10 12.23
C LYS D 30 -18.61 -11.05 12.28
N ASP D 31 -18.57 -11.90 13.29
CA ASP D 31 -17.49 -12.85 13.47
C ASP D 31 -17.57 -14.06 12.52
N SER D 32 -18.69 -14.27 11.81
CA SER D 32 -18.84 -15.36 10.84
C SER D 32 -19.40 -14.83 9.50
N LEU D 33 -18.85 -15.33 8.39
CA LEU D 33 -19.45 -15.10 7.09
C LEU D 33 -20.73 -15.92 6.98
N SER D 34 -21.77 -15.28 6.47
CA SER D 34 -23.11 -15.79 6.25
C SER D 34 -23.39 -15.71 4.73
N VAL D 35 -24.37 -16.43 4.19
CA VAL D 35 -24.48 -16.58 2.74
C VAL D 35 -25.52 -15.63 2.12
N ASN D 36 -25.39 -14.37 2.52
CA ASN D 36 -25.62 -13.18 1.73
C ASN D 36 -24.77 -12.10 2.41
N GLU D 37 -23.50 -12.51 2.47
CA GLU D 37 -22.35 -11.80 2.97
C GLU D 37 -21.16 -12.35 2.18
N PHE D 38 -21.14 -13.69 2.09
CA PHE D 38 -20.17 -14.45 1.32
C PHE D 38 -20.38 -14.22 -0.16
N LYS D 39 -21.57 -14.54 -0.69
CA LYS D 39 -21.80 -14.42 -2.12
C LYS D 39 -21.62 -12.98 -2.56
N GLU D 40 -22.04 -12.02 -1.73
CA GLU D 40 -21.86 -10.60 -2.04
C GLU D 40 -20.38 -10.23 -2.06
N LEU D 41 -19.59 -10.93 -1.23
CA LEU D 41 -18.15 -10.69 -1.14
C LEU D 41 -17.43 -11.19 -2.40
N VAL D 42 -17.74 -12.41 -2.82
CA VAL D 42 -17.13 -12.98 -4.01
C VAL D 42 -17.58 -12.21 -5.25
N THR D 43 -18.87 -11.88 -5.33
CA THR D 43 -19.41 -11.16 -6.50
C THR D 43 -18.89 -9.72 -6.63
N GLN D 44 -18.54 -9.09 -5.52
CA GLN D 44 -18.09 -7.70 -5.55
C GLN D 44 -16.58 -7.55 -5.40
N GLN D 45 -16.02 -8.14 -4.35
CA GLN D 45 -14.58 -8.01 -4.07
C GLN D 45 -13.73 -8.97 -4.89
N LEU D 46 -14.21 -10.20 -5.13
CA LEU D 46 -13.43 -11.18 -5.90
C LEU D 46 -14.16 -11.65 -7.17
N PRO D 47 -14.53 -10.74 -8.09
CA PRO D 47 -15.23 -11.12 -9.32
C PRO D 47 -14.27 -11.45 -10.45
N HIS D 48 -13.05 -10.94 -10.35
CA HIS D 48 -12.02 -11.15 -11.36
C HIS D 48 -11.01 -12.18 -10.86
N LEU D 49 -10.61 -12.05 -9.59
CA LEU D 49 -9.65 -12.97 -8.98
C LEU D 49 -10.26 -14.36 -8.92
N LEU D 50 -11.46 -14.45 -8.35
CA LEU D 50 -12.18 -15.70 -8.28
C LEU D 50 -13.18 -15.78 -9.40
N LYS D 51 -12.81 -16.47 -10.47
CA LYS D 51 -13.67 -16.60 -11.64
C LYS D 51 -14.66 -17.75 -11.48
N ASP D 52 -15.34 -17.75 -10.34
CA ASP D 52 -16.34 -18.76 -10.03
C ASP D 52 -17.36 -18.22 -9.04
N VAL D 53 -17.95 -17.08 -9.39
CA VAL D 53 -18.95 -16.43 -8.54
C VAL D 53 -20.30 -17.13 -8.64
N GLY D 54 -20.47 -17.95 -9.67
CA GLY D 54 -21.73 -18.65 -9.87
C GLY D 54 -21.72 -20.01 -9.20
N SER D 55 -20.52 -20.48 -8.83
CA SER D 55 -20.37 -21.77 -8.19
C SER D 55 -19.78 -21.60 -6.77
N LEU D 56 -20.16 -20.52 -6.10
CA LEU D 56 -19.74 -20.23 -4.75
C LEU D 56 -20.10 -21.41 -3.86
N ASP D 57 -21.34 -21.88 -3.95
CA ASP D 57 -21.93 -22.94 -3.17
C ASP D 57 -21.00 -24.15 -2.99
N GLU D 58 -20.28 -24.54 -4.05
CA GLU D 58 -19.28 -25.60 -3.98
C GLU D 58 -18.13 -25.19 -3.04
N LYS D 59 -17.62 -23.97 -3.23
CA LYS D 59 -16.54 -23.43 -2.39
C LYS D 59 -17.01 -23.39 -0.95
N MET D 60 -18.23 -22.88 -0.75
CA MET D 60 -18.86 -22.83 0.56
C MET D 60 -18.85 -24.21 1.21
N LYS D 61 -19.37 -25.22 0.52
CA LYS D 61 -19.39 -26.58 1.04
C LYS D 61 -17.97 -27.05 1.38
N SER D 62 -17.01 -26.79 0.49
CA SER D 62 -15.61 -27.14 0.69
C SER D 62 -15.01 -26.42 1.91
N LEU D 63 -15.38 -25.16 2.11
CA LEU D 63 -14.89 -24.30 3.18
C LEU D 63 -15.45 -24.78 4.53
N ASP D 64 -16.78 -24.83 4.61
CA ASP D 64 -17.56 -24.86 5.85
C ASP D 64 -17.26 -26.01 6.82
N VAL D 65 -16.53 -27.05 6.37
CA VAL D 65 -16.79 -28.49 6.44
C VAL D 65 -17.49 -29.07 7.69
N ASN D 66 -17.47 -28.39 8.84
CA ASN D 66 -18.42 -28.77 9.89
C ASN D 66 -19.86 -28.64 9.39
N GLN D 67 -20.08 -27.79 8.38
CA GLN D 67 -21.34 -27.62 7.66
C GLN D 67 -22.42 -27.01 8.55
N ASP D 68 -22.02 -26.35 9.65
CA ASP D 68 -22.90 -25.50 10.44
C ASP D 68 -23.43 -24.34 9.58
N SER D 69 -22.77 -24.04 8.46
CA SER D 69 -23.12 -22.97 7.54
C SER D 69 -22.87 -21.58 8.13
N GLU D 70 -22.20 -21.50 9.29
CA GLU D 70 -21.44 -20.33 9.66
C GLU D 70 -20.05 -20.55 9.07
N LEU D 71 -19.68 -19.77 8.08
CA LEU D 71 -18.32 -19.80 7.57
C LEU D 71 -17.47 -19.12 8.64
N LYS D 72 -16.77 -19.95 9.41
CA LYS D 72 -16.29 -19.59 10.74
C LYS D 72 -14.98 -18.80 10.63
N PHE D 73 -14.50 -18.26 11.76
CA PHE D 73 -13.35 -17.38 11.84
C PHE D 73 -12.09 -18.27 11.79
N ASN D 74 -11.85 -18.76 10.57
CA ASN D 74 -10.92 -19.75 10.07
C ASN D 74 -11.65 -21.09 9.91
N GLU D 75 -12.83 -21.09 9.28
CA GLU D 75 -13.05 -21.74 8.00
C GLU D 75 -12.76 -20.73 6.90
N TYR D 76 -13.53 -19.63 6.91
CA TYR D 76 -13.61 -18.59 5.88
C TYR D 76 -12.23 -18.27 5.29
N TRP D 77 -11.30 -17.98 6.20
CA TRP D 77 -9.98 -17.49 5.89
C TRP D 77 -9.33 -18.24 4.72
N ARG D 78 -9.53 -19.56 4.66
CA ARG D 78 -9.09 -20.40 3.55
C ARG D 78 -9.27 -19.71 2.20
N LEU D 79 -10.42 -19.08 1.96
CA LEU D 79 -10.73 -18.39 0.72
C LEU D 79 -9.60 -17.45 0.30
N ILE D 80 -9.13 -16.60 1.21
CA ILE D 80 -8.06 -15.65 0.94
C ILE D 80 -6.81 -16.44 0.48
N GLY D 81 -6.67 -17.66 0.97
CA GLY D 81 -5.63 -18.61 0.65
C GLY D 81 -5.71 -19.10 -0.77
N GLU D 82 -6.93 -19.41 -1.15
CA GLU D 82 -7.21 -19.94 -2.46
C GLU D 82 -6.96 -18.81 -3.45
N LEU D 83 -7.47 -17.60 -3.23
CA LEU D 83 -7.04 -16.48 -4.07
C LEU D 83 -5.51 -16.29 -4.04
N ALA D 84 -4.90 -16.34 -2.86
CA ALA D 84 -3.46 -16.15 -2.72
C ALA D 84 -2.69 -17.12 -3.61
N LYS D 85 -3.00 -18.42 -3.58
CA LYS D 85 -2.35 -19.35 -4.48
C LYS D 85 -2.83 -19.14 -5.92
N GLU D 86 -4.13 -18.89 -6.17
CA GLU D 86 -4.73 -18.76 -7.51
C GLU D 86 -3.86 -17.91 -8.45
N ILE D 87 -3.38 -16.77 -7.97
CA ILE D 87 -2.54 -15.88 -8.77
C ILE D 87 -1.36 -16.66 -9.40
N ARG D 88 -0.78 -17.58 -8.63
CA ARG D 88 0.24 -18.53 -9.07
C ARG D 88 -0.39 -19.77 -9.74
N LYS D 89 -1.53 -20.24 -9.24
CA LYS D 89 -2.07 -21.57 -9.46
C LYS D 89 -3.41 -21.51 -10.20
N LYS D 90 -3.36 -21.31 -11.51
CA LYS D 90 -4.47 -21.21 -12.44
C LYS D 90 -5.63 -22.19 -12.12
N LYS D 91 -5.37 -23.49 -12.00
CA LYS D 91 -6.43 -24.46 -11.67
C LYS D 91 -5.90 -25.73 -10.98
N ASP D 92 -4.59 -25.84 -10.80
CA ASP D 92 -3.88 -27.11 -10.87
C ASP D 92 -3.77 -27.74 -9.48
N LEU D 93 -4.88 -27.81 -8.74
CA LEU D 93 -4.91 -28.34 -7.38
C LEU D 93 -5.27 -29.82 -7.35
N DLY D 94 -6.39 -30.18 -7.97
CA DLY D 94 -7.04 -31.47 -7.80
C DLY D 94 -7.18 -31.84 -6.31
O DLY D 94 -8.07 -31.34 -5.64
CB DLY D 94 -8.45 -31.41 -8.43
CG DLY D 94 -9.19 -30.10 -8.07
CD DLY D 94 -10.70 -30.22 -7.91
CE DLY D 94 -11.17 -30.64 -6.49
NZ DLY D 94 -10.65 -31.95 -6.05
H DLY D 94 -6.80 -29.54 -8.60
HA DLY D 94 -7.43 -30.62 -7.12
HB2 DLY D 94 -8.35 -31.47 -9.51
HB3 DLY D 94 -9.04 -32.23 -8.07
HG2 DLY D 94 -8.79 -29.70 -7.16
HG3 DLY D 94 -8.99 -29.38 -8.86
HD2 DLY D 94 -11.14 -29.26 -8.14
HD3 DLY D 94 -11.05 -30.95 -8.62
HE2 DLY D 94 -10.85 -29.89 -5.79
HE3 DLY D 94 -12.25 -30.67 -6.50
HZ1 DLY D 94 -11.00 -32.17 -5.09
HZ2 DLY D 94 -9.61 -31.94 -6.03
HZ3 DLY D 94 -10.96 -32.71 -6.69
N ILE D 95 -6.34 -32.77 -5.83
CA ILE D 95 -6.47 -33.48 -4.56
C ILE D 95 -7.81 -34.20 -4.35
N ARG D 96 -7.76 -35.28 -3.56
CA ARG D 96 -8.87 -36.11 -3.14
C ARG D 96 -8.32 -37.00 -2.02
N LYS D 97 -8.94 -37.03 -0.84
CA LYS D 97 -8.32 -37.53 0.38
C LYS D 97 -9.40 -37.50 1.46
N LYS D 98 -9.65 -38.64 2.11
CA LYS D 98 -10.43 -38.73 3.35
C LYS D 98 -9.43 -38.90 4.48
N TYR E 1 -26.37 32.60 8.37
CA TYR E 1 -27.14 32.69 7.11
C TYR E 1 -27.56 31.30 6.64
N LYS E 2 -28.44 30.65 7.42
CA LYS E 2 -28.90 29.30 7.09
C LYS E 2 -29.40 29.25 5.64
N LYS E 3 -28.63 28.58 4.81
CA LYS E 3 -28.96 28.44 3.39
C LYS E 3 -28.24 27.23 2.80
N PRO E 4 -28.32 27.01 1.47
CA PRO E 4 -27.69 25.91 0.77
C PRO E 4 -26.56 25.24 1.54
N LYS E 5 -26.85 24.05 2.07
CA LYS E 5 -25.86 23.29 2.83
C LYS E 5 -25.20 22.26 1.92
N LEU E 6 -23.95 22.52 1.54
CA LEU E 6 -23.21 21.61 0.67
C LEU E 6 -22.59 20.49 1.50
N LEU E 7 -22.71 19.26 1.01
CA LEU E 7 -22.16 18.10 1.71
C LEU E 7 -21.62 17.08 0.72
N TYR E 8 -20.43 16.53 1.01
CA TYR E 8 -19.81 15.52 0.16
C TYR E 8 -18.80 14.71 0.96
N CYS E 9 -18.24 13.66 0.38
CA CYS E 9 -17.26 12.84 1.08
C CYS E 9 -16.24 12.25 0.11
N SER E 10 -15.14 11.74 0.67
CA SER E 10 -14.07 11.14 -0.11
C SER E 10 -13.22 12.25 -0.74
N ASN E 11 -11.94 12.27 -0.40
CA ASN E 11 -11.04 13.27 -0.94
C ASN E 11 -11.16 13.35 -2.46
N GLY E 12 -11.40 14.54 -2.97
CA GLY E 12 -11.54 14.73 -4.39
C GLY E 12 -12.73 15.60 -4.74
N GLY E 13 -12.54 16.51 -5.69
CA GLY E 13 -13.61 17.38 -6.10
C GLY E 13 -14.85 16.62 -6.54
N HIS E 14 -15.87 16.62 -5.67
CA HIS E 14 -17.14 15.95 -5.95
C HIS E 14 -18.20 16.43 -4.96
N PHE E 15 -19.29 16.99 -5.47
CA PHE E 15 -20.37 17.49 -4.61
C PHE E 15 -21.66 16.72 -4.88
N LEU E 16 -22.50 16.61 -3.86
CA LEU E 16 -23.77 15.91 -3.98
C LEU E 16 -24.77 16.76 -4.76
N ARG E 17 -24.93 16.46 -6.05
CA ARG E 17 -25.87 17.20 -6.89
C ARG E 17 -27.21 16.50 -6.94
N ILE E 18 -28.19 17.08 -6.27
CA ILE E 18 -29.53 16.50 -6.21
C ILE E 18 -30.40 16.99 -7.37
N LEU E 19 -31.23 16.08 -7.89
CA LEU E 19 -32.13 16.40 -8.98
C LEU E 19 -33.54 15.94 -8.63
N PRO E 20 -34.57 16.73 -8.97
CA PRO E 20 -35.98 16.40 -8.69
C PRO E 20 -36.31 14.95 -9.05
N ASP E 21 -35.62 14.42 -10.06
CA ASP E 21 -35.81 13.05 -10.50
C ASP E 21 -35.53 12.06 -9.37
N GLY E 22 -34.45 12.31 -8.64
CA GLY E 22 -34.08 11.44 -7.54
C GLY E 22 -32.65 10.93 -7.67
N THR E 23 -32.20 10.74 -8.91
CA THR E 23 -30.85 10.26 -9.15
C THR E 23 -29.80 11.33 -8.84
N VAL E 24 -29.42 11.39 -7.57
CA VAL E 24 -28.41 12.35 -7.12
C VAL E 24 -27.02 11.75 -7.29
N ASP E 25 -26.10 12.53 -7.88
CA ASP E 25 -24.74 12.07 -8.10
C ASP E 25 -23.72 13.06 -7.52
N GLY E 26 -22.47 12.60 -7.39
CA GLY E 26 -21.43 13.43 -6.85
C GLY E 26 -20.80 14.34 -7.90
N THR E 27 -21.58 15.27 -8.42
CA THR E 27 -21.11 16.21 -9.43
C THR E 27 -20.08 17.17 -8.85
N ARG E 28 -18.94 17.29 -9.51
CA ARG E 28 -17.90 18.18 -9.03
C ARG E 28 -18.02 19.55 -9.72
N ASP E 29 -19.10 20.25 -9.39
CA ASP E 29 -19.35 21.57 -9.96
C ASP E 29 -20.11 22.45 -8.97
N ARG E 30 -19.92 23.75 -9.08
CA ARG E 30 -20.59 24.71 -8.22
C ARG E 30 -21.15 25.88 -9.04
N SER E 31 -21.37 25.63 -10.33
CA SER E 31 -21.90 26.64 -11.23
C SER E 31 -23.42 26.56 -11.27
N ASP E 32 -23.95 25.34 -11.32
CA ASP E 32 -25.39 25.13 -11.35
C ASP E 32 -25.92 24.86 -9.95
N GLN E 33 -26.93 25.63 -9.54
CA GLN E 33 -27.51 25.47 -8.21
C GLN E 33 -28.27 24.15 -8.08
N HIS E 34 -27.53 23.06 -7.93
CA HIS E 34 -28.14 21.75 -7.76
C HIS E 34 -27.33 20.87 -6.81
N ILE E 35 -26.43 21.48 -6.03
CA ILE E 35 -25.60 20.75 -5.09
C ILE E 35 -25.74 21.35 -3.68
N GLN E 36 -26.98 21.64 -3.30
CA GLN E 36 -27.26 22.24 -2.01
C GLN E 36 -28.52 21.65 -1.39
N LEU E 37 -28.41 21.27 -0.12
CA LEU E 37 -29.55 20.70 0.60
C LEU E 37 -29.75 21.46 1.91
N GLN E 38 -30.98 21.45 2.42
CA GLN E 38 -31.28 22.16 3.66
C GLN E 38 -31.06 21.24 4.86
N LEU E 39 -29.79 20.97 5.16
CA LEU E 39 -29.42 20.12 6.29
C LEU E 39 -29.63 20.88 7.61
N SER E 40 -30.36 20.27 8.53
CA SER E 40 -30.62 20.89 9.82
C SER E 40 -31.04 19.83 10.85
N ALA E 41 -30.83 20.14 12.12
CA ALA E 41 -31.20 19.23 13.20
C ALA E 41 -32.66 19.43 13.55
N GLU E 42 -33.51 18.51 13.10
CA GLU E 42 -34.94 18.59 13.35
C GLU E 42 -35.23 18.30 14.82
N SER E 43 -34.77 17.15 15.28
CA SER E 43 -34.97 16.73 16.66
C SER E 43 -33.62 16.61 17.37
N VAL E 44 -33.64 16.35 18.67
CA VAL E 44 -32.42 16.21 19.45
C VAL E 44 -31.46 15.20 18.81
N GLY E 45 -30.55 15.69 17.99
CA GLY E 45 -29.60 14.83 17.32
C GLY E 45 -30.07 14.32 15.98
N GLU E 46 -31.38 14.43 15.71
CA GLU E 46 -31.94 13.97 14.46
C GLU E 46 -31.86 15.05 13.38
N VAL E 47 -30.99 14.85 12.40
CA VAL E 47 -30.82 15.81 11.31
C VAL E 47 -31.48 15.28 10.05
N TYR E 48 -32.09 16.18 9.29
CA TYR E 48 -32.76 15.81 8.05
C TYR E 48 -32.08 16.43 6.85
N ILE E 49 -32.13 15.71 5.73
CA ILE E 49 -31.53 16.16 4.48
C ILE E 49 -32.61 16.43 3.46
N LYS E 50 -32.93 17.70 3.25
CA LYS E 50 -33.96 18.10 2.32
C LYS E 50 -33.47 19.20 1.39
N SER E 51 -33.35 18.88 0.11
CA SER E 51 -32.90 19.84 -0.89
C SER E 51 -34.07 20.71 -1.34
N THR E 52 -34.67 21.41 -0.38
CA THR E 52 -35.83 22.25 -0.63
C THR E 52 -35.59 23.25 -1.77
N GLU E 53 -34.74 24.25 -1.50
CA GLU E 53 -34.46 25.29 -2.48
C GLU E 53 -33.41 24.85 -3.50
N THR E 54 -33.67 23.74 -4.19
CA THR E 54 -32.73 23.25 -5.21
C THR E 54 -33.15 21.89 -5.79
N GLY E 55 -33.64 20.99 -4.96
CA GLY E 55 -34.01 19.69 -5.46
C GLY E 55 -35.26 19.11 -4.82
N GLN E 56 -35.07 18.07 -4.03
CA GLN E 56 -36.17 17.35 -3.39
C GLN E 56 -35.79 16.86 -1.99
N TYR E 57 -36.71 16.15 -1.36
CA TYR E 57 -36.49 15.59 -0.03
C TYR E 57 -35.93 14.17 -0.17
N LEU E 58 -35.05 13.78 0.74
CA LEU E 58 -34.46 12.44 0.68
C LEU E 58 -35.38 11.39 1.30
N ALA E 59 -35.21 10.16 0.85
CA ALA E 59 -35.98 9.02 1.32
C ALA E 59 -35.24 7.74 1.02
N MET E 60 -34.32 7.37 1.89
CA MET E 60 -33.50 6.17 1.74
C MET E 60 -34.35 4.94 1.46
N ASP E 61 -33.84 4.07 0.59
CA ASP E 61 -34.51 2.83 0.26
C ASP E 61 -34.01 1.72 1.18
N THR E 62 -34.56 1.67 2.38
CA THR E 62 -34.16 0.66 3.36
C THR E 62 -32.67 0.85 3.70
N ASP E 63 -32.21 2.10 3.69
CA ASP E 63 -30.80 2.43 3.95
C ASP E 63 -29.91 1.94 2.81
N GLY E 64 -30.04 0.65 2.48
CA GLY E 64 -29.28 0.05 1.40
C GLY E 64 -28.98 1.03 0.27
N LEU E 65 -30.04 1.60 -0.31
CA LEU E 65 -29.90 2.55 -1.39
C LEU E 65 -30.42 3.91 -0.95
N LEU E 66 -29.65 4.96 -1.21
CA LEU E 66 -30.04 6.31 -0.83
C LEU E 66 -30.67 7.03 -2.01
N TYR E 67 -31.85 7.61 -1.78
CA TYR E 67 -32.56 8.33 -2.82
C TYR E 67 -33.49 9.37 -2.19
N GLY E 68 -34.15 10.16 -3.03
CA GLY E 68 -35.07 11.16 -2.54
C GLY E 68 -35.78 11.88 -3.67
N SER E 69 -37.04 12.24 -3.46
CA SER E 69 -37.81 12.94 -4.48
C SER E 69 -39.28 13.04 -4.09
N GLN E 70 -39.94 11.90 -3.96
CA GLN E 70 -41.37 11.86 -3.63
C GLN E 70 -41.67 12.46 -2.26
N THR E 71 -41.29 11.77 -1.19
CA THR E 71 -41.57 12.25 0.16
C THR E 71 -40.43 11.98 1.14
N PRO E 72 -40.23 12.87 2.12
CA PRO E 72 -39.19 12.72 3.14
C PRO E 72 -39.59 11.70 4.20
N ASN E 73 -39.60 10.43 3.81
CA ASN E 73 -39.98 9.35 4.72
C ASN E 73 -39.01 9.25 5.89
N GLU E 74 -39.46 8.67 7.00
CA GLU E 74 -38.62 8.51 8.19
C GLU E 74 -37.21 8.04 7.83
N GLU E 75 -37.10 7.25 6.76
CA GLU E 75 -35.80 6.77 6.27
C GLU E 75 -34.80 7.93 6.17
N CYS E 76 -35.31 9.16 6.00
CA CYS E 76 -34.48 10.34 5.86
C CYS E 76 -34.04 10.93 7.21
N LEU E 77 -34.41 10.31 8.33
CA LEU E 77 -34.01 10.82 9.64
C LEU E 77 -32.67 10.21 10.06
N PHE E 78 -31.67 11.06 10.25
CA PHE E 78 -30.34 10.59 10.64
C PHE E 78 -29.83 11.29 11.89
N LEU E 79 -29.06 10.56 12.70
CA LEU E 79 -28.49 11.10 13.92
C LEU E 79 -27.20 11.85 13.59
N GLU E 80 -27.11 13.10 13.99
CA GLU E 80 -25.93 13.92 13.72
C GLU E 80 -24.76 13.54 14.62
N ARG E 81 -23.69 13.03 14.01
CA ARG E 81 -22.50 12.63 14.74
C ARG E 81 -21.26 13.27 14.09
N LEU E 82 -20.24 13.53 14.90
CA LEU E 82 -19.01 14.15 14.40
C LEU E 82 -17.81 13.27 14.69
N GLU E 83 -16.89 13.19 13.73
CA GLU E 83 -15.67 12.39 13.89
C GLU E 83 -14.45 13.28 13.96
N GLU E 84 -13.51 12.95 14.81
CA GLU E 84 -12.28 13.73 14.97
C GLU E 84 -11.37 13.54 13.76
N ASN E 85 -11.92 13.76 12.57
CA ASN E 85 -11.19 13.62 11.32
C ASN E 85 -11.65 14.69 10.32
N HIS E 86 -12.22 15.78 10.84
CA HIS E 86 -12.72 16.87 10.02
C HIS E 86 -13.82 16.38 9.08
N TYR E 87 -14.73 15.57 9.61
CA TYR E 87 -15.84 15.03 8.82
C TYR E 87 -17.09 14.84 9.69
N ASN E 88 -18.24 14.88 9.04
CA ASN E 88 -19.52 14.72 9.71
C ASN E 88 -20.05 13.31 9.50
N THR E 89 -20.76 12.80 10.50
CA THR E 89 -21.34 11.46 10.43
C THR E 89 -22.83 11.53 10.72
N TYR E 90 -23.62 10.80 9.93
CA TYR E 90 -25.06 10.79 10.11
C TYR E 90 -25.56 9.35 10.17
N ILE E 91 -26.12 8.98 11.31
CA ILE E 91 -26.61 7.62 11.51
C ILE E 91 -28.09 7.51 11.18
N SER E 92 -28.42 6.72 10.16
CA SER E 92 -29.80 6.50 9.77
C SER E 92 -30.53 5.71 10.84
N LYS E 93 -30.94 6.39 11.91
CA LYS E 93 -31.64 5.75 13.02
C LYS E 93 -32.69 4.76 12.52
N LYS E 94 -33.33 5.09 11.41
CA LYS E 94 -34.33 4.22 10.81
C LYS E 94 -33.78 2.80 10.61
N HIS E 95 -32.47 2.69 10.41
CA HIS E 95 -31.82 1.39 10.23
C HIS E 95 -30.63 1.20 11.18
N ALA E 96 -30.49 2.10 12.15
CA ALA E 96 -29.40 2.02 13.12
C ALA E 96 -29.35 0.64 13.75
N GLU E 97 -30.54 0.01 13.87
CA GLU E 97 -30.65 -1.33 14.42
C GLU E 97 -29.66 -2.30 13.77
N LYS E 98 -29.39 -2.11 12.48
CA LYS E 98 -28.46 -2.99 11.75
C LYS E 98 -27.07 -2.38 11.65
N ASN E 99 -26.84 -1.31 12.42
CA ASN E 99 -25.56 -0.59 12.43
C ASN E 99 -25.28 0.02 11.06
N TRP E 100 -26.33 0.55 10.44
CA TRP E 100 -26.22 1.15 9.12
C TRP E 100 -26.37 2.68 9.19
N PHE E 101 -25.38 3.38 8.66
CA PHE E 101 -25.40 4.84 8.64
C PHE E 101 -24.99 5.38 7.27
N VAL E 102 -25.93 6.12 6.65
CA VAL E 102 -25.82 6.74 5.31
C VAL E 102 -24.38 6.81 4.78
N GLY E 103 -24.18 6.19 3.62
CA GLY E 103 -22.88 6.19 2.95
C GLY E 103 -23.04 6.33 1.44
N LEU E 104 -22.29 7.24 0.83
CA LEU E 104 -22.39 7.48 -0.61
C LEU E 104 -21.06 7.21 -1.31
N LYS E 105 -21.14 6.99 -2.62
CA LYS E 105 -19.97 6.74 -3.44
C LYS E 105 -19.61 7.99 -4.25
N LYS E 106 -18.56 8.67 -3.81
CA LYS E 106 -18.09 9.91 -4.46
C LYS E 106 -18.13 9.80 -5.99
N ASN E 107 -17.68 8.67 -6.50
CA ASN E 107 -17.66 8.44 -7.95
C ASN E 107 -18.70 7.40 -8.35
N GLY E 108 -19.85 7.41 -7.69
CA GLY E 108 -20.89 6.45 -8.00
C GLY E 108 -22.28 6.98 -7.72
N SER E 109 -22.49 7.46 -6.49
CA SER E 109 -23.76 8.01 -6.03
C SER E 109 -24.01 7.53 -4.60
N CYS E 110 -25.09 8.01 -3.98
CA CYS E 110 -25.42 7.64 -2.62
C CYS E 110 -26.22 6.32 -2.59
N LYS E 111 -25.54 5.22 -2.28
CA LYS E 111 -26.19 3.91 -2.21
C LYS E 111 -25.17 2.84 -1.82
N ARG E 112 -24.87 2.78 -0.52
CA ARG E 112 -23.91 1.81 0.02
C ARG E 112 -24.35 1.35 1.40
N GLY E 113 -25.66 1.30 1.62
CA GLY E 113 -26.23 0.89 2.89
C GLY E 113 -25.74 -0.46 3.42
N PRO E 114 -25.62 -1.52 2.58
CA PRO E 114 -25.13 -2.82 3.05
C PRO E 114 -23.64 -2.79 3.38
N ARG E 115 -23.00 -1.65 3.14
CA ARG E 115 -21.57 -1.48 3.41
C ARG E 115 -21.33 -0.24 4.28
N THR E 116 -22.34 0.16 5.06
CA THR E 116 -22.20 1.33 5.93
C THR E 116 -21.76 0.95 7.35
N HIS E 117 -20.47 0.73 7.52
CA HIS E 117 -19.90 0.38 8.81
C HIS E 117 -18.51 0.99 8.96
N TYR E 118 -17.62 0.35 9.69
CA TYR E 118 -16.27 0.87 9.87
C TYR E 118 -15.33 0.35 8.77
N GLY E 119 -15.79 0.45 7.54
CA GLY E 119 -15.01 0.01 6.39
C GLY E 119 -14.96 1.09 5.33
N GLN E 120 -16.13 1.43 4.81
CA GLN E 120 -16.24 2.48 3.80
C GLN E 120 -16.13 3.83 4.50
N LYS E 121 -15.05 4.54 4.21
CA LYS E 121 -14.77 5.83 4.84
C LYS E 121 -15.69 6.92 4.30
N ALA E 122 -16.30 6.66 3.14
CA ALA E 122 -17.22 7.60 2.50
C ALA E 122 -18.32 8.08 3.46
N ILE E 123 -18.51 7.36 4.57
CA ILE E 123 -19.49 7.74 5.58
C ILE E 123 -19.12 9.06 6.25
N LEU E 124 -17.82 9.38 6.25
CA LEU E 124 -17.34 10.61 6.86
C LEU E 124 -17.46 11.75 5.87
N PHE E 125 -18.62 12.41 5.88
CA PHE E 125 -18.89 13.50 4.96
C PHE E 125 -18.25 14.81 5.40
N LEU E 126 -17.86 15.62 4.43
CA LEU E 126 -17.26 16.92 4.68
C LEU E 126 -18.25 18.01 4.28
N PRO E 127 -18.84 18.69 5.27
CA PRO E 127 -19.83 19.75 5.04
C PRO E 127 -19.21 21.13 4.83
N LEU E 128 -19.80 21.89 3.92
CA LEU E 128 -19.35 23.25 3.61
C LEU E 128 -20.56 24.21 3.61
N PRO E 129 -21.41 24.13 4.65
CA PRO E 129 -22.61 24.97 4.75
C PRO E 129 -22.33 26.38 5.26
N VAL E 130 -23.17 27.32 4.88
CA VAL E 130 -23.03 28.71 5.32
C VAL E 130 -23.61 28.87 6.72
N SER E 131 -22.77 28.63 7.72
CA SER E 131 -23.17 28.74 9.10
C SER E 131 -23.45 30.19 9.50
N SER E 132 -23.87 30.39 10.74
CA SER E 132 -24.15 31.73 11.24
C SER E 132 -23.10 32.11 12.29
N ASP E 133 -21.87 32.25 11.83
CA ASP E 133 -20.75 32.62 12.69
C ASP E 133 -20.52 34.12 12.67
N GLU F 1 -15.11 -1.98 -4.97
CA GLU F 1 -15.70 -2.04 -6.34
C GLU F 1 -14.63 -1.79 -7.39
N LYS F 2 -14.32 -2.82 -8.18
CA LYS F 2 -13.31 -2.71 -9.22
C LYS F 2 -13.73 -3.44 -10.49
N LEU F 3 -13.34 -2.88 -11.63
CA LEU F 3 -13.66 -3.46 -12.93
C LEU F 3 -12.42 -3.43 -13.85
N GLY F 4 -11.36 -2.78 -13.35
CA GLY F 4 -10.13 -2.68 -14.12
C GLY F 4 -9.90 -1.26 -14.60
N LYS F 5 -9.42 -1.11 -15.84
CA LYS F 5 -9.13 0.22 -16.41
C LYS F 5 -9.48 0.26 -17.90
N LEU F 6 -9.88 1.44 -18.39
CA LEU F 6 -10.23 1.63 -19.78
C LEU F 6 -9.55 2.88 -20.32
N GLN F 7 -8.78 2.70 -21.39
CA GLN F 7 -8.07 3.83 -22.01
C GLN F 7 -8.95 4.45 -23.08
N TYR F 8 -9.02 5.77 -23.14
CA TYR F 8 -9.85 6.43 -24.14
C TYR F 8 -9.35 7.83 -24.50
N SER F 9 -9.75 8.26 -25.69
CA SER F 9 -9.40 9.57 -26.23
C SER F 9 -10.65 10.19 -26.84
N LEU F 10 -11.25 11.13 -26.12
CA LEU F 10 -12.49 11.76 -26.58
C LEU F 10 -12.24 13.13 -27.18
N ASP F 11 -12.74 13.35 -28.39
CA ASP F 11 -12.61 14.63 -29.08
C ASP F 11 -14.00 15.19 -29.39
N TYR F 12 -14.07 16.47 -29.75
CA TYR F 12 -15.36 17.12 -30.00
C TYR F 12 -15.49 17.61 -31.44
N ASP F 13 -16.72 17.53 -31.97
CA ASP F 13 -17.03 17.99 -33.31
C ASP F 13 -18.00 19.17 -33.23
N PHE F 14 -17.61 20.30 -33.82
CA PHE F 14 -18.44 21.51 -33.79
C PHE F 14 -19.17 21.74 -35.12
N GLN F 15 -19.15 20.75 -36.01
CA GLN F 15 -19.82 20.85 -37.30
C GLN F 15 -21.16 20.14 -37.24
N ASN F 16 -21.16 18.93 -36.70
CA ASN F 16 -22.37 18.13 -36.56
C ASN F 16 -22.90 18.21 -35.13
N ASN F 17 -22.05 18.66 -34.21
CA ASN F 17 -22.41 18.80 -32.80
C ASN F 17 -22.48 17.45 -32.09
N GLN F 18 -21.33 16.79 -32.02
CA GLN F 18 -21.24 15.49 -31.37
C GLN F 18 -19.84 15.28 -30.80
N LEU F 19 -19.76 14.62 -29.66
CA LEU F 19 -18.47 14.34 -29.04
C LEU F 19 -18.04 12.93 -29.46
N LEU F 20 -16.79 12.81 -29.87
CA LEU F 20 -16.25 11.53 -30.32
C LEU F 20 -15.61 10.78 -29.16
N VAL F 21 -16.34 9.81 -28.63
CA VAL F 21 -15.83 9.00 -27.54
C VAL F 21 -15.00 7.86 -28.11
N GLY F 22 -13.73 8.14 -28.38
CA GLY F 22 -12.85 7.14 -28.93
C GLY F 22 -12.05 6.43 -27.86
N ILE F 23 -12.60 5.31 -27.37
CA ILE F 23 -11.91 4.53 -26.35
C ILE F 23 -10.91 3.59 -27.01
N ILE F 24 -9.84 3.26 -26.30
CA ILE F 24 -8.81 2.40 -26.84
C ILE F 24 -9.11 0.94 -26.52
N GLN F 25 -9.26 0.63 -25.23
CA GLN F 25 -9.56 -0.72 -24.79
C GLN F 25 -9.80 -0.77 -23.28
N ALA F 26 -10.20 -1.94 -22.79
CA ALA F 26 -10.45 -2.15 -21.37
C ALA F 26 -9.52 -3.24 -20.85
N ALA F 27 -8.99 -3.04 -19.65
CA ALA F 27 -8.07 -4.02 -19.07
C ALA F 27 -8.54 -4.48 -17.69
N GLU F 28 -8.30 -5.76 -17.41
CA GLU F 28 -8.64 -6.39 -16.11
C GLU F 28 -10.15 -6.46 -15.85
N LEU F 29 -10.91 -6.94 -16.82
CA LEU F 29 -12.37 -7.06 -16.67
C LEU F 29 -12.72 -8.34 -15.91
N PRO F 30 -13.64 -8.27 -14.94
CA PRO F 30 -14.07 -9.44 -14.15
C PRO F 30 -14.77 -10.51 -14.99
N ALA F 31 -14.83 -11.72 -14.46
CA ALA F 31 -15.46 -12.85 -15.16
C ALA F 31 -16.94 -12.97 -14.82
N LEU F 32 -17.67 -13.68 -15.68
CA LEU F 32 -19.11 -13.88 -15.49
C LEU F 32 -19.49 -15.31 -15.90
N ASP F 33 -18.95 -15.76 -17.02
CA ASP F 33 -19.22 -17.10 -17.53
C ASP F 33 -18.32 -18.13 -16.84
N MET F 34 -18.86 -19.34 -16.63
CA MET F 34 -18.11 -20.42 -15.98
C MET F 34 -16.81 -20.72 -16.73
N GLY F 35 -15.70 -20.55 -16.04
CA GLY F 35 -14.41 -20.78 -16.65
C GLY F 35 -13.39 -19.73 -16.25
N GLY F 36 -13.61 -18.49 -16.70
CA GLY F 36 -12.70 -17.41 -16.37
C GLY F 36 -12.78 -16.24 -17.33
N THR F 37 -13.81 -16.20 -18.17
CA THR F 37 -13.96 -15.10 -19.14
C THR F 37 -15.43 -14.71 -19.33
N SER F 38 -15.65 -13.52 -19.88
CA SER F 38 -17.00 -13.02 -20.13
C SER F 38 -17.11 -12.45 -21.54
N ASP F 39 -18.31 -12.04 -21.91
CA ASP F 39 -18.56 -11.44 -23.22
C ASP F 39 -18.94 -9.97 -23.00
N PRO F 40 -18.01 -9.17 -22.48
CA PRO F 40 -18.27 -7.76 -22.16
C PRO F 40 -18.36 -6.83 -23.37
N TYR F 41 -19.46 -6.12 -23.45
CA TYR F 41 -19.70 -5.13 -24.49
C TYR F 41 -20.15 -3.84 -23.82
N VAL F 42 -19.55 -2.73 -24.20
CA VAL F 42 -19.89 -1.44 -23.61
C VAL F 42 -21.19 -0.88 -24.20
N LYS F 43 -22.16 -0.62 -23.34
CA LYS F 43 -23.43 -0.05 -23.76
C LYS F 43 -23.47 1.41 -23.34
N VAL F 44 -23.21 2.29 -24.30
CA VAL F 44 -23.21 3.72 -24.04
C VAL F 44 -24.60 4.24 -23.71
N PHE F 45 -24.75 4.77 -22.49
CA PHE F 45 -26.02 5.30 -22.04
C PHE F 45 -25.87 6.75 -21.59
N LEU F 46 -26.99 7.42 -21.37
CA LEU F 46 -26.97 8.82 -20.94
C LEU F 46 -28.00 9.06 -19.84
N LEU F 47 -27.78 10.12 -19.08
CA LEU F 47 -28.69 10.52 -18.01
C LEU F 47 -30.07 10.84 -18.61
N PRO F 48 -31.02 11.35 -17.80
CA PRO F 48 -32.37 11.73 -18.24
C PRO F 48 -32.45 12.04 -19.73
N ASP F 49 -31.48 12.82 -20.23
CA ASP F 49 -31.40 13.17 -21.65
C ASP F 49 -31.81 11.98 -22.52
N LYS F 50 -31.18 10.83 -22.24
CA LYS F 50 -31.45 9.57 -22.93
C LYS F 50 -31.57 9.72 -24.46
N LYS F 51 -30.87 10.71 -25.04
CA LYS F 51 -30.93 10.90 -26.49
C LYS F 51 -29.73 10.24 -27.17
N LYS F 52 -29.59 8.93 -26.94
CA LYS F 52 -28.49 8.15 -27.51
C LYS F 52 -28.45 6.77 -26.88
N LYS F 53 -28.24 5.76 -27.71
CA LYS F 53 -28.17 4.38 -27.25
C LYS F 53 -27.46 3.52 -28.30
N PHE F 54 -26.24 3.10 -27.98
CA PHE F 54 -25.46 2.29 -28.91
C PHE F 54 -24.95 1.02 -28.24
N GLU F 55 -25.00 -0.08 -28.96
CA GLU F 55 -24.54 -1.37 -28.47
C GLU F 55 -23.28 -1.80 -29.22
N THR F 56 -22.20 -2.03 -28.49
CA THR F 56 -20.94 -2.43 -29.10
C THR F 56 -21.00 -3.89 -29.54
N LYS F 57 -19.97 -4.33 -30.28
CA LYS F 57 -19.93 -5.69 -30.76
C LYS F 57 -19.55 -6.64 -29.62
N VAL F 58 -20.38 -7.63 -29.38
CA VAL F 58 -20.11 -8.60 -28.33
C VAL F 58 -18.68 -9.15 -28.47
N HIS F 59 -17.97 -9.21 -27.37
CA HIS F 59 -16.61 -9.71 -27.36
C HIS F 59 -16.57 -11.03 -26.60
N ARG F 60 -16.79 -12.11 -27.35
CA ARG F 60 -16.84 -13.46 -26.79
C ARG F 60 -15.61 -13.82 -25.95
N LYS F 61 -15.88 -14.24 -24.72
CA LYS F 61 -14.86 -14.68 -23.77
C LYS F 61 -13.57 -13.86 -23.87
N THR F 62 -13.59 -12.65 -23.31
CA THR F 62 -12.42 -11.79 -23.34
C THR F 62 -12.50 -10.73 -22.23
N LEU F 63 -11.44 -10.64 -21.43
CA LEU F 63 -11.38 -9.69 -20.32
C LEU F 63 -10.43 -8.53 -20.64
N ASN F 64 -9.91 -8.52 -21.86
CA ASN F 64 -8.99 -7.47 -22.30
C ASN F 64 -9.08 -7.33 -23.82
N PRO F 65 -10.30 -7.08 -24.34
CA PRO F 65 -10.55 -6.96 -25.77
C PRO F 65 -10.31 -5.55 -26.31
N VAL F 66 -9.91 -5.48 -27.57
CA VAL F 66 -9.65 -4.22 -28.24
C VAL F 66 -10.59 -4.09 -29.43
N PHE F 67 -11.01 -2.88 -29.75
CA PHE F 67 -11.92 -2.66 -30.87
C PHE F 67 -11.97 -1.19 -31.25
N ASN F 68 -12.16 -0.33 -30.26
CA ASN F 68 -12.23 1.11 -30.48
C ASN F 68 -13.51 1.47 -31.24
N GLU F 69 -14.63 1.37 -30.55
CA GLU F 69 -15.92 1.70 -31.16
C GLU F 69 -16.12 3.22 -31.17
N GLN F 70 -16.87 3.70 -32.15
CA GLN F 70 -17.13 5.12 -32.30
C GLN F 70 -18.50 5.50 -31.74
N PHE F 71 -18.51 6.14 -30.58
CA PHE F 71 -19.76 6.56 -29.95
C PHE F 71 -20.01 8.04 -30.22
N THR F 72 -21.14 8.33 -30.86
CA THR F 72 -21.51 9.69 -31.19
C THR F 72 -22.41 10.30 -30.10
N PHE F 73 -21.83 11.19 -29.30
CA PHE F 73 -22.55 11.86 -28.24
C PHE F 73 -23.52 12.88 -28.83
N LYS F 74 -24.68 12.39 -29.26
CA LYS F 74 -25.71 13.24 -29.85
C LYS F 74 -26.22 14.30 -28.86
N VAL F 75 -25.59 15.47 -28.88
CA VAL F 75 -25.96 16.59 -28.02
C VAL F 75 -25.06 17.77 -28.31
N PRO F 76 -25.65 18.97 -28.52
CA PRO F 76 -24.87 20.17 -28.82
C PRO F 76 -23.85 20.47 -27.74
N TYR F 77 -22.63 20.83 -28.15
CA TYR F 77 -21.56 21.14 -27.19
C TYR F 77 -22.07 22.08 -26.10
N SER F 78 -22.87 23.06 -26.51
CA SER F 78 -23.45 24.04 -25.60
C SER F 78 -24.38 23.38 -24.57
N GLU F 79 -24.91 22.22 -24.92
CA GLU F 79 -25.83 21.48 -24.05
C GLU F 79 -25.06 20.48 -23.16
N LEU F 80 -23.93 19.99 -23.67
CA LEU F 80 -23.11 19.02 -22.96
C LEU F 80 -22.95 19.37 -21.47
N GLY F 81 -22.88 20.67 -21.17
CA GLY F 81 -22.72 21.12 -19.80
C GLY F 81 -23.70 20.47 -18.84
N GLY F 82 -24.91 20.18 -19.32
CA GLY F 82 -25.91 19.56 -18.47
C GLY F 82 -26.17 18.10 -18.81
N LYS F 83 -25.15 17.41 -19.33
CA LYS F 83 -25.30 16.01 -19.70
C LYS F 83 -24.12 15.16 -19.22
N THR F 84 -24.39 14.27 -18.27
CA THR F 84 -23.36 13.37 -17.75
C THR F 84 -23.42 12.04 -18.49
N LEU F 85 -22.41 11.77 -19.30
CA LEU F 85 -22.37 10.52 -20.06
C LEU F 85 -21.97 9.35 -19.15
N VAL F 86 -22.54 8.18 -19.41
CA VAL F 86 -22.24 7.01 -18.62
C VAL F 86 -21.93 5.81 -19.51
N MET F 87 -20.75 5.23 -19.31
CA MET F 87 -20.33 4.08 -20.10
C MET F 87 -20.38 2.82 -19.24
N ALA F 88 -21.33 1.96 -19.51
CA ALA F 88 -21.48 0.71 -18.77
C ALA F 88 -21.11 -0.47 -19.63
N VAL F 89 -20.26 -1.36 -19.10
CA VAL F 89 -19.85 -2.54 -19.84
C VAL F 89 -20.77 -3.71 -19.47
N TYR F 90 -21.52 -4.17 -20.46
CA TYR F 90 -22.46 -5.25 -20.27
C TYR F 90 -21.89 -6.57 -20.78
N ASP F 91 -22.18 -7.66 -20.08
CA ASP F 91 -21.71 -8.97 -20.48
C ASP F 91 -22.71 -9.63 -21.42
N PHE F 92 -22.26 -10.65 -22.14
CA PHE F 92 -23.11 -11.36 -23.08
C PHE F 92 -22.85 -12.86 -23.01
N ASP F 93 -22.72 -13.40 -21.79
CA ASP F 93 -22.48 -14.82 -21.58
C ASP F 93 -23.35 -15.68 -22.51
N ARG F 94 -24.60 -15.24 -22.72
CA ARG F 94 -25.57 -15.90 -23.60
C ARG F 94 -26.27 -17.07 -22.92
N PHE F 95 -26.27 -17.10 -21.58
CA PHE F 95 -26.92 -18.18 -20.86
C PHE F 95 -27.71 -17.64 -19.66
N SER F 96 -27.02 -16.97 -18.76
CA SER F 96 -27.62 -16.41 -17.55
C SER F 96 -28.05 -14.96 -17.79
N LYS F 97 -28.52 -14.31 -16.74
CA LYS F 97 -28.94 -12.92 -16.84
C LYS F 97 -27.72 -12.03 -17.00
N HIS F 98 -27.46 -11.58 -18.22
CA HIS F 98 -26.30 -10.74 -18.50
C HIS F 98 -26.18 -9.66 -17.41
N ASP F 99 -25.04 -9.65 -16.72
CA ASP F 99 -24.81 -8.71 -15.63
C ASP F 99 -23.91 -7.55 -16.08
N ILE F 100 -24.00 -6.43 -15.35
CA ILE F 100 -23.19 -5.26 -15.65
C ILE F 100 -21.88 -5.36 -14.88
N ILE F 101 -20.86 -5.95 -15.50
CA ILE F 101 -19.57 -6.12 -14.83
C ILE F 101 -19.03 -4.81 -14.27
N GLY F 102 -19.40 -3.68 -14.89
CA GLY F 102 -18.94 -2.41 -14.38
C GLY F 102 -19.27 -1.24 -15.29
N GLU F 103 -18.90 -0.04 -14.86
CA GLU F 103 -19.15 1.16 -15.64
C GLU F 103 -18.31 2.33 -15.13
N PHE F 104 -18.39 3.47 -15.83
CA PHE F 104 -17.67 4.67 -15.46
C PHE F 104 -18.37 5.90 -16.05
N LYS F 105 -18.19 7.05 -15.41
CA LYS F 105 -18.81 8.29 -15.87
C LYS F 105 -18.03 9.50 -15.40
N VAL F 106 -18.26 10.65 -16.02
CA VAL F 106 -17.58 11.87 -15.67
C VAL F 106 -18.43 13.10 -16.01
N PRO F 107 -18.49 14.09 -15.11
CA PRO F 107 -19.26 15.32 -15.32
C PRO F 107 -18.68 16.14 -16.48
N MET F 108 -19.32 16.03 -17.64
CA MET F 108 -18.87 16.74 -18.84
C MET F 108 -18.61 18.22 -18.57
N ASN F 109 -19.46 18.86 -17.76
CA ASN F 109 -19.27 20.27 -17.45
C ASN F 109 -17.86 20.55 -16.93
N THR F 110 -17.31 19.59 -16.19
CA THR F 110 -15.97 19.72 -15.65
C THR F 110 -14.90 19.29 -16.68
N VAL F 111 -15.36 18.75 -17.82
CA VAL F 111 -14.46 18.31 -18.87
C VAL F 111 -14.27 19.43 -19.88
N ASP F 112 -13.31 20.30 -19.60
CA ASP F 112 -13.00 21.42 -20.48
C ASP F 112 -12.50 20.91 -21.82
N PHE F 113 -13.41 20.85 -22.80
CA PHE F 113 -13.08 20.39 -24.14
C PHE F 113 -12.16 21.39 -24.86
N GLY F 114 -10.94 21.54 -24.35
CA GLY F 114 -9.99 22.44 -24.96
C GLY F 114 -9.44 21.89 -26.26
N HIS F 115 -9.15 20.59 -26.28
CA HIS F 115 -8.63 19.93 -27.47
C HIS F 115 -9.07 18.47 -27.48
N VAL F 116 -8.37 17.64 -26.69
CA VAL F 116 -8.68 16.22 -26.60
C VAL F 116 -8.49 15.73 -25.17
N THR F 117 -9.48 15.03 -24.67
CA THR F 117 -9.45 14.51 -23.31
C THR F 117 -8.98 13.05 -23.31
N GLU F 118 -7.68 12.86 -23.15
CA GLU F 118 -7.09 11.54 -23.11
C GLU F 118 -6.63 11.22 -21.70
N GLU F 119 -6.96 10.03 -21.22
CA GLU F 119 -6.59 9.62 -19.86
C GLU F 119 -6.86 8.14 -19.62
N TRP F 120 -6.25 7.60 -18.57
CA TRP F 120 -6.43 6.21 -18.21
C TRP F 120 -7.55 6.10 -17.18
N ARG F 121 -8.78 6.00 -17.68
CA ARG F 121 -9.96 5.91 -16.83
C ARG F 121 -9.98 4.63 -15.99
N ASP F 122 -10.31 4.81 -14.72
CA ASP F 122 -10.41 3.70 -13.78
C ASP F 122 -11.81 3.09 -13.89
N LEU F 123 -11.89 1.76 -13.84
CA LEU F 123 -13.16 1.06 -13.95
C LEU F 123 -13.64 0.56 -12.59
N GLN F 124 -14.93 0.70 -12.33
CA GLN F 124 -15.52 0.25 -11.07
C GLN F 124 -16.71 -0.66 -11.32
N SER F 125 -16.86 -1.69 -10.50
CA SER F 125 -17.95 -2.64 -10.65
C SER F 125 -19.23 -2.10 -10.02
N ALA F 126 -20.03 -1.41 -10.83
CA ALA F 126 -21.29 -0.86 -10.36
C ALA F 126 -22.34 -1.96 -10.25
N GLU F 127 -22.63 -2.34 -9.01
CA GLU F 127 -23.62 -3.38 -8.72
C GLU F 127 -25.03 -2.87 -9.00
N LYS F 128 -25.23 -2.38 -10.22
CA LYS F 128 -26.52 -1.85 -10.62
C LYS F 128 -27.06 -2.61 -11.83
N GLU A 1 15.80 -3.99 6.12
CA GLU A 1 16.08 -3.87 7.57
C GLU A 1 15.07 -2.94 8.24
N LYS A 2 14.50 -3.39 9.35
CA LYS A 2 13.50 -2.61 10.08
C LYS A 2 13.71 -2.71 11.59
N LEU A 3 13.61 -1.57 12.25
CA LEU A 3 13.76 -1.50 13.71
C LEU A 3 12.58 -0.75 14.35
N GLY A 4 11.61 -0.37 13.52
CA GLY A 4 10.45 0.35 14.03
C GLY A 4 10.56 1.84 13.77
N LYS A 5 10.24 2.64 14.79
CA LYS A 5 10.32 4.10 14.67
C LYS A 5 10.74 4.74 15.99
N LEU A 6 11.38 5.89 15.90
CA LEU A 6 11.85 6.62 17.07
C LEU A 6 11.53 8.11 16.92
N GLN A 7 10.81 8.65 17.88
CA GLN A 7 10.44 10.06 17.84
C GLN A 7 11.50 10.87 18.57
N TYR A 8 11.92 12.00 18.02
CA TYR A 8 12.94 12.82 18.66
C TYR A 8 12.83 14.30 18.30
N SER A 9 13.38 15.13 19.19
CA SER A 9 13.40 16.57 19.02
C SER A 9 14.81 17.07 19.37
N LEU A 10 15.59 17.39 18.34
CA LEU A 10 16.97 17.82 18.56
C LEU A 10 17.11 19.34 18.44
N ASP A 11 17.71 19.95 19.45
CA ASP A 11 17.95 21.40 19.45
C ASP A 11 19.45 21.67 19.57
N TYR A 12 19.87 22.91 19.29
CA TYR A 12 21.29 23.24 19.34
C TYR A 12 21.62 24.30 20.38
N ASP A 13 22.80 24.17 20.98
CA ASP A 13 23.28 25.12 21.97
C ASP A 13 24.52 25.84 21.44
N PHE A 14 24.46 27.16 21.40
CA PHE A 14 25.58 27.97 20.89
C PHE A 14 26.41 28.61 22.00
N GLN A 15 26.18 28.18 23.24
CA GLN A 15 26.91 28.71 24.39
C GLN A 15 28.03 27.74 24.77
N ASN A 16 27.68 26.46 24.86
CA ASN A 16 28.64 25.42 25.20
C ASN A 16 29.11 24.67 23.94
N ASN A 17 28.34 24.84 22.85
CA ASN A 17 28.66 24.23 21.57
C ASN A 17 28.34 22.73 21.57
N GLN A 18 27.06 22.42 21.73
CA GLN A 18 26.61 21.04 21.75
C GLN A 18 25.18 20.95 21.23
N LEU A 19 24.88 19.88 20.52
CA LEU A 19 23.53 19.66 20.01
C LEU A 19 22.77 18.77 20.99
N LEU A 20 21.54 19.18 21.31
CA LEU A 20 20.73 18.44 22.26
C LEU A 20 19.86 17.42 21.54
N VAL A 21 20.29 16.17 21.58
CA VAL A 21 19.53 15.10 20.94
C VAL A 21 18.47 14.60 21.91
N GLY A 22 17.34 15.28 21.92
CA GLY A 22 16.24 14.91 22.80
C GLY A 22 15.24 14.00 22.13
N ILE A 23 15.45 12.70 22.25
CA ILE A 23 14.55 11.73 21.66
C ILE A 23 13.36 11.48 22.60
N ILE A 24 12.21 11.16 22.03
CA ILE A 24 11.02 10.92 22.83
C ILE A 24 10.93 9.46 23.25
N GLN A 25 10.94 8.56 22.26
CA GLN A 25 10.84 7.13 22.52
C GLN A 25 10.99 6.33 21.23
N ALA A 26 11.05 5.01 21.37
CA ALA A 26 11.16 4.11 20.23
C ALA A 26 9.96 3.18 20.21
N ALA A 27 9.44 2.90 19.02
CA ALA A 27 8.28 2.04 18.88
C ALA A 27 8.55 0.89 17.92
N GLU A 28 7.97 -0.28 18.23
CA GLU A 28 8.10 -1.49 17.40
C GLU A 28 9.54 -1.95 17.26
N LEU A 29 10.09 -2.53 18.33
CA LEU A 29 11.47 -3.00 18.31
C LEU A 29 11.52 -4.53 18.26
N PRO A 30 12.51 -5.10 17.54
CA PRO A 30 12.68 -6.56 17.44
C PRO A 30 13.02 -7.20 18.80
N ALA A 31 12.68 -8.48 18.94
CA ALA A 31 12.93 -9.19 20.20
C ALA A 31 14.29 -9.89 20.20
N LEU A 32 14.82 -10.10 21.41
CA LEU A 32 16.11 -10.75 21.58
C LEU A 32 16.02 -11.79 22.70
N ASP A 33 15.54 -11.37 23.87
CA ASP A 33 15.38 -12.26 25.02
C ASP A 33 14.23 -13.25 24.74
N MET A 34 14.22 -14.37 25.46
CA MET A 34 13.18 -15.37 25.25
C MET A 34 11.90 -14.97 25.98
N GLY A 35 10.94 -14.47 25.23
CA GLY A 35 9.67 -14.05 25.80
C GLY A 35 8.93 -13.09 24.88
N GLY A 36 9.53 -12.81 23.73
CA GLY A 36 8.92 -11.91 22.77
C GLY A 36 9.28 -10.46 23.00
N THR A 37 10.14 -10.21 24.00
CA THR A 37 10.56 -8.84 24.33
C THR A 37 12.08 -8.76 24.51
N SER A 38 12.60 -7.54 24.55
CA SER A 38 14.04 -7.35 24.71
C SER A 38 14.31 -6.20 25.70
N ASP A 39 15.59 -5.98 25.98
CA ASP A 39 16.01 -4.91 26.86
C ASP A 39 16.79 -3.88 26.05
N PRO A 40 16.12 -3.22 25.09
CA PRO A 40 16.75 -2.26 24.18
C PRO A 40 17.12 -0.92 24.82
N TYR A 41 18.39 -0.56 24.68
CA TYR A 41 18.89 0.72 25.17
C TYR A 41 19.69 1.35 24.03
N VAL A 42 19.42 2.62 23.77
CA VAL A 42 20.10 3.33 22.68
C VAL A 42 21.50 3.76 23.10
N LYS A 43 22.49 3.31 22.36
CA LYS A 43 23.88 3.69 22.62
C LYS A 43 24.33 4.69 21.56
N VAL A 44 24.35 5.95 21.96
CA VAL A 44 24.73 7.03 21.05
C VAL A 44 26.21 6.95 20.70
N PHE A 45 26.50 6.77 19.42
CA PHE A 45 27.86 6.68 18.93
C PHE A 45 28.11 7.71 17.83
N LEU A 46 29.37 7.88 17.47
CA LEU A 46 29.74 8.85 16.44
C LEU A 46 30.78 8.26 15.50
N LEU A 47 30.86 8.84 14.30
CA LEU A 47 31.83 8.42 13.30
C LEU A 47 33.25 8.63 13.84
N PRO A 48 34.31 8.44 13.01
CA PRO A 48 35.71 8.63 13.40
C PRO A 48 35.89 9.60 14.57
N ASP A 49 35.18 10.73 14.51
CA ASP A 49 35.23 11.73 15.57
C ASP A 49 35.29 11.05 16.95
N LYS A 50 34.36 10.12 17.15
CA LYS A 50 34.28 9.33 18.40
C LYS A 50 34.44 10.17 19.67
N LYS A 51 34.07 11.44 19.63
CA LYS A 51 34.18 12.30 20.81
C LYS A 51 32.86 12.37 21.56
N LYS A 52 32.35 11.20 21.96
CA LYS A 52 31.10 11.11 22.68
C LYS A 52 30.65 9.65 22.78
N LYS A 53 30.18 9.26 23.95
CA LYS A 53 29.72 7.90 24.19
C LYS A 53 28.81 7.87 25.42
N PHE A 54 27.52 7.66 25.18
CA PHE A 54 26.55 7.63 26.27
C PHE A 54 25.69 6.37 26.21
N GLU A 55 25.44 5.79 27.38
CA GLU A 55 24.64 4.58 27.49
C GLU A 55 23.32 4.91 28.18
N THR A 56 22.21 4.63 27.52
CA THR A 56 20.90 4.91 28.08
C THR A 56 20.54 3.89 29.16
N LYS A 57 19.45 4.12 29.87
CA LYS A 57 19.02 3.23 30.93
C LYS A 57 18.38 1.98 30.34
N VAL A 58 18.90 0.82 30.69
CA VAL A 58 18.36 -0.44 30.20
C VAL A 58 16.84 -0.46 30.40
N HIS A 59 16.12 -0.87 29.37
CA HIS A 59 14.67 -0.95 29.43
C HIS A 59 14.26 -2.42 29.39
N ARG A 60 14.17 -3.02 30.57
CA ARG A 60 13.85 -4.43 30.72
C ARG A 60 12.56 -4.83 30.00
N LYS A 61 12.68 -5.84 29.15
CA LYS A 61 11.56 -6.42 28.40
C LYS A 61 10.55 -5.37 27.94
N THR A 62 10.91 -4.63 26.89
CA THR A 62 10.03 -3.61 26.35
C THR A 62 10.40 -3.28 24.91
N LEU A 63 9.40 -3.31 24.02
CA LEU A 63 9.61 -3.03 22.60
C LEU A 63 9.04 -1.67 22.22
N ASN A 64 8.52 -0.96 23.21
CA ASN A 64 7.93 0.36 22.99
C ASN A 64 8.08 1.20 24.26
N PRO A 65 9.31 1.35 24.75
CA PRO A 65 9.60 2.10 25.97
C PRO A 65 9.77 3.59 25.75
N VAL A 66 9.41 4.37 26.78
CA VAL A 66 9.53 5.82 26.74
C VAL A 66 10.48 6.27 27.84
N PHE A 67 11.22 7.33 27.60
CA PHE A 67 12.17 7.83 28.59
C PHE A 67 12.64 9.23 28.24
N ASN A 68 13.04 9.43 26.99
CA ASN A 68 13.52 10.73 26.52
C ASN A 68 14.84 11.08 27.18
N GLU A 69 15.90 10.39 26.77
CA GLU A 69 17.23 10.64 27.30
C GLU A 69 17.85 11.87 26.64
N GLN A 70 18.71 12.56 27.36
CA GLN A 70 19.36 13.76 26.84
C GLN A 70 20.78 13.46 26.36
N PHE A 71 20.95 13.43 25.04
CA PHE A 71 22.25 13.16 24.46
C PHE A 71 22.91 14.48 24.04
N THR A 72 24.09 14.75 24.59
CA THR A 72 24.84 15.95 24.29
C THR A 72 25.85 15.70 23.17
N PHE A 73 25.53 16.22 21.99
CA PHE A 73 26.40 16.07 20.83
C PHE A 73 27.63 16.98 20.99
N LYS A 74 28.60 16.49 21.74
CA LYS A 74 29.84 17.24 21.99
C LYS A 74 30.61 17.52 20.69
N VAL A 75 30.34 18.66 20.08
CA VAL A 75 30.99 19.08 18.86
C VAL A 75 30.46 20.45 18.43
N PRO A 76 31.36 21.40 18.14
CA PRO A 76 30.95 22.74 17.73
C PRO A 76 30.04 22.72 16.51
N TYR A 77 28.98 23.52 16.55
CA TYR A 77 28.03 23.59 15.44
C TYR A 77 28.77 23.72 14.10
N SER A 78 29.81 24.54 14.11
CA SER A 78 30.63 24.78 12.92
C SER A 78 31.33 23.49 12.45
N GLU A 79 31.52 22.55 13.36
CA GLU A 79 32.19 21.29 13.07
C GLU A 79 31.17 20.21 12.67
N LEU A 80 29.95 20.33 13.20
CA LEU A 80 28.88 19.37 12.92
C LEU A 80 28.82 18.99 11.44
N GLY A 81 29.10 19.95 10.56
CA GLY A 81 29.07 19.69 9.13
C GLY A 81 29.81 18.43 8.73
N GLY A 82 30.90 18.13 9.43
CA GLY A 82 31.68 16.95 9.11
C GLY A 82 31.52 15.82 10.12
N LYS A 83 30.36 15.75 10.77
CA LYS A 83 30.11 14.72 11.77
C LYS A 83 28.74 14.07 11.60
N THR A 84 28.74 12.80 11.22
CA THR A 84 27.50 12.05 11.06
C THR A 84 27.19 11.27 12.34
N LEU A 85 26.15 11.69 13.04
CA LEU A 85 25.77 11.02 14.29
C LEU A 85 25.05 9.71 13.99
N VAL A 86 25.27 8.72 14.84
CA VAL A 86 24.65 7.41 14.66
C VAL A 86 24.03 6.92 15.96
N MET A 87 22.74 6.63 15.92
CA MET A 87 22.01 6.15 17.08
C MET A 87 21.69 4.68 16.93
N ALA A 88 22.38 3.84 17.71
CA ALA A 88 22.16 2.40 17.65
C ALA A 88 21.49 1.92 18.92
N VAL A 89 20.43 1.13 18.75
CA VAL A 89 19.71 0.60 19.90
C VAL A 89 20.26 -0.78 20.25
N TYR A 90 20.86 -0.87 21.42
CA TYR A 90 21.46 -2.11 21.89
C TYR A 90 20.55 -2.82 22.88
N ASP A 91 20.52 -4.14 22.81
CA ASP A 91 19.71 -4.94 23.71
C ASP A 91 20.49 -5.28 24.98
N PHE A 92 19.78 -5.67 26.02
CA PHE A 92 20.41 -6.02 27.29
C PHE A 92 19.73 -7.25 27.90
N ASP A 93 19.46 -8.26 27.07
CA ASP A 93 18.82 -9.50 27.53
C ASP A 93 19.43 -9.98 28.85
N ARG A 94 20.75 -9.81 28.99
CA ARG A 94 21.51 -10.18 30.19
C ARG A 94 21.85 -11.67 30.23
N PHE A 95 21.83 -12.34 29.08
CA PHE A 95 22.14 -13.76 29.04
C PHE A 95 23.03 -14.08 27.84
N SER A 96 22.55 -13.79 26.64
CA SER A 96 23.27 -14.06 25.41
C SER A 96 24.09 -12.85 24.99
N LYS A 97 24.72 -12.92 23.82
CA LYS A 97 25.52 -11.81 23.32
C LYS A 97 24.58 -10.69 22.88
N HIS A 98 24.47 -9.65 23.71
CA HIS A 98 23.60 -8.51 23.40
C HIS A 98 23.77 -8.12 21.93
N ASP A 99 22.68 -8.16 21.18
CA ASP A 99 22.72 -7.83 19.75
C ASP A 99 22.19 -6.42 19.49
N ILE A 100 22.56 -5.87 18.34
CA ILE A 100 22.11 -4.54 17.95
C ILE A 100 20.81 -4.67 17.16
N ILE A 101 19.70 -4.60 17.87
CA ILE A 101 18.38 -4.73 17.23
C ILE A 101 18.21 -3.75 16.07
N GLY A 102 18.91 -2.63 16.11
CA GLY A 102 18.81 -1.66 15.03
C GLY A 102 19.51 -0.35 15.33
N GLU A 103 19.46 0.57 14.38
CA GLU A 103 20.10 1.88 14.54
C GLU A 103 19.60 2.87 13.48
N PHE A 104 20.03 4.11 13.61
CA PHE A 104 19.66 5.16 12.66
C PHE A 104 20.72 6.27 12.69
N LYS A 105 20.83 7.01 11.59
CA LYS A 105 21.82 8.08 11.48
C LYS A 105 21.37 9.12 10.44
N VAL A 106 21.97 10.30 10.50
CA VAL A 106 21.63 11.37 9.56
C VAL A 106 22.81 12.32 9.40
N PRO A 107 23.10 12.73 8.14
CA PRO A 107 24.20 13.65 7.84
C PRO A 107 23.95 15.03 8.45
N MET A 108 24.60 15.30 9.57
CA MET A 108 24.44 16.56 10.28
C MET A 108 24.60 17.76 9.34
N ASN A 109 25.53 17.69 8.40
CA ASN A 109 25.75 18.80 7.46
C ASN A 109 24.44 19.18 6.78
N THR A 110 23.59 18.19 6.51
CA THR A 110 22.31 18.43 5.86
C THR A 110 21.24 18.84 6.88
N VAL A 111 21.59 18.77 8.17
CA VAL A 111 20.67 19.13 9.24
C VAL A 111 20.85 20.60 9.61
N ASP A 112 20.17 21.47 8.89
CA ASP A 112 20.24 22.90 9.13
C ASP A 112 19.70 23.23 10.52
N PHE A 113 20.61 23.38 11.48
CA PHE A 113 20.25 23.69 12.85
C PHE A 113 19.70 25.11 12.97
N GLY A 114 18.55 25.35 12.34
CA GLY A 114 17.91 26.66 12.40
C GLY A 114 17.31 26.94 13.76
N HIS A 115 16.67 25.93 14.35
CA HIS A 115 16.05 26.06 15.66
C HIS A 115 16.06 24.71 16.37
N VAL A 116 15.12 23.85 16.00
CA VAL A 116 14.99 22.52 16.58
C VAL A 116 14.59 21.51 15.52
N THR A 117 15.31 20.41 15.46
CA THR A 117 15.05 19.36 14.50
C THR A 117 14.20 18.26 15.13
N GLU A 118 12.88 18.38 14.97
CA GLU A 118 11.94 17.41 15.50
C GLU A 118 11.33 16.62 14.36
N GLU A 119 11.28 15.30 14.48
CA GLU A 119 10.72 14.45 13.44
C GLU A 119 10.55 13.01 13.93
N TRP A 120 9.75 12.24 13.19
CA TRP A 120 9.50 10.83 13.53
C TRP A 120 10.48 9.96 12.77
N ARG A 121 11.68 9.82 13.33
CA ARG A 121 12.75 9.04 12.71
C ARG A 121 12.39 7.56 12.59
N ASP A 122 12.67 7.00 11.43
CA ASP A 122 12.43 5.60 11.15
C ASP A 122 13.63 4.78 11.63
N LEU A 123 13.36 3.63 12.24
CA LEU A 123 14.42 2.78 12.76
C LEU A 123 14.66 1.57 11.85
N GLN A 124 15.93 1.24 11.65
CA GLN A 124 16.30 0.11 10.81
C GLN A 124 17.24 -0.84 11.55
N SER A 125 17.05 -2.15 11.33
CA SER A 125 17.87 -3.16 11.97
C SER A 125 19.23 -3.30 11.30
N ALA A 126 19.99 -2.20 11.29
CA ALA A 126 21.32 -2.22 10.68
C ALA A 126 22.31 -2.91 11.61
N GLU A 127 22.69 -4.14 11.28
CA GLU A 127 23.60 -4.92 12.12
C GLU A 127 25.05 -4.46 11.91
N LYS A 128 25.35 -3.29 12.44
CA LYS A 128 26.67 -2.68 12.31
C LYS A 128 27.33 -2.54 13.69
N TYR B 1 34.13 14.83 -20.89
CA TYR B 1 34.99 15.31 -19.77
C TYR B 1 35.05 14.24 -18.66
N LYS B 2 35.67 13.10 -18.98
CA LYS B 2 35.78 12.01 -18.01
C LYS B 2 36.35 12.52 -16.69
N LYS B 3 35.49 12.59 -15.68
CA LYS B 3 35.88 13.06 -14.36
C LYS B 3 34.91 12.52 -13.30
N PRO B 4 35.03 12.96 -12.02
CA PRO B 4 34.20 12.55 -10.92
C PRO B 4 32.87 11.92 -11.35
N LYS B 5 32.78 10.60 -11.22
CA LYS B 5 31.58 9.87 -11.59
C LYS B 5 30.74 9.63 -10.33
N LEU B 6 29.64 10.36 -10.20
CA LEU B 6 28.75 10.21 -9.05
C LEU B 6 27.79 9.06 -9.27
N LEU B 7 27.61 8.23 -8.25
CA LEU B 7 26.72 7.07 -8.34
C LEU B 7 26.01 6.84 -7.01
N TYR B 8 24.71 6.57 -7.08
CA TYR B 8 23.91 6.30 -5.88
C TYR B 8 22.66 5.52 -6.27
N CYS B 9 21.88 5.07 -5.28
CA CYS B 9 20.67 4.31 -5.56
C CYS B 9 19.60 4.57 -4.49
N SER B 10 18.36 4.15 -4.81
CA SER B 10 17.23 4.33 -3.91
C SER B 10 16.77 5.78 -3.94
N ASN B 11 15.51 5.98 -4.34
CA ASN B 11 14.94 7.32 -4.41
C ASN B 11 15.20 8.08 -3.11
N GLY B 12 15.79 9.26 -3.23
CA GLY B 12 16.08 10.07 -2.06
C GLY B 12 17.49 10.63 -2.10
N GLY B 13 17.63 11.90 -1.73
CA GLY B 13 18.92 12.54 -1.73
C GLY B 13 19.94 11.78 -0.90
N HIS B 14 20.85 11.09 -1.58
CA HIS B 14 21.91 10.32 -0.94
C HIS B 14 22.98 9.96 -1.96
N PHE B 15 24.21 10.37 -1.72
CA PHE B 15 25.32 10.09 -2.64
C PHE B 15 26.39 9.24 -1.95
N LEU B 16 27.08 8.43 -2.74
CA LEU B 16 28.12 7.56 -2.20
C LEU B 16 29.36 8.38 -1.86
N ARG B 17 29.54 8.69 -0.59
CA ARG B 17 30.70 9.47 -0.15
C ARG B 17 31.81 8.54 0.33
N ILE B 18 32.86 8.44 -0.47
CA ILE B 18 33.98 7.57 -0.16
C ILE B 18 35.03 8.30 0.67
N LEU B 19 35.63 7.58 1.61
CA LEU B 19 36.67 8.13 2.47
C LEU B 19 37.87 7.19 2.49
N PRO B 20 39.09 7.74 2.47
CA PRO B 20 40.33 6.94 2.48
C PRO B 20 40.30 5.82 3.51
N ASP B 21 39.57 6.05 4.60
CA ASP B 21 39.42 5.07 5.67
C ASP B 21 38.80 3.77 5.13
N GLY B 22 37.78 3.92 4.30
CA GLY B 22 37.10 2.77 3.74
C GLY B 22 35.61 2.79 4.01
N THR B 23 35.21 3.35 5.15
CA THR B 23 33.81 3.43 5.51
C THR B 23 33.06 4.45 4.65
N VAL B 24 32.62 4.00 3.48
CA VAL B 24 31.87 4.85 2.56
C VAL B 24 30.38 4.81 2.91
N ASP B 25 29.75 5.98 2.99
CA ASP B 25 28.34 6.08 3.32
C ASP B 25 27.58 6.89 2.27
N GLY B 26 26.25 6.80 2.30
CA GLY B 26 25.42 7.52 1.35
C GLY B 26 25.14 8.93 1.79
N THR B 27 26.18 9.75 1.84
CA THR B 27 26.06 11.15 2.25
C THR B 27 25.28 11.95 1.21
N ARG B 28 24.26 12.67 1.64
CA ARG B 28 23.46 13.48 0.73
C ARG B 28 24.00 14.90 0.68
N ASP B 29 25.19 15.04 0.12
CA ASP B 29 25.83 16.35 -0.01
C ASP B 29 26.72 16.40 -1.25
N ARG B 30 26.90 17.60 -1.79
CA ARG B 30 27.73 17.79 -2.97
C ARG B 30 28.64 19.01 -2.78
N SER B 31 28.89 19.36 -1.51
CA SER B 31 29.73 20.50 -1.17
C SER B 31 31.17 20.04 -1.01
N ASP B 32 31.36 18.91 -0.34
CA ASP B 32 32.70 18.36 -0.12
C ASP B 32 33.03 17.32 -1.17
N GLN B 33 34.17 17.49 -1.84
CA GLN B 33 34.59 16.56 -2.89
C GLN B 33 34.95 15.20 -2.31
N HIS B 34 33.94 14.41 -1.96
CA HIS B 34 34.16 13.07 -1.44
C HIS B 34 33.08 12.09 -1.89
N ILE B 35 32.33 12.48 -2.93
CA ILE B 35 31.25 11.63 -3.46
C ILE B 35 31.44 11.42 -4.95
N GLN B 36 32.67 11.15 -5.36
CA GLN B 36 33.01 10.95 -6.76
C GLN B 36 34.01 9.82 -6.92
N LEU B 37 33.72 8.92 -7.86
CA LEU B 37 34.60 7.79 -8.15
C LEU B 37 34.90 7.74 -9.64
N GLN B 38 36.04 7.15 -10.00
CA GLN B 38 36.42 7.06 -11.40
C GLN B 38 35.87 5.78 -12.01
N LEU B 39 34.56 5.75 -12.24
CA LEU B 39 33.90 4.59 -12.84
C LEU B 39 34.20 4.54 -14.34
N SER B 40 34.67 3.39 -14.79
CA SER B 40 34.98 3.21 -16.21
C SER B 40 35.02 1.72 -16.56
N ALA B 41 34.81 1.42 -17.84
CA ALA B 41 34.84 0.05 -18.32
C ALA B 41 36.28 -0.35 -18.63
N GLU B 42 36.87 -1.13 -17.74
CA GLU B 42 38.26 -1.56 -17.90
C GLU B 42 38.35 -2.60 -19.02
N SER B 43 37.55 -3.65 -18.90
CA SER B 43 37.53 -4.72 -19.89
C SER B 43 36.15 -4.80 -20.54
N VAL B 44 36.00 -5.65 -21.55
CA VAL B 44 34.73 -5.81 -22.24
C VAL B 44 33.60 -6.10 -21.25
N GLY B 45 32.91 -5.04 -20.83
CA GLY B 45 31.80 -5.18 -19.90
C GLY B 45 32.24 -5.09 -18.44
N GLU B 46 33.54 -5.21 -18.18
CA GLU B 46 34.06 -5.14 -16.82
C GLU B 46 34.35 -3.71 -16.41
N VAL B 47 33.54 -3.16 -15.52
CA VAL B 47 33.71 -1.80 -15.04
C VAL B 47 34.31 -1.80 -13.64
N TYR B 48 35.18 -0.85 -13.37
CA TYR B 48 35.83 -0.75 -12.07
C TYR B 48 35.41 0.54 -11.36
N ILE B 49 35.36 0.46 -10.03
CA ILE B 49 34.99 1.61 -9.21
C ILE B 49 36.20 2.02 -8.37
N LYS B 50 36.85 3.10 -8.79
CA LYS B 50 38.02 3.60 -8.09
C LYS B 50 37.91 5.10 -7.84
N SER B 51 37.80 5.49 -6.58
CA SER B 51 37.70 6.89 -6.21
C SER B 51 39.09 7.51 -6.15
N THR B 52 39.78 7.47 -7.29
CA THR B 52 41.14 7.99 -7.40
C THR B 52 41.26 9.43 -6.92
N GLU B 53 40.70 10.35 -7.67
CA GLU B 53 40.78 11.77 -7.35
C GLU B 53 39.73 12.19 -6.31
N THR B 54 39.73 11.53 -5.15
CA THR B 54 38.78 11.85 -4.09
C THR B 54 38.86 10.89 -2.90
N GLY B 55 39.03 9.59 -3.16
CA GLY B 55 39.08 8.65 -2.07
C GLY B 55 40.08 7.53 -2.27
N GLN B 56 39.55 6.34 -2.46
CA GLN B 56 40.37 5.13 -2.61
C GLN B 56 39.77 4.16 -3.61
N TYR B 57 40.42 3.00 -3.76
CA TYR B 57 39.96 1.96 -4.66
C TYR B 57 39.06 0.99 -3.90
N LEU B 58 38.04 0.47 -4.56
CA LEU B 58 37.12 -0.46 -3.90
C LEU B 58 37.67 -1.88 -3.87
N ALA B 59 37.21 -2.65 -2.89
CA ALA B 59 37.63 -4.03 -2.71
C ALA B 59 36.59 -4.76 -1.86
N MET B 60 35.53 -5.23 -2.52
CA MET B 60 34.45 -5.93 -1.85
C MET B 60 34.95 -7.07 -0.95
N ASP B 61 34.29 -7.24 0.18
CA ASP B 61 34.64 -8.29 1.11
C ASP B 61 33.79 -9.52 0.82
N THR B 62 34.21 -10.30 -0.16
CA THR B 62 33.48 -11.49 -0.56
C THR B 62 32.08 -11.11 -1.04
N ASP B 63 31.97 -9.94 -1.67
CA ASP B 63 30.68 -9.40 -2.15
C ASP B 63 29.79 -9.02 -0.98
N GLY B 64 29.60 -9.97 -0.05
CA GLY B 64 28.78 -9.74 1.12
C GLY B 64 28.84 -8.31 1.63
N LEU B 65 30.05 -7.84 1.92
CA LEU B 65 30.24 -6.48 2.40
C LEU B 65 31.08 -5.69 1.39
N LEU B 66 30.63 -4.49 1.06
CA LEU B 66 31.34 -3.66 0.10
C LEU B 66 32.24 -2.65 0.82
N TYR B 67 33.51 -2.61 0.42
CA TYR B 67 34.46 -1.69 1.02
C TYR B 67 35.59 -1.38 0.03
N GLY B 68 36.50 -0.50 0.43
CA GLY B 68 37.61 -0.14 -0.43
C GLY B 68 38.55 0.82 0.25
N SER B 69 39.85 0.68 -0.01
CA SER B 69 40.86 1.54 0.58
C SER B 69 42.27 1.04 0.28
N GLN B 70 42.58 -0.15 0.77
CA GLN B 70 43.91 -0.74 0.60
C GLN B 70 44.27 -0.97 -0.87
N THR B 71 43.64 -1.96 -1.50
CA THR B 71 43.94 -2.28 -2.89
C THR B 71 42.69 -2.68 -3.69
N PRO B 72 42.66 -2.34 -4.99
CA PRO B 72 41.54 -2.68 -5.87
C PRO B 72 41.57 -4.16 -6.27
N ASN B 73 41.28 -5.03 -5.32
CA ASN B 73 41.29 -6.47 -5.57
C ASN B 73 40.24 -6.85 -6.61
N GLU B 74 40.43 -8.00 -7.27
CA GLU B 74 39.49 -8.48 -8.29
C GLU B 74 38.03 -8.32 -7.82
N GLU B 75 37.81 -8.44 -6.52
CA GLU B 75 36.47 -8.24 -5.95
C GLU B 75 35.82 -6.96 -6.50
N CYS B 76 36.66 -5.99 -6.89
CA CYS B 76 36.17 -4.72 -7.40
C CYS B 76 35.82 -4.75 -8.90
N LEU B 77 35.91 -5.91 -9.55
CA LEU B 77 35.56 -6.00 -10.97
C LEU B 77 34.09 -6.36 -11.12
N PHE B 78 33.34 -5.48 -11.78
CA PHE B 78 31.90 -5.69 -11.97
C PHE B 78 31.50 -5.57 -13.43
N LEU B 79 30.52 -6.37 -13.83
CA LEU B 79 30.01 -6.35 -15.20
C LEU B 79 28.99 -5.22 -15.35
N GLU B 80 29.22 -4.34 -16.32
CA GLU B 80 28.33 -3.21 -16.55
C GLU B 80 27.03 -3.66 -17.23
N ARG B 81 25.91 -3.49 -16.53
CA ARG B 81 24.60 -3.85 -17.04
C ARG B 81 23.63 -2.67 -16.87
N LEU B 82 22.66 -2.58 -17.76
CA LEU B 82 21.69 -1.49 -17.71
C LEU B 82 20.27 -2.04 -17.61
N GLU B 83 19.44 -1.40 -16.80
CA GLU B 83 18.05 -1.82 -16.62
C GLU B 83 17.12 -0.76 -17.20
N GLU B 84 16.04 -1.21 -17.85
CA GLU B 84 15.06 -0.30 -18.44
C GLU B 84 14.22 0.38 -17.34
N ASN B 85 14.91 0.98 -16.39
CA ASN B 85 14.26 1.66 -15.27
C ASN B 85 15.06 2.92 -14.89
N HIS B 86 15.87 3.41 -15.83
CA HIS B 86 16.70 4.59 -15.60
C HIS B 86 17.69 4.34 -14.47
N TYR B 87 18.31 3.16 -14.48
CA TYR B 87 19.29 2.79 -13.47
C TYR B 87 20.37 1.88 -14.05
N ASN B 88 21.54 1.92 -13.43
CA ASN B 88 22.68 1.11 -13.85
C ASN B 88 22.83 -0.10 -12.96
N THR B 89 23.30 -1.20 -13.53
CA THR B 89 23.50 -2.44 -12.80
C THR B 89 24.93 -2.93 -12.97
N TYR B 90 25.56 -3.37 -11.89
CA TYR B 90 26.93 -3.85 -11.94
C TYR B 90 27.02 -5.21 -11.27
N ILE B 91 27.36 -6.23 -12.05
CA ILE B 91 27.47 -7.58 -11.53
C ILE B 91 28.88 -7.92 -11.10
N SER B 92 29.07 -8.18 -9.81
CA SER B 92 30.36 -8.54 -9.27
C SER B 92 30.77 -9.93 -9.77
N LYS B 93 31.27 -9.97 -11.01
CA LYS B 93 31.68 -11.23 -11.63
C LYS B 93 32.47 -12.10 -10.64
N LYS B 94 33.25 -11.45 -9.78
CA LYS B 94 34.04 -12.17 -8.78
C LYS B 94 33.14 -13.11 -7.95
N HIS B 95 31.86 -12.75 -7.81
CA HIS B 95 30.90 -13.57 -7.07
C HIS B 95 29.65 -13.86 -7.88
N ALA B 96 29.68 -13.54 -9.18
CA ALA B 96 28.53 -13.78 -10.05
C ALA B 96 28.07 -15.23 -9.93
N GLU B 97 29.02 -16.12 -9.66
CA GLU B 97 28.74 -17.54 -9.49
C GLU B 97 27.59 -17.76 -8.51
N LYS B 98 27.48 -16.90 -7.50
CA LYS B 98 26.41 -16.98 -6.51
C LYS B 98 25.26 -16.05 -6.87
N ASN B 99 25.26 -15.54 -8.09
CA ASN B 99 24.23 -14.62 -8.55
C ASN B 99 24.20 -13.37 -7.66
N TRP B 100 25.40 -12.96 -7.23
CA TRP B 100 25.55 -11.79 -6.37
C TRP B 100 26.11 -10.61 -7.16
N PHE B 101 25.41 -9.49 -7.12
CA PHE B 101 25.84 -8.30 -7.82
C PHE B 101 25.69 -7.05 -6.93
N VAL B 102 26.85 -6.41 -6.67
CA VAL B 102 27.00 -5.21 -5.82
C VAL B 102 25.69 -4.51 -5.49
N GLY B 103 25.43 -4.40 -4.18
CA GLY B 103 24.23 -3.73 -3.70
C GLY B 103 24.53 -2.91 -2.45
N LEU B 104 24.09 -1.65 -2.42
CA LEU B 104 24.36 -0.79 -1.28
C LEU B 104 23.07 -0.31 -0.61
N LYS B 105 23.19 0.13 0.64
CA LYS B 105 22.05 0.64 1.39
C LYS B 105 22.10 2.16 1.44
N LYS B 106 21.23 2.80 0.67
CA LYS B 106 21.14 4.26 0.59
C LYS B 106 21.29 4.91 1.97
N ASN B 107 20.60 4.35 2.95
CA ASN B 107 20.63 4.88 4.32
C ASN B 107 21.39 3.94 5.24
N GLY B 108 22.45 3.32 4.74
CA GLY B 108 23.23 2.41 5.55
C GLY B 108 24.69 2.35 5.13
N SER B 109 24.91 2.09 3.84
CA SER B 109 26.25 1.98 3.23
C SER B 109 26.25 0.82 2.25
N CYS B 110 27.36 0.63 1.55
CA CYS B 110 27.48 -0.45 0.57
C CYS B 110 27.90 -1.75 1.25
N LYS B 111 26.95 -2.64 1.49
CA LYS B 111 27.22 -3.94 2.11
C LYS B 111 25.94 -4.76 2.24
N ARG B 112 25.56 -5.38 1.14
CA ARG B 112 24.36 -6.20 1.09
C ARG B 112 24.56 -7.39 0.15
N GLY B 113 25.79 -7.93 0.11
CA GLY B 113 26.08 -9.09 -0.73
C GLY B 113 25.08 -10.22 -0.54
N PRO B 114 24.79 -10.66 0.72
CA PRO B 114 23.81 -11.74 0.93
C PRO B 114 22.41 -11.39 0.40
N ARG B 115 22.24 -10.11 0.04
CA ARG B 115 20.98 -9.59 -0.48
C ARG B 115 21.20 -8.91 -1.84
N THR B 116 22.18 -9.37 -2.62
CA THR B 116 22.46 -8.77 -3.93
C THR B 116 21.86 -9.56 -5.09
N HIS B 117 20.66 -10.07 -4.89
CA HIS B 117 19.96 -10.82 -5.92
C HIS B 117 18.63 -10.11 -6.23
N TYR B 118 17.72 -10.79 -6.91
CA TYR B 118 16.43 -10.17 -7.25
C TYR B 118 15.53 -10.09 -6.01
N GLY B 119 15.62 -8.95 -5.33
CA GLY B 119 14.82 -8.71 -4.13
C GLY B 119 15.00 -7.29 -3.66
N GLN B 120 16.26 -6.86 -3.58
CA GLN B 120 16.59 -5.50 -3.20
C GLN B 120 16.77 -4.67 -4.45
N LYS B 121 16.04 -3.57 -4.53
CA LYS B 121 16.09 -2.71 -5.71
C LYS B 121 17.31 -1.79 -5.66
N ALA B 122 17.89 -1.63 -4.47
CA ALA B 122 19.08 -0.80 -4.27
C ALA B 122 20.21 -1.14 -5.26
N ILE B 123 20.12 -2.30 -5.90
CA ILE B 123 21.11 -2.74 -6.87
C ILE B 123 21.04 -1.88 -8.15
N LEU B 124 19.89 -1.24 -8.37
CA LEU B 124 19.71 -0.38 -9.52
C LEU B 124 20.21 1.02 -9.20
N PHE B 125 21.49 1.24 -9.45
CA PHE B 125 22.12 2.53 -9.16
C PHE B 125 21.81 3.58 -10.22
N LEU B 126 21.74 4.83 -9.79
CA LEU B 126 21.49 5.95 -10.68
C LEU B 126 22.75 6.78 -10.80
N PRO B 127 23.43 6.71 -11.95
CA PRO B 127 24.68 7.44 -12.18
C PRO B 127 24.47 8.86 -12.71
N LEU B 128 25.30 9.78 -12.25
CA LEU B 128 25.27 11.17 -12.67
C LEU B 128 26.67 11.65 -13.05
N PRO B 129 27.41 10.85 -13.86
CA PRO B 129 28.77 11.18 -14.27
C PRO B 129 28.83 12.18 -15.43
N VAL B 130 29.93 12.92 -15.48
CA VAL B 130 30.13 13.91 -16.55
C VAL B 130 30.63 13.21 -17.81
N SER B 131 29.68 12.75 -18.63
CA SER B 131 29.99 12.06 -19.86
C SER B 131 30.61 13.01 -20.89
N SER B 132 30.99 12.47 -22.04
CA SER B 132 31.57 13.26 -23.11
C SER B 132 30.59 13.37 -24.28
N ASP B 133 29.47 14.03 -24.02
CA ASP B 133 28.44 14.22 -25.03
C ASP B 133 28.61 15.54 -25.76
N MET C 1 -2.50 8.12 -13.27
CA MET C 1 -2.07 7.66 -14.61
C MET C 1 -1.57 6.22 -14.53
N ALA C 2 -0.31 6.06 -14.13
CA ALA C 2 0.28 4.73 -13.97
C ALA C 2 0.27 4.38 -12.49
N ALA C 3 0.70 3.15 -12.15
CA ALA C 3 0.72 2.71 -10.77
C ALA C 3 -0.72 2.61 -10.28
N GLU C 4 -1.50 1.81 -11.01
CA GLU C 4 -2.92 1.63 -10.70
C GLU C 4 -3.13 0.73 -9.48
N PRO C 5 -3.98 1.16 -8.54
CA PRO C 5 -4.28 0.39 -7.34
C PRO C 5 -5.21 -0.78 -7.62
N LEU C 6 -4.82 -1.96 -7.17
CA LEU C 6 -5.62 -3.16 -7.36
C LEU C 6 -6.50 -3.41 -6.14
N THR C 7 -7.10 -4.59 -6.06
CA THR C 7 -7.95 -4.91 -4.93
C THR C 7 -7.08 -5.14 -3.68
N GLU C 8 -7.70 -5.00 -2.50
CA GLU C 8 -7.00 -5.15 -1.23
C GLU C 8 -6.30 -6.51 -1.12
N LEU C 9 -6.87 -7.52 -1.76
CA LEU C 9 -6.33 -8.87 -1.70
C LEU C 9 -5.08 -9.03 -2.57
N GLU C 10 -5.04 -8.34 -3.73
CA GLU C 10 -3.85 -8.34 -4.59
C GLU C 10 -2.71 -7.57 -3.89
N GLU C 11 -3.06 -6.41 -3.28
CA GLU C 11 -2.12 -5.60 -2.50
C GLU C 11 -1.42 -6.47 -1.46
N SER C 12 -2.23 -7.17 -0.65
CA SER C 12 -1.72 -7.91 0.48
C SER C 12 -0.94 -9.17 0.07
N ILE C 13 -1.36 -9.92 -0.97
CA ILE C 13 -0.52 -11.02 -1.44
C ILE C 13 0.79 -10.46 -1.98
N GLU C 14 0.77 -9.35 -2.73
CA GLU C 14 2.01 -8.79 -3.23
C GLU C 14 2.95 -8.45 -2.07
N THR C 15 2.51 -7.64 -1.10
CA THR C 15 3.42 -7.17 -0.04
C THR C 15 4.14 -8.33 0.67
N VAL C 16 3.45 -9.44 0.91
CA VAL C 16 4.08 -10.62 1.50
C VAL C 16 4.94 -11.37 0.46
N VAL C 17 4.49 -11.47 -0.78
CA VAL C 17 5.25 -12.11 -1.86
C VAL C 17 6.59 -11.38 -2.07
N THR C 18 6.62 -10.06 -2.17
CA THR C 18 7.87 -9.34 -2.32
C THR C 18 8.80 -9.60 -1.12
N THR C 19 8.26 -9.55 0.11
CA THR C 19 9.03 -9.83 1.32
C THR C 19 9.62 -11.25 1.23
N PHE C 20 8.78 -12.25 0.98
CA PHE C 20 9.20 -13.61 0.68
C PHE C 20 10.36 -13.59 -0.31
N PHE C 21 10.15 -12.93 -1.46
CA PHE C 21 11.14 -12.88 -2.53
C PHE C 21 12.47 -12.24 -2.09
N THR C 22 12.43 -11.32 -1.12
CA THR C 22 13.64 -10.66 -0.65
C THR C 22 14.40 -11.54 0.36
N PHE C 23 13.93 -12.78 0.51
CA PHE C 23 14.56 -13.75 1.40
C PHE C 23 14.83 -15.06 0.64
N ALA C 24 14.00 -15.33 -0.36
CA ALA C 24 14.10 -16.51 -1.20
C ALA C 24 15.35 -16.47 -2.07
N ARG C 25 15.72 -15.27 -2.49
CA ARG C 25 16.89 -15.07 -3.35
C ARG C 25 18.19 -14.93 -2.58
N GLN C 26 18.14 -15.04 -1.25
CA GLN C 26 19.34 -14.90 -0.42
C GLN C 26 20.43 -15.86 -0.87
N GLU C 27 20.06 -17.11 -1.10
CA GLU C 27 21.00 -18.14 -1.54
C GLU C 27 20.52 -18.77 -2.85
N GLY C 28 21.06 -19.95 -3.17
CA GLY C 28 20.68 -20.68 -4.39
C GLY C 28 19.18 -20.81 -4.61
N ARG C 29 18.75 -20.34 -5.81
CA ARG C 29 17.35 -20.35 -6.27
C ARG C 29 16.50 -19.30 -5.55
N LYS C 30 15.91 -18.38 -6.33
CA LYS C 30 15.08 -17.31 -5.77
C LYS C 30 13.59 -17.69 -5.69
N ASP C 31 13.35 -18.84 -5.09
CA ASP C 31 12.00 -19.37 -4.87
C ASP C 31 12.02 -20.09 -3.53
N SER C 32 13.00 -20.99 -3.36
CA SER C 32 13.15 -21.78 -2.16
C SER C 32 13.89 -21.00 -1.09
N LEU C 33 13.39 -21.07 0.15
CA LEU C 33 14.15 -20.70 1.33
C LEU C 33 14.91 -21.95 1.78
N SER C 34 16.24 -21.91 1.83
CA SER C 34 16.98 -22.96 2.55
C SER C 34 16.99 -22.65 4.04
N VAL C 35 17.63 -23.51 4.84
CA VAL C 35 17.53 -23.50 6.29
C VAL C 35 17.79 -22.11 6.89
N ASN C 36 18.99 -21.55 6.60
CA ASN C 36 19.37 -20.21 7.09
C ASN C 36 18.37 -19.17 6.57
N GLU C 37 18.25 -19.13 5.24
CA GLU C 37 17.29 -18.31 4.51
C GLU C 37 15.94 -18.23 5.23
N PHE C 38 15.41 -19.39 5.59
CA PHE C 38 14.13 -19.50 6.27
C PHE C 38 14.23 -18.83 7.64
N LYS C 39 15.22 -19.23 8.44
CA LYS C 39 15.42 -18.65 9.77
C LYS C 39 15.53 -17.13 9.72
N GLU C 40 16.12 -16.60 8.65
CA GLU C 40 16.29 -15.15 8.49
C GLU C 40 14.95 -14.39 8.46
N LEU C 41 13.88 -15.03 7.97
CA LEU C 41 12.57 -14.38 7.90
C LEU C 41 12.09 -14.14 9.32
N VAL C 42 12.05 -15.23 10.09
CA VAL C 42 11.46 -15.23 11.42
C VAL C 42 12.29 -14.34 12.33
N THR C 43 13.60 -14.58 12.36
CA THR C 43 14.52 -13.85 13.23
C THR C 43 14.50 -12.32 13.00
N GLN C 44 14.15 -11.87 11.80
CA GLN C 44 14.16 -10.44 11.52
C GLN C 44 12.78 -9.79 11.62
N GLN C 45 11.81 -10.26 10.84
CA GLN C 45 10.49 -9.65 10.81
C GLN C 45 9.43 -10.43 11.58
N LEU C 46 9.82 -11.27 12.54
CA LEU C 46 8.81 -12.02 13.30
C LEU C 46 9.28 -12.29 14.74
N PRO C 47 9.25 -11.25 15.59
CA PRO C 47 9.68 -11.34 16.99
C PRO C 47 8.53 -11.55 18.00
N HIS C 48 7.29 -11.37 17.55
CA HIS C 48 6.15 -11.52 18.46
C HIS C 48 5.30 -12.74 18.12
N LEU C 49 4.81 -12.80 16.87
CA LEU C 49 3.96 -13.89 16.41
C LEU C 49 4.49 -15.26 16.83
N LEU C 50 5.64 -15.64 16.28
CA LEU C 50 6.35 -16.87 16.59
C LEU C 50 7.62 -16.47 17.31
N LYS C 51 7.48 -16.16 18.61
CA LYS C 51 8.59 -15.74 19.47
C LYS C 51 9.64 -16.84 19.66
N ASP C 52 9.46 -17.98 19.01
CA ASP C 52 10.40 -19.08 19.12
C ASP C 52 11.51 -18.95 18.09
N VAL C 53 12.53 -18.16 18.42
CA VAL C 53 13.67 -17.95 17.53
C VAL C 53 14.79 -18.94 17.83
N GLY C 54 14.41 -20.07 18.42
CA GLY C 54 15.39 -21.09 18.75
C GLY C 54 15.01 -22.46 18.19
N SER C 55 13.71 -22.76 18.19
CA SER C 55 13.23 -24.04 17.70
C SER C 55 12.70 -23.93 16.26
N LEU C 56 13.47 -23.26 15.41
CA LEU C 56 13.12 -23.09 14.02
C LEU C 56 13.14 -24.46 13.34
N ASP C 57 14.00 -25.38 13.81
CA ASP C 57 14.04 -26.75 13.36
C ASP C 57 12.64 -27.40 13.42
N GLU C 58 11.94 -27.25 14.55
CA GLU C 58 10.59 -27.77 14.72
C GLU C 58 9.68 -27.23 13.61
N LYS C 59 9.66 -25.90 13.43
CA LYS C 59 8.86 -25.31 12.37
C LYS C 59 9.26 -25.94 11.03
N MET C 60 10.56 -25.95 10.73
CA MET C 60 11.10 -26.49 9.49
C MET C 60 10.54 -27.90 9.24
N LYS C 61 10.70 -28.81 10.19
CA LYS C 61 10.17 -30.17 10.08
C LYS C 61 8.66 -30.16 9.88
N SER C 62 7.95 -29.32 10.64
CA SER C 62 6.49 -29.20 10.53
C SER C 62 6.06 -28.69 9.15
N LEU C 63 6.89 -27.87 8.50
CA LEU C 63 6.64 -27.23 7.22
C LEU C 63 7.06 -28.15 6.07
N ASP C 64 8.36 -28.45 5.98
CA ASP C 64 8.97 -29.19 4.88
C ASP C 64 8.64 -30.68 5.02
N VAL C 65 7.39 -31.06 4.70
CA VAL C 65 6.88 -32.42 4.84
C VAL C 65 7.81 -33.47 4.22
N ASN C 66 8.43 -33.13 3.08
CA ASN C 66 9.33 -34.02 2.35
C ASN C 66 10.78 -33.96 2.87
N GLN C 67 11.08 -33.02 3.76
CA GLN C 67 12.39 -32.83 4.36
C GLN C 67 13.50 -32.85 3.31
N ASP C 68 13.36 -32.02 2.28
CA ASP C 68 14.37 -31.81 1.24
C ASP C 68 15.31 -30.67 1.65
N SER C 69 14.99 -29.92 2.73
CA SER C 69 15.73 -28.75 3.17
C SER C 69 15.63 -27.60 2.17
N GLU C 70 14.53 -27.59 1.42
CA GLU C 70 14.05 -26.47 0.63
C GLU C 70 12.57 -26.30 0.94
N LEU C 71 12.17 -25.16 1.50
CA LEU C 71 10.77 -24.77 1.52
C LEU C 71 10.51 -24.10 0.17
N LYS C 72 10.04 -24.86 -0.83
CA LYS C 72 9.53 -24.31 -2.10
C LYS C 72 8.46 -23.25 -1.78
N PHE C 73 8.14 -22.39 -2.74
CA PHE C 73 7.12 -21.33 -2.60
C PHE C 73 5.92 -21.80 -1.78
N ASN C 74 5.25 -22.87 -2.25
CA ASN C 74 4.05 -23.40 -1.63
C ASN C 74 4.31 -24.02 -0.25
N GLU C 75 5.50 -24.60 -0.03
CA GLU C 75 5.86 -25.18 1.26
C GLU C 75 6.07 -24.04 2.26
N TYR C 76 6.93 -23.08 1.92
CA TYR C 76 7.17 -21.88 2.69
C TYR C 76 5.84 -21.24 3.06
N TRP C 77 5.00 -21.04 2.04
CA TRP C 77 3.68 -20.45 2.17
C TRP C 77 2.94 -20.99 3.40
N ARG C 78 3.07 -22.29 3.73
CA ARG C 78 2.48 -22.87 4.95
C ARG C 78 2.63 -21.94 6.16
N LEU C 79 3.84 -21.42 6.40
CA LEU C 79 4.11 -20.52 7.51
C LEU C 79 3.06 -19.42 7.58
N ILE C 80 2.70 -18.82 6.45
CA ILE C 80 1.79 -17.68 6.40
C ILE C 80 0.43 -18.07 6.99
N GLY C 81 0.10 -19.36 6.95
CA GLY C 81 -1.13 -19.89 7.49
C GLY C 81 -1.05 -19.92 8.98
N GLU C 82 0.10 -20.37 9.46
CA GLU C 82 0.34 -20.53 10.86
C GLU C 82 0.41 -19.13 11.46
N LEU C 83 0.94 -18.15 10.71
CA LEU C 83 0.90 -16.74 11.06
C LEU C 83 -0.54 -16.23 11.15
N ALA C 84 -1.27 -16.30 10.03
CA ALA C 84 -2.64 -15.84 9.87
C ALA C 84 -3.59 -16.52 10.87
N LYS C 85 -3.23 -17.73 11.28
CA LYS C 85 -3.88 -18.45 12.34
C LYS C 85 -3.47 -17.82 13.67
N GLU C 86 -2.18 -17.84 14.03
CA GLU C 86 -1.63 -17.31 15.29
C GLU C 86 -2.22 -15.94 15.65
N ILE C 87 -2.24 -14.98 14.72
CA ILE C 87 -2.76 -13.65 15.03
C ILE C 87 -4.16 -13.67 15.67
N ARG C 88 -5.00 -14.64 15.29
CA ARG C 88 -6.30 -14.88 15.90
C ARG C 88 -6.14 -15.85 17.07
N LYS C 89 -5.52 -16.99 16.78
CA LYS C 89 -5.47 -18.18 17.61
C LYS C 89 -4.73 -17.96 18.92
N LYS C 90 -3.81 -16.98 19.02
CA LYS C 90 -2.42 -17.30 19.29
C LYS C 90 -2.25 -18.51 20.23
N LYS C 91 -2.65 -18.43 21.51
CA LYS C 91 -2.57 -19.55 22.45
C LYS C 91 -3.93 -19.69 23.18
N ASP C 92 -5.02 -19.65 22.41
CA ASP C 92 -6.43 -19.80 22.77
C ASP C 92 -6.66 -21.17 23.43
N LEU C 93 -6.19 -21.27 24.67
CA LEU C 93 -6.04 -22.48 25.44
C LEU C 93 -5.55 -22.04 26.83
N LYS C 94 -4.48 -21.23 26.86
CA LYS C 94 -3.97 -20.59 28.07
C LYS C 94 -4.00 -19.06 27.97
N ILE C 95 -3.60 -18.49 26.83
CA ILE C 95 -3.35 -17.06 26.67
C ILE C 95 -3.88 -16.60 25.31
N ARG C 96 -4.95 -15.79 25.20
CA ARG C 96 -5.94 -15.30 26.16
C ARG C 96 -6.98 -14.41 25.46
N DLY C 97 -6.65 -13.43 24.60
CA DLY C 97 -5.38 -12.98 24.02
C DLY C 97 -5.73 -12.30 22.67
O DLY C 97 -6.49 -12.92 21.94
CB DLY C 97 -4.48 -12.28 25.06
CG DLY C 97 -5.07 -11.11 25.87
CD DLY C 97 -3.93 -10.34 26.59
CE DLY C 97 -3.84 -8.83 26.27
NZ DLY C 97 -4.86 -8.01 26.94
H DLY C 97 -7.42 -12.89 24.30
HA DLY C 97 -6.06 -12.03 24.21
HB2 DLY C 97 -4.15 -13.02 25.76
HB3 DLY C 97 -3.60 -11.91 24.54
HG2 DLY C 97 -5.60 -10.43 25.20
HG3 DLY C 97 -5.76 -11.50 26.62
HD2 DLY C 97 -4.07 -10.45 27.65
HD3 DLY C 97 -3.00 -10.80 26.30
HE2 DLY C 97 -2.87 -8.48 26.58
HE3 DLY C 97 -3.94 -8.69 25.20
HZ1 DLY C 97 -4.74 -7.00 26.68
HZ2 DLY C 97 -4.78 -8.10 27.97
HZ3 DLY C 97 -5.82 -8.31 26.65
N DLY C 98 -5.33 -11.10 22.24
CA DLY C 98 -4.34 -10.18 22.73
C DLY C 98 -2.99 -10.54 22.07
O DLY C 98 -2.90 -10.44 20.83
CB DLY C 98 -4.82 -8.76 22.44
CG DLY C 98 -6.30 -8.50 22.79
CD DLY C 98 -6.56 -7.00 23.02
CE DLY C 98 -6.16 -6.12 21.81
NZ DLY C 98 -5.88 -4.74 22.22
H DLY C 98 -5.82 -10.79 21.45
HA DLY C 98 -4.37 -10.27 21.55
HB2 DLY C 98 -4.22 -8.07 23.01
HB3 DLY C 98 -4.69 -8.54 21.38
HG2 DLY C 98 -6.92 -8.84 21.97
HG3 DLY C 98 -6.54 -9.03 23.69
HD2 DLY C 98 -7.60 -6.86 23.22
HD3 DLY C 98 -5.99 -6.68 23.88
HE2 DLY C 98 -5.28 -6.53 21.35
HE3 DLY C 98 -6.97 -6.12 21.10
HZ1 DLY C 98 -5.63 -4.16 21.40
HZ2 DLY C 98 -5.08 -4.71 22.90
HZ3 DLY C 98 -6.71 -4.32 22.69
N MET D 1 -11.00 -7.28 21.87
CA MET D 1 -12.05 -6.57 21.12
C MET D 1 -11.47 -6.06 19.80
N ALA D 2 -10.41 -5.23 19.84
CA ALA D 2 -9.75 -4.75 18.64
C ALA D 2 -8.45 -3.98 18.95
N ALA D 3 -7.31 -4.47 18.45
CA ALA D 3 -6.17 -3.69 17.94
C ALA D 3 -5.87 -2.28 18.49
N GLU D 4 -4.91 -2.15 19.42
CA GLU D 4 -3.98 -1.02 19.49
C GLU D 4 -2.81 -1.30 18.50
N PRO D 5 -1.73 -0.46 18.43
CA PRO D 5 -0.58 -0.61 17.52
C PRO D 5 -0.25 -2.02 17.03
N LEU D 6 -0.01 -2.09 15.72
CA LEU D 6 0.35 -3.32 15.04
C LEU D 6 1.53 -3.02 14.11
N THR D 7 2.23 -4.04 13.62
CA THR D 7 3.36 -3.81 12.73
C THR D 7 2.87 -3.67 11.28
N GLU D 8 3.81 -3.46 10.35
CA GLU D 8 3.48 -3.28 8.93
C GLU D 8 2.66 -4.45 8.36
N LEU D 9 3.07 -5.68 8.66
CA LEU D 9 2.37 -6.87 8.16
C LEU D 9 1.02 -7.07 8.86
N GLU D 10 0.94 -6.67 10.13
CA GLU D 10 -0.29 -6.80 10.89
C GLU D 10 -1.36 -5.85 10.34
N GLU D 11 -0.94 -4.65 9.93
CA GLU D 11 -1.85 -3.70 9.27
C GLU D 11 -2.44 -4.33 8.01
N SER D 12 -1.58 -4.86 7.15
CA SER D 12 -1.98 -5.32 5.83
C SER D 12 -2.80 -6.62 5.88
N ILE D 13 -2.69 -7.42 6.94
CA ILE D 13 -3.68 -8.48 7.19
C ILE D 13 -4.97 -7.88 7.76
N GLU D 14 -4.91 -6.81 8.56
CA GLU D 14 -6.12 -6.13 9.02
C GLU D 14 -6.93 -5.61 7.83
N THR D 15 -6.31 -4.81 6.95
CA THR D 15 -7.05 -4.08 5.91
C THR D 15 -8.01 -5.00 5.12
N VAL D 16 -7.58 -6.23 4.83
CA VAL D 16 -8.43 -7.20 4.15
C VAL D 16 -9.51 -7.77 5.08
N VAL D 17 -9.20 -7.98 6.36
CA VAL D 17 -10.18 -8.39 7.36
C VAL D 17 -11.28 -7.33 7.50
N THR D 18 -10.87 -6.05 7.47
CA THR D 18 -11.83 -4.93 7.54
C THR D 18 -12.90 -5.04 6.44
N THR D 19 -12.54 -5.65 5.29
CA THR D 19 -13.48 -5.88 4.19
C THR D 19 -14.43 -7.00 4.62
N PHE D 20 -13.81 -8.08 5.08
CA PHE D 20 -14.48 -9.25 5.64
C PHE D 20 -15.51 -8.81 6.67
N PHE D 21 -15.06 -8.00 7.64
CA PHE D 21 -15.89 -7.51 8.75
C PHE D 21 -17.09 -6.67 8.29
N THR D 22 -16.92 -5.84 7.25
CA THR D 22 -18.02 -4.98 6.80
C THR D 22 -18.96 -5.69 5.83
N PHE D 23 -18.71 -6.96 5.56
CA PHE D 23 -19.55 -7.74 4.67
C PHE D 23 -20.29 -8.82 5.43
N ALA D 24 -19.71 -9.22 6.56
CA ALA D 24 -20.28 -10.26 7.40
C ALA D 24 -21.18 -9.70 8.49
N ARG D 25 -21.21 -8.37 8.62
CA ARG D 25 -22.09 -7.70 9.59
C ARG D 25 -23.46 -7.34 8.93
N GLN D 26 -23.95 -8.20 8.04
CA GLN D 26 -25.23 -7.96 7.33
C GLN D 26 -26.42 -8.53 8.11
N GLU D 27 -26.66 -9.84 7.96
CA GLU D 27 -27.75 -10.53 8.68
C GLU D 27 -27.29 -10.73 10.13
N GLY D 28 -27.09 -11.98 10.58
CA GLY D 28 -26.51 -12.10 11.90
C GLY D 28 -25.06 -11.67 11.86
N ARG D 29 -24.51 -11.35 13.05
CA ARG D 29 -23.17 -11.76 13.46
C ARG D 29 -22.06 -11.44 12.46
N LYS D 30 -21.27 -10.42 12.83
CA LYS D 30 -20.14 -9.92 12.01
C LYS D 30 -18.90 -10.83 12.10
N ASP D 31 -18.82 -11.63 13.15
CA ASP D 31 -17.71 -12.55 13.36
C ASP D 31 -17.75 -13.79 12.45
N SER D 32 -18.87 -14.06 11.76
CA SER D 32 -18.99 -15.19 10.83
C SER D 32 -19.57 -14.74 9.49
N LEU D 33 -19.01 -15.26 8.39
CA LEU D 33 -19.63 -15.10 7.09
C LEU D 33 -20.88 -15.97 7.02
N SER D 34 -21.94 -15.38 6.49
CA SER D 34 -23.26 -15.95 6.30
C SER D 34 -23.56 -15.93 4.78
N VAL D 35 -24.52 -16.72 4.27
CA VAL D 35 -24.63 -16.92 2.83
C VAL D 35 -25.71 -16.04 2.19
N ASN D 36 -25.62 -14.76 2.53
CA ASN D 36 -25.90 -13.61 1.70
C ASN D 36 -25.09 -12.47 2.33
N GLU D 37 -23.79 -12.84 2.40
CA GLU D 37 -22.67 -12.05 2.88
C GLU D 37 -21.44 -12.61 2.13
N PHE D 38 -21.42 -13.95 2.01
CA PHE D 38 -20.44 -14.71 1.27
C PHE D 38 -20.64 -14.50 -0.23
N LYS D 39 -21.82 -14.85 -0.75
CA LYS D 39 -22.05 -14.74 -2.19
C LYS D 39 -21.88 -13.29 -2.65
N GLU D 40 -22.32 -12.34 -1.83
CA GLU D 40 -22.17 -10.93 -2.15
C GLU D 40 -20.69 -10.52 -2.13
N LEU D 41 -19.88 -11.29 -1.39
CA LEU D 41 -18.44 -11.03 -1.29
C LEU D 41 -17.70 -11.54 -2.52
N VAL D 42 -17.98 -12.79 -2.92
CA VAL D 42 -17.34 -13.37 -4.09
C VAL D 42 -17.73 -12.60 -5.35
N THR D 43 -19.02 -12.27 -5.48
CA THR D 43 -19.50 -11.56 -6.68
C THR D 43 -19.06 -10.10 -6.73
N GLN D 44 -18.71 -9.50 -5.60
CA GLN D 44 -18.32 -8.08 -5.57
C GLN D 44 -16.80 -7.87 -5.50
N GLN D 45 -16.16 -8.47 -4.51
CA GLN D 45 -14.72 -8.28 -4.32
C GLN D 45 -13.87 -9.32 -5.05
N LEU D 46 -14.45 -10.48 -5.38
CA LEU D 46 -13.69 -11.53 -6.07
C LEU D 46 -14.35 -11.95 -7.40
N PRO D 47 -14.70 -11.01 -8.31
CA PRO D 47 -15.33 -11.36 -9.57
C PRO D 47 -14.32 -11.69 -10.66
N HIS D 48 -13.11 -11.17 -10.50
CA HIS D 48 -12.03 -11.39 -11.47
C HIS D 48 -11.07 -12.46 -10.95
N LEU D 49 -10.73 -12.36 -9.67
CA LEU D 49 -9.82 -13.31 -9.04
C LEU D 49 -10.47 -14.70 -8.99
N LEU D 50 -11.67 -14.75 -8.44
CA LEU D 50 -12.41 -16.00 -8.37
C LEU D 50 -13.39 -16.10 -9.51
N LYS D 51 -13.06 -16.89 -10.51
CA LYS D 51 -13.90 -17.07 -11.68
C LYS D 51 -14.94 -18.17 -11.45
N ASP D 52 -15.47 -18.23 -10.23
CA ASP D 52 -16.46 -19.22 -9.86
C ASP D 52 -17.49 -18.60 -8.92
N VAL D 53 -18.17 -17.56 -9.41
CA VAL D 53 -19.18 -16.86 -8.63
C VAL D 53 -20.53 -17.57 -8.67
N GLY D 54 -20.69 -18.46 -9.65
CA GLY D 54 -21.94 -19.18 -9.80
C GLY D 54 -21.88 -20.53 -9.11
N SER D 55 -20.66 -20.99 -8.80
CA SER D 55 -20.46 -22.27 -8.13
C SER D 55 -19.87 -22.06 -6.73
N LEU D 56 -20.25 -20.96 -6.08
CA LEU D 56 -19.82 -20.66 -4.73
C LEU D 56 -20.18 -21.81 -3.81
N ASP D 57 -21.42 -22.28 -3.90
CA ASP D 57 -22.02 -23.33 -3.09
C ASP D 57 -21.07 -24.53 -2.89
N GLU D 58 -20.35 -24.94 -3.94
CA GLU D 58 -19.35 -25.99 -3.85
C GLU D 58 -18.21 -25.57 -2.92
N LYS D 59 -17.70 -24.35 -3.14
CA LYS D 59 -16.62 -23.80 -2.31
C LYS D 59 -17.08 -23.72 -0.87
N MET D 60 -18.30 -23.21 -0.67
CA MET D 60 -18.94 -23.13 0.63
C MET D 60 -18.92 -24.50 1.31
N LYS D 61 -19.44 -25.53 0.64
CA LYS D 61 -19.45 -26.87 1.20
C LYS D 61 -18.03 -27.34 1.54
N SER D 62 -17.09 -27.08 0.65
CA SER D 62 -15.68 -27.43 0.86
C SER D 62 -15.07 -26.68 2.05
N LEU D 63 -15.45 -25.42 2.23
CA LEU D 63 -14.96 -24.53 3.28
C LEU D 63 -15.52 -24.98 4.63
N ASP D 64 -16.85 -25.03 4.74
CA ASP D 64 -17.62 -25.04 5.97
C ASP D 64 -17.32 -26.17 6.95
N VAL D 65 -16.60 -27.22 6.53
CA VAL D 65 -16.85 -28.66 6.63
C VAL D 65 -17.54 -29.21 7.89
N ASN D 66 -17.53 -28.52 9.02
CA ASN D 66 -18.47 -28.86 10.10
C ASN D 66 -19.92 -28.74 9.59
N GLN D 67 -20.14 -27.92 8.56
CA GLN D 67 -21.40 -27.77 7.84
C GLN D 67 -22.48 -27.14 8.72
N ASP D 68 -22.07 -26.46 9.80
CA ASP D 68 -22.97 -25.59 10.56
C ASP D 68 -23.50 -24.46 9.68
N SER D 69 -22.84 -24.18 8.56
CA SER D 69 -23.19 -23.14 7.62
C SER D 69 -22.95 -21.72 8.18
N GLU D 70 -22.27 -21.62 9.34
CA GLU D 70 -21.52 -20.44 9.67
C GLU D 70 -20.13 -20.67 9.10
N LEU D 71 -19.75 -19.91 8.08
CA LEU D 71 -18.39 -19.95 7.57
C LEU D 71 -17.55 -19.25 8.63
N LYS D 72 -16.85 -20.05 9.43
CA LYS D 72 -16.36 -19.67 10.74
C LYS D 72 -15.07 -18.87 10.61
N PHE D 73 -14.58 -18.31 11.73
CA PHE D 73 -13.43 -17.42 11.78
C PHE D 73 -12.17 -18.31 11.76
N ASN D 74 -11.93 -18.83 10.56
CA ASN D 74 -11.00 -19.83 10.07
C ASN D 74 -11.73 -21.17 9.94
N GLU D 75 -12.90 -21.19 9.32
CA GLU D 75 -13.12 -21.87 8.04
C GLU D 75 -12.84 -20.88 6.91
N TYR D 76 -13.61 -19.78 6.90
CA TYR D 76 -13.69 -18.77 5.85
C TYR D 76 -12.33 -18.46 5.27
N TRP D 77 -11.39 -18.14 6.16
CA TRP D 77 -10.07 -17.65 5.85
C TRP D 77 -9.42 -18.42 4.68
N ARG D 78 -9.62 -19.75 4.65
CA ARG D 78 -9.16 -20.61 3.57
C ARG D 78 -9.35 -19.95 2.19
N LEU D 79 -10.50 -19.32 1.95
CA LEU D 79 -10.82 -18.66 0.70
C LEU D 79 -9.69 -17.74 0.24
N ILE D 80 -9.22 -16.86 1.13
CA ILE D 80 -8.15 -15.91 0.85
C ILE D 80 -6.91 -16.70 0.41
N GLY D 81 -6.76 -17.92 0.92
CA GLY D 81 -5.71 -18.88 0.62
C GLY D 81 -5.81 -19.39 -0.78
N GLU D 82 -7.03 -19.72 -1.17
CA GLU D 82 -7.29 -20.27 -2.46
C GLU D 82 -7.04 -19.17 -3.47
N LEU D 83 -7.57 -17.95 -3.28
CA LEU D 83 -7.14 -16.84 -4.14
C LEU D 83 -5.61 -16.66 -4.12
N ALA D 84 -5.00 -16.67 -2.93
CA ALA D 84 -3.56 -16.48 -2.81
C ALA D 84 -2.79 -17.46 -3.68
N LYS D 85 -3.09 -18.77 -3.61
CA LYS D 85 -2.44 -19.71 -4.49
C LYS D 85 -2.92 -19.53 -5.94
N GLU D 86 -4.21 -19.29 -6.20
CA GLU D 86 -4.82 -19.20 -7.54
C GLU D 86 -3.96 -18.37 -8.49
N ILE D 87 -3.48 -17.21 -8.04
CA ILE D 87 -2.64 -16.35 -8.85
C ILE D 87 -1.47 -17.13 -9.47
N ARG D 88 -0.87 -18.03 -8.69
CA ARG D 88 0.14 -19.00 -9.11
C ARG D 88 -0.49 -20.24 -9.75
N LYS D 89 -1.63 -20.70 -9.23
CA LYS D 89 -2.16 -22.04 -9.43
C LYS D 89 -3.51 -22.01 -10.16
N LYS D 90 -3.45 -21.82 -11.48
CA LYS D 90 -4.56 -21.75 -12.41
C LYS D 90 -5.72 -22.71 -12.07
N LYS D 91 -5.45 -24.03 -11.92
CA LYS D 91 -6.51 -24.99 -11.57
C LYS D 91 -5.98 -26.25 -10.86
N ASP D 92 -4.66 -26.34 -10.68
CA ASP D 92 -3.96 -27.62 -10.72
C ASP D 92 -3.83 -28.22 -9.32
N LEU D 93 -4.95 -28.27 -8.57
CA LEU D 93 -4.98 -28.78 -7.20
C LEU D 93 -5.34 -30.25 -7.14
N DLY D 94 -6.46 -30.63 -7.75
CA DLY D 94 -7.11 -31.91 -7.55
C DLY D 94 -7.23 -32.26 -6.05
O DLY D 94 -8.13 -31.74 -5.39
CB DLY D 94 -8.51 -31.87 -8.19
CG DLY D 94 -9.25 -30.56 -7.86
CD DLY D 94 -10.76 -30.68 -7.68
CE DLY D 94 -11.23 -31.07 -6.27
NZ DLY D 94 -10.70 -32.36 -5.78
H DLY D 94 -6.87 -30.00 -8.39
HA DLY D 94 -7.49 -31.06 -6.88
HB2 DLY D 94 -8.42 -31.95 -9.26
HB3 DLY D 94 -9.10 -32.69 -7.81
HG2 DLY D 94 -8.86 -30.14 -6.94
HG3 DLY D 94 -9.06 -29.86 -8.66
HD2 DLY D 94 -11.21 -29.73 -7.93
HD3 DLY D 94 -11.11 -31.42 -8.38
HE2 DLY D 94 -10.91 -30.31 -5.58
HE3 DLY D 94 -12.31 -31.12 -6.27
HZ1 DLY D 94 -11.05 -32.56 -4.82
HZ2 DLY D 94 -9.67 -32.35 -5.76
HZ3 DLY D 94 -11.03 -33.14 -6.41
N ILE D 95 -6.40 -33.18 -5.56
CA ILE D 95 -6.52 -33.86 -4.27
C ILE D 95 -7.87 -34.57 -4.04
N ARG D 96 -7.81 -35.63 -3.24
CA ARG D 96 -8.92 -36.46 -2.78
C ARG D 96 -8.36 -37.32 -1.65
N LYS D 97 -8.98 -37.32 -0.47
CA LYS D 97 -8.36 -37.80 0.76
C LYS D 97 -9.45 -37.76 1.84
N LYS D 98 -9.68 -38.88 2.52
CA LYS D 98 -10.47 -38.95 3.75
C LYS D 98 -9.46 -39.09 4.89
N TYR E 1 -26.56 32.80 8.00
CA TYR E 1 -27.33 32.83 6.73
C TYR E 1 -27.72 31.42 6.30
N LYS E 2 -28.57 30.76 7.11
CA LYS E 2 -29.00 29.41 6.81
C LYS E 2 -29.51 29.30 5.37
N LYS E 3 -28.73 28.63 4.54
CA LYS E 3 -29.05 28.46 3.13
C LYS E 3 -28.32 27.25 2.57
N PRO E 4 -28.40 26.99 1.24
CA PRO E 4 -27.74 25.89 0.55
C PRO E 4 -26.60 25.26 1.34
N LYS E 5 -26.85 24.09 1.90
CA LYS E 5 -25.85 23.37 2.67
C LYS E 5 -25.17 22.33 1.79
N LEU E 6 -23.93 22.62 1.39
CA LEU E 6 -23.17 21.70 0.53
C LEU E 6 -22.52 20.62 1.38
N LEU E 7 -22.61 19.38 0.93
CA LEU E 7 -22.03 18.25 1.64
C LEU E 7 -21.47 17.21 0.66
N TYR E 8 -20.28 16.70 0.97
CA TYR E 8 -19.64 15.69 0.14
C TYR E 8 -18.60 14.92 0.95
N CYS E 9 -18.02 13.87 0.38
CA CYS E 9 -17.02 13.09 1.10
C CYS E 9 -15.98 12.50 0.13
N SER E 10 -14.88 12.02 0.70
CA SER E 10 -13.78 11.43 -0.07
C SER E 10 -12.98 12.54 -0.74
N ASN E 11 -11.69 12.61 -0.40
CA ASN E 11 -10.81 13.62 -0.97
C ASN E 11 -10.95 13.65 -2.49
N GLY E 12 -11.22 14.84 -3.03
CA GLY E 12 -11.37 14.98 -4.45
C GLY E 12 -12.58 15.82 -4.80
N GLY E 13 -12.43 16.71 -5.78
CA GLY E 13 -13.51 17.55 -6.21
C GLY E 13 -14.74 16.75 -6.61
N HIS E 14 -15.75 16.75 -5.75
CA HIS E 14 -17.00 16.03 -5.99
C HIS E 14 -18.07 16.51 -5.01
N PHE E 15 -19.18 17.03 -5.53
CA PHE E 15 -20.26 17.53 -4.68
C PHE E 15 -21.54 16.74 -4.91
N LEU E 16 -22.37 16.62 -3.89
CA LEU E 16 -23.62 15.90 -3.99
C LEU E 16 -24.64 16.70 -4.79
N ARG E 17 -24.81 16.37 -6.06
CA ARG E 17 -25.76 17.06 -6.91
C ARG E 17 -27.09 16.32 -6.94
N ILE E 18 -28.09 16.90 -6.28
CA ILE E 18 -29.40 16.29 -6.20
C ILE E 18 -30.29 16.73 -7.36
N LEU E 19 -31.10 15.79 -7.85
CA LEU E 19 -32.02 16.07 -8.94
C LEU E 19 -33.42 15.57 -8.58
N PRO E 20 -34.47 16.34 -8.93
CA PRO E 20 -35.86 15.98 -8.64
C PRO E 20 -36.16 14.51 -8.96
N ASP E 21 -35.47 13.99 -9.96
CA ASP E 21 -35.62 12.60 -10.38
C ASP E 21 -35.32 11.64 -9.22
N GLY E 22 -34.24 11.93 -8.50
CA GLY E 22 -33.84 11.10 -7.39
C GLY E 22 -32.40 10.62 -7.52
N THR E 23 -31.95 10.42 -8.75
CA THR E 23 -30.59 9.95 -9.00
C THR E 23 -29.57 11.05 -8.71
N VAL E 24 -29.18 11.16 -7.44
CA VAL E 24 -28.19 12.15 -7.02
C VAL E 24 -26.78 11.58 -7.19
N ASP E 25 -25.90 12.36 -7.79
CA ASP E 25 -24.51 11.93 -8.01
C ASP E 25 -23.53 12.95 -7.47
N GLY E 26 -22.27 12.54 -7.34
CA GLY E 26 -21.23 13.40 -6.82
C GLY E 26 -20.63 14.30 -7.90
N THR E 27 -21.44 15.20 -8.42
CA THR E 27 -21.00 16.13 -9.46
C THR E 27 -19.99 17.12 -8.91
N ARG E 28 -18.85 17.26 -9.58
CA ARG E 28 -17.83 18.19 -9.13
C ARG E 28 -17.99 19.53 -9.83
N ASP E 29 -19.08 20.21 -9.53
CA ASP E 29 -19.37 21.52 -10.12
C ASP E 29 -20.14 22.39 -9.14
N ARG E 30 -19.99 23.70 -9.28
CA ARG E 30 -20.67 24.66 -8.44
C ARG E 30 -21.26 25.80 -9.28
N SER E 31 -21.49 25.51 -10.56
CA SER E 31 -22.05 26.49 -11.49
C SER E 31 -23.56 26.38 -11.51
N ASP E 32 -24.06 25.15 -11.54
CA ASP E 32 -25.50 24.91 -11.56
C ASP E 32 -26.03 24.65 -10.15
N GLN E 33 -27.04 25.40 -9.75
CA GLN E 33 -27.61 25.26 -8.41
C GLN E 33 -28.34 23.93 -8.24
N HIS E 34 -27.57 22.86 -8.08
CA HIS E 34 -28.15 21.53 -7.87
C HIS E 34 -27.32 20.70 -6.91
N ILE E 35 -26.42 21.35 -6.16
CA ILE E 35 -25.57 20.66 -5.19
C ILE E 35 -25.72 21.28 -3.80
N GLN E 36 -26.96 21.56 -3.42
CA GLN E 36 -27.24 22.18 -2.13
C GLN E 36 -28.49 21.57 -1.49
N LEU E 37 -28.38 21.22 -0.23
CA LEU E 37 -29.49 20.65 0.52
C LEU E 37 -29.70 21.43 1.81
N GLN E 38 -30.92 21.41 2.33
CA GLN E 38 -31.23 22.12 3.55
C GLN E 38 -30.98 21.23 4.77
N LEU E 39 -29.71 21.01 5.07
CA LEU E 39 -29.32 20.20 6.21
C LEU E 39 -29.54 20.98 7.52
N SER E 40 -30.24 20.38 8.46
CA SER E 40 -30.51 21.00 9.74
C SER E 40 -30.89 19.97 10.79
N ALA E 41 -30.69 20.31 12.06
CA ALA E 41 -31.03 19.42 13.16
C ALA E 41 -32.50 19.59 13.51
N GLU E 42 -33.32 18.64 13.09
CA GLU E 42 -34.75 18.69 13.34
C GLU E 42 -35.03 18.42 14.82
N SER E 43 -34.54 17.29 15.31
CA SER E 43 -34.72 16.91 16.70
C SER E 43 -33.36 16.84 17.40
N VAL E 44 -33.37 16.61 18.71
CA VAL E 44 -32.14 16.52 19.48
C VAL E 44 -31.17 15.51 18.85
N GLY E 45 -30.27 16.01 18.02
CA GLY E 45 -29.30 15.15 17.37
C GLY E 45 -29.77 14.60 16.04
N GLU E 46 -31.08 14.68 15.77
CA GLU E 46 -31.64 14.16 14.53
C GLU E 46 -31.59 15.23 13.44
N VAL E 47 -30.72 15.03 12.46
CA VAL E 47 -30.58 15.96 11.35
C VAL E 47 -31.24 15.39 10.09
N TYR E 48 -31.87 16.26 9.32
CA TYR E 48 -32.55 15.85 8.10
C TYR E 48 -31.87 16.45 6.87
N ILE E 49 -31.92 15.70 5.76
CA ILE E 49 -31.34 16.15 4.51
C ILE E 49 -32.44 16.37 3.49
N LYS E 50 -32.78 17.63 3.26
CA LYS E 50 -33.83 17.97 2.32
C LYS E 50 -33.36 19.06 1.36
N SER E 51 -33.24 18.72 0.09
CA SER E 51 -32.81 19.68 -0.93
C SER E 51 -34.02 20.50 -1.40
N THR E 52 -34.62 21.21 -0.45
CA THR E 52 -35.80 22.01 -0.72
C THR E 52 -35.60 23.00 -1.86
N GLU E 53 -34.78 24.02 -1.63
CA GLU E 53 -34.53 25.05 -2.63
C GLU E 53 -33.47 24.61 -3.65
N THR E 54 -33.70 23.48 -4.32
CA THR E 54 -32.76 22.98 -5.33
C THR E 54 -33.16 21.61 -5.88
N GLY E 55 -33.62 20.70 -5.02
CA GLY E 55 -33.97 19.39 -5.49
C GLY E 55 -35.19 18.80 -4.82
N GLN E 56 -34.98 17.78 -4.02
CA GLN E 56 -36.05 17.05 -3.35
C GLN E 56 -35.64 16.60 -1.95
N TYR E 57 -36.56 15.89 -1.29
CA TYR E 57 -36.31 15.35 0.05
C TYR E 57 -35.72 13.95 -0.06
N LEU E 58 -34.82 13.59 0.84
CA LEU E 58 -34.20 12.28 0.82
C LEU E 58 -35.10 11.22 1.45
N ALA E 59 -34.89 9.98 1.04
CA ALA E 59 -35.65 8.84 1.54
C ALA E 59 -34.86 7.56 1.25
N MET E 60 -33.94 7.24 2.14
CA MET E 60 -33.09 6.06 2.00
C MET E 60 -33.91 4.80 1.75
N ASP E 61 -33.38 3.91 0.92
CA ASP E 61 -34.04 2.65 0.62
C ASP E 61 -33.49 1.59 1.54
N THR E 62 -34.04 1.53 2.76
CA THR E 62 -33.60 0.57 3.74
C THR E 62 -32.12 0.79 4.08
N ASP E 63 -31.69 2.06 4.04
CA ASP E 63 -30.29 2.42 4.29
C ASP E 63 -29.39 1.93 3.16
N GLY E 64 -29.50 0.64 2.84
CA GLY E 64 -28.72 0.04 1.77
C GLY E 64 -28.45 0.98 0.62
N LEU E 65 -29.52 1.52 0.04
CA LEU E 65 -29.42 2.45 -1.07
C LEU E 65 -29.97 3.81 -0.65
N LEU E 66 -29.22 4.87 -0.94
CA LEU E 66 -29.64 6.21 -0.58
C LEU E 66 -30.30 6.90 -1.78
N TYR E 67 -31.49 7.44 -1.56
CA TYR E 67 -32.23 8.14 -2.61
C TYR E 67 -33.18 9.16 -1.99
N GLY E 68 -33.86 9.91 -2.85
CA GLY E 68 -34.80 10.90 -2.37
C GLY E 68 -35.52 11.59 -3.52
N SER E 69 -36.80 11.92 -3.31
CA SER E 69 -37.59 12.58 -4.34
C SER E 69 -39.06 12.66 -3.93
N GLN E 70 -39.69 11.50 -3.78
CA GLN E 70 -41.11 11.42 -3.44
C GLN E 70 -41.43 12.06 -2.09
N THR E 71 -41.02 11.40 -0.99
CA THR E 71 -41.31 11.91 0.34
C THR E 71 -40.16 11.68 1.31
N PRO E 72 -39.97 12.60 2.28
CA PRO E 72 -38.92 12.49 3.29
C PRO E 72 -39.29 11.49 4.38
N ASN E 73 -39.27 10.21 4.02
CA ASN E 73 -39.63 9.15 4.95
C ASN E 73 -38.64 9.09 6.11
N GLU E 74 -39.08 8.52 7.24
CA GLU E 74 -38.22 8.43 8.44
C GLU E 74 -36.80 7.97 8.07
N GLU E 75 -36.69 7.15 7.03
CA GLU E 75 -35.38 6.70 6.53
C GLU E 75 -34.41 7.88 6.41
N CYS E 76 -34.95 9.08 6.21
CA CYS E 76 -34.14 10.28 6.04
C CYS E 76 -33.71 10.92 7.37
N LEU E 77 -34.06 10.32 8.51
CA LEU E 77 -33.66 10.86 9.80
C LEU E 77 -32.30 10.29 10.22
N PHE E 78 -31.32 11.17 10.40
CA PHE E 78 -29.98 10.75 10.79
C PHE E 78 -29.48 11.49 12.02
N LEU E 79 -28.70 10.78 12.83
CA LEU E 79 -28.12 11.37 14.04
C LEU E 79 -26.84 12.14 13.68
N GLU E 80 -26.79 13.41 14.06
CA GLU E 80 -25.63 14.25 13.77
C GLU E 80 -24.45 13.91 14.67
N ARG E 81 -23.38 13.42 14.05
CA ARG E 81 -22.16 13.06 14.79
C ARG E 81 -20.95 13.72 14.12
N LEU E 82 -19.93 14.02 14.92
CA LEU E 82 -18.73 14.65 14.40
C LEU E 82 -17.49 13.80 14.69
N GLU E 83 -16.58 13.72 13.74
CA GLU E 83 -15.35 12.96 13.91
C GLU E 83 -14.15 13.89 13.95
N GLU E 84 -13.19 13.59 14.80
CA GLU E 84 -11.97 14.40 14.94
C GLU E 84 -11.07 14.21 13.72
N ASN E 85 -11.63 14.40 12.54
CA ASN E 85 -10.91 14.24 11.29
C ASN E 85 -11.39 15.27 10.26
N HIS E 86 -11.99 16.36 10.77
CA HIS E 86 -12.52 17.42 9.92
C HIS E 86 -13.61 16.89 8.99
N TYR E 87 -14.50 16.07 9.54
CA TYR E 87 -15.60 15.48 8.78
C TYR E 87 -16.83 15.28 9.66
N ASN E 88 -18.00 15.28 9.02
CA ASN E 88 -19.27 15.10 9.70
C ASN E 88 -19.77 13.67 9.52
N THR E 89 -20.46 13.18 10.54
CA THR E 89 -21.00 11.83 10.50
C THR E 89 -22.50 11.86 10.79
N TYR E 90 -23.27 11.09 10.03
CA TYR E 90 -24.72 11.06 10.21
C TYR E 90 -25.18 9.61 10.31
N ILE E 91 -25.72 9.25 11.47
CA ILE E 91 -26.18 7.88 11.70
C ILE E 91 -27.67 7.73 11.38
N SER E 92 -27.97 6.91 10.39
CA SER E 92 -29.35 6.65 10.00
C SER E 92 -30.06 5.86 11.11
N LYS E 93 -30.48 6.56 12.15
CA LYS E 93 -31.15 5.93 13.29
C LYS E 93 -32.18 4.90 12.82
N LYS E 94 -32.83 5.19 11.69
CA LYS E 94 -33.83 4.27 11.12
C LYS E 94 -33.24 2.88 10.95
N HIS E 95 -31.92 2.79 10.75
CA HIS E 95 -31.25 1.50 10.59
C HIS E 95 -30.05 1.37 11.53
N ALA E 96 -29.92 2.29 12.49
CA ALA E 96 -28.82 2.26 13.45
C ALA E 96 -28.75 0.89 14.10
N GLU E 97 -29.90 0.24 14.25
CA GLU E 97 -29.98 -1.10 14.84
C GLU E 97 -28.98 -2.05 14.19
N LYS E 98 -28.73 -1.89 12.89
CA LYS E 98 -27.80 -2.76 12.16
C LYS E 98 -26.43 -2.10 12.03
N ASN E 99 -26.21 -1.03 12.79
CA ASN E 99 -24.94 -0.29 12.75
C ASN E 99 -24.71 0.32 11.37
N TRP E 100 -25.79 0.80 10.76
CA TRP E 100 -25.73 1.39 9.44
C TRP E 100 -25.88 2.91 9.51
N PHE E 101 -24.93 3.61 8.89
CA PHE E 101 -24.94 5.07 8.86
C PHE E 101 -24.55 5.59 7.47
N VAL E 102 -25.50 6.34 6.85
CA VAL E 102 -25.40 6.90 5.50
C VAL E 102 -23.97 7.00 4.96
N GLY E 103 -23.76 6.35 3.81
CA GLY E 103 -22.47 6.37 3.14
C GLY E 103 -22.63 6.46 1.65
N LEU E 104 -21.90 7.37 1.00
CA LEU E 104 -22.00 7.56 -0.45
C LEU E 104 -20.68 7.30 -1.15
N LYS E 105 -20.76 7.04 -2.45
CA LYS E 105 -19.58 6.80 -3.28
C LYS E 105 -19.25 8.03 -4.10
N LYS E 106 -18.22 8.75 -3.70
CA LYS E 106 -17.78 9.97 -4.38
C LYS E 106 -17.82 9.82 -5.91
N ASN E 107 -17.34 8.68 -6.40
CA ASN E 107 -17.33 8.41 -7.83
C ASN E 107 -18.35 7.34 -8.21
N GLY E 108 -19.49 7.35 -7.54
CA GLY E 108 -20.52 6.36 -7.82
C GLY E 108 -21.92 6.87 -7.55
N SER E 109 -22.12 7.38 -6.34
CA SER E 109 -23.42 7.92 -5.88
C SER E 109 -23.65 7.47 -4.43
N CYS E 110 -24.72 7.95 -3.83
CA CYS E 110 -25.04 7.60 -2.46
C CYS E 110 -25.81 6.27 -2.39
N LYS E 111 -25.11 5.20 -2.05
CA LYS E 111 -25.73 3.87 -1.94
C LYS E 111 -24.70 2.83 -1.52
N ARG E 112 -24.40 2.80 -0.22
CA ARG E 112 -23.42 1.86 0.33
C ARG E 112 -23.82 1.43 1.74
N GLY E 113 -25.13 1.36 1.98
CA GLY E 113 -25.67 0.99 3.27
C GLY E 113 -25.12 -0.30 3.87
N PRO E 114 -24.98 -1.41 3.11
CA PRO E 114 -24.47 -2.68 3.65
C PRO E 114 -22.97 -2.61 4.00
N ARG E 115 -22.34 -1.48 3.70
CA ARG E 115 -20.91 -1.30 3.99
C ARG E 115 -20.66 -0.06 4.84
N THR E 116 -21.71 0.49 5.43
CA THR E 116 -21.60 1.68 6.26
C THR E 116 -21.11 1.37 7.68
N HIS E 117 -19.80 1.30 7.86
CA HIS E 117 -19.19 1.03 9.17
C HIS E 117 -17.70 1.35 9.13
N TYR E 118 -16.91 0.66 9.94
CA TYR E 118 -15.47 0.88 9.98
C TYR E 118 -14.77 0.13 8.85
N GLY E 119 -14.86 0.71 7.66
CA GLY E 119 -14.27 0.15 6.46
C GLY E 119 -14.30 1.16 5.35
N GLN E 120 -15.47 1.72 5.12
CA GLN E 120 -15.66 2.76 4.11
C GLN E 120 -15.57 4.12 4.78
N LYS E 121 -14.54 4.88 4.43
CA LYS E 121 -14.28 6.20 5.03
C LYS E 121 -15.24 7.25 4.46
N ALA E 122 -15.85 6.94 3.30
CA ALA E 122 -16.79 7.85 2.65
C ALA E 122 -17.90 8.32 3.60
N ILE E 123 -18.06 7.63 4.72
CA ILE E 123 -19.05 8.00 5.73
C ILE E 123 -18.71 9.34 6.37
N LEU E 124 -17.43 9.69 6.36
CA LEU E 124 -16.98 10.96 6.93
C LEU E 124 -17.13 12.08 5.91
N PHE E 125 -18.30 12.70 5.92
CA PHE E 125 -18.61 13.76 4.97
C PHE E 125 -18.00 15.09 5.38
N LEU E 126 -17.64 15.89 4.39
CA LEU E 126 -17.06 17.21 4.61
C LEU E 126 -18.08 18.27 4.19
N PRO E 127 -18.69 18.95 5.17
CA PRO E 127 -19.70 19.98 4.90
C PRO E 127 -19.11 21.36 4.66
N LEU E 128 -19.73 22.09 3.74
CA LEU E 128 -19.32 23.46 3.40
C LEU E 128 -20.54 24.38 3.37
N PRO E 129 -21.40 24.31 4.41
CA PRO E 129 -22.61 25.12 4.50
C PRO E 129 -22.36 26.54 4.98
N VAL E 130 -23.23 27.46 4.57
CA VAL E 130 -23.13 28.85 4.99
C VAL E 130 -23.71 29.03 6.38
N SER E 131 -22.86 28.84 7.38
CA SER E 131 -23.27 28.97 8.77
C SER E 131 -23.58 30.43 9.14
N SER E 132 -24.00 30.65 10.37
CA SER E 132 -24.31 31.98 10.85
C SER E 132 -23.27 32.42 11.87
N ASP E 133 -22.04 32.58 11.40
CA ASP E 133 -20.93 33.00 12.26
C ASP E 133 -20.74 34.50 12.20
N GLU F 1 -14.89 -1.77 -5.11
CA GLU F 1 -15.45 -1.87 -6.47
C GLU F 1 -14.37 -1.62 -7.53
N LYS F 2 -14.03 -2.68 -8.27
CA LYS F 2 -13.00 -2.59 -9.29
C LYS F 2 -13.40 -3.36 -10.55
N LEU F 3 -13.12 -2.77 -11.72
CA LEU F 3 -13.44 -3.40 -12.99
C LEU F 3 -12.22 -3.34 -13.93
N GLY F 4 -11.16 -2.69 -13.46
CA GLY F 4 -9.95 -2.57 -14.24
C GLY F 4 -9.73 -1.14 -14.73
N LYS F 5 -9.30 -0.99 -15.98
CA LYS F 5 -9.07 0.33 -16.55
C LYS F 5 -9.42 0.37 -18.04
N LEU F 6 -9.80 1.53 -18.53
CA LEU F 6 -10.17 1.70 -19.93
C LEU F 6 -9.51 2.96 -20.48
N GLN F 7 -8.75 2.80 -21.55
CA GLN F 7 -8.07 3.92 -22.18
C GLN F 7 -8.96 4.52 -23.26
N TYR F 8 -9.04 5.85 -23.31
CA TYR F 8 -9.90 6.49 -24.31
C TYR F 8 -9.42 7.89 -24.69
N SER F 9 -9.82 8.31 -25.88
CA SER F 9 -9.50 9.62 -26.43
C SER F 9 -10.77 10.22 -27.03
N LEU F 10 -11.37 11.16 -26.31
CA LEU F 10 -12.62 11.77 -26.76
C LEU F 10 -12.40 13.15 -27.38
N ASP F 11 -12.91 13.34 -28.58
CA ASP F 11 -12.80 14.62 -29.28
C ASP F 11 -14.19 15.17 -29.58
N TYR F 12 -14.29 16.45 -29.94
CA TYR F 12 -15.59 17.06 -30.20
C TYR F 12 -15.74 17.55 -31.64
N ASP F 13 -16.97 17.45 -32.15
CA ASP F 13 -17.30 17.90 -33.50
C ASP F 13 -18.28 19.07 -33.42
N PHE F 14 -17.92 20.20 -34.01
CA PHE F 14 -18.76 21.39 -33.99
C PHE F 14 -19.51 21.61 -35.31
N GLN F 15 -19.48 20.61 -36.19
CA GLN F 15 -20.15 20.70 -37.48
C GLN F 15 -21.49 19.97 -37.41
N ASN F 16 -21.46 18.76 -36.86
CA ASN F 16 -22.67 17.95 -36.71
C ASN F 16 -23.19 18.02 -35.28
N ASN F 17 -22.33 18.49 -34.36
CA ASN F 17 -22.68 18.64 -32.96
C ASN F 17 -22.73 17.28 -32.24
N GLN F 18 -21.58 16.63 -32.18
CA GLN F 18 -21.46 15.35 -31.51
C GLN F 18 -20.05 15.17 -30.95
N LEU F 19 -19.96 14.52 -29.80
CA LEU F 19 -18.66 14.25 -29.20
C LEU F 19 -18.21 12.85 -29.61
N LEU F 20 -16.96 12.74 -30.03
CA LEU F 20 -16.41 11.47 -30.48
C LEU F 20 -15.75 10.73 -29.33
N VAL F 21 -16.46 9.75 -28.78
CA VAL F 21 -15.93 8.97 -27.68
C VAL F 21 -15.09 7.82 -28.25
N GLY F 22 -13.83 8.12 -28.54
CA GLY F 22 -12.94 7.13 -29.09
C GLY F 22 -12.12 6.43 -28.02
N ILE F 23 -12.65 5.32 -27.52
CA ILE F 23 -11.95 4.54 -26.50
C ILE F 23 -10.93 3.62 -27.16
N ILE F 24 -9.85 3.31 -26.46
CA ILE F 24 -8.81 2.46 -27.00
C ILE F 24 -9.09 1.00 -26.67
N GLN F 25 -9.23 0.70 -25.37
CA GLN F 25 -9.51 -0.66 -24.92
C GLN F 25 -9.73 -0.70 -23.41
N ALA F 26 -10.12 -1.87 -22.91
CA ALA F 26 -10.34 -2.07 -21.49
C ALA F 26 -9.40 -3.14 -20.97
N ALA F 27 -8.87 -2.95 -19.78
CA ALA F 27 -7.93 -3.90 -19.20
C ALA F 27 -8.38 -4.36 -17.81
N GLU F 28 -8.12 -5.64 -17.53
CA GLU F 28 -8.43 -6.28 -16.24
C GLU F 28 -9.93 -6.35 -15.96
N LEU F 29 -10.70 -6.87 -16.90
CA LEU F 29 -12.14 -7.00 -16.72
C LEU F 29 -12.47 -8.29 -15.96
N PRO F 30 -13.40 -8.24 -14.99
CA PRO F 30 -13.80 -9.41 -14.19
C PRO F 30 -14.49 -10.49 -15.03
N ALA F 31 -14.54 -11.70 -14.48
CA ALA F 31 -15.16 -12.83 -15.16
C ALA F 31 -16.63 -12.97 -14.79
N LEU F 32 -17.38 -13.66 -15.65
CA LEU F 32 -18.81 -13.89 -15.45
C LEU F 32 -19.18 -15.31 -15.87
N ASP F 33 -18.64 -15.73 -17.01
CA ASP F 33 -18.91 -17.06 -17.54
C ASP F 33 -18.01 -18.10 -16.88
N MET F 34 -18.55 -19.31 -16.69
CA MET F 34 -17.80 -20.41 -16.07
C MET F 34 -16.50 -20.68 -16.80
N GLY F 35 -15.38 -20.53 -16.09
CA GLY F 35 -14.08 -20.75 -16.69
C GLY F 35 -13.07 -19.70 -16.27
N GLY F 36 -13.26 -18.47 -16.74
CA GLY F 36 -12.36 -17.39 -16.39
C GLY F 36 -12.44 -16.20 -17.32
N THR F 37 -13.47 -16.18 -18.18
CA THR F 37 -13.64 -15.07 -19.14
C THR F 37 -15.11 -14.70 -19.30
N SER F 38 -15.35 -13.51 -19.85
CA SER F 38 -16.71 -13.03 -20.09
C SER F 38 -16.83 -12.46 -21.50
N ASP F 39 -18.05 -12.07 -21.85
CA ASP F 39 -18.33 -11.47 -23.15
C ASP F 39 -18.73 -10.02 -22.94
N PRO F 40 -17.79 -9.18 -22.43
CA PRO F 40 -18.06 -7.79 -22.11
C PRO F 40 -18.18 -6.87 -23.33
N TYR F 41 -19.30 -6.16 -23.38
CA TYR F 41 -19.55 -5.18 -24.42
C TYR F 41 -20.02 -3.89 -23.76
N VAL F 42 -19.43 -2.77 -24.15
CA VAL F 42 -19.78 -1.48 -23.55
C VAL F 42 -21.08 -0.94 -24.13
N LYS F 43 -22.04 -0.69 -23.25
CA LYS F 43 -23.32 -0.13 -23.65
C LYS F 43 -23.37 1.33 -23.24
N VAL F 44 -23.15 2.21 -24.20
CA VAL F 44 -23.15 3.64 -23.93
C VAL F 44 -24.55 4.14 -23.59
N PHE F 45 -24.69 4.67 -22.38
CA PHE F 45 -25.96 5.19 -21.90
C PHE F 45 -25.81 6.64 -21.45
N LEU F 46 -26.94 7.30 -21.22
CA LEU F 46 -26.94 8.70 -20.80
C LEU F 46 -27.94 8.93 -19.69
N LEU F 47 -27.72 10.00 -18.92
CA LEU F 47 -28.62 10.38 -17.84
C LEU F 47 -30.02 10.69 -18.42
N PRO F 48 -30.97 11.20 -17.60
CA PRO F 48 -32.32 11.55 -18.02
C PRO F 48 -32.42 11.87 -19.52
N ASP F 49 -31.48 12.65 -20.03
CA ASP F 49 -31.43 13.00 -21.45
C ASP F 49 -31.83 11.80 -22.30
N LYS F 50 -31.19 10.67 -22.03
CA LYS F 50 -31.45 9.40 -22.73
C LYS F 50 -31.58 9.54 -24.25
N LYS F 51 -30.92 10.53 -24.84
CA LYS F 51 -30.99 10.73 -26.29
C LYS F 51 -29.80 10.07 -26.98
N LYS F 52 -29.63 8.77 -26.76
CA LYS F 52 -28.54 8.00 -27.34
C LYS F 52 -28.47 6.62 -26.72
N LYS F 53 -28.26 5.61 -27.54
CA LYS F 53 -28.17 4.23 -27.09
C LYS F 53 -27.47 3.38 -28.13
N PHE F 54 -26.24 2.98 -27.84
CA PHE F 54 -25.46 2.18 -28.77
C PHE F 54 -24.92 0.91 -28.10
N GLU F 55 -24.98 -0.20 -28.84
CA GLU F 55 -24.50 -1.48 -28.34
C GLU F 55 -23.25 -1.89 -29.12
N THR F 56 -22.15 -2.11 -28.40
CA THR F 56 -20.90 -2.50 -29.02
C THR F 56 -20.94 -3.97 -29.46
N LYS F 57 -19.92 -4.38 -30.21
CA LYS F 57 -19.87 -5.76 -30.69
C LYS F 57 -19.46 -6.69 -29.56
N VAL F 58 -20.28 -7.69 -29.30
CA VAL F 58 -19.98 -8.66 -28.25
C VAL F 58 -18.56 -9.18 -28.42
N HIS F 59 -17.82 -9.24 -27.32
CA HIS F 59 -16.45 -9.73 -27.34
C HIS F 59 -16.41 -11.05 -26.57
N ARG F 60 -16.61 -12.12 -27.32
CA ARG F 60 -16.65 -13.48 -26.75
C ARG F 60 -15.39 -13.83 -25.94
N LYS F 61 -15.64 -14.24 -24.69
CA LYS F 61 -14.59 -14.67 -23.76
C LYS F 61 -13.33 -13.84 -23.87
N THR F 62 -13.35 -12.63 -23.33
CA THR F 62 -12.19 -11.75 -23.36
C THR F 62 -12.27 -10.69 -22.27
N LEU F 63 -11.20 -10.58 -21.48
CA LEU F 63 -11.14 -9.63 -20.38
C LEU F 63 -10.20 -8.46 -20.71
N ASN F 64 -9.70 -8.45 -21.94
CA ASN F 64 -8.81 -7.39 -22.39
C ASN F 64 -8.92 -7.25 -23.91
N PRO F 65 -10.15 -7.03 -24.42
CA PRO F 65 -10.42 -6.91 -25.84
C PRO F 65 -10.20 -5.50 -26.39
N VAL F 66 -9.83 -5.43 -27.66
CA VAL F 66 -9.60 -4.17 -28.34
C VAL F 66 -10.57 -4.06 -29.51
N PHE F 67 -11.01 -2.86 -29.82
CA PHE F 67 -11.94 -2.66 -30.93
C PHE F 67 -12.01 -1.20 -31.32
N ASN F 68 -12.21 -0.33 -30.33
CA ASN F 68 -12.30 1.11 -30.56
C ASN F 68 -13.58 1.44 -31.31
N GLU F 69 -14.71 1.33 -30.60
CA GLU F 69 -16.00 1.64 -31.19
C GLU F 69 -16.23 3.15 -31.20
N GLN F 70 -17.01 3.62 -32.17
CA GLN F 70 -17.29 5.04 -32.32
C GLN F 70 -18.66 5.39 -31.74
N PHE F 71 -18.66 6.04 -30.57
CA PHE F 71 -19.90 6.45 -29.94
C PHE F 71 -20.18 7.92 -30.21
N THR F 72 -21.33 8.19 -30.83
CA THR F 72 -21.73 9.54 -31.15
C THR F 72 -22.61 10.13 -30.06
N PHE F 73 -22.03 11.04 -29.29
CA PHE F 73 -22.76 11.70 -28.20
C PHE F 73 -23.75 12.70 -28.79
N LYS F 74 -24.91 12.21 -29.19
CA LYS F 74 -25.96 13.04 -29.77
C LYS F 74 -26.46 14.08 -28.78
N VAL F 75 -25.86 15.26 -28.82
CA VAL F 75 -26.24 16.38 -27.96
C VAL F 75 -25.36 17.58 -28.26
N PRO F 76 -25.97 18.76 -28.47
CA PRO F 76 -25.22 19.98 -28.77
C PRO F 76 -24.18 20.30 -27.70
N TYR F 77 -22.97 20.67 -28.14
CA TYR F 77 -21.89 21.01 -27.21
C TYR F 77 -22.40 21.94 -26.11
N SER F 78 -23.23 22.90 -26.51
CA SER F 78 -23.80 23.88 -25.59
C SER F 78 -24.70 23.21 -24.55
N GLU F 79 -25.23 22.04 -24.89
CA GLU F 79 -26.11 21.29 -24.01
C GLU F 79 -25.33 20.31 -23.13
N LEU F 80 -24.19 19.83 -23.65
CA LEU F 80 -23.34 18.87 -22.93
C LEU F 80 -23.17 19.24 -21.46
N GLY F 81 -23.11 20.54 -21.17
CA GLY F 81 -22.94 21.00 -19.80
C GLY F 81 -23.90 20.33 -18.82
N GLY F 82 -25.12 20.02 -19.29
CA GLY F 82 -26.09 19.40 -18.41
C GLY F 82 -26.32 17.93 -18.73
N LYS F 83 -25.31 17.25 -19.28
CA LYS F 83 -25.44 15.84 -19.63
C LYS F 83 -24.24 15.02 -19.17
N THR F 84 -24.48 14.14 -18.22
CA THR F 84 -23.44 13.25 -17.71
C THR F 84 -23.48 11.91 -18.44
N LEU F 85 -22.48 11.65 -19.28
CA LEU F 85 -22.42 10.40 -20.02
C LEU F 85 -22.00 9.25 -19.12
N VAL F 86 -22.55 8.06 -19.36
CA VAL F 86 -22.22 6.90 -18.56
C VAL F 86 -21.91 5.71 -19.46
N MET F 87 -20.72 5.13 -19.28
CA MET F 87 -20.29 3.99 -20.06
C MET F 87 -20.30 2.74 -19.20
N ALA F 88 -21.25 1.85 -19.45
CA ALA F 88 -21.37 0.62 -18.71
C ALA F 88 -20.99 -0.57 -19.57
N VAL F 89 -20.13 -1.43 -19.05
CA VAL F 89 -19.70 -2.62 -19.79
C VAL F 89 -20.59 -3.80 -19.41
N TYR F 90 -21.35 -4.27 -20.38
CA TYR F 90 -22.27 -5.38 -20.17
C TYR F 90 -21.70 -6.68 -20.69
N ASP F 91 -21.96 -7.76 -19.97
CA ASP F 91 -21.47 -9.08 -20.38
C ASP F 91 -22.47 -9.75 -21.31
N PHE F 92 -22.01 -10.77 -22.02
CA PHE F 92 -22.87 -11.50 -22.95
C PHE F 92 -22.59 -13.00 -22.88
N ASP F 93 -22.44 -13.52 -21.66
CA ASP F 93 -22.16 -14.95 -21.44
C ASP F 93 -23.04 -15.82 -22.35
N ARG F 94 -24.28 -15.40 -22.54
CA ARG F 94 -25.26 -16.08 -23.42
C ARG F 94 -25.94 -17.26 -22.71
N PHE F 95 -25.91 -17.28 -21.39
CA PHE F 95 -26.54 -18.37 -20.64
C PHE F 95 -27.32 -17.83 -19.44
N SER F 96 -26.62 -17.16 -18.54
CA SER F 96 -27.21 -16.60 -17.34
C SER F 96 -27.67 -15.16 -17.57
N LYS F 97 -28.14 -14.51 -16.52
CA LYS F 97 -28.59 -13.13 -16.62
C LYS F 97 -27.37 -12.22 -16.80
N HIS F 98 -27.13 -11.78 -18.03
CA HIS F 98 -26.00 -10.90 -18.32
C HIS F 98 -25.88 -9.83 -17.24
N ASP F 99 -24.73 -9.79 -16.57
CA ASP F 99 -24.49 -8.83 -15.49
C ASP F 99 -23.63 -7.67 -15.95
N ILE F 100 -23.72 -6.55 -15.24
CA ILE F 100 -22.94 -5.37 -15.55
C ILE F 100 -21.61 -5.45 -14.79
N ILE F 101 -20.58 -6.02 -15.43
CA ILE F 101 -19.28 -6.17 -14.79
C ILE F 101 -18.75 -4.85 -14.24
N GLY F 102 -19.15 -3.73 -14.85
CA GLY F 102 -18.71 -2.45 -14.34
C GLY F 102 -19.08 -1.29 -15.25
N GLU F 103 -18.71 -0.08 -14.83
CA GLU F 103 -19.00 1.12 -15.61
C GLU F 103 -18.16 2.30 -15.12
N PHE F 104 -18.27 3.43 -15.82
CA PHE F 104 -17.56 4.65 -15.46
C PHE F 104 -18.29 5.86 -16.05
N LYS F 105 -18.12 7.02 -15.42
CA LYS F 105 -18.77 8.24 -15.88
C LYS F 105 -17.99 9.47 -15.42
N VAL F 106 -18.26 10.61 -16.05
CA VAL F 106 -17.59 11.85 -15.70
C VAL F 106 -18.46 13.05 -16.06
N PRO F 107 -18.53 14.05 -15.15
CA PRO F 107 -19.31 15.27 -15.36
C PRO F 107 -18.77 16.08 -16.52
N MET F 108 -19.42 15.97 -17.67
CA MET F 108 -19.00 16.68 -18.89
C MET F 108 -18.76 18.16 -18.62
N ASN F 109 -19.60 18.79 -17.80
CA ASN F 109 -19.44 20.22 -17.50
C ASN F 109 -18.02 20.51 -17.00
N THR F 110 -17.44 19.56 -16.26
CA THR F 110 -16.09 19.72 -15.74
C THR F 110 -15.04 19.30 -16.78
N VAL F 111 -15.51 18.75 -17.90
CA VAL F 111 -14.62 18.32 -18.98
C VAL F 111 -14.45 19.44 -20.00
N ASP F 112 -13.50 20.32 -19.72
CA ASP F 112 -13.22 21.44 -20.62
C ASP F 112 -12.73 20.93 -21.97
N PHE F 113 -13.65 20.86 -22.92
CA PHE F 113 -13.33 20.39 -24.27
C PHE F 113 -12.44 21.41 -25.01
N GLY F 114 -11.23 21.57 -24.52
CA GLY F 114 -10.29 22.49 -25.14
C GLY F 114 -9.75 21.94 -26.45
N HIS F 115 -9.43 20.65 -26.46
CA HIS F 115 -8.93 19.99 -27.66
C HIS F 115 -9.34 18.52 -27.66
N VAL F 116 -8.62 17.71 -26.88
CA VAL F 116 -8.90 16.29 -26.78
C VAL F 116 -8.69 15.81 -25.35
N THR F 117 -9.67 15.09 -24.82
CA THR F 117 -9.60 14.58 -23.47
C THR F 117 -9.11 13.13 -23.47
N GLU F 118 -7.81 12.96 -23.33
CA GLU F 118 -7.19 11.63 -23.29
C GLU F 118 -6.71 11.33 -21.89
N GLU F 119 -7.02 10.14 -21.39
CA GLU F 119 -6.62 9.75 -20.04
C GLU F 119 -6.87 8.26 -19.80
N TRP F 120 -6.24 7.74 -18.75
CA TRP F 120 -6.39 6.34 -18.38
C TRP F 120 -7.50 6.22 -17.34
N ARG F 121 -8.73 6.11 -17.83
CA ARG F 121 -9.90 6.02 -16.95
C ARG F 121 -9.90 4.73 -16.12
N ASP F 122 -10.22 4.89 -14.85
CA ASP F 122 -10.31 3.77 -13.93
C ASP F 122 -11.70 3.16 -14.01
N LEU F 123 -11.77 1.84 -13.97
CA LEU F 123 -13.05 1.13 -14.07
C LEU F 123 -13.50 0.61 -12.71
N GLN F 124 -14.79 0.75 -12.43
CA GLN F 124 -15.35 0.29 -11.16
C GLN F 124 -16.56 -0.63 -11.41
N SER F 125 -16.68 -1.66 -10.58
CA SER F 125 -17.77 -2.62 -10.71
C SER F 125 -19.03 -2.11 -10.03
N ALA F 126 -19.76 -1.23 -10.72
CA ALA F 126 -21.00 -0.69 -10.18
C ALA F 126 -22.12 -1.71 -10.30
N GLU F 127 -22.47 -2.31 -9.17
CA GLU F 127 -23.53 -3.31 -9.12
C GLU F 127 -24.89 -2.66 -9.33
N LYS F 128 -25.08 -2.07 -10.50
CA LYS F 128 -26.31 -1.40 -10.84
C LYS F 128 -26.94 -2.04 -12.08
N GLU A 1 15.69 -4.35 6.32
CA GLU A 1 16.02 -4.15 7.76
C GLU A 1 15.06 -3.16 8.40
N LYS A 2 14.45 -3.55 9.51
CA LYS A 2 13.51 -2.70 10.22
C LYS A 2 13.71 -2.77 11.73
N LEU A 3 13.67 -1.60 12.37
CA LEU A 3 13.83 -1.51 13.82
C LEU A 3 12.64 -0.75 14.44
N GLY A 4 11.67 -0.38 13.62
CA GLY A 4 10.51 0.34 14.11
C GLY A 4 10.62 1.83 13.83
N LYS A 5 10.30 2.66 14.83
CA LYS A 5 10.38 4.10 14.67
C LYS A 5 10.80 4.77 15.98
N LEU A 6 11.44 5.92 15.87
CA LEU A 6 11.90 6.67 17.03
C LEU A 6 11.59 8.15 16.85
N GLN A 7 10.86 8.71 17.79
CA GLN A 7 10.50 10.13 17.73
C GLN A 7 11.56 10.95 18.45
N TYR A 8 11.97 12.07 17.87
CA TYR A 8 12.99 12.90 18.50
C TYR A 8 12.88 14.38 18.11
N SER A 9 13.43 15.22 18.99
CA SER A 9 13.45 16.66 18.79
C SER A 9 14.86 17.16 19.14
N LEU A 10 15.64 17.45 18.11
CA LEU A 10 17.02 17.89 18.32
C LEU A 10 17.17 19.41 18.17
N ASP A 11 17.77 20.05 19.17
CA ASP A 11 18.00 21.49 19.15
C ASP A 11 19.50 21.77 19.26
N TYR A 12 19.92 23.00 18.96
CA TYR A 12 21.35 23.33 19.00
C TYR A 12 21.66 24.40 20.03
N ASP A 13 22.85 24.29 20.63
CA ASP A 13 23.33 25.25 21.61
C ASP A 13 24.57 25.96 21.06
N PHE A 14 24.51 27.29 21.00
CA PHE A 14 25.62 28.08 20.47
C PHE A 14 26.46 28.74 21.58
N GLN A 15 26.22 28.34 22.82
CA GLN A 15 26.95 28.89 23.97
C GLN A 15 28.07 27.93 24.37
N ASN A 16 27.72 26.65 24.48
CA ASN A 16 28.68 25.61 24.85
C ASN A 16 29.14 24.85 23.61
N ASN A 17 28.39 24.99 22.51
CA ASN A 17 28.71 24.35 21.24
C ASN A 17 28.40 22.85 21.27
N GLN A 18 27.11 22.54 21.44
CA GLN A 18 26.65 21.16 21.48
C GLN A 18 25.22 21.06 20.96
N LEU A 19 24.93 19.99 20.26
CA LEU A 19 23.59 19.76 19.75
C LEU A 19 22.82 18.89 20.75
N LEU A 20 21.59 19.30 21.06
CA LEU A 20 20.77 18.58 22.02
C LEU A 20 19.91 17.55 21.32
N VAL A 21 20.33 16.30 21.37
CA VAL A 21 19.58 15.21 20.76
C VAL A 21 18.51 14.73 21.74
N GLY A 22 17.37 15.42 21.73
CA GLY A 22 16.28 15.07 22.61
C GLY A 22 15.28 14.15 21.96
N ILE A 23 15.49 12.84 22.10
CA ILE A 23 14.59 11.86 21.53
C ILE A 23 13.41 11.64 22.47
N ILE A 24 12.25 11.30 21.91
CA ILE A 24 11.05 11.08 22.70
C ILE A 24 10.96 9.62 23.15
N GLN A 25 10.98 8.71 22.17
CA GLN A 25 10.88 7.28 22.47
C GLN A 25 11.03 6.46 21.19
N ALA A 26 11.09 5.15 21.35
CA ALA A 26 11.20 4.22 20.23
C ALA A 26 10.00 3.29 20.23
N ALA A 27 9.49 3.00 19.04
CA ALA A 27 8.33 2.12 18.92
C ALA A 27 8.59 0.95 17.97
N GLU A 28 8.02 -0.21 18.31
CA GLU A 28 8.14 -1.43 17.51
C GLU A 28 9.59 -1.89 17.37
N LEU A 29 10.15 -2.43 18.46
CA LEU A 29 11.53 -2.91 18.44
C LEU A 29 11.59 -4.43 18.40
N PRO A 30 12.58 -5.01 17.71
CA PRO A 30 12.75 -6.47 17.62
C PRO A 30 13.04 -7.09 18.98
N ALA A 31 12.69 -8.37 19.14
CA ALA A 31 12.90 -9.07 20.40
C ALA A 31 14.25 -9.79 20.44
N LEU A 32 14.81 -9.91 21.65
CA LEU A 32 16.09 -10.58 21.85
C LEU A 32 15.95 -11.62 22.96
N ASP A 33 15.43 -11.18 24.11
CA ASP A 33 15.21 -12.09 25.24
C ASP A 33 14.08 -13.07 24.91
N MET A 34 14.02 -14.19 25.62
CA MET A 34 12.98 -15.18 25.37
C MET A 34 11.67 -14.78 26.04
N GLY A 35 10.74 -14.27 25.24
CA GLY A 35 9.45 -13.84 25.75
C GLY A 35 8.76 -12.86 24.83
N GLY A 36 9.43 -12.47 23.77
CA GLY A 36 8.86 -11.52 22.82
C GLY A 36 9.17 -10.08 23.18
N THR A 37 10.23 -9.89 23.96
CA THR A 37 10.67 -8.56 24.39
C THR A 37 12.19 -8.49 24.47
N SER A 38 12.73 -7.30 24.79
CA SER A 38 14.16 -7.10 24.94
C SER A 38 14.44 -5.94 25.89
N ASP A 39 15.72 -5.70 26.16
CA ASP A 39 16.15 -4.61 27.02
C ASP A 39 16.91 -3.60 26.17
N PRO A 40 16.23 -2.96 25.21
CA PRO A 40 16.86 -2.02 24.27
C PRO A 40 17.21 -0.67 24.88
N TYR A 41 18.48 -0.30 24.74
CA TYR A 41 18.99 0.98 25.19
C TYR A 41 19.77 1.60 24.04
N VAL A 42 19.51 2.87 23.75
CA VAL A 42 20.18 3.54 22.64
C VAL A 42 21.58 4.00 23.05
N LYS A 43 22.57 3.54 22.30
CA LYS A 43 23.96 3.92 22.54
C LYS A 43 24.38 4.90 21.47
N VAL A 44 24.41 6.18 21.83
CA VAL A 44 24.78 7.23 20.90
C VAL A 44 26.26 7.15 20.54
N PHE A 45 26.53 6.94 19.26
CA PHE A 45 27.90 6.84 18.77
C PHE A 45 28.13 7.86 17.65
N LEU A 46 29.39 8.02 17.27
CA LEU A 46 29.76 8.97 16.22
C LEU A 46 30.79 8.36 15.28
N LEU A 47 30.85 8.91 14.07
CA LEU A 47 31.82 8.47 13.07
C LEU A 47 33.25 8.71 13.60
N PRO A 48 34.31 8.50 12.77
CA PRO A 48 35.70 8.69 13.14
C PRO A 48 35.88 9.70 14.28
N ASP A 49 35.17 10.82 14.21
CA ASP A 49 35.22 11.85 15.26
C ASP A 49 35.30 11.20 16.64
N LYS A 50 34.38 10.26 16.88
CA LYS A 50 34.30 9.51 18.12
C LYS A 50 34.47 10.37 19.39
N LYS A 51 34.08 11.65 19.32
CA LYS A 51 34.22 12.53 20.48
C LYS A 51 32.89 12.60 21.24
N LYS A 52 32.39 11.45 21.66
CA LYS A 52 31.13 11.36 22.40
C LYS A 52 30.70 9.90 22.53
N LYS A 53 30.24 9.54 23.72
CA LYS A 53 29.79 8.18 23.98
C LYS A 53 28.88 8.18 25.22
N PHE A 54 27.59 7.96 25.00
CA PHE A 54 26.63 7.95 26.09
C PHE A 54 25.78 6.69 26.07
N GLU A 55 25.54 6.13 27.25
CA GLU A 55 24.74 4.92 27.39
C GLU A 55 23.42 5.26 28.08
N THR A 56 22.31 4.96 27.43
CA THR A 56 21.00 5.24 28.00
C THR A 56 20.66 4.24 29.10
N LYS A 57 19.57 4.49 29.82
CA LYS A 57 19.15 3.62 30.90
C LYS A 57 18.51 2.36 30.33
N VAL A 58 19.04 1.20 30.72
CA VAL A 58 18.49 -0.06 30.24
C VAL A 58 16.98 -0.08 30.46
N HIS A 59 16.25 -0.52 29.44
CA HIS A 59 14.81 -0.61 29.51
C HIS A 59 14.40 -2.08 29.50
N ARG A 60 14.32 -2.64 30.70
CA ARG A 60 14.00 -4.06 30.88
C ARG A 60 12.70 -4.48 30.18
N LYS A 61 12.83 -5.51 29.35
CA LYS A 61 11.71 -6.11 28.63
C LYS A 61 10.70 -5.07 28.15
N THR A 62 11.04 -4.36 27.08
CA THR A 62 10.15 -3.34 26.53
C THR A 62 10.51 -3.04 25.08
N LEU A 63 9.51 -3.10 24.19
CA LEU A 63 9.71 -2.84 22.77
C LEU A 63 9.14 -1.49 22.37
N ASN A 64 8.62 -0.76 23.34
CA ASN A 64 8.04 0.55 23.10
C ASN A 64 8.18 1.42 24.34
N PRO A 65 9.43 1.57 24.83
CA PRO A 65 9.72 2.34 26.04
C PRO A 65 9.88 3.84 25.79
N VAL A 66 9.54 4.62 26.80
CA VAL A 66 9.66 6.07 26.73
C VAL A 66 10.61 6.54 27.82
N PHE A 67 11.36 7.60 27.55
CA PHE A 67 12.31 8.12 28.53
C PHE A 67 12.77 9.52 28.15
N ASN A 68 13.18 9.69 26.89
CA ASN A 68 13.65 10.98 26.40
C ASN A 68 14.99 11.34 27.05
N GLU A 69 16.03 10.64 26.65
CA GLU A 69 17.37 10.90 27.17
C GLU A 69 17.98 12.10 26.47
N GLN A 70 18.85 12.81 27.17
CA GLN A 70 19.50 14.00 26.64
C GLN A 70 20.91 13.69 26.15
N PHE A 71 21.09 13.63 24.83
CA PHE A 71 22.39 13.36 24.24
C PHE A 71 23.05 14.66 23.80
N THR A 72 24.22 14.94 24.35
CA THR A 72 24.97 16.13 24.01
C THR A 72 25.97 15.87 22.90
N PHE A 73 25.65 16.36 21.71
CA PHE A 73 26.52 16.19 20.55
C PHE A 73 27.74 17.09 20.68
N LYS A 74 28.73 16.62 21.43
CA LYS A 74 29.96 17.37 21.66
C LYS A 74 30.72 17.62 20.36
N VAL A 75 30.45 18.76 19.73
CA VAL A 75 31.11 19.16 18.49
C VAL A 75 30.58 20.51 18.04
N PRO A 76 31.47 21.46 17.72
CA PRO A 76 31.07 22.80 17.29
C PRO A 76 30.14 22.74 16.08
N TYR A 77 29.09 23.54 16.10
CA TYR A 77 28.13 23.60 15.00
C TYR A 77 28.86 23.69 13.66
N SER A 78 29.91 24.52 13.64
CA SER A 78 30.72 24.72 12.44
C SER A 78 31.42 23.43 11.99
N GLU A 79 31.61 22.52 12.93
CA GLU A 79 32.27 21.24 12.66
C GLU A 79 31.25 20.16 12.28
N LEU A 80 30.03 20.29 12.81
CA LEU A 80 28.96 19.32 12.57
C LEU A 80 28.89 18.91 11.08
N GLY A 81 29.17 19.86 10.19
CA GLY A 81 29.13 19.58 8.77
C GLY A 81 29.88 18.30 8.38
N GLY A 82 30.97 18.01 9.09
CA GLY A 82 31.74 16.83 8.78
C GLY A 82 31.58 15.72 9.81
N LYS A 83 30.43 15.66 10.47
CA LYS A 83 30.18 14.64 11.50
C LYS A 83 28.81 14.00 11.34
N THR A 84 28.80 12.73 11.00
CA THR A 84 27.57 11.97 10.85
C THR A 84 27.26 11.23 12.14
N LEU A 85 26.22 11.66 12.85
CA LEU A 85 25.85 11.01 14.11
C LEU A 85 25.13 9.70 13.83
N VAL A 86 25.35 8.72 14.70
CA VAL A 86 24.73 7.41 14.55
C VAL A 86 24.10 6.94 15.87
N MET A 87 22.81 6.66 15.83
CA MET A 87 22.10 6.20 17.02
C MET A 87 21.78 4.72 16.89
N ALA A 88 22.46 3.90 17.67
CA ALA A 88 22.24 2.46 17.65
C ALA A 88 21.57 2.00 18.93
N VAL A 89 20.52 1.22 18.79
CA VAL A 89 19.79 0.72 19.95
C VAL A 89 20.35 -0.66 20.32
N TYR A 90 20.96 -0.74 21.49
CA TYR A 90 21.55 -1.96 21.97
C TYR A 90 20.65 -2.66 22.99
N ASP A 91 20.61 -3.98 22.95
CA ASP A 91 19.80 -4.76 23.87
C ASP A 91 20.59 -5.07 25.14
N PHE A 92 19.89 -5.44 26.20
CA PHE A 92 20.52 -5.77 27.46
C PHE A 92 19.85 -6.98 28.10
N ASP A 93 19.57 -8.00 27.29
CA ASP A 93 18.93 -9.23 27.77
C ASP A 93 19.55 -9.69 29.10
N ARG A 94 20.87 -9.52 29.22
CA ARG A 94 21.62 -9.87 30.44
C ARG A 94 21.96 -11.36 30.50
N PHE A 95 21.94 -12.05 29.37
CA PHE A 95 22.25 -13.48 29.34
C PHE A 95 23.14 -13.83 28.15
N SER A 96 22.65 -13.55 26.95
CA SER A 96 23.36 -13.85 25.72
C SER A 96 24.18 -12.64 25.27
N LYS A 97 24.81 -12.74 24.11
CA LYS A 97 25.60 -11.64 23.57
C LYS A 97 24.67 -10.52 23.12
N HIS A 98 24.56 -9.48 23.93
CA HIS A 98 23.69 -8.34 23.60
C HIS A 98 23.86 -7.97 22.13
N ASP A 99 22.77 -8.03 21.38
CA ASP A 99 22.79 -7.73 19.95
C ASP A 99 22.27 -6.32 19.66
N ILE A 100 22.64 -5.78 18.50
CA ILE A 100 22.18 -4.47 18.08
C ILE A 100 20.89 -4.62 17.30
N ILE A 101 19.76 -4.53 18.01
CA ILE A 101 18.45 -4.67 17.39
C ILE A 101 18.27 -3.72 16.21
N GLY A 102 18.98 -2.59 16.22
CA GLY A 102 18.87 -1.64 15.12
C GLY A 102 19.58 -0.33 15.40
N GLU A 103 19.52 0.58 14.43
CA GLU A 103 20.17 1.88 14.56
C GLU A 103 19.65 2.85 13.50
N PHE A 104 20.09 4.10 13.58
CA PHE A 104 19.72 5.14 12.62
C PHE A 104 20.78 6.25 12.62
N LYS A 105 20.90 6.95 11.50
CA LYS A 105 21.88 8.02 11.37
C LYS A 105 21.43 9.04 10.32
N VAL A 106 22.02 10.22 10.36
CA VAL A 106 21.69 11.28 9.40
C VAL A 106 22.87 12.22 9.20
N PRO A 107 23.15 12.60 7.95
CA PRO A 107 24.24 13.52 7.62
C PRO A 107 24.01 14.91 8.20
N MET A 108 24.67 15.20 9.31
CA MET A 108 24.51 16.49 10.00
C MET A 108 24.66 17.66 9.04
N ASN A 109 25.60 17.57 8.09
CA ASN A 109 25.80 18.66 7.13
C ASN A 109 24.49 19.03 6.44
N THR A 110 23.64 18.03 6.19
CA THR A 110 22.36 18.27 5.54
C THR A 110 21.29 18.70 6.57
N VAL A 111 21.65 18.65 7.86
CA VAL A 111 20.74 19.03 8.92
C VAL A 111 20.93 20.50 9.27
N ASP A 112 20.23 21.36 8.53
CA ASP A 112 20.32 22.80 8.75
C ASP A 112 19.78 23.15 10.13
N PHE A 113 20.69 23.32 11.07
CA PHE A 113 20.33 23.66 12.46
C PHE A 113 19.80 25.08 12.54
N GLY A 114 18.63 25.30 11.92
CA GLY A 114 18.01 26.62 11.95
C GLY A 114 17.41 26.93 13.31
N HIS A 115 16.76 25.94 13.91
CA HIS A 115 16.16 26.10 15.24
C HIS A 115 16.17 24.76 15.97
N VAL A 116 15.22 23.89 15.62
CA VAL A 116 15.10 22.57 16.23
C VAL A 116 14.69 21.54 15.19
N THR A 117 15.41 20.44 15.15
CA THR A 117 15.14 19.37 14.21
C THR A 117 14.28 18.29 14.86
N GLU A 118 12.97 18.41 14.70
CA GLU A 118 12.03 17.44 15.26
C GLU A 118 11.41 16.64 14.12
N GLU A 119 11.37 15.32 14.28
CA GLU A 119 10.80 14.45 13.26
C GLU A 119 10.63 13.02 13.78
N TRP A 120 9.82 12.23 13.07
CA TRP A 120 9.58 10.84 13.43
C TRP A 120 10.55 9.95 12.68
N ARG A 121 11.76 9.81 13.24
CA ARG A 121 12.81 9.02 12.63
C ARG A 121 12.44 7.54 12.54
N ASP A 122 12.73 6.96 11.39
CA ASP A 122 12.49 5.54 11.14
C ASP A 122 13.68 4.74 11.63
N LEU A 123 13.41 3.60 12.26
CA LEU A 123 14.48 2.76 12.80
C LEU A 123 14.71 1.53 11.91
N GLN A 124 15.99 1.20 11.71
CA GLN A 124 16.34 0.04 10.88
C GLN A 124 17.29 -0.89 11.65
N SER A 125 17.10 -2.20 11.43
CA SER A 125 17.90 -3.21 12.09
C SER A 125 19.20 -3.47 11.33
N ALA A 126 20.14 -2.52 11.41
CA ALA A 126 21.41 -2.67 10.72
C ALA A 126 22.32 -3.62 11.50
N GLU A 127 22.46 -4.85 11.01
CA GLU A 127 23.28 -5.85 11.68
C GLU A 127 24.76 -5.50 11.61
N LYS A 128 25.12 -4.41 12.28
CA LYS A 128 26.48 -3.91 12.30
C LYS A 128 27.04 -3.97 13.73
N TYR B 1 34.24 14.92 -20.88
CA TYR B 1 35.08 15.41 -19.74
C TYR B 1 35.14 14.36 -18.63
N LYS B 2 35.77 13.23 -18.94
CA LYS B 2 35.88 12.14 -17.97
C LYS B 2 36.43 12.66 -16.64
N LYS B 3 35.56 12.72 -15.64
CA LYS B 3 35.92 13.21 -14.31
C LYS B 3 34.95 12.66 -13.27
N PRO B 4 35.05 13.10 -11.99
CA PRO B 4 34.19 12.68 -10.90
C PRO B 4 32.88 12.03 -11.35
N LYS B 5 32.81 10.71 -11.21
CA LYS B 5 31.63 9.96 -11.59
C LYS B 5 30.77 9.71 -10.36
N LEU B 6 29.66 10.43 -10.24
CA LEU B 6 28.76 10.27 -9.10
C LEU B 6 27.81 9.10 -9.34
N LEU B 7 27.64 8.27 -8.31
CA LEU B 7 26.76 7.11 -8.41
C LEU B 7 26.03 6.87 -7.09
N TYR B 8 24.74 6.57 -7.18
CA TYR B 8 23.92 6.30 -6.00
C TYR B 8 22.68 5.50 -6.39
N CYS B 9 21.90 5.05 -5.41
CA CYS B 9 20.71 4.27 -5.70
C CYS B 9 19.62 4.51 -4.67
N SER B 10 18.40 4.08 -4.98
CA SER B 10 17.25 4.24 -4.11
C SER B 10 16.77 5.68 -4.16
N ASN B 11 15.51 5.87 -4.57
CA ASN B 11 14.94 7.20 -4.65
C ASN B 11 15.15 7.97 -3.36
N GLY B 12 15.73 9.16 -3.47
CA GLY B 12 15.99 9.97 -2.30
C GLY B 12 17.39 10.55 -2.32
N GLY B 13 17.50 11.82 -1.95
CA GLY B 13 18.79 12.48 -1.93
C GLY B 13 19.80 11.74 -1.08
N HIS B 14 20.73 11.06 -1.75
CA HIS B 14 21.80 10.31 -1.08
C HIS B 14 22.89 9.96 -2.09
N PHE B 15 24.11 10.39 -1.83
CA PHE B 15 25.23 10.12 -2.73
C PHE B 15 26.30 9.29 -2.03
N LEU B 16 27.02 8.49 -2.81
CA LEU B 16 28.06 7.63 -2.26
C LEU B 16 29.29 8.46 -1.90
N ARG B 17 29.45 8.80 -0.63
CA ARG B 17 30.58 9.59 -0.18
C ARG B 17 31.70 8.68 0.32
N ILE B 18 32.76 8.59 -0.46
CA ILE B 18 33.89 7.74 -0.13
C ILE B 18 34.92 8.48 0.72
N LEU B 19 35.51 7.77 1.66
CA LEU B 19 36.53 8.34 2.54
C LEU B 19 37.75 7.42 2.58
N PRO B 20 38.97 7.98 2.57
CA PRO B 20 40.21 7.21 2.60
C PRO B 20 40.18 6.09 3.64
N ASP B 21 39.43 6.31 4.72
CA ASP B 21 39.28 5.34 5.78
C ASP B 21 38.69 4.04 5.25
N GLY B 22 37.68 4.16 4.40
CA GLY B 22 37.03 2.99 3.83
C GLY B 22 35.53 3.00 4.08
N THR B 23 35.11 3.55 5.21
CA THR B 23 33.70 3.62 5.56
C THR B 23 32.95 4.62 4.68
N VAL B 24 32.53 4.16 3.51
CA VAL B 24 31.78 5.00 2.58
C VAL B 24 30.29 4.93 2.90
N ASP B 25 29.64 6.10 2.97
CA ASP B 25 28.22 6.18 3.27
C ASP B 25 27.47 6.97 2.21
N GLY B 26 26.15 6.86 2.23
CA GLY B 26 25.32 7.57 1.26
C GLY B 26 25.01 8.98 1.69
N THR B 27 26.03 9.81 1.75
CA THR B 27 25.88 11.21 2.14
C THR B 27 25.11 11.99 1.09
N ARG B 28 24.08 12.70 1.51
CA ARG B 28 23.28 13.48 0.59
C ARG B 28 23.79 14.92 0.54
N ASP B 29 25.00 15.09 0.00
CA ASP B 29 25.62 16.40 -0.12
C ASP B 29 26.53 16.45 -1.35
N ARG B 30 26.69 17.65 -1.90
CA ARG B 30 27.54 17.86 -3.06
C ARG B 30 28.43 19.08 -2.86
N SER B 31 28.65 19.45 -1.60
CA SER B 31 29.47 20.60 -1.25
C SER B 31 30.92 20.16 -1.06
N ASP B 32 31.12 19.04 -0.39
CA ASP B 32 32.46 18.51 -0.14
C ASP B 32 32.81 17.47 -1.20
N GLN B 33 33.96 17.65 -1.84
CA GLN B 33 34.41 16.72 -2.88
C GLN B 33 34.79 15.37 -2.30
N HIS B 34 33.77 14.57 -1.95
CA HIS B 34 34.01 13.23 -1.43
C HIS B 34 32.95 12.24 -1.89
N ILE B 35 32.20 12.60 -2.94
CA ILE B 35 31.15 11.75 -3.48
C ILE B 35 31.37 11.53 -4.98
N GLN B 36 32.61 11.28 -5.36
CA GLN B 36 32.96 11.07 -6.76
C GLN B 36 33.99 9.96 -6.90
N LEU B 37 33.73 9.05 -7.84
CA LEU B 37 34.62 7.94 -8.11
C LEU B 37 34.95 7.89 -9.59
N GLN B 38 36.09 7.32 -9.94
CA GLN B 38 36.51 7.23 -11.33
C GLN B 38 35.98 5.92 -11.95
N LEU B 39 34.68 5.88 -12.19
CA LEU B 39 34.04 4.72 -12.80
C LEU B 39 34.36 4.67 -14.28
N SER B 40 34.85 3.52 -14.75
CA SER B 40 35.20 3.33 -16.15
C SER B 40 35.25 1.85 -16.49
N ALA B 41 35.07 1.54 -17.78
CA ALA B 41 35.12 0.17 -18.25
C ALA B 41 36.56 -0.21 -18.53
N GLU B 42 37.16 -0.97 -17.63
CA GLU B 42 38.55 -1.40 -17.77
C GLU B 42 38.68 -2.44 -18.88
N SER B 43 37.90 -3.50 -18.78
CA SER B 43 37.90 -4.56 -19.76
C SER B 43 36.54 -4.66 -20.43
N VAL B 44 36.42 -5.52 -21.43
CA VAL B 44 35.15 -5.70 -22.14
C VAL B 44 34.01 -6.01 -21.17
N GLY B 45 33.30 -4.95 -20.77
CA GLY B 45 32.19 -5.11 -19.85
C GLY B 45 32.60 -5.01 -18.38
N GLU B 46 33.90 -5.11 -18.10
CA GLU B 46 34.39 -5.04 -16.74
C GLU B 46 34.66 -3.59 -16.34
N VAL B 47 33.82 -3.06 -15.46
CA VAL B 47 33.97 -1.69 -14.97
C VAL B 47 34.55 -1.68 -13.57
N TYR B 48 35.40 -0.71 -13.29
CA TYR B 48 36.03 -0.59 -11.98
C TYR B 48 35.59 0.68 -11.28
N ILE B 49 35.52 0.62 -9.96
CA ILE B 49 35.13 1.76 -9.14
C ILE B 49 36.31 2.20 -8.28
N LYS B 50 36.95 3.28 -8.70
CA LYS B 50 38.11 3.80 -7.99
C LYS B 50 37.97 5.30 -7.75
N SER B 51 37.84 5.69 -6.48
CA SER B 51 37.71 7.09 -6.12
C SER B 51 39.09 7.73 -6.05
N THR B 52 39.80 7.70 -7.18
CA THR B 52 41.15 8.23 -7.26
C THR B 52 41.25 9.68 -6.79
N GLU B 53 40.68 10.60 -7.56
CA GLU B 53 40.73 12.02 -7.23
C GLU B 53 39.67 12.42 -6.21
N THR B 54 39.66 11.76 -5.05
CA THR B 54 38.69 12.07 -4.01
C THR B 54 38.77 11.12 -2.81
N GLY B 55 38.95 9.83 -3.07
CA GLY B 55 39.01 8.89 -1.96
C GLY B 55 40.02 7.78 -2.15
N GLN B 56 39.52 6.57 -2.34
CA GLN B 56 40.35 5.38 -2.48
C GLN B 56 39.77 4.39 -3.49
N TYR B 57 40.46 3.25 -3.62
CA TYR B 57 40.02 2.19 -4.53
C TYR B 57 39.11 1.22 -3.77
N LEU B 58 38.11 0.68 -4.44
CA LEU B 58 37.20 -0.26 -3.79
C LEU B 58 37.78 -1.67 -3.75
N ALA B 59 37.31 -2.45 -2.78
CA ALA B 59 37.74 -3.82 -2.58
C ALA B 59 36.70 -4.55 -1.75
N MET B 60 35.66 -5.05 -2.42
CA MET B 60 34.57 -5.77 -1.76
C MET B 60 35.08 -6.88 -0.87
N ASP B 61 34.41 -7.07 0.27
CA ASP B 61 34.76 -8.11 1.22
C ASP B 61 33.93 -9.34 0.91
N THR B 62 34.38 -10.12 -0.06
CA THR B 62 33.68 -11.33 -0.46
C THR B 62 32.28 -10.97 -0.97
N ASP B 63 32.15 -9.80 -1.60
CA ASP B 63 30.87 -9.29 -2.11
C ASP B 63 29.95 -8.92 -0.95
N GLY B 64 29.76 -9.86 -0.02
CA GLY B 64 28.92 -9.64 1.15
C GLY B 64 28.96 -8.20 1.64
N LEU B 65 30.15 -7.72 1.95
CA LEU B 65 30.33 -6.36 2.42
C LEU B 65 31.17 -5.57 1.42
N LEU B 66 30.71 -4.37 1.08
CA LEU B 66 31.41 -3.53 0.13
C LEU B 66 32.28 -2.50 0.86
N TYR B 67 33.56 -2.45 0.48
CA TYR B 67 34.48 -1.51 1.09
C TYR B 67 35.62 -1.19 0.12
N GLY B 68 36.51 -0.30 0.53
CA GLY B 68 37.63 0.07 -0.31
C GLY B 68 38.55 1.05 0.38
N SER B 69 39.86 0.92 0.12
CA SER B 69 40.85 1.81 0.73
C SER B 69 42.27 1.33 0.46
N GLN B 70 42.59 0.14 0.95
CA GLN B 70 43.94 -0.42 0.81
C GLN B 70 44.32 -0.66 -0.65
N THR B 71 43.70 -1.66 -1.29
CA THR B 71 44.04 -1.98 -2.68
C THR B 71 42.80 -2.39 -3.49
N PRO B 72 42.78 -2.07 -4.80
CA PRO B 72 41.69 -2.42 -5.69
C PRO B 72 41.75 -3.90 -6.08
N ASN B 73 41.44 -4.77 -5.14
CA ASN B 73 41.48 -6.22 -5.38
C ASN B 73 40.44 -6.62 -6.43
N GLU B 74 40.67 -7.76 -7.09
CA GLU B 74 39.75 -8.25 -8.12
C GLU B 74 38.29 -8.11 -7.68
N GLU B 75 38.04 -8.24 -6.37
CA GLU B 75 36.70 -8.06 -5.83
C GLU B 75 36.03 -6.78 -6.39
N CYS B 76 36.86 -5.81 -6.77
CA CYS B 76 36.37 -4.54 -7.30
C CYS B 76 36.03 -4.59 -8.79
N LEU B 77 36.15 -5.75 -9.44
CA LEU B 77 35.83 -5.86 -10.86
C LEU B 77 34.36 -6.22 -11.03
N PHE B 78 33.60 -5.36 -11.70
CA PHE B 78 32.17 -5.59 -11.91
C PHE B 78 31.80 -5.48 -13.39
N LEU B 79 30.83 -6.30 -13.80
CA LEU B 79 30.34 -6.28 -15.17
C LEU B 79 29.31 -5.18 -15.34
N GLU B 80 29.54 -4.30 -16.31
CA GLU B 80 28.63 -3.18 -16.56
C GLU B 80 27.35 -3.64 -17.26
N ARG B 81 26.23 -3.49 -16.56
CA ARG B 81 24.92 -3.88 -17.10
C ARG B 81 23.93 -2.71 -16.95
N LEU B 82 22.97 -2.63 -17.85
CA LEU B 82 21.99 -1.55 -17.82
C LEU B 82 20.57 -2.13 -17.74
N GLU B 83 19.72 -1.49 -16.94
CA GLU B 83 18.34 -1.93 -16.79
C GLU B 83 17.39 -0.90 -17.38
N GLU B 84 16.34 -1.36 -18.03
CA GLU B 84 15.36 -0.46 -18.65
C GLU B 84 14.49 0.20 -17.57
N ASN B 85 15.15 0.82 -16.60
CA ASN B 85 14.48 1.49 -15.50
C ASN B 85 15.25 2.76 -15.11
N HIS B 86 16.07 3.26 -16.05
CA HIS B 86 16.88 4.46 -15.81
C HIS B 86 17.86 4.22 -14.67
N TYR B 87 18.50 3.05 -14.67
CA TYR B 87 19.46 2.70 -13.63
C TYR B 87 20.57 1.81 -14.19
N ASN B 88 21.73 1.86 -13.55
CA ASN B 88 22.88 1.08 -13.96
C ASN B 88 23.05 -0.14 -13.05
N THR B 89 23.53 -1.24 -13.62
CA THR B 89 23.74 -2.47 -12.87
C THR B 89 25.18 -2.92 -13.03
N TYR B 90 25.79 -3.36 -11.94
CA TYR B 90 27.17 -3.82 -11.96
C TYR B 90 27.28 -5.18 -11.29
N ILE B 91 27.65 -6.19 -12.06
CA ILE B 91 27.76 -7.55 -11.53
C ILE B 91 29.18 -7.86 -11.09
N SER B 92 29.34 -8.11 -9.79
CA SER B 92 30.64 -8.45 -9.23
C SER B 92 31.08 -9.83 -9.72
N LYS B 93 31.59 -9.88 -10.95
CA LYS B 93 32.03 -11.14 -11.56
C LYS B 93 32.81 -11.99 -10.56
N LYS B 94 33.58 -11.32 -9.69
CA LYS B 94 34.35 -12.03 -8.67
C LYS B 94 33.46 -12.98 -7.85
N HIS B 95 32.17 -12.64 -7.74
CA HIS B 95 31.23 -13.46 -6.99
C HIS B 95 29.98 -13.78 -7.83
N ALA B 96 30.02 -13.47 -9.13
CA ALA B 96 28.90 -13.73 -10.02
C ALA B 96 28.45 -15.18 -9.90
N GLU B 97 29.41 -16.05 -9.61
CA GLU B 97 29.15 -17.48 -9.44
C GLU B 97 27.98 -17.72 -8.47
N LYS B 98 27.85 -16.84 -7.48
CA LYS B 98 26.77 -16.95 -6.50
C LYS B 98 25.61 -16.03 -6.87
N ASN B 99 25.62 -15.52 -8.10
CA ASN B 99 24.58 -14.61 -8.58
C ASN B 99 24.53 -13.36 -7.69
N TRP B 100 25.70 -12.93 -7.25
CA TRP B 100 25.84 -11.76 -6.40
C TRP B 100 26.37 -10.57 -7.18
N PHE B 101 25.62 -9.47 -7.16
CA PHE B 101 26.03 -8.26 -7.86
C PHE B 101 25.85 -7.02 -6.98
N VAL B 102 27.00 -6.35 -6.70
CA VAL B 102 27.12 -5.16 -5.85
C VAL B 102 25.78 -4.48 -5.53
N GLY B 103 25.52 -4.38 -4.22
CA GLY B 103 24.31 -3.73 -3.74
C GLY B 103 24.59 -2.91 -2.50
N LEU B 104 24.11 -1.66 -2.47
CA LEU B 104 24.34 -0.78 -1.33
C LEU B 104 23.04 -0.33 -0.67
N LYS B 105 23.15 0.12 0.58
CA LYS B 105 22.00 0.59 1.33
C LYS B 105 22.01 2.12 1.38
N LYS B 106 21.13 2.73 0.60
CA LYS B 106 21.00 4.19 0.51
C LYS B 106 21.13 4.85 1.89
N ASN B 107 20.45 4.27 2.87
CA ASN B 107 20.46 4.81 4.23
C ASN B 107 21.25 3.89 5.17
N GLY B 108 22.32 3.29 4.66
CA GLY B 108 23.13 2.41 5.48
C GLY B 108 24.59 2.38 5.06
N SER B 109 24.82 2.12 3.78
CA SER B 109 26.15 2.05 3.18
C SER B 109 26.19 0.88 2.20
N CYS B 110 27.31 0.72 1.50
CA CYS B 110 27.46 -0.36 0.53
C CYS B 110 27.91 -1.65 1.21
N LYS B 111 26.98 -2.56 1.45
CA LYS B 111 27.28 -3.85 2.08
C LYS B 111 26.03 -4.70 2.21
N ARG B 112 25.67 -5.34 1.11
CA ARG B 112 24.49 -6.18 1.05
C ARG B 112 24.72 -7.37 0.12
N GLY B 113 25.95 -7.88 0.10
CA GLY B 113 26.28 -9.04 -0.73
C GLY B 113 25.32 -10.20 -0.53
N PRO B 114 25.02 -10.63 0.73
CA PRO B 114 24.08 -11.74 0.95
C PRO B 114 22.66 -11.41 0.46
N ARG B 115 22.48 -10.16 0.01
CA ARG B 115 21.20 -9.68 -0.51
C ARG B 115 21.40 -8.95 -1.85
N THR B 116 22.43 -9.35 -2.61
CA THR B 116 22.70 -8.72 -3.90
C THR B 116 22.04 -9.48 -5.05
N HIS B 117 21.04 -10.27 -4.73
CA HIS B 117 20.31 -11.02 -5.75
C HIS B 117 19.01 -10.27 -6.07
N TYR B 118 18.16 -10.85 -6.92
CA TYR B 118 16.91 -10.19 -7.29
C TYR B 118 15.94 -10.17 -6.11
N GLY B 119 15.96 -9.06 -5.38
CA GLY B 119 15.11 -8.85 -4.23
C GLY B 119 15.20 -7.42 -3.76
N GLN B 120 16.43 -6.93 -3.70
CA GLN B 120 16.68 -5.55 -3.31
C GLN B 120 16.88 -4.72 -4.58
N LYS B 121 16.12 -3.66 -4.69
CA LYS B 121 16.17 -2.79 -5.87
C LYS B 121 17.39 -1.86 -5.82
N ALA B 122 17.95 -1.68 -4.61
CA ALA B 122 19.13 -0.83 -4.42
C ALA B 122 20.27 -1.17 -5.38
N ILE B 123 20.20 -2.34 -6.02
CA ILE B 123 21.21 -2.77 -6.98
C ILE B 123 21.14 -1.92 -8.26
N LEU B 124 19.99 -1.30 -8.49
CA LEU B 124 19.82 -0.44 -9.65
C LEU B 124 20.30 0.97 -9.34
N PHE B 125 21.58 1.21 -9.57
CA PHE B 125 22.19 2.50 -9.27
C PHE B 125 21.90 3.54 -10.35
N LEU B 126 21.80 4.79 -9.92
CA LEU B 126 21.55 5.90 -10.82
C LEU B 126 22.80 6.76 -10.92
N PRO B 127 23.50 6.69 -12.07
CA PRO B 127 24.74 7.43 -12.29
C PRO B 127 24.52 8.85 -12.82
N LEU B 128 25.35 9.76 -12.36
CA LEU B 128 25.30 11.16 -12.78
C LEU B 128 26.71 11.65 -13.14
N PRO B 129 27.45 10.86 -13.94
CA PRO B 129 28.82 11.20 -14.34
C PRO B 129 28.89 12.19 -15.50
N VAL B 130 29.97 12.96 -15.55
CA VAL B 130 30.18 13.93 -16.61
C VAL B 130 30.69 13.23 -17.87
N SER B 131 29.76 12.76 -18.69
CA SER B 131 30.10 12.07 -19.93
C SER B 131 30.73 13.03 -20.95
N SER B 132 31.11 12.48 -22.10
CA SER B 132 31.69 13.27 -23.16
C SER B 132 30.73 13.36 -24.34
N ASP B 133 29.60 14.03 -24.10
CA ASP B 133 28.58 14.20 -25.12
C ASP B 133 28.75 15.52 -25.84
N MET C 1 -2.54 8.66 -13.24
CA MET C 1 -2.06 8.16 -14.55
C MET C 1 -1.57 6.73 -14.41
N ALA C 2 -0.26 6.56 -14.22
CA ALA C 2 0.31 5.24 -14.02
C ALA C 2 0.28 4.90 -12.54
N ALA C 3 0.77 3.73 -12.16
CA ALA C 3 0.77 3.31 -10.76
C ALA C 3 -0.68 3.13 -10.33
N GLU C 4 -1.39 2.28 -11.06
CA GLU C 4 -2.80 2.02 -10.79
C GLU C 4 -3.00 1.10 -9.60
N PRO C 5 -3.87 1.50 -8.65
CA PRO C 5 -4.15 0.71 -7.46
C PRO C 5 -5.10 -0.45 -7.77
N LEU C 6 -4.70 -1.65 -7.38
CA LEU C 6 -5.50 -2.84 -7.60
C LEU C 6 -6.42 -3.07 -6.39
N THR C 7 -7.03 -4.25 -6.32
CA THR C 7 -7.92 -4.55 -5.19
C THR C 7 -7.09 -4.72 -3.92
N GLU C 8 -7.75 -4.58 -2.77
CA GLU C 8 -7.08 -4.68 -1.47
C GLU C 8 -6.39 -6.05 -1.30
N LEU C 9 -6.89 -7.06 -2.03
CA LEU C 9 -6.34 -8.41 -1.95
C LEU C 9 -5.08 -8.56 -2.80
N GLU C 10 -5.03 -7.89 -3.96
CA GLU C 10 -3.85 -7.95 -4.84
C GLU C 10 -2.67 -7.22 -4.16
N GLU C 11 -3.02 -6.11 -3.53
CA GLU C 11 -2.10 -5.29 -2.72
C GLU C 11 -1.45 -6.17 -1.64
N SER C 12 -2.29 -6.86 -0.86
CA SER C 12 -1.82 -7.61 0.29
C SER C 12 -1.02 -8.87 -0.10
N ILE C 13 -1.40 -9.62 -1.14
CA ILE C 13 -0.55 -10.72 -1.59
C ILE C 13 0.78 -10.16 -2.09
N GLU C 14 0.77 -9.06 -2.84
CA GLU C 14 2.04 -8.50 -3.30
C GLU C 14 2.93 -8.17 -2.11
N THR C 15 2.46 -7.35 -1.15
CA THR C 15 3.33 -6.88 -0.07
C THR C 15 4.04 -8.04 0.67
N VAL C 16 3.33 -9.15 0.88
CA VAL C 16 3.95 -10.33 1.50
C VAL C 16 4.83 -11.07 0.49
N VAL C 17 4.42 -11.18 -0.77
CA VAL C 17 5.22 -11.82 -1.82
C VAL C 17 6.57 -11.11 -1.99
N THR C 18 6.59 -9.79 -2.09
CA THR C 18 7.86 -9.07 -2.19
C THR C 18 8.74 -9.34 -0.96
N THR C 19 8.17 -9.27 0.25
CA THR C 19 8.90 -9.56 1.47
C THR C 19 9.49 -10.98 1.42
N PHE C 20 8.65 -11.97 1.13
CA PHE C 20 9.08 -13.33 0.84
C PHE C 20 10.26 -13.32 -0.11
N PHE C 21 10.10 -12.67 -1.26
CA PHE C 21 11.13 -12.61 -2.30
C PHE C 21 12.44 -11.98 -1.82
N THR C 22 12.36 -11.03 -0.89
CA THR C 22 13.56 -10.35 -0.39
C THR C 22 14.31 -11.22 0.63
N PHE C 23 13.84 -12.46 0.79
CA PHE C 23 14.46 -13.42 1.71
C PHE C 23 14.78 -14.72 0.99
N ALA C 24 14.03 -15.00 -0.09
CA ALA C 24 14.20 -16.23 -0.86
C ALA C 24 15.31 -16.13 -1.89
N ARG C 25 15.87 -14.94 -2.06
CA ARG C 25 16.94 -14.75 -3.03
C ARG C 25 18.30 -14.66 -2.34
N GLN C 26 18.30 -14.82 -1.01
CA GLN C 26 19.51 -14.75 -0.21
C GLN C 26 20.57 -15.76 -0.67
N GLU C 27 20.14 -17.01 -0.85
CA GLU C 27 21.04 -18.08 -1.28
C GLU C 27 20.74 -18.50 -2.72
N GLY C 28 20.85 -19.81 -2.98
CA GLY C 28 20.59 -20.33 -4.30
C GLY C 28 19.11 -20.44 -4.58
N ARG C 29 18.70 -20.01 -5.79
CA ARG C 29 17.30 -20.06 -6.23
C ARG C 29 16.45 -19.05 -5.47
N LYS C 30 15.86 -18.10 -6.21
CA LYS C 30 15.03 -17.05 -5.58
C LYS C 30 13.57 -17.47 -5.48
N ASP C 31 13.34 -18.68 -4.96
CA ASP C 31 11.99 -19.21 -4.75
C ASP C 31 11.99 -19.93 -3.41
N SER C 32 12.96 -20.82 -3.22
CA SER C 32 13.09 -21.60 -2.02
C SER C 32 13.82 -20.81 -0.93
N LEU C 33 13.30 -20.88 0.30
CA LEU C 33 14.05 -20.51 1.49
C LEU C 33 14.80 -21.74 1.95
N SER C 34 16.12 -21.70 2.03
CA SER C 34 16.85 -22.75 2.75
C SER C 34 16.85 -22.43 4.25
N VAL C 35 17.46 -23.29 5.06
CA VAL C 35 17.34 -23.28 6.51
C VAL C 35 17.61 -21.88 7.11
N ASN C 36 18.80 -21.31 6.83
CA ASN C 36 19.16 -19.96 7.32
C ASN C 36 18.16 -18.94 6.81
N GLU C 37 18.05 -18.89 5.49
CA GLU C 37 17.08 -18.07 4.75
C GLU C 37 15.72 -18.03 5.46
N PHE C 38 15.20 -19.20 5.81
CA PHE C 38 13.92 -19.34 6.47
C PHE C 38 14.00 -18.69 7.85
N LYS C 39 14.99 -19.09 8.65
CA LYS C 39 15.16 -18.53 9.99
C LYS C 39 15.25 -17.00 9.96
N GLU C 40 15.83 -16.44 8.91
CA GLU C 40 15.98 -15.00 8.76
C GLU C 40 14.64 -14.25 8.75
N LEU C 41 13.58 -14.90 8.23
CA LEU C 41 12.26 -14.26 8.17
C LEU C 41 11.76 -14.08 9.60
N VAL C 42 11.74 -15.18 10.34
CA VAL C 42 11.14 -15.23 11.65
C VAL C 42 11.96 -14.35 12.60
N THR C 43 13.26 -14.57 12.63
CA THR C 43 14.16 -13.84 13.53
C THR C 43 14.13 -12.31 13.33
N GLN C 44 13.78 -11.84 12.13
CA GLN C 44 13.77 -10.40 11.88
C GLN C 44 12.38 -9.77 12.00
N GLN C 45 11.43 -10.20 11.17
CA GLN C 45 10.10 -9.60 11.17
C GLN C 45 9.04 -10.41 11.91
N LEU C 46 9.44 -11.27 12.84
CA LEU C 46 8.44 -12.04 13.59
C LEU C 46 8.89 -12.33 15.03
N PRO C 47 8.85 -11.32 15.90
CA PRO C 47 9.25 -11.44 17.30
C PRO C 47 8.10 -11.67 18.29
N HIS C 48 6.86 -11.50 17.83
CA HIS C 48 5.71 -11.67 18.72
C HIS C 48 4.89 -12.91 18.38
N LEU C 49 4.40 -12.97 17.13
CA LEU C 49 3.58 -14.09 16.66
C LEU C 49 4.17 -15.44 17.05
N LEU C 50 5.31 -15.78 16.47
CA LEU C 50 6.07 -16.99 16.75
C LEU C 50 7.35 -16.55 17.46
N LYS C 51 7.20 -16.26 18.75
CA LYS C 51 8.33 -15.81 19.59
C LYS C 51 9.37 -16.91 19.80
N ASP C 52 9.12 -18.08 19.22
CA ASP C 52 10.04 -19.20 19.34
C ASP C 52 11.15 -19.07 18.30
N VAL C 53 12.17 -18.29 18.64
CA VAL C 53 13.32 -18.08 17.75
C VAL C 53 14.44 -19.07 18.06
N GLY C 54 14.08 -20.21 18.63
CA GLY C 54 15.06 -21.23 18.96
C GLY C 54 14.70 -22.59 18.39
N SER C 55 13.40 -22.90 18.36
CA SER C 55 12.93 -24.17 17.85
C SER C 55 12.43 -24.04 16.41
N LEU C 56 13.20 -23.35 15.57
CA LEU C 56 12.86 -23.16 14.19
C LEU C 56 12.92 -24.52 13.48
N ASP C 57 13.77 -25.43 13.95
CA ASP C 57 13.83 -26.80 13.48
C ASP C 57 12.43 -27.46 13.50
N GLU C 58 11.71 -27.33 14.62
CA GLU C 58 10.36 -27.86 14.76
C GLU C 58 9.47 -27.32 13.64
N LYS C 59 9.43 -25.99 13.49
CA LYS C 59 8.65 -25.38 12.42
C LYS C 59 9.07 -25.98 11.09
N MET C 60 10.38 -25.99 10.81
CA MET C 60 10.94 -26.50 9.56
C MET C 60 10.41 -27.90 9.28
N LYS C 61 10.55 -28.83 10.22
CA LYS C 61 10.04 -30.19 10.06
C LYS C 61 8.52 -30.19 9.85
N SER C 62 7.79 -29.37 10.61
CA SER C 62 6.34 -29.25 10.48
C SER C 62 5.93 -28.71 9.11
N LEU C 63 6.77 -27.88 8.49
CA LEU C 63 6.53 -27.23 7.21
C LEU C 63 6.97 -28.13 6.04
N ASP C 64 8.27 -28.41 5.97
CA ASP C 64 8.91 -29.13 4.88
C ASP C 64 8.58 -30.62 4.98
N VAL C 65 7.35 -31.00 4.63
CA VAL C 65 6.85 -32.37 4.74
C VAL C 65 7.80 -33.39 4.12
N ASN C 66 8.42 -33.04 2.99
CA ASN C 66 9.35 -33.90 2.25
C ASN C 66 10.78 -33.84 2.80
N GLN C 67 11.07 -32.91 3.71
CA GLN C 67 12.37 -32.73 4.35
C GLN C 67 13.50 -32.72 3.31
N ASP C 68 13.35 -31.87 2.29
CA ASP C 68 14.38 -31.62 1.27
C ASP C 68 15.32 -30.49 1.72
N SER C 69 14.97 -29.77 2.80
CA SER C 69 15.69 -28.61 3.28
C SER C 69 15.59 -27.43 2.29
N GLU C 70 14.50 -27.42 1.52
CA GLU C 70 14.04 -26.29 0.74
C GLU C 70 12.55 -26.13 1.04
N LEU C 71 12.13 -25.01 1.61
CA LEU C 71 10.73 -24.63 1.62
C LEU C 71 10.48 -23.94 0.28
N LYS C 72 10.04 -24.68 -0.75
CA LYS C 72 9.54 -24.11 -2.00
C LYS C 72 8.46 -23.07 -1.69
N PHE C 73 8.13 -22.18 -2.63
CA PHE C 73 7.12 -21.14 -2.49
C PHE C 73 5.90 -21.64 -1.70
N ASN C 74 5.26 -22.70 -2.20
CA ASN C 74 4.04 -23.24 -1.60
C ASN C 74 4.29 -23.89 -0.23
N GLU C 75 5.47 -24.47 -0.01
CA GLU C 75 5.83 -25.06 1.26
C GLU C 75 6.01 -23.95 2.30
N TYR C 76 6.87 -22.98 1.98
CA TYR C 76 7.09 -21.78 2.79
C TYR C 76 5.75 -21.16 3.15
N TRP C 77 4.92 -20.96 2.12
CA TRP C 77 3.60 -20.37 2.24
C TRP C 77 2.84 -20.95 3.45
N ARG C 78 2.97 -22.25 3.76
CA ARG C 78 2.38 -22.85 4.96
C ARG C 78 2.48 -21.95 6.19
N LEU C 79 3.69 -21.42 6.46
CA LEU C 79 3.94 -20.54 7.58
C LEU C 79 2.88 -19.46 7.66
N ILE C 80 2.53 -18.83 6.53
CA ILE C 80 1.62 -17.69 6.50
C ILE C 80 0.26 -18.11 7.05
N GLY C 81 -0.07 -19.41 6.98
CA GLY C 81 -1.31 -19.95 7.50
C GLY C 81 -1.25 -20.01 8.98
N GLU C 82 -0.10 -20.46 9.48
CA GLU C 82 0.12 -20.65 10.88
C GLU C 82 0.17 -19.25 11.50
N LEU C 83 0.70 -18.26 10.78
CA LEU C 83 0.64 -16.85 11.17
C LEU C 83 -0.81 -16.35 11.23
N ALA C 84 -1.51 -16.42 10.09
CA ALA C 84 -2.89 -15.96 9.92
C ALA C 84 -3.85 -16.67 10.89
N LYS C 85 -3.48 -17.88 11.29
CA LYS C 85 -4.15 -18.62 12.33
C LYS C 85 -3.76 -18.02 13.68
N GLU C 86 -2.47 -18.03 14.05
CA GLU C 86 -1.95 -17.52 15.33
C GLU C 86 -2.55 -16.16 15.71
N ILE C 87 -2.57 -15.19 14.80
CA ILE C 87 -3.11 -13.87 15.12
C ILE C 87 -4.52 -13.91 15.73
N ARG C 88 -5.34 -14.87 15.33
CA ARG C 88 -6.65 -15.13 15.92
C ARG C 88 -6.49 -16.13 17.07
N LYS C 89 -5.87 -17.27 16.78
CA LYS C 89 -5.82 -18.47 17.58
C LYS C 89 -5.10 -18.25 18.91
N LYS C 90 -4.19 -17.28 19.02
CA LYS C 90 -2.80 -17.59 19.33
C LYS C 90 -2.64 -18.81 20.24
N LYS C 91 -3.06 -18.77 21.51
CA LYS C 91 -2.98 -19.90 22.43
C LYS C 91 -4.35 -20.06 23.15
N ASP C 92 -5.43 -20.02 22.36
CA ASP C 92 -6.85 -20.19 22.69
C ASP C 92 -7.07 -21.57 23.33
N LEU C 93 -6.62 -21.69 24.56
CA LEU C 93 -6.47 -22.91 25.32
C LEU C 93 -6.01 -22.49 26.72
N LYS C 94 -4.94 -21.68 26.79
CA LYS C 94 -4.47 -21.06 28.02
C LYS C 94 -4.50 -19.53 27.94
N ILE C 95 -4.08 -18.94 26.81
CA ILE C 95 -3.85 -17.50 26.69
C ILE C 95 -4.37 -17.01 25.33
N ARG C 96 -5.43 -16.21 25.21
CA ARG C 96 -6.44 -15.75 26.17
C ARG C 96 -7.49 -14.84 25.47
N DLY C 97 -7.14 -13.84 24.64
CA DLY C 97 -5.87 -13.38 24.08
C DLY C 97 -6.21 -12.68 22.74
O DLY C 97 -6.95 -13.30 21.97
CB DLY C 97 -4.99 -12.70 25.14
CG DLY C 97 -5.60 -11.54 25.98
CD DLY C 97 -4.47 -10.77 26.71
CE DLY C 97 -4.40 -9.26 26.43
NZ DLY C 97 -5.44 -8.45 27.10
H DLY C 97 -7.91 -13.32 24.34
HA DLY C 97 -6.56 -12.44 24.27
HB2 DLY C 97 -4.67 -13.45 25.84
HB3 DLY C 97 -4.11 -12.31 24.65
HG2 DLY C 97 -6.13 -10.86 25.31
HG3 DLY C 97 -6.29 -11.95 26.70
HD2 DLY C 97 -4.62 -10.91 27.77
HD3 DLY C 97 -3.53 -11.22 26.44
HE2 DLY C 97 -3.43 -8.91 26.77
HE3 DLY C 97 -4.47 -9.12 25.36
HZ1 DLY C 97 -5.32 -7.46 26.87
HZ2 DLY C 97 -5.37 -8.57 28.14
HZ3 DLY C 97 -6.38 -8.77 26.79
N DLY C 98 -5.81 -11.47 22.33
CA DLY C 98 -4.83 -10.55 22.85
C DLY C 98 -3.47 -10.90 22.21
O DLY C 98 -3.36 -10.77 20.97
CB DLY C 98 -5.32 -9.13 22.58
CG DLY C 98 -6.81 -8.89 22.91
CD DLY C 98 -7.08 -7.39 23.17
CE DLY C 98 -6.67 -6.49 21.99
NZ DLY C 98 -6.41 -5.11 22.43
H DLY C 98 -6.29 -11.15 21.54
HA DLY C 98 -4.84 -10.62 21.68
HB2 DLY C 98 -4.73 -8.45 23.18
HB3 DLY C 98 -5.17 -8.90 21.54
HG2 DLY C 98 -7.41 -9.22 22.08
HG3 DLY C 98 -7.07 -9.45 23.80
HD2 DLY C 98 -8.13 -7.26 23.35
HD3 DLY C 98 -6.53 -7.09 24.05
HE2 DLY C 98 -5.77 -6.89 21.54
HE3 DLY C 98 -7.47 -6.49 21.26
HZ1 DLY C 98 -6.16 -4.52 21.61
HZ2 DLY C 98 -5.62 -5.10 23.12
HZ3 DLY C 98 -7.25 -4.72 22.89
N MET D 1 -11.29 -7.72 21.69
CA MET D 1 -12.31 -7.01 20.91
C MET D 1 -11.69 -6.49 19.62
N ALA D 2 -10.64 -5.66 19.70
CA ALA D 2 -9.93 -5.16 18.52
C ALA D 2 -8.65 -4.39 18.90
N ALA D 3 -7.49 -4.86 18.43
CA ALA D 3 -6.34 -4.08 17.97
C ALA D 3 -6.07 -2.67 18.53
N GLU D 4 -5.14 -2.54 19.49
CA GLU D 4 -4.22 -1.41 19.61
C GLU D 4 -3.02 -1.67 18.66
N PRO D 5 -1.94 -0.82 18.63
CA PRO D 5 -0.75 -0.96 17.78
C PRO D 5 -0.40 -2.36 17.28
N LEU D 6 -0.09 -2.42 15.99
CA LEU D 6 0.31 -3.64 15.31
C LEU D 6 1.52 -3.32 14.43
N THR D 7 2.20 -4.34 13.91
CA THR D 7 3.37 -4.11 13.05
C THR D 7 2.93 -3.97 11.58
N GLU D 8 3.90 -3.77 10.70
CA GLU D 8 3.64 -3.59 9.27
C GLU D 8 2.80 -4.74 8.67
N LEU D 9 3.21 -5.97 8.95
CA LEU D 9 2.51 -7.14 8.42
C LEU D 9 1.14 -7.35 9.08
N GLU D 10 1.03 -6.95 10.34
CA GLU D 10 -0.24 -7.09 11.08
C GLU D 10 -1.28 -6.12 10.50
N GLU D 11 -0.84 -4.91 10.12
CA GLU D 11 -1.73 -3.95 9.46
C GLU D 11 -2.29 -4.56 8.18
N SER D 12 -1.40 -5.09 7.33
CA SER D 12 -1.77 -5.52 6.00
C SER D 12 -2.61 -6.81 6.01
N ILE D 13 -2.54 -7.64 7.05
CA ILE D 13 -3.54 -8.68 7.26
C ILE D 13 -4.84 -8.09 7.81
N GLU D 14 -4.79 -7.03 8.63
CA GLU D 14 -6.01 -6.35 9.06
C GLU D 14 -6.78 -5.81 7.86
N THR D 15 -6.14 -5.00 7.01
CA THR D 15 -6.84 -4.25 5.96
C THR D 15 -7.79 -5.15 5.14
N VAL D 16 -7.36 -6.37 4.84
CA VAL D 16 -8.20 -7.33 4.12
C VAL D 16 -9.30 -7.90 5.02
N VAL D 17 -9.03 -8.14 6.31
CA VAL D 17 -10.04 -8.56 7.27
C VAL D 17 -11.13 -7.49 7.39
N THR D 18 -10.72 -6.21 7.38
CA THR D 18 -11.68 -5.09 7.45
C THR D 18 -12.73 -5.20 6.31
N THR D 19 -12.33 -5.81 5.17
CA THR D 19 -13.25 -6.02 4.05
C THR D 19 -14.23 -7.12 4.46
N PHE D 20 -13.63 -8.21 4.95
CA PHE D 20 -14.34 -9.36 5.49
C PHE D 20 -15.40 -8.91 6.50
N PHE D 21 -14.94 -8.14 7.49
CA PHE D 21 -15.76 -7.64 8.60
C PHE D 21 -16.93 -6.76 8.15
N THR D 22 -16.74 -5.95 7.12
CA THR D 22 -17.82 -5.06 6.67
C THR D 22 -18.76 -5.72 5.66
N PHE D 23 -18.54 -6.99 5.39
CA PHE D 23 -19.40 -7.71 4.47
C PHE D 23 -20.17 -8.79 5.22
N ALA D 24 -19.59 -9.23 6.33
CA ALA D 24 -20.20 -10.26 7.16
C ALA D 24 -21.12 -9.69 8.22
N ARG D 25 -21.11 -8.37 8.38
CA ARG D 25 -22.03 -7.71 9.34
C ARG D 25 -23.41 -7.44 8.72
N GLN D 26 -23.69 -8.06 7.56
CA GLN D 26 -24.95 -7.86 6.83
C GLN D 26 -26.17 -8.37 7.62
N GLU D 27 -26.49 -9.67 7.48
CA GLU D 27 -27.61 -10.29 8.20
C GLU D 27 -27.18 -10.49 9.65
N GLY D 28 -27.13 -11.73 10.14
CA GLY D 28 -26.60 -11.88 11.48
C GLY D 28 -25.11 -11.54 11.49
N ARG D 29 -24.58 -11.24 12.68
CA ARG D 29 -23.29 -11.72 13.14
C ARG D 29 -22.13 -11.49 12.17
N LYS D 30 -21.29 -10.51 12.54
CA LYS D 30 -20.11 -10.11 11.75
C LYS D 30 -18.94 -11.09 11.88
N ASP D 31 -18.95 -11.91 12.93
CA ASP D 31 -17.91 -12.90 13.17
C ASP D 31 -18.00 -14.13 12.25
N SER D 32 -19.11 -14.32 11.50
CA SER D 32 -19.27 -15.42 10.56
C SER D 32 -19.76 -14.92 9.20
N LEU D 33 -19.20 -15.47 8.11
CA LEU D 33 -19.74 -15.24 6.79
C LEU D 33 -21.05 -16.03 6.66
N SER D 34 -22.04 -15.36 6.10
CA SER D 34 -23.38 -15.83 5.84
C SER D 34 -23.61 -15.78 4.32
N VAL D 35 -24.61 -16.50 3.76
CA VAL D 35 -24.67 -16.68 2.31
C VAL D 35 -25.66 -15.72 1.64
N ASN D 36 -25.49 -14.45 1.99
CA ASN D 36 -25.65 -13.27 1.17
C ASN D 36 -24.80 -12.20 1.85
N GLU D 37 -23.53 -12.64 1.95
CA GLU D 37 -22.38 -11.93 2.48
C GLU D 37 -21.16 -12.51 1.72
N PHE D 38 -21.17 -13.86 1.59
CA PHE D 38 -20.19 -14.60 0.82
C PHE D 38 -20.43 -14.38 -0.67
N LYS D 39 -21.64 -14.72 -1.17
CA LYS D 39 -21.89 -14.61 -2.60
C LYS D 39 -21.72 -13.16 -3.05
N GLU D 40 -22.13 -12.21 -2.21
CA GLU D 40 -21.97 -10.78 -2.52
C GLU D 40 -20.49 -10.41 -2.54
N LEU D 41 -19.69 -11.08 -1.69
CA LEU D 41 -18.25 -10.83 -1.60
C LEU D 41 -17.53 -11.33 -2.84
N VAL D 42 -17.81 -12.57 -3.24
CA VAL D 42 -17.19 -13.14 -4.43
C VAL D 42 -17.64 -12.41 -5.68
N THR D 43 -18.93 -12.10 -5.79
CA THR D 43 -19.46 -11.41 -6.97
C THR D 43 -18.95 -9.97 -7.11
N GLN D 44 -18.58 -9.32 -6.01
CA GLN D 44 -18.12 -7.93 -6.06
C GLN D 44 -16.59 -7.79 -5.93
N GLN D 45 -16.02 -8.36 -4.87
CA GLN D 45 -14.59 -8.23 -4.62
C GLN D 45 -13.75 -9.29 -5.32
N LEU D 46 -14.31 -10.48 -5.56
CA LEU D 46 -13.54 -11.55 -6.22
C LEU D 46 -14.20 -12.05 -7.51
N PRO D 47 -14.59 -11.16 -8.46
CA PRO D 47 -15.22 -11.60 -9.70
C PRO D 47 -14.18 -11.87 -10.81
N HIS D 48 -13.00 -11.28 -10.66
CA HIS D 48 -11.93 -11.46 -11.62
C HIS D 48 -10.93 -12.50 -11.14
N LEU D 49 -10.54 -12.38 -9.87
CA LEU D 49 -9.59 -13.32 -9.26
C LEU D 49 -10.23 -14.70 -9.21
N LEU D 50 -11.39 -14.78 -8.56
CA LEU D 50 -12.13 -16.03 -8.48
C LEU D 50 -13.13 -16.09 -9.62
N LYS D 51 -12.75 -16.78 -10.68
CA LYS D 51 -13.61 -16.91 -11.86
C LYS D 51 -14.59 -18.06 -11.70
N ASP D 52 -15.32 -18.02 -10.58
CA ASP D 52 -16.31 -19.06 -10.28
C ASP D 52 -17.40 -18.50 -9.36
N VAL D 53 -17.97 -17.37 -9.77
CA VAL D 53 -19.03 -16.73 -9.00
C VAL D 53 -20.35 -17.50 -9.13
N GLY D 54 -20.48 -18.27 -10.20
CA GLY D 54 -21.68 -19.05 -10.43
C GLY D 54 -21.62 -20.41 -9.73
N SER D 55 -20.43 -20.78 -9.25
CA SER D 55 -20.25 -22.06 -8.57
C SER D 55 -19.67 -21.88 -7.16
N LEU D 56 -20.14 -20.82 -6.48
CA LEU D 56 -19.73 -20.53 -5.12
C LEU D 56 -20.12 -21.69 -4.22
N ASP D 57 -21.35 -22.16 -4.32
CA ASP D 57 -21.97 -23.21 -3.53
C ASP D 57 -21.03 -24.42 -3.32
N GLU D 58 -20.33 -24.78 -4.40
CA GLU D 58 -19.35 -25.86 -4.38
C GLU D 58 -18.20 -25.51 -3.44
N LYS D 59 -17.71 -24.27 -3.55
CA LYS D 59 -16.63 -23.77 -2.69
C LYS D 59 -17.11 -23.71 -1.25
N MET D 60 -18.30 -23.11 -1.05
CA MET D 60 -18.95 -23.04 0.24
C MET D 60 -18.96 -24.41 0.92
N LYS D 61 -19.47 -25.43 0.23
CA LYS D 61 -19.51 -26.78 0.78
C LYS D 61 -18.09 -27.25 1.15
N SER D 62 -17.12 -27.00 0.27
CA SER D 62 -15.72 -27.36 0.50
C SER D 62 -15.14 -26.61 1.71
N LEU D 63 -15.51 -25.35 1.89
CA LEU D 63 -15.04 -24.48 2.95
C LEU D 63 -15.62 -24.93 4.30
N ASP D 64 -16.95 -24.98 4.37
CA ASP D 64 -17.75 -24.99 5.59
C ASP D 64 -17.48 -26.13 6.57
N VAL D 65 -16.74 -27.17 6.16
CA VAL D 65 -17.00 -28.61 6.25
C VAL D 65 -17.73 -29.17 7.49
N ASN D 66 -17.73 -28.48 8.63
CA ASN D 66 -18.68 -28.82 9.68
C ASN D 66 -20.12 -28.70 9.15
N GLN D 67 -20.32 -27.87 8.12
CA GLN D 67 -21.56 -27.72 7.37
C GLN D 67 -22.66 -27.08 8.25
N ASP D 68 -22.28 -26.40 9.33
CA ASP D 68 -23.18 -25.54 10.08
C ASP D 68 -23.69 -24.39 9.21
N SER D 69 -23.01 -24.12 8.09
CA SER D 69 -23.33 -23.06 7.15
C SER D 69 -23.10 -21.66 7.73
N GLU D 70 -22.44 -21.56 8.88
CA GLU D 70 -21.69 -20.38 9.25
C GLU D 70 -20.29 -20.62 8.70
N LEU D 71 -19.89 -19.85 7.69
CA LEU D 71 -18.53 -19.89 7.20
C LEU D 71 -17.69 -19.21 8.29
N LYS D 72 -17.01 -20.02 9.09
CA LYS D 72 -16.55 -19.64 10.42
C LYS D 72 -15.25 -18.85 10.32
N PHE D 73 -14.78 -18.31 11.44
CA PHE D 73 -13.62 -17.42 11.53
C PHE D 73 -12.38 -18.31 11.52
N ASN D 74 -12.11 -18.83 10.32
CA ASN D 74 -11.17 -19.83 9.83
C ASN D 74 -11.92 -21.17 9.70
N GLU D 75 -13.07 -21.18 9.04
CA GLU D 75 -13.27 -21.84 7.76
C GLU D 75 -12.96 -20.85 6.64
N TYR D 76 -13.74 -19.75 6.63
CA TYR D 76 -13.79 -18.73 5.58
C TYR D 76 -12.41 -18.42 5.03
N TRP D 77 -11.49 -18.11 5.94
CA TRP D 77 -10.16 -17.63 5.64
C TRP D 77 -9.50 -18.39 4.49
N ARG D 78 -9.70 -19.72 4.44
CA ARG D 78 -9.23 -20.58 3.37
C ARG D 78 -9.39 -19.91 2.00
N LEU D 79 -10.54 -19.28 1.74
CA LEU D 79 -10.83 -18.61 0.48
C LEU D 79 -9.68 -17.69 0.05
N ILE D 80 -9.22 -16.83 0.96
CA ILE D 80 -8.15 -15.87 0.70
C ILE D 80 -6.90 -16.67 0.27
N GLY D 81 -6.76 -17.90 0.78
CA GLY D 81 -5.72 -18.85 0.49
C GLY D 81 -5.78 -19.36 -0.91
N GLU D 82 -7.00 -19.67 -1.32
CA GLU D 82 -7.25 -20.22 -2.62
C GLU D 82 -6.98 -19.11 -3.63
N LEU D 83 -7.50 -17.90 -3.43
CA LEU D 83 -7.05 -16.78 -4.28
C LEU D 83 -5.52 -16.60 -4.24
N ALA D 84 -4.93 -16.62 -3.03
CA ALA D 84 -3.49 -16.44 -2.88
C ALA D 84 -2.71 -17.43 -3.75
N LYS D 85 -3.02 -18.72 -3.68
CA LYS D 85 -2.35 -19.67 -4.56
C LYS D 85 -2.81 -19.48 -6.02
N GLU D 86 -4.09 -19.23 -6.30
CA GLU D 86 -4.68 -19.13 -7.64
C GLU D 86 -3.80 -18.30 -8.58
N ILE D 87 -3.33 -17.14 -8.11
CA ILE D 87 -2.46 -16.28 -8.90
C ILE D 87 -1.27 -17.06 -9.50
N ARG D 88 -0.70 -17.97 -8.71
CA ARG D 88 0.31 -18.94 -9.12
C ARG D 88 -0.31 -20.18 -9.79
N LYS D 89 -1.46 -20.64 -9.29
CA LYS D 89 -2.00 -21.98 -9.51
C LYS D 89 -3.32 -21.93 -10.26
N LYS D 90 -3.25 -21.75 -11.57
CA LYS D 90 -4.34 -21.66 -12.53
C LYS D 90 -5.51 -22.61 -12.21
N LYS D 91 -5.25 -23.93 -12.07
CA LYS D 91 -6.32 -24.89 -11.74
C LYS D 91 -5.80 -26.15 -11.02
N ASP D 92 -4.49 -26.26 -10.82
CA ASP D 92 -3.80 -27.54 -10.85
C ASP D 92 -3.70 -28.14 -9.45
N LEU D 93 -4.82 -28.19 -8.73
CA LEU D 93 -4.88 -28.70 -7.36
C LEU D 93 -5.25 -30.19 -7.32
N DLY D 94 -6.36 -30.55 -7.96
CA DLY D 94 -7.02 -31.83 -7.77
C DLY D 94 -7.18 -32.19 -6.28
O DLY D 94 -8.08 -31.66 -5.62
CB DLY D 94 -8.41 -31.78 -8.43
CG DLY D 94 -9.14 -30.46 -8.10
CD DLY D 94 -10.67 -30.58 -7.96
CE DLY D 94 -11.16 -30.98 -6.55
NZ DLY D 94 -10.65 -32.28 -6.07
H DLY D 94 -6.75 -29.92 -8.59
HA DLY D 94 -7.40 -30.98 -7.11
HB2 DLY D 94 -8.29 -31.85 -9.50
HB3 DLY D 94 -9.01 -32.60 -8.07
HG2 DLY D 94 -8.77 -30.06 -7.18
HG3 DLY D 94 -8.93 -29.76 -8.90
HD2 DLY D 94 -11.10 -29.63 -8.21
HD3 DLY D 94 -11.01 -31.32 -8.67
HE2 DLY D 94 -10.85 -30.22 -5.86
HE3 DLY D 94 -12.24 -31.01 -6.58
HZ1 DLY D 94 -11.01 -32.47 -5.12
HZ2 DLY D 94 -9.61 -32.27 -6.04
HZ3 DLY D 94 -10.96 -33.04 -6.71
N ILE D 95 -6.36 -33.11 -5.77
CA ILE D 95 -6.50 -33.80 -4.48
C ILE D 95 -7.86 -34.51 -4.29
N ARG D 96 -7.82 -35.58 -3.49
CA ARG D 96 -8.94 -36.40 -3.06
C ARG D 96 -8.40 -37.26 -1.93
N LYS D 97 -9.05 -37.28 -0.76
CA LYS D 97 -8.44 -37.75 0.49
C LYS D 97 -9.55 -37.72 1.54
N LYS D 98 -9.81 -38.84 2.22
CA LYS D 98 -10.61 -38.92 3.42
C LYS D 98 -9.62 -39.06 4.59
N TYR E 1 -26.01 32.67 8.62
CA TYR E 1 -26.79 32.77 7.36
C TYR E 1 -27.22 31.38 6.89
N LYS E 2 -28.09 30.73 7.68
CA LYS E 2 -28.57 29.39 7.36
C LYS E 2 -29.08 29.33 5.92
N LYS E 3 -28.31 28.67 5.06
CA LYS E 3 -28.65 28.54 3.65
C LYS E 3 -27.95 27.31 3.06
N PRO E 4 -28.05 27.10 1.72
CA PRO E 4 -27.43 25.99 1.01
C PRO E 4 -26.29 25.31 1.78
N LYS E 5 -26.58 24.13 2.31
CA LYS E 5 -25.59 23.37 3.07
C LYS E 5 -24.94 22.33 2.15
N LEU E 6 -23.71 22.59 1.76
CA LEU E 6 -22.98 21.67 0.88
C LEU E 6 -22.35 20.55 1.70
N LEU E 7 -22.48 19.32 1.21
CA LEU E 7 -21.93 18.15 1.91
C LEU E 7 -21.41 17.13 0.90
N TYR E 8 -20.23 16.57 1.19
CA TYR E 8 -19.62 15.56 0.33
C TYR E 8 -18.60 14.75 1.13
N CYS E 9 -18.06 13.70 0.54
CA CYS E 9 -17.08 12.86 1.23
C CYS E 9 -16.07 12.27 0.25
N SER E 10 -14.97 11.74 0.80
CA SER E 10 -13.89 11.15 0.02
C SER E 10 -13.06 12.24 -0.62
N ASN E 11 -11.77 12.26 -0.30
CA ASN E 11 -10.86 13.26 -0.83
C ASN E 11 -11.00 13.34 -2.35
N GLY E 12 -11.23 14.53 -2.86
CA GLY E 12 -11.38 14.73 -4.28
C GLY E 12 -12.57 15.60 -4.62
N GLY E 13 -12.38 16.51 -5.56
CA GLY E 13 -13.45 17.39 -5.97
C GLY E 13 -14.70 16.65 -6.39
N HIS E 14 -15.71 16.64 -5.53
CA HIS E 14 -16.99 15.98 -5.79
C HIS E 14 -18.03 16.47 -4.79
N PHE E 15 -19.13 17.03 -5.30
CA PHE E 15 -20.19 17.54 -4.43
C PHE E 15 -21.49 16.79 -4.69
N LEU E 16 -22.33 16.68 -3.66
CA LEU E 16 -23.61 15.99 -3.78
C LEU E 16 -24.60 16.84 -4.55
N ARG E 17 -24.78 16.54 -5.84
CA ARG E 17 -25.71 17.30 -6.66
C ARG E 17 -27.06 16.60 -6.72
N ILE E 18 -28.04 17.18 -6.04
CA ILE E 18 -29.37 16.61 -5.97
C ILE E 18 -30.25 17.11 -7.13
N LEU E 19 -31.09 16.21 -7.63
CA LEU E 19 -32.00 16.54 -8.71
C LEU E 19 -33.40 16.07 -8.37
N PRO E 20 -34.43 16.88 -8.70
CA PRO E 20 -35.84 16.55 -8.41
C PRO E 20 -36.19 15.11 -8.77
N ASP E 21 -35.51 14.58 -9.78
CA ASP E 21 -35.70 13.21 -10.22
C ASP E 21 -35.42 12.21 -9.10
N GLY E 22 -34.34 12.46 -8.36
CA GLY E 22 -33.96 11.58 -7.28
C GLY E 22 -32.54 11.07 -7.42
N THR E 23 -32.10 10.88 -8.66
CA THR E 23 -30.75 10.39 -8.92
C THR E 23 -29.70 11.45 -8.60
N VAL E 24 -29.30 11.51 -7.34
CA VAL E 24 -28.29 12.46 -6.89
C VAL E 24 -26.90 11.85 -7.08
N ASP E 25 -25.99 12.62 -7.67
CA ASP E 25 -24.61 12.16 -7.89
C ASP E 25 -23.60 13.13 -7.33
N GLY E 26 -22.36 12.68 -7.22
CA GLY E 26 -21.29 13.50 -6.68
C GLY E 26 -20.67 14.40 -7.72
N THR E 27 -21.44 15.34 -8.23
CA THR E 27 -20.97 16.27 -9.25
C THR E 27 -19.94 17.22 -8.68
N ARG E 28 -18.80 17.34 -9.34
CA ARG E 28 -17.75 18.23 -8.87
C ARG E 28 -17.87 19.60 -9.54
N ASP E 29 -18.94 20.30 -9.21
CA ASP E 29 -19.19 21.63 -9.78
C ASP E 29 -19.94 22.50 -8.79
N ARG E 30 -19.73 23.81 -8.89
CA ARG E 30 -20.40 24.77 -8.02
C ARG E 30 -20.96 25.95 -8.83
N SER E 31 -21.19 25.70 -10.12
CA SER E 31 -21.72 26.71 -11.02
C SER E 31 -23.24 26.65 -11.05
N ASP E 32 -23.77 25.43 -11.11
CA ASP E 32 -25.22 25.23 -11.13
C ASP E 32 -25.74 24.95 -9.72
N GLN E 33 -26.73 25.73 -9.30
CA GLN E 33 -27.31 25.58 -7.97
C GLN E 33 -28.08 24.26 -7.83
N HIS E 34 -27.34 23.17 -7.70
CA HIS E 34 -27.97 21.85 -7.52
C HIS E 34 -27.15 20.96 -6.57
N ILE E 35 -26.24 21.57 -5.81
CA ILE E 35 -25.41 20.84 -4.86
C ILE E 35 -25.53 21.43 -3.46
N GLN E 36 -26.77 21.75 -3.07
CA GLN E 36 -27.03 22.33 -1.76
C GLN E 36 -28.29 21.74 -1.14
N LEU E 37 -28.19 21.36 0.12
CA LEU E 37 -29.31 20.81 0.85
C LEU E 37 -29.51 21.56 2.17
N GLN E 38 -30.73 21.56 2.68
CA GLN E 38 -31.02 22.26 3.93
C GLN E 38 -30.80 21.33 5.12
N LEU E 39 -29.53 21.06 5.42
CA LEU E 39 -29.16 20.22 6.54
C LEU E 39 -29.35 20.97 7.85
N SER E 40 -30.07 20.36 8.78
CA SER E 40 -30.33 20.98 10.08
C SER E 40 -30.74 19.92 11.10
N ALA E 41 -30.53 20.23 12.38
CA ALA E 41 -30.88 19.32 13.46
C ALA E 41 -32.35 19.53 13.82
N GLU E 42 -33.20 18.61 13.37
CA GLU E 42 -34.63 18.70 13.64
C GLU E 42 -34.92 18.40 15.11
N SER E 43 -34.46 17.25 15.57
CA SER E 43 -34.65 16.84 16.94
C SER E 43 -33.30 16.71 17.64
N VAL E 44 -33.31 16.45 18.94
CA VAL E 44 -32.07 16.30 19.71
C VAL E 44 -31.14 15.27 19.06
N GLY E 45 -30.23 15.76 18.24
CA GLY E 45 -29.28 14.90 17.57
C GLY E 45 -29.77 14.39 16.22
N GLU E 46 -31.08 14.52 15.96
CA GLU E 46 -31.65 14.06 14.70
C GLU E 46 -31.58 15.14 13.64
N VAL E 47 -30.71 14.94 12.65
CA VAL E 47 -30.55 15.89 11.56
C VAL E 47 -31.22 15.38 10.31
N TYR E 48 -31.82 16.28 9.55
CA TYR E 48 -32.51 15.91 8.31
C TYR E 48 -31.82 16.53 7.10
N ILE E 49 -31.88 15.82 5.98
CA ILE E 49 -31.29 16.27 4.74
C ILE E 49 -32.39 16.55 3.72
N LYS E 50 -32.70 17.82 3.53
CA LYS E 50 -33.73 18.22 2.60
C LYS E 50 -33.24 19.32 1.67
N SER E 51 -33.13 19.00 0.38
CA SER E 51 -32.68 19.97 -0.61
C SER E 51 -33.85 20.83 -1.06
N THR E 52 -34.44 21.54 -0.09
CA THR E 52 -35.59 22.39 -0.34
C THR E 52 -35.35 23.39 -1.46
N GLU E 53 -34.51 24.38 -1.21
CA GLU E 53 -34.22 25.43 -2.19
C GLU E 53 -33.18 24.99 -3.22
N THR E 54 -33.45 23.87 -3.91
CA THR E 54 -32.53 23.37 -4.93
C THR E 54 -32.96 22.03 -5.52
N GLY E 55 -33.45 21.12 -4.67
CA GLY E 55 -33.84 19.82 -5.18
C GLY E 55 -35.08 19.26 -4.53
N GLN E 56 -34.89 18.20 -3.74
CA GLN E 56 -35.99 17.50 -3.10
C GLN E 56 -35.60 17.01 -1.71
N TYR E 57 -36.53 16.30 -1.06
CA TYR E 57 -36.29 15.73 0.26
C TYR E 57 -35.75 14.32 0.11
N LEU E 58 -34.86 13.92 1.02
CA LEU E 58 -34.28 12.58 0.95
C LEU E 58 -35.20 11.53 1.57
N ALA E 59 -35.04 10.29 1.12
CA ALA E 59 -35.83 9.16 1.60
C ALA E 59 -35.09 7.86 1.28
N MET E 60 -34.16 7.50 2.16
CA MET E 60 -33.35 6.30 1.99
C MET E 60 -34.21 5.06 1.71
N ASP E 61 -33.71 4.19 0.85
CA ASP E 61 -34.40 2.96 0.51
C ASP E 61 -33.88 1.85 1.43
N THR E 62 -34.44 1.79 2.63
CA THR E 62 -34.03 0.79 3.60
C THR E 62 -32.55 0.96 3.93
N ASP E 63 -32.08 2.21 3.93
CA ASP E 63 -30.67 2.53 4.18
C ASP E 63 -29.79 2.03 3.03
N GLY E 64 -29.92 0.75 2.69
CA GLY E 64 -29.17 0.15 1.61
C GLY E 64 -28.87 1.12 0.48
N LEU E 65 -29.93 1.70 -0.09
CA LEU E 65 -29.79 2.66 -1.17
C LEU E 65 -30.31 4.02 -0.72
N LEU E 66 -29.53 5.07 -0.98
CA LEU E 66 -29.90 6.41 -0.60
C LEU E 66 -30.54 7.14 -1.77
N TYR E 67 -31.72 7.72 -1.54
CA TYR E 67 -32.43 8.46 -2.57
C TYR E 67 -33.35 9.50 -1.93
N GLY E 68 -34.01 10.29 -2.76
CA GLY E 68 -34.92 11.31 -2.26
C GLY E 68 -35.62 12.03 -3.39
N SER E 69 -36.88 12.39 -3.17
CA SER E 69 -37.67 13.11 -4.18
C SER E 69 -39.13 13.22 -3.78
N GLN E 70 -39.79 12.07 -3.65
CA GLN E 70 -41.22 12.04 -3.32
C GLN E 70 -41.51 12.64 -1.94
N THR E 71 -41.13 11.95 -0.87
CA THR E 71 -41.39 12.44 0.48
C THR E 71 -40.25 12.14 1.45
N PRO E 72 -40.04 13.04 2.44
CA PRO E 72 -38.99 12.88 3.44
C PRO E 72 -39.39 11.86 4.51
N ASN E 73 -39.41 10.58 4.11
CA ASN E 73 -39.79 9.51 5.02
C ASN E 73 -38.80 9.40 6.18
N GLU E 74 -39.26 8.81 7.30
CA GLU E 74 -38.40 8.65 8.49
C GLU E 74 -37.00 8.18 8.11
N GLU E 75 -36.91 7.38 7.04
CA GLU E 75 -35.62 6.90 6.54
C GLU E 75 -34.61 8.06 6.43
N CYS E 76 -35.12 9.28 6.26
CA CYS E 76 -34.26 10.46 6.12
C CYS E 76 -33.82 11.05 7.47
N LEU E 77 -34.19 10.42 8.59
CA LEU E 77 -33.78 10.93 9.90
C LEU E 77 -32.44 10.31 10.31
N PHE E 78 -31.43 11.15 10.51
CA PHE E 78 -30.10 10.68 10.88
C PHE E 78 -29.58 11.37 12.12
N LEU E 79 -28.81 10.64 12.92
CA LEU E 79 -28.22 11.17 14.14
C LEU E 79 -26.92 11.91 13.80
N GLU E 80 -26.83 13.17 14.21
CA GLU E 80 -25.65 13.97 13.93
C GLU E 80 -24.47 13.58 14.83
N ARG E 81 -23.42 13.08 14.20
CA ARG E 81 -22.22 12.67 14.92
C ARG E 81 -20.98 13.30 14.27
N LEU E 82 -19.95 13.54 15.07
CA LEU E 82 -18.73 14.16 14.57
C LEU E 82 -17.52 13.26 14.84
N GLU E 83 -16.61 13.19 13.88
CA GLU E 83 -15.40 12.37 14.03
C GLU E 83 -14.18 13.27 14.09
N GLU E 84 -13.22 12.92 14.94
CA GLU E 84 -11.99 13.69 15.08
C GLU E 84 -11.09 13.50 13.87
N ASN E 85 -11.65 13.74 12.69
CA ASN E 85 -10.92 13.58 11.43
C ASN E 85 -11.38 14.66 10.44
N HIS E 86 -11.95 15.76 10.97
CA HIS E 86 -12.45 16.85 10.14
C HIS E 86 -13.56 16.37 9.21
N TYR E 87 -14.47 15.56 9.74
CA TYR E 87 -15.58 15.03 8.97
C TYR E 87 -16.83 14.85 9.84
N ASN E 88 -17.98 14.89 9.20
CA ASN E 88 -19.26 14.75 9.88
C ASN E 88 -19.81 13.33 9.67
N THR E 89 -20.51 12.82 10.67
CA THR E 89 -21.09 11.49 10.61
C THR E 89 -22.59 11.57 10.90
N TYR E 90 -23.38 10.84 10.12
CA TYR E 90 -24.82 10.84 10.30
C TYR E 90 -25.33 9.41 10.37
N ILE E 91 -25.89 9.04 11.52
CA ILE E 91 -26.39 7.68 11.71
C ILE E 91 -27.87 7.58 11.40
N SER E 92 -28.21 6.79 10.39
CA SER E 92 -29.60 6.59 9.99
C SER E 92 -30.32 5.79 11.08
N LYS E 93 -30.72 6.48 12.15
CA LYS E 93 -31.41 5.84 13.27
C LYS E 93 -32.47 4.86 12.77
N LYS E 94 -33.12 5.19 11.65
CA LYS E 94 -34.13 4.32 11.07
C LYS E 94 -33.59 2.90 10.87
N HIS E 95 -32.27 2.79 10.66
CA HIS E 95 -31.64 1.48 10.46
C HIS E 95 -30.44 1.29 11.40
N ALA E 96 -30.29 2.19 12.37
CA ALA E 96 -29.20 2.10 13.33
C ALA E 96 -29.16 0.71 13.96
N GLU E 97 -30.34 0.09 14.09
CA GLU E 97 -30.46 -1.26 14.64
C GLU E 97 -29.48 -2.22 13.97
N LYS E 98 -29.23 -2.04 12.68
CA LYS E 98 -28.30 -2.91 11.94
C LYS E 98 -26.92 -2.28 11.81
N ASN E 99 -26.67 -1.24 12.60
CA ASN E 99 -25.40 -0.50 12.58
C ASN E 99 -25.15 0.10 11.20
N TRP E 100 -26.18 0.71 10.65
CA TRP E 100 -26.11 1.31 9.33
C TRP E 100 -26.17 2.84 9.40
N PHE E 101 -25.15 3.49 8.84
CA PHE E 101 -25.12 4.95 8.82
C PHE E 101 -24.71 5.47 7.44
N VAL E 102 -25.64 6.25 6.84
CA VAL E 102 -25.51 6.85 5.49
C VAL E 102 -24.09 6.88 4.94
N GLY E 103 -23.92 6.25 3.78
CA GLY E 103 -22.63 6.22 3.10
C GLY E 103 -22.81 6.36 1.60
N LEU E 104 -22.03 7.24 0.98
CA LEU E 104 -22.13 7.48 -0.46
C LEU E 104 -20.83 7.16 -1.19
N LYS E 105 -20.92 6.95 -2.49
CA LYS E 105 -19.78 6.65 -3.33
C LYS E 105 -19.38 7.89 -4.13
N LYS E 106 -18.30 8.55 -3.71
CA LYS E 106 -17.80 9.76 -4.36
C LYS E 106 -17.87 9.65 -5.90
N ASN E 107 -17.46 8.51 -6.42
CA ASN E 107 -17.46 8.28 -7.86
C ASN E 107 -18.55 7.27 -8.25
N GLY E 108 -19.69 7.32 -7.57
CA GLY E 108 -20.76 6.40 -7.88
C GLY E 108 -22.14 6.98 -7.59
N SER E 109 -22.30 7.46 -6.35
CA SER E 109 -23.56 8.07 -5.87
C SER E 109 -23.81 7.60 -4.44
N CYS E 110 -24.85 8.11 -3.81
CA CYS E 110 -25.18 7.74 -2.44
C CYS E 110 -26.02 6.46 -2.41
N LYS E 111 -25.38 5.34 -2.10
CA LYS E 111 -26.07 4.05 -2.02
C LYS E 111 -25.09 2.95 -1.64
N ARG E 112 -24.77 2.87 -0.35
CA ARG E 112 -23.83 1.87 0.17
C ARG E 112 -24.25 1.38 1.55
N GLY E 113 -25.56 1.40 1.80
CA GLY E 113 -26.12 0.96 3.07
C GLY E 113 -25.70 -0.43 3.52
N PRO E 114 -25.60 -1.46 2.63
CA PRO E 114 -25.20 -2.80 3.03
C PRO E 114 -23.72 -2.89 3.41
N ARG E 115 -23.03 -1.75 3.42
CA ARG E 115 -21.61 -1.69 3.78
C ARG E 115 -21.33 -0.46 4.64
N THR E 116 -22.36 0.11 5.25
CA THR E 116 -22.20 1.30 6.09
C THR E 116 -21.77 0.96 7.52
N HIS E 117 -20.49 0.64 7.68
CA HIS E 117 -19.93 0.31 8.99
C HIS E 117 -18.49 0.80 9.07
N TYR E 118 -17.68 0.21 9.93
CA TYR E 118 -16.29 0.62 10.07
C TYR E 118 -15.42 -0.03 9.00
N GLY E 119 -15.54 0.49 7.78
CA GLY E 119 -14.78 0.00 6.65
C GLY E 119 -14.75 1.03 5.55
N GLN E 120 -15.94 1.41 5.07
CA GLN E 120 -16.07 2.42 4.05
C GLN E 120 -15.91 3.79 4.71
N LYS E 121 -14.83 4.49 4.37
CA LYS E 121 -14.54 5.78 4.99
C LYS E 121 -15.46 6.88 4.45
N ALA E 122 -16.09 6.62 3.30
CA ALA E 122 -17.01 7.57 2.67
C ALA E 122 -18.09 8.05 3.66
N ILE E 123 -18.26 7.34 4.76
CA ILE E 123 -19.24 7.72 5.77
C ILE E 123 -18.84 9.05 6.45
N LEU E 124 -17.55 9.36 6.43
CA LEU E 124 -17.05 10.59 7.03
C LEU E 124 -17.18 11.73 6.02
N PHE E 125 -18.33 12.39 6.05
CA PHE E 125 -18.61 13.48 5.12
C PHE E 125 -17.96 14.79 5.56
N LEU E 126 -17.58 15.59 4.58
CA LEU E 126 -16.96 16.89 4.82
C LEU E 126 -17.95 17.99 4.43
N PRO E 127 -18.53 18.67 5.42
CA PRO E 127 -19.51 19.73 5.20
C PRO E 127 -18.88 21.11 4.97
N LEU E 128 -19.48 21.88 4.06
CA LEU E 128 -19.04 23.23 3.76
C LEU E 128 -20.23 24.19 3.76
N PRO E 129 -21.07 24.13 4.81
CA PRO E 129 -22.26 24.97 4.92
C PRO E 129 -21.96 26.38 5.43
N VAL E 130 -22.81 27.32 5.05
CA VAL E 130 -22.65 28.71 5.48
C VAL E 130 -23.21 28.88 6.90
N SER E 131 -22.36 28.64 7.88
CA SER E 131 -22.74 28.76 9.28
C SER E 131 -23.00 30.21 9.67
N SER E 132 -23.41 30.43 10.91
CA SER E 132 -23.67 31.76 11.42
C SER E 132 -22.61 32.15 12.45
N ASP E 133 -21.38 32.28 11.97
CA ASP E 133 -20.25 32.64 12.81
C ASP E 133 -20.01 34.14 12.78
N GLU F 1 -14.88 -2.11 -5.00
CA GLU F 1 -15.45 -2.18 -6.37
C GLU F 1 -14.37 -2.01 -7.42
N LYS F 2 -14.13 -3.05 -8.22
CA LYS F 2 -13.11 -3.01 -9.26
C LYS F 2 -13.59 -3.73 -10.53
N LEU F 3 -13.17 -3.20 -11.68
CA LEU F 3 -13.54 -3.77 -12.98
C LEU F 3 -12.32 -3.74 -13.92
N GLY F 4 -11.24 -3.10 -13.46
CA GLY F 4 -10.04 -3.02 -14.26
C GLY F 4 -9.78 -1.61 -14.74
N LYS F 5 -9.35 -1.46 -15.99
CA LYS F 5 -9.07 -0.14 -16.56
C LYS F 5 -9.45 -0.09 -18.04
N LEU F 6 -9.79 1.09 -18.52
CA LEU F 6 -10.16 1.29 -19.91
C LEU F 6 -9.48 2.53 -20.46
N GLN F 7 -8.73 2.35 -21.54
CA GLN F 7 -8.03 3.48 -22.15
C GLN F 7 -8.91 4.09 -23.23
N TYR F 8 -8.98 5.43 -23.27
CA TYR F 8 -9.82 6.10 -24.27
C TYR F 8 -9.32 7.49 -24.63
N SER F 9 -9.71 7.92 -25.83
CA SER F 9 -9.36 9.23 -26.36
C SER F 9 -10.62 9.87 -26.94
N LEU F 10 -11.21 10.81 -26.22
CA LEU F 10 -12.45 11.44 -26.66
C LEU F 10 -12.20 12.82 -27.27
N ASP F 11 -12.72 13.04 -28.48
CA ASP F 11 -12.58 14.31 -29.17
C ASP F 11 -13.97 14.89 -29.45
N TYR F 12 -14.04 16.17 -29.81
CA TYR F 12 -15.33 16.82 -30.05
C TYR F 12 -15.47 17.31 -31.48
N ASP F 13 -16.71 17.25 -31.99
CA ASP F 13 -17.03 17.72 -33.33
C ASP F 13 -17.99 18.90 -33.23
N PHE F 14 -17.60 20.03 -33.83
CA PHE F 14 -18.42 21.24 -33.79
C PHE F 14 -19.17 21.48 -35.10
N GLN F 15 -19.17 20.49 -35.99
CA GLN F 15 -19.85 20.61 -37.28
C GLN F 15 -21.21 19.90 -37.20
N ASN F 16 -21.20 18.68 -36.67
CA ASN F 16 -22.41 17.89 -36.52
C ASN F 16 -22.93 17.97 -35.08
N ASN F 17 -22.06 18.41 -34.17
CA ASN F 17 -22.39 18.56 -32.75
C ASN F 17 -22.47 17.21 -32.05
N GLN F 18 -21.33 16.53 -31.99
CA GLN F 18 -21.24 15.23 -31.34
C GLN F 18 -19.83 15.02 -30.79
N LEU F 19 -19.74 14.36 -29.65
CA LEU F 19 -18.45 14.05 -29.05
C LEU F 19 -18.03 12.66 -29.48
N LEU F 20 -16.78 12.53 -29.90
CA LEU F 20 -16.26 11.25 -30.36
C LEU F 20 -15.61 10.49 -29.22
N VAL F 21 -16.33 9.52 -28.68
CA VAL F 21 -15.82 8.71 -27.59
C VAL F 21 -15.00 7.56 -28.17
N GLY F 22 -13.74 7.84 -28.46
CA GLY F 22 -12.87 6.83 -29.02
C GLY F 22 -12.07 6.10 -27.97
N ILE F 23 -12.61 5.00 -27.47
CA ILE F 23 -11.91 4.20 -26.46
C ILE F 23 -10.92 3.26 -27.13
N ILE F 24 -9.84 2.94 -26.43
CA ILE F 24 -8.82 2.05 -26.99
C ILE F 24 -9.14 0.60 -26.67
N GLN F 25 -9.28 0.29 -25.37
CA GLN F 25 -9.58 -1.06 -24.94
C GLN F 25 -9.79 -1.10 -23.42
N ALA F 26 -10.20 -2.27 -22.93
CA ALA F 26 -10.42 -2.48 -21.51
C ALA F 26 -9.50 -3.58 -21.00
N ALA F 27 -8.96 -3.40 -19.81
CA ALA F 27 -8.04 -4.38 -19.24
C ALA F 27 -8.49 -4.84 -17.86
N GLU F 28 -8.27 -6.13 -17.58
CA GLU F 28 -8.59 -6.75 -16.29
C GLU F 28 -10.10 -6.79 -16.02
N LEU F 29 -10.88 -7.26 -16.99
CA LEU F 29 -12.32 -7.36 -16.82
C LEU F 29 -12.70 -8.63 -16.06
N PRO F 30 -13.59 -8.54 -15.07
CA PRO F 30 -14.03 -9.69 -14.27
C PRO F 30 -14.76 -10.75 -15.09
N ALA F 31 -14.82 -11.98 -14.55
CA ALA F 31 -15.47 -13.08 -15.22
C ALA F 31 -16.94 -13.19 -14.84
N LEU F 32 -17.70 -13.93 -15.65
CA LEU F 32 -19.13 -14.12 -15.42
C LEU F 32 -19.53 -15.55 -15.77
N ASP F 33 -19.03 -16.02 -16.92
CA ASP F 33 -19.33 -17.37 -17.40
C ASP F 33 -18.43 -18.40 -16.72
N MET F 34 -18.95 -19.61 -16.55
CA MET F 34 -18.21 -20.71 -15.92
C MET F 34 -16.91 -20.98 -16.67
N GLY F 35 -15.78 -20.83 -15.97
CA GLY F 35 -14.49 -21.06 -16.58
C GLY F 35 -13.49 -19.98 -16.21
N GLY F 36 -13.67 -18.79 -16.78
CA GLY F 36 -12.77 -17.69 -16.48
C GLY F 36 -12.83 -16.56 -17.48
N THR F 37 -13.94 -16.47 -18.22
CA THR F 37 -14.10 -15.42 -19.22
C THR F 37 -15.56 -15.00 -19.37
N SER F 38 -15.78 -13.80 -19.91
CA SER F 38 -17.13 -13.28 -20.13
C SER F 38 -17.26 -12.71 -21.54
N ASP F 39 -18.47 -12.28 -21.88
CA ASP F 39 -18.75 -11.67 -23.17
C ASP F 39 -19.10 -10.21 -22.96
N PRO F 40 -18.14 -9.41 -22.45
CA PRO F 40 -18.37 -7.99 -22.12
C PRO F 40 -18.48 -7.07 -23.34
N TYR F 41 -19.58 -6.33 -23.38
CA TYR F 41 -19.82 -5.35 -24.42
C TYR F 41 -20.25 -4.05 -23.74
N VAL F 42 -19.64 -2.95 -24.14
CA VAL F 42 -19.95 -1.65 -23.53
C VAL F 42 -21.24 -1.07 -24.09
N LYS F 43 -22.19 -0.80 -23.20
CA LYS F 43 -23.46 -0.21 -23.60
C LYS F 43 -23.47 1.25 -23.17
N VAL F 44 -23.24 2.13 -24.13
CA VAL F 44 -23.19 3.55 -23.87
C VAL F 44 -24.57 4.09 -23.50
N PHE F 45 -24.69 4.62 -22.30
CA PHE F 45 -25.94 5.17 -21.81
C PHE F 45 -25.75 6.62 -21.36
N LEU F 46 -26.85 7.31 -21.10
CA LEU F 46 -26.81 8.69 -20.68
C LEU F 46 -27.80 8.95 -19.55
N LEU F 47 -27.55 10.01 -18.79
CA LEU F 47 -28.42 10.42 -17.70
C LEU F 47 -29.82 10.76 -18.26
N PRO F 48 -30.75 11.29 -17.43
CA PRO F 48 -32.10 11.68 -17.85
C PRO F 48 -32.21 12.00 -19.34
N ASP F 49 -31.24 12.76 -19.85
CA ASP F 49 -31.20 13.11 -21.27
C ASP F 49 -31.64 11.93 -22.13
N LYS F 50 -31.03 10.77 -21.87
CA LYS F 50 -31.33 9.52 -22.55
C LYS F 50 -31.48 9.67 -24.09
N LYS F 51 -30.79 10.65 -24.68
CA LYS F 51 -30.87 10.84 -26.12
C LYS F 51 -29.70 10.16 -26.82
N LYS F 52 -29.58 8.86 -26.60
CA LYS F 52 -28.51 8.07 -27.21
C LYS F 52 -28.46 6.68 -26.58
N LYS F 53 -28.29 5.67 -27.42
CA LYS F 53 -28.23 4.28 -26.97
C LYS F 53 -27.55 3.42 -28.02
N PHE F 54 -26.33 2.98 -27.74
CA PHE F 54 -25.59 2.16 -28.69
C PHE F 54 -25.09 0.89 -28.02
N GLU F 55 -25.16 -0.21 -28.76
CA GLU F 55 -24.71 -1.51 -28.28
C GLU F 55 -23.48 -1.95 -29.06
N THR F 56 -22.39 -2.20 -28.35
CA THR F 56 -21.15 -2.62 -29.00
C THR F 56 -21.23 -4.08 -29.44
N LYS F 57 -20.23 -4.53 -30.19
CA LYS F 57 -20.22 -5.91 -30.68
C LYS F 57 -19.81 -6.85 -29.56
N VAL F 58 -20.66 -7.84 -29.29
CA VAL F 58 -20.37 -8.81 -28.25
C VAL F 58 -18.97 -9.37 -28.43
N HIS F 59 -18.22 -9.45 -27.34
CA HIS F 59 -16.87 -9.97 -27.37
C HIS F 59 -16.84 -11.29 -26.62
N ARG F 60 -17.09 -12.36 -27.36
CA ARG F 60 -17.15 -13.71 -26.79
C ARG F 60 -15.90 -14.09 -26.00
N LYS F 61 -16.15 -14.51 -24.75
CA LYS F 61 -15.10 -14.96 -23.83
C LYS F 61 -13.80 -14.17 -23.95
N THR F 62 -13.80 -12.96 -23.41
CA THR F 62 -12.62 -12.10 -23.45
C THR F 62 -12.66 -11.04 -22.35
N LEU F 63 -11.57 -10.97 -21.57
CA LEU F 63 -11.47 -10.03 -20.46
C LEU F 63 -10.51 -8.88 -20.80
N ASN F 64 -10.03 -8.87 -22.04
CA ASN F 64 -9.11 -7.84 -22.50
C ASN F 64 -9.24 -7.69 -24.02
N PRO F 65 -10.46 -7.43 -24.51
CA PRO F 65 -10.74 -7.30 -25.93
C PRO F 65 -10.49 -5.90 -26.48
N VAL F 66 -10.13 -5.84 -27.75
CA VAL F 66 -9.87 -4.58 -28.43
C VAL F 66 -10.84 -4.44 -29.60
N PHE F 67 -11.26 -3.23 -29.90
CA PHE F 67 -12.19 -3.00 -30.99
C PHE F 67 -12.24 -1.53 -31.38
N ASN F 68 -12.39 -0.66 -30.38
CA ASN F 68 -12.45 0.78 -30.61
C ASN F 68 -13.74 1.15 -31.33
N GLU F 69 -14.85 1.07 -30.62
CA GLU F 69 -16.14 1.41 -31.19
C GLU F 69 -16.33 2.93 -31.21
N GLN F 70 -17.10 3.42 -32.16
CA GLN F 70 -17.34 4.85 -32.30
C GLN F 70 -18.70 5.24 -31.71
N PHE F 71 -18.67 5.88 -30.55
CA PHE F 71 -19.90 6.32 -29.89
C PHE F 71 -20.14 7.80 -30.16
N THR F 72 -21.28 8.10 -30.77
CA THR F 72 -21.65 9.46 -31.09
C THR F 72 -22.51 10.08 -29.98
N PHE F 73 -21.90 10.97 -29.20
CA PHE F 73 -22.60 11.65 -28.11
C PHE F 73 -23.56 12.68 -28.68
N LYS F 74 -24.74 12.21 -29.08
CA LYS F 74 -25.77 13.08 -29.64
C LYS F 74 -26.24 14.13 -28.65
N VAL F 75 -25.60 15.29 -28.69
CA VAL F 75 -25.95 16.41 -27.82
C VAL F 75 -25.03 17.60 -28.12
N PRO F 76 -25.61 18.78 -28.33
CA PRO F 76 -24.83 19.98 -28.64
C PRO F 76 -23.77 20.26 -27.58
N TYR F 77 -22.56 20.61 -28.02
CA TYR F 77 -21.47 20.91 -27.10
C TYR F 77 -21.94 21.86 -25.99
N SER F 78 -22.74 22.85 -26.38
CA SER F 78 -23.28 23.84 -25.45
C SER F 78 -24.19 23.19 -24.40
N GLU F 79 -24.75 22.03 -24.74
CA GLU F 79 -25.65 21.30 -23.86
C GLU F 79 -24.88 20.30 -22.99
N LEU F 80 -23.76 19.79 -23.52
CA LEU F 80 -22.92 18.81 -22.82
C LEU F 80 -22.73 19.17 -21.34
N GLY F 81 -22.63 20.46 -21.05
CA GLY F 81 -22.45 20.92 -19.68
C GLY F 81 -23.41 20.26 -18.70
N GLY F 82 -24.64 19.99 -19.14
CA GLY F 82 -25.62 19.39 -18.28
C GLY F 82 -25.90 17.94 -18.60
N LYS F 83 -24.91 17.23 -19.15
CA LYS F 83 -25.08 15.82 -19.50
C LYS F 83 -23.89 14.97 -19.06
N THR F 84 -24.15 14.08 -18.11
CA THR F 84 -23.13 13.17 -17.61
C THR F 84 -23.21 11.84 -18.34
N LEU F 85 -22.23 11.55 -19.19
CA LEU F 85 -22.22 10.30 -19.94
C LEU F 85 -21.81 9.14 -19.04
N VAL F 86 -22.40 7.97 -19.29
CA VAL F 86 -22.09 6.80 -18.49
C VAL F 86 -21.82 5.60 -19.40
N MET F 87 -20.64 4.99 -19.23
CA MET F 87 -20.26 3.84 -20.03
C MET F 87 -20.29 2.59 -19.17
N ALA F 88 -21.27 1.73 -19.41
CA ALA F 88 -21.41 0.49 -18.66
C ALA F 88 -21.07 -0.71 -19.54
N VAL F 89 -20.22 -1.60 -19.03
CA VAL F 89 -19.85 -2.78 -19.77
C VAL F 89 -20.77 -3.93 -19.39
N TYR F 90 -21.55 -4.38 -20.36
CA TYR F 90 -22.50 -5.47 -20.14
C TYR F 90 -21.95 -6.78 -20.66
N ASP F 91 -22.23 -7.87 -19.95
CA ASP F 91 -21.79 -9.19 -20.36
C ASP F 91 -22.83 -9.84 -21.28
N PHE F 92 -22.40 -10.86 -22.01
CA PHE F 92 -23.28 -11.57 -22.93
C PHE F 92 -23.03 -13.07 -22.87
N ASP F 93 -22.89 -13.60 -21.65
CA ASP F 93 -22.65 -15.04 -21.44
C ASP F 93 -23.56 -15.88 -22.35
N ARG F 94 -24.81 -15.42 -22.53
CA ARG F 94 -25.80 -16.07 -23.39
C ARG F 94 -26.50 -17.23 -22.69
N PHE F 95 -26.47 -17.27 -21.35
CA PHE F 95 -27.11 -18.34 -20.61
C PHE F 95 -27.86 -17.79 -19.40
N SER F 96 -27.14 -17.13 -18.50
CA SER F 96 -27.71 -16.56 -17.29
C SER F 96 -28.13 -15.11 -17.52
N LYS F 97 -28.57 -14.44 -16.45
CA LYS F 97 -28.98 -13.05 -16.56
C LYS F 97 -27.75 -12.18 -16.73
N HIS F 98 -27.51 -11.74 -17.97
CA HIS F 98 -26.35 -10.90 -18.27
C HIS F 98 -26.19 -9.84 -17.19
N ASP F 99 -25.05 -9.82 -16.52
CA ASP F 99 -24.78 -8.87 -15.44
C ASP F 99 -23.86 -7.75 -15.90
N ILE F 100 -23.92 -6.61 -15.21
CA ILE F 100 -23.09 -5.47 -15.52
C ILE F 100 -21.79 -5.57 -14.73
N ILE F 101 -20.78 -6.18 -15.35
CA ILE F 101 -19.48 -6.37 -14.69
C ILE F 101 -18.93 -5.06 -14.13
N GLY F 102 -19.31 -3.93 -14.75
CA GLY F 102 -18.83 -2.66 -14.25
C GLY F 102 -19.16 -1.50 -15.16
N GLU F 103 -18.77 -0.29 -14.76
CA GLU F 103 -19.03 0.91 -15.54
C GLU F 103 -18.17 2.08 -15.05
N PHE F 104 -18.24 3.19 -15.76
CA PHE F 104 -17.51 4.40 -15.41
C PHE F 104 -18.21 5.62 -16.00
N LYS F 105 -18.02 6.79 -15.38
CA LYS F 105 -18.64 8.02 -15.85
C LYS F 105 -17.84 9.23 -15.39
N VAL F 106 -18.08 10.37 -16.03
CA VAL F 106 -17.38 11.60 -15.68
C VAL F 106 -18.22 12.83 -16.05
N PRO F 107 -18.27 13.82 -15.15
CA PRO F 107 -19.02 15.06 -15.37
C PRO F 107 -18.46 15.86 -16.54
N MET F 108 -19.11 15.75 -17.70
CA MET F 108 -18.65 16.44 -18.91
C MET F 108 -18.38 17.92 -18.65
N ASN F 109 -19.22 18.57 -17.84
CA ASN F 109 -19.02 19.99 -17.55
C ASN F 109 -17.60 20.26 -17.04
N THR F 110 -17.05 19.30 -16.29
CA THR F 110 -15.69 19.44 -15.76
C THR F 110 -14.65 18.99 -16.80
N VAL F 111 -15.12 18.44 -17.92
CA VAL F 111 -14.24 17.97 -18.98
C VAL F 111 -14.04 19.08 -20.01
N ASP F 112 -13.08 19.95 -19.73
CA ASP F 112 -12.76 21.06 -20.63
C ASP F 112 -12.28 20.53 -21.98
N PHE F 113 -13.19 20.48 -22.94
CA PHE F 113 -12.87 19.99 -24.28
C PHE F 113 -11.96 20.98 -25.03
N GLY F 114 -10.74 21.13 -24.52
CA GLY F 114 -9.77 22.01 -25.14
C GLY F 114 -9.24 21.44 -26.44
N HIS F 115 -8.96 20.15 -26.45
CA HIS F 115 -8.45 19.46 -27.64
C HIS F 115 -8.90 18.01 -27.64
N VAL F 116 -8.21 17.19 -26.84
CA VAL F 116 -8.52 15.77 -26.73
C VAL F 116 -8.33 15.30 -25.30
N THR F 117 -9.32 14.61 -24.78
CA THR F 117 -9.28 14.10 -23.42
C THR F 117 -8.83 12.64 -23.41
N GLU F 118 -7.53 12.44 -23.25
CA GLU F 118 -6.95 11.10 -23.21
C GLU F 118 -6.48 10.80 -21.80
N GLU F 119 -6.81 9.61 -21.30
CA GLU F 119 -6.43 9.22 -19.94
C GLU F 119 -6.71 7.74 -19.69
N TRP F 120 -6.09 7.21 -18.64
CA TRP F 120 -6.29 5.81 -18.26
C TRP F 120 -7.40 5.74 -17.22
N ARG F 121 -8.64 5.64 -17.71
CA ARG F 121 -9.81 5.59 -16.84
C ARG F 121 -9.84 4.32 -16.01
N ASP F 122 -10.16 4.48 -14.73
CA ASP F 122 -10.27 3.35 -13.82
C ASP F 122 -11.68 2.78 -13.91
N LEU F 123 -11.78 1.47 -13.84
CA LEU F 123 -13.06 0.79 -13.93
C LEU F 123 -13.54 0.29 -12.57
N GLN F 124 -14.83 0.46 -12.30
CA GLN F 124 -15.41 0.03 -11.03
C GLN F 124 -16.62 -0.87 -11.27
N SER F 125 -16.77 -1.90 -10.45
CA SER F 125 -17.89 -2.83 -10.59
C SER F 125 -19.15 -2.26 -9.94
N ALA F 126 -19.93 -1.52 -10.74
CA ALA F 126 -21.17 -0.94 -10.26
C ALA F 126 -22.26 -2.01 -10.20
N GLU F 127 -22.58 -2.43 -8.98
CA GLU F 127 -23.60 -3.44 -8.74
C GLU F 127 -24.98 -2.88 -9.06
N LYS F 128 -25.14 -2.41 -10.29
CA LYS F 128 -26.41 -1.83 -10.72
C LYS F 128 -26.95 -2.59 -11.92
N GLU A 1 15.73 -4.36 6.50
CA GLU A 1 16.04 -4.18 7.93
C GLU A 1 15.05 -3.23 8.59
N LYS A 2 14.51 -3.64 9.72
CA LYS A 2 13.53 -2.83 10.45
C LYS A 2 13.77 -2.87 11.96
N LEU A 3 13.71 -1.70 12.58
CA LEU A 3 13.90 -1.59 14.02
C LEU A 3 12.73 -0.83 14.66
N GLY A 4 11.72 -0.49 13.86
CA GLY A 4 10.57 0.24 14.36
C GLY A 4 10.66 1.72 14.08
N LYS A 5 10.36 2.55 15.08
CA LYS A 5 10.43 4.00 14.93
C LYS A 5 10.87 4.67 16.23
N LEU A 6 11.50 5.82 16.10
CA LEU A 6 11.98 6.58 17.24
C LEU A 6 11.65 8.06 17.06
N GLN A 7 10.94 8.61 18.02
CA GLN A 7 10.57 10.03 17.96
C GLN A 7 11.64 10.86 18.66
N TYR A 8 12.04 11.99 18.07
CA TYR A 8 13.06 12.82 18.68
C TYR A 8 12.94 14.29 18.28
N SER A 9 13.50 15.14 19.14
CA SER A 9 13.51 16.58 18.94
C SER A 9 14.92 17.10 19.25
N LEU A 10 15.69 17.39 18.21
CA LEU A 10 17.07 17.84 18.38
C LEU A 10 17.20 19.35 18.23
N ASP A 11 17.81 19.99 19.22
CA ASP A 11 18.03 21.44 19.18
C ASP A 11 19.54 21.73 19.27
N TYR A 12 19.94 22.96 18.97
CA TYR A 12 21.36 23.31 18.97
C TYR A 12 21.71 24.38 19.99
N ASP A 13 22.91 24.28 20.56
CA ASP A 13 23.40 25.24 21.54
C ASP A 13 24.62 25.97 20.96
N PHE A 14 24.55 27.29 20.90
CA PHE A 14 25.65 28.09 20.34
C PHE A 14 26.50 28.75 21.42
N GLN A 15 26.29 28.36 22.68
CA GLN A 15 27.03 28.91 23.80
C GLN A 15 28.17 27.95 24.19
N ASN A 16 27.83 26.68 24.31
CA ASN A 16 28.81 25.65 24.66
C ASN A 16 29.25 24.89 23.40
N ASN A 17 28.47 25.02 22.33
CA ASN A 17 28.77 24.38 21.05
C ASN A 17 28.46 22.88 21.10
N GLN A 18 27.19 22.56 21.28
CA GLN A 18 26.74 21.18 21.34
C GLN A 18 25.30 21.07 20.85
N LEU A 19 24.99 19.98 20.16
CA LEU A 19 23.64 19.75 19.69
C LEU A 19 22.90 18.88 20.70
N LEU A 20 21.68 19.28 21.03
CA LEU A 20 20.89 18.56 22.02
C LEU A 20 20.00 17.52 21.33
N VAL A 21 20.44 16.27 21.38
CA VAL A 21 19.68 15.19 20.79
C VAL A 21 18.64 14.70 21.79
N GLY A 22 17.50 15.38 21.80
CA GLY A 22 16.43 15.02 22.71
C GLY A 22 15.42 14.09 22.08
N ILE A 23 15.65 12.79 22.22
CA ILE A 23 14.73 11.80 21.67
C ILE A 23 13.57 11.57 22.63
N ILE A 24 12.41 11.22 22.10
CA ILE A 24 11.23 11.01 22.92
C ILE A 24 11.15 9.55 23.37
N GLN A 25 11.15 8.63 22.40
CA GLN A 25 11.08 7.20 22.70
C GLN A 25 11.19 6.38 21.42
N ALA A 26 11.27 5.06 21.59
CA ALA A 26 11.37 4.14 20.47
C ALA A 26 10.18 3.20 20.49
N ALA A 27 9.64 2.90 19.31
CA ALA A 27 8.48 2.02 19.22
C ALA A 27 8.73 0.85 18.27
N GLU A 28 8.17 -0.32 18.62
CA GLU A 28 8.29 -1.54 17.81
C GLU A 28 9.74 -1.99 17.64
N LEU A 29 10.35 -2.47 18.73
CA LEU A 29 11.72 -2.93 18.70
C LEU A 29 11.79 -4.46 18.67
N PRO A 30 12.79 -5.03 17.95
CA PRO A 30 12.97 -6.49 17.86
C PRO A 30 13.26 -7.11 19.23
N ALA A 31 12.94 -8.40 19.37
CA ALA A 31 13.16 -9.11 20.63
C ALA A 31 14.48 -9.86 20.67
N LEU A 32 14.94 -10.18 21.89
CA LEU A 32 16.19 -10.90 22.09
C LEU A 32 16.04 -11.92 23.22
N ASP A 33 15.50 -11.47 24.35
CA ASP A 33 15.28 -12.32 25.52
C ASP A 33 14.18 -13.34 25.21
N MET A 34 14.14 -14.43 25.99
CA MET A 34 13.12 -15.45 25.76
C MET A 34 11.79 -15.04 26.39
N GLY A 35 10.95 -14.37 25.60
CA GLY A 35 9.67 -13.92 26.08
C GLY A 35 9.00 -12.93 25.13
N GLY A 36 9.72 -12.55 24.07
CA GLY A 36 9.18 -11.62 23.10
C GLY A 36 9.49 -10.18 23.44
N THR A 37 10.54 -9.98 24.23
CA THR A 37 10.98 -8.64 24.64
C THR A 37 12.51 -8.56 24.70
N SER A 38 13.03 -7.37 25.00
CA SER A 38 14.48 -7.16 25.12
C SER A 38 14.77 -5.99 26.06
N ASP A 39 16.04 -5.74 26.30
CA ASP A 39 16.48 -4.64 27.16
C ASP A 39 17.22 -3.63 26.29
N PRO A 40 16.51 -3.01 25.34
CA PRO A 40 17.11 -2.07 24.39
C PRO A 40 17.47 -0.71 24.98
N TYR A 41 18.73 -0.33 24.81
CA TYR A 41 19.24 0.96 25.24
C TYR A 41 20.00 1.59 24.08
N VAL A 42 19.71 2.84 23.79
CA VAL A 42 20.36 3.52 22.67
C VAL A 42 21.76 3.99 23.04
N LYS A 43 22.75 3.53 22.28
CA LYS A 43 24.13 3.92 22.49
C LYS A 43 24.53 4.91 21.41
N VAL A 44 24.55 6.19 21.77
CA VAL A 44 24.90 7.24 20.83
C VAL A 44 26.37 7.16 20.44
N PHE A 45 26.61 6.96 19.15
CA PHE A 45 27.98 6.87 18.63
C PHE A 45 28.18 7.88 17.51
N LEU A 46 29.43 8.05 17.11
CA LEU A 46 29.76 9.00 16.04
C LEU A 46 30.79 8.39 15.08
N LEU A 47 30.82 8.95 13.87
CA LEU A 47 31.77 8.51 12.85
C LEU A 47 33.21 8.75 13.36
N PRO A 48 34.24 8.55 12.51
CA PRO A 48 35.65 8.77 12.85
C PRO A 48 35.85 9.77 13.99
N ASP A 49 35.12 10.89 13.92
CA ASP A 49 35.19 11.92 14.96
C ASP A 49 35.30 11.27 16.34
N LYS A 50 34.38 10.33 16.61
CA LYS A 50 34.34 9.58 17.86
C LYS A 50 34.53 10.46 19.11
N LYS A 51 34.14 11.72 19.06
CA LYS A 51 34.28 12.60 20.21
C LYS A 51 32.97 12.67 20.99
N LYS A 52 32.49 11.52 21.42
CA LYS A 52 31.24 11.42 22.19
C LYS A 52 30.83 9.97 22.33
N LYS A 53 30.39 9.61 23.53
CA LYS A 53 29.95 8.24 23.82
C LYS A 53 29.07 8.24 25.06
N PHE A 54 27.78 8.01 24.87
CA PHE A 54 26.84 7.99 25.98
C PHE A 54 26.00 6.72 25.98
N GLU A 55 25.79 6.17 27.16
CA GLU A 55 25.00 4.95 27.33
C GLU A 55 23.70 5.28 28.05
N THR A 56 22.58 4.98 27.42
CA THR A 56 21.27 5.24 28.01
C THR A 56 20.96 4.25 29.12
N LYS A 57 19.88 4.49 29.85
CA LYS A 57 19.49 3.62 30.95
C LYS A 57 18.84 2.36 30.40
N VAL A 58 19.39 1.21 30.77
CA VAL A 58 18.86 -0.06 30.32
C VAL A 58 17.34 -0.10 30.57
N HIS A 59 16.60 -0.55 29.57
CA HIS A 59 15.16 -0.65 29.66
C HIS A 59 14.76 -2.12 29.66
N ARG A 60 14.72 -2.69 30.87
CA ARG A 60 14.40 -4.10 31.06
C ARG A 60 13.09 -4.54 30.39
N LYS A 61 13.22 -5.56 29.55
CA LYS A 61 12.08 -6.18 28.85
C LYS A 61 11.05 -5.14 28.38
N THR A 62 11.38 -4.43 27.32
CA THR A 62 10.46 -3.43 26.77
C THR A 62 10.79 -3.12 25.32
N LEU A 63 9.77 -3.20 24.45
CA LEU A 63 9.96 -2.94 23.03
C LEU A 63 9.37 -1.59 22.62
N ASN A 64 8.85 -0.87 23.61
CA ASN A 64 8.25 0.44 23.38
C ASN A 64 8.43 1.31 24.62
N PRO A 65 9.67 1.48 25.08
CA PRO A 65 9.99 2.25 26.28
C PRO A 65 10.13 3.75 26.02
N VAL A 66 9.80 4.53 27.03
CA VAL A 66 9.90 5.98 26.97
C VAL A 66 10.87 6.47 28.04
N PHE A 67 11.61 7.52 27.75
CA PHE A 67 12.58 8.05 28.71
C PHE A 67 13.03 9.46 28.33
N ASN A 68 13.40 9.62 27.06
CA ASN A 68 13.86 10.91 26.55
C ASN A 68 15.20 11.28 27.17
N GLU A 69 16.25 10.58 26.76
CA GLU A 69 17.58 10.85 27.25
C GLU A 69 18.19 12.07 26.54
N GLN A 70 19.06 12.78 27.23
CA GLN A 70 19.69 13.97 26.68
C GLN A 70 21.10 13.67 26.16
N PHE A 71 21.25 13.61 24.85
CA PHE A 71 22.54 13.34 24.23
C PHE A 71 23.18 14.66 23.77
N THR A 72 24.36 14.93 24.29
CA THR A 72 25.10 16.14 23.95
C THR A 72 26.08 15.88 22.81
N PHE A 73 25.74 16.36 21.62
CA PHE A 73 26.58 16.20 20.45
C PHE A 73 27.80 17.11 20.57
N LYS A 74 28.80 16.65 21.30
CA LYS A 74 30.04 17.41 21.51
C LYS A 74 30.78 17.65 20.19
N VAL A 75 30.49 18.79 19.56
CA VAL A 75 31.12 19.18 18.32
C VAL A 75 30.57 20.53 17.87
N PRO A 76 31.45 21.49 17.53
CA PRO A 76 31.03 22.82 17.10
C PRO A 76 30.08 22.77 15.91
N TYR A 77 29.02 23.56 15.95
CA TYR A 77 28.04 23.60 14.86
C TYR A 77 28.76 23.70 13.51
N SER A 78 29.80 24.53 13.47
CA SER A 78 30.59 24.73 12.26
C SER A 78 31.28 23.45 11.81
N GLU A 79 31.50 22.54 12.74
CA GLU A 79 32.16 21.27 12.46
C GLU A 79 31.14 20.17 12.10
N LEU A 80 29.93 20.30 12.65
CA LEU A 80 28.86 19.33 12.42
C LEU A 80 28.77 18.92 10.94
N GLY A 81 29.03 19.86 10.04
CA GLY A 81 28.96 19.57 8.62
C GLY A 81 29.70 18.31 8.22
N GLY A 82 30.81 18.03 8.91
CA GLY A 82 31.59 16.84 8.59
C GLY A 82 31.46 15.73 9.64
N LYS A 83 30.31 15.67 10.32
CA LYS A 83 30.09 14.65 11.34
C LYS A 83 28.72 14.00 11.21
N THR A 84 28.72 12.73 10.87
CA THR A 84 27.48 11.97 10.75
C THR A 84 27.21 11.22 12.05
N LEU A 85 26.18 11.64 12.77
CA LEU A 85 25.82 10.99 14.04
C LEU A 85 25.11 9.68 13.78
N VAL A 86 25.36 8.70 14.65
CA VAL A 86 24.74 7.40 14.51
C VAL A 86 24.14 6.93 15.84
N MET A 87 22.86 6.63 15.83
CA MET A 87 22.17 6.18 17.02
C MET A 87 21.86 4.68 16.91
N ALA A 88 22.56 3.88 17.68
CA ALA A 88 22.35 2.44 17.67
C ALA A 88 21.70 1.97 18.96
N VAL A 89 20.64 1.18 18.84
CA VAL A 89 19.95 0.67 20.01
C VAL A 89 20.52 -0.69 20.38
N TYR A 90 21.15 -0.76 21.54
CA TYR A 90 21.77 -1.99 22.02
C TYR A 90 20.89 -2.69 23.05
N ASP A 91 20.86 -4.00 23.00
CA ASP A 91 20.07 -4.78 23.95
C ASP A 91 20.88 -5.08 25.20
N PHE A 92 20.21 -5.47 26.27
CA PHE A 92 20.86 -5.78 27.52
C PHE A 92 20.20 -7.00 28.18
N ASP A 93 19.92 -8.03 27.38
CA ASP A 93 19.30 -9.26 27.87
C ASP A 93 19.94 -9.72 29.19
N ARG A 94 21.26 -9.53 29.29
CA ARG A 94 22.04 -9.88 30.49
C ARG A 94 22.40 -11.36 30.56
N PHE A 95 22.36 -12.06 29.42
CA PHE A 95 22.68 -13.47 29.39
C PHE A 95 23.55 -13.82 28.18
N SER A 96 23.02 -13.56 27.00
CA SER A 96 23.72 -13.85 25.75
C SER A 96 24.52 -12.63 25.29
N LYS A 97 25.13 -12.73 24.11
CA LYS A 97 25.91 -11.63 23.57
C LYS A 97 24.96 -10.52 23.12
N HIS A 98 24.86 -9.47 23.93
CA HIS A 98 23.98 -8.34 23.62
C HIS A 98 24.11 -7.98 22.13
N ASP A 99 23.01 -8.05 21.41
CA ASP A 99 23.01 -7.74 19.98
C ASP A 99 22.47 -6.35 19.70
N ILE A 100 22.80 -5.81 18.53
CA ILE A 100 22.35 -4.50 18.12
C ILE A 100 21.03 -4.66 17.36
N ILE A 101 19.93 -4.57 18.09
CA ILE A 101 18.60 -4.72 17.49
C ILE A 101 18.39 -3.78 16.31
N GLY A 102 19.09 -2.64 16.32
CA GLY A 102 18.95 -1.70 15.21
C GLY A 102 19.66 -0.38 15.47
N GLU A 103 19.58 0.52 14.50
CA GLU A 103 20.22 1.83 14.62
C GLU A 103 19.67 2.79 13.56
N PHE A 104 20.11 4.05 13.64
CA PHE A 104 19.71 5.08 12.68
C PHE A 104 20.77 6.19 12.66
N LYS A 105 20.86 6.90 11.54
CA LYS A 105 21.83 7.98 11.38
C LYS A 105 21.36 8.99 10.33
N VAL A 106 21.95 10.17 10.36
CA VAL A 106 21.59 11.23 9.41
C VAL A 106 22.76 12.18 9.18
N PRO A 107 23.02 12.56 7.92
CA PRO A 107 24.10 13.47 7.57
C PRO A 107 23.85 14.87 8.15
N MET A 108 24.53 15.17 9.26
CA MET A 108 24.38 16.45 9.93
C MET A 108 24.51 17.63 8.98
N ASN A 109 25.42 17.54 8.01
CA ASN A 109 25.61 18.63 7.05
C ASN A 109 24.28 18.99 6.38
N THR A 110 23.44 17.99 6.15
CA THR A 110 22.14 18.21 5.53
C THR A 110 21.09 18.63 6.57
N VAL A 111 21.46 18.60 7.85
CA VAL A 111 20.57 18.97 8.93
C VAL A 111 20.76 20.44 9.27
N ASP A 112 20.05 21.30 8.54
CA ASP A 112 20.12 22.74 8.76
C ASP A 112 19.62 23.09 10.14
N PHE A 113 20.54 23.26 11.07
CA PHE A 113 20.20 23.61 12.46
C PHE A 113 19.65 25.03 12.55
N GLY A 114 18.48 25.24 11.95
CA GLY A 114 17.85 26.55 11.99
C GLY A 114 17.28 26.87 13.36
N HIS A 115 16.65 25.86 13.98
CA HIS A 115 16.06 26.02 15.31
C HIS A 115 16.09 24.68 16.05
N VAL A 116 15.15 23.81 15.71
CA VAL A 116 15.05 22.50 16.33
C VAL A 116 14.63 21.46 15.30
N THR A 117 15.35 20.35 15.25
CA THR A 117 15.07 19.29 14.32
C THR A 117 14.23 18.20 14.99
N GLU A 118 12.92 18.31 14.85
CA GLU A 118 12.00 17.34 15.43
C GLU A 118 11.35 16.53 14.31
N GLU A 119 11.32 15.21 14.47
CA GLU A 119 10.74 14.33 13.46
C GLU A 119 10.60 12.90 13.98
N TRP A 120 9.78 12.11 13.29
CA TRP A 120 9.55 10.72 13.66
C TRP A 120 10.52 9.82 12.89
N ARG A 121 11.73 9.71 13.43
CA ARG A 121 12.78 8.91 12.80
C ARG A 121 12.43 7.43 12.72
N ASP A 122 12.70 6.85 11.57
CA ASP A 122 12.46 5.44 11.33
C ASP A 122 13.66 4.64 11.80
N LEU A 123 13.41 3.50 12.43
CA LEU A 123 14.49 2.66 12.95
C LEU A 123 14.72 1.45 12.07
N GLN A 124 15.99 1.11 11.84
CA GLN A 124 16.34 -0.04 11.01
C GLN A 124 17.30 -0.97 11.76
N SER A 125 17.13 -2.28 11.56
CA SER A 125 17.96 -3.28 12.21
C SER A 125 19.25 -3.50 11.45
N ALA A 126 20.12 -2.47 11.42
CA ALA A 126 21.39 -2.58 10.74
C ALA A 126 22.37 -3.40 11.58
N GLU A 127 22.61 -4.64 11.17
CA GLU A 127 23.51 -5.52 11.91
C GLU A 127 24.95 -5.03 11.84
N LYS A 128 25.20 -3.91 12.51
CA LYS A 128 26.51 -3.29 12.53
C LYS A 128 27.08 -3.29 13.95
N TYR B 1 33.80 14.74 -21.13
CA TYR B 1 34.65 15.25 -20.02
C TYR B 1 34.74 14.21 -18.90
N LYS B 2 35.37 13.07 -19.20
CA LYS B 2 35.51 11.99 -18.22
C LYS B 2 36.07 12.53 -16.91
N LYS B 3 35.22 12.59 -15.89
CA LYS B 3 35.59 13.09 -14.58
C LYS B 3 34.63 12.54 -13.52
N PRO B 4 34.74 13.00 -12.24
CA PRO B 4 33.91 12.58 -11.13
C PRO B 4 32.60 11.91 -11.56
N LYS B 5 32.54 10.59 -11.41
CA LYS B 5 31.35 9.83 -11.77
C LYS B 5 30.52 9.58 -10.52
N LEU B 6 29.40 10.30 -10.39
CA LEU B 6 28.52 10.15 -9.24
C LEU B 6 27.58 8.96 -9.45
N LEU B 7 27.43 8.15 -8.41
CA LEU B 7 26.56 6.98 -8.49
C LEU B 7 25.85 6.75 -7.16
N TYR B 8 24.56 6.43 -7.22
CA TYR B 8 23.76 6.16 -6.03
C TYR B 8 22.52 5.35 -6.39
N CYS B 9 21.76 4.90 -5.41
CA CYS B 9 20.57 4.11 -5.68
C CYS B 9 19.50 4.35 -4.62
N SER B 10 18.27 3.91 -4.92
CA SER B 10 17.13 4.07 -4.04
C SER B 10 16.63 5.50 -4.08
N ASN B 11 15.38 5.68 -4.47
CA ASN B 11 14.79 7.00 -4.57
C ASN B 11 15.02 7.79 -3.28
N GLY B 12 15.59 8.97 -3.40
CA GLY B 12 15.86 9.80 -2.26
C GLY B 12 17.24 10.40 -2.30
N GLY B 13 17.35 11.67 -1.93
CA GLY B 13 18.63 12.35 -1.94
C GLY B 13 19.68 11.62 -1.11
N HIS B 14 20.60 10.94 -1.79
CA HIS B 14 21.68 10.20 -1.13
C HIS B 14 22.75 9.85 -2.15
N PHE B 15 23.98 10.30 -1.90
CA PHE B 15 25.08 10.02 -2.82
C PHE B 15 26.17 9.21 -2.13
N LEU B 16 26.88 8.39 -2.91
CA LEU B 16 27.95 7.56 -2.36
C LEU B 16 29.18 8.41 -2.03
N ARG B 17 29.35 8.75 -0.75
CA ARG B 17 30.48 9.56 -0.33
C ARG B 17 31.61 8.65 0.15
N ILE B 18 32.66 8.57 -0.64
CA ILE B 18 33.80 7.73 -0.32
C ILE B 18 34.84 8.49 0.51
N LEU B 19 35.45 7.79 1.46
CA LEU B 19 36.47 8.37 2.31
C LEU B 19 37.69 7.46 2.33
N PRO B 20 38.91 8.04 2.31
CA PRO B 20 40.17 7.28 2.33
C PRO B 20 40.15 6.16 3.37
N ASP B 21 39.42 6.39 4.46
CA ASP B 21 39.29 5.42 5.54
C ASP B 21 38.71 4.10 5.02
N GLY B 22 37.68 4.22 4.19
CA GLY B 22 37.04 3.05 3.64
C GLY B 22 35.54 3.04 3.90
N THR B 23 35.13 3.60 5.04
CA THR B 23 33.72 3.65 5.40
C THR B 23 32.96 4.64 4.53
N VAL B 24 32.52 4.17 3.37
CA VAL B 24 31.75 4.99 2.43
C VAL B 24 30.26 4.92 2.78
N ASP B 25 29.61 6.08 2.85
CA ASP B 25 28.19 6.15 3.17
C ASP B 25 27.42 6.93 2.12
N GLY B 26 26.09 6.81 2.15
CA GLY B 26 25.25 7.50 1.20
C GLY B 26 24.93 8.92 1.61
N THR B 27 25.95 9.76 1.66
CA THR B 27 25.80 11.15 2.04
C THR B 27 25.01 11.93 0.99
N ARG B 28 23.98 12.63 1.42
CA ARG B 28 23.16 13.40 0.51
C ARG B 28 23.66 14.84 0.43
N ASP B 29 24.85 15.00 -0.12
CA ASP B 29 25.46 16.33 -0.27
C ASP B 29 26.35 16.38 -1.51
N ARG B 30 26.50 17.56 -2.06
CA ARG B 30 27.33 17.77 -3.24
C ARG B 30 28.21 19.01 -3.07
N SER B 31 28.45 19.38 -1.82
CA SER B 31 29.26 20.54 -1.49
C SER B 31 30.72 20.12 -1.32
N ASP B 32 30.93 19.01 -0.63
CA ASP B 32 32.28 18.49 -0.41
C ASP B 32 32.64 17.44 -1.45
N GLN B 33 33.76 17.63 -2.12
CA GLN B 33 34.21 16.70 -3.15
C GLN B 33 34.61 15.34 -2.57
N HIS B 34 33.61 14.55 -2.20
CA HIS B 34 33.86 13.21 -1.65
C HIS B 34 32.79 12.21 -2.10
N ILE B 35 32.03 12.56 -3.15
CA ILE B 35 30.99 11.69 -3.66
C ILE B 35 31.18 11.46 -5.17
N GLN B 36 32.43 11.21 -5.56
CA GLN B 36 32.76 11.00 -6.96
C GLN B 36 33.78 9.89 -7.11
N LEU B 37 33.52 8.98 -8.03
CA LEU B 37 34.42 7.86 -8.31
C LEU B 37 34.72 7.81 -9.79
N GLN B 38 35.87 7.24 -10.15
CA GLN B 38 36.25 7.14 -11.56
C GLN B 38 35.74 5.83 -12.15
N LEU B 39 34.43 5.77 -12.37
CA LEU B 39 33.80 4.60 -12.96
C LEU B 39 34.10 4.54 -14.46
N SER B 40 34.59 3.40 -14.91
CA SER B 40 34.91 3.20 -16.31
C SER B 40 34.97 1.71 -16.65
N ALA B 41 34.78 1.40 -17.93
CA ALA B 41 34.84 0.02 -18.40
C ALA B 41 36.28 -0.36 -18.69
N GLU B 42 36.89 -1.11 -17.79
CA GLU B 42 38.29 -1.52 -17.94
C GLU B 42 38.40 -2.56 -19.06
N SER B 43 37.64 -3.64 -18.92
CA SER B 43 37.64 -4.72 -19.90
C SER B 43 36.26 -4.82 -20.55
N VAL B 44 36.13 -5.69 -21.55
CA VAL B 44 34.86 -5.89 -22.25
C VAL B 44 33.72 -6.19 -21.25
N GLY B 45 33.02 -5.14 -20.84
CA GLY B 45 31.92 -5.30 -19.90
C GLY B 45 32.35 -5.17 -18.45
N GLU B 46 33.65 -5.27 -18.18
CA GLU B 46 34.17 -5.18 -16.82
C GLU B 46 34.43 -3.73 -16.44
N VAL B 47 33.61 -3.20 -15.56
CA VAL B 47 33.75 -1.82 -15.09
C VAL B 47 34.34 -1.80 -13.69
N TYR B 48 35.19 -0.81 -13.43
CA TYR B 48 35.83 -0.69 -12.13
C TYR B 48 35.40 0.60 -11.44
N ILE B 49 35.34 0.54 -10.11
CA ILE B 49 34.95 1.67 -9.30
C ILE B 49 36.15 2.14 -8.46
N LYS B 50 36.77 3.22 -8.90
CA LYS B 50 37.93 3.76 -8.21
C LYS B 50 37.79 5.26 -7.97
N SER B 51 37.68 5.65 -6.72
CA SER B 51 37.54 7.05 -6.36
C SER B 51 38.92 7.71 -6.31
N THR B 52 39.61 7.68 -7.45
CA THR B 52 40.96 8.21 -7.56
C THR B 52 41.04 9.67 -7.10
N GLU B 53 40.46 10.58 -7.87
CA GLU B 53 40.51 12.00 -7.56
C GLU B 53 39.46 12.40 -6.52
N THR B 54 39.47 11.75 -5.36
CA THR B 54 38.51 12.07 -4.31
C THR B 54 38.62 11.12 -3.10
N GLY B 55 38.81 9.83 -3.34
CA GLY B 55 38.88 8.90 -2.24
C GLY B 55 39.90 7.80 -2.43
N GLN B 56 39.41 6.59 -2.60
CA GLN B 56 40.26 5.40 -2.74
C GLN B 56 39.66 4.40 -3.73
N TYR B 57 40.35 3.27 -3.87
CA TYR B 57 39.90 2.20 -4.76
C TYR B 57 39.03 1.22 -3.97
N LEU B 58 38.01 0.67 -4.63
CA LEU B 58 37.12 -0.27 -3.96
C LEU B 58 37.71 -1.68 -3.91
N ALA B 59 37.26 -2.44 -2.93
CA ALA B 59 37.70 -3.82 -2.73
C ALA B 59 36.68 -4.56 -1.88
N MET B 60 35.64 -5.07 -2.52
CA MET B 60 34.56 -5.78 -1.84
C MET B 60 35.10 -6.89 -0.94
N ASP B 61 34.44 -7.07 0.20
CA ASP B 61 34.81 -8.10 1.14
C ASP B 61 33.99 -9.34 0.87
N THR B 62 34.43 -10.12 -0.11
CA THR B 62 33.73 -11.34 -0.49
C THR B 62 32.32 -11.00 -0.98
N ASP B 63 32.19 -9.83 -1.63
CA ASP B 63 30.89 -9.34 -2.11
C ASP B 63 29.98 -8.96 -0.94
N GLY B 64 29.81 -9.90 -0.01
CA GLY B 64 28.99 -9.67 1.18
C GLY B 64 29.01 -8.23 1.66
N LEU B 65 30.21 -7.74 1.95
CA LEU B 65 30.39 -6.37 2.40
C LEU B 65 31.20 -5.58 1.38
N LEU B 66 30.73 -4.40 1.04
CA LEU B 66 31.42 -3.56 0.07
C LEU B 66 32.28 -2.52 0.78
N TYR B 67 33.55 -2.45 0.38
CA TYR B 67 34.49 -1.50 0.97
C TYR B 67 35.61 -1.18 -0.01
N GLY B 68 36.49 -0.28 0.36
CA GLY B 68 37.60 0.09 -0.50
C GLY B 68 38.52 1.09 0.18
N SER B 69 39.82 0.96 -0.09
CA SER B 69 40.81 1.87 0.49
C SER B 69 42.24 1.39 0.20
N GLN B 70 42.57 0.21 0.71
CA GLN B 70 43.92 -0.35 0.54
C GLN B 70 44.28 -0.59 -0.92
N THR B 71 43.67 -1.60 -1.54
CA THR B 71 43.98 -1.93 -2.93
C THR B 71 42.74 -2.37 -3.72
N PRO B 72 42.71 -2.05 -5.03
CA PRO B 72 41.60 -2.42 -5.91
C PRO B 72 41.67 -3.90 -6.30
N ASN B 73 41.38 -4.76 -5.33
CA ASN B 73 41.43 -6.20 -5.56
C ASN B 73 40.38 -6.62 -6.59
N GLU B 74 40.61 -7.78 -7.24
CA GLU B 74 39.67 -8.28 -8.26
C GLU B 74 38.22 -8.15 -7.80
N GLU B 75 37.99 -8.26 -6.49
CA GLU B 75 36.65 -8.09 -5.92
C GLU B 75 35.98 -6.83 -6.48
N CYS B 76 36.78 -5.85 -6.89
CA CYS B 76 36.27 -4.59 -7.41
C CYS B 76 35.91 -4.65 -8.91
N LEU B 77 36.04 -5.82 -9.54
CA LEU B 77 35.70 -5.93 -10.96
C LEU B 77 34.23 -6.32 -11.11
N PHE B 78 33.45 -5.47 -11.77
CA PHE B 78 32.02 -5.72 -11.96
C PHE B 78 31.63 -5.62 -13.44
N LEU B 79 30.66 -6.44 -13.82
CA LEU B 79 30.14 -6.45 -15.19
C LEU B 79 29.10 -5.35 -15.36
N GLU B 80 29.31 -4.47 -16.34
CA GLU B 80 28.40 -3.37 -16.59
C GLU B 80 27.12 -3.85 -17.25
N ARG B 81 26.00 -3.70 -16.55
CA ARG B 81 24.68 -4.10 -17.06
C ARG B 81 23.69 -2.94 -16.91
N LEU B 82 22.72 -2.87 -17.80
CA LEU B 82 21.72 -1.81 -17.75
C LEU B 82 20.31 -2.39 -17.65
N GLU B 83 19.47 -1.75 -16.85
CA GLU B 83 18.09 -2.21 -16.67
C GLU B 83 17.13 -1.18 -17.26
N GLU B 84 16.07 -1.66 -17.90
CA GLU B 84 15.07 -0.78 -18.50
C GLU B 84 14.21 -0.12 -17.42
N ASN B 85 14.89 0.52 -16.47
CA ASN B 85 14.22 1.20 -15.36
C ASN B 85 14.99 2.48 -15.00
N HIS B 86 15.79 2.98 -15.94
CA HIS B 86 16.60 4.18 -15.73
C HIS B 86 17.60 3.97 -14.60
N TYR B 87 18.25 2.80 -14.59
CA TYR B 87 19.22 2.46 -13.57
C TYR B 87 20.33 1.57 -14.13
N ASN B 88 21.50 1.63 -13.52
CA ASN B 88 22.66 0.86 -13.93
C ASN B 88 22.83 -0.35 -13.02
N THR B 89 23.32 -1.45 -13.59
CA THR B 89 23.56 -2.67 -12.83
C THR B 89 25.00 -3.12 -13.01
N TYR B 90 25.63 -3.54 -11.92
CA TYR B 90 27.01 -3.99 -11.96
C TYR B 90 27.14 -5.33 -11.28
N ILE B 91 27.51 -6.35 -12.04
CA ILE B 91 27.63 -7.70 -11.50
C ILE B 91 29.06 -8.01 -11.07
N SER B 92 29.25 -8.24 -9.78
CA SER B 92 30.55 -8.56 -9.23
C SER B 92 30.99 -9.94 -9.72
N LYS B 93 31.49 -10.00 -10.95
CA LYS B 93 31.93 -11.25 -11.56
C LYS B 93 32.73 -12.09 -10.57
N LYS B 94 33.51 -11.42 -9.71
CA LYS B 94 34.30 -12.11 -8.69
C LYS B 94 33.43 -13.05 -7.86
N HIS B 95 32.13 -12.73 -7.73
CA HIS B 95 31.20 -13.55 -6.97
C HIS B 95 29.95 -13.89 -7.78
N ALA B 96 29.97 -13.58 -9.08
CA ALA B 96 28.84 -13.86 -9.95
C ALA B 96 28.41 -15.32 -9.82
N GLU B 97 29.38 -16.18 -9.53
CA GLU B 97 29.13 -17.60 -9.34
C GLU B 97 27.97 -17.84 -8.36
N LYS B 98 27.86 -16.96 -7.37
CA LYS B 98 26.80 -17.07 -6.38
C LYS B 98 25.62 -16.15 -6.74
N ASN B 99 25.61 -15.66 -7.98
CA ASN B 99 24.55 -14.76 -8.44
C ASN B 99 24.50 -13.51 -7.57
N TRP B 100 25.67 -13.07 -7.13
CA TRP B 100 25.81 -11.89 -6.30
C TRP B 100 26.29 -10.69 -7.11
N PHE B 101 25.55 -9.59 -7.03
CA PHE B 101 25.91 -8.38 -7.75
C PHE B 101 25.78 -7.15 -6.85
N VAL B 102 26.91 -6.47 -6.68
CA VAL B 102 27.03 -5.27 -5.84
C VAL B 102 25.69 -4.60 -5.50
N GLY B 103 25.44 -4.48 -4.19
CA GLY B 103 24.23 -3.86 -3.70
C GLY B 103 24.53 -3.01 -2.47
N LEU B 104 24.04 -1.77 -2.44
CA LEU B 104 24.28 -0.88 -1.31
C LEU B 104 22.98 -0.44 -0.64
N LYS B 105 23.11 0.02 0.60
CA LYS B 105 21.96 0.49 1.37
C LYS B 105 21.95 2.02 1.40
N LYS B 106 21.06 2.61 0.63
CA LYS B 106 20.91 4.07 0.53
C LYS B 106 21.05 4.74 1.90
N ASN B 107 20.39 4.18 2.91
CA ASN B 107 20.42 4.72 4.26
C ASN B 107 21.23 3.82 5.20
N GLY B 108 22.30 3.23 4.68
CA GLY B 108 23.13 2.35 5.48
C GLY B 108 24.58 2.34 5.05
N SER B 109 24.80 2.08 3.76
CA SER B 109 26.13 2.01 3.15
C SER B 109 26.16 0.83 2.17
N CYS B 110 27.27 0.68 1.45
CA CYS B 110 27.41 -0.40 0.50
C CYS B 110 27.90 -1.68 1.18
N LYS B 111 26.97 -2.60 1.44
CA LYS B 111 27.30 -3.88 2.08
C LYS B 111 26.06 -4.74 2.23
N ARG B 112 25.68 -5.40 1.14
CA ARG B 112 24.51 -6.25 1.12
C ARG B 112 24.75 -7.45 0.20
N GLY B 113 25.99 -7.95 0.16
CA GLY B 113 26.31 -9.11 -0.67
C GLY B 113 25.36 -10.27 -0.45
N PRO B 114 25.07 -10.70 0.81
CA PRO B 114 24.14 -11.82 1.04
C PRO B 114 22.71 -11.50 0.57
N ARG B 115 22.51 -10.25 0.17
CA ARG B 115 21.23 -9.77 -0.34
C ARG B 115 21.40 -9.07 -1.70
N THR B 116 22.40 -9.49 -2.47
CA THR B 116 22.66 -8.87 -3.78
C THR B 116 22.04 -9.66 -4.92
N HIS B 117 20.98 -10.40 -4.62
CA HIS B 117 20.27 -11.16 -5.63
C HIS B 117 18.98 -10.44 -5.98
N TYR B 118 18.13 -11.04 -6.81
CA TYR B 118 16.88 -10.41 -7.20
C TYR B 118 15.88 -10.37 -6.03
N GLY B 119 15.96 -9.29 -5.28
CA GLY B 119 15.09 -9.09 -4.12
C GLY B 119 15.18 -7.66 -3.65
N GLN B 120 16.41 -7.16 -3.58
CA GLN B 120 16.67 -5.78 -3.19
C GLN B 120 16.83 -4.95 -4.45
N LYS B 121 16.07 -3.88 -4.55
CA LYS B 121 16.09 -3.03 -5.74
C LYS B 121 17.29 -2.07 -5.70
N ALA B 122 17.87 -1.90 -4.51
CA ALA B 122 19.04 -1.03 -4.33
C ALA B 122 20.17 -1.36 -5.32
N ILE B 123 20.10 -2.53 -5.94
CA ILE B 123 21.10 -2.94 -6.91
C ILE B 123 21.01 -2.11 -8.20
N LEU B 124 19.85 -1.49 -8.42
CA LEU B 124 19.65 -0.64 -9.58
C LEU B 124 20.13 0.77 -9.27
N PHE B 125 21.40 1.02 -9.53
CA PHE B 125 22.01 2.31 -9.25
C PHE B 125 21.69 3.35 -10.33
N LEU B 126 21.58 4.60 -9.90
CA LEU B 126 21.31 5.72 -10.80
C LEU B 126 22.56 6.57 -10.94
N PRO B 127 23.24 6.49 -12.09
CA PRO B 127 24.47 7.24 -12.34
C PRO B 127 24.23 8.66 -12.88
N LEU B 128 25.06 9.59 -12.43
CA LEU B 128 24.99 10.98 -12.86
C LEU B 128 26.40 11.48 -13.25
N PRO B 129 27.13 10.69 -14.07
CA PRO B 129 28.49 11.03 -14.49
C PRO B 129 28.53 12.02 -15.65
N VAL B 130 29.61 12.78 -15.72
CA VAL B 130 29.78 13.76 -16.79
C VAL B 130 30.28 13.06 -18.06
N SER B 131 29.34 12.58 -18.86
CA SER B 131 29.65 11.89 -20.10
C SER B 131 30.25 12.84 -21.14
N SER B 132 30.63 12.29 -22.28
CA SER B 132 31.19 13.08 -23.37
C SER B 132 30.20 13.16 -24.53
N ASP B 133 29.08 13.82 -24.27
CA ASP B 133 28.02 13.98 -25.26
C ASP B 133 28.18 15.31 -26.00
N MET C 1 -1.86 8.81 -13.03
CA MET C 1 -1.36 8.44 -14.39
C MET C 1 -0.81 7.03 -14.38
N ALA C 2 0.39 6.88 -13.81
CA ALA C 2 1.03 5.57 -13.69
C ALA C 2 1.09 5.19 -12.23
N ALA C 3 1.56 3.97 -11.93
CA ALA C 3 1.65 3.52 -10.55
C ALA C 3 0.23 3.40 -10.00
N GLU C 4 -0.59 2.63 -10.73
CA GLU C 4 -1.99 2.44 -10.38
C GLU C 4 -2.16 1.46 -9.24
N PRO C 5 -3.01 1.81 -8.26
CA PRO C 5 -3.28 0.96 -7.09
C PRO C 5 -4.23 -0.20 -7.41
N LEU C 6 -3.80 -1.41 -7.03
CA LEU C 6 -4.61 -2.62 -7.25
C LEU C 6 -5.64 -2.78 -6.14
N THR C 7 -6.31 -3.93 -6.09
CA THR C 7 -7.31 -4.19 -5.06
C THR C 7 -6.64 -4.46 -3.72
N GLU C 8 -7.41 -4.37 -2.64
CA GLU C 8 -6.93 -4.59 -1.28
C GLU C 8 -6.18 -5.92 -1.12
N LEU C 9 -6.72 -6.97 -1.74
CA LEU C 9 -6.13 -8.29 -1.66
C LEU C 9 -4.86 -8.40 -2.51
N GLU C 10 -4.83 -7.74 -3.69
CA GLU C 10 -3.62 -7.72 -4.51
C GLU C 10 -2.49 -6.98 -3.76
N GLU C 11 -2.83 -5.82 -3.14
CA GLU C 11 -1.90 -5.06 -2.31
C GLU C 11 -1.26 -5.98 -1.26
N SER C 12 -2.12 -6.67 -0.51
CA SER C 12 -1.67 -7.46 0.62
C SER C 12 -0.91 -8.73 0.20
N ILE C 13 -1.31 -9.44 -0.87
CA ILE C 13 -0.47 -10.53 -1.34
C ILE C 13 0.87 -10.00 -1.83
N GLU C 14 0.89 -8.88 -2.55
CA GLU C 14 2.17 -8.33 -3.00
C GLU C 14 3.07 -8.06 -1.80
N THR C 15 2.63 -7.26 -0.81
CA THR C 15 3.50 -6.84 0.28
C THR C 15 4.17 -8.04 0.99
N VAL C 16 3.44 -9.14 1.18
CA VAL C 16 4.02 -10.35 1.75
C VAL C 16 4.90 -11.08 0.72
N VAL C 17 4.49 -11.15 -0.55
CA VAL C 17 5.27 -11.78 -1.60
C VAL C 17 6.64 -11.08 -1.76
N THR C 18 6.69 -9.76 -1.82
CA THR C 18 7.97 -9.06 -1.91
C THR C 18 8.85 -9.38 -0.69
N THR C 19 8.28 -9.35 0.52
CA THR C 19 9.01 -9.69 1.74
C THR C 19 9.56 -11.12 1.65
N PHE C 20 8.70 -12.09 1.34
CA PHE C 20 9.09 -13.45 1.01
C PHE C 20 10.28 -13.43 0.05
N PHE C 21 10.12 -12.75 -1.08
CA PHE C 21 11.15 -12.68 -2.13
C PHE C 21 12.48 -12.09 -1.65
N THR C 22 12.45 -11.18 -0.68
CA THR C 22 13.68 -10.56 -0.18
C THR C 22 14.44 -11.51 0.75
N PHE C 23 13.94 -12.74 0.86
CA PHE C 23 14.56 -13.78 1.69
C PHE C 23 14.77 -15.05 0.87
N ALA C 24 13.90 -15.25 -0.12
CA ALA C 24 13.94 -16.40 -1.02
C ALA C 24 15.19 -16.37 -1.89
N ARG C 25 15.65 -15.19 -2.24
CA ARG C 25 16.83 -15.05 -3.12
C ARG C 25 18.15 -14.98 -2.35
N GLN C 26 18.14 -15.23 -1.05
CA GLN C 26 19.36 -15.18 -0.25
C GLN C 26 20.39 -16.21 -0.72
N GLU C 27 19.98 -17.48 -0.78
CA GLU C 27 20.86 -18.55 -1.23
C GLU C 27 20.55 -18.93 -2.67
N GLY C 28 20.65 -20.23 -2.98
CA GLY C 28 20.37 -20.70 -4.34
C GLY C 28 18.88 -20.74 -4.64
N ARG C 29 18.52 -20.28 -5.85
CA ARG C 29 17.13 -20.24 -6.31
C ARG C 29 16.31 -19.21 -5.54
N LYS C 30 15.77 -18.22 -6.26
CA LYS C 30 14.99 -17.15 -5.62
C LYS C 30 13.51 -17.54 -5.48
N ASP C 31 13.27 -18.75 -4.99
CA ASP C 31 11.90 -19.23 -4.78
C ASP C 31 11.89 -19.97 -3.45
N SER C 32 12.83 -20.91 -3.29
CA SER C 32 12.95 -21.71 -2.10
C SER C 32 13.73 -20.97 -1.02
N LEU C 33 13.23 -21.05 0.22
CA LEU C 33 14.00 -20.72 1.41
C LEU C 33 14.72 -22.00 1.83
N SER C 34 16.05 -22.02 1.89
CA SER C 34 16.75 -23.09 2.59
C SER C 34 16.78 -22.80 4.09
N VAL C 35 17.39 -23.70 4.87
CA VAL C 35 17.28 -23.71 6.33
C VAL C 35 17.60 -22.33 6.94
N ASN C 36 18.82 -21.81 6.66
CA ASN C 36 19.24 -20.48 7.17
C ASN C 36 18.24 -19.41 6.73
N GLU C 37 18.09 -19.30 5.40
CA GLU C 37 17.12 -18.45 4.73
C GLU C 37 15.78 -18.40 5.48
N PHE C 38 15.25 -19.58 5.79
CA PHE C 38 13.99 -19.72 6.49
C PHE C 38 14.11 -19.13 7.88
N LYS C 39 15.12 -19.58 8.64
CA LYS C 39 15.34 -19.08 10.00
C LYS C 39 15.46 -17.55 10.03
N GLU C 40 16.03 -16.97 8.98
CA GLU C 40 16.20 -15.51 8.89
C GLU C 40 14.87 -14.75 8.92
N LEU C 41 13.79 -15.36 8.41
CA LEU C 41 12.49 -14.69 8.39
C LEU C 41 12.02 -14.54 9.84
N VAL C 42 11.99 -15.66 10.55
CA VAL C 42 11.41 -15.73 11.88
C VAL C 42 12.26 -14.89 12.83
N THR C 43 13.57 -15.13 12.81
CA THR C 43 14.51 -14.43 13.70
C THR C 43 14.54 -12.90 13.51
N GLN C 44 14.28 -12.43 12.29
CA GLN C 44 14.33 -11.00 12.02
C GLN C 44 12.98 -10.29 12.13
N GLN C 45 11.98 -10.74 11.37
CA GLN C 45 10.67 -10.07 11.37
C GLN C 45 9.56 -10.82 12.11
N LEU C 46 9.89 -11.73 13.01
CA LEU C 46 8.84 -12.44 13.75
C LEU C 46 9.28 -12.78 15.18
N PRO C 47 9.30 -11.78 16.07
CA PRO C 47 9.70 -11.93 17.46
C PRO C 47 8.53 -12.10 18.45
N HIS C 48 7.30 -11.86 17.99
CA HIS C 48 6.14 -11.95 18.86
C HIS C 48 5.25 -13.15 18.51
N LEU C 49 4.74 -13.16 17.28
CA LEU C 49 3.85 -14.22 16.79
C LEU C 49 4.36 -15.61 17.17
N LEU C 50 5.49 -16.01 16.59
CA LEU C 50 6.16 -17.26 16.86
C LEU C 50 7.47 -16.91 17.57
N LYS C 51 7.36 -16.65 18.87
CA LYS C 51 8.50 -16.27 19.71
C LYS C 51 9.49 -17.43 19.90
N ASP C 52 9.31 -18.51 19.16
CA ASP C 52 10.20 -19.65 19.26
C ASP C 52 11.31 -19.56 18.21
N VAL C 53 12.35 -18.79 18.54
CA VAL C 53 13.49 -18.61 17.63
C VAL C 53 14.57 -19.66 17.92
N GLY C 54 14.18 -20.76 18.55
CA GLY C 54 15.12 -21.82 18.86
C GLY C 54 14.70 -23.15 18.27
N SER C 55 13.39 -23.41 18.27
CA SER C 55 12.86 -24.66 17.75
C SER C 55 12.35 -24.50 16.31
N LEU C 56 13.14 -23.81 15.49
CA LEU C 56 12.80 -23.59 14.11
C LEU C 56 12.79 -24.94 13.38
N ASP C 57 13.61 -25.89 13.83
CA ASP C 57 13.62 -27.26 13.33
C ASP C 57 12.20 -27.86 13.37
N GLU C 58 11.49 -27.72 14.49
CA GLU C 58 10.12 -28.20 14.63
C GLU C 58 9.24 -27.60 13.53
N LYS C 59 9.26 -26.27 13.40
CA LYS C 59 8.49 -25.62 12.35
C LYS C 59 8.88 -26.22 11.00
N MET C 60 10.18 -26.27 10.70
CA MET C 60 10.71 -26.79 9.45
C MET C 60 10.12 -28.17 9.15
N LYS C 61 10.25 -29.11 10.08
CA LYS C 61 9.67 -30.45 9.91
C LYS C 61 8.16 -30.38 9.71
N SER C 62 7.46 -29.54 10.49
CA SER C 62 6.02 -29.37 10.37
C SER C 62 5.61 -28.80 9.00
N LEU C 63 6.49 -27.99 8.39
CA LEU C 63 6.26 -27.31 7.12
C LEU C 63 6.66 -28.21 5.95
N ASP C 64 7.95 -28.53 5.86
CA ASP C 64 8.54 -29.27 4.76
C ASP C 64 8.16 -30.74 4.83
N VAL C 65 6.91 -31.07 4.49
CA VAL C 65 6.36 -32.42 4.58
C VAL C 65 7.26 -33.48 3.94
N ASN C 66 7.89 -33.13 2.81
CA ASN C 66 8.78 -34.01 2.05
C ASN C 66 10.22 -34.02 2.59
N GLN C 67 10.55 -33.12 3.51
CA GLN C 67 11.86 -32.99 4.14
C GLN C 67 12.98 -33.01 3.09
N ASP C 68 12.86 -32.14 2.08
CA ASP C 68 13.89 -31.93 1.06
C ASP C 68 14.86 -30.84 1.52
N SER C 69 14.56 -30.12 2.61
CA SER C 69 15.33 -28.98 3.10
C SER C 69 15.28 -27.80 2.13
N GLU C 70 14.17 -27.72 1.37
CA GLU C 70 13.75 -26.57 0.62
C GLU C 70 12.27 -26.36 0.92
N LEU C 71 11.90 -25.24 1.51
CA LEU C 71 10.52 -24.80 1.54
C LEU C 71 10.29 -24.07 0.21
N LYS C 72 9.80 -24.78 -0.82
CA LYS C 72 9.33 -24.18 -2.07
C LYS C 72 8.28 -23.10 -1.73
N PHE C 73 8.00 -22.19 -2.67
CA PHE C 73 7.01 -21.12 -2.49
C PHE C 73 5.79 -21.58 -1.71
N ASN C 74 5.09 -22.60 -2.21
CA ASN C 74 3.87 -23.11 -1.62
C ASN C 74 4.10 -23.79 -0.26
N GLU C 75 5.26 -24.41 -0.05
CA GLU C 75 5.60 -25.03 1.22
C GLU C 75 5.83 -23.95 2.26
N TYR C 76 6.73 -23.00 1.96
CA TYR C 76 7.00 -21.83 2.77
C TYR C 76 5.68 -21.15 3.15
N TRP C 77 4.85 -20.90 2.14
CA TRP C 77 3.56 -20.27 2.27
C TRP C 77 2.79 -20.83 3.48
N ARG C 78 2.87 -22.15 3.77
CA ARG C 78 2.26 -22.74 4.96
C ARG C 78 2.42 -21.86 6.20
N LEU C 79 3.65 -21.38 6.47
CA LEU C 79 3.95 -20.54 7.61
C LEU C 79 2.93 -19.40 7.71
N ILE C 80 2.59 -18.75 6.59
CA ILE C 80 1.72 -17.58 6.57
C ILE C 80 0.35 -17.95 7.14
N GLY C 81 -0.03 -19.23 7.05
CA GLY C 81 -1.28 -19.73 7.57
C GLY C 81 -1.21 -19.82 9.06
N GLU C 82 -0.09 -20.32 9.54
CA GLU C 82 0.15 -20.53 10.93
C GLU C 82 0.25 -19.15 11.57
N LEU C 83 0.81 -18.16 10.86
CA LEU C 83 0.82 -16.76 11.27
C LEU C 83 -0.61 -16.20 11.34
N ALA C 84 -1.33 -16.23 10.21
CA ALA C 84 -2.69 -15.70 10.07
C ALA C 84 -3.67 -16.40 11.03
N LYS C 85 -3.34 -17.63 11.41
CA LYS C 85 -4.03 -18.36 12.44
C LYS C 85 -3.61 -17.79 13.79
N GLU C 86 -2.32 -17.85 14.17
CA GLU C 86 -1.77 -17.39 15.44
C GLU C 86 -2.31 -16.02 15.85
N ILE C 87 -2.30 -15.02 14.95
CA ILE C 87 -2.78 -13.68 15.29
C ILE C 87 -4.19 -13.68 15.91
N ARG C 88 -5.05 -14.61 15.50
CA ARG C 88 -6.37 -14.83 16.09
C ARG C 88 -6.25 -15.84 17.23
N LYS C 89 -5.67 -16.99 16.92
CA LYS C 89 -5.66 -18.21 17.71
C LYS C 89 -4.92 -18.04 19.02
N LYS C 90 -3.97 -17.10 19.16
CA LYS C 90 -2.59 -17.48 19.44
C LYS C 90 -2.47 -18.72 20.34
N LYS C 91 -2.88 -18.68 21.61
CA LYS C 91 -2.85 -19.82 22.52
C LYS C 91 -4.21 -19.95 23.24
N ASP C 92 -5.30 -19.84 22.46
CA ASP C 92 -6.72 -19.96 22.80
C ASP C 92 -6.98 -21.34 23.42
N LEU C 93 -6.53 -21.51 24.65
CA LEU C 93 -6.44 -22.74 25.39
C LEU C 93 -5.95 -22.35 26.79
N LYS C 94 -4.84 -21.58 26.86
CA LYS C 94 -4.33 -21.00 28.10
C LYS C 94 -4.31 -19.47 28.05
N ILE C 95 -3.88 -18.88 26.92
CA ILE C 95 -3.58 -17.45 26.82
C ILE C 95 -4.08 -16.92 25.46
N ARG C 96 -5.12 -16.07 25.37
CA ARG C 96 -6.11 -15.59 26.33
C ARG C 96 -7.12 -14.64 25.66
N DLY C 97 -6.75 -13.64 24.84
CA DLY C 97 -5.46 -13.22 24.27
C DLY C 97 -5.78 -12.48 22.95
O DLY C 97 -6.55 -13.07 22.18
CB DLY C 97 -4.55 -12.59 25.34
CG DLY C 97 -5.11 -11.42 26.19
CD DLY C 97 -3.95 -10.71 26.93
CE DLY C 97 -3.81 -9.19 26.67
NZ DLY C 97 -4.81 -8.36 27.36
H DLY C 97 -7.50 -13.08 24.55
HA DLY C 97 -6.11 -12.26 24.49
HB2 DLY C 97 -4.25 -13.36 26.03
HB3 DLY C 97 -3.66 -12.23 24.85
HG2 DLY C 97 -5.61 -10.71 25.54
HG3 DLY C 97 -5.81 -11.81 26.91
HD2 DLY C 97 -4.09 -10.84 27.99
HD3 DLY C 97 -3.02 -11.19 26.64
HE2 DLY C 97 -2.83 -8.88 27.00
HE3 DLY C 97 -3.89 -9.03 25.61
HZ1 DLY C 97 -4.66 -7.36 27.14
HZ2 DLY C 97 -4.74 -8.49 28.39
HZ3 DLY C 97 -5.77 -8.62 27.06
N DLY C 98 -5.34 -11.28 22.56
CA DLY C 98 -4.32 -10.42 23.07
C DLY C 98 -2.98 -10.80 22.43
O DLY C 98 -2.87 -10.66 21.19
CB DLY C 98 -4.75 -8.97 22.83
CG DLY C 98 -6.22 -8.68 23.18
CD DLY C 98 -6.43 -7.18 23.45
CE DLY C 98 -6.01 -6.27 22.28
NZ DLY C 98 -5.68 -4.91 22.75
H DLY C 98 -5.81 -10.94 21.77
HA DLY C 98 -4.33 -10.47 21.90
HB2 DLY C 98 -4.14 -8.33 23.43
HB3 DLY C 98 -4.60 -8.73 21.79
HG2 DLY C 98 -6.85 -8.97 22.35
HG3 DLY C 98 -6.50 -9.24 24.06
HD2 DLY C 98 -7.49 -7.01 23.65
HD3 DLY C 98 -5.86 -6.91 24.34
HE2 DLY C 98 -5.13 -6.70 21.82
HE3 DLY C 98 -6.81 -6.23 21.56
HZ1 DLY C 98 -5.41 -4.32 21.93
HZ2 DLY C 98 -4.89 -4.95 23.42
HZ3 DLY C 98 -6.51 -4.48 23.21
N MET D 1 -10.85 -7.79 22.35
CA MET D 1 -11.89 -7.15 21.55
C MET D 1 -11.30 -6.69 20.22
N ALA D 2 -10.27 -5.82 20.25
CA ALA D 2 -9.58 -5.36 19.04
C ALA D 2 -8.33 -4.54 19.35
N ALA D 3 -7.16 -5.02 18.91
CA ALA D 3 -6.02 -4.24 18.39
C ALA D 3 -5.79 -2.79 18.89
N GLU D 4 -4.86 -2.58 19.82
CA GLU D 4 -3.97 -1.42 19.87
C GLU D 4 -2.77 -1.70 18.92
N PRO D 5 -1.70 -0.83 18.84
CA PRO D 5 -0.53 -1.00 17.97
C PRO D 5 -0.14 -2.42 17.55
N LEU D 6 0.16 -2.54 16.27
CA LEU D 6 0.60 -3.79 15.66
C LEU D 6 1.84 -3.48 14.81
N THR D 7 2.40 -4.47 14.12
CA THR D 7 3.57 -4.25 13.29
C THR D 7 3.18 -3.85 11.86
N GLU D 8 4.18 -3.69 10.99
CA GLU D 8 3.95 -3.30 9.60
C GLU D 8 3.25 -4.41 8.80
N LEU D 9 3.60 -5.65 9.09
CA LEU D 9 3.01 -6.79 8.38
C LEU D 9 1.64 -7.16 8.95
N GLU D 10 1.37 -6.73 10.18
CA GLU D 10 0.07 -7.01 10.80
C GLU D 10 -0.99 -6.06 10.23
N GLU D 11 -0.55 -4.89 9.74
CA GLU D 11 -1.45 -3.96 9.08
C GLU D 11 -2.12 -4.64 7.88
N SER D 12 -1.32 -5.24 7.01
CA SER D 12 -1.79 -5.77 5.75
C SER D 12 -2.65 -7.03 5.91
N ILE D 13 -2.52 -7.78 7.01
CA ILE D 13 -3.53 -8.78 7.36
C ILE D 13 -4.78 -8.11 7.95
N GLU D 14 -4.64 -6.99 8.69
CA GLU D 14 -5.81 -6.25 9.15
C GLU D 14 -6.66 -5.77 7.97
N THR D 15 -6.06 -5.06 7.01
CA THR D 15 -6.81 -4.36 5.98
C THR D 15 -7.84 -5.29 5.28
N VAL D 16 -7.46 -6.55 5.04
CA VAL D 16 -8.36 -7.53 4.46
C VAL D 16 -9.42 -8.00 5.47
N VAL D 17 -9.06 -8.15 6.75
CA VAL D 17 -10.00 -8.47 7.81
C VAL D 17 -11.06 -7.37 7.93
N THR D 18 -10.63 -6.10 7.81
CA THR D 18 -11.56 -4.96 7.85
C THR D 18 -12.65 -5.10 6.77
N THR D 19 -12.31 -5.76 5.64
CA THR D 19 -13.28 -6.01 4.56
C THR D 19 -14.29 -7.03 5.08
N PHE D 20 -13.72 -8.12 5.60
CA PHE D 20 -14.46 -9.20 6.25
C PHE D 20 -15.46 -8.63 7.25
N PHE D 21 -14.93 -7.87 8.21
CA PHE D 21 -15.69 -7.26 9.31
C PHE D 21 -16.86 -6.38 8.85
N THR D 22 -16.69 -5.67 7.75
CA THR D 22 -17.74 -4.78 7.27
C THR D 22 -18.60 -5.41 6.18
N PHE D 23 -18.73 -6.73 6.24
CA PHE D 23 -19.53 -7.48 5.27
C PHE D 23 -20.26 -8.61 5.97
N ALA D 24 -19.66 -9.13 7.04
CA ALA D 24 -20.22 -10.23 7.80
C ALA D 24 -21.17 -9.76 8.89
N ARG D 25 -21.24 -8.45 9.12
CA ARG D 25 -22.18 -7.89 10.09
C ARG D 25 -23.55 -7.60 9.44
N GLN D 26 -23.82 -8.23 8.29
CA GLN D 26 -25.08 -8.01 7.54
C GLN D 26 -26.30 -8.59 8.27
N GLU D 27 -26.51 -9.91 8.15
CA GLU D 27 -27.63 -10.58 8.84
C GLU D 27 -27.19 -10.79 10.29
N GLY D 28 -27.08 -12.03 10.77
CA GLY D 28 -26.53 -12.18 12.10
C GLY D 28 -25.06 -11.79 12.11
N ARG D 29 -24.53 -11.49 13.29
CA ARG D 29 -23.21 -11.94 13.73
C ARG D 29 -22.07 -11.65 12.76
N LYS D 30 -21.25 -10.67 13.14
CA LYS D 30 -20.10 -10.20 12.35
C LYS D 30 -18.90 -11.18 12.43
N ASP D 31 -18.89 -12.00 13.46
CA ASP D 31 -17.82 -12.97 13.67
C ASP D 31 -17.89 -14.18 12.73
N SER D 32 -19.00 -14.39 12.01
CA SER D 32 -19.15 -15.48 11.03
C SER D 32 -19.66 -14.96 9.68
N LEU D 33 -19.10 -15.48 8.59
CA LEU D 33 -19.67 -15.25 7.27
C LEU D 33 -20.96 -16.06 7.14
N SER D 34 -21.98 -15.39 6.61
CA SER D 34 -23.32 -15.91 6.37
C SER D 34 -23.57 -15.83 4.84
N VAL D 35 -24.56 -16.55 4.27
CA VAL D 35 -24.63 -16.71 2.82
C VAL D 35 -25.64 -15.75 2.19
N ASN D 36 -25.50 -14.49 2.57
CA ASN D 36 -25.71 -13.31 1.78
C ASN D 36 -24.86 -12.23 2.46
N GLU D 37 -23.60 -12.66 2.55
CA GLU D 37 -22.44 -11.94 3.05
C GLU D 37 -21.26 -12.45 2.22
N PHE D 38 -21.20 -13.79 2.12
CA PHE D 38 -20.23 -14.49 1.32
C PHE D 38 -20.49 -14.25 -0.16
N LYS D 39 -21.69 -14.61 -0.64
CA LYS D 39 -21.96 -14.48 -2.07
C LYS D 39 -21.84 -13.02 -2.50
N GLU D 40 -22.27 -12.09 -1.64
CA GLU D 40 -22.15 -10.66 -1.94
C GLU D 40 -20.67 -10.25 -1.97
N LEU D 41 -19.85 -10.93 -1.17
CA LEU D 41 -18.42 -10.65 -1.09
C LEU D 41 -17.69 -11.12 -2.36
N VAL D 42 -17.97 -12.34 -2.79
CA VAL D 42 -17.36 -12.88 -3.99
C VAL D 42 -17.78 -12.07 -5.22
N THR D 43 -19.05 -11.73 -5.31
CA THR D 43 -19.57 -10.98 -6.47
C THR D 43 -19.10 -9.52 -6.49
N GLN D 44 -18.58 -9.01 -5.38
CA GLN D 44 -18.14 -7.60 -5.32
C GLN D 44 -16.62 -7.45 -5.23
N GLN D 45 -16.00 -8.12 -4.26
CA GLN D 45 -14.57 -7.99 -4.04
C GLN D 45 -13.73 -9.03 -4.79
N LEU D 46 -14.33 -10.17 -5.15
CA LEU D 46 -13.58 -11.21 -5.86
C LEU D 46 -14.18 -11.58 -7.23
N PRO D 47 -14.69 -10.61 -8.05
CA PRO D 47 -15.30 -10.94 -9.34
C PRO D 47 -14.27 -11.19 -10.44
N HIS D 48 -13.06 -10.65 -10.27
CA HIS D 48 -12.00 -10.82 -11.24
C HIS D 48 -11.00 -11.87 -10.77
N LEU D 49 -10.68 -11.83 -9.49
CA LEU D 49 -9.75 -12.77 -8.89
C LEU D 49 -10.36 -14.18 -8.90
N LEU D 50 -11.58 -14.29 -8.38
CA LEU D 50 -12.27 -15.57 -8.37
C LEU D 50 -13.27 -15.63 -9.51
N LYS D 51 -12.93 -16.42 -10.53
CA LYS D 51 -13.78 -16.56 -11.71
C LYS D 51 -14.85 -17.63 -11.50
N ASP D 52 -15.39 -17.67 -10.28
CA ASP D 52 -16.42 -18.64 -9.92
C ASP D 52 -17.37 -18.04 -8.91
N VAL D 53 -18.18 -17.09 -9.36
CA VAL D 53 -19.15 -16.42 -8.50
C VAL D 53 -20.50 -17.13 -8.50
N GLY D 54 -20.72 -17.98 -9.51
CA GLY D 54 -21.98 -18.70 -9.60
C GLY D 54 -21.90 -20.06 -8.95
N SER D 55 -20.67 -20.52 -8.72
CA SER D 55 -20.44 -21.81 -8.09
C SER D 55 -19.85 -21.65 -6.68
N LEU D 56 -20.23 -20.57 -6.01
CA LEU D 56 -19.79 -20.29 -4.65
C LEU D 56 -20.15 -21.48 -3.76
N ASP D 57 -21.39 -21.95 -3.85
CA ASP D 57 -21.98 -23.02 -3.07
C ASP D 57 -21.03 -24.22 -2.91
N GLU D 58 -20.35 -24.54 -4.01
CA GLU D 58 -19.36 -25.62 -4.06
C GLU D 58 -18.18 -25.29 -3.14
N LYS D 59 -17.71 -24.04 -3.21
CA LYS D 59 -16.62 -23.57 -2.36
C LYS D 59 -17.07 -23.54 -0.91
N MET D 60 -18.26 -22.96 -0.66
CA MET D 60 -18.88 -22.91 0.64
C MET D 60 -18.86 -24.30 1.28
N LYS D 61 -19.39 -25.31 0.59
CA LYS D 61 -19.40 -26.67 1.11
C LYS D 61 -17.97 -27.14 1.43
N SER D 62 -17.02 -26.85 0.54
CA SER D 62 -15.62 -27.21 0.74
C SER D 62 -15.01 -26.49 1.95
N LEU D 63 -15.38 -25.22 2.16
CA LEU D 63 -14.89 -24.38 3.24
C LEU D 63 -15.44 -24.87 4.58
N ASP D 64 -16.77 -24.92 4.68
CA ASP D 64 -17.54 -24.97 5.92
C ASP D 64 -17.24 -26.12 6.87
N VAL D 65 -16.51 -27.14 6.42
CA VAL D 65 -16.76 -28.59 6.48
C VAL D 65 -17.45 -29.18 7.73
N ASN D 66 -17.43 -28.52 8.88
CA ASN D 66 -18.37 -28.89 9.94
C ASN D 66 -19.81 -28.77 9.45
N GLN D 67 -20.04 -27.92 8.44
CA GLN D 67 -21.30 -27.75 7.73
C GLN D 67 -22.39 -27.15 8.64
N ASP D 68 -21.98 -26.49 9.73
CA ASP D 68 -22.87 -25.65 10.52
C ASP D 68 -23.40 -24.48 9.68
N SER D 69 -22.75 -24.18 8.55
CA SER D 69 -23.10 -23.11 7.65
C SER D 69 -22.87 -21.71 8.24
N GLU D 70 -22.19 -21.64 9.40
CA GLU D 70 -21.42 -20.47 9.76
C GLU D 70 -20.04 -20.69 9.18
N LEU D 71 -19.67 -19.89 8.17
CA LEU D 71 -18.32 -19.91 7.65
C LEU D 71 -17.46 -19.24 8.73
N LYS D 72 -16.76 -20.07 9.51
CA LYS D 72 -16.27 -19.71 10.82
C LYS D 72 -14.97 -18.91 10.71
N PHE D 73 -14.48 -18.38 11.84
CA PHE D 73 -13.33 -17.50 11.92
C PHE D 73 -12.07 -18.39 11.87
N ASN D 74 -11.84 -18.87 10.64
CA ASN D 74 -10.90 -19.85 10.12
C ASN D 74 -11.64 -21.19 9.97
N GLU D 75 -12.82 -21.20 9.34
CA GLU D 75 -13.04 -21.84 8.06
C GLU D 75 -12.76 -20.82 6.95
N TYR D 76 -13.54 -19.72 6.97
CA TYR D 76 -13.62 -18.68 5.95
C TYR D 76 -12.25 -18.35 5.37
N TRP D 77 -11.32 -18.06 6.27
CA TRP D 77 -10.00 -17.56 5.95
C TRP D 77 -9.36 -18.30 4.77
N ARG D 78 -9.55 -19.62 4.71
CA ARG D 78 -9.11 -20.46 3.60
C ARG D 78 -9.29 -19.77 2.25
N LEU D 79 -10.44 -19.13 2.02
CA LEU D 79 -10.77 -18.44 0.79
C LEU D 79 -9.65 -17.50 0.36
N ILE D 80 -9.17 -16.65 1.27
CA ILE D 80 -8.11 -15.69 1.00
C ILE D 80 -6.86 -16.47 0.53
N GLY D 81 -6.71 -17.70 1.02
CA GLY D 81 -5.67 -18.64 0.68
C GLY D 81 -5.75 -19.12 -0.74
N GLU D 82 -6.99 -19.44 -1.12
CA GLU D 82 -7.26 -19.95 -2.42
C GLU D 82 -7.01 -18.82 -3.41
N LEU D 83 -7.54 -17.61 -3.18
CA LEU D 83 -7.11 -16.49 -4.01
C LEU D 83 -5.59 -16.29 -3.99
N ALA D 84 -4.97 -16.34 -2.81
CA ALA D 84 -3.53 -16.15 -2.68
C ALA D 84 -2.76 -17.11 -3.59
N LYS D 85 -3.06 -18.42 -3.55
CA LYS D 85 -2.41 -19.33 -4.46
C LYS D 85 -2.89 -19.11 -5.90
N GLU D 86 -4.20 -18.87 -6.16
CA GLU D 86 -4.81 -18.74 -7.48
C GLU D 86 -3.96 -17.89 -8.42
N ILE D 87 -3.47 -16.73 -7.94
CA ILE D 87 -2.64 -15.85 -8.73
C ILE D 87 -1.47 -16.61 -9.37
N ARG D 88 -0.86 -17.54 -8.61
CA ARG D 88 0.15 -18.48 -9.06
C ARG D 88 -0.49 -19.72 -9.74
N LYS D 89 -1.62 -20.20 -9.23
CA LYS D 89 -2.15 -21.53 -9.47
C LYS D 89 -3.50 -21.48 -10.18
N LYS D 90 -3.44 -21.26 -11.50
CA LYS D 90 -4.57 -21.16 -12.43
C LYS D 90 -5.71 -22.14 -12.10
N LYS D 91 -5.46 -23.45 -11.99
CA LYS D 91 -6.50 -24.43 -11.66
C LYS D 91 -5.97 -25.69 -10.98
N ASP D 92 -4.65 -25.81 -10.81
CA ASP D 92 -3.95 -27.08 -10.89
C ASP D 92 -3.82 -27.71 -9.50
N LEU D 93 -4.93 -27.78 -8.76
CA LEU D 93 -4.95 -28.32 -7.40
C LEU D 93 -5.30 -29.80 -7.38
N DLY D 94 -6.43 -30.16 -8.00
CA DLY D 94 -7.08 -31.45 -7.82
C DLY D 94 -7.19 -31.84 -6.34
O DLY D 94 -8.09 -31.34 -5.65
CB DLY D 94 -8.49 -31.39 -8.45
CG DLY D 94 -9.21 -30.09 -8.08
CD DLY D 94 -10.73 -30.23 -7.90
CE DLY D 94 -11.19 -30.65 -6.49
NZ DLY D 94 -10.66 -31.96 -6.05
H DLY D 94 -6.84 -29.52 -8.60
HA DLY D 94 -7.45 -30.62 -7.14
HB2 DLY D 94 -8.39 -31.45 -9.53
HB3 DLY D 94 -9.06 -32.23 -8.10
HG2 DLY D 94 -8.82 -29.70 -7.15
HG3 DLY D 94 -9.03 -29.37 -8.86
HD2 DLY D 94 -11.18 -29.27 -8.12
HD3 DLY D 94 -11.10 -30.95 -8.62
HE2 DLY D 94 -10.87 -29.91 -5.79
HE3 DLY D 94 -12.28 -30.70 -6.49
HZ1 DLY D 94 -11.01 -32.18 -5.09
HZ2 DLY D 94 -9.62 -31.95 -6.04
HZ3 DLY D 94 -10.98 -32.71 -6.71
N ILE D 95 -6.36 -32.77 -5.87
CA ILE D 95 -6.47 -33.48 -4.59
C ILE D 95 -7.82 -34.21 -4.38
N ARG D 96 -7.76 -35.30 -3.61
CA ARG D 96 -8.86 -36.12 -3.17
C ARG D 96 -8.29 -37.01 -2.06
N LYS D 97 -8.91 -37.06 -0.89
CA LYS D 97 -8.28 -37.56 0.33
C LYS D 97 -9.37 -37.55 1.42
N LYS D 98 -9.60 -38.69 2.07
CA LYS D 98 -10.37 -38.79 3.30
C LYS D 98 -9.36 -38.95 4.43
N TYR E 1 -26.71 32.47 8.51
CA TYR E 1 -27.45 32.57 7.23
C TYR E 1 -27.86 31.16 6.74
N LYS E 2 -28.73 30.50 7.49
CA LYS E 2 -29.18 29.16 7.15
C LYS E 2 -29.64 29.11 5.69
N LYS E 3 -28.85 28.46 4.85
CA LYS E 3 -29.15 28.34 3.43
C LYS E 3 -28.40 27.13 2.84
N PRO E 4 -28.46 26.93 1.51
CA PRO E 4 -27.81 25.83 0.80
C PRO E 4 -26.68 25.17 1.60
N LYS E 5 -26.97 23.98 2.12
CA LYS E 5 -25.99 23.22 2.88
C LYS E 5 -25.30 22.20 1.97
N LEU E 6 -24.05 22.48 1.62
CA LEU E 6 -23.28 21.59 0.76
C LEU E 6 -22.67 20.46 1.58
N LEU E 7 -22.76 19.24 1.09
CA LEU E 7 -22.21 18.08 1.78
C LEU E 7 -21.64 17.07 0.79
N TYR E 8 -20.47 16.54 1.10
CA TYR E 8 -19.82 15.54 0.26
C TYR E 8 -18.81 14.73 1.07
N CYS E 9 -18.23 13.70 0.48
CA CYS E 9 -17.26 12.88 1.20
C CYS E 9 -16.21 12.31 0.24
N SER E 10 -15.12 11.79 0.82
CA SER E 10 -14.02 11.22 0.06
C SER E 10 -13.18 12.33 -0.55
N ASN E 11 -11.91 12.37 -0.18
CA ASN E 11 -10.99 13.39 -0.69
C ASN E 11 -11.09 13.48 -2.21
N GLY E 12 -11.33 14.67 -2.72
CA GLY E 12 -11.45 14.88 -4.14
C GLY E 12 -12.64 15.73 -4.50
N GLY E 13 -12.44 16.66 -5.44
CA GLY E 13 -13.51 17.53 -5.86
C GLY E 13 -14.73 16.76 -6.32
N HIS E 14 -15.77 16.74 -5.49
CA HIS E 14 -17.02 16.06 -5.79
C HIS E 14 -18.11 16.52 -4.81
N PHE E 15 -19.20 17.07 -5.35
CA PHE E 15 -20.29 17.55 -4.51
C PHE E 15 -21.57 16.78 -4.81
N LEU E 16 -22.43 16.65 -3.80
CA LEU E 16 -23.69 15.94 -3.96
C LEU E 16 -24.68 16.79 -4.77
N ARG E 17 -24.82 16.49 -6.05
CA ARG E 17 -25.74 17.24 -6.89
C ARG E 17 -27.07 16.51 -6.98
N ILE E 18 -28.08 17.08 -6.33
CA ILE E 18 -29.41 16.49 -6.31
C ILE E 18 -30.25 16.98 -7.48
N LEU E 19 -31.06 16.08 -8.02
CA LEU E 19 -31.95 16.40 -9.13
C LEU E 19 -33.36 15.91 -8.82
N PRO E 20 -34.39 16.71 -9.17
CA PRO E 20 -35.80 16.35 -8.93
C PRO E 20 -36.11 14.90 -9.30
N ASP E 21 -35.40 14.40 -10.30
CA ASP E 21 -35.56 13.02 -10.76
C ASP E 21 -35.30 12.03 -9.64
N GLY E 22 -34.24 12.28 -8.87
CA GLY E 22 -33.88 11.41 -7.78
C GLY E 22 -32.45 10.91 -7.89
N THR E 23 -31.97 10.74 -9.12
CA THR E 23 -30.60 10.27 -9.34
C THR E 23 -29.58 11.35 -9.00
N VAL E 24 -29.22 11.41 -7.72
CA VAL E 24 -28.23 12.36 -7.23
C VAL E 24 -26.82 11.78 -7.38
N ASP E 25 -25.91 12.57 -7.95
CA ASP E 25 -24.53 12.12 -8.15
C ASP E 25 -23.54 13.12 -7.53
N GLY E 26 -22.29 12.68 -7.39
CA GLY E 26 -21.26 13.52 -6.82
C GLY E 26 -20.62 14.43 -7.84
N THR E 27 -21.40 15.36 -8.36
CA THR E 27 -20.92 16.32 -9.36
C THR E 27 -19.91 17.27 -8.75
N ARG E 28 -18.76 17.41 -9.38
CA ARG E 28 -17.74 18.32 -8.88
C ARG E 28 -17.86 19.69 -9.55
N ASP E 29 -18.95 20.38 -9.23
CA ASP E 29 -19.20 21.70 -9.79
C ASP E 29 -19.99 22.56 -8.81
N ARG E 30 -19.81 23.86 -8.90
CA ARG E 30 -20.51 24.81 -8.03
C ARG E 30 -21.07 25.98 -8.85
N SER E 31 -21.26 25.74 -10.15
CA SER E 31 -21.78 26.75 -11.06
C SER E 31 -23.30 26.67 -11.12
N ASP E 32 -23.82 25.45 -11.21
CA ASP E 32 -25.25 25.22 -11.27
C ASP E 32 -25.81 24.93 -9.89
N GLN E 33 -26.83 25.68 -9.49
CA GLN E 33 -27.44 25.50 -8.17
C GLN E 33 -28.18 24.18 -8.06
N HIS E 34 -27.44 23.09 -7.91
CA HIS E 34 -28.04 21.77 -7.77
C HIS E 34 -27.24 20.88 -6.81
N ILE E 35 -26.37 21.50 -6.01
CA ILE E 35 -25.54 20.76 -5.06
C ILE E 35 -25.72 21.34 -3.65
N GLN E 36 -26.96 21.63 -3.29
CA GLN E 36 -27.27 22.21 -1.99
C GLN E 36 -28.55 21.60 -1.41
N LEU E 37 -28.47 21.21 -0.15
CA LEU E 37 -29.60 20.62 0.55
C LEU E 37 -29.85 21.37 1.86
N GLN E 38 -31.08 21.34 2.35
CA GLN E 38 -31.41 22.02 3.58
C GLN E 38 -31.22 21.09 4.78
N LEU E 39 -29.95 20.83 5.10
CA LEU E 39 -29.60 19.98 6.24
C LEU E 39 -29.84 20.72 7.55
N SER E 40 -30.58 20.10 8.45
CA SER E 40 -30.87 20.69 9.75
C SER E 40 -31.30 19.62 10.74
N ALA E 41 -31.11 19.92 12.03
CA ALA E 41 -31.50 19.00 13.10
C ALA E 41 -32.97 19.18 13.42
N GLU E 42 -33.79 18.25 12.94
CA GLU E 42 -35.24 18.32 13.16
C GLU E 42 -35.56 18.00 14.62
N SER E 43 -35.09 16.85 15.08
CA SER E 43 -35.31 16.42 16.45
C SER E 43 -33.98 16.31 17.18
N VAL E 44 -34.03 16.04 18.49
CA VAL E 44 -32.81 15.90 19.28
C VAL E 44 -31.84 14.89 18.66
N GLY E 45 -30.91 15.41 17.86
CA GLY E 45 -29.94 14.56 17.20
C GLY E 45 -30.39 14.06 15.84
N GLU E 46 -31.67 14.18 15.55
CA GLU E 46 -32.21 13.71 14.28
C GLU E 46 -32.13 14.80 13.22
N VAL E 47 -31.24 14.62 12.25
CA VAL E 47 -31.05 15.59 11.18
C VAL E 47 -31.69 15.08 9.89
N TYR E 48 -32.28 15.98 9.13
CA TYR E 48 -32.93 15.61 7.88
C TYR E 48 -32.22 16.25 6.70
N ILE E 49 -32.24 15.55 5.57
CA ILE E 49 -31.62 16.02 4.34
C ILE E 49 -32.69 16.29 3.29
N LYS E 50 -33.01 17.56 3.10
CA LYS E 50 -34.03 17.96 2.15
C LYS E 50 -33.53 19.06 1.24
N SER E 51 -33.37 18.77 -0.04
CA SER E 51 -32.91 19.75 -1.01
C SER E 51 -34.09 20.60 -1.48
N THR E 52 -34.71 21.29 -0.53
CA THR E 52 -35.87 22.12 -0.81
C THR E 52 -35.62 23.14 -1.91
N GLU E 53 -34.79 24.14 -1.63
CA GLU E 53 -34.50 25.19 -2.58
C GLU E 53 -33.43 24.78 -3.59
N THR E 54 -33.66 23.67 -4.30
CA THR E 54 -32.70 23.20 -5.30
C THR E 54 -33.10 21.85 -5.91
N GLY E 55 -33.59 20.92 -5.08
CA GLY E 55 -33.94 19.62 -5.61
C GLY E 55 -35.20 19.03 -5.00
N GLN E 56 -35.01 17.98 -4.22
CA GLN E 56 -36.11 17.25 -3.61
C GLN E 56 -35.76 16.75 -2.21
N TYR E 57 -36.69 16.02 -1.60
CA TYR E 57 -36.49 15.45 -0.28
C TYR E 57 -35.92 14.03 -0.42
N LEU E 58 -35.05 13.64 0.50
CA LEU E 58 -34.44 12.32 0.44
C LEU E 58 -35.36 11.25 1.03
N ALA E 59 -35.16 10.02 0.57
CA ALA E 59 -35.94 8.87 1.02
C ALA E 59 -35.18 7.59 0.71
N MET E 60 -34.28 7.23 1.60
CA MET E 60 -33.44 6.05 1.44
C MET E 60 -34.27 4.80 1.14
N ASP E 61 -33.73 3.94 0.28
CA ASP E 61 -34.39 2.70 -0.08
C ASP E 61 -33.89 1.60 0.83
N THR E 62 -34.46 1.51 2.02
CA THR E 62 -34.07 0.51 2.99
C THR E 62 -32.60 0.70 3.37
N ASP E 63 -32.15 1.96 3.39
CA ASP E 63 -30.75 2.30 3.69
C ASP E 63 -29.83 1.83 2.56
N GLY E 64 -29.95 0.55 2.20
CA GLY E 64 -29.15 -0.03 1.13
C GLY E 64 -28.84 0.96 0.02
N LEU E 65 -29.89 1.52 -0.58
CA LEU E 65 -29.73 2.49 -1.64
C LEU E 65 -30.28 3.84 -1.20
N LEU E 66 -29.51 4.89 -1.44
CA LEU E 66 -29.92 6.23 -1.03
C LEU E 66 -30.54 6.97 -2.22
N TYR E 67 -31.73 7.52 -2.02
CA TYR E 67 -32.43 8.26 -3.07
C TYR E 67 -33.39 9.28 -2.44
N GLY E 68 -34.04 10.07 -3.29
CA GLY E 68 -34.98 11.06 -2.80
C GLY E 68 -35.66 11.79 -3.94
N SER E 69 -36.92 12.13 -3.76
CA SER E 69 -37.68 12.84 -4.78
C SER E 69 -39.17 12.92 -4.41
N GLN E 70 -39.82 11.77 -4.31
CA GLN E 70 -41.25 11.70 -4.02
C GLN E 70 -41.59 12.28 -2.65
N THR E 71 -41.23 11.59 -1.58
CA THR E 71 -41.54 12.06 -0.23
C THR E 71 -40.41 11.79 0.77
N PRO E 72 -40.24 12.68 1.77
CA PRO E 72 -39.21 12.52 2.79
C PRO E 72 -39.63 11.48 3.84
N ASN E 73 -39.62 10.22 3.44
CA ASN E 73 -40.01 9.12 4.33
C ASN E 73 -39.06 9.02 5.51
N GLU E 74 -39.52 8.42 6.62
CA GLU E 74 -38.70 8.26 7.83
C GLU E 74 -37.29 7.81 7.48
N GLU E 75 -37.15 7.03 6.41
CA GLU E 75 -35.84 6.57 5.94
C GLU E 75 -34.84 7.74 5.88
N CYS E 76 -35.37 8.95 5.70
CA CYS E 76 -34.53 10.16 5.60
C CYS E 76 -34.13 10.74 6.96
N LEU E 77 -34.52 10.10 8.07
CA LEU E 77 -34.15 10.60 9.39
C LEU E 77 -32.82 9.99 9.82
N PHE E 78 -31.83 10.85 10.06
CA PHE E 78 -30.50 10.40 10.46
C PHE E 78 -30.02 11.09 11.73
N LEU E 79 -29.27 10.35 12.55
CA LEU E 79 -28.72 10.88 13.78
C LEU E 79 -27.42 11.64 13.49
N GLU E 80 -27.36 12.91 13.90
CA GLU E 80 -26.19 13.74 13.66
C GLU E 80 -25.04 13.34 14.59
N ARG E 81 -23.95 12.86 13.99
CA ARG E 81 -22.76 12.47 14.74
C ARG E 81 -21.52 13.13 14.13
N LEU E 82 -20.52 13.38 14.96
CA LEU E 82 -19.29 14.02 14.49
C LEU E 82 -18.08 13.14 14.79
N GLU E 83 -17.15 13.08 13.86
CA GLU E 83 -15.93 12.29 14.03
C GLU E 83 -14.72 13.21 14.13
N GLU E 84 -13.78 12.87 15.00
CA GLU E 84 -12.57 13.65 15.19
C GLU E 84 -11.62 13.49 14.00
N ASN E 85 -12.16 13.73 12.81
CA ASN E 85 -11.41 13.60 11.56
C ASN E 85 -11.85 14.68 10.57
N HIS E 86 -12.45 15.75 11.09
CA HIS E 86 -12.94 16.85 10.27
C HIS E 86 -14.01 16.36 9.29
N TYR E 87 -14.92 15.53 9.80
CA TYR E 87 -16.01 14.99 8.99
C TYR E 87 -17.27 14.79 9.83
N ASN E 88 -18.41 14.81 9.16
CA ASN E 88 -19.71 14.64 9.80
C ASN E 88 -20.23 13.23 9.56
N THR E 89 -20.94 12.69 10.54
CA THR E 89 -21.50 11.36 10.45
C THR E 89 -23.01 11.40 10.69
N TYR E 90 -23.77 10.67 9.89
CA TYR E 90 -25.22 10.65 10.04
C TYR E 90 -25.71 9.20 10.07
N ILE E 91 -26.28 8.81 11.20
CA ILE E 91 -26.76 7.45 11.37
C ILE E 91 -28.24 7.33 11.02
N SER E 92 -28.54 6.55 9.99
CA SER E 92 -29.91 6.32 9.56
C SER E 92 -30.65 5.50 10.61
N LYS E 93 -31.09 6.17 11.67
CA LYS E 93 -31.80 5.52 12.77
C LYS E 93 -32.83 4.51 12.24
N LYS E 94 -33.45 4.85 11.11
CA LYS E 94 -34.44 3.98 10.48
C LYS E 94 -33.87 2.56 10.28
N HIS E 95 -32.54 2.48 10.11
CA HIS E 95 -31.88 1.18 9.92
C HIS E 95 -30.71 1.00 10.89
N ALA E 96 -30.61 1.89 11.88
CA ALA E 96 -29.53 1.81 12.87
C ALA E 96 -29.49 0.41 13.48
N GLU E 97 -30.65 -0.23 13.57
CA GLU E 97 -30.78 -1.57 14.11
C GLU E 97 -29.76 -2.52 13.47
N LYS E 98 -29.46 -2.31 12.18
CA LYS E 98 -28.52 -3.16 11.45
C LYS E 98 -27.12 -2.55 11.39
N ASN E 99 -26.88 -1.52 12.22
CA ASN E 99 -25.60 -0.82 12.27
C ASN E 99 -25.28 -0.19 10.91
N TRP E 100 -26.31 0.41 10.31
CA TRP E 100 -26.16 1.05 9.00
C TRP E 100 -26.25 2.57 9.12
N PHE E 101 -25.29 3.25 8.50
CA PHE E 101 -25.24 4.71 8.50
C PHE E 101 -24.88 5.24 7.11
N VAL E 102 -25.79 6.04 6.53
CA VAL E 102 -25.67 6.65 5.20
C VAL E 102 -24.24 6.75 4.69
N GLY E 103 -24.00 6.13 3.53
CA GLY E 103 -22.70 6.16 2.88
C GLY E 103 -22.84 6.30 1.38
N LEU E 104 -22.08 7.22 0.78
CA LEU E 104 -22.16 7.45 -0.66
C LEU E 104 -20.83 7.20 -1.35
N LYS E 105 -20.88 6.99 -2.66
CA LYS E 105 -19.69 6.76 -3.46
C LYS E 105 -19.34 8.02 -4.25
N LYS E 106 -18.31 8.72 -3.81
CA LYS E 106 -17.85 9.96 -4.45
C LYS E 106 -17.87 9.86 -5.97
N ASN E 107 -17.40 8.73 -6.49
CA ASN E 107 -17.36 8.51 -7.93
C ASN E 107 -18.36 7.45 -8.36
N GLY E 108 -19.53 7.44 -7.72
CA GLY E 108 -20.55 6.47 -8.04
C GLY E 108 -21.96 6.99 -7.78
N SER E 109 -22.19 7.46 -6.56
CA SER E 109 -23.48 7.99 -6.10
C SER E 109 -23.74 7.51 -4.68
N CYS E 110 -24.82 7.97 -4.08
CA CYS E 110 -25.17 7.57 -2.72
C CYS E 110 -25.94 6.26 -2.71
N LYS E 111 -25.26 5.17 -2.39
CA LYS E 111 -25.89 3.84 -2.33
C LYS E 111 -24.87 2.78 -1.93
N ARG E 112 -24.61 2.71 -0.63
CA ARG E 112 -23.66 1.74 -0.07
C ARG E 112 -24.14 1.24 1.28
N GLY E 113 -25.47 1.21 1.44
CA GLY E 113 -26.08 0.75 2.69
C GLY E 113 -25.58 -0.59 3.21
N PRO E 114 -25.48 -1.64 2.35
CA PRO E 114 -25.00 -2.96 2.81
C PRO E 114 -23.49 -2.95 3.10
N ARG E 115 -22.86 -1.79 2.91
CA ARG E 115 -21.43 -1.64 3.17
C ARG E 115 -21.15 -0.46 4.11
N THR E 116 -22.17 -0.05 4.87
CA THR E 116 -22.01 1.08 5.80
C THR E 116 -21.57 0.62 7.18
N HIS E 117 -20.26 0.64 7.42
CA HIS E 117 -19.69 0.23 8.71
C HIS E 117 -18.33 0.90 8.89
N TYR E 118 -17.39 0.22 9.56
CA TYR E 118 -16.07 0.78 9.77
C TYR E 118 -15.11 0.36 8.66
N GLY E 119 -15.63 0.27 7.45
CA GLY E 119 -14.84 -0.12 6.30
C GLY E 119 -14.83 0.98 5.26
N GLN E 120 -16.03 1.37 4.83
CA GLN E 120 -16.19 2.44 3.86
C GLN E 120 -16.10 3.77 4.59
N LYS E 121 -15.04 4.51 4.31
CA LYS E 121 -14.78 5.80 4.95
C LYS E 121 -15.70 6.89 4.41
N ALA E 122 -16.28 6.64 3.23
CA ALA E 122 -17.20 7.58 2.58
C ALA E 122 -18.32 8.04 3.53
N ILE E 123 -18.52 7.31 4.63
CA ILE E 123 -19.53 7.67 5.61
C ILE E 123 -19.17 8.99 6.31
N LEU E 124 -17.89 9.32 6.34
CA LEU E 124 -17.42 10.54 6.96
C LEU E 124 -17.53 11.70 5.98
N PHE E 125 -18.69 12.35 5.97
CA PHE E 125 -18.96 13.45 5.05
C PHE E 125 -18.32 14.76 5.52
N LEU E 126 -17.93 15.58 4.57
CA LEU E 126 -17.34 16.88 4.85
C LEU E 126 -18.33 17.97 4.44
N PRO E 127 -18.95 18.63 5.42
CA PRO E 127 -19.93 19.68 5.18
C PRO E 127 -19.31 21.07 4.98
N LEU E 128 -19.89 21.84 4.07
CA LEU E 128 -19.45 23.19 3.79
C LEU E 128 -20.66 24.14 3.77
N PRO E 129 -21.54 24.06 4.78
CA PRO E 129 -22.74 24.89 4.87
C PRO E 129 -22.47 26.29 5.41
N VAL E 130 -23.32 27.24 5.00
CA VAL E 130 -23.20 28.61 5.46
C VAL E 130 -23.81 28.77 6.85
N SER E 131 -22.99 28.52 7.87
CA SER E 131 -23.42 28.61 9.25
C SER E 131 -23.70 30.06 9.65
N SER E 132 -24.16 30.25 10.89
CA SER E 132 -24.46 31.58 11.40
C SER E 132 -23.43 31.97 12.46
N ASP E 133 -22.19 32.12 12.02
CA ASP E 133 -21.09 32.48 12.91
C ASP E 133 -20.87 33.98 12.91
N GLU F 1 -14.34 -1.82 -5.00
CA GLU F 1 -14.95 -1.97 -6.34
C GLU F 1 -13.92 -1.73 -7.45
N LYS F 2 -13.67 -2.76 -8.25
CA LYS F 2 -12.70 -2.65 -9.34
C LYS F 2 -13.17 -3.40 -10.58
N LEU F 3 -12.84 -2.85 -11.74
CA LEU F 3 -13.22 -3.45 -13.02
C LEU F 3 -12.03 -3.43 -13.98
N GLY F 4 -10.93 -2.80 -13.54
CA GLY F 4 -9.74 -2.72 -14.35
C GLY F 4 -9.49 -1.31 -14.84
N LYS F 5 -9.08 -1.17 -16.10
CA LYS F 5 -8.81 0.14 -16.68
C LYS F 5 -9.22 0.19 -18.16
N LEU F 6 -9.58 1.37 -18.64
CA LEU F 6 -9.98 1.56 -20.02
C LEU F 6 -9.31 2.80 -20.60
N GLN F 7 -8.59 2.62 -21.68
CA GLN F 7 -7.89 3.74 -22.32
C GLN F 7 -8.80 4.36 -23.37
N TYR F 8 -8.87 5.69 -23.43
CA TYR F 8 -9.73 6.36 -24.39
C TYR F 8 -9.22 7.75 -24.78
N SER F 9 -9.65 8.18 -25.96
CA SER F 9 -9.31 9.48 -26.51
C SER F 9 -10.58 10.13 -27.07
N LEU F 10 -11.14 11.07 -26.33
CA LEU F 10 -12.39 11.71 -26.74
C LEU F 10 -12.15 13.08 -27.36
N ASP F 11 -12.70 13.29 -28.56
CA ASP F 11 -12.58 14.57 -29.26
C ASP F 11 -13.96 15.16 -29.51
N TYR F 12 -14.04 16.44 -29.86
CA TYR F 12 -15.33 17.08 -30.08
C TYR F 12 -15.52 17.58 -31.51
N ASP F 13 -16.76 17.51 -31.99
CA ASP F 13 -17.12 17.98 -33.32
C ASP F 13 -18.06 19.17 -33.21
N PHE F 14 -17.69 20.29 -33.81
CA PHE F 14 -18.51 21.50 -33.75
C PHE F 14 -19.28 21.75 -35.06
N GLN F 15 -19.31 20.75 -35.94
CA GLN F 15 -20.01 20.86 -37.21
C GLN F 15 -21.37 20.17 -37.10
N ASN F 16 -21.36 18.94 -36.56
CA ASN F 16 -22.57 18.16 -36.37
C ASN F 16 -23.06 18.24 -34.93
N ASN F 17 -22.15 18.69 -34.03
CA ASN F 17 -22.46 18.84 -32.61
C ASN F 17 -22.52 17.49 -31.91
N GLN F 18 -21.38 16.82 -31.87
CA GLN F 18 -21.27 15.52 -31.22
C GLN F 18 -19.86 15.30 -30.71
N LEU F 19 -19.74 14.64 -29.57
CA LEU F 19 -18.44 14.34 -29.00
C LEU F 19 -18.03 12.94 -29.42
N LEU F 20 -16.80 12.80 -29.88
CA LEU F 20 -16.30 11.52 -30.35
C LEU F 20 -15.62 10.75 -29.22
N VAL F 21 -16.34 9.80 -28.65
CA VAL F 21 -15.79 8.99 -27.57
C VAL F 21 -15.00 7.83 -28.17
N GLY F 22 -13.74 8.10 -28.50
CA GLY F 22 -12.88 7.09 -29.08
C GLY F 22 -12.06 6.36 -28.04
N ILE F 23 -12.59 5.26 -27.53
CA ILE F 23 -11.88 4.47 -26.53
C ILE F 23 -10.92 3.52 -27.22
N ILE F 24 -9.82 3.19 -26.55
CA ILE F 24 -8.81 2.30 -27.12
C ILE F 24 -9.12 0.85 -26.79
N GLN F 25 -9.23 0.55 -25.49
CA GLN F 25 -9.52 -0.80 -25.05
C GLN F 25 -9.70 -0.85 -23.53
N ALA F 26 -10.11 -2.01 -23.02
CA ALA F 26 -10.30 -2.20 -21.60
C ALA F 26 -9.36 -3.30 -21.11
N ALA F 27 -8.78 -3.12 -19.93
CA ALA F 27 -7.86 -4.10 -19.37
C ALA F 27 -8.29 -4.56 -17.98
N GLU F 28 -8.06 -5.85 -17.71
CA GLU F 28 -8.36 -6.47 -16.40
C GLU F 28 -9.85 -6.50 -16.09
N LEU F 29 -10.66 -7.02 -17.01
CA LEU F 29 -12.11 -7.10 -16.80
C LEU F 29 -12.47 -8.37 -16.02
N PRO F 30 -13.37 -8.27 -15.03
CA PRO F 30 -13.82 -9.41 -14.22
C PRO F 30 -14.53 -10.48 -15.04
N ALA F 31 -14.58 -11.70 -14.50
CA ALA F 31 -15.22 -12.82 -15.18
C ALA F 31 -16.70 -12.93 -14.80
N LEU F 32 -17.45 -13.66 -15.63
CA LEU F 32 -18.88 -13.87 -15.42
C LEU F 32 -19.26 -15.29 -15.80
N ASP F 33 -18.74 -15.75 -16.94
CA ASP F 33 -19.02 -17.09 -17.44
C ASP F 33 -18.14 -18.12 -16.74
N MET F 34 -18.69 -19.33 -16.53
CA MET F 34 -17.98 -20.42 -15.88
C MET F 34 -16.67 -20.73 -16.62
N GLY F 35 -15.55 -20.48 -15.95
CA GLY F 35 -14.25 -20.73 -16.57
C GLY F 35 -13.24 -19.67 -16.19
N GLY F 36 -13.44 -18.45 -16.70
CA GLY F 36 -12.52 -17.38 -16.39
C GLY F 36 -12.61 -16.21 -17.36
N THR F 37 -13.65 -16.19 -18.19
CA THR F 37 -13.84 -15.11 -19.17
C THR F 37 -15.30 -14.71 -19.31
N SER F 38 -15.53 -13.54 -19.91
CA SER F 38 -16.88 -13.03 -20.11
C SER F 38 -17.02 -12.46 -21.53
N ASP F 39 -18.24 -12.03 -21.85
CA ASP F 39 -18.53 -11.43 -23.14
C ASP F 39 -18.90 -9.97 -22.92
N PRO F 40 -17.93 -9.16 -22.42
CA PRO F 40 -18.17 -7.75 -22.10
C PRO F 40 -18.28 -6.83 -23.30
N TYR F 41 -19.40 -6.10 -23.35
CA TYR F 41 -19.64 -5.12 -24.39
C TYR F 41 -20.07 -3.82 -23.70
N VAL F 42 -19.47 -2.71 -24.10
CA VAL F 42 -19.78 -1.42 -23.49
C VAL F 42 -21.08 -0.84 -24.05
N LYS F 43 -22.02 -0.58 -23.15
CA LYS F 43 -23.30 0.01 -23.54
C LYS F 43 -23.31 1.47 -23.11
N VAL F 44 -23.09 2.35 -24.07
CA VAL F 44 -23.06 3.78 -23.81
C VAL F 44 -24.44 4.31 -23.43
N PHE F 45 -24.55 4.84 -22.23
CA PHE F 45 -25.80 5.38 -21.73
C PHE F 45 -25.61 6.83 -21.28
N LEU F 46 -26.72 7.51 -21.01
CA LEU F 46 -26.68 8.91 -20.60
C LEU F 46 -27.66 9.15 -19.47
N LEU F 47 -27.40 10.21 -18.71
CA LEU F 47 -28.28 10.61 -17.61
C LEU F 47 -29.67 10.96 -18.16
N PRO F 48 -30.60 11.48 -17.32
CA PRO F 48 -31.95 11.86 -17.72
C PRO F 48 -32.08 12.18 -19.22
N ASP F 49 -31.12 12.95 -19.74
CA ASP F 49 -31.09 13.30 -21.16
C ASP F 49 -31.53 12.11 -22.01
N LYS F 50 -30.90 10.96 -21.75
CA LYS F 50 -31.22 9.71 -22.44
C LYS F 50 -31.37 9.85 -23.96
N LYS F 51 -30.69 10.83 -24.57
CA LYS F 51 -30.79 11.02 -26.02
C LYS F 51 -29.63 10.35 -26.72
N LYS F 52 -29.49 9.05 -26.50
CA LYS F 52 -28.42 8.26 -27.11
C LYS F 52 -28.36 6.87 -26.49
N LYS F 53 -28.20 5.86 -27.33
CA LYS F 53 -28.12 4.48 -26.87
C LYS F 53 -27.45 3.62 -27.93
N PHE F 54 -26.23 3.19 -27.66
CA PHE F 54 -25.48 2.36 -28.61
C PHE F 54 -24.96 1.10 -27.96
N GLU F 55 -25.04 -0.01 -28.68
CA GLU F 55 -24.58 -1.30 -28.21
C GLU F 55 -23.35 -1.73 -29.00
N THR F 56 -22.26 -1.98 -28.30
CA THR F 56 -21.02 -2.39 -28.95
C THR F 56 -21.10 -3.85 -29.39
N LYS F 57 -20.11 -4.30 -30.15
CA LYS F 57 -20.08 -5.67 -30.65
C LYS F 57 -19.67 -6.61 -29.52
N VAL F 58 -20.52 -7.60 -29.25
CA VAL F 58 -20.22 -8.57 -28.21
C VAL F 58 -18.81 -9.13 -28.41
N HIS F 59 -18.05 -9.20 -27.31
CA HIS F 59 -16.69 -9.72 -27.36
C HIS F 59 -16.66 -11.04 -26.60
N ARG F 60 -16.90 -12.11 -27.34
CA ARG F 60 -16.95 -13.46 -26.78
C ARG F 60 -15.69 -13.84 -25.99
N LYS F 61 -15.93 -14.25 -24.74
CA LYS F 61 -14.87 -14.71 -23.83
C LYS F 61 -13.59 -13.90 -23.96
N THR F 62 -13.58 -12.69 -23.41
CA THR F 62 -12.40 -11.84 -23.47
C THR F 62 -12.44 -10.78 -22.37
N LEU F 63 -11.35 -10.70 -21.60
CA LEU F 63 -11.25 -9.74 -20.49
C LEU F 63 -10.31 -8.59 -20.85
N ASN F 64 -9.81 -8.59 -22.08
CA ASN F 64 -8.91 -7.55 -22.55
C ASN F 64 -9.05 -7.40 -24.06
N PRO F 65 -10.27 -7.15 -24.54
CA PRO F 65 -10.57 -7.02 -25.97
C PRO F 65 -10.32 -5.62 -26.51
N VAL F 66 -9.98 -5.55 -27.78
CA VAL F 66 -9.73 -4.29 -28.46
C VAL F 66 -10.71 -4.16 -29.63
N PHE F 67 -11.12 -2.94 -29.92
CA PHE F 67 -12.07 -2.72 -31.01
C PHE F 67 -12.12 -1.25 -31.40
N ASN F 68 -12.26 -0.38 -30.40
CA ASN F 68 -12.34 1.06 -30.62
C ASN F 68 -13.63 1.42 -31.34
N GLU F 69 -14.74 1.34 -30.62
CA GLU F 69 -16.04 1.68 -31.18
C GLU F 69 -16.23 3.20 -31.19
N GLN F 70 -17.01 3.68 -32.14
CA GLN F 70 -17.25 5.11 -32.28
C GLN F 70 -18.61 5.50 -31.68
N PHE F 71 -18.57 6.14 -30.51
CA PHE F 71 -19.81 6.57 -29.84
C PHE F 71 -20.05 8.05 -30.11
N THR F 72 -21.20 8.35 -30.71
CA THR F 72 -21.57 9.71 -31.03
C THR F 72 -22.42 10.32 -29.91
N PHE F 73 -21.81 11.21 -29.13
CA PHE F 73 -22.49 11.88 -28.04
C PHE F 73 -23.47 12.92 -28.61
N LYS F 74 -24.65 12.45 -29.00
CA LYS F 74 -25.69 13.31 -29.55
C LYS F 74 -26.15 14.36 -28.55
N VAL F 75 -25.53 15.53 -28.60
CA VAL F 75 -25.86 16.64 -27.72
C VAL F 75 -24.95 17.82 -28.04
N PRO F 76 -25.54 19.02 -28.24
CA PRO F 76 -24.77 20.22 -28.56
C PRO F 76 -23.70 20.50 -27.49
N TYR F 77 -22.50 20.86 -27.95
CA TYR F 77 -21.39 21.16 -27.04
C TYR F 77 -21.87 22.10 -25.93
N SER F 78 -22.66 23.08 -26.31
CA SER F 78 -23.21 24.08 -25.38
C SER F 78 -24.11 23.42 -24.32
N GLU F 79 -24.66 22.27 -24.66
CA GLU F 79 -25.56 21.53 -23.76
C GLU F 79 -24.77 20.53 -22.90
N LEU F 80 -23.66 20.03 -23.44
CA LEU F 80 -22.81 19.06 -22.75
C LEU F 80 -22.62 19.41 -21.27
N GLY F 81 -22.52 20.70 -20.98
CA GLY F 81 -22.31 21.16 -19.62
C GLY F 81 -23.27 20.51 -18.63
N GLY F 82 -24.50 20.23 -19.06
CA GLY F 82 -25.48 19.62 -18.18
C GLY F 82 -25.75 18.17 -18.51
N LYS F 83 -24.76 17.46 -19.06
CA LYS F 83 -24.93 16.06 -19.42
C LYS F 83 -23.74 15.20 -18.99
N THR F 84 -23.99 14.32 -18.03
CA THR F 84 -22.95 13.41 -17.54
C THR F 84 -23.04 12.08 -18.28
N LEU F 85 -22.06 11.79 -19.12
CA LEU F 85 -22.06 10.54 -19.88
C LEU F 85 -21.64 9.38 -18.99
N VAL F 86 -22.22 8.21 -19.23
CA VAL F 86 -21.90 7.03 -18.44
C VAL F 86 -21.63 5.84 -19.34
N MET F 87 -20.46 5.25 -19.18
CA MET F 87 -20.08 4.09 -19.97
C MET F 87 -20.10 2.84 -19.12
N ALA F 88 -21.07 1.98 -19.36
CA ALA F 88 -21.21 0.74 -18.62
C ALA F 88 -20.87 -0.46 -19.48
N VAL F 89 -20.01 -1.34 -18.99
CA VAL F 89 -19.63 -2.53 -19.73
C VAL F 89 -20.55 -3.68 -19.35
N TYR F 90 -21.33 -4.15 -20.30
CA TYR F 90 -22.28 -5.23 -20.08
C TYR F 90 -21.74 -6.54 -20.61
N ASP F 91 -22.01 -7.63 -19.90
CA ASP F 91 -21.56 -8.95 -20.31
C ASP F 91 -22.60 -9.60 -21.22
N PHE F 92 -22.19 -10.62 -21.96
CA PHE F 92 -23.07 -11.32 -22.87
C PHE F 92 -22.81 -12.83 -22.81
N ASP F 93 -22.65 -13.36 -21.60
CA ASP F 93 -22.42 -14.80 -21.39
C ASP F 93 -23.33 -15.64 -22.28
N ARG F 94 -24.57 -15.18 -22.46
CA ARG F 94 -25.58 -15.84 -23.30
C ARG F 94 -26.27 -17.01 -22.60
N PHE F 95 -26.22 -17.04 -21.28
CA PHE F 95 -26.86 -18.10 -20.52
C PHE F 95 -27.60 -17.56 -19.30
N SER F 96 -26.87 -16.91 -18.42
CA SER F 96 -27.44 -16.34 -17.19
C SER F 96 -27.87 -14.89 -17.42
N LYS F 97 -28.30 -14.23 -16.35
CA LYS F 97 -28.71 -12.83 -16.44
C LYS F 97 -27.49 -11.96 -16.64
N HIS F 98 -27.26 -11.51 -17.87
CA HIS F 98 -26.10 -10.67 -18.18
C HIS F 98 -25.94 -9.60 -17.10
N ASP F 99 -24.79 -9.59 -16.45
CA ASP F 99 -24.50 -8.65 -15.37
C ASP F 99 -23.61 -7.50 -15.84
N ILE F 100 -23.67 -6.38 -15.13
CA ILE F 100 -22.86 -5.23 -15.45
C ILE F 100 -21.52 -5.34 -14.71
N ILE F 101 -20.53 -5.93 -15.37
CA ILE F 101 -19.22 -6.11 -14.75
C ILE F 101 -18.66 -4.81 -14.20
N GLY F 102 -19.03 -3.67 -14.81
CA GLY F 102 -18.55 -2.40 -14.30
C GLY F 102 -18.91 -1.23 -15.21
N GLU F 103 -18.50 -0.03 -14.80
CA GLU F 103 -18.78 1.17 -15.55
C GLU F 103 -17.91 2.34 -15.07
N PHE F 104 -18.00 3.46 -15.78
CA PHE F 104 -17.27 4.67 -15.43
C PHE F 104 -17.98 5.89 -15.99
N LYS F 105 -17.77 7.04 -15.37
CA LYS F 105 -18.40 8.29 -15.80
C LYS F 105 -17.59 9.50 -15.35
N VAL F 106 -17.85 10.65 -15.98
CA VAL F 106 -17.14 11.87 -15.64
C VAL F 106 -17.98 13.10 -15.97
N PRO F 107 -18.01 14.08 -15.06
CA PRO F 107 -18.78 15.32 -15.25
C PRO F 107 -18.24 16.13 -16.42
N MET F 108 -18.92 16.04 -17.55
CA MET F 108 -18.50 16.75 -18.77
C MET F 108 -18.23 18.22 -18.51
N ASN F 109 -19.03 18.86 -17.67
CA ASN F 109 -18.83 20.28 -17.36
C ASN F 109 -17.40 20.54 -16.90
N THR F 110 -16.82 19.58 -16.17
CA THR F 110 -15.46 19.71 -15.69
C THR F 110 -14.44 19.28 -16.75
N VAL F 111 -14.94 18.73 -17.86
CA VAL F 111 -14.09 18.28 -18.96
C VAL F 111 -13.93 19.40 -19.98
N ASP F 112 -12.95 20.26 -19.72
CA ASP F 112 -12.66 21.38 -20.61
C ASP F 112 -12.22 20.86 -21.98
N PHE F 113 -13.15 20.83 -22.91
CA PHE F 113 -12.87 20.36 -24.27
C PHE F 113 -11.99 21.35 -25.03
N GLY F 114 -10.75 21.49 -24.56
CA GLY F 114 -9.81 22.38 -25.20
C GLY F 114 -9.30 21.83 -26.52
N HIS F 115 -9.03 20.53 -26.55
CA HIS F 115 -8.56 19.86 -27.76
C HIS F 115 -9.01 18.41 -27.76
N VAL F 116 -8.28 17.57 -27.00
CA VAL F 116 -8.59 16.16 -26.89
C VAL F 116 -8.36 15.67 -25.47
N THR F 117 -9.34 14.97 -24.92
CA THR F 117 -9.26 14.45 -23.57
C THR F 117 -8.81 12.99 -23.59
N GLU F 118 -7.50 12.79 -23.48
CA GLU F 118 -6.93 11.45 -23.46
C GLU F 118 -6.41 11.13 -22.06
N GLU F 119 -6.73 9.95 -21.57
CA GLU F 119 -6.31 9.53 -20.23
C GLU F 119 -6.58 8.05 -19.99
N TRP F 120 -5.94 7.51 -18.95
CA TRP F 120 -6.12 6.12 -18.58
C TRP F 120 -7.19 6.03 -17.50
N ARG F 121 -8.45 5.94 -17.93
CA ARG F 121 -9.58 5.88 -17.01
C ARG F 121 -9.57 4.60 -16.19
N ASP F 122 -9.83 4.75 -14.90
CA ASP F 122 -9.91 3.65 -13.97
C ASP F 122 -11.32 3.05 -14.00
N LEU F 123 -11.41 1.74 -13.96
CA LEU F 123 -12.71 1.06 -14.00
C LEU F 123 -13.12 0.55 -12.63
N GLN F 124 -14.40 0.71 -12.30
CA GLN F 124 -14.92 0.27 -11.01
C GLN F 124 -16.15 -0.63 -11.20
N SER F 125 -16.26 -1.68 -10.39
CA SER F 125 -17.38 -2.60 -10.50
C SER F 125 -18.64 -2.02 -9.85
N ALA F 126 -19.33 -1.15 -10.58
CA ALA F 126 -20.55 -0.54 -10.10
C ALA F 126 -21.70 -1.53 -10.18
N GLU F 127 -22.08 -2.05 -9.00
CA GLU F 127 -23.17 -3.02 -8.91
C GLU F 127 -24.50 -2.36 -9.29
N LYS F 128 -24.56 -1.86 -10.51
CA LYS F 128 -25.76 -1.19 -11.00
C LYS F 128 -26.29 -1.90 -12.25
N GLU A 1 15.76 -4.28 6.51
CA GLU A 1 16.05 -4.14 7.95
C GLU A 1 15.06 -3.20 8.61
N LYS A 2 14.49 -3.62 9.73
CA LYS A 2 13.51 -2.81 10.45
C LYS A 2 13.74 -2.86 11.95
N LEU A 3 13.70 -1.71 12.59
CA LEU A 3 13.88 -1.60 14.03
C LEU A 3 12.70 -0.83 14.68
N GLY A 4 11.71 -0.47 13.87
CA GLY A 4 10.56 0.26 14.37
C GLY A 4 10.67 1.74 14.10
N LYS A 5 10.37 2.57 15.09
CA LYS A 5 10.45 4.02 14.95
C LYS A 5 10.89 4.68 16.25
N LEU A 6 11.53 5.83 16.12
CA LEU A 6 12.00 6.58 17.28
C LEU A 6 11.69 8.05 17.11
N GLN A 7 10.97 8.62 18.06
CA GLN A 7 10.61 10.03 18.01
C GLN A 7 11.68 10.85 18.71
N TYR A 8 12.09 11.97 18.13
CA TYR A 8 13.12 12.80 18.75
C TYR A 8 13.01 14.28 18.36
N SER A 9 13.57 15.11 19.22
CA SER A 9 13.60 16.56 19.03
C SER A 9 15.00 17.06 19.36
N LEU A 10 15.78 17.36 18.32
CA LEU A 10 17.15 17.79 18.50
C LEU A 10 17.30 19.31 18.36
N ASP A 11 17.92 19.94 19.35
CA ASP A 11 18.15 21.38 19.33
C ASP A 11 19.66 21.65 19.42
N TYR A 12 20.07 22.88 19.13
CA TYR A 12 21.50 23.22 19.13
C TYR A 12 21.83 24.29 20.16
N ASP A 13 23.03 24.17 20.74
CA ASP A 13 23.52 25.14 21.72
C ASP A 13 24.75 25.85 21.15
N PHE A 14 24.70 27.17 21.09
CA PHE A 14 25.81 27.96 20.55
C PHE A 14 26.65 28.62 21.65
N GLN A 15 26.44 28.22 22.90
CA GLN A 15 27.18 28.76 24.03
C GLN A 15 28.30 27.80 24.42
N ASN A 16 27.95 26.52 24.53
CA ASN A 16 28.91 25.49 24.88
C ASN A 16 29.36 24.72 23.63
N ASN A 17 28.60 24.87 22.55
CA ASN A 17 28.89 24.23 21.27
C ASN A 17 28.57 22.74 21.31
N GLN A 18 27.29 22.42 21.49
CA GLN A 18 26.84 21.05 21.53
C GLN A 18 25.40 20.94 21.03
N LEU A 19 25.09 19.86 20.35
CA LEU A 19 23.74 19.65 19.85
C LEU A 19 22.99 18.78 20.86
N LEU A 20 21.77 19.19 21.19
CA LEU A 20 20.96 18.47 22.16
C LEU A 20 20.08 17.43 21.47
N VAL A 21 20.51 16.19 21.52
CA VAL A 21 19.75 15.11 20.91
C VAL A 21 18.68 14.62 21.90
N GLY A 22 17.55 15.31 21.91
CA GLY A 22 16.48 14.96 22.81
C GLY A 22 15.46 14.04 22.17
N ILE A 23 15.68 12.74 22.31
CA ILE A 23 14.75 11.76 21.75
C ILE A 23 13.59 11.54 22.70
N ILE A 24 12.43 11.20 22.16
CA ILE A 24 11.24 10.98 22.97
C ILE A 24 11.15 9.52 23.41
N GLN A 25 11.15 8.61 22.45
CA GLN A 25 11.06 7.18 22.73
C GLN A 25 11.18 6.36 21.45
N ALA A 26 11.25 5.04 21.62
CA ALA A 26 11.34 4.12 20.50
C ALA A 26 10.14 3.19 20.50
N ALA A 27 9.61 2.90 19.33
CA ALA A 27 8.45 2.04 19.21
C ALA A 27 8.70 0.87 18.26
N GLU A 28 8.14 -0.30 18.61
CA GLU A 28 8.25 -1.52 17.80
C GLU A 28 9.70 -1.98 17.64
N LEU A 29 10.29 -2.47 18.73
CA LEU A 29 11.67 -2.94 18.69
C LEU A 29 11.73 -4.47 18.66
N PRO A 30 12.72 -5.05 17.94
CA PRO A 30 12.89 -6.51 17.85
C PRO A 30 13.17 -7.15 19.21
N ALA A 31 12.84 -8.42 19.35
CA ALA A 31 13.04 -9.13 20.62
C ALA A 31 14.36 -9.89 20.66
N LEU A 32 14.79 -10.22 21.88
CA LEU A 32 16.04 -10.96 22.09
C LEU A 32 15.86 -11.98 23.22
N ASP A 33 15.32 -11.52 24.35
CA ASP A 33 15.06 -12.36 25.52
C ASP A 33 13.96 -13.37 25.21
N MET A 34 13.89 -14.46 25.97
CA MET A 34 12.86 -15.47 25.75
C MET A 34 11.52 -15.03 26.36
N GLY A 35 10.68 -14.43 25.53
CA GLY A 35 9.39 -13.96 25.99
C GLY A 35 8.75 -12.98 25.03
N GLY A 36 9.51 -12.56 24.02
CA GLY A 36 8.99 -11.62 23.03
C GLY A 36 9.31 -10.18 23.39
N THR A 37 10.36 -9.99 24.18
CA THR A 37 10.80 -8.67 24.60
C THR A 37 12.33 -8.60 24.67
N SER A 38 12.88 -7.43 24.98
CA SER A 38 14.32 -7.22 25.11
C SER A 38 14.60 -6.06 26.07
N ASP A 39 15.88 -5.83 26.32
CA ASP A 39 16.33 -4.74 27.19
C ASP A 39 17.09 -3.72 26.33
N PRO A 40 16.39 -3.09 25.37
CA PRO A 40 17.01 -2.15 24.44
C PRO A 40 17.37 -0.79 25.04
N TYR A 41 18.64 -0.43 24.88
CA TYR A 41 19.15 0.85 25.33
C TYR A 41 19.93 1.48 24.18
N VAL A 42 19.65 2.74 23.88
CA VAL A 42 20.31 3.43 22.78
C VAL A 42 21.72 3.88 23.17
N LYS A 43 22.71 3.42 22.41
CA LYS A 43 24.08 3.79 22.64
C LYS A 43 24.51 4.78 21.56
N VAL A 44 24.53 6.06 21.93
CA VAL A 44 24.91 7.11 21.00
C VAL A 44 26.38 7.02 20.62
N PHE A 45 26.64 6.82 19.33
CA PHE A 45 28.00 6.72 18.83
C PHE A 45 28.23 7.74 17.72
N LEU A 46 29.48 7.91 17.32
CA LEU A 46 29.84 8.85 16.27
C LEU A 46 30.86 8.24 15.32
N LEU A 47 30.91 8.80 14.12
CA LEU A 47 31.86 8.36 13.10
C LEU A 47 33.31 8.59 13.62
N PRO A 48 34.35 8.38 12.77
CA PRO A 48 35.75 8.58 13.14
C PRO A 48 35.95 9.58 14.27
N ASP A 49 35.23 10.71 14.21
CA ASP A 49 35.29 11.73 15.26
C ASP A 49 35.38 11.08 16.64
N LYS A 50 34.46 10.14 16.88
CA LYS A 50 34.40 9.39 18.14
C LYS A 50 34.58 10.24 19.40
N LYS A 51 34.20 11.52 19.34
CA LYS A 51 34.34 12.40 20.50
C LYS A 51 33.02 12.47 21.27
N LYS A 52 32.52 11.31 21.69
CA LYS A 52 31.28 11.23 22.44
C LYS A 52 30.84 9.78 22.57
N LYS A 53 30.40 9.41 23.76
CA LYS A 53 29.94 8.06 24.03
C LYS A 53 29.05 8.04 25.28
N PHE A 54 27.76 7.83 25.07
CA PHE A 54 26.80 7.82 26.17
C PHE A 54 25.96 6.55 26.16
N GLU A 55 25.72 6.00 27.34
CA GLU A 55 24.93 4.79 27.49
C GLU A 55 23.62 5.12 28.20
N THR A 56 22.50 4.83 27.56
CA THR A 56 21.19 5.11 28.14
C THR A 56 20.86 4.11 29.24
N LYS A 57 19.78 4.36 29.96
CA LYS A 57 19.37 3.48 31.05
C LYS A 57 18.72 2.23 30.49
N VAL A 58 19.26 1.07 30.86
CA VAL A 58 18.70 -0.19 30.39
C VAL A 58 17.19 -0.22 30.62
N HIS A 59 16.45 -0.65 29.61
CA HIS A 59 15.00 -0.73 29.69
C HIS A 59 14.61 -2.21 29.69
N ARG A 60 14.54 -2.78 30.88
CA ARG A 60 14.21 -4.19 31.07
C ARG A 60 12.91 -4.61 30.39
N LYS A 61 13.02 -5.64 29.54
CA LYS A 61 11.89 -6.24 28.83
C LYS A 61 10.88 -5.19 28.35
N THR A 62 11.21 -4.48 27.29
CA THR A 62 10.32 -3.46 26.75
C THR A 62 10.66 -3.15 25.29
N LEU A 63 9.65 -3.22 24.42
CA LEU A 63 9.86 -2.95 23.00
C LEU A 63 9.28 -1.59 22.60
N ASN A 64 8.75 -0.88 23.58
CA ASN A 64 8.17 0.44 23.35
C ASN A 64 8.34 1.31 24.60
N PRO A 65 9.59 1.46 25.08
CA PRO A 65 9.89 2.23 26.28
C PRO A 65 10.05 3.72 26.03
N VAL A 66 9.72 4.51 27.04
CA VAL A 66 9.84 5.96 26.98
C VAL A 66 10.80 6.42 28.07
N PHE A 67 11.54 7.48 27.78
CA PHE A 67 12.51 7.99 28.76
C PHE A 67 12.97 9.39 28.38
N ASN A 68 13.36 9.57 27.13
CA ASN A 68 13.82 10.85 26.62
C ASN A 68 15.17 11.21 27.26
N GLU A 69 16.21 10.51 26.85
CA GLU A 69 17.54 10.77 27.36
C GLU A 69 18.16 11.98 26.65
N GLN A 70 19.04 12.69 27.36
CA GLN A 70 19.67 13.87 26.81
C GLN A 70 21.08 13.56 26.31
N PHE A 71 21.25 13.51 24.99
CA PHE A 71 22.54 13.23 24.39
C PHE A 71 23.20 14.54 23.94
N THR A 72 24.38 14.82 24.48
CA THR A 72 25.12 16.02 24.14
C THR A 72 26.12 15.74 23.02
N PHE A 73 25.79 16.23 21.82
CA PHE A 73 26.64 16.07 20.66
C PHE A 73 27.87 16.98 20.79
N LYS A 74 28.86 16.51 21.52
CA LYS A 74 30.10 17.25 21.75
C LYS A 74 30.85 17.50 20.43
N VAL A 75 30.57 18.64 19.82
CA VAL A 75 31.22 19.03 18.57
C VAL A 75 30.68 20.40 18.13
N PRO A 76 31.57 21.35 17.81
CA PRO A 76 31.16 22.68 17.38
C PRO A 76 30.23 22.63 16.17
N TYR A 77 29.17 23.44 16.21
CA TYR A 77 28.20 23.49 15.11
C TYR A 77 28.93 23.59 13.77
N SER A 78 29.97 24.42 13.74
CA SER A 78 30.77 24.63 12.54
C SER A 78 31.47 23.33 12.09
N GLU A 79 31.67 22.41 13.02
CA GLU A 79 32.33 21.14 12.73
C GLU A 79 31.31 20.06 12.36
N LEU A 80 30.09 20.19 12.91
CA LEU A 80 29.00 19.23 12.67
C LEU A 80 28.93 18.82 11.19
N GLY A 81 29.21 19.77 10.29
CA GLY A 81 29.15 19.49 8.87
C GLY A 81 29.89 18.22 8.47
N GLY A 82 30.99 17.92 9.17
CA GLY A 82 31.76 16.73 8.85
C GLY A 82 31.60 15.63 9.89
N LYS A 83 30.46 15.57 10.55
CA LYS A 83 30.23 14.56 11.57
C LYS A 83 28.85 13.91 11.43
N THR A 84 28.83 12.63 11.08
CA THR A 84 27.59 11.88 10.94
C THR A 84 27.30 11.13 12.24
N LEU A 85 26.27 11.56 12.96
CA LEU A 85 25.90 10.91 14.21
C LEU A 85 25.19 9.59 13.95
N VAL A 86 25.42 8.61 14.82
CA VAL A 86 24.79 7.31 14.66
C VAL A 86 24.18 6.85 15.98
N MET A 87 22.89 6.55 15.96
CA MET A 87 22.19 6.09 17.14
C MET A 87 21.86 4.61 17.02
N ALA A 88 22.55 3.80 17.80
CA ALA A 88 22.33 2.36 17.77
C ALA A 88 21.68 1.89 19.06
N VAL A 89 20.61 1.11 18.93
CA VAL A 89 19.90 0.60 20.09
C VAL A 89 20.46 -0.77 20.45
N TYR A 90 21.07 -0.85 21.62
CA TYR A 90 21.69 -2.08 22.09
C TYR A 90 20.79 -2.78 23.12
N ASP A 91 20.75 -4.09 23.07
CA ASP A 91 19.95 -4.88 24.00
C ASP A 91 20.75 -5.19 25.26
N PHE A 92 20.06 -5.56 26.32
CA PHE A 92 20.70 -5.90 27.58
C PHE A 92 20.03 -7.11 28.23
N ASP A 93 19.74 -8.13 27.42
CA ASP A 93 19.11 -9.36 27.89
C ASP A 93 19.74 -9.82 29.22
N ARG A 94 21.05 -9.66 29.33
CA ARG A 94 21.83 -10.01 30.53
C ARG A 94 22.16 -11.50 30.60
N PHE A 95 22.13 -12.18 29.45
CA PHE A 95 22.44 -13.61 29.42
C PHE A 95 23.32 -13.96 28.22
N SER A 96 22.81 -13.68 27.04
CA SER A 96 23.52 -13.98 25.79
C SER A 96 24.34 -12.76 25.35
N LYS A 97 24.94 -12.86 24.17
CA LYS A 97 25.74 -11.76 23.64
C LYS A 97 24.80 -10.64 23.19
N HIS A 98 24.70 -9.60 24.00
CA HIS A 98 23.83 -8.47 23.68
C HIS A 98 23.98 -8.10 22.21
N ASP A 99 22.88 -8.14 21.48
CA ASP A 99 22.90 -7.83 20.04
C ASP A 99 22.37 -6.43 19.77
N ILE A 100 22.72 -5.89 18.60
CA ILE A 100 22.28 -4.57 18.19
C ILE A 100 20.97 -4.72 17.42
N ILE A 101 19.85 -4.64 18.14
CA ILE A 101 18.54 -4.78 17.53
C ILE A 101 18.34 -3.81 16.35
N GLY A 102 19.05 -2.68 16.37
CA GLY A 102 18.93 -1.74 15.27
C GLY A 102 19.64 -0.43 15.54
N GLU A 103 19.59 0.48 14.57
CA GLU A 103 20.22 1.78 14.70
C GLU A 103 19.71 2.76 13.64
N PHE A 104 20.14 4.00 13.73
CA PHE A 104 19.77 5.05 12.78
C PHE A 104 20.82 6.15 12.77
N LYS A 105 20.93 6.86 11.65
CA LYS A 105 21.91 7.94 11.51
C LYS A 105 21.46 8.95 10.46
N VAL A 106 22.05 10.14 10.49
CA VAL A 106 21.71 11.19 9.55
C VAL A 106 22.89 12.14 9.35
N PRO A 107 23.16 12.52 8.08
CA PRO A 107 24.25 13.43 7.74
C PRO A 107 24.01 14.82 8.33
N MET A 108 24.68 15.11 9.44
CA MET A 108 24.53 16.39 10.13
C MET A 108 24.68 17.58 9.17
N ASN A 109 25.60 17.48 8.22
CA ASN A 109 25.80 18.58 7.26
C ASN A 109 24.49 18.95 6.58
N THR A 110 23.63 17.96 6.33
CA THR A 110 22.35 18.19 5.71
C THR A 110 21.29 18.61 6.74
N VAL A 111 21.66 18.57 8.02
CA VAL A 111 20.76 18.94 9.10
C VAL A 111 20.95 20.42 9.45
N ASP A 112 20.25 21.28 8.71
CA ASP A 112 20.34 22.71 8.93
C ASP A 112 19.81 23.06 10.32
N PHE A 113 20.74 23.23 11.26
CA PHE A 113 20.38 23.57 12.64
C PHE A 113 19.84 25.00 12.74
N GLY A 114 18.68 25.22 12.13
CA GLY A 114 18.06 26.53 12.17
C GLY A 114 17.47 26.84 13.53
N HIS A 115 16.83 25.84 14.15
CA HIS A 115 16.25 26.00 15.47
C HIS A 115 16.25 24.66 16.21
N VAL A 116 15.30 23.79 15.86
CA VAL A 116 15.19 22.48 16.47
C VAL A 116 14.77 21.44 15.42
N THR A 117 15.49 20.34 15.38
CA THR A 117 15.21 19.28 14.43
C THR A 117 14.36 18.19 15.10
N GLU A 118 13.05 18.32 14.95
CA GLU A 118 12.11 17.35 15.51
C GLU A 118 11.48 16.55 14.39
N GLU A 119 11.43 15.23 14.54
CA GLU A 119 10.85 14.35 13.51
C GLU A 119 10.69 12.93 14.03
N TRP A 120 9.87 12.14 13.33
CA TRP A 120 9.64 10.76 13.69
C TRP A 120 10.60 9.85 12.93
N ARG A 121 11.81 9.72 13.48
CA ARG A 121 12.86 8.94 12.85
C ARG A 121 12.49 7.45 12.77
N ASP A 122 12.76 6.88 11.61
CA ASP A 122 12.52 5.46 11.36
C ASP A 122 13.71 4.66 11.84
N LEU A 123 13.45 3.51 12.47
CA LEU A 123 14.52 2.66 12.99
C LEU A 123 14.75 1.44 12.10
N GLN A 124 16.02 1.10 11.88
CA GLN A 124 16.37 -0.04 11.05
C GLN A 124 17.32 -0.99 11.81
N SER A 125 17.13 -2.28 11.60
CA SER A 125 17.94 -3.29 12.25
C SER A 125 19.27 -3.50 11.52
N ALA A 126 20.08 -2.44 11.44
CA ALA A 126 21.36 -2.54 10.77
C ALA A 126 22.37 -3.25 11.67
N GLU A 127 22.67 -4.51 11.34
CA GLU A 127 23.60 -5.31 12.14
C GLU A 127 25.03 -4.82 11.98
N LYS A 128 25.30 -3.67 12.60
CA LYS A 128 26.61 -3.04 12.53
C LYS A 128 27.24 -2.99 13.93
N TYR B 1 33.49 14.80 -21.20
CA TYR B 1 34.35 15.32 -20.11
C TYR B 1 34.48 14.27 -18.99
N LYS B 2 35.10 13.14 -19.30
CA LYS B 2 35.26 12.07 -18.33
C LYS B 2 35.85 12.61 -17.03
N LYS B 3 35.02 12.65 -16.00
CA LYS B 3 35.43 13.16 -14.69
C LYS B 3 34.49 12.61 -13.61
N PRO B 4 34.64 13.07 -12.34
CA PRO B 4 33.82 12.64 -11.21
C PRO B 4 32.50 11.98 -11.61
N LYS B 5 32.45 10.65 -11.47
CA LYS B 5 31.26 9.88 -11.80
C LYS B 5 30.46 9.63 -10.53
N LEU B 6 29.35 10.35 -10.37
CA LEU B 6 28.49 10.18 -9.20
C LEU B 6 27.55 9.00 -9.40
N LEU B 7 27.42 8.18 -8.36
CA LEU B 7 26.55 7.01 -8.41
C LEU B 7 25.87 6.77 -7.06
N TYR B 8 24.59 6.46 -7.11
CA TYR B 8 23.81 6.18 -5.89
C TYR B 8 22.58 5.36 -6.23
N CYS B 9 21.84 4.91 -5.23
CA CYS B 9 20.64 4.11 -5.47
C CYS B 9 19.58 4.36 -4.39
N SER B 10 18.36 3.90 -4.67
CA SER B 10 17.24 4.05 -3.76
C SER B 10 16.74 5.49 -3.79
N ASN B 11 15.47 5.66 -4.15
CA ASN B 11 14.87 6.98 -4.23
C ASN B 11 15.14 7.77 -2.94
N GLY B 12 15.69 8.96 -3.09
CA GLY B 12 15.99 9.79 -1.93
C GLY B 12 17.37 10.38 -2.01
N GLY B 13 17.47 11.66 -1.65
CA GLY B 13 18.76 12.34 -1.68
C GLY B 13 19.81 11.61 -0.88
N HIS B 14 20.73 10.94 -1.57
CA HIS B 14 21.82 10.20 -0.94
C HIS B 14 22.88 9.86 -1.98
N PHE B 15 24.11 10.31 -1.77
CA PHE B 15 25.20 10.04 -2.71
C PHE B 15 26.30 9.23 -2.05
N LEU B 16 27.00 8.42 -2.83
CA LEU B 16 28.07 7.59 -2.31
C LEU B 16 29.31 8.44 -2.01
N ARG B 17 29.50 8.78 -0.74
CA ARG B 17 30.64 9.59 -0.34
C ARG B 17 31.79 8.69 0.12
N ILE B 18 32.83 8.61 -0.70
CA ILE B 18 33.98 7.78 -0.40
C ILE B 18 35.03 8.54 0.40
N LEU B 19 35.66 7.84 1.33
CA LEU B 19 36.70 8.43 2.16
C LEU B 19 37.93 7.52 2.16
N PRO B 20 39.14 8.11 2.11
CA PRO B 20 40.40 7.35 2.10
C PRO B 20 40.42 6.23 3.14
N ASP B 21 39.70 6.46 4.25
CA ASP B 21 39.60 5.48 5.33
C ASP B 21 39.01 4.17 4.82
N GLY B 22 37.97 4.27 4.01
CA GLY B 22 37.31 3.11 3.48
C GLY B 22 35.82 3.09 3.77
N THR B 23 35.44 3.65 4.92
CA THR B 23 34.03 3.70 5.31
C THR B 23 33.25 4.68 4.45
N VAL B 24 32.79 4.21 3.31
CA VAL B 24 32.00 5.03 2.39
C VAL B 24 30.52 4.96 2.77
N ASP B 25 29.87 6.12 2.86
CA ASP B 25 28.45 6.17 3.21
C ASP B 25 27.65 6.95 2.17
N GLY B 26 26.33 6.83 2.23
CA GLY B 26 25.46 7.52 1.30
C GLY B 26 25.15 8.94 1.73
N THR B 27 26.17 9.77 1.74
CA THR B 27 26.02 11.17 2.14
C THR B 27 25.19 11.94 1.11
N ARG B 28 24.16 12.64 1.56
CA ARG B 28 23.33 13.41 0.66
C ARG B 28 23.83 14.85 0.57
N ASP B 29 25.01 15.02 -0.01
CA ASP B 29 25.60 16.34 -0.16
C ASP B 29 26.47 16.40 -1.42
N ARG B 30 26.60 17.59 -1.98
CA ARG B 30 27.41 17.80 -3.18
C ARG B 30 28.28 19.04 -3.02
N SER B 31 28.55 19.42 -1.77
CA SER B 31 29.36 20.58 -1.46
C SER B 31 30.83 20.16 -1.32
N ASP B 32 31.05 19.04 -0.65
CA ASP B 32 32.41 18.53 -0.44
C ASP B 32 32.75 17.48 -1.49
N GLN B 33 33.86 17.67 -2.19
CA GLN B 33 34.29 16.75 -3.23
C GLN B 33 34.70 15.39 -2.65
N HIS B 34 33.72 14.60 -2.27
CA HIS B 34 33.99 13.26 -1.74
C HIS B 34 32.91 12.25 -2.16
N ILE B 35 32.13 12.60 -3.18
CA ILE B 35 31.07 11.73 -3.68
C ILE B 35 31.23 11.50 -5.18
N GLN B 36 32.47 11.27 -5.61
CA GLN B 36 32.77 11.05 -7.01
C GLN B 36 33.80 9.95 -7.19
N LEU B 37 33.52 9.03 -8.11
CA LEU B 37 34.42 7.92 -8.40
C LEU B 37 34.69 7.87 -9.90
N GLN B 38 35.83 7.31 -10.28
CA GLN B 38 36.19 7.21 -11.69
C GLN B 38 35.66 5.90 -12.28
N LEU B 39 34.35 5.84 -12.46
CA LEU B 39 33.70 4.66 -13.04
C LEU B 39 33.97 4.60 -14.55
N SER B 40 34.45 3.46 -15.01
CA SER B 40 34.74 3.27 -16.42
C SER B 40 34.82 1.78 -16.77
N ALA B 41 34.58 1.46 -18.04
CA ALA B 41 34.63 0.08 -18.50
C ALA B 41 36.07 -0.28 -18.84
N GLU B 42 36.71 -1.04 -17.95
CA GLU B 42 38.10 -1.44 -18.14
C GLU B 42 38.20 -2.48 -19.24
N SER B 43 37.44 -3.55 -19.10
CA SER B 43 37.42 -4.63 -20.08
C SER B 43 36.03 -4.74 -20.70
N VAL B 44 35.88 -5.62 -21.69
CA VAL B 44 34.59 -5.81 -22.36
C VAL B 44 33.49 -6.11 -21.34
N GLY B 45 32.79 -5.08 -20.92
CA GLY B 45 31.71 -5.24 -19.95
C GLY B 45 32.17 -5.11 -18.51
N GLU B 46 33.47 -5.21 -18.28
CA GLU B 46 34.02 -5.12 -16.93
C GLU B 46 34.28 -3.66 -16.54
N VAL B 47 33.48 -3.14 -15.64
CA VAL B 47 33.63 -1.76 -15.18
C VAL B 47 34.25 -1.74 -13.78
N TYR B 48 35.11 -0.76 -13.55
CA TYR B 48 35.78 -0.62 -12.27
C TYR B 48 35.36 0.66 -11.55
N ILE B 49 35.33 0.59 -10.23
CA ILE B 49 34.95 1.74 -9.41
C ILE B 49 36.16 2.20 -8.60
N LYS B 50 36.77 3.29 -9.04
CA LYS B 50 37.95 3.83 -8.38
C LYS B 50 37.80 5.33 -8.15
N SER B 51 37.71 5.72 -6.89
CA SER B 51 37.57 7.12 -6.52
C SER B 51 38.96 7.79 -6.50
N THR B 52 39.62 7.75 -7.65
CA THR B 52 40.96 8.30 -7.80
C THR B 52 41.06 9.75 -7.34
N GLU B 53 40.45 10.66 -8.10
CA GLU B 53 40.51 12.08 -7.79
C GLU B 53 39.48 12.48 -6.73
N THR B 54 39.51 11.82 -5.56
CA THR B 54 38.58 12.13 -4.49
C THR B 54 38.71 11.20 -3.28
N GLY B 55 38.90 9.91 -3.53
CA GLY B 55 39.01 8.97 -2.43
C GLY B 55 40.02 7.88 -2.64
N GLN B 56 39.53 6.66 -2.81
CA GLN B 56 40.38 5.48 -2.97
C GLN B 56 39.78 4.47 -3.94
N TYR B 57 40.46 3.34 -4.10
CA TYR B 57 40.00 2.27 -4.98
C TYR B 57 39.14 1.29 -4.19
N LEU B 58 38.12 0.73 -4.81
CA LEU B 58 37.24 -0.20 -4.13
C LEU B 58 37.84 -1.61 -4.09
N ALA B 59 37.41 -2.38 -3.10
CA ALA B 59 37.87 -3.75 -2.91
C ALA B 59 36.86 -4.50 -2.04
N MET B 60 35.82 -5.01 -2.66
CA MET B 60 34.76 -5.73 -1.96
C MET B 60 35.31 -6.83 -1.07
N ASP B 61 34.68 -7.01 0.09
CA ASP B 61 35.08 -8.06 1.03
C ASP B 61 34.24 -9.29 0.76
N THR B 62 34.67 -10.07 -0.22
CA THR B 62 33.97 -11.29 -0.60
C THR B 62 32.55 -10.95 -1.05
N ASP B 63 32.40 -9.78 -1.69
CA ASP B 63 31.09 -9.29 -2.15
C ASP B 63 30.21 -8.92 -0.96
N GLY B 64 30.06 -9.87 -0.02
CA GLY B 64 29.26 -9.64 1.18
C GLY B 64 29.30 -8.21 1.66
N LEU B 65 30.50 -7.71 1.93
CA LEU B 65 30.67 -6.33 2.38
C LEU B 65 31.47 -5.54 1.35
N LEU B 66 30.98 -4.36 1.02
CA LEU B 66 31.64 -3.52 0.03
C LEU B 66 32.52 -2.47 0.72
N TYR B 67 33.79 -2.40 0.29
CA TYR B 67 34.73 -1.45 0.87
C TYR B 67 35.82 -1.13 -0.15
N GLY B 68 36.71 -0.22 0.21
CA GLY B 68 37.80 0.16 -0.67
C GLY B 68 38.74 1.15 -0.02
N SER B 69 40.03 1.04 -0.32
CA SER B 69 41.02 1.94 0.25
C SER B 69 42.44 1.47 -0.08
N GLN B 70 42.79 0.28 0.42
CA GLN B 70 44.14 -0.26 0.23
C GLN B 70 44.47 -0.50 -1.25
N THR B 71 43.85 -1.51 -1.86
CA THR B 71 44.13 -1.84 -3.25
C THR B 71 42.88 -2.28 -4.01
N PRO B 72 42.81 -1.96 -5.33
CA PRO B 72 41.67 -2.34 -6.17
C PRO B 72 41.74 -3.82 -6.56
N ASN B 73 41.49 -4.68 -5.60
CA ASN B 73 41.54 -6.12 -5.83
C ASN B 73 40.47 -6.55 -6.83
N GLU B 74 40.68 -7.70 -7.48
CA GLU B 74 39.73 -8.20 -8.49
C GLU B 74 38.28 -8.08 -7.99
N GLU B 75 38.09 -8.19 -6.68
CA GLU B 75 36.76 -8.03 -6.09
C GLU B 75 36.07 -6.77 -6.62
N CYS B 76 36.86 -5.78 -7.06
CA CYS B 76 36.33 -4.53 -7.56
C CYS B 76 35.94 -4.59 -9.05
N LEU B 77 36.06 -5.75 -9.69
CA LEU B 77 35.68 -5.87 -11.10
C LEU B 77 34.21 -6.26 -11.21
N PHE B 78 33.42 -5.41 -11.86
CA PHE B 78 31.99 -5.66 -12.03
C PHE B 78 31.56 -5.57 -13.48
N LEU B 79 30.59 -6.39 -13.85
CA LEU B 79 30.05 -6.40 -15.20
C LEU B 79 29.00 -5.30 -15.35
N GLU B 80 29.18 -4.43 -16.33
CA GLU B 80 28.25 -3.33 -16.55
C GLU B 80 26.96 -3.81 -17.20
N ARG B 81 25.85 -3.66 -16.47
CA ARG B 81 24.54 -4.07 -16.95
C ARG B 81 23.54 -2.91 -16.78
N LEU B 82 22.54 -2.84 -17.64
CA LEU B 82 21.55 -1.79 -17.58
C LEU B 82 20.14 -2.38 -17.44
N GLU B 83 19.31 -1.74 -16.62
CA GLU B 83 17.94 -2.20 -16.41
C GLU B 83 16.96 -1.18 -16.98
N GLU B 84 15.89 -1.66 -17.59
CA GLU B 84 14.88 -0.78 -18.18
C GLU B 84 14.04 -0.12 -17.07
N ASN B 85 14.73 0.52 -16.14
CA ASN B 85 14.09 1.19 -15.01
C ASN B 85 14.87 2.47 -14.66
N HIS B 86 15.64 2.98 -15.63
CA HIS B 86 16.45 4.18 -15.43
C HIS B 86 17.48 3.97 -14.32
N TYR B 87 18.12 2.80 -14.33
CA TYR B 87 19.13 2.47 -13.33
C TYR B 87 20.23 1.58 -13.93
N ASN B 88 21.40 1.66 -13.34
CA ASN B 88 22.56 0.88 -13.77
C ASN B 88 22.76 -0.33 -12.87
N THR B 89 23.24 -1.42 -13.44
CA THR B 89 23.49 -2.64 -12.70
C THR B 89 24.93 -3.09 -12.90
N TYR B 90 25.59 -3.51 -11.83
CA TYR B 90 26.97 -3.95 -11.91
C TYR B 90 27.11 -5.31 -11.23
N ILE B 91 27.47 -6.32 -12.00
CA ILE B 91 27.61 -7.67 -11.47
C ILE B 91 29.06 -7.96 -11.07
N SER B 92 29.27 -8.20 -9.78
CA SER B 92 30.59 -8.52 -9.26
C SER B 92 31.02 -9.90 -9.76
N LYS B 93 31.49 -9.94 -11.01
CA LYS B 93 31.92 -11.20 -11.63
C LYS B 93 32.75 -12.04 -10.65
N LYS B 94 33.54 -11.36 -9.80
CA LYS B 94 34.36 -12.04 -8.81
C LYS B 94 33.51 -12.99 -7.96
N HIS B 95 32.22 -12.68 -7.79
CA HIS B 95 31.30 -13.50 -7.02
C HIS B 95 30.04 -13.84 -7.80
N ALA B 96 30.03 -13.54 -9.10
CA ALA B 96 28.88 -13.81 -9.95
C ALA B 96 28.46 -15.27 -9.81
N GLU B 97 29.44 -16.14 -9.54
CA GLU B 97 29.20 -17.56 -9.35
C GLU B 97 28.07 -17.81 -8.34
N LYS B 98 27.97 -16.92 -7.35
CA LYS B 98 26.92 -17.04 -6.33
C LYS B 98 25.73 -16.14 -6.67
N ASN B 99 25.70 -15.63 -7.90
CA ASN B 99 24.63 -14.74 -8.34
C ASN B 99 24.59 -13.49 -7.47
N TRP B 100 25.78 -13.03 -7.07
CA TRP B 100 25.92 -11.86 -6.23
C TRP B 100 26.38 -10.66 -7.03
N PHE B 101 25.64 -9.56 -6.91
CA PHE B 101 25.99 -8.32 -7.62
C PHE B 101 25.85 -7.11 -6.69
N VAL B 102 27.00 -6.45 -6.46
CA VAL B 102 27.15 -5.25 -5.59
C VAL B 102 25.82 -4.56 -5.25
N GLY B 103 25.56 -4.47 -3.95
CA GLY B 103 24.37 -3.81 -3.45
C GLY B 103 24.67 -3.00 -2.20
N LEU B 104 24.21 -1.75 -2.15
CA LEU B 104 24.47 -0.87 -1.01
C LEU B 104 23.17 -0.42 -0.34
N LYS B 105 23.30 0.02 0.91
CA LYS B 105 22.16 0.51 1.68
C LYS B 105 22.20 2.03 1.74
N LYS B 106 21.31 2.66 0.96
CA LYS B 106 21.21 4.12 0.89
C LYS B 106 21.35 4.77 2.27
N ASN B 107 20.67 4.20 3.26
CA ASN B 107 20.71 4.72 4.63
C ASN B 107 21.49 3.78 5.55
N GLY B 108 22.55 3.17 5.03
CA GLY B 108 23.34 2.27 5.83
C GLY B 108 24.81 2.23 5.41
N SER B 109 25.03 1.97 4.11
CA SER B 109 26.36 1.89 3.50
C SER B 109 26.37 0.72 2.51
N CYS B 110 27.47 0.55 1.80
CA CYS B 110 27.59 -0.51 0.82
C CYS B 110 28.05 -1.82 1.49
N LYS B 111 27.10 -2.72 1.72
CA LYS B 111 27.39 -4.01 2.34
C LYS B 111 26.12 -4.85 2.47
N ARG B 112 25.74 -5.47 1.36
CA ARG B 112 24.55 -6.29 1.30
C ARG B 112 24.77 -7.50 0.40
N GLY B 113 26.01 -8.02 0.36
CA GLY B 113 26.31 -9.18 -0.46
C GLY B 113 25.35 -10.33 -0.24
N PRO B 114 25.14 -10.79 1.01
CA PRO B 114 24.18 -11.89 1.28
C PRO B 114 22.75 -11.53 0.87
N ARG B 115 22.59 -10.32 0.34
CA ARG B 115 21.30 -9.81 -0.12
C ARG B 115 21.43 -9.19 -1.53
N THR B 116 22.52 -9.50 -2.25
CA THR B 116 22.74 -8.95 -3.59
C THR B 116 22.17 -9.87 -4.67
N HIS B 117 20.89 -10.14 -4.55
CA HIS B 117 20.18 -10.98 -5.50
C HIS B 117 18.84 -10.33 -5.81
N TYR B 118 17.93 -11.04 -6.46
CA TYR B 118 16.63 -10.47 -6.77
C TYR B 118 15.75 -10.38 -5.53
N GLY B 119 15.76 -9.21 -4.93
CA GLY B 119 14.98 -8.94 -3.73
C GLY B 119 15.18 -7.52 -3.28
N GLN B 120 16.46 -7.10 -3.27
CA GLN B 120 16.81 -5.74 -2.90
C GLN B 120 16.95 -4.92 -4.16
N LYS B 121 16.19 -3.84 -4.24
CA LYS B 121 16.19 -2.98 -5.42
C LYS B 121 17.40 -2.04 -5.42
N ALA B 122 18.00 -1.86 -4.24
CA ALA B 122 19.18 -1.00 -4.09
C ALA B 122 20.29 -1.33 -5.10
N ILE B 123 20.19 -2.51 -5.72
CA ILE B 123 21.18 -2.93 -6.72
C ILE B 123 21.04 -2.11 -8.02
N LEU B 124 19.88 -1.48 -8.20
CA LEU B 124 19.66 -0.63 -9.36
C LEU B 124 20.14 0.78 -9.07
N PHE B 125 21.40 1.04 -9.35
CA PHE B 125 22.01 2.33 -9.07
C PHE B 125 21.66 3.37 -10.15
N LEU B 126 21.56 4.62 -9.72
CA LEU B 126 21.27 5.73 -10.62
C LEU B 126 22.51 6.59 -10.77
N PRO B 127 23.16 6.52 -11.94
CA PRO B 127 24.38 7.27 -12.22
C PRO B 127 24.13 8.68 -12.75
N LEU B 128 24.97 9.62 -12.32
CA LEU B 128 24.88 11.01 -12.75
C LEU B 128 26.27 11.52 -13.17
N PRO B 129 26.99 10.73 -13.99
CA PRO B 129 28.35 11.08 -14.43
C PRO B 129 28.35 12.07 -15.61
N VAL B 130 29.43 12.84 -15.70
CA VAL B 130 29.58 13.81 -16.78
C VAL B 130 30.06 13.11 -18.05
N SER B 131 29.10 12.63 -18.83
CA SER B 131 29.40 11.94 -20.07
C SER B 131 29.97 12.89 -21.12
N SER B 132 30.32 12.35 -22.28
CA SER B 132 30.87 13.13 -23.37
C SER B 132 29.85 13.21 -24.51
N ASP B 133 28.73 13.86 -24.24
CA ASP B 133 27.65 14.02 -25.21
C ASP B 133 27.79 15.35 -25.95
N MET C 1 -1.61 9.15 -13.59
CA MET C 1 -0.42 8.75 -14.40
C MET C 1 -0.06 7.29 -14.12
N ALA C 2 1.21 6.95 -14.33
CA ALA C 2 1.69 5.60 -14.06
C ALA C 2 1.69 5.33 -12.56
N ALA C 3 2.12 4.12 -12.16
CA ALA C 3 2.14 3.76 -10.75
C ALA C 3 0.69 3.63 -10.28
N GLU C 4 -0.06 2.80 -10.99
CA GLU C 4 -1.47 2.59 -10.68
C GLU C 4 -1.67 1.59 -9.56
N PRO C 5 -2.54 1.92 -8.58
CA PRO C 5 -2.81 1.05 -7.45
C PRO C 5 -3.74 -0.12 -7.84
N LEU C 6 -3.36 -1.32 -7.41
CA LEU C 6 -4.15 -2.51 -7.71
C LEU C 6 -5.21 -2.70 -6.63
N THR C 7 -5.87 -3.86 -6.63
CA THR C 7 -6.90 -4.13 -5.64
C THR C 7 -6.26 -4.40 -4.28
N GLU C 8 -7.05 -4.24 -3.22
CA GLU C 8 -6.59 -4.44 -1.83
C GLU C 8 -5.88 -5.79 -1.62
N LEU C 9 -6.38 -6.82 -2.29
CA LEU C 9 -5.85 -8.16 -2.17
C LEU C 9 -4.54 -8.33 -2.95
N GLU C 10 -4.41 -7.68 -4.13
CA GLU C 10 -3.17 -7.71 -4.89
C GLU C 10 -2.06 -6.97 -4.10
N GLU C 11 -2.41 -5.82 -3.50
CA GLU C 11 -1.51 -5.04 -2.64
C GLU C 11 -0.93 -5.96 -1.56
N SER C 12 -1.81 -6.65 -0.85
CA SER C 12 -1.39 -7.44 0.32
C SER C 12 -0.62 -8.71 -0.08
N ILE C 13 -0.97 -9.42 -1.16
CA ILE C 13 -0.14 -10.53 -1.58
C ILE C 13 1.22 -10.00 -2.03
N GLU C 14 1.28 -8.88 -2.75
CA GLU C 14 2.56 -8.34 -3.16
C GLU C 14 3.43 -8.05 -1.93
N THR C 15 2.95 -7.24 -0.97
CA THR C 15 3.78 -6.82 0.15
C THR C 15 4.43 -8.02 0.89
N VAL C 16 3.69 -9.12 1.05
CA VAL C 16 4.25 -10.32 1.66
C VAL C 16 5.16 -11.06 0.67
N VAL C 17 4.80 -11.14 -0.62
CA VAL C 17 5.62 -11.78 -1.64
C VAL C 17 6.98 -11.08 -1.76
N THR C 18 7.05 -9.76 -1.82
CA THR C 18 8.34 -9.07 -1.86
C THR C 18 9.16 -9.38 -0.61
N THR C 19 8.54 -9.34 0.58
CA THR C 19 9.23 -9.68 1.82
C THR C 19 9.79 -11.10 1.76
N PHE C 20 8.93 -12.06 1.42
CA PHE C 20 9.33 -13.44 1.11
C PHE C 20 10.56 -13.42 0.20
N PHE C 21 10.47 -12.73 -0.93
CA PHE C 21 11.57 -12.66 -1.90
C PHE C 21 12.84 -12.04 -1.34
N THR C 22 12.73 -11.18 -0.32
CA THR C 22 13.91 -10.54 0.26
C THR C 22 14.68 -11.50 1.19
N PHE C 23 14.14 -12.72 1.34
CA PHE C 23 14.76 -13.75 2.15
C PHE C 23 15.00 -14.99 1.27
N ALA C 24 14.12 -15.23 0.30
CA ALA C 24 14.24 -16.39 -0.57
C ALA C 24 15.37 -16.29 -1.59
N ARG C 25 16.06 -15.16 -1.60
CA ARG C 25 17.15 -14.96 -2.54
C ARG C 25 18.50 -14.91 -1.84
N GLN C 26 18.49 -15.03 -0.51
CA GLN C 26 19.70 -14.97 0.30
C GLN C 26 20.76 -15.97 -0.17
N GLU C 27 20.38 -17.25 -0.30
CA GLU C 27 21.31 -18.30 -0.72
C GLU C 27 21.05 -18.71 -2.17
N GLY C 28 21.11 -20.02 -2.42
CA GLY C 28 20.89 -20.55 -3.75
C GLY C 28 19.42 -20.62 -4.10
N ARG C 29 19.09 -20.20 -5.33
CA ARG C 29 17.71 -20.21 -5.83
C ARG C 29 16.87 -19.16 -5.12
N LYS C 30 16.32 -18.21 -5.89
CA LYS C 30 15.50 -17.15 -5.32
C LYS C 30 14.02 -17.53 -5.23
N ASP C 31 13.76 -18.73 -4.71
CA ASP C 31 12.39 -19.21 -4.54
C ASP C 31 12.34 -19.95 -3.21
N SER C 32 13.29 -20.88 -3.03
CA SER C 32 13.38 -21.69 -1.84
C SER C 32 14.12 -20.94 -0.73
N LEU C 33 13.57 -21.02 0.49
CA LEU C 33 14.32 -20.68 1.70
C LEU C 33 15.02 -21.96 2.15
N SER C 34 16.35 -21.97 2.25
CA SER C 34 17.04 -23.04 2.96
C SER C 34 17.02 -22.75 4.46
N VAL C 35 17.61 -23.64 5.26
CA VAL C 35 17.47 -23.65 6.72
C VAL C 35 17.76 -22.28 7.34
N ASN C 36 18.97 -21.73 7.11
CA ASN C 36 19.36 -20.41 7.65
C ASN C 36 18.38 -19.34 7.14
N GLU C 37 18.28 -19.25 5.82
CA GLU C 37 17.32 -18.40 5.12
C GLU C 37 15.96 -18.36 5.82
N PHE C 38 15.43 -19.53 6.13
CA PHE C 38 14.15 -19.68 6.78
C PHE C 38 14.22 -19.09 8.18
N LYS C 39 15.21 -19.53 8.97
CA LYS C 39 15.39 -19.03 10.33
C LYS C 39 15.50 -17.51 10.36
N GLU C 40 16.10 -16.92 9.33
CA GLU C 40 16.26 -15.47 9.24
C GLU C 40 14.92 -14.72 9.23
N LEU C 41 13.87 -15.33 8.68
CA LEU C 41 12.56 -14.68 8.60
C LEU C 41 12.04 -14.51 10.03
N VAL C 42 11.99 -15.64 10.74
CA VAL C 42 11.37 -15.69 12.04
C VAL C 42 12.18 -14.85 13.02
N THR C 43 13.48 -15.09 13.07
CA THR C 43 14.38 -14.39 14.00
C THR C 43 14.39 -12.86 13.83
N GLN C 44 14.11 -12.37 12.62
CA GLN C 44 14.16 -10.92 12.39
C GLN C 44 12.78 -10.25 12.47
N GLN C 45 11.87 -10.60 11.57
CA GLN C 45 10.56 -9.96 11.51
C GLN C 45 9.45 -10.71 12.24
N LEU C 46 9.79 -11.63 13.14
CA LEU C 46 8.75 -12.37 13.87
C LEU C 46 9.14 -12.64 15.33
N PRO C 47 9.08 -11.60 16.18
CA PRO C 47 9.42 -11.71 17.59
C PRO C 47 8.22 -11.89 18.53
N HIS C 48 7.01 -11.69 18.03
CA HIS C 48 5.82 -11.82 18.87
C HIS C 48 4.96 -13.03 18.49
N LEU C 49 4.51 -13.05 17.23
CA LEU C 49 3.67 -14.13 16.71
C LEU C 49 4.16 -15.50 17.12
N LEU C 50 5.32 -15.89 16.58
CA LEU C 50 6.02 -17.13 16.87
C LEU C 50 7.28 -16.76 17.63
N LYS C 51 7.12 -16.48 18.94
CA LYS C 51 8.24 -16.09 19.80
C LYS C 51 9.20 -17.25 20.09
N ASP C 52 9.10 -18.31 19.30
CA ASP C 52 9.98 -19.47 19.46
C ASP C 52 11.11 -19.41 18.43
N VAL C 53 12.15 -18.65 18.76
CA VAL C 53 13.31 -18.52 17.87
C VAL C 53 14.37 -19.56 18.20
N GLY C 54 13.95 -20.64 18.85
CA GLY C 54 14.87 -21.71 19.19
C GLY C 54 14.47 -23.04 18.59
N SER C 55 13.17 -23.30 18.54
CA SER C 55 12.66 -24.55 17.99
C SER C 55 12.20 -24.39 16.54
N LEU C 56 13.02 -23.70 15.75
CA LEU C 56 12.72 -23.48 14.36
C LEU C 56 12.75 -24.82 13.62
N ASP C 57 13.57 -25.77 14.10
CA ASP C 57 13.59 -27.14 13.60
C ASP C 57 12.18 -27.75 13.59
N GLU C 58 11.43 -27.62 14.68
CA GLU C 58 10.07 -28.11 14.77
C GLU C 58 9.21 -27.52 13.65
N LYS C 59 9.23 -26.19 13.51
CA LYS C 59 8.49 -25.53 12.44
C LYS C 59 8.94 -26.13 11.10
N MET C 60 10.24 -26.17 10.85
CA MET C 60 10.83 -26.67 9.62
C MET C 60 10.25 -28.05 9.30
N LYS C 61 10.35 -29.01 10.22
CA LYS C 61 9.80 -30.34 10.04
C LYS C 61 8.28 -30.28 9.78
N SER C 62 7.56 -29.46 10.54
CA SER C 62 6.12 -29.30 10.37
C SER C 62 5.76 -28.72 8.98
N LEU C 63 6.64 -27.90 8.41
CA LEU C 63 6.47 -27.23 7.13
C LEU C 63 6.91 -28.12 5.96
N ASP C 64 8.20 -28.45 5.92
CA ASP C 64 8.84 -29.16 4.84
C ASP C 64 8.47 -30.65 4.91
N VAL C 65 7.24 -30.97 4.52
CA VAL C 65 6.69 -32.32 4.59
C VAL C 65 7.62 -33.39 3.97
N ASN C 66 8.29 -33.04 2.87
CA ASN C 66 9.21 -33.91 2.14
C ASN C 66 10.62 -33.91 2.74
N GLN C 67 10.91 -32.99 3.66
CA GLN C 67 12.20 -32.87 4.35
C GLN C 67 13.36 -32.87 3.34
N ASP C 68 13.28 -32.00 2.32
CA ASP C 68 14.34 -31.78 1.35
C ASP C 68 15.28 -30.68 1.84
N SER C 69 14.94 -29.97 2.91
CA SER C 69 15.68 -28.83 3.44
C SER C 69 15.65 -27.64 2.47
N GLU C 70 14.58 -27.58 1.67
CA GLU C 70 14.16 -26.42 0.90
C GLU C 70 12.68 -26.23 1.16
N LEU C 71 12.28 -25.09 1.73
CA LEU C 71 10.90 -24.68 1.70
C LEU C 71 10.71 -23.96 0.38
N LYS C 72 10.27 -24.67 -0.68
CA LYS C 72 9.83 -24.06 -1.94
C LYS C 72 8.78 -22.99 -1.64
N PHE C 73 8.51 -22.09 -2.58
CA PHE C 73 7.52 -21.01 -2.44
C PHE C 73 6.27 -21.48 -1.70
N ASN C 74 5.60 -22.51 -2.23
CA ASN C 74 4.35 -23.02 -1.68
C ASN C 74 4.54 -23.70 -0.31
N GLU C 75 5.70 -24.32 -0.06
CA GLU C 75 6.00 -24.95 1.21
C GLU C 75 6.18 -23.86 2.27
N TYR C 76 7.08 -22.91 2.00
CA TYR C 76 7.31 -21.73 2.82
C TYR C 76 5.98 -21.08 3.15
N TRP C 77 5.19 -20.83 2.11
CA TRP C 77 3.89 -20.20 2.21
C TRP C 77 3.08 -20.77 3.38
N ARG C 78 3.16 -22.08 3.67
CA ARG C 78 2.51 -22.68 4.84
C ARG C 78 2.62 -21.80 6.08
N LEU C 79 3.83 -21.32 6.41
CA LEU C 79 4.09 -20.46 7.54
C LEU C 79 3.06 -19.35 7.61
N ILE C 80 2.75 -18.70 6.49
CA ILE C 80 1.88 -17.53 6.44
C ILE C 80 0.49 -17.92 6.96
N GLY C 81 0.12 -19.18 6.85
CA GLY C 81 -1.14 -19.70 7.32
C GLY C 81 -1.12 -19.80 8.81
N GLU C 82 -0.01 -20.28 9.33
CA GLU C 82 0.17 -20.50 10.73
C GLU C 82 0.24 -19.11 11.38
N LEU C 83 0.82 -18.12 10.69
CA LEU C 83 0.80 -16.73 11.09
C LEU C 83 -0.64 -16.18 11.13
N ALA C 84 -1.31 -16.21 9.97
CA ALA C 84 -2.67 -15.70 9.78
C ALA C 84 -3.67 -16.39 10.70
N LYS C 85 -3.35 -17.62 11.09
CA LYS C 85 -4.07 -18.36 12.10
C LYS C 85 -3.70 -17.78 13.47
N GLU C 86 -2.43 -17.86 13.88
CA GLU C 86 -1.93 -17.38 15.18
C GLU C 86 -2.49 -16.01 15.56
N ILE C 87 -2.45 -15.01 14.67
CA ILE C 87 -2.96 -13.68 14.99
C ILE C 87 -4.39 -13.69 15.57
N ARG C 88 -5.23 -14.62 15.12
CA ARG C 88 -6.56 -14.85 15.68
C ARG C 88 -6.48 -15.87 16.81
N LYS C 89 -5.87 -17.02 16.52
CA LYS C 89 -5.88 -18.24 17.30
C LYS C 89 -5.19 -18.06 18.65
N LYS C 90 -4.26 -17.13 18.81
CA LYS C 90 -2.88 -17.48 19.15
C LYS C 90 -2.80 -18.72 20.04
N LYS C 91 -3.25 -18.69 21.30
CA LYS C 91 -3.23 -19.83 22.21
C LYS C 91 -4.62 -19.97 22.88
N ASP C 92 -5.68 -19.87 22.06
CA ASP C 92 -7.12 -20.01 22.35
C ASP C 92 -7.39 -21.38 22.96
N LEU C 93 -6.98 -21.55 24.21
CA LEU C 93 -6.90 -22.78 24.95
C LEU C 93 -6.47 -22.39 26.36
N LYS C 94 -5.37 -21.62 26.48
CA LYS C 94 -4.90 -21.03 27.73
C LYS C 94 -4.90 -19.51 27.68
N ILE C 95 -4.43 -18.91 26.58
CA ILE C 95 -4.14 -17.48 26.47
C ILE C 95 -4.60 -16.95 25.11
N ARG C 96 -5.64 -16.11 24.98
CA ARG C 96 -6.66 -15.63 25.92
C ARG C 96 -7.65 -14.68 25.21
N DLY C 97 -7.26 -13.68 24.40
CA DLY C 97 -5.96 -13.26 23.88
C DLY C 97 -6.24 -12.52 22.54
O DLY C 97 -6.98 -13.10 21.75
CB DLY C 97 -5.09 -12.62 24.98
CG DLY C 97 -5.68 -11.46 25.81
CD DLY C 97 -4.56 -10.74 26.60
CE DLY C 97 -4.42 -9.22 26.35
NZ DLY C 97 -5.46 -8.40 26.99
H DLY C 97 -8.00 -13.13 24.08
HA DLY C 97 -6.62 -12.30 24.07
HB2 DLY C 97 -4.80 -13.39 25.68
HB3 DLY C 97 -4.18 -12.24 24.52
HG2 DLY C 97 -6.16 -10.75 25.15
HG3 DLY C 97 -6.40 -11.85 26.51
HD2 DLY C 97 -4.74 -10.88 27.65
HD3 DLY C 97 -3.62 -11.20 26.34
HE2 DLY C 97 -3.46 -8.90 26.71
HE3 DLY C 97 -4.47 -9.05 25.28
HZ1 DLY C 97 -5.30 -7.39 26.78
HZ2 DLY C 97 -5.42 -8.52 28.03
HZ3 DLY C 97 -6.40 -8.67 26.66
N DLY C 98 -5.79 -11.32 22.18
CA DLY C 98 -4.79 -10.44 22.73
C DLY C 98 -3.43 -10.81 22.13
O DLY C 98 -3.27 -10.67 20.89
CB DLY C 98 -5.23 -9.00 22.47
CG DLY C 98 -6.72 -8.71 22.77
CD DLY C 98 -6.95 -7.22 23.04
CE DLY C 98 -6.47 -6.31 21.89
NZ DLY C 98 -6.18 -4.95 22.37
H DLY C 98 -6.23 -10.97 21.37
HA DLY C 98 -4.77 -10.50 21.55
HB2 DLY C 98 -4.64 -8.35 23.10
HB3 DLY C 98 -5.04 -8.75 21.44
HG2 DLY C 98 -7.31 -9.01 21.92
HG3 DLY C 98 -7.01 -9.28 23.64
HD2 DLY C 98 -8.00 -7.06 23.20
HD3 DLY C 98 -6.42 -6.94 23.94
HE2 DLY C 98 -5.59 -6.73 21.45
HE3 DLY C 98 -7.26 -6.26 21.14
HZ1 DLY C 98 -5.90 -4.34 21.56
HZ2 DLY C 98 -5.40 -4.96 23.05
HZ3 DLY C 98 -7.02 -4.53 22.82
N MET D 1 -10.84 -8.36 22.37
CA MET D 1 -11.89 -7.81 21.51
C MET D 1 -11.28 -7.38 20.16
N ALA D 2 -10.29 -6.48 20.18
CA ALA D 2 -9.60 -6.05 18.95
C ALA D 2 -8.39 -5.16 19.25
N ALA D 3 -7.19 -5.60 18.84
CA ALA D 3 -6.08 -4.81 18.31
C ALA D 3 -5.92 -3.32 18.73
N GLU D 4 -5.01 -3.03 19.68
CA GLU D 4 -4.18 -1.83 19.68
C GLU D 4 -2.94 -2.11 18.77
N PRO D 5 -1.92 -1.20 18.67
CA PRO D 5 -0.73 -1.34 17.82
C PRO D 5 -0.27 -2.75 17.47
N LEU D 6 0.06 -2.91 16.19
CA LEU D 6 0.57 -4.16 15.63
C LEU D 6 1.80 -3.83 14.79
N THR D 7 2.33 -4.81 14.06
CA THR D 7 3.51 -4.56 13.22
C THR D 7 3.10 -4.12 11.81
N GLU D 8 4.09 -3.92 10.94
CA GLU D 8 3.85 -3.48 9.56
C GLU D 8 3.17 -4.56 8.71
N LEU D 9 3.51 -5.81 8.97
CA LEU D 9 2.93 -6.93 8.21
C LEU D 9 1.55 -7.32 8.73
N GLU D 10 1.25 -6.93 9.98
CA GLU D 10 -0.06 -7.23 10.57
C GLU D 10 -1.10 -6.25 10.02
N GLU D 11 -0.66 -5.08 9.57
CA GLU D 11 -1.54 -4.11 8.94
C GLU D 11 -2.21 -4.74 7.70
N SER D 12 -1.40 -5.34 6.83
CA SER D 12 -1.86 -5.81 5.54
C SER D 12 -2.74 -7.07 5.65
N ILE D 13 -2.62 -7.86 6.73
CA ILE D 13 -3.64 -8.85 7.04
C ILE D 13 -4.89 -8.19 7.64
N GLU D 14 -4.75 -7.11 8.42
CA GLU D 14 -5.92 -6.37 8.90
C GLU D 14 -6.75 -5.85 7.72
N THR D 15 -6.14 -5.11 6.79
CA THR D 15 -6.89 -4.37 5.77
C THR D 15 -7.91 -5.26 5.04
N VAL D 16 -7.55 -6.52 4.77
CA VAL D 16 -8.45 -7.48 4.14
C VAL D 16 -9.51 -7.98 5.14
N VAL D 17 -9.17 -8.17 6.41
CA VAL D 17 -10.13 -8.52 7.45
C VAL D 17 -11.17 -7.41 7.59
N THR D 18 -10.74 -6.13 7.52
CA THR D 18 -11.66 -5.00 7.60
C THR D 18 -12.77 -5.10 6.52
N THR D 19 -12.43 -5.72 5.37
CA THR D 19 -13.42 -5.94 4.30
C THR D 19 -14.39 -7.00 4.78
N PHE D 20 -13.80 -8.09 5.25
CA PHE D 20 -14.51 -9.22 5.86
C PHE D 20 -15.51 -8.71 6.90
N PHE D 21 -14.97 -7.94 7.86
CA PHE D 21 -15.75 -7.38 8.98
C PHE D 21 -16.96 -6.54 8.57
N THR D 22 -16.89 -5.85 7.43
CA THR D 22 -18.02 -5.01 7.00
C THR D 22 -18.96 -5.72 6.03
N PHE D 23 -18.64 -6.95 5.69
CA PHE D 23 -19.47 -7.74 4.79
C PHE D 23 -20.11 -8.88 5.56
N ALA D 24 -19.46 -9.30 6.64
CA ALA D 24 -19.95 -10.40 7.45
C ALA D 24 -20.91 -9.94 8.53
N ARG D 25 -20.91 -8.64 8.83
CA ARG D 25 -21.84 -8.06 9.79
C ARG D 25 -23.11 -7.64 9.05
N GLN D 26 -23.60 -8.53 8.20
CA GLN D 26 -24.76 -8.24 7.37
C GLN D 26 -26.07 -8.85 7.85
N GLU D 27 -26.14 -10.16 8.08
CA GLU D 27 -27.43 -10.73 8.45
C GLU D 27 -27.56 -10.97 9.95
N GLY D 28 -26.96 -12.05 10.45
CA GLY D 28 -26.42 -12.25 11.78
C GLY D 28 -24.94 -11.90 11.80
N ARG D 29 -24.41 -11.64 12.99
CA ARG D 29 -23.11 -12.13 13.44
C ARG D 29 -21.95 -11.86 12.47
N LYS D 30 -21.10 -10.90 12.87
CA LYS D 30 -19.93 -10.46 12.09
C LYS D 30 -18.75 -11.44 12.18
N ASP D 31 -18.76 -12.28 13.22
CA ASP D 31 -17.71 -13.26 13.42
C ASP D 31 -17.80 -14.47 12.46
N SER D 32 -18.92 -14.65 11.74
CA SER D 32 -19.09 -15.74 10.76
C SER D 32 -19.60 -15.20 9.42
N LEU D 33 -19.05 -15.72 8.32
CA LEU D 33 -19.62 -15.47 7.00
C LEU D 33 -20.93 -16.26 6.88
N SER D 34 -21.93 -15.58 6.34
CA SER D 34 -23.27 -16.05 6.10
C SER D 34 -23.53 -15.97 4.57
N VAL D 35 -24.53 -16.66 4.02
CA VAL D 35 -24.61 -16.81 2.55
C VAL D 35 -25.61 -15.84 1.93
N ASN D 36 -25.45 -14.58 2.32
CA ASN D 36 -25.63 -13.38 1.53
C ASN D 36 -24.75 -12.33 2.21
N GLU D 37 -23.50 -12.78 2.29
CA GLU D 37 -22.33 -12.08 2.80
C GLU D 37 -21.15 -12.61 1.99
N PHE D 38 -21.13 -13.96 1.86
CA PHE D 38 -20.17 -14.68 1.06
C PHE D 38 -20.43 -14.43 -0.42
N LYS D 39 -21.63 -14.76 -0.91
CA LYS D 39 -21.90 -14.62 -2.33
C LYS D 39 -21.76 -13.15 -2.76
N GLU D 40 -22.16 -12.22 -1.88
CA GLU D 40 -22.01 -10.80 -2.16
C GLU D 40 -20.53 -10.40 -2.18
N LEU D 41 -19.73 -11.11 -1.38
CA LEU D 41 -18.28 -10.84 -1.29
C LEU D 41 -17.57 -11.30 -2.56
N VAL D 42 -17.84 -12.53 -3.01
CA VAL D 42 -17.22 -13.04 -4.22
C VAL D 42 -17.69 -12.25 -5.44
N THR D 43 -18.98 -11.94 -5.51
CA THR D 43 -19.54 -11.21 -6.65
C THR D 43 -19.03 -9.76 -6.75
N GLN D 44 -18.69 -9.14 -5.63
CA GLN D 44 -18.24 -7.74 -5.65
C GLN D 44 -16.73 -7.58 -5.47
N GLN D 45 -16.18 -8.18 -4.42
CA GLN D 45 -14.76 -8.05 -4.11
C GLN D 45 -13.88 -8.98 -4.95
N LEU D 46 -14.32 -10.21 -5.20
CA LEU D 46 -13.52 -11.16 -5.98
C LEU D 46 -14.23 -11.65 -7.25
N PRO D 47 -14.62 -10.75 -8.18
CA PRO D 47 -15.29 -11.14 -9.40
C PRO D 47 -14.31 -11.45 -10.54
N HIS D 48 -13.10 -10.90 -10.41
CA HIS D 48 -12.05 -11.09 -11.41
C HIS D 48 -11.04 -12.11 -10.91
N LEU D 49 -10.63 -11.97 -9.65
CA LEU D 49 -9.67 -12.88 -9.04
C LEU D 49 -10.25 -14.28 -9.00
N LEU D 50 -11.46 -14.39 -8.44
CA LEU D 50 -12.15 -15.68 -8.39
C LEU D 50 -13.13 -15.76 -9.54
N LYS D 51 -12.74 -16.47 -10.58
CA LYS D 51 -13.57 -16.60 -11.78
C LYS D 51 -14.58 -17.75 -11.62
N ASP D 52 -15.24 -17.77 -10.47
CA ASP D 52 -16.25 -18.79 -10.18
C ASP D 52 -17.28 -18.25 -9.20
N VAL D 53 -17.98 -17.20 -9.61
CA VAL D 53 -19.00 -16.58 -8.78
C VAL D 53 -20.34 -17.31 -8.88
N GLY D 54 -20.47 -18.15 -9.91
CA GLY D 54 -21.71 -18.89 -10.11
C GLY D 54 -21.63 -20.26 -9.45
N SER D 55 -20.42 -20.68 -9.12
CA SER D 55 -20.20 -21.98 -8.48
C SER D 55 -19.63 -21.81 -7.08
N LEU D 56 -20.05 -20.74 -6.40
CA LEU D 56 -19.64 -20.46 -5.03
C LEU D 56 -19.99 -21.65 -4.16
N ASP D 57 -21.21 -22.14 -4.26
CA ASP D 57 -21.80 -23.23 -3.49
C ASP D 57 -20.83 -24.41 -3.32
N GLU D 58 -20.12 -24.73 -4.41
CA GLU D 58 -19.13 -25.79 -4.42
C GLU D 58 -17.97 -25.44 -3.48
N LYS D 59 -17.52 -24.18 -3.56
CA LYS D 59 -16.44 -23.68 -2.70
C LYS D 59 -16.92 -23.66 -1.25
N MET D 60 -18.11 -23.10 -1.04
CA MET D 60 -18.76 -23.07 0.27
C MET D 60 -18.73 -24.46 0.90
N LYS D 61 -19.23 -25.47 0.19
CA LYS D 61 -19.22 -26.84 0.71
C LYS D 61 -17.80 -27.29 1.06
N SER D 62 -16.84 -26.99 0.18
CA SER D 62 -15.43 -27.32 0.40
C SER D 62 -14.86 -26.59 1.62
N LEU D 63 -15.25 -25.34 1.84
CA LEU D 63 -14.79 -24.48 2.91
C LEU D 63 -15.36 -24.98 4.24
N ASP D 64 -16.68 -25.06 4.33
CA ASP D 64 -17.47 -25.12 5.56
C ASP D 64 -17.16 -26.27 6.51
N VAL D 65 -16.42 -27.29 6.06
CA VAL D 65 -16.64 -28.73 6.12
C VAL D 65 -17.33 -29.33 7.35
N ASN D 66 -17.34 -28.68 8.52
CA ASN D 66 -18.29 -29.06 9.56
C ASN D 66 -19.74 -28.97 9.04
N GLN D 67 -19.96 -28.12 8.03
CA GLN D 67 -21.21 -27.97 7.30
C GLN D 67 -22.31 -27.39 8.19
N ASP D 68 -21.94 -26.72 9.29
CA ASP D 68 -22.86 -25.90 10.07
C ASP D 68 -23.40 -24.74 9.22
N SER D 69 -22.73 -24.42 8.12
CA SER D 69 -23.09 -23.36 7.20
C SER D 69 -22.88 -21.96 7.81
N GLU D 70 -22.22 -21.87 8.96
CA GLU D 70 -21.49 -20.69 9.35
C GLU D 70 -20.09 -20.88 8.78
N LEU D 71 -19.71 -20.08 7.80
CA LEU D 71 -18.35 -20.08 7.30
C LEU D 71 -17.53 -19.40 8.38
N LYS D 72 -16.82 -20.22 9.16
CA LYS D 72 -16.36 -19.86 10.49
C LYS D 72 -15.07 -19.04 10.40
N PHE D 73 -14.61 -18.51 11.54
CA PHE D 73 -13.47 -17.60 11.63
C PHE D 73 -12.21 -18.46 11.60
N ASN D 74 -11.94 -18.94 10.38
CA ASN D 74 -10.97 -19.91 9.87
C ASN D 74 -11.69 -21.25 9.70
N GLU D 75 -12.85 -21.28 9.06
CA GLU D 75 -13.05 -21.93 7.77
C GLU D 75 -12.77 -20.90 6.67
N TYR D 76 -13.56 -19.81 6.69
CA TYR D 76 -13.65 -18.77 5.66
C TYR D 76 -12.28 -18.42 5.11
N TRP D 77 -11.37 -18.12 6.02
CA TRP D 77 -10.04 -17.59 5.72
C TRP D 77 -9.38 -18.31 4.55
N ARG D 78 -9.54 -19.65 4.48
CA ARG D 78 -9.07 -20.47 3.37
C ARG D 78 -9.25 -19.78 2.02
N LEU D 79 -10.41 -19.16 1.79
CA LEU D 79 -10.73 -18.47 0.54
C LEU D 79 -9.61 -17.51 0.13
N ILE D 80 -9.17 -16.65 1.05
CA ILE D 80 -8.12 -15.67 0.80
C ILE D 80 -6.86 -16.43 0.35
N GLY D 81 -6.69 -17.66 0.84
CA GLY D 81 -5.63 -18.58 0.52
C GLY D 81 -5.69 -19.07 -0.90
N GLU D 82 -6.90 -19.40 -1.30
CA GLU D 82 -7.14 -19.93 -2.61
C GLU D 82 -6.91 -18.78 -3.59
N LEU D 83 -7.46 -17.58 -3.37
CA LEU D 83 -7.04 -16.45 -4.19
C LEU D 83 -5.52 -16.23 -4.16
N ALA D 84 -4.90 -16.27 -2.96
CA ALA D 84 -3.47 -16.06 -2.81
C ALA D 84 -2.67 -17.00 -3.71
N LYS D 85 -2.96 -18.31 -3.68
CA LYS D 85 -2.27 -19.22 -4.58
C LYS D 85 -2.75 -19.00 -6.03
N GLU D 86 -4.05 -18.78 -6.30
CA GLU D 86 -4.64 -18.66 -7.64
C GLU D 86 -3.79 -17.79 -8.55
N ILE D 87 -3.33 -16.63 -8.07
CA ILE D 87 -2.50 -15.73 -8.85
C ILE D 87 -1.30 -16.47 -9.47
N ARG D 88 -0.70 -17.39 -8.71
CA ARG D 88 0.34 -18.32 -9.14
C ARG D 88 -0.27 -19.56 -9.83
N LYS D 89 -1.39 -20.06 -9.34
CA LYS D 89 -1.90 -21.40 -9.58
C LYS D 89 -3.25 -21.36 -10.32
N LYS D 90 -3.18 -21.14 -11.64
CA LYS D 90 -4.28 -21.06 -12.59
C LYS D 90 -5.42 -22.05 -12.28
N LYS D 91 -5.14 -23.36 -12.17
CA LYS D 91 -6.18 -24.35 -11.85
C LYS D 91 -5.63 -25.62 -11.16
N ASP D 92 -4.32 -25.71 -10.98
CA ASP D 92 -3.59 -26.97 -11.05
C ASP D 92 -3.47 -27.60 -9.66
N LEU D 93 -4.59 -27.69 -8.93
CA LEU D 93 -4.63 -28.24 -7.58
C LEU D 93 -4.95 -29.73 -7.57
N DLY D 94 -6.07 -30.10 -8.20
CA DLY D 94 -6.69 -31.40 -8.04
C DLY D 94 -6.83 -31.79 -6.55
O DLY D 94 -7.74 -31.31 -5.88
CB DLY D 94 -8.09 -31.36 -8.69
CG DLY D 94 -8.85 -30.07 -8.33
CD DLY D 94 -10.36 -30.23 -8.17
CE DLY D 94 -10.84 -30.67 -6.78
NZ DLY D 94 -10.30 -31.98 -6.33
H DLY D 94 -6.48 -29.46 -8.81
HA DLY D 94 -7.10 -30.57 -7.35
HB2 DLY D 94 -7.99 -31.41 -9.76
HB3 DLY D 94 -8.67 -32.20 -8.35
HG2 DLY D 94 -8.48 -29.68 -7.40
HG3 DLY D 94 -8.67 -29.35 -9.11
HD2 DLY D 94 -10.82 -29.28 -8.40
HD3 DLY D 94 -10.71 -30.96 -8.89
HE2 DLY D 94 -10.55 -29.92 -6.07
HE3 DLY D 94 -11.92 -30.73 -6.79
HZ1 DLY D 94 -10.65 -32.20 -5.38
HZ2 DLY D 94 -9.26 -31.94 -6.30
HZ3 DLY D 94 -10.59 -32.73 -6.98
N ILE D 95 -5.99 -32.71 -6.07
CA ILE D 95 -6.11 -33.44 -4.81
C ILE D 95 -7.45 -34.18 -4.62
N ARG D 96 -7.37 -35.26 -3.84
CA ARG D 96 -8.47 -36.12 -3.42
C ARG D 96 -7.91 -37.00 -2.31
N LYS D 97 -8.54 -37.05 -1.14
CA LYS D 97 -7.92 -37.54 0.08
C LYS D 97 -9.02 -37.55 1.15
N LYS D 98 -9.24 -38.70 1.80
CA LYS D 98 -10.04 -38.82 3.02
C LYS D 98 -9.04 -38.97 4.16
N TYR E 1 -26.06 32.82 8.06
CA TYR E 1 -26.83 32.90 6.79
C TYR E 1 -27.27 31.50 6.35
N LYS E 2 -28.14 30.88 7.15
CA LYS E 2 -28.62 29.54 6.85
C LYS E 2 -29.13 29.47 5.40
N LYS E 3 -28.37 28.78 4.57
CA LYS E 3 -28.71 28.62 3.15
C LYS E 3 -28.02 27.39 2.58
N PRO E 4 -28.11 27.14 1.25
CA PRO E 4 -27.49 26.03 0.56
C PRO E 4 -26.37 25.35 1.34
N LYS E 5 -26.67 24.18 1.90
CA LYS E 5 -25.69 23.42 2.66
C LYS E 5 -25.04 22.37 1.76
N LEU E 6 -23.80 22.61 1.37
CA LEU E 6 -23.07 21.67 0.51
C LEU E 6 -22.46 20.56 1.35
N LEU E 7 -22.60 19.32 0.88
CA LEU E 7 -22.05 18.17 1.59
C LEU E 7 -21.53 17.12 0.62
N TYR E 8 -20.36 16.56 0.91
CA TYR E 8 -19.75 15.53 0.07
C TYR E 8 -18.75 14.73 0.88
N CYS E 9 -18.21 13.66 0.31
CA CYS E 9 -17.23 12.84 1.01
C CYS E 9 -16.22 12.23 0.05
N SER E 10 -15.13 11.69 0.61
CA SER E 10 -14.06 11.08 -0.15
C SER E 10 -13.21 12.16 -0.82
N ASN E 11 -11.92 12.17 -0.48
CA ASN E 11 -11.01 13.16 -1.04
C ASN E 11 -11.14 13.21 -2.56
N GLY E 12 -11.37 14.41 -3.09
CA GLY E 12 -11.51 14.57 -4.52
C GLY E 12 -12.70 15.44 -4.87
N GLY E 13 -12.50 16.34 -5.83
CA GLY E 13 -13.56 17.22 -6.25
C GLY E 13 -14.82 16.48 -6.67
N HIS E 14 -15.83 16.50 -5.80
CA HIS E 14 -17.11 15.84 -6.05
C HIS E 14 -18.16 16.34 -5.07
N PHE E 15 -19.24 16.91 -5.58
CA PHE E 15 -20.30 17.43 -4.73
C PHE E 15 -21.61 16.69 -4.97
N LEU E 16 -22.44 16.61 -3.95
CA LEU E 16 -23.73 15.92 -4.05
C LEU E 16 -24.72 16.77 -4.85
N ARG E 17 -24.90 16.45 -6.13
CA ARG E 17 -25.83 17.20 -6.97
C ARG E 17 -27.17 16.49 -7.01
N ILE E 18 -28.15 17.10 -6.35
CA ILE E 18 -29.49 16.54 -6.27
C ILE E 18 -30.36 17.02 -7.42
N LEU E 19 -31.21 16.13 -7.92
CA LEU E 19 -32.11 16.45 -9.02
C LEU E 19 -33.52 15.99 -8.66
N PRO E 20 -34.54 16.80 -9.01
CA PRO E 20 -35.95 16.48 -8.72
C PRO E 20 -36.30 15.04 -9.05
N ASP E 21 -35.63 14.49 -10.05
CA ASP E 21 -35.83 13.11 -10.48
C ASP E 21 -35.57 12.13 -9.33
N GLY E 22 -34.48 12.38 -8.61
CA GLY E 22 -34.11 11.52 -7.50
C GLY E 22 -32.69 11.00 -7.63
N THR E 23 -32.24 10.79 -8.86
CA THR E 23 -30.90 10.28 -9.12
C THR E 23 -29.85 11.34 -8.81
N VAL E 24 -29.45 11.42 -7.55
CA VAL E 24 -28.43 12.36 -7.12
C VAL E 24 -27.04 11.75 -7.29
N ASP E 25 -26.12 12.50 -7.89
CA ASP E 25 -24.76 12.02 -8.12
C ASP E 25 -23.74 13.01 -7.55
N GLY E 26 -22.49 12.54 -7.43
CA GLY E 26 -21.43 13.38 -6.90
C GLY E 26 -20.79 14.25 -7.97
N THR E 27 -21.56 15.19 -8.49
CA THR E 27 -21.09 16.09 -9.52
C THR E 27 -20.04 17.05 -8.96
N ARG E 28 -18.90 17.15 -9.63
CA ARG E 28 -17.85 18.04 -9.17
C ARG E 28 -17.96 19.39 -9.87
N ASP E 29 -19.03 20.12 -9.55
CA ASP E 29 -19.26 21.44 -10.14
C ASP E 29 -20.00 22.33 -9.16
N ARG E 30 -19.80 23.63 -9.29
CA ARG E 30 -20.46 24.61 -8.44
C ARG E 30 -21.00 25.77 -9.28
N SER E 31 -21.24 25.50 -10.55
CA SER E 31 -21.76 26.51 -11.47
C SER E 31 -23.27 26.45 -11.50
N ASP E 32 -23.82 25.24 -11.54
CA ASP E 32 -25.27 25.04 -11.57
C ASP E 32 -25.80 24.80 -10.15
N GLN E 33 -26.79 25.59 -9.74
CA GLN E 33 -27.37 25.46 -8.41
C GLN E 33 -28.14 24.15 -8.26
N HIS E 34 -27.41 23.05 -8.10
CA HIS E 34 -28.05 21.75 -7.90
C HIS E 34 -27.24 20.87 -6.95
N ILE E 35 -26.33 21.49 -6.18
CA ILE E 35 -25.50 20.76 -5.23
C ILE E 35 -25.62 21.38 -3.83
N GLN E 36 -26.86 21.70 -3.45
CA GLN E 36 -27.12 22.32 -2.15
C GLN E 36 -28.38 21.74 -1.53
N LEU E 37 -28.28 21.39 -0.25
CA LEU E 37 -29.42 20.84 0.49
C LEU E 37 -29.60 21.63 1.78
N GLN E 38 -30.83 21.65 2.30
CA GLN E 38 -31.11 22.37 3.53
C GLN E 38 -30.90 21.46 4.74
N LEU E 39 -29.63 21.18 5.04
CA LEU E 39 -29.28 20.35 6.18
C LEU E 39 -29.47 21.13 7.47
N SER E 40 -30.20 20.55 8.42
CA SER E 40 -30.45 21.18 9.71
C SER E 40 -30.86 20.14 10.74
N ALA E 41 -30.64 20.46 12.02
CA ALA E 41 -31.01 19.59 13.11
C ALA E 41 -32.48 19.81 13.47
N GLU E 42 -33.34 18.89 13.03
CA GLU E 42 -34.76 18.99 13.29
C GLU E 42 -35.05 18.72 14.76
N SER E 43 -34.60 17.57 15.24
CA SER E 43 -34.80 17.18 16.63
C SER E 43 -33.44 17.06 17.33
N VAL E 44 -33.47 16.81 18.64
CA VAL E 44 -32.24 16.68 19.41
C VAL E 44 -31.30 15.63 18.79
N GLY E 45 -30.39 16.10 17.95
CA GLY E 45 -29.45 15.22 17.29
C GLY E 45 -29.94 14.69 15.95
N GLU E 46 -31.24 14.83 15.69
CA GLU E 46 -31.82 14.34 14.44
C GLU E 46 -31.74 15.42 13.36
N VAL E 47 -30.87 15.18 12.38
CA VAL E 47 -30.70 16.12 11.27
C VAL E 47 -31.38 15.59 10.02
N TYR E 48 -31.96 16.49 9.24
CA TYR E 48 -32.66 16.11 8.02
C TYR E 48 -31.97 16.70 6.80
N ILE E 49 -32.03 15.96 5.70
CA ILE E 49 -31.43 16.39 4.44
C ILE E 49 -32.53 16.66 3.41
N LYS E 50 -32.82 17.93 3.20
CA LYS E 50 -33.85 18.32 2.26
C LYS E 50 -33.35 19.40 1.31
N SER E 51 -33.24 19.06 0.04
CA SER E 51 -32.78 20.01 -0.98
C SER E 51 -33.95 20.87 -1.44
N THR E 52 -34.53 21.61 -0.48
CA THR E 52 -35.67 22.46 -0.74
C THR E 52 -35.44 23.44 -1.89
N GLU E 53 -34.58 24.42 -1.65
CA GLU E 53 -34.29 25.45 -2.64
C GLU E 53 -33.26 24.99 -3.66
N THR E 54 -33.52 23.87 -4.34
CA THR E 54 -32.60 23.34 -5.35
C THR E 54 -33.04 21.99 -5.91
N GLY E 55 -33.53 21.10 -5.05
CA GLY E 55 -33.93 19.79 -5.54
C GLY E 55 -35.19 19.24 -4.88
N GLN E 56 -35.01 18.21 -4.08
CA GLN E 56 -36.11 17.53 -3.42
C GLN E 56 -35.72 17.05 -2.03
N TYR E 57 -36.65 16.36 -1.37
CA TYR E 57 -36.43 15.81 -0.03
C TYR E 57 -35.90 14.39 -0.15
N LEU E 58 -35.01 13.99 0.75
CA LEU E 58 -34.44 12.66 0.71
C LEU E 58 -35.36 11.63 1.34
N ALA E 59 -35.21 10.38 0.92
CA ALA E 59 -36.00 9.26 1.41
C ALA E 59 -35.27 7.96 1.12
N MET E 60 -34.35 7.60 2.00
CA MET E 60 -33.55 6.39 1.85
C MET E 60 -34.42 5.16 1.60
N ASP E 61 -33.91 4.27 0.75
CA ASP E 61 -34.61 3.03 0.44
C ASP E 61 -34.11 1.94 1.36
N THR E 62 -34.66 1.91 2.56
CA THR E 62 -34.26 0.91 3.55
C THR E 62 -32.78 1.08 3.89
N ASP E 63 -32.31 2.33 3.86
CA ASP E 63 -30.89 2.64 4.12
C ASP E 63 -30.01 2.13 2.98
N GLY E 64 -30.16 0.84 2.65
CA GLY E 64 -29.40 0.20 1.58
C GLY E 64 -29.11 1.16 0.43
N LEU E 65 -30.15 1.73 -0.14
CA LEU E 65 -30.01 2.68 -1.24
C LEU E 65 -30.51 4.05 -0.81
N LEU E 66 -29.73 5.08 -1.09
CA LEU E 66 -30.09 6.44 -0.73
C LEU E 66 -30.72 7.16 -1.92
N TYR E 67 -31.90 7.74 -1.70
CA TYR E 67 -32.60 8.47 -2.74
C TYR E 67 -33.52 9.52 -2.12
N GLY E 68 -34.17 10.31 -2.97
CA GLY E 68 -35.08 11.33 -2.49
C GLY E 68 -35.78 12.04 -3.62
N SER E 69 -37.04 12.42 -3.42
CA SER E 69 -37.80 13.12 -4.44
C SER E 69 -39.28 13.25 -4.04
N GLN E 70 -39.94 12.11 -3.89
CA GLN E 70 -41.37 12.09 -3.56
C GLN E 70 -41.65 12.72 -2.19
N THR E 71 -41.28 12.04 -1.11
CA THR E 71 -41.56 12.55 0.22
C THR E 71 -40.40 12.28 1.21
N PRO E 72 -40.19 13.19 2.18
CA PRO E 72 -39.13 13.03 3.18
C PRO E 72 -39.55 12.03 4.26
N ASN E 73 -39.59 10.75 3.89
CA ASN E 73 -39.97 9.69 4.83
C ASN E 73 -38.99 9.60 5.98
N GLU E 74 -39.44 9.03 7.11
CA GLU E 74 -38.60 8.89 8.30
C GLU E 74 -37.20 8.39 7.93
N GLU E 75 -37.11 7.58 6.88
CA GLU E 75 -35.82 7.08 6.39
C GLU E 75 -34.80 8.23 6.28
N CYS E 76 -35.30 9.46 6.08
CA CYS E 76 -34.45 10.63 5.92
C CYS E 76 -33.99 11.23 7.26
N LEU E 77 -34.37 10.63 8.39
CA LEU E 77 -33.95 11.16 9.69
C LEU E 77 -32.62 10.53 10.11
N PHE E 78 -31.60 11.37 10.29
CA PHE E 78 -30.28 10.90 10.68
C PHE E 78 -29.76 11.61 11.92
N LEU E 79 -28.99 10.88 12.73
CA LEU E 79 -28.41 11.43 13.93
C LEU E 79 -27.11 12.15 13.58
N GLU E 80 -27.01 13.41 13.97
CA GLU E 80 -25.82 14.22 13.68
C GLU E 80 -24.65 13.82 14.59
N ARG E 81 -23.59 13.30 13.97
CA ARG E 81 -22.39 12.90 14.70
C ARG E 81 -21.15 13.51 14.05
N LEU E 82 -20.12 13.76 14.83
CA LEU E 82 -18.90 14.36 14.33
C LEU E 82 -17.70 13.47 14.62
N GLU E 83 -16.78 13.36 13.66
CA GLU E 83 -15.59 12.55 13.83
C GLU E 83 -14.35 13.44 13.88
N GLU E 84 -13.40 13.10 14.73
CA GLU E 84 -12.16 13.86 14.86
C GLU E 84 -11.26 13.64 13.65
N ASN E 85 -11.82 13.86 12.47
CA ASN E 85 -11.10 13.69 11.21
C ASN E 85 -11.54 14.75 10.20
N HIS E 86 -12.10 15.85 10.72
CA HIS E 86 -12.59 16.95 9.87
C HIS E 86 -13.70 16.45 8.94
N TYR E 87 -14.62 15.66 9.50
CA TYR E 87 -15.73 15.12 8.71
C TYR E 87 -16.98 14.96 9.59
N ASN E 88 -18.13 15.01 8.95
CA ASN E 88 -19.42 14.87 9.62
C ASN E 88 -19.97 13.47 9.44
N THR E 89 -20.67 12.97 10.45
CA THR E 89 -21.26 11.65 10.40
C THR E 89 -22.76 11.74 10.70
N TYR E 90 -23.56 11.01 9.93
CA TYR E 90 -25.01 11.02 10.10
C TYR E 90 -25.53 9.59 10.20
N ILE E 91 -26.08 9.24 11.34
CA ILE E 91 -26.58 7.89 11.56
C ILE E 91 -28.07 7.79 11.25
N SER E 92 -28.42 6.99 10.25
CA SER E 92 -29.80 6.79 9.86
C SER E 92 -30.53 6.01 10.95
N LYS E 93 -30.93 6.73 12.02
CA LYS E 93 -31.63 6.11 13.14
C LYS E 93 -32.70 5.13 12.66
N LYS E 94 -33.34 5.44 11.54
CA LYS E 94 -34.36 4.57 10.96
C LYS E 94 -33.82 3.14 10.78
N HIS E 95 -32.51 3.02 10.58
CA HIS E 95 -31.88 1.71 10.41
C HIS E 95 -30.69 1.52 11.36
N ALA E 96 -30.54 2.43 12.31
CA ALA E 96 -29.44 2.35 13.28
C ALA E 96 -29.42 0.97 13.93
N GLU E 97 -30.60 0.37 14.06
CA GLU E 97 -30.73 -0.97 14.64
C GLU E 97 -29.75 -1.96 13.99
N LYS E 98 -29.49 -1.79 12.69
CA LYS E 98 -28.58 -2.67 11.95
C LYS E 98 -27.18 -2.08 11.85
N ASN E 99 -26.93 -1.01 12.62
CA ASN E 99 -25.64 -0.32 12.64
C ASN E 99 -25.33 0.28 11.27
N TRP E 100 -26.36 0.83 10.64
CA TRP E 100 -26.22 1.43 9.32
C TRP E 100 -26.34 2.95 9.37
N PHE E 101 -25.35 3.64 8.80
CA PHE E 101 -25.35 5.09 8.75
C PHE E 101 -24.94 5.60 7.37
N VAL E 102 -25.88 6.35 6.74
CA VAL E 102 -25.77 6.94 5.40
C VAL E 102 -24.34 6.98 4.84
N GLY E 103 -24.16 6.33 3.69
CA GLY E 103 -22.86 6.31 3.02
C GLY E 103 -23.04 6.43 1.52
N LEU E 104 -22.28 7.31 0.89
CA LEU E 104 -22.38 7.52 -0.56
C LEU E 104 -21.07 7.22 -1.27
N LYS E 105 -21.16 6.98 -2.57
CA LYS E 105 -19.99 6.70 -3.40
C LYS E 105 -19.62 7.93 -4.23
N LYS E 106 -18.56 8.61 -3.81
CA LYS E 106 -18.08 9.82 -4.49
C LYS E 106 -18.14 9.69 -6.01
N ASN E 107 -17.71 8.54 -6.52
CA ASN E 107 -17.70 8.29 -7.96
C ASN E 107 -18.76 7.25 -8.34
N GLY E 108 -19.90 7.29 -7.66
CA GLY E 108 -20.96 6.35 -7.95
C GLY E 108 -22.35 6.91 -7.68
N SER E 109 -22.54 7.41 -6.46
CA SER E 109 -23.80 7.99 -5.98
C SER E 109 -24.04 7.55 -4.54
N CYS E 110 -25.09 8.05 -3.93
CA CYS E 110 -25.42 7.70 -2.55
C CYS E 110 -26.24 6.40 -2.50
N LYS E 111 -25.58 5.29 -2.18
CA LYS E 111 -26.25 4.00 -2.07
C LYS E 111 -25.24 2.91 -1.66
N ARG E 112 -24.93 2.88 -0.38
CA ARG E 112 -23.98 1.91 0.17
C ARG E 112 -24.42 1.47 1.56
N GLY E 113 -25.74 1.47 1.78
CA GLY E 113 -26.32 1.08 3.05
C GLY E 113 -25.88 -0.28 3.58
N PRO E 114 -25.82 -1.34 2.73
CA PRO E 114 -25.39 -2.68 3.19
C PRO E 114 -23.89 -2.73 3.54
N ARG E 115 -23.19 -1.61 3.35
CA ARG E 115 -21.77 -1.53 3.64
C ARG E 115 -21.45 -0.28 4.47
N THR E 116 -22.39 0.16 5.30
CA THR E 116 -22.18 1.35 6.12
C THR E 116 -21.73 0.99 7.54
N HIS E 117 -20.41 1.04 7.77
CA HIS E 117 -19.84 0.74 9.08
C HIS E 117 -18.36 1.16 9.11
N TYR E 118 -17.55 0.44 9.88
CA TYR E 118 -16.13 0.77 9.97
C TYR E 118 -15.33 0.09 8.85
N GLY E 119 -15.63 0.52 7.62
CA GLY E 119 -14.97 0.00 6.45
C GLY E 119 -14.95 1.03 5.34
N GLN E 120 -16.14 1.45 4.94
CA GLN E 120 -16.29 2.47 3.92
C GLN E 120 -16.16 3.83 4.58
N LYS E 121 -15.07 4.52 4.26
CA LYS E 121 -14.76 5.82 4.87
C LYS E 121 -15.67 6.92 4.32
N ALA E 122 -16.30 6.64 3.17
CA ALA E 122 -17.22 7.58 2.54
C ALA E 122 -18.30 8.09 3.51
N ILE E 123 -18.48 7.40 4.62
CA ILE E 123 -19.45 7.81 5.63
C ILE E 123 -19.05 9.14 6.28
N LEU E 124 -17.75 9.44 6.26
CA LEU E 124 -17.24 10.67 6.83
C LEU E 124 -17.36 11.80 5.83
N PHE E 125 -18.51 12.47 5.84
CA PHE E 125 -18.79 13.55 4.90
C PHE E 125 -18.11 14.85 5.31
N LEU E 126 -17.73 15.65 4.32
CA LEU E 126 -17.10 16.93 4.54
C LEU E 126 -18.08 18.04 4.13
N PRO E 127 -18.66 18.74 5.12
CA PRO E 127 -19.64 19.80 4.88
C PRO E 127 -18.99 21.17 4.63
N LEU E 128 -19.59 21.93 3.71
CA LEU E 128 -19.13 23.27 3.39
C LEU E 128 -20.32 24.24 3.38
N PRO E 129 -21.17 24.20 4.42
CA PRO E 129 -22.36 25.06 4.53
C PRO E 129 -22.03 26.47 5.02
N VAL E 130 -22.88 27.42 4.62
CA VAL E 130 -22.71 28.81 5.03
C VAL E 130 -23.27 29.00 6.44
N SER E 131 -22.42 28.77 7.43
CA SER E 131 -22.80 28.92 8.83
C SER E 131 -23.05 30.38 9.19
N SER E 132 -23.45 30.61 10.44
CA SER E 132 -23.71 31.95 10.93
C SER E 132 -22.64 32.35 11.94
N ASP E 133 -21.41 32.46 11.46
CA ASP E 133 -20.27 32.82 12.30
C ASP E 133 -20.03 34.33 12.25
N GLU F 1 -15.19 -1.79 -5.11
CA GLU F 1 -15.71 -2.01 -6.49
C GLU F 1 -14.60 -1.83 -7.52
N LYS F 2 -14.29 -2.90 -8.25
CA LYS F 2 -13.25 -2.86 -9.27
C LYS F 2 -13.67 -3.58 -10.54
N LEU F 3 -13.29 -3.02 -11.68
CA LEU F 3 -13.62 -3.59 -12.99
C LEU F 3 -12.39 -3.54 -13.91
N GLY F 4 -11.33 -2.89 -13.43
CA GLY F 4 -10.11 -2.77 -14.21
C GLY F 4 -9.89 -1.35 -14.68
N LYS F 5 -9.44 -1.19 -15.92
CA LYS F 5 -9.18 0.14 -16.49
C LYS F 5 -9.54 0.20 -17.98
N LEU F 6 -9.94 1.37 -18.45
CA LEU F 6 -10.30 1.55 -19.85
C LEU F 6 -9.63 2.82 -20.40
N GLN F 7 -8.87 2.65 -21.47
CA GLN F 7 -8.18 3.78 -22.08
C GLN F 7 -9.08 4.40 -23.16
N TYR F 8 -9.15 5.72 -23.20
CA TYR F 8 -10.00 6.37 -24.19
C TYR F 8 -9.52 7.78 -24.55
N SER F 9 -9.92 8.21 -25.75
CA SER F 9 -9.58 9.53 -26.28
C SER F 9 -10.85 10.14 -26.87
N LEU F 10 -11.45 11.08 -26.14
CA LEU F 10 -12.69 11.69 -26.59
C LEU F 10 -12.46 13.07 -27.20
N ASP F 11 -12.97 13.28 -28.40
CA ASP F 11 -12.85 14.57 -29.09
C ASP F 11 -14.25 15.13 -29.38
N TYR F 12 -14.34 16.40 -29.73
CA TYR F 12 -15.64 17.03 -29.98
C TYR F 12 -15.78 17.53 -31.41
N ASP F 13 -17.01 17.44 -31.92
CA ASP F 13 -17.34 17.91 -33.27
C ASP F 13 -18.31 19.08 -33.18
N PHE F 14 -17.94 20.22 -33.77
CA PHE F 14 -18.77 21.42 -33.73
C PHE F 14 -19.52 21.66 -35.05
N GLN F 15 -19.50 20.66 -35.94
CA GLN F 15 -20.17 20.77 -37.22
C GLN F 15 -21.52 20.04 -37.16
N ASN F 16 -21.49 18.83 -36.63
CA ASN F 16 -22.71 18.02 -36.49
C ASN F 16 -23.23 18.09 -35.05
N ASN F 17 -22.36 18.54 -34.13
CA ASN F 17 -22.71 18.69 -32.72
C ASN F 17 -22.76 17.32 -32.02
N GLN F 18 -21.62 16.67 -31.96
CA GLN F 18 -21.51 15.37 -31.31
C GLN F 18 -20.10 15.18 -30.75
N LEU F 19 -20.02 14.52 -29.61
CA LEU F 19 -18.72 14.23 -29.00
C LEU F 19 -18.28 12.83 -29.43
N LEU F 20 -17.02 12.72 -29.85
CA LEU F 20 -16.48 11.45 -30.31
C LEU F 20 -15.83 10.69 -29.16
N VAL F 21 -16.55 9.73 -28.62
CA VAL F 21 -16.02 8.91 -27.53
C VAL F 21 -15.19 7.78 -28.11
N GLY F 22 -13.93 8.08 -28.40
CA GLY F 22 -13.04 7.07 -28.95
C GLY F 22 -12.24 6.36 -27.90
N ILE F 23 -12.76 5.24 -27.41
CA ILE F 23 -12.06 4.46 -26.40
C ILE F 23 -11.06 3.54 -27.07
N ILE F 24 -9.98 3.22 -26.37
CA ILE F 24 -8.94 2.36 -26.91
C ILE F 24 -9.23 0.90 -26.59
N GLN F 25 -9.38 0.59 -25.30
CA GLN F 25 -9.66 -0.77 -24.86
C GLN F 25 -9.88 -0.82 -23.35
N ALA F 26 -10.28 -1.99 -22.87
CA ALA F 26 -10.50 -2.20 -21.45
C ALA F 26 -9.56 -3.29 -20.94
N ALA F 27 -9.03 -3.11 -19.74
CA ALA F 27 -8.10 -4.07 -19.17
C ALA F 27 -8.55 -4.55 -17.79
N GLU F 28 -8.31 -5.83 -17.51
CA GLU F 28 -8.62 -6.46 -16.22
C GLU F 28 -10.13 -6.54 -15.95
N LEU F 29 -10.90 -7.02 -16.91
CA LEU F 29 -12.35 -7.16 -16.75
C LEU F 29 -12.68 -8.45 -15.99
N PRO F 30 -13.61 -8.39 -15.02
CA PRO F 30 -14.01 -9.56 -14.23
C PRO F 30 -14.70 -10.64 -15.07
N ALA F 31 -14.75 -11.86 -14.53
CA ALA F 31 -15.37 -12.98 -15.23
C ALA F 31 -16.85 -13.12 -14.88
N LEU F 32 -17.58 -13.85 -15.72
CA LEU F 32 -19.01 -14.08 -15.53
C LEU F 32 -19.37 -15.51 -15.92
N ASP F 33 -18.85 -15.96 -17.06
CA ASP F 33 -19.10 -17.30 -17.57
C ASP F 33 -18.20 -18.33 -16.89
N MET F 34 -18.74 -19.54 -16.70
CA MET F 34 -17.99 -20.63 -16.06
C MET F 34 -16.71 -20.92 -16.82
N GLY F 35 -15.58 -20.68 -16.17
CA GLY F 35 -14.29 -20.92 -16.80
C GLY F 35 -13.26 -19.88 -16.41
N GLY F 36 -13.50 -18.63 -16.80
CA GLY F 36 -12.58 -17.56 -16.47
C GLY F 36 -12.66 -16.37 -17.40
N THR F 37 -13.69 -16.33 -18.25
CA THR F 37 -13.85 -15.22 -19.19
C THR F 37 -15.32 -14.84 -19.37
N SER F 38 -15.56 -13.65 -19.91
CA SER F 38 -16.91 -13.16 -20.16
C SER F 38 -17.03 -12.59 -21.56
N ASP F 39 -18.24 -12.18 -21.92
CA ASP F 39 -18.51 -11.58 -23.22
C ASP F 39 -18.91 -10.11 -22.99
N PRO F 40 -17.97 -9.30 -22.47
CA PRO F 40 -18.24 -7.90 -22.15
C PRO F 40 -18.34 -6.96 -23.35
N TYR F 41 -19.46 -6.26 -23.41
CA TYR F 41 -19.71 -5.28 -24.45
C TYR F 41 -20.18 -3.99 -23.78
N VAL F 42 -19.58 -2.87 -24.16
CA VAL F 42 -19.93 -1.59 -23.56
C VAL F 42 -21.23 -1.03 -24.14
N LYS F 43 -22.20 -0.79 -23.26
CA LYS F 43 -23.47 -0.23 -23.66
C LYS F 43 -23.53 1.23 -23.23
N VAL F 44 -23.30 2.13 -24.19
CA VAL F 44 -23.29 3.55 -23.92
C VAL F 44 -24.69 4.05 -23.58
N PHE F 45 -24.83 4.57 -22.37
CA PHE F 45 -26.11 5.09 -21.90
C PHE F 45 -25.96 6.55 -21.44
N LEU F 46 -27.08 7.21 -21.20
CA LEU F 46 -27.08 8.59 -20.78
C LEU F 46 -28.10 8.82 -19.66
N LEU F 47 -27.88 9.88 -18.89
CA LEU F 47 -28.78 10.26 -17.82
C LEU F 47 -30.17 10.57 -18.39
N PRO F 48 -31.13 11.08 -17.58
CA PRO F 48 -32.47 11.45 -18.01
C PRO F 48 -32.57 11.76 -19.50
N ASP F 49 -31.61 12.55 -19.99
CA ASP F 49 -31.56 12.92 -21.41
C ASP F 49 -31.96 11.72 -22.28
N LYS F 50 -31.32 10.58 -22.02
CA LYS F 50 -31.58 9.32 -22.72
C LYS F 50 -31.71 9.48 -24.24
N LYS F 51 -31.03 10.46 -24.83
CA LYS F 51 -31.10 10.67 -26.28
C LYS F 51 -29.91 10.01 -26.96
N LYS F 52 -29.75 8.71 -26.74
CA LYS F 52 -28.65 7.95 -27.33
C LYS F 52 -28.59 6.56 -26.70
N LYS F 53 -28.38 5.56 -27.55
CA LYS F 53 -28.29 4.18 -27.09
C LYS F 53 -27.58 3.34 -28.15
N PHE F 54 -26.36 2.92 -27.85
CA PHE F 54 -25.58 2.12 -28.78
C PHE F 54 -25.05 0.85 -28.12
N GLU F 55 -25.10 -0.25 -28.86
CA GLU F 55 -24.62 -1.53 -28.37
C GLU F 55 -23.37 -1.95 -29.14
N THR F 56 -22.28 -2.17 -28.41
CA THR F 56 -21.03 -2.56 -29.04
C THR F 56 -21.07 -4.02 -29.49
N LYS F 57 -20.05 -4.44 -30.23
CA LYS F 57 -19.99 -5.81 -30.72
C LYS F 57 -19.59 -6.75 -29.59
N VAL F 58 -20.42 -7.75 -29.34
CA VAL F 58 -20.13 -8.72 -28.31
C VAL F 58 -18.70 -9.25 -28.47
N HIS F 59 -17.97 -9.31 -27.37
CA HIS F 59 -16.60 -9.81 -27.37
C HIS F 59 -16.56 -11.14 -26.62
N ARG F 60 -16.77 -12.21 -27.37
CA ARG F 60 -16.81 -13.57 -26.82
C ARG F 60 -15.56 -13.92 -26.00
N LYS F 61 -15.82 -14.34 -24.77
CA LYS F 61 -14.78 -14.78 -23.82
C LYS F 61 -13.51 -13.95 -23.93
N THR F 62 -13.53 -12.75 -23.37
CA THR F 62 -12.37 -11.87 -23.39
C THR F 62 -12.46 -10.82 -22.29
N LEU F 63 -11.39 -10.72 -21.50
CA LEU F 63 -11.32 -9.77 -20.39
C LEU F 63 -10.39 -8.61 -20.70
N ASN F 64 -9.88 -8.58 -21.92
CA ASN F 64 -8.97 -7.53 -22.37
C ASN F 64 -9.09 -7.37 -23.89
N PRO F 65 -10.31 -7.15 -24.39
CA PRO F 65 -10.56 -7.02 -25.82
C PRO F 65 -10.34 -5.60 -26.36
N VAL F 66 -9.95 -5.52 -27.62
CA VAL F 66 -9.72 -4.25 -28.29
C VAL F 66 -10.67 -4.14 -29.47
N PHE F 67 -11.10 -2.93 -29.77
CA PHE F 67 -12.03 -2.71 -30.89
C PHE F 67 -12.10 -1.24 -31.27
N ASN F 68 -12.28 -0.38 -30.27
CA ASN F 68 -12.37 1.05 -30.49
C ASN F 68 -13.65 1.41 -31.23
N GLU F 69 -14.78 1.29 -30.54
CA GLU F 69 -16.07 1.61 -31.13
C GLU F 69 -16.29 3.13 -31.14
N GLN F 70 -17.05 3.61 -32.10
CA GLN F 70 -17.32 5.03 -32.24
C GLN F 70 -18.70 5.38 -31.67
N PHE F 71 -18.71 6.02 -30.50
CA PHE F 71 -19.96 6.42 -29.87
C PHE F 71 -20.23 7.90 -30.13
N THR F 72 -21.37 8.18 -30.75
CA THR F 72 -21.76 9.54 -31.08
C THR F 72 -22.64 10.12 -29.98
N PHE F 73 -22.07 11.02 -29.19
CA PHE F 73 -22.80 11.68 -28.10
C PHE F 73 -23.77 12.69 -28.69
N LYS F 74 -24.93 12.20 -29.10
CA LYS F 74 -25.98 13.05 -29.68
C LYS F 74 -26.48 14.09 -28.68
N VAL F 75 -25.87 15.27 -28.71
CA VAL F 75 -26.26 16.37 -27.84
C VAL F 75 -25.36 17.58 -28.13
N PRO F 76 -25.96 18.76 -28.34
CA PRO F 76 -25.20 19.98 -28.63
C PRO F 76 -24.18 20.27 -27.55
N TYR F 77 -22.96 20.64 -27.97
CA TYR F 77 -21.88 20.97 -27.03
C TYR F 77 -22.40 21.90 -25.92
N SER F 78 -23.21 22.87 -26.33
CA SER F 78 -23.79 23.84 -25.40
C SER F 78 -24.71 23.17 -24.37
N GLU F 79 -25.23 22.00 -24.72
CA GLU F 79 -26.13 21.25 -23.85
C GLU F 79 -25.35 20.25 -22.98
N LEU F 80 -24.22 19.78 -23.50
CA LEU F 80 -23.37 18.81 -22.79
C LEU F 80 -23.21 19.16 -21.30
N GLY F 81 -23.15 20.46 -21.00
CA GLY F 81 -22.98 20.91 -19.63
C GLY F 81 -23.96 20.24 -18.67
N GLY F 82 -25.17 19.94 -19.14
CA GLY F 82 -26.15 19.31 -18.28
C GLY F 82 -26.39 17.85 -18.61
N LYS F 83 -25.37 17.17 -19.15
CA LYS F 83 -25.51 15.77 -19.52
C LYS F 83 -24.32 14.94 -19.06
N THR F 84 -24.56 14.04 -18.11
CA THR F 84 -23.53 13.14 -17.60
C THR F 84 -23.58 11.81 -18.35
N LEU F 85 -22.57 11.55 -19.18
CA LEU F 85 -22.52 10.31 -19.94
C LEU F 85 -22.11 9.15 -19.04
N VAL F 86 -22.66 7.97 -19.30
CA VAL F 86 -22.34 6.79 -18.51
C VAL F 86 -22.03 5.61 -19.41
N MET F 87 -20.84 5.03 -19.22
CA MET F 87 -20.42 3.89 -20.01
C MET F 87 -20.44 2.64 -19.16
N ALA F 88 -21.39 1.76 -19.44
CA ALA F 88 -21.52 0.51 -18.69
C ALA F 88 -21.14 -0.67 -19.56
N VAL F 89 -20.29 -1.55 -19.05
CA VAL F 89 -19.86 -2.72 -19.79
C VAL F 89 -20.77 -3.90 -19.42
N TYR F 90 -21.52 -4.36 -20.41
CA TYR F 90 -22.45 -5.47 -20.21
C TYR F 90 -21.87 -6.77 -20.73
N ASP F 91 -22.15 -7.86 -20.03
CA ASP F 91 -21.65 -9.17 -20.44
C ASP F 91 -22.66 -9.84 -21.38
N PHE F 92 -22.20 -10.84 -22.11
CA PHE F 92 -23.05 -11.57 -23.05
C PHE F 92 -22.77 -13.06 -22.98
N ASP F 93 -22.64 -13.60 -21.77
CA ASP F 93 -22.37 -15.03 -21.56
C ASP F 93 -23.25 -15.89 -22.49
N ARG F 94 -24.50 -15.45 -22.69
CA ARG F 94 -25.47 -16.12 -23.56
C ARG F 94 -26.16 -17.31 -22.88
N PHE F 95 -26.14 -17.34 -21.55
CA PHE F 95 -26.77 -18.43 -20.82
C PHE F 95 -27.55 -17.90 -19.61
N SER F 96 -26.86 -17.23 -18.71
CA SER F 96 -27.46 -16.69 -17.49
C SER F 96 -27.91 -15.25 -17.73
N LYS F 97 -28.38 -14.60 -16.67
CA LYS F 97 -28.82 -13.21 -16.76
C LYS F 97 -27.61 -12.31 -16.92
N HIS F 98 -27.36 -11.85 -18.15
CA HIS F 98 -26.21 -10.99 -18.43
C HIS F 98 -26.09 -9.92 -17.34
N ASP F 99 -24.96 -9.90 -16.66
CA ASP F 99 -24.72 -8.95 -15.56
C ASP F 99 -23.83 -7.79 -16.02
N ILE F 100 -23.93 -6.67 -15.30
CA ILE F 100 -23.13 -5.50 -15.59
C ILE F 100 -21.81 -5.59 -14.83
N ILE F 101 -20.79 -6.16 -15.46
CA ILE F 101 -19.50 -6.32 -14.81
C ILE F 101 -18.97 -5.01 -14.25
N GLY F 102 -19.35 -3.88 -14.87
CA GLY F 102 -18.90 -2.60 -14.34
C GLY F 102 -19.26 -1.44 -15.25
N GLU F 103 -18.88 -0.24 -14.83
CA GLU F 103 -19.16 0.97 -15.59
C GLU F 103 -18.33 2.15 -15.09
N PHE F 104 -18.41 3.27 -15.79
CA PHE F 104 -17.71 4.49 -15.41
C PHE F 104 -18.43 5.71 -15.99
N LYS F 105 -18.26 6.87 -15.36
CA LYS F 105 -18.90 8.10 -15.81
C LYS F 105 -18.12 9.32 -15.35
N VAL F 106 -18.38 10.46 -15.97
CA VAL F 106 -17.69 11.70 -15.61
C VAL F 106 -18.57 12.91 -15.96
N PRO F 107 -18.63 13.89 -15.04
CA PRO F 107 -19.41 15.12 -15.25
C PRO F 107 -18.86 15.94 -16.40
N MET F 108 -19.51 15.84 -17.56
CA MET F 108 -19.08 16.56 -18.77
C MET F 108 -18.83 18.04 -18.49
N ASN F 109 -19.67 18.66 -17.67
CA ASN F 109 -19.50 20.08 -17.36
C ASN F 109 -18.08 20.37 -16.85
N THR F 110 -17.52 19.41 -16.12
CA THR F 110 -16.16 19.57 -15.59
C THR F 110 -15.11 19.15 -16.64
N VAL F 111 -15.57 18.60 -17.76
CA VAL F 111 -14.69 18.17 -18.83
C VAL F 111 -14.50 19.29 -19.85
N ASP F 112 -13.56 20.17 -19.56
CA ASP F 112 -13.27 21.30 -20.44
C ASP F 112 -12.78 20.79 -21.80
N PHE F 113 -13.69 20.74 -22.76
CA PHE F 113 -13.37 20.27 -24.11
C PHE F 113 -12.47 21.29 -24.84
N GLY F 114 -11.25 21.45 -24.34
CA GLY F 114 -10.30 22.36 -24.95
C GLY F 114 -9.76 21.82 -26.26
N HIS F 115 -9.46 20.52 -26.29
CA HIS F 115 -8.95 19.87 -27.48
C HIS F 115 -9.37 18.40 -27.50
N VAL F 116 -8.66 17.58 -26.72
CA VAL F 116 -8.95 16.16 -26.62
C VAL F 116 -8.75 15.68 -25.20
N THR F 117 -9.72 14.96 -24.68
CA THR F 117 -9.67 14.44 -23.34
C THR F 117 -9.19 12.99 -23.34
N GLU F 118 -7.88 12.80 -23.20
CA GLU F 118 -7.29 11.48 -23.17
C GLU F 118 -6.80 11.16 -21.76
N GLU F 119 -7.12 9.97 -21.27
CA GLU F 119 -6.72 9.56 -19.93
C GLU F 119 -6.99 8.08 -19.69
N TRP F 120 -6.35 7.54 -18.65
CA TRP F 120 -6.53 6.15 -18.28
C TRP F 120 -7.63 6.02 -17.24
N ARG F 121 -8.87 5.92 -17.73
CA ARG F 121 -10.03 5.83 -16.87
C ARG F 121 -10.04 4.55 -16.05
N ASP F 122 -10.37 4.70 -14.78
CA ASP F 122 -10.46 3.57 -13.85
C ASP F 122 -11.85 2.96 -13.95
N LEU F 123 -11.93 1.64 -13.91
CA LEU F 123 -13.21 0.94 -14.02
C LEU F 123 -13.67 0.42 -12.66
N GLN F 124 -14.96 0.56 -12.39
CA GLN F 124 -15.54 0.09 -11.12
C GLN F 124 -16.73 -0.82 -11.37
N SER F 125 -16.86 -1.86 -10.57
CA SER F 125 -17.96 -2.80 -10.72
C SER F 125 -19.22 -2.29 -10.03
N ALA F 126 -19.96 -1.44 -10.75
CA ALA F 126 -21.20 -0.89 -10.22
C ALA F 126 -22.31 -1.93 -10.30
N GLU F 127 -22.67 -2.51 -9.15
CA GLU F 127 -23.71 -3.52 -9.06
C GLU F 127 -25.07 -2.89 -9.32
N LYS F 128 -25.24 -2.32 -10.50
CA LYS F 128 -26.48 -1.67 -10.87
C LYS F 128 -27.08 -2.33 -12.12
#